data_8RRV
#
_entry.id   8RRV
#
_cell.length_a   1.00
_cell.length_b   1.00
_cell.length_c   1.00
_cell.angle_alpha   90.00
_cell.angle_beta   90.00
_cell.angle_gamma   90.00
#
_symmetry.space_group_name_H-M   'P 1'
#
loop_
_entity.id
_entity.type
_entity.pdbx_description
1 polymer 'Ryanodine receptor 1'
2 polymer 'Peptidyl-prolyl cis-trans isomerase FKBP1B'
3 polymer nanobody9657
4 non-polymer 'ZINC ION'
#
loop_
_entity_poly.entity_id
_entity_poly.type
_entity_poly.pdbx_seq_one_letter_code
_entity_poly.pdbx_strand_id
1 'polypeptide(L)'
;MGDGGEGEDEVQFLRTDDEVVLQCSATVLKEQLKLCLAAEGFGNRLCFLEPTSNAQNVPPDLAICCFTLEQSLSVRALQE
MLANTVEAGVESSQGGGHRTLLYGHAILLRHAHSRMYLSCLTTSRSMTDKLAFDVGLQEDATGEACWWTMHPASKQRSEG
EKVRVGDDLILVSVSSERYLHLSTASGELQVDASFMQTLWNMNPICSCCEEGYVTGGHVLRLFHGHMDECLTISAADSDD
QRRLVYYEGGAVCTHARSLWRLEPLRISWSGSHLRWGQPLRIRHVTTGRYLALTEDQGLVVVDACKAHTKATSFCFRVSK
EKLDTAPKRDVEGMGPPEIKYGESLCFVQHVASGLWLTYAAPDPKALRLGVLKKKAILHQEGHMDDALFLTRCQQEESQA
ARMIHSTAGLYNQFIKGLDSFSGKPRGSGPPAGPALPIEAVILSLQDLIGYFEPPSEELQHEEKQSKLRSLRNRQSLFQE
EGMLSLVLNCIDRLNVYTTAAHFAEYAGEEAAESWKEIVNLLYELLASLIRGNRANCALFSTNLDWVVSKLDRLEASSGI
LEVLYCVLIESPEVLNIIQENHIKSIISLLDKHGRNHKVLDVLCSLCVCNGVAVRSNQDLITENLLPGRELLLQTNLINY
VTSIRPNIFVGRAEGSTQYGKWYFEVMVDEVVPFLTAQATHLRVGWALTEGYSPYPGGGEGWGGNGVGDDLYSYGFDGLH
LWTGHVARPVTSPGQHLLAPEDVVSCCLDLSVPSISFRINGCPVQGVFEAFNLDGLFFPVVSFSAGVKVRFLLGGRHGEF
KFLPPPGYAPCHEAVLPRERLRLEPIKEYRREGPRGPHLVGPSRCLSHTDFVPCPVDTVQIVLPPHLERIREKLAENIHE
LWALTRIEQGWTYGPVRDDNKRLHPCLVNFHSLPEPERNYNLQMSGETLKTLLALGCHVGMADEKAEDNLKKTKLPKTYM
MSNGYKPAPLDLSHVRLTPAQTTLVDRLAENGHNVWARDRVAQGWSYSAVQDIPARRNPRLVPYRLLDEATKRSNRDSLC
QAVRTLLGYGYNIEPPDQEPSQVENQSRWDRVRIFRAEKSYTVQSGRWYFEFEAVTTGEMRVGWARPELRPDVELGADEL
AYVFNGHRGQRWHLGSEPFGRPWQSGDVVGCMIDLTENTIIFTLNGEVLMSDSGSETAFREIEIGDGFLPVCSLGPGQVG
HLNLGQDVSSLRFFAICGLQEGFEPFAINMQRPVTTWFSKSLPQFEPVPPEHPHYEVARMDGTVDTPPCLRLAHRTWGSQ
NSLVEMLFLRLSLPVQFHQHFRCTAGATPLAPPGLQPPAEDEARAAEPDPDYENLRRSAGGWGEAEGGKEGTAKEGTPGG
TPQPGVEAQPVRAENEKDATTEKNKKRGFLFKAKKAAMMTQPPATPALPRLPHDVVPADNRDDPEIILNTTTYYYSVRVF
AGQEPSCVWVGWVTPDYHQHDMNFDLSKVRAVTVTMGDEQGNVHSSLKCSNCYMVWGGDFVSPGQQGRISHTDLVIGCLV
DLATGLMTFTANGKESNTFFQVEPNTKLFPAVFVLPTHQNVIQFELGKQKNIMPLSAAMFLSERKNPAPQCPPRLEVQML
MPVSWSRMPNHFLQVETRRAGERLGWAVQCQDPLTMMALHIPEENRCMDILELSERLDLQRFHSHTLRLYRAVCALGNNR
VAHALCSHVDQAQLLHALEDAHLPGPLRAGYYDLLISIHLESACRSRRSMLSEYIVPLTPETRAITLFPPGRKGGNARRH
GLPGVGVTTSLRPPHHFSPPCFVAALPAAGVAEAPARLSPAIPLEALRDKALRMLGEAVRDGGQHARDPVGGSVEFQFVP
VLKLVSTLLVMGIFGDEDVKQILKMIEPEVFTEEEEEEEEEEEEEEEEEEDEEEKEEDEEEEEKEDAEKEEEEAPEGEKE
DLEEGLLQMKLPESVKLQMCNLLEYFCDQELQHRVESLAAFAERYVDKLQANQRSRYALLMRAFTMSAAETARRTREFRS
PPQEQINMLLHFKDEADEEDCPLPEDIRQDLQDFHQDLLAHCGIQLEGEEEEPEEETSLSSRLRSLLETVRLVKKKEEKP
EEELPAEEKKPQSLQELVSHMVVRWAQEDYVQSPELVRAMFSLLHRQYDGLGELLRALPRAYTISPSSVEDTMSLLECLG
QIRSLLIVQMGPQEENLMIQSIGNIMNNKVFYQHPNLMRALGMHETVMEVMVNVLGGGETKEIRFPKMVTSCCRFLCYFC
RISRQNQRSMFDHLSYLLENSGIGLGMQGSTPLDVAAASVIDNNELALALQEQDLEKVVSYLAGCGLQSCPMLLAKGYPD
IGWNPCGGERYLDFLRFAVFVNGESVEENANVVVRLLIRKPECFGPALRGEGGSGLLAAIEEAIRISEDPARDGPGVRRD
RRREHFGEEPPEENRVHLGHAIMSFYAALIDLLGRCAPEMHLIQAGKGEALRIRAILRSLVPLDDLVGIISLPLQIPTLG
KDGALVQPKMSASFVPDHKASMVLFLDRVYGIENQDFLLHVLDVGFLPDMRAAASLDTATFSTTEMALALNRYLCLAVLP
LITKCAPLFAGTEHRAIMVDSMLHTVYRLSRGRSLTKAQRDVIEDCLMALCRYIRPSMLQHLLRRLVFDVPILNEFAKMP
LKLLTNHYERCWKYYCLPTGWANFGVTSEEELHLTRKLFWGIFDSLAHKKYDQELYRMAMPCLCAIAGALPPDYVDASYS
SKAEKKATVDAEGNFDPRPVETLNVIIPEKLDSFINKFAEYTHEKWAFDKIQNNWSYGENVDEELKTHPMLRPYKTFSEK
DKEIYRWPIKESLKAMIAWEWTIEKAREGEEERTEKKKTRKISQTAQTYDPREGYNPQPPDLSGVTLSRELQAMAEQLAE
NYHNTWGRKKKQELEAKGGGTHPLLVPYDTLTAKEKARDREKAQELLKFLQMNGYAVTRGLKDMELDTSSIEKRFAFGFL
QQLLRWMDISQEFIAHLEAVVSSGRVEKSPHEQEIKFFAKILLPLINQYFTNHCLYFLSTPAKVLGSGGHASNKEKEMIT
SLFCKLAALVRHRVSLFGTDAPAVVNCLHILARSLDARTVMKSGPEIVKAGLRSFFESASEDIEKMVENLRLGKVSQART
QVKGVGQNLTYTTVALLPVLTTLFQHIAQHQFGDDVILDDVQVSCYRTLCSIYSLGTTKNTYVEKLRPALGECLARLAAA
MPVAFLEPQLNEYNACSVYTSKSPRERAILGLPNSVEEMCPDIPVLDRLMADIGGLAESGARYTEMPHVIEITLPMLCSY
LPRWWERGPEAPPPALPAGAPPPCTAVTSDHLNSLLGNILRIIVNNLGIDEATWMKRLAVFAQPIVSRARPELLHSHFIP
TIGRLRKRAGKVVAEEEQLRLEAKAEAEEGELLVRDEFSVLCRDLYALYPLLIRYVDNNRAHWLTEPNANAEELFRMVGE
IFIYWSKSHNFKREEQNFVVQNEINNMSFLTADSKSKMAKAGDAQSGGSDQERTKKKRRGDRYSVQTSLIVATLKKMLPI
GLNMCAPTDQDLIMLAKTRYALKDTDEEVREFLQNNLHLQGKVEGSPSLRWQMALYRGLPGREEDADDPEKIVRRVQEVS
AVLYHLEQTEHPYKSKKAVWHKLLSKQRRRAVVACFRMTPLYNLPTHRACNMFLESYKAAWILTEDHSFEDRMIDDLSKA
GEQEEEEEEVEEKKPDPLHQLVLHFSRTALTEKSKLDEDYLYMAYADIMAKSCHLEEGGENGEAEEEEVEVSFEEKEMEK
QRLLYQQSRLHTRGAAEMVLQMISACKGETGAMVSSTLKLGISILNGGNAEVQQKMLDYLKDKKEVGFFQSIQALMQTCS
VLDLNAFERQNKAEGLGMVNEDGTVINRQNGEKVMADDEFTQDLFRFLQLLCEGHNNDFQNYLRTQTGNTTTINIIICTV
DYLLRLQESISDFYWYYSGKDVIEEQGKRNFSKAMSVAKQVFNSLTEYIQGPCTGNQQSLAHSRLWDAVVGFLHVFAHMM
MKLAQDSSQIELLKELLDLQKDMVVMLLSLLEGNVVNGMIARQMVDMLVESSSNVEMILKFFDMFLKLKDIVGSEAFQDY
VTDPRGLISKKDFQKAMDSQKQFTGPEIQFLLSCSEADENEMINFEEFANRFQEPARDIGFNVAVLLTNLSEHVPHDPRL
RNFLELAESILEYFRPYLGRIEIMGASRRIERIYFEISETNRAQWEMPQVKESKRQFIFDVVNEGGEAEKMELFVSFCED
TIFEMQIAAQISEPEGEPEADEDEGMGEAAAEGAEEGAAGAEGAAGTVAAGATARLAAAAARALRGLSYRSLRRRVRRLR
RLTAREAATALAALLWAVVARAGAAGAGAAAGALRLLWGSLFGGGLVEGAKKVTVTELLAGMPDPTSDEVHGEQPAGPGG
DADGAGEGEGEGDAAEGDGDEEVAGHEAGPGGAEGVVAVADGGPFRPEGAGGLGDMGDTTPAEPPTPEGSPILKRKLGVD
GEEEELVPEPEPEPEPEPEKADEENGEKEEVPEAPPEPPKKAPPSPPAKKEEAGGAGMEFWGELEVQRVKFLNYLSRNFY
TLRFLALFLAFAINFILLFYKVSDSPPGEDDMEGSAAGDLAGAGSGGGSGWGSGAGEEAEGDEDENMVYYFLEESTGYME
PALWCLSLLHTLVAFLCIIGYNCLKVPLVIFKREKELARKLEFDGLYITEQPGDDDVKGQWDRLVLNTPSFPSNYWDKFV
KRKVLDKHGDIFGRERIAELLGMDLASLEITAHNERKPDPPPGLLTWLMSIDVKYQIWKFGVIFTDNSFLYLGWYMVMSL
LGHYNNFFFAAHLLDIAMGVKTLRTILSSVTHNGKQLVMTVGLLAVVVYLYTVVAFNFFRKFYNKSEDEDEPDMKCDDMM
TCYLFHMYVGVRAGGGIGDEIEDPAGDEYELYRVVFDITFFFFVIVILLAIIQGLIIDAFGELRDQQEQVKEDMETKCFI
CGIGSDYFDTTPHGFETHTLEEHNLANYMFFLMYLINKDETEHTGQESYVWKMYQERCWDFFPAGDCFRKQYEDQLS
;
B,E,G,J
2 'polypeptide(L)'
;GVEIETISPGDGRTFPKKGQTCVVHYTGMLQNGKKFDSSRDRNKPFKFRIGKQEVIKGFEEGAAQMSLGQRAKLTCTPDV
AYGATGHPGVIPPNATLIFDVELLNLE
;
A,D,H,I
3 'polypeptide(L)'
;QVQLQESGGGLMQAGGSLRLSCTASGSIFSINSMGWYRQAPGKQRELVATITSGNSINYADSVKGRFTISRDNAKNTVYL
QMNSLKPEDTAVYYCNADRVPNGYNPWGTPNDEYDYWGQGTQVTVSSHHHHHHEPEA
;
C,F,K,M
#
loop_
_chem_comp.id
_chem_comp.type
_chem_comp.name
_chem_comp.formula
ZN non-polymer 'ZINC ION' 'Zn 2'
#
# COMPACT_ATOMS: atom_id res chain seq x y z
N VAL A 11 -9.48 29.84 13.13
CA VAL A 11 -9.09 31.09 12.51
C VAL A 11 -10.20 31.59 11.60
N GLN A 12 -11.39 31.01 11.73
CA GLN A 12 -12.53 31.41 10.93
C GLN A 12 -12.98 32.81 11.30
N PHE A 13 -13.42 33.58 10.30
CA PHE A 13 -13.88 34.94 10.50
C PHE A 13 -15.41 34.95 10.61
N LEU A 14 -15.92 35.66 11.62
CA LEU A 14 -17.36 35.78 11.79
C LEU A 14 -17.98 36.55 10.63
N ARG A 15 -19.14 36.07 10.17
CA ARG A 15 -19.83 36.69 9.06
C ARG A 15 -21.31 36.79 9.40
N THR A 16 -22.05 37.53 8.57
CA THR A 16 -23.46 37.75 8.82
C THR A 16 -24.25 36.47 8.58
N ASP A 17 -25.56 36.53 8.85
CA ASP A 17 -26.47 35.40 8.73
C ASP A 17 -26.04 34.23 9.61
N ASP A 18 -25.39 34.53 10.73
CA ASP A 18 -24.89 33.52 11.65
C ASP A 18 -25.42 33.78 13.05
N GLU A 19 -25.54 32.71 13.83
CA GLU A 19 -26.04 32.77 15.19
C GLU A 19 -24.86 32.76 16.17
N VAL A 20 -24.91 33.65 17.15
CA VAL A 20 -23.86 33.80 18.14
C VAL A 20 -24.49 33.85 19.52
N VAL A 21 -23.74 33.46 20.54
CA VAL A 21 -24.21 33.45 21.92
C VAL A 21 -23.82 34.75 22.64
N LEU A 22 -22.68 35.33 22.24
CA LEU A 22 -22.14 36.53 22.88
C LEU A 22 -21.89 36.31 24.37
N GLN A 23 -20.98 35.38 24.66
CA GLN A 23 -20.65 35.03 26.03
C GLN A 23 -19.57 35.96 26.58
N CYS A 24 -19.74 36.36 27.84
CA CYS A 24 -18.79 37.21 28.54
C CYS A 24 -18.16 36.43 29.68
N SER A 25 -16.83 36.36 29.69
CA SER A 25 -16.11 35.63 30.72
C SER A 25 -15.99 36.50 31.97
N ALA A 26 -16.76 36.16 33.01
CA ALA A 26 -16.73 36.94 34.24
C ALA A 26 -15.45 36.69 35.03
N THR A 27 -15.02 35.43 35.10
CA THR A 27 -13.84 35.03 35.87
C THR A 27 -13.97 35.48 37.32
N VAL A 28 -15.16 35.31 37.88
CA VAL A 28 -15.42 35.67 39.27
C VAL A 28 -14.98 34.53 40.17
N LEU A 29 -14.17 34.85 41.18
CA LEU A 29 -13.63 33.87 42.12
C LEU A 29 -12.86 32.77 41.38
N LYS A 30 -12.17 33.16 40.30
CA LYS A 30 -11.38 32.23 39.49
C LYS A 30 -12.21 31.05 39.01
N GLU A 31 -13.45 31.32 38.60
CA GLU A 31 -14.34 30.28 38.10
C GLU A 31 -14.53 30.31 36.60
N GLN A 32 -14.39 31.47 35.96
CA GLN A 32 -14.58 31.64 34.52
C GLN A 32 -15.92 31.05 34.08
N LEU A 33 -16.99 31.54 34.71
CA LEU A 33 -18.32 31.02 34.40
C LEU A 33 -18.70 31.29 32.94
N LYS A 34 -18.22 32.40 32.38
CA LYS A 34 -18.51 32.78 31.00
C LYS A 34 -20.02 32.86 30.75
N LEU A 35 -20.66 33.73 31.53
CA LEU A 35 -22.10 33.92 31.43
C LEU A 35 -22.47 34.51 30.08
N CYS A 36 -23.68 34.19 29.62
CA CYS A 36 -24.17 34.68 28.34
C CYS A 36 -25.48 35.42 28.53
N LEU A 37 -25.68 36.47 27.74
CA LEU A 37 -26.89 37.28 27.83
C LEU A 37 -28.07 36.56 27.21
N ALA A 38 -29.25 36.80 27.77
CA ALA A 38 -30.48 36.18 27.29
C ALA A 38 -31.66 37.06 27.69
N ALA A 39 -32.71 37.00 26.88
CA ALA A 39 -33.94 37.73 27.14
C ALA A 39 -35.10 36.98 26.52
N GLU A 40 -36.24 36.96 27.22
CA GLU A 40 -37.40 36.21 26.74
C GLU A 40 -37.99 36.86 25.49
N GLY A 41 -38.21 38.18 25.54
CA GLY A 41 -38.76 38.94 24.43
C GLY A 41 -40.26 39.14 24.50
N PHE A 42 -40.98 38.27 25.19
CA PHE A 42 -42.41 38.40 25.41
C PHE A 42 -42.67 38.44 26.91
N GLY A 43 -43.29 39.52 27.37
CA GLY A 43 -43.52 39.72 28.78
C GLY A 43 -42.35 40.33 29.53
N ASN A 44 -41.18 40.44 28.90
CA ASN A 44 -40.00 41.01 29.53
C ASN A 44 -39.00 41.35 28.45
N ARG A 45 -38.56 42.61 28.42
CA ARG A 45 -37.61 43.09 27.41
C ARG A 45 -36.18 43.09 27.89
N LEU A 46 -35.95 43.21 29.20
CA LEU A 46 -34.60 43.38 29.72
C LEU A 46 -33.81 42.07 29.61
N CYS A 47 -32.54 42.21 29.27
CA CYS A 47 -31.63 41.07 29.17
C CYS A 47 -30.96 40.80 30.52
N PHE A 48 -30.45 39.59 30.67
CA PHE A 48 -29.74 39.20 31.88
C PHE A 48 -28.76 38.08 31.55
N LEU A 49 -27.71 37.96 32.37
CA LEU A 49 -26.70 36.94 32.17
C LEU A 49 -27.11 35.65 32.86
N GLU A 50 -27.07 34.56 32.12
CA GLU A 50 -27.21 33.23 32.71
C GLU A 50 -25.89 32.49 32.62
N PRO A 51 -25.55 31.71 33.65
CA PRO A 51 -24.24 31.03 33.65
C PRO A 51 -24.24 29.85 32.69
N THR A 52 -23.22 29.82 31.84
CA THR A 52 -23.01 28.70 30.92
C THR A 52 -22.08 27.63 31.50
N SER A 53 -21.56 27.85 32.71
CA SER A 53 -20.69 26.89 33.36
C SER A 53 -21.51 25.91 34.19
N ASN A 54 -20.83 24.91 34.76
CA ASN A 54 -21.45 23.87 35.58
C ASN A 54 -22.58 23.17 34.81
N ALA A 55 -22.33 22.92 33.52
CA ALA A 55 -23.33 22.26 32.69
C ALA A 55 -23.55 20.80 33.07
N GLN A 56 -22.59 20.17 33.75
CA GLN A 56 -22.72 18.77 34.11
C GLN A 56 -23.77 18.58 35.19
N ASN A 57 -23.74 19.41 36.23
CA ASN A 57 -24.71 19.28 37.31
C ASN A 57 -26.09 19.79 36.90
N VAL A 58 -26.15 20.81 36.06
CA VAL A 58 -27.43 21.36 35.59
C VAL A 58 -27.25 21.94 34.19
N PRO A 59 -28.07 21.54 33.22
CA PRO A 59 -27.92 22.06 31.87
C PRO A 59 -28.55 23.45 31.75
N PRO A 60 -27.76 24.46 31.40
CA PRO A 60 -28.32 25.80 31.21
C PRO A 60 -29.05 25.91 29.89
N ASP A 61 -30.12 26.70 29.90
CA ASP A 61 -30.91 26.92 28.69
C ASP A 61 -30.15 27.81 27.72
N LEU A 62 -30.27 27.51 26.42
CA LEU A 62 -29.64 28.31 25.39
C LEU A 62 -30.60 28.64 24.24
N ALA A 63 -31.88 28.29 24.37
CA ALA A 63 -32.85 28.61 23.32
C ALA A 63 -33.05 30.12 23.21
N ILE A 64 -32.92 30.84 24.31
CA ILE A 64 -33.07 32.30 24.30
C ILE A 64 -31.70 32.99 24.32
N CYS A 65 -30.65 32.30 23.88
CA CYS A 65 -29.30 32.85 23.89
C CYS A 65 -28.68 32.86 22.49
N CYS A 66 -29.52 32.95 21.46
CA CYS A 66 -29.07 32.94 20.08
C CYS A 66 -29.40 34.28 19.43
N PHE A 67 -28.39 34.93 18.87
CA PHE A 67 -28.55 36.21 18.19
C PHE A 67 -28.01 36.09 16.78
N THR A 68 -28.84 36.40 15.79
CA THR A 68 -28.46 36.33 14.40
C THR A 68 -27.92 37.68 13.95
N LEU A 69 -26.78 37.65 13.25
CA LEU A 69 -26.18 38.84 12.67
C LEU A 69 -26.96 39.19 11.42
N GLU A 70 -27.82 40.21 11.51
CA GLU A 70 -28.70 40.54 10.40
C GLU A 70 -28.00 41.39 9.35
N GLN A 71 -27.49 42.55 9.74
CA GLN A 71 -26.84 43.46 8.81
C GLN A 71 -25.52 43.96 9.40
N SER A 72 -24.56 44.21 8.51
CA SER A 72 -23.27 44.78 8.88
C SER A 72 -22.99 45.96 7.96
N LEU A 73 -22.58 47.08 8.53
CA LEU A 73 -22.36 48.29 7.75
C LEU A 73 -21.30 49.16 8.40
N SER A 74 -20.70 50.03 7.60
CA SER A 74 -19.72 50.98 8.11
C SER A 74 -20.42 52.17 8.74
N VAL A 75 -19.63 53.01 9.42
CA VAL A 75 -20.19 54.14 10.15
C VAL A 75 -20.77 55.17 9.17
N ARG A 76 -20.01 55.51 8.12
CA ARG A 76 -20.46 56.53 7.19
C ARG A 76 -21.69 56.07 6.42
N ALA A 77 -21.66 54.82 5.93
CA ALA A 77 -22.82 54.28 5.23
C ALA A 77 -24.01 54.18 6.16
N LEU A 78 -23.79 53.82 7.42
CA LEU A 78 -24.86 53.76 8.40
C LEU A 78 -25.50 55.13 8.60
N GLN A 79 -24.67 56.17 8.72
CA GLN A 79 -25.22 57.52 8.83
C GLN A 79 -26.02 57.89 7.61
N GLU A 80 -25.52 57.54 6.42
CA GLU A 80 -26.24 57.89 5.19
C GLU A 80 -27.60 57.19 5.12
N MET A 81 -27.66 55.90 5.46
CA MET A 81 -28.95 55.22 5.36
C MET A 81 -29.89 55.66 6.46
N LEU A 82 -29.37 56.01 7.64
CA LEU A 82 -30.22 56.60 8.68
C LEU A 82 -30.79 57.93 8.22
N ALA A 83 -29.99 58.73 7.51
CA ALA A 83 -30.51 59.96 6.91
C ALA A 83 -31.58 59.65 5.88
N ASN A 84 -31.39 58.59 5.09
CA ASN A 84 -32.36 58.17 4.09
C ASN A 84 -33.70 57.80 4.74
N GLY A 97 -24.98 35.43 0.92
CA GLY A 97 -24.58 36.81 1.10
C GLY A 97 -23.95 37.09 2.45
N HIS A 98 -22.75 36.55 2.65
CA HIS A 98 -22.02 36.72 3.91
C HIS A 98 -21.00 37.84 3.76
N ARG A 99 -20.97 38.74 4.73
CA ARG A 99 -20.01 39.84 4.78
C ARG A 99 -19.10 39.65 5.97
N THR A 100 -17.78 39.71 5.73
CA THR A 100 -16.83 39.52 6.80
C THR A 100 -16.87 40.69 7.76
N LEU A 101 -16.91 40.38 9.06
CA LEU A 101 -16.97 41.39 10.10
C LEU A 101 -15.57 41.88 10.44
N LEU A 102 -15.39 43.20 10.43
CA LEU A 102 -14.13 43.82 10.77
C LEU A 102 -14.38 44.97 11.73
N TYR A 103 -13.32 45.38 12.41
CA TYR A 103 -13.45 46.40 13.46
C TYR A 103 -13.89 47.73 12.87
N GLY A 104 -14.52 48.55 13.70
CA GLY A 104 -15.07 49.82 13.26
C GLY A 104 -16.24 49.68 12.30
N HIS A 105 -17.13 48.72 12.54
CA HIS A 105 -18.28 48.48 11.69
C HIS A 105 -19.52 48.30 12.55
N ALA A 106 -20.66 48.75 12.02
CA ALA A 106 -21.93 48.65 12.73
C ALA A 106 -22.63 47.35 12.36
N ILE A 107 -23.20 46.69 13.37
CA ILE A 107 -23.88 45.41 13.18
C ILE A 107 -25.25 45.46 13.83
N LEU A 108 -26.11 44.55 13.40
CA LEU A 108 -27.47 44.43 13.90
C LEU A 108 -27.68 43.01 14.42
N LEU A 109 -28.22 42.89 15.63
CA LEU A 109 -28.44 41.60 16.27
C LEU A 109 -29.94 41.36 16.43
N ARG A 110 -30.40 40.21 15.95
CA ARG A 110 -31.80 39.82 16.06
C ARG A 110 -31.92 38.59 16.95
N HIS A 111 -32.77 38.68 17.98
CA HIS A 111 -33.02 37.53 18.83
C HIS A 111 -33.68 36.41 18.02
N ALA A 112 -33.20 35.18 18.21
CA ALA A 112 -33.72 34.07 17.41
C ALA A 112 -35.17 33.77 17.75
N HIS A 113 -35.50 33.62 19.03
CA HIS A 113 -36.85 33.21 19.42
C HIS A 113 -37.84 34.35 19.24
N SER A 114 -37.49 35.56 19.69
CA SER A 114 -38.43 36.66 19.76
C SER A 114 -38.54 37.44 18.47
N ARG A 115 -37.62 37.25 17.52
CA ARG A 115 -37.58 37.97 16.25
C ARG A 115 -37.45 39.47 16.44
N MET A 116 -37.12 39.94 17.64
CA MET A 116 -36.90 41.35 17.90
C MET A 116 -35.43 41.69 17.72
N TYR A 117 -35.08 42.95 17.91
CA TYR A 117 -33.72 43.44 17.72
C TYR A 117 -33.13 43.89 19.05
N LEU A 118 -31.88 43.51 19.29
CA LEU A 118 -31.17 43.97 20.48
C LEU A 118 -30.94 45.46 20.39
N SER A 119 -31.16 46.16 21.51
CA SER A 119 -31.06 47.61 21.52
C SER A 119 -30.65 48.08 22.91
N CYS A 120 -30.38 49.38 23.02
CA CYS A 120 -30.01 50.02 24.27
C CYS A 120 -31.17 50.89 24.71
N LEU A 121 -31.91 50.43 25.74
CA LEU A 121 -33.05 51.18 26.22
C LEU A 121 -32.61 52.41 27.00
N THR A 122 -33.48 53.42 27.01
CA THR A 122 -33.20 54.66 27.73
C THR A 122 -33.50 54.55 29.22
N THR A 123 -34.20 53.52 29.66
CA THR A 123 -34.50 53.35 31.07
C THR A 123 -33.27 52.87 31.83
N SER A 124 -33.14 53.33 33.07
CA SER A 124 -32.02 52.99 33.94
C SER A 124 -32.57 52.49 35.26
N ARG A 125 -32.73 51.17 35.37
CA ARG A 125 -33.21 50.57 36.61
C ARG A 125 -32.13 50.45 37.68
N SER A 126 -30.86 50.55 37.30
CA SER A 126 -29.76 50.40 38.24
C SER A 126 -29.53 51.73 38.95
N MET A 127 -29.84 51.78 40.24
CA MET A 127 -29.64 52.98 41.03
C MET A 127 -28.19 53.16 41.49
N THR A 128 -27.36 52.12 41.36
CA THR A 128 -25.97 52.23 41.77
C THR A 128 -25.22 53.25 40.91
N ASP A 129 -25.47 53.24 39.61
CA ASP A 129 -24.80 54.13 38.66
C ASP A 129 -25.84 55.02 37.99
N LYS A 130 -25.63 56.33 38.05
CA LYS A 130 -26.55 57.26 37.41
C LYS A 130 -26.39 57.27 35.89
N LEU A 131 -25.17 57.02 35.40
CA LEU A 131 -24.90 57.04 33.97
C LEU A 131 -25.24 55.72 33.28
N ALA A 132 -25.53 54.66 34.04
CA ALA A 132 -25.79 53.37 33.44
C ALA A 132 -27.12 53.38 32.67
N PHE A 133 -27.18 52.57 31.62
CA PHE A 133 -28.37 52.40 30.82
C PHE A 133 -28.65 50.92 30.63
N ASP A 134 -29.93 50.55 30.67
CA ASP A 134 -30.31 49.16 30.54
C ASP A 134 -30.41 48.75 29.08
N VAL A 135 -30.01 47.52 28.79
CA VAL A 135 -30.05 46.96 27.44
C VAL A 135 -31.20 45.97 27.34
N GLY A 136 -31.96 46.07 26.26
CA GLY A 136 -33.11 45.21 26.06
C GLY A 136 -33.44 44.97 24.61
N LEU A 137 -34.61 44.39 24.35
CA LEU A 137 -35.04 44.07 23.00
C LEU A 137 -36.11 45.07 22.54
N GLN A 138 -36.05 45.42 21.26
CA GLN A 138 -37.05 46.28 20.64
C GLN A 138 -37.55 45.63 19.37
N GLU A 139 -38.82 45.90 19.05
CA GLU A 139 -39.51 45.23 17.96
C GLU A 139 -39.35 45.95 16.62
N ASP A 140 -38.59 47.04 16.56
CA ASP A 140 -38.44 47.81 15.33
C ASP A 140 -36.95 48.02 15.05
N ALA A 141 -36.60 47.96 13.77
CA ALA A 141 -35.23 48.20 13.33
C ALA A 141 -34.95 49.67 13.08
N THR A 142 -35.95 50.53 13.19
CA THR A 142 -35.75 51.96 12.98
C THR A 142 -34.93 52.57 14.11
N GLY A 143 -34.20 53.63 13.78
CA GLY A 143 -33.36 54.32 14.73
C GLY A 143 -31.99 53.69 14.86
N GLU A 144 -31.12 54.37 15.60
CA GLU A 144 -29.74 53.94 15.81
C GLU A 144 -29.54 53.28 17.17
N ALA A 145 -30.61 53.07 17.93
CA ALA A 145 -30.47 52.45 19.25
C ALA A 145 -30.14 50.98 19.16
N CYS A 146 -30.44 50.32 18.04
CA CYS A 146 -30.23 48.89 17.89
C CYS A 146 -28.94 48.54 17.16
N TRP A 147 -28.13 49.53 16.79
CA TRP A 147 -26.90 49.29 16.05
C TRP A 147 -25.70 49.37 16.99
N TRP A 148 -24.75 48.45 16.79
CA TRP A 148 -23.61 48.33 17.68
C TRP A 148 -22.34 48.20 16.85
N THR A 149 -21.22 48.68 17.41
CA THR A 149 -19.94 48.67 16.72
C THR A 149 -18.90 47.98 17.59
N MET A 150 -18.13 47.07 17.00
CA MET A 150 -17.06 46.39 17.72
C MET A 150 -15.76 47.16 17.57
N HIS A 151 -14.87 46.98 18.54
CA HIS A 151 -13.57 47.62 18.53
C HIS A 151 -12.47 46.62 18.87
N PRO A 152 -11.25 46.85 18.40
CA PRO A 152 -10.16 45.91 18.66
C PRO A 152 -9.63 46.02 20.08
N ALA A 153 -10.27 45.32 21.01
CA ALA A 153 -9.85 45.38 22.41
C ALA A 153 -8.42 44.89 22.58
N SER A 154 -8.02 43.89 21.79
CA SER A 154 -6.65 43.39 21.86
C SER A 154 -5.68 44.42 21.31
N LYS A 155 -4.50 44.51 21.94
CA LYS A 155 -3.49 45.45 21.48
C LYS A 155 -2.95 45.07 20.10
N GLN A 156 -2.80 43.75 19.86
CA GLN A 156 -2.29 43.30 18.56
C GLN A 156 -3.22 43.68 17.43
N ARG A 157 -4.53 43.57 17.64
CA ARG A 157 -5.49 43.88 16.60
C ARG A 157 -5.61 45.40 16.44
N SER A 158 -6.14 45.81 15.29
CA SER A 158 -6.30 47.22 14.97
C SER A 158 -7.56 47.39 14.12
N GLU A 159 -8.01 48.64 14.03
CA GLU A 159 -9.20 48.95 13.25
C GLU A 159 -8.97 48.66 11.77
N GLY A 160 -10.03 48.26 11.08
CA GLY A 160 -9.94 47.86 9.70
C GLY A 160 -9.54 46.42 9.48
N GLU A 161 -9.26 45.66 10.53
CA GLU A 161 -8.86 44.26 10.43
C GLU A 161 -10.07 43.36 10.66
N LYS A 162 -10.17 42.31 9.86
CA LYS A 162 -11.28 41.38 10.00
C LYS A 162 -11.18 40.61 11.31
N VAL A 163 -12.31 40.50 12.01
CA VAL A 163 -12.35 39.77 13.26
C VAL A 163 -12.41 38.27 12.99
N ARG A 164 -11.99 37.48 13.97
CA ARG A 164 -11.97 36.04 13.86
C ARG A 164 -12.57 35.42 15.12
N VAL A 165 -12.93 34.14 15.00
CA VAL A 165 -13.53 33.45 16.13
C VAL A 165 -12.54 33.33 17.28
N GLY A 166 -13.07 33.21 18.49
CA GLY A 166 -12.23 33.14 19.68
C GLY A 166 -11.43 34.40 19.95
N ASP A 167 -12.01 35.56 19.66
CA ASP A 167 -11.33 36.84 19.88
C ASP A 167 -12.24 37.74 20.72
N ASP A 168 -11.69 38.33 21.76
CA ASP A 168 -12.45 39.22 22.61
C ASP A 168 -12.78 40.51 21.88
N LEU A 169 -13.98 41.03 22.13
CA LEU A 169 -14.47 42.24 21.47
C LEU A 169 -15.06 43.19 22.50
N ILE A 170 -15.14 44.45 22.10
CA ILE A 170 -15.76 45.50 22.91
C ILE A 170 -16.79 46.20 22.03
N LEU A 171 -18.04 46.23 22.48
CA LEU A 171 -19.15 46.75 21.71
C LEU A 171 -19.61 48.10 22.25
N VAL A 172 -19.90 49.03 21.34
CA VAL A 172 -20.33 50.37 21.69
C VAL A 172 -21.58 50.72 20.88
N SER A 173 -22.57 51.30 21.54
CA SER A 173 -23.77 51.75 20.84
C SER A 173 -23.42 52.92 19.92
N VAL A 174 -23.94 52.88 18.69
CA VAL A 174 -23.74 54.01 17.80
C VAL A 174 -24.60 55.19 18.25
N SER A 175 -25.70 54.93 18.94
CA SER A 175 -26.56 56.01 19.42
C SER A 175 -25.90 56.77 20.55
N SER A 176 -25.25 56.07 21.47
CA SER A 176 -24.59 56.70 22.61
C SER A 176 -23.37 55.89 22.99
N GLU A 177 -22.23 56.56 23.13
CA GLU A 177 -21.00 55.88 23.52
C GLU A 177 -21.17 55.20 24.87
N ARG A 178 -21.14 53.87 24.88
CA ARG A 178 -21.27 53.10 26.12
C ARG A 178 -20.89 51.66 25.81
N TYR A 179 -20.57 50.91 26.86
CA TYR A 179 -20.12 49.53 26.73
C TYR A 179 -21.06 48.59 27.46
N LEU A 180 -21.06 47.32 27.04
CA LEU A 180 -21.85 46.29 27.70
C LEU A 180 -21.15 45.87 28.99
N HIS A 181 -21.11 46.80 29.94
CA HIS A 181 -20.42 46.56 31.19
C HIS A 181 -21.14 45.50 32.00
N LEU A 182 -20.36 44.63 32.63
CA LEU A 182 -20.87 43.55 33.48
C LEU A 182 -20.81 44.04 34.92
N SER A 183 -21.88 44.70 35.35
CA SER A 183 -21.95 45.21 36.71
C SER A 183 -22.12 44.07 37.70
N THR A 184 -21.29 44.09 38.75
CA THR A 184 -21.34 43.09 39.81
C THR A 184 -21.17 43.72 41.18
N ALA A 185 -21.55 44.99 41.31
CA ALA A 185 -21.38 45.69 42.58
C ALA A 185 -22.27 45.11 43.66
N SER A 186 -23.48 44.69 43.30
CA SER A 186 -24.45 44.15 44.25
C SER A 186 -24.30 42.65 44.45
N GLY A 187 -23.28 42.03 43.85
CA GLY A 187 -23.09 40.59 43.92
C GLY A 187 -23.82 39.82 42.84
N GLU A 188 -24.62 40.48 42.01
CA GLU A 188 -25.33 39.85 40.91
C GLU A 188 -24.80 40.40 39.59
N LEU A 189 -24.55 39.51 38.65
CA LEU A 189 -23.98 39.90 37.36
C LEU A 189 -25.09 40.40 36.45
N GLN A 190 -25.04 41.68 36.09
CA GLN A 190 -25.98 42.28 35.17
C GLN A 190 -25.24 42.93 34.02
N VAL A 191 -25.89 43.04 32.87
CA VAL A 191 -25.32 43.68 31.69
C VAL A 191 -26.01 45.02 31.50
N ASP A 192 -25.22 46.09 31.39
CA ASP A 192 -25.82 47.41 31.21
C ASP A 192 -24.86 48.29 30.44
N ALA A 193 -25.43 49.31 29.80
CA ALA A 193 -24.65 50.27 29.03
C ALA A 193 -24.00 51.26 29.98
N SER A 194 -22.69 51.15 30.16
CA SER A 194 -21.93 52.00 31.07
C SER A 194 -20.68 52.51 30.37
N PHE A 195 -19.90 53.32 31.08
CA PHE A 195 -18.69 53.93 30.54
C PHE A 195 -17.44 53.11 30.80
N MET A 196 -17.56 51.95 31.43
CA MET A 196 -16.42 51.08 31.70
C MET A 196 -16.33 50.01 30.63
N GLN A 197 -15.10 49.66 30.25
CA GLN A 197 -14.85 48.70 29.19
C GLN A 197 -15.11 47.28 29.68
N THR A 198 -15.51 46.41 28.74
CA THR A 198 -15.77 45.01 29.06
C THR A 198 -15.55 44.17 27.80
N LEU A 199 -14.73 43.13 27.93
CA LEU A 199 -14.45 42.24 26.82
C LEU A 199 -15.57 41.22 26.66
N TRP A 200 -15.94 40.95 25.40
CA TRP A 200 -17.00 40.01 25.08
C TRP A 200 -16.51 39.00 24.05
N ASN A 201 -16.72 37.72 24.33
CA ASN A 201 -16.35 36.64 23.43
C ASN A 201 -17.51 36.37 22.49
N MET A 202 -17.27 36.48 21.19
CA MET A 202 -18.31 36.31 20.17
C MET A 202 -18.22 34.89 19.63
N ASN A 203 -18.70 33.94 20.42
CA ASN A 203 -18.59 32.53 20.06
C ASN A 203 -19.74 32.13 19.13
N PRO A 204 -19.46 31.71 17.91
CA PRO A 204 -20.54 31.30 17.01
C PRO A 204 -21.02 29.89 17.29
N ILE A 205 -22.32 29.69 17.08
CA ILE A 205 -22.93 28.37 17.15
C ILE A 205 -23.84 28.19 15.94
N CYS A 206 -24.14 26.93 15.63
CA CYS A 206 -25.01 26.57 14.51
C CYS A 206 -24.46 27.08 13.19
N SER A 207 -23.14 27.26 13.11
CA SER A 207 -22.53 27.80 11.88
C SER A 207 -22.48 26.76 10.78
N CYS A 208 -22.11 25.52 11.10
CA CYS A 208 -21.95 24.45 10.11
C CYS A 208 -23.30 23.75 9.96
N CYS A 209 -24.09 24.19 8.99
CA CYS A 209 -25.42 23.64 8.80
C CYS A 209 -25.32 22.22 8.25
N GLU A 210 -25.79 21.25 9.05
CA GLU A 210 -25.95 19.88 8.60
C GLU A 210 -27.25 19.77 7.80
N GLU A 211 -27.14 19.86 6.48
CA GLU A 211 -28.31 19.77 5.62
C GLU A 211 -28.84 18.35 5.59
N GLY A 212 -30.15 18.20 5.82
CA GLY A 212 -30.78 16.89 5.90
C GLY A 212 -30.39 16.07 7.10
N TYR A 213 -29.39 16.50 7.86
CA TYR A 213 -28.95 15.82 9.07
C TYR A 213 -29.56 16.50 10.29
N VAL A 214 -29.55 15.79 11.41
CA VAL A 214 -30.12 16.32 12.65
C VAL A 214 -29.07 17.15 13.37
N THR A 215 -29.44 18.36 13.76
CA THR A 215 -28.53 19.31 14.39
C THR A 215 -28.93 19.57 15.84
N GLY A 216 -27.98 20.11 16.59
CA GLY A 216 -28.27 20.50 17.96
C GLY A 216 -29.13 21.74 18.05
N GLY A 217 -29.74 21.92 19.21
CA GLY A 217 -30.65 23.04 19.41
C GLY A 217 -31.82 23.03 18.47
N HIS A 218 -32.39 21.84 18.22
CA HIS A 218 -33.48 21.68 17.26
C HIS A 218 -34.65 20.99 17.94
N VAL A 219 -35.86 21.39 17.54
CA VAL A 219 -37.11 20.82 18.03
C VAL A 219 -37.70 19.94 16.94
N LEU A 220 -38.21 18.78 17.33
CA LEU A 220 -38.70 17.80 16.37
C LEU A 220 -39.58 16.79 17.09
N ARG A 221 -40.25 15.96 16.30
CA ARG A 221 -41.13 14.92 16.82
C ARG A 221 -40.54 13.55 16.50
N LEU A 222 -39.97 12.89 17.51
CA LEU A 222 -39.44 11.55 17.32
C LEU A 222 -40.57 10.55 17.07
N PHE A 223 -40.29 9.56 16.23
CA PHE A 223 -41.32 8.65 15.72
C PHE A 223 -40.69 7.26 15.58
N HIS A 224 -41.00 6.32 16.46
CA HIS A 224 -40.60 4.93 16.18
C HIS A 224 -41.42 4.44 15.00
N GLY A 225 -40.81 4.44 13.82
CA GLY A 225 -41.49 4.06 12.59
C GLY A 225 -42.22 5.25 11.96
N HIS A 226 -43.55 5.16 11.91
CA HIS A 226 -44.38 6.26 11.43
C HIS A 226 -45.66 6.23 12.24
N MET A 227 -46.20 7.43 12.53
CA MET A 227 -47.41 7.54 13.34
C MET A 227 -47.20 6.87 14.70
N ASP A 228 -46.28 7.46 15.47
CA ASP A 228 -45.83 6.90 16.73
C ASP A 228 -45.94 7.84 17.91
N GLU A 229 -45.60 9.12 17.74
CA GLU A 229 -45.54 10.10 18.83
C GLU A 229 -44.61 9.60 19.93
N CYS A 230 -43.33 9.43 19.57
CA CYS A 230 -42.36 8.86 20.50
C CYS A 230 -42.08 9.82 21.64
N LEU A 231 -42.11 9.29 22.86
CA LEU A 231 -41.89 10.07 24.09
C LEU A 231 -42.83 11.27 24.16
N THR A 232 -44.07 11.09 23.72
CA THR A 232 -45.07 12.13 23.84
C THR A 232 -45.64 12.13 25.26
N ILE A 233 -45.47 13.24 25.96
CA ILE A 233 -45.91 13.31 27.34
C ILE A 233 -47.44 13.25 27.41
N SER A 234 -47.95 12.93 28.59
CA SER A 234 -49.39 12.83 28.77
C SER A 234 -50.05 14.20 28.68
N ALA A 235 -51.37 14.20 28.61
CA ALA A 235 -52.13 15.43 28.45
C ALA A 235 -52.07 16.26 29.75
N ALA A 236 -52.58 17.49 29.66
CA ALA A 236 -52.56 18.39 30.80
C ALA A 236 -53.49 17.90 31.89
N ASP A 237 -53.10 18.17 33.14
CA ASP A 237 -53.88 17.79 34.33
C ASP A 237 -54.16 16.29 34.36
N SER A 238 -53.13 15.49 34.08
CA SER A 238 -53.24 14.05 34.07
C SER A 238 -52.65 13.47 35.36
N ASP A 239 -53.10 12.25 35.70
CA ASP A 239 -52.57 11.56 36.86
C ASP A 239 -51.10 11.25 36.73
N ASP A 240 -50.59 11.15 35.50
CA ASP A 240 -49.17 10.93 35.27
C ASP A 240 -48.33 12.10 35.75
N GLN A 241 -48.95 13.27 35.94
CA GLN A 241 -48.24 14.51 36.28
C GLN A 241 -47.22 14.88 35.20
N ARG A 242 -47.47 14.43 33.97
CA ARG A 242 -46.58 14.65 32.84
C ARG A 242 -45.15 14.22 33.17
N ARG A 243 -45.03 13.01 33.73
CA ARG A 243 -43.74 12.48 34.15
C ARG A 243 -43.31 11.22 33.42
N LEU A 244 -44.19 10.60 32.65
CA LEU A 244 -43.87 9.36 31.94
C LEU A 244 -44.21 9.52 30.46
N VAL A 245 -43.52 8.74 29.63
CA VAL A 245 -43.69 8.79 28.17
C VAL A 245 -44.47 7.57 27.72
N TYR A 246 -45.26 7.75 26.67
CA TYR A 246 -46.15 6.69 26.17
C TYR A 246 -46.22 6.76 24.65
N TYR A 247 -47.17 6.03 24.10
CA TYR A 247 -47.49 6.01 22.67
C TYR A 247 -48.91 6.53 22.51
N GLU A 248 -49.09 7.57 21.69
CA GLU A 248 -50.38 8.19 21.50
C GLU A 248 -50.72 8.25 20.02
N GLY A 249 -51.87 8.82 19.71
CA GLY A 249 -52.34 8.87 18.33
C GLY A 249 -53.43 9.89 18.15
N GLY A 250 -53.75 10.13 16.88
CA GLY A 250 -54.80 11.07 16.52
C GLY A 250 -54.23 12.43 16.17
N ALA A 251 -54.80 13.48 16.77
CA ALA A 251 -54.32 14.84 16.56
C ALA A 251 -53.13 15.19 17.45
N VAL A 252 -52.68 14.25 18.29
CA VAL A 252 -51.51 14.51 19.11
C VAL A 252 -50.26 14.68 18.25
N CYS A 253 -50.29 14.21 17.00
CA CYS A 253 -49.19 14.47 16.08
C CYS A 253 -49.05 15.97 15.83
N THR A 254 -50.17 16.65 15.58
CA THR A 254 -50.16 18.10 15.44
C THR A 254 -50.04 18.82 16.77
N HIS A 255 -50.44 18.19 17.86
CA HIS A 255 -50.33 18.79 19.18
C HIS A 255 -48.88 19.14 19.50
N ALA A 256 -48.72 20.07 20.43
CA ALA A 256 -47.40 20.60 20.77
C ALA A 256 -46.72 19.85 21.91
N ARG A 257 -47.37 18.85 22.49
CA ARG A 257 -46.75 18.09 23.57
C ARG A 257 -45.80 17.01 23.07
N SER A 258 -45.84 16.69 21.77
CA SER A 258 -44.96 15.69 21.20
C SER A 258 -43.60 16.24 20.80
N LEU A 259 -43.37 17.54 21.00
CA LEU A 259 -42.12 18.16 20.59
C LEU A 259 -41.00 17.88 21.59
N TRP A 260 -39.82 17.58 21.07
CA TRP A 260 -38.62 17.38 21.88
C TRP A 260 -37.47 18.16 21.27
N ARG A 261 -36.67 18.76 22.12
CA ARG A 261 -35.53 19.58 21.75
C ARG A 261 -34.24 18.86 22.10
N LEU A 262 -33.25 18.94 21.21
CA LEU A 262 -31.98 18.26 21.41
C LEU A 262 -30.89 19.25 21.81
N GLU A 263 -30.05 18.85 22.77
CA GLU A 263 -28.97 19.71 23.25
C GLU A 263 -27.70 18.89 23.44
N PRO A 264 -26.69 19.06 22.60
CA PRO A 264 -25.41 18.37 22.83
C PRO A 264 -24.74 18.88 24.10
N LEU A 265 -23.97 18.00 24.73
CA LEU A 265 -23.34 18.34 26.00
C LEU A 265 -22.26 19.40 25.86
N ARG A 266 -21.82 19.70 24.63
CA ARG A 266 -20.82 20.72 24.39
C ARG A 266 -21.48 22.11 24.37
N ILE A 267 -20.67 23.13 24.11
CA ILE A 267 -21.15 24.51 24.10
C ILE A 267 -20.94 25.13 22.72
N SER A 268 -19.69 25.23 22.29
CA SER A 268 -19.38 25.85 21.01
C SER A 268 -19.81 24.96 19.86
N TRP A 269 -20.41 25.58 18.83
CA TRP A 269 -20.85 24.89 17.62
C TRP A 269 -21.85 23.78 17.95
N SER A 270 -22.65 23.97 19.00
CA SER A 270 -23.56 22.94 19.47
C SER A 270 -24.61 22.58 18.41
N GLY A 271 -25.16 23.59 17.75
CA GLY A 271 -26.15 23.38 16.71
C GLY A 271 -25.59 23.10 15.35
N SER A 272 -24.28 22.91 15.23
CA SER A 272 -23.67 22.71 13.91
C SER A 272 -23.81 21.27 13.45
N HIS A 273 -23.18 20.32 14.16
CA HIS A 273 -23.21 18.93 13.74
C HIS A 273 -23.38 18.02 14.94
N LEU A 274 -24.06 16.89 14.71
CA LEU A 274 -24.31 15.87 15.70
C LEU A 274 -23.66 14.57 15.25
N ARG A 275 -23.02 13.87 16.18
CA ARG A 275 -22.22 12.69 15.87
C ARG A 275 -22.92 11.42 16.35
N TRP A 276 -22.64 10.32 15.64
CA TRP A 276 -23.14 9.02 16.07
C TRP A 276 -22.53 8.64 17.41
N GLY A 277 -23.38 8.27 18.36
CA GLY A 277 -22.91 7.94 19.69
C GLY A 277 -22.48 9.12 20.52
N GLN A 278 -22.71 10.34 20.05
CA GLN A 278 -22.33 11.53 20.80
C GLN A 278 -23.33 11.76 21.92
N PRO A 279 -22.87 11.87 23.17
CA PRO A 279 -23.81 12.11 24.28
C PRO A 279 -24.56 13.42 24.11
N LEU A 280 -25.83 13.40 24.47
CA LEU A 280 -26.69 14.56 24.30
C LEU A 280 -27.86 14.45 25.28
N ARG A 281 -28.56 15.57 25.47
CA ARG A 281 -29.72 15.64 26.34
C ARG A 281 -30.96 15.94 25.50
N ILE A 282 -32.10 15.42 25.95
CA ILE A 282 -33.38 15.62 25.29
C ILE A 282 -34.30 16.33 26.26
N ARG A 283 -34.90 17.43 25.80
CA ARG A 283 -35.73 18.31 26.61
C ARG A 283 -37.14 18.35 26.05
N HIS A 284 -38.11 18.57 26.92
CA HIS A 284 -39.50 18.73 26.50
C HIS A 284 -39.77 20.21 26.29
N VAL A 285 -40.18 20.58 25.08
CA VAL A 285 -40.32 22.00 24.73
C VAL A 285 -41.41 22.65 25.57
N THR A 286 -42.55 21.98 25.72
CA THR A 286 -43.69 22.59 26.39
C THR A 286 -43.50 22.65 27.91
N THR A 287 -42.96 21.59 28.51
CA THR A 287 -42.86 21.51 29.96
C THR A 287 -41.48 21.85 30.50
N GLY A 288 -40.43 21.73 29.70
CA GLY A 288 -39.10 22.04 30.17
C GLY A 288 -38.47 20.98 31.07
N ARG A 289 -38.81 19.72 30.86
CA ARG A 289 -38.26 18.62 31.64
C ARG A 289 -37.35 17.77 30.75
N TYR A 290 -36.25 17.28 31.33
CA TYR A 290 -35.25 16.52 30.59
C TYR A 290 -35.49 15.03 30.75
N LEU A 291 -35.38 14.30 29.64
CA LEU A 291 -35.45 12.85 29.68
C LEU A 291 -34.34 12.30 30.56
N ALA A 292 -34.68 11.30 31.37
CA ALA A 292 -33.72 10.80 32.36
C ALA A 292 -34.05 9.37 32.74
N LEU A 293 -33.05 8.71 33.31
CA LEU A 293 -33.17 7.37 33.88
C LEU A 293 -33.18 7.48 35.40
N THR A 294 -34.02 6.67 36.04
CA THR A 294 -34.06 6.61 37.50
C THR A 294 -34.18 5.15 37.92
N GLU A 295 -33.78 4.87 39.16
CA GLU A 295 -33.85 3.51 39.67
C GLU A 295 -35.28 3.04 39.89
N ASP A 296 -36.27 3.93 39.86
CA ASP A 296 -37.66 3.56 40.02
C ASP A 296 -38.32 3.16 38.71
N GLN A 297 -38.11 3.96 37.66
CA GLN A 297 -38.76 3.74 36.37
C GLN A 297 -37.74 3.90 35.25
N GLY A 298 -38.03 3.26 34.13
CA GLY A 298 -37.12 3.28 33.00
C GLY A 298 -36.90 4.66 32.42
N LEU A 299 -37.94 5.25 31.84
CA LEU A 299 -37.88 6.58 31.25
C LEU A 299 -38.72 7.53 32.08
N VAL A 300 -38.11 8.63 32.54
CA VAL A 300 -38.83 9.68 33.25
C VAL A 300 -38.39 11.02 32.68
N VAL A 301 -39.03 12.08 33.15
CA VAL A 301 -38.61 13.45 32.85
C VAL A 301 -38.44 14.19 34.16
N VAL A 302 -37.28 14.81 34.34
CA VAL A 302 -36.93 15.46 35.60
C VAL A 302 -36.61 16.92 35.34
N ASP A 303 -36.64 17.71 36.41
CA ASP A 303 -36.32 19.12 36.30
C ASP A 303 -34.84 19.31 36.01
N ALA A 304 -34.48 20.55 35.64
CA ALA A 304 -33.09 20.85 35.31
C ALA A 304 -32.18 20.70 36.52
N CYS A 305 -32.70 20.96 37.73
CA CYS A 305 -31.89 20.83 38.93
C CYS A 305 -31.45 19.39 39.15
N LYS A 306 -32.36 18.44 38.95
CA LYS A 306 -32.03 17.03 39.07
C LYS A 306 -31.43 16.46 37.79
N ALA A 307 -31.44 17.22 36.69
CA ALA A 307 -30.89 16.77 35.42
C ALA A 307 -29.36 16.85 35.47
N HIS A 308 -28.70 15.70 35.45
CA HIS A 308 -27.25 15.63 35.44
C HIS A 308 -26.82 14.60 34.40
N THR A 309 -25.49 14.44 34.26
CA THR A 309 -24.96 13.60 33.19
C THR A 309 -25.24 12.13 33.43
N LYS A 310 -25.37 11.70 34.68
CA LYS A 310 -25.55 10.27 34.96
C LYS A 310 -26.92 9.76 34.54
N ALA A 311 -27.89 10.65 34.35
CA ALA A 311 -29.26 10.24 34.03
C ALA A 311 -29.78 10.84 32.74
N THR A 312 -29.49 12.11 32.46
CA THR A 312 -30.08 12.78 31.31
C THR A 312 -29.26 12.66 30.04
N SER A 313 -28.06 12.08 30.11
CA SER A 313 -27.21 11.95 28.93
C SER A 313 -27.64 10.75 28.10
N PHE A 314 -28.06 11.02 26.87
CA PHE A 314 -28.43 9.98 25.92
C PHE A 314 -27.59 10.16 24.65
N CYS A 315 -27.65 9.15 23.78
CA CYS A 315 -26.88 9.17 22.55
C CYS A 315 -27.68 8.48 21.45
N PHE A 316 -27.08 8.39 20.27
CA PHE A 316 -27.73 7.82 19.09
C PHE A 316 -26.87 6.69 18.55
N ARG A 317 -27.41 5.48 18.56
CA ARG A 317 -26.72 4.32 18.02
C ARG A 317 -27.60 3.63 16.98
N VAL A 318 -27.21 2.43 16.54
CA VAL A 318 -28.00 1.68 15.57
C VAL A 318 -27.75 0.20 15.77
N SER A 319 -28.79 -0.61 15.55
CA SER A 319 -28.71 -2.06 15.53
C SER A 319 -28.19 -2.64 16.85
N LYS A 320 -28.50 -1.98 17.97
CA LYS A 320 -28.17 -2.48 19.30
C LYS A 320 -26.67 -2.77 19.43
N GLU A 321 -25.85 -1.89 18.87
CA GLU A 321 -24.41 -2.09 18.83
C GLU A 321 -23.74 -1.27 19.93
N LYS A 322 -23.02 -1.97 20.81
CA LYS A 322 -22.25 -1.28 21.85
C LYS A 322 -21.12 -0.45 21.23
N LEU A 323 -20.44 -1.00 20.24
CA LEU A 323 -19.32 -0.33 19.58
C LEU A 323 -19.79 0.44 18.35
N GLU A 338 -23.62 11.75 8.81
CA GLU A 338 -23.87 11.41 10.21
C GLU A 338 -25.26 10.82 10.39
N ILE A 339 -26.11 11.52 11.13
CA ILE A 339 -27.46 11.07 11.44
C ILE A 339 -28.43 11.95 10.66
N LYS A 340 -29.16 11.34 9.73
CA LYS A 340 -30.11 12.09 8.91
C LYS A 340 -31.28 12.58 9.73
N TYR A 341 -31.69 13.83 9.48
CA TYR A 341 -32.92 14.33 10.07
C TYR A 341 -34.13 13.57 9.55
N GLY A 342 -34.13 13.23 8.25
CA GLY A 342 -35.19 12.46 7.67
C GLY A 342 -34.64 11.30 6.87
N GLU A 343 -35.52 10.33 6.62
CA GLU A 343 -35.18 9.11 5.87
C GLU A 343 -34.03 8.34 6.53
N SER A 344 -34.18 8.10 7.84
CA SER A 344 -33.19 7.32 8.58
C SER A 344 -33.82 6.78 9.84
N LEU A 345 -33.18 5.77 10.42
CA LEU A 345 -33.59 5.17 11.68
C LEU A 345 -32.37 4.99 12.56
N CYS A 346 -32.60 4.97 13.87
CA CYS A 346 -31.49 4.88 14.82
C CYS A 346 -31.98 4.27 16.12
N PHE A 347 -31.02 3.84 16.93
CA PHE A 347 -31.27 3.27 18.25
C PHE A 347 -30.71 4.18 19.32
N VAL A 348 -31.34 4.18 20.49
CA VAL A 348 -31.02 5.11 21.56
C VAL A 348 -30.51 4.33 22.76
N GLN A 349 -29.34 4.72 23.26
CA GLN A 349 -28.77 4.18 24.50
C GLN A 349 -28.54 5.32 25.47
N HIS A 350 -28.85 5.09 26.74
CA HIS A 350 -28.48 6.04 27.77
C HIS A 350 -26.98 5.96 28.02
N VAL A 351 -26.35 7.12 28.19
CA VAL A 351 -24.91 7.18 28.37
C VAL A 351 -24.55 6.60 29.74
N ALA A 352 -23.43 5.87 29.78
CA ALA A 352 -22.92 5.24 31.01
C ALA A 352 -23.91 4.23 31.57
N SER A 353 -24.66 3.55 30.70
CA SER A 353 -25.55 2.48 31.10
C SER A 353 -25.80 1.57 29.90
N GLY A 354 -26.00 0.29 30.18
CA GLY A 354 -26.24 -0.67 29.11
C GLY A 354 -27.67 -0.75 28.62
N LEU A 355 -28.59 -0.04 29.27
CA LEU A 355 -29.99 -0.11 28.88
C LEU A 355 -30.23 0.60 27.56
N TRP A 356 -31.18 0.07 26.79
CA TRP A 356 -31.58 0.63 25.51
C TRP A 356 -33.03 1.10 25.58
N LEU A 357 -33.33 2.19 24.88
CA LEU A 357 -34.68 2.73 24.88
C LEU A 357 -35.62 1.78 24.15
N THR A 358 -36.71 1.40 24.83
CA THR A 358 -37.70 0.49 24.26
C THR A 358 -38.99 0.63 25.05
N TYR A 359 -40.06 0.04 24.51
CA TYR A 359 -41.37 0.07 25.14
C TYR A 359 -41.69 -1.30 25.69
N ALA A 360 -42.23 -1.36 26.90
CA ALA A 360 -42.60 -2.63 27.50
C ALA A 360 -43.58 -3.40 26.62
N ALA A 361 -43.78 -4.67 26.93
CA ALA A 361 -44.70 -5.49 26.13
C ALA A 361 -46.08 -4.85 26.09
N PRO A 362 -46.76 -4.97 24.94
CA PRO A 362 -48.08 -4.35 24.80
C PRO A 362 -48.98 -4.73 25.97
N ASP A 363 -49.61 -3.73 26.59
CA ASP A 363 -50.49 -3.99 27.73
C ASP A 363 -51.87 -4.41 27.27
N PRO A 364 -52.28 -5.63 27.62
CA PRO A 364 -53.63 -6.07 27.27
C PRO A 364 -54.65 -5.16 27.92
N LYS A 365 -54.38 -4.72 29.15
CA LYS A 365 -55.28 -3.80 29.84
C LYS A 365 -55.36 -2.48 29.10
N ALA A 366 -54.23 -2.05 28.55
CA ALA A 366 -54.24 -0.81 27.78
C ALA A 366 -55.21 -0.96 26.62
N LEU A 367 -55.12 -2.07 25.91
CA LEU A 367 -56.05 -2.33 24.83
C LEU A 367 -57.46 -2.42 25.39
N ARG A 368 -57.59 -3.06 26.55
CA ARG A 368 -58.90 -3.18 27.17
C ARG A 368 -59.49 -1.80 27.40
N LEU A 369 -58.64 -0.85 27.80
CA LEU A 369 -59.12 0.50 28.05
C LEU A 369 -58.88 1.39 26.83
N GLY A 370 -58.57 0.78 25.70
CA GLY A 370 -58.32 1.53 24.49
C GLY A 370 -57.21 2.55 24.68
N VAL A 371 -56.18 2.17 25.42
CA VAL A 371 -55.06 3.07 25.67
C VAL A 371 -53.87 2.67 24.82
N LEU A 372 -53.27 3.64 24.14
CA LEU A 372 -52.12 3.35 23.26
C LEU A 372 -50.80 3.45 24.00
N LYS A 373 -50.84 3.88 25.25
CA LYS A 373 -49.61 4.06 26.01
C LYS A 373 -48.71 2.84 25.91
N LYS A 374 -47.42 3.08 25.68
CA LYS A 374 -46.46 1.99 25.60
C LYS A 374 -45.53 1.99 26.79
N LYS A 375 -45.87 2.75 27.82
CA LYS A 375 -45.03 2.83 29.02
C LYS A 375 -43.61 2.40 28.70
N ALA A 376 -42.88 3.24 27.98
CA ALA A 376 -41.52 2.90 27.58
C ALA A 376 -40.63 2.75 28.80
N ILE A 377 -39.98 1.60 28.91
CA ILE A 377 -39.07 1.30 30.01
C ILE A 377 -37.70 0.96 29.45
N LEU A 378 -36.66 1.36 30.17
CA LEU A 378 -35.29 1.25 29.70
C LEU A 378 -34.71 -0.08 30.13
N HIS A 379 -34.40 -0.95 29.16
CA HIS A 379 -33.74 -2.21 29.42
C HIS A 379 -32.62 -2.43 28.41
N GLN A 380 -31.67 -3.28 28.80
CA GLN A 380 -30.58 -3.64 27.89
C GLN A 380 -31.07 -4.57 26.78
N GLU A 381 -31.99 -5.49 27.12
CA GLU A 381 -32.47 -6.44 26.13
C GLU A 381 -33.20 -5.73 24.98
N GLY A 382 -34.08 -4.80 25.31
CA GLY A 382 -34.76 -4.02 24.29
C GLY A 382 -35.71 -4.86 23.45
N HIS A 383 -35.92 -4.40 22.22
CA HIS A 383 -36.81 -5.05 21.27
C HIS A 383 -36.25 -4.81 19.88
N MET A 384 -37.07 -5.05 18.85
CA MET A 384 -36.66 -4.81 17.48
C MET A 384 -37.45 -3.68 16.81
N ASP A 385 -38.37 -3.04 17.51
CA ASP A 385 -39.01 -1.81 17.06
C ASP A 385 -38.36 -0.56 17.66
N ASP A 386 -37.11 -0.66 18.11
CA ASP A 386 -36.46 0.47 18.76
C ASP A 386 -35.93 1.50 17.78
N ALA A 387 -35.97 1.22 16.48
CA ALA A 387 -35.61 2.23 15.49
C ALA A 387 -36.68 3.31 15.43
N LEU A 388 -36.26 4.56 15.30
CA LEU A 388 -37.17 5.69 15.35
C LEU A 388 -36.86 6.69 14.24
N PHE A 389 -37.89 7.44 13.86
CA PHE A 389 -37.86 8.41 12.77
C PHE A 389 -37.92 9.81 13.34
N LEU A 390 -37.15 10.73 12.75
CA LEU A 390 -37.09 12.11 13.17
C LEU A 390 -37.78 13.01 12.16
N THR A 391 -38.45 14.05 12.65
CA THR A 391 -39.11 15.01 11.78
C THR A 391 -39.25 16.34 12.52
N ARG A 392 -38.72 17.40 11.93
CA ARG A 392 -38.76 18.72 12.53
C ARG A 392 -40.13 19.35 12.32
N CYS A 393 -40.35 20.47 13.00
CA CYS A 393 -41.62 21.19 12.92
C CYS A 393 -41.37 22.66 12.61
N GLN A 394 -42.45 23.37 12.34
CA GLN A 394 -42.35 24.75 11.89
C GLN A 394 -41.89 25.69 13.01
N GLN A 395 -41.26 26.79 12.60
CA GLN A 395 -40.84 27.80 13.56
C GLN A 395 -42.04 28.42 14.28
N GLU A 396 -43.21 28.41 13.65
CA GLU A 396 -44.41 28.91 14.31
C GLU A 396 -44.73 28.07 15.55
N GLU A 397 -44.78 26.75 15.39
CA GLU A 397 -45.03 25.88 16.53
C GLU A 397 -43.88 25.91 17.53
N SER A 398 -42.65 26.00 17.03
CA SER A 398 -41.50 26.07 17.92
C SER A 398 -41.57 27.30 18.82
N GLN A 399 -41.95 28.45 18.26
CA GLN A 399 -42.14 29.65 19.06
C GLN A 399 -43.32 29.51 19.99
N ALA A 400 -44.44 28.98 19.50
CA ALA A 400 -45.67 28.92 20.28
C ALA A 400 -45.50 28.05 21.52
N ALA A 401 -44.77 26.94 21.39
CA ALA A 401 -44.53 26.10 22.55
C ALA A 401 -43.74 26.84 23.63
N ARG A 402 -42.74 27.61 23.22
CA ARG A 402 -41.95 28.39 24.17
C ARG A 402 -42.81 29.45 24.86
N MET A 403 -43.66 30.14 24.11
CA MET A 403 -44.56 31.10 24.74
C MET A 403 -45.52 30.42 25.70
N ILE A 404 -45.99 29.23 25.34
CA ILE A 404 -46.89 28.48 26.23
C ILE A 404 -46.18 28.16 27.53
N HIS A 405 -44.94 27.68 27.45
CA HIS A 405 -44.18 27.33 28.64
C HIS A 405 -43.96 28.56 29.53
N SER A 406 -43.51 29.66 28.94
CA SER A 406 -43.24 30.86 29.73
C SER A 406 -44.51 31.42 30.35
N THR A 407 -45.60 31.47 29.58
CA THR A 407 -46.87 31.97 30.09
C THR A 407 -47.39 31.10 31.22
N ALA A 408 -47.29 29.78 31.07
CA ALA A 408 -47.74 28.89 32.13
C ALA A 408 -46.94 29.11 33.41
N GLY A 409 -45.61 29.24 33.29
CA GLY A 409 -44.81 29.49 34.47
C GLY A 409 -45.17 30.80 35.16
N LEU A 410 -45.27 31.88 34.38
CA LEU A 410 -45.57 33.18 34.96
C LEU A 410 -46.95 33.21 35.61
N TYR A 411 -47.95 32.61 34.94
CA TYR A 411 -49.29 32.64 35.47
C TYR A 411 -49.44 31.74 36.69
N ASN A 412 -48.71 30.63 36.73
CA ASN A 412 -48.68 29.80 37.93
C ASN A 412 -48.08 30.57 39.10
N GLN A 413 -47.00 31.32 38.85
CA GLN A 413 -46.44 32.16 39.90
C GLN A 413 -47.45 33.20 40.37
N PHE A 414 -48.18 33.80 39.44
CA PHE A 414 -49.19 34.79 39.81
C PHE A 414 -50.30 34.17 40.67
N ILE A 415 -50.76 32.98 40.28
CA ILE A 415 -51.82 32.31 41.04
C ILE A 415 -51.32 31.94 42.43
N LYS A 416 -50.09 31.44 42.53
CA LYS A 416 -49.53 31.12 43.84
C LYS A 416 -49.40 32.37 44.70
N GLY A 417 -48.99 33.49 44.09
CA GLY A 417 -48.92 34.73 44.83
C GLY A 417 -50.27 35.17 45.37
N LEU A 418 -51.32 35.07 44.53
CA LEU A 418 -52.66 35.40 44.99
C LEU A 418 -53.09 34.49 46.14
N ASP A 419 -52.87 33.19 45.99
CA ASP A 419 -53.27 32.25 47.03
C ASP A 419 -52.45 32.41 48.31
N SER A 420 -51.26 33.01 48.21
CA SER A 420 -50.45 33.23 49.40
C SER A 420 -51.16 34.12 50.41
N PHE A 421 -51.67 35.26 49.97
CA PHE A 421 -52.40 36.16 50.85
C PHE A 421 -53.91 35.90 50.84
N SER A 422 -54.38 34.96 50.01
CA SER A 422 -55.79 34.59 50.05
C SER A 422 -56.14 33.98 51.40
N GLY A 423 -57.15 34.54 52.05
CA GLY A 423 -57.63 34.05 53.32
C GLY A 423 -57.16 34.83 54.53
N LYS A 424 -56.09 35.60 54.40
CA LYS A 424 -55.58 36.42 55.50
C LYS A 424 -55.48 37.87 55.01
N PRO A 425 -56.20 38.80 55.62
CA PRO A 425 -56.12 40.20 55.17
C PRO A 425 -54.71 40.76 55.34
N ARG A 426 -54.30 41.59 54.39
CA ARG A 426 -53.01 42.27 54.50
C ARG A 426 -52.99 43.23 55.68
N GLY A 427 -54.06 44.00 55.85
CA GLY A 427 -54.13 44.97 56.94
C GLY A 427 -53.10 46.06 56.83
N SER A 428 -52.13 46.07 57.74
CA SER A 428 -51.08 47.09 57.74
C SER A 428 -49.85 46.61 56.98
N GLY A 429 -49.27 45.48 57.40
CA GLY A 429 -48.08 44.96 56.80
C GLY A 429 -48.37 44.12 55.57
N PRO A 430 -47.54 44.24 54.54
CA PRO A 430 -47.75 43.49 53.30
C PRO A 430 -47.60 42.00 53.54
N PRO A 431 -48.18 41.16 52.68
CA PRO A 431 -48.05 39.71 52.86
C PRO A 431 -46.59 39.27 52.81
N ALA A 432 -46.29 38.24 53.61
CA ALA A 432 -44.91 37.78 53.72
C ALA A 432 -44.39 37.23 52.39
N GLY A 433 -45.28 36.78 51.52
CA GLY A 433 -44.88 36.27 50.23
C GLY A 433 -44.33 37.35 49.33
N PRO A 434 -43.53 36.96 48.33
CA PRO A 434 -42.97 37.94 47.41
C PRO A 434 -44.06 38.65 46.61
N ALA A 435 -43.78 39.90 46.24
CA ALA A 435 -44.75 40.69 45.50
C ALA A 435 -45.08 40.03 44.16
N LEU A 436 -46.36 40.06 43.80
CA LEU A 436 -46.80 39.45 42.56
C LEU A 436 -46.23 40.23 41.37
N PRO A 437 -45.80 39.53 40.31
CA PRO A 437 -45.26 40.21 39.12
C PRO A 437 -46.36 40.80 38.24
N ILE A 438 -47.01 41.85 38.75
CA ILE A 438 -48.16 42.42 38.06
C ILE A 438 -47.74 43.08 36.75
N GLU A 439 -46.56 43.72 36.72
CA GLU A 439 -46.08 44.33 35.48
C GLU A 439 -45.79 43.26 34.43
N ALA A 440 -45.16 42.16 34.83
CA ALA A 440 -44.94 41.06 33.89
C ALA A 440 -46.26 40.49 33.40
N VAL A 441 -47.24 40.36 34.31
CA VAL A 441 -48.54 39.81 33.92
C VAL A 441 -49.21 40.70 32.89
N ILE A 442 -49.23 42.01 33.13
CA ILE A 442 -49.92 42.90 32.19
C ILE A 442 -49.18 42.96 30.85
N LEU A 443 -47.85 42.97 30.88
CA LEU A 443 -47.11 42.99 29.63
C LEU A 443 -47.35 41.71 28.83
N SER A 444 -47.34 40.55 29.50
CA SER A 444 -47.62 39.30 28.81
C SER A 444 -49.05 39.25 28.29
N LEU A 445 -50.00 39.81 29.05
CA LEU A 445 -51.38 39.86 28.58
C LEU A 445 -51.51 40.69 27.32
N GLN A 446 -50.86 41.86 27.28
CA GLN A 446 -50.91 42.68 26.08
C GLN A 446 -50.23 41.97 24.91
N ASP A 447 -49.11 41.30 25.17
CA ASP A 447 -48.44 40.56 24.10
C ASP A 447 -49.33 39.45 23.55
N LEU A 448 -50.02 38.72 24.42
CA LEU A 448 -50.89 37.64 23.95
C LEU A 448 -52.12 38.20 23.22
N ILE A 449 -52.66 39.32 23.67
CA ILE A 449 -53.78 39.93 22.95
C ILE A 449 -53.35 40.35 21.56
N GLY A 450 -52.16 40.95 21.43
CA GLY A 450 -51.66 41.27 20.11
C GLY A 450 -51.38 40.03 19.27
N TYR A 451 -50.91 38.96 19.92
CA TYR A 451 -50.58 37.73 19.21
C TYR A 451 -51.83 37.07 18.64
N PHE A 452 -52.92 37.06 19.41
CA PHE A 452 -54.22 36.55 18.94
C PHE A 452 -55.03 37.74 18.46
N GLU A 453 -54.86 38.10 17.19
CA GLU A 453 -55.56 39.22 16.60
C GLU A 453 -56.21 38.79 15.29
N PRO A 454 -57.50 39.09 15.09
CA PRO A 454 -58.15 38.69 13.85
C PRO A 454 -57.54 39.39 12.66
N PRO A 455 -57.51 38.75 11.50
CA PRO A 455 -56.98 39.41 10.30
C PRO A 455 -57.82 40.60 9.88
N SER A 456 -57.16 41.56 9.26
CA SER A 456 -57.86 42.75 8.77
C SER A 456 -58.70 42.42 7.56
N GLU A 457 -59.89 43.02 7.49
CA GLU A 457 -60.80 42.76 6.38
C GLU A 457 -60.32 43.40 5.07
N GLU A 458 -59.47 44.42 5.15
CA GLU A 458 -58.93 45.06 3.95
C GLU A 458 -57.96 44.16 3.19
N LEU A 459 -57.49 43.09 3.80
CA LEU A 459 -56.54 42.19 3.16
C LEU A 459 -57.23 41.44 2.02
N GLN A 460 -56.41 40.92 1.10
CA GLN A 460 -56.92 40.10 0.02
C GLN A 460 -57.49 38.80 0.57
N HIS A 461 -58.34 38.17 -0.25
CA HIS A 461 -59.07 37.00 0.22
C HIS A 461 -58.13 35.84 0.57
N GLU A 462 -57.14 35.57 -0.28
CA GLU A 462 -56.24 34.45 -0.05
C GLU A 462 -55.39 34.65 1.20
N GLU A 463 -54.77 35.84 1.31
CA GLU A 463 -53.92 36.10 2.47
C GLU A 463 -54.75 36.15 3.75
N LYS A 464 -55.96 36.69 3.67
CA LYS A 464 -56.85 36.70 4.83
C LYS A 464 -57.21 35.29 5.27
N GLN A 465 -57.50 34.41 4.32
CA GLN A 465 -57.80 33.03 4.65
C GLN A 465 -56.60 32.34 5.29
N SER A 466 -55.40 32.60 4.76
CA SER A 466 -54.19 32.01 5.35
C SER A 466 -53.99 32.49 6.78
N LYS A 467 -54.20 33.79 7.02
CA LYS A 467 -54.08 34.32 8.38
C LYS A 467 -55.14 33.72 9.30
N LEU A 468 -56.35 33.50 8.78
CA LEU A 468 -57.39 32.86 9.57
C LEU A 468 -56.98 31.45 9.97
N ARG A 469 -56.41 30.68 9.03
CA ARG A 469 -55.95 29.34 9.37
C ARG A 469 -54.85 29.38 10.41
N SER A 470 -53.91 30.31 10.26
CA SER A 470 -52.83 30.43 11.23
C SER A 470 -53.38 30.75 12.62
N LEU A 471 -54.29 31.71 12.71
CA LEU A 471 -54.87 32.07 14.00
C LEU A 471 -55.65 30.90 14.60
N ARG A 472 -56.39 30.17 13.77
CA ARG A 472 -57.16 29.04 14.27
C ARG A 472 -56.24 27.97 14.85
N ASN A 473 -55.16 27.64 14.16
CA ASN A 473 -54.28 26.60 14.68
C ASN A 473 -53.53 27.06 15.92
N ARG A 474 -53.15 28.34 15.98
CA ARG A 474 -52.53 28.86 17.21
C ARG A 474 -53.48 28.78 18.40
N GLN A 475 -54.74 29.19 18.20
CA GLN A 475 -55.73 29.09 19.26
C GLN A 475 -55.93 27.63 19.68
N SER A 476 -55.96 26.72 18.70
CA SER A 476 -56.11 25.31 19.02
C SER A 476 -54.94 24.80 19.86
N LEU A 477 -53.71 25.18 19.50
CA LEU A 477 -52.55 24.75 20.26
C LEU A 477 -52.61 25.25 21.69
N PHE A 478 -52.92 26.54 21.88
CA PHE A 478 -52.99 27.07 23.23
C PHE A 478 -54.10 26.42 24.05
N GLN A 479 -55.28 26.19 23.44
CA GLN A 479 -56.37 25.62 24.23
C GLN A 479 -56.11 24.15 24.56
N GLU A 480 -55.43 23.41 23.67
CA GLU A 480 -55.12 22.02 24.01
C GLU A 480 -54.02 21.96 25.05
N GLU A 481 -53.07 22.89 25.03
CA GLU A 481 -52.07 22.94 26.10
C GLU A 481 -52.68 23.43 27.41
N GLY A 482 -53.84 24.07 27.37
CA GLY A 482 -54.59 24.38 28.56
C GLY A 482 -54.45 25.78 29.10
N MET A 483 -54.02 26.74 28.27
CA MET A 483 -53.92 28.12 28.73
C MET A 483 -55.28 28.70 29.07
N LEU A 484 -56.34 28.22 28.41
CA LEU A 484 -57.68 28.74 28.67
C LEU A 484 -58.12 28.46 30.09
N SER A 485 -57.90 27.23 30.57
CA SER A 485 -58.25 26.90 31.95
C SER A 485 -57.44 27.72 32.94
N LEU A 486 -56.16 27.97 32.62
CA LEU A 486 -55.33 28.80 33.47
C LEU A 486 -55.87 30.23 33.55
N VAL A 487 -56.30 30.78 32.41
CA VAL A 487 -56.88 32.12 32.40
C VAL A 487 -58.15 32.16 33.21
N LEU A 488 -59.01 31.13 33.07
CA LEU A 488 -60.24 31.08 33.86
C LEU A 488 -59.94 30.99 35.35
N ASN A 489 -58.91 30.22 35.73
CA ASN A 489 -58.54 30.13 37.14
C ASN A 489 -58.06 31.48 37.66
N CYS A 490 -57.27 32.21 36.87
CA CYS A 490 -56.85 33.55 37.27
C CYS A 490 -58.05 34.49 37.43
N ILE A 491 -59.00 34.39 36.50
CA ILE A 491 -60.19 35.24 36.57
C ILE A 491 -60.99 34.93 37.84
N ASP A 492 -61.12 33.64 38.18
CA ASP A 492 -61.80 33.28 39.42
C ASP A 492 -61.06 33.82 40.64
N ARG A 493 -59.72 33.70 40.63
CA ARG A 493 -58.92 34.20 41.75
C ARG A 493 -59.14 35.69 41.96
N LEU A 494 -59.18 36.45 40.88
CA LEU A 494 -59.39 37.90 41.02
C LEU A 494 -60.84 38.25 41.36
N ASN A 495 -61.80 37.50 40.80
CA ASN A 495 -63.20 37.75 41.11
C ASN A 495 -63.57 37.34 42.53
N VAL A 496 -62.71 36.58 43.21
CA VAL A 496 -62.93 36.33 44.63
C VAL A 496 -63.06 37.65 45.39
N TYR A 497 -62.30 38.67 44.99
CA TYR A 497 -62.37 39.99 45.61
C TYR A 497 -63.33 40.87 44.83
N THR A 498 -64.20 41.59 45.56
CA THR A 498 -65.26 42.35 44.91
C THR A 498 -64.72 43.61 44.24
N THR A 499 -63.82 44.34 44.92
CA THR A 499 -63.39 45.64 44.44
C THR A 499 -61.90 45.83 44.67
N ALA A 500 -61.35 46.86 44.03
CA ALA A 500 -59.93 47.18 44.21
C ALA A 500 -59.61 47.55 45.65
N ALA A 501 -60.57 48.14 46.37
CA ALA A 501 -60.35 48.43 47.78
C ALA A 501 -60.14 47.14 48.58
N HIS A 502 -60.98 46.13 48.33
CA HIS A 502 -60.80 44.85 48.99
C HIS A 502 -59.49 44.19 48.59
N PHE A 503 -59.15 44.24 47.30
CA PHE A 503 -57.91 43.63 46.84
C PHE A 503 -56.70 44.36 47.41
N ALA A 504 -56.84 45.65 47.75
CA ALA A 504 -55.78 46.36 48.45
C ALA A 504 -55.72 45.95 49.91
N GLU A 505 -56.87 45.81 50.56
CA GLU A 505 -56.89 45.37 51.95
C GLU A 505 -56.27 43.99 52.10
N TYR A 506 -56.30 43.18 51.05
CA TYR A 506 -55.66 41.87 51.10
C TYR A 506 -54.29 41.81 50.44
N ALA A 507 -53.92 42.80 49.62
CA ALA A 507 -52.63 42.75 48.93
C ALA A 507 -51.86 44.06 48.91
N GLY A 508 -52.46 45.19 49.28
CA GLY A 508 -51.74 46.45 49.26
C GLY A 508 -52.19 47.33 48.11
N GLU A 509 -52.06 48.64 48.31
CA GLU A 509 -52.50 49.60 47.29
C GLU A 509 -51.64 49.54 46.04
N GLU A 510 -50.32 49.37 46.21
CA GLU A 510 -49.43 49.30 45.06
C GLU A 510 -49.74 48.11 44.18
N ALA A 511 -50.30 47.04 44.75
CA ALA A 511 -50.72 45.89 43.97
C ALA A 511 -52.14 46.02 43.44
N ALA A 512 -53.01 46.70 44.18
CA ALA A 512 -54.39 46.88 43.74
C ALA A 512 -54.57 47.99 42.73
N GLU A 513 -53.54 48.80 42.49
CA GLU A 513 -53.66 49.86 41.48
C GLU A 513 -53.93 49.29 40.10
N SER A 514 -53.49 48.06 39.83
CA SER A 514 -53.63 47.45 38.52
C SER A 514 -54.69 46.35 38.48
N TRP A 515 -55.54 46.25 39.51
CA TRP A 515 -56.50 45.16 39.60
C TRP A 515 -57.50 45.19 38.45
N LYS A 516 -58.14 46.35 38.23
CA LYS A 516 -59.14 46.46 37.18
C LYS A 516 -58.51 46.25 35.80
N GLU A 517 -57.31 46.81 35.60
CA GLU A 517 -56.63 46.63 34.32
C GLU A 517 -56.32 45.16 34.06
N ILE A 518 -55.85 44.44 35.08
CA ILE A 518 -55.55 43.03 34.92
C ILE A 518 -56.82 42.26 34.58
N VAL A 519 -57.92 42.57 35.27
CA VAL A 519 -59.18 41.87 35.01
C VAL A 519 -59.64 42.10 33.58
N ASN A 520 -59.59 43.36 33.13
CA ASN A 520 -60.01 43.66 31.77
C ASN A 520 -59.12 42.98 30.74
N LEU A 521 -57.81 42.96 30.98
CA LEU A 521 -56.90 42.28 30.07
C LEU A 521 -57.18 40.79 30.00
N LEU A 522 -57.48 40.18 31.15
CA LEU A 522 -57.81 38.75 31.17
C LEU A 522 -59.07 38.47 30.37
N TYR A 523 -60.11 39.27 30.55
CA TYR A 523 -61.34 39.07 29.78
C TYR A 523 -61.09 39.27 28.29
N GLU A 524 -60.30 40.27 27.92
CA GLU A 524 -60.00 40.50 26.51
C GLU A 524 -59.21 39.34 25.92
N LEU A 525 -58.26 38.79 26.70
CA LEU A 525 -57.50 37.63 26.23
C LEU A 525 -58.39 36.42 26.05
N LEU A 526 -59.32 36.19 26.97
CA LEU A 526 -60.25 35.08 26.82
C LEU A 526 -61.11 35.25 25.57
N ALA A 527 -61.60 36.47 25.33
CA ALA A 527 -62.39 36.73 24.14
C ALA A 527 -61.57 36.50 22.87
N SER A 528 -60.31 36.93 22.86
CA SER A 528 -59.45 36.69 21.71
C SER A 528 -59.22 35.21 21.49
N LEU A 529 -59.00 34.46 22.58
CA LEU A 529 -58.76 33.02 22.45
C LEU A 529 -59.97 32.29 21.88
N ILE A 530 -61.17 32.64 22.36
CA ILE A 530 -62.35 31.88 21.95
C ILE A 530 -63.05 32.45 20.71
N ARG A 531 -62.65 33.63 20.25
CA ARG A 531 -63.37 34.27 19.15
C ARG A 531 -63.11 33.53 17.84
N GLY A 532 -64.18 33.10 17.18
CA GLY A 532 -64.10 32.52 15.87
C GLY A 532 -63.77 31.04 15.83
N ASN A 533 -63.52 30.41 16.97
CA ASN A 533 -63.18 28.99 17.03
C ASN A 533 -64.37 28.23 17.60
N ARG A 534 -65.04 27.44 16.76
CA ARG A 534 -66.22 26.72 17.21
C ARG A 534 -65.86 25.68 18.27
N ALA A 535 -64.74 24.99 18.10
CA ALA A 535 -64.33 23.99 19.09
C ALA A 535 -64.04 24.63 20.44
N ASN A 536 -63.38 25.80 20.44
CA ASN A 536 -63.10 26.50 21.68
C ASN A 536 -64.38 27.01 22.32
N CYS A 537 -65.31 27.52 21.51
CA CYS A 537 -66.57 28.02 22.05
C CYS A 537 -67.41 26.90 22.65
N ALA A 538 -67.37 25.71 22.04
CA ALA A 538 -68.17 24.60 22.52
C ALA A 538 -67.73 24.12 23.91
N LEU A 539 -66.51 24.46 24.34
CA LEU A 539 -66.03 24.07 25.66
C LEU A 539 -66.74 24.81 26.78
N PHE A 540 -67.52 25.85 26.47
CA PHE A 540 -68.19 26.66 27.48
C PHE A 540 -69.59 26.14 27.81
N SER A 541 -69.98 24.99 27.26
CA SER A 541 -71.33 24.48 27.49
C SER A 541 -71.61 24.25 28.96
N THR A 542 -70.58 23.94 29.75
CA THR A 542 -70.73 23.77 31.18
C THR A 542 -70.36 25.03 31.97
N ASN A 543 -70.03 26.12 31.28
CA ASN A 543 -69.66 27.37 31.94
C ASN A 543 -70.66 28.49 31.64
N LEU A 544 -71.90 28.14 31.27
CA LEU A 544 -72.91 29.17 31.03
C LEU A 544 -73.18 29.96 32.29
N ASP A 545 -73.31 29.28 33.44
CA ASP A 545 -73.47 29.99 34.70
C ASP A 545 -72.25 30.86 35.00
N TRP A 546 -71.06 30.34 34.71
CA TRP A 546 -69.83 31.10 34.94
C TRP A 546 -69.83 32.40 34.15
N VAL A 547 -70.24 32.36 32.88
CA VAL A 547 -70.23 33.57 32.06
C VAL A 547 -71.47 34.43 32.24
N VAL A 548 -72.52 33.90 32.86
CA VAL A 548 -73.74 34.68 33.05
C VAL A 548 -73.75 35.41 34.40
N SER A 549 -73.33 34.74 35.47
CA SER A 549 -73.38 35.35 36.80
C SER A 549 -72.43 36.53 36.94
N LYS A 550 -71.47 36.68 36.03
CA LYS A 550 -70.52 37.78 36.09
C LYS A 550 -70.94 38.98 35.24
N LEU A 551 -72.11 38.92 34.60
CA LEU A 551 -72.58 40.05 33.80
C LEU A 551 -72.95 41.25 34.67
N ASP A 552 -73.27 41.04 35.94
CA ASP A 552 -73.68 42.12 36.83
C ASP A 552 -72.50 42.88 37.42
N ARG A 553 -71.28 42.35 37.30
CA ARG A 553 -70.12 43.03 37.86
C ARG A 553 -69.81 44.30 37.07
N LEU A 554 -69.53 45.38 37.79
CA LEU A 554 -69.36 46.68 37.14
C LEU A 554 -68.11 46.72 36.26
N GLU A 555 -67.04 46.09 36.72
CA GLU A 555 -65.79 46.10 35.96
C GLU A 555 -65.84 45.08 34.83
N ALA A 556 -65.28 45.45 33.67
CA ALA A 556 -65.17 44.59 32.50
C ALA A 556 -66.54 44.09 32.03
N SER A 557 -67.58 44.91 32.19
CA SER A 557 -68.89 44.54 31.70
C SER A 557 -68.90 44.37 30.18
N SER A 558 -68.24 45.29 29.47
CA SER A 558 -68.12 45.15 28.03
C SER A 558 -67.36 43.88 27.66
N GLY A 559 -66.30 43.57 28.39
CA GLY A 559 -65.53 42.37 28.10
C GLY A 559 -66.33 41.10 28.28
N ILE A 560 -67.05 40.99 29.39
CA ILE A 560 -67.84 39.79 29.64
C ILE A 560 -69.00 39.69 28.65
N LEU A 561 -69.59 40.82 28.28
CA LEU A 561 -70.64 40.82 27.26
C LEU A 561 -70.08 40.34 25.93
N GLU A 562 -68.88 40.79 25.57
CA GLU A 562 -68.26 40.35 24.32
C GLU A 562 -67.95 38.86 24.36
N VAL A 563 -67.50 38.35 25.51
CA VAL A 563 -67.25 36.92 25.66
C VAL A 563 -68.53 36.13 25.44
N LEU A 564 -69.62 36.57 26.07
CA LEU A 564 -70.90 35.90 25.91
C LEU A 564 -71.36 35.94 24.46
N TYR A 565 -71.22 37.09 23.80
CA TYR A 565 -71.60 37.23 22.40
C TYR A 565 -70.80 36.27 21.52
N CYS A 566 -69.48 36.18 21.76
CA CYS A 566 -68.64 35.29 20.96
C CYS A 566 -69.04 33.84 21.16
N VAL A 567 -69.36 33.45 22.39
CA VAL A 567 -69.81 32.07 22.63
C VAL A 567 -71.12 31.81 21.91
N LEU A 568 -72.07 32.75 22.01
CA LEU A 568 -73.41 32.51 21.49
C LEU A 568 -73.43 32.48 19.96
N ILE A 569 -72.70 33.39 19.30
CA ILE A 569 -72.73 33.43 17.84
C ILE A 569 -71.95 32.30 17.19
N GLU A 570 -71.34 31.42 17.99
CA GLU A 570 -70.53 30.34 17.44
C GLU A 570 -70.97 28.95 17.89
N SER A 571 -71.51 28.80 19.10
CA SER A 571 -71.89 27.49 19.57
C SER A 571 -73.40 27.29 19.45
N PRO A 572 -73.87 26.42 18.55
CA PRO A 572 -75.30 26.06 18.56
C PRO A 572 -75.69 25.18 19.74
N GLU A 573 -74.73 24.60 20.44
CA GLU A 573 -75.04 23.70 21.56
C GLU A 573 -75.53 24.46 22.78
N VAL A 574 -74.93 25.63 23.06
CA VAL A 574 -75.29 26.37 24.27
C VAL A 574 -76.71 26.93 24.17
N LEU A 575 -77.20 27.14 22.95
CA LEU A 575 -78.56 27.66 22.80
C LEU A 575 -79.60 26.62 23.20
N ASN A 576 -79.26 25.33 23.16
CA ASN A 576 -80.14 24.30 23.71
C ASN A 576 -80.02 24.19 25.22
N ILE A 577 -79.09 24.91 25.84
CA ILE A 577 -78.94 24.94 27.28
C ILE A 577 -79.43 26.25 27.88
N ILE A 578 -79.59 27.30 27.07
CA ILE A 578 -80.12 28.57 27.57
C ILE A 578 -81.48 28.35 28.22
N GLN A 579 -81.67 28.95 29.39
CA GLN A 579 -82.90 28.79 30.17
C GLN A 579 -83.53 30.14 30.48
N GLU A 580 -84.70 30.07 31.12
CA GLU A 580 -85.48 31.27 31.40
C GLU A 580 -84.73 32.20 32.34
N ASN A 581 -84.07 31.66 33.37
CA ASN A 581 -83.32 32.51 34.28
C ASN A 581 -82.15 33.16 33.56
N HIS A 582 -81.51 32.43 32.63
CA HIS A 582 -80.45 33.02 31.83
C HIS A 582 -80.97 34.20 31.02
N ILE A 583 -82.13 34.03 30.37
CA ILE A 583 -82.68 35.11 29.56
C ILE A 583 -83.07 36.30 30.43
N LYS A 584 -83.64 36.04 31.62
CA LYS A 584 -83.98 37.13 32.53
C LYS A 584 -82.73 37.87 32.99
N SER A 585 -81.64 37.15 33.27
CA SER A 585 -80.40 37.80 33.64
C SER A 585 -79.87 38.66 32.50
N ILE A 586 -80.00 38.18 31.26
CA ILE A 586 -79.55 38.98 30.11
C ILE A 586 -80.39 40.24 29.99
N ILE A 587 -81.71 40.12 30.15
CA ILE A 587 -82.58 41.30 30.05
C ILE A 587 -82.32 42.28 31.19
N SER A 588 -81.87 41.77 32.34
CA SER A 588 -81.49 42.65 33.44
C SER A 588 -80.38 43.62 33.05
N LEU A 589 -79.56 43.27 32.06
CA LEU A 589 -78.54 44.20 31.58
C LEU A 589 -79.19 45.45 30.97
N LEU A 590 -80.18 45.25 30.10
CA LEU A 590 -80.92 46.38 29.56
C LEU A 590 -81.67 47.11 30.66
N ASP A 591 -82.21 46.37 31.62
CA ASP A 591 -82.98 47.00 32.69
C ASP A 591 -82.11 47.90 33.56
N LYS A 592 -80.87 47.48 33.84
CA LYS A 592 -80.03 48.15 34.83
C LYS A 592 -78.89 48.97 34.25
N HIS A 593 -78.34 48.57 33.10
CA HIS A 593 -77.18 49.28 32.57
C HIS A 593 -77.56 50.39 31.60
N GLY A 594 -78.62 50.23 30.84
CA GLY A 594 -79.06 51.24 29.90
C GLY A 594 -79.56 50.60 28.63
N ARG A 595 -79.75 51.45 27.61
CA ARG A 595 -80.29 51.02 26.32
C ARG A 595 -79.11 50.78 25.38
N ASN A 596 -78.62 49.54 25.36
CA ASN A 596 -77.49 49.14 24.54
C ASN A 596 -77.96 48.16 23.48
N HIS A 597 -77.64 48.45 22.22
CA HIS A 597 -78.07 47.59 21.12
C HIS A 597 -77.32 46.26 21.09
N LYS A 598 -76.20 46.15 21.81
CA LYS A 598 -75.48 44.89 21.85
C LYS A 598 -76.29 43.81 22.57
N VAL A 599 -77.05 44.18 23.58
CA VAL A 599 -77.91 43.21 24.25
C VAL A 599 -78.99 42.72 23.29
N LEU A 600 -79.54 43.62 22.48
CA LEU A 600 -80.51 43.22 21.46
C LEU A 600 -79.88 42.27 20.45
N ASP A 601 -78.63 42.53 20.06
CA ASP A 601 -77.93 41.62 19.17
C ASP A 601 -77.76 40.25 19.82
N VAL A 602 -77.45 40.22 21.11
CA VAL A 602 -77.33 38.95 21.83
C VAL A 602 -78.65 38.20 21.81
N LEU A 603 -79.76 38.90 22.06
CA LEU A 603 -81.07 38.25 22.01
C LEU A 603 -81.38 37.73 20.62
N CYS A 604 -81.05 38.50 19.59
CA CYS A 604 -81.26 38.03 18.22
C CYS A 604 -80.45 36.77 17.94
N SER A 605 -79.22 36.72 18.44
CA SER A 605 -78.42 35.51 18.30
C SER A 605 -79.06 34.33 19.02
N LEU A 606 -79.64 34.58 20.19
CA LEU A 606 -80.34 33.52 20.92
C LEU A 606 -81.53 32.99 20.13
N CYS A 607 -82.26 33.87 19.45
CA CYS A 607 -83.48 33.46 18.78
C CYS A 607 -83.23 32.37 17.74
N VAL A 608 -82.46 32.68 16.71
CA VAL A 608 -82.27 31.79 15.57
C VAL A 608 -80.78 31.54 15.37
N CYS A 609 -80.42 30.28 15.10
CA CYS A 609 -79.04 29.90 14.88
C CYS A 609 -78.95 28.98 13.67
N ASN A 610 -78.12 29.36 12.69
CA ASN A 610 -77.81 28.51 11.54
C ASN A 610 -79.06 28.04 10.80
N GLY A 611 -80.03 28.94 10.64
CA GLY A 611 -81.24 28.59 9.94
C GLY A 611 -82.19 27.70 10.69
N VAL A 612 -81.98 27.50 11.98
CA VAL A 612 -82.85 26.67 12.82
C VAL A 612 -83.41 27.55 13.92
N ALA A 613 -84.73 27.49 14.11
CA ALA A 613 -85.43 28.34 15.06
C ALA A 613 -85.59 27.63 16.38
N VAL A 614 -85.24 28.30 17.47
CA VAL A 614 -85.39 27.77 18.82
C VAL A 614 -86.68 28.36 19.38
N ARG A 615 -87.76 27.57 19.30
CA ARG A 615 -89.07 28.05 19.72
C ARG A 615 -89.09 28.42 21.19
N SER A 616 -88.43 27.64 22.03
CA SER A 616 -88.39 27.94 23.46
C SER A 616 -87.75 29.30 23.72
N ASN A 617 -86.61 29.56 23.07
CA ASN A 617 -85.94 30.83 23.25
C ASN A 617 -86.79 31.99 22.76
N GLN A 618 -87.41 31.83 21.57
CA GLN A 618 -88.25 32.90 21.06
C GLN A 618 -89.41 33.18 22.00
N ASP A 619 -90.08 32.14 22.50
CA ASP A 619 -91.21 32.33 23.39
C ASP A 619 -90.78 33.00 24.69
N LEU A 620 -89.65 32.56 25.26
CA LEU A 620 -89.20 33.16 26.52
C LEU A 620 -88.85 34.63 26.34
N ILE A 621 -88.13 34.98 25.26
CA ILE A 621 -87.79 36.37 25.00
C ILE A 621 -89.06 37.20 24.82
N THR A 622 -90.00 36.68 24.03
CA THR A 622 -91.25 37.40 23.81
C THR A 622 -91.98 37.66 25.13
N GLU A 623 -92.18 36.61 25.93
CA GLU A 623 -92.97 36.74 27.15
C GLU A 623 -92.27 37.62 28.18
N ASN A 624 -90.94 37.62 28.22
CA ASN A 624 -90.25 38.42 29.22
C ASN A 624 -89.87 39.81 28.74
N LEU A 625 -90.09 40.14 27.48
CA LEU A 625 -89.77 41.48 26.99
C LEU A 625 -91.01 42.25 26.53
N LEU A 626 -91.81 41.68 25.62
CA LEU A 626 -92.87 42.45 24.99
C LEU A 626 -93.96 42.91 25.96
N PRO A 627 -94.52 42.06 26.84
CA PRO A 627 -95.71 42.50 27.60
C PRO A 627 -95.49 43.73 28.45
N GLY A 628 -94.27 43.96 28.95
CA GLY A 628 -94.05 45.10 29.84
C GLY A 628 -94.28 46.44 29.17
N ARG A 629 -94.04 46.52 27.86
CA ARG A 629 -94.12 47.79 27.12
C ARG A 629 -93.25 48.86 27.78
N GLU A 630 -92.07 48.43 28.23
CA GLU A 630 -91.06 49.32 28.79
C GLU A 630 -89.71 48.89 28.24
N LEU A 631 -88.71 49.75 28.43
CA LEU A 631 -87.35 49.56 27.94
C LEU A 631 -87.27 49.56 26.41
N LEU A 632 -88.40 49.72 25.72
CA LEU A 632 -88.43 49.78 24.26
C LEU A 632 -89.33 50.91 23.84
N LEU A 633 -88.90 51.65 22.82
CA LEU A 633 -89.68 52.78 22.32
C LEU A 633 -90.96 52.29 21.65
N GLN A 634 -92.06 52.99 21.91
CA GLN A 634 -93.36 52.65 21.35
C GLN A 634 -93.68 53.56 20.17
N THR A 635 -94.50 53.04 19.26
CA THR A 635 -94.94 53.79 18.08
C THR A 635 -96.45 53.69 17.95
N ASN A 636 -97.06 54.77 17.48
CA ASN A 636 -98.50 54.82 17.25
C ASN A 636 -98.81 56.05 16.40
N LEU A 637 -100.00 56.05 15.81
CA LEU A 637 -100.47 57.15 14.99
C LEU A 637 -101.40 58.04 15.82
N ILE A 638 -101.17 59.35 15.75
CA ILE A 638 -101.96 60.33 16.49
C ILE A 638 -102.45 61.40 15.52
N ASN A 639 -103.28 62.30 16.04
CA ASN A 639 -103.86 63.39 15.27
C ASN A 639 -103.17 64.71 15.61
N TYR A 640 -103.43 65.72 14.78
CA TYR A 640 -102.96 67.07 15.01
C TYR A 640 -104.05 67.87 15.68
N VAL A 641 -103.71 68.53 16.79
CA VAL A 641 -104.67 69.30 17.57
C VAL A 641 -104.19 70.74 17.63
N THR A 642 -105.07 71.68 17.29
CA THR A 642 -104.74 73.10 17.32
C THR A 642 -105.61 73.81 18.35
N SER A 643 -105.29 75.07 18.62
CA SER A 643 -105.92 75.83 19.69
C SER A 643 -106.15 77.26 19.24
N ILE A 644 -107.30 77.82 19.63
CA ILE A 644 -107.71 79.17 19.25
C ILE A 644 -108.23 79.89 20.50
N ARG A 645 -107.84 81.15 20.66
CA ARG A 645 -108.31 82.00 21.74
C ARG A 645 -109.13 83.16 21.21
N PRO A 646 -109.87 83.84 22.08
CA PRO A 646 -110.71 84.98 21.64
C PRO A 646 -110.07 86.36 21.80
N ASN A 647 -108.78 86.43 22.14
CA ASN A 647 -108.06 87.70 22.29
C ASN A 647 -108.65 88.56 23.41
N ILE A 648 -108.96 87.93 24.53
CA ILE A 648 -109.48 88.61 25.72
C ILE A 648 -108.66 88.12 26.92
N PHE A 649 -107.78 88.98 27.42
CA PHE A 649 -106.91 88.64 28.55
C PHE A 649 -107.42 89.33 29.81
N VAL A 650 -107.64 88.56 30.87
CA VAL A 650 -108.13 89.07 32.13
C VAL A 650 -107.32 88.48 33.27
N GLY A 651 -107.34 89.18 34.41
CA GLY A 651 -106.60 88.73 35.58
C GLY A 651 -106.81 89.70 36.72
N ARG A 652 -105.99 89.55 37.76
CA ARG A 652 -106.07 90.45 38.89
C ARG A 652 -104.71 90.59 39.55
N ALA A 653 -104.55 91.67 40.28
CA ALA A 653 -103.35 91.93 41.08
C ALA A 653 -103.69 93.03 42.08
N GLU A 654 -102.70 93.43 42.87
CA GLU A 654 -102.90 94.49 43.85
C GLU A 654 -102.98 95.84 43.14
N GLY A 655 -104.13 96.50 43.23
CA GLY A 655 -104.31 97.79 42.60
C GLY A 655 -104.67 97.74 41.12
N SER A 656 -105.07 96.59 40.60
CA SER A 656 -105.40 96.48 39.19
C SER A 656 -106.73 97.18 38.90
N THR A 657 -106.91 97.52 37.62
CA THR A 657 -108.11 98.21 37.16
C THR A 657 -109.10 97.28 36.49
N GLN A 658 -108.89 95.97 36.58
CA GLN A 658 -109.73 94.99 35.89
C GLN A 658 -110.81 94.45 36.82
N TYR A 659 -111.72 93.68 36.23
CA TYR A 659 -112.83 93.07 36.95
C TYR A 659 -112.51 91.61 37.24
N GLY A 660 -112.97 91.13 38.40
CA GLY A 660 -112.62 89.81 38.88
C GLY A 660 -113.59 88.70 38.56
N LYS A 661 -114.56 88.93 37.69
CA LYS A 661 -115.55 87.91 37.34
C LYS A 661 -115.82 87.98 35.85
N TRP A 662 -115.82 86.82 35.18
CA TRP A 662 -116.03 86.82 33.73
C TRP A 662 -116.83 85.59 33.33
N TYR A 663 -117.37 85.63 32.11
CA TYR A 663 -118.32 84.63 31.64
C TYR A 663 -118.38 84.70 30.12
N PHE A 664 -118.34 83.53 29.46
CA PHE A 664 -118.44 83.49 28.01
C PHE A 664 -119.12 82.21 27.56
N GLU A 665 -119.37 82.13 26.25
CA GLU A 665 -120.23 81.11 25.67
C GLU A 665 -119.64 80.59 24.37
N VAL A 666 -119.69 79.28 24.18
CA VAL A 666 -119.24 78.64 22.94
C VAL A 666 -120.28 77.59 22.53
N MET A 667 -120.69 77.60 21.26
CA MET A 667 -121.65 76.64 20.77
C MET A 667 -121.05 75.82 19.63
N VAL A 668 -121.53 74.59 19.49
CA VAL A 668 -121.00 73.63 18.53
C VAL A 668 -122.02 73.41 17.43
N ASP A 669 -121.58 73.48 16.17
CA ASP A 669 -122.46 73.28 15.03
C ASP A 669 -122.29 71.90 14.39
N GLU A 670 -121.06 71.54 14.02
CA GLU A 670 -120.80 70.30 13.33
C GLU A 670 -119.67 69.55 14.03
N VAL A 671 -119.88 68.25 14.25
CA VAL A 671 -118.87 67.36 14.79
C VAL A 671 -118.91 66.05 14.03
N VAL A 672 -117.76 65.58 13.57
CA VAL A 672 -117.67 64.31 12.85
C VAL A 672 -116.87 63.34 13.70
N PRO A 673 -117.51 62.51 14.51
CA PRO A 673 -116.77 61.61 15.39
C PRO A 673 -116.05 60.52 14.62
N PHE A 674 -114.92 60.08 15.19
CA PHE A 674 -114.18 58.92 14.69
C PHE A 674 -113.73 59.09 13.25
N LEU A 675 -113.46 60.33 12.84
CA LEU A 675 -112.84 60.58 11.55
C LEU A 675 -111.36 60.27 11.64
N THR A 676 -110.83 59.63 10.59
CA THR A 676 -109.43 59.18 10.55
C THR A 676 -109.10 58.25 11.70
N ALA A 677 -110.05 57.38 12.05
CA ALA A 677 -109.84 56.28 13.00
C ALA A 677 -109.34 56.77 14.36
N GLN A 678 -109.78 57.95 14.78
CA GLN A 678 -109.39 58.49 16.07
C GLN A 678 -110.48 59.44 16.55
N ALA A 679 -110.75 59.40 17.86
CA ALA A 679 -111.79 60.25 18.41
C ALA A 679 -111.45 61.73 18.22
N THR A 680 -112.44 62.50 17.76
CA THR A 680 -112.23 63.91 17.49
C THR A 680 -111.99 64.68 18.79
N HIS A 681 -110.97 65.54 18.78
CA HIS A 681 -110.63 66.34 19.95
C HIS A 681 -111.47 67.62 19.96
N LEU A 682 -112.05 67.92 21.12
CA LEU A 682 -112.83 69.15 21.27
C LEU A 682 -112.93 69.48 22.75
N ARG A 683 -112.26 70.55 23.18
CA ARG A 683 -112.29 71.00 24.56
C ARG A 683 -112.40 72.51 24.61
N VAL A 684 -113.15 73.02 25.58
CA VAL A 684 -113.37 74.45 25.76
C VAL A 684 -113.03 74.80 27.21
N GLY A 685 -112.29 75.89 27.40
CA GLY A 685 -111.96 76.31 28.75
C GLY A 685 -111.15 77.58 28.83
N TRP A 686 -110.37 77.72 29.89
CA TRP A 686 -109.49 78.86 30.09
C TRP A 686 -108.03 78.42 29.99
N ALA A 687 -107.14 79.41 29.92
CA ALA A 687 -105.71 79.15 29.81
C ALA A 687 -104.95 80.31 30.40
N LEU A 688 -103.66 80.09 30.65
CA LEU A 688 -102.80 81.09 31.25
C LEU A 688 -101.74 81.53 30.24
N THR A 689 -101.49 82.85 30.19
CA THR A 689 -100.54 83.38 29.21
C THR A 689 -99.12 82.93 29.49
N GLU A 690 -98.78 82.68 30.75
CA GLU A 690 -97.39 82.40 31.11
C GLU A 690 -96.92 81.05 30.58
N GLY A 691 -97.72 80.01 30.77
CA GLY A 691 -97.24 78.66 30.52
C GLY A 691 -97.91 77.92 29.38
N TYR A 692 -99.13 78.30 29.01
CA TYR A 692 -99.85 77.57 27.98
C TYR A 692 -99.28 77.91 26.61
N SER A 693 -98.30 77.13 26.16
CA SER A 693 -97.63 77.33 24.87
C SER A 693 -97.59 76.00 24.13
N PRO A 694 -98.71 75.57 23.55
CA PRO A 694 -98.72 74.31 22.82
C PRO A 694 -98.00 74.43 21.48
N TYR A 695 -97.55 73.28 20.98
CA TYR A 695 -96.83 73.20 19.71
C TYR A 695 -97.46 72.13 18.84
N PRO A 696 -97.32 72.25 17.52
CA PRO A 696 -97.92 71.25 16.62
C PRO A 696 -97.36 69.84 16.80
N GLY A 697 -96.19 69.69 17.40
CA GLY A 697 -95.59 68.39 17.56
C GLY A 697 -96.30 67.55 18.60
N GLY A 698 -95.64 66.45 18.97
CA GLY A 698 -96.20 65.53 19.93
C GLY A 698 -96.25 66.09 21.35
N GLY A 699 -95.08 66.27 21.96
CA GLY A 699 -95.03 66.80 23.30
C GLY A 699 -95.28 65.77 24.39
N GLU A 700 -95.91 66.19 25.48
CA GLU A 700 -96.13 65.31 26.62
C GLU A 700 -97.16 64.24 26.31
N GLY A 701 -97.14 63.19 27.12
CA GLY A 701 -98.06 62.08 26.92
C GLY A 701 -97.80 61.39 25.60
N TRP A 702 -98.88 61.02 24.91
CA TRP A 702 -98.80 60.43 23.59
C TRP A 702 -98.95 61.47 22.47
N GLY A 703 -99.06 62.74 22.82
CA GLY A 703 -99.19 63.80 21.83
C GLY A 703 -100.59 64.37 21.79
N GLY A 704 -100.79 65.30 20.86
CA GLY A 704 -102.07 65.94 20.68
C GLY A 704 -102.52 66.74 21.88
N ASN A 705 -101.62 67.53 22.45
CA ASN A 705 -101.95 68.31 23.64
C ASN A 705 -102.93 69.42 23.32
N GLY A 706 -103.95 69.56 24.17
CA GLY A 706 -104.94 70.61 24.04
C GLY A 706 -105.15 71.30 25.38
N VAL A 707 -106.40 71.69 25.63
CA VAL A 707 -106.75 72.33 26.89
C VAL A 707 -106.82 71.28 27.98
N GLY A 708 -106.15 71.55 29.11
CA GLY A 708 -106.15 70.65 30.24
C GLY A 708 -105.02 69.65 30.27
N ASP A 709 -104.19 69.59 29.22
CA ASP A 709 -103.02 68.72 29.21
C ASP A 709 -101.80 69.36 29.83
N ASP A 710 -102.00 70.37 30.68
CA ASP A 710 -100.91 71.07 31.35
C ASP A 710 -101.49 71.75 32.58
N LEU A 711 -100.61 72.08 33.53
CA LEU A 711 -101.03 72.74 34.76
C LEU A 711 -101.28 74.23 34.58
N TYR A 712 -101.39 74.71 33.34
CA TYR A 712 -101.72 76.09 33.06
C TYR A 712 -103.07 76.26 32.38
N SER A 713 -103.75 75.17 32.05
CA SER A 713 -105.04 75.23 31.37
C SER A 713 -106.00 74.24 31.99
N TYR A 714 -107.29 74.56 31.90
CA TYR A 714 -108.35 73.72 32.43
C TYR A 714 -109.46 73.63 31.40
N GLY A 715 -109.92 72.41 31.11
CA GLY A 715 -110.85 72.19 30.02
C GLY A 715 -112.05 71.36 30.45
N PHE A 716 -112.92 71.11 29.47
CA PHE A 716 -114.14 70.33 29.68
C PHE A 716 -114.57 69.78 28.33
N ASP A 717 -114.57 68.45 28.19
CA ASP A 717 -114.90 67.79 26.94
C ASP A 717 -116.30 67.20 26.92
N GLY A 718 -117.05 67.31 28.01
CA GLY A 718 -118.39 66.76 28.05
C GLY A 718 -118.59 65.73 29.14
N LEU A 719 -117.57 64.91 29.39
CA LEU A 719 -117.62 63.89 30.42
C LEU A 719 -116.66 64.15 31.57
N HIS A 720 -115.48 64.69 31.30
CA HIS A 720 -114.45 64.85 32.30
C HIS A 720 -113.99 66.30 32.37
N LEU A 721 -113.33 66.64 33.47
CA LEU A 721 -112.65 67.90 33.64
C LEU A 721 -111.15 67.65 33.51
N TRP A 722 -110.51 68.38 32.59
CA TRP A 722 -109.13 68.11 32.21
C TRP A 722 -108.19 69.10 32.89
N THR A 723 -107.20 68.57 33.62
CA THR A 723 -106.13 69.38 34.17
C THR A 723 -104.95 68.47 34.47
N GLY A 724 -103.75 68.93 34.13
CA GLY A 724 -102.55 68.15 34.36
C GLY A 724 -102.54 66.82 33.63
N HIS A 725 -103.11 66.76 32.43
CA HIS A 725 -103.18 65.54 31.63
C HIS A 725 -103.87 64.40 32.37
N VAL A 726 -104.83 64.73 33.24
CA VAL A 726 -105.60 63.75 33.98
C VAL A 726 -107.08 64.04 33.78
N ALA A 727 -107.83 63.03 33.37
CA ALA A 727 -109.26 63.17 33.10
C ALA A 727 -110.05 62.59 34.28
N ARG A 728 -110.84 63.45 34.92
CA ARG A 728 -111.68 63.03 36.04
C ARG A 728 -113.15 63.14 35.64
N PRO A 729 -113.90 62.04 35.65
CA PRO A 729 -115.30 62.11 35.19
C PRO A 729 -116.15 62.98 36.09
N VAL A 730 -117.14 63.63 35.49
CA VAL A 730 -118.05 64.53 36.19
C VAL A 730 -119.47 64.02 36.01
N THR A 731 -120.26 64.11 37.08
CA THR A 731 -121.64 63.60 37.06
C THR A 731 -122.58 64.70 36.55
N SER A 732 -122.43 65.00 35.26
CA SER A 732 -123.28 65.98 34.62
C SER A 732 -124.68 65.41 34.38
N PRO A 733 -125.70 66.26 34.31
CA PRO A 733 -127.05 65.76 34.02
C PRO A 733 -127.16 65.02 32.69
N GLY A 734 -126.42 65.47 31.68
CA GLY A 734 -126.49 64.86 30.37
C GLY A 734 -125.64 63.61 30.23
N GLN A 735 -124.39 63.68 30.69
CA GLN A 735 -123.44 62.58 30.60
C GLN A 735 -123.27 62.09 29.16
N HIS A 736 -122.93 63.03 28.27
CA HIS A 736 -122.67 62.69 26.89
C HIS A 736 -121.58 63.60 26.35
N LEU A 737 -120.88 63.11 25.32
CA LEU A 737 -119.82 63.89 24.70
C LEU A 737 -120.40 65.08 23.96
N LEU A 738 -119.55 66.07 23.69
CA LEU A 738 -119.97 67.26 22.97
C LEU A 738 -120.55 66.88 21.61
N ALA A 739 -121.71 67.43 21.29
CA ALA A 739 -122.50 67.07 20.12
C ALA A 739 -122.95 68.35 19.42
N PRO A 740 -123.42 68.23 18.18
CA PRO A 740 -124.01 69.40 17.51
C PRO A 740 -125.19 69.95 18.31
N GLU A 741 -125.38 71.27 18.20
CA GLU A 741 -126.43 71.99 18.92
C GLU A 741 -126.21 71.92 20.43
N ASP A 742 -124.96 72.05 20.86
CA ASP A 742 -124.61 72.10 22.27
C ASP A 742 -123.98 73.46 22.58
N VAL A 743 -124.45 74.08 23.65
CA VAL A 743 -123.98 75.39 24.09
C VAL A 743 -123.34 75.24 25.47
N VAL A 744 -122.11 75.71 25.60
CA VAL A 744 -121.34 75.60 26.83
C VAL A 744 -121.03 76.99 27.34
N SER A 745 -121.36 77.24 28.61
CA SER A 745 -121.10 78.50 29.28
C SER A 745 -120.01 78.30 30.32
N CYS A 746 -118.98 79.12 30.27
CA CYS A 746 -117.85 79.04 31.18
C CYS A 746 -117.75 80.32 31.98
N CYS A 747 -117.63 80.20 33.31
CA CYS A 747 -117.53 81.34 34.20
C CYS A 747 -116.27 81.22 35.06
N LEU A 748 -115.61 82.36 35.26
CA LEU A 748 -114.35 82.42 35.98
C LEU A 748 -114.45 83.45 37.10
N ASP A 749 -114.01 83.05 38.29
CA ASP A 749 -114.00 83.91 39.47
C ASP A 749 -112.56 84.04 39.96
N LEU A 750 -112.07 85.28 40.03
CA LEU A 750 -110.70 85.55 40.47
C LEU A 750 -110.60 85.93 41.93
N SER A 751 -111.68 86.44 42.54
CA SER A 751 -111.65 86.74 43.97
C SER A 751 -111.33 85.48 44.77
N VAL A 752 -112.20 84.49 44.70
CA VAL A 752 -111.88 83.12 45.08
C VAL A 752 -111.62 82.34 43.80
N PRO A 753 -110.41 81.84 43.56
CA PRO A 753 -110.10 81.24 42.26
C PRO A 753 -110.97 80.04 41.96
N SER A 754 -111.86 80.15 40.97
CA SER A 754 -112.74 79.04 40.66
C SER A 754 -113.27 79.17 39.23
N ILE A 755 -113.21 78.09 38.48
CA ILE A 755 -113.72 78.03 37.12
C ILE A 755 -114.83 76.99 37.07
N SER A 756 -115.99 77.40 36.54
CA SER A 756 -117.14 76.51 36.47
C SER A 756 -117.70 76.49 35.05
N PHE A 757 -118.35 75.39 34.72
CA PHE A 757 -118.91 75.18 33.40
C PHE A 757 -120.35 74.71 33.52
N ARG A 758 -121.13 74.97 32.46
CA ARG A 758 -122.48 74.45 32.37
C ARG A 758 -122.81 74.23 30.90
N ILE A 759 -123.63 73.22 30.64
CA ILE A 759 -123.98 72.83 29.26
C ILE A 759 -125.49 72.83 29.12
N ASN A 760 -125.98 73.62 28.16
CA ASN A 760 -127.42 73.72 27.87
C ASN A 760 -128.23 74.04 29.12
N GLY A 761 -127.66 74.88 29.99
CA GLY A 761 -128.30 75.24 31.24
C GLY A 761 -128.09 74.27 32.37
N CYS A 762 -127.52 73.09 32.11
CA CYS A 762 -127.30 72.10 33.14
C CYS A 762 -125.91 72.26 33.73
N PRO A 763 -125.77 72.63 35.00
CA PRO A 763 -124.45 72.79 35.59
C PRO A 763 -123.76 71.46 35.82
N VAL A 764 -122.43 71.50 35.79
CA VAL A 764 -121.62 70.33 36.10
C VAL A 764 -121.30 70.34 37.59
N GLN A 765 -120.99 69.16 38.12
CA GLN A 765 -120.79 69.02 39.55
C GLN A 765 -119.38 69.38 40.01
N GLY A 766 -118.39 69.30 39.13
CA GLY A 766 -117.00 69.51 39.51
C GLY A 766 -116.51 70.89 39.14
N VAL A 767 -115.60 71.42 39.97
CA VAL A 767 -115.03 72.74 39.76
C VAL A 767 -113.55 72.74 40.11
N PHE A 768 -112.80 73.55 39.38
CA PHE A 768 -111.39 73.79 39.67
C PHE A 768 -111.27 74.88 40.72
N GLU A 769 -110.31 74.73 41.63
CA GLU A 769 -110.15 75.67 42.73
C GLU A 769 -108.69 75.81 43.08
N ALA A 770 -108.37 76.92 43.76
CA ALA A 770 -107.08 77.15 44.40
C ALA A 770 -105.92 76.95 43.41
N PHE A 771 -105.97 77.71 42.32
CA PHE A 771 -104.90 77.70 41.33
C PHE A 771 -104.10 78.99 41.43
N ASN A 772 -102.93 78.97 40.79
CA ASN A 772 -102.05 80.13 40.82
C ASN A 772 -102.66 81.29 40.06
N LEU A 773 -102.62 82.47 40.66
CA LEU A 773 -103.22 83.67 40.09
C LEU A 773 -102.25 84.50 39.28
N ASP A 774 -101.00 84.05 39.14
CA ASP A 774 -100.03 84.75 38.31
C ASP A 774 -100.44 84.69 36.84
N GLY A 775 -100.17 85.77 36.11
CA GLY A 775 -100.49 85.83 34.70
C GLY A 775 -101.92 86.22 34.43
N LEU A 776 -102.27 86.21 33.14
CA LEU A 776 -103.59 86.60 32.67
C LEU A 776 -104.31 85.40 32.06
N PHE A 777 -105.64 85.41 32.17
CA PHE A 777 -106.47 84.32 31.69
C PHE A 777 -107.18 84.74 30.42
N PHE A 778 -107.33 83.79 29.49
CA PHE A 778 -108.05 84.04 28.24
C PHE A 778 -108.87 82.80 27.88
N PRO A 779 -110.01 82.98 27.23
CA PRO A 779 -110.77 81.83 26.73
C PRO A 779 -109.97 81.09 25.66
N VAL A 780 -110.20 79.78 25.59
CA VAL A 780 -109.42 78.93 24.69
C VAL A 780 -110.24 77.71 24.31
N VAL A 781 -110.06 77.27 23.07
CA VAL A 781 -110.67 76.04 22.57
C VAL A 781 -109.62 75.24 21.82
N SER A 782 -109.54 73.94 22.11
CA SER A 782 -108.64 73.03 21.42
C SER A 782 -109.46 72.03 20.62
N PHE A 783 -109.03 71.79 19.38
CA PHE A 783 -109.81 70.92 18.51
C PHE A 783 -108.92 70.29 17.46
N SER A 784 -109.35 69.12 16.98
CA SER A 784 -108.76 68.46 15.83
C SER A 784 -109.54 68.85 14.58
N ALA A 785 -109.30 68.16 13.47
CA ALA A 785 -110.03 68.44 12.23
C ALA A 785 -111.44 67.89 12.30
N GLY A 786 -112.35 68.55 11.57
CA GLY A 786 -113.72 68.08 11.46
C GLY A 786 -114.64 68.57 12.56
N VAL A 787 -114.55 69.84 12.92
CA VAL A 787 -115.41 70.42 13.94
C VAL A 787 -115.62 71.89 13.62
N LYS A 788 -116.86 72.36 13.79
CA LYS A 788 -117.22 73.75 13.57
C LYS A 788 -117.84 74.32 14.84
N VAL A 789 -117.36 75.48 15.27
CA VAL A 789 -117.81 76.09 16.52
C VAL A 789 -118.03 77.58 16.30
N ARG A 790 -118.77 78.18 17.24
CA ARG A 790 -119.05 79.61 17.25
C ARG A 790 -118.85 80.16 18.65
N PHE A 791 -118.28 81.36 18.71
CA PHE A 791 -117.94 82.04 19.96
C PHE A 791 -118.95 83.15 20.20
N LEU A 792 -119.82 82.98 21.20
CA LEU A 792 -120.76 84.02 21.59
C LEU A 792 -120.06 84.90 22.62
N LEU A 793 -119.30 85.88 22.13
CA LEU A 793 -118.49 86.74 22.98
C LEU A 793 -119.28 88.00 23.30
N GLY A 794 -119.93 88.01 24.47
CA GLY A 794 -120.65 89.20 24.88
C GLY A 794 -121.88 89.45 24.03
N GLY A 795 -122.23 90.73 23.90
CA GLY A 795 -123.41 91.13 23.17
C GLY A 795 -123.12 91.69 21.79
N ARG A 796 -121.95 92.31 21.61
CA ARG A 796 -121.59 92.87 20.32
C ARG A 796 -121.46 91.77 19.27
N HIS A 797 -120.80 90.67 19.63
CA HIS A 797 -120.52 89.56 18.71
C HIS A 797 -121.24 88.33 19.24
N GLY A 798 -122.40 88.03 18.66
CA GLY A 798 -123.24 86.97 19.15
C GLY A 798 -124.06 87.39 20.36
N GLU A 799 -125.08 86.60 20.65
CA GLU A 799 -125.95 86.84 21.79
C GLU A 799 -126.02 85.58 22.63
N PHE A 800 -126.02 85.77 23.95
CA PHE A 800 -126.01 84.64 24.87
C PHE A 800 -127.31 83.86 24.78
N LYS A 801 -127.20 82.53 24.65
CA LYS A 801 -128.41 81.71 24.64
C LYS A 801 -129.04 81.61 26.01
N PHE A 802 -128.24 81.76 27.08
CA PHE A 802 -128.73 81.73 28.44
C PHE A 802 -128.17 82.93 29.20
N LEU A 803 -128.93 83.39 30.18
CA LEU A 803 -128.54 84.58 30.93
C LEU A 803 -127.31 84.29 31.79
N PRO A 804 -126.38 85.23 31.88
CA PRO A 804 -125.20 85.03 32.72
C PRO A 804 -125.57 84.99 34.19
N PRO A 805 -124.77 84.32 35.02
CA PRO A 805 -124.98 84.42 36.46
C PRO A 805 -124.76 85.84 36.93
N PRO A 806 -125.43 86.25 38.01
CA PRO A 806 -125.31 87.65 38.46
C PRO A 806 -123.89 88.00 38.83
N GLY A 807 -123.49 89.22 38.47
CA GLY A 807 -122.15 89.71 38.76
C GLY A 807 -121.08 89.25 37.80
N TYR A 808 -121.43 88.53 36.73
CA TYR A 808 -120.46 88.01 35.78
C TYR A 808 -120.53 88.83 34.50
N ALA A 809 -119.48 89.61 34.25
CA ALA A 809 -119.45 90.47 33.07
C ALA A 809 -119.14 89.65 31.82
N PRO A 810 -119.76 89.98 30.69
CA PRO A 810 -119.41 89.31 29.44
C PRO A 810 -117.99 89.63 29.00
N CYS A 811 -117.41 88.70 28.24
CA CYS A 811 -116.01 88.84 27.82
C CYS A 811 -115.81 89.95 26.79
N HIS A 812 -116.87 90.44 26.17
CA HIS A 812 -116.73 91.51 25.19
C HIS A 812 -116.39 92.86 25.83
N GLU A 813 -116.48 92.96 27.15
CA GLU A 813 -116.21 94.21 27.85
C GLU A 813 -114.73 94.40 28.16
N ALA A 814 -113.90 93.39 27.98
CA ALA A 814 -112.49 93.44 28.36
C ALA A 814 -111.56 93.74 27.20
N VAL A 815 -112.11 94.14 26.04
CA VAL A 815 -111.27 94.46 24.90
C VAL A 815 -110.58 95.79 25.14
N LEU A 816 -109.28 95.83 24.89
CA LEU A 816 -108.51 97.05 25.10
C LEU A 816 -108.90 98.11 24.07
N PRO A 817 -108.82 99.39 24.44
CA PRO A 817 -109.20 100.45 23.49
C PRO A 817 -108.35 100.47 22.23
N ARG A 818 -107.06 100.10 22.33
CA ARG A 818 -106.18 100.18 21.18
C ARG A 818 -106.51 99.14 20.12
N GLU A 819 -106.97 97.96 20.53
CA GLU A 819 -107.17 96.84 19.62
C GLU A 819 -108.65 96.51 19.48
N ARG A 820 -108.96 95.78 18.40
CA ARG A 820 -110.29 95.28 18.13
C ARG A 820 -110.31 93.77 18.32
N LEU A 821 -111.52 93.21 18.38
CA LEU A 821 -111.67 91.77 18.55
C LEU A 821 -111.18 91.03 17.32
N ARG A 822 -110.46 89.93 17.54
CA ARG A 822 -109.87 89.17 16.44
C ARG A 822 -109.46 87.80 16.96
N LEU A 823 -109.93 86.75 16.27
CA LEU A 823 -109.52 85.39 16.61
C LEU A 823 -108.10 85.14 16.13
N GLU A 824 -107.32 84.44 16.95
CA GLU A 824 -105.92 84.20 16.64
C GLU A 824 -105.46 82.95 17.38
N PRO A 825 -104.45 82.25 16.87
CA PRO A 825 -103.87 81.15 17.62
C PRO A 825 -103.07 81.65 18.82
N ILE A 826 -102.77 80.72 19.72
CA ILE A 826 -102.06 81.08 20.95
C ILE A 826 -100.66 81.56 20.64
N LYS A 827 -99.82 80.68 20.10
CA LYS A 827 -98.48 81.03 19.68
C LYS A 827 -98.17 80.31 18.38
N GLU A 828 -97.27 80.90 17.58
CA GLU A 828 -96.90 80.31 16.31
C GLU A 828 -95.50 80.75 15.94
N TYR A 829 -94.86 79.94 15.10
CA TYR A 829 -93.55 80.27 14.55
C TYR A 829 -93.57 80.36 13.03
N ARG A 830 -94.76 80.36 12.43
CA ARG A 830 -94.89 80.49 10.99
C ARG A 830 -96.25 81.08 10.67
N ARG A 831 -96.40 81.55 9.43
CA ARG A 831 -97.63 82.19 9.01
C ARG A 831 -97.75 82.06 7.50
N GLU A 832 -98.98 81.98 7.02
CA GLU A 832 -99.23 81.90 5.58
C GLU A 832 -99.24 83.30 4.98
N GLY A 833 -98.50 83.48 3.89
CA GLY A 833 -98.40 84.76 3.23
C GLY A 833 -98.63 84.65 1.74
N PRO A 834 -98.66 85.80 1.06
CA PRO A 834 -98.88 85.77 -0.41
C PRO A 834 -97.77 85.09 -1.16
N ARG A 835 -96.52 85.52 -0.96
CA ARG A 835 -95.39 84.88 -1.62
C ARG A 835 -95.20 83.45 -1.11
N GLY A 836 -95.37 83.24 0.19
CA GLY A 836 -95.18 81.94 0.79
C GLY A 836 -95.23 82.02 2.31
N PRO A 837 -94.78 80.97 2.97
CA PRO A 837 -94.77 80.99 4.45
C PRO A 837 -93.85 82.07 4.99
N HIS A 838 -94.35 82.78 6.01
CA HIS A 838 -93.58 83.81 6.69
C HIS A 838 -93.21 83.29 8.08
N LEU A 839 -91.92 83.13 8.33
CA LEU A 839 -91.45 82.75 9.65
C LEU A 839 -91.59 83.93 10.60
N VAL A 840 -92.16 83.68 11.78
CA VAL A 840 -92.39 84.73 12.76
C VAL A 840 -91.60 84.40 14.01
N GLY A 841 -91.27 85.44 14.77
CA GLY A 841 -90.51 85.28 16.00
C GLY A 841 -91.40 85.39 17.22
N PRO A 842 -90.78 85.62 18.38
CA PRO A 842 -91.57 85.75 19.61
C PRO A 842 -92.46 86.97 19.58
N SER A 843 -93.55 86.91 20.33
CA SER A 843 -94.53 87.99 20.42
C SER A 843 -94.55 88.52 21.85
N ARG A 844 -94.52 89.85 21.98
CA ARG A 844 -94.60 90.47 23.29
C ARG A 844 -95.98 90.27 23.88
N CYS A 845 -96.04 89.98 25.18
CA CYS A 845 -97.29 89.73 25.87
C CYS A 845 -97.38 90.59 27.12
N LEU A 846 -98.58 91.07 27.41
CA LEU A 846 -98.80 91.89 28.59
C LEU A 846 -98.74 91.04 29.85
N SER A 847 -98.37 91.68 30.97
CA SER A 847 -98.32 91.05 32.27
C SER A 847 -99.46 91.57 33.14
N HIS A 848 -99.78 90.79 34.19
CA HIS A 848 -100.86 91.18 35.08
C HIS A 848 -100.52 92.41 35.92
N THR A 849 -99.25 92.79 35.99
CA THR A 849 -98.83 93.99 36.71
C THR A 849 -98.76 95.21 35.80
N ASP A 850 -99.10 95.08 34.52
CA ASP A 850 -99.11 96.21 33.61
C ASP A 850 -100.36 97.06 33.72
N PHE A 851 -101.41 96.55 34.35
CA PHE A 851 -102.67 97.28 34.48
C PHE A 851 -102.75 98.14 35.74
N VAL A 852 -101.79 98.03 36.64
CA VAL A 852 -101.81 98.82 37.87
C VAL A 852 -101.16 100.18 37.60
N PRO A 853 -101.60 101.25 38.25
CA PRO A 853 -100.94 102.55 38.09
C PRO A 853 -99.82 102.73 39.10
N CYS A 854 -98.70 103.27 38.62
CA CYS A 854 -97.51 103.51 39.43
C CYS A 854 -97.08 104.96 39.24
N PRO A 855 -97.73 105.89 39.93
CA PRO A 855 -97.37 107.31 39.79
C PRO A 855 -96.29 107.74 40.75
N VAL A 856 -95.88 109.00 40.67
CA VAL A 856 -94.83 109.57 41.51
C VAL A 856 -95.46 110.62 42.42
N ASP A 857 -95.10 110.58 43.70
CA ASP A 857 -95.61 111.53 44.68
C ASP A 857 -94.94 112.88 44.46
N THR A 858 -95.60 113.76 43.71
CA THR A 858 -95.06 115.07 43.38
C THR A 858 -95.51 116.17 44.33
N VAL A 859 -96.61 115.96 45.07
CA VAL A 859 -97.09 116.99 45.99
C VAL A 859 -96.15 117.18 47.17
N GLN A 860 -95.28 116.19 47.44
CA GLN A 860 -94.33 116.33 48.54
C GLN A 860 -93.35 117.47 48.29
N ILE A 861 -92.88 117.61 47.06
CA ILE A 861 -91.94 118.67 46.70
C ILE A 861 -92.69 120.00 46.61
N VAL A 862 -92.10 121.06 47.15
CA VAL A 862 -92.69 122.39 47.17
C VAL A 862 -91.74 123.37 46.48
N LEU A 863 -92.32 124.36 45.80
CA LEU A 863 -91.57 125.35 45.04
C LEU A 863 -92.07 126.76 45.35
N PRO A 864 -91.81 127.26 46.55
CA PRO A 864 -92.34 128.59 46.95
C PRO A 864 -91.91 129.72 46.03
N PRO A 865 -90.66 129.76 45.55
CA PRO A 865 -90.28 130.89 44.68
C PRO A 865 -91.11 130.98 43.41
N HIS A 866 -91.60 129.85 42.89
CA HIS A 866 -92.54 129.92 41.78
C HIS A 866 -93.97 130.14 42.28
N LEU A 867 -94.34 129.48 43.38
CA LEU A 867 -95.70 129.58 43.89
C LEU A 867 -96.08 131.01 44.25
N GLU A 868 -95.10 131.86 44.54
CA GLU A 868 -95.44 133.22 44.96
C GLU A 868 -95.96 134.07 43.80
N ARG A 869 -95.28 134.04 42.65
CA ARG A 869 -95.68 134.90 41.53
C ARG A 869 -95.84 134.16 40.21
N ILE A 870 -94.98 133.18 39.93
CA ILE A 870 -94.99 132.55 38.62
C ILE A 870 -96.25 131.73 38.43
N ARG A 871 -96.71 131.07 39.49
CA ARG A 871 -97.87 130.20 39.36
C ARG A 871 -99.15 131.02 39.16
N GLU A 872 -99.24 132.22 39.74
CA GLU A 872 -100.36 133.08 39.39
C GLU A 872 -100.23 133.70 38.00
N LYS A 873 -99.02 133.90 37.48
CA LYS A 873 -98.97 134.28 36.06
C LYS A 873 -99.50 133.14 35.18
N LEU A 874 -99.11 131.91 35.49
CA LEU A 874 -99.64 130.76 34.77
C LEU A 874 -101.15 130.66 34.93
N ALA A 875 -101.65 130.89 36.15
CA ALA A 875 -103.09 130.84 36.38
C ALA A 875 -103.82 131.94 35.62
N GLU A 876 -103.22 133.13 35.53
CA GLU A 876 -103.82 134.21 34.75
C GLU A 876 -103.99 133.79 33.30
N ASN A 877 -102.95 133.24 32.69
CA ASN A 877 -103.10 132.86 31.28
C ASN A 877 -104.02 131.65 31.11
N ILE A 878 -104.06 130.76 32.11
CA ILE A 878 -105.01 129.66 32.07
C ILE A 878 -106.45 130.18 32.11
N HIS A 879 -106.70 131.19 32.96
CA HIS A 879 -108.01 131.83 32.98
C HIS A 879 -108.33 132.47 31.64
N GLU A 880 -107.33 133.12 31.03
CA GLU A 880 -107.51 133.70 29.71
C GLU A 880 -107.97 132.64 28.72
N LEU A 881 -107.26 131.53 28.63
CA LEU A 881 -107.63 130.47 27.69
C LEU A 881 -108.99 129.88 28.03
N TRP A 882 -109.28 129.71 29.33
CA TRP A 882 -110.55 129.16 29.78
C TRP A 882 -111.72 129.99 29.24
N ALA A 883 -111.64 131.30 29.49
CA ALA A 883 -112.68 132.21 29.04
C ALA A 883 -112.72 132.31 27.53
N LEU A 884 -111.56 132.21 26.88
CA LEU A 884 -111.54 132.18 25.42
C LEU A 884 -112.35 131.01 24.90
N THR A 885 -112.22 129.84 25.53
CA THR A 885 -113.03 128.69 25.15
C THR A 885 -114.51 128.98 25.31
N ARG A 886 -114.91 129.56 26.44
CA ARG A 886 -116.34 129.86 26.58
C ARG A 886 -116.81 130.85 25.52
N ILE A 887 -116.05 131.91 25.27
CA ILE A 887 -116.47 132.93 24.31
C ILE A 887 -116.57 132.35 22.90
N GLU A 888 -115.58 131.55 22.50
CA GLU A 888 -115.67 130.84 21.23
C GLU A 888 -116.89 129.92 21.21
N GLN A 889 -117.27 129.37 22.35
CA GLN A 889 -118.47 128.57 22.46
C GLN A 889 -119.70 129.47 22.61
N GLY A 890 -120.87 128.89 22.39
CA GLY A 890 -122.14 129.58 22.59
C GLY A 890 -122.32 130.15 23.98
N TRP A 891 -121.39 129.85 24.89
CA TRP A 891 -121.52 130.25 26.29
C TRP A 891 -121.71 131.76 26.43
N THR A 892 -122.74 132.14 27.18
CA THR A 892 -123.11 133.53 27.38
C THR A 892 -122.64 134.02 28.75
N TYR A 893 -122.88 135.30 29.01
CA TYR A 893 -122.49 135.93 30.26
C TYR A 893 -123.71 136.00 31.20
N GLY A 894 -123.52 135.54 32.43
CA GLY A 894 -124.56 135.61 33.44
C GLY A 894 -123.99 135.56 34.84
N PRO A 895 -124.39 136.52 35.68
CA PRO A 895 -123.74 136.65 37.00
C PRO A 895 -123.75 135.38 37.83
N VAL A 896 -124.77 134.54 37.70
CA VAL A 896 -124.85 133.26 38.39
C VAL A 896 -124.66 132.15 37.37
N ARG A 897 -123.93 131.11 37.76
CA ARG A 897 -123.62 130.00 36.86
C ARG A 897 -124.92 129.30 36.46
N ASP A 898 -125.26 129.39 35.17
CA ASP A 898 -126.44 128.73 34.62
C ASP A 898 -126.01 128.03 33.34
N ASP A 899 -125.60 126.76 33.46
CA ASP A 899 -125.20 125.99 32.29
C ASP A 899 -126.36 125.81 31.32
N ASN A 900 -127.59 125.84 31.81
CA ASN A 900 -128.75 125.74 30.93
C ASN A 900 -128.80 126.89 29.95
N LYS A 901 -128.67 128.12 30.43
CA LYS A 901 -128.59 129.28 29.56
C LYS A 901 -127.14 129.63 29.23
N ARG A 902 -126.20 128.74 29.58
CA ARG A 902 -124.80 128.87 29.19
C ARG A 902 -124.13 130.08 29.85
N LEU A 903 -124.49 130.36 31.10
CA LEU A 903 -124.15 131.62 31.74
C LEU A 903 -122.82 131.52 32.47
N HIS A 904 -122.00 132.57 32.36
CA HIS A 904 -120.64 132.57 32.86
C HIS A 904 -120.61 132.97 34.33
N PRO A 905 -120.31 132.06 35.26
CA PRO A 905 -120.38 132.42 36.69
C PRO A 905 -119.51 133.60 37.06
N CYS A 906 -118.33 133.72 36.45
CA CYS A 906 -117.47 134.87 36.71
C CYS A 906 -117.75 136.01 35.74
N LEU A 907 -117.63 135.76 34.43
CA LEU A 907 -117.79 136.77 33.40
C LEU A 907 -116.94 138.00 33.68
N VAL A 908 -115.71 137.79 34.15
CA VAL A 908 -114.76 138.86 34.39
C VAL A 908 -113.45 138.50 33.70
N ASN A 909 -112.82 139.49 33.06
CA ASN A 909 -111.53 139.24 32.41
C ASN A 909 -110.46 138.87 33.42
N PHE A 910 -110.33 139.65 34.49
CA PHE A 910 -109.40 139.34 35.56
C PHE A 910 -110.14 138.50 36.61
N HIS A 911 -109.62 137.30 36.86
CA HIS A 911 -110.27 136.38 37.78
C HIS A 911 -110.25 136.96 39.20
N SER A 912 -111.39 136.90 39.88
CA SER A 912 -111.51 137.41 41.24
C SER A 912 -110.81 136.45 42.19
N LEU A 913 -109.66 136.86 42.71
CA LEU A 913 -108.81 135.96 43.48
C LEU A 913 -109.49 135.34 44.70
N PRO A 914 -110.27 136.08 45.52
CA PRO A 914 -110.90 135.44 46.69
C PRO A 914 -111.77 134.24 46.37
N GLU A 915 -112.10 133.99 45.11
CA GLU A 915 -113.00 132.90 44.76
C GLU A 915 -112.32 131.55 45.01
N PRO A 916 -112.99 130.62 45.70
CA PRO A 916 -112.38 129.29 45.89
C PRO A 916 -112.10 128.58 44.59
N GLU A 917 -112.86 128.87 43.52
CA GLU A 917 -112.52 128.36 42.21
C GLU A 917 -111.16 128.88 41.75
N ARG A 918 -110.89 130.17 42.00
CA ARG A 918 -109.58 130.73 41.68
C ARG A 918 -108.50 130.08 42.52
N ASN A 919 -108.81 129.79 43.79
CA ASN A 919 -107.87 129.03 44.61
C ASN A 919 -107.60 127.66 44.02
N TYR A 920 -108.63 126.99 43.50
CA TYR A 920 -108.40 125.68 42.91
C TYR A 920 -107.54 125.78 41.66
N ASN A 921 -107.65 126.89 40.92
CA ASN A 921 -106.71 127.12 39.82
C ASN A 921 -105.29 127.41 40.33
N LEU A 922 -105.17 128.01 41.51
CA LEU A 922 -103.86 128.11 42.13
C LEU A 922 -103.30 126.73 42.45
N GLN A 923 -104.14 125.81 42.92
CA GLN A 923 -103.73 124.41 43.05
C GLN A 923 -103.33 123.80 41.71
N MET A 924 -104.06 124.13 40.63
CA MET A 924 -103.57 123.81 39.28
C MET A 924 -102.10 124.11 39.13
N SER A 925 -101.77 125.41 39.20
CA SER A 925 -100.42 125.85 38.91
C SER A 925 -99.43 125.23 39.87
N GLY A 926 -99.80 125.15 41.15
CA GLY A 926 -98.91 124.57 42.14
C GLY A 926 -98.57 123.13 41.84
N GLU A 927 -99.60 122.32 41.54
CA GLU A 927 -99.36 120.91 41.25
C GLU A 927 -98.53 120.74 39.98
N THR A 928 -98.78 121.55 38.96
CA THR A 928 -97.98 121.45 37.74
C THR A 928 -96.51 121.74 38.03
N LEU A 929 -96.23 122.80 38.79
CA LEU A 929 -94.84 123.12 39.10
C LEU A 929 -94.20 122.04 39.99
N LYS A 930 -94.97 121.51 40.95
CA LYS A 930 -94.44 120.45 41.80
C LYS A 930 -94.08 119.22 41.00
N THR A 931 -94.93 118.83 40.05
CA THR A 931 -94.61 117.68 39.21
C THR A 931 -93.41 117.95 38.33
N LEU A 932 -93.31 119.17 37.78
CA LEU A 932 -92.17 119.52 36.96
C LEU A 932 -90.87 119.42 37.73
N LEU A 933 -90.85 119.91 38.98
CA LEU A 933 -89.63 119.81 39.77
C LEU A 933 -89.37 118.39 40.25
N ALA A 934 -90.43 117.62 40.53
CA ALA A 934 -90.26 116.24 40.98
C ALA A 934 -89.62 115.40 39.89
N LEU A 935 -89.98 115.64 38.63
CA LEU A 935 -89.31 114.99 37.52
C LEU A 935 -87.94 115.64 37.31
N GLY A 936 -87.25 115.25 36.24
CA GLY A 936 -85.90 115.74 36.01
C GLY A 936 -85.81 117.17 35.53
N CYS A 937 -86.94 117.85 35.37
CA CYS A 937 -86.94 119.23 34.88
C CYS A 937 -86.29 120.15 35.90
N HIS A 938 -85.53 121.12 35.40
CA HIS A 938 -84.94 122.18 36.22
C HIS A 938 -85.67 123.47 35.91
N VAL A 939 -86.48 123.92 36.86
CA VAL A 939 -87.26 125.15 36.67
C VAL A 939 -86.37 126.36 36.87
N GLY A 940 -86.80 127.49 36.30
CA GLY A 940 -86.06 128.73 36.44
C GLY A 940 -86.70 129.82 35.63
N MET A 941 -86.14 131.02 35.77
CA MET A 941 -86.61 132.20 35.06
C MET A 941 -85.50 132.74 34.18
N ALA A 942 -85.82 132.97 32.91
CA ALA A 942 -84.87 133.53 31.95
C ALA A 942 -85.63 134.47 31.02
N ASP A 943 -85.41 135.77 31.19
CA ASP A 943 -86.01 136.81 30.35
C ASP A 943 -87.54 136.77 30.42
N GLU A 944 -88.06 136.93 31.63
CA GLU A 944 -89.49 137.13 31.79
C GLU A 944 -89.91 138.53 31.32
N LYS A 945 -89.00 139.49 31.44
CA LYS A 945 -89.24 140.82 30.87
C LYS A 945 -89.39 140.75 29.35
N ALA A 946 -88.74 139.77 28.72
CA ALA A 946 -88.97 139.55 27.29
C ALA A 946 -90.39 139.07 27.03
N GLU A 947 -90.92 138.20 27.90
CA GLU A 947 -92.29 137.76 27.77
C GLU A 947 -93.27 138.92 27.97
N ASP A 948 -92.97 139.81 28.92
CA ASP A 948 -93.80 140.98 29.12
C ASP A 948 -93.66 141.97 27.96
N ASN A 949 -92.51 141.98 27.29
CA ASN A 949 -92.26 142.94 26.23
C ASN A 949 -93.02 142.60 24.95
N LEU A 950 -93.14 141.31 24.64
CA LEU A 950 -93.82 140.91 23.41
C LEU A 950 -95.32 141.15 23.52
N LYS A 951 -96.02 140.95 22.41
CA LYS A 951 -97.46 141.19 22.36
C LYS A 951 -98.20 140.11 23.14
N LYS A 952 -98.51 140.39 24.40
CA LYS A 952 -99.26 139.46 25.23
C LYS A 952 -100.77 139.65 25.10
N THR A 953 -101.22 140.87 24.86
CA THR A 953 -102.66 141.15 24.76
C THR A 953 -103.09 141.13 23.29
N LYS A 954 -103.08 139.93 22.72
CA LYS A 954 -103.57 139.72 21.37
C LYS A 954 -105.08 139.57 21.41
N LEU A 955 -105.79 140.41 20.66
CA LEU A 955 -107.24 140.45 20.77
C LEU A 955 -107.89 140.10 19.44
N PRO A 956 -108.96 139.30 19.45
CA PRO A 956 -109.71 139.00 18.21
C PRO A 956 -110.92 139.89 17.97
N LYS A 957 -111.24 140.79 18.89
CA LYS A 957 -112.37 141.72 18.81
C LYS A 957 -113.72 141.03 18.77
N THR A 958 -113.77 139.72 19.06
CA THR A 958 -115.00 138.97 19.08
C THR A 958 -115.48 138.67 20.50
N TYR A 959 -114.77 139.17 21.51
CA TYR A 959 -115.08 138.82 22.89
C TYR A 959 -116.42 139.41 23.31
N MET A 960 -117.07 138.72 24.25
CA MET A 960 -118.33 139.19 24.82
C MET A 960 -118.12 140.49 25.58
N MET A 961 -119.17 141.31 25.62
CA MET A 961 -119.04 142.65 26.19
C MET A 961 -118.92 142.63 27.70
N SER A 962 -119.25 141.52 28.36
CA SER A 962 -118.98 141.41 29.79
C SER A 962 -117.50 141.13 30.04
N ASN A 963 -116.87 140.33 29.18
CA ASN A 963 -115.45 140.06 29.30
C ASN A 963 -114.63 141.23 28.80
N GLY A 964 -113.42 141.36 29.32
CA GLY A 964 -112.48 142.37 28.89
C GLY A 964 -111.61 141.88 27.75
N TYR A 965 -110.45 142.52 27.62
CA TYR A 965 -109.49 142.16 26.57
C TYR A 965 -108.76 140.89 27.00
N LYS A 966 -109.12 139.77 26.38
CA LYS A 966 -108.48 138.50 26.72
C LYS A 966 -107.09 138.44 26.08
N PRO A 967 -106.03 138.27 26.87
CA PRO A 967 -104.68 138.32 26.29
C PRO A 967 -104.20 136.97 25.77
N ALA A 968 -103.68 136.96 24.55
CA ALA A 968 -103.07 135.76 23.98
C ALA A 968 -101.58 135.98 23.84
N PRO A 969 -100.75 135.34 24.67
CA PRO A 969 -99.29 135.58 24.60
C PRO A 969 -98.69 135.21 23.26
N LEU A 970 -99.21 134.18 22.60
CA LEU A 970 -98.68 133.71 21.31
C LEU A 970 -97.19 133.40 21.40
N ASP A 971 -96.82 132.69 22.46
CA ASP A 971 -95.42 132.33 22.69
C ASP A 971 -94.90 131.30 21.71
N LEU A 972 -95.79 130.67 20.92
CA LEU A 972 -95.34 129.71 19.92
C LEU A 972 -94.45 130.35 18.87
N SER A 973 -94.82 131.56 18.43
CA SER A 973 -94.01 132.26 17.44
C SER A 973 -92.64 132.62 17.99
N HIS A 974 -92.58 133.07 19.24
CA HIS A 974 -91.30 133.42 19.86
C HIS A 974 -90.42 132.20 20.05
N VAL A 975 -90.99 131.12 20.60
CA VAL A 975 -90.26 129.89 20.84
C VAL A 975 -91.18 128.69 20.64
N ARG A 976 -90.90 127.89 19.62
CA ARG A 976 -91.69 126.70 19.35
C ARG A 976 -91.31 125.59 20.34
N LEU A 977 -92.20 124.60 20.44
CA LEU A 977 -91.97 123.49 21.35
C LEU A 977 -90.93 122.54 20.77
N THR A 978 -89.89 122.26 21.55
CA THR A 978 -88.87 121.32 21.14
C THR A 978 -89.41 119.89 21.24
N PRO A 979 -88.78 118.94 20.54
CA PRO A 979 -89.14 117.53 20.77
C PRO A 979 -89.01 117.12 22.23
N ALA A 980 -87.97 117.60 22.91
CA ALA A 980 -87.86 117.35 24.34
C ALA A 980 -89.05 117.95 25.07
N GLN A 981 -89.49 119.14 24.66
CA GLN A 981 -90.60 119.80 25.35
C GLN A 981 -91.90 119.02 25.16
N THR A 982 -92.15 118.51 23.96
CA THR A 982 -93.38 117.74 23.77
C THR A 982 -93.32 116.40 24.48
N THR A 983 -92.12 115.80 24.59
CA THR A 983 -92.00 114.61 25.44
C THR A 983 -92.30 114.95 26.90
N LEU A 984 -91.81 116.10 27.38
CA LEU A 984 -92.15 116.53 28.73
C LEU A 984 -93.65 116.67 28.91
N VAL A 985 -94.33 117.27 27.93
CA VAL A 985 -95.78 117.37 27.98
C VAL A 985 -96.40 115.98 28.09
N ASP A 986 -95.88 115.03 27.31
CA ASP A 986 -96.42 113.68 27.31
C ASP A 986 -96.29 113.03 28.69
N ARG A 987 -95.12 113.14 29.31
CA ARG A 987 -94.95 112.47 30.62
C ARG A 987 -95.75 113.20 31.70
N LEU A 988 -95.87 114.52 31.63
CA LEU A 988 -96.72 115.24 32.57
C LEU A 988 -98.17 114.76 32.47
N ALA A 989 -98.68 114.63 31.24
CA ALA A 989 -100.03 114.12 31.05
C ALA A 989 -100.15 112.68 31.56
N GLU A 990 -99.12 111.86 31.32
CA GLU A 990 -99.16 110.48 31.78
C GLU A 990 -99.24 110.39 33.29
N ASN A 991 -98.45 111.20 33.99
CA ASN A 991 -98.49 111.19 35.46
C ASN A 991 -99.83 111.72 35.97
N GLY A 992 -100.35 112.78 35.33
CA GLY A 992 -101.64 113.31 35.72
C GLY A 992 -102.77 112.32 35.55
N HIS A 993 -102.68 111.48 34.52
CA HIS A 993 -103.68 110.42 34.37
C HIS A 993 -103.43 109.25 35.33
N ASN A 994 -102.17 108.95 35.62
CA ASN A 994 -101.86 107.82 36.50
C ASN A 994 -102.35 108.09 37.92
N VAL A 995 -102.19 109.31 38.42
CA VAL A 995 -102.67 109.61 39.77
C VAL A 995 -104.18 109.46 39.84
N TRP A 996 -104.88 109.95 38.81
CA TRP A 996 -106.34 109.83 38.77
C TRP A 996 -106.76 108.37 38.70
N ALA A 997 -106.07 107.56 37.90
CA ALA A 997 -106.38 106.14 37.85
C ALA A 997 -106.17 105.48 39.21
N ARG A 998 -105.11 105.89 39.92
CA ARG A 998 -104.86 105.34 41.25
C ARG A 998 -106.00 105.67 42.21
N ASP A 999 -106.47 106.92 42.20
CA ASP A 999 -107.55 107.23 43.15
C ASP A 999 -108.87 106.59 42.73
N ARG A 1000 -109.10 106.42 41.42
CA ARG A 1000 -110.28 105.67 41.00
C ARG A 1000 -110.22 104.23 41.47
N VAL A 1001 -109.03 103.61 41.40
CA VAL A 1001 -108.87 102.25 41.90
C VAL A 1001 -109.12 102.23 43.41
N ALA A 1002 -108.64 103.24 44.13
CA ALA A 1002 -108.91 103.33 45.56
C ALA A 1002 -110.40 103.42 45.85
N GLN A 1003 -111.13 104.19 45.03
CA GLN A 1003 -112.58 104.24 45.16
C GLN A 1003 -113.19 102.86 44.91
N GLY A 1004 -112.70 102.15 43.90
CA GLY A 1004 -113.21 100.83 43.59
C GLY A 1004 -113.84 100.72 42.21
N TRP A 1005 -113.36 101.51 41.27
CA TRP A 1005 -113.85 101.47 39.90
C TRP A 1005 -113.09 100.43 39.09
N SER A 1006 -113.71 100.02 37.99
CA SER A 1006 -113.15 98.98 37.12
C SER A 1006 -113.22 99.45 35.67
N TYR A 1007 -112.68 98.63 34.78
CA TYR A 1007 -112.63 98.94 33.36
C TYR A 1007 -113.71 98.17 32.61
N SER A 1008 -114.34 98.84 31.64
CA SER A 1008 -115.35 98.22 30.81
C SER A 1008 -115.36 98.89 29.45
N ALA A 1009 -115.71 98.13 28.42
CA ALA A 1009 -115.77 98.68 27.07
C ALA A 1009 -116.91 99.68 26.90
N VAL A 1010 -117.92 99.62 27.76
CA VAL A 1010 -119.06 100.53 27.70
C VAL A 1010 -119.16 101.24 29.04
N GLN A 1011 -119.32 102.56 29.00
CA GLN A 1011 -119.39 103.35 30.22
C GLN A 1011 -120.65 103.04 30.99
N ASP A 1012 -120.50 102.88 32.30
CA ASP A 1012 -121.64 102.64 33.19
C ASP A 1012 -121.32 103.30 34.53
N ILE A 1013 -121.80 104.52 34.71
CA ILE A 1013 -121.53 105.25 35.97
C ILE A 1013 -122.13 104.54 37.18
N PRO A 1014 -123.39 104.09 37.17
CA PRO A 1014 -123.90 103.37 38.35
C PRO A 1014 -123.17 102.07 38.64
N ALA A 1015 -122.51 101.48 37.65
CA ALA A 1015 -121.79 100.22 37.84
C ALA A 1015 -120.32 100.42 38.17
N ARG A 1016 -119.88 101.67 38.36
CA ARG A 1016 -118.48 101.99 38.66
C ARG A 1016 -117.53 101.40 37.60
N ARG A 1017 -117.92 101.55 36.34
CA ARG A 1017 -117.12 101.10 35.21
C ARG A 1017 -116.77 102.30 34.36
N ASN A 1018 -115.49 102.46 34.05
CA ASN A 1018 -115.01 103.62 33.29
C ASN A 1018 -114.10 103.12 32.18
N PRO A 1019 -114.38 103.42 30.92
CA PRO A 1019 -113.52 102.97 29.81
C PRO A 1019 -112.25 103.78 29.63
N ARG A 1020 -111.88 104.63 30.59
CA ARG A 1020 -110.70 105.48 30.44
C ARG A 1020 -109.74 105.41 31.62
N LEU A 1021 -109.89 104.43 32.51
CA LEU A 1021 -109.01 104.30 33.66
C LEU A 1021 -107.86 103.32 33.44
N VAL A 1022 -107.68 102.85 32.21
CA VAL A 1022 -106.51 102.05 31.86
C VAL A 1022 -105.29 102.97 31.92
N PRO A 1023 -104.08 102.43 32.12
CA PRO A 1023 -102.90 103.29 32.18
C PRO A 1023 -102.72 104.11 30.91
N TYR A 1024 -101.87 105.14 31.02
CA TYR A 1024 -101.69 106.08 29.92
C TYR A 1024 -101.10 105.40 28.68
N ARG A 1025 -100.25 104.39 28.88
CA ARG A 1025 -99.74 103.65 27.74
C ARG A 1025 -100.85 102.90 27.01
N LEU A 1026 -101.80 102.35 27.76
CA LEU A 1026 -102.92 101.64 27.16
C LEU A 1026 -104.00 102.57 26.62
N LEU A 1027 -104.00 103.83 27.02
CA LEU A 1027 -104.99 104.77 26.52
C LEU A 1027 -104.83 105.01 25.03
N ASP A 1028 -105.94 105.33 24.37
CA ASP A 1028 -105.94 105.67 22.95
C ASP A 1028 -105.47 107.11 22.75
N GLU A 1029 -105.17 107.45 21.49
CA GLU A 1029 -104.60 108.74 21.18
C GLU A 1029 -105.59 109.89 21.35
N ALA A 1030 -106.90 109.61 21.28
CA ALA A 1030 -107.88 110.67 21.46
C ALA A 1030 -107.84 111.22 22.88
N THR A 1031 -107.89 110.34 23.88
CA THR A 1031 -107.73 110.77 25.26
C THR A 1031 -106.37 111.39 25.50
N LYS A 1032 -105.34 110.89 24.81
CA LYS A 1032 -104.01 111.46 24.95
C LYS A 1032 -103.98 112.92 24.53
N ARG A 1033 -104.54 113.23 23.35
CA ARG A 1033 -104.55 114.61 22.89
C ARG A 1033 -105.49 115.47 23.74
N SER A 1034 -106.59 114.90 24.22
CA SER A 1034 -107.51 115.64 25.08
C SER A 1034 -106.84 116.03 26.39
N ASN A 1035 -106.00 115.15 26.93
CA ASN A 1035 -105.24 115.46 28.13
C ASN A 1035 -103.97 116.24 27.83
N ARG A 1036 -103.56 116.33 26.57
CA ARG A 1036 -102.30 116.95 26.19
C ARG A 1036 -102.43 118.39 25.72
N ASP A 1037 -103.60 118.81 25.22
CA ASP A 1037 -103.71 120.14 24.63
C ASP A 1037 -103.43 121.25 25.66
N SER A 1038 -104.09 121.17 26.83
CA SER A 1038 -103.92 122.20 27.85
C SER A 1038 -102.48 122.23 28.36
N LEU A 1039 -101.88 121.06 28.53
CA LEU A 1039 -100.48 121.01 28.97
C LEU A 1039 -99.55 121.57 27.90
N CYS A 1040 -99.88 121.38 26.61
CA CYS A 1040 -99.10 122.02 25.55
C CYS A 1040 -99.20 123.54 25.64
N GLN A 1041 -100.39 124.07 25.91
CA GLN A 1041 -100.52 125.51 26.09
C GLN A 1041 -99.71 126.00 27.29
N ALA A 1042 -99.76 125.26 28.39
CA ALA A 1042 -98.99 125.65 29.58
C ALA A 1042 -97.50 125.61 29.30
N VAL A 1043 -97.03 124.59 28.58
CA VAL A 1043 -95.61 124.49 28.25
C VAL A 1043 -95.20 125.60 27.29
N ARG A 1044 -96.08 125.98 26.36
CA ARG A 1044 -95.81 127.14 25.52
C ARG A 1044 -95.65 128.40 26.36
N THR A 1045 -96.49 128.56 27.38
CA THR A 1045 -96.34 129.69 28.28
C THR A 1045 -95.01 129.64 29.02
N LEU A 1046 -94.61 128.45 29.48
CA LEU A 1046 -93.31 128.31 30.15
C LEU A 1046 -92.17 128.68 29.22
N LEU A 1047 -92.23 128.24 27.96
CA LEU A 1047 -91.19 128.60 27.00
C LEU A 1047 -91.17 130.11 26.75
N GLY A 1048 -92.35 130.73 26.66
CA GLY A 1048 -92.40 132.17 26.49
C GLY A 1048 -91.78 132.91 27.67
N TYR A 1049 -92.05 132.44 28.89
CA TYR A 1049 -91.44 133.03 30.07
C TYR A 1049 -89.95 132.69 30.18
N GLY A 1050 -89.49 131.67 29.47
CA GLY A 1050 -88.07 131.33 29.46
C GLY A 1050 -87.67 130.31 30.49
N TYR A 1051 -88.37 129.16 30.51
CA TYR A 1051 -87.99 128.08 31.41
C TYR A 1051 -86.75 127.36 30.89
N ASN A 1052 -85.85 126.99 31.81
CA ASN A 1052 -84.65 126.23 31.50
C ASN A 1052 -84.82 124.76 31.83
N ILE A 1053 -86.02 124.22 31.63
CA ILE A 1053 -86.32 122.84 31.99
C ILE A 1053 -85.54 121.91 31.07
N GLU A 1054 -84.86 120.93 31.67
CA GLU A 1054 -84.05 119.96 30.93
C GLU A 1054 -84.51 118.55 31.31
N PRO A 1055 -84.73 117.67 30.33
CA PRO A 1055 -85.11 116.30 30.67
C PRO A 1055 -83.98 115.61 31.41
N PRO A 1056 -84.31 114.68 32.31
CA PRO A 1056 -83.30 113.94 33.09
C PRO A 1056 -82.50 112.97 32.22
N ASN A 1065 -82.50 85.68 32.60
CA ASN A 1065 -81.93 84.45 32.03
C ASN A 1065 -83.01 83.70 31.25
N GLN A 1066 -84.12 83.38 31.92
CA GLN A 1066 -85.21 82.69 31.25
C GLN A 1066 -85.83 83.57 30.17
N SER A 1067 -85.96 84.87 30.42
CA SER A 1067 -86.56 85.78 29.45
C SER A 1067 -85.67 85.99 28.24
N ARG A 1068 -84.37 85.71 28.35
CA ARG A 1068 -83.48 85.90 27.20
C ARG A 1068 -83.85 84.96 26.06
N TRP A 1069 -84.16 83.70 26.38
CA TRP A 1069 -84.55 82.74 25.36
C TRP A 1069 -85.90 83.08 24.74
N ASP A 1070 -86.73 83.84 25.43
CA ASP A 1070 -88.06 84.19 24.94
C ASP A 1070 -88.04 85.36 23.96
N ARG A 1071 -86.86 85.86 23.59
CA ARG A 1071 -86.77 87.01 22.69
C ARG A 1071 -86.28 86.65 21.30
N VAL A 1072 -85.47 85.60 21.16
CA VAL A 1072 -84.83 85.26 19.89
C VAL A 1072 -85.20 83.84 19.52
N ARG A 1073 -85.64 83.65 18.27
CA ARG A 1073 -85.97 82.34 17.72
C ARG A 1073 -85.10 82.11 16.49
N ILE A 1074 -84.44 80.95 16.44
CA ILE A 1074 -83.47 80.64 15.40
C ILE A 1074 -84.05 79.56 14.49
N PHE A 1075 -84.01 79.81 13.19
CA PHE A 1075 -84.43 78.84 12.18
C PHE A 1075 -83.22 78.43 11.35
N ARG A 1076 -83.10 77.12 11.10
CA ARG A 1076 -82.00 76.61 10.30
C ARG A 1076 -82.47 75.37 9.56
N ALA A 1077 -81.75 75.06 8.48
CA ALA A 1077 -82.06 73.86 7.70
C ALA A 1077 -81.57 72.61 8.44
N GLU A 1078 -82.06 71.46 7.99
CA GLU A 1078 -81.64 70.19 8.57
C GLU A 1078 -80.18 69.93 8.26
N LYS A 1079 -79.52 69.18 9.15
CA LYS A 1079 -78.10 68.90 9.01
C LYS A 1079 -77.79 67.95 7.86
N SER A 1080 -78.81 67.41 7.18
CA SER A 1080 -78.57 66.56 6.02
C SER A 1080 -78.33 67.34 4.74
N TYR A 1081 -78.45 68.66 4.78
CA TYR A 1081 -78.26 69.51 3.60
C TYR A 1081 -76.95 70.30 3.66
N THR A 1082 -76.02 69.90 4.51
CA THR A 1082 -74.75 70.61 4.61
C THR A 1082 -73.97 70.49 3.31
N VAL A 1083 -73.36 71.61 2.89
CA VAL A 1083 -72.61 71.68 1.65
C VAL A 1083 -71.17 72.03 1.98
N GLN A 1084 -70.23 71.35 1.31
CA GLN A 1084 -68.81 71.58 1.51
C GLN A 1084 -68.08 72.01 0.25
N SER A 1085 -68.81 72.26 -0.83
CA SER A 1085 -68.19 72.73 -2.06
C SER A 1085 -69.23 73.45 -2.91
N GLY A 1086 -68.76 74.28 -3.82
CA GLY A 1086 -69.62 74.95 -4.78
C GLY A 1086 -69.94 76.38 -4.40
N ARG A 1087 -70.81 76.96 -5.21
CA ARG A 1087 -71.27 78.35 -5.05
C ARG A 1087 -72.78 78.33 -4.87
N TRP A 1088 -73.24 78.65 -3.68
CA TRP A 1088 -74.66 78.57 -3.34
C TRP A 1088 -75.22 79.96 -3.04
N TYR A 1089 -76.52 80.12 -3.28
CA TYR A 1089 -77.20 81.39 -3.11
C TYR A 1089 -78.60 81.17 -2.55
N PHE A 1090 -78.99 81.99 -1.59
CA PHE A 1090 -80.37 81.98 -1.11
C PHE A 1090 -80.76 83.40 -0.73
N GLU A 1091 -82.05 83.60 -0.45
CA GLU A 1091 -82.58 84.94 -0.28
C GLU A 1091 -83.42 85.03 0.98
N PHE A 1092 -83.45 86.23 1.57
CA PHE A 1092 -84.25 86.51 2.75
C PHE A 1092 -84.93 87.85 2.55
N GLU A 1093 -86.14 87.99 3.06
CA GLU A 1093 -86.91 89.22 2.92
C GLU A 1093 -87.38 89.67 4.29
N ALA A 1094 -87.06 90.90 4.64
CA ALA A 1094 -87.44 91.49 5.92
C ALA A 1094 -88.75 92.24 5.74
N VAL A 1095 -89.86 91.57 6.05
CA VAL A 1095 -91.17 92.21 5.90
C VAL A 1095 -91.35 93.30 6.95
N THR A 1096 -90.90 93.06 8.17
CA THR A 1096 -90.99 94.02 9.26
C THR A 1096 -89.60 94.50 9.64
N THR A 1097 -89.40 95.82 9.62
CA THR A 1097 -88.10 96.39 9.96
C THR A 1097 -87.79 96.12 11.43
N GLY A 1098 -86.76 95.33 11.68
CA GLY A 1098 -86.44 94.96 13.04
C GLY A 1098 -85.11 94.25 13.13
N GLU A 1099 -84.95 93.47 14.20
CA GLU A 1099 -83.68 92.81 14.52
C GLU A 1099 -83.73 91.37 14.02
N MET A 1100 -83.19 91.14 12.83
CA MET A 1100 -82.98 89.79 12.32
C MET A 1100 -81.55 89.65 11.86
N ARG A 1101 -81.07 88.40 11.90
CA ARG A 1101 -79.68 88.08 11.59
C ARG A 1101 -79.68 86.90 10.63
N VAL A 1102 -79.17 87.10 9.42
CA VAL A 1102 -79.26 86.10 8.36
C VAL A 1102 -77.86 85.76 7.87
N GLY A 1103 -77.61 84.48 7.62
CA GLY A 1103 -76.29 84.08 7.14
C GLY A 1103 -76.12 82.59 7.09
N TRP A 1104 -74.89 82.15 7.31
CA TRP A 1104 -74.54 80.74 7.27
C TRP A 1104 -74.04 80.29 8.63
N ALA A 1105 -74.27 79.02 8.94
CA ALA A 1105 -73.96 78.48 10.26
C ALA A 1105 -73.42 77.07 10.12
N ARG A 1106 -72.81 76.58 11.19
CA ARG A 1106 -72.27 75.24 11.24
C ARG A 1106 -73.30 74.27 11.81
N PRO A 1107 -73.20 72.98 11.48
CA PRO A 1107 -74.16 72.01 12.03
C PRO A 1107 -74.14 71.91 13.54
N GLU A 1108 -73.01 72.26 14.18
CA GLU A 1108 -72.88 72.14 15.63
C GLU A 1108 -73.56 73.30 16.37
N LEU A 1109 -73.94 74.36 15.66
CA LEU A 1109 -74.49 75.59 16.24
C LEU A 1109 -75.51 75.31 17.33
N ARG A 1110 -75.24 75.82 18.53
CA ARG A 1110 -76.10 75.62 19.69
C ARG A 1110 -77.30 76.55 19.64
N PRO A 1111 -78.42 76.16 20.25
CA PRO A 1111 -79.61 77.03 20.24
C PRO A 1111 -79.56 78.16 21.26
N ASP A 1112 -78.80 78.02 22.35
CA ASP A 1112 -78.80 79.05 23.37
C ASP A 1112 -78.04 80.29 22.94
N VAL A 1113 -76.88 80.10 22.29
CA VAL A 1113 -76.03 81.22 21.94
C VAL A 1113 -76.64 82.03 20.80
N GLU A 1114 -76.40 83.33 20.82
CA GLU A 1114 -76.86 84.21 19.74
C GLU A 1114 -76.05 83.95 18.48
N LEU A 1115 -76.62 84.34 17.34
CA LEU A 1115 -75.98 84.13 16.06
C LEU A 1115 -74.77 85.05 15.92
N GLY A 1116 -73.61 84.46 15.65
CA GLY A 1116 -72.38 85.21 15.45
C GLY A 1116 -71.56 85.46 16.70
N ALA A 1117 -72.13 85.21 17.89
CA ALA A 1117 -71.37 85.42 19.12
C ALA A 1117 -70.23 84.42 19.27
N ASP A 1118 -70.28 83.30 18.55
CA ASP A 1118 -69.23 82.29 18.57
C ASP A 1118 -68.68 82.14 17.15
N GLU A 1119 -67.82 81.14 16.97
CA GLU A 1119 -67.20 80.87 15.69
C GLU A 1119 -68.05 79.97 14.80
N LEU A 1120 -69.28 79.68 15.20
CA LEU A 1120 -70.13 78.73 14.50
C LEU A 1120 -71.12 79.38 13.54
N ALA A 1121 -71.01 80.69 13.32
CA ALA A 1121 -71.97 81.36 12.44
C ALA A 1121 -71.34 82.62 11.85
N TYR A 1122 -71.37 82.70 10.53
CA TYR A 1122 -71.02 83.93 9.80
C TYR A 1122 -72.34 84.58 9.39
N VAL A 1123 -72.71 85.68 10.06
CA VAL A 1123 -74.05 86.21 9.93
C VAL A 1123 -73.97 87.71 9.66
N PHE A 1124 -75.08 88.26 9.16
CA PHE A 1124 -75.21 89.68 8.91
C PHE A 1124 -76.47 90.19 9.59
N ASN A 1125 -76.34 91.28 10.33
CA ASN A 1125 -77.45 91.93 11.04
C ASN A 1125 -77.73 93.24 10.32
N GLY A 1126 -78.86 93.30 9.63
CA GLY A 1126 -79.27 94.47 8.89
C GLY A 1126 -80.00 95.53 9.67
N HIS A 1127 -80.26 95.30 10.97
CA HIS A 1127 -80.90 96.33 11.77
C HIS A 1127 -79.93 97.47 12.07
N ARG A 1128 -78.64 97.15 12.24
CA ARG A 1128 -77.61 98.15 12.50
C ARG A 1128 -76.49 98.12 11.47
N GLY A 1129 -76.50 97.16 10.54
CA GLY A 1129 -75.45 97.05 9.56
C GLY A 1129 -74.16 96.50 10.12
N GLN A 1130 -74.22 95.29 10.67
CA GLN A 1130 -73.06 94.69 11.32
C GLN A 1130 -72.84 93.26 10.83
N ARG A 1131 -71.63 92.98 10.36
CA ARG A 1131 -71.23 91.60 10.14
C ARG A 1131 -70.79 90.99 11.46
N TRP A 1132 -71.22 89.76 11.70
CA TRP A 1132 -71.08 89.15 13.03
C TRP A 1132 -70.50 87.76 12.88
N HIS A 1133 -69.31 87.58 13.43
CA HIS A 1133 -68.67 86.27 13.58
C HIS A 1133 -67.67 86.40 14.71
N LEU A 1134 -67.92 85.69 15.81
CA LEU A 1134 -67.05 85.78 16.98
C LEU A 1134 -66.80 87.24 17.36
N GLY A 1135 -67.78 88.09 17.10
CA GLY A 1135 -67.68 89.51 17.37
C GLY A 1135 -68.40 90.29 16.27
N SER A 1136 -68.71 91.55 16.58
CA SER A 1136 -69.49 92.41 15.69
C SER A 1136 -68.59 93.49 15.10
N GLU A 1137 -68.69 93.68 13.79
CA GLU A 1137 -67.93 94.73 13.10
C GLU A 1137 -68.85 95.42 12.10
N PRO A 1138 -68.79 96.75 12.01
CA PRO A 1138 -69.67 97.46 11.07
C PRO A 1138 -69.41 97.05 9.63
N PHE A 1139 -70.49 96.95 8.85
CA PHE A 1139 -70.41 96.51 7.46
C PHE A 1139 -71.74 96.79 6.78
N GLY A 1140 -71.68 97.32 5.57
CA GLY A 1140 -72.90 97.59 4.83
C GLY A 1140 -73.71 98.73 5.44
N ARG A 1141 -75.01 98.69 5.17
CA ARG A 1141 -75.94 99.70 5.63
C ARG A 1141 -77.19 99.01 6.15
N PRO A 1142 -77.93 99.66 7.05
CA PRO A 1142 -79.20 99.08 7.52
C PRO A 1142 -80.22 98.99 6.41
N TRP A 1143 -81.10 97.98 6.52
CA TRP A 1143 -82.10 97.72 5.50
C TRP A 1143 -83.39 98.48 5.82
N GLN A 1144 -84.39 98.29 4.96
CA GLN A 1144 -85.72 98.84 5.14
C GLN A 1144 -86.74 97.70 5.12
N SER A 1145 -88.02 98.06 5.14
CA SER A 1145 -89.09 97.08 5.07
C SER A 1145 -89.34 96.69 3.63
N GLY A 1146 -89.37 95.39 3.37
CA GLY A 1146 -89.59 94.87 2.03
C GLY A 1146 -88.34 94.65 1.20
N ASP A 1147 -87.18 95.05 1.71
CA ASP A 1147 -85.93 94.84 0.99
C ASP A 1147 -85.45 93.40 1.16
N VAL A 1148 -84.91 92.84 0.09
CA VAL A 1148 -84.46 91.45 0.05
C VAL A 1148 -82.94 91.42 0.07
N VAL A 1149 -82.39 90.59 0.95
CA VAL A 1149 -80.95 90.39 1.06
C VAL A 1149 -80.62 88.99 0.57
N GLY A 1150 -79.68 88.90 -0.37
CA GLY A 1150 -79.24 87.62 -0.90
C GLY A 1150 -77.88 87.26 -0.31
N CYS A 1151 -77.83 86.05 0.24
CA CYS A 1151 -76.61 85.50 0.81
C CYS A 1151 -76.00 84.51 -0.16
N MET A 1152 -74.74 84.73 -0.52
CA MET A 1152 -74.02 83.90 -1.47
C MET A 1152 -72.74 83.38 -0.81
N ILE A 1153 -72.54 82.08 -0.86
CA ILE A 1153 -71.33 81.45 -0.34
C ILE A 1153 -70.57 80.82 -1.49
N ASP A 1154 -69.25 80.98 -1.47
CA ASP A 1154 -68.35 80.41 -2.47
C ASP A 1154 -67.31 79.60 -1.70
N LEU A 1155 -67.46 78.28 -1.71
CA LEU A 1155 -66.54 77.42 -0.99
C LEU A 1155 -65.26 77.13 -1.79
N THR A 1156 -65.24 77.44 -3.08
CA THR A 1156 -64.01 77.34 -3.85
C THR A 1156 -63.08 78.51 -3.55
N GLU A 1157 -63.63 79.71 -3.39
CA GLU A 1157 -62.86 80.89 -3.04
C GLU A 1157 -62.89 81.21 -1.55
N ASN A 1158 -63.67 80.47 -0.76
CA ASN A 1158 -63.81 80.70 0.68
C ASN A 1158 -64.26 82.12 0.97
N THR A 1159 -65.41 82.48 0.39
CA THR A 1159 -65.92 83.84 0.50
C THR A 1159 -67.42 83.83 0.76
N ILE A 1160 -67.89 84.90 1.39
CA ILE A 1160 -69.30 85.11 1.68
C ILE A 1160 -69.67 86.53 1.25
N ILE A 1161 -70.76 86.67 0.49
CA ILE A 1161 -71.18 87.94 -0.07
C ILE A 1161 -72.64 88.18 0.28
N PHE A 1162 -72.95 89.39 0.74
CA PHE A 1162 -74.31 89.79 1.04
C PHE A 1162 -74.69 90.92 0.07
N THR A 1163 -75.78 90.73 -0.66
CA THR A 1163 -76.25 91.72 -1.64
C THR A 1163 -77.62 92.23 -1.23
N LEU A 1164 -77.76 93.55 -1.12
CA LEU A 1164 -79.02 94.18 -0.75
C LEU A 1164 -79.68 94.72 -2.01
N ASN A 1165 -80.83 94.15 -2.36
CA ASN A 1165 -81.61 94.58 -3.53
C ASN A 1165 -80.77 94.52 -4.80
N GLY A 1166 -79.95 93.48 -4.92
CA GLY A 1166 -79.11 93.30 -6.09
C GLY A 1166 -77.82 94.11 -6.09
N GLU A 1167 -77.56 94.88 -5.04
CA GLU A 1167 -76.34 95.66 -4.92
C GLU A 1167 -75.50 95.11 -3.78
N VAL A 1168 -74.24 94.81 -4.07
CA VAL A 1168 -73.36 94.18 -3.08
C VAL A 1168 -73.09 95.17 -1.96
N LEU A 1169 -73.32 94.73 -0.73
CA LEU A 1169 -73.01 95.58 0.42
C LEU A 1169 -71.51 95.82 0.52
N MET A 1170 -71.15 97.02 0.93
CA MET A 1170 -69.78 97.50 0.89
C MET A 1170 -69.19 97.56 2.29
N SER A 1171 -67.95 97.08 2.42
CA SER A 1171 -67.23 97.17 3.67
C SER A 1171 -66.53 98.53 3.78
N ASP A 1172 -66.11 98.87 5.00
CA ASP A 1172 -65.43 100.14 5.22
C ASP A 1172 -64.09 100.18 4.47
N SER A 1173 -63.33 99.08 4.52
CA SER A 1173 -62.04 99.04 3.84
C SER A 1173 -62.19 99.10 2.33
N GLY A 1174 -63.24 98.49 1.78
CA GLY A 1174 -63.45 98.49 0.35
C GLY A 1174 -63.39 97.11 -0.27
N SER A 1175 -63.76 96.09 0.51
CA SER A 1175 -63.77 94.71 0.05
C SER A 1175 -65.20 94.24 -0.16
N GLU A 1176 -65.46 93.60 -1.29
CA GLU A 1176 -66.81 93.12 -1.59
C GLU A 1176 -67.18 91.92 -0.73
N THR A 1177 -66.21 91.12 -0.31
CA THR A 1177 -66.48 89.93 0.49
C THR A 1177 -66.61 90.33 1.95
N ALA A 1178 -67.75 89.99 2.56
CA ALA A 1178 -67.95 90.24 3.98
C ALA A 1178 -66.97 89.44 4.81
N PHE A 1179 -66.73 88.18 4.45
CA PHE A 1179 -65.77 87.33 5.11
C PHE A 1179 -64.91 86.63 4.07
N ARG A 1180 -63.69 86.28 4.48
CA ARG A 1180 -62.75 85.60 3.59
C ARG A 1180 -61.88 84.67 4.42
N GLU A 1181 -61.08 83.86 3.72
CA GLU A 1181 -60.20 82.88 4.34
C GLU A 1181 -60.99 81.93 5.25
N ILE A 1182 -62.15 81.50 4.78
CA ILE A 1182 -63.05 80.65 5.55
C ILE A 1182 -62.68 79.19 5.30
N GLU A 1183 -62.33 78.47 6.36
CA GLU A 1183 -62.08 77.04 6.24
C GLU A 1183 -63.39 76.29 6.08
N ILE A 1184 -63.40 75.30 5.20
CA ILE A 1184 -64.62 74.54 4.93
C ILE A 1184 -65.06 73.78 6.17
N GLY A 1185 -64.11 73.12 6.83
CA GLY A 1185 -64.44 72.39 8.04
C GLY A 1185 -65.40 71.26 7.76
N ASP A 1186 -66.50 71.22 8.52
CA ASP A 1186 -67.50 70.17 8.40
C ASP A 1186 -68.66 70.52 7.50
N GLY A 1187 -68.89 71.80 7.22
CA GLY A 1187 -69.95 72.20 6.32
C GLY A 1187 -70.68 73.46 6.73
N PHE A 1188 -71.65 73.90 5.93
CA PHE A 1188 -72.41 75.10 6.21
C PHE A 1188 -73.87 74.87 5.89
N LEU A 1189 -74.74 75.63 6.58
CA LEU A 1189 -76.17 75.56 6.41
C LEU A 1189 -76.73 76.98 6.43
N PRO A 1190 -77.82 77.23 5.71
CA PRO A 1190 -78.50 78.53 5.85
C PRO A 1190 -79.06 78.68 7.26
N VAL A 1191 -79.07 79.91 7.75
CA VAL A 1191 -79.56 80.18 9.10
C VAL A 1191 -80.11 81.61 9.15
N CYS A 1192 -81.14 81.78 9.98
CA CYS A 1192 -81.73 83.08 10.20
C CYS A 1192 -82.32 83.12 11.61
N SER A 1193 -82.25 84.30 12.23
CA SER A 1193 -82.76 84.52 13.57
C SER A 1193 -83.60 85.78 13.56
N LEU A 1194 -84.74 85.73 14.26
CA LEU A 1194 -85.70 86.82 14.30
C LEU A 1194 -85.90 87.27 15.74
N GLY A 1195 -86.08 88.58 15.93
CA GLY A 1195 -86.34 89.11 17.24
C GLY A 1195 -87.81 89.12 17.59
N PRO A 1196 -88.16 89.76 18.70
CA PRO A 1196 -89.57 89.81 19.11
C PRO A 1196 -90.42 90.58 18.11
N GLY A 1197 -91.60 90.04 17.83
CA GLY A 1197 -92.54 90.69 16.93
C GLY A 1197 -92.00 90.93 15.54
N GLN A 1198 -91.22 89.99 15.01
CA GLN A 1198 -90.63 90.12 13.70
C GLN A 1198 -91.11 88.99 12.79
N VAL A 1199 -91.21 89.31 11.50
CA VAL A 1199 -91.57 88.34 10.48
C VAL A 1199 -90.59 88.44 9.34
N GLY A 1200 -90.37 87.32 8.65
CA GLY A 1200 -89.43 87.29 7.54
C GLY A 1200 -89.74 86.14 6.61
N HIS A 1201 -89.42 86.34 5.33
CA HIS A 1201 -89.69 85.34 4.30
C HIS A 1201 -88.36 84.80 3.77
N LEU A 1202 -88.11 83.52 4.03
CA LEU A 1202 -86.86 82.87 3.60
C LEU A 1202 -87.13 82.08 2.33
N ASN A 1203 -86.38 82.38 1.28
CA ASN A 1203 -86.54 81.72 -0.02
C ASN A 1203 -85.24 81.01 -0.35
N LEU A 1204 -85.23 79.69 -0.21
CA LEU A 1204 -84.04 78.92 -0.52
C LEU A 1204 -83.78 78.86 -2.02
N GLY A 1205 -84.84 78.82 -2.83
CA GLY A 1205 -84.67 78.86 -4.27
C GLY A 1205 -85.13 77.60 -4.98
N GLN A 1206 -86.18 76.95 -4.45
CA GLN A 1206 -86.71 75.76 -5.10
C GLN A 1206 -87.26 76.10 -6.48
N ASP A 1207 -87.91 77.27 -6.62
CA ASP A 1207 -88.41 77.75 -7.88
C ASP A 1207 -87.61 78.99 -8.28
N VAL A 1208 -86.99 78.94 -9.46
CA VAL A 1208 -86.18 80.07 -9.92
C VAL A 1208 -87.06 81.26 -10.28
N SER A 1209 -88.30 81.01 -10.70
CA SER A 1209 -89.20 82.11 -11.04
C SER A 1209 -89.59 82.95 -9.83
N SER A 1210 -89.51 82.39 -8.64
CA SER A 1210 -89.82 83.11 -7.41
C SER A 1210 -88.60 83.78 -6.79
N LEU A 1211 -87.43 83.62 -7.39
CA LEU A 1211 -86.20 84.21 -6.86
C LEU A 1211 -86.00 85.59 -7.45
N ARG A 1212 -85.91 86.60 -6.58
CA ARG A 1212 -85.70 87.98 -7.00
C ARG A 1212 -84.21 88.31 -6.97
N PHE A 1213 -83.78 89.12 -7.93
CA PHE A 1213 -82.42 89.65 -8.00
C PHE A 1213 -81.37 88.57 -8.19
N PHE A 1214 -81.80 87.31 -8.35
CA PHE A 1214 -80.86 86.26 -8.69
C PHE A 1214 -80.23 86.49 -10.06
N ALA A 1215 -81.04 86.96 -11.02
CA ALA A 1215 -80.50 87.33 -12.32
C ALA A 1215 -79.62 88.56 -12.23
N ILE A 1216 -79.94 89.49 -11.33
CA ILE A 1216 -79.11 90.68 -11.15
C ILE A 1216 -77.73 90.29 -10.63
N CYS A 1217 -77.69 89.42 -9.63
CA CYS A 1217 -76.42 88.97 -9.05
C CYS A 1217 -76.52 87.49 -8.71
N GLY A 1218 -75.55 86.71 -9.22
CA GLY A 1218 -75.45 85.30 -8.93
C GLY A 1218 -75.71 84.40 -10.13
N LEU A 1219 -76.57 84.84 -11.05
CA LEU A 1219 -76.93 83.98 -12.18
C LEU A 1219 -75.74 83.73 -13.10
N GLN A 1220 -75.05 84.80 -13.51
CA GLN A 1220 -73.91 84.68 -14.41
C GLN A 1220 -72.58 84.57 -13.70
N GLU A 1221 -72.58 84.59 -12.36
CA GLU A 1221 -71.36 84.42 -11.59
C GLU A 1221 -71.11 82.97 -11.19
N GLY A 1222 -71.95 82.04 -11.65
CA GLY A 1222 -71.78 80.64 -11.30
C GLY A 1222 -72.33 80.24 -9.96
N PHE A 1223 -73.34 80.96 -9.46
CA PHE A 1223 -73.97 80.65 -8.18
C PHE A 1223 -75.31 79.98 -8.42
N GLU A 1224 -75.54 78.85 -7.75
CA GLU A 1224 -76.78 78.12 -7.90
C GLU A 1224 -77.70 78.36 -6.72
N PRO A 1225 -79.01 78.44 -6.95
CA PRO A 1225 -79.95 78.56 -5.83
C PRO A 1225 -79.92 77.32 -4.95
N PHE A 1226 -80.02 77.54 -3.65
CA PHE A 1226 -80.01 76.42 -2.71
C PHE A 1226 -81.25 75.57 -2.91
N ALA A 1227 -81.06 74.25 -3.01
CA ALA A 1227 -82.14 73.30 -3.26
C ALA A 1227 -82.89 73.64 -4.55
N ILE A 1228 -82.15 73.57 -5.66
CA ILE A 1228 -82.71 73.92 -6.97
C ILE A 1228 -83.44 72.74 -7.59
N ASN A 1229 -82.81 71.55 -7.60
CA ASN A 1229 -83.40 70.37 -8.22
C ASN A 1229 -84.14 69.49 -7.22
N MET A 1230 -84.30 69.94 -5.98
CA MET A 1230 -84.94 69.12 -4.97
C MET A 1230 -86.44 69.03 -5.22
N GLN A 1231 -86.97 67.81 -5.11
CA GLN A 1231 -88.39 67.59 -5.39
C GLN A 1231 -89.28 68.10 -4.26
N ARG A 1232 -88.84 67.96 -3.02
CA ARG A 1232 -89.64 68.37 -1.89
C ARG A 1232 -89.00 69.55 -1.17
N PRO A 1233 -89.81 70.40 -0.52
CA PRO A 1233 -89.25 71.54 0.21
C PRO A 1233 -88.33 71.10 1.34
N VAL A 1234 -87.33 71.93 1.61
CA VAL A 1234 -86.33 71.59 2.62
C VAL A 1234 -86.95 71.69 4.01
N THR A 1235 -86.78 70.64 4.80
CA THR A 1235 -87.22 70.68 6.19
C THR A 1235 -86.28 71.57 7.01
N THR A 1236 -86.86 72.31 7.95
CA THR A 1236 -86.11 73.23 8.78
C THR A 1236 -86.34 72.93 10.25
N TRP A 1237 -85.35 73.27 11.06
CA TRP A 1237 -85.40 73.05 12.50
C TRP A 1237 -85.40 74.41 13.21
N PHE A 1238 -86.17 74.50 14.30
CA PHE A 1238 -86.25 75.71 15.08
C PHE A 1238 -85.95 75.41 16.54
N SER A 1239 -85.42 76.41 17.25
CA SER A 1239 -85.00 76.25 18.63
C SER A 1239 -86.21 76.44 19.54
N LYS A 1240 -86.81 75.33 19.96
CA LYS A 1240 -87.95 75.40 20.86
C LYS A 1240 -87.49 75.83 22.25
N SER A 1241 -88.33 76.63 22.91
CA SER A 1241 -88.00 77.23 24.20
C SER A 1241 -88.70 76.54 25.36
N LEU A 1242 -88.86 75.22 25.29
CA LEU A 1242 -89.48 74.47 26.37
C LEU A 1242 -88.39 73.81 27.21
N PRO A 1243 -88.20 74.22 28.47
CA PRO A 1243 -87.14 73.61 29.29
C PRO A 1243 -87.40 72.12 29.50
N GLN A 1244 -86.31 71.34 29.48
CA GLN A 1244 -86.38 69.91 29.67
C GLN A 1244 -85.12 69.44 30.38
N PHE A 1245 -85.22 68.26 31.00
CA PHE A 1245 -84.12 67.70 31.77
C PHE A 1245 -83.21 66.88 30.85
N GLU A 1246 -81.92 67.17 30.89
CA GLU A 1246 -80.92 66.49 30.09
C GLU A 1246 -79.74 66.09 30.97
N PRO A 1247 -79.02 65.03 30.60
CA PRO A 1247 -77.88 64.60 31.41
C PRO A 1247 -76.80 65.66 31.46
N VAL A 1248 -76.09 65.70 32.59
CA VAL A 1248 -75.00 66.66 32.80
C VAL A 1248 -73.82 66.24 31.94
N PRO A 1249 -73.35 67.10 31.03
CA PRO A 1249 -72.23 66.72 30.18
C PRO A 1249 -70.96 66.56 31.00
N PRO A 1250 -70.08 65.64 30.60
CA PRO A 1250 -68.83 65.45 31.36
C PRO A 1250 -67.82 66.58 31.17
N GLU A 1251 -67.97 67.38 30.12
CA GLU A 1251 -67.02 68.46 29.82
C GLU A 1251 -67.53 69.83 30.25
N HIS A 1252 -68.58 69.89 31.06
CA HIS A 1252 -69.12 71.17 31.50
C HIS A 1252 -68.09 71.91 32.33
N PRO A 1253 -67.74 73.14 31.98
CA PRO A 1253 -66.63 73.82 32.67
C PRO A 1253 -66.92 74.19 34.11
N HIS A 1254 -68.18 74.25 34.53
CA HIS A 1254 -68.51 74.78 35.84
C HIS A 1254 -68.97 73.74 36.85
N TYR A 1255 -69.48 72.59 36.41
CA TYR A 1255 -70.03 71.59 37.32
C TYR A 1255 -69.44 70.22 37.01
N GLU A 1256 -69.22 69.44 38.06
CA GLU A 1256 -68.67 68.09 37.95
C GLU A 1256 -69.38 67.17 38.94
N VAL A 1257 -69.71 65.97 38.49
CA VAL A 1257 -70.42 64.99 39.30
C VAL A 1257 -69.51 63.79 39.50
N ALA A 1258 -69.37 63.35 40.75
CA ALA A 1258 -68.52 62.23 41.10
C ALA A 1258 -69.36 61.06 41.61
N ARG A 1259 -69.03 59.86 41.15
CA ARG A 1259 -69.73 58.63 41.56
C ARG A 1259 -68.87 57.95 42.61
N MET A 1260 -69.13 58.26 43.88
CA MET A 1260 -68.37 57.68 44.98
C MET A 1260 -68.97 56.33 45.36
N ASP A 1261 -68.11 55.34 45.55
CA ASP A 1261 -68.55 54.00 45.88
C ASP A 1261 -68.93 53.91 47.36
N GLY A 1262 -69.46 52.75 47.74
CA GLY A 1262 -69.90 52.51 49.09
C GLY A 1262 -68.86 51.79 49.93
N THR A 1263 -68.91 52.03 51.24
CA THR A 1263 -67.97 51.41 52.17
C THR A 1263 -68.74 50.69 53.27
N VAL A 1264 -68.03 50.29 54.33
CA VAL A 1264 -68.65 49.53 55.41
C VAL A 1264 -69.73 50.36 56.10
N ASP A 1265 -69.49 51.66 56.28
CA ASP A 1265 -70.40 52.52 57.03
C ASP A 1265 -71.01 53.63 56.17
N THR A 1266 -70.75 53.66 54.87
CA THR A 1266 -71.29 54.70 54.00
C THR A 1266 -71.95 54.06 52.79
N PRO A 1267 -73.15 54.50 52.42
CA PRO A 1267 -73.83 53.95 51.25
C PRO A 1267 -73.34 54.61 49.98
N PRO A 1268 -73.73 54.10 48.82
CA PRO A 1268 -73.38 54.80 47.57
C PRO A 1268 -73.98 56.19 47.52
N CYS A 1269 -73.28 57.08 46.82
CA CYS A 1269 -73.66 58.48 46.79
C CYS A 1269 -73.10 59.14 45.53
N LEU A 1270 -73.84 60.14 45.05
CA LEU A 1270 -73.43 60.97 43.92
C LEU A 1270 -73.23 62.39 44.40
N ARG A 1271 -72.01 62.89 44.31
CA ARG A 1271 -71.64 64.19 44.88
C ARG A 1271 -71.50 65.23 43.78
N LEU A 1272 -71.96 66.45 44.05
CA LEU A 1272 -71.87 67.54 43.09
C LEU A 1272 -70.86 68.58 43.58
N ALA A 1273 -70.02 69.05 42.66
CA ALA A 1273 -68.96 70.00 43.00
C ALA A 1273 -68.87 71.07 41.92
N HIS A 1274 -68.29 72.21 42.30
CA HIS A 1274 -68.13 73.35 41.42
C HIS A 1274 -66.67 73.45 40.99
N ARG A 1275 -66.42 73.38 39.68
CA ARG A 1275 -65.05 73.44 39.18
C ARG A 1275 -64.47 74.85 39.30
N THR A 1276 -65.24 75.86 38.91
CA THR A 1276 -64.74 77.22 38.76
C THR A 1276 -65.13 78.11 39.94
N TRP A 1277 -65.41 77.53 41.10
CA TRP A 1277 -65.79 78.33 42.25
C TRP A 1277 -64.63 79.21 42.71
N GLY A 1278 -64.95 80.41 43.16
CA GLY A 1278 -63.94 81.34 43.61
C GLY A 1278 -63.01 81.85 42.53
N SER A 1279 -63.54 82.15 41.35
CA SER A 1279 -62.75 82.64 40.24
C SER A 1279 -63.48 83.81 39.58
N GLN A 1280 -62.71 84.64 38.87
CA GLN A 1280 -63.29 85.80 38.22
C GLN A 1280 -64.27 85.41 37.13
N ASN A 1281 -63.92 84.41 36.32
CA ASN A 1281 -64.77 83.97 35.22
C ASN A 1281 -65.59 82.75 35.66
N SER A 1282 -66.53 83.02 36.58
CA SER A 1282 -67.41 82.00 37.10
C SER A 1282 -68.84 82.50 37.11
N LEU A 1283 -69.78 81.59 36.91
CA LEU A 1283 -71.21 81.90 36.92
C LEU A 1283 -71.89 81.11 38.03
N VAL A 1284 -72.72 81.79 38.81
CA VAL A 1284 -73.48 81.18 39.89
C VAL A 1284 -74.95 81.47 39.65
N GLU A 1285 -75.77 80.42 39.64
CA GLU A 1285 -77.18 80.55 39.35
C GLU A 1285 -77.91 79.32 39.88
N MET A 1286 -79.23 79.41 39.91
CA MET A 1286 -80.03 78.30 40.42
C MET A 1286 -79.85 77.07 39.54
N LEU A 1287 -79.82 75.90 40.17
CA LEU A 1287 -79.54 74.64 39.50
C LEU A 1287 -80.65 73.66 39.82
N PHE A 1288 -81.28 73.11 38.79
CA PHE A 1288 -82.37 72.15 38.93
C PHE A 1288 -81.86 70.79 38.48
N LEU A 1289 -81.75 69.85 39.43
CA LEU A 1289 -81.21 68.53 39.17
C LEU A 1289 -82.21 67.46 39.56
N ARG A 1290 -82.20 66.36 38.83
CA ARG A 1290 -83.07 65.23 39.12
C ARG A 1290 -82.32 63.93 38.83
N LEU A 1291 -82.92 62.81 39.22
CA LEU A 1291 -82.38 61.50 38.93
C LEU A 1291 -83.07 60.93 37.70
N SER A 1292 -82.31 60.16 36.92
CA SER A 1292 -82.79 59.72 35.61
C SER A 1292 -83.88 58.66 35.69
N LEU A 1293 -84.03 57.98 36.83
CA LEU A 1293 -84.99 56.89 36.89
C LEU A 1293 -86.09 57.19 37.89
N PRO A 1294 -87.35 56.91 37.55
CA PRO A 1294 -88.46 57.20 38.45
C PRO A 1294 -88.85 56.00 39.32
N VAL A 1295 -89.68 56.30 40.31
CA VAL A 1295 -90.32 55.28 41.15
C VAL A 1295 -91.82 55.43 40.98
N GLN A 1296 -92.50 54.32 40.73
CA GLN A 1296 -93.91 54.32 40.37
C GLN A 1296 -94.75 53.71 41.49
N PHE A 1297 -95.87 54.35 41.78
CA PHE A 1297 -96.78 53.89 42.83
C PHE A 1297 -97.61 52.71 42.33
N HIS A 1298 -98.24 52.03 43.29
CA HIS A 1298 -99.06 50.87 42.95
C HIS A 1298 -100.34 51.29 42.25
N GLN A 1299 -100.90 50.37 41.45
CA GLN A 1299 -102.13 50.66 40.73
C GLN A 1299 -103.30 50.86 41.69
N HIS A 1300 -103.42 49.99 42.70
CA HIS A 1300 -104.46 50.09 43.70
C HIS A 1300 -103.82 50.21 45.08
N PHE A 1301 -104.31 51.16 45.88
CA PHE A 1301 -103.78 51.40 47.22
C PHE A 1301 -104.46 50.43 48.18
N ARG A 1302 -103.92 49.21 48.25
CA ARG A 1302 -104.47 48.19 49.14
C ARG A 1302 -103.97 48.38 50.55
N CYS A 1303 -104.14 49.59 51.10
CA CYS A 1303 -103.68 49.95 52.45
C CYS A 1303 -102.16 49.69 52.49
N THR A 1304 -101.64 49.16 53.59
CA THR A 1304 -100.21 48.88 53.76
C THR A 1304 -99.33 50.07 53.38
N ASN A 1420 -79.95 49.33 63.20
CA ASN A 1420 -79.53 48.15 63.94
C ASN A 1420 -79.95 46.88 63.21
N ARG A 1421 -80.22 45.81 63.97
CA ARG A 1421 -80.63 44.54 63.39
C ARG A 1421 -82.06 44.66 62.86
N ASP A 1422 -82.24 44.37 61.58
CA ASP A 1422 -83.53 44.47 60.93
C ASP A 1422 -84.13 43.08 60.72
N ASP A 1423 -85.41 42.94 61.03
CA ASP A 1423 -86.05 41.63 61.08
C ASP A 1423 -86.46 41.21 59.66
N PRO A 1424 -86.09 40.01 59.21
CA PRO A 1424 -86.37 39.63 57.82
C PRO A 1424 -87.83 39.66 57.41
N GLU A 1425 -88.77 39.36 58.31
CA GLU A 1425 -90.18 39.45 57.91
C GLU A 1425 -90.53 40.88 57.54
N ILE A 1426 -90.04 41.85 58.30
CA ILE A 1426 -90.25 43.25 57.95
C ILE A 1426 -89.51 43.59 56.67
N ILE A 1427 -88.31 43.03 56.47
CA ILE A 1427 -87.53 43.34 55.28
C ILE A 1427 -88.25 42.91 54.01
N LEU A 1428 -88.79 41.69 53.99
CA LEU A 1428 -89.49 41.19 52.82
C LEU A 1428 -91.00 41.43 52.87
N ASN A 1429 -91.51 42.16 53.86
CA ASN A 1429 -92.90 42.59 53.85
C ASN A 1429 -93.08 44.10 53.82
N THR A 1430 -91.99 44.88 53.82
CA THR A 1430 -92.12 46.33 53.84
C THR A 1430 -92.42 46.87 52.44
N THR A 1431 -92.83 48.13 52.41
CA THR A 1431 -93.11 48.82 51.16
C THR A 1431 -92.47 50.20 51.10
N THR A 1432 -92.02 50.75 52.22
CA THR A 1432 -91.41 52.07 52.24
C THR A 1432 -89.98 52.03 51.71
N TYR A 1433 -89.54 53.16 51.18
CA TYR A 1433 -88.20 53.31 50.64
C TYR A 1433 -87.57 54.61 51.12
N TYR A 1434 -86.24 54.61 51.18
CA TYR A 1434 -85.43 55.69 51.74
C TYR A 1434 -84.53 56.31 50.68
N TYR A 1435 -84.24 57.59 50.88
CA TYR A 1435 -83.48 58.40 49.92
C TYR A 1435 -83.07 59.69 50.62
N SER A 1436 -81.77 59.96 50.71
CA SER A 1436 -81.33 61.10 51.51
C SER A 1436 -80.47 62.04 50.68
N VAL A 1437 -80.42 63.28 51.14
CA VAL A 1437 -79.58 64.32 50.55
C VAL A 1437 -78.78 64.97 51.66
N ARG A 1438 -77.47 65.07 51.48
CA ARG A 1438 -76.58 65.70 52.44
C ARG A 1438 -76.05 67.00 51.87
N VAL A 1439 -76.32 68.10 52.57
CA VAL A 1439 -75.80 69.41 52.21
C VAL A 1439 -74.53 69.64 53.02
N PHE A 1440 -73.44 69.96 52.32
CA PHE A 1440 -72.14 70.07 52.94
C PHE A 1440 -72.03 71.33 53.79
N ALA A 1441 -71.04 71.35 54.67
CA ALA A 1441 -70.74 72.54 55.45
C ALA A 1441 -70.23 73.65 54.56
N GLY A 1442 -70.69 74.86 54.81
CA GLY A 1442 -70.37 76.01 53.99
C GLY A 1442 -71.43 76.36 52.97
N GLN A 1443 -72.33 75.43 52.66
CA GLN A 1443 -73.46 75.70 51.79
C GLN A 1443 -74.67 76.07 52.64
N GLU A 1444 -75.28 77.20 52.34
CA GLU A 1444 -76.39 77.70 53.15
C GLU A 1444 -77.59 76.76 53.03
N PRO A 1445 -78.14 76.27 54.15
CA PRO A 1445 -79.33 75.43 54.06
C PRO A 1445 -80.54 76.15 53.50
N SER A 1446 -80.56 77.48 53.52
CA SER A 1446 -81.69 78.23 53.01
C SER A 1446 -81.77 78.25 51.48
N CYS A 1447 -80.74 77.76 50.79
CA CYS A 1447 -80.68 77.80 49.34
C CYS A 1447 -80.77 76.41 48.71
N VAL A 1448 -81.38 75.45 49.41
CA VAL A 1448 -81.56 74.10 48.89
C VAL A 1448 -83.00 73.67 49.11
N TRP A 1449 -83.55 72.94 48.13
CA TRP A 1449 -84.88 72.37 48.22
C TRP A 1449 -84.78 70.89 47.88
N VAL A 1450 -85.35 70.04 48.73
CA VAL A 1450 -85.24 68.58 48.60
C VAL A 1450 -86.65 68.01 48.49
N GLY A 1451 -86.84 67.11 47.52
CA GLY A 1451 -88.12 66.46 47.34
C GLY A 1451 -88.21 65.59 46.11
N TRP A 1452 -89.38 65.57 45.47
CA TRP A 1452 -89.64 64.77 44.29
C TRP A 1452 -90.32 65.62 43.22
N VAL A 1453 -90.19 65.19 41.97
CA VAL A 1453 -90.80 65.89 40.85
C VAL A 1453 -91.55 64.88 39.97
N THR A 1454 -92.55 65.39 39.26
CA THR A 1454 -93.30 64.63 38.29
C THR A 1454 -92.65 64.76 36.91
N PRO A 1455 -93.01 63.90 35.96
CA PRO A 1455 -92.40 63.99 34.63
C PRO A 1455 -92.66 65.32 33.91
N ASP A 1456 -93.71 66.06 34.30
CA ASP A 1456 -94.04 67.33 33.66
C ASP A 1456 -93.60 68.47 34.57
N TYR A 1457 -92.34 68.86 34.44
CA TYR A 1457 -91.79 70.02 35.15
C TYR A 1457 -90.87 70.77 34.18
N HIS A 1458 -91.32 71.93 33.71
CA HIS A 1458 -90.58 72.72 32.74
C HIS A 1458 -90.44 74.17 33.17
N GLN A 1459 -90.42 74.41 34.48
CA GLN A 1459 -90.35 75.76 35.02
C GLN A 1459 -88.90 76.08 35.37
N HIS A 1460 -88.30 76.98 34.60
CA HIS A 1460 -86.90 77.37 34.75
C HIS A 1460 -86.75 78.77 35.36
N ASP A 1461 -87.62 79.10 36.30
CA ASP A 1461 -87.54 80.41 36.95
C ASP A 1461 -86.29 80.51 37.79
N MET A 1462 -85.55 81.62 37.63
CA MET A 1462 -84.28 81.79 38.33
C MET A 1462 -84.45 82.32 39.74
N ASN A 1463 -85.68 82.66 40.14
CA ASN A 1463 -85.95 83.13 41.50
C ASN A 1463 -86.93 82.17 42.18
N PHE A 1464 -86.67 80.88 42.05
CA PHE A 1464 -87.63 79.87 42.52
C PHE A 1464 -87.85 79.96 44.02
N ASP A 1465 -89.12 80.06 44.41
CA ASP A 1465 -89.55 79.98 45.80
C ASP A 1465 -90.52 78.82 45.94
N LEU A 1466 -90.71 78.37 47.18
CA LEU A 1466 -91.64 77.28 47.44
C LEU A 1466 -93.08 77.66 47.17
N SER A 1467 -93.39 78.95 46.99
CA SER A 1467 -94.74 79.41 46.70
C SER A 1467 -94.98 79.59 45.21
N LYS A 1468 -94.00 79.28 44.36
CA LYS A 1468 -94.14 79.44 42.92
C LYS A 1468 -94.47 78.13 42.21
N VAL A 1469 -94.78 77.08 42.97
CA VAL A 1469 -95.07 75.78 42.36
C VAL A 1469 -96.53 75.74 41.93
N ARG A 1470 -96.78 75.04 40.82
CA ARG A 1470 -98.15 74.89 40.33
C ARG A 1470 -98.95 74.00 41.26
N ALA A 1471 -100.20 74.39 41.49
CA ALA A 1471 -101.08 73.61 42.35
C ALA A 1471 -102.52 73.91 41.98
N VAL A 1472 -103.36 72.87 41.95
CA VAL A 1472 -104.78 73.02 41.66
C VAL A 1472 -105.53 71.98 42.48
N THR A 1473 -106.80 72.23 42.72
CA THR A 1473 -107.65 71.29 43.45
C THR A 1473 -108.94 71.10 42.68
N VAL A 1474 -109.19 69.89 42.21
CA VAL A 1474 -110.45 69.56 41.54
C VAL A 1474 -111.42 69.03 42.59
N THR A 1475 -112.56 69.70 42.74
CA THR A 1475 -113.55 69.32 43.74
C THR A 1475 -114.80 68.83 43.02
N MET A 1476 -115.20 67.60 43.33
CA MET A 1476 -116.40 66.97 42.79
C MET A 1476 -117.45 66.91 43.90
N GLY A 1477 -118.62 67.50 43.64
CA GLY A 1477 -119.71 67.51 44.59
C GLY A 1477 -120.92 66.76 44.05
N ASP A 1478 -121.89 66.55 44.94
CA ASP A 1478 -123.12 65.87 44.57
C ASP A 1478 -124.11 66.89 44.00
N GLU A 1479 -125.36 66.47 43.81
CA GLU A 1479 -126.38 67.38 43.30
C GLU A 1479 -126.70 68.48 44.32
N GLN A 1480 -126.62 68.16 45.61
CA GLN A 1480 -126.90 69.14 46.65
C GLN A 1480 -125.81 70.20 46.79
N GLY A 1481 -124.64 69.98 46.19
CA GLY A 1481 -123.55 70.92 46.24
C GLY A 1481 -122.45 70.58 47.20
N ASN A 1482 -122.69 69.67 48.15
CA ASN A 1482 -121.65 69.28 49.10
C ASN A 1482 -120.64 68.39 48.40
N VAL A 1483 -119.36 68.72 48.55
CA VAL A 1483 -118.30 68.02 47.83
C VAL A 1483 -118.07 66.65 48.46
N HIS A 1484 -117.96 65.62 47.61
CA HIS A 1484 -117.56 64.30 48.06
C HIS A 1484 -116.13 63.94 47.68
N SER A 1485 -115.53 64.67 46.73
CA SER A 1485 -114.16 64.42 46.32
C SER A 1485 -113.40 65.74 46.22
N SER A 1486 -112.14 65.73 46.63
CA SER A 1486 -111.29 66.92 46.53
C SER A 1486 -109.86 66.42 46.30
N LEU A 1487 -109.40 66.51 45.06
CA LEU A 1487 -108.09 65.97 44.68
C LEU A 1487 -107.14 67.10 44.33
N LYS A 1488 -105.96 67.07 44.95
CA LYS A 1488 -104.91 68.04 44.68
C LYS A 1488 -103.99 67.54 43.58
N CYS A 1489 -103.59 68.45 42.69
CA CYS A 1489 -102.67 68.14 41.61
C CYS A 1489 -101.56 69.19 41.59
N SER A 1490 -100.33 68.73 41.41
CA SER A 1490 -99.16 69.59 41.39
C SER A 1490 -98.06 68.87 40.61
N ASN A 1491 -96.86 69.46 40.60
CA ASN A 1491 -95.74 68.86 39.89
C ASN A 1491 -94.43 68.96 40.67
N CYS A 1492 -94.47 69.32 41.95
CA CYS A 1492 -93.24 69.49 42.72
C CYS A 1492 -93.60 69.34 44.20
N TYR A 1493 -93.10 68.28 44.83
CA TYR A 1493 -93.34 68.00 46.25
C TYR A 1493 -92.00 68.04 46.96
N MET A 1494 -91.61 69.23 47.44
CA MET A 1494 -90.33 69.43 48.10
C MET A 1494 -90.53 70.17 49.41
N VAL A 1495 -89.45 70.20 50.19
CA VAL A 1495 -89.38 71.00 51.41
C VAL A 1495 -88.28 72.04 51.23
N TRP A 1496 -88.18 72.94 52.19
CA TRP A 1496 -87.15 73.99 52.18
C TRP A 1496 -86.16 73.73 53.30
N GLY A 1497 -84.87 73.74 52.97
CA GLY A 1497 -83.84 73.45 53.95
C GLY A 1497 -83.70 74.51 55.02
N GLY A 1498 -84.14 75.74 54.75
CA GLY A 1498 -84.05 76.80 55.73
C GLY A 1498 -84.96 76.60 56.92
N ASP A 1499 -86.04 75.84 56.76
CA ASP A 1499 -86.95 75.58 57.88
C ASP A 1499 -86.25 74.83 59.00
N PHE A 1500 -85.43 73.84 58.64
CA PHE A 1500 -84.74 73.05 59.66
C PHE A 1500 -83.61 73.81 60.30
N VAL A 1501 -83.02 74.78 59.60
CA VAL A 1501 -81.90 75.53 60.14
C VAL A 1501 -82.35 76.79 60.88
N SER A 1502 -83.58 77.25 60.68
CA SER A 1502 -84.07 78.40 61.42
C SER A 1502 -84.14 78.11 62.92
N PRO A 1503 -84.60 76.91 63.28
CA PRO A 1503 -84.66 76.53 64.69
C PRO A 1503 -83.27 76.31 65.29
N GLY A 1504 -82.26 76.08 64.46
CA GLY A 1504 -80.89 75.86 64.91
C GLY A 1504 -80.79 74.74 65.95
N ARG A 1508 -74.68 81.87 60.33
CA ARG A 1508 -73.35 81.79 59.73
C ARG A 1508 -73.04 80.36 59.26
N ILE A 1509 -71.77 80.11 58.97
CA ILE A 1509 -71.36 78.80 58.46
C ILE A 1509 -71.24 77.83 59.64
N SER A 1510 -71.92 76.69 59.53
CA SER A 1510 -71.90 75.65 60.55
C SER A 1510 -71.06 74.48 60.05
N HIS A 1511 -70.37 73.83 60.99
CA HIS A 1511 -69.51 72.71 60.63
C HIS A 1511 -70.32 71.46 60.28
N THR A 1512 -71.47 71.28 60.90
CA THR A 1512 -72.26 70.07 60.70
C THR A 1512 -72.97 70.10 59.35
N ASP A 1513 -72.84 69.00 58.60
CA ASP A 1513 -73.59 68.83 57.36
C ASP A 1513 -75.04 68.50 57.69
N LEU A 1514 -75.93 68.86 56.78
CA LEU A 1514 -77.37 68.70 56.98
C LEU A 1514 -77.88 67.53 56.15
N VAL A 1515 -78.43 66.52 56.83
CA VAL A 1515 -78.93 65.32 56.16
C VAL A 1515 -80.45 65.33 56.21
N ILE A 1516 -81.09 65.29 55.04
CA ILE A 1516 -82.54 65.28 54.94
C ILE A 1516 -82.95 64.00 54.21
N GLY A 1517 -83.82 63.22 54.82
CA GLY A 1517 -84.29 61.97 54.27
C GLY A 1517 -85.75 62.07 53.86
N CYS A 1518 -86.10 61.38 52.77
CA CYS A 1518 -87.45 61.39 52.22
C CYS A 1518 -87.97 59.96 52.19
N LEU A 1519 -88.89 59.65 53.10
CA LEU A 1519 -89.49 58.33 53.15
C LEU A 1519 -90.68 58.29 52.19
N VAL A 1520 -90.72 57.28 51.33
CA VAL A 1520 -91.81 57.12 50.38
C VAL A 1520 -92.51 55.80 50.66
N ASP A 1521 -93.82 55.77 50.42
CA ASP A 1521 -94.59 54.53 50.51
C ASP A 1521 -95.39 54.37 49.23
N LEU A 1522 -95.14 53.28 48.51
CA LEU A 1522 -95.79 53.04 47.22
C LEU A 1522 -97.12 52.32 47.36
N ALA A 1523 -97.50 51.91 48.57
CA ALA A 1523 -98.78 51.25 48.80
C ALA A 1523 -99.82 52.19 49.41
N THR A 1524 -99.47 52.84 50.53
CA THR A 1524 -100.37 53.82 51.11
C THR A 1524 -100.52 55.04 50.19
N GLY A 1525 -99.44 55.48 49.58
CA GLY A 1525 -99.45 56.63 48.71
C GLY A 1525 -98.93 57.92 49.32
N LEU A 1526 -98.20 57.85 50.43
CA LEU A 1526 -97.74 59.03 51.13
C LEU A 1526 -96.22 59.08 51.19
N MET A 1527 -95.70 60.31 51.19
CA MET A 1527 -94.28 60.57 51.39
C MET A 1527 -94.09 61.60 52.50
N THR A 1528 -93.12 61.32 53.36
CA THR A 1528 -92.80 62.16 54.51
C THR A 1528 -91.33 62.54 54.47
N PHE A 1529 -90.96 63.53 55.28
CA PHE A 1529 -89.60 64.05 55.31
C PHE A 1529 -89.09 64.10 56.74
N THR A 1530 -87.79 63.84 56.90
CA THR A 1530 -87.13 63.94 58.19
C THR A 1530 -85.80 64.66 58.02
N ALA A 1531 -85.33 65.30 59.09
CA ALA A 1531 -84.08 66.04 59.07
C ALA A 1531 -83.26 65.66 60.29
N ASN A 1532 -82.07 65.11 60.04
CA ASN A 1532 -81.13 64.72 61.10
C ASN A 1532 -81.79 63.79 62.11
N GLY A 1533 -82.64 62.88 61.60
CA GLY A 1533 -83.32 61.95 62.46
C GLY A 1533 -84.50 62.52 63.22
N LYS A 1534 -84.89 63.77 62.94
CA LYS A 1534 -86.00 64.41 63.64
C LYS A 1534 -87.21 64.45 62.73
N GLU A 1535 -88.34 63.97 63.23
CA GLU A 1535 -89.56 63.95 62.45
C GLU A 1535 -90.05 65.36 62.16
N SER A 1536 -90.49 65.59 60.93
CA SER A 1536 -91.01 66.88 60.51
C SER A 1536 -92.53 66.84 60.43
N ASN A 1537 -93.11 68.01 60.19
CA ASN A 1537 -94.55 68.17 60.09
C ASN A 1537 -95.04 68.16 58.65
N THR A 1538 -94.16 67.87 57.69
CA THR A 1538 -94.50 67.90 56.28
C THR A 1538 -94.87 66.49 55.80
N PHE A 1539 -96.06 66.36 55.23
CA PHE A 1539 -96.52 65.10 54.67
C PHE A 1539 -97.17 65.38 53.31
N PHE A 1540 -97.14 64.39 52.44
CA PHE A 1540 -97.82 64.51 51.16
C PHE A 1540 -98.48 63.20 50.80
N GLN A 1541 -99.64 63.29 50.14
CA GLN A 1541 -100.40 62.14 49.68
C GLN A 1541 -100.69 62.30 48.20
N VAL A 1542 -100.48 61.24 47.42
CA VAL A 1542 -100.62 61.30 45.97
C VAL A 1542 -101.51 60.17 45.49
N GLU A 1543 -102.05 60.34 44.29
CA GLU A 1543 -102.91 59.36 43.66
C GLU A 1543 -102.10 58.19 43.11
N PRO A 1544 -102.73 57.04 42.91
CA PRO A 1544 -102.02 55.89 42.35
C PRO A 1544 -101.58 56.13 40.91
N ASN A 1545 -100.76 55.20 40.41
CA ASN A 1545 -100.24 55.26 39.05
C ASN A 1545 -99.47 56.55 38.79
N THR A 1546 -98.70 56.99 39.78
CA THR A 1546 -97.89 58.19 39.68
C THR A 1546 -96.42 57.79 39.82
N LYS A 1547 -95.58 58.30 38.93
CA LYS A 1547 -94.15 58.03 38.98
C LYS A 1547 -93.41 59.34 39.24
N LEU A 1548 -92.49 59.31 40.19
CA LEU A 1548 -91.78 60.49 40.64
C LEU A 1548 -90.27 60.28 40.54
N PHE A 1549 -89.57 61.37 40.25
CA PHE A 1549 -88.11 61.40 40.18
C PHE A 1549 -87.57 62.16 41.39
N PRO A 1550 -86.58 61.61 42.10
CA PRO A 1550 -85.90 62.41 43.12
C PRO A 1550 -85.23 63.62 42.48
N ALA A 1551 -85.26 64.76 43.18
CA ALA A 1551 -84.75 65.98 42.60
C ALA A 1551 -84.35 66.95 43.71
N VAL A 1552 -83.43 67.85 43.36
CA VAL A 1552 -82.99 68.93 44.25
C VAL A 1552 -82.81 70.21 43.44
N PHE A 1553 -83.19 71.33 44.04
CA PHE A 1553 -82.94 72.65 43.48
C PHE A 1553 -81.98 73.36 44.42
N VAL A 1554 -80.84 73.80 43.90
CA VAL A 1554 -79.75 74.28 44.74
C VAL A 1554 -79.18 75.58 44.17
N LEU A 1555 -78.80 76.49 45.06
CA LEU A 1555 -78.06 77.68 44.68
C LEU A 1555 -76.63 77.54 45.17
N PRO A 1556 -75.66 77.29 44.30
CA PRO A 1556 -74.28 77.02 44.76
C PRO A 1556 -73.67 78.25 45.40
N THR A 1557 -73.23 78.10 46.66
CA THR A 1557 -72.52 79.15 47.38
C THR A 1557 -71.29 78.59 48.09
N HIS A 1558 -70.81 77.42 47.68
CA HIS A 1558 -69.65 76.80 48.29
C HIS A 1558 -69.00 75.88 47.27
N GLN A 1559 -67.75 75.50 47.55
CA GLN A 1559 -67.01 74.61 46.65
C GLN A 1559 -67.69 73.25 46.56
N ASN A 1560 -68.12 72.69 47.69
CA ASN A 1560 -68.84 71.44 47.73
C ASN A 1560 -70.24 71.70 48.24
N VAL A 1561 -71.24 71.20 47.51
CA VAL A 1561 -72.62 71.60 47.79
C VAL A 1561 -73.47 70.45 48.31
N ILE A 1562 -73.72 69.42 47.49
CA ILE A 1562 -74.74 68.43 47.79
C ILE A 1562 -74.25 67.03 47.46
N GLN A 1563 -74.88 66.05 48.11
CA GLN A 1563 -74.57 64.64 47.93
C GLN A 1563 -75.86 63.84 47.99
N PHE A 1564 -76.21 63.19 46.89
CA PHE A 1564 -77.33 62.27 46.82
C PHE A 1564 -76.90 60.94 47.43
N GLU A 1565 -77.40 60.62 48.63
CA GLU A 1565 -77.07 59.38 49.30
C GLU A 1565 -78.20 58.38 49.09
N LEU A 1566 -77.86 57.21 48.56
CA LEU A 1566 -78.81 56.18 48.20
C LEU A 1566 -78.51 54.94 49.03
N GLY A 1567 -79.08 54.89 50.23
CA GLY A 1567 -78.90 53.77 51.12
C GLY A 1567 -80.20 53.31 51.75
N LYS A 1568 -80.11 52.50 52.79
CA LYS A 1568 -81.28 51.98 53.47
C LYS A 1568 -81.18 52.24 54.96
N GLN A 1569 -82.33 52.25 55.62
CA GLN A 1569 -82.43 52.44 57.05
C GLN A 1569 -82.84 51.12 57.71
N LYS A 1570 -83.07 51.16 59.02
CA LYS A 1570 -83.52 49.98 59.73
C LYS A 1570 -84.93 49.61 59.29
N ASN A 1571 -85.10 48.36 58.86
CA ASN A 1571 -86.38 47.83 58.40
C ASN A 1571 -86.94 48.59 57.21
N ILE A 1572 -86.06 49.24 56.43
CA ILE A 1572 -86.45 50.03 55.27
C ILE A 1572 -85.56 49.64 54.11
N MET A 1573 -86.15 49.45 52.93
CA MET A 1573 -85.46 48.96 51.75
C MET A 1573 -85.00 50.13 50.88
N PRO A 1574 -83.85 50.03 50.23
CA PRO A 1574 -83.27 51.17 49.51
C PRO A 1574 -84.01 51.41 48.19
N LEU A 1575 -83.56 52.46 47.48
CA LEU A 1575 -84.22 52.88 46.25
C LEU A 1575 -83.89 51.98 45.07
N SER A 1576 -82.84 51.16 45.17
CA SER A 1576 -82.50 50.27 44.07
C SER A 1576 -83.62 49.27 43.82
N ALA A 1577 -84.20 48.73 44.90
CA ALA A 1577 -85.31 47.81 44.75
C ALA A 1577 -86.52 48.47 44.10
N ALA A 1578 -86.81 49.71 44.51
CA ALA A 1578 -87.96 50.41 43.95
C ALA A 1578 -87.75 50.73 42.48
N MET A 1579 -86.52 51.08 42.09
CA MET A 1579 -86.26 51.46 40.71
C MET A 1579 -86.16 50.26 39.78
N PHE A 1580 -85.55 49.17 40.23
CA PHE A 1580 -85.24 48.03 39.37
C PHE A 1580 -86.08 46.83 39.77
N LEU A 1581 -86.66 46.16 38.76
CA LEU A 1581 -87.49 44.99 39.03
C LEU A 1581 -86.64 43.78 39.39
N SER A 1582 -85.49 43.60 38.74
CA SER A 1582 -84.65 42.43 38.99
C SER A 1582 -84.05 42.45 40.38
N GLU A 1583 -84.04 43.60 41.05
CA GLU A 1583 -83.49 43.73 42.40
C GLU A 1583 -84.57 44.12 43.39
N ARG A 1584 -85.81 43.68 43.16
CA ARG A 1584 -86.94 44.11 43.99
C ARG A 1584 -86.79 43.65 45.43
N LYS A 1585 -86.12 42.54 45.68
CA LYS A 1585 -85.98 41.98 47.02
C LYS A 1585 -84.52 41.98 47.49
N ASN A 1586 -83.74 42.95 47.04
CA ASN A 1586 -82.34 43.04 47.43
C ASN A 1586 -82.17 44.14 48.46
N PRO A 1587 -81.94 43.82 49.73
CA PRO A 1587 -81.72 44.88 50.73
C PRO A 1587 -80.41 45.62 50.55
N ALA A 1588 -79.46 45.07 49.81
CA ALA A 1588 -78.16 45.72 49.64
C ALA A 1588 -78.28 46.86 48.65
N PRO A 1589 -77.94 48.09 49.04
CA PRO A 1589 -78.00 49.21 48.08
C PRO A 1589 -76.94 49.09 47.00
N GLN A 1590 -77.26 49.67 45.85
CA GLN A 1590 -76.33 49.66 44.71
C GLN A 1590 -76.72 50.79 43.77
N CYS A 1591 -75.76 51.17 42.92
CA CYS A 1591 -75.96 52.23 41.93
C CYS A 1591 -75.54 51.71 40.56
N PRO A 1592 -76.47 51.16 39.79
CA PRO A 1592 -76.17 50.70 38.43
C PRO A 1592 -75.84 51.87 37.53
N PRO A 1593 -75.20 51.62 36.39
CA PRO A 1593 -74.80 52.74 35.51
C PRO A 1593 -75.97 53.58 35.00
N ARG A 1594 -77.17 53.01 34.90
CA ARG A 1594 -78.30 53.77 34.37
C ARG A 1594 -78.64 54.95 35.27
N LEU A 1595 -78.56 54.76 36.58
CA LEU A 1595 -78.86 55.86 37.51
C LEU A 1595 -77.86 56.99 37.30
N GLU A 1596 -78.39 58.20 37.14
CA GLU A 1596 -77.56 59.33 36.73
C GLU A 1596 -78.26 60.63 37.13
N VAL A 1597 -77.48 61.69 37.22
CA VAL A 1597 -77.98 63.02 37.58
C VAL A 1597 -78.17 63.82 36.30
N GLN A 1598 -79.33 64.46 36.18
CA GLN A 1598 -79.68 65.26 35.01
C GLN A 1598 -80.00 66.69 35.44
N MET A 1599 -79.67 67.63 34.56
CA MET A 1599 -79.86 69.05 34.83
C MET A 1599 -80.91 69.63 33.88
N LEU A 1600 -81.59 70.68 34.34
CA LEU A 1600 -82.60 71.33 33.52
C LEU A 1600 -81.95 72.30 32.54
N MET A 1601 -82.30 72.18 31.26
CA MET A 1601 -81.78 73.03 30.20
C MET A 1601 -82.90 73.86 29.58
N PRO A 1602 -82.64 75.14 29.27
CA PRO A 1602 -83.73 76.03 28.83
C PRO A 1602 -84.17 75.85 27.39
N VAL A 1603 -83.23 75.61 26.47
CA VAL A 1603 -83.52 75.62 25.04
C VAL A 1603 -83.04 74.32 24.41
N SER A 1604 -83.71 73.93 23.33
CA SER A 1604 -83.35 72.74 22.58
C SER A 1604 -83.89 72.87 21.16
N TRP A 1605 -83.33 72.06 20.26
CA TRP A 1605 -83.78 72.05 18.87
C TRP A 1605 -85.07 71.25 18.72
N SER A 1606 -85.80 71.56 17.66
CA SER A 1606 -87.04 70.85 17.34
C SER A 1606 -87.25 70.91 15.83
N ARG A 1607 -88.08 69.99 15.34
CA ARG A 1607 -88.34 69.86 13.91
C ARG A 1607 -89.74 70.37 13.59
N MET A 1608 -89.81 71.26 12.59
CA MET A 1608 -91.11 71.80 12.19
C MET A 1608 -91.86 70.79 11.32
N PRO A 1609 -93.17 70.63 11.54
CA PRO A 1609 -93.95 69.72 10.69
C PRO A 1609 -93.97 70.19 9.24
N ASN A 1610 -94.10 69.23 8.34
CA ASN A 1610 -94.15 69.55 6.91
C ASN A 1610 -95.48 70.17 6.51
N HIS A 1611 -96.57 69.75 7.14
CA HIS A 1611 -97.90 70.27 6.83
C HIS A 1611 -98.58 70.69 8.13
N PHE A 1612 -99.44 71.70 8.01
CA PHE A 1612 -100.10 72.31 9.16
C PHE A 1612 -101.60 72.32 8.96
N LEU A 1613 -102.33 72.31 10.08
CA LEU A 1613 -103.78 72.36 10.02
C LEU A 1613 -104.25 73.69 9.43
N GLN A 1614 -105.21 73.62 8.52
CA GLN A 1614 -105.79 74.79 7.89
C GLN A 1614 -107.09 75.14 8.61
N VAL A 1615 -107.05 76.15 9.47
CA VAL A 1615 -108.19 76.58 10.26
C VAL A 1615 -108.72 77.87 9.66
N GLU A 1616 -110.02 77.91 9.39
CA GLU A 1616 -110.68 79.07 8.81
C GLU A 1616 -111.56 79.73 9.86
N THR A 1617 -111.32 81.00 10.14
CA THR A 1617 -112.04 81.76 11.15
C THR A 1617 -112.56 83.05 10.53
N ARG A 1618 -113.81 83.39 10.85
CA ARG A 1618 -114.37 84.66 10.43
C ARG A 1618 -115.49 85.02 11.40
N ARG A 1619 -116.32 85.99 11.02
CA ARG A 1619 -117.49 86.35 11.80
C ARG A 1619 -118.72 86.37 10.90
N ALA A 1620 -119.76 85.65 11.30
CA ALA A 1620 -120.99 85.61 10.49
C ALA A 1620 -121.81 86.89 10.67
N GLY A 1621 -121.84 87.43 11.88
CA GLY A 1621 -122.60 88.63 12.14
C GLY A 1621 -122.83 88.81 13.62
N GLU A 1622 -123.61 89.85 13.93
CA GLU A 1622 -123.94 90.12 15.32
C GLU A 1622 -124.87 89.06 15.90
N ARG A 1623 -125.69 88.42 15.06
CA ARG A 1623 -126.57 87.36 15.54
C ARG A 1623 -125.77 86.09 15.87
N LEU A 1624 -124.79 85.74 15.04
CA LEU A 1624 -124.09 84.48 15.19
C LEU A 1624 -122.69 84.60 15.77
N GLY A 1625 -122.07 85.77 15.72
CA GLY A 1625 -120.74 85.93 16.26
C GLY A 1625 -119.67 85.33 15.36
N TRP A 1626 -118.54 85.01 15.98
CA TRP A 1626 -117.38 84.50 15.26
C TRP A 1626 -117.49 82.99 15.10
N ALA A 1627 -117.04 82.50 13.94
CA ALA A 1627 -117.12 81.09 13.57
C ALA A 1627 -115.73 80.56 13.23
N VAL A 1628 -115.46 79.35 13.71
CA VAL A 1628 -114.20 78.65 13.49
C VAL A 1628 -114.52 77.29 12.89
N GLN A 1629 -113.78 76.89 11.86
CA GLN A 1629 -113.98 75.59 11.24
C GLN A 1629 -112.66 75.04 10.72
N CYS A 1630 -112.48 73.73 10.88
CA CYS A 1630 -111.35 73.00 10.33
C CYS A 1630 -111.85 71.65 9.85
N GLN A 1631 -111.45 71.26 8.63
CA GLN A 1631 -112.01 70.05 8.03
C GLN A 1631 -111.00 69.19 7.29
N ASP A 1632 -109.71 69.53 7.32
CA ASP A 1632 -108.71 68.76 6.59
C ASP A 1632 -107.95 67.84 7.54
N PRO A 1633 -108.01 66.53 7.34
CA PRO A 1633 -107.30 65.61 8.24
C PRO A 1633 -105.80 65.77 8.15
N LEU A 1634 -105.13 65.46 9.26
CA LEU A 1634 -103.67 65.53 9.32
C LEU A 1634 -103.20 64.66 10.48
N THR A 1635 -102.39 63.64 10.18
CA THR A 1635 -101.91 62.70 11.19
C THR A 1635 -100.39 62.65 11.16
N MET A 1636 -99.83 62.01 12.17
CA MET A 1636 -98.38 61.82 12.27
C MET A 1636 -98.10 60.64 13.17
N MET A 1637 -96.94 60.01 12.96
CA MET A 1637 -96.51 58.86 13.75
C MET A 1637 -95.60 59.34 14.86
N ALA A 1638 -95.89 58.91 16.09
CA ALA A 1638 -95.18 59.37 17.27
C ALA A 1638 -94.35 58.24 17.87
N LEU A 1639 -93.19 58.60 18.41
CA LEU A 1639 -92.30 57.68 19.12
C LEU A 1639 -92.33 58.06 20.59
N HIS A 1640 -92.68 57.10 21.44
CA HIS A 1640 -92.96 57.36 22.85
C HIS A 1640 -91.86 56.74 23.71
N ILE A 1641 -91.26 57.57 24.56
CA ILE A 1641 -90.29 57.12 25.55
C ILE A 1641 -91.05 56.74 26.82
N PRO A 1642 -91.01 55.48 27.25
CA PRO A 1642 -91.89 55.05 28.36
C PRO A 1642 -91.57 55.69 29.69
N GLU A 1643 -90.30 55.69 30.11
CA GLU A 1643 -89.97 56.13 31.46
C GLU A 1643 -90.24 57.63 31.65
N GLU A 1644 -89.94 58.45 30.64
CA GLU A 1644 -90.13 59.89 30.77
C GLU A 1644 -91.54 60.34 30.47
N ASN A 1645 -92.41 59.43 30.00
CA ASN A 1645 -93.83 59.74 29.76
C ASN A 1645 -93.98 60.92 28.79
N ARG A 1646 -93.20 60.90 27.71
CA ARG A 1646 -93.32 61.91 26.68
C ARG A 1646 -92.97 61.27 25.33
N CYS A 1647 -93.51 61.86 24.27
CA CYS A 1647 -93.35 61.32 22.93
C CYS A 1647 -92.65 62.34 22.03
N MET A 1648 -92.34 61.90 20.82
CA MET A 1648 -91.70 62.75 19.83
C MET A 1648 -92.03 62.23 18.44
N ASP A 1649 -91.83 63.08 17.44
CA ASP A 1649 -92.08 62.70 16.06
C ASP A 1649 -91.10 61.62 15.62
N ILE A 1650 -91.60 60.66 14.84
CA ILE A 1650 -90.73 59.59 14.34
C ILE A 1650 -89.70 60.15 13.36
N LEU A 1651 -90.01 61.27 12.70
CA LEU A 1651 -89.09 61.87 11.76
C LEU A 1651 -87.98 62.67 12.44
N GLU A 1652 -88.09 62.91 13.74
CA GLU A 1652 -87.01 63.58 14.48
C GLU A 1652 -85.80 62.69 14.68
N LEU A 1653 -85.90 61.40 14.36
CA LEU A 1653 -84.78 60.48 14.51
C LEU A 1653 -83.72 60.64 13.44
N SER A 1654 -83.98 61.46 12.41
CA SER A 1654 -82.97 61.72 11.40
C SER A 1654 -81.75 62.43 11.95
N GLU A 1655 -81.88 63.09 13.11
CA GLU A 1655 -80.76 63.73 13.77
C GLU A 1655 -80.40 63.09 15.11
N ARG A 1656 -81.30 62.31 15.70
CA ARG A 1656 -81.01 61.54 16.91
C ARG A 1656 -80.42 60.20 16.46
N LEU A 1657 -79.10 60.14 16.39
CA LEU A 1657 -78.42 58.99 15.78
C LEU A 1657 -78.29 57.80 16.74
N ASP A 1658 -78.64 57.96 18.01
CA ASP A 1658 -78.59 56.85 18.96
C ASP A 1658 -79.94 56.15 19.06
N LEU A 1659 -81.01 56.93 19.25
CA LEU A 1659 -82.35 56.35 19.28
C LEU A 1659 -82.70 55.67 17.96
N GLN A 1660 -82.22 56.22 16.84
CA GLN A 1660 -82.45 55.60 15.55
C GLN A 1660 -81.83 54.22 15.49
N ARG A 1661 -80.58 54.10 15.95
CA ARG A 1661 -79.90 52.80 15.96
C ARG A 1661 -80.61 51.82 16.89
N PHE A 1662 -81.01 52.29 18.08
CA PHE A 1662 -81.70 51.41 19.02
C PHE A 1662 -83.02 50.92 18.44
N HIS A 1663 -83.77 51.80 17.78
CA HIS A 1663 -85.05 51.40 17.20
C HIS A 1663 -84.86 50.46 16.02
N SER A 1664 -83.81 50.68 15.22
CA SER A 1664 -83.52 49.75 14.12
C SER A 1664 -83.20 48.36 14.66
N HIS A 1665 -82.39 48.29 15.73
CA HIS A 1665 -82.11 46.98 16.31
C HIS A 1665 -83.34 46.38 16.97
N THR A 1666 -84.23 47.22 17.51
CA THR A 1666 -85.50 46.71 18.04
C THR A 1666 -86.34 46.08 16.93
N LEU A 1667 -86.40 46.73 15.77
CA LEU A 1667 -87.12 46.14 14.63
C LEU A 1667 -86.47 44.85 14.18
N ARG A 1668 -85.14 44.80 14.20
CA ARG A 1668 -84.45 43.55 13.84
C ARG A 1668 -84.81 42.43 14.82
N LEU A 1669 -84.87 42.74 16.11
CA LEU A 1669 -85.30 41.75 17.09
C LEU A 1669 -86.76 41.34 16.87
N TYR A 1670 -87.60 42.29 16.48
CA TYR A 1670 -88.99 41.98 16.16
C TYR A 1670 -89.09 40.96 15.03
N ARG A 1671 -88.28 41.14 13.98
CA ARG A 1671 -88.24 40.16 12.91
C ARG A 1671 -87.68 38.83 13.39
N ALA A 1672 -86.62 38.88 14.22
CA ALA A 1672 -85.96 37.66 14.64
C ALA A 1672 -86.86 36.77 15.49
N VAL A 1673 -87.65 37.36 16.39
CA VAL A 1673 -88.46 36.56 17.28
C VAL A 1673 -89.55 35.80 16.52
N CYS A 1674 -90.10 36.41 15.47
CA CYS A 1674 -91.13 35.78 14.66
C CYS A 1674 -90.59 35.06 13.43
N ALA A 1675 -89.28 35.06 13.24
CA ALA A 1675 -88.69 34.41 12.07
C ALA A 1675 -88.94 32.90 12.08
N LEU A 1676 -88.95 32.32 10.88
CA LEU A 1676 -89.07 30.88 10.66
C LEU A 1676 -90.41 30.35 11.18
N GLY A 1677 -91.48 30.95 10.68
CA GLY A 1677 -92.82 30.41 10.85
C GLY A 1677 -93.30 30.31 12.28
N ASN A 1678 -93.07 31.35 13.09
CA ASN A 1678 -93.60 31.40 14.45
C ASN A 1678 -94.86 32.26 14.42
N ASN A 1679 -95.95 31.66 13.92
CA ASN A 1679 -97.20 32.39 13.75
C ASN A 1679 -97.82 32.79 15.09
N ARG A 1680 -97.60 31.99 16.13
CA ARG A 1680 -98.14 32.33 17.45
C ARG A 1680 -97.55 33.63 17.98
N VAL A 1681 -96.29 33.91 17.64
CA VAL A 1681 -95.68 35.18 18.04
C VAL A 1681 -95.92 36.27 17.00
N ALA A 1682 -96.10 35.90 15.73
CA ALA A 1682 -96.47 36.88 14.71
C ALA A 1682 -97.82 37.50 15.03
N HIS A 1683 -98.75 36.70 15.55
CA HIS A 1683 -100.03 37.24 15.98
C HIS A 1683 -99.86 38.23 17.12
N ALA A 1684 -98.99 37.90 18.08
CA ALA A 1684 -98.78 38.79 19.22
C ALA A 1684 -98.13 40.10 18.81
N LEU A 1685 -97.25 40.06 17.81
CA LEU A 1685 -96.58 41.28 17.35
C LEU A 1685 -97.55 42.28 16.73
N CYS A 1686 -98.74 41.84 16.32
CA CYS A 1686 -99.71 42.76 15.74
C CYS A 1686 -100.23 43.76 16.76
N SER A 1687 -100.31 43.36 18.03
CA SER A 1687 -100.73 44.27 19.08
C SER A 1687 -99.72 45.37 19.34
N HIS A 1688 -98.48 45.20 18.88
CA HIS A 1688 -97.43 46.19 19.02
C HIS A 1688 -97.26 47.04 17.77
N VAL A 1689 -97.16 46.39 16.61
CA VAL A 1689 -97.09 47.08 15.32
C VAL A 1689 -98.29 46.64 14.50
N ASP A 1690 -99.11 47.60 14.06
CA ASP A 1690 -100.38 47.30 13.42
C ASP A 1690 -100.35 47.71 11.94
N GLN A 1691 -101.45 47.34 11.27
CA GLN A 1691 -101.53 47.50 9.81
C GLN A 1691 -101.49 48.96 9.40
N ALA A 1692 -102.19 49.83 10.15
CA ALA A 1692 -102.19 51.24 9.80
C ALA A 1692 -100.80 51.84 9.91
N GLN A 1693 -100.08 51.51 10.99
CA GLN A 1693 -98.71 51.99 11.13
C GLN A 1693 -97.82 51.47 10.02
N LEU A 1694 -97.98 50.19 9.66
CA LEU A 1694 -97.15 49.61 8.60
C LEU A 1694 -97.40 50.30 7.26
N LEU A 1695 -98.66 50.54 6.92
CA LEU A 1695 -98.96 51.21 5.65
C LEU A 1695 -98.49 52.67 5.65
N HIS A 1696 -98.65 53.36 6.79
CA HIS A 1696 -98.21 54.75 6.87
C HIS A 1696 -96.69 54.84 6.74
N ALA A 1697 -95.96 53.90 7.37
CA ALA A 1697 -94.51 53.83 7.20
C ALA A 1697 -94.13 53.43 5.78
N LEU A 1698 -94.97 52.63 5.12
CA LEU A 1698 -94.70 52.26 3.73
C LEU A 1698 -94.73 53.48 2.82
N GLU A 1699 -95.70 54.37 3.00
CA GLU A 1699 -95.80 55.56 2.16
C GLU A 1699 -95.15 56.81 2.75
N ASP A 1700 -94.53 56.71 3.92
CA ASP A 1700 -93.84 57.88 4.48
C ASP A 1700 -92.61 58.21 3.66
N ALA A 1701 -92.59 59.40 3.07
CA ALA A 1701 -91.53 59.79 2.14
C ALA A 1701 -90.36 60.50 2.80
N HIS A 1702 -90.44 60.83 4.09
CA HIS A 1702 -89.35 61.49 4.80
C HIS A 1702 -88.70 60.59 5.84
N LEU A 1703 -89.08 59.32 5.91
CA LEU A 1703 -88.51 58.43 6.90
C LEU A 1703 -87.05 58.11 6.56
N PRO A 1704 -86.18 57.95 7.56
CA PRO A 1704 -84.81 57.53 7.27
C PRO A 1704 -84.76 56.15 6.62
N GLY A 1705 -83.71 55.92 5.84
CA GLY A 1705 -83.54 54.70 5.11
C GLY A 1705 -83.50 53.43 5.96
N PRO A 1706 -82.71 53.43 7.03
CA PRO A 1706 -82.71 52.24 7.91
C PRO A 1706 -84.08 51.91 8.47
N LEU A 1707 -84.81 52.90 8.96
CA LEU A 1707 -86.15 52.63 9.50
C LEU A 1707 -87.11 52.20 8.40
N ARG A 1708 -86.98 52.79 7.21
CA ARG A 1708 -87.82 52.38 6.08
C ARG A 1708 -87.61 50.91 5.74
N ALA A 1709 -86.34 50.50 5.60
CA ALA A 1709 -86.03 49.11 5.29
C ALA A 1709 -86.50 48.19 6.42
N GLY A 1710 -86.30 48.61 7.66
CA GLY A 1710 -86.75 47.79 8.78
C GLY A 1710 -88.25 47.57 8.79
N TYR A 1711 -89.02 48.63 8.51
CA TYR A 1711 -90.46 48.49 8.48
C TYR A 1711 -90.93 47.61 7.32
N TYR A 1712 -90.32 47.78 6.15
CA TYR A 1712 -90.66 46.91 5.02
C TYR A 1712 -90.40 45.45 5.36
N ASP A 1713 -89.21 45.17 5.94
CA ASP A 1713 -88.86 43.81 6.28
C ASP A 1713 -89.79 43.26 7.37
N LEU A 1714 -90.17 44.10 8.34
CA LEU A 1714 -91.08 43.65 9.38
C LEU A 1714 -92.43 43.27 8.81
N LEU A 1715 -92.97 44.09 7.90
CA LEU A 1715 -94.24 43.77 7.26
C LEU A 1715 -94.14 42.45 6.50
N ILE A 1716 -93.10 42.30 5.70
CA ILE A 1716 -92.94 41.07 4.92
C ILE A 1716 -92.82 39.86 5.83
N SER A 1717 -92.07 40.00 6.93
CA SER A 1717 -91.86 38.87 7.84
C SER A 1717 -93.13 38.47 8.55
N ILE A 1718 -93.92 39.45 9.03
CA ILE A 1718 -95.06 39.12 9.87
C ILE A 1718 -96.36 38.95 9.08
N HIS A 1719 -96.34 39.14 7.76
CA HIS A 1719 -97.58 38.98 6.99
C HIS A 1719 -97.45 38.13 5.74
N LEU A 1720 -96.25 37.88 5.20
CA LEU A 1720 -96.12 37.17 3.93
C LEU A 1720 -95.08 36.06 3.91
N GLU A 1721 -94.14 36.03 4.87
CA GLU A 1721 -92.96 35.17 4.73
C GLU A 1721 -93.32 33.69 4.73
N SER A 1722 -94.22 33.27 5.61
CA SER A 1722 -94.54 31.86 5.73
C SER A 1722 -95.24 31.34 4.48
N ALA A 1723 -96.25 32.06 4.01
CA ALA A 1723 -96.95 31.64 2.80
C ALA A 1723 -96.02 31.67 1.59
N CYS A 1724 -95.16 32.69 1.51
CA CYS A 1724 -94.21 32.76 0.41
C CYS A 1724 -93.27 31.57 0.43
N ARG A 1725 -92.76 31.20 1.60
CA ARG A 1725 -91.86 30.06 1.70
C ARG A 1725 -92.56 28.75 1.33
N SER A 1726 -93.80 28.57 1.79
CA SER A 1726 -94.55 27.36 1.46
C SER A 1726 -94.78 27.24 -0.04
N ARG A 1727 -95.20 28.35 -0.68
CA ARG A 1727 -95.42 28.32 -2.12
C ARG A 1727 -94.12 28.08 -2.88
N ARG A 1728 -93.03 28.69 -2.42
CA ARG A 1728 -91.74 28.48 -3.07
C ARG A 1728 -91.31 27.01 -2.97
N SER A 1729 -91.55 26.39 -1.81
CA SER A 1729 -91.24 24.98 -1.67
C SER A 1729 -92.10 24.13 -2.62
N MET A 1730 -93.38 24.47 -2.75
CA MET A 1730 -94.26 23.67 -3.60
C MET A 1730 -94.04 23.92 -5.09
N LEU A 1731 -93.42 25.05 -5.47
CA LEU A 1731 -93.27 25.38 -6.88
C LEU A 1731 -92.31 24.48 -7.63
N SER A 1732 -91.55 23.62 -6.94
CA SER A 1732 -90.53 22.83 -7.62
C SER A 1732 -91.13 21.86 -8.63
N GLU A 1733 -92.23 21.20 -8.26
CA GLU A 1733 -92.82 20.15 -9.07
C GLU A 1733 -93.97 20.69 -9.92
N TYR A 1734 -94.29 19.95 -10.98
CA TYR A 1734 -95.37 20.29 -11.90
C TYR A 1734 -96.31 19.09 -12.02
N ILE A 1735 -97.45 19.17 -11.33
CA ILE A 1735 -98.47 18.12 -11.41
C ILE A 1735 -99.71 18.70 -12.08
N VAL A 1736 -99.81 18.55 -13.39
CA VAL A 1736 -100.87 19.18 -14.18
C VAL A 1736 -102.04 18.20 -14.29
N PRO A 1737 -103.24 18.59 -13.91
CA PRO A 1737 -104.40 17.71 -14.12
C PRO A 1737 -104.80 17.65 -15.59
N LEU A 1738 -105.57 16.62 -15.92
CA LEU A 1738 -106.01 16.37 -17.29
C LEU A 1738 -107.44 16.90 -17.43
N THR A 1739 -107.55 18.17 -17.78
CA THR A 1739 -108.81 18.90 -17.86
C THR A 1739 -108.92 19.60 -19.20
N PRO A 1740 -110.14 19.99 -19.60
CA PRO A 1740 -110.27 20.84 -20.79
C PRO A 1740 -109.49 22.14 -20.69
N GLU A 1741 -109.39 22.72 -19.50
CA GLU A 1741 -108.54 23.89 -19.32
C GLU A 1741 -107.08 23.55 -19.63
N THR A 1742 -106.65 22.36 -19.23
CA THR A 1742 -105.29 21.92 -19.56
C THR A 1742 -105.11 21.77 -21.06
N ARG A 1743 -106.05 21.11 -21.73
CA ARG A 1743 -105.90 20.85 -23.16
C ARG A 1743 -106.06 22.12 -23.99
N ALA A 1744 -106.68 23.17 -23.45
CA ALA A 1744 -106.81 24.42 -24.17
C ALA A 1744 -105.49 25.19 -24.27
N ILE A 1745 -104.47 24.79 -23.53
CA ILE A 1745 -103.20 25.50 -23.52
C ILE A 1745 -102.44 25.19 -24.79
N THR A 1746 -101.91 26.24 -25.43
CA THR A 1746 -101.12 26.11 -26.65
C THR A 1746 -99.73 26.69 -26.42
N LEU A 1747 -98.75 26.17 -27.17
CA LEU A 1747 -97.37 26.63 -27.01
C LEU A 1747 -97.22 28.09 -27.41
N PHE A 1748 -97.74 28.46 -28.58
CA PHE A 1748 -97.65 29.82 -29.06
C PHE A 1748 -99.02 30.47 -29.07
N PRO A 1749 -99.09 31.78 -28.86
CA PRO A 1749 -100.38 32.47 -28.94
C PRO A 1749 -100.94 32.37 -30.35
N PRO A 1750 -102.26 32.31 -30.49
CA PRO A 1750 -102.86 32.25 -31.82
C PRO A 1750 -102.67 33.56 -32.58
N GLY A 1751 -102.77 33.46 -33.90
CA GLY A 1751 -102.58 34.62 -34.76
C GLY A 1751 -103.75 35.58 -34.72
N ARG A 1752 -103.93 36.24 -33.56
CA ARG A 1752 -105.03 37.20 -33.44
C ARG A 1752 -104.83 38.39 -34.36
N LYS A 1753 -103.58 38.86 -34.50
CA LYS A 1753 -103.30 39.99 -35.39
C LYS A 1753 -103.54 39.65 -36.85
N GLY A 1754 -103.54 38.37 -37.22
CA GLY A 1754 -103.77 37.97 -38.59
C GLY A 1754 -102.51 37.56 -39.31
N GLY A 1755 -102.36 36.26 -39.57
CA GLY A 1755 -101.17 35.78 -40.25
C GLY A 1755 -99.90 35.97 -39.46
N ASN A 1756 -99.96 35.77 -38.13
CA ASN A 1756 -98.81 35.93 -37.26
C ASN A 1756 -98.44 34.59 -36.65
N ALA A 1757 -97.16 34.25 -36.68
CA ALA A 1757 -96.66 33.00 -36.14
C ALA A 1757 -95.30 33.23 -35.51
N ARG A 1758 -94.94 32.33 -34.59
CA ARG A 1758 -93.66 32.38 -33.88
C ARG A 1758 -93.49 33.71 -33.15
N ARG A 1759 -94.56 34.19 -32.54
CA ARG A 1759 -94.55 35.42 -31.76
C ARG A 1759 -94.79 35.06 -30.30
N HIS A 1760 -93.77 35.26 -29.46
CA HIS A 1760 -93.87 34.91 -28.05
C HIS A 1760 -94.87 35.83 -27.35
N GLY A 1761 -95.66 35.25 -26.46
CA GLY A 1761 -96.51 36.03 -25.60
C GLY A 1761 -95.73 36.66 -24.47
N LEU A 1762 -96.39 37.55 -23.73
CA LEU A 1762 -95.74 38.21 -22.61
C LEU A 1762 -95.47 37.19 -21.51
N PRO A 1763 -94.22 37.09 -21.03
CA PRO A 1763 -93.91 36.10 -20.00
C PRO A 1763 -94.69 36.36 -18.73
N GLY A 1764 -95.15 35.29 -18.10
CA GLY A 1764 -95.93 35.38 -16.88
C GLY A 1764 -97.38 35.74 -17.07
N VAL A 1765 -97.82 35.95 -18.30
CA VAL A 1765 -99.21 36.31 -18.60
C VAL A 1765 -99.81 35.14 -19.37
N GLY A 1766 -100.56 34.30 -18.67
CA GLY A 1766 -101.16 33.14 -19.31
C GLY A 1766 -102.04 32.39 -18.34
N VAL A 1767 -102.33 31.14 -18.70
CA VAL A 1767 -103.17 30.26 -17.89
C VAL A 1767 -102.28 29.19 -17.27
N THR A 1768 -102.32 29.09 -15.95
CA THR A 1768 -101.54 28.11 -15.20
C THR A 1768 -102.50 27.07 -14.62
N THR A 1769 -102.22 25.79 -14.89
CA THR A 1769 -103.10 24.71 -14.47
C THR A 1769 -102.47 23.75 -13.47
N SER A 1770 -101.16 23.78 -13.29
CA SER A 1770 -100.52 22.89 -12.34
C SER A 1770 -101.03 23.18 -10.93
N LEU A 1771 -101.16 22.12 -10.14
CA LEU A 1771 -101.80 22.21 -8.83
C LEU A 1771 -100.86 22.88 -7.83
N ARG A 1772 -101.31 24.00 -7.26
CA ARG A 1772 -100.61 24.66 -6.16
C ARG A 1772 -101.62 24.84 -5.04
N PRO A 1773 -101.33 24.35 -3.83
CA PRO A 1773 -102.30 24.51 -2.73
C PRO A 1773 -102.48 25.97 -2.40
N PRO A 1774 -103.69 26.38 -2.02
CA PRO A 1774 -103.96 27.78 -1.71
C PRO A 1774 -103.37 28.18 -0.36
N HIS A 1775 -103.29 29.50 -0.17
CA HIS A 1775 -102.78 30.06 1.07
C HIS A 1775 -103.85 30.02 2.16
N HIS A 1776 -103.40 30.16 3.40
CA HIS A 1776 -104.29 30.18 4.56
C HIS A 1776 -103.87 31.29 5.50
N PHE A 1777 -104.82 32.13 5.90
CA PHE A 1777 -104.58 33.22 6.83
C PHE A 1777 -105.69 33.26 7.86
N SER A 1778 -105.39 33.84 9.01
CA SER A 1778 -106.36 33.99 10.08
C SER A 1778 -106.43 35.45 10.51
N PRO A 1779 -107.62 35.95 10.81
CA PRO A 1779 -107.76 37.35 11.21
C PRO A 1779 -107.12 37.60 12.58
N PRO A 1780 -106.32 38.65 12.71
CA PRO A 1780 -105.70 38.96 14.01
C PRO A 1780 -106.71 39.56 14.97
N CYS A 1781 -107.14 38.76 15.95
CA CYS A 1781 -108.08 39.20 16.95
C CYS A 1781 -107.60 38.77 18.33
N PHE A 1782 -107.73 39.67 19.31
CA PHE A 1782 -107.30 39.40 20.68
C PHE A 1782 -108.44 39.47 21.67
N VAL A 1783 -109.68 39.60 21.20
CA VAL A 1783 -110.84 39.60 22.10
C VAL A 1783 -111.42 38.21 22.31
N ALA A 1784 -111.20 37.28 21.38
CA ALA A 1784 -111.73 35.94 21.53
C ALA A 1784 -111.08 35.22 22.70
N ALA A 1785 -111.86 34.33 23.32
CA ALA A 1785 -111.35 33.59 24.47
C ALA A 1785 -110.23 32.64 24.04
N LEU A 1786 -109.18 32.60 24.86
CA LEU A 1786 -108.02 31.75 24.57
C LEU A 1786 -108.17 30.41 25.28
N PRO A 1787 -108.28 29.29 24.56
CA PRO A 1787 -108.43 27.97 25.17
C PRO A 1787 -107.11 27.44 25.75
N GLU A 1793 -102.71 17.55 19.53
CA GLU A 1793 -102.46 18.81 20.21
C GLU A 1793 -103.29 19.93 19.60
N ALA A 1794 -102.99 21.17 19.99
CA ALA A 1794 -103.71 22.31 19.45
C ALA A 1794 -103.37 22.51 17.97
N PRO A 1795 -104.33 22.94 17.16
CA PRO A 1795 -104.04 23.17 15.75
C PRO A 1795 -103.04 24.30 15.56
N ALA A 1796 -102.24 24.19 14.50
CA ALA A 1796 -101.24 25.20 14.22
C ALA A 1796 -101.89 26.53 13.84
N ARG A 1797 -101.36 27.61 14.40
CA ARG A 1797 -101.91 28.93 14.12
C ARG A 1797 -101.52 29.39 12.71
N LEU A 1798 -102.33 30.29 12.17
CA LEU A 1798 -102.17 30.78 10.81
C LEU A 1798 -101.59 32.20 10.84
N SER A 1799 -101.09 32.63 9.68
CA SER A 1799 -100.50 33.95 9.58
C SER A 1799 -101.57 35.03 9.70
N PRO A 1800 -101.20 36.20 10.24
CA PRO A 1800 -102.16 37.30 10.32
C PRO A 1800 -102.60 37.75 8.93
N ALA A 1801 -103.84 38.24 8.86
CA ALA A 1801 -104.44 38.63 7.59
C ALA A 1801 -104.24 40.11 7.31
N ILE A 1802 -104.09 40.44 6.04
CA ILE A 1802 -103.93 41.82 5.58
C ILE A 1802 -104.58 41.92 4.20
N PRO A 1803 -105.22 43.04 3.85
CA PRO A 1803 -105.87 43.13 2.54
C PRO A 1803 -104.89 43.10 1.38
N LEU A 1804 -104.84 41.96 0.68
CA LEU A 1804 -103.88 41.76 -0.39
C LEU A 1804 -104.26 42.52 -1.64
N GLU A 1805 -105.55 42.64 -1.95
CA GLU A 1805 -105.97 43.38 -3.13
C GLU A 1805 -105.59 44.85 -3.03
N ALA A 1806 -105.74 45.44 -1.84
CA ALA A 1806 -105.32 46.82 -1.67
C ALA A 1806 -103.79 46.93 -1.58
N LEU A 1807 -103.15 45.94 -0.94
CA LEU A 1807 -101.70 45.99 -0.78
C LEU A 1807 -100.99 45.94 -2.13
N ARG A 1808 -101.47 45.09 -3.05
CA ARG A 1808 -100.81 44.97 -4.34
C ARG A 1808 -100.95 46.25 -5.15
N ASP A 1809 -102.12 46.89 -5.12
CA ASP A 1809 -102.29 48.15 -5.84
C ASP A 1809 -101.42 49.24 -5.23
N LYS A 1810 -101.35 49.29 -3.90
CA LYS A 1810 -100.48 50.26 -3.23
C LYS A 1810 -99.03 50.07 -3.64
N ALA A 1811 -98.57 48.81 -3.64
CA ALA A 1811 -97.18 48.52 -4.02
C ALA A 1811 -96.92 48.88 -5.47
N LEU A 1812 -97.86 48.58 -6.37
CA LEU A 1812 -97.67 48.89 -7.78
C LEU A 1812 -97.58 50.39 -8.01
N ARG A 1813 -98.49 51.16 -7.40
CA ARG A 1813 -98.44 52.61 -7.54
C ARG A 1813 -97.16 53.19 -6.94
N MET A 1814 -96.73 52.64 -5.80
CA MET A 1814 -95.50 53.09 -5.17
C MET A 1814 -94.30 52.81 -6.06
N LEU A 1815 -94.26 51.64 -6.69
CA LEU A 1815 -93.16 51.33 -7.61
C LEU A 1815 -93.17 52.26 -8.81
N GLY A 1816 -94.36 52.56 -9.35
CA GLY A 1816 -94.43 53.52 -10.45
C GLY A 1816 -93.91 54.89 -10.06
N GLU A 1817 -94.31 55.37 -8.88
CA GLU A 1817 -93.82 56.66 -8.40
C GLU A 1817 -92.31 56.64 -8.21
N ALA A 1818 -91.77 55.53 -7.67
CA ALA A 1818 -90.34 55.42 -7.47
C ALA A 1818 -89.60 55.45 -8.80
N VAL A 1819 -90.12 54.75 -9.81
CA VAL A 1819 -89.50 54.75 -11.13
C VAL A 1819 -89.52 56.14 -11.73
N ARG A 1820 -90.65 56.85 -11.61
CA ARG A 1820 -90.72 58.20 -12.15
C ARG A 1820 -89.75 59.14 -11.44
N ASP A 1821 -89.64 59.02 -10.12
CA ASP A 1821 -88.72 59.86 -9.36
C ASP A 1821 -87.27 59.54 -9.71
N GLY A 1822 -86.97 58.26 -9.96
CA GLY A 1822 -85.63 57.91 -10.41
C GLY A 1822 -85.32 58.47 -11.79
N GLY A 1823 -86.32 58.45 -12.68
CA GLY A 1823 -86.12 59.03 -14.00
C GLY A 1823 -85.89 60.53 -13.95
N GLN A 1824 -86.66 61.23 -13.12
CA GLN A 1824 -86.51 62.67 -12.95
C GLN A 1824 -85.46 62.92 -11.88
N HIS A 1825 -84.23 63.21 -12.32
CA HIS A 1825 -83.10 63.31 -11.39
C HIS A 1825 -83.33 64.41 -10.36
N ALA A 1826 -83.06 64.07 -9.09
CA ALA A 1826 -83.22 65.00 -7.99
C ALA A 1826 -82.13 64.73 -6.96
N ARG A 1827 -81.86 65.74 -6.13
CA ARG A 1827 -80.80 65.65 -5.14
C ARG A 1827 -81.30 65.18 -3.78
N ASP A 1828 -82.59 64.87 -3.63
CA ASP A 1828 -83.16 64.38 -2.38
C ASP A 1828 -83.98 63.12 -2.66
N PRO A 1829 -83.32 61.99 -2.87
CA PRO A 1829 -84.05 60.74 -3.07
C PRO A 1829 -84.73 60.28 -1.79
N VAL A 1830 -85.80 59.50 -1.96
CA VAL A 1830 -86.54 58.98 -0.81
C VAL A 1830 -85.68 57.96 -0.09
N GLY A 1831 -85.58 58.11 1.23
CA GLY A 1831 -84.76 57.23 2.04
C GLY A 1831 -83.31 57.62 2.16
N GLY A 1832 -82.88 58.65 1.44
CA GLY A 1832 -81.51 59.13 1.50
C GLY A 1832 -80.63 58.67 0.35
N SER A 1833 -81.03 57.64 -0.38
CA SER A 1833 -80.22 57.14 -1.48
C SER A 1833 -81.11 56.35 -2.43
N VAL A 1834 -80.58 56.13 -3.64
CA VAL A 1834 -81.30 55.35 -4.65
C VAL A 1834 -81.52 53.92 -4.17
N GLU A 1835 -80.52 53.35 -3.50
CA GLU A 1835 -80.66 52.00 -2.96
C GLU A 1835 -81.79 51.93 -1.94
N PHE A 1836 -81.81 52.86 -0.99
CA PHE A 1836 -82.87 52.86 0.01
C PHE A 1836 -84.23 53.15 -0.62
N GLN A 1837 -84.25 53.87 -1.75
CA GLN A 1837 -85.51 54.15 -2.43
C GLN A 1837 -86.03 52.91 -3.15
N PHE A 1838 -85.16 52.14 -3.78
CA PHE A 1838 -85.58 51.08 -4.68
C PHE A 1838 -85.65 49.69 -4.07
N VAL A 1839 -84.71 49.33 -3.18
CA VAL A 1839 -84.61 47.94 -2.73
C VAL A 1839 -85.87 47.47 -2.01
N PRO A 1840 -86.41 48.17 -1.01
CA PRO A 1840 -87.60 47.63 -0.32
C PRO A 1840 -88.81 47.43 -1.22
N VAL A 1841 -89.03 48.37 -2.15
CA VAL A 1841 -90.17 48.25 -3.05
C VAL A 1841 -90.00 47.04 -3.95
N LEU A 1842 -88.79 46.83 -4.48
CA LEU A 1842 -88.54 45.67 -5.32
C LEU A 1842 -88.71 44.38 -4.53
N LYS A 1843 -88.27 44.36 -3.27
CA LYS A 1843 -88.45 43.17 -2.44
C LYS A 1843 -89.94 42.85 -2.25
N LEU A 1844 -90.73 43.88 -1.93
CA LEU A 1844 -92.16 43.65 -1.73
C LEU A 1844 -92.84 43.18 -3.01
N VAL A 1845 -92.49 43.80 -4.15
CA VAL A 1845 -93.07 43.41 -5.42
C VAL A 1845 -92.70 41.97 -5.77
N SER A 1846 -91.44 41.59 -5.54
CA SER A 1846 -91.02 40.22 -5.82
C SER A 1846 -91.75 39.23 -4.93
N THR A 1847 -91.92 39.56 -3.65
CA THR A 1847 -92.63 38.66 -2.75
C THR A 1847 -94.08 38.46 -3.21
N LEU A 1848 -94.76 39.55 -3.55
CA LEU A 1848 -96.14 39.43 -4.01
C LEU A 1848 -96.21 38.67 -5.33
N LEU A 1849 -95.26 38.91 -6.23
CA LEU A 1849 -95.27 38.23 -7.52
C LEU A 1849 -95.07 36.73 -7.37
N VAL A 1850 -94.13 36.32 -6.51
CA VAL A 1850 -93.91 34.89 -6.33
C VAL A 1850 -95.07 34.26 -5.57
N MET A 1851 -95.71 35.01 -4.66
CA MET A 1851 -96.92 34.50 -4.02
C MET A 1851 -98.10 34.40 -4.97
N GLY A 1852 -98.06 35.13 -6.08
CA GLY A 1852 -99.09 35.01 -7.09
C GLY A 1852 -100.29 35.92 -6.92
N ILE A 1853 -100.17 36.99 -6.14
CA ILE A 1853 -101.31 37.88 -5.91
C ILE A 1853 -101.62 38.67 -7.17
N PHE A 1854 -100.59 39.11 -7.89
CA PHE A 1854 -100.79 39.99 -9.03
C PHE A 1854 -101.55 39.29 -10.15
N GLY A 1855 -102.42 40.05 -10.83
CA GLY A 1855 -103.17 39.55 -11.95
C GLY A 1855 -102.48 39.79 -13.28
N ASP A 1856 -103.19 39.47 -14.36
CA ASP A 1856 -102.61 39.59 -15.69
C ASP A 1856 -102.29 41.05 -16.03
N GLU A 1857 -103.22 41.96 -15.75
CA GLU A 1857 -102.97 43.37 -16.02
C GLU A 1857 -101.84 43.91 -15.17
N ASP A 1858 -101.77 43.47 -13.91
CA ASP A 1858 -100.66 43.88 -13.04
C ASP A 1858 -99.32 43.40 -13.58
N VAL A 1859 -99.27 42.17 -14.08
CA VAL A 1859 -98.04 41.65 -14.67
C VAL A 1859 -97.68 42.44 -15.91
N LYS A 1860 -98.67 42.82 -16.73
CA LYS A 1860 -98.39 43.64 -17.90
C LYS A 1860 -97.82 45.00 -17.49
N GLN A 1861 -98.39 45.62 -16.46
CA GLN A 1861 -97.87 46.90 -15.98
C GLN A 1861 -96.45 46.75 -15.45
N ILE A 1862 -96.17 45.65 -14.75
CA ILE A 1862 -94.82 45.41 -14.25
C ILE A 1862 -93.84 45.25 -15.41
N LEU A 1863 -94.26 44.55 -16.47
CA LEU A 1863 -93.40 44.39 -17.64
C LEU A 1863 -93.15 45.73 -18.32
N LYS A 1864 -94.18 46.57 -18.41
CA LYS A 1864 -93.99 47.91 -18.96
C LYS A 1864 -93.01 48.71 -18.11
N MET A 1865 -93.11 48.60 -16.79
CA MET A 1865 -92.18 49.30 -15.90
C MET A 1865 -90.75 48.81 -16.11
N ILE A 1866 -90.57 47.50 -16.25
CA ILE A 1866 -89.24 46.95 -16.43
C ILE A 1866 -88.64 47.40 -17.76
N GLU A 1867 -89.41 47.28 -18.84
CA GLU A 1867 -88.95 47.74 -20.15
C GLU A 1867 -90.12 48.05 -21.06
N PRO A 1868 -90.34 49.32 -21.41
CA PRO A 1868 -91.49 49.65 -22.27
C PRO A 1868 -91.33 49.20 -23.71
N GLU A 1869 -90.11 48.95 -24.17
CA GLU A 1869 -89.89 48.69 -25.60
C GLU A 1869 -90.20 47.24 -25.97
N VAL A 1870 -89.46 46.30 -25.38
CA VAL A 1870 -89.57 44.90 -25.81
C VAL A 1870 -90.91 44.31 -25.40
N PHE A 1871 -91.39 44.64 -24.19
CA PHE A 1871 -92.61 44.05 -23.66
C PHE A 1871 -93.86 44.84 -24.02
N THR A 1872 -93.83 45.63 -25.08
CA THR A 1872 -95.01 46.37 -25.51
C THR A 1872 -96.02 45.43 -26.15
N GLU A 1873 -97.27 45.88 -26.20
CA GLU A 1873 -98.37 45.13 -26.77
C GLU A 1873 -98.80 45.78 -28.08
N GLU A 1874 -98.92 44.97 -29.13
CA GLU A 1874 -99.31 45.47 -30.44
C GLU A 1874 -100.80 45.79 -30.49
N LEU A 1922 -89.35 59.64 -24.05
CA LEU A 1922 -90.50 58.91 -23.52
C LEU A 1922 -90.19 58.32 -22.14
N GLU A 1923 -90.96 57.30 -21.76
CA GLU A 1923 -90.74 56.65 -20.48
C GLU A 1923 -89.41 55.89 -20.48
N GLU A 1924 -88.70 55.97 -19.36
CA GLU A 1924 -87.41 55.31 -19.21
C GLU A 1924 -87.60 54.04 -18.38
N GLY A 1925 -87.16 52.92 -18.93
CA GLY A 1925 -87.31 51.66 -18.23
C GLY A 1925 -86.35 51.52 -17.06
N LEU A 1926 -86.67 50.57 -16.19
CA LEU A 1926 -85.82 50.30 -15.03
C LEU A 1926 -84.47 49.75 -15.43
N LEU A 1927 -84.36 49.14 -16.61
CA LEU A 1927 -83.08 48.61 -17.08
C LEU A 1927 -82.13 49.69 -17.55
N GLN A 1928 -82.65 50.76 -18.15
CA GLN A 1928 -81.78 51.74 -18.79
C GLN A 1928 -81.04 52.60 -17.77
N MET A 1929 -81.69 52.96 -16.67
CA MET A 1929 -81.08 53.86 -15.71
C MET A 1929 -79.93 53.18 -14.96
N LYS A 1930 -78.97 53.99 -14.53
CA LYS A 1930 -77.84 53.48 -13.77
C LYS A 1930 -78.29 53.13 -12.36
N LEU A 1931 -77.92 51.94 -11.90
CA LEU A 1931 -78.37 51.44 -10.61
C LEU A 1931 -77.20 50.86 -9.82
N PRO A 1932 -77.29 50.87 -8.49
CA PRO A 1932 -76.26 50.20 -7.68
C PRO A 1932 -76.38 48.69 -7.73
N GLU A 1933 -75.57 47.99 -6.93
CA GLU A 1933 -75.51 46.54 -7.02
C GLU A 1933 -76.74 45.88 -6.40
N SER A 1934 -77.27 46.44 -5.30
CA SER A 1934 -78.42 45.84 -4.65
C SER A 1934 -79.64 45.85 -5.56
N VAL A 1935 -79.87 46.96 -6.26
CA VAL A 1935 -81.00 47.04 -7.19
C VAL A 1935 -80.83 46.01 -8.29
N LYS A 1936 -79.60 45.81 -8.77
CA LYS A 1936 -79.35 44.80 -9.79
C LYS A 1936 -79.66 43.40 -9.27
N LEU A 1937 -79.29 43.12 -8.02
CA LEU A 1937 -79.60 41.82 -7.44
C LEU A 1937 -81.11 41.61 -7.35
N GLN A 1938 -81.84 42.63 -6.89
CA GLN A 1938 -83.30 42.51 -6.80
C GLN A 1938 -83.91 42.33 -8.17
N MET A 1939 -83.37 43.00 -9.20
CA MET A 1939 -83.92 42.85 -10.54
C MET A 1939 -83.63 41.49 -11.12
N CYS A 1940 -82.47 40.90 -10.78
CA CYS A 1940 -82.20 39.53 -11.18
C CYS A 1940 -83.19 38.57 -10.52
N ASN A 1941 -83.50 38.80 -9.24
CA ASN A 1941 -84.53 38.00 -8.59
C ASN A 1941 -85.87 38.18 -9.29
N LEU A 1942 -86.16 39.40 -9.75
CA LEU A 1942 -87.40 39.63 -10.49
C LEU A 1942 -87.44 38.82 -11.79
N LEU A 1943 -86.31 38.80 -12.52
CA LEU A 1943 -86.28 38.13 -13.82
C LEU A 1943 -86.32 36.61 -13.68
N GLU A 1944 -85.80 36.08 -12.57
CA GLU A 1944 -85.87 34.64 -12.34
C GLU A 1944 -87.31 34.14 -12.33
N TYR A 1945 -88.23 34.93 -11.77
CA TYR A 1945 -89.62 34.53 -11.73
C TYR A 1945 -90.19 34.37 -13.14
N PHE A 1946 -89.90 35.33 -14.03
CA PHE A 1946 -90.42 35.23 -15.39
C PHE A 1946 -89.78 34.09 -16.16
N CYS A 1947 -88.49 33.81 -15.91
CA CYS A 1947 -87.88 32.63 -16.52
C CYS A 1947 -88.58 31.36 -16.06
N ASP A 1948 -88.89 31.26 -14.77
CA ASP A 1948 -89.61 30.09 -14.25
C ASP A 1948 -90.99 29.98 -14.87
N GLN A 1949 -91.67 31.11 -15.05
CA GLN A 1949 -92.99 31.09 -15.69
C GLN A 1949 -92.90 30.59 -17.12
N GLU A 1950 -91.87 31.00 -17.85
CA GLU A 1950 -91.70 30.50 -19.22
C GLU A 1950 -91.47 29.00 -19.22
N LEU A 1951 -90.63 28.50 -18.30
CA LEU A 1951 -90.40 27.06 -18.22
C LEU A 1951 -91.68 26.30 -17.90
N GLN A 1952 -92.47 26.82 -16.96
CA GLN A 1952 -93.73 26.16 -16.60
C GLN A 1952 -94.70 26.17 -17.76
N HIS A 1953 -94.76 27.27 -18.51
CA HIS A 1953 -95.62 27.31 -19.69
C HIS A 1953 -95.20 26.25 -20.71
N ARG A 1954 -93.89 26.11 -20.92
CA ARG A 1954 -93.42 25.09 -21.87
C ARG A 1954 -93.80 23.69 -21.42
N VAL A 1955 -93.62 23.39 -20.14
CA VAL A 1955 -93.92 22.03 -19.67
C VAL A 1955 -95.42 21.76 -19.72
N GLU A 1956 -96.24 22.77 -19.42
CA GLU A 1956 -97.68 22.58 -19.50
C GLU A 1956 -98.14 22.39 -20.94
N SER A 1957 -97.55 23.13 -21.88
CA SER A 1957 -97.88 22.92 -23.29
C SER A 1957 -97.49 21.53 -23.74
N LEU A 1958 -96.32 21.04 -23.30
CA LEU A 1958 -95.92 19.68 -23.65
C LEU A 1958 -96.90 18.66 -23.09
N ALA A 1959 -97.35 18.84 -21.86
CA ALA A 1959 -98.33 17.92 -21.28
C ALA A 1959 -99.65 17.96 -22.05
N ALA A 1960 -100.09 19.14 -22.45
CA ALA A 1960 -101.32 19.25 -23.22
C ALA A 1960 -101.21 18.54 -24.56
N PHE A 1961 -100.07 18.70 -25.24
CA PHE A 1961 -99.87 18.00 -26.50
C PHE A 1961 -99.83 16.49 -26.29
N ALA A 1962 -99.22 16.04 -25.19
CA ALA A 1962 -99.24 14.61 -24.89
C ALA A 1962 -100.65 14.10 -24.72
N GLU A 1963 -101.49 14.87 -24.01
CA GLU A 1963 -102.89 14.49 -23.85
C GLU A 1963 -103.60 14.41 -25.19
N ARG A 1964 -103.36 15.39 -26.07
CA ARG A 1964 -104.01 15.38 -27.37
C ARG A 1964 -103.53 14.23 -28.25
N TYR A 1965 -102.26 13.83 -28.11
CA TYR A 1965 -101.69 12.83 -29.00
C TYR A 1965 -101.98 11.40 -28.56
N VAL A 1966 -102.12 11.17 -27.25
CA VAL A 1966 -102.34 9.82 -26.75
C VAL A 1966 -103.66 9.25 -27.25
N ASP A 1967 -104.71 10.07 -27.27
CA ASP A 1967 -106.02 9.60 -27.73
C ASP A 1967 -105.97 9.19 -29.19
N LYS A 1968 -105.33 10.02 -30.03
CA LYS A 1968 -105.20 9.68 -31.45
C LYS A 1968 -104.39 8.40 -31.63
N LEU A 1969 -103.31 8.25 -30.87
CA LEU A 1969 -102.51 7.03 -30.97
C LEU A 1969 -103.33 5.80 -30.58
N GLN A 1970 -104.12 5.91 -29.51
CA GLN A 1970 -104.94 4.78 -29.08
C GLN A 1970 -105.99 4.43 -30.12
N ALA A 1971 -106.64 5.44 -30.70
CA ALA A 1971 -107.65 5.17 -31.73
C ALA A 1971 -107.02 4.52 -32.95
N ASN A 1972 -105.86 5.01 -33.38
CA ASN A 1972 -105.17 4.41 -34.52
C ASN A 1972 -104.76 2.97 -34.22
N GLN A 1973 -104.27 2.71 -33.01
CA GLN A 1973 -103.89 1.35 -32.65
C GLN A 1973 -105.10 0.43 -32.63
N ARG A 1974 -106.24 0.91 -32.14
CA ARG A 1974 -107.45 0.10 -32.14
C ARG A 1974 -107.89 -0.23 -33.56
N SER A 1975 -107.83 0.76 -34.47
CA SER A 1975 -108.18 0.50 -35.86
C SER A 1975 -107.23 -0.51 -36.50
N ARG A 1976 -105.93 -0.36 -36.23
CA ARG A 1976 -104.96 -1.30 -36.78
C ARG A 1976 -105.15 -2.70 -36.22
N TYR A 1977 -105.52 -2.81 -34.94
CA TYR A 1977 -105.80 -4.12 -34.36
C TYR A 1977 -107.04 -4.74 -34.99
N ALA A 1978 -108.07 -3.93 -35.24
CA ALA A 1978 -109.25 -4.44 -35.92
C ALA A 1978 -108.91 -4.96 -37.31
N LEU A 1979 -108.05 -4.24 -38.03
CA LEU A 1979 -107.61 -4.72 -39.34
C LEU A 1979 -106.76 -5.99 -39.22
N LEU A 1980 -105.90 -6.05 -38.20
CA LEU A 1980 -104.93 -7.15 -38.10
C LEU A 1980 -105.59 -8.45 -37.68
N MET A 1981 -106.51 -8.38 -36.71
CA MET A 1981 -107.16 -9.60 -36.22
C MET A 1981 -107.99 -10.27 -37.31
N ARG A 1982 -108.66 -9.46 -38.14
CA ARG A 1982 -109.43 -10.00 -39.24
C ARG A 1982 -108.56 -10.62 -40.32
N ALA A 1983 -107.28 -10.26 -40.37
CA ALA A 1983 -106.39 -10.73 -41.42
C ALA A 1983 -106.02 -12.19 -41.22
N PHE A 1984 -106.98 -13.09 -41.42
CA PHE A 1984 -106.73 -14.53 -41.30
C PHE A 1984 -106.13 -15.14 -42.56
N THR A 1985 -106.13 -14.41 -43.69
CA THR A 1985 -105.58 -14.97 -44.92
C THR A 1985 -104.06 -15.07 -44.84
N MET A 1986 -103.37 -13.94 -44.67
CA MET A 1986 -101.92 -13.92 -44.51
C MET A 1986 -101.61 -14.19 -43.03
N SER A 1987 -101.63 -15.47 -42.68
CA SER A 1987 -101.43 -15.87 -41.29
C SER A 1987 -100.04 -15.50 -40.79
N ALA A 1988 -99.02 -15.75 -41.60
CA ALA A 1988 -97.65 -15.45 -41.19
C ALA A 1988 -97.44 -13.95 -41.01
N ALA A 1989 -97.93 -13.14 -41.96
CA ALA A 1989 -97.81 -11.71 -41.84
C ALA A 1989 -98.58 -11.18 -40.64
N GLU A 1990 -99.78 -11.73 -40.39
CA GLU A 1990 -100.56 -11.32 -39.24
C GLU A 1990 -99.84 -11.65 -37.94
N THR A 1991 -99.25 -12.85 -37.84
CA THR A 1991 -98.51 -13.22 -36.64
C THR A 1991 -97.30 -12.32 -36.44
N ALA A 1992 -96.58 -12.02 -37.53
CA ALA A 1992 -95.42 -11.14 -37.42
C ALA A 1992 -95.82 -9.75 -36.95
N ARG A 1993 -96.89 -9.20 -37.52
CA ARG A 1993 -97.35 -7.88 -37.12
C ARG A 1993 -97.82 -7.88 -35.67
N ARG A 1994 -98.51 -8.93 -35.25
CA ARG A 1994 -98.95 -9.04 -33.87
C ARG A 1994 -97.76 -9.09 -32.92
N THR A 1995 -96.76 -9.90 -33.24
CA THR A 1995 -95.57 -9.97 -32.40
C THR A 1995 -94.81 -8.65 -32.38
N ARG A 1996 -94.86 -7.90 -33.49
CA ARG A 1996 -94.13 -6.64 -33.56
C ARG A 1996 -94.81 -5.56 -32.73
N GLU A 1997 -96.09 -5.29 -32.99
CA GLU A 1997 -96.74 -4.15 -32.36
C GLU A 1997 -97.53 -4.51 -31.10
N PHE A 1998 -98.20 -5.66 -31.09
CA PHE A 1998 -98.99 -6.09 -29.94
C PHE A 1998 -98.20 -7.11 -29.12
N ARG A 1999 -98.85 -7.65 -28.10
CA ARG A 1999 -98.27 -8.71 -27.25
C ARG A 1999 -96.92 -8.27 -26.69
N SER A 2000 -96.84 -7.01 -26.28
CA SER A 2000 -95.61 -6.42 -25.75
C SER A 2000 -95.97 -5.54 -24.58
N PRO A 2001 -95.02 -5.28 -23.68
CA PRO A 2001 -95.28 -4.33 -22.61
C PRO A 2001 -95.64 -2.97 -23.17
N PRO A 2002 -96.52 -2.23 -22.50
CA PRO A 2002 -96.95 -0.93 -23.04
C PRO A 2002 -95.81 0.04 -23.25
N GLN A 2003 -94.81 0.05 -22.37
CA GLN A 2003 -93.69 0.96 -22.52
C GLN A 2003 -92.90 0.65 -23.78
N GLU A 2004 -92.58 -0.63 -24.00
CA GLU A 2004 -91.86 -1.01 -25.22
C GLU A 2004 -92.70 -0.73 -26.46
N GLN A 2005 -94.01 -0.97 -26.38
CA GLN A 2005 -94.89 -0.71 -27.52
C GLN A 2005 -94.89 0.77 -27.88
N ILE A 2006 -94.99 1.64 -26.88
CA ILE A 2006 -95.02 3.08 -27.17
C ILE A 2006 -93.65 3.56 -27.63
N ASN A 2007 -92.56 2.96 -27.13
CA ASN A 2007 -91.24 3.30 -27.63
C ASN A 2007 -91.11 2.92 -29.10
N MET A 2008 -91.58 1.73 -29.47
CA MET A 2008 -91.55 1.33 -30.88
C MET A 2008 -92.41 2.25 -31.74
N LEU A 2009 -93.57 2.67 -31.21
CA LEU A 2009 -94.42 3.58 -31.96
C LEU A 2009 -93.75 4.93 -32.18
N LEU A 2010 -93.08 5.44 -31.16
CA LEU A 2010 -92.46 6.77 -31.25
C LEU A 2010 -91.10 6.77 -31.93
N HIS A 2011 -90.48 5.60 -32.11
CA HIS A 2011 -89.16 5.54 -32.74
C HIS A 2011 -89.34 5.63 -34.25
N PHE A 2012 -89.58 6.86 -34.73
CA PHE A 2012 -89.69 7.10 -36.17
C PHE A 2012 -89.03 8.41 -36.60
N LYS A 2013 -88.10 8.95 -35.80
CA LYS A 2013 -87.51 10.25 -36.11
C LYS A 2013 -86.75 10.22 -37.42
N ASP A 2014 -85.98 9.15 -37.65
CA ASP A 2014 -85.19 9.05 -38.87
C ASP A 2014 -86.06 8.60 -40.05
N GLU A 2015 -85.58 8.89 -41.26
CA GLU A 2015 -86.30 8.50 -42.46
C GLU A 2015 -86.38 6.98 -42.57
N ALA A 2016 -85.29 6.27 -42.24
CA ALA A 2016 -85.32 4.82 -42.26
C ALA A 2016 -86.30 4.28 -41.22
N ASP A 2017 -86.31 4.88 -40.03
CA ASP A 2017 -87.24 4.45 -38.99
C ASP A 2017 -88.69 4.76 -39.34
N GLU A 2018 -88.93 5.74 -40.21
CA GLU A 2018 -90.29 6.07 -40.61
C GLU A 2018 -90.96 4.89 -41.32
N GLU A 2019 -90.21 4.22 -42.21
CA GLU A 2019 -90.77 3.06 -42.90
C GLU A 2019 -91.06 1.92 -41.92
N ASP A 2020 -90.16 1.69 -40.96
CA ASP A 2020 -90.38 0.63 -39.99
C ASP A 2020 -91.59 0.92 -39.10
N CYS A 2021 -91.77 2.17 -38.72
CA CYS A 2021 -92.90 2.53 -37.86
C CYS A 2021 -94.20 2.46 -38.65
N PRO A 2022 -95.24 1.82 -38.11
CA PRO A 2022 -96.51 1.71 -38.84
C PRO A 2022 -97.42 2.93 -38.72
N LEU A 2023 -96.95 4.02 -38.11
CA LEU A 2023 -97.80 5.20 -37.93
C LEU A 2023 -98.07 5.87 -39.28
N PRO A 2024 -99.25 6.46 -39.45
CA PRO A 2024 -99.57 7.14 -40.71
C PRO A 2024 -98.79 8.44 -40.86
N GLU A 2025 -98.78 8.94 -42.10
CA GLU A 2025 -98.01 10.13 -42.43
C GLU A 2025 -98.52 11.35 -41.67
N ASP A 2026 -99.84 11.53 -41.59
CA ASP A 2026 -100.39 12.68 -40.87
C ASP A 2026 -100.08 12.59 -39.38
N ILE A 2027 -100.20 11.40 -38.81
CA ILE A 2027 -99.92 11.22 -37.38
C ILE A 2027 -98.45 11.53 -37.09
N ARG A 2028 -97.55 11.12 -37.98
CA ARG A 2028 -96.14 11.44 -37.80
C ARG A 2028 -95.88 12.93 -37.99
N GLN A 2029 -96.55 13.55 -38.97
CA GLN A 2029 -96.35 14.96 -39.26
C GLN A 2029 -96.82 15.85 -38.12
N ASP A 2030 -97.87 15.42 -37.39
CA ASP A 2030 -98.30 16.16 -36.22
C ASP A 2030 -97.18 16.27 -35.19
N LEU A 2031 -96.54 15.15 -34.88
CA LEU A 2031 -95.43 15.16 -33.93
C LEU A 2031 -94.25 15.95 -34.47
N GLN A 2032 -93.97 15.84 -35.77
CA GLN A 2032 -92.87 16.60 -36.35
C GLN A 2032 -93.11 18.11 -36.21
N ASP A 2033 -94.34 18.55 -36.52
CA ASP A 2033 -94.66 19.97 -36.40
C ASP A 2033 -94.58 20.45 -34.96
N PHE A 2034 -95.09 19.64 -34.02
CA PHE A 2034 -95.01 20.05 -32.62
C PHE A 2034 -93.56 20.14 -32.16
N HIS A 2035 -92.71 19.19 -32.58
CA HIS A 2035 -91.31 19.25 -32.20
C HIS A 2035 -90.62 20.48 -32.78
N GLN A 2036 -90.93 20.82 -34.04
CA GLN A 2036 -90.37 22.02 -34.63
C GLN A 2036 -90.81 23.27 -33.87
N ASP A 2037 -92.09 23.33 -33.50
CA ASP A 2037 -92.59 24.47 -32.73
C ASP A 2037 -91.93 24.54 -31.36
N LEU A 2038 -91.70 23.38 -30.73
CA LEU A 2038 -91.03 23.36 -29.43
C LEU A 2038 -89.60 23.88 -29.54
N LEU A 2039 -88.89 23.47 -30.59
CA LEU A 2039 -87.53 24.00 -30.79
C LEU A 2039 -87.56 25.51 -31.04
N ALA A 2040 -88.54 25.97 -31.83
CA ALA A 2040 -88.66 27.41 -32.09
C ALA A 2040 -88.92 28.18 -30.80
N HIS A 2041 -89.80 27.66 -29.94
CA HIS A 2041 -90.07 28.31 -28.66
C HIS A 2041 -88.83 28.32 -27.77
N CYS A 2042 -88.11 27.19 -27.71
CA CYS A 2042 -86.90 27.13 -26.90
C CYS A 2042 -85.79 28.01 -27.47
N GLY A 2043 -85.88 28.40 -28.73
CA GLY A 2043 -84.89 29.27 -29.33
C GLY A 2043 -83.80 28.58 -30.11
N ILE A 2044 -83.93 27.29 -30.39
CA ILE A 2044 -82.91 26.54 -31.13
C ILE A 2044 -83.22 26.75 -32.61
N GLN A 2045 -82.71 27.84 -33.16
CA GLN A 2045 -82.93 28.17 -34.57
C GLN A 2045 -81.85 29.09 -35.08
N LYS A 2089 -79.51 46.68 -32.48
CA LYS A 2089 -80.14 45.38 -32.29
C LYS A 2089 -81.10 45.41 -31.11
N LYS A 2090 -82.33 45.82 -31.37
CA LYS A 2090 -83.35 45.87 -30.32
C LYS A 2090 -83.78 44.46 -29.94
N PRO A 2091 -83.69 44.09 -28.67
CA PRO A 2091 -84.13 42.74 -28.27
C PRO A 2091 -85.62 42.54 -28.51
N GLN A 2092 -85.98 41.30 -28.82
CA GLN A 2092 -87.37 40.95 -29.10
C GLN A 2092 -87.94 39.94 -28.11
N SER A 2093 -87.15 39.43 -27.18
CA SER A 2093 -87.62 38.39 -26.28
C SER A 2093 -86.86 38.49 -24.96
N LEU A 2094 -87.39 37.79 -23.95
CA LEU A 2094 -86.80 37.81 -22.63
C LEU A 2094 -85.38 37.26 -22.62
N GLN A 2095 -85.14 36.21 -23.41
CA GLN A 2095 -83.80 35.62 -23.46
C GLN A 2095 -82.77 36.61 -23.97
N GLU A 2096 -83.07 37.26 -25.10
CA GLU A 2096 -82.16 38.26 -25.63
C GLU A 2096 -81.99 39.42 -24.67
N LEU A 2097 -83.09 39.87 -24.06
CA LEU A 2097 -83.00 40.99 -23.12
C LEU A 2097 -82.08 40.65 -21.95
N VAL A 2098 -82.27 39.47 -21.35
CA VAL A 2098 -81.46 39.09 -20.20
C VAL A 2098 -80.00 38.92 -20.59
N SER A 2099 -79.73 38.26 -21.72
CA SER A 2099 -78.35 38.05 -22.14
C SER A 2099 -77.65 39.38 -22.38
N HIS A 2100 -78.31 40.29 -23.12
CA HIS A 2100 -77.71 41.58 -23.41
C HIS A 2100 -77.49 42.39 -22.13
N MET A 2101 -78.46 42.36 -21.21
CA MET A 2101 -78.32 43.11 -19.97
C MET A 2101 -77.16 42.58 -19.13
N VAL A 2102 -77.03 41.26 -19.03
CA VAL A 2102 -75.94 40.68 -18.23
C VAL A 2102 -74.60 41.03 -18.84
N VAL A 2103 -74.47 40.87 -20.17
CA VAL A 2103 -73.20 41.16 -20.82
C VAL A 2103 -72.85 42.64 -20.67
N ARG A 2104 -73.84 43.51 -20.87
CA ARG A 2104 -73.59 44.95 -20.77
C ARG A 2104 -73.21 45.34 -19.35
N TRP A 2105 -73.84 44.73 -18.34
CA TRP A 2105 -73.48 45.01 -16.95
C TRP A 2105 -72.04 44.60 -16.68
N ALA A 2106 -71.68 43.37 -17.06
CA ALA A 2106 -70.32 42.90 -16.83
C ALA A 2106 -69.29 43.75 -17.57
N GLN A 2107 -69.65 44.26 -18.75
CA GLN A 2107 -68.75 45.16 -19.47
C GLN A 2107 -68.68 46.53 -18.81
N GLU A 2108 -69.79 47.00 -18.23
CA GLU A 2108 -69.83 48.35 -17.68
C GLU A 2108 -69.06 48.45 -16.37
N ASP A 2109 -69.13 47.43 -15.51
CA ASP A 2109 -68.41 47.53 -14.26
C ASP A 2109 -67.89 46.17 -13.81
N TYR A 2110 -66.83 46.22 -13.01
CA TYR A 2110 -66.26 45.03 -12.38
C TYR A 2110 -67.03 44.77 -11.09
N VAL A 2111 -67.93 43.79 -11.13
CA VAL A 2111 -68.83 43.55 -10.00
C VAL A 2111 -68.03 43.01 -8.82
N GLN A 2112 -68.24 43.61 -7.65
CA GLN A 2112 -67.55 43.22 -6.43
C GLN A 2112 -68.40 42.36 -5.50
N SER A 2113 -69.62 42.00 -5.92
CA SER A 2113 -70.51 41.21 -5.07
C SER A 2113 -70.56 39.77 -5.57
N PRO A 2114 -70.04 38.80 -4.80
CA PRO A 2114 -70.13 37.41 -5.25
C PRO A 2114 -71.55 36.92 -5.47
N GLU A 2115 -72.48 37.33 -4.62
CA GLU A 2115 -73.88 36.94 -4.80
C GLU A 2115 -74.44 37.50 -6.10
N LEU A 2116 -74.16 38.77 -6.39
CA LEU A 2116 -74.63 39.36 -7.64
C LEU A 2116 -74.01 38.66 -8.84
N VAL A 2117 -72.71 38.34 -8.78
CA VAL A 2117 -72.04 37.67 -9.89
C VAL A 2117 -72.66 36.31 -10.14
N ARG A 2118 -72.86 35.53 -9.06
CA ARG A 2118 -73.51 34.24 -9.19
C ARG A 2118 -74.90 34.39 -9.79
N ALA A 2119 -75.65 35.40 -9.35
CA ALA A 2119 -76.99 35.62 -9.88
C ALA A 2119 -76.96 35.88 -11.38
N MET A 2120 -76.10 36.80 -11.84
CA MET A 2120 -76.10 37.13 -13.26
C MET A 2120 -75.68 35.92 -14.09
N PHE A 2121 -74.66 35.19 -13.64
CA PHE A 2121 -74.18 34.09 -14.47
C PHE A 2121 -75.15 32.91 -14.47
N SER A 2122 -75.79 32.63 -13.34
CA SER A 2122 -76.81 31.59 -13.31
C SER A 2122 -78.00 31.96 -14.19
N LEU A 2123 -78.39 33.24 -14.18
CA LEU A 2123 -79.48 33.66 -15.05
C LEU A 2123 -79.07 33.58 -16.51
N LEU A 2124 -77.83 33.91 -16.83
CA LEU A 2124 -77.36 33.88 -18.22
C LEU A 2124 -77.28 32.46 -18.75
N HIS A 2125 -76.88 31.50 -17.91
CA HIS A 2125 -76.73 30.13 -18.38
C HIS A 2125 -78.04 29.54 -18.87
N ARG A 2126 -79.13 29.84 -18.18
CA ARG A 2126 -80.43 29.26 -18.53
C ARG A 2126 -80.89 29.69 -19.92
N GLN A 2127 -80.66 30.96 -20.27
CA GLN A 2127 -81.11 31.45 -21.57
C GLN A 2127 -80.44 30.68 -22.70
N TYR A 2128 -79.15 30.39 -22.58
CA TYR A 2128 -78.47 29.61 -23.60
C TYR A 2128 -78.89 28.15 -23.54
N ASP A 2129 -78.92 27.56 -22.36
CA ASP A 2129 -79.32 26.16 -22.20
C ASP A 2129 -80.78 26.04 -21.78
N GLY A 2130 -81.69 26.65 -22.56
CA GLY A 2130 -83.11 26.48 -22.30
C GLY A 2130 -83.58 25.06 -22.48
N LEU A 2131 -83.09 24.38 -23.52
CA LEU A 2131 -83.52 23.00 -23.78
C LEU A 2131 -83.10 22.06 -22.66
N GLY A 2132 -81.88 22.21 -22.16
CA GLY A 2132 -81.44 21.37 -21.05
C GLY A 2132 -82.25 21.61 -19.79
N GLU A 2133 -82.70 22.84 -19.57
CA GLU A 2133 -83.55 23.12 -18.42
C GLU A 2133 -84.86 22.34 -18.50
N LEU A 2134 -85.47 22.31 -19.69
CA LEU A 2134 -86.68 21.51 -19.87
C LEU A 2134 -86.38 20.02 -19.71
N LEU A 2135 -85.21 19.58 -20.20
CA LEU A 2135 -84.84 18.17 -20.08
C LEU A 2135 -84.73 17.76 -18.61
N ARG A 2136 -84.12 18.60 -17.79
CA ARG A 2136 -84.01 18.29 -16.37
C ARG A 2136 -85.30 18.54 -15.58
N ALA A 2137 -86.20 19.37 -16.12
CA ALA A 2137 -87.46 19.63 -15.43
C ALA A 2137 -88.51 18.57 -15.74
N LEU A 2138 -88.41 17.89 -16.88
CA LEU A 2138 -89.37 16.85 -17.22
C LEU A 2138 -89.49 15.74 -16.18
N PRO A 2139 -88.41 15.25 -15.54
CA PRO A 2139 -88.58 14.18 -14.54
C PRO A 2139 -89.57 14.51 -13.43
N ARG A 2140 -89.70 15.79 -13.04
CA ARG A 2140 -90.63 16.15 -11.99
C ARG A 2140 -92.05 16.36 -12.50
N ALA A 2141 -92.27 16.29 -13.81
CA ALA A 2141 -93.61 16.46 -14.35
C ALA A 2141 -94.45 15.20 -14.10
N TYR A 2142 -95.75 15.41 -13.94
CA TYR A 2142 -96.68 14.31 -13.67
C TYR A 2142 -98.07 14.72 -14.13
N THR A 2143 -98.82 13.74 -14.62
CA THR A 2143 -100.19 13.95 -15.11
C THR A 2143 -101.14 13.07 -14.32
N ILE A 2144 -102.21 13.66 -13.80
CA ILE A 2144 -103.18 12.95 -12.99
C ILE A 2144 -104.57 13.14 -13.60
N SER A 2145 -105.49 12.26 -13.19
CA SER A 2145 -106.86 12.35 -13.66
C SER A 2145 -107.59 13.50 -12.97
N PRO A 2146 -108.59 14.10 -13.62
CA PRO A 2146 -109.33 15.20 -12.98
C PRO A 2146 -110.12 14.78 -11.76
N SER A 2147 -110.39 13.48 -11.57
CA SER A 2147 -111.18 13.02 -10.45
C SER A 2147 -110.38 12.86 -9.17
N SER A 2148 -109.05 12.95 -9.23
CA SER A 2148 -108.20 12.79 -8.06
C SER A 2148 -107.57 14.10 -7.61
N VAL A 2149 -108.02 15.24 -8.14
CA VAL A 2149 -107.38 16.51 -7.85
C VAL A 2149 -107.56 16.90 -6.40
N GLU A 2150 -108.72 16.60 -5.81
CA GLU A 2150 -108.95 16.95 -4.41
C GLU A 2150 -108.00 16.20 -3.48
N ASP A 2151 -107.86 14.89 -3.70
CA ASP A 2151 -106.95 14.10 -2.87
C ASP A 2151 -105.49 14.48 -3.13
N THR A 2152 -105.15 14.82 -4.37
CA THR A 2152 -103.80 15.29 -4.65
C THR A 2152 -103.50 16.59 -3.91
N MET A 2153 -104.47 17.51 -3.90
CA MET A 2153 -104.29 18.76 -3.15
C MET A 2153 -104.16 18.49 -1.66
N SER A 2154 -104.95 17.54 -1.13
CA SER A 2154 -104.81 17.18 0.27
C SER A 2154 -103.42 16.62 0.56
N LEU A 2155 -102.90 15.77 -0.33
CA LEU A 2155 -101.57 15.22 -0.15
C LEU A 2155 -100.51 16.32 -0.17
N LEU A 2156 -100.66 17.28 -1.09
CA LEU A 2156 -99.71 18.39 -1.14
C LEU A 2156 -99.77 19.22 0.13
N GLU A 2157 -100.96 19.48 0.64
CA GLU A 2157 -101.09 20.23 1.89
C GLU A 2157 -100.44 19.48 3.06
N CYS A 2158 -100.62 18.16 3.11
CA CYS A 2158 -99.98 17.38 4.17
C CYS A 2158 -98.47 17.40 4.03
N LEU A 2159 -97.96 17.31 2.81
CA LEU A 2159 -96.50 17.30 2.59
C LEU A 2159 -95.88 18.67 2.89
N GLY A 2160 -96.64 19.74 2.69
CA GLY A 2160 -96.10 21.07 2.94
C GLY A 2160 -95.70 21.27 4.39
N GLN A 2161 -96.51 20.78 5.33
CA GLN A 2161 -96.17 20.90 6.74
C GLN A 2161 -94.92 20.12 7.08
N ILE A 2162 -94.78 18.90 6.52
CA ILE A 2162 -93.60 18.10 6.78
C ILE A 2162 -92.36 18.80 6.25
N ARG A 2163 -92.45 19.37 5.05
CA ARG A 2163 -91.31 20.12 4.51
C ARG A 2163 -91.00 21.34 5.36
N SER A 2164 -92.03 22.04 5.85
CA SER A 2164 -91.81 23.25 6.61
C SER A 2164 -91.20 22.97 7.98
N LEU A 2165 -91.52 21.82 8.58
CA LEU A 2165 -91.01 21.50 9.90
C LEU A 2165 -89.56 21.01 9.90
N LEU A 2166 -88.87 21.07 8.75
CA LEU A 2166 -87.45 20.72 8.72
C LEU A 2166 -86.60 21.82 9.34
N ILE A 2167 -86.92 23.08 9.05
CA ILE A 2167 -86.12 24.20 9.53
C ILE A 2167 -86.31 24.50 11.01
N VAL A 2168 -87.26 23.84 11.66
CA VAL A 2168 -87.54 24.05 13.07
C VAL A 2168 -86.90 22.93 13.88
N GLN A 2169 -86.31 23.30 15.02
CA GLN A 2169 -85.78 22.29 15.93
C GLN A 2169 -86.92 21.45 16.49
N MET A 2170 -86.67 20.14 16.57
CA MET A 2170 -87.74 19.19 16.88
C MET A 2170 -88.18 19.34 18.33
N GLY A 2171 -89.50 19.36 18.54
CA GLY A 2171 -90.07 19.46 19.86
C GLY A 2171 -91.33 18.62 20.00
N PRO A 2172 -92.00 18.71 21.14
CA PRO A 2172 -93.21 17.88 21.33
C PRO A 2172 -94.33 18.23 20.37
N GLN A 2173 -94.66 19.52 20.24
CA GLN A 2173 -95.74 19.92 19.33
C GLN A 2173 -95.39 19.58 17.89
N GLU A 2174 -94.16 19.83 17.48
CA GLU A 2174 -93.74 19.49 16.13
C GLU A 2174 -93.83 17.98 15.89
N GLU A 2175 -93.42 17.19 16.88
CA GLU A 2175 -93.52 15.74 16.76
C GLU A 2175 -94.97 15.31 16.59
N ASN A 2176 -95.87 15.88 17.38
CA ASN A 2176 -97.29 15.52 17.25
C ASN A 2176 -97.84 15.92 15.87
N LEU A 2177 -97.46 17.10 15.38
CA LEU A 2177 -97.91 17.52 14.06
C LEU A 2177 -97.41 16.57 12.98
N MET A 2178 -96.15 16.13 13.06
CA MET A 2178 -95.65 15.17 12.08
C MET A 2178 -96.33 13.82 12.22
N ILE A 2179 -96.67 13.40 13.44
CA ILE A 2179 -97.42 12.15 13.61
C ILE A 2179 -98.74 12.23 12.87
N GLN A 2180 -99.48 13.33 13.07
CA GLN A 2180 -100.76 13.49 12.40
C GLN A 2180 -100.59 13.56 10.88
N SER A 2181 -99.58 14.29 10.41
CA SER A 2181 -99.36 14.42 8.97
C SER A 2181 -99.01 13.08 8.33
N ILE A 2182 -98.15 12.30 8.99
CA ILE A 2182 -97.80 10.98 8.47
C ILE A 2182 -99.02 10.07 8.45
N GLY A 2183 -99.84 10.12 9.51
CA GLY A 2183 -101.06 9.34 9.52
C GLY A 2183 -101.98 9.69 8.37
N ASN A 2184 -102.16 10.98 8.10
CA ASN A 2184 -102.97 11.40 6.96
C ASN A 2184 -102.36 10.93 5.65
N ILE A 2185 -101.02 10.95 5.55
CA ILE A 2185 -100.37 10.49 4.34
C ILE A 2185 -100.67 9.02 4.09
N MET A 2186 -100.58 8.19 5.14
CA MET A 2186 -100.91 6.77 5.00
C MET A 2186 -102.37 6.58 4.62
N ASN A 2187 -103.28 7.29 5.29
CA ASN A 2187 -104.70 7.11 5.01
C ASN A 2187 -105.11 7.61 3.64
N ASN A 2188 -104.35 8.53 3.04
CA ASN A 2188 -104.69 9.01 1.71
C ASN A 2188 -104.54 7.90 0.68
N LYS A 2189 -105.50 7.83 -0.24
CA LYS A 2189 -105.53 6.74 -1.21
C LYS A 2189 -104.49 6.93 -2.32
N VAL A 2190 -104.11 8.17 -2.62
CA VAL A 2190 -103.13 8.41 -3.68
C VAL A 2190 -101.76 7.88 -3.32
N PHE A 2191 -101.51 7.60 -2.04
CA PHE A 2191 -100.20 7.12 -1.63
C PHE A 2191 -99.86 5.78 -2.27
N TYR A 2192 -100.81 4.85 -2.28
CA TYR A 2192 -100.60 3.53 -2.85
C TYR A 2192 -101.14 3.39 -4.26
N GLN A 2193 -101.69 4.45 -4.85
CA GLN A 2193 -102.14 4.42 -6.23
C GLN A 2193 -101.17 5.09 -7.19
N HIS A 2194 -100.33 5.99 -6.71
CA HIS A 2194 -99.32 6.67 -7.53
C HIS A 2194 -97.97 6.60 -6.84
N PRO A 2195 -97.38 5.40 -6.74
CA PRO A 2195 -96.04 5.30 -6.17
C PRO A 2195 -95.00 6.05 -6.96
N ASN A 2196 -95.16 6.14 -8.29
CA ASN A 2196 -94.24 6.94 -9.09
C ASN A 2196 -94.32 8.40 -8.70
N LEU A 2197 -95.54 8.92 -8.48
CA LEU A 2197 -95.70 10.30 -8.04
C LEU A 2197 -95.08 10.51 -6.66
N MET A 2198 -95.29 9.55 -5.75
CA MET A 2198 -94.69 9.65 -4.43
C MET A 2198 -93.16 9.69 -4.51
N ARG A 2199 -92.58 8.84 -5.36
CA ARG A 2199 -91.13 8.83 -5.53
C ARG A 2199 -90.64 10.14 -6.14
N ALA A 2200 -91.37 10.67 -7.13
CA ALA A 2200 -90.98 11.93 -7.75
C ALA A 2200 -91.01 13.07 -6.74
N LEU A 2201 -92.03 13.11 -5.89
CA LEU A 2201 -92.05 14.10 -4.81
C LEU A 2201 -90.94 13.84 -3.81
N GLY A 2202 -90.51 12.59 -3.66
CA GLY A 2202 -89.38 12.27 -2.81
C GLY A 2202 -89.61 12.49 -1.33
N MET A 2203 -90.77 12.08 -0.81
CA MET A 2203 -91.04 12.23 0.62
C MET A 2203 -90.24 11.25 1.46
N HIS A 2204 -89.75 10.16 0.89
CA HIS A 2204 -88.95 9.21 1.65
C HIS A 2204 -87.67 9.87 2.15
N GLU A 2205 -87.02 10.65 1.28
CA GLU A 2205 -85.83 11.38 1.71
C GLU A 2205 -86.16 12.40 2.80
N THR A 2206 -87.33 13.03 2.69
CA THR A 2206 -87.73 14.00 3.71
C THR A 2206 -87.89 13.35 5.07
N VAL A 2207 -88.64 12.25 5.13
CA VAL A 2207 -88.83 11.57 6.41
C VAL A 2207 -87.51 10.97 6.90
N MET A 2208 -86.63 10.57 5.98
CA MET A 2208 -85.31 10.10 6.36
C MET A 2208 -84.51 11.20 7.05
N GLU A 2209 -84.55 12.42 6.50
CA GLU A 2209 -83.83 13.52 7.14
C GLU A 2209 -84.45 13.88 8.48
N VAL A 2210 -85.78 13.78 8.60
CA VAL A 2210 -86.41 13.99 9.91
C VAL A 2210 -85.89 12.97 10.93
N MET A 2211 -85.82 11.70 10.51
CA MET A 2211 -85.32 10.67 11.42
C MET A 2211 -83.86 10.91 11.78
N VAL A 2212 -83.05 11.33 10.81
CA VAL A 2212 -81.65 11.60 11.08
C VAL A 2212 -81.50 12.76 12.06
N ASN A 2213 -82.29 13.82 11.87
CA ASN A 2213 -82.24 14.96 12.78
C ASN A 2213 -82.65 14.56 14.20
N VAL A 2214 -83.71 13.76 14.33
CA VAL A 2214 -84.15 13.38 15.67
C VAL A 2214 -83.15 12.41 16.31
N LEU A 2215 -82.46 11.60 15.50
CA LEU A 2215 -81.46 10.70 16.05
C LEU A 2215 -80.22 11.44 16.49
N GLY A 2216 -79.82 12.47 15.74
CA GLY A 2216 -78.62 13.23 16.06
C GLY A 2216 -78.74 14.05 17.33
N ILE A 2223 -83.27 7.42 23.36
CA ILE A 2223 -83.29 8.52 22.40
C ILE A 2223 -84.60 9.29 22.55
N ARG A 2224 -84.57 10.58 22.26
CA ARG A 2224 -85.75 11.41 22.38
C ARG A 2224 -86.72 11.15 21.23
N PHE A 2225 -88.00 11.43 21.48
CA PHE A 2225 -89.07 11.26 20.52
C PHE A 2225 -89.12 9.84 19.92
N PRO A 2226 -89.25 8.81 20.78
CA PRO A 2226 -89.38 7.45 20.25
C PRO A 2226 -90.63 7.26 19.41
N LYS A 2227 -91.71 7.98 19.72
CA LYS A 2227 -92.90 7.92 18.88
C LYS A 2227 -92.61 8.43 17.48
N MET A 2228 -91.87 9.54 17.38
CA MET A 2228 -91.48 10.05 16.07
C MET A 2228 -90.60 9.06 15.33
N VAL A 2229 -89.63 8.45 16.02
CA VAL A 2229 -88.76 7.48 15.38
C VAL A 2229 -89.57 6.30 14.86
N THR A 2230 -90.49 5.79 15.69
CA THR A 2230 -91.32 4.65 15.30
C THR A 2230 -92.21 4.99 14.11
N SER A 2231 -92.79 6.20 14.11
CA SER A 2231 -93.64 6.59 13.00
C SER A 2231 -92.83 6.68 11.71
N CYS A 2232 -91.64 7.28 11.77
CA CYS A 2232 -90.81 7.36 10.57
C CYS A 2232 -90.44 5.97 10.06
N CYS A 2233 -90.04 5.07 10.97
CA CYS A 2233 -89.64 3.73 10.55
C CYS A 2233 -90.81 2.96 9.96
N ARG A 2234 -92.00 3.07 10.56
CA ARG A 2234 -93.15 2.36 10.02
C ARG A 2234 -93.59 2.94 8.68
N PHE A 2235 -93.46 4.27 8.51
CA PHE A 2235 -93.75 4.87 7.20
C PHE A 2235 -92.79 4.34 6.14
N LEU A 2236 -91.50 4.26 6.48
CA LEU A 2236 -90.54 3.74 5.51
C LEU A 2236 -90.79 2.27 5.20
N CYS A 2237 -91.16 1.47 6.21
CA CYS A 2237 -91.47 0.06 5.97
C CYS A 2237 -92.68 -0.08 5.05
N TYR A 2238 -93.73 0.71 5.30
CA TYR A 2238 -94.91 0.67 4.44
C TYR A 2238 -94.57 1.11 3.02
N PHE A 2239 -93.74 2.15 2.89
CA PHE A 2239 -93.32 2.62 1.57
C PHE A 2239 -92.55 1.54 0.82
N CYS A 2240 -91.67 0.82 1.52
CA CYS A 2240 -90.97 -0.29 0.91
C CYS A 2240 -91.93 -1.38 0.48
N ARG A 2241 -92.92 -1.70 1.33
CA ARG A 2241 -93.89 -2.75 0.99
C ARG A 2241 -94.79 -2.36 -0.16
N ILE A 2242 -94.94 -1.06 -0.44
CA ILE A 2242 -95.82 -0.62 -1.53
C ILE A 2242 -95.43 -1.29 -2.84
N SER A 2243 -94.21 -1.05 -3.31
CA SER A 2243 -93.78 -1.56 -4.61
C SER A 2243 -92.29 -1.84 -4.57
N ARG A 2244 -91.83 -2.57 -5.59
CA ARG A 2244 -90.43 -2.98 -5.64
C ARG A 2244 -89.51 -1.81 -5.96
N GLN A 2245 -89.94 -0.90 -6.82
CA GLN A 2245 -89.12 0.26 -7.15
C GLN A 2245 -88.90 1.15 -5.93
N ASN A 2246 -89.92 1.27 -5.07
CA ASN A 2246 -89.74 1.96 -3.80
C ASN A 2246 -88.71 1.25 -2.94
N GLN A 2247 -88.76 -0.08 -2.91
CA GLN A 2247 -87.77 -0.85 -2.15
C GLN A 2247 -86.37 -0.65 -2.71
N ARG A 2248 -86.24 -0.64 -4.04
CA ARG A 2248 -84.93 -0.40 -4.65
C ARG A 2248 -84.42 1.01 -4.32
N SER A 2249 -85.32 2.00 -4.34
CA SER A 2249 -84.92 3.36 -4.00
C SER A 2249 -84.44 3.44 -2.55
N MET A 2250 -85.15 2.78 -1.64
CA MET A 2250 -84.73 2.78 -0.24
C MET A 2250 -83.46 1.97 -0.01
N PHE A 2251 -83.16 1.02 -0.90
CA PHE A 2251 -81.96 0.21 -0.73
C PHE A 2251 -80.68 1.04 -0.82
N ASP A 2252 -80.72 2.16 -1.56
CA ASP A 2252 -79.51 2.96 -1.74
C ASP A 2252 -79.01 3.59 -0.45
N HIS A 2253 -79.84 3.62 0.60
CA HIS A 2253 -79.45 4.17 1.89
C HIS A 2253 -79.30 3.09 2.96
N LEU A 2254 -79.15 1.83 2.54
CA LEU A 2254 -79.09 0.73 3.51
C LEU A 2254 -77.89 0.87 4.44
N SER A 2255 -76.72 1.19 3.87
CA SER A 2255 -75.51 1.28 4.69
C SER A 2255 -75.57 2.45 5.67
N TYR A 2256 -76.22 3.54 5.28
CA TYR A 2256 -76.23 4.74 6.11
C TYR A 2256 -77.15 4.54 7.31
N LEU A 2257 -78.28 3.87 7.09
CA LEU A 2257 -79.15 3.48 8.19
C LEU A 2257 -78.42 2.56 9.18
N LEU A 2258 -77.52 1.72 8.68
CA LEU A 2258 -76.74 0.87 9.58
C LEU A 2258 -75.86 1.71 10.50
N GLU A 2259 -75.21 2.75 9.96
CA GLU A 2259 -74.43 3.64 10.81
C GLU A 2259 -75.32 4.38 11.80
N ASN A 2260 -76.51 4.80 11.36
CA ASN A 2260 -77.43 5.47 12.29
C ASN A 2260 -77.91 4.53 13.38
N SER A 2261 -77.99 3.23 13.10
CA SER A 2261 -78.57 2.29 14.05
C SER A 2261 -77.71 2.14 15.30
N GLY A 2262 -78.36 1.77 16.39
CA GLY A 2262 -77.71 1.54 17.66
C GLY A 2262 -78.46 0.48 18.45
N ILE A 2263 -77.93 0.15 19.63
CA ILE A 2263 -78.54 -0.91 20.43
C ILE A 2263 -79.91 -0.48 20.94
N GLY A 2264 -80.01 0.72 21.52
CA GLY A 2264 -81.30 1.22 21.95
C GLY A 2264 -82.22 1.51 20.78
N LEU A 2265 -81.67 2.11 19.71
CA LEU A 2265 -82.45 2.35 18.51
C LEU A 2265 -83.01 1.06 17.95
N GLY A 2266 -82.18 0.01 17.89
CA GLY A 2266 -82.66 -1.28 17.44
C GLY A 2266 -83.69 -1.88 18.37
N MET A 2267 -83.54 -1.66 19.68
CA MET A 2267 -84.50 -2.20 20.63
C MET A 2267 -85.83 -1.44 20.59
N GLN A 2268 -85.86 -0.24 20.01
CA GLN A 2268 -87.13 0.41 19.74
C GLN A 2268 -88.00 -0.49 18.86
N GLY A 2269 -89.33 -0.31 19.00
CA GLY A 2269 -90.25 -1.19 18.30
C GLY A 2269 -90.04 -1.18 16.79
N SER A 2270 -89.90 0.00 16.22
CA SER A 2270 -89.57 0.17 14.81
C SER A 2270 -88.26 0.92 14.70
N THR A 2271 -87.30 0.36 13.97
CA THR A 2271 -85.94 0.85 13.92
C THR A 2271 -85.44 0.91 12.49
N PRO A 2272 -84.43 1.74 12.22
CA PRO A 2272 -83.80 1.72 10.89
C PRO A 2272 -83.27 0.35 10.51
N LEU A 2273 -82.92 -0.48 11.49
CA LEU A 2273 -82.56 -1.85 11.18
C LEU A 2273 -83.74 -2.60 10.57
N ASP A 2274 -84.94 -2.41 11.13
CA ASP A 2274 -86.13 -2.99 10.51
C ASP A 2274 -86.42 -2.36 9.16
N VAL A 2275 -86.11 -1.07 8.99
CA VAL A 2275 -86.28 -0.43 7.69
C VAL A 2275 -85.40 -1.11 6.65
N ALA A 2276 -84.14 -1.37 7.00
CA ALA A 2276 -83.22 -2.06 6.10
C ALA A 2276 -83.69 -3.49 5.84
N ALA A 2277 -84.20 -4.17 6.88
CA ALA A 2277 -84.72 -5.51 6.69
C ALA A 2277 -85.88 -5.51 5.71
N ALA A 2278 -86.77 -4.51 5.81
CA ALA A 2278 -87.88 -4.41 4.87
C ALA A 2278 -87.40 -4.06 3.47
N SER A 2279 -86.33 -3.27 3.37
CA SER A 2279 -85.79 -2.90 2.06
C SER A 2279 -84.99 -4.02 1.41
N VAL A 2280 -84.60 -5.03 2.19
CA VAL A 2280 -83.80 -6.14 1.65
C VAL A 2280 -84.57 -7.46 1.64
N ILE A 2281 -85.75 -7.53 2.23
CA ILE A 2281 -86.44 -8.81 2.40
C ILE A 2281 -87.06 -9.24 1.08
N ASP A 2282 -86.94 -10.54 0.78
CA ASP A 2282 -87.61 -11.18 -0.34
C ASP A 2282 -87.23 -10.55 -1.68
N ASN A 2283 -86.00 -10.04 -1.78
CA ASN A 2283 -85.48 -9.47 -3.03
C ASN A 2283 -84.14 -10.14 -3.32
N ASN A 2284 -84.17 -11.11 -4.24
CA ASN A 2284 -82.95 -11.86 -4.55
C ASN A 2284 -81.88 -10.97 -5.16
N GLU A 2285 -82.28 -10.07 -6.06
CA GLU A 2285 -81.29 -9.19 -6.69
C GLU A 2285 -80.65 -8.25 -5.68
N LEU A 2286 -81.45 -7.68 -4.77
CA LEU A 2286 -80.89 -6.79 -3.76
C LEU A 2286 -80.00 -7.56 -2.78
N ALA A 2287 -80.41 -8.78 -2.41
CA ALA A 2287 -79.58 -9.60 -1.54
C ALA A 2287 -78.25 -9.93 -2.19
N LEU A 2288 -78.26 -10.21 -3.50
CA LEU A 2288 -77.01 -10.41 -4.22
C LEU A 2288 -76.19 -9.14 -4.27
N ALA A 2289 -76.84 -7.98 -4.41
CA ALA A 2289 -76.16 -6.70 -4.49
C ALA A 2289 -75.70 -6.18 -3.13
N LEU A 2290 -76.05 -6.86 -2.04
CA LEU A 2290 -75.56 -6.47 -0.73
C LEU A 2290 -74.03 -6.47 -0.70
N GLN A 2291 -73.48 -5.81 0.32
CA GLN A 2291 -72.05 -5.55 0.38
C GLN A 2291 -71.42 -6.22 1.60
N GLU A 2292 -70.24 -6.81 1.37
CA GLU A 2292 -69.50 -7.43 2.45
C GLU A 2292 -69.10 -6.41 3.52
N GLN A 2293 -68.90 -5.15 3.12
CA GLN A 2293 -68.60 -4.12 4.12
C GLN A 2293 -69.79 -3.90 5.06
N ASP A 2294 -71.01 -3.86 4.51
CA ASP A 2294 -72.19 -3.72 5.36
C ASP A 2294 -72.37 -4.95 6.25
N LEU A 2295 -72.14 -6.14 5.70
CA LEU A 2295 -72.22 -7.34 6.52
C LEU A 2295 -71.18 -7.33 7.62
N GLU A 2296 -69.98 -6.83 7.32
CA GLU A 2296 -68.94 -6.70 8.34
C GLU A 2296 -69.35 -5.71 9.42
N LYS A 2297 -70.00 -4.61 9.04
CA LYS A 2297 -70.48 -3.66 10.04
C LYS A 2297 -71.52 -4.28 10.95
N VAL A 2298 -72.47 -5.03 10.38
CA VAL A 2298 -73.50 -5.63 11.22
C VAL A 2298 -72.89 -6.72 12.11
N VAL A 2299 -71.89 -7.46 11.61
CA VAL A 2299 -71.21 -8.46 12.43
C VAL A 2299 -70.43 -7.77 13.55
N SER A 2300 -69.84 -6.60 13.27
CA SER A 2300 -69.15 -5.84 14.30
C SER A 2300 -70.12 -5.40 15.40
N TYR A 2301 -71.30 -4.94 15.01
CA TYR A 2301 -72.31 -4.59 16.01
C TYR A 2301 -72.73 -5.80 16.83
N LEU A 2302 -72.89 -6.95 16.16
CA LEU A 2302 -73.27 -8.17 16.88
C LEU A 2302 -72.19 -8.58 17.87
N ALA A 2303 -70.92 -8.46 17.48
CA ALA A 2303 -69.83 -8.75 18.40
C ALA A 2303 -69.81 -7.75 19.55
N GLY A 2304 -70.05 -6.48 19.26
CA GLY A 2304 -69.99 -5.46 20.30
C GLY A 2304 -71.07 -5.61 21.35
N CYS A 2305 -72.29 -5.96 20.93
CA CYS A 2305 -73.36 -6.08 21.92
C CYS A 2305 -73.19 -7.30 22.83
N GLY A 2306 -72.29 -8.21 22.49
CA GLY A 2306 -72.05 -9.40 23.28
C GLY A 2306 -70.96 -9.29 24.32
N LEU A 2307 -70.44 -8.08 24.58
CA LEU A 2307 -69.35 -7.90 25.53
C LEU A 2307 -69.72 -7.03 26.73
N GLN A 2308 -70.96 -6.56 26.82
CA GLN A 2308 -71.37 -5.72 27.93
C GLN A 2308 -72.88 -5.80 28.10
N SER A 2309 -73.34 -5.45 29.30
CA SER A 2309 -74.76 -5.46 29.59
C SER A 2309 -75.45 -4.24 29.00
N CYS A 2310 -76.77 -4.32 28.89
CA CYS A 2310 -77.54 -3.24 28.29
C CYS A 2310 -77.69 -2.09 29.28
N PRO A 2311 -77.42 -0.85 28.86
CA PRO A 2311 -77.54 0.29 29.78
C PRO A 2311 -78.93 0.44 30.36
N MET A 2312 -79.97 0.18 29.57
CA MET A 2312 -81.33 0.32 30.08
C MET A 2312 -81.59 -0.67 31.21
N LEU A 2313 -81.18 -1.92 31.03
CA LEU A 2313 -81.43 -2.92 32.06
C LEU A 2313 -80.58 -2.67 33.29
N LEU A 2314 -79.31 -2.28 33.12
CA LEU A 2314 -78.49 -2.02 34.31
C LEU A 2314 -78.95 -0.76 35.03
N ALA A 2315 -79.60 0.17 34.32
CA ALA A 2315 -80.18 1.33 34.99
C ALA A 2315 -81.45 0.96 35.74
N LYS A 2316 -82.28 0.10 35.14
CA LYS A 2316 -83.49 -0.37 35.81
C LYS A 2316 -83.18 -1.34 36.94
N GLY A 2317 -81.95 -1.84 37.02
CA GLY A 2317 -81.52 -2.66 38.15
C GLY A 2317 -81.34 -4.13 37.86
N TYR A 2318 -81.50 -4.55 36.61
CA TYR A 2318 -81.31 -5.96 36.28
C TYR A 2318 -79.84 -6.34 36.42
N PRO A 2319 -79.56 -7.58 36.82
CA PRO A 2319 -78.16 -7.99 37.04
C PRO A 2319 -77.36 -7.99 35.76
N ASP A 2320 -76.06 -7.74 35.90
CA ASP A 2320 -75.15 -7.71 34.76
C ASP A 2320 -74.79 -9.12 34.35
N ILE A 2321 -74.94 -9.42 33.06
CA ILE A 2321 -74.58 -10.73 32.52
C ILE A 2321 -73.43 -10.67 31.53
N GLY A 2322 -72.99 -9.47 31.14
CA GLY A 2322 -71.85 -9.32 30.26
C GLY A 2322 -72.15 -9.36 28.78
N TRP A 2323 -73.42 -9.47 28.38
CA TRP A 2323 -73.77 -9.48 26.98
C TRP A 2323 -75.25 -9.10 26.84
N ASN A 2324 -75.65 -8.80 25.61
CA ASN A 2324 -77.00 -8.32 25.30
C ASN A 2324 -77.68 -9.30 24.34
N PRO A 2325 -78.38 -10.32 24.85
CA PRO A 2325 -79.16 -11.18 23.95
C PRO A 2325 -80.24 -10.42 23.20
N CYS A 2326 -80.91 -9.49 23.88
CA CYS A 2326 -81.91 -8.66 23.21
C CYS A 2326 -81.26 -7.82 22.12
N GLY A 2327 -80.05 -7.32 22.38
CA GLY A 2327 -79.31 -6.61 21.34
C GLY A 2327 -78.99 -7.49 20.15
N GLY A 2328 -78.61 -8.75 20.41
CA GLY A 2328 -78.25 -9.65 19.33
C GLY A 2328 -79.44 -10.15 18.52
N GLU A 2329 -80.64 -10.13 19.10
CA GLU A 2329 -81.82 -10.58 18.36
C GLU A 2329 -81.99 -9.82 17.05
N ARG A 2330 -81.85 -8.49 17.11
CA ARG A 2330 -82.10 -7.67 15.93
C ARG A 2330 -81.11 -7.98 14.82
N TYR A 2331 -79.82 -8.07 15.16
CA TYR A 2331 -78.81 -8.38 14.16
C TYR A 2331 -79.00 -9.77 13.59
N LEU A 2332 -79.36 -10.75 14.43
CA LEU A 2332 -79.57 -12.10 13.93
C LEU A 2332 -80.76 -12.15 12.97
N ASP A 2333 -81.83 -11.42 13.29
CA ASP A 2333 -82.98 -11.37 12.38
C ASP A 2333 -82.62 -10.70 11.06
N PHE A 2334 -81.88 -9.59 11.12
CA PHE A 2334 -81.47 -8.93 9.88
C PHE A 2334 -80.58 -9.85 9.06
N LEU A 2335 -79.69 -10.60 9.72
CA LEU A 2335 -78.81 -11.50 9.01
C LEU A 2335 -79.57 -12.64 8.34
N ARG A 2336 -80.59 -13.20 9.02
CA ARG A 2336 -81.33 -14.28 8.38
C ARG A 2336 -82.15 -13.75 7.21
N PHE A 2337 -82.68 -12.53 7.33
CA PHE A 2337 -83.33 -11.92 6.17
C PHE A 2337 -82.36 -11.72 5.01
N ALA A 2338 -81.14 -11.28 5.32
CA ALA A 2338 -80.15 -11.05 4.27
C ALA A 2338 -79.77 -12.36 3.58
N VAL A 2339 -79.63 -13.44 4.35
CA VAL A 2339 -79.12 -14.69 3.79
C VAL A 2339 -80.22 -15.45 3.04
N PHE A 2340 -81.43 -15.51 3.61
CA PHE A 2340 -82.47 -16.37 3.09
C PHE A 2340 -83.50 -15.55 2.30
N VAL A 2341 -83.74 -15.95 1.05
CA VAL A 2341 -84.74 -15.31 0.20
C VAL A 2341 -85.51 -16.39 -0.55
N ASN A 2342 -86.84 -16.27 -0.57
CA ASN A 2342 -87.71 -17.12 -1.38
C ASN A 2342 -87.47 -18.61 -1.10
N GLY A 2343 -87.24 -18.95 0.16
CA GLY A 2343 -87.07 -20.35 0.53
C GLY A 2343 -85.75 -20.97 0.14
N GLU A 2344 -84.80 -20.17 -0.34
CA GLU A 2344 -83.49 -20.68 -0.72
C GLU A 2344 -82.41 -19.79 -0.10
N SER A 2345 -81.22 -20.37 0.06
CA SER A 2345 -80.11 -19.69 0.70
C SER A 2345 -79.20 -19.08 -0.36
N VAL A 2346 -78.85 -17.80 -0.17
CA VAL A 2346 -77.88 -17.15 -1.03
C VAL A 2346 -76.50 -17.65 -0.64
N GLU A 2347 -75.84 -18.36 -1.56
CA GLU A 2347 -74.56 -18.99 -1.23
C GLU A 2347 -73.49 -17.95 -0.89
N GLU A 2348 -73.41 -16.88 -1.68
CA GLU A 2348 -72.37 -15.87 -1.44
C GLU A 2348 -72.55 -15.21 -0.08
N ASN A 2349 -73.78 -14.75 0.21
CA ASN A 2349 -74.04 -14.09 1.48
C ASN A 2349 -73.82 -15.05 2.64
N ALA A 2350 -74.27 -16.30 2.51
CA ALA A 2350 -74.08 -17.27 3.57
C ALA A 2350 -72.60 -17.52 3.84
N ASN A 2351 -71.80 -17.69 2.77
CA ASN A 2351 -70.37 -17.91 2.94
C ASN A 2351 -69.71 -16.72 3.60
N VAL A 2352 -70.03 -15.50 3.17
CA VAL A 2352 -69.42 -14.32 3.77
C VAL A 2352 -69.78 -14.23 5.24
N VAL A 2353 -71.06 -14.45 5.57
CA VAL A 2353 -71.51 -14.32 6.95
C VAL A 2353 -70.83 -15.35 7.84
N VAL A 2354 -70.75 -16.61 7.37
CA VAL A 2354 -70.14 -17.65 8.21
C VAL A 2354 -68.65 -17.40 8.35
N ARG A 2355 -67.99 -16.91 7.30
CA ARG A 2355 -66.56 -16.61 7.40
C ARG A 2355 -66.30 -15.52 8.42
N LEU A 2356 -67.10 -14.45 8.39
CA LEU A 2356 -66.92 -13.40 9.40
C LEU A 2356 -67.24 -13.91 10.80
N LEU A 2357 -68.28 -14.75 10.92
CA LEU A 2357 -68.66 -15.27 12.23
C LEU A 2357 -67.56 -16.13 12.83
N ILE A 2358 -66.92 -16.98 12.01
CA ILE A 2358 -65.85 -17.82 12.55
C ILE A 2358 -64.57 -17.01 12.72
N ARG A 2359 -64.38 -15.94 11.94
CA ARG A 2359 -63.21 -15.09 12.13
C ARG A 2359 -63.29 -14.34 13.46
N LYS A 2360 -64.48 -13.88 13.85
CA LYS A 2360 -64.70 -13.21 15.12
C LYS A 2360 -65.64 -14.06 15.96
N PRO A 2361 -65.10 -14.95 16.80
CA PRO A 2361 -65.97 -15.86 17.57
C PRO A 2361 -66.74 -15.19 18.68
N GLU A 2362 -66.49 -13.90 18.96
CA GLU A 2362 -67.20 -13.21 20.02
C GLU A 2362 -68.69 -13.08 19.73
N CYS A 2363 -69.10 -13.23 18.47
CA CYS A 2363 -70.51 -13.13 18.11
C CYS A 2363 -71.31 -14.35 18.55
N PHE A 2364 -70.65 -15.42 18.99
CA PHE A 2364 -71.34 -16.65 19.37
C PHE A 2364 -71.85 -16.61 20.82
N GLY A 2365 -71.61 -15.54 21.55
CA GLY A 2365 -72.06 -15.43 22.92
C GLY A 2365 -71.09 -16.04 23.89
N PRO A 2366 -71.44 -16.01 25.18
CA PRO A 2366 -70.52 -16.59 26.19
C PRO A 2366 -70.31 -18.08 26.01
N ALA A 2367 -71.40 -18.85 25.90
CA ALA A 2367 -71.28 -20.26 25.59
C ALA A 2367 -70.97 -20.44 24.11
N LEU A 2368 -70.55 -21.66 23.75
CA LEU A 2368 -70.19 -22.01 22.37
C LEU A 2368 -69.03 -21.18 21.87
N ARG A 2369 -68.18 -20.69 22.77
CA ARG A 2369 -67.06 -19.85 22.39
C ARG A 2369 -65.84 -20.24 23.22
N GLY A 2370 -64.81 -20.75 22.54
CA GLY A 2370 -63.55 -21.05 23.19
C GLY A 2370 -63.65 -22.19 24.20
N GLU A 2371 -62.68 -22.18 25.13
CA GLU A 2371 -62.62 -23.23 26.14
C GLU A 2371 -63.71 -23.06 27.19
N GLY A 2372 -64.04 -21.81 27.54
CA GLY A 2372 -65.05 -21.55 28.54
C GLY A 2372 -66.48 -21.64 28.05
N GLY A 2373 -66.68 -21.80 26.75
CA GLY A 2373 -68.02 -21.87 26.21
C GLY A 2373 -68.67 -23.21 26.52
N SER A 2374 -69.83 -23.18 27.19
CA SER A 2374 -70.56 -24.39 27.48
C SER A 2374 -71.43 -24.77 26.28
N GLY A 2375 -72.09 -25.94 26.38
CA GLY A 2375 -72.90 -26.44 25.31
C GLY A 2375 -74.33 -25.92 25.35
N LEU A 2376 -75.09 -26.31 24.32
CA LEU A 2376 -76.49 -25.94 24.24
C LEU A 2376 -77.26 -26.47 25.45
N LEU A 2377 -76.98 -27.71 25.84
CA LEU A 2377 -77.67 -28.30 26.98
C LEU A 2377 -77.43 -27.47 28.24
N ALA A 2378 -76.17 -27.13 28.50
CA ALA A 2378 -75.86 -26.33 29.69
C ALA A 2378 -76.53 -24.96 29.61
N ALA A 2379 -76.49 -24.32 28.44
CA ALA A 2379 -77.08 -22.98 28.30
C ALA A 2379 -78.58 -23.01 28.58
N ILE A 2380 -79.31 -23.95 27.96
CA ILE A 2380 -80.74 -23.98 28.15
C ILE A 2380 -81.12 -24.44 29.55
N GLU A 2381 -80.35 -25.35 30.16
CA GLU A 2381 -80.65 -25.70 31.55
C GLU A 2381 -80.44 -24.51 32.48
N GLU A 2382 -79.38 -23.72 32.25
CA GLU A 2382 -79.18 -22.51 33.03
C GLU A 2382 -80.33 -21.54 32.84
N ALA A 2383 -80.81 -21.42 31.60
CA ALA A 2383 -81.98 -20.56 31.34
C ALA A 2383 -83.21 -21.07 32.09
N ILE A 2384 -83.42 -22.38 32.11
CA ILE A 2384 -84.57 -22.94 32.81
C ILE A 2384 -84.49 -22.66 34.30
N ARG A 2385 -83.30 -22.85 34.90
CA ARG A 2385 -83.16 -22.57 36.33
C ARG A 2385 -83.33 -21.09 36.64
N ILE A 2386 -82.78 -20.21 35.80
CA ILE A 2386 -82.91 -18.78 36.06
C ILE A 2386 -84.36 -18.32 35.82
N SER A 2387 -85.12 -19.05 35.00
CA SER A 2387 -86.55 -18.77 34.89
C SER A 2387 -87.30 -19.26 36.12
N GLU A 2388 -86.95 -20.44 36.62
CA GLU A 2388 -87.56 -20.95 37.85
C GLU A 2388 -87.25 -20.08 39.04
N ASP A 2389 -86.15 -19.32 39.00
CA ASP A 2389 -85.83 -18.37 40.05
C ASP A 2389 -86.33 -16.98 39.64
N PRO A 2390 -87.51 -16.56 40.09
CA PRO A 2390 -88.02 -15.23 39.69
C PRO A 2390 -87.15 -14.07 40.14
N ALA A 2391 -86.48 -14.20 41.28
CA ALA A 2391 -85.66 -13.11 41.79
C ALA A 2391 -84.52 -12.76 40.84
N ARG A 2392 -83.88 -13.79 40.27
CA ARG A 2392 -82.82 -13.53 39.30
C ARG A 2392 -83.38 -12.93 38.03
N ASP A 2393 -84.58 -13.35 37.62
CA ASP A 2393 -85.20 -12.81 36.41
C ASP A 2393 -85.59 -11.35 36.58
N GLY A 2394 -85.92 -10.93 37.80
CA GLY A 2394 -86.31 -9.57 38.05
C GLY A 2394 -85.12 -8.65 38.20
N PRO A 2395 -85.41 -7.37 38.49
CA PRO A 2395 -84.38 -6.34 38.67
C PRO A 2395 -83.43 -6.66 39.83
N ASN A 2414 -91.71 -8.28 36.18
CA ASN A 2414 -90.56 -8.25 35.28
C ASN A 2414 -91.02 -8.21 33.83
N ARG A 2415 -90.41 -7.31 33.05
CA ARG A 2415 -90.77 -7.12 31.64
C ARG A 2415 -89.69 -7.56 30.67
N VAL A 2416 -88.41 -7.45 31.06
CA VAL A 2416 -87.33 -7.77 30.14
C VAL A 2416 -87.31 -9.26 29.81
N HIS A 2417 -87.46 -10.10 30.84
CA HIS A 2417 -87.36 -11.55 30.70
C HIS A 2417 -86.01 -11.95 30.11
N LEU A 2418 -84.95 -11.63 30.84
CA LEU A 2418 -83.61 -11.96 30.40
C LEU A 2418 -83.41 -13.48 30.31
N GLY A 2419 -84.13 -14.24 31.14
CA GLY A 2419 -84.07 -15.69 31.01
C GLY A 2419 -84.54 -16.16 29.66
N HIS A 2420 -85.62 -15.56 29.14
CA HIS A 2420 -86.04 -15.85 27.77
C HIS A 2420 -85.06 -15.29 26.75
N ALA A 2421 -84.45 -14.15 27.05
CA ALA A 2421 -83.48 -13.57 26.11
C ALA A 2421 -82.30 -14.50 25.89
N ILE A 2422 -81.83 -15.15 26.96
CA ILE A 2422 -80.62 -15.96 26.86
C ILE A 2422 -80.76 -17.03 25.78
N MET A 2423 -81.84 -17.81 25.82
CA MET A 2423 -81.97 -18.89 24.86
C MET A 2423 -82.68 -18.48 23.59
N SER A 2424 -83.38 -17.34 23.56
CA SER A 2424 -83.84 -16.80 22.29
C SER A 2424 -82.65 -16.40 21.43
N PHE A 2425 -81.58 -15.89 22.06
CA PHE A 2425 -80.36 -15.58 21.32
C PHE A 2425 -79.82 -16.81 20.61
N TYR A 2426 -79.68 -17.92 21.34
CA TYR A 2426 -79.13 -19.13 20.72
C TYR A 2426 -80.06 -19.72 19.70
N ALA A 2427 -81.38 -19.64 19.92
CA ALA A 2427 -82.32 -20.12 18.91
C ALA A 2427 -82.20 -19.32 17.62
N ALA A 2428 -82.09 -18.00 17.73
CA ALA A 2428 -81.93 -17.17 16.54
C ALA A 2428 -80.60 -17.45 15.85
N LEU A 2429 -79.53 -17.68 16.63
CA LEU A 2429 -78.25 -18.02 16.04
C LEU A 2429 -78.33 -19.35 15.28
N ILE A 2430 -79.00 -20.34 15.86
CA ILE A 2430 -79.16 -21.63 15.20
C ILE A 2430 -79.97 -21.47 13.92
N ASP A 2431 -81.01 -20.65 13.96
CA ASP A 2431 -81.81 -20.40 12.76
C ASP A 2431 -80.97 -19.74 11.67
N LEU A 2432 -80.13 -18.77 12.05
CA LEU A 2432 -79.26 -18.12 11.07
C LEU A 2432 -78.28 -19.11 10.45
N LEU A 2433 -77.69 -19.98 11.28
CA LEU A 2433 -76.77 -20.98 10.74
C LEU A 2433 -77.48 -21.94 9.81
N GLY A 2434 -78.70 -22.37 10.18
CA GLY A 2434 -79.45 -23.26 9.32
C GLY A 2434 -79.79 -22.63 7.98
N ARG A 2435 -80.15 -21.35 8.00
CA ARG A 2435 -80.42 -20.66 6.74
C ARG A 2435 -79.14 -20.44 5.94
N CYS A 2436 -77.99 -20.32 6.62
CA CYS A 2436 -76.71 -20.21 5.93
C CYS A 2436 -76.18 -21.55 5.43
N ALA A 2437 -76.79 -22.66 5.84
CA ALA A 2437 -76.32 -23.97 5.43
C ALA A 2437 -76.46 -24.14 3.91
N PRO A 2438 -75.60 -24.97 3.29
CA PRO A 2438 -75.64 -25.12 1.82
C PRO A 2438 -76.87 -25.86 1.33
N GLU A 2439 -76.92 -26.12 0.02
CA GLU A 2439 -78.08 -26.72 -0.63
C GLU A 2439 -77.81 -28.15 -1.03
N MET A 2440 -78.88 -28.94 -1.10
CA MET A 2440 -78.74 -30.37 -1.33
C MET A 2440 -78.21 -30.66 -2.73
N HIS A 2441 -78.60 -29.86 -3.73
CA HIS A 2441 -78.10 -30.11 -5.08
C HIS A 2441 -76.60 -29.83 -5.16
N LEU A 2442 -76.13 -28.77 -4.51
CA LEU A 2442 -74.70 -28.51 -4.46
C LEU A 2442 -73.96 -29.63 -3.72
N ILE A 2443 -74.54 -30.11 -2.62
CA ILE A 2443 -73.91 -31.19 -1.87
C ILE A 2443 -73.80 -32.44 -2.75
N GLN A 2444 -74.88 -32.77 -3.47
CA GLN A 2444 -74.87 -33.95 -4.34
C GLN A 2444 -73.84 -33.78 -5.46
N ALA A 2445 -73.79 -32.59 -6.07
CA ALA A 2445 -72.80 -32.33 -7.12
C ALA A 2445 -71.38 -32.34 -6.57
N GLY A 2446 -71.21 -32.17 -5.26
CA GLY A 2446 -69.90 -32.24 -4.66
C GLY A 2446 -69.07 -30.98 -4.78
N LYS A 2447 -69.70 -29.81 -4.72
CA LYS A 2447 -68.95 -28.57 -4.74
C LYS A 2447 -68.08 -28.46 -3.50
N GLY A 2448 -66.78 -28.23 -3.71
CA GLY A 2448 -65.84 -28.23 -2.60
C GLY A 2448 -66.14 -27.18 -1.56
N GLU A 2449 -66.48 -25.97 -2.01
CA GLU A 2449 -66.79 -24.90 -1.07
C GLU A 2449 -68.04 -25.22 -0.26
N ALA A 2450 -69.07 -25.76 -0.91
CA ALA A 2450 -70.29 -26.11 -0.19
C ALA A 2450 -70.02 -27.22 0.84
N LEU A 2451 -69.25 -28.24 0.45
CA LEU A 2451 -68.91 -29.29 1.40
C LEU A 2451 -68.11 -28.74 2.57
N ARG A 2452 -67.18 -27.83 2.29
CA ARG A 2452 -66.39 -27.22 3.35
C ARG A 2452 -67.27 -26.42 4.30
N ILE A 2453 -68.22 -25.65 3.76
CA ILE A 2453 -69.11 -24.86 4.61
C ILE A 2453 -69.96 -25.77 5.48
N ARG A 2454 -70.50 -26.85 4.91
CA ARG A 2454 -71.29 -27.78 5.71
C ARG A 2454 -70.44 -28.42 6.79
N ALA A 2455 -69.18 -28.76 6.47
CA ALA A 2455 -68.29 -29.34 7.47
C ALA A 2455 -68.00 -28.35 8.59
N ILE A 2456 -67.80 -27.07 8.26
CA ILE A 2456 -67.55 -26.06 9.28
C ILE A 2456 -68.76 -25.92 10.20
N LEU A 2457 -69.96 -25.86 9.62
CA LEU A 2457 -71.17 -25.77 10.45
C LEU A 2457 -71.34 -27.02 11.32
N ARG A 2458 -71.02 -28.18 10.76
CA ARG A 2458 -71.08 -29.43 11.51
C ARG A 2458 -70.14 -29.40 12.70
N SER A 2459 -68.91 -28.89 12.50
CA SER A 2459 -67.97 -28.78 13.59
C SER A 2459 -68.44 -27.77 14.63
N LEU A 2460 -69.03 -26.66 14.19
CA LEU A 2460 -69.49 -25.63 15.12
C LEU A 2460 -70.63 -26.14 15.99
N VAL A 2461 -71.61 -26.81 15.40
CA VAL A 2461 -72.81 -27.23 16.11
C VAL A 2461 -72.85 -28.75 16.14
N PRO A 2462 -72.76 -29.39 17.31
CA PRO A 2462 -72.92 -30.84 17.39
C PRO A 2462 -74.37 -31.28 17.24
N LEU A 2463 -74.54 -32.53 16.82
CA LEU A 2463 -75.87 -33.09 16.66
C LEU A 2463 -76.51 -33.39 18.01
N ASP A 2464 -75.71 -33.86 18.96
CA ASP A 2464 -76.25 -34.27 20.26
C ASP A 2464 -76.89 -33.11 20.99
N ASP A 2465 -76.31 -31.92 20.87
CA ASP A 2465 -76.92 -30.74 21.48
C ASP A 2465 -78.30 -30.46 20.89
N LEU A 2466 -78.43 -30.55 19.57
CA LEU A 2466 -79.73 -30.35 18.93
C LEU A 2466 -80.73 -31.38 19.42
N VAL A 2467 -80.32 -32.65 19.48
CA VAL A 2467 -81.24 -33.70 19.91
C VAL A 2467 -81.68 -33.47 21.34
N GLY A 2468 -80.75 -33.13 22.23
CA GLY A 2468 -81.11 -32.92 23.62
C GLY A 2468 -82.02 -31.73 23.83
N ILE A 2469 -81.72 -30.60 23.17
CA ILE A 2469 -82.54 -29.41 23.38
C ILE A 2469 -83.91 -29.61 22.74
N ILE A 2470 -83.99 -30.40 21.66
CA ILE A 2470 -85.30 -30.81 21.15
C ILE A 2470 -86.03 -31.65 22.18
N SER A 2471 -85.30 -32.56 22.84
CA SER A 2471 -85.92 -33.52 23.75
C SER A 2471 -86.51 -32.84 24.99
N LEU A 2472 -85.83 -31.82 25.52
CA LEU A 2472 -86.30 -31.24 26.78
C LEU A 2472 -87.69 -30.63 26.58
N PRO A 2473 -88.57 -30.77 27.57
CA PRO A 2473 -89.96 -30.33 27.38
C PRO A 2473 -90.19 -28.86 27.73
N LEU A 2474 -91.44 -28.43 27.65
CA LEU A 2474 -91.84 -27.06 27.96
C LEU A 2474 -93.06 -27.09 28.86
N GLN A 2475 -93.32 -25.94 29.49
CA GLN A 2475 -94.48 -25.82 30.36
C GLN A 2475 -95.78 -26.01 29.56
N ILE A 2476 -96.74 -26.70 30.16
CA ILE A 2476 -98.02 -26.98 29.52
C ILE A 2476 -99.16 -26.49 30.41
N PRO A 2477 -100.01 -25.59 29.92
CA PRO A 2477 -101.15 -25.14 30.75
C PRO A 2477 -102.18 -26.25 30.91
N THR A 2478 -102.73 -26.33 32.12
CA THR A 2478 -103.82 -27.23 32.46
C THR A 2478 -104.95 -26.41 33.10
N LEU A 2479 -105.94 -27.12 33.63
CA LEU A 2479 -107.05 -26.49 34.32
C LEU A 2479 -106.98 -26.86 35.80
N GLY A 2480 -106.93 -25.85 36.66
CA GLY A 2480 -106.81 -26.01 38.09
C GLY A 2480 -108.15 -25.92 38.79
N LYS A 2481 -108.10 -25.50 40.06
CA LYS A 2481 -109.33 -25.36 40.85
C LYS A 2481 -110.23 -24.29 40.26
N ASP A 2482 -109.65 -23.17 39.81
CA ASP A 2482 -110.43 -22.09 39.23
C ASP A 2482 -110.96 -22.43 37.84
N GLY A 2483 -110.52 -23.53 37.25
CA GLY A 2483 -110.95 -23.92 35.92
C GLY A 2483 -109.94 -23.64 34.83
N ALA A 2484 -108.89 -22.88 35.11
CA ALA A 2484 -107.85 -22.60 34.12
C ALA A 2484 -106.60 -22.16 34.87
N LEU A 2485 -105.53 -22.94 34.74
CA LEU A 2485 -104.28 -22.62 35.42
C LEU A 2485 -103.50 -21.56 34.63
N VAL A 2486 -102.30 -21.26 35.12
CA VAL A 2486 -101.48 -20.23 34.49
C VAL A 2486 -100.99 -20.71 33.12
N GLN A 2487 -100.85 -19.78 32.20
CA GLN A 2487 -100.36 -20.05 30.85
C GLN A 2487 -99.22 -19.08 30.55
N PRO A 2488 -98.05 -19.28 31.15
CA PRO A 2488 -96.92 -18.37 30.94
C PRO A 2488 -96.21 -18.66 29.64
N LYS A 2489 -96.42 -17.79 28.65
CA LYS A 2489 -95.75 -17.87 27.36
C LYS A 2489 -95.19 -16.50 27.01
N MET A 2490 -94.10 -16.50 26.25
CA MET A 2490 -93.34 -15.31 25.90
C MET A 2490 -92.81 -14.57 27.13
N SER A 2491 -92.88 -15.17 28.31
CA SER A 2491 -92.45 -14.56 29.56
C SER A 2491 -91.55 -15.56 30.29
N ALA A 2492 -90.26 -15.56 29.93
CA ALA A 2492 -89.26 -16.43 30.56
C ALA A 2492 -89.70 -17.89 30.51
N SER A 2493 -90.25 -18.31 29.38
CA SER A 2493 -90.76 -19.66 29.22
C SER A 2493 -90.35 -20.20 27.85
N PHE A 2494 -90.31 -21.53 27.77
CA PHE A 2494 -89.93 -22.19 26.52
C PHE A 2494 -91.03 -22.05 25.48
N VAL A 2495 -90.63 -21.88 24.23
CA VAL A 2495 -91.58 -21.67 23.12
C VAL A 2495 -91.25 -22.66 22.01
N PRO A 2496 -92.25 -23.27 21.38
CA PRO A 2496 -91.96 -24.23 20.30
C PRO A 2496 -91.29 -23.63 19.08
N ASP A 2497 -91.30 -22.30 18.93
CA ASP A 2497 -90.63 -21.68 17.78
C ASP A 2497 -89.13 -21.93 17.81
N HIS A 2498 -88.54 -21.96 19.00
CA HIS A 2498 -87.11 -22.26 19.11
C HIS A 2498 -86.82 -23.67 18.59
N LYS A 2499 -87.64 -24.64 19.01
CA LYS A 2499 -87.49 -26.00 18.50
C LYS A 2499 -87.76 -26.07 17.01
N ALA A 2500 -88.65 -25.22 16.49
CA ALA A 2500 -88.87 -25.17 15.05
C ALA A 2500 -87.61 -24.71 14.32
N SER A 2501 -86.94 -23.69 14.85
CA SER A 2501 -85.67 -23.26 14.26
C SER A 2501 -84.62 -24.36 14.32
N MET A 2502 -84.56 -25.08 15.44
CA MET A 2502 -83.64 -26.21 15.54
C MET A 2502 -83.97 -27.31 14.55
N VAL A 2503 -85.27 -27.55 14.31
CA VAL A 2503 -85.68 -28.56 13.34
C VAL A 2503 -85.28 -28.13 11.93
N LEU A 2504 -85.39 -26.83 11.64
CA LEU A 2504 -84.90 -26.33 10.35
C LEU A 2504 -83.40 -26.56 10.23
N PHE A 2505 -82.65 -26.31 11.30
CA PHE A 2505 -81.22 -26.59 11.30
C PHE A 2505 -80.94 -28.07 11.07
N LEU A 2506 -81.71 -28.94 11.73
CA LEU A 2506 -81.54 -30.39 11.57
C LEU A 2506 -81.89 -30.84 10.15
N ASP A 2507 -82.82 -30.14 9.50
CA ASP A 2507 -83.14 -30.47 8.11
C ASP A 2507 -82.03 -30.04 7.18
N ARG A 2508 -81.48 -28.83 7.37
CA ARG A 2508 -80.42 -28.35 6.49
C ARG A 2508 -79.14 -29.16 6.67
N VAL A 2509 -78.72 -29.39 7.90
CA VAL A 2509 -77.52 -30.17 8.19
C VAL A 2509 -77.90 -31.23 9.23
N TYR A 2510 -77.17 -32.35 9.21
CA TYR A 2510 -77.55 -33.56 9.94
C TYR A 2510 -78.90 -34.08 9.45
N GLY A 2511 -78.94 -34.37 8.15
CA GLY A 2511 -80.17 -34.83 7.54
C GLY A 2511 -80.60 -36.20 8.06
N ILE A 2512 -81.86 -36.51 7.82
CA ILE A 2512 -82.46 -37.76 8.28
C ILE A 2512 -82.26 -38.81 7.20
N GLU A 2513 -81.37 -39.77 7.44
CA GLU A 2513 -81.09 -40.84 6.48
C GLU A 2513 -81.21 -42.25 7.04
N ASN A 2514 -81.16 -42.43 8.36
CA ASN A 2514 -81.24 -43.74 8.98
C ASN A 2514 -82.65 -43.95 9.53
N GLN A 2515 -83.24 -45.11 9.25
CA GLN A 2515 -84.56 -45.41 9.77
C GLN A 2515 -84.54 -45.51 11.30
N ASP A 2516 -83.52 -46.19 11.85
CA ASP A 2516 -83.43 -46.32 13.30
C ASP A 2516 -83.24 -44.97 13.97
N PHE A 2517 -82.35 -44.14 13.42
CA PHE A 2517 -82.13 -42.82 14.00
C PHE A 2517 -83.37 -41.94 13.87
N LEU A 2518 -84.08 -42.07 12.74
CA LEU A 2518 -85.30 -41.30 12.56
C LEU A 2518 -86.36 -41.68 13.59
N LEU A 2519 -86.58 -42.98 13.77
CA LEU A 2519 -87.57 -43.40 14.76
C LEU A 2519 -87.14 -43.05 16.18
N HIS A 2520 -85.83 -43.10 16.46
CA HIS A 2520 -85.34 -42.71 17.78
C HIS A 2520 -85.61 -41.24 18.05
N VAL A 2521 -85.21 -40.36 17.11
CA VAL A 2521 -85.37 -38.93 17.31
C VAL A 2521 -86.86 -38.56 17.30
N LEU A 2522 -87.69 -39.35 16.63
CA LEU A 2522 -89.12 -39.12 16.68
C LEU A 2522 -89.68 -39.47 18.06
N ASP A 2523 -89.47 -40.73 18.48
CA ASP A 2523 -90.02 -41.19 19.75
C ASP A 2523 -89.52 -40.36 20.92
N VAL A 2524 -88.26 -39.90 20.87
CA VAL A 2524 -87.75 -38.99 21.88
C VAL A 2524 -87.62 -37.61 21.26
N GLY A 2525 -88.67 -36.80 21.36
CA GLY A 2525 -88.61 -35.46 20.83
C GLY A 2525 -89.86 -34.96 20.14
N PHE A 2526 -90.64 -35.83 19.52
CA PHE A 2526 -91.81 -35.39 18.77
C PHE A 2526 -93.10 -36.01 19.26
N LEU A 2527 -93.10 -37.31 19.58
CA LEU A 2527 -94.30 -37.95 20.08
C LEU A 2527 -94.86 -37.33 21.35
N PRO A 2528 -94.06 -36.95 22.36
CA PRO A 2528 -94.64 -36.25 23.50
C PRO A 2528 -95.38 -34.98 23.12
N ASP A 2529 -94.85 -34.21 22.17
CA ASP A 2529 -95.54 -33.01 21.73
C ASP A 2529 -96.84 -33.34 21.01
N MET A 2530 -96.84 -34.39 20.19
CA MET A 2530 -98.07 -34.80 19.51
C MET A 2530 -99.13 -35.24 20.51
N ARG A 2531 -98.72 -35.99 21.55
CA ARG A 2531 -99.68 -36.40 22.56
C ARG A 2531 -100.17 -35.22 23.38
N ALA A 2532 -99.31 -34.24 23.64
CA ALA A 2532 -99.74 -33.02 24.32
C ALA A 2532 -100.77 -32.27 23.48
N ALA A 2533 -100.52 -32.16 22.17
CA ALA A 2533 -101.51 -31.52 21.29
C ALA A 2533 -102.81 -32.30 21.26
N ALA A 2534 -102.74 -33.63 21.27
CA ALA A 2534 -103.94 -34.45 21.31
C ALA A 2534 -104.74 -34.19 22.58
N SER A 2535 -104.05 -34.08 23.72
CA SER A 2535 -104.72 -33.78 24.98
C SER A 2535 -105.33 -32.37 24.96
N LEU A 2536 -104.61 -31.41 24.38
CA LEU A 2536 -105.07 -30.03 24.31
C LEU A 2536 -106.13 -29.80 23.25
N ASP A 2537 -106.41 -30.79 22.40
CA ASP A 2537 -107.41 -30.65 21.36
C ASP A 2537 -108.80 -30.34 21.92
N THR A 2538 -109.06 -30.65 23.19
CA THR A 2538 -110.36 -30.38 23.78
C THR A 2538 -110.64 -28.87 23.81
N ALA A 2539 -111.93 -28.53 23.82
CA ALA A 2539 -112.35 -27.14 23.57
C ALA A 2539 -111.74 -26.18 24.59
N THR A 2540 -111.88 -26.49 25.88
CA THR A 2540 -111.31 -25.62 26.91
C THR A 2540 -109.80 -25.56 26.80
N PHE A 2541 -109.17 -26.70 26.52
CA PHE A 2541 -107.72 -26.73 26.36
C PHE A 2541 -107.28 -26.13 25.03
N SER A 2542 -108.09 -26.27 23.98
CA SER A 2542 -107.74 -25.66 22.69
C SER A 2542 -107.91 -24.16 22.71
N THR A 2543 -108.75 -23.63 23.60
CA THR A 2543 -108.89 -22.18 23.72
C THR A 2543 -107.60 -21.52 24.20
N THR A 2544 -106.72 -22.28 24.84
CA THR A 2544 -105.43 -21.73 25.27
C THR A 2544 -104.62 -21.27 24.07
N GLU A 2545 -103.87 -20.18 24.25
CA GLU A 2545 -103.19 -19.55 23.14
C GLU A 2545 -102.02 -20.40 22.63
N MET A 2546 -101.32 -21.10 23.52
CA MET A 2546 -100.13 -21.82 23.09
C MET A 2546 -100.46 -23.09 22.32
N ALA A 2547 -101.70 -23.58 22.39
CA ALA A 2547 -102.08 -24.74 21.60
C ALA A 2547 -101.98 -24.44 20.11
N LEU A 2548 -102.41 -23.24 19.70
CA LEU A 2548 -102.25 -22.82 18.32
C LEU A 2548 -100.77 -22.72 17.95
N ALA A 2549 -99.94 -22.25 18.90
CA ALA A 2549 -98.51 -22.20 18.65
C ALA A 2549 -97.92 -23.58 18.44
N LEU A 2550 -98.34 -24.56 19.25
CA LEU A 2550 -97.88 -25.93 19.07
C LEU A 2550 -98.33 -26.50 17.74
N ASN A 2551 -99.58 -26.23 17.36
CA ASN A 2551 -100.07 -26.70 16.06
C ASN A 2551 -99.27 -26.11 14.91
N ARG A 2552 -99.00 -24.81 14.99
CA ARG A 2552 -98.20 -24.15 13.95
C ARG A 2552 -96.79 -24.72 13.90
N TYR A 2553 -96.17 -24.92 15.06
CA TYR A 2553 -94.83 -25.50 15.11
C TYR A 2553 -94.82 -26.88 14.47
N LEU A 2554 -95.79 -27.72 14.82
CA LEU A 2554 -95.86 -29.06 14.25
C LEU A 2554 -96.01 -28.99 12.74
N CYS A 2555 -97.03 -28.28 12.26
CA CYS A 2555 -97.32 -28.24 10.84
C CYS A 2555 -96.23 -27.56 10.02
N LEU A 2556 -95.40 -26.72 10.64
CA LEU A 2556 -94.35 -26.03 9.90
C LEU A 2556 -92.99 -26.71 9.98
N ALA A 2557 -92.72 -27.50 11.01
CA ALA A 2557 -91.41 -28.11 11.16
C ALA A 2557 -91.45 -29.63 11.17
N VAL A 2558 -92.35 -30.24 11.94
CA VAL A 2558 -92.28 -31.66 12.20
C VAL A 2558 -92.97 -32.46 11.10
N LEU A 2559 -94.21 -32.09 10.77
CA LEU A 2559 -95.01 -32.85 9.81
C LEU A 2559 -94.38 -32.90 8.43
N PRO A 2560 -93.92 -31.79 7.83
CA PRO A 2560 -93.26 -31.91 6.52
C PRO A 2560 -92.03 -32.79 6.54
N LEU A 2561 -91.29 -32.82 7.65
CA LEU A 2561 -90.17 -33.74 7.76
C LEU A 2561 -90.64 -35.18 7.67
N ILE A 2562 -91.77 -35.49 8.32
CA ILE A 2562 -92.33 -36.85 8.23
C ILE A 2562 -92.77 -37.15 6.81
N THR A 2563 -93.35 -36.17 6.12
CA THR A 2563 -93.73 -36.37 4.72
C THR A 2563 -92.51 -36.68 3.86
N LYS A 2564 -91.41 -35.94 4.08
CA LYS A 2564 -90.20 -36.18 3.30
C LYS A 2564 -89.57 -37.53 3.61
N CYS A 2565 -89.66 -37.96 4.87
CA CYS A 2565 -89.06 -39.21 5.30
C CYS A 2565 -90.02 -40.40 5.23
N ALA A 2566 -91.21 -40.20 4.67
CA ALA A 2566 -92.16 -41.31 4.54
C ALA A 2566 -91.59 -42.50 3.76
N PRO A 2567 -90.92 -42.32 2.62
CA PRO A 2567 -90.32 -43.50 1.97
C PRO A 2567 -89.29 -44.21 2.83
N LEU A 2568 -88.59 -43.48 3.70
CA LEU A 2568 -87.62 -44.11 4.59
C LEU A 2568 -88.32 -45.00 5.61
N PHE A 2569 -89.56 -44.67 5.96
CA PHE A 2569 -90.30 -45.44 6.96
C PHE A 2569 -90.58 -46.87 6.51
N ALA A 2570 -90.43 -47.17 5.22
CA ALA A 2570 -90.73 -48.50 4.72
C ALA A 2570 -89.76 -49.52 5.27
N GLY A 2571 -90.30 -50.63 5.78
CA GLY A 2571 -89.47 -51.71 6.30
C GLY A 2571 -89.08 -51.54 7.75
N THR A 2572 -90.06 -51.27 8.61
CA THR A 2572 -89.81 -51.15 10.03
C THR A 2572 -89.60 -52.53 10.65
N GLU A 2573 -88.68 -52.61 11.61
CA GLU A 2573 -88.39 -53.85 12.33
C GLU A 2573 -88.82 -53.69 13.77
N HIS A 2574 -89.84 -54.45 14.18
CA HIS A 2574 -90.34 -54.46 15.55
C HIS A 2574 -90.76 -53.07 16.02
N ARG A 2575 -91.28 -52.25 15.09
CA ARG A 2575 -91.70 -50.89 15.39
C ARG A 2575 -93.23 -50.75 15.42
N ALA A 2576 -93.95 -51.87 15.47
CA ALA A 2576 -95.36 -51.88 15.12
C ALA A 2576 -96.21 -51.02 16.06
N ILE A 2577 -96.08 -51.24 17.36
CA ILE A 2577 -97.01 -50.59 18.30
C ILE A 2577 -96.72 -49.09 18.42
N MET A 2578 -95.44 -48.69 18.43
CA MET A 2578 -95.14 -47.26 18.38
C MET A 2578 -95.59 -46.61 17.08
N VAL A 2579 -95.43 -47.29 15.94
CA VAL A 2579 -95.94 -46.72 14.70
C VAL A 2579 -97.46 -46.58 14.75
N ASP A 2580 -98.14 -47.57 15.34
CA ASP A 2580 -99.60 -47.48 15.48
C ASP A 2580 -100.01 -46.32 16.38
N SER A 2581 -99.28 -46.12 17.49
CA SER A 2581 -99.59 -45.01 18.38
C SER A 2581 -99.36 -43.67 17.71
N MET A 2582 -98.27 -43.54 16.94
CA MET A 2582 -98.06 -42.29 16.23
C MET A 2582 -99.09 -42.10 15.13
N LEU A 2583 -99.60 -43.19 14.56
CA LEU A 2583 -100.73 -43.08 13.64
C LEU A 2583 -101.96 -42.55 14.35
N HIS A 2584 -102.22 -43.03 15.57
CA HIS A 2584 -103.31 -42.47 16.38
C HIS A 2584 -103.14 -40.97 16.57
N THR A 2585 -101.92 -40.55 16.96
CA THR A 2585 -101.67 -39.14 17.21
C THR A 2585 -101.88 -38.31 15.93
N VAL A 2586 -101.33 -38.80 14.81
CA VAL A 2586 -101.42 -38.06 13.56
C VAL A 2586 -102.87 -37.95 13.10
N TYR A 2587 -103.62 -39.04 13.19
CA TYR A 2587 -105.02 -39.02 12.75
C TYR A 2587 -105.86 -38.12 13.64
N ARG A 2588 -105.62 -38.15 14.95
CA ARG A 2588 -106.37 -37.27 15.85
C ARG A 2588 -106.05 -35.81 15.58
N LEU A 2589 -104.77 -35.50 15.33
CA LEU A 2589 -104.41 -34.13 14.96
C LEU A 2589 -105.04 -33.73 13.64
N SER A 2590 -105.13 -34.67 12.69
CA SER A 2590 -105.75 -34.38 11.41
C SER A 2590 -107.23 -34.04 11.57
N ARG A 2591 -107.94 -34.79 12.40
CA ARG A 2591 -109.33 -34.48 12.70
C ARG A 2591 -109.48 -33.50 13.86
N GLY A 2592 -108.40 -32.84 14.26
CA GLY A 2592 -108.48 -31.84 15.31
C GLY A 2592 -109.39 -30.68 14.93
N ARG A 2593 -109.59 -29.80 15.91
CA ARG A 2593 -110.50 -28.68 15.79
C ARG A 2593 -109.77 -27.39 16.14
N SER A 2594 -110.29 -26.28 15.61
CA SER A 2594 -109.74 -24.95 15.82
C SER A 2594 -108.31 -24.85 15.26
N LEU A 2595 -108.20 -25.15 13.96
CA LEU A 2595 -106.93 -25.03 13.26
C LEU A 2595 -107.21 -24.59 11.83
N THR A 2596 -106.17 -24.04 11.21
CA THR A 2596 -106.31 -23.52 9.85
C THR A 2596 -106.52 -24.66 8.85
N LYS A 2597 -107.25 -24.33 7.78
CA LYS A 2597 -107.50 -25.31 6.72
C LYS A 2597 -106.19 -25.80 6.11
N ALA A 2598 -105.22 -24.89 5.93
CA ALA A 2598 -103.92 -25.30 5.40
C ALA A 2598 -103.23 -26.28 6.34
N GLN A 2599 -103.29 -26.03 7.65
CA GLN A 2599 -102.68 -26.94 8.61
C GLN A 2599 -103.35 -28.31 8.57
N ARG A 2600 -104.68 -28.33 8.51
CA ARG A 2600 -105.40 -29.60 8.43
C ARG A 2600 -105.03 -30.35 7.16
N ASP A 2601 -104.92 -29.63 6.05
CA ASP A 2601 -104.51 -30.26 4.79
C ASP A 2601 -103.11 -30.84 4.91
N VAL A 2602 -102.21 -30.13 5.60
CA VAL A 2602 -100.85 -30.64 5.80
C VAL A 2602 -100.88 -31.96 6.54
N ILE A 2603 -101.64 -32.02 7.65
CA ILE A 2603 -101.72 -33.27 8.41
C ILE A 2603 -102.32 -34.38 7.55
N GLU A 2604 -103.34 -34.04 6.74
CA GLU A 2604 -104.00 -35.05 5.91
C GLU A 2604 -103.04 -35.64 4.88
N ASP A 2605 -102.32 -34.77 4.16
CA ASP A 2605 -101.40 -35.28 3.16
C ASP A 2605 -100.23 -36.01 3.80
N CYS A 2606 -99.81 -35.59 4.99
CA CYS A 2606 -98.80 -36.35 5.71
C CYS A 2606 -99.30 -37.75 6.04
N LEU A 2607 -100.55 -37.86 6.47
CA LEU A 2607 -101.13 -39.18 6.75
C LEU A 2607 -101.06 -40.08 5.53
N MET A 2608 -101.56 -39.58 4.39
CA MET A 2608 -101.55 -40.42 3.19
C MET A 2608 -100.14 -40.75 2.72
N ALA A 2609 -99.25 -39.75 2.75
CA ALA A 2609 -97.87 -39.97 2.29
C ALA A 2609 -97.17 -41.01 3.15
N LEU A 2610 -97.37 -40.96 4.48
CA LEU A 2610 -96.78 -41.97 5.33
C LEU A 2610 -97.40 -43.34 5.07
N CYS A 2611 -98.73 -43.39 4.91
CA CYS A 2611 -99.39 -44.67 4.70
C CYS A 2611 -98.93 -45.34 3.41
N ARG A 2612 -98.51 -44.55 2.42
CA ARG A 2612 -98.07 -45.14 1.15
C ARG A 2612 -96.90 -46.11 1.31
N TYR A 2613 -96.14 -46.02 2.40
CA TYR A 2613 -94.94 -46.86 2.55
C TYR A 2613 -94.98 -47.75 3.78
N ILE A 2614 -96.16 -48.06 4.31
CA ILE A 2614 -96.28 -48.89 5.50
C ILE A 2614 -97.02 -50.18 5.13
N ARG A 2615 -96.53 -51.31 5.65
CA ARG A 2615 -97.17 -52.59 5.40
C ARG A 2615 -98.57 -52.60 5.99
N PRO A 2616 -99.56 -53.13 5.27
CA PRO A 2616 -100.93 -53.14 5.80
C PRO A 2616 -101.14 -54.06 6.99
N SER A 2617 -100.14 -54.87 7.36
CA SER A 2617 -100.31 -55.75 8.52
C SER A 2617 -100.46 -54.95 9.81
N MET A 2618 -99.78 -53.81 9.91
CA MET A 2618 -99.87 -52.96 11.09
C MET A 2618 -100.87 -51.82 10.96
N LEU A 2619 -101.61 -51.76 9.85
CA LEU A 2619 -102.64 -50.77 9.66
C LEU A 2619 -104.04 -51.28 10.01
N GLN A 2620 -104.14 -52.50 10.54
CA GLN A 2620 -105.45 -53.00 10.93
C GLN A 2620 -106.02 -52.21 12.11
N HIS A 2621 -105.16 -51.71 13.01
CA HIS A 2621 -105.62 -50.82 14.06
C HIS A 2621 -106.14 -49.51 13.48
N LEU A 2622 -105.46 -48.98 12.45
CA LEU A 2622 -105.94 -47.78 11.80
C LEU A 2622 -107.30 -48.02 11.14
N LEU A 2623 -107.48 -49.18 10.52
CA LEU A 2623 -108.78 -49.52 9.94
C LEU A 2623 -109.85 -49.65 11.03
N ARG A 2624 -109.48 -50.21 12.17
CA ARG A 2624 -110.42 -50.34 13.28
C ARG A 2624 -110.83 -48.97 13.83
N ARG A 2625 -109.89 -48.02 13.82
CA ARG A 2625 -110.26 -46.65 14.19
C ARG A 2625 -111.10 -45.98 13.11
N LEU A 2626 -110.84 -46.29 11.84
CA LEU A 2626 -111.57 -45.66 10.75
C LEU A 2626 -113.01 -46.15 10.66
N VAL A 2627 -113.27 -47.41 11.00
CA VAL A 2627 -114.64 -47.92 10.91
C VAL A 2627 -115.54 -47.24 11.94
N PHE A 2628 -114.96 -46.66 12.98
CA PHE A 2628 -115.77 -45.99 14.00
C PHE A 2628 -116.50 -44.77 13.43
N ASP A 2629 -115.86 -44.01 12.56
CA ASP A 2629 -116.39 -42.73 12.12
C ASP A 2629 -116.65 -42.64 10.62
N VAL A 2630 -115.94 -43.41 9.79
CA VAL A 2630 -116.10 -43.28 8.34
C VAL A 2630 -117.51 -43.60 7.87
N PRO A 2631 -118.14 -44.71 8.28
CA PRO A 2631 -119.53 -44.95 7.83
C PRO A 2631 -120.52 -43.90 8.27
N ILE A 2632 -120.23 -43.16 9.35
CA ILE A 2632 -121.12 -42.09 9.77
C ILE A 2632 -121.18 -40.99 8.72
N LEU A 2633 -120.13 -40.86 7.90
CA LEU A 2633 -120.05 -39.88 6.82
C LEU A 2633 -120.22 -38.45 7.34
N ASN A 2634 -119.26 -38.06 8.17
CA ASN A 2634 -119.22 -36.69 8.67
C ASN A 2634 -118.60 -35.76 7.61
N GLU A 2635 -118.44 -34.49 7.98
CA GLU A 2635 -117.85 -33.54 7.05
C GLU A 2635 -116.39 -33.84 6.78
N PHE A 2636 -115.63 -34.20 7.82
CA PHE A 2636 -114.21 -34.46 7.71
C PHE A 2636 -113.89 -35.95 7.58
N ALA A 2637 -114.90 -36.79 7.42
CA ALA A 2637 -114.70 -38.22 7.25
C ALA A 2637 -114.49 -38.64 5.80
N LYS A 2638 -114.44 -37.67 4.87
CA LYS A 2638 -114.31 -38.06 3.46
C LYS A 2638 -112.86 -38.37 3.07
N MET A 2639 -111.90 -37.54 3.48
CA MET A 2639 -110.50 -37.80 3.18
C MET A 2639 -110.02 -39.14 3.72
N PRO A 2640 -110.38 -39.55 4.95
CA PRO A 2640 -110.03 -40.91 5.36
C PRO A 2640 -110.60 -41.97 4.42
N LEU A 2641 -111.77 -41.72 3.83
CA LEU A 2641 -112.32 -42.67 2.86
C LEU A 2641 -111.45 -42.70 1.60
N LYS A 2642 -110.91 -41.55 1.18
CA LYS A 2642 -109.96 -41.52 0.07
C LYS A 2642 -108.69 -42.29 0.40
N LEU A 2643 -108.21 -42.14 1.64
CA LEU A 2643 -107.03 -42.89 2.07
C LEU A 2643 -107.30 -44.38 2.03
N LEU A 2644 -108.50 -44.79 2.46
CA LEU A 2644 -108.91 -46.19 2.32
C LEU A 2644 -108.95 -46.60 0.85
N THR A 2645 -109.44 -45.72 -0.02
CA THR A 2645 -109.50 -46.02 -1.44
C THR A 2645 -108.12 -46.33 -2.00
N ASN A 2646 -107.14 -45.49 -1.69
CA ASN A 2646 -105.79 -45.72 -2.21
C ASN A 2646 -105.15 -46.94 -1.56
N HIS A 2647 -105.29 -47.09 -0.24
CA HIS A 2647 -104.73 -48.24 0.45
C HIS A 2647 -105.37 -49.55 0.00
N TYR A 2648 -106.58 -49.49 -0.55
CA TYR A 2648 -107.30 -50.66 -1.02
C TYR A 2648 -107.02 -50.96 -2.48
N GLU A 2649 -106.80 -49.94 -3.29
CA GLU A 2649 -106.24 -50.16 -4.63
C GLU A 2649 -104.87 -50.80 -4.53
N ARG A 2650 -104.03 -50.31 -3.62
CA ARG A 2650 -102.78 -50.98 -3.30
C ARG A 2650 -103.05 -52.17 -2.38
N CYS A 2651 -102.06 -53.06 -2.28
CA CYS A 2651 -102.17 -54.27 -1.47
C CYS A 2651 -103.42 -55.08 -1.85
N TRP A 2652 -103.72 -55.09 -3.15
CA TRP A 2652 -104.99 -55.67 -3.60
C TRP A 2652 -105.00 -57.19 -3.46
N LYS A 2653 -103.90 -57.85 -3.83
CA LYS A 2653 -103.81 -59.30 -3.64
C LYS A 2653 -103.58 -59.65 -2.18
N TYR A 2654 -103.00 -58.73 -1.39
CA TYR A 2654 -102.71 -59.04 0.01
C TYR A 2654 -104.01 -59.29 0.77
N TYR A 2655 -105.04 -58.50 0.51
CA TYR A 2655 -106.41 -58.80 0.93
C TYR A 2655 -107.05 -59.74 -0.07
N CYS A 2656 -107.07 -61.03 0.26
CA CYS A 2656 -107.74 -62.03 -0.56
C CYS A 2656 -107.73 -63.35 0.21
N LEU A 2657 -108.67 -64.23 -0.14
CA LEU A 2657 -108.70 -65.54 0.49
C LEU A 2657 -107.42 -66.35 0.23
N PRO A 2658 -106.89 -66.43 -0.98
CA PRO A 2658 -105.57 -67.04 -1.17
C PRO A 2658 -104.46 -66.06 -0.81
N THR A 2659 -103.23 -66.53 -0.95
CA THR A 2659 -102.05 -65.72 -0.63
C THR A 2659 -101.67 -64.88 -1.83
N GLY A 2660 -101.66 -63.57 -1.68
CA GLY A 2660 -101.34 -62.67 -2.78
C GLY A 2660 -99.88 -62.65 -3.18
N TRP A 2661 -99.03 -62.09 -2.32
CA TRP A 2661 -97.59 -61.99 -2.58
C TRP A 2661 -96.88 -61.64 -1.28
N ALA A 2662 -95.56 -61.81 -1.30
CA ALA A 2662 -94.74 -61.65 -0.11
C ALA A 2662 -94.19 -60.24 0.07
N ASN A 2663 -94.55 -59.29 -0.80
CA ASN A 2663 -94.08 -57.92 -0.62
C ASN A 2663 -94.60 -57.33 0.69
N PHE A 2664 -95.80 -57.72 1.12
CA PHE A 2664 -96.30 -57.32 2.42
C PHE A 2664 -97.00 -58.47 3.16
N GLY A 2665 -96.97 -59.69 2.62
CA GLY A 2665 -97.51 -60.84 3.32
C GLY A 2665 -98.89 -61.26 2.87
N VAL A 2666 -99.66 -61.84 3.78
CA VAL A 2666 -101.05 -62.24 3.51
C VAL A 2666 -101.95 -61.62 4.57
N THR A 2667 -103.21 -61.43 4.20
CA THR A 2667 -104.17 -60.83 5.13
C THR A 2667 -104.46 -61.78 6.28
N SER A 2668 -104.90 -61.20 7.40
CA SER A 2668 -105.27 -61.98 8.56
C SER A 2668 -106.54 -62.77 8.27
N GLU A 2669 -106.93 -63.62 9.22
CA GLU A 2669 -108.11 -64.46 9.06
C GLU A 2669 -109.40 -63.65 9.08
N GLU A 2670 -109.37 -62.39 9.47
CA GLU A 2670 -110.58 -61.62 9.69
C GLU A 2670 -110.56 -60.24 9.07
N GLU A 2671 -109.39 -59.70 8.70
CA GLU A 2671 -109.32 -58.38 8.07
C GLU A 2671 -110.17 -58.32 6.80
N LEU A 2672 -110.34 -59.46 6.12
CA LEU A 2672 -111.29 -59.50 5.01
C LEU A 2672 -112.70 -59.19 5.49
N HIS A 2673 -113.08 -59.72 6.66
CA HIS A 2673 -114.40 -59.41 7.18
C HIS A 2673 -114.48 -57.97 7.69
N LEU A 2674 -113.36 -57.41 8.14
CA LEU A 2674 -113.34 -55.97 8.42
C LEU A 2674 -113.63 -55.16 7.16
N THR A 2675 -113.03 -55.55 6.04
CA THR A 2675 -113.33 -54.91 4.76
C THR A 2675 -114.80 -55.10 4.39
N ARG A 2676 -115.34 -56.30 4.64
CA ARG A 2676 -116.74 -56.58 4.35
C ARG A 2676 -117.67 -55.69 5.16
N LYS A 2677 -117.38 -55.55 6.45
CA LYS A 2677 -118.17 -54.66 7.31
C LYS A 2677 -118.04 -53.21 6.87
N LEU A 2678 -116.84 -52.81 6.46
CA LEU A 2678 -116.67 -51.47 5.88
C LEU A 2678 -117.58 -51.28 4.68
N PHE A 2679 -117.60 -52.27 3.78
CA PHE A 2679 -118.41 -52.14 2.57
C PHE A 2679 -119.89 -52.03 2.90
N TRP A 2680 -120.37 -52.88 3.82
CA TRP A 2680 -121.78 -52.82 4.18
C TRP A 2680 -122.15 -51.52 4.88
N GLY A 2681 -121.28 -51.04 5.79
CA GLY A 2681 -121.57 -49.78 6.46
C GLY A 2681 -121.61 -48.62 5.48
N ILE A 2682 -120.65 -48.56 4.57
CA ILE A 2682 -120.63 -47.49 3.59
C ILE A 2682 -121.82 -47.60 2.66
N PHE A 2683 -122.23 -48.82 2.31
CA PHE A 2683 -123.38 -49.01 1.42
C PHE A 2683 -124.68 -48.56 2.08
N ASP A 2684 -124.89 -48.92 3.35
CA ASP A 2684 -126.12 -48.50 4.02
C ASP A 2684 -126.12 -47.00 4.28
N SER A 2685 -124.96 -46.41 4.57
CA SER A 2685 -124.88 -44.95 4.68
C SER A 2685 -125.17 -44.28 3.33
N LEU A 2686 -124.69 -44.90 2.24
CA LEU A 2686 -124.97 -44.40 0.90
C LEU A 2686 -126.46 -44.42 0.62
N ALA A 2687 -127.13 -45.51 0.96
CA ALA A 2687 -128.55 -45.64 0.67
C ALA A 2687 -129.34 -44.54 1.37
N HIS A 2688 -130.34 -44.01 0.65
CA HIS A 2688 -131.24 -42.95 1.13
C HIS A 2688 -130.48 -41.86 1.87
N LYS A 2689 -129.47 -41.31 1.19
CA LYS A 2689 -128.70 -40.18 1.71
C LYS A 2689 -128.81 -39.02 0.73
N LYS A 2690 -128.40 -37.84 1.20
CA LYS A 2690 -128.44 -36.64 0.38
C LYS A 2690 -127.68 -36.84 -0.93
N TYR A 2691 -128.30 -36.45 -2.03
CA TYR A 2691 -127.70 -36.60 -3.36
C TYR A 2691 -126.88 -35.36 -3.69
N ASP A 2692 -125.68 -35.31 -3.12
CA ASP A 2692 -124.68 -34.30 -3.46
C ASP A 2692 -123.57 -34.98 -4.26
N GLN A 2693 -123.14 -34.32 -5.34
CA GLN A 2693 -122.22 -34.95 -6.28
C GLN A 2693 -120.87 -35.21 -5.60
N GLU A 2694 -120.18 -34.15 -5.16
CA GLU A 2694 -118.88 -34.30 -4.55
C GLU A 2694 -118.96 -35.07 -3.23
N LEU A 2695 -120.15 -35.23 -2.66
CA LEU A 2695 -120.30 -36.01 -1.45
C LEU A 2695 -119.87 -37.46 -1.65
N TYR A 2696 -120.00 -37.98 -2.87
CA TYR A 2696 -119.68 -39.38 -3.10
C TYR A 2696 -118.94 -39.61 -4.42
N ARG A 2697 -118.53 -38.53 -5.11
CA ARG A 2697 -117.78 -38.69 -6.36
C ARG A 2697 -116.51 -39.50 -6.14
N MET A 2698 -115.75 -39.16 -5.09
CA MET A 2698 -114.53 -39.89 -4.77
C MET A 2698 -114.83 -41.24 -4.13
N ALA A 2699 -116.02 -41.41 -3.56
CA ALA A 2699 -116.32 -42.59 -2.76
C ALA A 2699 -116.92 -43.73 -3.58
N MET A 2700 -117.49 -43.45 -4.75
CA MET A 2700 -118.01 -44.60 -5.51
C MET A 2700 -116.88 -45.45 -6.09
N PRO A 2701 -115.78 -44.86 -6.58
CA PRO A 2701 -114.62 -45.71 -6.91
C PRO A 2701 -114.07 -46.42 -5.70
N CYS A 2702 -114.26 -45.86 -4.50
CA CYS A 2702 -113.91 -46.58 -3.29
C CYS A 2702 -114.74 -47.85 -3.14
N LEU A 2703 -116.03 -47.77 -3.41
CA LEU A 2703 -116.85 -48.99 -3.40
C LEU A 2703 -116.37 -49.98 -4.45
N CYS A 2704 -116.02 -49.49 -5.63
CA CYS A 2704 -115.49 -50.39 -6.66
C CYS A 2704 -114.24 -51.11 -6.17
N ALA A 2705 -113.30 -50.36 -5.59
CA ALA A 2705 -112.05 -50.95 -5.13
C ALA A 2705 -112.28 -51.92 -3.98
N ILE A 2706 -113.16 -51.58 -3.04
CA ILE A 2706 -113.44 -52.48 -1.91
C ILE A 2706 -114.07 -53.77 -2.42
N ALA A 2707 -115.04 -53.66 -3.33
CA ALA A 2707 -115.67 -54.85 -3.88
C ALA A 2707 -114.67 -55.72 -4.62
N GLY A 2708 -113.76 -55.11 -5.37
CA GLY A 2708 -112.73 -55.88 -6.05
C GLY A 2708 -111.58 -56.34 -5.18
N ALA A 2709 -111.52 -55.89 -3.92
CA ALA A 2709 -110.41 -56.18 -3.04
C ALA A 2709 -110.61 -57.45 -2.21
N LEU A 2710 -111.75 -58.13 -2.33
CA LEU A 2710 -112.01 -59.35 -1.60
C LEU A 2710 -112.77 -60.34 -2.48
N PRO A 2711 -112.52 -61.63 -2.31
CA PRO A 2711 -113.11 -62.64 -3.20
C PRO A 2711 -114.57 -62.88 -2.87
N PRO A 2712 -115.40 -63.20 -3.87
CA PRO A 2712 -116.81 -63.51 -3.58
C PRO A 2712 -117.02 -64.87 -2.96
N ASP A 2713 -116.37 -65.92 -3.48
CA ASP A 2713 -116.59 -67.27 -2.96
C ASP A 2713 -115.89 -67.41 -1.61
N TYR A 2714 -116.66 -67.77 -0.58
CA TYR A 2714 -116.18 -67.75 0.80
C TYR A 2714 -115.61 -66.37 1.14
N VAL A 2715 -116.49 -65.38 1.10
CA VAL A 2715 -116.07 -63.98 1.21
C VAL A 2715 -115.39 -63.73 2.55
N ASP A 2716 -115.95 -64.24 3.62
CA ASP A 2716 -115.46 -63.97 4.97
C ASP A 2716 -115.17 -65.29 5.68
N ALA A 2717 -114.07 -65.32 6.41
CA ALA A 2717 -113.68 -66.48 7.19
C ALA A 2717 -114.14 -66.29 8.62
N SER A 2718 -114.85 -67.31 9.14
CA SER A 2718 -115.37 -67.29 10.51
C SER A 2718 -116.28 -66.08 10.74
N TYR A 2719 -117.27 -65.94 9.87
CA TYR A 2719 -118.24 -64.85 10.01
C TYR A 2719 -119.07 -65.07 11.27
N SER A 2720 -119.20 -64.02 12.09
CA SER A 2720 -119.91 -64.08 13.36
C SER A 2720 -119.40 -65.20 14.25
N ASN A 2734 -119.40 -43.68 16.74
CA ASN A 2734 -118.66 -44.90 17.04
C ASN A 2734 -119.59 -46.10 17.09
N PHE A 2735 -119.12 -47.18 17.72
CA PHE A 2735 -119.89 -48.41 17.87
C PHE A 2735 -120.36 -48.55 19.31
N ASP A 2736 -121.65 -48.82 19.49
CA ASP A 2736 -122.24 -49.02 20.80
C ASP A 2736 -122.83 -50.43 20.87
N PRO A 2737 -122.17 -51.36 21.56
CA PRO A 2737 -122.72 -52.72 21.66
C PRO A 2737 -123.97 -52.78 22.51
N ARG A 2738 -125.11 -53.00 21.88
CA ARG A 2738 -126.39 -53.04 22.58
C ARG A 2738 -126.53 -54.36 23.33
N PRO A 2739 -126.76 -54.36 24.63
CA PRO A 2739 -126.99 -55.62 25.35
C PRO A 2739 -128.40 -56.14 25.16
N VAL A 2740 -128.75 -57.21 25.84
CA VAL A 2740 -130.07 -57.82 25.75
C VAL A 2740 -130.81 -57.53 27.06
N GLU A 2741 -131.98 -56.92 26.95
CA GLU A 2741 -132.80 -56.59 28.11
C GLU A 2741 -133.45 -57.86 28.62
N THR A 2742 -132.86 -58.46 29.66
CA THR A 2742 -133.35 -59.71 30.22
C THR A 2742 -133.68 -59.63 31.70
N LEU A 2743 -133.31 -58.54 32.38
CA LEU A 2743 -133.64 -58.43 33.80
C LEU A 2743 -135.11 -58.08 34.00
N ASN A 2744 -135.73 -57.39 33.04
CA ASN A 2744 -137.13 -57.02 33.17
C ASN A 2744 -138.04 -58.24 33.15
N VAL A 2745 -137.75 -59.19 32.26
CA VAL A 2745 -138.60 -60.36 32.11
C VAL A 2745 -138.39 -61.31 33.29
N ILE A 2746 -139.46 -62.01 33.68
CA ILE A 2746 -139.39 -62.98 34.77
C ILE A 2746 -138.77 -64.27 34.22
N ILE A 2747 -137.73 -64.75 34.88
CA ILE A 2747 -136.99 -65.92 34.42
C ILE A 2747 -137.71 -67.18 34.87
N PRO A 2748 -137.69 -68.26 34.08
CA PRO A 2748 -138.24 -69.53 34.54
C PRO A 2748 -137.35 -70.18 35.59
N GLU A 2749 -137.97 -70.99 36.44
CA GLU A 2749 -137.24 -71.77 37.45
C GLU A 2749 -137.66 -73.23 37.44
N LYS A 2750 -138.31 -73.70 36.37
CA LYS A 2750 -138.72 -75.08 36.27
C LYS A 2750 -137.55 -76.04 36.02
N LEU A 2751 -136.37 -75.51 35.67
CA LEU A 2751 -135.19 -76.33 35.43
C LEU A 2751 -134.04 -75.92 36.36
N ASP A 2752 -134.37 -75.50 37.58
CA ASP A 2752 -133.34 -75.09 38.53
C ASP A 2752 -132.39 -76.23 38.85
N SER A 2753 -132.86 -77.48 38.77
CA SER A 2753 -131.98 -78.62 38.97
C SER A 2753 -130.86 -78.65 37.94
N PHE A 2754 -131.08 -78.04 36.77
CA PHE A 2754 -130.01 -77.85 35.80
C PHE A 2754 -129.29 -76.52 35.99
N ILE A 2755 -130.02 -75.47 36.37
CA ILE A 2755 -129.41 -74.14 36.54
C ILE A 2755 -128.31 -74.21 37.59
N ASN A 2756 -128.67 -74.62 38.81
CA ASN A 2756 -127.69 -74.66 39.90
C ASN A 2756 -126.60 -75.69 39.62
N LYS A 2757 -126.97 -76.82 39.02
CA LYS A 2757 -125.99 -77.86 38.72
C LYS A 2757 -124.92 -77.34 37.77
N PHE A 2758 -125.33 -76.65 36.71
CA PHE A 2758 -124.35 -76.09 35.78
C PHE A 2758 -123.59 -74.92 36.39
N ALA A 2759 -124.24 -74.14 37.26
CA ALA A 2759 -123.54 -73.06 37.93
C ALA A 2759 -122.39 -73.58 38.78
N GLU A 2760 -122.63 -74.68 39.51
CA GLU A 2760 -121.54 -75.31 40.25
C GLU A 2760 -120.56 -76.03 39.33
N TYR A 2761 -121.05 -76.58 38.22
CA TYR A 2761 -120.21 -77.32 37.31
C TYR A 2761 -119.21 -76.42 36.60
N THR A 2762 -119.54 -75.15 36.42
CA THR A 2762 -118.57 -74.21 35.85
C THR A 2762 -117.31 -74.11 36.72
N HIS A 2763 -117.50 -73.90 38.03
CA HIS A 2763 -116.36 -73.85 38.94
C HIS A 2763 -115.71 -75.23 39.08
N GLU A 2764 -116.51 -76.29 38.98
CA GLU A 2764 -115.94 -77.64 39.04
C GLU A 2764 -115.01 -77.89 37.86
N LYS A 2765 -115.40 -77.47 36.67
CA LYS A 2765 -114.51 -77.59 35.50
C LYS A 2765 -113.35 -76.61 35.58
N TRP A 2766 -113.55 -75.45 36.21
CA TRP A 2766 -112.42 -74.57 36.47
C TRP A 2766 -111.37 -75.27 37.33
N ALA A 2767 -111.82 -76.02 38.35
CA ALA A 2767 -110.92 -76.87 39.12
C ALA A 2767 -110.30 -77.95 38.24
N PHE A 2768 -111.11 -78.56 37.37
CA PHE A 2768 -110.62 -79.63 36.49
C PHE A 2768 -109.49 -79.14 35.58
N ASP A 2769 -109.53 -77.88 35.17
CA ASP A 2769 -108.46 -77.36 34.31
C ASP A 2769 -107.12 -77.30 35.04
N LYS A 2770 -107.13 -77.14 36.36
CA LYS A 2770 -105.87 -76.96 37.09
C LYS A 2770 -105.04 -78.24 37.14
N ILE A 2771 -105.69 -79.41 37.27
CA ILE A 2771 -104.92 -80.64 37.31
C ILE A 2771 -104.26 -80.91 35.97
N GLN A 2772 -104.94 -80.55 34.87
CA GLN A 2772 -104.30 -80.61 33.57
C GLN A 2772 -103.18 -79.59 33.45
N ASN A 2773 -103.36 -78.42 34.06
CA ASN A 2773 -102.32 -77.41 34.10
C ASN A 2773 -101.18 -77.76 35.06
N ASN A 2774 -101.30 -78.88 35.78
CA ASN A 2774 -100.28 -79.38 36.71
C ASN A 2774 -100.11 -78.43 37.89
N TRP A 2775 -101.23 -78.11 38.55
CA TRP A 2775 -101.24 -77.32 39.77
C TRP A 2775 -102.28 -77.88 40.72
N SER A 2776 -101.88 -78.11 41.96
CA SER A 2776 -102.79 -78.62 42.97
C SER A 2776 -103.70 -77.50 43.48
N TYR A 2777 -104.82 -77.89 44.08
CA TYR A 2777 -105.78 -76.96 44.63
C TYR A 2777 -105.49 -76.75 46.11
N GLY A 2778 -105.11 -75.53 46.47
CA GLY A 2778 -104.82 -75.21 47.87
C GLY A 2778 -106.08 -74.83 48.63
N GLU A 2779 -106.15 -75.28 49.88
CA GLU A 2779 -107.33 -75.05 50.70
C GLU A 2779 -107.37 -73.61 51.20
N ASN A 2780 -106.37 -73.20 51.97
CA ASN A 2780 -106.34 -71.85 52.51
C ASN A 2780 -106.01 -70.84 51.42
N VAL A 2781 -106.33 -69.58 51.69
CA VAL A 2781 -106.09 -68.49 50.75
C VAL A 2781 -104.61 -68.10 50.84
N ASP A 2782 -103.91 -68.17 49.72
CA ASP A 2782 -102.50 -67.82 49.68
C ASP A 2782 -102.18 -67.20 48.32
N GLU A 2783 -101.29 -66.20 48.34
CA GLU A 2783 -100.95 -65.48 47.11
C GLU A 2783 -100.03 -66.27 46.20
N GLU A 2784 -99.19 -67.15 46.76
CA GLU A 2784 -98.23 -67.89 45.94
C GLU A 2784 -98.93 -68.86 45.00
N LEU A 2785 -100.11 -69.33 45.35
CA LEU A 2785 -100.88 -70.22 44.49
C LEU A 2785 -101.49 -69.41 43.37
N LYS A 2786 -101.08 -69.68 42.13
CA LYS A 2786 -101.51 -68.87 41.00
C LYS A 2786 -103.00 -69.05 40.71
N THR A 2787 -103.55 -70.22 40.96
CA THR A 2787 -104.99 -70.42 40.82
C THR A 2787 -105.72 -69.88 42.03
N HIS A 2788 -107.05 -69.89 41.96
CA HIS A 2788 -107.88 -69.37 43.03
C HIS A 2788 -107.68 -70.20 44.29
N PRO A 2789 -107.11 -69.61 45.36
CA PRO A 2789 -106.85 -70.38 46.58
C PRO A 2789 -108.08 -70.62 47.45
N MET A 2790 -109.20 -69.97 47.15
CA MET A 2790 -110.41 -70.15 47.94
C MET A 2790 -111.01 -71.54 47.76
N LEU A 2791 -110.65 -72.24 46.69
CA LEU A 2791 -111.17 -73.57 46.43
C LEU A 2791 -110.80 -74.53 47.56
N ARG A 2792 -111.72 -75.42 47.89
CA ARG A 2792 -111.54 -76.38 48.97
C ARG A 2792 -112.29 -77.64 48.61
N PRO A 2793 -112.02 -78.75 49.31
CA PRO A 2793 -112.90 -79.92 49.19
C PRO A 2793 -114.30 -79.58 49.67
N TYR A 2794 -115.30 -80.23 49.07
CA TYR A 2794 -116.69 -79.90 49.36
C TYR A 2794 -117.05 -80.09 50.83
N LYS A 2795 -116.32 -80.95 51.56
CA LYS A 2795 -116.58 -81.10 52.99
C LYS A 2795 -116.31 -79.82 53.75
N THR A 2796 -115.22 -79.13 53.39
CA THR A 2796 -114.81 -77.89 54.05
C THR A 2796 -114.87 -76.71 53.08
N PHE A 2797 -115.91 -76.67 52.25
CA PHE A 2797 -116.08 -75.63 51.24
C PHE A 2797 -117.22 -74.71 51.64
N SER A 2798 -116.96 -73.40 51.57
CA SER A 2798 -117.95 -72.39 51.93
C SER A 2798 -118.71 -71.94 50.69
N GLU A 2799 -120.03 -71.84 50.82
CA GLU A 2799 -120.90 -71.49 49.71
C GLU A 2799 -121.03 -70.00 49.49
N LYS A 2800 -120.33 -69.18 50.29
CA LYS A 2800 -120.39 -67.73 50.10
C LYS A 2800 -119.88 -67.32 48.73
N ASP A 2801 -118.95 -68.09 48.17
CA ASP A 2801 -118.47 -67.81 46.82
C ASP A 2801 -119.27 -68.54 45.75
N LYS A 2802 -119.90 -69.67 46.11
CA LYS A 2802 -120.78 -70.35 45.16
C LYS A 2802 -122.02 -69.53 44.88
N GLU A 2803 -122.51 -68.79 45.88
CA GLU A 2803 -123.69 -67.95 45.69
C GLU A 2803 -123.37 -66.62 45.00
N ILE A 2804 -122.11 -66.37 44.67
CA ILE A 2804 -121.75 -65.17 43.92
C ILE A 2804 -121.11 -65.49 42.57
N TYR A 2805 -120.52 -66.68 42.39
CA TYR A 2805 -119.93 -67.04 41.10
C TYR A 2805 -120.95 -67.52 40.08
N ARG A 2806 -122.18 -67.82 40.50
CA ARG A 2806 -123.22 -68.23 39.58
C ARG A 2806 -123.82 -67.06 38.81
N TRP A 2807 -123.49 -65.82 39.19
CA TRP A 2807 -124.11 -64.65 38.55
C TRP A 2807 -123.83 -64.58 37.05
N PRO A 2808 -122.62 -64.79 36.55
CA PRO A 2808 -122.46 -64.87 35.08
C PRO A 2808 -123.28 -65.98 34.45
N ILE A 2809 -123.38 -67.13 35.12
CA ILE A 2809 -124.19 -68.22 34.60
C ILE A 2809 -125.66 -67.83 34.60
N LYS A 2810 -126.11 -67.15 35.66
CA LYS A 2810 -127.49 -66.67 35.70
C LYS A 2810 -127.75 -65.68 34.57
N GLU A 2811 -126.81 -64.78 34.32
CA GLU A 2811 -126.97 -63.80 33.24
C GLU A 2811 -127.04 -64.49 31.89
N SER A 2812 -126.19 -65.49 31.67
CA SER A 2812 -126.20 -66.21 30.39
C SER A 2812 -127.51 -66.96 30.19
N LEU A 2813 -128.01 -67.61 31.25
CA LEU A 2813 -129.28 -68.33 31.15
C LEU A 2813 -130.45 -67.37 30.91
N LYS A 2814 -130.42 -66.22 31.58
CA LYS A 2814 -131.43 -65.20 31.32
C LYS A 2814 -131.34 -64.69 29.89
N ALA A 2815 -130.12 -64.60 29.36
CA ALA A 2815 -129.95 -64.20 27.96
C ALA A 2815 -130.59 -65.20 27.01
N MET A 2816 -130.37 -66.50 27.26
CA MET A 2816 -131.02 -67.51 26.42
C MET A 2816 -132.54 -67.44 26.57
N ILE A 2817 -133.03 -67.20 27.79
CA ILE A 2817 -134.46 -67.08 28.00
C ILE A 2817 -135.03 -65.90 27.22
N ALA A 2818 -134.35 -64.76 27.26
CA ALA A 2818 -134.79 -63.60 26.50
C ALA A 2818 -134.73 -63.85 24.99
N TRP A 2819 -133.78 -64.67 24.56
CA TRP A 2819 -133.73 -65.05 23.15
C TRP A 2819 -134.97 -65.86 22.77
N GLU A 2820 -135.27 -65.89 21.48
CA GLU A 2820 -136.42 -66.63 20.97
C GLU A 2820 -136.28 -68.14 21.15
N TRP A 2821 -135.09 -68.63 21.45
CA TRP A 2821 -134.85 -70.06 21.60
C TRP A 2821 -135.25 -70.52 23.00
N THR A 2822 -136.04 -71.59 23.07
CA THR A 2822 -136.55 -72.13 24.31
C THR A 2822 -135.82 -73.43 24.67
N ILE A 2823 -136.03 -73.88 25.90
CA ILE A 2823 -135.43 -75.11 26.42
C ILE A 2823 -136.54 -76.03 26.86
N GLU A 2824 -136.50 -77.28 26.37
CA GLU A 2824 -137.49 -78.29 26.73
C GLU A 2824 -136.78 -79.53 27.26
N LYS A 2825 -137.31 -80.09 28.35
CA LYS A 2825 -136.75 -81.29 28.97
C LYS A 2825 -137.26 -82.52 28.22
N ALA A 2826 -136.59 -82.83 27.10
CA ALA A 2826 -136.96 -84.01 26.32
C ALA A 2826 -136.71 -85.29 27.11
N ARG A 2827 -135.59 -85.36 27.82
CA ARG A 2827 -135.21 -86.55 28.57
C ARG A 2827 -135.86 -86.53 29.96
N GLU A 2828 -135.79 -87.68 30.63
CA GLU A 2828 -136.29 -87.83 31.99
C GLU A 2828 -135.09 -87.97 32.93
N GLY A 2829 -134.80 -86.91 33.67
CA GLY A 2829 -133.67 -86.93 34.58
C GLY A 2829 -133.60 -85.64 35.37
N GLU A 2830 -132.65 -85.62 36.31
CA GLU A 2830 -132.42 -84.48 37.19
C GLU A 2830 -133.69 -84.08 37.93
N TYR A 2855 -112.64 -82.63 44.77
CA TYR A 2855 -113.25 -81.55 44.01
C TYR A 2855 -112.76 -81.58 42.57
N ASN A 2856 -112.99 -82.70 41.88
CA ASN A 2856 -112.56 -82.88 40.50
C ASN A 2856 -113.63 -83.69 39.76
N PRO A 2857 -114.12 -83.20 38.63
CA PRO A 2857 -115.16 -83.93 37.89
C PRO A 2857 -114.59 -85.00 36.97
N GLN A 2858 -115.03 -86.25 37.15
CA GLN A 2858 -114.62 -87.31 36.24
C GLN A 2858 -115.13 -87.10 34.81
N PRO A 2859 -116.40 -86.77 34.57
CA PRO A 2859 -116.84 -86.51 33.19
C PRO A 2859 -116.24 -85.23 32.67
N PRO A 2860 -115.56 -85.28 31.52
CA PRO A 2860 -114.93 -84.08 30.96
C PRO A 2860 -115.84 -83.32 30.01
N ASP A 2861 -115.68 -82.00 30.02
CA ASP A 2861 -116.38 -81.09 29.11
C ASP A 2861 -115.36 -80.59 28.08
N LEU A 2862 -115.37 -81.20 26.90
CA LEU A 2862 -114.45 -80.85 25.83
C LEU A 2862 -115.24 -80.37 24.63
N SER A 2863 -114.75 -79.29 24.01
CA SER A 2863 -115.41 -78.68 22.86
C SER A 2863 -114.73 -79.06 21.54
N GLY A 2864 -114.04 -80.18 21.49
CA GLY A 2864 -113.33 -80.62 20.32
C GLY A 2864 -114.12 -81.47 19.35
N VAL A 2865 -115.42 -81.65 19.59
CA VAL A 2865 -116.27 -82.48 18.73
C VAL A 2865 -117.21 -81.57 17.96
N THR A 2866 -117.58 -82.01 16.76
CA THR A 2866 -118.44 -81.24 15.89
C THR A 2866 -119.91 -81.40 16.28
N LEU A 2867 -120.76 -80.59 15.66
CA LEU A 2867 -122.19 -80.61 15.92
C LEU A 2867 -122.91 -80.08 14.69
N SER A 2868 -124.24 -80.02 14.77
CA SER A 2868 -125.05 -79.57 13.65
C SER A 2868 -124.89 -78.06 13.45
N ARG A 2869 -125.28 -77.60 12.26
CA ARG A 2869 -125.07 -76.20 11.90
C ARG A 2869 -125.92 -75.26 12.76
N GLU A 2870 -127.22 -75.55 12.89
CA GLU A 2870 -128.08 -74.69 13.68
CA GLU A 2870 -128.08 -74.69 13.68
C GLU A 2870 -127.67 -74.70 15.16
N LEU A 2871 -127.35 -75.88 15.69
CA LEU A 2871 -126.96 -75.97 17.08
C LEU A 2871 -125.60 -75.32 17.32
N GLN A 2872 -124.75 -75.28 16.30
CA GLN A 2872 -123.51 -74.50 16.39
C GLN A 2872 -123.79 -73.01 16.26
N ALA A 2873 -124.79 -72.62 15.46
CA ALA A 2873 -125.21 -71.23 15.43
C ALA A 2873 -125.74 -70.78 16.78
N MET A 2874 -126.32 -71.71 17.55
CA MET A 2874 -126.71 -71.42 18.93
C MET A 2874 -125.51 -70.91 19.73
N ALA A 2875 -124.41 -71.67 19.71
CA ALA A 2875 -123.22 -71.27 20.46
C ALA A 2875 -122.61 -70.00 19.88
N GLU A 2876 -122.66 -69.83 18.55
CA GLU A 2876 -122.14 -68.63 17.93
C GLU A 2876 -122.87 -67.40 18.41
N GLN A 2877 -124.21 -67.46 18.44
CA GLN A 2877 -125.00 -66.32 18.91
C GLN A 2877 -124.82 -66.10 20.41
N LEU A 2878 -124.67 -67.18 21.17
CA LEU A 2878 -124.42 -67.03 22.61
C LEU A 2878 -123.09 -66.33 22.86
N ALA A 2879 -122.05 -66.69 22.10
CA ALA A 2879 -120.77 -66.01 22.22
C ALA A 2879 -120.86 -64.56 21.76
N GLU A 2880 -121.67 -64.30 20.74
CA GLU A 2880 -121.90 -62.92 20.31
C GLU A 2880 -122.53 -62.10 21.42
N ASN A 2881 -123.52 -62.67 22.11
CA ASN A 2881 -124.13 -61.97 23.23
C ASN A 2881 -123.13 -61.75 24.37
N TYR A 2882 -122.32 -62.77 24.66
CA TYR A 2882 -121.25 -62.62 25.65
C TYR A 2882 -120.36 -61.44 25.31
N HIS A 2883 -119.90 -61.38 24.07
CA HIS A 2883 -118.92 -60.35 23.72
C HIS A 2883 -119.55 -58.97 23.64
N ASN A 2884 -120.81 -58.85 23.21
CA ASN A 2884 -121.39 -57.51 23.20
C ASN A 2884 -121.69 -57.03 24.62
N THR A 2885 -122.09 -57.93 25.52
CA THR A 2885 -122.21 -57.54 26.93
C THR A 2885 -120.86 -57.11 27.50
N TRP A 2886 -119.80 -57.86 27.18
CA TRP A 2886 -118.47 -57.50 27.63
C TRP A 2886 -118.03 -56.16 27.08
N GLY A 2887 -118.31 -55.91 25.80
CA GLY A 2887 -117.97 -54.63 25.20
C GLY A 2887 -118.73 -53.48 25.82
N ARG A 2888 -120.01 -53.69 26.13
CA ARG A 2888 -120.78 -52.64 26.80
C ARG A 2888 -120.22 -52.35 28.18
N LYS A 2889 -119.92 -53.40 28.96
CA LYS A 2889 -119.41 -53.17 30.31
C LYS A 2889 -117.99 -52.62 30.31
N LYS A 2890 -117.24 -52.82 29.23
CA LYS A 2890 -115.93 -52.17 29.12
C LYS A 2890 -116.04 -50.72 28.66
N LYS A 2891 -116.91 -50.45 27.68
CA LYS A 2891 -117.07 -49.09 27.19
C LYS A 2891 -117.76 -48.19 28.20
N GLN A 2892 -118.49 -48.76 29.17
CA GLN A 2892 -119.03 -47.95 30.24
C GLN A 2892 -117.93 -47.24 31.01
N GLU A 2893 -116.84 -47.96 31.31
CA GLU A 2893 -115.68 -47.35 31.94
C GLU A 2893 -114.84 -46.56 30.94
N LEU A 2894 -114.75 -47.04 29.69
CA LEU A 2894 -113.87 -46.42 28.71
C LEU A 2894 -114.39 -45.07 28.24
N GLU A 2895 -115.71 -44.84 28.31
CA GLU A 2895 -116.29 -43.61 27.78
C GLU A 2895 -115.89 -42.39 28.57
N ALA A 2896 -115.36 -42.55 29.79
CA ALA A 2896 -114.94 -41.41 30.58
C ALA A 2896 -113.66 -40.77 30.04
N LYS A 2897 -112.89 -41.50 29.24
CA LYS A 2897 -111.65 -40.94 28.70
C LYS A 2897 -111.93 -39.87 27.66
N GLY A 2898 -112.90 -40.11 26.77
CA GLY A 2898 -113.20 -39.18 25.71
C GLY A 2898 -112.30 -39.27 24.50
N GLY A 2899 -111.33 -40.18 24.49
CA GLY A 2899 -110.42 -40.33 23.37
C GLY A 2899 -109.80 -41.71 23.31
N GLY A 2900 -109.80 -42.31 22.12
CA GLY A 2900 -109.28 -43.65 21.96
C GLY A 2900 -110.33 -44.71 22.28
N THR A 2901 -109.98 -45.96 21.97
CA THR A 2901 -110.88 -47.08 22.20
C THR A 2901 -110.08 -48.35 22.40
N HIS A 2902 -110.71 -49.33 23.04
CA HIS A 2902 -110.07 -50.61 23.24
C HIS A 2902 -109.97 -51.36 21.91
N PRO A 2903 -108.86 -52.05 21.66
CA PRO A 2903 -108.74 -52.81 20.40
C PRO A 2903 -109.73 -53.95 20.27
N LEU A 2904 -110.28 -54.45 21.38
CA LEU A 2904 -111.24 -55.54 21.36
C LEU A 2904 -112.69 -55.06 21.50
N LEU A 2905 -112.91 -53.74 21.45
CA LEU A 2905 -114.26 -53.21 21.53
C LEU A 2905 -115.05 -53.41 20.24
N VAL A 2906 -114.42 -53.90 19.19
CA VAL A 2906 -115.08 -54.13 17.91
C VAL A 2906 -116.15 -55.21 18.06
N PRO A 2907 -117.19 -55.20 17.24
CA PRO A 2907 -118.25 -56.21 17.38
C PRO A 2907 -117.73 -57.64 17.30
N TYR A 2908 -118.59 -58.56 17.73
CA TYR A 2908 -118.21 -59.97 17.81
C TYR A 2908 -117.90 -60.54 16.43
N ASP A 2909 -118.72 -60.21 15.43
CA ASP A 2909 -118.44 -60.69 14.09
C ASP A 2909 -117.17 -60.07 13.53
N THR A 2910 -116.88 -58.81 13.89
CA THR A 2910 -115.73 -58.11 13.32
C THR A 2910 -114.42 -58.55 13.94
N LEU A 2911 -114.40 -58.94 15.21
CA LEU A 2911 -113.12 -59.25 15.84
C LEU A 2911 -112.51 -60.51 15.24
N THR A 2912 -111.18 -60.60 15.36
CA THR A 2912 -110.45 -61.72 14.77
C THR A 2912 -110.76 -63.03 15.47
N ALA A 2913 -110.69 -64.12 14.70
CA ALA A 2913 -111.01 -65.44 15.25
C ALA A 2913 -110.02 -65.89 16.31
N LYS A 2914 -108.79 -65.37 16.30
CA LYS A 2914 -107.81 -65.78 17.30
C LYS A 2914 -108.24 -65.34 18.70
N GLU A 2915 -108.77 -64.13 18.83
CA GLU A 2915 -109.29 -63.65 20.10
C GLU A 2915 -110.74 -64.04 20.33
N LYS A 2916 -111.41 -64.59 19.31
CA LYS A 2916 -112.77 -65.08 19.48
C LYS A 2916 -112.82 -66.34 20.34
N ALA A 2917 -111.70 -67.05 20.47
CA ALA A 2917 -111.68 -68.31 21.20
C ALA A 2917 -112.10 -68.15 22.66
N ARG A 2918 -111.81 -66.99 23.26
CA ARG A 2918 -112.11 -66.80 24.67
C ARG A 2918 -113.60 -66.99 24.95
N ASP A 2919 -114.46 -66.48 24.07
CA ASP A 2919 -115.89 -66.69 24.21
C ASP A 2919 -116.37 -67.95 23.51
N ARG A 2920 -115.71 -68.33 22.40
CA ARG A 2920 -116.16 -69.50 21.64
C ARG A 2920 -116.00 -70.77 22.45
N GLU A 2921 -114.91 -70.91 23.18
CA GLU A 2921 -114.69 -72.11 23.98
C GLU A 2921 -115.75 -72.25 25.07
N LYS A 2922 -116.07 -71.16 25.76
CA LYS A 2922 -117.11 -71.21 26.79
C LYS A 2922 -118.47 -71.52 26.17
N ALA A 2923 -118.79 -70.88 25.04
CA ALA A 2923 -120.08 -71.14 24.39
C ALA A 2923 -120.18 -72.60 23.95
N GLN A 2924 -119.11 -73.15 23.39
CA GLN A 2924 -119.14 -74.53 22.95
C GLN A 2924 -119.16 -75.51 24.12
N GLU A 2925 -118.51 -75.17 25.24
CA GLU A 2925 -118.60 -76.01 26.42
C GLU A 2925 -120.03 -76.04 26.96
N LEU A 2926 -120.69 -74.87 27.00
CA LEU A 2926 -122.08 -74.84 27.40
C LEU A 2926 -122.96 -75.62 26.42
N LEU A 2927 -122.65 -75.53 25.13
CA LEU A 2927 -123.39 -76.28 24.12
C LEU A 2927 -123.24 -77.78 24.31
N LYS A 2928 -122.02 -78.23 24.63
CA LYS A 2928 -121.80 -79.65 24.87
C LYS A 2928 -122.48 -80.11 26.15
N PHE A 2929 -122.52 -79.26 27.17
CA PHE A 2929 -123.29 -79.57 28.36
C PHE A 2929 -124.77 -79.74 28.04
N LEU A 2930 -125.30 -78.83 27.21
CA LEU A 2930 -126.70 -78.95 26.80
C LEU A 2930 -126.93 -80.23 25.99
N GLN A 2931 -125.97 -80.59 25.13
CA GLN A 2931 -126.08 -81.83 24.36
C GLN A 2931 -126.08 -83.05 25.28
N MET A 2932 -125.22 -83.04 26.29
CA MET A 2932 -125.20 -84.14 27.26
C MET A 2932 -126.53 -84.22 28.01
N ASN A 2933 -127.10 -83.07 28.36
CA ASN A 2933 -128.42 -83.07 28.98
C ASN A 2933 -129.48 -83.63 28.05
N GLY A 2934 -129.38 -83.32 26.76
CA GLY A 2934 -130.39 -83.72 25.80
C GLY A 2934 -131.56 -82.77 25.65
N TYR A 2935 -131.39 -81.52 26.07
CA TYR A 2935 -132.49 -80.56 26.01
C TYR A 2935 -132.84 -80.21 24.57
N ALA A 2936 -134.13 -80.05 24.30
CA ALA A 2936 -134.61 -79.65 22.99
C ALA A 2936 -134.65 -78.13 22.90
N VAL A 2937 -134.15 -77.59 21.79
CA VAL A 2937 -134.09 -76.15 21.56
C VAL A 2937 -134.88 -75.83 20.30
N THR A 2938 -135.82 -74.89 20.42
CA THR A 2938 -136.64 -74.46 19.30
C THR A 2938 -136.83 -72.96 19.37
N ARG A 2939 -136.76 -72.29 18.22
CA ARG A 2939 -136.94 -70.84 18.17
C ARG A 2939 -138.41 -70.46 18.22
N SER A 2950 -124.15 -71.20 2.79
CA SER A 2950 -123.51 -71.56 1.53
C SER A 2950 -123.30 -70.33 0.65
N ILE A 2951 -123.84 -70.38 -0.57
CA ILE A 2951 -123.68 -69.27 -1.50
C ILE A 2951 -124.46 -68.03 -1.03
N GLU A 2952 -125.48 -68.22 -0.19
CA GLU A 2952 -126.24 -67.08 0.32
C GLU A 2952 -125.38 -66.19 1.20
N LYS A 2953 -124.52 -66.80 2.02
CA LYS A 2953 -123.66 -66.03 2.91
C LYS A 2953 -122.53 -65.33 2.17
N ARG A 2954 -122.23 -65.74 0.94
CA ARG A 2954 -121.07 -65.23 0.22
C ARG A 2954 -121.38 -63.89 -0.44
N PHE A 2955 -120.30 -63.14 -0.72
CA PHE A 2955 -120.35 -62.01 -1.64
C PHE A 2955 -120.74 -62.43 -3.06
N ALA A 2956 -120.60 -63.70 -3.39
CA ALA A 2956 -120.95 -64.14 -4.73
C ALA A 2956 -122.41 -63.87 -5.03
N PHE A 2957 -123.31 -64.24 -4.12
CA PHE A 2957 -124.74 -64.28 -4.43
C PHE A 2957 -125.60 -63.44 -3.49
N GLY A 2958 -125.20 -63.25 -2.24
CA GLY A 2958 -125.97 -62.40 -1.33
C GLY A 2958 -126.03 -60.96 -1.82
N PHE A 2959 -124.88 -60.41 -2.22
CA PHE A 2959 -124.88 -59.07 -2.82
C PHE A 2959 -125.79 -59.04 -4.04
N LEU A 2960 -125.86 -60.14 -4.78
CA LEU A 2960 -126.80 -60.21 -5.89
C LEU A 2960 -128.24 -60.35 -5.39
N GLN A 2961 -128.46 -60.91 -4.20
CA GLN A 2961 -129.81 -60.87 -3.62
C GLN A 2961 -130.24 -59.43 -3.36
N GLN A 2962 -129.37 -58.65 -2.73
CA GLN A 2962 -129.68 -57.23 -2.58
C GLN A 2962 -129.75 -56.52 -3.93
N LEU A 2963 -129.02 -57.00 -4.95
CA LEU A 2963 -129.25 -56.44 -6.28
C LEU A 2963 -130.67 -56.69 -6.74
N LEU A 2964 -131.20 -57.89 -6.49
CA LEU A 2964 -132.60 -58.18 -6.83
C LEU A 2964 -133.53 -57.22 -6.12
N ARG A 2965 -133.32 -57.05 -4.80
CA ARG A 2965 -134.10 -56.13 -3.99
C ARG A 2965 -133.93 -54.70 -4.45
N TRP A 2966 -132.91 -54.42 -5.25
CA TRP A 2966 -132.75 -53.10 -5.86
C TRP A 2966 -133.43 -52.99 -7.21
N MET A 2967 -133.24 -53.99 -8.09
CA MET A 2967 -133.72 -53.86 -9.46
C MET A 2967 -135.22 -54.02 -9.57
N ASP A 2968 -135.87 -54.67 -8.59
CA ASP A 2968 -137.32 -54.64 -8.59
C ASP A 2968 -137.84 -53.20 -8.50
N ILE A 2969 -137.31 -52.45 -7.52
CA ILE A 2969 -137.63 -51.04 -7.40
C ILE A 2969 -137.19 -50.28 -8.65
N SER A 2970 -136.04 -50.67 -9.20
CA SER A 2970 -135.53 -49.99 -10.39
C SER A 2970 -136.51 -50.11 -11.54
N GLN A 2971 -136.97 -51.33 -11.81
CA GLN A 2971 -137.90 -51.55 -12.92
C GLN A 2971 -139.23 -50.85 -12.68
N GLU A 2972 -139.74 -50.90 -11.44
CA GLU A 2972 -141.03 -50.25 -11.22
C GLU A 2972 -140.92 -48.72 -11.38
N PHE A 2973 -139.84 -48.11 -10.88
CA PHE A 2973 -139.77 -46.66 -11.01
C PHE A 2973 -139.43 -46.23 -12.43
N ILE A 2974 -138.66 -47.03 -13.19
CA ILE A 2974 -138.43 -46.63 -14.57
C ILE A 2974 -139.68 -46.85 -15.40
N ALA A 2975 -140.52 -47.83 -15.04
CA ALA A 2975 -141.82 -47.95 -15.68
C ALA A 2975 -142.67 -46.72 -15.40
N HIS A 2976 -142.66 -46.25 -14.15
CA HIS A 2976 -143.36 -45.00 -13.83
C HIS A 2976 -142.80 -43.83 -14.63
N LEU A 2977 -141.48 -43.75 -14.76
CA LEU A 2977 -140.85 -42.65 -15.49
C LEU A 2977 -141.23 -42.68 -16.96
N GLU A 2978 -141.23 -43.86 -17.58
CA GLU A 2978 -141.63 -43.93 -18.99
C GLU A 2978 -143.11 -43.63 -19.16
N ALA A 2979 -143.94 -44.05 -18.21
CA ALA A 2979 -145.36 -43.72 -18.28
C ALA A 2979 -145.58 -42.22 -18.20
N VAL A 2980 -144.89 -41.54 -17.28
CA VAL A 2980 -145.09 -40.10 -17.14
C VAL A 2980 -144.46 -39.35 -18.31
N VAL A 2981 -143.35 -39.84 -18.87
CA VAL A 2981 -142.77 -39.16 -20.03
C VAL A 2981 -143.66 -39.35 -21.25
N SER A 2982 -144.39 -40.47 -21.33
CA SER A 2982 -145.38 -40.62 -22.38
C SER A 2982 -146.54 -39.67 -22.16
N SER A 2983 -147.08 -39.62 -20.95
CA SER A 2983 -148.14 -38.69 -20.60
C SER A 2983 -147.58 -37.41 -19.98
N GLY A 2984 -146.58 -36.81 -20.64
CA GLY A 2984 -146.05 -35.53 -20.20
C GLY A 2984 -144.76 -35.65 -19.41
N ARG A 2985 -144.78 -35.16 -18.18
CA ARG A 2985 -143.65 -35.25 -17.26
C ARG A 2985 -144.15 -35.00 -15.84
N VAL A 2986 -143.29 -35.30 -14.87
CA VAL A 2986 -143.56 -35.09 -13.46
C VAL A 2986 -142.64 -33.98 -12.97
N GLU A 2987 -143.23 -32.98 -12.30
CA GLU A 2987 -142.43 -31.87 -11.78
C GLU A 2987 -141.45 -32.34 -10.72
N LYS A 2988 -141.88 -33.24 -9.84
CA LYS A 2988 -141.02 -33.77 -8.78
C LYS A 2988 -141.16 -35.28 -8.76
N SER A 2989 -140.06 -35.98 -9.01
CA SER A 2989 -140.07 -37.43 -8.93
C SER A 2989 -140.23 -37.88 -7.48
N PRO A 2990 -141.05 -38.90 -7.23
CA PRO A 2990 -141.24 -39.35 -5.83
C PRO A 2990 -139.96 -39.81 -5.15
N HIS A 2991 -139.06 -40.46 -5.88
CA HIS A 2991 -137.85 -41.02 -5.30
C HIS A 2991 -136.64 -40.75 -6.18
N GLU A 2992 -136.48 -39.49 -6.61
CA GLU A 2992 -135.40 -39.13 -7.53
C GLU A 2992 -134.03 -39.49 -6.98
N GLN A 2993 -133.85 -39.43 -5.66
CA GLN A 2993 -132.56 -39.80 -5.08
C GLN A 2993 -132.26 -41.27 -5.35
N GLU A 2994 -133.26 -42.14 -5.14
CA GLU A 2994 -133.11 -43.54 -5.47
C GLU A 2994 -133.04 -43.76 -6.98
N ILE A 2995 -133.60 -42.83 -7.77
CA ILE A 2995 -133.53 -42.92 -9.22
C ILE A 2995 -132.10 -42.77 -9.70
N LYS A 2996 -131.39 -41.77 -9.17
CA LYS A 2996 -129.99 -41.56 -9.55
C LYS A 2996 -129.02 -42.45 -8.78
N PHE A 2997 -129.48 -43.08 -7.70
CA PHE A 2997 -128.60 -43.96 -6.92
C PHE A 2997 -128.05 -45.08 -7.79
N PHE A 2998 -128.91 -45.78 -8.52
CA PHE A 2998 -128.44 -46.91 -9.31
C PHE A 2998 -127.51 -46.43 -10.41
N ALA A 2999 -127.86 -45.32 -11.07
CA ALA A 2999 -127.06 -44.82 -12.19
C ALA A 2999 -125.67 -44.41 -11.73
N LYS A 3000 -125.52 -43.96 -10.49
CA LYS A 3000 -124.20 -43.57 -10.01
C LYS A 3000 -123.44 -44.66 -9.25
N ILE A 3001 -124.13 -45.68 -8.72
CA ILE A 3001 -123.47 -46.71 -7.94
C ILE A 3001 -123.56 -48.07 -8.61
N LEU A 3002 -124.77 -48.53 -8.90
CA LEU A 3002 -124.97 -49.91 -9.33
C LEU A 3002 -124.27 -50.18 -10.65
N LEU A 3003 -124.43 -49.28 -11.63
CA LEU A 3003 -123.80 -49.49 -12.93
C LEU A 3003 -122.28 -49.54 -12.83
N PRO A 3004 -121.59 -48.57 -12.20
CA PRO A 3004 -120.14 -48.74 -12.00
C PRO A 3004 -119.80 -49.98 -11.22
N LEU A 3005 -120.54 -50.26 -10.14
CA LEU A 3005 -120.23 -51.43 -9.33
C LEU A 3005 -120.40 -52.72 -10.11
N ILE A 3006 -121.48 -52.86 -10.89
CA ILE A 3006 -121.63 -54.08 -11.66
C ILE A 3006 -120.53 -54.20 -12.71
N ASN A 3007 -120.30 -53.12 -13.48
CA ASN A 3007 -119.35 -53.21 -14.58
C ASN A 3007 -117.91 -53.26 -14.13
N GLN A 3008 -117.62 -53.00 -12.85
CA GLN A 3008 -116.28 -53.19 -12.31
C GLN A 3008 -116.17 -54.56 -11.64
N TYR A 3009 -117.12 -54.92 -10.78
CA TYR A 3009 -117.05 -56.15 -10.01
C TYR A 3009 -117.08 -57.38 -10.93
N PHE A 3010 -118.07 -57.43 -11.83
CA PHE A 3010 -118.16 -58.59 -12.71
C PHE A 3010 -116.99 -58.63 -13.69
N THR A 3011 -116.52 -57.46 -14.14
CA THR A 3011 -115.29 -57.41 -14.93
C THR A 3011 -114.13 -58.04 -14.16
N ASN A 3012 -113.96 -57.67 -12.89
CA ASN A 3012 -112.79 -58.12 -12.13
C ASN A 3012 -112.85 -59.61 -11.87
N HIS A 3013 -114.02 -60.15 -11.51
CA HIS A 3013 -114.11 -61.55 -11.13
C HIS A 3013 -114.76 -62.42 -12.21
N CYS A 3014 -114.81 -61.96 -13.46
CA CYS A 3014 -115.38 -62.75 -14.54
C CYS A 3014 -114.59 -64.03 -14.80
N LEU A 3015 -113.36 -64.11 -14.28
CA LEU A 3015 -112.54 -65.31 -14.43
C LEU A 3015 -113.24 -66.53 -13.83
N TYR A 3016 -113.88 -66.37 -12.67
CA TYR A 3016 -114.52 -67.50 -12.02
C TYR A 3016 -116.02 -67.59 -12.30
N PHE A 3017 -116.65 -66.49 -12.73
CA PHE A 3017 -118.09 -66.52 -12.98
C PHE A 3017 -118.47 -67.52 -14.06
N LEU A 3018 -117.60 -67.74 -15.03
CA LEU A 3018 -117.79 -68.77 -16.04
C LEU A 3018 -117.06 -70.06 -15.71
N SER A 3019 -116.70 -70.25 -14.43
CA SER A 3019 -116.03 -71.45 -13.98
C SER A 3019 -117.01 -72.35 -13.25
N THR A 3020 -116.86 -73.65 -13.47
CA THR A 3020 -117.64 -74.69 -12.82
C THR A 3020 -116.67 -75.79 -12.43
N PRO A 3021 -116.97 -76.54 -11.36
CA PRO A 3021 -116.16 -77.73 -11.06
C PRO A 3021 -115.93 -78.63 -12.27
N ALA A 3022 -116.91 -78.72 -13.17
CA ALA A 3022 -116.68 -79.42 -14.43
C ALA A 3022 -115.63 -78.70 -15.29
N LYS A 3023 -115.66 -77.37 -15.30
CA LYS A 3023 -114.70 -76.60 -16.07
C LYS A 3023 -113.31 -76.68 -15.42
N VAL A 3024 -112.30 -76.35 -16.20
CA VAL A 3024 -110.90 -76.39 -15.77
C VAL A 3024 -110.37 -74.96 -15.88
N LEU A 3025 -110.44 -74.21 -14.79
CA LEU A 3025 -110.03 -72.81 -14.78
C LEU A 3025 -109.27 -72.51 -13.49
N GLY A 3026 -108.45 -71.46 -13.54
CA GLY A 3026 -107.58 -71.14 -12.42
C GLY A 3026 -108.34 -70.74 -11.17
N SER A 3027 -109.30 -69.83 -11.32
CA SER A 3027 -110.07 -69.38 -10.18
C SER A 3027 -111.13 -70.41 -9.82
N GLY A 3028 -111.41 -70.54 -8.52
CA GLY A 3028 -112.39 -71.51 -8.08
C GLY A 3028 -113.79 -71.17 -8.57
N GLY A 3029 -114.51 -72.20 -9.01
CA GLY A 3029 -115.83 -71.98 -9.56
C GLY A 3029 -116.86 -71.65 -8.50
N HIS A 3030 -117.93 -70.97 -8.93
CA HIS A 3030 -118.99 -70.61 -8.01
C HIS A 3030 -119.78 -71.83 -7.54
N ALA A 3031 -119.96 -72.82 -8.42
CA ALA A 3031 -120.62 -74.08 -8.07
C ALA A 3031 -121.99 -73.86 -7.46
N SER A 3032 -122.72 -72.88 -7.99
CA SER A 3032 -124.06 -72.56 -7.49
C SER A 3032 -124.91 -72.10 -8.65
N ASN A 3033 -126.02 -72.80 -8.88
CA ASN A 3033 -126.87 -72.48 -10.03
C ASN A 3033 -127.52 -71.11 -9.87
N LYS A 3034 -128.02 -70.81 -8.67
CA LYS A 3034 -128.64 -69.52 -8.43
C LYS A 3034 -127.65 -68.37 -8.56
N GLU A 3035 -126.39 -68.60 -8.15
CA GLU A 3035 -125.35 -67.59 -8.26
C GLU A 3035 -125.28 -67.00 -9.67
N LYS A 3036 -125.35 -67.85 -10.68
CA LYS A 3036 -125.30 -67.41 -12.07
C LYS A 3036 -126.68 -67.23 -12.70
N GLU A 3037 -127.72 -67.80 -12.11
CA GLU A 3037 -129.00 -67.79 -12.80
C GLU A 3037 -129.79 -66.54 -12.47
N MET A 3038 -129.59 -65.96 -11.29
CA MET A 3038 -130.18 -64.65 -11.08
C MET A 3038 -129.41 -63.61 -11.89
N ILE A 3039 -128.14 -63.90 -12.21
CA ILE A 3039 -127.43 -63.07 -13.19
C ILE A 3039 -128.12 -63.17 -14.54
N THR A 3040 -128.53 -64.36 -14.93
CA THR A 3040 -129.31 -64.53 -16.16
C THR A 3040 -130.63 -63.76 -16.09
N SER A 3041 -131.32 -63.83 -14.95
CA SER A 3041 -132.51 -63.03 -14.76
C SER A 3041 -132.20 -61.55 -14.91
N LEU A 3042 -131.02 -61.15 -14.45
CA LEU A 3042 -130.60 -59.76 -14.55
C LEU A 3042 -130.38 -59.38 -16.02
N PHE A 3043 -129.86 -60.32 -16.82
CA PHE A 3043 -129.82 -60.11 -18.26
C PHE A 3043 -131.20 -59.78 -18.79
N CYS A 3044 -132.16 -60.67 -18.51
CA CYS A 3044 -133.50 -60.50 -19.04
C CYS A 3044 -134.13 -59.21 -18.53
N LYS A 3045 -133.98 -58.95 -17.23
CA LYS A 3045 -134.57 -57.76 -16.63
C LYS A 3045 -133.93 -56.48 -17.17
N LEU A 3046 -132.60 -56.44 -17.24
CA LEU A 3046 -131.92 -55.27 -17.77
C LEU A 3046 -132.29 -55.03 -19.23
N ALA A 3047 -132.39 -56.11 -20.03
CA ALA A 3047 -132.92 -55.98 -21.37
C ALA A 3047 -134.30 -55.31 -21.35
N ALA A 3048 -135.20 -55.83 -20.52
CA ALA A 3048 -136.53 -55.24 -20.37
C ALA A 3048 -136.48 -53.81 -19.84
N LEU A 3049 -135.49 -53.48 -19.02
CA LEU A 3049 -135.35 -52.11 -18.52
C LEU A 3049 -135.05 -51.14 -19.64
N VAL A 3050 -134.39 -51.60 -20.69
CA VAL A 3050 -134.06 -50.78 -21.85
C VAL A 3050 -134.75 -51.29 -23.10
N ARG A 3051 -135.60 -52.31 -22.99
CA ARG A 3051 -136.28 -52.84 -24.16
C ARG A 3051 -137.17 -51.77 -24.77
N HIS A 3052 -136.79 -51.29 -25.96
CA HIS A 3052 -137.45 -50.18 -26.63
C HIS A 3052 -137.43 -48.91 -25.79
N ARG A 3053 -136.62 -48.89 -24.72
CA ARG A 3053 -136.52 -47.76 -23.82
C ARG A 3053 -135.06 -47.37 -23.59
N VAL A 3054 -134.18 -47.68 -24.54
CA VAL A 3054 -132.76 -47.37 -24.36
C VAL A 3054 -132.55 -45.86 -24.26
N SER A 3055 -133.14 -45.11 -25.18
CA SER A 3055 -133.05 -43.65 -25.09
C SER A 3055 -133.88 -43.12 -23.92
N LEU A 3056 -134.95 -43.82 -23.57
CA LEU A 3056 -135.75 -43.44 -22.41
C LEU A 3056 -135.00 -43.67 -21.11
N PHE A 3057 -134.10 -44.66 -21.08
CA PHE A 3057 -133.42 -45.00 -19.83
C PHE A 3057 -132.60 -43.83 -19.30
N GLY A 3058 -131.93 -43.11 -20.19
CA GLY A 3058 -131.22 -41.92 -19.78
C GLY A 3058 -129.89 -41.81 -20.50
N THR A 3059 -129.09 -40.83 -20.04
CA THR A 3059 -127.75 -40.63 -20.59
C THR A 3059 -126.81 -41.77 -20.24
N ASP A 3060 -127.14 -42.58 -19.24
CA ASP A 3060 -126.32 -43.73 -18.88
C ASP A 3060 -126.67 -44.96 -19.70
N ALA A 3061 -127.47 -44.82 -20.75
CA ALA A 3061 -127.77 -45.95 -21.64
C ALA A 3061 -126.50 -46.56 -22.24
N PRO A 3062 -125.53 -45.79 -22.74
CA PRO A 3062 -124.27 -46.41 -23.14
C PRO A 3062 -123.59 -47.13 -21.99
N ALA A 3063 -123.66 -46.57 -20.79
CA ALA A 3063 -123.16 -47.28 -19.62
C ALA A 3063 -123.97 -48.54 -19.36
N VAL A 3064 -125.30 -48.45 -19.50
CA VAL A 3064 -126.16 -49.60 -19.26
C VAL A 3064 -125.85 -50.72 -20.25
N VAL A 3065 -125.67 -50.37 -21.53
CA VAL A 3065 -125.37 -51.41 -22.52
C VAL A 3065 -123.97 -51.97 -22.32
N ASN A 3066 -123.01 -51.15 -21.85
CA ASN A 3066 -121.69 -51.70 -21.51
C ASN A 3066 -121.79 -52.68 -20.35
N CYS A 3067 -122.59 -52.35 -19.34
CA CYS A 3067 -122.83 -53.28 -18.24
C CYS A 3067 -123.47 -54.56 -18.72
N LEU A 3068 -124.44 -54.44 -19.63
CA LEU A 3068 -125.10 -55.62 -20.19
C LEU A 3068 -124.10 -56.45 -21.00
N HIS A 3069 -123.15 -55.78 -21.64
CA HIS A 3069 -122.11 -56.47 -22.43
C HIS A 3069 -121.20 -57.28 -21.52
N ILE A 3070 -120.65 -56.63 -20.49
CA ILE A 3070 -119.76 -57.34 -19.57
C ILE A 3070 -120.55 -58.39 -18.81
N LEU A 3071 -121.87 -58.19 -18.67
CA LEU A 3071 -122.73 -59.27 -18.20
C LEU A 3071 -122.72 -60.44 -19.17
N ALA A 3072 -122.84 -60.15 -20.48
CA ALA A 3072 -122.86 -61.21 -21.48
C ALA A 3072 -121.64 -62.10 -21.36
N ARG A 3073 -120.53 -61.52 -20.91
CA ARG A 3073 -119.38 -62.35 -20.54
C ARG A 3073 -119.76 -63.30 -19.40
N SER A 3074 -119.11 -64.47 -19.37
CA SER A 3074 -119.30 -65.47 -18.31
C SER A 3074 -120.73 -66.01 -18.25
N LEU A 3075 -121.09 -66.82 -19.25
CA LEU A 3075 -122.35 -67.55 -19.24
C LEU A 3075 -122.15 -69.00 -19.68
N ASP A 3076 -122.61 -69.94 -18.85
CA ASP A 3076 -122.62 -71.36 -19.22
C ASP A 3076 -124.05 -71.89 -19.21
N ALA A 3077 -124.36 -72.73 -20.20
CA ALA A 3077 -125.68 -73.36 -20.25
C ALA A 3077 -125.96 -74.24 -19.05
N ARG A 3078 -124.91 -74.73 -18.38
CA ARG A 3078 -125.10 -75.54 -17.18
C ARG A 3078 -125.79 -74.76 -16.07
N THR A 3079 -125.84 -73.44 -16.17
CA THR A 3079 -126.49 -72.61 -15.17
C THR A 3079 -127.74 -71.90 -15.67
N VAL A 3080 -127.99 -71.88 -16.98
CA VAL A 3080 -129.09 -71.10 -17.55
C VAL A 3080 -130.15 -71.99 -18.18
N MET A 3081 -129.75 -73.01 -18.95
CA MET A 3081 -130.69 -73.88 -19.66
C MET A 3081 -130.61 -75.32 -19.19
N LYS A 3082 -129.42 -75.91 -19.18
CA LYS A 3082 -129.28 -77.32 -18.79
C LYS A 3082 -129.67 -77.55 -17.35
N SER A 3083 -129.61 -76.53 -16.51
CA SER A 3083 -130.09 -76.62 -15.14
C SER A 3083 -130.70 -75.29 -14.72
N GLY A 3084 -131.68 -75.33 -13.84
CA GLY A 3084 -132.28 -74.14 -13.29
C GLY A 3084 -133.79 -74.10 -13.38
N PRO A 3085 -134.39 -73.17 -12.63
CA PRO A 3085 -135.86 -73.04 -12.66
C PRO A 3085 -136.36 -72.64 -14.03
N GLU A 3086 -137.60 -73.05 -14.32
CA GLU A 3086 -138.18 -72.79 -15.63
C GLU A 3086 -138.58 -71.33 -15.81
N ILE A 3087 -138.71 -70.55 -14.74
CA ILE A 3087 -139.10 -69.15 -14.87
C ILE A 3087 -138.03 -68.37 -15.61
N VAL A 3088 -136.78 -68.48 -15.16
CA VAL A 3088 -135.70 -67.75 -15.81
C VAL A 3088 -135.37 -68.36 -17.18
N LYS A 3089 -135.52 -69.67 -17.31
CA LYS A 3089 -135.35 -70.30 -18.62
C LYS A 3089 -136.33 -69.72 -19.63
N ALA A 3090 -137.60 -69.64 -19.25
CA ALA A 3090 -138.60 -69.05 -20.12
C ALA A 3090 -138.34 -67.56 -20.34
N GLY A 3091 -137.78 -66.89 -19.34
CA GLY A 3091 -137.45 -65.48 -19.51
C GLY A 3091 -136.40 -65.27 -20.59
N LEU A 3092 -135.33 -66.06 -20.56
CA LEU A 3092 -134.29 -65.91 -21.56
C LEU A 3092 -134.76 -66.39 -22.93
N ARG A 3093 -135.57 -67.44 -22.96
CA ARG A 3093 -136.16 -67.88 -24.23
C ARG A 3093 -137.06 -66.79 -24.81
N SER A 3094 -137.86 -66.15 -23.96
CA SER A 3094 -138.71 -65.04 -24.40
C SER A 3094 -137.87 -63.87 -24.87
N PHE A 3095 -136.71 -63.62 -24.24
CA PHE A 3095 -135.81 -62.60 -24.74
C PHE A 3095 -135.34 -62.93 -26.14
N PHE A 3096 -134.99 -64.19 -26.38
CA PHE A 3096 -134.58 -64.60 -27.73
C PHE A 3096 -135.71 -64.39 -28.73
N GLU A 3097 -136.92 -64.82 -28.37
CA GLU A 3097 -138.06 -64.65 -29.26
C GLU A 3097 -138.33 -63.18 -29.55
N SER A 3098 -138.27 -62.34 -28.51
CA SER A 3098 -138.53 -60.91 -28.68
C SER A 3098 -137.47 -60.26 -29.55
N ALA A 3099 -136.20 -60.61 -29.33
CA ALA A 3099 -135.13 -60.04 -30.15
C ALA A 3099 -135.28 -60.44 -31.62
N SER A 3100 -135.56 -61.73 -31.86
CA SER A 3100 -135.74 -62.18 -33.25
C SER A 3100 -136.95 -61.54 -33.89
N GLU A 3101 -138.04 -61.38 -33.13
CA GLU A 3101 -139.23 -60.72 -33.67
C GLU A 3101 -138.96 -59.26 -33.99
N ASP A 3102 -138.22 -58.57 -33.12
CA ASP A 3102 -137.84 -57.18 -33.40
C ASP A 3102 -136.97 -57.10 -34.65
N ILE A 3103 -136.05 -58.05 -34.81
CA ILE A 3103 -135.22 -58.08 -36.02
C ILE A 3103 -136.09 -58.28 -37.25
N GLU A 3104 -137.07 -59.18 -37.17
CA GLU A 3104 -137.99 -59.39 -38.28
C GLU A 3104 -138.77 -58.13 -38.61
N LYS A 3105 -139.24 -57.42 -37.58
CA LYS A 3105 -139.99 -56.19 -37.81
C LYS A 3105 -139.11 -55.12 -38.44
N MET A 3106 -137.86 -54.98 -37.99
CA MET A 3106 -136.94 -54.04 -38.61
C MET A 3106 -136.68 -54.40 -40.08
N VAL A 3107 -136.44 -55.67 -40.37
CA VAL A 3107 -136.09 -56.02 -41.74
C VAL A 3107 -137.30 -55.97 -42.67
N GLU A 3108 -138.52 -56.09 -42.14
CA GLU A 3108 -139.69 -55.90 -43.00
C GLU A 3108 -140.06 -54.44 -43.14
N ASN A 3109 -139.74 -53.61 -42.14
CA ASN A 3109 -139.93 -52.17 -42.28
C ASN A 3109 -138.96 -51.59 -43.28
N LEU A 3110 -137.69 -52.03 -43.23
CA LEU A 3110 -136.67 -51.56 -44.15
C LEU A 3110 -136.81 -52.13 -45.55
N ARG A 3111 -137.67 -53.13 -45.74
CA ARG A 3111 -137.89 -53.74 -47.05
C ARG A 3111 -138.53 -52.75 -48.02
N GLN A 3127 -136.83 -44.70 -31.57
CA GLN A 3127 -137.12 -45.51 -32.75
C GLN A 3127 -136.77 -46.97 -32.51
N ASN A 3128 -137.60 -47.87 -33.04
CA ASN A 3128 -137.37 -49.30 -32.87
C ASN A 3128 -136.04 -49.73 -33.49
N LEU A 3129 -135.74 -49.22 -34.69
CA LEU A 3129 -134.48 -49.58 -35.34
C LEU A 3129 -133.28 -49.01 -34.59
N THR A 3130 -133.40 -47.79 -34.07
CA THR A 3130 -132.32 -47.22 -33.27
C THR A 3130 -132.08 -48.04 -32.01
N TYR A 3131 -133.15 -48.41 -31.32
CA TYR A 3131 -133.01 -49.26 -30.13
C TYR A 3131 -132.34 -50.57 -30.48
N THR A 3132 -132.78 -51.22 -31.56
CA THR A 3132 -132.17 -52.47 -31.97
C THR A 3132 -130.68 -52.30 -32.24
N THR A 3133 -130.34 -51.37 -33.15
CA THR A 3133 -128.96 -51.19 -33.58
C THR A 3133 -128.04 -50.72 -32.46
N VAL A 3134 -128.58 -50.07 -31.43
CA VAL A 3134 -127.72 -49.59 -30.34
C VAL A 3134 -127.55 -50.65 -29.27
N ALA A 3135 -128.63 -51.29 -28.82
CA ALA A 3135 -128.52 -52.22 -27.71
C ALA A 3135 -128.53 -53.67 -28.18
N LEU A 3136 -129.52 -54.06 -28.98
CA LEU A 3136 -129.77 -55.46 -29.22
C LEU A 3136 -128.69 -56.09 -30.10
N LEU A 3137 -128.35 -55.44 -31.22
CA LEU A 3137 -127.42 -56.04 -32.17
C LEU A 3137 -126.03 -56.25 -31.57
N PRO A 3138 -125.41 -55.26 -30.92
CA PRO A 3138 -124.06 -55.51 -30.35
C PRO A 3138 -124.06 -56.56 -29.25
N VAL A 3139 -125.01 -56.47 -28.31
CA VAL A 3139 -125.03 -57.43 -27.21
C VAL A 3139 -125.37 -58.82 -27.72
N LEU A 3140 -126.29 -58.92 -28.69
CA LEU A 3140 -126.60 -60.22 -29.29
C LEU A 3140 -125.37 -60.79 -29.98
N THR A 3141 -124.61 -59.94 -30.67
CA THR A 3141 -123.35 -60.37 -31.26
C THR A 3141 -122.41 -60.92 -30.21
N THR A 3142 -122.32 -60.24 -29.06
CA THR A 3142 -121.45 -60.72 -27.98
C THR A 3142 -121.93 -62.04 -27.41
N LEU A 3143 -123.24 -62.21 -27.24
CA LEU A 3143 -123.76 -63.50 -26.78
C LEU A 3143 -123.37 -64.61 -27.75
N PHE A 3144 -123.57 -64.38 -29.04
CA PHE A 3144 -123.23 -65.40 -30.03
C PHE A 3144 -121.74 -65.69 -30.07
N GLN A 3145 -120.91 -64.65 -29.98
CA GLN A 3145 -119.46 -64.87 -29.96
C GLN A 3145 -119.03 -65.65 -28.73
N HIS A 3146 -119.58 -65.31 -27.57
CA HIS A 3146 -119.21 -65.99 -26.34
C HIS A 3146 -119.64 -67.45 -26.38
N ILE A 3147 -120.84 -67.73 -26.89
CA ILE A 3147 -121.30 -69.11 -27.01
C ILE A 3147 -120.42 -69.88 -28.00
N ALA A 3148 -120.07 -69.25 -29.12
CA ALA A 3148 -119.24 -69.92 -30.11
C ALA A 3148 -117.85 -70.24 -29.55
N GLN A 3149 -117.25 -69.30 -28.82
CA GLN A 3149 -115.92 -69.52 -28.28
C GLN A 3149 -115.95 -70.55 -27.14
N HIS A 3150 -117.00 -70.52 -26.32
CA HIS A 3150 -117.15 -71.48 -25.24
C HIS A 3150 -117.62 -72.84 -25.71
N GLN A 3151 -117.99 -72.98 -26.98
CA GLN A 3151 -118.50 -74.23 -27.54
C GLN A 3151 -119.74 -74.71 -26.79
N PHE A 3152 -120.62 -73.77 -26.44
CA PHE A 3152 -121.90 -74.07 -25.81
C PHE A 3152 -123.06 -74.01 -26.80
N GLY A 3153 -122.78 -74.00 -28.11
CA GLY A 3153 -123.85 -73.88 -29.08
C GLY A 3153 -124.86 -74.99 -29.00
N ASP A 3154 -124.39 -76.23 -28.81
CA ASP A 3154 -125.31 -77.36 -28.69
C ASP A 3154 -126.15 -77.26 -27.41
N ASP A 3155 -125.55 -76.79 -26.32
CA ASP A 3155 -126.25 -76.73 -25.04
C ASP A 3155 -127.10 -75.49 -24.88
N VAL A 3156 -126.86 -74.45 -25.67
CA VAL A 3156 -127.64 -73.21 -25.60
C VAL A 3156 -128.67 -73.14 -26.72
N ILE A 3157 -128.25 -73.37 -27.96
CA ILE A 3157 -129.13 -73.28 -29.11
C ILE A 3157 -129.81 -74.63 -29.26
N LEU A 3158 -131.01 -74.75 -28.70
CA LEU A 3158 -131.81 -75.97 -28.83
C LEU A 3158 -133.25 -75.63 -28.51
N ASP A 3159 -134.17 -76.38 -29.14
CA ASP A 3159 -135.61 -76.29 -28.89
C ASP A 3159 -136.07 -74.86 -29.22
N ASP A 3160 -136.64 -74.13 -28.26
CA ASP A 3160 -137.13 -72.77 -28.56
C ASP A 3160 -135.99 -71.85 -28.96
N VAL A 3161 -134.83 -71.99 -28.31
CA VAL A 3161 -133.68 -71.17 -28.67
C VAL A 3161 -133.25 -71.44 -30.10
N GLN A 3162 -133.24 -72.71 -30.50
CA GLN A 3162 -132.85 -73.05 -31.87
C GLN A 3162 -133.86 -72.55 -32.89
N VAL A 3163 -135.15 -72.61 -32.54
CA VAL A 3163 -136.17 -72.05 -33.43
C VAL A 3163 -135.97 -70.55 -33.58
N SER A 3164 -135.71 -69.86 -32.47
CA SER A 3164 -135.46 -68.42 -32.53
C SER A 3164 -134.23 -68.11 -33.37
N CYS A 3165 -133.17 -68.91 -33.22
CA CYS A 3165 -132.00 -68.74 -34.06
C CYS A 3165 -132.33 -68.94 -35.52
N TYR A 3166 -133.18 -69.92 -35.83
CA TYR A 3166 -133.62 -70.12 -37.21
C TYR A 3166 -134.27 -68.86 -37.76
N ARG A 3167 -135.24 -68.32 -37.03
CA ARG A 3167 -136.01 -67.21 -37.61
C ARG A 3167 -135.19 -65.92 -37.67
N THR A 3168 -134.32 -65.69 -36.68
CA THR A 3168 -133.46 -64.51 -36.78
C THR A 3168 -132.43 -64.66 -37.89
N LEU A 3169 -131.92 -65.88 -38.08
CA LEU A 3169 -131.02 -66.17 -39.19
C LEU A 3169 -131.69 -65.85 -40.52
N CYS A 3170 -132.91 -66.33 -40.71
CA CYS A 3170 -133.57 -66.11 -42.00
C CYS A 3170 -134.13 -64.71 -42.14
N SER A 3171 -134.26 -63.96 -41.03
CA SER A 3171 -134.66 -62.57 -41.13
C SER A 3171 -133.47 -61.67 -41.49
N ILE A 3172 -132.27 -61.99 -40.98
CA ILE A 3172 -131.09 -61.19 -41.29
C ILE A 3172 -130.81 -61.22 -42.79
N TYR A 3173 -130.83 -62.42 -43.38
CA TYR A 3173 -130.54 -62.56 -44.80
C TYR A 3173 -131.71 -62.11 -45.67
N SER A 3174 -132.91 -62.03 -45.12
CA SER A 3174 -134.06 -61.54 -45.89
C SER A 3174 -133.88 -60.08 -46.28
N LEU A 3175 -133.31 -59.28 -45.38
CA LEU A 3175 -133.03 -57.88 -45.69
C LEU A 3175 -132.01 -57.74 -46.81
N GLY A 3176 -131.26 -58.81 -47.10
CA GLY A 3176 -130.26 -58.74 -48.14
C GLY A 3176 -130.81 -58.40 -49.51
N THR A 3177 -132.08 -58.70 -49.76
CA THR A 3177 -132.69 -58.36 -51.04
C THR A 3177 -132.95 -56.87 -51.17
N THR A 3178 -132.94 -56.13 -50.06
CA THR A 3178 -133.22 -54.70 -50.11
C THR A 3178 -132.01 -53.94 -50.66
N LYS A 3179 -132.27 -52.96 -51.53
CA LYS A 3179 -131.23 -52.17 -52.16
C LYS A 3179 -131.35 -50.69 -51.79
N ASN A 3180 -131.78 -50.41 -50.55
CA ASN A 3180 -131.95 -49.04 -50.11
C ASN A 3180 -130.59 -48.43 -49.74
N THR A 3181 -130.61 -47.15 -49.36
CA THR A 3181 -129.42 -46.40 -49.01
C THR A 3181 -129.15 -46.36 -47.51
N TYR A 3182 -130.19 -46.15 -46.70
CA TYR A 3182 -130.00 -46.08 -45.26
C TYR A 3182 -129.59 -47.42 -44.66
N VAL A 3183 -129.78 -48.52 -45.38
CA VAL A 3183 -129.39 -49.83 -44.87
C VAL A 3183 -127.92 -50.17 -45.14
N GLU A 3184 -127.23 -49.38 -45.97
CA GLU A 3184 -125.87 -49.71 -46.34
C GLU A 3184 -124.94 -49.72 -45.12
N LYS A 3185 -125.09 -48.73 -44.23
CA LYS A 3185 -124.23 -48.67 -43.05
C LYS A 3185 -124.49 -49.82 -42.10
N LEU A 3186 -125.74 -50.31 -42.03
CA LEU A 3186 -126.07 -51.38 -41.11
C LEU A 3186 -125.58 -52.74 -41.57
N ARG A 3187 -125.39 -52.92 -42.87
CA ARG A 3187 -125.04 -54.23 -43.41
C ARG A 3187 -123.78 -54.84 -42.80
N PRO A 3188 -122.69 -54.10 -42.56
CA PRO A 3188 -121.54 -54.73 -41.87
C PRO A 3188 -121.89 -55.35 -40.52
N ALA A 3189 -122.73 -54.68 -39.73
CA ALA A 3189 -123.09 -55.23 -38.42
C ALA A 3189 -123.93 -56.49 -38.57
N LEU A 3190 -124.89 -56.48 -39.50
CA LEU A 3190 -125.69 -57.66 -39.74
C LEU A 3190 -124.82 -58.83 -40.22
N GLY A 3191 -123.85 -58.54 -41.09
CA GLY A 3191 -122.94 -59.59 -41.53
C GLY A 3191 -122.11 -60.15 -40.40
N GLU A 3192 -121.61 -59.28 -39.52
CA GLU A 3192 -120.83 -59.74 -38.38
C GLU A 3192 -121.67 -60.62 -37.46
N CYS A 3193 -122.90 -60.19 -37.15
CA CYS A 3193 -123.75 -60.98 -36.27
C CYS A 3193 -124.15 -62.29 -36.91
N LEU A 3194 -124.38 -62.28 -38.23
CA LEU A 3194 -124.71 -63.51 -38.94
C LEU A 3194 -123.52 -64.48 -38.94
N ALA A 3195 -122.31 -63.95 -39.08
CA ALA A 3195 -121.12 -64.78 -38.95
C ALA A 3195 -121.00 -65.36 -37.55
N ARG A 3196 -121.29 -64.55 -36.53
CA ARG A 3196 -121.22 -65.04 -35.15
C ARG A 3196 -122.22 -66.16 -34.90
N LEU A 3197 -123.45 -66.01 -35.40
CA LEU A 3197 -124.44 -67.08 -35.22
C LEU A 3197 -124.08 -68.32 -36.03
N ALA A 3198 -123.48 -68.14 -37.20
CA ALA A 3198 -123.10 -69.29 -38.03
C ALA A 3198 -122.07 -70.16 -37.32
N ALA A 3199 -121.13 -69.54 -36.61
CA ALA A 3199 -120.10 -70.30 -35.91
C ALA A 3199 -120.69 -71.15 -34.79
N ALA A 3200 -121.64 -70.59 -34.04
CA ALA A 3200 -122.27 -71.30 -32.92
C ALA A 3200 -123.57 -71.98 -33.30
N MET A 3201 -123.77 -72.28 -34.58
CA MET A 3201 -125.02 -72.85 -35.05
C MET A 3201 -124.84 -74.37 -35.11
N PRO A 3202 -125.45 -75.14 -34.21
CA PRO A 3202 -125.05 -76.55 -34.05
C PRO A 3202 -125.84 -77.57 -34.86
N VAL A 3203 -126.70 -77.16 -35.79
CA VAL A 3203 -127.42 -78.13 -36.61
C VAL A 3203 -126.83 -78.22 -38.02
N ALA A 3204 -126.02 -77.26 -38.43
CA ALA A 3204 -125.54 -77.14 -39.81
C ALA A 3204 -126.72 -77.00 -40.78
N PHE A 3205 -127.41 -75.87 -40.62
CA PHE A 3205 -128.62 -75.59 -41.40
C PHE A 3205 -128.35 -75.55 -42.90
N LEU A 3206 -127.09 -75.33 -43.30
CA LEU A 3206 -126.77 -75.19 -44.72
C LEU A 3206 -127.07 -76.47 -45.51
N GLU A 3207 -127.16 -77.62 -44.84
CA GLU A 3207 -127.51 -78.87 -45.49
C GLU A 3207 -128.90 -79.33 -45.07
N PRO A 3208 -129.96 -78.79 -45.68
CA PRO A 3208 -131.31 -79.25 -45.31
C PRO A 3208 -131.56 -80.71 -45.58
N GLN A 3209 -130.97 -81.27 -46.64
CA GLN A 3209 -131.22 -82.65 -47.01
C GLN A 3209 -130.53 -83.65 -46.07
N LEU A 3210 -129.62 -83.20 -45.21
CA LEU A 3210 -128.92 -84.07 -44.29
C LEU A 3210 -129.13 -83.68 -42.83
N ASN A 3211 -130.08 -82.78 -42.55
CA ASN A 3211 -130.29 -82.33 -41.18
C ASN A 3211 -130.95 -83.39 -40.30
N GLU A 3212 -131.61 -84.38 -40.90
CA GLU A 3212 -132.24 -85.43 -40.11
C GLU A 3212 -131.23 -86.31 -39.39
N TYR A 3213 -129.99 -86.37 -39.88
CA TYR A 3213 -128.97 -87.19 -39.22
C TYR A 3213 -128.49 -86.53 -37.94
N ASN A 3214 -128.32 -85.20 -37.95
CA ASN A 3214 -127.83 -84.50 -36.78
C ASN A 3214 -128.89 -84.50 -35.69
N ALA A 3215 -128.46 -84.79 -34.45
CA ALA A 3215 -129.40 -84.85 -33.33
C ALA A 3215 -129.83 -83.47 -32.87
N CYS A 3216 -129.08 -82.41 -33.21
CA CYS A 3216 -129.44 -81.07 -32.79
C CYS A 3216 -130.62 -80.50 -33.55
N SER A 3217 -131.03 -81.15 -34.65
CA SER A 3217 -132.14 -80.64 -35.45
C SER A 3217 -133.44 -80.72 -34.66
N VAL A 3218 -134.29 -79.71 -34.86
CA VAL A 3218 -135.60 -79.69 -34.21
C VAL A 3218 -136.44 -80.88 -34.68
N TYR A 3219 -136.26 -81.32 -35.92
CA TYR A 3219 -137.01 -82.48 -36.40
C TYR A 3219 -136.47 -83.78 -35.79
N THR A 3220 -135.15 -83.88 -35.63
CA THR A 3220 -134.59 -85.07 -34.97
C THR A 3220 -134.83 -85.04 -33.47
N SER A 3221 -134.64 -83.88 -32.84
CA SER A 3221 -134.83 -83.78 -31.40
C SER A 3221 -136.29 -83.88 -31.02
N LYS A 3222 -137.16 -83.17 -31.74
CA LYS A 3222 -138.58 -83.15 -31.44
C LYS A 3222 -139.34 -83.99 -32.47
N SER A 3223 -140.15 -84.93 -31.98
CA SER A 3223 -140.97 -85.75 -32.85
C SER A 3223 -142.02 -84.91 -33.55
N PRO A 3224 -142.55 -85.39 -34.69
CA PRO A 3224 -143.58 -84.62 -35.41
C PRO A 3224 -144.73 -84.16 -34.54
N ARG A 3225 -145.11 -84.96 -33.52
CA ARG A 3225 -146.09 -84.49 -32.55
C ARG A 3225 -145.59 -83.26 -31.82
N GLU A 3226 -144.33 -83.27 -31.40
CA GLU A 3226 -143.72 -82.09 -30.79
C GLU A 3226 -143.49 -80.97 -31.79
N ARG A 3227 -143.46 -81.28 -33.09
CA ARG A 3227 -143.32 -80.28 -34.12
C ARG A 3227 -144.65 -79.68 -34.55
N ALA A 3228 -145.77 -80.29 -34.16
CA ALA A 3228 -147.07 -79.82 -34.62
C ALA A 3228 -147.49 -78.51 -33.95
N ILE A 3229 -147.17 -78.36 -32.65
CA ILE A 3229 -147.66 -77.20 -31.91
C ILE A 3229 -147.14 -75.90 -32.51
N LEU A 3230 -145.91 -75.90 -33.03
CA LEU A 3230 -145.35 -74.73 -33.68
C LEU A 3230 -145.37 -74.85 -35.20
N GLY A 3231 -146.06 -75.86 -35.73
CA GLY A 3231 -146.23 -76.01 -37.17
C GLY A 3231 -144.93 -76.17 -37.93
N LEU A 3232 -144.05 -77.03 -37.45
CA LEU A 3232 -142.74 -77.19 -38.06
C LEU A 3232 -142.87 -77.88 -39.41
N PRO A 3233 -142.39 -77.26 -40.49
CA PRO A 3233 -142.37 -77.94 -41.79
C PRO A 3233 -141.35 -79.07 -41.80
N ASN A 3234 -141.31 -79.78 -42.93
CA ASN A 3234 -140.51 -81.00 -43.00
C ASN A 3234 -139.01 -80.70 -42.90
N SER A 3235 -138.54 -79.64 -43.56
CA SER A 3235 -137.13 -79.37 -43.64
C SER A 3235 -136.79 -78.00 -43.04
N VAL A 3236 -135.54 -77.82 -42.63
CA VAL A 3236 -135.09 -76.52 -42.15
C VAL A 3236 -135.20 -75.47 -43.25
N GLU A 3237 -135.04 -75.91 -44.50
CA GLU A 3237 -135.20 -75.00 -45.64
C GLU A 3237 -136.67 -74.64 -45.84
N GLU A 3238 -137.58 -75.55 -45.45
CA GLU A 3238 -139.00 -75.28 -45.65
C GLU A 3238 -139.52 -74.19 -44.71
N MET A 3239 -138.99 -74.11 -43.50
CA MET A 3239 -139.40 -73.03 -42.61
C MET A 3239 -139.06 -71.68 -43.25
N CYS A 3240 -137.85 -71.57 -43.77
CA CYS A 3240 -137.36 -70.36 -44.42
C CYS A 3240 -136.30 -70.72 -45.45
N PRO A 3241 -136.65 -70.76 -46.73
CA PRO A 3241 -135.67 -71.12 -47.76
C PRO A 3241 -134.77 -69.96 -48.15
N ASP A 3242 -134.74 -68.93 -47.30
CA ASP A 3242 -133.97 -67.73 -47.59
C ASP A 3242 -132.51 -68.05 -47.82
N ILE A 3243 -131.93 -68.95 -47.03
CA ILE A 3243 -130.54 -69.35 -47.20
C ILE A 3243 -130.44 -70.40 -48.30
N PRO A 3244 -129.71 -70.14 -49.37
CA PRO A 3244 -129.50 -71.16 -50.39
C PRO A 3244 -128.62 -72.29 -49.88
N VAL A 3245 -128.77 -73.46 -50.51
CA VAL A 3245 -127.94 -74.60 -50.15
C VAL A 3245 -126.49 -74.35 -50.53
N LEU A 3246 -125.58 -75.05 -49.86
CA LEU A 3246 -124.16 -74.83 -50.05
C LEU A 3246 -123.66 -75.34 -51.39
N ASP A 3247 -124.39 -76.26 -52.02
CA ASP A 3247 -123.89 -76.93 -53.21
C ASP A 3247 -123.68 -75.94 -54.35
N ARG A 3248 -124.62 -75.01 -54.54
CA ARG A 3248 -124.53 -74.05 -55.63
C ARG A 3248 -124.13 -72.65 -55.19
N LEU A 3249 -124.38 -72.28 -53.92
CA LEU A 3249 -124.10 -70.93 -53.47
C LEU A 3249 -122.62 -70.60 -53.55
N MET A 3250 -121.77 -71.57 -53.16
CA MET A 3250 -120.33 -71.37 -53.32
C MET A 3250 -119.95 -71.18 -54.78
N ALA A 3251 -120.52 -71.99 -55.66
CA ALA A 3251 -120.29 -71.81 -57.10
C ALA A 3251 -120.87 -70.47 -57.57
N ASP A 3252 -122.01 -70.08 -57.02
CA ASP A 3252 -122.63 -68.81 -57.41
C ASP A 3252 -121.72 -67.64 -57.11
N ILE A 3253 -121.17 -67.57 -55.89
CA ILE A 3253 -120.27 -66.47 -55.56
C ILE A 3253 -118.97 -66.60 -56.34
N GLY A 3254 -118.41 -67.80 -56.44
CA GLY A 3254 -117.18 -68.00 -57.19
C GLY A 3254 -117.31 -67.70 -58.66
N GLY A 3255 -118.52 -67.61 -59.18
CA GLY A 3255 -118.72 -67.17 -60.54
C GLY A 3255 -118.98 -65.68 -60.64
N LEU A 3256 -119.94 -65.18 -59.85
CA LEU A 3256 -120.35 -63.79 -59.96
C LEU A 3256 -119.23 -62.83 -59.55
N ALA A 3257 -118.53 -63.12 -58.45
CA ALA A 3257 -117.47 -62.22 -58.00
C ALA A 3257 -116.32 -62.18 -58.98
N GLU A 3258 -115.96 -63.33 -59.57
CA GLU A 3258 -114.93 -63.36 -60.59
C GLU A 3258 -115.36 -62.59 -61.83
N SER A 3259 -116.63 -62.75 -62.24
CA SER A 3259 -117.09 -62.11 -63.46
C SER A 3259 -117.16 -60.60 -63.31
N GLY A 3260 -117.77 -60.12 -62.23
CA GLY A 3260 -117.93 -58.68 -62.06
C GLY A 3260 -116.61 -57.99 -61.78
N ALA A 3261 -115.91 -58.42 -60.73
CA ALA A 3261 -114.57 -57.93 -60.39
C ALA A 3261 -114.56 -56.42 -60.14
N ARG A 3262 -115.67 -55.86 -59.65
CA ARG A 3262 -115.73 -54.44 -59.36
C ARG A 3262 -116.86 -54.17 -58.37
N TYR A 3263 -116.59 -53.28 -57.42
CA TYR A 3263 -117.62 -52.87 -56.48
C TYR A 3263 -118.65 -51.96 -57.14
N THR A 3264 -118.18 -50.99 -57.94
CA THR A 3264 -119.09 -50.00 -58.51
C THR A 3264 -120.07 -50.62 -59.48
N GLU A 3265 -119.64 -51.62 -60.25
CA GLU A 3265 -120.52 -52.26 -61.22
C GLU A 3265 -121.70 -52.94 -60.55
N MET A 3266 -121.45 -53.62 -59.42
CA MET A 3266 -122.49 -54.33 -58.68
C MET A 3266 -122.43 -53.96 -57.19
N PRO A 3267 -122.77 -52.71 -56.85
CA PRO A 3267 -122.62 -52.26 -55.45
C PRO A 3267 -123.49 -53.03 -54.47
N HIS A 3268 -124.61 -53.61 -54.92
CA HIS A 3268 -125.52 -54.29 -54.00
C HIS A 3268 -124.87 -55.53 -53.41
N VAL A 3269 -124.31 -56.39 -54.27
CA VAL A 3269 -123.77 -57.65 -53.77
C VAL A 3269 -122.54 -57.41 -52.92
N ILE A 3270 -121.79 -56.35 -53.18
CA ILE A 3270 -120.60 -56.05 -52.38
C ILE A 3270 -120.97 -55.85 -50.91
N GLU A 3271 -122.17 -55.35 -50.64
CA GLU A 3271 -122.62 -55.16 -49.28
C GLU A 3271 -123.71 -56.14 -48.86
N ILE A 3272 -124.06 -57.11 -49.72
CA ILE A 3272 -125.06 -58.11 -49.34
C ILE A 3272 -124.45 -59.50 -49.27
N THR A 3273 -123.83 -59.94 -50.37
CA THR A 3273 -123.27 -61.28 -50.42
C THR A 3273 -121.98 -61.36 -49.61
N LEU A 3274 -121.17 -60.31 -49.63
CA LEU A 3274 -119.96 -60.30 -48.82
C LEU A 3274 -120.26 -60.47 -47.32
N PRO A 3275 -121.30 -59.85 -46.75
CA PRO A 3275 -121.67 -60.22 -45.37
C PRO A 3275 -121.97 -61.70 -45.17
N MET A 3276 -122.70 -62.34 -46.09
CA MET A 3276 -122.92 -63.77 -45.90
C MET A 3276 -121.68 -64.58 -46.26
N LEU A 3277 -120.77 -64.00 -47.05
CA LEU A 3277 -119.46 -64.63 -47.23
C LEU A 3277 -118.67 -64.62 -45.94
N CYS A 3278 -118.73 -63.52 -45.19
CA CYS A 3278 -118.15 -63.50 -43.85
C CYS A 3278 -118.88 -64.45 -42.92
N SER A 3279 -120.18 -64.66 -43.15
CA SER A 3279 -120.90 -65.68 -42.41
C SER A 3279 -120.35 -67.08 -42.71
N TYR A 3280 -120.03 -67.33 -43.98
CA TYR A 3280 -119.42 -68.61 -44.36
C TYR A 3280 -117.97 -68.71 -43.95
N LEU A 3281 -117.34 -67.59 -43.59
CA LEU A 3281 -115.94 -67.61 -43.13
C LEU A 3281 -115.70 -68.63 -42.03
N PRO A 3282 -116.50 -68.71 -40.94
CA PRO A 3282 -116.28 -69.79 -39.96
C PRO A 3282 -116.80 -71.13 -40.45
N ARG A 3283 -116.32 -71.56 -41.61
CA ARG A 3283 -116.70 -72.85 -42.17
C ARG A 3283 -115.84 -73.91 -41.50
N TRP A 3284 -116.48 -74.75 -40.69
CA TRP A 3284 -115.80 -75.81 -39.96
C TRP A 3284 -115.74 -77.08 -40.81
N TRP A 3285 -114.59 -77.75 -40.80
CA TRP A 3285 -114.44 -79.03 -41.47
C TRP A 3285 -113.93 -80.13 -40.55
N GLU A 3286 -113.84 -79.86 -39.24
CA GLU A 3286 -113.47 -80.91 -38.29
C GLU A 3286 -114.61 -81.88 -38.02
N ARG A 3287 -115.83 -81.55 -38.43
CA ARG A 3287 -116.99 -82.42 -38.27
C ARG A 3287 -117.46 -82.98 -39.61
N GLY A 3288 -116.54 -83.18 -40.55
CA GLY A 3288 -116.88 -83.71 -41.84
C GLY A 3288 -116.05 -84.93 -42.19
N PRO A 3289 -115.95 -85.25 -43.48
CA PRO A 3289 -115.12 -86.39 -43.89
C PRO A 3289 -113.63 -86.18 -43.66
N GLU A 3290 -113.18 -84.93 -43.54
CA GLU A 3290 -111.75 -84.67 -43.40
C GLU A 3290 -111.21 -85.16 -42.06
N ALA A 3291 -111.93 -84.88 -40.98
CA ALA A 3291 -111.50 -85.24 -39.64
C ALA A 3291 -112.62 -85.94 -38.91
N PRO A 3292 -112.31 -86.79 -37.95
CA PRO A 3292 -113.35 -87.51 -37.19
C PRO A 3292 -114.33 -86.54 -36.55
N PRO A 3293 -115.59 -86.57 -36.96
CA PRO A 3293 -116.57 -85.62 -36.44
C PRO A 3293 -116.94 -85.92 -35.00
N PRO A 3294 -116.97 -84.91 -34.13
CA PRO A 3294 -117.54 -85.12 -32.78
C PRO A 3294 -119.01 -85.49 -32.83
N ALA A 3295 -119.74 -85.05 -33.85
CA ALA A 3295 -121.15 -85.36 -34.02
C ALA A 3295 -121.37 -86.61 -34.86
N LEU A 3296 -120.31 -87.32 -35.23
CA LEU A 3296 -120.46 -88.54 -36.00
C LEU A 3296 -121.33 -89.59 -35.30
N PRO A 3297 -121.19 -89.86 -34.00
CA PRO A 3297 -122.16 -90.76 -33.35
C PRO A 3297 -123.59 -90.28 -33.45
N ALA A 3298 -123.82 -88.96 -33.39
CA ALA A 3298 -125.16 -88.44 -33.55
C ALA A 3298 -125.68 -88.63 -34.98
N GLY A 3299 -124.85 -88.29 -35.96
CA GLY A 3299 -125.21 -88.51 -37.35
C GLY A 3299 -124.10 -89.19 -38.13
N ALA A 3300 -124.36 -90.41 -38.59
CA ALA A 3300 -123.36 -91.14 -39.37
C ALA A 3300 -123.01 -90.45 -40.68
N PRO A 3301 -123.94 -89.96 -41.49
CA PRO A 3301 -123.58 -89.08 -42.61
C PRO A 3301 -123.62 -87.62 -42.21
N PRO A 3302 -122.57 -87.08 -41.60
CA PRO A 3302 -122.62 -85.71 -41.08
C PRO A 3302 -122.94 -84.71 -42.17
N PRO A 3303 -123.72 -83.67 -41.87
CA PRO A 3303 -124.07 -82.69 -42.90
C PRO A 3303 -122.86 -82.05 -43.57
N CYS A 3304 -121.80 -81.77 -42.82
CA CYS A 3304 -120.60 -81.17 -43.38
C CYS A 3304 -119.92 -82.15 -44.31
N THR A 3305 -119.96 -81.88 -45.61
CA THR A 3305 -119.37 -82.75 -46.62
C THR A 3305 -118.64 -81.90 -47.66
N ALA A 3306 -117.86 -80.94 -47.20
CA ALA A 3306 -117.04 -80.09 -48.06
C ALA A 3306 -115.58 -80.26 -47.70
N VAL A 3307 -114.73 -80.43 -48.71
CA VAL A 3307 -113.33 -80.73 -48.49
C VAL A 3307 -112.43 -79.72 -49.20
N THR A 3308 -112.67 -79.52 -50.49
CA THR A 3308 -111.77 -78.71 -51.30
C THR A 3308 -111.77 -77.25 -50.86
N SER A 3309 -110.60 -76.61 -51.02
CA SER A 3309 -110.42 -75.19 -50.72
C SER A 3309 -110.76 -74.30 -51.91
N ASP A 3310 -111.64 -74.77 -52.80
CA ASP A 3310 -112.10 -73.94 -53.91
C ASP A 3310 -112.70 -72.64 -53.39
N HIS A 3311 -113.37 -72.68 -52.24
CA HIS A 3311 -113.87 -71.46 -51.63
C HIS A 3311 -112.74 -70.47 -51.38
N LEU A 3312 -111.64 -70.94 -50.75
CA LEU A 3312 -110.54 -70.05 -50.40
C LEU A 3312 -109.84 -69.50 -51.63
N ASN A 3313 -109.59 -70.37 -52.64
CA ASN A 3313 -108.89 -69.85 -53.81
C ASN A 3313 -109.78 -68.93 -54.63
N SER A 3314 -111.09 -69.17 -54.65
CA SER A 3314 -112.00 -68.22 -55.26
C SER A 3314 -111.98 -66.89 -54.51
N LEU A 3315 -111.89 -66.94 -53.17
CA LEU A 3315 -111.74 -65.72 -52.39
C LEU A 3315 -110.50 -64.95 -52.83
N LEU A 3316 -109.38 -65.65 -52.97
CA LEU A 3316 -108.14 -64.98 -53.36
C LEU A 3316 -108.24 -64.37 -54.75
N GLY A 3317 -108.83 -65.11 -55.70
CA GLY A 3317 -109.00 -64.57 -57.03
C GLY A 3317 -109.90 -63.35 -57.06
N ASN A 3318 -111.00 -63.40 -56.30
CA ASN A 3318 -111.87 -62.24 -56.18
C ASN A 3318 -111.13 -61.06 -55.57
N ILE A 3319 -110.33 -61.32 -54.54
CA ILE A 3319 -109.53 -60.26 -53.91
C ILE A 3319 -108.65 -59.58 -54.95
N LEU A 3320 -107.89 -60.39 -55.70
CA LEU A 3320 -107.00 -59.84 -56.71
C LEU A 3320 -107.78 -59.00 -57.72
N ARG A 3321 -108.86 -59.55 -58.26
CA ARG A 3321 -109.61 -58.85 -59.30
C ARG A 3321 -110.17 -57.52 -58.78
N ILE A 3322 -110.85 -57.55 -57.63
CA ILE A 3322 -111.50 -56.34 -57.14
C ILE A 3322 -110.47 -55.30 -56.77
N ILE A 3323 -109.37 -55.70 -56.10
CA ILE A 3323 -108.36 -54.72 -55.72
C ILE A 3323 -107.75 -54.08 -56.96
N VAL A 3324 -107.33 -54.90 -57.93
CA VAL A 3324 -106.68 -54.36 -59.12
C VAL A 3324 -107.63 -53.44 -59.89
N ASN A 3325 -108.91 -53.83 -60.01
CA ASN A 3325 -109.83 -53.03 -60.79
C ASN A 3325 -110.21 -51.73 -60.07
N ASN A 3326 -110.31 -51.75 -58.74
CA ASN A 3326 -110.73 -50.58 -57.98
C ASN A 3326 -109.62 -50.11 -57.05
N LEU A 3327 -108.39 -50.08 -57.57
CA LEU A 3327 -107.27 -49.52 -56.81
C LEU A 3327 -107.56 -48.10 -56.35
N GLY A 3328 -108.04 -47.25 -57.27
CA GLY A 3328 -108.34 -45.88 -56.92
C GLY A 3328 -109.55 -45.71 -56.01
N ILE A 3329 -110.45 -46.69 -56.01
CA ILE A 3329 -111.65 -46.60 -55.18
C ILE A 3329 -111.25 -46.71 -53.71
N ASP A 3330 -111.78 -45.81 -52.89
CA ASP A 3330 -111.48 -45.79 -51.45
C ASP A 3330 -112.29 -46.88 -50.75
N GLU A 3331 -111.84 -48.12 -50.96
CA GLU A 3331 -112.46 -49.30 -50.34
C GLU A 3331 -111.75 -49.71 -49.05
N ALA A 3332 -111.21 -48.74 -48.31
CA ALA A 3332 -110.36 -49.05 -47.16
C ALA A 3332 -111.12 -49.83 -46.09
N THR A 3333 -112.39 -49.52 -45.88
CA THR A 3333 -113.16 -50.22 -44.86
C THR A 3333 -113.37 -51.68 -45.24
N TRP A 3334 -113.84 -51.94 -46.47
CA TRP A 3334 -113.97 -53.32 -46.92
C TRP A 3334 -112.59 -53.95 -47.03
N MET A 3335 -111.55 -53.15 -47.29
CA MET A 3335 -110.19 -53.69 -47.30
C MET A 3335 -109.81 -54.22 -45.92
N LYS A 3336 -110.19 -53.51 -44.86
CA LYS A 3336 -109.91 -53.98 -43.50
C LYS A 3336 -110.71 -55.23 -43.19
N ARG A 3337 -112.01 -55.24 -43.53
CA ARG A 3337 -112.79 -56.46 -43.32
C ARG A 3337 -112.22 -57.62 -44.11
N LEU A 3338 -111.68 -57.35 -45.30
CA LEU A 3338 -111.12 -58.42 -46.11
C LEU A 3338 -109.78 -58.91 -45.56
N ALA A 3339 -108.99 -58.00 -44.98
CA ALA A 3339 -107.75 -58.41 -44.32
C ALA A 3339 -108.05 -59.32 -43.13
N VAL A 3340 -109.05 -58.97 -42.33
CA VAL A 3340 -109.42 -59.87 -41.22
C VAL A 3340 -110.22 -61.07 -41.71
N PHE A 3341 -110.71 -61.02 -42.94
CA PHE A 3341 -111.48 -62.10 -43.52
C PHE A 3341 -110.61 -63.33 -43.78
N ALA A 3342 -111.25 -64.49 -43.81
CA ALA A 3342 -110.59 -65.76 -44.08
C ALA A 3342 -109.47 -66.04 -43.08
N GLN A 3343 -109.87 -66.16 -41.82
CA GLN A 3343 -108.93 -66.47 -40.75
C GLN A 3343 -108.54 -67.95 -40.75
N PRO A 3344 -109.49 -68.90 -40.97
CA PRO A 3344 -109.06 -70.32 -41.02
C PRO A 3344 -108.55 -70.73 -42.39
N ILE A 3345 -107.45 -70.12 -42.82
CA ILE A 3345 -106.82 -70.52 -44.07
C ILE A 3345 -105.90 -71.71 -43.86
N VAL A 3346 -105.18 -71.73 -42.73
CA VAL A 3346 -104.15 -72.75 -42.51
C VAL A 3346 -104.76 -74.14 -42.47
N SER A 3347 -105.90 -74.30 -41.79
CA SER A 3347 -106.50 -75.63 -41.67
C SER A 3347 -106.88 -76.20 -43.04
N ARG A 3348 -107.21 -75.35 -44.00
CA ARG A 3348 -107.53 -75.76 -45.36
C ARG A 3348 -106.48 -75.29 -46.35
N ALA A 3349 -105.27 -75.01 -45.89
CA ALA A 3349 -104.23 -74.47 -46.76
C ALA A 3349 -103.67 -75.55 -47.68
N ARG A 3350 -103.83 -75.36 -48.99
CA ARG A 3350 -103.29 -76.25 -50.00
C ARG A 3350 -102.11 -75.55 -50.68
N PRO A 3351 -100.86 -75.90 -50.33
CA PRO A 3351 -99.72 -75.07 -50.75
C PRO A 3351 -99.57 -74.92 -52.26
N GLU A 3352 -100.01 -75.89 -53.05
CA GLU A 3352 -99.88 -75.79 -54.50
C GLU A 3352 -100.68 -74.62 -55.05
N LEU A 3353 -102.00 -74.62 -54.84
CA LEU A 3353 -102.82 -73.52 -55.30
C LEU A 3353 -102.48 -72.23 -54.58
N LEU A 3354 -102.07 -72.31 -53.31
CA LEU A 3354 -101.68 -71.10 -52.61
C LEU A 3354 -100.46 -70.44 -53.24
N HIS A 3355 -99.46 -71.23 -53.65
CA HIS A 3355 -98.39 -70.66 -54.47
C HIS A 3355 -98.95 -70.07 -55.75
N SER A 3356 -99.73 -70.86 -56.50
CA SER A 3356 -100.19 -70.44 -57.82
C SER A 3356 -101.01 -69.17 -57.76
N HIS A 3357 -101.55 -68.81 -56.60
CA HIS A 3357 -102.26 -67.56 -56.43
C HIS A 3357 -101.47 -66.46 -55.73
N PHE A 3358 -100.62 -66.80 -54.75
CA PHE A 3358 -99.87 -65.77 -54.03
C PHE A 3358 -98.75 -65.18 -54.86
N ILE A 3359 -97.95 -66.00 -55.56
CA ILE A 3359 -96.86 -65.42 -56.38
C ILE A 3359 -97.38 -64.46 -57.45
N PRO A 3360 -98.34 -64.82 -58.30
CA PRO A 3360 -98.86 -63.83 -59.25
C PRO A 3360 -99.45 -62.60 -58.57
N THR A 3361 -100.15 -62.79 -57.45
CA THR A 3361 -100.80 -61.65 -56.80
C THR A 3361 -99.78 -60.68 -56.24
N ILE A 3362 -98.81 -61.19 -55.48
CA ILE A 3362 -97.82 -60.31 -54.85
C ILE A 3362 -96.84 -59.84 -55.92
N GLY A 3363 -96.94 -60.42 -57.11
CA GLY A 3363 -96.00 -60.04 -58.14
C GLY A 3363 -96.55 -58.89 -58.93
N ARG A 3364 -97.86 -58.89 -59.18
CA ARG A 3364 -98.51 -57.66 -59.68
C ARG A 3364 -98.43 -56.55 -58.64
N LEU A 3365 -98.60 -56.90 -57.35
CA LEU A 3365 -98.53 -55.88 -56.30
C LEU A 3365 -97.19 -55.17 -56.33
N ARG A 3366 -96.09 -55.93 -56.27
CA ARG A 3366 -94.77 -55.29 -56.30
C ARG A 3366 -94.47 -54.73 -57.68
N LYS A 3367 -95.07 -55.28 -58.73
CA LYS A 3367 -94.87 -54.77 -60.08
C LYS A 3367 -95.33 -53.32 -60.19
N ARG A 3368 -96.56 -53.04 -59.74
CA ARG A 3368 -96.95 -51.63 -59.73
C ARG A 3368 -96.25 -50.86 -58.62
N ALA A 3369 -95.81 -51.54 -57.55
CA ALA A 3369 -95.06 -50.84 -56.52
C ALA A 3369 -93.75 -50.27 -57.06
N GLY A 3370 -93.16 -50.92 -58.07
CA GLY A 3370 -91.94 -50.40 -58.66
C GLY A 3370 -92.12 -49.06 -59.32
N LYS A 3371 -93.22 -48.88 -60.05
CA LYS A 3371 -93.50 -47.61 -60.68
C LYS A 3371 -93.89 -46.54 -59.67
N VAL A 3372 -94.56 -46.94 -58.59
CA VAL A 3372 -95.07 -45.96 -57.62
C VAL A 3372 -93.91 -45.22 -56.97
N VAL A 3373 -92.88 -45.95 -56.55
CA VAL A 3373 -91.69 -45.30 -56.01
C VAL A 3373 -90.92 -44.57 -57.11
N ALA A 3374 -90.90 -45.13 -58.32
CA ALA A 3374 -90.19 -44.49 -59.43
C ALA A 3374 -90.80 -43.14 -59.76
N GLU A 3375 -92.13 -43.06 -59.85
CA GLU A 3375 -92.78 -41.79 -60.10
C GLU A 3375 -92.57 -40.83 -58.93
N GLU A 3376 -92.56 -41.35 -57.71
CA GLU A 3376 -92.20 -40.53 -56.55
C GLU A 3376 -90.78 -39.97 -56.69
N GLU A 3377 -89.84 -40.83 -57.10
CA GLU A 3377 -88.45 -40.40 -57.17
C GLU A 3377 -88.25 -39.31 -58.21
N GLN A 3378 -88.88 -39.45 -59.38
CA GLN A 3378 -88.73 -38.47 -60.44
C GLN A 3378 -89.30 -37.11 -60.02
N LEU A 3379 -90.48 -37.12 -59.40
CA LEU A 3379 -91.10 -35.86 -58.99
C LEU A 3379 -90.33 -35.21 -57.83
N ARG A 3380 -89.79 -36.01 -56.92
CA ARG A 3380 -89.09 -35.44 -55.77
C ARG A 3380 -87.80 -34.75 -56.19
N LEU A 3381 -87.23 -35.12 -57.34
CA LEU A 3381 -86.02 -34.48 -57.84
C LEU A 3381 -86.36 -33.43 -58.88
N GLU A 3391 -96.50 -34.71 -56.76
CA GLU A 3391 -96.31 -35.37 -55.48
C GLU A 3391 -97.60 -35.98 -54.96
N LEU A 3392 -98.69 -35.21 -55.03
CA LEU A 3392 -99.97 -35.69 -54.53
C LEU A 3392 -100.42 -36.95 -55.26
N LEU A 3393 -100.06 -37.09 -56.53
CA LEU A 3393 -100.42 -38.29 -57.27
C LEU A 3393 -99.73 -39.53 -56.71
N VAL A 3394 -98.42 -39.43 -56.46
CA VAL A 3394 -97.70 -40.59 -55.95
C VAL A 3394 -98.12 -40.91 -54.52
N ARG A 3395 -98.40 -39.88 -53.71
CA ARG A 3395 -98.90 -40.12 -52.36
C ARG A 3395 -100.19 -40.91 -52.39
N ASP A 3396 -101.05 -40.65 -53.39
CA ASP A 3396 -102.25 -41.45 -53.56
C ASP A 3396 -101.90 -42.87 -53.97
N GLU A 3397 -100.90 -43.04 -54.85
CA GLU A 3397 -100.48 -44.38 -55.24
C GLU A 3397 -99.95 -45.15 -54.04
N PHE A 3398 -99.16 -44.49 -53.19
CA PHE A 3398 -98.70 -45.16 -51.98
C PHE A 3398 -99.87 -45.39 -51.01
N SER A 3399 -100.91 -44.56 -51.09
CA SER A 3399 -102.07 -44.73 -50.21
C SER A 3399 -102.76 -46.06 -50.47
N VAL A 3400 -103.02 -46.37 -51.75
CA VAL A 3400 -103.63 -47.66 -52.07
C VAL A 3400 -102.63 -48.78 -51.89
N LEU A 3401 -101.36 -48.54 -52.21
CA LEU A 3401 -100.31 -49.52 -51.96
C LEU A 3401 -100.25 -49.90 -50.48
N CYS A 3402 -100.17 -48.92 -49.60
CA CYS A 3402 -100.16 -49.21 -48.18
C CYS A 3402 -101.45 -49.91 -47.77
N ARG A 3403 -102.55 -49.60 -48.46
CA ARG A 3403 -103.80 -50.29 -48.20
C ARG A 3403 -103.73 -51.75 -48.60
N ASP A 3404 -103.16 -52.04 -49.78
CA ASP A 3404 -103.11 -53.42 -50.27
C ASP A 3404 -102.18 -54.28 -49.43
N LEU A 3405 -101.05 -53.73 -48.99
CA LEU A 3405 -100.12 -54.48 -48.15
C LEU A 3405 -100.82 -54.98 -46.89
N TYR A 3406 -101.31 -54.05 -46.07
CA TYR A 3406 -101.98 -54.43 -44.83
C TYR A 3406 -103.26 -55.21 -45.07
N ALA A 3407 -103.74 -55.26 -46.30
CA ALA A 3407 -104.94 -56.03 -46.65
C ALA A 3407 -104.60 -57.40 -47.23
N LEU A 3408 -103.37 -57.60 -47.70
CA LEU A 3408 -102.95 -58.90 -48.22
C LEU A 3408 -101.85 -59.55 -47.40
N TYR A 3409 -100.96 -58.76 -46.80
CA TYR A 3409 -99.86 -59.33 -46.02
C TYR A 3409 -100.34 -60.22 -44.88
N PRO A 3410 -101.36 -59.87 -44.09
CA PRO A 3410 -101.77 -60.76 -42.99
C PRO A 3410 -102.13 -62.17 -43.43
N LEU A 3411 -102.76 -62.35 -44.59
CA LEU A 3411 -103.15 -63.68 -45.02
C LEU A 3411 -101.96 -64.49 -45.50
N LEU A 3412 -100.93 -63.83 -46.05
CA LEU A 3412 -99.75 -64.54 -46.51
C LEU A 3412 -98.89 -65.03 -45.35
N ILE A 3413 -98.89 -64.31 -44.24
CA ILE A 3413 -98.08 -64.71 -43.09
C ILE A 3413 -98.53 -66.07 -42.57
N ARG A 3414 -99.84 -66.23 -42.35
CA ARG A 3414 -100.35 -67.48 -41.78
C ARG A 3414 -100.12 -68.66 -42.71
N TYR A 3415 -100.15 -68.43 -44.02
CA TYR A 3415 -99.94 -69.52 -44.96
C TYR A 3415 -98.57 -70.15 -44.78
N VAL A 3416 -97.53 -69.34 -44.65
CA VAL A 3416 -96.18 -69.87 -44.56
C VAL A 3416 -95.73 -70.10 -43.10
N ASP A 3417 -96.42 -69.52 -42.13
CA ASP A 3417 -96.13 -69.83 -40.72
C ASP A 3417 -96.14 -71.34 -40.49
N ASN A 3418 -97.04 -72.06 -41.14
CA ASN A 3418 -97.19 -73.49 -40.98
C ASN A 3418 -96.65 -74.28 -42.18
N ASN A 3419 -96.15 -73.60 -43.20
CA ASN A 3419 -95.52 -74.26 -44.34
C ASN A 3419 -94.03 -73.96 -44.46
N ARG A 3420 -93.51 -73.04 -43.65
CA ARG A 3420 -92.07 -72.76 -43.70
C ARG A 3420 -91.26 -73.97 -43.26
N ALA A 3421 -91.75 -74.69 -42.24
CA ALA A 3421 -91.01 -75.84 -41.71
C ALA A 3421 -90.78 -76.89 -42.78
N HIS A 3422 -91.78 -77.13 -43.63
CA HIS A 3422 -91.61 -78.07 -44.73
C HIS A 3422 -90.56 -77.57 -45.72
N TRP A 3423 -90.58 -76.26 -46.02
CA TRP A 3423 -89.63 -75.73 -47.00
C TRP A 3423 -88.23 -75.62 -46.44
N LEU A 3424 -88.09 -75.35 -45.13
CA LEU A 3424 -86.79 -75.46 -44.50
C LEU A 3424 -86.28 -76.90 -44.53
N THR A 3425 -87.18 -77.86 -44.29
CA THR A 3425 -86.78 -79.27 -44.33
C THR A 3425 -86.40 -79.70 -45.74
N GLU A 3426 -87.21 -79.33 -46.73
CA GLU A 3426 -86.91 -79.64 -48.13
C GLU A 3426 -87.03 -78.34 -48.92
N PRO A 3427 -85.97 -77.85 -49.54
CA PRO A 3427 -86.02 -76.55 -50.22
C PRO A 3427 -87.04 -76.54 -51.35
N ASN A 3428 -87.86 -75.49 -51.39
CA ASN A 3428 -88.88 -75.30 -52.40
C ASN A 3428 -88.52 -74.08 -53.24
N ALA A 3429 -88.54 -74.25 -54.57
CA ALA A 3429 -88.12 -73.18 -55.45
C ALA A 3429 -88.96 -71.93 -55.27
N ASN A 3430 -90.28 -72.10 -55.13
CA ASN A 3430 -91.15 -70.95 -54.92
C ASN A 3430 -90.87 -70.27 -53.58
N ALA A 3431 -90.44 -71.03 -52.58
CA ALA A 3431 -90.20 -70.46 -51.25
C ALA A 3431 -89.11 -69.40 -51.29
N GLU A 3432 -87.99 -69.70 -51.97
CA GLU A 3432 -86.92 -68.72 -52.07
C GLU A 3432 -87.32 -67.54 -52.97
N GLU A 3433 -88.13 -67.80 -54.00
CA GLU A 3433 -88.58 -66.71 -54.87
C GLU A 3433 -89.42 -65.71 -54.09
N LEU A 3434 -90.34 -66.20 -53.25
CA LEU A 3434 -91.18 -65.32 -52.46
C LEU A 3434 -90.36 -64.53 -51.45
N PHE A 3435 -89.28 -65.13 -50.94
CA PHE A 3435 -88.34 -64.38 -50.11
C PHE A 3435 -87.81 -63.16 -50.85
N ARG A 3436 -87.49 -63.32 -52.14
CA ARG A 3436 -87.03 -62.17 -52.92
C ARG A 3436 -88.13 -61.14 -53.11
N MET A 3437 -89.38 -61.59 -53.30
CA MET A 3437 -90.48 -60.65 -53.48
C MET A 3437 -90.68 -59.77 -52.24
N VAL A 3438 -90.81 -60.41 -51.07
CA VAL A 3438 -91.01 -59.65 -49.84
C VAL A 3438 -89.80 -58.79 -49.55
N GLY A 3439 -88.59 -59.29 -49.85
CA GLY A 3439 -87.41 -58.47 -49.69
C GLY A 3439 -87.41 -57.24 -50.58
N GLU A 3440 -87.84 -57.40 -51.83
CA GLU A 3440 -87.90 -56.25 -52.73
C GLU A 3440 -88.92 -55.22 -52.26
N ILE A 3441 -90.09 -55.68 -51.82
CA ILE A 3441 -91.08 -54.74 -51.30
C ILE A 3441 -90.54 -54.03 -50.06
N PHE A 3442 -89.86 -54.77 -49.19
CA PHE A 3442 -89.33 -54.18 -47.97
C PHE A 3442 -88.28 -53.12 -48.31
N ILE A 3443 -87.33 -53.45 -49.18
CA ILE A 3443 -86.26 -52.50 -49.51
C ILE A 3443 -86.84 -51.30 -50.23
N TYR A 3444 -87.86 -51.51 -51.07
CA TYR A 3444 -88.58 -50.39 -51.66
C TYR A 3444 -89.17 -49.49 -50.58
N TRP A 3445 -89.68 -50.09 -49.50
CA TRP A 3445 -90.24 -49.29 -48.42
C TRP A 3445 -89.14 -48.51 -47.71
N SER A 3446 -87.97 -49.13 -47.53
CA SER A 3446 -86.85 -48.47 -46.88
C SER A 3446 -86.28 -47.34 -47.74
N LYS A 3447 -86.35 -47.48 -49.07
CA LYS A 3447 -85.91 -46.39 -49.93
C LYS A 3447 -86.90 -45.23 -49.93
N SER A 3448 -88.19 -45.54 -49.83
CA SER A 3448 -89.24 -44.54 -50.06
C SER A 3448 -89.71 -43.98 -48.72
N HIS A 3449 -89.30 -42.76 -48.42
CA HIS A 3449 -89.60 -42.13 -47.15
C HIS A 3449 -91.11 -41.95 -46.96
N ASN A 3450 -91.80 -41.45 -47.99
CA ASN A 3450 -93.24 -41.26 -47.84
C ASN A 3450 -93.98 -42.58 -47.85
N PHE A 3451 -93.43 -43.61 -48.48
CA PHE A 3451 -94.04 -44.93 -48.39
C PHE A 3451 -94.00 -45.42 -46.96
N LYS A 3452 -92.90 -45.13 -46.24
CA LYS A 3452 -92.93 -45.28 -44.80
C LYS A 3452 -93.98 -44.37 -44.16
N ARG A 3453 -94.07 -43.12 -44.63
CA ARG A 3453 -95.05 -42.19 -44.10
C ARG A 3453 -96.46 -42.70 -44.31
N GLU A 3454 -96.79 -43.07 -45.55
CA GLU A 3454 -98.15 -43.52 -45.85
C GLU A 3454 -98.44 -44.87 -45.19
N GLU A 3455 -97.43 -45.72 -45.04
CA GLU A 3455 -97.62 -46.95 -44.28
C GLU A 3455 -98.08 -46.63 -42.86
N GLN A 3456 -97.40 -45.70 -42.21
CA GLN A 3456 -97.83 -45.26 -40.87
C GLN A 3456 -99.19 -44.58 -40.93
N ASN A 3457 -99.44 -43.80 -41.99
CA ASN A 3457 -100.75 -43.18 -42.15
C ASN A 3457 -101.86 -44.21 -42.14
N PHE A 3458 -101.74 -45.25 -42.97
CA PHE A 3458 -102.79 -46.24 -43.02
C PHE A 3458 -102.82 -47.11 -41.77
N VAL A 3459 -101.74 -47.15 -41.00
CA VAL A 3459 -101.81 -47.73 -39.66
C VAL A 3459 -102.83 -46.97 -38.81
N VAL A 3460 -102.77 -45.64 -38.84
CA VAL A 3460 -103.66 -44.85 -38.01
C VAL A 3460 -104.95 -44.47 -38.73
N GLN A 3461 -104.93 -44.37 -40.07
CA GLN A 3461 -106.17 -44.08 -40.80
C GLN A 3461 -107.13 -45.27 -40.74
N ASN A 3462 -106.62 -46.48 -40.97
CA ASN A 3462 -107.45 -47.67 -40.93
C ASN A 3462 -107.43 -48.37 -39.58
N GLU A 3463 -106.72 -47.82 -38.60
CA GLU A 3463 -106.61 -48.41 -37.26
C GLU A 3463 -106.16 -49.87 -37.35
N ILE A 3464 -105.02 -50.07 -38.02
CA ILE A 3464 -104.53 -51.41 -38.32
C ILE A 3464 -104.06 -52.10 -37.05
N ASN A 3465 -104.55 -53.33 -36.84
CA ASN A 3465 -104.13 -54.16 -35.70
C ASN A 3465 -102.98 -55.06 -36.15
N ASN A 3466 -101.83 -54.43 -36.36
CA ASN A 3466 -100.65 -55.17 -36.82
C ASN A 3466 -100.14 -56.13 -35.76
N MET A 3467 -100.23 -55.74 -34.49
CA MET A 3467 -99.90 -56.66 -33.41
C MET A 3467 -100.80 -57.89 -33.46
N SER A 3468 -102.05 -57.72 -33.88
CA SER A 3468 -102.96 -58.85 -34.03
C SER A 3468 -102.48 -59.79 -35.12
N PHE A 3469 -101.96 -59.24 -36.22
CA PHE A 3469 -101.40 -60.09 -37.26
C PHE A 3469 -100.20 -60.86 -36.75
N LEU A 3470 -99.37 -60.24 -35.90
CA LEU A 3470 -98.24 -60.97 -35.33
C LEU A 3470 -98.71 -62.09 -34.41
N THR A 3471 -99.63 -61.80 -33.50
CA THR A 3471 -100.03 -62.80 -32.50
C THR A 3471 -100.97 -63.81 -33.14
N ALA A 3472 -100.55 -65.08 -33.18
CA ALA A 3472 -101.39 -66.15 -33.67
C ALA A 3472 -102.29 -66.65 -32.54
N ASP A 3473 -103.60 -66.63 -32.77
CA ASP A 3473 -104.53 -67.12 -31.75
C ASP A 3473 -104.33 -68.63 -31.51
N SER A 3474 -104.16 -69.39 -32.59
CA SER A 3474 -103.91 -70.83 -32.51
C SER A 3474 -104.97 -71.57 -31.68
N SER A 3504 -93.36 -45.81 -36.50
CA SER A 3504 -93.67 -45.49 -35.12
C SER A 3504 -94.09 -46.72 -34.32
N VAL A 3505 -94.87 -47.60 -34.95
CA VAL A 3505 -95.40 -48.79 -34.27
C VAL A 3505 -94.29 -49.80 -34.05
N GLN A 3506 -93.21 -49.69 -34.84
CA GLN A 3506 -92.10 -50.63 -34.84
C GLN A 3506 -92.56 -52.07 -34.85
N THR A 3507 -93.69 -52.33 -35.51
CA THR A 3507 -94.24 -53.67 -35.68
C THR A 3507 -95.03 -53.77 -36.98
N SER A 3508 -94.55 -53.09 -38.03
CA SER A 3508 -95.19 -53.15 -39.32
C SER A 3508 -95.06 -54.56 -39.91
N LEU A 3509 -95.86 -54.84 -40.94
CA LEU A 3509 -95.80 -56.16 -41.55
C LEU A 3509 -94.63 -56.28 -42.52
N ILE A 3510 -94.27 -55.19 -43.19
CA ILE A 3510 -93.18 -55.27 -44.17
C ILE A 3510 -91.87 -55.62 -43.50
N VAL A 3511 -91.66 -55.18 -42.26
CA VAL A 3511 -90.52 -55.66 -41.49
C VAL A 3511 -90.79 -57.03 -40.88
N ALA A 3512 -92.04 -57.27 -40.48
CA ALA A 3512 -92.41 -58.55 -39.88
C ALA A 3512 -92.23 -59.70 -40.86
N THR A 3513 -92.55 -59.46 -42.14
CA THR A 3513 -92.49 -60.55 -43.12
C THR A 3513 -91.07 -61.05 -43.35
N LEU A 3514 -90.05 -60.21 -43.18
CA LEU A 3514 -88.69 -60.73 -43.26
C LEU A 3514 -88.26 -61.47 -42.00
N LYS A 3515 -88.60 -60.92 -40.82
CA LYS A 3515 -88.33 -61.65 -39.57
C LYS A 3515 -88.93 -63.05 -39.65
N LYS A 3516 -89.92 -63.20 -40.54
CA LYS A 3516 -90.69 -64.41 -40.82
C LYS A 3516 -90.07 -65.27 -41.92
N MET A 3517 -89.61 -64.66 -43.01
CA MET A 3517 -89.14 -65.38 -44.20
C MET A 3517 -87.62 -65.45 -44.32
N LEU A 3518 -86.89 -64.88 -43.36
CA LEU A 3518 -85.44 -64.83 -43.45
C LEU A 3518 -84.77 -66.20 -43.46
N PRO A 3519 -85.17 -67.18 -42.64
CA PRO A 3519 -84.52 -68.49 -42.74
C PRO A 3519 -84.62 -69.12 -44.13
N ILE A 3520 -85.73 -68.90 -44.82
CA ILE A 3520 -85.90 -69.45 -46.17
C ILE A 3520 -84.85 -68.86 -47.11
N GLY A 3521 -84.61 -67.55 -47.01
CA GLY A 3521 -83.59 -66.92 -47.83
C GLY A 3521 -82.18 -67.06 -47.31
N LEU A 3522 -82.00 -67.56 -46.09
CA LEU A 3522 -80.69 -67.68 -45.49
C LEU A 3522 -80.13 -69.10 -45.59
N ASN A 3523 -80.99 -70.12 -45.64
CA ASN A 3523 -80.51 -71.48 -45.75
C ASN A 3523 -80.21 -71.89 -47.19
N MET A 3524 -80.36 -70.98 -48.16
CA MET A 3524 -80.02 -71.26 -49.55
C MET A 3524 -78.60 -70.84 -49.91
N CYS A 3525 -77.87 -70.23 -48.98
CA CYS A 3525 -76.57 -69.61 -49.29
C CYS A 3525 -75.53 -70.10 -48.29
N ALA A 3526 -74.62 -70.96 -48.75
CA ALA A 3526 -73.52 -71.44 -47.94
C ALA A 3526 -72.35 -70.45 -47.88
N PRO A 3527 -71.84 -69.95 -49.01
CA PRO A 3527 -70.65 -69.08 -48.94
C PRO A 3527 -70.91 -67.82 -48.11
N THR A 3528 -69.93 -67.48 -47.28
CA THR A 3528 -69.99 -66.27 -46.46
C THR A 3528 -69.27 -65.11 -47.14
N ASP A 3529 -69.64 -64.80 -48.38
CA ASP A 3529 -69.15 -63.60 -49.05
C ASP A 3529 -70.03 -62.39 -48.73
N GLN A 3530 -71.11 -62.61 -47.97
CA GLN A 3530 -72.00 -61.52 -47.60
C GLN A 3530 -71.30 -60.45 -46.79
N ASP A 3531 -70.16 -60.75 -46.18
CA ASP A 3531 -69.41 -59.72 -45.46
C ASP A 3531 -68.77 -58.72 -46.44
N LEU A 3532 -68.12 -59.22 -47.48
CA LEU A 3532 -67.56 -58.32 -48.49
C LEU A 3532 -68.66 -57.59 -49.23
N ILE A 3533 -69.77 -58.28 -49.50
CA ILE A 3533 -70.91 -57.57 -50.08
C ILE A 3533 -71.43 -56.53 -49.11
N MET A 3534 -71.40 -56.82 -47.80
CA MET A 3534 -71.77 -55.84 -46.79
C MET A 3534 -70.90 -54.60 -46.88
N LEU A 3535 -69.60 -54.80 -47.11
CA LEU A 3535 -68.71 -53.66 -47.34
C LEU A 3535 -69.14 -52.88 -48.57
N ALA A 3536 -69.55 -53.58 -49.63
CA ALA A 3536 -70.07 -52.88 -50.81
C ALA A 3536 -71.33 -52.09 -50.46
N LYS A 3537 -72.17 -52.66 -49.62
CA LYS A 3537 -73.39 -51.96 -49.25
C LYS A 3537 -73.12 -50.75 -48.35
N THR A 3538 -72.08 -50.81 -47.52
CA THR A 3538 -71.63 -49.59 -46.86
C THR A 3538 -71.08 -48.60 -47.87
N ARG A 3539 -70.40 -49.09 -48.90
CA ARG A 3539 -69.95 -48.19 -49.98
C ARG A 3539 -71.12 -47.55 -50.72
N TYR A 3540 -72.31 -48.15 -50.66
CA TYR A 3540 -73.50 -47.44 -51.14
C TYR A 3540 -73.61 -46.07 -50.49
N ALA A 3541 -73.54 -46.01 -49.16
CA ALA A 3541 -73.55 -44.72 -48.47
C ALA A 3541 -72.24 -43.98 -48.69
N LEU A 3542 -71.16 -44.71 -48.96
CA LEU A 3542 -69.88 -44.12 -49.33
C LEU A 3542 -69.78 -43.82 -50.82
N LYS A 3543 -70.92 -43.62 -51.50
CA LYS A 3543 -70.99 -43.17 -52.89
C LYS A 3543 -70.54 -44.24 -53.89
N ASP A 3544 -71.00 -45.48 -53.68
CA ASP A 3544 -70.87 -46.54 -54.67
C ASP A 3544 -72.28 -46.99 -55.07
N THR A 3545 -72.62 -46.83 -56.35
CA THR A 3545 -73.99 -47.03 -56.80
C THR A 3545 -74.20 -48.48 -57.24
N ASP A 3546 -75.34 -48.72 -57.89
CA ASP A 3546 -75.68 -50.08 -58.33
C ASP A 3546 -74.68 -50.61 -59.33
N GLU A 3547 -74.19 -49.75 -60.23
CA GLU A 3547 -73.16 -50.19 -61.17
C GLU A 3547 -71.88 -50.60 -60.44
N GLU A 3548 -71.47 -49.83 -59.44
CA GLU A 3548 -70.26 -50.17 -58.70
C GLU A 3548 -70.43 -51.47 -57.92
N VAL A 3549 -71.61 -51.69 -57.34
CA VAL A 3549 -71.81 -52.96 -56.65
C VAL A 3549 -71.99 -54.11 -57.64
N ARG A 3550 -72.37 -53.82 -58.89
CA ARG A 3550 -72.29 -54.85 -59.93
C ARG A 3550 -70.84 -55.22 -60.21
N GLU A 3551 -69.94 -54.22 -60.25
CA GLU A 3551 -68.52 -54.53 -60.38
C GLU A 3551 -68.03 -55.36 -59.20
N PHE A 3552 -68.50 -55.04 -57.99
CA PHE A 3552 -68.15 -55.86 -56.84
C PHE A 3552 -68.72 -57.26 -56.95
N LEU A 3553 -69.90 -57.42 -57.55
CA LEU A 3553 -70.41 -58.75 -57.85
C LEU A 3553 -69.47 -59.48 -58.80
N GLN A 3554 -68.96 -58.77 -59.81
CA GLN A 3554 -68.03 -59.39 -60.76
C GLN A 3554 -66.73 -59.81 -60.09
N ASN A 3555 -66.26 -59.06 -59.10
CA ASN A 3555 -65.03 -59.43 -58.42
C ASN A 3555 -65.26 -60.29 -57.18
N ASN A 3556 -66.52 -60.59 -56.84
CA ASN A 3556 -66.80 -61.40 -55.65
C ASN A 3556 -66.27 -62.82 -55.80
N LEU A 3557 -66.34 -63.39 -57.00
CA LEU A 3557 -66.09 -64.83 -57.17
C LEU A 3557 -64.66 -65.24 -56.85
N HIS A 3558 -63.73 -64.30 -56.72
CA HIS A 3558 -62.35 -64.65 -56.40
C HIS A 3558 -62.11 -64.81 -54.91
N LEU A 3559 -63.13 -64.60 -54.07
CA LEU A 3559 -63.03 -64.79 -52.62
C LEU A 3559 -64.26 -65.56 -52.15
N GLN A 3560 -64.05 -66.77 -51.66
CA GLN A 3560 -65.12 -67.61 -51.14
C GLN A 3560 -64.67 -68.25 -49.83
N GLY A 3561 -65.65 -68.66 -49.03
CA GLY A 3561 -65.35 -69.31 -47.77
C GLY A 3561 -64.79 -70.71 -47.96
N LYS A 3562 -64.17 -71.21 -46.90
CA LYS A 3562 -63.56 -72.53 -46.91
C LYS A 3562 -64.08 -73.34 -45.73
N VAL A 3563 -64.18 -74.66 -45.94
CA VAL A 3563 -64.64 -75.54 -44.88
C VAL A 3563 -63.58 -75.72 -43.80
N GLU A 3564 -62.32 -75.47 -44.11
CA GLU A 3564 -61.22 -75.61 -43.16
C GLU A 3564 -60.92 -74.32 -42.40
N GLY A 3565 -61.61 -73.23 -42.71
CA GLY A 3565 -61.35 -71.98 -42.02
C GLY A 3565 -61.72 -72.02 -40.55
N SER A 3566 -62.87 -72.60 -40.23
CA SER A 3566 -63.35 -72.69 -38.87
C SER A 3566 -63.84 -74.10 -38.58
N PRO A 3567 -63.67 -74.57 -37.33
CA PRO A 3567 -64.20 -75.89 -36.98
C PRO A 3567 -65.71 -75.99 -37.13
N SER A 3568 -66.45 -74.91 -36.88
CA SER A 3568 -67.89 -74.94 -37.04
C SER A 3568 -68.29 -75.07 -38.51
N LEU A 3569 -67.44 -74.58 -39.42
CA LEU A 3569 -67.74 -74.67 -40.84
C LEU A 3569 -67.85 -76.13 -41.28
N ARG A 3570 -67.12 -77.03 -40.64
CA ARG A 3570 -67.19 -78.44 -41.02
C ARG A 3570 -68.60 -78.99 -40.86
N TRP A 3571 -69.18 -78.83 -39.66
CA TRP A 3571 -70.52 -79.37 -39.45
C TRP A 3571 -71.58 -78.53 -40.16
N GLN A 3572 -71.35 -77.22 -40.33
CA GLN A 3572 -72.28 -76.41 -41.10
C GLN A 3572 -72.38 -76.91 -42.53
N MET A 3573 -71.23 -77.13 -43.17
CA MET A 3573 -71.23 -77.67 -44.53
C MET A 3573 -71.73 -79.10 -44.56
N ALA A 3574 -71.49 -79.88 -43.51
CA ALA A 3574 -72.04 -81.23 -43.44
C ALA A 3574 -73.55 -81.20 -43.51
N LEU A 3575 -74.19 -80.35 -42.70
CA LEU A 3575 -75.65 -80.22 -42.76
C LEU A 3575 -76.10 -79.67 -44.12
N TYR A 3576 -75.37 -78.67 -44.63
CA TYR A 3576 -75.76 -78.03 -45.88
C TYR A 3576 -75.77 -79.01 -47.03
N ARG A 3577 -74.75 -79.86 -47.13
CA ARG A 3577 -74.70 -80.89 -48.17
C ARG A 3577 -75.56 -82.11 -47.84
N GLY A 3578 -75.89 -82.33 -46.56
CA GLY A 3578 -76.80 -83.39 -46.21
C GLY A 3578 -78.26 -83.06 -46.38
N LEU A 3579 -78.57 -81.79 -46.65
CA LEU A 3579 -79.94 -81.44 -47.00
C LEU A 3579 -80.36 -82.22 -48.25
N PRO A 3580 -81.48 -82.95 -48.22
CA PRO A 3580 -81.84 -83.79 -49.37
C PRO A 3580 -82.05 -83.02 -50.65
N GLY A 3581 -82.59 -81.80 -50.58
CA GLY A 3581 -82.87 -81.01 -51.75
C GLY A 3581 -81.73 -80.11 -52.20
N ARG A 3582 -80.56 -80.22 -51.60
CA ARG A 3582 -79.45 -79.35 -51.97
C ARG A 3582 -78.97 -79.66 -53.38
N GLU A 3583 -78.58 -78.62 -54.10
CA GLU A 3583 -78.12 -78.73 -55.48
C GLU A 3583 -76.97 -77.74 -55.70
N GLU A 3584 -76.15 -78.03 -56.70
CA GLU A 3584 -75.01 -77.20 -57.03
C GLU A 3584 -75.35 -76.10 -58.03
N ASP A 3585 -76.63 -75.96 -58.41
CA ASP A 3585 -77.02 -74.87 -59.30
C ASP A 3585 -76.75 -73.52 -58.67
N ALA A 3586 -77.05 -73.36 -57.37
CA ALA A 3586 -76.71 -72.12 -56.69
C ALA A 3586 -75.19 -71.99 -56.53
N ASP A 3587 -74.49 -73.10 -56.32
CA ASP A 3587 -73.04 -73.07 -56.20
C ASP A 3587 -72.35 -72.77 -57.52
N ASP A 3588 -73.07 -72.83 -58.64
CA ASP A 3588 -72.49 -72.44 -59.92
C ASP A 3588 -72.10 -70.98 -59.90
N PRO A 3589 -71.06 -70.59 -60.64
CA PRO A 3589 -70.56 -69.20 -60.57
C PRO A 3589 -71.58 -68.16 -60.96
N GLU A 3590 -72.56 -68.50 -61.80
CA GLU A 3590 -73.53 -67.50 -62.25
C GLU A 3590 -74.57 -67.21 -61.18
N LYS A 3591 -75.01 -68.22 -60.43
CA LYS A 3591 -76.10 -68.06 -59.48
C LYS A 3591 -75.62 -67.67 -58.09
N ILE A 3592 -74.37 -67.96 -57.74
CA ILE A 3592 -73.86 -67.64 -56.41
C ILE A 3592 -73.91 -66.13 -56.20
N VAL A 3593 -73.45 -65.36 -57.19
CA VAL A 3593 -73.44 -63.91 -57.05
C VAL A 3593 -74.86 -63.37 -56.90
N ARG A 3594 -75.81 -63.94 -57.64
CA ARG A 3594 -77.19 -63.49 -57.55
C ARG A 3594 -77.77 -63.74 -56.16
N ARG A 3595 -77.63 -64.96 -55.66
CA ARG A 3595 -78.20 -65.28 -54.36
C ARG A 3595 -77.55 -64.47 -53.25
N VAL A 3596 -76.22 -64.33 -53.29
CA VAL A 3596 -75.55 -63.59 -52.23
C VAL A 3596 -75.89 -62.11 -52.31
N GLN A 3597 -76.07 -61.57 -53.52
CA GLN A 3597 -76.49 -60.17 -53.65
C GLN A 3597 -77.88 -59.96 -53.07
N GLU A 3598 -78.81 -60.87 -53.37
CA GLU A 3598 -80.17 -60.74 -52.83
C GLU A 3598 -80.15 -60.77 -51.31
N VAL A 3599 -79.44 -61.75 -50.74
CA VAL A 3599 -79.36 -61.87 -49.29
C VAL A 3599 -78.71 -60.63 -48.69
N SER A 3600 -77.64 -60.14 -49.31
CA SER A 3600 -76.94 -58.97 -48.79
C SER A 3600 -77.84 -57.74 -48.80
N ALA A 3601 -78.62 -57.54 -49.86
CA ALA A 3601 -79.47 -56.36 -49.94
C ALA A 3601 -80.59 -56.41 -48.89
N VAL A 3602 -81.27 -57.55 -48.79
CA VAL A 3602 -82.33 -57.64 -47.79
C VAL A 3602 -81.74 -57.50 -46.39
N LEU A 3603 -80.55 -58.06 -46.17
CA LEU A 3603 -79.89 -57.92 -44.89
C LEU A 3603 -79.50 -56.46 -44.62
N TYR A 3604 -78.97 -55.76 -45.63
CA TYR A 3604 -78.81 -54.32 -45.54
C TYR A 3604 -80.00 -53.68 -44.87
N HIS A 3605 -81.13 -53.73 -45.58
CA HIS A 3605 -82.25 -52.92 -45.13
C HIS A 3605 -82.77 -53.44 -43.78
N LEU A 3606 -82.60 -54.72 -43.50
CA LEU A 3606 -82.94 -55.24 -42.17
C LEU A 3606 -82.07 -54.62 -41.08
N GLU A 3607 -80.75 -54.54 -41.30
CA GLU A 3607 -79.89 -53.94 -40.27
C GLU A 3607 -80.18 -52.46 -40.09
N GLN A 3608 -80.40 -51.73 -41.18
CA GLN A 3608 -80.70 -50.31 -41.04
C GLN A 3608 -82.08 -50.06 -40.42
N THR A 3609 -83.00 -51.01 -40.55
CA THR A 3609 -84.20 -50.96 -39.71
C THR A 3609 -83.85 -51.24 -38.25
N GLU A 3610 -82.93 -52.18 -38.01
CA GLU A 3610 -82.56 -52.58 -36.66
C GLU A 3610 -81.85 -51.45 -35.91
N HIS A 3611 -81.12 -50.59 -36.63
CA HIS A 3611 -80.37 -49.51 -36.00
C HIS A 3611 -81.31 -48.37 -35.68
N PRO A 3612 -81.48 -47.98 -34.41
CA PRO A 3612 -82.40 -46.91 -34.01
C PRO A 3612 -81.87 -45.51 -34.35
N THR A 3639 -102.19 -5.44 -21.55
CA THR A 3639 -100.99 -5.22 -22.35
C THR A 3639 -101.15 -4.21 -23.51
N PRO A 3640 -102.26 -4.25 -24.27
CA PRO A 3640 -102.41 -3.26 -25.33
C PRO A 3640 -102.63 -1.85 -24.78
N LEU A 3641 -102.23 -0.86 -25.58
CA LEU A 3641 -102.27 0.52 -25.11
C LEU A 3641 -103.70 1.04 -25.00
N TYR A 3642 -104.60 0.61 -25.89
CA TYR A 3642 -105.93 1.21 -25.92
C TYR A 3642 -106.77 0.83 -24.70
N ASN A 3643 -106.33 -0.14 -23.90
CA ASN A 3643 -107.01 -0.47 -22.66
C ASN A 3643 -106.50 0.31 -21.46
N LEU A 3644 -105.44 1.09 -21.63
CA LEU A 3644 -104.83 1.82 -20.53
C LEU A 3644 -105.56 3.13 -20.27
N PRO A 3645 -105.51 3.63 -19.04
CA PRO A 3645 -106.06 4.96 -18.76
C PRO A 3645 -105.26 6.05 -19.46
N THR A 3646 -105.92 7.18 -19.67
CA THR A 3646 -105.32 8.27 -20.44
C THR A 3646 -104.08 8.83 -19.75
N HIS A 3647 -104.15 9.02 -18.42
CA HIS A 3647 -103.06 9.68 -17.72
C HIS A 3647 -101.79 8.81 -17.69
N ARG A 3648 -101.94 7.51 -17.47
CA ARG A 3648 -100.76 6.64 -17.45
C ARG A 3648 -100.13 6.56 -18.82
N ALA A 3649 -100.94 6.46 -19.88
CA ALA A 3649 -100.41 6.47 -21.23
C ALA A 3649 -99.72 7.80 -21.54
N CYS A 3650 -100.27 8.90 -21.03
CA CYS A 3650 -99.64 10.20 -21.21
C CYS A 3650 -98.28 10.27 -20.52
N ASN A 3651 -98.18 9.70 -19.31
CA ASN A 3651 -96.89 9.66 -18.63
C ASN A 3651 -95.89 8.83 -19.41
N MET A 3652 -96.32 7.67 -19.92
CA MET A 3652 -95.42 6.84 -20.72
C MET A 3652 -94.98 7.57 -21.98
N PHE A 3653 -95.91 8.28 -22.62
CA PHE A 3653 -95.56 9.06 -23.80
C PHE A 3653 -94.56 10.16 -23.47
N LEU A 3654 -94.73 10.82 -22.32
CA LEU A 3654 -93.78 11.85 -21.91
C LEU A 3654 -92.38 11.26 -21.73
N GLU A 3655 -92.29 10.13 -21.03
CA GLU A 3655 -90.99 9.51 -20.81
C GLU A 3655 -90.34 9.09 -22.13
N SER A 3656 -91.13 8.46 -23.01
CA SER A 3656 -90.58 8.00 -24.28
C SER A 3656 -90.14 9.17 -25.16
N TYR A 3657 -90.94 10.24 -25.21
CA TYR A 3657 -90.59 11.39 -26.02
C TYR A 3657 -89.34 12.08 -25.47
N LYS A 3658 -89.22 12.19 -24.15
CA LYS A 3658 -88.01 12.76 -23.57
C LYS A 3658 -86.80 11.91 -23.89
N ALA A 3659 -86.94 10.58 -23.83
CA ALA A 3659 -85.79 9.72 -24.07
C ALA A 3659 -85.41 9.64 -25.54
N ALA A 3660 -86.37 9.86 -26.46
CA ALA A 3660 -86.12 9.65 -27.87
C ALA A 3660 -85.85 10.93 -28.65
N TRP A 3661 -86.68 11.96 -28.47
CA TRP A 3661 -86.63 13.15 -29.30
C TRP A 3661 -85.82 14.28 -28.67
N ILE A 3662 -86.15 14.66 -27.44
CA ILE A 3662 -85.47 15.79 -26.80
C ILE A 3662 -84.02 15.45 -26.50
N LEU A 3663 -83.78 14.27 -25.93
CA LEU A 3663 -82.42 13.90 -25.52
C LEU A 3663 -81.48 13.78 -26.70
N THR A 3664 -81.95 13.19 -27.81
CA THR A 3664 -81.09 13.00 -28.96
C THR A 3664 -80.83 14.28 -29.75
N GLU A 3665 -81.58 15.34 -29.48
CA GLU A 3665 -81.35 16.60 -30.18
C GLU A 3665 -80.00 17.19 -29.77
N ASP A 3666 -79.33 17.82 -30.74
CA ASP A 3666 -78.00 18.39 -30.55
C ASP A 3666 -78.07 19.90 -30.74
N HIS A 3667 -77.57 20.64 -29.75
CA HIS A 3667 -77.49 22.09 -29.80
C HIS A 3667 -76.09 22.52 -29.43
N SER A 3668 -75.50 23.39 -30.26
CA SER A 3668 -74.14 23.87 -30.05
C SER A 3668 -74.19 25.35 -29.66
N PHE A 3669 -73.93 25.64 -28.39
CA PHE A 3669 -73.90 27.00 -27.90
C PHE A 3669 -72.65 27.34 -27.11
N GLU A 3670 -71.79 26.35 -26.80
CA GLU A 3670 -70.63 26.61 -25.96
C GLU A 3670 -69.68 27.61 -26.62
N ASP A 3671 -69.35 27.39 -27.90
CA ASP A 3671 -68.39 28.27 -28.57
C ASP A 3671 -68.94 29.68 -28.71
N ARG A 3672 -70.21 29.81 -29.12
CA ARG A 3672 -70.81 31.13 -29.29
C ARG A 3672 -70.88 31.88 -27.95
N MET A 3673 -71.31 31.20 -26.90
CA MET A 3673 -71.39 31.85 -25.59
C MET A 3673 -70.01 32.23 -25.08
N ILE A 3674 -69.01 31.38 -25.30
CA ILE A 3674 -67.65 31.70 -24.87
C ILE A 3674 -67.12 32.91 -25.63
N ASP A 3675 -67.39 32.99 -26.93
CA ASP A 3675 -66.97 34.14 -27.71
C ASP A 3675 -67.64 35.42 -27.22
N ASP A 3676 -68.95 35.34 -26.95
CA ASP A 3676 -69.66 36.52 -26.46
C ASP A 3676 -69.13 36.98 -25.11
N LEU A 3677 -68.82 36.03 -24.22
CA LEU A 3677 -68.25 36.39 -22.93
C LEU A 3677 -66.83 36.92 -23.07
N SER A 3678 -66.08 36.42 -24.04
CA SER A 3678 -64.70 36.85 -24.22
C SER A 3678 -64.61 38.23 -24.85
N LYS A 3679 -65.64 38.64 -25.61
CA LYS A 3679 -65.66 40.00 -26.13
C LYS A 3679 -65.59 41.00 -25.00
N ALA A 3680 -64.63 41.92 -25.08
CA ALA A 3680 -64.36 42.84 -23.99
C ALA A 3680 -65.27 44.06 -23.97
N GLY A 3681 -65.99 44.33 -25.05
CA GLY A 3681 -66.88 45.48 -25.08
C GLY A 3681 -66.11 46.79 -25.03
N GLU A 3682 -66.59 47.70 -24.19
CA GLU A 3682 -66.02 49.04 -24.07
C GLU A 3682 -65.09 49.18 -22.86
N GLN A 3683 -64.73 48.06 -22.21
CA GLN A 3683 -63.93 48.11 -21.00
C GLN A 3683 -62.51 48.61 -21.25
N GLU A 3684 -62.06 48.67 -22.49
CA GLU A 3684 -60.76 49.22 -22.82
C GLU A 3684 -60.84 50.59 -23.48
N GLU A 3685 -62.05 51.12 -23.68
CA GLU A 3685 -62.23 52.40 -24.35
C GLU A 3685 -62.91 53.46 -23.49
N GLU A 3686 -63.78 53.07 -22.55
CA GLU A 3686 -64.45 54.07 -21.73
C GLU A 3686 -63.51 54.75 -20.74
N GLU A 3687 -62.37 54.13 -20.43
CA GLU A 3687 -61.40 54.70 -19.50
C GLU A 3687 -60.06 54.02 -19.75
N GLU A 3688 -59.05 54.81 -20.13
CA GLU A 3688 -57.75 54.28 -20.55
C GLU A 3688 -56.68 54.45 -19.47
N GLU A 3689 -57.03 54.28 -18.20
CA GLU A 3689 -56.05 54.44 -17.12
C GLU A 3689 -55.33 53.13 -16.81
N VAL A 3690 -56.08 52.09 -16.44
CA VAL A 3690 -55.52 50.81 -16.04
C VAL A 3690 -56.10 49.72 -16.92
N GLU A 3691 -55.23 48.86 -17.45
CA GLU A 3691 -55.68 47.75 -18.26
C GLU A 3691 -56.50 46.78 -17.43
N GLU A 3692 -57.60 46.30 -18.00
CA GLU A 3692 -58.52 45.37 -17.32
C GLU A 3692 -59.00 45.93 -15.99
N LYS A 3693 -59.27 47.23 -15.97
CA LYS A 3693 -59.95 47.82 -14.82
C LYS A 3693 -61.29 47.14 -14.56
N LYS A 3694 -61.96 46.72 -15.63
CA LYS A 3694 -63.22 45.99 -15.56
C LYS A 3694 -63.00 44.70 -16.34
N PRO A 3695 -62.45 43.68 -15.69
CA PRO A 3695 -62.02 42.48 -16.43
C PRO A 3695 -63.16 41.85 -17.21
N ASP A 3696 -62.81 41.24 -18.33
CA ASP A 3696 -63.69 40.51 -19.23
C ASP A 3696 -64.66 39.64 -18.44
N PRO A 3697 -65.91 39.50 -18.87
CA PRO A 3697 -66.86 38.66 -18.13
C PRO A 3697 -66.36 37.25 -17.86
N LEU A 3698 -65.67 36.63 -18.82
CA LEU A 3698 -65.07 35.32 -18.59
C LEU A 3698 -64.01 35.39 -17.50
N HIS A 3699 -63.21 36.46 -17.51
CA HIS A 3699 -62.20 36.64 -16.46
C HIS A 3699 -62.85 36.77 -15.10
N GLN A 3700 -63.94 37.53 -15.01
CA GLN A 3700 -64.65 37.67 -13.74
C GLN A 3700 -65.24 36.34 -13.29
N LEU A 3701 -65.77 35.55 -14.23
CA LEU A 3701 -66.32 34.24 -13.90
C LEU A 3701 -65.25 33.33 -13.33
N VAL A 3702 -64.09 33.26 -14.00
CA VAL A 3702 -63.03 32.37 -13.50
C VAL A 3702 -62.46 32.90 -12.19
N LEU A 3703 -62.41 34.21 -12.00
CA LEU A 3703 -61.98 34.75 -10.72
C LEU A 3703 -62.95 34.39 -9.61
N HIS A 3704 -64.26 34.42 -9.90
CA HIS A 3704 -65.24 34.01 -8.89
C HIS A 3704 -65.07 32.54 -8.53
N PHE A 3705 -64.86 31.69 -9.53
CA PHE A 3705 -64.63 30.28 -9.24
C PHE A 3705 -63.35 30.07 -8.43
N SER A 3706 -62.30 30.84 -8.74
CA SER A 3706 -61.06 30.75 -7.97
C SER A 3706 -61.28 31.20 -6.53
N ARG A 3707 -62.10 32.23 -6.34
CA ARG A 3707 -62.43 32.68 -4.98
C ARG A 3707 -63.16 31.59 -4.21
N THR A 3708 -64.14 30.94 -4.85
CA THR A 3708 -64.84 29.84 -4.19
C THR A 3708 -63.89 28.69 -3.89
N ALA A 3709 -62.90 28.46 -4.76
CA ALA A 3709 -61.88 27.45 -4.49
C ALA A 3709 -61.07 27.80 -3.26
N LEU A 3710 -60.55 29.03 -3.21
CA LEU A 3710 -59.65 29.45 -2.15
C LEU A 3710 -60.35 29.70 -0.83
N THR A 3711 -61.68 29.79 -0.83
CA THR A 3711 -62.41 29.94 0.43
C THR A 3711 -62.18 28.73 1.32
N GLU A 3712 -61.85 28.99 2.59
CA GLU A 3712 -61.54 27.93 3.53
C GLU A 3712 -62.82 27.22 3.95
N LYS A 3713 -62.94 25.94 3.61
CA LYS A 3713 -64.10 25.14 3.95
C LYS A 3713 -63.64 23.80 4.50
N SER A 3714 -64.52 23.17 5.28
CA SER A 3714 -64.22 21.84 5.80
C SER A 3714 -64.11 20.83 4.67
N LYS A 3715 -64.99 20.92 3.67
CA LYS A 3715 -64.95 20.04 2.52
C LYS A 3715 -65.62 20.74 1.35
N LEU A 3716 -65.32 20.24 0.14
CA LEU A 3716 -65.94 20.78 -1.05
C LEU A 3716 -67.39 20.30 -1.16
N ASP A 3717 -68.21 21.12 -1.80
CA ASP A 3717 -69.62 20.81 -1.99
C ASP A 3717 -69.98 20.87 -3.47
N GLU A 3718 -71.05 20.17 -3.83
CA GLU A 3718 -71.48 20.12 -5.22
C GLU A 3718 -71.92 21.49 -5.69
N ASP A 3719 -71.62 21.80 -6.95
CA ASP A 3719 -71.99 23.08 -7.55
C ASP A 3719 -72.36 22.82 -9.01
N TYR A 3720 -73.67 22.76 -9.28
CA TYR A 3720 -74.14 22.49 -10.63
C TYR A 3720 -73.72 23.60 -11.58
N LEU A 3721 -73.72 24.85 -11.10
CA LEU A 3721 -73.27 25.97 -11.94
C LEU A 3721 -71.82 25.80 -12.35
N TYR A 3722 -70.95 25.45 -11.39
CA TYR A 3722 -69.55 25.23 -11.71
C TYR A 3722 -69.37 24.07 -12.67
N MET A 3723 -70.09 22.97 -12.45
CA MET A 3723 -69.96 21.82 -13.34
C MET A 3723 -70.40 22.18 -14.76
N ALA A 3724 -71.52 22.88 -14.89
CA ALA A 3724 -72.01 23.27 -16.21
C ALA A 3724 -71.02 24.20 -16.91
N TYR A 3725 -70.48 25.18 -16.18
CA TYR A 3725 -69.57 26.12 -16.81
C TYR A 3725 -68.25 25.45 -17.18
N ALA A 3726 -67.77 24.52 -16.35
CA ALA A 3726 -66.57 23.77 -16.70
C ALA A 3726 -66.80 22.94 -17.96
N ASP A 3727 -67.96 22.29 -18.06
CA ASP A 3727 -68.28 21.54 -19.26
C ASP A 3727 -68.33 22.44 -20.49
N ILE A 3728 -68.93 23.62 -20.35
CA ILE A 3728 -69.02 24.55 -21.47
C ILE A 3728 -67.62 24.99 -21.91
N MET A 3729 -66.76 25.32 -20.96
CA MET A 3729 -65.41 25.77 -21.29
C MET A 3729 -64.62 24.66 -21.94
N ALA A 3730 -64.71 23.44 -21.41
CA ALA A 3730 -63.99 22.32 -22.01
C ALA A 3730 -64.47 22.04 -23.42
N LYS A 3731 -65.79 22.06 -23.64
CA LYS A 3731 -66.32 21.83 -24.98
C LYS A 3731 -65.88 22.93 -25.94
N SER A 3732 -65.85 24.18 -25.47
CA SER A 3732 -65.43 25.29 -26.33
C SER A 3732 -63.97 25.15 -26.74
N CYS A 3733 -63.10 24.81 -25.80
CA CYS A 3733 -61.68 24.73 -26.11
C CYS A 3733 -61.25 23.39 -26.69
N HIS A 3734 -62.14 22.39 -26.71
CA HIS A 3734 -61.81 21.09 -27.27
C HIS A 3734 -62.27 20.92 -28.71
N LEU A 3735 -62.80 21.97 -29.34
CA LEU A 3735 -63.33 21.84 -30.69
C LEU A 3735 -62.23 21.45 -31.68
N GLU A 3736 -61.11 22.19 -31.66
CA GLU A 3736 -60.01 21.87 -32.57
C GLU A 3736 -59.35 20.55 -32.23
N GLU A 3737 -59.28 20.20 -30.94
CA GLU A 3737 -58.73 18.92 -30.54
C GLU A 3737 -59.56 17.77 -31.09
N GLY A 3738 -60.89 17.89 -31.03
CA GLY A 3738 -61.76 16.89 -31.60
C GLY A 3738 -61.99 17.01 -33.10
N GLY A 3739 -61.46 18.05 -33.72
CA GLY A 3739 -61.60 18.25 -35.15
C GLY A 3739 -62.77 19.12 -35.56
N GLU A 3740 -63.61 19.53 -34.62
CA GLU A 3740 -64.76 20.39 -34.94
C GLU A 3740 -64.44 21.85 -34.65
N GLU A 3747 -58.76 6.03 -46.42
CA GLU A 3747 -59.97 6.50 -45.76
C GLU A 3747 -60.13 8.00 -45.90
N GLU A 3748 -59.47 8.76 -45.03
CA GLU A 3748 -59.55 10.20 -45.08
C GLU A 3748 -58.78 10.75 -46.27
N VAL A 3749 -59.19 11.94 -46.72
CA VAL A 3749 -58.53 12.61 -47.84
C VAL A 3749 -57.17 13.12 -47.38
N GLU A 3750 -56.33 13.49 -48.34
CA GLU A 3750 -55.00 14.00 -48.00
C GLU A 3750 -55.12 15.35 -47.31
N VAL A 3751 -54.44 15.47 -46.15
CA VAL A 3751 -54.45 16.69 -45.36
C VAL A 3751 -53.02 17.22 -45.32
N SER A 3752 -52.84 18.46 -45.76
CA SER A 3752 -51.51 19.06 -45.75
C SER A 3752 -51.05 19.32 -44.33
N PHE A 3753 -49.73 19.21 -44.13
CA PHE A 3753 -49.17 19.54 -42.83
C PHE A 3753 -49.39 21.00 -42.48
N GLU A 3754 -49.54 21.87 -43.49
CA GLU A 3754 -49.92 23.24 -43.23
C GLU A 3754 -51.35 23.34 -42.71
N GLU A 3755 -52.24 22.47 -43.20
CA GLU A 3755 -53.59 22.41 -42.64
C GLU A 3755 -53.57 21.90 -41.20
N LYS A 3756 -52.70 20.91 -40.92
CA LYS A 3756 -52.53 20.47 -39.54
C LYS A 3756 -52.02 21.62 -38.67
N GLU A 3757 -51.10 22.42 -39.20
CA GLU A 3757 -50.62 23.59 -38.46
C GLU A 3757 -51.74 24.60 -38.23
N MET A 3758 -52.61 24.81 -39.22
CA MET A 3758 -53.69 25.77 -39.06
C MET A 3758 -54.68 25.32 -37.99
N GLU A 3759 -55.04 24.04 -37.98
CA GLU A 3759 -55.92 23.57 -36.90
C GLU A 3759 -55.20 23.58 -35.56
N LYS A 3760 -53.88 23.39 -35.57
CA LYS A 3760 -53.11 23.53 -34.34
C LYS A 3760 -53.17 24.96 -33.82
N GLN A 3761 -53.08 25.95 -34.71
CA GLN A 3761 -53.21 27.35 -34.30
C GLN A 3761 -54.62 27.63 -33.75
N ARG A 3762 -55.64 27.04 -34.38
CA ARG A 3762 -56.98 27.15 -33.82
C ARG A 3762 -57.02 26.62 -32.39
N LEU A 3763 -56.43 25.45 -32.17
CA LEU A 3763 -56.43 24.87 -30.83
C LEU A 3763 -55.68 25.74 -29.84
N LEU A 3764 -54.53 26.27 -30.25
CA LEU A 3764 -53.74 27.13 -29.36
C LEU A 3764 -54.49 28.41 -29.01
N TYR A 3765 -55.18 29.00 -29.99
CA TYR A 3765 -55.95 30.21 -29.70
C TYR A 3765 -57.10 29.91 -28.76
N GLN A 3766 -57.79 28.79 -28.96
CA GLN A 3766 -58.88 28.42 -28.06
C GLN A 3766 -58.37 28.17 -26.66
N GLN A 3767 -57.22 27.54 -26.52
CA GLN A 3767 -56.64 27.32 -25.20
C GLN A 3767 -56.14 28.62 -24.58
N SER A 3768 -55.68 29.56 -25.40
CA SER A 3768 -55.23 30.85 -24.90
C SER A 3768 -56.39 31.65 -24.33
N ARG A 3769 -57.56 31.59 -25.00
CA ARG A 3769 -58.72 32.32 -24.51
C ARG A 3769 -59.06 31.94 -23.07
N LEU A 3770 -58.74 30.72 -22.67
CA LEU A 3770 -59.04 30.26 -21.31
C LEU A 3770 -57.85 30.40 -20.36
N HIS A 3771 -56.63 30.09 -20.80
CA HIS A 3771 -55.51 30.11 -19.88
C HIS A 3771 -54.89 31.50 -19.72
N THR A 3772 -55.30 32.48 -20.53
CA THR A 3772 -54.86 33.85 -20.32
C THR A 3772 -55.71 34.57 -19.28
N ARG A 3773 -56.58 33.84 -18.57
CA ARG A 3773 -57.50 34.47 -17.63
C ARG A 3773 -57.54 33.80 -16.26
N GLY A 3774 -56.94 32.62 -16.09
CA GLY A 3774 -56.86 32.01 -14.77
C GLY A 3774 -57.36 30.59 -14.67
N ALA A 3775 -57.69 29.98 -15.82
CA ALA A 3775 -58.17 28.60 -15.81
C ALA A 3775 -57.09 27.64 -15.34
N ALA A 3776 -55.83 27.88 -15.73
CA ALA A 3776 -54.74 27.01 -15.34
C ALA A 3776 -54.58 26.96 -13.82
N GLU A 3777 -54.85 28.07 -13.14
CA GLU A 3777 -54.79 28.08 -11.68
C GLU A 3777 -56.08 27.56 -11.05
N MET A 3778 -57.22 27.82 -11.69
CA MET A 3778 -58.49 27.32 -11.17
C MET A 3778 -58.52 25.80 -11.13
N VAL A 3779 -58.01 25.16 -12.19
CA VAL A 3779 -58.03 23.70 -12.23
C VAL A 3779 -57.08 23.09 -11.19
N LEU A 3780 -56.11 23.86 -10.69
CA LEU A 3780 -55.27 23.38 -9.61
C LEU A 3780 -55.89 23.62 -8.24
N GLN A 3781 -56.52 24.78 -8.04
CA GLN A 3781 -57.18 25.04 -6.77
C GLN A 3781 -58.37 24.10 -6.55
N MET A 3782 -59.11 23.78 -7.60
CA MET A 3782 -60.17 22.77 -7.50
C MET A 3782 -59.61 21.45 -6.99
N ILE A 3783 -58.52 20.96 -7.61
CA ILE A 3783 -57.96 19.67 -7.22
C ILE A 3783 -57.44 19.74 -5.79
N SER A 3784 -56.82 20.85 -5.41
CA SER A 3784 -56.34 21.00 -4.03
C SER A 3784 -57.49 20.96 -3.04
N ALA A 3785 -58.61 21.63 -3.36
CA ALA A 3785 -59.74 21.68 -2.45
C ALA A 3785 -60.56 20.40 -2.44
N CYS A 3786 -60.42 19.55 -3.47
CA CYS A 3786 -61.18 18.30 -3.49
C CYS A 3786 -60.81 17.39 -2.33
N LYS A 3787 -59.60 17.52 -1.80
CA LYS A 3787 -59.14 16.74 -0.64
C LYS A 3787 -59.19 15.25 -0.90
N GLY A 3788 -58.91 14.83 -2.14
CA GLY A 3788 -58.89 13.42 -2.48
C GLY A 3788 -60.22 12.71 -2.38
N GLU A 3789 -61.29 13.35 -2.86
CA GLU A 3789 -62.61 12.74 -2.86
C GLU A 3789 -63.12 12.68 -4.30
N THR A 3790 -63.54 11.48 -4.72
CA THR A 3790 -64.02 11.29 -6.08
C THR A 3790 -65.44 11.84 -6.23
N GLY A 3791 -65.68 12.54 -7.34
CA GLY A 3791 -67.00 13.08 -7.58
C GLY A 3791 -67.05 13.81 -8.90
N ALA A 3792 -68.25 14.32 -9.20
CA ALA A 3792 -68.44 15.05 -10.44
C ALA A 3792 -67.59 16.32 -10.49
N MET A 3793 -67.34 16.94 -9.33
CA MET A 3793 -66.52 18.14 -9.30
C MET A 3793 -65.11 17.85 -9.78
N VAL A 3794 -64.46 16.83 -9.21
CA VAL A 3794 -63.10 16.50 -9.61
C VAL A 3794 -63.09 15.95 -11.03
N SER A 3795 -64.14 15.23 -11.44
CA SER A 3795 -64.20 14.75 -12.82
C SER A 3795 -64.23 15.91 -13.80
N SER A 3796 -65.06 16.92 -13.54
CA SER A 3796 -65.12 18.09 -14.40
C SER A 3796 -63.80 18.86 -14.39
N THR A 3797 -63.17 18.97 -13.21
CA THR A 3797 -61.88 19.64 -13.14
C THR A 3797 -60.83 18.93 -13.98
N LEU A 3798 -60.78 17.60 -13.89
CA LEU A 3798 -59.80 16.84 -14.67
C LEU A 3798 -60.08 16.97 -16.16
N LYS A 3799 -61.36 16.91 -16.56
CA LYS A 3799 -61.68 17.07 -17.97
C LYS A 3799 -61.29 18.45 -18.49
N LEU A 3800 -61.56 19.50 -17.72
CA LEU A 3800 -61.16 20.84 -18.13
C LEU A 3800 -59.65 20.97 -18.22
N GLY A 3801 -58.93 20.39 -17.25
CA GLY A 3801 -57.48 20.43 -17.30
C GLY A 3801 -56.92 19.69 -18.50
N ILE A 3802 -57.49 18.54 -18.83
CA ILE A 3802 -57.05 17.79 -20.01
C ILE A 3802 -57.31 18.61 -21.28
N SER A 3803 -58.48 19.24 -21.36
CA SER A 3803 -58.80 20.05 -22.53
C SER A 3803 -57.83 21.22 -22.67
N ILE A 3804 -57.47 21.83 -21.55
CA ILE A 3804 -56.49 22.92 -21.58
C ILE A 3804 -55.12 22.40 -22.01
N LEU A 3805 -54.71 21.24 -21.48
CA LEU A 3805 -53.36 20.72 -21.68
C LEU A 3805 -53.20 19.92 -22.96
N ASN A 3806 -54.26 19.72 -23.75
CA ASN A 3806 -54.14 18.97 -24.98
C ASN A 3806 -53.06 19.58 -25.88
N GLY A 3807 -52.15 18.73 -26.35
CA GLY A 3807 -50.96 19.18 -27.03
C GLY A 3807 -49.77 19.37 -26.13
N GLY A 3808 -49.96 19.40 -24.81
CA GLY A 3808 -48.86 19.55 -23.88
C GLY A 3808 -48.12 20.84 -24.02
N ASN A 3809 -48.83 21.96 -24.12
CA ASN A 3809 -48.20 23.23 -24.43
C ASN A 3809 -47.46 23.84 -23.24
N ALA A 3810 -46.24 24.31 -23.52
CA ALA A 3810 -45.34 24.81 -22.50
C ALA A 3810 -45.90 26.02 -21.79
N GLU A 3811 -46.79 26.79 -22.43
CA GLU A 3811 -47.34 27.96 -21.75
C GLU A 3811 -48.09 27.57 -20.49
N VAL A 3812 -49.05 26.66 -20.60
CA VAL A 3812 -49.80 26.31 -19.40
C VAL A 3812 -48.98 25.38 -18.53
N GLN A 3813 -48.07 24.58 -19.10
CA GLN A 3813 -47.21 23.77 -18.25
C GLN A 3813 -46.37 24.66 -17.33
N GLN A 3814 -45.77 25.71 -17.90
CA GLN A 3814 -44.96 26.64 -17.12
C GLN A 3814 -45.81 27.42 -16.13
N LYS A 3815 -47.02 27.83 -16.53
CA LYS A 3815 -47.88 28.55 -15.59
C LYS A 3815 -48.24 27.67 -14.39
N MET A 3816 -48.59 26.41 -14.64
CA MET A 3816 -48.91 25.50 -13.54
C MET A 3816 -47.70 25.28 -12.64
N LEU A 3817 -46.53 25.07 -13.24
CA LEU A 3817 -45.31 24.85 -12.45
C LEU A 3817 -44.98 26.08 -11.60
N ASP A 3818 -45.11 27.27 -12.20
CA ASP A 3818 -44.83 28.49 -11.44
C ASP A 3818 -45.80 28.67 -10.30
N TYR A 3819 -47.08 28.40 -10.52
CA TYR A 3819 -48.05 28.51 -9.45
C TYR A 3819 -47.73 27.53 -8.32
N LEU A 3820 -47.41 26.29 -8.67
CA LEU A 3820 -47.11 25.29 -7.64
C LEU A 3820 -45.86 25.69 -6.85
N LYS A 3821 -44.81 26.13 -7.53
CA LYS A 3821 -43.58 26.49 -6.84
C LYS A 3821 -43.74 27.76 -6.02
N ASP A 3822 -44.61 28.67 -6.45
CA ASP A 3822 -44.82 29.89 -5.69
C ASP A 3822 -45.65 29.63 -4.43
N LYS A 3823 -46.70 28.81 -4.54
CA LYS A 3823 -47.54 28.55 -3.38
C LYS A 3823 -46.89 27.59 -2.40
N LYS A 3824 -46.12 26.61 -2.88
CA LYS A 3824 -45.42 25.65 -2.02
C LYS A 3824 -46.39 24.93 -1.09
N GLU A 3825 -47.46 24.40 -1.66
CA GLU A 3825 -48.47 23.68 -0.91
C GLU A 3825 -48.35 22.18 -1.17
N VAL A 3826 -48.87 21.39 -0.24
CA VAL A 3826 -48.86 19.94 -0.36
C VAL A 3826 -50.24 19.35 -0.61
N GLY A 3827 -51.30 20.14 -0.48
CA GLY A 3827 -52.64 19.61 -0.63
C GLY A 3827 -52.90 19.05 -2.02
N PHE A 3828 -52.33 19.69 -3.04
CA PHE A 3828 -52.53 19.23 -4.42
C PHE A 3828 -52.04 17.80 -4.60
N PHE A 3829 -50.79 17.54 -4.21
CA PHE A 3829 -50.24 16.21 -4.39
C PHE A 3829 -50.84 15.21 -3.40
N GLN A 3830 -51.23 15.66 -2.21
CA GLN A 3830 -51.94 14.76 -1.30
C GLN A 3830 -53.27 14.30 -1.89
N SER A 3831 -54.02 15.23 -2.49
CA SER A 3831 -55.28 14.88 -3.13
C SER A 3831 -55.04 13.97 -4.32
N ILE A 3832 -54.00 14.24 -5.11
CA ILE A 3832 -53.69 13.37 -6.25
C ILE A 3832 -53.38 11.96 -5.78
N GLN A 3833 -52.57 11.83 -4.72
CA GLN A 3833 -52.22 10.52 -4.20
C GLN A 3833 -53.45 9.79 -3.66
N ALA A 3834 -54.33 10.50 -2.95
CA ALA A 3834 -55.54 9.86 -2.45
C ALA A 3834 -56.44 9.39 -3.58
N LEU A 3835 -56.61 10.22 -4.61
CA LEU A 3835 -57.44 9.83 -5.75
C LEU A 3835 -56.85 8.63 -6.46
N MET A 3836 -55.53 8.58 -6.59
CA MET A 3836 -54.89 7.42 -7.20
C MET A 3836 -55.09 6.16 -6.34
N GLN A 3837 -55.01 6.31 -5.02
CA GLN A 3837 -55.17 5.15 -4.13
C GLN A 3837 -56.59 4.61 -4.17
N THR A 3838 -57.60 5.47 -4.31
CA THR A 3838 -58.98 5.02 -4.34
C THR A 3838 -59.45 4.59 -5.73
N CYS A 3839 -58.53 4.22 -6.61
CA CYS A 3839 -58.92 3.68 -7.91
C CYS A 3839 -59.31 2.21 -7.80
N SER A 3840 -60.09 1.75 -8.78
CA SER A 3840 -60.66 0.42 -8.77
C SER A 3840 -59.97 -0.48 -9.79
N VAL A 3841 -60.08 -1.79 -9.56
CA VAL A 3841 -59.54 -2.81 -10.45
C VAL A 3841 -60.61 -3.89 -10.65
N LEU A 3842 -60.24 -4.94 -11.38
CA LEU A 3842 -61.16 -6.05 -11.64
C LEU A 3842 -61.55 -6.74 -10.34
N ASP A 3843 -62.82 -7.13 -10.25
CA ASP A 3843 -63.35 -7.81 -9.08
C ASP A 3843 -64.19 -9.00 -9.55
N LEU A 3844 -63.58 -10.20 -9.52
CA LEU A 3844 -64.27 -11.38 -10.02
C LEU A 3844 -65.38 -11.85 -9.10
N ASN A 3845 -65.33 -11.53 -7.81
CA ASN A 3845 -66.45 -11.84 -6.93
C ASN A 3845 -67.69 -11.05 -7.33
N ALA A 3846 -67.53 -9.74 -7.54
CA ALA A 3846 -68.62 -8.92 -8.04
C ALA A 3846 -69.04 -9.39 -9.43
N PHE A 3847 -68.10 -9.85 -10.24
CA PHE A 3847 -68.45 -10.38 -11.56
C PHE A 3847 -69.34 -11.62 -11.43
N GLU A 3848 -69.01 -12.51 -10.51
CA GLU A 3848 -69.83 -13.70 -10.30
C GLU A 3848 -71.22 -13.33 -9.79
N ARG A 3849 -71.30 -12.38 -8.85
CA ARG A 3849 -72.59 -11.92 -8.37
C ARG A 3849 -73.42 -11.35 -9.52
N GLN A 3850 -72.79 -10.52 -10.37
CA GLN A 3850 -73.49 -9.95 -11.52
C GLN A 3850 -73.97 -11.02 -12.47
N ASN A 3851 -73.13 -12.02 -12.75
CA ASN A 3851 -73.52 -13.09 -13.66
C ASN A 3851 -74.72 -13.85 -13.13
N LYS A 3852 -74.69 -14.20 -11.83
CA LYS A 3852 -75.82 -14.94 -11.25
C LYS A 3852 -77.10 -14.10 -11.27
N ALA A 3853 -76.99 -12.82 -10.89
CA ALA A 3853 -78.17 -11.96 -10.88
C ALA A 3853 -78.75 -11.78 -12.27
N GLU A 3854 -77.90 -11.59 -13.28
CA GLU A 3854 -78.38 -11.44 -14.65
C GLU A 3854 -78.98 -12.74 -15.17
N GLY A 3855 -78.38 -13.88 -14.83
CA GLY A 3855 -78.91 -15.15 -15.29
C GLY A 3855 -80.25 -15.48 -14.69
N LEU A 3856 -80.45 -15.18 -13.41
CA LEU A 3856 -81.72 -15.48 -12.78
C LEU A 3856 -82.84 -14.56 -13.25
N GLY A 3857 -82.52 -13.51 -14.00
CA GLY A 3857 -83.56 -12.64 -14.53
C GLY A 3857 -84.05 -11.57 -13.58
N MET A 3858 -83.23 -11.18 -12.60
CA MET A 3858 -83.56 -10.21 -11.56
C MET A 3858 -85.02 -10.29 -11.09
N GLN A 3869 -77.37 -6.91 -15.59
CA GLN A 3869 -76.19 -6.51 -16.36
C GLN A 3869 -75.85 -5.04 -16.15
N ASN A 3870 -74.63 -4.78 -15.67
CA ASN A 3870 -74.20 -3.42 -15.42
C ASN A 3870 -72.68 -3.40 -15.33
N GLY A 3871 -72.06 -2.45 -16.03
CA GLY A 3871 -70.61 -2.27 -15.92
C GLY A 3871 -70.17 -1.74 -14.58
N GLU A 3872 -71.11 -1.24 -13.77
CA GLU A 3872 -70.78 -0.76 -12.43
C GLU A 3872 -70.23 -1.88 -11.56
N LYS A 3873 -70.63 -3.12 -11.81
CA LYS A 3873 -70.21 -4.24 -10.98
C LYS A 3873 -68.69 -4.41 -11.02
N VAL A 3874 -68.11 -4.36 -12.21
CA VAL A 3874 -66.69 -4.64 -12.39
C VAL A 3874 -66.03 -3.45 -13.07
N MET A 3875 -64.99 -2.91 -12.43
CA MET A 3875 -64.16 -1.83 -12.98
C MET A 3875 -65.01 -0.63 -13.41
N ALA A 3876 -65.68 -0.04 -12.43
CA ALA A 3876 -66.30 1.26 -12.64
C ALA A 3876 -65.26 2.37 -12.48
N ASP A 3877 -65.64 3.58 -12.85
CA ASP A 3877 -64.77 4.76 -12.79
C ASP A 3877 -63.52 4.61 -13.65
N ASP A 3878 -63.58 3.73 -14.65
CA ASP A 3878 -62.45 3.58 -15.56
C ASP A 3878 -62.18 4.87 -16.32
N GLU A 3879 -63.24 5.60 -16.68
CA GLU A 3879 -63.05 6.89 -17.33
C GLU A 3879 -62.32 7.86 -16.42
N PHE A 3880 -62.67 7.86 -15.13
CA PHE A 3880 -61.97 8.72 -14.17
C PHE A 3880 -60.50 8.34 -14.07
N THR A 3881 -60.20 7.04 -14.01
CA THR A 3881 -58.81 6.60 -13.93
C THR A 3881 -58.03 7.03 -15.17
N GLN A 3882 -58.61 6.82 -16.35
CA GLN A 3882 -57.96 7.24 -17.58
C GLN A 3882 -57.76 8.74 -17.63
N ASP A 3883 -58.73 9.51 -17.14
CA ASP A 3883 -58.58 10.96 -17.10
C ASP A 3883 -57.45 11.37 -16.17
N LEU A 3884 -57.33 10.72 -15.02
CA LEU A 3884 -56.24 11.04 -14.09
C LEU A 3884 -54.88 10.80 -14.72
N PHE A 3885 -54.69 9.61 -15.28
CA PHE A 3885 -53.37 9.33 -15.87
C PHE A 3885 -53.12 10.12 -17.14
N ARG A 3886 -54.17 10.47 -17.89
CA ARG A 3886 -54.00 11.36 -19.03
C ARG A 3886 -53.58 12.75 -18.58
N PHE A 3887 -54.14 13.23 -17.47
CA PHE A 3887 -53.73 14.52 -16.92
C PHE A 3887 -52.26 14.50 -16.53
N LEU A 3888 -51.82 13.44 -15.86
CA LEU A 3888 -50.41 13.35 -15.50
C LEU A 3888 -49.52 13.28 -16.75
N GLN A 3889 -49.94 12.50 -17.75
CA GLN A 3889 -49.15 12.39 -18.97
C GLN A 3889 -49.05 13.73 -19.69
N LEU A 3890 -50.14 14.49 -19.75
CA LEU A 3890 -50.12 15.79 -20.39
C LEU A 3890 -49.28 16.78 -19.58
N LEU A 3891 -49.24 16.64 -18.26
CA LEU A 3891 -48.33 17.45 -17.47
C LEU A 3891 -46.88 17.15 -17.83
N CYS A 3892 -46.55 15.88 -18.02
CA CYS A 3892 -45.18 15.49 -18.33
C CYS A 3892 -44.86 15.50 -19.83
N GLU A 3893 -45.81 15.92 -20.67
CA GLU A 3893 -45.61 15.89 -22.11
C GLU A 3893 -44.51 16.87 -22.53
N GLY A 3894 -43.87 16.56 -23.65
CA GLY A 3894 -42.88 17.45 -24.24
C GLY A 3894 -41.49 17.35 -23.66
N HIS A 3895 -41.23 16.36 -22.80
CA HIS A 3895 -39.93 16.18 -22.15
C HIS A 3895 -39.55 17.42 -21.34
N ASN A 3896 -40.42 17.76 -20.38
CA ASN A 3896 -40.16 18.86 -19.46
C ASN A 3896 -39.50 18.29 -18.20
N ASN A 3897 -38.17 18.38 -18.16
CA ASN A 3897 -37.42 17.82 -17.02
C ASN A 3897 -37.82 18.48 -15.72
N ASP A 3898 -38.26 19.75 -15.77
CA ASP A 3898 -38.68 20.44 -14.56
C ASP A 3898 -39.84 19.72 -13.89
N PHE A 3899 -40.90 19.44 -14.66
CA PHE A 3899 -42.03 18.68 -14.12
C PHE A 3899 -41.64 17.25 -13.81
N GLN A 3900 -40.81 16.64 -14.66
CA GLN A 3900 -40.41 15.25 -14.43
C GLN A 3900 -39.65 15.09 -13.11
N ASN A 3901 -38.95 16.14 -12.68
CA ASN A 3901 -38.26 16.12 -11.39
C ASN A 3901 -39.15 16.58 -10.24
N TYR A 3902 -40.05 17.53 -10.50
CA TYR A 3902 -40.93 18.02 -9.45
C TYR A 3902 -41.94 16.97 -9.03
N LEU A 3903 -42.38 16.12 -9.95
CA LEU A 3903 -43.26 15.02 -9.58
C LEU A 3903 -42.55 14.04 -8.65
N ARG A 3904 -41.29 13.74 -8.92
CA ARG A 3904 -40.55 12.82 -8.06
C ARG A 3904 -40.29 13.45 -6.69
N THR A 3905 -39.79 14.68 -6.67
CA THR A 3905 -39.46 15.35 -5.41
C THR A 3905 -40.10 16.73 -5.38
N GLN A 3906 -40.78 17.03 -4.27
CA GLN A 3906 -41.39 18.34 -4.07
C GLN A 3906 -40.37 19.22 -3.36
N THR A 3907 -39.63 20.01 -4.13
CA THR A 3907 -38.61 20.86 -3.55
C THR A 3907 -39.25 22.06 -2.87
N GLY A 3908 -38.83 22.34 -1.63
CA GLY A 3908 -39.36 23.45 -0.88
C GLY A 3908 -40.45 23.05 0.09
N ASN A 3909 -41.31 22.14 -0.32
CA ASN A 3909 -42.40 21.69 0.54
C ASN A 3909 -41.85 20.89 1.72
N THR A 3910 -42.55 20.98 2.85
CA THR A 3910 -42.14 20.26 4.05
C THR A 3910 -42.32 18.75 3.90
N THR A 3911 -43.14 18.31 2.95
CA THR A 3911 -43.35 16.89 2.71
C THR A 3911 -43.37 16.65 1.21
N THR A 3912 -42.98 15.44 0.80
CA THR A 3912 -42.88 15.08 -0.60
C THR A 3912 -43.66 13.79 -0.86
N ILE A 3913 -44.19 13.69 -2.08
CA ILE A 3913 -44.95 12.52 -2.52
C ILE A 3913 -44.34 12.01 -3.82
N ASN A 3914 -44.26 10.69 -3.95
CA ASN A 3914 -43.64 10.06 -5.12
C ASN A 3914 -44.75 9.51 -6.02
N ILE A 3915 -45.18 10.36 -6.96
CA ILE A 3915 -46.22 9.97 -7.90
C ILE A 3915 -45.76 8.81 -8.76
N ILE A 3916 -44.46 8.71 -9.02
CA ILE A 3916 -43.93 7.58 -9.79
C ILE A 3916 -44.20 6.28 -9.05
N ILE A 3917 -43.90 6.26 -7.75
CA ILE A 3917 -44.12 5.06 -6.96
C ILE A 3917 -45.61 4.75 -6.84
N CYS A 3918 -46.43 5.79 -6.72
CA CYS A 3918 -47.88 5.56 -6.69
C CYS A 3918 -48.37 4.91 -7.97
N THR A 3919 -47.88 5.38 -9.12
CA THR A 3919 -48.25 4.77 -10.39
C THR A 3919 -47.79 3.33 -10.48
N VAL A 3920 -46.57 3.04 -10.02
CA VAL A 3920 -46.09 1.67 -10.03
C VAL A 3920 -46.96 0.78 -9.16
N ASP A 3921 -47.36 1.28 -7.98
CA ASP A 3921 -48.20 0.49 -7.09
C ASP A 3921 -49.56 0.20 -7.73
N TYR A 3922 -50.17 1.20 -8.35
CA TYR A 3922 -51.46 0.97 -9.01
C TYR A 3922 -51.32 -0.03 -10.15
N LEU A 3923 -50.22 0.06 -10.91
CA LEU A 3923 -49.99 -0.90 -11.98
C LEU A 3923 -49.83 -2.31 -11.44
N LEU A 3924 -49.14 -2.46 -10.30
CA LEU A 3924 -49.00 -3.78 -9.69
C LEU A 3924 -50.35 -4.34 -9.27
N ARG A 3925 -51.20 -3.50 -8.67
CA ARG A 3925 -52.53 -3.97 -8.28
C ARG A 3925 -53.34 -4.40 -9.49
N LEU A 3926 -53.28 -3.61 -10.57
CA LEU A 3926 -54.00 -3.97 -11.79
C LEU A 3926 -53.49 -5.28 -12.36
N GLN A 3927 -52.16 -5.48 -12.34
CA GLN A 3927 -51.59 -6.73 -12.82
C GLN A 3927 -52.07 -7.92 -12.00
N GLU A 3928 -52.15 -7.76 -10.68
CA GLU A 3928 -52.65 -8.84 -9.84
C GLU A 3928 -54.11 -9.16 -10.16
N SER A 3929 -54.93 -8.12 -10.38
CA SER A 3929 -56.33 -8.36 -10.74
C SER A 3929 -56.44 -9.10 -12.08
N ILE A 3930 -55.64 -8.71 -13.07
CA ILE A 3930 -55.69 -9.37 -14.37
C ILE A 3930 -55.21 -10.81 -14.26
N SER A 3931 -54.20 -11.06 -13.43
CA SER A 3931 -53.74 -12.43 -13.21
C SER A 3931 -54.82 -13.28 -12.57
N ASP A 3932 -55.55 -12.71 -11.61
CA ASP A 3932 -56.66 -13.44 -11.00
C ASP A 3932 -57.74 -13.76 -12.03
N PHE A 3933 -58.05 -12.80 -12.91
CA PHE A 3933 -59.04 -13.04 -13.95
C PHE A 3933 -58.57 -14.16 -14.90
N TYR A 3934 -57.29 -14.15 -15.26
CA TYR A 3934 -56.75 -15.24 -16.07
C TYR A 3934 -56.88 -16.58 -15.37
N TRP A 3935 -56.55 -16.63 -14.08
CA TRP A 3935 -56.60 -17.90 -13.36
C TRP A 3935 -58.04 -18.40 -13.26
N TYR A 3936 -59.00 -17.48 -13.16
CA TYR A 3936 -60.40 -17.90 -13.14
C TYR A 3936 -60.85 -18.42 -14.51
N TYR A 3937 -60.48 -17.73 -15.58
CA TYR A 3937 -60.98 -18.08 -16.91
C TYR A 3937 -60.12 -19.10 -17.64
N SER A 3938 -59.06 -19.61 -17.01
CA SER A 3938 -58.18 -20.56 -17.69
C SER A 3938 -58.92 -21.85 -18.06
N GLY A 3939 -59.76 -22.35 -17.15
CA GLY A 3939 -60.43 -23.61 -17.41
C GLY A 3939 -61.43 -23.56 -18.55
N LYS A 3940 -62.15 -22.44 -18.67
CA LYS A 3940 -63.19 -22.33 -19.67
C LYS A 3940 -62.62 -22.38 -21.09
N ASP A 3941 -63.30 -23.11 -21.97
CA ASP A 3941 -62.85 -23.22 -23.35
C ASP A 3941 -63.13 -21.93 -24.13
N VAL A 3942 -64.30 -21.34 -23.92
CA VAL A 3942 -64.73 -20.16 -24.65
C VAL A 3942 -64.98 -19.04 -23.65
N ILE A 3943 -64.38 -17.88 -23.90
CA ILE A 3943 -64.52 -16.73 -23.01
C ILE A 3943 -65.87 -16.07 -23.25
N GLU A 3944 -66.61 -15.82 -22.18
CA GLU A 3944 -67.90 -15.16 -22.28
C GLU A 3944 -67.72 -13.69 -22.69
N GLU A 3945 -68.72 -13.17 -23.40
CA GLU A 3945 -68.64 -11.81 -23.94
C GLU A 3945 -68.45 -10.78 -22.83
N GLN A 3946 -69.08 -10.99 -21.67
CA GLN A 3946 -68.89 -10.08 -20.55
C GLN A 3946 -67.44 -10.10 -20.07
N GLY A 3947 -66.84 -11.29 -19.98
CA GLY A 3947 -65.43 -11.37 -19.65
C GLY A 3947 -64.55 -10.70 -20.68
N LYS A 3948 -64.93 -10.81 -21.96
CA LYS A 3948 -64.19 -10.11 -23.01
C LYS A 3948 -64.25 -8.60 -22.82
N ARG A 3949 -65.43 -8.08 -22.48
CA ARG A 3949 -65.57 -6.65 -22.24
C ARG A 3949 -64.73 -6.20 -21.05
N ASN A 3950 -64.77 -6.96 -19.96
CA ASN A 3950 -63.96 -6.62 -18.79
C ASN A 3950 -62.48 -6.65 -19.11
N PHE A 3951 -62.04 -7.65 -19.87
CA PHE A 3951 -60.65 -7.72 -20.29
C PHE A 3951 -60.27 -6.51 -21.14
N SER A 3952 -61.16 -6.11 -22.05
CA SER A 3952 -60.88 -4.96 -22.90
C SER A 3952 -60.71 -3.69 -22.07
N LYS A 3953 -61.62 -3.46 -21.12
CA LYS A 3953 -61.50 -2.27 -20.28
C LYS A 3953 -60.23 -2.30 -19.44
N ALA A 3954 -59.92 -3.46 -18.84
CA ALA A 3954 -58.73 -3.56 -18.01
C ALA A 3954 -57.46 -3.32 -18.82
N MET A 3955 -57.39 -3.89 -20.03
CA MET A 3955 -56.19 -3.69 -20.84
C MET A 3955 -56.10 -2.27 -21.38
N SER A 3956 -57.24 -1.60 -21.63
CA SER A 3956 -57.17 -0.20 -22.00
C SER A 3956 -56.61 0.65 -20.87
N VAL A 3957 -57.06 0.40 -19.64
CA VAL A 3957 -56.52 1.12 -18.49
C VAL A 3957 -55.03 0.85 -18.33
N ALA A 3958 -54.64 -0.42 -18.48
CA ALA A 3958 -53.22 -0.77 -18.36
C ALA A 3958 -52.40 -0.09 -19.45
N LYS A 3959 -52.93 0.01 -20.67
CA LYS A 3959 -52.24 0.70 -21.74
C LYS A 3959 -52.05 2.18 -21.41
N GLN A 3960 -53.07 2.81 -20.84
CA GLN A 3960 -52.92 4.21 -20.44
C GLN A 3960 -51.86 4.37 -19.36
N VAL A 3961 -51.82 3.45 -18.40
CA VAL A 3961 -50.83 3.55 -17.34
C VAL A 3961 -49.41 3.53 -17.89
N PHE A 3962 -49.12 2.59 -18.79
CA PHE A 3962 -47.78 2.47 -19.35
C PHE A 3962 -47.35 3.74 -20.06
N ASN A 3963 -48.25 4.33 -20.85
CA ASN A 3963 -47.91 5.52 -21.60
C ASN A 3963 -47.48 6.62 -20.65
N SER A 3964 -48.17 6.75 -19.52
CA SER A 3964 -47.82 7.76 -18.54
C SER A 3964 -46.41 7.51 -18.02
N LEU A 3965 -46.10 6.26 -17.72
CA LEU A 3965 -44.77 5.92 -17.23
C LEU A 3965 -43.69 6.26 -18.25
N THR A 3966 -43.93 5.94 -19.50
CA THR A 3966 -42.96 6.23 -20.54
C THR A 3966 -42.70 7.72 -20.59
N GLU A 3967 -43.77 8.51 -20.47
CA GLU A 3967 -43.62 9.96 -20.53
C GLU A 3967 -42.74 10.44 -19.39
N TYR A 3968 -42.86 9.82 -18.23
CA TYR A 3968 -42.07 10.23 -17.08
C TYR A 3968 -40.59 10.09 -17.35
N ILE A 3969 -40.20 9.05 -18.08
CA ILE A 3969 -38.77 8.81 -18.31
C ILE A 3969 -38.32 8.93 -19.77
N GLN A 3970 -39.23 9.26 -20.68
CA GLN A 3970 -38.86 9.31 -22.09
C GLN A 3970 -37.72 10.27 -22.23
N GLY A 3971 -37.84 11.45 -21.63
CA GLY A 3971 -36.72 12.37 -21.63
C GLY A 3971 -35.74 11.71 -20.69
N PRO A 3972 -34.46 11.68 -21.05
CA PRO A 3972 -33.49 10.95 -20.22
C PRO A 3972 -33.40 11.51 -18.81
N CYS A 3973 -34.41 11.21 -18.00
CA CYS A 3973 -34.48 11.67 -16.61
C CYS A 3973 -33.83 10.59 -15.74
N THR A 3974 -32.57 10.83 -15.34
CA THR A 3974 -31.81 9.83 -14.61
C THR A 3974 -32.43 9.53 -13.25
N GLY A 3975 -32.91 10.55 -12.56
CA GLY A 3975 -33.50 10.32 -11.25
C GLY A 3975 -34.74 9.45 -11.31
N ASN A 3976 -35.63 9.74 -12.27
CA ASN A 3976 -36.82 8.93 -12.44
C ASN A 3976 -36.47 7.52 -12.88
N GLN A 3977 -35.45 7.38 -13.75
CA GLN A 3977 -35.01 6.06 -14.17
C GLN A 3977 -34.51 5.24 -12.98
N GLN A 3978 -33.72 5.87 -12.11
CA GLN A 3978 -33.23 5.17 -10.92
C GLN A 3978 -34.37 4.79 -9.98
N SER A 3979 -35.35 5.70 -9.80
CA SER A 3979 -36.48 5.41 -8.94
C SER A 3979 -37.29 4.23 -9.48
N LEU A 3980 -37.50 4.19 -10.80
CA LEU A 3980 -38.21 3.06 -11.39
C LEU A 3980 -37.39 1.77 -11.29
N ALA A 3981 -36.07 1.86 -11.45
CA ALA A 3981 -35.24 0.67 -11.32
C ALA A 3981 -35.31 0.10 -9.92
N HIS A 3982 -35.31 0.95 -8.90
CA HIS A 3982 -35.48 0.51 -7.51
C HIS A 3982 -36.96 0.62 -7.12
N SER A 3983 -37.75 -0.30 -7.68
CA SER A 3983 -39.19 -0.30 -7.47
C SER A 3983 -39.71 -1.72 -7.69
N ARG A 3984 -41.03 -1.87 -7.56
CA ARG A 3984 -41.70 -3.13 -7.80
C ARG A 3984 -42.20 -3.28 -9.24
N LEU A 3985 -41.63 -2.50 -10.17
CA LEU A 3985 -42.05 -2.58 -11.56
C LEU A 3985 -41.73 -3.95 -12.16
N TRP A 3986 -40.64 -4.57 -11.73
CA TRP A 3986 -40.18 -5.81 -12.37
C TRP A 3986 -41.12 -6.97 -12.05
N ASP A 3987 -41.68 -6.99 -10.84
CA ASP A 3987 -42.65 -8.04 -10.49
C ASP A 3987 -43.90 -7.92 -11.35
N ALA A 3988 -44.40 -6.69 -11.55
CA ALA A 3988 -45.54 -6.50 -12.43
C ALA A 3988 -45.20 -6.89 -13.87
N VAL A 3989 -43.97 -6.61 -14.30
CA VAL A 3989 -43.54 -7.00 -15.64
C VAL A 3989 -43.56 -8.52 -15.78
N VAL A 3990 -43.04 -9.23 -14.78
CA VAL A 3990 -43.02 -10.69 -14.81
C VAL A 3990 -44.44 -11.24 -14.86
N GLY A 3991 -45.32 -10.69 -14.03
CA GLY A 3991 -46.71 -11.15 -14.03
C GLY A 3991 -47.41 -10.89 -15.36
N PHE A 3992 -47.17 -9.73 -15.95
CA PHE A 3992 -47.77 -9.41 -17.24
C PHE A 3992 -47.27 -10.35 -18.32
N LEU A 3993 -45.96 -10.66 -18.31
CA LEU A 3993 -45.42 -11.62 -19.25
C LEU A 3993 -46.06 -13.00 -19.07
N HIS A 3994 -46.24 -13.42 -17.82
CA HIS A 3994 -46.86 -14.71 -17.56
C HIS A 3994 -48.29 -14.76 -18.09
N VAL A 3995 -49.05 -13.68 -17.87
CA VAL A 3995 -50.42 -13.63 -18.39
C VAL A 3995 -50.43 -13.66 -19.90
N PHE A 3996 -49.52 -12.89 -20.53
CA PHE A 3996 -49.49 -12.78 -21.98
C PHE A 3996 -49.16 -14.12 -22.62
N ALA A 3997 -48.19 -14.85 -22.04
CA ALA A 3997 -47.72 -16.08 -22.66
C ALA A 3997 -48.84 -17.09 -22.83
N HIS A 3998 -49.82 -17.08 -21.94
CA HIS A 3998 -50.96 -17.97 -22.06
C HIS A 3998 -52.11 -17.34 -22.83
N MET A 3999 -52.29 -16.02 -22.71
CA MET A 3999 -53.36 -15.35 -23.45
C MET A 3999 -53.19 -15.51 -24.96
N MET A 4000 -51.97 -15.34 -25.49
CA MET A 4000 -51.81 -15.42 -26.94
C MET A 4000 -52.26 -16.77 -27.47
N MET A 4001 -51.75 -17.86 -26.88
CA MET A 4001 -52.08 -19.19 -27.39
C MET A 4001 -53.48 -19.64 -27.01
N LYS A 4002 -54.09 -19.07 -25.96
CA LYS A 4002 -55.48 -19.40 -25.71
C LYS A 4002 -56.42 -18.71 -26.70
N LEU A 4003 -56.14 -17.45 -27.04
CA LEU A 4003 -57.01 -16.72 -27.96
C LEU A 4003 -56.69 -16.98 -29.42
N ALA A 4004 -55.55 -17.61 -29.73
CA ALA A 4004 -55.20 -17.87 -31.12
C ALA A 4004 -56.13 -18.91 -31.75
N GLN A 4005 -56.39 -20.01 -31.04
CA GLN A 4005 -57.17 -21.10 -31.61
C GLN A 4005 -58.57 -20.66 -32.00
N ASP A 4006 -59.24 -19.91 -31.13
CA ASP A 4006 -60.59 -19.45 -31.43
C ASP A 4006 -60.56 -18.41 -32.54
N SER A 4007 -61.71 -18.28 -33.22
CA SER A 4007 -61.86 -17.33 -34.32
C SER A 4007 -62.69 -16.12 -33.94
N SER A 4008 -63.26 -16.08 -32.74
CA SER A 4008 -64.08 -14.96 -32.30
C SER A 4008 -63.34 -14.07 -31.30
N GLN A 4009 -62.04 -14.24 -31.13
CA GLN A 4009 -61.25 -13.50 -30.16
C GLN A 4009 -60.09 -12.75 -30.82
N ILE A 4010 -60.17 -12.51 -32.13
CA ILE A 4010 -59.07 -11.88 -32.84
C ILE A 4010 -58.90 -10.43 -32.41
N GLU A 4011 -60.01 -9.72 -32.18
CA GLU A 4011 -59.92 -8.33 -31.74
C GLU A 4011 -59.27 -8.23 -30.36
N LEU A 4012 -59.68 -9.10 -29.44
CA LEU A 4012 -59.07 -9.12 -28.11
C LEU A 4012 -57.60 -9.45 -28.20
N LEU A 4013 -57.23 -10.41 -29.07
CA LEU A 4013 -55.83 -10.75 -29.23
C LEU A 4013 -55.03 -9.57 -29.78
N LYS A 4014 -55.60 -8.83 -30.74
CA LYS A 4014 -54.91 -7.67 -31.29
C LYS A 4014 -54.72 -6.59 -30.23
N GLU A 4015 -55.74 -6.35 -29.41
CA GLU A 4015 -55.61 -5.38 -28.33
C GLU A 4015 -54.54 -5.82 -27.34
N LEU A 4016 -54.49 -7.12 -27.04
CA LEU A 4016 -53.44 -7.66 -26.19
C LEU A 4016 -52.06 -7.41 -26.78
N LEU A 4017 -51.92 -7.62 -28.10
CA LEU A 4017 -50.64 -7.39 -28.75
C LEU A 4017 -50.24 -5.92 -28.69
N ASP A 4018 -51.21 -5.02 -28.85
CA ASP A 4018 -50.92 -3.59 -28.70
C ASP A 4018 -50.44 -3.27 -27.29
N LEU A 4019 -51.09 -3.84 -26.28
CA LEU A 4019 -50.66 -3.62 -24.91
C LEU A 4019 -49.25 -4.14 -24.68
N GLN A 4020 -48.93 -5.32 -25.23
CA GLN A 4020 -47.59 -5.87 -25.10
C GLN A 4020 -46.56 -4.98 -25.80
N LYS A 4021 -46.94 -4.38 -26.92
CA LYS A 4021 -46.02 -3.46 -27.59
C LYS A 4021 -45.67 -2.30 -26.68
N ASP A 4022 -46.67 -1.73 -26.02
CA ASP A 4022 -46.43 -0.61 -25.10
C ASP A 4022 -45.50 -1.01 -23.99
N MET A 4023 -45.68 -2.21 -23.47
CA MET A 4023 -44.83 -2.69 -22.39
C MET A 4023 -43.39 -2.65 -22.84
N VAL A 4024 -43.12 -3.15 -24.05
CA VAL A 4024 -41.76 -3.16 -24.58
C VAL A 4024 -41.22 -1.76 -24.74
N VAL A 4025 -42.05 -0.85 -25.24
CA VAL A 4025 -41.60 0.52 -25.45
C VAL A 4025 -41.16 1.13 -24.14
N MET A 4026 -41.92 0.90 -23.07
CA MET A 4026 -41.56 1.42 -21.76
C MET A 4026 -40.22 0.84 -21.33
N LEU A 4027 -40.02 -0.46 -21.57
CA LEU A 4027 -38.76 -1.09 -21.21
C LEU A 4027 -37.61 -0.49 -22.00
N LEU A 4028 -37.82 -0.25 -23.29
CA LEU A 4028 -36.79 0.36 -24.11
C LEU A 4028 -36.47 1.75 -23.59
N SER A 4029 -37.49 2.51 -23.21
CA SER A 4029 -37.27 3.83 -22.66
C SER A 4029 -36.44 3.68 -21.41
N LEU A 4030 -36.77 2.69 -20.58
CA LEU A 4030 -35.97 2.44 -19.41
C LEU A 4030 -34.55 2.19 -19.85
N LEU A 4031 -34.39 1.37 -20.90
CA LEU A 4031 -33.05 1.08 -21.38
C LEU A 4031 -32.37 2.27 -22.04
N GLU A 4032 -33.11 3.33 -22.32
CA GLU A 4032 -32.54 4.51 -22.97
C GLU A 4032 -31.42 5.11 -22.13
N GLY A 4033 -30.34 5.48 -22.81
CA GLY A 4033 -29.22 6.15 -22.16
C GLY A 4033 -28.44 5.30 -21.17
N ASN A 4034 -28.14 4.06 -21.54
CA ASN A 4034 -27.40 3.16 -20.67
C ASN A 4034 -25.93 3.14 -21.05
N VAL A 4035 -25.11 2.57 -20.17
CA VAL A 4035 -23.69 2.39 -20.39
C VAL A 4035 -23.39 0.89 -20.46
N VAL A 4036 -22.14 0.58 -20.80
CA VAL A 4036 -21.72 -0.82 -20.85
C VAL A 4036 -21.72 -1.39 -19.44
N ASN A 4037 -22.31 -2.58 -19.29
CA ASN A 4037 -22.43 -3.25 -18.00
C ASN A 4037 -23.17 -2.36 -17.00
N GLY A 4038 -24.28 -1.78 -17.45
CA GLY A 4038 -25.04 -0.89 -16.59
C GLY A 4038 -25.92 -1.63 -15.60
N MET A 4039 -26.24 -0.93 -14.51
CA MET A 4039 -27.06 -1.52 -13.46
C MET A 4039 -28.47 -1.83 -13.97
N ILE A 4040 -29.05 -0.91 -14.74
CA ILE A 4040 -30.39 -1.16 -15.29
C ILE A 4040 -30.36 -2.32 -16.26
N ALA A 4041 -29.30 -2.43 -17.06
CA ALA A 4041 -29.16 -3.56 -17.97
C ALA A 4041 -29.06 -4.88 -17.20
N ARG A 4042 -28.30 -4.90 -16.11
CA ARG A 4042 -28.23 -6.10 -15.29
C ARG A 4042 -29.58 -6.44 -14.68
N GLN A 4043 -30.33 -5.42 -14.25
CA GLN A 4043 -31.66 -5.65 -13.71
C GLN A 4043 -32.59 -6.25 -14.75
N MET A 4044 -32.52 -5.75 -15.98
CA MET A 4044 -33.34 -6.31 -17.07
C MET A 4044 -32.93 -7.76 -17.36
N VAL A 4045 -31.63 -8.04 -17.32
CA VAL A 4045 -31.17 -9.41 -17.53
C VAL A 4045 -31.70 -10.33 -16.42
N ASP A 4046 -31.66 -9.86 -15.17
CA ASP A 4046 -32.19 -10.66 -14.07
C ASP A 4046 -33.69 -10.89 -14.22
N MET A 4047 -34.41 -9.88 -14.68
CA MET A 4047 -35.84 -10.04 -14.98
C MET A 4047 -36.06 -11.11 -16.04
N LEU A 4048 -35.26 -11.07 -17.11
CA LEU A 4048 -35.43 -12.05 -18.19
C LEU A 4048 -35.11 -13.46 -17.70
N VAL A 4049 -34.06 -13.63 -16.91
CA VAL A 4049 -33.72 -14.96 -16.41
C VAL A 4049 -34.72 -15.42 -15.35
N GLU A 4050 -35.40 -14.49 -14.68
CA GLU A 4050 -36.47 -14.88 -13.77
C GLU A 4050 -37.71 -15.34 -14.53
N SER A 4051 -38.01 -14.70 -15.65
CA SER A 4051 -39.17 -15.03 -16.46
C SER A 4051 -38.78 -15.65 -17.80
N SER A 4052 -37.77 -16.53 -17.77
CA SER A 4052 -37.28 -17.13 -19.00
C SER A 4052 -38.35 -17.93 -19.72
N SER A 4053 -39.14 -18.73 -18.99
CA SER A 4053 -40.06 -19.66 -19.63
C SER A 4053 -41.07 -18.93 -20.51
N ASN A 4054 -41.73 -17.92 -19.95
CA ASN A 4054 -42.75 -17.19 -20.71
C ASN A 4054 -42.14 -16.49 -21.91
N VAL A 4055 -40.94 -15.94 -21.76
CA VAL A 4055 -40.25 -15.32 -22.89
C VAL A 4055 -39.99 -16.36 -23.97
N GLU A 4056 -39.58 -17.58 -23.58
CA GLU A 4056 -39.36 -18.63 -24.55
C GLU A 4056 -40.65 -19.00 -25.28
N MET A 4057 -41.77 -19.08 -24.55
CA MET A 4057 -43.04 -19.39 -25.19
C MET A 4057 -43.44 -18.30 -26.19
N ILE A 4058 -43.25 -17.03 -25.81
CA ILE A 4058 -43.58 -15.93 -26.72
C ILE A 4058 -42.71 -15.99 -27.97
N LEU A 4059 -41.40 -16.20 -27.78
CA LEU A 4059 -40.49 -16.24 -28.91
C LEU A 4059 -40.81 -17.39 -29.84
N LYS A 4060 -41.13 -18.56 -29.28
CA LYS A 4060 -41.52 -19.70 -30.09
C LYS A 4060 -42.81 -19.39 -30.86
N PHE A 4061 -43.80 -18.82 -30.18
CA PHE A 4061 -45.06 -18.47 -30.84
C PHE A 4061 -44.82 -17.56 -32.03
N PHE A 4062 -43.88 -16.62 -31.89
CA PHE A 4062 -43.58 -15.74 -33.02
C PHE A 4062 -42.87 -16.48 -34.14
N ASP A 4063 -41.86 -17.30 -33.81
CA ASP A 4063 -41.00 -17.86 -34.85
C ASP A 4063 -41.72 -18.94 -35.65
N MET A 4064 -42.53 -19.79 -35.00
CA MET A 4064 -43.20 -20.81 -35.80
C MET A 4064 -44.26 -20.20 -36.70
N PHE A 4065 -44.82 -19.05 -36.32
CA PHE A 4065 -45.77 -18.39 -37.22
C PHE A 4065 -45.06 -17.69 -38.38
N LEU A 4066 -43.87 -17.15 -38.14
CA LEU A 4066 -43.05 -16.67 -39.25
C LEU A 4066 -42.73 -17.81 -40.22
N LYS A 4067 -42.32 -18.96 -39.68
CA LYS A 4067 -42.09 -20.11 -40.54
C LYS A 4067 -43.39 -20.61 -41.18
N LEU A 4068 -44.52 -20.35 -40.54
CA LEU A 4068 -45.82 -20.67 -41.13
C LEU A 4068 -46.05 -19.84 -42.38
N LYS A 4069 -45.75 -18.54 -42.34
CA LYS A 4069 -45.77 -17.77 -43.57
C LYS A 4069 -44.69 -18.21 -44.54
N ASP A 4070 -43.60 -18.79 -44.04
CA ASP A 4070 -42.56 -19.29 -44.94
C ASP A 4070 -43.02 -20.55 -45.69
N ILE A 4071 -43.88 -21.36 -45.08
CA ILE A 4071 -44.23 -22.65 -45.65
C ILE A 4071 -45.01 -22.53 -46.96
N VAL A 4072 -45.59 -21.36 -47.25
CA VAL A 4072 -46.38 -21.23 -48.46
C VAL A 4072 -45.50 -21.38 -49.70
N GLY A 4073 -44.26 -20.89 -49.64
CA GLY A 4073 -43.32 -21.01 -50.73
C GLY A 4073 -42.57 -22.32 -50.80
N SER A 4074 -42.82 -23.23 -49.86
CA SER A 4074 -42.13 -24.51 -49.84
C SER A 4074 -42.72 -25.45 -50.87
N GLU A 4075 -41.87 -25.98 -51.75
CA GLU A 4075 -42.34 -26.92 -52.76
C GLU A 4075 -42.80 -28.23 -52.12
N ALA A 4076 -42.15 -28.66 -51.04
CA ALA A 4076 -42.49 -29.89 -50.36
C ALA A 4076 -43.87 -29.85 -49.71
N PHE A 4077 -44.47 -28.66 -49.60
CA PHE A 4077 -45.86 -28.52 -49.18
C PHE A 4077 -46.78 -28.14 -50.33
N GLN A 4078 -46.27 -27.37 -51.30
CA GLN A 4078 -47.08 -27.00 -52.45
C GLN A 4078 -47.47 -28.24 -53.27
N ASP A 4079 -46.55 -29.20 -53.40
CA ASP A 4079 -46.90 -30.44 -54.09
C ASP A 4079 -47.95 -31.22 -53.31
N TYR A 4080 -47.86 -31.24 -51.99
CA TYR A 4080 -48.89 -31.86 -51.18
C TYR A 4080 -50.24 -31.17 -51.30
N VAL A 4081 -50.25 -29.87 -51.65
CA VAL A 4081 -51.51 -29.21 -51.93
C VAL A 4081 -52.18 -29.88 -53.12
N THR A 4082 -53.40 -30.36 -52.93
CA THR A 4082 -54.13 -31.12 -53.94
C THR A 4082 -55.33 -30.39 -54.50
N ASP A 4083 -56.11 -29.71 -53.65
CA ASP A 4083 -57.33 -29.05 -54.09
C ASP A 4083 -57.01 -28.01 -55.16
N PRO A 4084 -57.69 -28.03 -56.31
CA PRO A 4084 -57.50 -26.96 -57.31
C PRO A 4084 -57.67 -25.56 -56.73
N ARG A 4085 -58.64 -25.38 -55.83
CA ARG A 4085 -58.83 -24.10 -55.17
C ARG A 4085 -57.64 -23.72 -54.29
N GLY A 4086 -56.74 -24.65 -54.01
CA GLY A 4086 -55.55 -24.37 -53.23
C GLY A 4086 -55.60 -24.89 -51.81
N LEU A 4087 -56.61 -25.70 -51.47
CA LEU A 4087 -56.78 -26.17 -50.11
C LEU A 4087 -55.93 -27.42 -49.86
N ILE A 4088 -55.46 -27.57 -48.62
CA ILE A 4088 -54.54 -28.65 -48.27
C ILE A 4088 -55.18 -29.48 -47.17
N SER A 4089 -55.27 -30.80 -47.38
CA SER A 4089 -55.89 -31.69 -46.42
C SER A 4089 -55.12 -31.67 -45.11
N LYS A 4090 -55.83 -31.90 -44.01
CA LYS A 4090 -55.24 -31.86 -42.68
C LYS A 4090 -54.08 -32.84 -42.54
N LYS A 4091 -54.33 -34.11 -42.88
CA LYS A 4091 -53.28 -35.13 -42.81
C LYS A 4091 -52.10 -34.78 -43.71
N ASP A 4092 -52.40 -34.33 -44.94
CA ASP A 4092 -51.36 -33.94 -45.87
C ASP A 4092 -50.51 -32.79 -45.31
N PHE A 4093 -51.16 -31.85 -44.63
CA PHE A 4093 -50.49 -30.68 -44.05
C PHE A 4093 -49.64 -31.08 -42.84
N GLN A 4094 -50.09 -32.08 -42.08
CA GLN A 4094 -49.24 -32.68 -41.05
C GLN A 4094 -48.00 -33.34 -41.68
N LYS A 4095 -48.21 -34.16 -42.72
CA LYS A 4095 -47.07 -34.82 -43.35
C LYS A 4095 -46.11 -33.81 -43.95
N ALA A 4096 -46.64 -32.69 -44.47
CA ALA A 4096 -45.78 -31.66 -45.04
C ALA A 4096 -44.91 -31.03 -43.97
N MET A 4097 -45.49 -30.73 -42.80
CA MET A 4097 -44.63 -30.21 -41.73
C MET A 4097 -43.57 -31.22 -41.37
N ASP A 4098 -43.96 -32.49 -41.24
CA ASP A 4098 -43.02 -33.51 -40.78
C ASP A 4098 -41.88 -33.68 -41.78
N SER A 4099 -42.19 -33.60 -43.08
CA SER A 4099 -41.14 -33.69 -44.10
C SER A 4099 -40.23 -32.46 -44.08
N GLN A 4100 -40.81 -31.26 -43.95
CA GLN A 4100 -39.99 -30.06 -43.97
C GLN A 4100 -39.20 -29.87 -42.67
N LYS A 4101 -39.61 -30.53 -41.59
CA LYS A 4101 -38.95 -30.47 -40.28
C LYS A 4101 -38.84 -29.05 -39.76
N GLN A 4102 -39.77 -28.17 -40.14
CA GLN A 4102 -39.80 -26.83 -39.59
C GLN A 4102 -40.29 -26.84 -38.14
N PHE A 4103 -41.31 -27.66 -37.84
CA PHE A 4103 -41.91 -27.72 -36.53
C PHE A 4103 -41.89 -29.14 -36.00
N THR A 4104 -41.60 -29.28 -34.71
CA THR A 4104 -41.48 -30.58 -34.07
C THR A 4104 -42.85 -31.14 -33.73
N GLY A 4105 -42.85 -32.42 -33.32
CA GLY A 4105 -44.07 -33.17 -33.13
C GLY A 4105 -45.08 -32.56 -32.18
N PRO A 4106 -44.67 -32.21 -30.97
CA PRO A 4106 -45.59 -31.50 -30.06
C PRO A 4106 -46.10 -30.20 -30.63
N GLU A 4107 -45.29 -29.47 -31.40
CA GLU A 4107 -45.74 -28.24 -32.03
C GLU A 4107 -46.73 -28.51 -33.15
N ILE A 4108 -46.69 -29.71 -33.74
CA ILE A 4108 -47.58 -30.04 -34.84
C ILE A 4108 -49.03 -29.95 -34.39
N GLN A 4109 -49.32 -30.48 -33.21
CA GLN A 4109 -50.69 -30.48 -32.70
C GLN A 4109 -51.18 -29.07 -32.43
N PHE A 4110 -50.32 -28.21 -31.87
CA PHE A 4110 -50.71 -26.83 -31.63
C PHE A 4110 -51.02 -26.11 -32.94
N LEU A 4111 -50.19 -26.33 -33.96
CA LEU A 4111 -50.50 -25.74 -35.27
C LEU A 4111 -51.80 -26.28 -35.84
N LEU A 4112 -52.04 -27.59 -35.69
CA LEU A 4112 -53.29 -28.17 -36.16
C LEU A 4112 -54.49 -27.51 -35.47
N SER A 4113 -54.39 -27.32 -34.15
CA SER A 4113 -55.49 -26.69 -33.42
C SER A 4113 -55.71 -25.26 -33.88
N CYS A 4114 -54.63 -24.48 -34.02
CA CYS A 4114 -54.77 -23.10 -34.46
C CYS A 4114 -55.23 -22.98 -35.90
N SER A 4115 -55.03 -24.03 -36.70
CA SER A 4115 -55.49 -24.00 -38.08
C SER A 4115 -57.01 -23.90 -38.13
N GLU A 4116 -57.51 -23.18 -39.14
CA GLU A 4116 -58.94 -23.05 -39.32
C GLU A 4116 -59.57 -24.39 -39.66
N ALA A 4117 -59.73 -25.25 -38.65
CA ALA A 4117 -60.57 -26.45 -38.71
C ALA A 4117 -61.71 -26.28 -39.71
N ASP A 4118 -61.36 -26.29 -40.99
CA ASP A 4118 -62.36 -26.18 -42.04
C ASP A 4118 -63.23 -27.42 -42.06
N GLU A 4119 -64.41 -27.32 -42.66
CA GLU A 4119 -65.35 -28.44 -42.69
C GLU A 4119 -64.68 -29.69 -43.25
N ASN A 4120 -63.80 -29.52 -44.24
CA ASN A 4120 -62.98 -30.61 -44.76
C ASN A 4120 -61.61 -30.57 -44.11
N GLU A 4121 -60.90 -31.70 -44.19
CA GLU A 4121 -59.50 -31.74 -43.78
C GLU A 4121 -58.70 -30.70 -44.57
N MET A 4122 -59.13 -30.42 -45.79
CA MET A 4122 -58.66 -29.26 -46.53
C MET A 4122 -58.78 -27.99 -45.69
N ILE A 4123 -57.66 -27.29 -45.52
CA ILE A 4123 -57.59 -26.08 -44.70
C ILE A 4123 -56.94 -24.98 -45.52
N ASN A 4124 -57.40 -23.74 -45.31
CA ASN A 4124 -56.86 -22.58 -46.00
C ASN A 4124 -55.57 -22.11 -45.31
N PHE A 4125 -54.47 -22.80 -45.66
CA PHE A 4125 -53.18 -22.40 -45.13
C PHE A 4125 -52.89 -20.94 -45.47
N GLU A 4126 -53.48 -20.44 -46.56
CA GLU A 4126 -53.32 -19.03 -46.93
C GLU A 4126 -53.62 -18.13 -45.75
N GLU A 4127 -54.86 -18.15 -45.26
CA GLU A 4127 -55.23 -17.32 -44.12
C GLU A 4127 -54.53 -17.79 -42.85
N PHE A 4128 -54.44 -19.11 -42.64
CA PHE A 4128 -53.85 -19.61 -41.41
C PHE A 4128 -52.42 -19.10 -41.21
N ALA A 4129 -51.69 -18.89 -42.30
CA ALA A 4129 -50.31 -18.45 -42.24
C ALA A 4129 -50.15 -16.98 -42.58
N ASN A 4130 -51.23 -16.31 -42.99
CA ASN A 4130 -51.15 -14.89 -43.35
C ASN A 4130 -51.72 -14.01 -42.25
N ARG A 4131 -52.58 -14.56 -41.39
CA ARG A 4131 -53.07 -13.79 -40.27
C ARG A 4131 -52.00 -13.69 -39.18
N PHE A 4132 -52.34 -13.03 -38.07
CA PHE A 4132 -51.42 -12.81 -36.95
C PHE A 4132 -50.03 -12.31 -37.35
N GLN A 4133 -49.85 -11.73 -38.55
CA GLN A 4133 -48.50 -11.31 -38.93
C GLN A 4133 -48.31 -9.80 -38.85
N GLU A 4134 -49.28 -9.01 -39.31
CA GLU A 4134 -49.22 -7.57 -39.13
C GLU A 4134 -49.14 -7.16 -37.66
N PRO A 4135 -50.08 -7.58 -36.79
CA PRO A 4135 -49.99 -7.19 -35.37
C PRO A 4135 -48.76 -7.78 -34.69
N ALA A 4136 -48.22 -8.87 -35.21
CA ALA A 4136 -47.04 -9.47 -34.61
C ALA A 4136 -45.75 -8.90 -35.18
N ARG A 4137 -45.80 -8.31 -36.38
CA ARG A 4137 -44.57 -7.73 -36.95
C ARG A 4137 -44.02 -6.63 -36.05
N ASP A 4138 -44.87 -5.70 -35.61
CA ASP A 4138 -44.35 -4.58 -34.83
C ASP A 4138 -43.77 -5.05 -33.50
N ILE A 4139 -44.50 -5.91 -32.78
CA ILE A 4139 -44.04 -6.37 -31.47
C ILE A 4139 -42.80 -7.25 -31.60
N GLY A 4140 -42.74 -8.09 -32.64
CA GLY A 4140 -41.55 -8.88 -32.87
C GLY A 4140 -40.33 -8.02 -33.15
N PHE A 4141 -40.50 -6.97 -33.95
CA PHE A 4141 -39.38 -6.06 -34.20
C PHE A 4141 -38.92 -5.39 -32.92
N ASN A 4142 -39.87 -4.97 -32.08
CA ASN A 4142 -39.49 -4.34 -30.81
C ASN A 4142 -38.73 -5.31 -29.92
N VAL A 4143 -39.17 -6.57 -29.85
CA VAL A 4143 -38.47 -7.57 -29.05
C VAL A 4143 -37.06 -7.80 -29.57
N ALA A 4144 -36.92 -7.87 -30.90
CA ALA A 4144 -35.60 -8.05 -31.49
C ALA A 4144 -34.69 -6.87 -31.16
N VAL A 4145 -35.22 -5.65 -31.22
CA VAL A 4145 -34.42 -4.47 -30.89
C VAL A 4145 -33.98 -4.52 -29.42
N LEU A 4146 -34.90 -4.89 -28.53
CA LEU A 4146 -34.54 -4.98 -27.11
C LEU A 4146 -33.45 -6.00 -26.87
N LEU A 4147 -33.58 -7.18 -27.50
CA LEU A 4147 -32.57 -8.21 -27.33
C LEU A 4147 -31.22 -7.78 -27.89
N THR A 4148 -31.22 -7.13 -29.05
CA THR A 4148 -29.97 -6.64 -29.63
C THR A 4148 -29.31 -5.61 -28.73
N ASN A 4149 -30.09 -4.67 -28.19
CA ASN A 4149 -29.55 -3.66 -27.29
C ASN A 4149 -28.92 -4.30 -26.07
N LEU A 4150 -29.64 -5.24 -25.43
CA LEU A 4150 -29.10 -5.90 -24.25
C LEU A 4150 -27.84 -6.68 -24.57
N SER A 4151 -27.83 -7.40 -25.70
CA SER A 4151 -26.66 -8.20 -26.07
C SER A 4151 -25.45 -7.31 -26.32
N GLU A 4152 -25.65 -6.18 -26.99
CA GLU A 4152 -24.52 -5.30 -27.29
C GLU A 4152 -24.02 -4.57 -26.05
N HIS A 4153 -24.91 -4.23 -25.12
CA HIS A 4153 -24.50 -3.45 -23.96
C HIS A 4153 -24.12 -4.32 -22.75
N VAL A 4154 -24.32 -5.62 -22.80
CA VAL A 4154 -23.90 -6.48 -21.70
C VAL A 4154 -23.01 -7.60 -22.22
N PRO A 4155 -21.69 -7.39 -22.31
CA PRO A 4155 -20.81 -8.48 -22.71
C PRO A 4155 -20.66 -9.53 -21.62
N HIS A 4156 -20.29 -10.74 -22.05
CA HIS A 4156 -20.04 -11.87 -21.15
C HIS A 4156 -21.27 -12.18 -20.29
N ASP A 4157 -22.36 -12.55 -20.96
CA ASP A 4157 -23.63 -12.86 -20.31
C ASP A 4157 -24.18 -14.17 -20.87
N PRO A 4158 -23.76 -15.31 -20.31
CA PRO A 4158 -24.17 -16.60 -20.89
C PRO A 4158 -25.67 -16.81 -20.94
N ARG A 4159 -26.41 -16.33 -19.95
CA ARG A 4159 -27.87 -16.41 -20.00
C ARG A 4159 -28.40 -15.61 -21.18
N LEU A 4160 -27.85 -14.43 -21.41
CA LEU A 4160 -28.28 -13.60 -22.53
C LEU A 4160 -27.99 -14.27 -23.86
N ARG A 4161 -26.82 -14.92 -23.99
CA ARG A 4161 -26.54 -15.70 -25.20
C ARG A 4161 -27.48 -16.89 -25.33
N ASN A 4162 -27.92 -17.48 -24.22
CA ASN A 4162 -28.94 -18.52 -24.29
C ASN A 4162 -30.24 -17.97 -24.87
N PHE A 4163 -30.66 -16.79 -24.41
CA PHE A 4163 -31.86 -16.16 -24.98
C PHE A 4163 -31.67 -15.86 -26.46
N LEU A 4164 -30.48 -15.37 -26.85
CA LEU A 4164 -30.24 -15.10 -28.27
C LEU A 4164 -30.29 -16.38 -29.09
N GLU A 4165 -29.74 -17.48 -28.57
CA GLU A 4165 -29.81 -18.75 -29.26
C GLU A 4165 -31.26 -19.19 -29.42
N LEU A 4166 -32.08 -19.00 -28.39
CA LEU A 4166 -33.49 -19.34 -28.50
C LEU A 4166 -34.20 -18.47 -29.54
N ALA A 4167 -33.85 -17.18 -29.59
CA ALA A 4167 -34.50 -16.22 -30.48
C ALA A 4167 -33.69 -15.93 -31.74
N GLU A 4168 -32.88 -16.89 -32.19
CA GLU A 4168 -32.04 -16.67 -33.36
C GLU A 4168 -32.87 -16.36 -34.61
N SER A 4169 -33.98 -17.08 -34.80
CA SER A 4169 -34.75 -16.95 -36.04
C SER A 4169 -35.30 -15.53 -36.20
N ILE A 4170 -35.82 -14.95 -35.10
CA ILE A 4170 -36.37 -13.60 -35.17
C ILE A 4170 -35.27 -12.60 -35.53
N LEU A 4171 -34.08 -12.77 -34.94
CA LEU A 4171 -32.97 -11.87 -35.25
C LEU A 4171 -32.58 -11.98 -36.72
N GLU A 4172 -32.55 -13.19 -37.26
CA GLU A 4172 -32.26 -13.36 -38.69
C GLU A 4172 -33.33 -12.71 -39.56
N TYR A 4173 -34.60 -12.84 -39.15
CA TYR A 4173 -35.67 -12.23 -39.93
C TYR A 4173 -35.57 -10.72 -39.95
N PHE A 4174 -35.31 -10.11 -38.80
CA PHE A 4174 -35.33 -8.65 -38.68
C PHE A 4174 -33.95 -8.02 -38.81
N ARG A 4175 -32.92 -8.80 -39.16
CA ARG A 4175 -31.58 -8.25 -39.33
C ARG A 4175 -31.50 -7.17 -40.41
N PRO A 4176 -32.05 -7.35 -41.62
CA PRO A 4176 -31.98 -6.27 -42.61
C PRO A 4176 -32.72 -5.00 -42.20
N TYR A 4177 -33.72 -5.11 -41.31
CA TYR A 4177 -34.55 -3.97 -40.97
C TYR A 4177 -34.08 -3.20 -39.75
N LEU A 4178 -33.06 -3.70 -39.03
CA LEU A 4178 -32.57 -3.05 -37.83
C LEU A 4178 -31.34 -2.22 -38.17
N GLY A 4179 -31.39 -0.93 -37.89
CA GLY A 4179 -30.26 -0.04 -38.14
C GLY A 4179 -29.74 0.55 -36.84
N ARG A 4180 -28.43 0.73 -36.78
CA ARG A 4180 -27.77 1.25 -35.59
C ARG A 4180 -26.90 2.45 -35.96
N ILE A 4181 -26.88 3.45 -35.07
CA ILE A 4181 -26.21 4.71 -35.31
C ILE A 4181 -25.51 5.17 -34.04
N GLU A 4182 -24.27 5.62 -34.17
CA GLU A 4182 -23.53 6.19 -33.04
C GLU A 4182 -23.58 7.71 -33.13
N ILE A 4183 -23.90 8.36 -32.00
CA ILE A 4183 -24.00 9.81 -31.92
C ILE A 4183 -23.20 10.29 -30.71
N MET A 4184 -22.87 11.58 -30.74
CA MET A 4184 -22.16 12.18 -29.62
C MET A 4184 -23.00 12.13 -28.35
N GLY A 4185 -24.28 12.46 -28.46
CA GLY A 4185 -25.19 12.35 -27.34
C GLY A 4185 -25.17 13.57 -26.44
N ALA A 4186 -26.22 13.67 -25.61
CA ALA A 4186 -26.32 14.77 -24.66
C ALA A 4186 -25.18 14.74 -23.65
N SER A 4187 -24.86 13.56 -23.14
CA SER A 4187 -23.71 13.40 -22.26
C SER A 4187 -22.43 13.33 -23.08
N ARG A 4188 -21.31 13.35 -22.38
CA ARG A 4188 -19.99 13.31 -23.02
C ARG A 4188 -19.62 11.92 -23.54
N ARG A 4189 -20.56 10.98 -23.58
CA ARG A 4189 -20.30 9.61 -23.99
C ARG A 4189 -21.00 9.31 -25.31
N ILE A 4190 -20.30 8.62 -26.20
CA ILE A 4190 -20.88 8.20 -27.46
C ILE A 4190 -22.00 7.20 -27.18
N GLU A 4191 -23.16 7.43 -27.80
CA GLU A 4191 -24.33 6.61 -27.56
C GLU A 4191 -24.76 5.92 -28.86
N ARG A 4192 -25.45 4.79 -28.70
CA ARG A 4192 -25.89 3.98 -29.84
C ARG A 4192 -27.42 3.95 -29.87
N ILE A 4193 -27.98 4.14 -31.07
CA ILE A 4193 -29.42 4.22 -31.29
C ILE A 4193 -29.81 3.16 -32.29
N TYR A 4194 -30.91 2.45 -32.01
CA TYR A 4194 -31.45 1.44 -32.89
C TYR A 4194 -32.80 1.89 -33.43
N PHE A 4195 -33.01 1.69 -34.72
CA PHE A 4195 -34.23 2.14 -35.38
C PHE A 4195 -34.57 1.17 -36.52
N GLU A 4196 -35.70 1.46 -37.18
CA GLU A 4196 -36.26 0.60 -38.20
C GLU A 4196 -36.01 1.18 -39.59
N ILE A 4197 -35.70 0.31 -40.54
CA ILE A 4197 -35.46 0.69 -41.93
C ILE A 4197 -36.51 0.02 -42.79
N SER A 4198 -37.18 0.80 -43.64
CA SER A 4198 -38.22 0.27 -44.51
C SER A 4198 -37.63 -0.49 -45.68
N GLU A 4199 -38.32 -1.56 -46.10
CA GLU A 4199 -37.86 -2.36 -47.23
C GLU A 4199 -37.87 -1.54 -48.52
N THR A 4200 -38.88 -0.69 -48.71
CA THR A 4200 -38.92 0.14 -49.90
C THR A 4200 -37.73 1.09 -49.94
N ASN A 4201 -37.41 1.72 -48.82
CA ASN A 4201 -36.24 2.60 -48.76
C ASN A 4201 -34.96 1.83 -49.01
N ARG A 4202 -34.85 0.63 -48.44
CA ARG A 4202 -33.65 -0.18 -48.67
C ARG A 4202 -33.49 -0.54 -50.14
N ALA A 4203 -34.59 -0.92 -50.80
CA ALA A 4203 -34.52 -1.23 -52.22
C ALA A 4203 -34.15 -0.01 -53.05
N GLN A 4204 -34.74 1.14 -52.74
CA GLN A 4204 -34.39 2.37 -53.46
C GLN A 4204 -32.94 2.75 -53.24
N TRP A 4205 -32.39 2.44 -52.07
CA TRP A 4205 -30.97 2.68 -51.83
C TRP A 4205 -30.11 1.70 -52.62
N GLU A 4206 -30.54 0.45 -52.74
CA GLU A 4206 -29.82 -0.52 -53.55
C GLU A 4206 -30.02 -0.31 -55.05
N MET A 4207 -30.89 0.63 -55.45
CA MET A 4207 -31.02 0.95 -56.86
C MET A 4207 -29.67 1.40 -57.42
N PRO A 4208 -29.32 0.97 -58.63
CA PRO A 4208 -27.95 1.23 -59.13
C PRO A 4208 -27.59 2.71 -59.23
N GLN A 4209 -28.51 3.58 -59.63
CA GLN A 4209 -28.17 4.99 -59.79
C GLN A 4209 -28.04 5.68 -58.43
N VAL A 4210 -28.87 5.31 -57.46
CA VAL A 4210 -28.75 5.86 -56.12
C VAL A 4210 -27.40 5.47 -55.52
N LYS A 4211 -27.00 4.20 -55.70
CA LYS A 4211 -25.69 3.77 -55.25
C LYS A 4211 -24.57 4.37 -56.10
N GLU A 4212 -24.86 4.77 -57.34
CA GLU A 4212 -23.85 5.40 -58.17
C GLU A 4212 -23.57 6.82 -57.70
N SER A 4213 -24.60 7.53 -57.22
CA SER A 4213 -24.41 8.91 -56.77
C SER A 4213 -23.43 8.99 -55.60
N LYS A 4214 -23.35 7.92 -54.79
CA LYS A 4214 -22.41 7.92 -53.68
C LYS A 4214 -20.97 7.99 -54.17
N ARG A 4215 -20.67 7.34 -55.29
CA ARG A 4215 -19.32 7.38 -55.85
C ARG A 4215 -18.94 8.82 -56.20
N GLN A 4216 -19.83 9.53 -56.87
CA GLN A 4216 -19.54 10.92 -57.23
C GLN A 4216 -19.43 11.81 -56.00
N PHE A 4217 -20.31 11.59 -55.01
CA PHE A 4217 -20.24 12.39 -53.78
C PHE A 4217 -18.92 12.17 -53.06
N ILE A 4218 -18.49 10.90 -52.97
CA ILE A 4218 -17.21 10.58 -52.35
C ILE A 4218 -16.06 11.22 -53.12
N PHE A 4219 -16.12 11.16 -54.45
CA PHE A 4219 -15.06 11.76 -55.26
C PHE A 4219 -14.96 13.27 -55.01
N ASP A 4220 -16.11 13.95 -54.97
CA ASP A 4220 -16.06 15.40 -54.82
C ASP A 4220 -15.75 15.83 -53.38
N VAL A 4221 -15.99 14.98 -52.39
CA VAL A 4221 -15.59 15.36 -51.04
C VAL A 4221 -14.12 15.02 -50.77
N VAL A 4222 -13.58 13.99 -51.42
CA VAL A 4222 -12.16 13.68 -51.23
C VAL A 4222 -11.29 14.63 -52.05
N ASN A 4223 -11.55 14.72 -53.35
CA ASN A 4223 -10.83 15.65 -54.22
C ASN A 4223 -11.61 16.95 -54.31
N GLU A 4224 -10.92 18.07 -54.04
CA GLU A 4224 -11.52 19.40 -54.04
C GLU A 4224 -12.69 19.45 -53.04
N GLY A 4225 -12.35 19.20 -51.77
CA GLY A 4225 -13.33 19.21 -50.72
C GLY A 4225 -12.73 19.34 -49.33
N GLY A 4226 -13.33 20.16 -48.48
CA GLY A 4226 -12.82 20.37 -47.15
C GLY A 4226 -13.26 19.29 -46.18
N GLU A 4227 -12.74 19.38 -44.96
CA GLU A 4227 -13.06 18.45 -43.90
C GLU A 4227 -13.95 19.02 -42.81
N ALA A 4228 -13.88 20.33 -42.56
CA ALA A 4228 -14.78 20.96 -41.59
C ALA A 4228 -16.21 20.99 -42.11
N GLU A 4229 -16.37 21.24 -43.41
CA GLU A 4229 -17.68 21.27 -44.06
C GLU A 4229 -18.10 19.90 -44.59
N LYS A 4230 -17.32 18.86 -44.29
CA LYS A 4230 -17.63 17.54 -44.81
C LYS A 4230 -18.96 17.03 -44.31
N MET A 4231 -19.26 17.25 -43.02
CA MET A 4231 -20.53 16.79 -42.48
C MET A 4231 -21.71 17.55 -43.09
N GLU A 4232 -21.55 18.86 -43.31
CA GLU A 4232 -22.60 19.62 -43.97
C GLU A 4232 -22.84 19.12 -45.39
N LEU A 4233 -21.76 18.84 -46.13
CA LEU A 4233 -21.92 18.30 -47.47
C LEU A 4233 -22.60 16.94 -47.44
N PHE A 4234 -22.25 16.10 -46.46
CA PHE A 4234 -22.89 14.80 -46.34
C PHE A 4234 -24.38 14.93 -46.06
N VAL A 4235 -24.75 15.87 -45.19
CA VAL A 4235 -26.17 16.09 -44.89
C VAL A 4235 -26.90 16.59 -46.12
N SER A 4236 -26.29 17.50 -46.87
CA SER A 4236 -26.92 17.97 -48.10
C SER A 4236 -27.11 16.84 -49.11
N PHE A 4237 -26.11 15.96 -49.22
CA PHE A 4237 -26.23 14.79 -50.08
C PHE A 4237 -27.37 13.89 -49.62
N CYS A 4238 -27.53 13.71 -48.31
CA CYS A 4238 -28.63 12.91 -47.80
C CYS A 4238 -29.98 13.54 -48.15
N GLU A 4239 -30.08 14.87 -48.03
CA GLU A 4239 -31.31 15.56 -48.40
C GLU A 4239 -31.64 15.33 -49.87
N ASP A 4240 -30.64 15.48 -50.74
CA ASP A 4240 -30.87 15.28 -52.17
C ASP A 4240 -31.28 13.84 -52.46
N THR A 4241 -30.64 12.87 -51.79
CA THR A 4241 -30.99 11.47 -52.01
C THR A 4241 -32.41 11.17 -51.56
N ILE A 4242 -32.83 11.75 -50.43
CA ILE A 4242 -34.20 11.56 -49.96
C ILE A 4242 -35.19 12.14 -50.97
N PHE A 4243 -34.89 13.32 -51.50
CA PHE A 4243 -35.79 13.92 -52.49
C PHE A 4243 -35.87 13.07 -53.76
N GLU A 4244 -34.73 12.55 -54.22
CA GLU A 4244 -34.74 11.67 -55.38
C GLU A 4244 -35.53 10.39 -55.12
N MET A 4245 -35.40 9.83 -53.91
CA MET A 4245 -36.18 8.66 -53.56
C MET A 4245 -37.67 8.96 -53.59
N GLN A 4246 -38.06 10.15 -53.09
CA GLN A 4246 -39.47 10.53 -53.13
C GLN A 4246 -39.97 10.65 -54.57
N ILE A 4247 -39.16 11.25 -55.44
CA ILE A 4247 -39.55 11.37 -56.85
C ILE A 4247 -39.69 9.99 -57.48
N ALA A 4248 -38.76 9.09 -57.18
CA ALA A 4248 -38.82 7.74 -57.74
C ALA A 4248 -40.07 7.00 -57.26
N ALA A 4249 -40.41 7.16 -55.97
CA ALA A 4249 -41.63 6.55 -55.46
C ALA A 4249 -42.87 7.14 -56.12
N GLN A 4250 -42.86 8.45 -56.36
CA GLN A 4250 -43.99 9.08 -57.04
C GLN A 4250 -44.16 8.55 -58.46
N ILE A 4251 -43.06 8.38 -59.18
CA ILE A 4251 -43.13 7.97 -60.58
C ILE A 4251 -43.13 6.46 -60.76
N SER A 4252 -43.03 5.69 -59.69
CA SER A 4252 -43.03 4.24 -59.81
C SER A 4252 -44.36 3.73 -60.33
N GLU A 4253 -44.30 2.78 -61.26
CA GLU A 4253 -45.48 2.18 -61.86
C GLU A 4253 -46.41 3.22 -62.48
N PHE A 4540 -64.49 13.64 -68.95
CA PHE A 4540 -63.63 14.32 -69.91
C PHE A 4540 -62.40 14.90 -69.22
N TRP A 4541 -62.64 15.82 -68.29
CA TRP A 4541 -61.54 16.46 -67.56
C TRP A 4541 -60.72 15.43 -66.79
N GLY A 4542 -61.39 14.61 -65.99
CA GLY A 4542 -60.67 13.59 -65.22
C GLY A 4542 -59.99 12.57 -66.12
N GLU A 4543 -60.66 12.19 -67.21
CA GLU A 4543 -60.08 11.23 -68.13
C GLU A 4543 -58.78 11.76 -68.74
N LEU A 4544 -58.81 13.00 -69.24
CA LEU A 4544 -57.61 13.56 -69.84
C LEU A 4544 -56.51 13.76 -68.80
N GLU A 4545 -56.88 14.19 -67.59
CA GLU A 4545 -55.88 14.35 -66.54
C GLU A 4545 -55.20 13.04 -66.20
N VAL A 4546 -55.99 11.96 -66.06
CA VAL A 4546 -55.44 10.66 -65.71
C VAL A 4546 -54.56 10.14 -66.85
N GLN A 4547 -55.02 10.29 -68.10
CA GLN A 4547 -54.23 9.83 -69.23
C GLN A 4547 -52.90 10.58 -69.32
N ARG A 4548 -52.93 11.90 -69.12
CA ARG A 4548 -51.69 12.66 -69.17
C ARG A 4548 -50.78 12.32 -68.00
N VAL A 4549 -51.35 11.97 -66.84
CA VAL A 4549 -50.53 11.54 -65.71
C VAL A 4549 -49.79 10.24 -66.07
N LYS A 4550 -50.52 9.29 -66.66
CA LYS A 4550 -49.85 8.05 -67.08
C LYS A 4550 -48.79 8.33 -68.14
N PHE A 4551 -49.08 9.22 -69.08
CA PHE A 4551 -48.12 9.51 -70.14
C PHE A 4551 -46.84 10.13 -69.57
N LEU A 4552 -46.98 11.10 -68.66
CA LEU A 4552 -45.81 11.71 -68.05
C LEU A 4552 -45.04 10.71 -67.21
N ASN A 4553 -45.73 9.84 -66.48
CA ASN A 4553 -45.06 8.81 -65.70
C ASN A 4553 -44.27 7.86 -66.61
N TYR A 4554 -44.87 7.47 -67.74
CA TYR A 4554 -44.19 6.59 -68.68
C TYR A 4554 -42.93 7.25 -69.24
N LEU A 4555 -43.02 8.53 -69.61
CA LEU A 4555 -41.84 9.24 -70.11
C LEU A 4555 -40.76 9.33 -69.04
N SER A 4556 -41.15 9.64 -67.80
CA SER A 4556 -40.17 9.75 -66.72
C SER A 4556 -39.47 8.42 -66.47
N ARG A 4557 -40.22 7.31 -66.52
CA ARG A 4557 -39.59 6.01 -66.32
C ARG A 4557 -38.67 5.63 -67.48
N ASN A 4558 -39.07 5.93 -68.72
CA ASN A 4558 -38.31 5.54 -69.89
C ASN A 4558 -37.56 6.71 -70.53
N PHE A 4559 -37.06 7.63 -69.71
CA PHE A 4559 -36.28 8.75 -70.23
C PHE A 4559 -35.02 8.29 -70.94
N TYR A 4560 -34.27 7.35 -70.34
CA TYR A 4560 -32.98 6.98 -70.90
C TYR A 4560 -33.10 6.18 -72.19
N THR A 4561 -34.08 5.25 -72.24
CA THR A 4561 -34.28 4.47 -73.44
C THR A 4561 -34.61 5.35 -74.63
N LEU A 4562 -35.32 6.46 -74.41
CA LEU A 4562 -35.56 7.42 -75.48
C LEU A 4562 -34.26 8.02 -75.99
N ARG A 4563 -33.33 8.32 -75.08
CA ARG A 4563 -32.03 8.86 -75.50
C ARG A 4563 -31.26 7.84 -76.33
N PHE A 4564 -31.25 6.58 -75.90
CA PHE A 4564 -30.54 5.56 -76.68
C PHE A 4564 -31.19 5.35 -78.04
N LEU A 4565 -32.53 5.37 -78.09
CA LEU A 4565 -33.23 5.23 -79.36
C LEU A 4565 -32.93 6.41 -80.27
N ALA A 4566 -32.82 7.61 -79.72
CA ALA A 4566 -32.44 8.77 -80.51
C ALA A 4566 -31.04 8.60 -81.09
N LEU A 4567 -30.11 8.07 -80.29
CA LEU A 4567 -28.77 7.81 -80.79
C LEU A 4567 -28.82 6.82 -81.96
N PHE A 4568 -29.60 5.74 -81.80
CA PHE A 4568 -29.70 4.74 -82.86
C PHE A 4568 -30.29 5.33 -84.13
N LEU A 4569 -31.34 6.14 -83.99
CA LEU A 4569 -31.96 6.76 -85.15
C LEU A 4569 -31.01 7.73 -85.83
N ALA A 4570 -30.23 8.48 -85.05
CA ALA A 4570 -29.24 9.38 -85.64
C ALA A 4570 -28.20 8.61 -86.43
N PHE A 4571 -27.72 7.49 -85.87
CA PHE A 4571 -26.74 6.68 -86.59
C PHE A 4571 -27.32 6.13 -87.89
N ALA A 4572 -28.56 5.64 -87.85
CA ALA A 4572 -29.18 5.11 -89.06
C ALA A 4572 -29.39 6.20 -90.11
N ILE A 4573 -29.89 7.37 -89.69
CA ILE A 4573 -30.16 8.46 -90.62
C ILE A 4573 -28.87 9.05 -91.18
N ASN A 4574 -27.75 8.91 -90.46
CA ASN A 4574 -26.48 9.35 -91.02
C ASN A 4574 -25.84 8.30 -91.91
N PHE A 4575 -26.11 7.01 -91.64
CA PHE A 4575 -25.66 5.97 -92.56
C PHE A 4575 -26.38 6.08 -93.90
N ILE A 4576 -27.67 6.42 -93.87
CA ILE A 4576 -28.42 6.55 -95.13
C ILE A 4576 -27.85 7.67 -95.98
N LEU A 4577 -27.41 8.76 -95.35
CA LEU A 4577 -26.92 9.92 -96.10
C LEU A 4577 -25.61 9.66 -96.82
N LEU A 4578 -24.93 8.54 -96.53
CA LEU A 4578 -23.67 8.23 -97.20
C LEU A 4578 -23.84 7.93 -98.68
N PHE A 4579 -25.07 7.72 -99.15
CA PHE A 4579 -25.35 7.39 -100.54
C PHE A 4579 -25.71 8.63 -101.36
N TYR A 4580 -25.55 9.82 -100.80
CA TYR A 4580 -25.94 11.04 -101.47
C TYR A 4580 -24.98 11.33 -102.63
N LYS A 4581 -25.45 12.07 -103.62
CA LYS A 4581 -24.66 12.31 -104.82
C LYS A 4581 -25.09 13.61 -105.48
N VAL A 4582 -24.12 14.31 -106.06
CA VAL A 4582 -24.36 15.55 -106.79
C VAL A 4582 -24.43 15.26 -108.27
N SER A 4583 -25.34 15.93 -108.97
CA SER A 4583 -25.49 15.77 -110.41
C SER A 4583 -25.76 17.13 -111.04
N ASP A 4584 -25.49 17.21 -112.34
CA ASP A 4584 -25.78 18.42 -113.10
C ASP A 4584 -27.17 18.38 -113.73
N SER A 4585 -27.61 17.20 -114.18
CA SER A 4585 -28.93 17.00 -114.74
C SER A 4585 -29.91 16.55 -113.65
N PRO A 4586 -31.19 16.85 -113.82
CA PRO A 4586 -32.16 16.41 -112.83
C PRO A 4586 -32.24 14.90 -112.78
N PRO A 4587 -32.53 14.32 -111.61
CA PRO A 4587 -32.61 12.86 -111.44
C PRO A 4587 -33.72 12.23 -112.26
N ASN A 4626 -31.02 23.49 -110.85
CA ASN A 4626 -30.52 23.80 -112.18
C ASN A 4626 -29.04 23.47 -112.30
N MET A 4627 -28.21 24.25 -111.60
CA MET A 4627 -26.77 24.01 -111.65
C MET A 4627 -26.39 22.72 -110.92
N VAL A 4628 -27.00 22.47 -109.78
CA VAL A 4628 -26.69 21.29 -108.97
C VAL A 4628 -27.99 20.64 -108.52
N TYR A 4629 -28.00 19.31 -108.47
CA TYR A 4629 -29.20 18.53 -108.21
C TYR A 4629 -28.94 17.46 -107.18
N TYR A 4630 -28.38 17.85 -106.03
CA TYR A 4630 -28.12 16.94 -104.92
C TYR A 4630 -29.28 15.98 -104.70
N PHE A 4631 -29.00 14.68 -104.81
CA PHE A 4631 -30.04 13.67 -104.70
C PHE A 4631 -29.42 12.35 -104.24
N LEU A 4632 -30.24 11.52 -103.61
CA LEU A 4632 -29.79 10.24 -103.08
C LEU A 4632 -29.81 9.21 -104.19
N GLU A 4633 -28.62 8.72 -104.57
CA GLU A 4633 -28.48 7.71 -105.60
C GLU A 4633 -28.23 6.37 -104.94
N GLU A 4634 -29.06 5.38 -105.26
CA GLU A 4634 -28.97 4.08 -104.62
C GLU A 4634 -29.63 3.03 -105.52
N SER A 4635 -29.30 1.77 -105.26
CA SER A 4635 -29.85 0.66 -106.03
C SER A 4635 -31.09 0.07 -105.36
N THR A 4636 -30.95 -0.37 -104.11
CA THR A 4636 -32.08 -0.94 -103.37
C THR A 4636 -33.06 0.16 -103.01
N GLY A 4637 -34.32 0.00 -103.42
CA GLY A 4637 -35.32 1.02 -103.20
C GLY A 4637 -35.69 1.14 -101.73
N TYR A 4638 -36.76 1.93 -101.50
CA TYR A 4638 -37.28 2.20 -100.16
C TYR A 4638 -36.22 2.80 -99.25
N MET A 4639 -35.40 3.71 -99.80
CA MET A 4639 -34.41 4.43 -99.00
C MET A 4639 -34.85 5.84 -98.68
N GLU A 4640 -35.39 6.58 -99.66
CA GLU A 4640 -35.95 7.90 -99.36
C GLU A 4640 -37.16 7.85 -98.43
N PRO A 4641 -38.14 6.96 -98.62
CA PRO A 4641 -39.20 6.85 -97.61
C PRO A 4641 -38.67 6.50 -96.23
N ALA A 4642 -37.66 5.62 -96.16
CA ALA A 4642 -37.06 5.29 -94.88
C ALA A 4642 -36.40 6.52 -94.26
N LEU A 4643 -35.72 7.33 -95.06
CA LEU A 4643 -35.11 8.55 -94.57
C LEU A 4643 -36.16 9.50 -94.01
N TRP A 4644 -37.27 9.68 -94.74
CA TRP A 4644 -38.32 10.59 -94.30
C TRP A 4644 -38.96 10.11 -93.00
N CYS A 4645 -39.31 8.82 -92.93
CA CYS A 4645 -39.90 8.26 -91.72
C CYS A 4645 -38.95 8.36 -90.53
N LEU A 4646 -37.66 8.07 -90.76
CA LEU A 4646 -36.69 8.13 -89.68
C LEU A 4646 -36.49 9.56 -89.19
N SER A 4647 -36.51 10.54 -90.09
CA SER A 4647 -36.40 11.93 -89.67
C SER A 4647 -37.59 12.33 -88.81
N LEU A 4648 -38.80 11.97 -89.24
CA LEU A 4648 -39.98 12.29 -88.43
C LEU A 4648 -39.92 11.62 -87.06
N LEU A 4649 -39.53 10.35 -87.03
CA LEU A 4649 -39.45 9.62 -85.77
C LEU A 4649 -38.38 10.22 -84.86
N HIS A 4650 -37.25 10.64 -85.43
CA HIS A 4650 -36.19 11.26 -84.64
C HIS A 4650 -36.66 12.56 -84.02
N THR A 4651 -37.37 13.39 -84.78
CA THR A 4651 -37.91 14.62 -84.22
C THR A 4651 -38.88 14.32 -83.09
N LEU A 4652 -39.76 13.34 -83.28
CA LEU A 4652 -40.71 12.99 -82.22
C LEU A 4652 -40.00 12.51 -80.97
N VAL A 4653 -38.98 11.66 -81.12
CA VAL A 4653 -38.24 11.14 -79.96
C VAL A 4653 -37.50 12.26 -79.26
N ALA A 4654 -36.96 13.23 -80.02
CA ALA A 4654 -36.31 14.37 -79.39
C ALA A 4654 -37.30 15.16 -78.55
N PHE A 4655 -38.50 15.40 -79.08
CA PHE A 4655 -39.52 16.12 -78.31
C PHE A 4655 -39.87 15.38 -77.03
N LEU A 4656 -40.06 14.05 -77.14
CA LEU A 4656 -40.36 13.26 -75.95
C LEU A 4656 -39.22 13.31 -74.95
N CYS A 4657 -37.96 13.37 -75.43
CA CYS A 4657 -36.83 13.50 -74.52
C CYS A 4657 -36.87 14.81 -73.74
N ILE A 4658 -37.20 15.90 -74.43
CA ILE A 4658 -37.32 17.19 -73.73
C ILE A 4658 -38.41 17.11 -72.67
N ILE A 4659 -39.56 16.53 -73.03
CA ILE A 4659 -40.67 16.45 -72.08
C ILE A 4659 -40.28 15.60 -70.88
N GLY A 4660 -39.63 14.45 -71.11
CA GLY A 4660 -39.24 13.59 -70.01
C GLY A 4660 -38.22 14.22 -69.10
N TYR A 4661 -37.23 14.93 -69.67
CA TYR A 4661 -36.26 15.62 -68.83
C TYR A 4661 -36.95 16.68 -67.98
N ASN A 4662 -37.80 17.51 -68.60
CA ASN A 4662 -38.51 18.53 -67.84
C ASN A 4662 -39.37 17.92 -66.75
N CYS A 4663 -39.90 16.71 -66.98
CA CYS A 4663 -40.74 16.08 -65.98
C CYS A 4663 -39.92 15.54 -64.81
N LEU A 4664 -38.76 14.94 -65.09
CA LEU A 4664 -38.08 14.17 -64.05
C LEU A 4664 -36.89 14.88 -63.41
N LYS A 4665 -36.05 15.58 -64.17
CA LYS A 4665 -34.80 16.09 -63.63
C LYS A 4665 -34.92 17.50 -63.08
N VAL A 4666 -35.84 18.30 -63.59
CA VAL A 4666 -35.96 19.70 -63.15
C VAL A 4666 -36.30 19.82 -61.66
N PRO A 4667 -37.24 19.03 -61.10
CA PRO A 4667 -37.59 19.23 -59.68
C PRO A 4667 -36.42 19.17 -58.73
N LEU A 4668 -35.42 18.32 -58.99
CA LEU A 4668 -34.24 18.30 -58.13
C LEU A 4668 -33.50 19.63 -58.16
N VAL A 4669 -33.35 20.21 -59.36
CA VAL A 4669 -32.65 21.49 -59.47
C VAL A 4669 -33.41 22.58 -58.73
N ILE A 4670 -34.74 22.61 -58.91
CA ILE A 4670 -35.55 23.62 -58.21
C ILE A 4670 -35.46 23.43 -56.71
N PHE A 4671 -35.51 22.17 -56.25
CA PHE A 4671 -35.44 21.89 -54.82
C PHE A 4671 -34.11 22.36 -54.24
N LYS A 4672 -33.00 22.08 -54.93
CA LYS A 4672 -31.70 22.53 -54.44
C LYS A 4672 -31.63 24.05 -54.39
N ARG A 4673 -32.11 24.73 -55.44
CA ARG A 4673 -32.04 26.18 -55.47
C ARG A 4673 -32.86 26.79 -54.32
N GLU A 4674 -34.09 26.31 -54.13
CA GLU A 4674 -34.92 26.86 -53.08
C GLU A 4674 -34.39 26.53 -51.69
N LYS A 4675 -33.82 25.33 -51.52
CA LYS A 4675 -33.22 24.98 -50.24
C LYS A 4675 -32.06 25.89 -49.90
N GLU A 4676 -31.18 26.14 -50.88
CA GLU A 4676 -30.05 27.04 -50.62
C GLU A 4676 -30.52 28.46 -50.34
N LEU A 4677 -31.53 28.93 -51.09
CA LEU A 4677 -32.05 30.27 -50.86
C LEU A 4677 -32.63 30.41 -49.46
N ALA A 4678 -33.41 29.42 -49.02
CA ALA A 4678 -33.96 29.45 -47.68
C ALA A 4678 -32.87 29.40 -46.62
N ARG A 4679 -31.84 28.57 -46.84
CA ARG A 4679 -30.74 28.47 -45.90
C ARG A 4679 -30.07 29.83 -45.71
N LYS A 4680 -29.67 30.48 -46.80
CA LYS A 4680 -28.98 31.76 -46.66
C LYS A 4680 -29.91 32.89 -46.29
N LEU A 4681 -31.22 32.73 -46.49
CA LEU A 4681 -32.17 33.75 -46.05
C LEU A 4681 -32.41 33.70 -44.55
N GLU A 4682 -32.43 32.50 -43.97
CA GLU A 4682 -32.73 32.37 -42.55
C GLU A 4682 -31.49 32.31 -41.66
N PHE A 4683 -30.32 31.99 -42.21
CA PHE A 4683 -29.12 31.84 -41.39
C PHE A 4683 -28.10 32.94 -41.59
N ASP A 4684 -28.03 33.53 -42.79
CA ASP A 4684 -27.15 34.67 -43.03
C ASP A 4684 -27.90 35.99 -43.20
N GLY A 4685 -29.17 35.95 -43.57
CA GLY A 4685 -29.94 37.17 -43.76
C GLY A 4685 -29.38 38.03 -44.88
N LEU A 4686 -29.06 37.40 -46.01
CA LEU A 4686 -28.45 38.13 -47.12
C LEU A 4686 -29.37 39.20 -47.66
N TYR A 4687 -30.69 39.00 -47.57
CA TYR A 4687 -31.63 40.01 -48.00
C TYR A 4687 -32.08 40.92 -46.87
N ILE A 4688 -32.15 40.43 -45.64
CA ILE A 4688 -32.46 41.28 -44.50
C ILE A 4688 -31.28 42.17 -44.16
N THR A 4689 -30.11 41.55 -43.93
CA THR A 4689 -28.88 42.29 -43.68
C THR A 4689 -28.15 42.47 -45.00
N GLU A 4690 -27.96 43.73 -45.40
CA GLU A 4690 -27.34 44.06 -46.69
C GLU A 4690 -28.13 43.46 -47.84
N GLN A 4691 -27.52 43.40 -49.03
CA GLN A 4691 -28.15 42.88 -50.22
C GLN A 4691 -27.13 42.07 -51.00
N PRO A 4692 -27.59 41.16 -51.86
CA PRO A 4692 -26.64 40.42 -52.71
C PRO A 4692 -25.82 41.36 -53.58
N GLY A 4693 -24.57 40.99 -53.81
CA GLY A 4693 -23.68 41.83 -54.59
C GLY A 4693 -24.07 41.89 -56.05
N ASP A 4694 -23.53 42.89 -56.73
CA ASP A 4694 -23.83 43.08 -58.14
C ASP A 4694 -23.27 41.94 -58.99
N ASP A 4695 -22.17 41.33 -58.56
CA ASP A 4695 -21.61 40.20 -59.29
C ASP A 4695 -22.49 38.96 -59.20
N ASP A 4696 -23.42 38.92 -58.25
CA ASP A 4696 -24.31 37.77 -58.05
C ASP A 4696 -25.56 37.96 -58.90
N VAL A 4697 -25.47 37.56 -60.17
CA VAL A 4697 -26.64 37.64 -61.04
C VAL A 4697 -27.75 36.74 -60.52
N LYS A 4698 -27.40 35.54 -60.05
CA LYS A 4698 -28.40 34.70 -59.40
C LYS A 4698 -28.92 35.33 -58.11
N GLY A 4699 -28.07 36.10 -57.42
CA GLY A 4699 -28.54 36.82 -56.24
C GLY A 4699 -29.60 37.85 -56.57
N GLN A 4700 -29.40 38.59 -57.66
CA GLN A 4700 -30.43 39.53 -58.10
C GLN A 4700 -31.68 38.78 -58.57
N TRP A 4701 -31.51 37.66 -59.26
CA TRP A 4701 -32.66 36.93 -59.78
C TRP A 4701 -33.50 36.31 -58.67
N ASP A 4702 -32.86 35.93 -57.55
CA ASP A 4702 -33.58 35.29 -56.46
C ASP A 4702 -34.54 36.24 -55.74
N ARG A 4703 -34.46 37.54 -55.99
CA ARG A 4703 -35.34 38.49 -55.33
C ARG A 4703 -36.79 38.39 -55.80
N LEU A 4704 -37.05 37.66 -56.89
CA LEU A 4704 -38.40 37.61 -57.44
C LEU A 4704 -39.33 36.76 -56.58
N VAL A 4705 -38.83 35.68 -55.99
CA VAL A 4705 -39.68 34.76 -55.23
C VAL A 4705 -39.87 35.20 -53.78
N LEU A 4706 -39.28 36.32 -53.36
CA LEU A 4706 -39.43 36.76 -51.98
C LEU A 4706 -40.87 37.14 -51.68
N ASN A 4707 -41.53 37.84 -52.60
CA ASN A 4707 -42.90 38.28 -52.38
C ASN A 4707 -43.95 37.29 -52.86
N THR A 4708 -43.54 36.21 -53.53
CA THR A 4708 -44.51 35.25 -54.04
C THR A 4708 -45.09 34.42 -52.91
N PRO A 4709 -46.36 34.02 -53.01
CA PRO A 4709 -46.97 33.16 -52.00
C PRO A 4709 -46.67 31.67 -52.17
N SER A 4710 -45.74 31.31 -53.06
CA SER A 4710 -45.36 29.92 -53.28
C SER A 4710 -43.86 29.72 -53.13
N PHE A 4711 -43.22 30.55 -52.29
CA PHE A 4711 -41.78 30.46 -52.11
C PHE A 4711 -41.32 29.11 -51.56
N PRO A 4712 -41.93 28.51 -50.52
CA PRO A 4712 -41.37 27.27 -49.98
C PRO A 4712 -41.80 26.02 -50.75
N SER A 4713 -42.30 26.19 -51.96
CA SER A 4713 -42.72 25.06 -52.77
C SER A 4713 -41.52 24.20 -53.15
N ASN A 4714 -41.79 22.91 -53.41
CA ASN A 4714 -40.76 21.95 -53.84
C ASN A 4714 -39.63 21.87 -52.81
N TYR A 4715 -40.00 21.87 -51.53
CA TYR A 4715 -39.02 21.85 -50.44
C TYR A 4715 -39.77 21.48 -49.17
N TRP A 4716 -39.07 20.79 -48.27
CA TRP A 4716 -39.72 20.24 -47.07
C TRP A 4716 -40.37 21.35 -46.23
N ASP A 4717 -39.58 22.36 -45.88
CA ASP A 4717 -40.05 23.37 -44.94
C ASP A 4717 -40.95 24.39 -45.63
N LYS A 4718 -42.05 24.73 -44.96
CA LYS A 4718 -42.97 25.75 -45.43
C LYS A 4718 -43.10 26.93 -44.48
N PHE A 4719 -42.35 26.94 -43.38
CA PHE A 4719 -42.41 28.01 -42.40
C PHE A 4719 -41.13 28.85 -42.39
N VAL A 4720 -40.35 28.80 -43.47
CA VAL A 4720 -39.09 29.53 -43.52
C VAL A 4720 -39.32 31.03 -43.39
N LYS A 4721 -40.36 31.54 -44.07
CA LYS A 4721 -40.68 32.96 -43.96
C LYS A 4721 -41.05 33.33 -42.52
N ARG A 4722 -41.83 32.47 -41.85
CA ARG A 4722 -42.20 32.74 -40.46
C ARG A 4722 -40.98 32.76 -39.56
N LYS A 4723 -40.05 31.82 -39.76
CA LYS A 4723 -38.83 31.81 -38.94
C LYS A 4723 -37.98 33.04 -39.20
N VAL A 4724 -37.85 33.44 -40.47
CA VAL A 4724 -37.08 34.63 -40.81
C VAL A 4724 -37.70 35.86 -40.15
N LEU A 4725 -39.03 35.96 -40.18
CA LEU A 4725 -39.71 37.06 -39.53
C LEU A 4725 -39.43 37.06 -38.03
N ASP A 4726 -39.65 35.93 -37.37
CA ASP A 4726 -39.43 35.85 -35.93
C ASP A 4726 -37.98 36.10 -35.55
N LYS A 4727 -37.04 35.91 -36.48
CA LYS A 4727 -35.64 36.13 -36.15
C LYS A 4727 -35.19 37.57 -36.38
N HIS A 4728 -35.64 38.22 -37.47
CA HIS A 4728 -35.13 39.53 -37.82
C HIS A 4728 -36.10 40.69 -37.57
N GLY A 4729 -37.32 40.41 -37.13
CA GLY A 4729 -38.29 41.50 -36.98
C GLY A 4729 -37.91 42.50 -35.92
N ASP A 4730 -37.47 42.01 -34.76
CA ASP A 4730 -37.20 42.90 -33.64
C ASP A 4730 -36.10 43.90 -33.96
N ILE A 4731 -35.20 43.56 -34.88
CA ILE A 4731 -34.03 44.38 -35.15
C ILE A 4731 -34.19 45.20 -36.43
N PHE A 4732 -34.63 44.58 -37.52
CA PHE A 4732 -34.79 45.31 -38.78
C PHE A 4732 -36.22 45.77 -39.03
N GLY A 4733 -37.10 45.70 -38.04
CA GLY A 4733 -38.47 46.11 -38.26
C GLY A 4733 -39.35 44.96 -38.71
N ARG A 4734 -40.31 44.57 -37.88
CA ARG A 4734 -41.17 43.43 -38.19
C ARG A 4734 -42.00 43.68 -39.44
N GLU A 4735 -42.59 44.88 -39.54
CA GLU A 4735 -43.42 45.19 -40.71
C GLU A 4735 -42.58 45.26 -41.98
N ARG A 4736 -41.34 45.76 -41.88
CA ARG A 4736 -40.47 45.81 -43.05
C ARG A 4736 -40.16 44.41 -43.56
N ILE A 4737 -39.85 43.48 -42.65
CA ILE A 4737 -39.58 42.11 -43.06
C ILE A 4737 -40.84 41.46 -43.61
N ALA A 4738 -42.00 41.77 -43.03
CA ALA A 4738 -43.25 41.23 -43.55
C ALA A 4738 -43.50 41.69 -44.99
N GLU A 4739 -43.26 42.97 -45.26
CA GLU A 4739 -43.40 43.46 -46.64
C GLU A 4739 -42.37 42.83 -47.56
N LEU A 4740 -41.13 42.65 -47.07
CA LEU A 4740 -40.10 42.04 -47.89
C LEU A 4740 -40.46 40.61 -48.28
N LEU A 4741 -41.01 39.84 -47.34
CA LEU A 4741 -41.38 38.47 -47.60
C LEU A 4741 -42.79 38.31 -48.16
N GLY A 4742 -43.52 39.40 -48.30
CA GLY A 4742 -44.87 39.32 -48.86
C GLY A 4742 -45.86 38.57 -47.99
N MET A 4743 -45.80 38.78 -46.69
CA MET A 4743 -46.72 38.14 -45.75
C MET A 4743 -47.35 39.21 -44.86
N ASP A 4744 -48.54 38.91 -44.35
CA ASP A 4744 -49.31 39.83 -43.52
C ASP A 4744 -49.41 39.25 -42.12
N LEU A 4745 -48.80 39.94 -41.14
CA LEU A 4745 -48.85 39.49 -39.77
C LEU A 4745 -50.28 39.49 -39.23
N ALA A 4746 -51.04 40.54 -39.55
CA ALA A 4746 -52.43 40.59 -39.12
C ALA A 4746 -53.24 39.46 -39.73
N SER A 4747 -53.02 39.17 -41.02
CA SER A 4747 -53.75 38.10 -41.68
C SER A 4747 -53.42 36.75 -41.04
N LEU A 4748 -52.14 36.49 -40.80
CA LEU A 4748 -51.79 35.20 -40.20
C LEU A 4748 -52.33 35.09 -38.78
N GLU A 4749 -52.33 36.19 -38.02
CA GLU A 4749 -52.85 36.15 -36.66
C GLU A 4749 -54.36 35.91 -36.66
N ILE A 4750 -55.10 36.57 -37.55
CA ILE A 4750 -56.55 36.37 -37.56
C ILE A 4750 -56.90 34.99 -38.10
N THR A 4751 -56.09 34.44 -39.01
CA THR A 4751 -56.33 33.07 -39.45
C THR A 4751 -56.02 32.07 -38.34
N ALA A 4752 -55.00 32.36 -37.53
CA ALA A 4752 -54.73 31.52 -36.37
C ALA A 4752 -55.88 31.55 -35.37
N HIS A 4753 -56.45 32.73 -35.15
CA HIS A 4753 -57.63 32.84 -34.29
C HIS A 4753 -58.79 32.05 -34.87
N ASN A 4754 -59.29 32.48 -36.04
CA ASN A 4754 -60.41 31.82 -36.70
C ASN A 4754 -60.53 32.31 -38.13
N GLU A 4755 -60.54 31.38 -39.09
CA GLU A 4755 -60.62 31.73 -40.50
C GLU A 4755 -61.69 30.91 -41.20
N ARG A 4756 -62.36 31.53 -42.16
CA ARG A 4756 -63.35 30.84 -42.98
C ARG A 4756 -62.69 30.28 -44.23
N LYS A 4757 -63.13 29.08 -44.63
CA LYS A 4757 -62.54 28.41 -45.77
C LYS A 4757 -63.47 28.51 -46.97
N PRO A 4758 -63.15 29.31 -47.99
CA PRO A 4758 -64.02 29.39 -49.16
C PRO A 4758 -63.94 28.14 -50.02
N ASP A 4759 -65.00 27.91 -50.78
CA ASP A 4759 -65.05 26.75 -51.66
C ASP A 4759 -64.07 26.92 -52.82
N PRO A 4760 -63.31 25.89 -53.16
CA PRO A 4760 -62.35 26.01 -54.26
C PRO A 4760 -63.06 25.89 -55.60
N PRO A 4761 -62.92 26.90 -56.48
CA PRO A 4761 -63.51 26.80 -57.81
C PRO A 4761 -62.54 26.13 -58.77
N PRO A 4762 -62.99 25.10 -59.48
CA PRO A 4762 -62.10 24.36 -60.39
C PRO A 4762 -62.07 24.84 -61.82
N GLY A 4763 -62.69 25.99 -62.13
CA GLY A 4763 -62.74 26.44 -63.51
C GLY A 4763 -61.40 26.99 -64.00
N LEU A 4764 -61.21 26.94 -65.32
CA LEU A 4764 -60.00 27.50 -65.92
C LEU A 4764 -59.92 29.00 -65.71
N LEU A 4765 -61.08 29.68 -65.66
CA LEU A 4765 -61.09 31.13 -65.48
C LEU A 4765 -60.40 31.53 -64.18
N THR A 4766 -60.79 30.90 -63.07
CA THR A 4766 -60.14 31.19 -61.80
C THR A 4766 -58.77 30.53 -61.71
N TRP A 4767 -58.57 29.41 -62.43
CA TRP A 4767 -57.26 28.76 -62.45
C TRP A 4767 -56.21 29.67 -63.04
N LEU A 4768 -56.60 30.50 -64.01
CA LEU A 4768 -55.65 31.39 -64.69
C LEU A 4768 -54.93 32.28 -63.68
N MET A 4769 -55.68 32.93 -62.79
CA MET A 4769 -55.08 33.73 -61.72
C MET A 4769 -54.69 32.90 -60.50
N SER A 4770 -55.10 31.63 -60.42
CA SER A 4770 -54.52 30.76 -59.42
C SER A 4770 -53.07 30.46 -59.73
N ILE A 4771 -52.70 30.49 -61.00
CA ILE A 4771 -51.30 30.36 -61.39
C ILE A 4771 -50.52 31.58 -60.91
N ASP A 4772 -49.38 31.32 -60.26
CA ASP A 4772 -48.52 32.38 -59.75
C ASP A 4772 -47.56 32.82 -60.85
N VAL A 4773 -47.89 33.92 -61.51
CA VAL A 4773 -47.15 34.35 -62.70
C VAL A 4773 -45.69 34.67 -62.34
N LYS A 4774 -45.47 35.39 -61.24
CA LYS A 4774 -44.12 35.76 -60.86
C LYS A 4774 -43.29 34.53 -60.51
N TYR A 4775 -43.88 33.57 -59.80
CA TYR A 4775 -43.16 32.35 -59.46
C TYR A 4775 -42.83 31.54 -60.71
N GLN A 4776 -43.76 31.47 -61.66
CA GLN A 4776 -43.48 30.77 -62.91
C GLN A 4776 -42.38 31.47 -63.71
N ILE A 4777 -42.36 32.80 -63.69
CA ILE A 4777 -41.30 33.54 -64.38
C ILE A 4777 -39.95 33.23 -63.74
N TRP A 4778 -39.88 33.22 -62.41
CA TRP A 4778 -38.63 32.88 -61.74
C TRP A 4778 -38.20 31.46 -62.05
N LYS A 4779 -39.16 30.52 -62.06
CA LYS A 4779 -38.83 29.13 -62.36
C LYS A 4779 -38.30 28.98 -63.78
N PHE A 4780 -38.92 29.68 -64.74
CA PHE A 4780 -38.43 29.65 -66.11
C PHE A 4780 -37.04 30.26 -66.22
N GLY A 4781 -36.80 31.35 -65.48
CA GLY A 4781 -35.48 31.96 -65.49
C GLY A 4781 -34.41 31.03 -64.96
N VAL A 4782 -34.73 30.27 -63.90
CA VAL A 4782 -33.74 29.37 -63.34
C VAL A 4782 -33.66 28.05 -64.11
N ILE A 4783 -34.65 27.72 -64.93
CA ILE A 4783 -34.59 26.49 -65.70
C ILE A 4783 -33.94 26.70 -67.07
N PHE A 4784 -34.02 27.91 -67.63
CA PHE A 4784 -33.41 28.16 -68.92
C PHE A 4784 -31.90 28.36 -68.85
N THR A 4785 -31.34 28.48 -67.65
CA THR A 4785 -29.89 28.59 -67.49
C THR A 4785 -29.23 27.24 -67.21
N ASP A 4786 -30.00 26.15 -67.18
CA ASP A 4786 -29.41 24.84 -66.94
C ASP A 4786 -28.60 24.40 -68.14
N ASN A 4787 -27.43 23.80 -67.87
CA ASN A 4787 -26.56 23.35 -68.96
C ASN A 4787 -27.19 22.21 -69.75
N SER A 4788 -27.80 21.24 -69.06
CA SER A 4788 -28.39 20.10 -69.76
C SER A 4788 -29.61 20.52 -70.57
N PHE A 4789 -30.44 21.42 -70.02
CA PHE A 4789 -31.63 21.85 -70.73
C PHE A 4789 -31.27 22.60 -72.01
N LEU A 4790 -30.23 23.43 -71.95
CA LEU A 4790 -29.79 24.14 -73.15
C LEU A 4790 -29.28 23.17 -74.21
N TYR A 4791 -28.55 22.13 -73.79
CA TYR A 4791 -28.07 21.13 -74.73
C TYR A 4791 -29.24 20.39 -75.38
N LEU A 4792 -30.25 20.04 -74.59
CA LEU A 4792 -31.43 19.38 -75.16
C LEU A 4792 -32.18 20.30 -76.11
N GLY A 4793 -32.27 21.59 -75.77
CA GLY A 4793 -32.88 22.53 -76.68
C GLY A 4793 -32.13 22.67 -77.99
N TRP A 4794 -30.80 22.67 -77.91
CA TRP A 4794 -29.99 22.68 -79.13
C TRP A 4794 -30.22 21.42 -79.95
N TYR A 4795 -30.32 20.26 -79.29
CA TYR A 4795 -30.63 19.03 -80.00
C TYR A 4795 -31.98 19.13 -80.72
N MET A 4796 -32.99 19.66 -80.03
CA MET A 4796 -34.30 19.82 -80.66
C MET A 4796 -34.25 20.79 -81.83
N VAL A 4797 -33.50 21.89 -81.69
CA VAL A 4797 -33.39 22.87 -82.77
C VAL A 4797 -32.72 22.24 -83.99
N MET A 4798 -31.66 21.47 -83.76
CA MET A 4798 -30.99 20.80 -84.88
C MET A 4798 -31.89 19.75 -85.53
N SER A 4799 -32.69 19.05 -84.71
CA SER A 4799 -33.64 18.10 -85.27
C SER A 4799 -34.67 18.79 -86.15
N LEU A 4800 -35.16 19.96 -85.72
CA LEU A 4800 -36.10 20.72 -86.53
C LEU A 4800 -35.44 21.20 -87.82
N LEU A 4801 -34.20 21.71 -87.72
CA LEU A 4801 -33.49 22.17 -88.91
C LEU A 4801 -33.15 21.03 -89.87
N GLY A 4802 -33.08 19.79 -89.37
CA GLY A 4802 -32.81 18.66 -90.24
C GLY A 4802 -33.85 18.46 -91.32
N HIS A 4803 -35.08 18.93 -91.10
CA HIS A 4803 -36.11 18.85 -92.13
C HIS A 4803 -35.89 19.88 -93.23
N TYR A 4804 -35.32 21.04 -92.89
CA TYR A 4804 -34.96 22.02 -93.91
C TYR A 4804 -33.87 21.46 -94.82
N ASN A 4805 -32.80 20.94 -94.23
CA ASN A 4805 -31.73 20.28 -94.97
C ASN A 4805 -31.31 19.04 -94.18
N ASN A 4806 -31.18 17.91 -94.87
CA ASN A 4806 -30.99 16.64 -94.19
C ASN A 4806 -29.65 16.59 -93.45
N PHE A 4807 -28.60 17.17 -94.04
CA PHE A 4807 -27.26 17.02 -93.50
C PHE A 4807 -27.11 17.64 -92.11
N PHE A 4808 -28.04 18.50 -91.69
CA PHE A 4808 -27.99 19.02 -90.34
C PHE A 4808 -28.07 17.91 -89.30
N PHE A 4809 -28.70 16.79 -89.65
CA PHE A 4809 -28.76 15.66 -88.73
C PHE A 4809 -27.37 15.15 -88.35
N ALA A 4810 -26.37 15.39 -89.20
CA ALA A 4810 -25.01 14.96 -88.87
C ALA A 4810 -24.53 15.60 -87.57
N ALA A 4811 -25.03 16.79 -87.24
CA ALA A 4811 -24.61 17.45 -86.01
C ALA A 4811 -24.97 16.65 -84.77
N HIS A 4812 -25.89 15.70 -84.89
CA HIS A 4812 -26.27 14.87 -83.75
C HIS A 4812 -25.24 13.79 -83.44
N LEU A 4813 -24.31 13.50 -84.35
CA LEU A 4813 -23.29 12.50 -84.07
C LEU A 4813 -22.44 12.88 -82.88
N LEU A 4814 -22.29 14.19 -82.62
CA LEU A 4814 -21.51 14.65 -81.47
C LEU A 4814 -22.10 14.17 -80.15
N ASP A 4815 -23.36 13.73 -80.16
CA ASP A 4815 -23.96 13.18 -78.94
C ASP A 4815 -23.17 11.99 -78.40
N ILE A 4816 -22.44 11.28 -79.27
CA ILE A 4816 -21.66 10.15 -78.81
C ILE A 4816 -20.57 10.58 -77.83
N ALA A 4817 -20.22 11.86 -77.83
CA ALA A 4817 -19.27 12.36 -76.84
C ALA A 4817 -19.82 12.21 -75.42
N MET A 4818 -21.11 12.51 -75.23
CA MET A 4818 -21.76 12.35 -73.94
C MET A 4818 -22.73 11.19 -73.91
N GLY A 4819 -22.76 10.36 -74.96
CA GLY A 4819 -23.56 9.16 -74.96
C GLY A 4819 -22.83 7.91 -74.54
N VAL A 4820 -21.50 7.96 -74.45
CA VAL A 4820 -20.67 6.86 -74.01
C VAL A 4820 -19.93 7.28 -72.77
N LYS A 4821 -19.94 6.44 -71.74
CA LYS A 4821 -19.35 6.80 -70.46
C LYS A 4821 -17.85 7.06 -70.57
N THR A 4822 -17.13 6.17 -71.27
CA THR A 4822 -15.69 6.27 -71.29
C THR A 4822 -15.18 7.29 -72.29
N LEU A 4823 -15.96 7.58 -73.33
CA LEU A 4823 -15.57 8.64 -74.27
C LEU A 4823 -15.46 9.99 -73.55
N ARG A 4824 -16.40 10.28 -72.66
CA ARG A 4824 -16.29 11.52 -71.90
C ARG A 4824 -15.13 11.48 -70.92
N THR A 4825 -14.77 10.30 -70.41
CA THR A 4825 -13.61 10.20 -69.53
C THR A 4825 -12.32 10.50 -70.28
N ILE A 4826 -12.21 10.02 -71.53
CA ILE A 4826 -10.99 10.31 -72.30
C ILE A 4826 -11.02 11.72 -72.88
N LEU A 4827 -12.20 12.33 -73.03
CA LEU A 4827 -12.26 13.74 -73.42
C LEU A 4827 -12.05 14.67 -72.23
N SER A 4828 -12.19 14.17 -71.00
CA SER A 4828 -11.88 14.98 -69.84
C SER A 4828 -10.40 15.29 -69.75
N SER A 4829 -9.54 14.44 -70.30
CA SER A 4829 -8.12 14.72 -70.32
C SER A 4829 -7.76 15.84 -71.30
N VAL A 4830 -8.65 16.16 -72.23
CA VAL A 4830 -8.44 17.28 -73.12
C VAL A 4830 -9.12 18.53 -72.60
N THR A 4831 -10.36 18.41 -72.11
CA THR A 4831 -11.05 19.57 -71.56
C THR A 4831 -10.36 20.07 -70.30
N HIS A 4832 -10.08 19.18 -69.36
CA HIS A 4832 -9.22 19.50 -68.23
C HIS A 4832 -7.85 19.93 -68.74
N ASN A 4833 -7.30 20.97 -68.10
CA ASN A 4833 -6.02 21.54 -68.51
C ASN A 4833 -6.08 22.07 -69.95
N GLY A 4834 -7.24 22.57 -70.36
CA GLY A 4834 -7.43 23.06 -71.71
C GLY A 4834 -7.21 24.56 -71.85
N LYS A 4835 -7.33 25.28 -70.74
CA LYS A 4835 -7.00 26.70 -70.76
C LYS A 4835 -5.53 26.89 -71.11
N GLN A 4836 -4.66 26.06 -70.56
CA GLN A 4836 -3.25 26.11 -70.92
C GLN A 4836 -3.05 25.83 -72.40
N LEU A 4837 -3.83 24.90 -72.97
CA LEU A 4837 -3.75 24.64 -74.41
C LEU A 4837 -4.13 25.87 -75.21
N VAL A 4838 -5.21 26.54 -74.81
CA VAL A 4838 -5.66 27.74 -75.52
C VAL A 4838 -4.60 28.83 -75.46
N MET A 4839 -4.01 29.05 -74.28
CA MET A 4839 -2.99 30.09 -74.18
C MET A 4839 -1.69 29.70 -74.88
N THR A 4840 -1.36 28.42 -74.95
CA THR A 4840 -0.20 28.02 -75.73
C THR A 4840 -0.41 28.26 -77.22
N VAL A 4841 -1.60 27.93 -77.72
CA VAL A 4841 -1.86 28.19 -79.14
C VAL A 4841 -1.98 29.68 -79.42
N GLY A 4842 -2.36 30.48 -78.42
CA GLY A 4842 -2.32 31.92 -78.58
C GLY A 4842 -0.91 32.47 -78.59
N LEU A 4843 -0.04 31.93 -77.73
CA LEU A 4843 1.36 32.34 -77.70
C LEU A 4843 2.07 31.92 -78.99
N LEU A 4844 1.64 30.82 -79.61
CA LEU A 4844 2.20 30.42 -80.88
C LEU A 4844 1.97 31.47 -81.96
N ALA A 4845 0.91 32.27 -81.83
CA ALA A 4845 0.60 33.30 -82.80
C ALA A 4845 1.42 34.57 -82.63
N VAL A 4846 2.19 34.68 -81.56
CA VAL A 4846 3.01 35.87 -81.32
C VAL A 4846 4.41 35.69 -81.88
N VAL A 4847 5.02 34.53 -81.64
CA VAL A 4847 6.36 34.27 -82.19
C VAL A 4847 6.33 34.24 -83.71
N VAL A 4848 5.23 33.75 -84.29
CA VAL A 4848 5.07 33.79 -85.74
C VAL A 4848 4.99 35.23 -86.21
N TYR A 4849 4.36 36.10 -85.42
CA TYR A 4849 4.32 37.52 -85.76
C TYR A 4849 5.71 38.13 -85.75
N LEU A 4850 6.53 37.77 -84.76
CA LEU A 4850 7.90 38.28 -84.71
C LEU A 4850 8.71 37.81 -85.93
N TYR A 4851 8.57 36.52 -86.27
CA TYR A 4851 9.25 36.01 -87.45
C TYR A 4851 8.74 36.69 -88.72
N THR A 4852 7.45 37.03 -88.76
CA THR A 4852 6.90 37.75 -89.90
C THR A 4852 7.51 39.14 -90.03
N VAL A 4853 7.66 39.85 -88.93
CA VAL A 4853 8.27 41.17 -88.97
C VAL A 4853 9.72 41.07 -89.47
N VAL A 4854 10.46 40.09 -88.94
CA VAL A 4854 11.85 39.92 -89.37
C VAL A 4854 11.92 39.56 -90.85
N ALA A 4855 11.03 38.69 -91.30
CA ALA A 4855 11.02 38.27 -92.70
C ALA A 4855 10.34 39.28 -93.62
N PHE A 4856 9.77 40.35 -93.07
CA PHE A 4856 9.18 41.43 -93.87
C PHE A 4856 10.13 42.60 -94.07
N ASN A 4857 10.88 42.98 -93.03
CA ASN A 4857 11.88 44.04 -93.21
C ASN A 4857 12.95 43.62 -94.21
N PHE A 4858 13.30 42.34 -94.24
CA PHE A 4858 14.22 41.78 -95.22
C PHE A 4858 13.89 40.30 -95.38
N PHE A 4859 14.63 39.63 -96.26
CA PHE A 4859 14.43 38.23 -96.64
C PHE A 4859 13.20 38.01 -97.50
N ARG A 4860 12.56 39.07 -98.00
CA ARG A 4860 11.28 38.91 -98.68
C ARG A 4860 11.41 38.67 -100.17
N LYS A 4861 12.64 38.57 -100.70
CA LYS A 4861 12.81 38.16 -102.08
C LYS A 4861 12.69 36.66 -102.27
N PHE A 4862 12.72 35.89 -101.18
CA PHE A 4862 12.61 34.44 -101.23
C PHE A 4862 11.18 33.93 -101.19
N TYR A 4863 10.22 34.80 -100.92
CA TYR A 4863 8.83 34.39 -100.73
C TYR A 4863 8.03 34.38 -102.03
N ASN A 4864 8.67 34.62 -103.16
CA ASN A 4864 7.99 34.46 -104.44
C ASN A 4864 7.59 33.00 -104.63
N LYS A 4865 6.39 32.79 -105.17
CA LYS A 4865 5.84 31.44 -105.31
C LYS A 4865 5.34 31.16 -106.73
N SER A 4866 5.75 31.96 -107.70
CA SER A 4866 5.38 31.76 -109.10
C SER A 4866 6.58 31.23 -109.86
N GLU A 4867 6.45 30.02 -110.40
CA GLU A 4867 7.56 29.40 -111.12
C GLU A 4867 7.80 30.04 -112.47
N ASP A 4868 6.81 30.73 -113.03
CA ASP A 4868 6.95 31.38 -114.32
C ASP A 4868 7.34 32.85 -114.15
N GLU A 4869 8.05 33.37 -115.14
CA GLU A 4869 8.50 34.75 -115.12
C GLU A 4869 7.45 35.73 -115.63
N ASP A 4870 6.28 35.24 -116.05
CA ASP A 4870 5.24 36.12 -116.55
C ASP A 4870 4.76 37.09 -115.47
N GLU A 4871 4.53 36.59 -114.27
CA GLU A 4871 4.09 37.42 -113.16
C GLU A 4871 4.67 36.87 -111.87
N PRO A 4872 4.91 37.72 -110.87
CA PRO A 4872 5.32 37.23 -109.56
C PRO A 4872 4.13 37.01 -108.64
N ASP A 4873 4.37 36.23 -107.59
CA ASP A 4873 3.35 35.88 -106.60
C ASP A 4873 3.93 36.06 -105.20
N MET A 4874 4.52 37.23 -104.94
CA MET A 4874 5.15 37.50 -103.66
C MET A 4874 4.14 37.38 -102.53
N LYS A 4875 4.59 36.81 -101.41
CA LYS A 4875 3.74 36.61 -100.24
C LYS A 4875 4.07 37.54 -99.08
N CYS A 4876 5.26 38.13 -99.05
CA CYS A 4876 5.68 38.96 -97.93
C CYS A 4876 5.82 40.43 -98.32
N ASP A 4877 5.08 40.87 -99.35
CA ASP A 4877 5.05 42.29 -99.68
C ASP A 4877 4.19 43.07 -98.71
N ASP A 4878 3.16 42.45 -98.14
CA ASP A 4878 2.30 43.07 -97.14
C ASP A 4878 2.51 42.36 -95.81
N MET A 4879 2.24 43.10 -94.72
CA MET A 4879 2.37 42.50 -93.40
C MET A 4879 1.23 41.53 -93.10
N MET A 4880 0.05 41.77 -93.68
CA MET A 4880 -1.07 40.86 -93.48
C MET A 4880 -0.89 39.57 -94.27
N THR A 4881 -0.44 39.67 -95.52
CA THR A 4881 -0.24 38.49 -96.33
C THR A 4881 0.90 37.63 -95.83
N CYS A 4882 1.99 38.26 -95.39
CA CYS A 4882 3.14 37.51 -94.89
C CYS A 4882 2.80 36.79 -93.58
N TYR A 4883 2.04 37.44 -92.70
CA TYR A 4883 1.63 36.79 -91.46
C TYR A 4883 0.70 35.61 -91.73
N LEU A 4884 -0.20 35.77 -92.70
CA LEU A 4884 -1.10 34.66 -93.06
C LEU A 4884 -0.32 33.49 -93.65
N PHE A 4885 0.68 33.77 -94.48
CA PHE A 4885 1.48 32.71 -95.09
C PHE A 4885 2.21 31.90 -94.02
N HIS A 4886 2.87 32.58 -93.09
CA HIS A 4886 3.62 31.89 -92.05
C HIS A 4886 2.72 31.03 -91.18
N MET A 4887 1.55 31.56 -90.80
CA MET A 4887 0.66 30.81 -89.91
C MET A 4887 0.01 29.63 -90.63
N TYR A 4888 -0.50 29.86 -91.84
CA TYR A 4888 -1.24 28.82 -92.54
C TYR A 4888 -0.32 27.72 -93.06
N VAL A 4889 0.78 28.11 -93.70
CA VAL A 4889 1.64 27.16 -94.40
C VAL A 4889 2.89 26.82 -93.60
N GLY A 4890 3.51 27.82 -92.97
CA GLY A 4890 4.76 27.59 -92.27
C GLY A 4890 4.61 26.65 -91.08
N VAL A 4891 3.56 26.84 -90.28
CA VAL A 4891 3.39 26.02 -89.09
C VAL A 4891 3.03 24.59 -89.45
N ARG A 4892 2.16 24.41 -90.44
CA ARG A 4892 1.73 23.06 -90.82
C ARG A 4892 2.82 22.28 -91.53
N ALA A 4893 3.83 22.95 -92.08
CA ALA A 4893 4.91 22.25 -92.75
C ALA A 4893 5.76 21.46 -91.75
N GLY A 4894 6.12 20.24 -92.13
CA GLY A 4894 6.88 19.40 -91.23
C GLY A 4894 8.29 19.92 -90.98
N GLY A 4895 8.96 20.38 -92.03
CA GLY A 4895 10.33 20.85 -91.89
C GLY A 4895 10.47 22.27 -91.39
N GLY A 4896 9.38 23.04 -91.41
CA GLY A 4896 9.44 24.42 -90.98
C GLY A 4896 9.20 25.39 -92.12
N ILE A 4897 9.83 26.57 -92.06
CA ILE A 4897 9.67 27.56 -93.13
C ILE A 4897 10.73 27.43 -94.21
N GLY A 4898 11.76 26.62 -93.99
CA GLY A 4898 12.87 26.55 -94.94
C GLY A 4898 12.56 25.77 -96.20
N ASP A 4899 11.57 24.89 -96.17
CA ASP A 4899 11.26 24.05 -97.32
C ASP A 4899 10.23 24.68 -98.25
N GLU A 4900 9.76 25.88 -97.95
CA GLU A 4900 8.75 26.55 -98.76
C GLU A 4900 9.31 27.70 -99.61
N ILE A 4901 10.37 28.35 -99.15
CA ILE A 4901 10.88 29.54 -99.80
C ILE A 4901 12.17 29.19 -100.53
N GLU A 4902 12.65 30.13 -101.34
CA GLU A 4902 13.85 29.91 -102.14
C GLU A 4902 15.06 29.68 -101.24
N ASP A 4903 15.90 28.72 -101.63
CA ASP A 4903 17.07 28.38 -100.85
C ASP A 4903 18.06 29.54 -100.82
N PRO A 4904 18.75 29.73 -99.71
CA PRO A 4904 19.71 30.85 -99.58
C PRO A 4904 21.11 30.56 -100.12
N ALA A 4905 21.29 29.50 -100.88
CA ALA A 4905 22.63 29.17 -101.39
C ALA A 4905 23.10 30.23 -102.37
N GLY A 4906 24.37 30.59 -102.27
CA GLY A 4906 24.95 31.60 -103.14
C GLY A 4906 24.34 32.97 -102.98
N ASP A 4907 24.16 33.41 -101.73
CA ASP A 4907 23.57 34.71 -101.45
C ASP A 4907 24.29 35.35 -100.27
N GLU A 4908 24.20 36.67 -100.19
CA GLU A 4908 24.88 37.40 -99.12
C GLU A 4908 24.29 37.07 -97.75
N TYR A 4909 22.99 36.80 -97.69
CA TYR A 4909 22.31 36.50 -96.42
C TYR A 4909 22.14 35.00 -96.21
N GLU A 4910 23.11 34.20 -96.63
CA GLU A 4910 22.99 32.75 -96.46
C GLU A 4910 22.99 32.37 -94.99
N LEU A 4911 23.96 32.88 -94.22
CA LEU A 4911 24.04 32.52 -92.81
C LEU A 4911 22.82 33.00 -92.04
N TYR A 4912 22.37 34.23 -92.31
CA TYR A 4912 21.20 34.76 -91.63
C TYR A 4912 19.97 33.93 -91.93
N ARG A 4913 19.79 33.50 -93.18
CA ARG A 4913 18.64 32.67 -93.52
C ARG A 4913 18.73 31.30 -92.87
N VAL A 4914 19.94 30.74 -92.79
CA VAL A 4914 20.10 29.45 -92.12
C VAL A 4914 19.72 29.56 -90.64
N VAL A 4915 20.18 30.61 -89.98
CA VAL A 4915 19.82 30.82 -88.58
C VAL A 4915 18.31 31.03 -88.44
N PHE A 4916 17.73 31.82 -89.34
CA PHE A 4916 16.28 32.07 -89.33
C PHE A 4916 15.50 30.77 -89.43
N ASP A 4917 15.82 29.94 -90.43
CA ASP A 4917 15.09 28.70 -90.65
C ASP A 4917 15.28 27.72 -89.49
N ILE A 4918 16.52 27.59 -89.00
CA ILE A 4918 16.78 26.63 -87.94
C ILE A 4918 16.09 27.05 -86.65
N THR A 4919 16.12 28.35 -86.33
CA THR A 4919 15.42 28.82 -85.15
C THR A 4919 13.91 28.62 -85.28
N PHE A 4920 13.36 28.89 -86.47
CA PHE A 4920 11.94 28.66 -86.69
C PHE A 4920 11.58 27.19 -86.44
N PHE A 4921 12.36 26.28 -87.04
CA PHE A 4921 12.07 24.85 -86.90
C PHE A 4921 12.22 24.39 -85.46
N PHE A 4922 13.24 24.88 -84.75
CA PHE A 4922 13.47 24.42 -83.39
C PHE A 4922 12.56 25.10 -82.37
N PHE A 4923 11.90 26.19 -82.74
CA PHE A 4923 11.05 26.89 -81.80
C PHE A 4923 9.56 26.63 -81.98
N VAL A 4924 9.06 26.63 -83.23
CA VAL A 4924 7.62 26.48 -83.44
C VAL A 4924 7.22 25.06 -83.83
N ILE A 4925 8.18 24.14 -83.92
CA ILE A 4925 7.85 22.78 -84.33
C ILE A 4925 8.15 21.80 -83.21
N VAL A 4926 9.41 21.73 -82.78
CA VAL A 4926 9.80 20.72 -81.80
C VAL A 4926 9.64 21.18 -80.36
N ILE A 4927 9.48 22.49 -80.12
CA ILE A 4927 9.34 23.01 -78.77
C ILE A 4927 7.90 23.35 -78.44
N LEU A 4928 7.18 23.99 -79.37
CA LEU A 4928 5.83 24.46 -79.12
C LEU A 4928 4.78 23.39 -79.36
N LEU A 4929 5.16 22.19 -79.76
CA LEU A 4929 4.26 21.04 -79.85
C LEU A 4929 4.48 20.03 -78.74
N ALA A 4930 5.70 19.93 -78.23
CA ALA A 4930 5.94 19.12 -77.05
C ALA A 4930 5.15 19.63 -75.86
N ILE A 4931 4.92 20.95 -75.77
CA ILE A 4931 4.08 21.50 -74.72
C ILE A 4931 2.66 20.95 -74.86
N ILE A 4932 2.13 20.97 -76.08
CA ILE A 4932 0.77 20.49 -76.34
C ILE A 4932 0.63 19.02 -75.96
N GLN A 4933 1.61 18.20 -76.35
CA GLN A 4933 1.54 16.79 -76.03
C GLN A 4933 1.69 16.54 -74.53
N GLY A 4934 2.63 17.25 -73.89
CA GLY A 4934 2.86 17.03 -72.47
C GLY A 4934 1.68 17.44 -71.62
N LEU A 4935 0.97 18.50 -72.02
CA LEU A 4935 -0.18 18.94 -71.23
C LEU A 4935 -1.23 17.84 -71.12
N ILE A 4936 -1.57 17.22 -72.25
CA ILE A 4936 -2.62 16.19 -72.23
C ILE A 4936 -2.11 14.91 -71.57
N ILE A 4937 -0.84 14.55 -71.80
CA ILE A 4937 -0.30 13.37 -71.13
C ILE A 4937 -0.35 13.54 -69.61
N ASP A 4938 0.03 14.74 -69.13
CA ASP A 4938 0.00 14.99 -67.70
C ASP A 4938 -1.42 15.12 -67.17
N ALA A 4939 -2.38 15.53 -68.02
CA ALA A 4939 -3.77 15.49 -67.61
C ALA A 4939 -4.22 14.06 -67.34
N PHE A 4940 -3.87 13.14 -68.25
CA PHE A 4940 -4.12 11.72 -68.00
C PHE A 4940 -3.50 11.27 -66.68
N GLY A 4941 -2.21 11.60 -66.49
CA GLY A 4941 -1.52 11.16 -65.29
C GLY A 4941 -2.15 11.69 -64.01
N GLU A 4942 -2.52 12.98 -64.03
CA GLU A 4942 -3.12 13.60 -62.86
C GLU A 4942 -4.50 13.00 -62.56
N LEU A 4943 -5.28 12.68 -63.60
CA LEU A 4943 -6.55 12.01 -63.38
C LEU A 4943 -6.35 10.66 -62.71
N ARG A 4944 -5.38 9.88 -63.20
CA ARG A 4944 -5.11 8.59 -62.58
C ARG A 4944 -4.66 8.75 -61.12
N ASP A 4945 -3.82 9.75 -60.86
CA ASP A 4945 -3.39 10.01 -59.49
C ASP A 4945 -4.56 10.38 -58.60
N GLN A 4946 -5.50 11.17 -59.12
CA GLN A 4946 -6.68 11.51 -58.33
C GLN A 4946 -7.50 10.28 -57.99
N GLN A 4947 -7.71 9.39 -58.97
CA GLN A 4947 -8.47 8.17 -58.70
C GLN A 4947 -7.79 7.32 -57.63
N GLU A 4948 -6.48 7.11 -57.76
CA GLU A 4948 -5.78 6.27 -56.79
C GLU A 4948 -5.74 6.93 -55.41
N GLN A 4949 -5.66 8.26 -55.37
CA GLN A 4949 -5.69 8.96 -54.08
C GLN A 4949 -7.04 8.78 -53.39
N VAL A 4950 -8.14 8.88 -54.15
CA VAL A 4950 -9.45 8.65 -53.57
C VAL A 4950 -9.55 7.22 -53.03
N LYS A 4951 -9.08 6.25 -53.82
CA LYS A 4951 -9.14 4.86 -53.37
C LYS A 4951 -8.34 4.65 -52.09
N GLU A 4952 -7.13 5.21 -52.03
CA GLU A 4952 -6.30 5.05 -50.84
C GLU A 4952 -6.94 5.72 -49.63
N ASP A 4953 -7.49 6.92 -49.81
CA ASP A 4953 -8.12 7.63 -48.70
C ASP A 4953 -9.29 6.85 -48.14
N MET A 4954 -10.11 6.25 -49.02
CA MET A 4954 -11.24 5.50 -48.52
C MET A 4954 -10.83 4.14 -47.94
N GLU A 4955 -9.72 3.59 -48.40
CA GLU A 4955 -9.24 2.33 -47.84
C GLU A 4955 -8.39 2.52 -46.58
N THR A 4956 -8.05 3.75 -46.23
CA THR A 4956 -7.13 4.00 -45.12
C THR A 4956 -7.85 4.24 -43.80
N LYS A 4957 -8.74 5.24 -43.74
CA LYS A 4957 -9.33 5.69 -42.50
C LYS A 4957 -10.84 5.78 -42.62
N CYS A 4958 -11.51 5.83 -41.46
CA CYS A 4958 -12.96 5.89 -41.42
C CYS A 4958 -13.45 7.26 -41.89
N PHE A 4959 -14.61 7.25 -42.56
CA PHE A 4959 -15.16 8.48 -43.11
C PHE A 4959 -15.72 9.38 -42.02
N ILE A 4960 -16.45 8.80 -41.06
CA ILE A 4960 -17.12 9.61 -40.04
C ILE A 4960 -16.15 10.00 -38.93
N CYS A 4961 -15.59 8.99 -38.25
CA CYS A 4961 -14.73 9.26 -37.10
C CYS A 4961 -13.39 9.85 -37.54
N GLY A 4962 -12.84 9.36 -38.64
CA GLY A 4962 -11.50 9.72 -39.05
C GLY A 4962 -10.40 8.90 -38.40
N ILE A 4963 -10.76 7.93 -37.56
CA ILE A 4963 -9.76 7.07 -36.93
C ILE A 4963 -9.17 6.13 -37.96
N GLY A 4964 -7.85 5.95 -37.90
CA GLY A 4964 -7.18 5.08 -38.85
C GLY A 4964 -7.53 3.62 -38.64
N SER A 4965 -7.32 2.83 -39.70
CA SER A 4965 -7.66 1.42 -39.65
C SER A 4965 -6.73 0.62 -38.76
N ASP A 4966 -5.56 1.16 -38.43
CA ASP A 4966 -4.61 0.43 -37.59
C ASP A 4966 -5.18 0.17 -36.20
N TYR A 4967 -5.89 1.15 -35.64
CA TYR A 4967 -6.49 0.96 -34.32
C TYR A 4967 -7.54 -0.14 -34.34
N PHE A 4968 -8.38 -0.17 -35.38
CA PHE A 4968 -9.44 -1.17 -35.43
C PHE A 4968 -8.89 -2.54 -35.79
N ASP A 4969 -7.77 -2.61 -36.50
CA ASP A 4969 -7.25 -3.90 -36.94
C ASP A 4969 -6.67 -4.75 -35.82
N THR A 4970 -6.71 -4.27 -34.57
CA THR A 4970 -6.26 -5.09 -33.46
C THR A 4970 -7.09 -6.36 -33.33
N THR A 4971 -8.42 -6.22 -33.43
CA THR A 4971 -9.31 -7.35 -33.52
C THR A 4971 -9.45 -7.81 -34.97
N PRO A 4972 -9.68 -9.10 -35.21
CA PRO A 4972 -9.82 -9.58 -36.59
C PRO A 4972 -10.95 -8.87 -37.33
N HIS A 4973 -10.65 -8.42 -38.55
CA HIS A 4973 -11.61 -7.73 -39.41
C HIS A 4973 -12.23 -6.52 -38.72
N GLY A 4974 -11.44 -5.84 -37.88
CA GLY A 4974 -11.98 -4.74 -37.09
C GLY A 4974 -12.41 -3.57 -37.95
N PHE A 4975 -11.59 -3.19 -38.93
CA PHE A 4975 -11.93 -2.03 -39.75
C PHE A 4975 -13.16 -2.31 -40.61
N GLU A 4976 -13.25 -3.50 -41.20
CA GLU A 4976 -14.44 -3.85 -41.98
C GLU A 4976 -15.69 -3.88 -41.11
N THR A 4977 -15.58 -4.47 -39.91
CA THR A 4977 -16.72 -4.48 -39.01
C THR A 4977 -17.14 -3.07 -38.63
N HIS A 4978 -16.17 -2.19 -38.38
CA HIS A 4978 -16.48 -0.80 -38.05
C HIS A 4978 -17.16 -0.09 -39.22
N THR A 4979 -16.67 -0.30 -40.43
CA THR A 4979 -17.21 0.42 -41.58
C THR A 4979 -18.57 -0.11 -42.01
N LEU A 4980 -18.89 -1.37 -41.71
CA LEU A 4980 -20.19 -1.90 -42.11
C LEU A 4980 -21.23 -1.90 -40.98
N GLU A 4981 -20.82 -1.84 -39.72
CA GLU A 4981 -21.77 -1.94 -38.62
C GLU A 4981 -21.77 -0.71 -37.72
N GLU A 4982 -20.59 -0.25 -37.27
CA GLU A 4982 -20.53 0.84 -36.31
C GLU A 4982 -20.97 2.15 -36.93
N HIS A 4983 -20.24 2.62 -37.94
CA HIS A 4983 -20.57 3.86 -38.63
C HIS A 4983 -20.79 3.55 -40.11
N ASN A 4984 -22.03 3.72 -40.56
CA ASN A 4984 -22.40 3.41 -41.94
C ASN A 4984 -23.17 4.58 -42.53
N LEU A 4985 -22.71 5.05 -43.69
CA LEU A 4985 -23.35 6.19 -44.35
C LEU A 4985 -24.81 5.88 -44.69
N ALA A 4986 -25.07 4.66 -45.14
CA ALA A 4986 -26.45 4.25 -45.41
C ALA A 4986 -27.30 4.32 -44.15
N ASN A 4987 -26.74 3.88 -43.01
CA ASN A 4987 -27.49 3.95 -41.77
C ASN A 4987 -27.78 5.39 -41.37
N TYR A 4988 -26.81 6.29 -41.54
CA TYR A 4988 -27.06 7.69 -41.22
C TYR A 4988 -28.14 8.29 -42.11
N MET A 4989 -28.09 7.97 -43.41
CA MET A 4989 -29.12 8.46 -44.32
C MET A 4989 -30.49 7.92 -43.94
N PHE A 4990 -30.56 6.63 -43.59
CA PHE A 4990 -31.83 6.03 -43.21
C PHE A 4990 -32.36 6.65 -41.93
N PHE A 4991 -31.49 6.93 -40.96
CA PHE A 4991 -31.93 7.58 -39.73
C PHE A 4991 -32.46 8.98 -40.00
N LEU A 4992 -31.78 9.73 -40.86
CA LEU A 4992 -32.27 11.07 -41.20
C LEU A 4992 -33.64 10.99 -41.86
N MET A 4993 -33.82 10.06 -42.80
CA MET A 4993 -35.11 9.90 -43.46
C MET A 4993 -36.19 9.49 -42.45
N TYR A 4994 -35.85 8.59 -41.53
CA TYR A 4994 -36.80 8.15 -40.52
C TYR A 4994 -37.23 9.31 -39.61
N LEU A 4995 -36.26 10.14 -39.20
CA LEU A 4995 -36.60 11.29 -38.37
C LEU A 4995 -37.47 12.28 -39.12
N ILE A 4996 -37.17 12.51 -40.40
CA ILE A 4996 -38.00 13.42 -41.20
C ILE A 4996 -39.42 12.88 -41.32
N ASN A 4997 -39.55 11.57 -41.56
CA ASN A 4997 -40.87 11.00 -41.83
C ASN A 4997 -41.73 10.93 -40.56
N LYS A 4998 -41.15 10.48 -39.44
CA LYS A 4998 -41.96 10.22 -38.26
C LYS A 4998 -42.45 11.53 -37.63
N ASP A 4999 -43.53 11.41 -36.86
CA ASP A 4999 -44.15 12.57 -36.25
C ASP A 4999 -43.32 13.12 -35.11
N GLU A 5000 -43.46 14.43 -34.87
CA GLU A 5000 -42.70 15.07 -33.80
C GLU A 5000 -43.13 14.58 -32.43
N THR A 5001 -44.42 14.37 -32.23
CA THR A 5001 -44.92 13.94 -30.92
C THR A 5001 -44.48 12.54 -30.55
N GLU A 5002 -44.07 11.73 -31.52
CA GLU A 5002 -43.62 10.37 -31.27
C GLU A 5002 -42.11 10.28 -31.06
N HIS A 5003 -41.39 11.39 -31.13
CA HIS A 5003 -39.95 11.36 -30.93
C HIS A 5003 -39.61 10.97 -29.50
N THR A 5004 -38.61 10.11 -29.35
CA THR A 5004 -38.08 9.79 -28.04
C THR A 5004 -37.10 10.90 -27.63
N GLY A 5005 -36.44 10.72 -26.48
CA GLY A 5005 -35.53 11.77 -26.02
C GLY A 5005 -34.34 11.97 -26.94
N GLN A 5006 -33.70 10.89 -27.35
CA GLN A 5006 -32.53 10.99 -28.21
C GLN A 5006 -32.90 11.50 -29.59
N GLU A 5007 -34.01 11.02 -30.15
CA GLU A 5007 -34.45 11.51 -31.44
C GLU A 5007 -34.84 12.98 -31.38
N SER A 5008 -35.48 13.40 -30.28
CA SER A 5008 -35.79 14.82 -30.12
C SER A 5008 -34.53 15.67 -30.05
N TYR A 5009 -33.53 15.19 -29.31
CA TYR A 5009 -32.27 15.92 -29.22
C TYR A 5009 -31.61 16.05 -30.58
N VAL A 5010 -31.57 14.94 -31.33
CA VAL A 5010 -30.95 14.96 -32.66
C VAL A 5010 -31.73 15.89 -33.59
N TRP A 5011 -33.06 15.88 -33.50
CA TRP A 5011 -33.89 16.70 -34.38
C TRP A 5011 -33.69 18.18 -34.09
N LYS A 5012 -33.70 18.56 -32.81
CA LYS A 5012 -33.52 19.97 -32.46
C LYS A 5012 -32.10 20.44 -32.75
N MET A 5013 -31.12 19.53 -32.70
CA MET A 5013 -29.77 19.91 -33.12
C MET A 5013 -29.68 20.00 -34.64
N TYR A 5014 -30.46 19.20 -35.35
CA TYR A 5014 -30.43 19.21 -36.81
C TYR A 5014 -31.05 20.49 -37.37
N GLN A 5015 -32.11 20.99 -36.72
CA GLN A 5015 -32.73 22.21 -37.22
C GLN A 5015 -31.80 23.41 -37.21
N GLU A 5016 -30.76 23.41 -36.37
CA GLU A 5016 -29.86 24.55 -36.24
C GLU A 5016 -28.54 24.37 -36.96
N ARG A 5017 -28.42 23.34 -37.81
CA ARG A 5017 -27.20 23.10 -38.58
C ARG A 5017 -25.96 22.95 -37.69
N CYS A 5018 -26.14 22.34 -36.53
CA CYS A 5018 -25.02 22.20 -35.59
C CYS A 5018 -24.00 21.19 -36.10
N TRP A 5019 -24.47 20.02 -36.53
CA TRP A 5019 -23.60 18.92 -36.99
C TRP A 5019 -22.55 18.57 -35.94
N ASP A 5020 -22.97 18.54 -34.68
CA ASP A 5020 -22.09 18.18 -33.58
C ASP A 5020 -22.34 16.77 -33.07
N PHE A 5021 -23.54 16.22 -33.27
CA PHE A 5021 -23.84 14.89 -32.79
C PHE A 5021 -23.05 13.81 -33.52
N PHE A 5022 -22.47 14.12 -34.68
CA PHE A 5022 -21.65 13.14 -35.37
C PHE A 5022 -20.40 12.82 -34.55
N PRO A 5023 -20.02 11.56 -34.44
CA PRO A 5023 -18.79 11.22 -33.68
C PRO A 5023 -17.54 11.60 -34.46
N ALA A 5024 -16.82 12.61 -33.97
CA ALA A 5024 -15.60 13.07 -34.60
C ALA A 5024 -14.41 12.68 -33.73
N GLY A 5025 -13.56 11.81 -34.25
CA GLY A 5025 -12.39 11.38 -33.51
C GLY A 5025 -12.68 10.47 -32.34
N ASP A 5026 -13.85 9.84 -32.30
CA ASP A 5026 -14.20 8.96 -31.20
C ASP A 5026 -15.18 7.91 -31.71
N CYS A 5027 -15.24 6.78 -30.99
CA CYS A 5027 -16.14 5.69 -31.34
C CYS A 5027 -16.53 4.97 -30.06
N PHE A 5028 -17.47 4.03 -30.20
CA PHE A 5028 -17.93 3.26 -29.05
C PHE A 5028 -16.81 2.40 -28.49
N ARG A 5029 -16.01 1.78 -29.36
CA ARG A 5029 -14.91 0.94 -28.90
C ARG A 5029 -13.87 1.76 -28.13
N LYS A 5030 -13.56 2.96 -28.62
CA LYS A 5030 -12.61 3.81 -27.90
C LYS A 5030 -13.20 4.32 -26.60
N GLN A 5031 -14.51 4.59 -26.59
CA GLN A 5031 -15.17 5.04 -25.36
C GLN A 5031 -15.15 3.95 -24.30
N TYR A 5032 -15.29 2.69 -24.71
CA TYR A 5032 -15.33 1.58 -23.76
C TYR A 5032 -14.26 0.54 -24.07
N GLU A 5033 -13.02 0.97 -24.27
CA GLU A 5033 -11.91 0.04 -24.40
C GLU A 5033 -11.86 -0.92 -23.22
N ASP A 5034 -12.00 -0.39 -22.01
CA ASP A 5034 -12.22 -1.24 -20.85
C ASP A 5034 -13.62 -1.81 -20.88
N GLN A 5035 -13.80 -2.94 -20.20
CA GLN A 5035 -15.00 -3.79 -20.27
C GLN A 5035 -15.29 -4.27 -21.69
N LEU A 5036 -14.37 -4.07 -22.63
CA LEU A 5036 -14.48 -4.59 -24.00
C LEU A 5036 -15.77 -4.15 -24.68
N SER A 5037 -16.21 -2.92 -24.38
CA SER A 5037 -17.41 -2.35 -24.99
C SER A 5037 -18.64 -3.23 -24.82
N VAL B 11 -32.05 -9.79 5.24
CA VAL B 11 -33.14 -9.33 4.39
C VAL B 11 -33.43 -10.35 3.29
N GLN B 12 -32.89 -11.56 3.45
CA GLN B 12 -33.11 -12.61 2.47
C GLN B 12 -34.57 -13.06 2.49
N PHE B 13 -35.08 -13.40 1.32
CA PHE B 13 -36.46 -13.84 1.17
C PHE B 13 -36.51 -15.37 1.13
N LEU B 14 -37.42 -15.94 1.90
CA LEU B 14 -37.58 -17.39 1.93
C LEU B 14 -38.08 -17.89 0.57
N ARG B 15 -37.52 -19.02 0.13
CA ARG B 15 -37.87 -19.60 -1.15
C ARG B 15 -38.05 -21.10 -0.97
N THR B 16 -38.59 -21.75 -2.00
CA THR B 16 -38.87 -23.17 -1.93
C THR B 16 -37.57 -23.97 -1.95
N ASP B 17 -37.70 -25.29 -1.81
CA ASP B 17 -36.57 -26.22 -1.76
C ASP B 17 -35.63 -25.89 -0.60
N ASP B 18 -36.17 -25.33 0.47
CA ASP B 18 -35.39 -24.93 1.64
C ASP B 18 -35.96 -25.58 2.89
N GLU B 19 -35.10 -25.79 3.87
CA GLU B 19 -35.47 -26.40 5.15
C GLU B 19 -35.66 -25.31 6.19
N VAL B 20 -36.76 -25.41 6.95
CA VAL B 20 -37.12 -24.45 7.97
C VAL B 20 -37.48 -25.20 9.24
N VAL B 21 -37.33 -24.52 10.38
CA VAL B 21 -37.63 -25.13 11.67
C VAL B 21 -39.04 -24.75 12.11
N LEU B 22 -39.52 -23.58 11.71
CA LEU B 22 -40.84 -23.06 12.09
C LEU B 22 -40.96 -22.95 13.62
N GLN B 23 -40.12 -22.09 14.19
CA GLN B 23 -40.08 -21.88 15.62
C GLN B 23 -41.10 -20.83 16.05
N CYS B 24 -41.77 -21.09 17.17
CA CYS B 24 -42.76 -20.19 17.73
C CYS B 24 -42.25 -19.68 19.08
N SER B 25 -42.19 -18.35 19.22
CA SER B 25 -41.70 -17.73 20.45
C SER B 25 -42.82 -17.71 21.47
N ALA B 26 -42.72 -18.56 22.49
CA ALA B 26 -43.77 -18.62 23.50
C ALA B 26 -43.70 -17.42 24.45
N THR B 27 -42.47 -17.02 24.83
CA THR B 27 -42.25 -15.92 25.77
C THR B 27 -43.03 -16.16 27.07
N VAL B 28 -42.99 -17.41 27.54
CA VAL B 28 -43.65 -17.76 28.79
C VAL B 28 -42.74 -17.42 29.95
N LEU B 29 -43.29 -16.70 30.93
CA LEU B 29 -42.53 -16.25 32.11
C LEU B 29 -41.29 -15.45 31.72
N LYS B 30 -41.42 -14.68 30.63
CA LYS B 30 -40.32 -13.84 30.13
C LYS B 30 -39.07 -14.66 29.85
N GLU B 31 -39.25 -15.85 29.29
CA GLU B 31 -38.14 -16.73 28.96
C GLU B 31 -37.83 -16.79 27.47
N GLN B 32 -38.82 -16.57 26.61
CA GLN B 32 -38.65 -16.62 25.16
C GLN B 32 -37.98 -17.94 24.74
N LEU B 33 -38.60 -19.05 25.16
CA LEU B 33 -38.04 -20.37 24.85
C LEU B 33 -37.98 -20.60 23.34
N LYS B 34 -38.94 -20.06 22.59
CA LYS B 34 -38.99 -20.22 21.14
C LYS B 34 -39.03 -21.70 20.75
N LEU B 35 -40.05 -22.38 21.26
CA LEU B 35 -40.22 -23.80 20.99
C LEU B 35 -40.48 -24.04 19.51
N CYS B 36 -40.08 -25.22 19.03
CA CYS B 36 -40.27 -25.60 17.64
C CYS B 36 -41.05 -26.89 17.55
N LEU B 37 -41.89 -27.00 16.52
CA LEU B 37 -42.71 -28.19 16.33
C LEU B 37 -41.87 -29.34 15.79
N ALA B 38 -42.24 -30.55 16.18
CA ALA B 38 -41.54 -31.75 15.73
C ALA B 38 -42.49 -32.93 15.82
N ALA B 39 -42.26 -33.92 14.95
CA ALA B 39 -43.03 -35.15 14.93
C ALA B 39 -42.16 -36.27 14.40
N GLU B 40 -42.31 -37.46 14.99
CA GLU B 40 -41.48 -38.60 14.58
C GLU B 40 -41.83 -39.06 13.18
N GLY B 41 -43.13 -39.25 12.91
CA GLY B 41 -43.62 -39.69 11.63
C GLY B 41 -43.84 -41.18 11.52
N PHE B 42 -43.15 -41.98 12.31
CA PHE B 42 -43.33 -43.42 12.36
C PHE B 42 -43.71 -43.80 13.79
N GLY B 43 -44.87 -44.43 13.94
CA GLY B 43 -45.39 -44.77 15.25
C GLY B 43 -46.13 -43.66 15.94
N ASN B 44 -46.10 -42.44 15.41
CA ASN B 44 -46.80 -41.31 16.00
C ASN B 44 -46.88 -40.20 14.96
N ARG B 45 -48.10 -39.74 14.68
CA ARG B 45 -48.32 -38.70 13.68
C ARG B 45 -48.43 -37.31 14.28
N LEU B 46 -48.84 -37.19 15.54
CA LEU B 46 -49.11 -35.89 16.12
C LEU B 46 -47.82 -35.12 16.38
N CYS B 47 -47.86 -33.81 16.13
CA CYS B 47 -46.72 -32.94 16.37
C CYS B 47 -46.76 -32.38 17.79
N PHE B 48 -45.60 -31.91 18.26
CA PHE B 48 -45.50 -31.33 19.58
C PHE B 48 -44.33 -30.35 19.59
N LEU B 49 -44.40 -29.38 20.50
CA LEU B 49 -43.35 -28.37 20.63
C LEU B 49 -42.25 -28.87 21.56
N GLU B 50 -41.01 -28.80 21.08
CA GLU B 50 -39.87 -29.02 21.94
C GLU B 50 -39.11 -27.72 22.14
N PRO B 51 -38.58 -27.48 23.34
CA PRO B 51 -37.91 -26.20 23.61
C PRO B 51 -36.55 -26.13 22.93
N THR B 52 -36.32 -25.05 22.20
CA THR B 52 -35.02 -24.80 21.58
C THR B 52 -34.11 -23.94 22.46
N SER B 53 -34.58 -23.53 23.64
CA SER B 53 -33.79 -22.74 24.55
C SER B 53 -33.03 -23.65 25.52
N ASN B 54 -32.18 -23.03 26.34
CA ASN B 54 -31.35 -23.75 27.31
C ASN B 54 -30.51 -24.82 26.63
N ALA B 55 -29.96 -24.48 25.46
CA ALA B 55 -29.14 -25.43 24.71
C ALA B 55 -27.81 -25.71 25.39
N GLN B 56 -27.35 -24.81 26.27
CA GLN B 56 -26.06 -25.01 26.92
C GLN B 56 -26.12 -26.16 27.92
N ASN B 57 -27.16 -26.20 28.75
CA ASN B 57 -27.29 -27.26 29.74
C ASN B 57 -27.70 -28.59 29.11
N VAL B 58 -28.51 -28.55 28.06
CA VAL B 58 -28.94 -29.77 27.37
C VAL B 58 -29.19 -29.46 25.90
N PRO B 59 -28.60 -30.20 24.98
CA PRO B 59 -28.80 -29.93 23.55
C PRO B 59 -30.11 -30.51 23.07
N PRO B 60 -31.02 -29.66 22.59
CA PRO B 60 -32.29 -30.18 22.06
C PRO B 60 -32.10 -30.79 20.67
N ASP B 61 -32.87 -31.85 20.41
CA ASP B 61 -32.82 -32.52 19.12
C ASP B 61 -33.48 -31.66 18.04
N LEU B 62 -32.88 -31.68 16.84
CA LEU B 62 -33.44 -30.95 15.71
C LEU B 62 -33.49 -31.79 14.45
N ALA B 63 -33.18 -33.09 14.54
CA ALA B 63 -33.28 -33.96 13.37
C ALA B 63 -34.72 -34.12 12.90
N ILE B 64 -35.67 -34.06 13.81
CA ILE B 64 -37.09 -34.17 13.47
C ILE B 64 -37.76 -32.80 13.45
N CYS B 65 -36.99 -31.73 13.27
CA CYS B 65 -37.50 -30.37 13.28
C CYS B 65 -37.21 -29.64 11.98
N CYS B 66 -37.07 -30.39 10.88
CA CYS B 66 -36.75 -29.82 9.58
C CYS B 66 -37.90 -30.06 8.62
N PHE B 67 -38.41 -28.99 8.02
CA PHE B 67 -39.51 -29.07 7.06
C PHE B 67 -39.06 -28.41 5.77
N THR B 68 -39.15 -29.15 4.67
CA THR B 68 -38.76 -28.66 3.36
C THR B 68 -39.98 -28.04 2.68
N LEU B 69 -39.79 -26.86 2.11
CA LEU B 69 -40.81 -26.17 1.32
C LEU B 69 -40.88 -26.84 -0.05
N GLU B 70 -41.90 -27.68 -0.25
CA GLU B 70 -41.97 -28.46 -1.49
C GLU B 70 -42.55 -27.65 -2.64
N GLN B 71 -43.77 -27.15 -2.47
CA GLN B 71 -44.45 -26.40 -3.52
C GLN B 71 -45.06 -25.12 -2.94
N SER B 72 -45.09 -24.08 -3.77
CA SER B 72 -45.73 -22.82 -3.43
C SER B 72 -46.67 -22.43 -4.57
N LEU B 73 -47.90 -22.03 -4.23
CA LEU B 73 -48.89 -21.73 -5.24
C LEU B 73 -49.87 -20.70 -4.70
N SER B 74 -50.54 -20.02 -5.62
CA SER B 74 -51.58 -19.06 -5.27
C SER B 74 -52.89 -19.78 -4.97
N VAL B 75 -53.85 -19.03 -4.43
CA VAL B 75 -55.12 -19.63 -4.03
C VAL B 75 -55.91 -20.09 -5.26
N ARG B 76 -56.00 -19.24 -6.28
CA ARG B 76 -56.78 -19.58 -7.46
C ARG B 76 -56.17 -20.76 -8.21
N ALA B 77 -54.85 -20.72 -8.41
CA ALA B 77 -54.16 -21.82 -9.07
C ALA B 77 -54.28 -23.10 -8.24
N LEU B 78 -54.21 -22.98 -6.91
CA LEU B 78 -54.39 -24.14 -6.04
C LEU B 78 -55.76 -24.76 -6.22
N GLN B 79 -56.80 -23.92 -6.26
CA GLN B 79 -58.15 -24.43 -6.50
C GLN B 79 -58.24 -25.13 -7.84
N GLU B 80 -57.62 -24.54 -8.87
CA GLU B 80 -57.70 -25.14 -10.20
C GLU B 80 -57.01 -26.50 -10.24
N MET B 81 -55.82 -26.62 -9.62
CA MET B 81 -55.14 -27.91 -9.68
C MET B 81 -55.82 -28.94 -8.79
N LEU B 82 -56.43 -28.51 -7.68
CA LEU B 82 -57.23 -29.42 -6.88
C LEU B 82 -58.43 -29.93 -7.67
N ALA B 83 -59.05 -29.06 -8.47
CA ALA B 83 -60.11 -29.50 -9.37
C ALA B 83 -59.58 -30.47 -10.40
N ASN B 84 -58.37 -30.25 -10.91
CA ASN B 84 -57.75 -31.14 -11.87
C ASN B 84 -57.54 -32.53 -11.27
N GLY B 97 -34.84 -24.08 -9.21
CA GLY B 97 -36.22 -23.66 -9.32
C GLY B 97 -36.80 -23.14 -8.02
N HIS B 98 -36.32 -21.98 -7.59
CA HIS B 98 -36.76 -21.35 -6.36
C HIS B 98 -37.80 -20.29 -6.66
N ARG B 99 -38.91 -20.32 -5.91
CA ARG B 99 -39.98 -19.35 -6.03
C ARG B 99 -40.06 -18.54 -4.74
N THR B 100 -40.06 -17.21 -4.89
CA THR B 100 -40.10 -16.34 -3.72
C THR B 100 -41.46 -16.44 -3.04
N LEU B 101 -41.45 -16.60 -1.71
CA LEU B 101 -42.67 -16.73 -0.94
C LEU B 101 -43.22 -15.35 -0.60
N LEU B 102 -44.50 -15.14 -0.90
CA LEU B 102 -45.18 -13.88 -0.58
C LEU B 102 -46.52 -14.19 0.06
N TYR B 103 -47.07 -13.19 0.73
CA TYR B 103 -48.29 -13.38 1.51
C TYR B 103 -49.46 -13.72 0.60
N GLY B 104 -50.44 -14.41 1.17
CA GLY B 104 -51.58 -14.89 0.40
C GLY B 104 -51.23 -15.96 -0.60
N HIS B 105 -50.36 -16.90 -0.22
CA HIS B 105 -49.95 -17.99 -1.11
C HIS B 105 -49.97 -19.30 -0.33
N ALA B 106 -50.29 -20.37 -1.04
CA ALA B 106 -50.36 -21.70 -0.45
C ALA B 106 -49.02 -22.41 -0.58
N ILE B 107 -48.60 -23.07 0.51
CA ILE B 107 -47.31 -23.76 0.55
C ILE B 107 -47.52 -25.18 1.04
N LEU B 108 -46.54 -26.03 0.76
CA LEU B 108 -46.54 -27.43 1.16
C LEU B 108 -45.28 -27.72 1.95
N LEU B 109 -45.43 -28.36 3.10
CA LEU B 109 -44.33 -28.66 3.99
C LEU B 109 -44.13 -30.16 4.09
N ARG B 110 -42.90 -30.62 3.84
CA ARG B 110 -42.56 -32.04 3.91
C ARG B 110 -41.56 -32.27 5.03
N HIS B 111 -41.88 -33.19 5.94
CA HIS B 111 -40.95 -33.55 6.99
C HIS B 111 -39.69 -34.15 6.41
N ALA B 112 -38.53 -33.73 6.90
CA ALA B 112 -37.27 -34.20 6.34
C ALA B 112 -37.06 -35.68 6.60
N HIS B 113 -37.20 -36.12 7.86
CA HIS B 113 -36.90 -37.50 8.20
C HIS B 113 -37.98 -38.45 7.70
N SER B 114 -39.25 -38.11 7.89
CA SER B 114 -40.35 -39.03 7.63
C SER B 114 -40.82 -39.01 6.18
N ARG B 115 -40.41 -38.02 5.39
CA ARG B 115 -40.82 -37.85 4.00
C ARG B 115 -42.33 -37.70 3.85
N MET B 116 -43.05 -37.46 4.94
CA MET B 116 -44.49 -37.23 4.90
C MET B 116 -44.77 -35.74 4.78
N TYR B 117 -46.05 -35.38 4.72
CA TYR B 117 -46.47 -34.00 4.54
C TYR B 117 -47.20 -33.51 5.77
N LEU B 118 -46.88 -32.29 6.21
CA LEU B 118 -47.58 -31.68 7.32
C LEU B 118 -49.03 -31.40 6.92
N SER B 119 -49.96 -31.69 7.83
CA SER B 119 -51.38 -31.56 7.53
C SER B 119 -52.14 -31.25 8.80
N CYS B 120 -53.42 -30.97 8.64
CA CYS B 120 -54.34 -30.69 9.75
C CYS B 120 -55.29 -31.87 9.88
N LEU B 121 -55.08 -32.69 10.90
CA LEU B 121 -55.92 -33.86 11.12
C LEU B 121 -57.29 -33.45 11.63
N THR B 122 -58.29 -34.29 11.35
CA THR B 122 -59.65 -34.05 11.79
C THR B 122 -59.88 -34.46 13.24
N THR B 123 -58.98 -35.23 13.83
CA THR B 123 -59.13 -35.66 15.21
C THR B 123 -58.83 -34.51 16.17
N SER B 124 -59.56 -34.47 17.28
CA SER B 124 -59.42 -33.43 18.29
C SER B 124 -59.22 -34.10 19.64
N ARG B 125 -57.96 -34.30 20.04
CA ARG B 125 -57.66 -34.90 21.32
C ARG B 125 -57.78 -33.92 22.48
N SER B 126 -57.78 -32.62 22.20
CA SER B 126 -57.85 -31.60 23.24
C SER B 126 -59.30 -31.40 23.66
N MET B 127 -59.64 -31.82 24.88
CA MET B 127 -61.00 -31.65 25.39
C MET B 127 -61.26 -30.25 25.92
N THR B 128 -60.20 -29.43 26.10
CA THR B 128 -60.40 -28.07 26.59
C THR B 128 -61.19 -27.23 25.59
N ASP B 129 -60.90 -27.38 24.31
CA ASP B 129 -61.55 -26.61 23.25
C ASP B 129 -62.26 -27.56 22.31
N LYS B 130 -63.56 -27.31 22.09
CA LYS B 130 -64.32 -28.16 21.18
C LYS B 130 -63.99 -27.88 19.73
N LEU B 131 -63.63 -26.64 19.41
CA LEU B 131 -63.32 -26.24 18.04
C LEU B 131 -61.89 -26.56 17.63
N ALA B 132 -61.04 -26.93 18.58
CA ALA B 132 -59.64 -27.18 18.26
C ALA B 132 -59.48 -28.43 17.41
N PHE B 133 -58.46 -28.42 16.56
CA PHE B 133 -58.12 -29.55 15.70
C PHE B 133 -56.63 -29.84 15.84
N ASP B 134 -56.29 -31.12 15.85
CA ASP B 134 -54.89 -31.53 16.00
C ASP B 134 -54.18 -31.51 14.67
N VAL B 135 -52.91 -31.12 14.70
CA VAL B 135 -52.06 -31.06 13.51
C VAL B 135 -51.09 -32.23 13.53
N GLY B 136 -50.94 -32.89 12.38
CA GLY B 136 -50.07 -34.04 12.29
C GLY B 136 -49.50 -34.25 10.91
N LEU B 137 -48.89 -35.41 10.68
CA LEU B 137 -48.28 -35.74 9.40
C LEU B 137 -49.14 -36.73 8.65
N GLN B 138 -49.21 -36.57 7.33
CA GLN B 138 -49.92 -37.49 6.45
C GLN B 138 -48.99 -37.90 5.31
N GLU B 139 -49.19 -39.13 4.83
CA GLU B 139 -48.29 -39.73 3.86
C GLU B 139 -48.69 -39.45 2.41
N ASP B 140 -49.74 -38.67 2.19
CA ASP B 140 -50.20 -38.38 0.84
C ASP B 140 -50.34 -36.88 0.64
N ALA B 141 -49.99 -36.41 -0.56
CA ALA B 141 -50.12 -35.01 -0.92
C ALA B 141 -51.50 -34.67 -1.48
N THR B 142 -52.37 -35.67 -1.64
CA THR B 142 -53.71 -35.41 -2.15
C THR B 142 -54.55 -34.67 -1.12
N GLY B 143 -55.51 -33.90 -1.62
CA GLY B 143 -56.38 -33.12 -0.77
C GLY B 143 -55.79 -31.77 -0.38
N GLU B 144 -56.63 -30.96 0.26
CA GLU B 144 -56.25 -29.62 0.68
C GLU B 144 -55.91 -29.55 2.17
N ALA B 145 -55.88 -30.69 2.86
CA ALA B 145 -55.58 -30.67 4.29
C ALA B 145 -54.11 -30.36 4.56
N CYS B 146 -53.23 -30.59 3.59
CA CYS B 146 -51.80 -30.40 3.79
C CYS B 146 -51.29 -29.06 3.27
N TRP B 147 -52.16 -28.20 2.76
CA TRP B 147 -51.76 -26.92 2.20
C TRP B 147 -52.04 -25.81 3.20
N TRP B 148 -51.10 -24.86 3.29
CA TRP B 148 -51.17 -23.79 4.28
C TRP B 148 -50.86 -22.47 3.62
N THR B 149 -51.43 -21.39 4.14
CA THR B 149 -51.26 -20.05 3.60
C THR B 149 -50.79 -19.10 4.69
N MET B 150 -49.77 -18.31 4.39
CA MET B 150 -49.26 -17.33 5.32
C MET B 150 -49.96 -16.00 5.12
N HIS B 151 -50.00 -15.20 6.19
CA HIS B 151 -50.62 -13.89 6.14
C HIS B 151 -49.71 -12.86 6.79
N PRO B 152 -49.83 -11.59 6.38
CA PRO B 152 -48.97 -10.55 6.95
C PRO B 152 -49.39 -10.14 8.35
N ALA B 153 -48.93 -10.87 9.36
CA ALA B 153 -49.30 -10.57 10.74
C ALA B 153 -48.84 -9.16 11.13
N SER B 154 -47.69 -8.72 10.63
CA SER B 154 -47.21 -7.38 10.93
C SER B 154 -48.08 -6.33 10.24
N LYS B 155 -48.31 -5.22 10.94
CA LYS B 155 -49.13 -4.15 10.37
C LYS B 155 -48.43 -3.51 9.17
N GLN B 156 -47.10 -3.37 9.24
CA GLN B 156 -46.37 -2.75 8.13
C GLN B 156 -46.49 -3.59 6.85
N ARG B 157 -46.42 -4.91 6.98
CA ARG B 157 -46.51 -5.77 5.81
C ARG B 157 -47.95 -5.84 5.30
N SER B 158 -48.09 -6.26 4.05
CA SER B 158 -49.39 -6.37 3.41
C SER B 158 -49.38 -7.53 2.44
N GLU B 159 -50.57 -7.94 2.02
CA GLU B 159 -50.71 -9.06 1.11
C GLU B 159 -50.09 -8.71 -0.25
N GLY B 160 -49.55 -9.72 -0.92
CA GLY B 160 -48.85 -9.53 -2.17
C GLY B 160 -47.39 -9.14 -2.03
N GLU B 161 -46.90 -8.97 -0.80
CA GLU B 161 -45.51 -8.61 -0.55
C GLU B 161 -44.69 -9.85 -0.24
N LYS B 162 -43.48 -9.91 -0.79
CA LYS B 162 -42.61 -11.04 -0.54
C LYS B 162 -42.16 -11.08 0.91
N VAL B 163 -42.21 -12.26 1.51
CA VAL B 163 -41.78 -12.42 2.89
C VAL B 163 -40.25 -12.50 2.95
N ARG B 164 -39.71 -12.18 4.12
CA ARG B 164 -38.27 -12.18 4.35
C ARG B 164 -37.96 -12.91 5.64
N VAL B 165 -36.69 -13.28 5.80
CA VAL B 165 -36.27 -14.00 6.98
C VAL B 165 -36.41 -13.11 8.22
N GLY B 166 -36.58 -13.74 9.37
CA GLY B 166 -36.76 -13.01 10.62
C GLY B 166 -38.04 -12.21 10.66
N ASP B 167 -39.12 -12.72 10.08
CA ASP B 167 -40.41 -12.05 10.06
C ASP B 167 -41.47 -12.99 10.59
N ASP B 168 -42.28 -12.50 11.52
CA ASP B 168 -43.35 -13.33 12.09
C ASP B 168 -44.45 -13.56 11.06
N LEU B 169 -45.01 -14.76 11.07
CA LEU B 169 -46.03 -15.16 10.12
C LEU B 169 -47.20 -15.80 10.85
N ILE B 170 -48.35 -15.83 10.19
CA ILE B 170 -49.55 -16.50 10.68
C ILE B 170 -50.05 -17.43 9.58
N LEU B 171 -50.18 -18.71 9.91
CA LEU B 171 -50.52 -19.74 8.94
C LEU B 171 -51.95 -20.20 9.13
N VAL B 172 -52.66 -20.39 8.01
CA VAL B 172 -54.05 -20.82 8.01
C VAL B 172 -54.21 -21.98 7.04
N SER B 173 -54.93 -23.02 7.46
CA SER B 173 -55.22 -24.15 6.57
C SER B 173 -56.15 -23.69 5.45
N VAL B 174 -55.83 -24.09 4.22
CA VAL B 174 -56.74 -23.81 3.12
C VAL B 174 -57.99 -24.66 3.22
N SER B 175 -57.90 -25.83 3.85
CA SER B 175 -59.06 -26.70 4.00
C SER B 175 -60.06 -26.12 4.98
N SER B 176 -59.57 -25.57 6.09
CA SER B 176 -60.44 -24.99 7.11
C SER B 176 -59.73 -23.82 7.78
N GLU B 177 -60.41 -22.68 7.86
CA GLU B 177 -59.83 -21.51 8.50
C GLU B 177 -59.47 -21.81 9.95
N ARG B 178 -58.18 -21.80 10.27
CA ARG B 178 -57.71 -22.07 11.62
C ARG B 178 -56.22 -21.69 11.67
N TYR B 179 -55.73 -21.49 12.89
CA TYR B 179 -54.36 -21.05 13.10
C TYR B 179 -53.62 -22.08 13.95
N LEU B 180 -52.29 -22.07 13.82
CA LEU B 180 -51.43 -22.94 14.62
C LEU B 180 -51.30 -22.36 16.03
N HIS B 181 -52.43 -22.38 16.74
CA HIS B 181 -52.46 -21.79 18.06
C HIS B 181 -51.62 -22.62 19.04
N LEU B 182 -50.91 -21.91 19.91
CA LEU B 182 -50.05 -22.51 20.93
C LEU B 182 -50.86 -22.57 22.23
N SER B 183 -51.61 -23.64 22.40
CA SER B 183 -52.41 -23.82 23.60
C SER B 183 -51.52 -24.09 24.80
N THR B 184 -51.77 -23.36 25.89
CA THR B 184 -51.02 -23.52 27.14
C THR B 184 -51.95 -23.45 28.34
N ALA B 185 -53.24 -23.81 28.15
CA ALA B 185 -54.19 -23.73 29.25
C ALA B 185 -53.87 -24.73 30.35
N SER B 186 -53.39 -25.92 29.98
CA SER B 186 -53.07 -26.96 30.94
C SER B 186 -51.66 -26.87 31.49
N GLY B 187 -50.92 -25.82 31.13
CA GLY B 187 -49.54 -25.68 31.53
C GLY B 187 -48.53 -26.32 30.60
N GLU B 188 -49.00 -27.04 29.58
CA GLU B 188 -48.14 -27.67 28.59
C GLU B 188 -48.38 -27.02 27.23
N LEU B 189 -47.30 -26.72 26.52
CA LEU B 189 -47.38 -26.03 25.25
C LEU B 189 -47.68 -27.05 24.15
N GLN B 190 -48.84 -26.93 23.53
CA GLN B 190 -49.22 -27.79 22.41
C GLN B 190 -49.60 -26.92 21.22
N VAL B 191 -49.45 -27.47 20.02
CA VAL B 191 -49.80 -26.78 18.78
C VAL B 191 -51.07 -27.43 18.24
N ASP B 192 -52.08 -26.61 17.96
CA ASP B 192 -53.33 -27.15 17.44
C ASP B 192 -54.01 -26.12 16.56
N ALA B 193 -54.87 -26.61 15.67
CA ALA B 193 -55.62 -25.74 14.78
C ALA B 193 -56.80 -25.15 15.54
N SER B 194 -56.72 -23.86 15.85
CA SER B 194 -57.75 -23.16 16.61
C SER B 194 -58.08 -21.84 15.92
N PHE B 195 -59.03 -21.12 16.50
CA PHE B 195 -59.49 -19.85 15.94
C PHE B 195 -58.75 -18.64 16.49
N MET B 196 -57.76 -18.84 17.35
CA MET B 196 -56.97 -17.75 17.91
C MET B 196 -55.68 -17.59 17.12
N GLN B 197 -55.26 -16.34 16.93
CA GLN B 197 -54.08 -16.04 16.14
C GLN B 197 -52.81 -16.37 16.91
N THR B 198 -51.75 -16.70 16.16
CA THR B 198 -50.45 -17.02 16.75
C THR B 198 -49.36 -16.73 15.75
N LEU B 199 -48.37 -15.94 16.18
CA LEU B 199 -47.25 -15.59 15.31
C LEU B 199 -46.22 -16.72 15.29
N TRP B 200 -45.67 -16.98 14.10
CA TRP B 200 -44.70 -18.05 13.91
C TRP B 200 -43.48 -17.49 13.17
N ASN B 201 -42.30 -17.76 13.72
CA ASN B 201 -41.05 -17.33 13.11
C ASN B 201 -40.57 -18.43 12.16
N MET B 202 -40.38 -18.07 10.90
CA MET B 202 -40.00 -19.03 9.86
C MET B 202 -38.49 -18.91 9.66
N ASN B 203 -37.74 -19.50 10.59
CA ASN B 203 -36.29 -19.40 10.57
C ASN B 203 -35.70 -20.47 9.66
N PRO B 204 -35.02 -20.10 8.58
CA PRO B 204 -34.42 -21.11 7.70
C PRO B 204 -33.10 -21.64 8.25
N ILE B 205 -32.87 -22.93 7.99
CA ILE B 205 -31.60 -23.58 8.29
C ILE B 205 -31.16 -24.38 7.08
N CYS B 206 -29.87 -24.69 7.04
CA CYS B 206 -29.26 -25.46 5.96
C CYS B 206 -29.46 -24.79 4.60
N SER B 207 -29.62 -23.46 4.60
CA SER B 207 -29.85 -22.75 3.35
C SER B 207 -28.59 -22.63 2.51
N CYS B 208 -27.46 -22.31 3.14
CA CYS B 208 -26.20 -22.10 2.42
C CYS B 208 -25.48 -23.44 2.32
N CYS B 209 -25.70 -24.14 1.21
CA CYS B 209 -25.12 -25.47 1.03
C CYS B 209 -23.61 -25.36 0.83
N GLU B 210 -22.86 -25.92 1.77
CA GLU B 210 -21.41 -26.08 1.63
C GLU B 210 -21.15 -27.30 0.76
N GLU B 211 -20.92 -27.08 -0.52
CA GLU B 211 -20.66 -28.18 -1.44
C GLU B 211 -19.26 -28.74 -1.20
N GLY B 212 -19.18 -30.07 -1.06
CA GLY B 212 -17.93 -30.73 -0.75
C GLY B 212 -17.40 -30.46 0.64
N TYR B 213 -17.98 -29.51 1.37
CA TYR B 213 -17.59 -29.19 2.74
C TYR B 213 -18.53 -29.90 3.72
N VAL B 214 -18.09 -30.00 4.96
CA VAL B 214 -18.88 -30.65 6.00
C VAL B 214 -19.85 -29.64 6.60
N THR B 215 -21.12 -30.02 6.68
CA THR B 215 -22.18 -29.14 7.15
C THR B 215 -22.76 -29.65 8.47
N GLY B 216 -23.46 -28.77 9.17
CA GLY B 216 -24.13 -29.15 10.38
C GLY B 216 -25.38 -29.98 10.11
N GLY B 217 -25.82 -30.70 11.15
CA GLY B 217 -26.96 -31.58 11.01
C GLY B 217 -26.74 -32.68 9.99
N HIS B 218 -25.54 -33.25 9.96
CA HIS B 218 -25.16 -34.25 8.98
C HIS B 218 -24.65 -35.49 9.69
N VAL B 219 -24.97 -36.66 9.11
CA VAL B 219 -24.51 -37.95 9.61
C VAL B 219 -23.42 -38.46 8.69
N LEU B 220 -22.38 -39.05 9.29
CA LEU B 220 -21.21 -39.47 8.52
C LEU B 220 -20.39 -40.43 9.37
N ARG B 221 -19.40 -41.06 8.74
CA ARG B 221 -18.51 -42.01 9.40
C ARG B 221 -17.11 -41.42 9.44
N LEU B 222 -16.69 -40.97 10.62
CA LEU B 222 -15.33 -40.44 10.78
C LEU B 222 -14.32 -41.57 10.67
N PHE B 223 -13.16 -41.25 10.09
CA PHE B 223 -12.16 -42.25 9.72
C PHE B 223 -10.78 -41.65 9.95
N HIS B 224 -10.05 -42.06 10.99
CA HIS B 224 -8.65 -41.66 11.05
C HIS B 224 -7.88 -42.39 9.95
N GLY B 225 -7.63 -41.68 8.87
CA GLY B 225 -6.98 -42.28 7.69
C GLY B 225 -8.01 -42.92 6.74
N HIS B 226 -7.92 -44.23 6.60
CA HIS B 226 -8.88 -45.00 5.82
C HIS B 226 -9.05 -46.35 6.50
N MET B 227 -10.27 -46.88 6.47
CA MET B 227 -10.58 -48.15 7.11
C MET B 227 -10.24 -48.07 8.61
N ASP B 228 -10.97 -47.21 9.29
CA ASP B 228 -10.71 -46.87 10.70
C ASP B 228 -11.90 -47.06 11.62
N GLU B 229 -13.10 -46.68 11.20
CA GLU B 229 -14.28 -46.68 12.05
C GLU B 229 -14.06 -45.86 13.31
N CYS B 230 -13.80 -44.57 13.10
CA CYS B 230 -13.45 -43.68 14.21
C CYS B 230 -14.64 -43.48 15.14
N LEU B 231 -14.40 -43.62 16.44
CA LEU B 231 -15.43 -43.49 17.47
C LEU B 231 -16.63 -44.40 17.19
N THR B 232 -16.34 -45.60 16.70
CA THR B 232 -17.40 -46.59 16.49
C THR B 232 -17.71 -47.27 17.82
N ILE B 233 -18.96 -47.13 18.27
CA ILE B 233 -19.34 -47.69 19.55
C ILE B 233 -19.31 -49.22 19.50
N SER B 234 -19.27 -49.84 20.67
CA SER B 234 -19.21 -51.29 20.75
C SER B 234 -20.53 -51.91 20.28
N ALA B 235 -20.51 -53.22 20.11
CA ALA B 235 -21.70 -53.92 19.62
C ALA B 235 -22.78 -53.95 20.69
N ALA B 236 -23.96 -54.42 20.29
CA ALA B 236 -25.10 -54.47 21.20
C ALA B 236 -24.88 -55.51 22.30
N ASP B 237 -25.41 -55.21 23.47
CA ASP B 237 -25.32 -56.09 24.64
C ASP B 237 -23.86 -56.41 24.99
N SER B 238 -23.02 -55.39 24.97
CA SER B 238 -21.61 -55.53 25.29
C SER B 238 -21.33 -55.08 26.72
N ASP B 239 -20.23 -55.58 27.27
CA ASP B 239 -19.81 -55.17 28.61
C ASP B 239 -19.46 -53.69 28.67
N ASP B 240 -19.09 -53.09 27.55
CA ASP B 240 -18.82 -51.66 27.50
C ASP B 240 -20.07 -50.83 27.77
N GLN B 241 -21.25 -51.43 27.65
CA GLN B 241 -22.53 -50.72 27.76
C GLN B 241 -22.64 -49.61 26.72
N ARG B 242 -21.92 -49.77 25.61
CA ARG B 242 -21.88 -48.78 24.53
C ARG B 242 -21.53 -47.40 25.08
N ARG B 243 -20.48 -47.35 25.90
CA ARG B 243 -20.06 -46.11 26.53
C ARG B 243 -18.65 -45.65 26.15
N LEU B 244 -17.87 -46.49 25.46
CA LEU B 244 -16.52 -46.14 25.08
C LEU B 244 -16.34 -46.35 23.57
N VAL B 245 -15.39 -45.61 23.01
CA VAL B 245 -15.11 -45.65 21.57
C VAL B 245 -13.82 -46.43 21.33
N TYR B 246 -13.76 -47.13 20.20
CA TYR B 246 -12.63 -47.99 19.88
C TYR B 246 -12.36 -47.93 18.38
N TYR B 247 -11.52 -48.86 17.93
CA TYR B 247 -11.18 -49.06 16.52
C TYR B 247 -11.67 -50.44 16.11
N GLU B 248 -12.49 -50.51 15.08
CA GLU B 248 -13.06 -51.78 14.64
C GLU B 248 -12.79 -51.98 13.16
N GLY B 249 -13.28 -53.10 12.63
CA GLY B 249 -13.02 -53.45 11.24
C GLY B 249 -13.98 -54.49 10.74
N GLY B 250 -13.93 -54.70 9.43
CA GLY B 250 -14.76 -55.70 8.77
C GLY B 250 -16.01 -55.06 8.18
N ALA B 251 -17.17 -55.65 8.48
CA ALA B 251 -18.45 -55.12 8.02
C ALA B 251 -18.98 -54.01 8.90
N VAL B 252 -18.26 -53.65 9.97
CA VAL B 252 -18.68 -52.54 10.80
C VAL B 252 -18.65 -51.23 10.04
N CYS B 253 -17.90 -51.16 8.94
CA CYS B 253 -17.95 -49.98 8.07
C CYS B 253 -19.36 -49.78 7.51
N THR B 254 -19.97 -50.86 7.02
CA THR B 254 -21.35 -50.80 6.56
C THR B 254 -22.36 -50.78 7.70
N HIS B 255 -21.98 -51.29 8.86
CA HIS B 255 -22.87 -51.28 10.02
C HIS B 255 -23.27 -49.85 10.38
N ALA B 256 -24.39 -49.73 11.09
CA ALA B 256 -24.98 -48.44 11.41
C ALA B 256 -24.49 -47.88 12.74
N ARG B 257 -23.66 -48.60 13.48
CA ARG B 257 -23.15 -48.09 14.75
C ARG B 257 -21.99 -47.13 14.58
N SER B 258 -21.39 -47.07 13.40
CA SER B 258 -20.27 -46.17 13.14
C SER B 258 -20.71 -44.76 12.74
N LEU B 259 -22.02 -44.51 12.67
CA LEU B 259 -22.52 -43.22 12.24
C LEU B 259 -22.47 -42.22 13.38
N TRP B 260 -22.05 -40.99 13.04
CA TRP B 260 -22.04 -39.87 13.97
C TRP B 260 -22.66 -38.66 13.31
N ARG B 261 -23.43 -37.90 14.08
CA ARG B 261 -24.13 -36.72 13.62
C ARG B 261 -23.50 -35.49 14.24
N LEU B 262 -23.38 -34.43 13.44
CA LEU B 262 -22.75 -33.19 13.91
C LEU B 262 -23.80 -32.11 14.16
N GLU B 263 -23.63 -31.38 15.26
CA GLU B 263 -24.56 -30.31 15.62
C GLU B 263 -23.80 -29.08 16.11
N PRO B 264 -23.77 -27.99 15.34
CA PRO B 264 -23.16 -26.77 15.83
C PRO B 264 -23.93 -26.20 17.00
N LEU B 265 -23.20 -25.50 17.88
CA LEU B 265 -23.82 -24.97 19.09
C LEU B 265 -24.82 -23.85 18.81
N ARG B 266 -24.83 -23.30 17.60
CA ARG B 266 -25.78 -22.26 17.23
C ARG B 266 -27.12 -22.88 16.84
N ILE B 267 -28.05 -22.03 16.41
CA ILE B 267 -29.39 -22.47 16.06
C ILE B 267 -29.68 -22.14 14.61
N SER B 268 -29.68 -20.84 14.27
CA SER B 268 -29.99 -20.43 12.92
C SER B 268 -28.87 -20.78 11.96
N TRP B 269 -29.25 -21.27 10.77
CA TRP B 269 -28.30 -21.63 9.72
C TRP B 269 -27.30 -22.68 10.20
N SER B 270 -27.74 -23.55 11.10
CA SER B 270 -26.83 -24.53 11.71
C SER B 270 -26.26 -25.48 10.67
N GLY B 271 -27.09 -25.95 9.75
CA GLY B 271 -26.66 -26.86 8.71
C GLY B 271 -26.07 -26.20 7.49
N SER B 272 -25.85 -24.88 7.53
CA SER B 272 -25.35 -24.17 6.36
C SER B 272 -23.85 -24.31 6.21
N HIS B 273 -23.09 -23.77 7.17
CA HIS B 273 -21.64 -23.80 7.07
C HIS B 273 -21.01 -24.09 8.43
N LEU B 274 -19.88 -24.78 8.39
CA LEU B 274 -19.10 -25.13 9.58
C LEU B 274 -17.72 -24.48 9.47
N ARG B 275 -17.25 -23.94 10.59
CA ARG B 275 -16.03 -23.15 10.62
C ARG B 275 -14.90 -23.91 11.31
N TRP B 276 -13.68 -23.61 10.89
CA TRP B 276 -12.50 -24.16 11.56
C TRP B 276 -12.43 -23.68 13.00
N GLY B 277 -12.29 -24.61 13.93
CA GLY B 277 -12.27 -24.26 15.34
C GLY B 277 -13.60 -23.88 15.91
N GLN B 278 -14.69 -24.04 15.16
CA GLN B 278 -16.01 -23.70 15.66
C GLN B 278 -16.49 -24.78 16.61
N PRO B 279 -16.88 -24.42 17.83
CA PRO B 279 -17.36 -25.44 18.78
C PRO B 279 -18.60 -26.14 18.25
N LEU B 280 -18.69 -27.45 18.50
CA LEU B 280 -19.78 -28.27 17.99
C LEU B 280 -19.90 -29.50 18.88
N ARG B 281 -21.03 -30.19 18.75
CA ARG B 281 -21.29 -31.42 19.47
C ARG B 281 -21.42 -32.58 18.48
N ILE B 282 -21.01 -33.75 18.93
CA ILE B 282 -21.07 -34.97 18.14
C ILE B 282 -21.99 -35.96 18.84
N ARG B 283 -22.95 -36.50 18.10
CA ARG B 283 -23.99 -37.36 18.62
C ARG B 283 -23.91 -38.71 17.93
N HIS B 284 -24.33 -39.76 18.65
CA HIS B 284 -24.39 -41.10 18.08
C HIS B 284 -25.80 -41.32 17.53
N VAL B 285 -25.88 -41.61 16.24
CA VAL B 285 -27.19 -41.68 15.57
C VAL B 285 -28.02 -42.82 16.14
N THR B 286 -27.40 -43.99 16.33
CA THR B 286 -28.15 -45.16 16.75
C THR B 286 -28.55 -45.10 18.22
N THR B 287 -27.66 -44.64 19.09
CA THR B 287 -27.91 -44.66 20.53
C THR B 287 -28.35 -43.33 21.11
N GLY B 288 -28.04 -42.22 20.44
CA GLY B 288 -28.45 -40.92 20.94
C GLY B 288 -27.62 -40.40 22.10
N ARG B 289 -26.34 -40.74 22.16
CA ARG B 289 -25.43 -40.29 23.21
C ARG B 289 -24.41 -39.33 22.61
N TYR B 290 -24.05 -38.31 23.37
CA TYR B 290 -23.15 -37.27 22.91
C TYR B 290 -21.73 -37.56 23.38
N LEU B 291 -20.76 -37.38 22.48
CA LEU B 291 -19.35 -37.47 22.84
C LEU B 291 -19.01 -36.46 23.92
N ALA B 292 -18.23 -36.88 24.90
CA ALA B 292 -17.96 -36.03 26.05
C ALA B 292 -16.64 -36.42 26.71
N LEU B 293 -16.13 -35.49 27.50
CA LEU B 293 -14.96 -35.68 28.35
C LEU B 293 -15.41 -35.83 29.79
N THR B 294 -14.77 -36.74 30.52
CA THR B 294 -15.02 -36.90 31.94
C THR B 294 -13.71 -37.10 32.67
N GLU B 295 -13.71 -36.80 33.96
CA GLU B 295 -12.50 -36.95 34.77
C GLU B 295 -12.09 -38.40 34.96
N ASP B 296 -12.96 -39.35 34.64
CA ASP B 296 -12.64 -40.77 34.77
C ASP B 296 -11.97 -41.33 33.52
N GLN B 297 -12.51 -41.01 32.34
CA GLN B 297 -12.01 -41.56 31.09
C GLN B 297 -11.91 -40.44 30.05
N GLY B 298 -11.03 -40.65 29.08
CA GLY B 298 -10.80 -39.66 28.05
C GLY B 298 -12.01 -39.35 27.20
N LEU B 299 -12.46 -40.32 26.42
CA LEU B 299 -13.61 -40.18 25.56
C LEU B 299 -14.74 -41.06 26.08
N VAL B 300 -15.90 -40.47 26.33
CA VAL B 300 -17.09 -41.22 26.72
C VAL B 300 -18.28 -40.70 25.90
N VAL B 301 -19.42 -41.35 26.06
CA VAL B 301 -20.67 -40.87 25.50
C VAL B 301 -21.69 -40.80 26.63
N VAL B 302 -22.32 -39.64 26.77
CA VAL B 302 -23.25 -39.38 27.87
C VAL B 302 -24.60 -39.01 27.32
N ASP B 303 -25.62 -39.10 28.18
CA ASP B 303 -26.97 -38.74 27.80
C ASP B 303 -27.08 -37.22 27.59
N ALA B 304 -28.20 -36.82 26.98
CA ALA B 304 -28.40 -35.39 26.72
C ALA B 304 -28.53 -34.60 28.01
N CYS B 305 -29.06 -35.21 29.07
CA CYS B 305 -29.21 -34.50 30.34
C CYS B 305 -27.84 -34.12 30.91
N LYS B 306 -26.88 -35.04 30.86
CA LYS B 306 -25.53 -34.75 31.31
C LYS B 306 -24.68 -34.06 30.26
N ALA B 307 -25.18 -33.95 29.03
CA ALA B 307 -24.45 -33.32 27.94
C ALA B 307 -24.54 -31.80 28.10
N HIS B 308 -23.41 -31.17 28.39
CA HIS B 308 -23.32 -29.72 28.52
C HIS B 308 -22.08 -29.23 27.78
N THR B 309 -21.89 -27.89 27.80
CA THR B 309 -20.83 -27.30 26.99
C THR B 309 -19.45 -27.64 27.53
N LYS B 310 -19.31 -27.88 28.83
CA LYS B 310 -17.99 -28.12 29.40
C LYS B 310 -17.40 -29.46 28.99
N ALA B 311 -18.23 -30.39 28.53
CA ALA B 311 -17.76 -31.73 28.18
C ALA B 311 -18.06 -32.13 26.75
N THR B 312 -19.23 -31.79 26.22
CA THR B 312 -19.65 -32.26 24.90
C THR B 312 -19.22 -31.34 23.77
N SER B 313 -18.66 -30.17 24.07
CA SER B 313 -18.28 -29.22 23.03
C SER B 313 -16.92 -29.61 22.46
N PHE B 314 -16.90 -29.92 21.16
CA PHE B 314 -15.68 -30.23 20.44
C PHE B 314 -15.56 -29.29 19.25
N CYS B 315 -14.39 -29.30 18.62
CA CYS B 315 -14.13 -28.43 17.49
C CYS B 315 -13.22 -29.16 16.50
N PHE B 316 -12.86 -28.46 15.43
CA PHE B 316 -12.05 -29.02 14.35
C PHE B 316 -10.82 -28.14 14.16
N ARG B 317 -9.64 -28.71 14.39
CA ARG B 317 -8.38 -28.01 14.19
C ARG B 317 -7.48 -28.82 13.26
N VAL B 318 -6.22 -28.43 13.14
CA VAL B 318 -5.27 -29.15 12.29
C VAL B 318 -3.87 -28.94 12.84
N SER B 319 -3.05 -29.98 12.72
CA SER B 319 -1.61 -29.93 13.03
C SER B 319 -1.35 -29.55 14.48
N LYS B 320 -2.24 -29.94 15.39
CA LYS B 320 -2.05 -29.72 16.83
C LYS B 320 -1.79 -28.25 17.15
N GLU B 321 -2.52 -27.37 16.48
CA GLU B 321 -2.31 -25.92 16.60
C GLU B 321 -3.34 -25.34 17.56
N LYS B 322 -2.87 -24.71 18.63
CA LYS B 322 -3.76 -24.01 19.54
C LYS B 322 -4.43 -22.82 18.86
N LEU B 323 -3.66 -22.07 18.07
CA LEU B 323 -4.17 -20.89 17.39
C LEU B 323 -4.64 -21.24 15.98
N GLU B 338 -13.53 -23.97 3.85
CA GLU B 338 -13.52 -24.35 5.27
C GLU B 338 -12.98 -25.76 5.46
N ILE B 339 -13.84 -26.65 5.94
CA ILE B 339 -13.48 -28.03 6.23
C ILE B 339 -14.17 -28.91 5.19
N LYS B 340 -13.37 -29.57 4.36
CA LYS B 340 -13.92 -30.42 3.31
C LYS B 340 -14.58 -31.66 3.90
N TYR B 341 -15.75 -32.01 3.33
CA TYR B 341 -16.39 -33.27 3.69
C TYR B 341 -15.53 -34.45 3.25
N GLY B 342 -14.91 -34.35 2.07
CA GLY B 342 -14.03 -35.38 1.58
C GLY B 342 -12.72 -34.79 1.11
N GLU B 343 -11.71 -35.67 1.01
CA GLU B 343 -10.36 -35.30 0.59
C GLU B 343 -9.76 -34.23 1.50
N SER B 344 -9.81 -34.49 2.81
CA SER B 344 -9.22 -33.59 3.78
C SER B 344 -8.97 -34.35 5.08
N LEU B 345 -8.12 -33.77 5.92
CA LEU B 345 -7.82 -34.30 7.24
C LEU B 345 -7.84 -33.16 8.25
N CYS B 346 -8.12 -33.50 9.51
CA CYS B 346 -8.24 -32.48 10.54
C CYS B 346 -7.94 -33.09 11.90
N PHE B 347 -7.70 -32.22 12.87
CA PHE B 347 -7.43 -32.59 14.25
C PHE B 347 -8.56 -32.09 15.13
N VAL B 348 -8.83 -32.82 16.21
CA VAL B 348 -9.97 -32.57 17.08
C VAL B 348 -9.49 -32.18 18.46
N GLN B 349 -9.96 -31.05 18.96
CA GLN B 349 -9.72 -30.60 20.33
C GLN B 349 -11.05 -30.43 21.04
N HIS B 350 -11.11 -30.85 22.30
CA HIS B 350 -12.26 -30.54 23.12
C HIS B 350 -12.23 -29.07 23.51
N VAL B 351 -13.40 -28.43 23.46
CA VAL B 351 -13.48 -27.00 23.76
C VAL B 351 -13.23 -26.77 25.24
N ALA B 352 -12.52 -25.68 25.55
CA ALA B 352 -12.18 -25.29 26.91
C ALA B 352 -11.32 -26.36 27.61
N SER B 353 -10.48 -27.03 26.84
CA SER B 353 -9.52 -27.98 27.40
C SER B 353 -8.38 -28.16 26.41
N GLY B 354 -7.19 -28.42 26.95
CA GLY B 354 -6.02 -28.59 26.12
C GLY B 354 -5.83 -29.97 25.53
N LEU B 355 -6.68 -30.93 25.91
CA LEU B 355 -6.53 -32.29 25.44
C LEU B 355 -6.92 -32.41 23.98
N TRP B 356 -6.24 -33.30 23.26
CA TRP B 356 -6.50 -33.57 21.86
C TRP B 356 -6.97 -35.01 21.69
N LEU B 357 -7.88 -35.22 20.75
CA LEU B 357 -8.42 -36.56 20.51
C LEU B 357 -7.33 -37.46 19.94
N THR B 358 -7.07 -38.59 20.59
CA THR B 358 -5.99 -39.46 20.12
C THR B 358 -6.15 -40.90 20.57
N TYR B 359 -5.68 -41.83 19.75
CA TYR B 359 -5.78 -43.24 20.10
C TYR B 359 -4.87 -43.57 21.26
N ALA B 360 -5.22 -44.60 22.02
CA ALA B 360 -4.37 -45.03 23.11
C ALA B 360 -3.19 -45.81 22.54
N ALA B 361 -2.11 -45.89 23.30
CA ALA B 361 -0.95 -46.64 22.83
C ALA B 361 -1.36 -48.07 22.51
N PRO B 362 -0.84 -48.61 21.40
CA PRO B 362 -1.23 -49.95 20.99
C PRO B 362 -1.15 -50.92 22.16
N ASP B 363 -2.23 -51.63 22.44
CA ASP B 363 -2.25 -52.55 23.56
C ASP B 363 -1.80 -53.94 23.13
N PRO B 364 -0.67 -54.40 23.68
CA PRO B 364 -0.21 -55.75 23.36
C PRO B 364 -1.25 -56.76 23.79
N LYS B 365 -1.92 -56.51 24.92
CA LYS B 365 -2.98 -57.39 25.37
C LYS B 365 -4.11 -57.42 24.37
N ALA B 366 -4.47 -56.25 23.84
CA ALA B 366 -5.52 -56.20 22.84
C ALA B 366 -5.11 -57.02 21.65
N LEU B 367 -3.83 -56.92 21.26
CA LEU B 367 -3.33 -57.72 20.16
C LEU B 367 -3.41 -59.18 20.53
N ARG B 368 -3.06 -59.51 21.76
CA ARG B 368 -3.14 -60.88 22.23
C ARG B 368 -4.58 -61.34 22.10
N LEU B 369 -5.51 -60.47 22.49
CA LEU B 369 -6.93 -60.81 22.39
C LEU B 369 -7.36 -60.76 20.94
N GLY B 370 -6.48 -60.28 20.07
CA GLY B 370 -6.82 -60.18 18.66
C GLY B 370 -7.96 -59.22 18.45
N VAL B 371 -8.01 -58.17 19.26
CA VAL B 371 -9.07 -57.18 19.14
C VAL B 371 -8.52 -55.85 18.62
N LEU B 372 -9.10 -55.35 17.54
CA LEU B 372 -8.63 -54.09 16.96
C LEU B 372 -9.01 -52.89 17.81
N LYS B 373 -9.90 -53.10 18.77
CA LYS B 373 -10.38 -51.99 19.58
C LYS B 373 -9.23 -51.12 20.04
N LYS B 374 -9.33 -49.82 19.80
CA LYS B 374 -8.31 -48.89 20.26
C LYS B 374 -9.00 -47.83 21.07
N LYS B 375 -8.89 -47.91 22.38
CA LYS B 375 -9.60 -46.96 23.23
C LYS B 375 -8.97 -45.58 23.12
N ALA B 376 -9.42 -44.80 22.16
CA ALA B 376 -8.91 -43.45 22.00
C ALA B 376 -9.13 -42.67 23.29
N ILE B 377 -8.10 -41.96 23.74
CA ILE B 377 -8.21 -41.21 24.99
C ILE B 377 -7.86 -39.74 24.77
N LEU B 378 -8.34 -38.87 25.65
CA LEU B 378 -8.12 -37.44 25.48
C LEU B 378 -6.90 -36.91 26.22
N HIS B 379 -5.79 -36.72 25.50
CA HIS B 379 -4.61 -36.12 26.11
C HIS B 379 -4.17 -34.93 25.27
N GLN B 380 -3.42 -34.02 25.92
CA GLN B 380 -2.87 -32.88 25.21
C GLN B 380 -1.71 -33.29 24.31
N GLU B 381 -0.90 -34.26 24.75
CA GLU B 381 0.24 -34.69 23.96
C GLU B 381 -0.19 -35.29 22.64
N GLY B 382 -1.18 -36.18 22.67
CA GLY B 382 -1.71 -36.75 21.45
C GLY B 382 -0.71 -37.65 20.74
N HIS B 383 -0.87 -37.74 19.42
CA HIS B 383 -0.03 -38.56 18.57
C HIS B 383 0.06 -37.88 17.20
N MET B 384 0.50 -38.62 16.19
CA MET B 384 0.58 -38.09 14.83
C MET B 384 -0.36 -38.79 13.86
N ASP B 385 -1.16 -39.76 14.33
CA ASP B 385 -2.26 -40.32 13.56
C ASP B 385 -3.61 -39.70 13.92
N ASP B 386 -3.61 -38.49 14.48
CA ASP B 386 -4.85 -37.87 14.91
C ASP B 386 -5.63 -37.22 13.78
N ALA B 387 -5.07 -37.18 12.57
CA ALA B 387 -5.82 -36.71 11.43
C ALA B 387 -6.87 -37.74 11.03
N LEU B 388 -8.06 -37.27 10.67
CA LEU B 388 -9.17 -38.17 10.37
C LEU B 388 -9.89 -37.73 9.11
N PHE B 389 -10.56 -38.71 8.48
CA PHE B 389 -11.24 -38.56 7.21
C PHE B 389 -12.74 -38.63 7.44
N LEU B 390 -13.49 -37.80 6.73
CA LEU B 390 -14.94 -37.74 6.84
C LEU B 390 -15.59 -38.32 5.59
N THR B 391 -16.72 -39.00 5.78
CA THR B 391 -17.46 -39.58 4.66
C THR B 391 -18.92 -39.73 5.07
N ARG B 392 -19.81 -39.12 4.30
CA ARG B 392 -21.24 -39.19 4.59
C ARG B 392 -21.82 -40.53 4.12
N CYS B 393 -23.06 -40.78 4.51
CA CYS B 393 -23.76 -42.02 4.16
C CYS B 393 -25.11 -41.70 3.56
N GLN B 394 -25.76 -42.74 3.04
CA GLN B 394 -26.99 -42.57 2.30
C GLN B 394 -28.15 -42.18 3.22
N GLN B 395 -29.14 -41.49 2.62
CA GLN B 395 -30.33 -41.13 3.37
C GLN B 395 -31.10 -42.36 3.83
N GLU B 396 -30.96 -43.48 3.12
CA GLU B 396 -31.60 -44.72 3.55
C GLU B 396 -31.06 -45.16 4.91
N GLU B 397 -29.74 -45.23 5.05
CA GLU B 397 -29.14 -45.60 6.33
C GLU B 397 -29.40 -44.54 7.38
N SER B 398 -29.37 -43.26 6.99
CA SER B 398 -29.63 -42.19 7.95
C SER B 398 -31.04 -42.31 8.53
N GLN B 399 -32.02 -42.60 7.69
CA GLN B 399 -33.38 -42.83 8.18
C GLN B 399 -33.46 -44.10 9.03
N ALA B 400 -32.83 -45.18 8.56
CA ALA B 400 -32.96 -46.48 9.23
C ALA B 400 -32.39 -46.42 10.64
N ALA B 401 -31.27 -45.72 10.83
CA ALA B 401 -30.70 -45.60 12.18
C ALA B 401 -31.67 -44.88 13.11
N ARG B 402 -32.33 -43.83 12.62
CA ARG B 402 -33.30 -43.11 13.45
C ARG B 402 -34.48 -43.99 13.82
N MET B 403 -34.99 -44.76 12.85
CA MET B 403 -36.08 -45.68 13.17
C MET B 403 -35.63 -46.74 14.16
N ILE B 404 -34.39 -47.21 14.04
CA ILE B 404 -33.87 -48.20 14.99
C ILE B 404 -33.84 -47.61 16.39
N HIS B 405 -33.36 -46.37 16.52
CA HIS B 405 -33.28 -45.72 17.83
C HIS B 405 -34.67 -45.56 18.44
N SER B 406 -35.61 -45.03 17.65
CA SER B 406 -36.97 -44.80 18.17
C SER B 406 -37.65 -46.10 18.54
N THR B 407 -37.54 -47.12 17.69
CA THR B 407 -38.15 -48.42 17.97
C THR B 407 -37.55 -49.05 19.21
N ALA B 408 -36.23 -48.97 19.37
CA ALA B 408 -35.60 -49.53 20.56
C ALA B 408 -36.10 -48.84 21.81
N GLY B 409 -36.19 -47.50 21.79
CA GLY B 409 -36.70 -46.79 22.95
C GLY B 409 -38.13 -47.18 23.29
N LEU B 410 -39.01 -47.19 22.28
CA LEU B 410 -40.42 -47.49 22.53
C LEU B 410 -40.58 -48.93 23.04
N TYR B 411 -39.86 -49.88 22.45
CA TYR B 411 -40.03 -51.27 22.83
C TYR B 411 -39.42 -51.54 24.19
N ASN B 412 -38.34 -50.84 24.56
CA ASN B 412 -37.81 -50.93 25.91
C ASN B 412 -38.81 -50.40 26.92
N GLN B 413 -39.48 -49.29 26.60
CA GLN B 413 -40.53 -48.80 27.48
C GLN B 413 -41.65 -49.83 27.63
N PHE B 414 -42.03 -50.46 26.51
CA PHE B 414 -43.09 -51.48 26.57
C PHE B 414 -42.68 -52.66 27.44
N ILE B 415 -41.44 -53.12 27.29
CA ILE B 415 -40.96 -54.26 28.09
C ILE B 415 -40.91 -53.88 29.56
N LYS B 416 -40.44 -52.68 29.88
CA LYS B 416 -40.42 -52.23 31.27
C LYS B 416 -41.83 -52.14 31.83
N GLY B 417 -42.78 -51.67 31.03
CA GLY B 417 -44.16 -51.63 31.49
C GLY B 417 -44.71 -53.00 31.78
N LEU B 418 -44.42 -53.98 30.91
CA LEU B 418 -44.87 -55.35 31.16
C LEU B 418 -44.25 -55.89 32.45
N ASP B 419 -42.93 -55.70 32.61
CA ASP B 419 -42.25 -56.21 33.80
C ASP B 419 -42.69 -55.49 35.07
N SER B 420 -43.26 -54.28 34.95
CA SER B 420 -43.73 -53.56 36.12
C SER B 420 -44.83 -54.34 36.84
N PHE B 421 -45.85 -54.78 36.10
CA PHE B 421 -46.92 -55.57 36.69
C PHE B 421 -46.66 -57.06 36.62
N SER B 422 -45.57 -57.49 35.98
CA SER B 422 -45.23 -58.90 35.98
C SER B 422 -44.94 -59.39 37.40
N GLY B 423 -45.64 -60.44 37.82
CA GLY B 423 -45.45 -61.04 39.12
C GLY B 423 -46.48 -60.65 40.15
N LYS B 424 -47.20 -59.54 39.95
CA LYS B 424 -48.25 -59.11 40.87
C LYS B 424 -49.54 -58.94 40.08
N PRO B 425 -50.59 -59.68 40.41
CA PRO B 425 -51.85 -59.52 39.67
C PRO B 425 -52.43 -58.13 39.83
N ARG B 426 -53.03 -57.62 38.76
CA ARG B 426 -53.71 -56.33 38.82
C ARG B 426 -54.91 -56.38 39.75
N GLY B 427 -55.70 -57.44 39.66
CA GLY B 427 -56.88 -57.59 40.49
C GLY B 427 -57.92 -56.52 40.22
N SER B 428 -58.13 -55.63 41.18
CA SER B 428 -59.12 -54.56 41.06
C SER B 428 -58.47 -53.27 40.54
N GLY B 429 -57.47 -52.77 41.25
CA GLY B 429 -56.81 -51.53 40.87
C GLY B 429 -55.72 -51.75 39.85
N PRO B 430 -55.61 -50.83 38.90
CA PRO B 430 -54.59 -50.95 37.84
C PRO B 430 -53.19 -50.85 38.42
N PRO B 431 -52.19 -51.39 37.72
CA PRO B 431 -50.82 -51.31 38.23
C PRO B 431 -50.37 -49.87 38.42
N ALA B 432 -49.55 -49.65 39.44
CA ALA B 432 -49.10 -48.30 39.77
C ALA B 432 -48.28 -47.68 38.65
N GLY B 433 -47.64 -48.51 37.82
CA GLY B 433 -46.85 -48.02 36.72
C GLY B 433 -47.70 -47.36 35.66
N PRO B 434 -47.09 -46.50 34.85
CA PRO B 434 -47.84 -45.84 33.78
C PRO B 434 -48.35 -46.84 32.76
N ALA B 435 -49.48 -46.49 32.13
CA ALA B 435 -50.09 -47.38 31.16
C ALA B 435 -49.15 -47.61 29.98
N LEU B 436 -49.11 -48.85 29.51
CA LEU B 436 -48.24 -49.21 28.40
C LEU B 436 -48.72 -48.52 27.13
N PRO B 437 -47.80 -48.02 26.30
CA PRO B 437 -48.20 -47.37 25.03
C PRO B 437 -48.58 -48.37 23.95
N ILE B 438 -49.72 -49.03 24.15
CA ILE B 438 -50.12 -50.11 23.25
C ILE B 438 -50.47 -49.56 21.86
N GLU B 439 -51.08 -48.38 21.81
CA GLU B 439 -51.39 -47.78 20.51
C GLU B 439 -50.11 -47.43 19.75
N ALA B 440 -49.12 -46.87 20.44
CA ALA B 440 -47.85 -46.59 19.79
C ALA B 440 -47.18 -47.88 19.33
N VAL B 441 -47.27 -48.93 20.14
CA VAL B 441 -46.66 -50.21 19.79
C VAL B 441 -47.29 -50.77 18.53
N ILE B 442 -48.62 -50.77 18.45
CA ILE B 442 -49.28 -51.36 17.30
C ILE B 442 -49.04 -50.52 16.05
N LEU B 443 -49.04 -49.19 16.19
CA LEU B 443 -48.78 -48.34 15.03
C LEU B 443 -47.35 -48.55 14.52
N SER B 444 -46.38 -48.63 15.43
CA SER B 444 -45.00 -48.87 15.02
C SER B 444 -44.84 -50.25 14.40
N LEU B 445 -45.56 -51.25 14.93
CA LEU B 445 -45.52 -52.59 14.35
C LEU B 445 -46.04 -52.59 12.92
N GLN B 446 -47.17 -51.91 12.68
CA GLN B 446 -47.70 -51.83 11.32
C GLN B 446 -46.73 -51.09 10.41
N ASP B 447 -46.13 -50.01 10.90
CA ASP B 447 -45.17 -49.26 10.09
C ASP B 447 -43.97 -50.14 9.72
N LEU B 448 -43.46 -50.92 10.68
CA LEU B 448 -42.31 -51.77 10.39
C LEU B 448 -42.69 -52.91 9.44
N ILE B 449 -43.89 -53.47 9.58
CA ILE B 449 -44.33 -54.50 8.66
C ILE B 449 -44.42 -53.95 7.25
N GLY B 450 -44.97 -52.75 7.09
CA GLY B 450 -44.99 -52.11 5.78
C GLY B 450 -43.59 -51.80 5.27
N TYR B 451 -42.69 -51.42 6.18
CA TYR B 451 -41.33 -51.07 5.79
C TYR B 451 -40.56 -52.28 5.28
N PHE B 452 -40.73 -53.42 5.93
CA PHE B 452 -40.13 -54.69 5.49
C PHE B 452 -41.19 -55.43 4.67
N GLU B 453 -41.25 -55.15 3.38
CA GLU B 453 -42.22 -55.77 2.49
C GLU B 453 -41.51 -56.32 1.26
N PRO B 454 -41.76 -57.57 0.88
CA PRO B 454 -41.09 -58.13 -0.28
C PRO B 454 -41.51 -57.39 -1.55
N PRO B 455 -40.62 -57.29 -2.52
CA PRO B 455 -40.98 -56.65 -3.79
C PRO B 455 -42.07 -57.42 -4.53
N SER B 456 -42.86 -56.69 -5.31
CA SER B 456 -43.91 -57.30 -6.10
C SER B 456 -43.31 -58.06 -7.28
N GLU B 457 -43.89 -59.22 -7.59
CA GLU B 457 -43.40 -60.04 -8.69
C GLU B 457 -43.72 -59.44 -10.05
N GLU B 458 -44.73 -58.57 -10.13
CA GLU B 458 -45.08 -57.92 -11.39
C GLU B 458 -44.03 -56.92 -11.84
N LEU B 459 -43.11 -56.52 -10.96
CA LEU B 459 -42.09 -55.55 -11.30
C LEU B 459 -41.10 -56.14 -12.31
N GLN B 460 -40.39 -55.26 -13.00
CA GLN B 460 -39.36 -55.70 -13.92
C GLN B 460 -38.21 -56.35 -13.15
N HIS B 461 -37.41 -57.14 -13.87
CA HIS B 461 -36.37 -57.94 -13.22
C HIS B 461 -35.34 -57.07 -12.53
N GLU B 462 -34.88 -56.01 -13.22
CA GLU B 462 -33.82 -55.16 -12.66
C GLU B 462 -34.31 -54.42 -11.42
N GLU B 463 -35.47 -53.78 -11.52
CA GLU B 463 -36.00 -53.02 -10.39
C GLU B 463 -36.33 -53.95 -9.23
N LYS B 464 -36.85 -55.15 -9.53
CA LYS B 464 -37.13 -56.13 -8.48
C LYS B 464 -35.85 -56.55 -7.78
N GLN B 465 -34.77 -56.78 -8.53
CA GLN B 465 -33.50 -57.15 -7.91
C GLN B 465 -32.97 -56.01 -7.04
N SER B 466 -33.09 -54.77 -7.51
CA SER B 466 -32.66 -53.64 -6.71
C SER B 466 -33.45 -53.55 -5.41
N LYS B 467 -34.76 -53.74 -5.47
CA LYS B 467 -35.58 -53.72 -4.27
C LYS B 467 -35.21 -54.87 -3.33
N LEU B 468 -34.89 -56.04 -3.90
CA LEU B 468 -34.44 -57.15 -3.07
C LEU B 468 -33.16 -56.81 -2.33
N ARG B 469 -32.20 -56.20 -3.02
CA ARG B 469 -30.96 -55.80 -2.36
C ARG B 469 -31.23 -54.78 -1.25
N SER B 470 -32.10 -53.80 -1.53
CA SER B 470 -32.44 -52.81 -0.51
C SER B 470 -33.05 -53.46 0.71
N LEU B 471 -34.02 -54.37 0.50
CA LEU B 471 -34.66 -55.05 1.63
C LEU B 471 -33.67 -55.88 2.40
N ARG B 472 -32.77 -56.57 1.69
CA ARG B 472 -31.77 -57.41 2.36
C ARG B 472 -30.87 -56.58 3.25
N ASN B 473 -30.38 -55.44 2.74
CA ASN B 473 -29.48 -54.64 3.56
C ASN B 473 -30.21 -53.98 4.73
N ARG B 474 -31.47 -53.59 4.54
CA ARG B 474 -32.24 -53.05 5.66
C ARG B 474 -32.44 -54.10 6.75
N GLN B 475 -32.80 -55.33 6.35
CA GLN B 475 -32.94 -56.40 7.33
C GLN B 475 -31.62 -56.67 8.04
N SER B 476 -30.51 -56.65 7.29
CA SER B 476 -29.20 -56.85 7.91
C SER B 476 -28.89 -55.77 8.94
N LEU B 477 -29.18 -54.52 8.61
CA LEU B 477 -28.92 -53.42 9.55
C LEU B 477 -29.74 -53.59 10.82
N PHE B 478 -31.03 -53.89 10.68
CA PHE B 478 -31.86 -54.06 11.87
C PHE B 478 -31.41 -55.24 12.71
N GLN B 479 -31.06 -56.37 12.08
CA GLN B 479 -30.69 -57.54 12.86
C GLN B 479 -29.33 -57.35 13.54
N GLU B 480 -28.40 -56.62 12.91
CA GLU B 480 -27.13 -56.37 13.56
C GLU B 480 -27.29 -55.36 14.70
N GLU B 481 -28.19 -54.38 14.55
CA GLU B 481 -28.47 -53.50 15.66
C GLU B 481 -29.24 -54.19 16.76
N GLY B 482 -29.86 -55.33 16.48
CA GLY B 482 -30.44 -56.16 17.51
C GLY B 482 -31.93 -56.03 17.72
N MET B 483 -32.68 -55.51 16.75
CA MET B 483 -34.12 -55.42 16.90
C MET B 483 -34.76 -56.79 16.97
N LEU B 484 -34.16 -57.80 16.35
CA LEU B 484 -34.72 -59.14 16.36
C LEU B 484 -34.78 -59.71 17.78
N SER B 485 -33.69 -59.55 18.53
CA SER B 485 -33.68 -60.03 19.92
C SER B 485 -34.70 -59.29 20.75
N LEU B 486 -34.87 -57.99 20.51
CA LEU B 486 -35.86 -57.21 21.23
C LEU B 486 -37.27 -57.72 20.93
N VAL B 487 -37.55 -58.03 19.66
CA VAL B 487 -38.86 -58.57 19.29
C VAL B 487 -39.09 -59.91 19.98
N LEU B 488 -38.06 -60.78 19.99
CA LEU B 488 -38.19 -62.06 20.65
C LEU B 488 -38.44 -61.90 22.15
N ASN B 489 -37.77 -60.93 22.78
CA ASN B 489 -38.00 -60.67 24.20
C ASN B 489 -39.44 -60.21 24.45
N CYS B 490 -39.96 -59.34 23.58
CA CYS B 490 -41.35 -58.92 23.72
C CYS B 490 -42.30 -60.10 23.56
N ILE B 491 -42.01 -60.98 22.59
CA ILE B 491 -42.85 -62.15 22.37
C ILE B 491 -42.84 -63.06 23.60
N ASP B 492 -41.66 -63.25 24.21
CA ASP B 492 -41.60 -64.04 25.44
C ASP B 492 -42.39 -63.38 26.56
N ARG B 493 -42.27 -62.06 26.69
CA ARG B 493 -43.00 -61.34 27.73
C ARG B 493 -44.50 -61.55 27.60
N LEU B 494 -45.00 -61.47 26.36
CA LEU B 494 -46.44 -61.66 26.16
C LEU B 494 -46.86 -63.12 26.28
N ASN B 495 -46.02 -64.05 25.82
CA ASN B 495 -46.35 -65.47 25.95
C ASN B 495 -46.26 -65.96 27.38
N VAL B 496 -45.68 -65.18 28.29
CA VAL B 496 -45.75 -65.52 29.71
C VAL B 496 -47.20 -65.69 30.14
N TYR B 497 -48.10 -64.87 29.59
CA TYR B 497 -49.52 -64.96 29.89
C TYR B 497 -50.21 -65.83 28.85
N THR B 498 -51.07 -66.74 29.32
CA THR B 498 -51.68 -67.72 28.43
C THR B 498 -52.76 -67.10 27.55
N THR B 499 -53.61 -66.24 28.11
CA THR B 499 -54.77 -65.74 27.39
C THR B 499 -55.00 -64.26 27.72
N ALA B 500 -55.86 -63.64 26.91
CA ALA B 500 -56.21 -62.24 27.13
C ALA B 500 -56.89 -62.03 28.47
N ALA B 501 -57.63 -63.02 28.96
CA ALA B 501 -58.23 -62.92 30.29
C ALA B 501 -57.15 -62.81 31.36
N HIS B 502 -56.11 -63.64 31.27
CA HIS B 502 -55.01 -63.56 32.22
C HIS B 502 -54.27 -62.23 32.09
N PHE B 503 -54.04 -61.79 30.85
CA PHE B 503 -53.33 -60.53 30.65
C PHE B 503 -54.16 -59.35 31.14
N ALA B 504 -55.49 -59.50 31.18
CA ALA B 504 -56.35 -58.48 31.80
C ALA B 504 -56.27 -58.54 33.31
N GLU B 505 -56.29 -59.75 33.87
CA GLU B 505 -56.16 -59.89 35.32
C GLU B 505 -54.85 -59.32 35.83
N TYR B 506 -53.83 -59.28 34.97
CA TYR B 506 -52.56 -58.69 35.37
C TYR B 506 -52.34 -57.27 34.87
N ALA B 507 -53.13 -56.80 33.88
CA ALA B 507 -52.91 -55.47 33.34
C ALA B 507 -54.18 -54.67 33.10
N GLY B 508 -55.36 -55.26 33.16
CA GLY B 508 -56.58 -54.52 32.92
C GLY B 508 -57.19 -54.85 31.55
N GLU B 509 -58.51 -54.70 31.46
CA GLU B 509 -59.21 -55.04 30.23
C GLU B 509 -58.87 -54.06 29.11
N GLU B 510 -58.73 -52.78 29.42
CA GLU B 510 -58.41 -51.79 28.40
C GLU B 510 -57.04 -52.06 27.78
N ALA B 511 -56.14 -52.69 28.53
CA ALA B 511 -54.83 -53.07 27.99
C ALA B 511 -54.87 -54.43 27.32
N ALA B 512 -55.70 -55.35 27.80
CA ALA B 512 -55.78 -56.69 27.23
C ALA B 512 -56.63 -56.76 25.97
N GLU B 513 -57.37 -55.69 25.66
CA GLU B 513 -58.17 -55.70 24.43
C GLU B 513 -57.30 -55.86 23.19
N SER B 514 -56.04 -55.43 23.25
CA SER B 514 -55.15 -55.48 22.10
C SER B 514 -54.08 -56.55 22.21
N TRP B 515 -54.22 -57.49 23.16
CA TRP B 515 -53.18 -58.49 23.41
C TRP B 515 -52.96 -59.39 22.20
N LYS B 516 -54.04 -59.98 21.68
CA LYS B 516 -53.92 -60.87 20.53
C LYS B 516 -53.40 -60.14 19.30
N GLU B 517 -53.89 -58.91 19.07
CA GLU B 517 -53.43 -58.13 17.93
C GLU B 517 -51.94 -57.83 18.03
N ILE B 518 -51.47 -57.47 19.23
CA ILE B 518 -50.05 -57.20 19.42
C ILE B 518 -49.23 -58.45 19.16
N VAL B 519 -49.69 -59.60 19.66
CA VAL B 519 -48.95 -60.85 19.46
C VAL B 519 -48.86 -61.18 17.98
N ASN B 520 -49.99 -61.06 17.26
CA ASN B 520 -49.99 -61.36 15.83
C ASN B 520 -49.08 -60.41 15.07
N LEU B 521 -49.11 -59.12 15.42
CA LEU B 521 -48.24 -58.15 14.75
C LEU B 521 -46.77 -58.46 15.01
N LEU B 522 -46.43 -58.88 16.24
CA LEU B 522 -45.05 -59.23 16.54
C LEU B 522 -44.60 -60.43 15.72
N TYR B 523 -45.44 -61.47 15.63
CA TYR B 523 -45.07 -62.63 14.81
C TYR B 523 -44.92 -62.25 13.35
N GLU B 524 -45.82 -61.42 12.83
CA GLU B 524 -45.72 -60.98 11.44
C GLU B 524 -44.45 -60.18 11.20
N LEU B 525 -44.09 -59.31 12.16
CA LEU B 525 -42.85 -58.54 12.02
C LEU B 525 -41.62 -59.45 12.04
N LEU B 526 -41.62 -60.46 12.90
CA LEU B 526 -40.51 -61.40 12.92
C LEU B 526 -40.40 -62.14 11.59
N ALA B 527 -41.53 -62.57 11.05
CA ALA B 527 -41.53 -63.26 9.76
C ALA B 527 -41.01 -62.35 8.66
N SER B 528 -41.42 -61.08 8.67
CA SER B 528 -40.93 -60.14 7.67
C SER B 528 -39.43 -59.91 7.82
N LEU B 529 -38.94 -59.82 9.05
CA LEU B 529 -37.52 -59.59 9.28
C LEU B 529 -36.69 -60.77 8.79
N ILE B 530 -37.12 -62.00 9.07
CA ILE B 530 -36.30 -63.16 8.73
C ILE B 530 -36.58 -63.73 7.35
N ARG B 531 -37.63 -63.27 6.66
CA ARG B 531 -38.01 -63.88 5.39
C ARG B 531 -37.00 -63.53 4.31
N GLY B 532 -36.43 -64.56 3.68
CA GLY B 532 -35.56 -64.37 2.54
C GLY B 532 -34.11 -64.09 2.86
N ASN B 533 -33.75 -63.94 4.13
CA ASN B 533 -32.38 -63.65 4.54
C ASN B 533 -31.79 -64.90 5.16
N ARG B 534 -30.83 -65.50 4.45
CA ARG B 534 -30.22 -66.74 4.95
C ARG B 534 -29.45 -66.50 6.24
N ALA B 535 -28.73 -65.39 6.33
CA ALA B 535 -27.98 -65.08 7.55
C ALA B 535 -28.91 -64.90 8.74
N ASN B 536 -30.04 -64.20 8.53
CA ASN B 536 -31.00 -64.01 9.61
C ASN B 536 -31.65 -65.33 10.01
N CYS B 537 -31.97 -66.18 9.03
CA CYS B 537 -32.59 -67.46 9.34
C CYS B 537 -31.63 -68.38 10.08
N ALA B 538 -30.34 -68.31 9.76
CA ALA B 538 -29.36 -69.17 10.42
C ALA B 538 -29.21 -68.87 11.90
N LEU B 539 -29.63 -67.68 12.35
CA LEU B 539 -29.55 -67.33 13.76
C LEU B 539 -30.53 -68.12 14.62
N PHE B 540 -31.48 -68.82 14.02
CA PHE B 540 -32.49 -69.57 14.76
C PHE B 540 -32.07 -70.99 15.08
N SER B 541 -30.82 -71.37 14.76
CA SER B 541 -30.38 -72.75 14.98
C SER B 541 -30.49 -73.15 16.44
N THR B 542 -30.36 -72.21 17.36
CA THR B 542 -30.52 -72.48 18.79
C THR B 542 -31.92 -72.14 19.29
N ASN B 543 -32.83 -71.73 18.42
CA ASN B 543 -34.19 -71.39 18.80
C ASN B 543 -35.22 -72.33 18.17
N LEU B 544 -34.81 -73.53 17.79
CA LEU B 544 -35.75 -74.50 17.24
C LEU B 544 -36.82 -74.87 18.27
N ASP B 545 -36.41 -75.10 19.52
CA ASP B 545 -37.39 -75.36 20.56
C ASP B 545 -38.30 -74.15 20.77
N TRP B 546 -37.72 -72.94 20.70
CA TRP B 546 -38.51 -71.72 20.87
C TRP B 546 -39.59 -71.61 19.81
N VAL B 547 -39.27 -71.92 18.55
CA VAL B 547 -40.27 -71.81 17.48
C VAL B 547 -41.15 -73.04 17.35
N VAL B 548 -40.79 -74.15 17.99
CA VAL B 548 -41.60 -75.36 17.89
C VAL B 548 -42.60 -75.47 19.03
N SER B 549 -42.19 -75.15 20.27
CA SER B 549 -43.07 -75.30 21.41
C SER B 549 -44.26 -74.34 21.36
N LYS B 550 -44.19 -73.31 20.54
CA LYS B 550 -45.28 -72.33 20.42
C LYS B 550 -46.25 -72.65 19.30
N LEU B 551 -46.06 -73.76 18.59
CA LEU B 551 -46.99 -74.13 17.52
C LEU B 551 -48.35 -74.54 18.06
N ASP B 552 -48.42 -74.98 19.31
CA ASP B 552 -49.68 -75.43 19.89
C ASP B 552 -50.55 -74.29 20.41
N ARG B 553 -50.01 -73.08 20.51
CA ARG B 553 -50.78 -71.96 21.01
C ARG B 553 -51.84 -71.55 19.99
N LEU B 554 -53.06 -71.30 20.47
CA LEU B 554 -54.18 -71.05 19.56
C LEU B 554 -54.01 -69.73 18.81
N GLU B 555 -53.50 -68.71 19.48
CA GLU B 555 -53.32 -67.40 18.84
C GLU B 555 -52.08 -67.39 17.97
N ALA B 556 -52.19 -66.72 16.82
CA ALA B 556 -51.07 -66.54 15.89
C ALA B 556 -50.48 -67.87 15.43
N SER B 557 -51.33 -68.90 15.31
CA SER B 557 -50.86 -70.18 14.80
C SER B 557 -50.36 -70.06 13.37
N SER B 558 -51.09 -69.32 12.53
CA SER B 558 -50.63 -69.09 11.17
C SER B 558 -49.31 -68.33 11.15
N GLY B 559 -49.17 -67.34 12.03
CA GLY B 559 -47.92 -66.58 12.07
C GLY B 559 -46.73 -67.42 12.47
N ILE B 560 -46.88 -68.24 13.52
CA ILE B 560 -45.77 -69.07 13.96
C ILE B 560 -45.45 -70.15 12.92
N LEU B 561 -46.49 -70.68 12.25
CA LEU B 561 -46.24 -71.64 11.18
C LEU B 561 -45.48 -70.99 10.02
N GLU B 562 -45.84 -69.74 9.68
CA GLU B 562 -45.12 -69.03 8.63
C GLU B 562 -43.68 -68.78 9.03
N VAL B 563 -43.44 -68.43 10.30
CA VAL B 563 -42.08 -68.23 10.77
C VAL B 563 -41.27 -69.50 10.63
N LEU B 564 -41.85 -70.63 11.06
CA LEU B 564 -41.14 -71.91 10.93
C LEU B 564 -40.87 -72.24 9.47
N TYR B 565 -41.85 -72.01 8.60
CA TYR B 565 -41.65 -72.27 7.17
C TYR B 565 -40.53 -71.43 6.60
N CYS B 566 -40.48 -70.14 6.97
CA CYS B 566 -39.44 -69.26 6.46
C CYS B 566 -38.06 -69.70 6.95
N VAL B 567 -37.96 -70.13 8.21
CA VAL B 567 -36.68 -70.63 8.71
C VAL B 567 -36.27 -71.90 7.96
N LEU B 568 -37.21 -72.82 7.74
CA LEU B 568 -36.87 -74.12 7.18
C LEU B 568 -36.50 -74.02 5.71
N ILE B 569 -37.22 -73.20 4.92
CA ILE B 569 -36.95 -73.11 3.49
C ILE B 569 -35.69 -72.31 3.19
N GLU B 570 -35.02 -71.79 4.21
CA GLU B 570 -33.83 -70.97 3.99
C GLU B 570 -32.59 -71.48 4.69
N SER B 571 -32.71 -72.11 5.85
CA SER B 571 -31.53 -72.57 6.58
C SER B 571 -31.32 -74.06 6.37
N PRO B 572 -30.28 -74.49 5.65
CA PRO B 572 -29.94 -75.92 5.62
C PRO B 572 -29.35 -76.43 6.92
N GLU B 573 -28.93 -75.54 7.82
CA GLU B 573 -28.32 -75.97 9.08
C GLU B 573 -29.34 -76.54 10.05
N VAL B 574 -30.53 -75.94 10.11
CA VAL B 574 -31.52 -76.37 11.09
C VAL B 574 -32.05 -77.76 10.75
N LEU B 575 -32.00 -78.15 9.47
CA LEU B 575 -32.46 -79.48 9.09
C LEU B 575 -31.54 -80.58 9.62
N ASN B 576 -30.29 -80.26 9.91
CA ASN B 576 -29.41 -81.21 10.59
C ASN B 576 -29.64 -81.22 12.10
N ILE B 577 -30.47 -80.32 12.61
CA ILE B 577 -30.82 -80.30 14.02
C ILE B 577 -32.24 -80.81 14.26
N ILE B 578 -33.08 -80.88 13.23
CA ILE B 578 -34.44 -81.41 13.38
C ILE B 578 -34.37 -82.82 13.94
N GLN B 579 -35.23 -83.10 14.92
CA GLN B 579 -35.24 -84.38 15.61
C GLN B 579 -36.64 -85.01 15.55
N GLU B 580 -36.72 -86.23 16.09
CA GLU B 580 -37.95 -87.01 16.03
C GLU B 580 -39.08 -86.31 16.80
N ASN B 581 -38.77 -85.76 17.97
CA ASN B 581 -39.79 -85.06 18.73
C ASN B 581 -40.26 -83.81 17.99
N HIS B 582 -39.34 -83.13 17.31
CA HIS B 582 -39.73 -81.98 16.49
C HIS B 582 -40.70 -82.41 15.39
N ILE B 583 -40.40 -83.52 14.71
CA ILE B 583 -41.27 -83.98 13.63
C ILE B 583 -42.62 -84.40 14.18
N LYS B 584 -42.64 -85.06 15.33
CA LYS B 584 -43.91 -85.45 15.95
C LYS B 584 -44.73 -84.24 16.33
N SER B 585 -44.08 -83.20 16.87
CA SER B 585 -44.80 -81.97 17.18
C SER B 585 -45.37 -81.32 15.94
N ILE B 586 -44.63 -81.35 14.83
CA ILE B 586 -45.14 -80.80 13.58
C ILE B 586 -46.35 -81.60 13.09
N ILE B 587 -46.29 -82.93 13.16
CA ILE B 587 -47.41 -83.75 12.73
C ILE B 587 -48.61 -83.56 13.64
N SER B 588 -48.38 -83.22 14.91
CA SER B 588 -49.49 -82.92 15.81
C SER B 588 -50.32 -81.76 15.32
N LEU B 589 -49.76 -80.86 14.50
CA LEU B 589 -50.56 -79.78 13.91
C LEU B 589 -51.63 -80.35 12.99
N LEU B 590 -51.25 -81.27 12.10
CA LEU B 590 -52.24 -81.93 11.26
C LEU B 590 -53.21 -82.75 12.10
N ASP B 591 -52.70 -83.40 13.16
CA ASP B 591 -53.56 -84.23 13.99
C ASP B 591 -54.63 -83.42 14.70
N LYS B 592 -54.27 -82.22 15.17
CA LYS B 592 -55.14 -81.45 16.06
C LYS B 592 -55.80 -80.25 15.41
N HIS B 593 -55.16 -79.61 14.43
CA HIS B 593 -55.73 -78.40 13.85
C HIS B 593 -56.59 -78.66 12.63
N GLY B 594 -56.26 -79.66 11.84
CA GLY B 594 -57.04 -80.00 10.67
C GLY B 594 -56.13 -80.40 9.52
N ARG B 595 -56.73 -80.48 8.34
CA ARG B 595 -56.03 -80.92 7.13
C ARG B 595 -55.57 -79.67 6.38
N ASN B 596 -54.37 -79.22 6.68
CA ASN B 596 -53.78 -78.02 6.06
C ASN B 596 -52.59 -78.43 5.22
N HIS B 597 -52.58 -78.01 3.95
CA HIS B 597 -51.50 -78.36 3.05
C HIS B 597 -50.20 -77.65 3.38
N LYS B 598 -50.26 -76.60 4.20
CA LYS B 598 -49.03 -75.90 4.58
C LYS B 598 -48.14 -76.79 5.44
N VAL B 599 -48.73 -77.63 6.29
CA VAL B 599 -47.94 -78.58 7.07
C VAL B 599 -47.25 -79.58 6.16
N LEU B 600 -47.95 -80.03 5.12
CA LEU B 600 -47.33 -80.93 4.15
C LEU B 600 -46.18 -80.23 3.42
N ASP B 601 -46.35 -78.95 3.10
CA ASP B 601 -45.24 -78.20 2.50
C ASP B 601 -44.05 -78.11 3.44
N VAL B 602 -44.32 -77.91 4.74
CA VAL B 602 -43.24 -77.89 5.73
C VAL B 602 -42.51 -79.24 5.76
N LEU B 603 -43.26 -80.33 5.75
CA LEU B 603 -42.63 -81.66 5.74
C LEU B 603 -41.80 -81.87 4.48
N CYS B 604 -42.31 -81.43 3.33
CA CYS B 604 -41.55 -81.53 2.09
C CYS B 604 -40.26 -80.74 2.17
N SER B 605 -40.32 -79.55 2.77
CA SER B 605 -39.10 -78.76 2.97
C SER B 605 -38.12 -79.50 3.89
N LEU B 606 -38.63 -80.17 4.91
CA LEU B 606 -37.76 -80.94 5.80
C LEU B 606 -37.07 -82.07 5.05
N CYS B 607 -37.79 -82.73 4.13
CA CYS B 607 -37.24 -83.91 3.46
C CYS B 607 -35.93 -83.59 2.73
N VAL B 608 -36.01 -82.73 1.71
CA VAL B 608 -34.88 -82.47 0.82
C VAL B 608 -34.58 -80.97 0.81
N CYS B 609 -33.30 -80.62 0.87
CA CYS B 609 -32.86 -79.23 0.86
C CYS B 609 -31.69 -79.08 -0.10
N ASN B 610 -31.84 -78.16 -1.06
CA ASN B 610 -30.76 -77.76 -1.96
C ASN B 610 -30.14 -78.96 -2.68
N GLY B 611 -30.99 -79.89 -3.12
CA GLY B 611 -30.50 -81.04 -3.84
C GLY B 611 -29.80 -82.08 -2.99
N VAL B 612 -29.89 -81.99 -1.68
CA VAL B 612 -29.27 -82.94 -0.76
C VAL B 612 -30.38 -83.58 0.08
N ALA B 613 -30.37 -84.90 0.15
CA ALA B 613 -31.43 -85.65 0.82
C ALA B 613 -31.02 -85.95 2.26
N VAL B 614 -31.93 -85.67 3.19
CA VAL B 614 -31.72 -85.95 4.61
C VAL B 614 -32.42 -87.27 4.91
N ARG B 615 -31.64 -88.35 4.92
CA ARG B 615 -32.20 -89.69 5.09
C ARG B 615 -32.90 -89.82 6.43
N SER B 616 -32.32 -89.24 7.49
CA SER B 616 -32.94 -89.33 8.81
C SER B 616 -34.31 -88.66 8.82
N ASN B 617 -34.41 -87.47 8.23
CA ASN B 617 -35.70 -86.78 8.18
C ASN B 617 -36.71 -87.57 7.36
N GLN B 618 -36.30 -88.08 6.20
CA GLN B 618 -37.23 -88.85 5.38
C GLN B 618 -37.72 -90.09 6.13
N ASP B 619 -36.82 -90.81 6.79
CA ASP B 619 -37.21 -92.01 7.51
C ASP B 619 -38.15 -91.68 8.67
N LEU B 620 -37.86 -90.61 9.41
CA LEU B 620 -38.72 -90.25 10.54
C LEU B 620 -40.11 -89.85 10.06
N ILE B 621 -40.19 -89.05 9.01
CA ILE B 621 -41.50 -88.64 8.48
C ILE B 621 -42.27 -89.87 8.00
N THR B 622 -41.60 -90.76 7.28
CA THR B 622 -42.25 -91.97 6.79
C THR B 622 -42.80 -92.79 7.95
N GLU B 623 -41.96 -93.09 8.93
CA GLU B 623 -42.37 -93.98 10.02
C GLU B 623 -43.45 -93.35 10.89
N ASN B 624 -43.45 -92.02 11.05
CA ASN B 624 -44.44 -91.39 11.91
C ASN B 624 -45.69 -90.94 11.16
N LEU B 625 -45.73 -91.05 9.83
CA LEU B 625 -46.93 -90.67 9.10
C LEU B 625 -47.58 -91.83 8.36
N LEU B 626 -46.83 -92.56 7.53
CA LEU B 626 -47.45 -93.56 6.66
C LEU B 626 -48.12 -94.71 7.40
N PRO B 627 -47.49 -95.36 8.39
CA PRO B 627 -48.09 -96.59 8.94
C PRO B 627 -49.49 -96.42 9.51
N GLY B 628 -49.82 -95.25 10.04
CA GLY B 628 -51.12 -95.07 10.67
C GLY B 628 -52.28 -95.21 9.71
N ARG B 629 -52.06 -94.87 8.44
CA ARG B 629 -53.13 -94.85 7.43
C ARG B 629 -54.31 -94.00 7.90
N GLU B 630 -54.00 -92.88 8.54
CA GLU B 630 -54.98 -91.91 8.98
C GLU B 630 -54.43 -90.52 8.66
N LEU B 631 -55.30 -89.52 8.72
CA LEU B 631 -55.01 -88.13 8.41
C LEU B 631 -54.66 -87.93 6.94
N LEU B 632 -54.67 -88.98 6.12
CA LEU B 632 -54.39 -88.88 4.71
C LEU B 632 -55.42 -89.73 3.95
N LEU B 633 -55.91 -89.19 2.84
CA LEU B 633 -56.89 -89.90 2.04
C LEU B 633 -56.27 -91.13 1.37
N GLN B 634 -57.01 -92.23 1.39
CA GLN B 634 -56.57 -93.49 0.81
C GLN B 634 -57.19 -93.68 -0.57
N THR B 635 -56.48 -94.44 -1.42
CA THR B 635 -56.94 -94.75 -2.76
C THR B 635 -56.82 -96.25 -3.00
N ASN B 636 -57.78 -96.79 -3.75
CA ASN B 636 -57.78 -98.20 -4.12
C ASN B 636 -58.79 -98.42 -5.24
N LEU B 637 -58.66 -99.56 -5.91
CA LEU B 637 -59.56 -99.93 -6.99
C LEU B 637 -60.61 -100.90 -6.47
N ILE B 638 -61.88 -100.64 -6.81
CA ILE B 638 -62.99 -101.46 -6.38
C ILE B 638 -63.83 -101.84 -7.60
N ASN B 639 -64.82 -102.68 -7.37
CA ASN B 639 -65.71 -103.16 -8.41
C ASN B 639 -67.08 -102.48 -8.32
N TYR B 640 -67.86 -102.64 -9.37
CA TYR B 640 -69.24 -102.16 -9.42
C TYR B 640 -70.18 -103.29 -9.03
N VAL B 641 -71.06 -103.04 -8.08
CA VAL B 641 -72.00 -104.03 -7.57
C VAL B 641 -73.42 -103.52 -7.80
N THR B 642 -74.26 -104.34 -8.41
CA THR B 642 -75.65 -103.99 -8.67
C THR B 642 -76.57 -104.92 -7.90
N SER B 643 -77.86 -104.58 -7.91
CA SER B 643 -78.84 -105.28 -7.09
C SER B 643 -80.14 -105.45 -7.87
N ILE B 644 -80.76 -106.62 -7.71
CA ILE B 644 -82.01 -106.96 -8.42
C ILE B 644 -82.99 -107.56 -7.41
N ARG B 645 -84.24 -107.16 -7.50
CA ARG B 645 -85.32 -107.69 -6.69
C ARG B 645 -86.34 -108.43 -7.54
N PRO B 646 -87.21 -109.23 -6.91
CA PRO B 646 -88.22 -109.99 -7.66
C PRO B 646 -89.59 -109.35 -7.75
N ASN B 647 -89.74 -108.09 -7.33
CA ASN B 647 -91.01 -107.36 -7.41
C ASN B 647 -92.09 -108.01 -6.56
N ILE B 648 -91.73 -108.43 -5.35
CA ILE B 648 -92.67 -109.03 -4.40
C ILE B 648 -92.47 -108.33 -3.06
N PHE B 649 -93.40 -107.46 -2.69
CA PHE B 649 -93.32 -106.71 -1.44
C PHE B 649 -94.28 -107.30 -0.42
N VAL B 650 -93.76 -107.62 0.76
CA VAL B 650 -94.56 -108.21 1.84
C VAL B 650 -94.23 -107.51 3.15
N GLY B 651 -95.17 -107.61 4.10
CA GLY B 651 -94.99 -106.98 5.38
C GLY B 651 -96.19 -107.26 6.27
N ARG B 652 -96.27 -106.54 7.37
CA ARG B 652 -97.41 -106.69 8.26
C ARG B 652 -97.67 -105.38 9.00
N ALA B 653 -98.91 -105.26 9.48
CA ALA B 653 -99.33 -104.13 10.30
C ALA B 653 -100.63 -104.52 11.00
N GLU B 654 -101.19 -103.59 11.75
CA GLU B 654 -102.44 -103.85 12.46
C GLU B 654 -103.60 -103.82 11.46
N GLY B 655 -104.26 -104.96 11.30
CA GLY B 655 -105.37 -105.07 10.38
C GLY B 655 -105.01 -105.30 8.93
N SER B 656 -103.76 -105.67 8.64
CA SER B 656 -103.35 -105.90 7.27
C SER B 656 -103.97 -107.17 6.71
N THR B 657 -104.02 -107.25 5.38
CA THR B 657 -104.59 -108.38 4.66
C THR B 657 -103.54 -109.34 4.14
N GLN B 658 -102.28 -109.18 4.55
CA GLN B 658 -101.18 -109.97 4.03
C GLN B 658 -100.86 -111.14 4.96
N TYR B 659 -99.98 -112.01 4.48
CA TYR B 659 -99.56 -113.20 5.21
C TYR B 659 -98.20 -112.94 5.85
N GLY B 660 -97.99 -113.49 7.04
CA GLY B 660 -96.81 -113.23 7.84
C GLY B 660 -95.66 -114.20 7.69
N LYS B 661 -95.69 -115.09 6.70
CA LYS B 661 -94.63 -116.06 6.51
C LYS B 661 -94.37 -116.20 5.01
N TRP B 662 -93.09 -116.18 4.62
CA TRP B 662 -92.75 -116.27 3.21
C TRP B 662 -91.47 -117.06 3.01
N TYR B 663 -91.24 -117.49 1.77
CA TYR B 663 -90.18 -118.43 1.46
C TYR B 663 -89.89 -118.36 -0.03
N PHE B 664 -88.61 -118.29 -0.41
CA PHE B 664 -88.24 -118.26 -1.82
C PHE B 664 -86.89 -118.94 -2.02
N GLU B 665 -86.52 -119.08 -3.30
CA GLU B 665 -85.41 -119.92 -3.72
C GLU B 665 -84.60 -119.23 -4.81
N VAL B 666 -83.27 -119.30 -4.71
CA VAL B 666 -82.38 -118.77 -5.73
C VAL B 666 -81.27 -119.78 -5.98
N MET B 667 -81.01 -120.09 -7.25
CA MET B 667 -79.96 -121.03 -7.59
C MET B 667 -78.90 -120.36 -8.46
N VAL B 668 -77.67 -120.86 -8.37
CA VAL B 668 -76.52 -120.27 -9.04
C VAL B 668 -76.06 -121.20 -10.15
N ASP B 669 -75.84 -120.66 -11.34
CA ASP B 669 -75.39 -121.45 -12.48
C ASP B 669 -73.91 -121.25 -12.78
N GLU B 670 -73.47 -120.01 -12.95
CA GLU B 670 -72.09 -119.71 -13.32
C GLU B 670 -71.51 -118.67 -12.38
N VAL B 671 -70.31 -118.93 -11.88
CA VAL B 671 -69.55 -117.98 -11.07
C VAL B 671 -68.10 -118.00 -11.53
N VAL B 672 -67.54 -116.83 -11.77
CA VAL B 672 -66.14 -116.71 -12.17
C VAL B 672 -65.38 -116.00 -11.06
N PRO B 673 -64.76 -116.73 -10.15
CA PRO B 673 -64.08 -116.09 -9.02
C PRO B 673 -62.83 -115.32 -9.46
N PHE B 674 -62.53 -114.26 -8.71
CA PHE B 674 -61.29 -113.50 -8.87
C PHE B 674 -61.12 -112.93 -10.28
N LEU B 675 -62.24 -112.61 -10.93
CA LEU B 675 -62.19 -111.88 -12.18
C LEU B 675 -61.89 -110.41 -11.89
N THR B 676 -61.03 -109.81 -12.72
CA THR B 676 -60.57 -108.43 -12.55
C THR B 676 -59.92 -108.22 -11.19
N ALA B 677 -59.17 -109.23 -10.73
CA ALA B 677 -58.31 -109.11 -9.56
C ALA B 677 -59.08 -108.72 -8.30
N GLN B 678 -60.34 -109.17 -8.19
CA GLN B 678 -61.15 -108.87 -7.02
C GLN B 678 -62.20 -109.97 -6.86
N ALA B 679 -62.45 -110.36 -5.62
CA ALA B 679 -63.41 -111.42 -5.35
C ALA B 679 -64.80 -111.03 -5.86
N THR B 680 -65.45 -111.95 -6.55
CA THR B 680 -66.77 -111.68 -7.11
C THR B 680 -67.79 -111.53 -6.00
N HIS B 681 -68.64 -110.50 -6.11
CA HIS B 681 -69.68 -110.24 -5.12
C HIS B 681 -70.93 -111.04 -5.47
N LEU B 682 -71.49 -111.71 -4.46
CA LEU B 682 -72.73 -112.46 -4.66
C LEU B 682 -73.38 -112.68 -3.31
N ARG B 683 -74.51 -112.02 -3.07
CA ARG B 683 -75.26 -112.16 -1.84
C ARG B 683 -76.75 -112.24 -2.14
N VAL B 684 -77.47 -113.06 -1.38
CA VAL B 684 -78.90 -113.26 -1.53
C VAL B 684 -79.56 -113.02 -0.18
N GLY B 685 -80.67 -112.28 -0.17
CA GLY B 685 -81.38 -112.05 1.07
C GLY B 685 -82.63 -111.22 0.93
N TRP B 686 -83.00 -110.52 2.00
CA TRP B 686 -84.15 -109.64 2.02
C TRP B 686 -83.70 -108.20 2.15
N ALA B 687 -84.63 -107.28 1.93
CA ALA B 687 -84.34 -105.85 2.02
C ALA B 687 -85.62 -105.11 2.39
N LEU B 688 -85.45 -103.86 2.79
CA LEU B 688 -86.56 -103.02 3.23
C LEU B 688 -86.75 -101.87 2.26
N THR B 689 -88.01 -101.59 1.93
CA THR B 689 -88.31 -100.55 0.94
C THR B 689 -87.92 -99.16 1.43
N GLU B 690 -87.97 -98.94 2.74
CA GLU B 690 -87.78 -97.59 3.28
C GLU B 690 -86.34 -97.10 3.10
N GLY B 691 -85.37 -97.95 3.45
CA GLY B 691 -84.00 -97.48 3.54
C GLY B 691 -83.01 -98.07 2.54
N TYR B 692 -83.31 -99.25 2.00
CA TYR B 692 -82.38 -99.89 1.09
C TYR B 692 -82.39 -99.20 -0.26
N SER B 693 -81.53 -98.20 -0.44
CA SER B 693 -81.42 -97.43 -1.67
C SER B 693 -79.96 -97.37 -2.08
N PRO B 694 -79.42 -98.44 -2.66
CA PRO B 694 -78.02 -98.42 -3.08
C PRO B 694 -77.83 -97.59 -4.35
N TYR B 695 -76.60 -97.12 -4.53
CA TYR B 695 -76.24 -96.31 -5.68
C TYR B 695 -75.00 -96.88 -6.35
N PRO B 696 -74.83 -96.63 -7.65
CA PRO B 696 -73.64 -97.18 -8.35
C PRO B 696 -72.31 -96.68 -7.81
N GLY B 697 -72.30 -95.55 -7.09
CA GLY B 697 -71.06 -95.01 -6.60
C GLY B 697 -70.49 -95.82 -5.45
N GLY B 698 -69.49 -95.22 -4.79
CA GLY B 698 -68.81 -95.88 -3.70
C GLY B 698 -69.67 -96.04 -2.46
N GLY B 699 -69.98 -94.92 -1.81
CA GLY B 699 -70.80 -94.96 -0.61
C GLY B 699 -70.04 -95.32 0.65
N GLU B 700 -70.70 -96.05 1.56
CA GLU B 700 -70.11 -96.37 2.85
C GLU B 700 -68.99 -97.40 2.69
N GLY B 701 -68.15 -97.48 3.72
CA GLY B 701 -67.03 -98.40 3.69
C GLY B 701 -66.05 -98.05 2.58
N TRP B 702 -65.55 -99.09 1.91
CA TRP B 702 -64.68 -98.90 0.76
C TRP B 702 -65.43 -98.93 -0.56
N GLY B 703 -66.75 -99.04 -0.53
CA GLY B 703 -67.57 -99.06 -1.73
C GLY B 703 -68.13 -100.44 -2.02
N GLY B 704 -68.81 -100.53 -3.15
CA GLY B 704 -69.41 -101.78 -3.58
C GLY B 704 -70.46 -102.32 -2.64
N ASN B 705 -71.36 -101.44 -2.17
CA ASN B 705 -72.37 -101.85 -1.23
C ASN B 705 -73.39 -102.78 -1.87
N GLY B 706 -73.73 -103.85 -1.16
CA GLY B 706 -74.73 -104.81 -1.61
C GLY B 706 -75.70 -105.12 -0.48
N VAL B 707 -76.14 -106.37 -0.43
CA VAL B 707 -77.06 -106.80 0.61
C VAL B 707 -76.28 -106.99 1.90
N GLY B 708 -76.80 -106.41 2.99
CA GLY B 708 -76.17 -106.53 4.29
C GLY B 708 -75.19 -105.44 4.64
N ASP B 709 -74.91 -104.52 3.72
CA ASP B 709 -74.03 -103.38 4.00
C ASP B 709 -74.81 -102.19 4.57
N ASP B 710 -75.98 -102.44 5.14
CA ASP B 710 -76.80 -101.39 5.73
C ASP B 710 -77.74 -102.06 6.72
N LEU B 711 -78.27 -101.25 7.65
CA LEU B 711 -79.19 -101.76 8.66
C LEU B 711 -80.61 -101.95 8.13
N TYR B 712 -80.79 -101.95 6.81
CA TYR B 712 -82.08 -102.21 6.20
C TYR B 712 -82.11 -103.50 5.38
N SER B 713 -80.97 -104.18 5.24
CA SER B 713 -80.89 -105.40 4.46
C SER B 713 -80.07 -106.44 5.20
N TYR B 714 -80.36 -107.70 4.93
CA TYR B 714 -79.66 -108.84 5.54
C TYR B 714 -79.35 -109.85 4.47
N GLY B 715 -78.11 -110.32 4.42
CA GLY B 715 -77.64 -111.16 3.33
C GLY B 715 -76.93 -112.41 3.82
N PHE B 716 -76.48 -113.20 2.85
CA PHE B 716 -75.77 -114.46 3.12
C PHE B 716 -74.93 -114.79 1.90
N ASP B 717 -73.61 -114.80 2.06
CA ASP B 717 -72.69 -115.04 0.96
C ASP B 717 -72.11 -116.44 0.96
N GLY B 718 -72.46 -117.28 1.92
CA GLY B 718 -71.95 -118.64 1.97
C GLY B 718 -71.19 -118.96 3.23
N LEU B 719 -70.45 -117.99 3.75
CA LEU B 719 -69.68 -118.15 4.98
C LEU B 719 -70.19 -117.28 6.13
N HIS B 720 -70.65 -116.07 5.84
CA HIS B 720 -71.03 -115.12 6.87
C HIS B 720 -72.45 -114.62 6.65
N LEU B 721 -73.02 -114.06 7.70
CA LEU B 721 -74.29 -113.35 7.64
C LEU B 721 -74.01 -111.86 7.70
N TRP B 722 -74.50 -111.12 6.70
CA TRP B 722 -74.15 -109.72 6.51
C TRP B 722 -75.26 -108.83 7.03
N THR B 723 -74.91 -107.91 7.94
CA THR B 723 -75.81 -106.87 8.39
C THR B 723 -74.99 -105.74 8.99
N GLY B 724 -75.36 -104.51 8.67
CA GLY B 724 -74.64 -103.35 9.16
C GLY B 724 -73.18 -103.30 8.76
N HIS B 725 -72.86 -103.78 7.56
CA HIS B 725 -71.48 -103.82 7.04
C HIS B 725 -70.55 -104.60 7.96
N VAL B 726 -71.07 -105.61 8.64
CA VAL B 726 -70.28 -106.46 9.52
C VAL B 726 -70.53 -107.91 9.13
N ALA B 727 -69.45 -108.66 8.89
CA ALA B 727 -69.54 -110.06 8.47
C ALA B 727 -69.25 -110.95 9.67
N ARG B 728 -70.22 -111.77 10.04
CA ARG B 728 -70.07 -112.71 11.15
C ARG B 728 -70.10 -114.13 10.61
N PRO B 729 -69.03 -114.92 10.78
CA PRO B 729 -69.00 -116.27 10.21
C PRO B 729 -70.06 -117.17 10.82
N VAL B 730 -70.57 -118.09 10.00
CA VAL B 730 -71.61 -119.03 10.40
C VAL B 730 -71.07 -120.44 10.22
N THR B 731 -71.40 -121.32 11.16
CA THR B 731 -70.92 -122.70 11.14
C THR B 731 -71.87 -123.57 10.32
N SER B 732 -71.87 -123.30 9.01
CA SER B 732 -72.69 -124.07 8.10
C SER B 732 -72.08 -125.46 7.87
N PRO B 733 -72.91 -126.45 7.52
CA PRO B 733 -72.37 -127.79 7.24
C PRO B 733 -71.34 -127.79 6.10
N GLY B 734 -71.55 -126.97 5.08
CA GLY B 734 -70.65 -126.95 3.94
C GLY B 734 -69.40 -126.12 4.16
N GLN B 735 -69.57 -124.90 4.70
CA GLN B 735 -68.47 -123.97 4.94
C GLN B 735 -67.67 -123.70 3.66
N HIS B 736 -68.38 -123.28 2.62
CA HIS B 736 -67.73 -122.90 1.38
C HIS B 736 -68.50 -121.75 0.75
N LEU B 737 -67.80 -120.98 -0.08
CA LEU B 737 -68.40 -119.85 -0.76
C LEU B 737 -69.40 -120.33 -1.80
N LEU B 738 -70.30 -119.44 -2.21
CA LEU B 738 -71.31 -119.78 -3.21
C LEU B 738 -70.63 -120.24 -4.49
N ALA B 739 -71.10 -121.36 -5.03
CA ALA B 739 -70.49 -122.06 -6.15
C ALA B 739 -71.57 -122.42 -7.16
N PRO B 740 -71.19 -122.79 -8.38
CA PRO B 740 -72.18 -123.29 -9.34
C PRO B 740 -72.90 -124.52 -8.79
N GLU B 741 -74.16 -124.66 -9.21
CA GLU B 741 -75.03 -125.74 -8.76
C GLU B 741 -75.30 -125.67 -7.26
N ASP B 742 -75.51 -124.45 -6.77
CA ASP B 742 -75.88 -124.22 -5.38
C ASP B 742 -77.27 -123.58 -5.32
N VAL B 743 -78.13 -124.13 -4.47
CA VAL B 743 -79.49 -123.66 -4.30
C VAL B 743 -79.65 -123.15 -2.87
N VAL B 744 -80.14 -121.92 -2.74
CA VAL B 744 -80.29 -121.26 -1.44
C VAL B 744 -81.77 -120.96 -1.24
N SER B 745 -82.30 -121.38 -0.09
CA SER B 745 -83.67 -121.15 0.30
C SER B 745 -83.70 -120.16 1.45
N CYS B 746 -84.50 -119.11 1.31
CA CYS B 746 -84.62 -118.06 2.32
C CYS B 746 -86.05 -117.99 2.81
N CYS B 747 -86.22 -117.99 4.13
CA CYS B 747 -87.54 -117.93 4.76
C CYS B 747 -87.60 -116.76 5.72
N LEU B 748 -88.75 -116.09 5.73
CA LEU B 748 -88.98 -114.88 6.51
C LEU B 748 -90.23 -115.05 7.36
N ASP B 749 -90.11 -114.73 8.65
CA ASP B 749 -91.20 -114.80 9.60
C ASP B 749 -91.43 -113.40 10.17
N LEU B 750 -92.66 -112.89 10.00
CA LEU B 750 -93.01 -111.56 10.48
C LEU B 750 -93.71 -111.57 11.83
N SER B 751 -94.34 -112.68 12.22
CA SER B 751 -94.96 -112.77 13.54
C SER B 751 -93.92 -112.54 14.63
N VAL B 752 -92.93 -113.43 14.71
CA VAL B 752 -91.69 -113.17 15.41
C VAL B 752 -90.64 -112.83 14.36
N PRO B 753 -90.08 -111.62 14.36
CA PRO B 753 -89.21 -111.21 13.25
C PRO B 753 -87.97 -112.08 13.15
N SER B 754 -87.87 -112.88 12.08
CA SER B 754 -86.72 -113.77 11.95
C SER B 754 -86.54 -114.16 10.50
N ILE B 755 -85.30 -114.07 10.02
CA ILE B 755 -84.95 -114.46 8.66
C ILE B 755 -83.93 -115.59 8.75
N SER B 756 -84.21 -116.69 8.05
CA SER B 756 -83.34 -117.86 8.07
C SER B 756 -83.00 -118.29 6.66
N PHE B 757 -81.84 -118.94 6.52
CA PHE B 757 -81.35 -119.39 5.23
C PHE B 757 -80.94 -120.85 5.33
N ARG B 758 -80.95 -121.53 4.18
CA ARG B 758 -80.43 -122.88 4.08
C ARG B 758 -79.88 -123.09 2.68
N ILE B 759 -78.85 -123.93 2.58
CA ILE B 759 -78.17 -124.15 1.30
C ILE B 759 -78.14 -125.65 1.04
N ASN B 760 -78.70 -126.05 -0.11
CA ASN B 760 -78.73 -127.45 -0.55
C ASN B 760 -79.33 -128.34 0.53
N GLY B 761 -80.34 -127.83 1.22
CA GLY B 761 -80.98 -128.56 2.30
C GLY B 761 -80.28 -128.47 3.64
N CYS B 762 -79.08 -127.92 3.70
CA CYS B 762 -78.34 -127.82 4.94
C CYS B 762 -78.63 -126.47 5.59
N PRO B 763 -79.27 -126.43 6.76
CA PRO B 763 -79.56 -125.16 7.41
C PRO B 763 -78.30 -124.51 8.00
N VAL B 764 -78.33 -123.19 8.07
CA VAL B 764 -77.26 -122.44 8.70
C VAL B 764 -77.60 -122.24 10.17
N GLN B 765 -76.56 -122.01 10.98
CA GLN B 765 -76.75 -121.93 12.42
C GLN B 765 -77.19 -120.56 12.90
N GLY B 766 -76.91 -119.50 12.16
CA GLY B 766 -77.19 -118.15 12.60
C GLY B 766 -78.47 -117.59 11.97
N VAL B 767 -79.15 -116.75 12.74
CA VAL B 767 -80.40 -116.13 12.29
C VAL B 767 -80.47 -114.69 12.76
N PHE B 768 -81.09 -113.84 11.93
CA PHE B 768 -81.37 -112.46 12.29
C PHE B 768 -82.68 -112.40 13.08
N GLU B 769 -82.72 -111.53 14.07
CA GLU B 769 -83.88 -111.44 14.95
C GLU B 769 -84.10 -110.00 15.39
N ALA B 770 -85.33 -109.72 15.83
CA ALA B 770 -85.69 -108.48 16.50
C ALA B 770 -85.27 -107.25 15.69
N PHE B 771 -85.77 -107.20 14.46
CA PHE B 771 -85.53 -106.04 13.60
C PHE B 771 -86.81 -105.22 13.46
N ASN B 772 -86.63 -104.00 12.95
CA ASN B 772 -87.77 -103.09 12.80
C ASN B 772 -88.73 -103.61 11.74
N LEU B 773 -90.02 -103.59 12.08
CA LEU B 773 -91.06 -104.12 11.20
C LEU B 773 -91.68 -103.06 10.31
N ASP B 774 -91.21 -101.81 10.38
CA ASP B 774 -91.70 -100.76 9.50
C ASP B 774 -91.30 -101.06 8.06
N GLY B 775 -92.19 -100.70 7.13
CA GLY B 775 -91.93 -100.89 5.72
C GLY B 775 -92.26 -102.29 5.25
N LEU B 776 -91.96 -102.53 3.97
CA LEU B 776 -92.24 -103.79 3.31
C LEU B 776 -90.94 -104.49 2.91
N PHE B 777 -90.98 -105.81 2.91
CA PHE B 777 -89.81 -106.63 2.61
C PHE B 777 -89.93 -107.23 1.22
N PHE B 778 -88.81 -107.31 0.51
CA PHE B 778 -88.77 -107.93 -0.80
C PHE B 778 -87.49 -108.74 -0.95
N PRO B 779 -87.53 -109.82 -1.73
CA PRO B 779 -86.29 -110.56 -2.01
C PRO B 779 -85.34 -109.70 -2.82
N VAL B 780 -84.03 -109.95 -2.62
CA VAL B 780 -83.00 -109.11 -3.23
C VAL B 780 -81.74 -109.94 -3.41
N VAL B 781 -81.02 -109.66 -4.49
CA VAL B 781 -79.72 -110.26 -4.76
C VAL B 781 -78.76 -109.16 -5.20
N SER B 782 -77.57 -109.14 -4.63
CA SER B 782 -76.52 -108.21 -5.02
C SER B 782 -75.37 -108.99 -5.65
N PHE B 783 -74.85 -108.46 -6.75
CA PHE B 783 -73.81 -109.18 -7.47
C PHE B 783 -72.96 -108.23 -8.28
N SER B 784 -71.72 -108.65 -8.52
CA SER B 784 -70.80 -107.98 -9.43
C SER B 784 -70.91 -108.65 -10.81
N ALA B 785 -69.99 -108.33 -11.71
CA ALA B 785 -69.98 -108.93 -13.03
C ALA B 785 -69.47 -110.37 -12.97
N GLY B 786 -69.95 -111.19 -13.90
CA GLY B 786 -69.48 -112.56 -14.02
C GLY B 786 -70.19 -113.56 -13.15
N VAL B 787 -71.52 -113.47 -13.08
CA VAL B 787 -72.33 -114.40 -12.29
C VAL B 787 -73.69 -114.55 -12.94
N LYS B 788 -74.18 -115.78 -12.99
CA LYS B 788 -75.50 -116.08 -13.55
C LYS B 788 -76.34 -116.80 -12.50
N VAL B 789 -77.56 -116.32 -12.29
CA VAL B 789 -78.45 -116.86 -11.26
C VAL B 789 -79.85 -117.03 -11.83
N ARG B 790 -80.64 -117.83 -11.11
CA ARG B 790 -82.03 -118.07 -11.45
C ARG B 790 -82.89 -117.97 -10.19
N PHE B 791 -84.07 -117.39 -10.36
CA PHE B 791 -85.01 -117.14 -9.27
C PHE B 791 -86.16 -118.14 -9.37
N LEU B 792 -86.21 -119.09 -8.43
CA LEU B 792 -87.32 -120.04 -8.37
C LEU B 792 -88.40 -119.40 -7.50
N LEU B 793 -89.25 -118.58 -8.12
CA LEU B 793 -90.28 -117.81 -7.42
C LEU B 793 -91.58 -118.60 -7.47
N GLY B 794 -91.86 -119.34 -6.40
CA GLY B 794 -93.11 -120.07 -6.32
C GLY B 794 -93.18 -121.22 -7.31
N GLY B 795 -94.39 -121.52 -7.75
CA GLY B 795 -94.63 -122.63 -8.66
C GLY B 795 -94.86 -122.21 -10.09
N ARG B 796 -95.41 -121.02 -10.30
CA ARG B 796 -95.66 -120.55 -11.66
C ARG B 796 -94.35 -120.34 -12.41
N HIS B 797 -93.36 -119.74 -11.77
CA HIS B 797 -92.08 -119.40 -12.38
C HIS B 797 -91.00 -120.21 -11.66
N GLY B 798 -90.58 -121.31 -12.25
CA GLY B 798 -89.66 -122.22 -11.61
C GLY B 798 -90.35 -123.12 -10.61
N GLU B 799 -89.65 -124.19 -10.24
CA GLU B 799 -90.14 -125.15 -9.26
C GLU B 799 -89.10 -125.32 -8.16
N PHE B 800 -89.59 -125.43 -6.92
CA PHE B 800 -88.70 -125.51 -5.77
C PHE B 800 -87.92 -126.83 -5.81
N LYS B 801 -86.60 -126.74 -5.62
CA LYS B 801 -85.79 -127.96 -5.56
C LYS B 801 -86.03 -128.71 -4.25
N PHE B 802 -86.40 -128.00 -3.19
CA PHE B 802 -86.67 -128.60 -1.90
C PHE B 802 -88.01 -128.08 -1.39
N LEU B 803 -88.69 -128.92 -0.60
CA LEU B 803 -90.01 -128.55 -0.10
C LEU B 803 -89.91 -127.41 0.90
N PRO B 804 -90.84 -126.46 0.86
CA PRO B 804 -90.83 -125.36 1.82
C PRO B 804 -91.12 -125.85 3.23
N PRO B 805 -90.66 -125.14 4.25
CA PRO B 805 -91.08 -125.46 5.61
C PRO B 805 -92.57 -125.25 5.77
N PRO B 806 -93.22 -126.01 6.66
CA PRO B 806 -94.67 -125.90 6.80
C PRO B 806 -95.10 -124.50 7.20
N GLY B 807 -96.21 -124.03 6.62
CA GLY B 807 -96.73 -122.72 6.90
C GLY B 807 -96.07 -121.58 6.16
N TYR B 808 -95.13 -121.86 5.26
CA TYR B 808 -94.40 -120.82 4.54
C TYR B 808 -94.92 -120.76 3.12
N ALA B 809 -95.61 -119.68 2.78
CA ALA B 809 -96.18 -119.53 1.45
C ALA B 809 -95.10 -119.13 0.45
N PRO B 810 -95.17 -119.65 -0.79
CA PRO B 810 -94.23 -119.21 -1.82
C PRO B 810 -94.44 -117.75 -2.18
N CYS B 811 -93.36 -117.13 -2.67
CA CYS B 811 -93.40 -115.71 -2.98
C CYS B 811 -94.25 -115.39 -4.21
N HIS B 812 -94.59 -116.39 -5.02
CA HIS B 812 -95.41 -116.13 -6.20
C HIS B 812 -96.86 -115.81 -5.85
N GLU B 813 -97.26 -116.02 -4.60
CA GLU B 813 -98.63 -115.77 -4.17
C GLU B 813 -98.90 -114.32 -3.78
N ALA B 814 -97.85 -113.50 -3.67
CA ALA B 814 -97.98 -112.13 -3.17
C ALA B 814 -98.01 -111.10 -4.30
N VAL B 815 -98.14 -111.54 -5.56
CA VAL B 815 -98.19 -110.60 -6.67
C VAL B 815 -99.54 -109.90 -6.67
N LEU B 816 -99.52 -108.58 -6.80
CA LEU B 816 -100.75 -107.80 -6.81
C LEU B 816 -101.55 -108.08 -8.07
N PRO B 817 -102.88 -108.00 -7.99
CA PRO B 817 -103.70 -108.27 -9.19
C PRO B 817 -103.44 -107.30 -10.34
N ARG B 818 -103.08 -106.05 -10.05
CA ARG B 818 -102.90 -105.08 -11.11
C ARG B 818 -101.65 -105.35 -11.93
N GLU B 819 -100.60 -105.86 -11.31
CA GLU B 819 -99.30 -106.01 -11.96
C GLU B 819 -98.95 -107.49 -12.16
N ARG B 820 -98.02 -107.72 -13.06
CA ARG B 820 -97.46 -109.04 -13.33
C ARG B 820 -96.03 -109.11 -12.82
N LEU B 821 -95.51 -110.33 -12.74
CA LEU B 821 -94.15 -110.52 -12.26
C LEU B 821 -93.15 -109.95 -13.25
N ARG B 822 -92.11 -109.28 -12.73
CA ARG B 822 -91.13 -108.62 -13.57
C ARG B 822 -89.91 -108.30 -12.73
N LEU B 823 -88.73 -108.73 -13.20
CA LEU B 823 -87.49 -108.38 -12.53
C LEU B 823 -87.13 -106.94 -12.82
N GLU B 824 -86.62 -106.24 -11.80
CA GLU B 824 -86.31 -104.83 -11.92
C GLU B 824 -85.26 -104.46 -10.88
N PRO B 825 -84.46 -103.44 -11.14
CA PRO B 825 -83.54 -102.94 -10.10
C PRO B 825 -84.30 -102.24 -8.99
N ILE B 826 -83.59 -102.03 -7.87
CA ILE B 826 -84.22 -101.43 -6.70
C ILE B 826 -84.62 -99.99 -6.99
N LYS B 827 -83.63 -99.14 -7.25
CA LYS B 827 -83.86 -97.75 -7.62
C LYS B 827 -82.87 -97.35 -8.69
N GLU B 828 -83.26 -96.38 -9.51
CA GLU B 828 -82.40 -95.91 -10.59
C GLU B 828 -82.74 -94.47 -10.92
N TYR B 829 -81.76 -93.78 -11.51
CA TYR B 829 -81.94 -92.43 -11.99
C TYR B 829 -81.69 -92.31 -13.49
N ARG B 830 -81.56 -93.45 -14.18
CA ARG B 830 -81.37 -93.46 -15.62
C ARG B 830 -81.87 -94.78 -16.18
N ARG B 831 -82.06 -94.80 -17.49
CA ARG B 831 -82.59 -95.99 -18.16
C ARG B 831 -82.13 -95.97 -19.60
N GLU B 832 -81.95 -97.17 -20.17
CA GLU B 832 -81.55 -97.30 -21.56
C GLU B 832 -82.78 -97.22 -22.46
N GLY B 833 -82.70 -96.38 -23.48
CA GLY B 833 -83.80 -96.20 -24.41
C GLY B 833 -83.36 -96.31 -25.85
N PRO B 834 -84.32 -96.25 -26.78
CA PRO B 834 -83.97 -96.36 -28.20
C PRO B 834 -83.13 -95.19 -28.69
N ARG B 835 -83.59 -93.96 -28.48
CA ARG B 835 -82.81 -92.79 -28.88
C ARG B 835 -81.53 -92.68 -28.05
N GLY B 836 -81.62 -92.96 -26.75
CA GLY B 836 -80.49 -92.85 -25.86
C GLY B 836 -80.91 -93.03 -24.42
N PRO B 837 -80.03 -92.66 -23.49
CA PRO B 837 -80.37 -92.79 -22.07
C PRO B 837 -81.54 -91.89 -21.70
N HIS B 838 -82.47 -92.44 -20.92
CA HIS B 838 -83.63 -91.71 -20.40
C HIS B 838 -83.43 -91.48 -18.92
N LEU B 839 -83.33 -90.21 -18.53
CA LEU B 839 -83.25 -89.86 -17.12
C LEU B 839 -84.62 -90.05 -16.48
N VAL B 840 -84.64 -90.73 -15.33
CA VAL B 840 -85.89 -91.01 -14.63
C VAL B 840 -85.84 -90.34 -13.26
N GLY B 841 -87.02 -90.05 -12.73
CA GLY B 841 -87.15 -89.41 -11.45
C GLY B 841 -87.53 -90.38 -10.35
N PRO B 842 -88.01 -89.86 -9.23
CA PRO B 842 -88.42 -90.74 -8.13
C PRO B 842 -89.61 -91.60 -8.52
N SER B 843 -89.72 -92.75 -7.86
CA SER B 843 -90.80 -93.70 -8.11
C SER B 843 -91.64 -93.83 -6.85
N ARG B 844 -92.96 -93.78 -7.01
CA ARG B 844 -93.86 -93.95 -5.88
C ARG B 844 -93.80 -95.39 -5.38
N CYS B 845 -93.82 -95.56 -4.07
CA CYS B 845 -93.73 -96.87 -3.44
C CYS B 845 -94.85 -97.03 -2.44
N LEU B 846 -95.39 -98.24 -2.36
CA LEU B 846 -96.46 -98.55 -1.41
C LEU B 846 -95.91 -98.61 0.01
N SER B 847 -96.79 -98.33 0.97
CA SER B 847 -96.46 -98.41 2.38
C SER B 847 -97.17 -99.59 3.01
N HIS B 848 -96.66 -100.02 4.17
CA HIS B 848 -97.24 -101.16 4.87
C HIS B 848 -98.62 -100.87 5.43
N THR B 849 -99.00 -99.59 5.53
CA THR B 849 -100.32 -99.21 5.98
C THR B 849 -101.32 -99.03 4.84
N ASP B 850 -100.90 -99.26 3.60
CA ASP B 850 -101.79 -99.16 2.46
C ASP B 850 -102.65 -100.40 2.27
N PHE B 851 -102.31 -101.52 2.91
CA PHE B 851 -103.05 -102.76 2.75
C PHE B 851 -104.17 -102.92 3.77
N VAL B 852 -104.26 -102.04 4.77
CA VAL B 852 -105.31 -102.14 5.77
C VAL B 852 -106.57 -101.45 5.27
N PRO B 853 -107.76 -101.93 5.62
CA PRO B 853 -108.99 -101.21 5.23
C PRO B 853 -109.39 -100.18 6.27
N CYS B 854 -109.79 -99.01 5.78
CA CYS B 854 -110.21 -97.88 6.62
C CYS B 854 -111.58 -97.41 6.15
N PRO B 855 -112.64 -98.09 6.55
CA PRO B 855 -113.99 -97.68 6.13
C PRO B 855 -114.62 -96.67 7.06
N VAL B 856 -115.84 -96.23 6.73
CA VAL B 856 -116.57 -95.24 7.52
C VAL B 856 -117.80 -95.92 8.10
N ASP B 857 -118.04 -95.67 9.40
CA ASP B 857 -119.20 -96.24 10.09
C ASP B 857 -120.46 -95.52 9.62
N THR B 858 -121.15 -96.10 8.64
CA THR B 858 -122.35 -95.49 8.08
C THR B 858 -123.64 -95.99 8.72
N VAL B 859 -123.61 -97.15 9.38
CA VAL B 859 -124.81 -97.68 10.01
C VAL B 859 -125.25 -96.84 11.19
N GLN B 860 -124.36 -96.02 11.75
CA GLN B 860 -124.72 -95.17 12.87
C GLN B 860 -125.78 -94.15 12.47
N ILE B 861 -125.64 -93.57 11.27
CA ILE B 861 -126.59 -92.58 10.77
C ILE B 861 -127.86 -93.28 10.32
N VAL B 862 -129.02 -92.71 10.67
CA VAL B 862 -130.31 -93.28 10.32
C VAL B 862 -131.11 -92.24 9.53
N LEU B 863 -131.92 -92.74 8.60
CA LEU B 863 -132.72 -91.89 7.70
C LEU B 863 -134.16 -92.39 7.64
N PRO B 864 -134.92 -92.22 8.72
CA PRO B 864 -136.31 -92.75 8.76
C PRO B 864 -137.20 -92.22 7.66
N PRO B 865 -137.12 -90.93 7.29
CA PRO B 865 -138.03 -90.45 6.21
C PRO B 865 -137.84 -91.17 4.89
N HIS B 866 -136.63 -91.64 4.60
CA HIS B 866 -136.44 -92.49 3.42
C HIS B 866 -136.77 -93.94 3.74
N LEU B 867 -136.39 -94.42 4.93
CA LEU B 867 -136.60 -95.81 5.28
C LEU B 867 -138.08 -96.19 5.28
N GLU B 868 -138.97 -95.22 5.45
CA GLU B 868 -140.39 -95.56 5.53
C GLU B 868 -140.96 -95.95 4.17
N ARG B 869 -140.67 -95.19 3.11
CA ARG B 869 -141.26 -95.46 1.79
C ARG B 869 -140.24 -95.53 0.66
N ILE B 870 -139.22 -94.68 0.69
CA ILE B 870 -138.30 -94.59 -0.45
C ILE B 870 -137.47 -95.86 -0.55
N ARG B 871 -137.07 -96.42 0.58
CA ARG B 871 -136.20 -97.58 0.54
C ARG B 871 -136.96 -98.82 0.06
N GLU B 872 -138.26 -98.94 0.36
CA GLU B 872 -139.03 -100.00 -0.28
C GLU B 872 -139.31 -99.73 -1.75
N LYS B 873 -139.40 -98.48 -2.20
CA LYS B 873 -139.44 -98.30 -3.66
C LYS B 873 -138.15 -98.79 -4.30
N LEU B 874 -137.00 -98.44 -3.70
CA LEU B 874 -135.72 -98.95 -4.20
C LEU B 874 -135.67 -100.47 -4.14
N ALA B 875 -136.17 -101.07 -3.06
CA ALA B 875 -136.18 -102.52 -2.94
C ALA B 875 -137.09 -103.16 -3.99
N GLU B 876 -138.21 -102.52 -4.29
CA GLU B 876 -139.10 -103.03 -5.34
C GLU B 876 -138.37 -103.09 -6.67
N ASN B 877 -137.69 -102.00 -7.05
CA ASN B 877 -137.01 -102.04 -8.34
C ASN B 877 -135.80 -102.98 -8.31
N ILE B 878 -135.14 -103.13 -7.15
CA ILE B 878 -134.06 -104.10 -7.04
C ILE B 878 -134.60 -105.51 -7.24
N HIS B 879 -135.76 -105.82 -6.65
CA HIS B 879 -136.40 -107.12 -6.89
C HIS B 879 -136.73 -107.29 -8.37
N GLU B 880 -137.22 -106.24 -9.01
CA GLU B 880 -137.49 -106.28 -10.45
C GLU B 880 -136.25 -106.70 -11.22
N LEU B 881 -135.13 -106.00 -10.98
CA LEU B 881 -133.89 -106.32 -11.69
C LEU B 881 -133.39 -107.72 -11.35
N TRP B 882 -133.53 -108.12 -10.08
CA TRP B 882 -133.09 -109.44 -9.62
C TRP B 882 -133.79 -110.53 -10.43
N ALA B 883 -135.12 -110.44 -10.48
CA ALA B 883 -135.92 -111.43 -11.20
C ALA B 883 -135.67 -111.33 -12.70
N LEU B 884 -135.42 -110.13 -13.21
CA LEU B 884 -135.06 -109.98 -14.62
C LEU B 884 -133.81 -110.77 -14.94
N THR B 885 -132.81 -110.73 -14.04
CA THR B 885 -131.61 -111.53 -14.23
C THR B 885 -131.94 -113.01 -14.28
N ARG B 886 -132.75 -113.50 -13.33
CA ARG B 886 -133.09 -114.93 -13.39
C ARG B 886 -133.82 -115.28 -14.69
N ILE B 887 -134.79 -114.46 -15.10
CA ILE B 887 -135.57 -114.79 -16.30
C ILE B 887 -134.69 -114.79 -17.53
N GLU B 888 -133.82 -113.78 -17.66
CA GLU B 888 -132.84 -113.79 -18.75
C GLU B 888 -131.95 -115.02 -18.67
N GLN B 889 -131.66 -115.50 -17.46
CA GLN B 889 -130.92 -116.73 -17.29
C GLN B 889 -131.82 -117.94 -17.45
N GLY B 890 -131.22 -119.10 -17.64
CA GLY B 890 -131.94 -120.37 -17.69
C GLY B 890 -132.82 -120.66 -16.49
N TRP B 891 -132.73 -119.82 -15.47
CA TRP B 891 -133.43 -120.05 -14.21
C TRP B 891 -134.93 -120.21 -14.42
N THR B 892 -135.48 -121.28 -13.88
CA THR B 892 -136.88 -121.64 -14.02
C THR B 892 -137.66 -121.27 -12.76
N TYR B 893 -138.97 -121.50 -12.82
CA TYR B 893 -139.87 -121.21 -11.70
C TYR B 893 -140.15 -122.49 -10.92
N GLY B 894 -139.98 -122.43 -9.61
CA GLY B 894 -140.27 -123.54 -8.74
C GLY B 894 -140.55 -123.10 -7.32
N PRO B 895 -141.67 -123.54 -6.74
CA PRO B 895 -142.08 -123.00 -5.44
C PRO B 895 -141.04 -123.11 -4.34
N VAL B 896 -140.19 -124.14 -4.38
CA VAL B 896 -139.10 -124.30 -3.43
C VAL B 896 -137.79 -124.05 -4.15
N ARG B 897 -136.86 -123.39 -3.47
CA ARG B 897 -135.58 -123.03 -4.09
C ARG B 897 -134.81 -124.30 -4.42
N ASP B 898 -134.61 -124.55 -5.72
CA ASP B 898 -133.84 -125.70 -6.21
C ASP B 898 -132.88 -125.16 -7.27
N ASP B 899 -131.67 -124.80 -6.82
CA ASP B 899 -130.65 -124.32 -7.76
C ASP B 899 -130.25 -125.39 -8.76
N ASN B 900 -130.41 -126.67 -8.39
CA ASN B 900 -130.12 -127.75 -9.32
C ASN B 900 -131.02 -127.69 -10.55
N LYS B 901 -132.32 -127.57 -10.34
CA LYS B 901 -133.26 -127.39 -11.44
C LYS B 901 -133.52 -125.91 -11.70
N ARG B 902 -132.73 -125.02 -11.08
CA ARG B 902 -132.76 -123.59 -11.37
C ARG B 902 -134.07 -122.95 -10.95
N LEU B 903 -134.64 -123.41 -9.83
CA LEU B 903 -136.01 -123.09 -9.46
C LEU B 903 -136.05 -121.82 -8.61
N HIS B 904 -137.06 -120.98 -8.88
CA HIS B 904 -137.16 -119.66 -8.27
C HIS B 904 -137.89 -119.75 -6.94
N PRO B 905 -137.21 -119.55 -5.80
CA PRO B 905 -137.89 -119.73 -4.50
C PRO B 905 -139.11 -118.86 -4.32
N CYS B 906 -139.09 -117.63 -4.85
CA CYS B 906 -140.26 -116.77 -4.79
C CYS B 906 -141.16 -116.95 -6.00
N LEU B 907 -140.61 -116.72 -7.20
CA LEU B 907 -141.37 -116.76 -8.45
C LEU B 907 -142.62 -115.91 -8.38
N VAL B 908 -142.51 -114.74 -7.76
CA VAL B 908 -143.61 -113.77 -7.68
C VAL B 908 -143.09 -112.42 -8.15
N ASN B 909 -143.91 -111.71 -8.94
CA ASN B 909 -143.53 -110.39 -9.42
C ASN B 909 -143.38 -109.42 -8.25
N PHE B 910 -144.37 -109.36 -7.38
CA PHE B 910 -144.31 -108.53 -6.18
C PHE B 910 -143.73 -109.36 -5.05
N HIS B 911 -142.61 -108.91 -4.50
CA HIS B 911 -141.94 -109.65 -3.44
C HIS B 911 -142.82 -109.73 -2.20
N SER B 912 -142.92 -110.93 -1.63
CA SER B 912 -143.72 -111.15 -0.43
C SER B 912 -142.99 -110.56 0.77
N LEU B 913 -143.51 -109.44 1.28
CA LEU B 913 -142.79 -108.69 2.30
C LEU B 913 -142.48 -109.48 3.57
N PRO B 914 -143.37 -110.30 4.13
CA PRO B 914 -143.03 -111.04 5.35
C PRO B 914 -141.78 -111.92 5.24
N GLU B 915 -141.27 -112.15 4.04
CA GLU B 915 -140.13 -113.03 3.87
C GLU B 915 -138.87 -112.41 4.47
N PRO B 916 -138.12 -113.16 5.30
CA PRO B 916 -136.86 -112.61 5.83
C PRO B 916 -135.86 -112.24 4.74
N GLU B 917 -135.92 -112.89 3.59
CA GLU B 917 -135.12 -112.46 2.44
C GLU B 917 -135.53 -111.05 2.00
N ARG B 918 -136.83 -110.78 1.98
CA ARG B 918 -137.29 -109.43 1.65
C ARG B 918 -136.86 -108.43 2.72
N ASN B 919 -136.85 -108.86 3.98
CA ASN B 919 -136.29 -108.02 5.03
C ASN B 919 -134.82 -107.73 4.79
N TYR B 920 -134.06 -108.72 4.35
CA TYR B 920 -132.64 -108.48 4.08
C TYR B 920 -132.45 -107.51 2.92
N ASN B 921 -133.37 -107.54 1.96
CA ASN B 921 -133.35 -106.51 0.92
C ASN B 921 -133.73 -105.13 1.47
N LEU B 922 -134.59 -105.09 2.49
CA LEU B 922 -134.81 -103.83 3.18
C LEU B 922 -133.54 -103.33 3.86
N GLN B 923 -132.76 -104.24 4.43
CA GLN B 923 -131.42 -103.87 4.91
C GLN B 923 -130.52 -103.38 3.78
N MET B 924 -130.60 -104.00 2.60
CA MET B 924 -129.99 -103.41 1.40
C MET B 924 -130.24 -101.92 1.33
N SER B 925 -131.52 -101.58 1.12
CA SER B 925 -131.87 -100.19 0.85
C SER B 925 -131.48 -99.30 2.02
N GLY B 926 -131.70 -99.78 3.25
CA GLY B 926 -131.35 -98.99 4.41
C GLY B 926 -129.87 -98.67 4.49
N GLU B 927 -129.02 -99.68 4.28
CA GLU B 927 -127.58 -99.45 4.33
C GLU B 927 -127.13 -98.52 3.21
N THR B 928 -127.69 -98.67 2.01
CA THR B 928 -127.31 -97.77 0.92
C THR B 928 -127.65 -96.32 1.27
N LEU B 929 -128.86 -96.08 1.79
CA LEU B 929 -129.23 -94.72 2.15
C LEU B 929 -128.38 -94.18 3.30
N LYS B 930 -128.08 -95.04 4.28
CA LYS B 930 -127.23 -94.61 5.40
C LYS B 930 -125.85 -94.21 4.92
N THR B 931 -125.26 -94.99 4.02
CA THR B 931 -123.95 -94.63 3.49
C THR B 931 -124.01 -93.35 2.68
N LEU B 932 -125.08 -93.19 1.89
CA LEU B 932 -125.22 -91.96 1.10
C LEU B 932 -125.29 -90.73 2.00
N LEU B 933 -126.05 -90.81 3.09
CA LEU B 933 -126.13 -89.66 3.99
C LEU B 933 -124.85 -89.48 4.80
N ALA B 934 -124.17 -90.58 5.15
CA ALA B 934 -122.93 -90.47 5.90
C ALA B 934 -121.86 -89.77 5.09
N LEU B 935 -121.81 -90.02 3.78
CA LEU B 935 -120.92 -89.28 2.91
C LEU B 935 -121.50 -87.88 2.68
N GLY B 936 -120.88 -87.11 1.79
CA GLY B 936 -121.29 -85.73 1.57
C GLY B 936 -122.58 -85.57 0.81
N CYS B 937 -123.22 -86.67 0.39
CA CYS B 937 -124.45 -86.58 -0.39
C CYS B 937 -125.57 -86.00 0.45
N HIS B 938 -126.40 -85.17 -0.19
CA HIS B 938 -127.61 -84.63 0.43
C HIS B 938 -128.81 -85.30 -0.22
N VAL B 939 -129.47 -86.19 0.52
CA VAL B 939 -130.62 -86.91 -0.01
C VAL B 939 -131.84 -86.01 0.00
N GLY B 940 -132.80 -86.35 -0.85
CA GLY B 940 -134.05 -85.61 -0.92
C GLY B 940 -134.93 -86.16 -2.01
N MET B 941 -136.13 -85.58 -2.10
CA MET B 941 -137.13 -85.96 -3.09
C MET B 941 -137.44 -84.76 -3.97
N ALA B 942 -137.39 -84.97 -5.29
CA ALA B 942 -137.72 -83.93 -6.26
C ALA B 942 -138.43 -84.58 -7.43
N ASP B 943 -139.73 -84.35 -7.54
CA ASP B 943 -140.56 -84.85 -8.64
C ASP B 943 -140.54 -86.38 -8.71
N GLU B 944 -140.97 -87.00 -7.60
CA GLU B 944 -141.21 -88.44 -7.62
C GLU B 944 -142.46 -88.77 -8.42
N LYS B 945 -143.43 -87.85 -8.45
CA LYS B 945 -144.59 -88.02 -9.32
C LYS B 945 -144.18 -88.04 -10.78
N ALA B 946 -143.09 -87.36 -11.14
CA ALA B 946 -142.55 -87.47 -12.48
C ALA B 946 -142.04 -88.88 -12.75
N GLU B 947 -141.38 -89.49 -11.76
CA GLU B 947 -140.93 -90.87 -11.91
C GLU B 947 -142.12 -91.82 -12.06
N ASP B 948 -143.19 -91.58 -11.30
CA ASP B 948 -144.38 -92.41 -11.45
C ASP B 948 -145.09 -92.15 -12.78
N ASN B 949 -144.94 -90.94 -13.34
CA ASN B 949 -145.63 -90.59 -14.56
C ASN B 949 -145.01 -91.25 -15.79
N LEU B 950 -143.69 -91.37 -15.82
CA LEU B 950 -143.02 -91.95 -16.97
C LEU B 950 -143.29 -93.45 -17.05
N LYS B 951 -142.84 -94.06 -18.15
CA LYS B 951 -143.08 -95.47 -18.38
C LYS B 951 -142.21 -96.31 -17.44
N LYS B 952 -142.77 -96.72 -16.31
CA LYS B 952 -142.05 -97.56 -15.36
C LYS B 952 -142.21 -99.04 -15.66
N THR B 953 -143.35 -99.44 -16.21
CA THR B 953 -143.61 -100.85 -16.50
C THR B 953 -143.27 -101.17 -17.95
N LYS B 954 -141.96 -101.13 -18.23
CA LYS B 954 -141.46 -101.52 -19.55
C LYS B 954 -141.33 -103.03 -19.59
N LEU B 955 -141.99 -103.66 -20.57
CA LEU B 955 -142.05 -105.10 -20.61
C LEU B 955 -141.41 -105.65 -21.88
N PRO B 956 -140.64 -106.73 -21.78
CA PRO B 956 -140.08 -107.38 -22.98
C PRO B 956 -140.90 -108.56 -23.51
N LYS B 957 -141.98 -108.93 -22.85
CA LYS B 957 -142.89 -110.02 -23.24
C LYS B 957 -142.19 -111.37 -23.25
N THR B 958 -140.99 -111.48 -22.68
CA THR B 958 -140.27 -112.74 -22.59
C THR B 958 -140.30 -113.34 -21.19
N TYR B 959 -141.01 -112.70 -20.26
CA TYR B 959 -140.99 -113.14 -18.87
C TYR B 959 -141.66 -114.50 -18.70
N MET B 960 -141.21 -115.23 -17.70
CA MET B 960 -141.79 -116.52 -17.37
C MET B 960 -143.23 -116.35 -16.89
N MET B 961 -144.05 -117.37 -17.13
CA MET B 961 -145.48 -117.26 -16.87
C MET B 961 -145.81 -117.27 -15.38
N SER B 962 -144.87 -117.68 -14.52
CA SER B 962 -145.07 -117.53 -13.08
C SER B 962 -144.86 -116.09 -12.65
N ASN B 963 -143.88 -115.40 -13.25
CA ASN B 963 -143.63 -114.01 -12.95
C ASN B 963 -144.67 -113.13 -13.63
N GLY B 964 -144.90 -111.96 -13.04
CA GLY B 964 -145.78 -110.96 -13.60
C GLY B 964 -145.04 -110.01 -14.53
N TYR B 965 -145.62 -108.83 -14.70
CA TYR B 965 -145.04 -107.79 -15.55
C TYR B 965 -143.90 -107.13 -14.79
N LYS B 966 -142.67 -107.46 -15.16
CA LYS B 966 -141.50 -106.89 -14.51
C LYS B 966 -141.29 -105.45 -14.98
N PRO B 967 -141.29 -104.47 -14.09
CA PRO B 967 -141.20 -103.07 -14.55
C PRO B 967 -139.78 -102.58 -14.71
N ALA B 968 -139.49 -101.96 -15.85
CA ALA B 968 -138.19 -101.35 -16.09
C ALA B 968 -138.35 -99.83 -16.13
N PRO B 969 -137.91 -99.10 -15.10
CA PRO B 969 -138.13 -97.64 -15.11
C PRO B 969 -137.46 -96.93 -16.27
N LEU B 970 -136.31 -97.41 -16.73
CA LEU B 970 -135.56 -96.80 -17.83
C LEU B 970 -135.28 -95.32 -17.54
N ASP B 971 -134.82 -95.05 -16.31
CA ASP B 971 -134.51 -93.69 -15.89
C ASP B 971 -133.28 -93.12 -16.58
N LEU B 972 -132.51 -93.95 -17.27
CA LEU B 972 -131.33 -93.44 -17.98
C LEU B 972 -131.73 -92.45 -19.07
N SER B 973 -132.80 -92.75 -19.81
CA SER B 973 -133.25 -91.85 -20.86
C SER B 973 -133.72 -90.52 -20.28
N HIS B 974 -134.44 -90.56 -19.16
CA HIS B 974 -134.92 -89.33 -18.54
C HIS B 974 -133.76 -88.50 -17.99
N VAL B 975 -132.85 -89.15 -17.27
CA VAL B 975 -131.69 -88.45 -16.70
C VAL B 975 -130.49 -89.38 -16.71
N ARG B 976 -129.47 -89.05 -17.50
CA ARG B 976 -128.25 -89.84 -17.55
C ARG B 976 -127.39 -89.57 -16.32
N LEU B 977 -126.47 -90.49 -16.06
CA LEU B 977 -125.58 -90.36 -14.91
C LEU B 977 -124.52 -89.30 -15.19
N THR B 978 -124.42 -88.33 -14.28
CA THR B 978 -123.40 -87.31 -14.38
C THR B 978 -122.04 -87.89 -13.99
N PRO B 979 -120.94 -87.22 -14.40
CA PRO B 979 -119.63 -87.64 -13.90
C PRO B 979 -119.56 -87.64 -12.39
N ALA B 980 -120.17 -86.65 -11.74
CA ALA B 980 -120.26 -86.66 -10.28
C ALA B 980 -121.01 -87.90 -9.80
N GLN B 981 -122.08 -88.27 -10.51
CA GLN B 981 -122.88 -89.42 -10.09
C GLN B 981 -122.08 -90.72 -10.20
N THR B 982 -121.31 -90.88 -11.29
CA THR B 982 -120.54 -92.11 -11.41
C THR B 982 -119.38 -92.14 -10.41
N THR B 983 -118.81 -90.97 -10.07
CA THR B 983 -117.85 -90.95 -8.96
C THR B 983 -118.51 -91.36 -7.66
N LEU B 984 -119.74 -90.90 -7.40
CA LEU B 984 -120.46 -91.33 -6.21
C LEU B 984 -120.64 -92.83 -6.20
N VAL B 985 -121.01 -93.42 -7.35
CA VAL B 985 -121.13 -94.86 -7.45
C VAL B 985 -119.80 -95.52 -7.09
N ASP B 986 -118.70 -94.96 -7.58
CA ASP B 986 -117.39 -95.54 -7.33
C ASP B 986 -117.06 -95.54 -5.83
N ARG B 987 -117.30 -94.42 -5.15
CA ARG B 987 -116.95 -94.38 -3.72
C ARG B 987 -117.90 -95.24 -2.89
N LEU B 988 -119.17 -95.32 -3.28
CA LEU B 988 -120.09 -96.24 -2.59
C LEU B 988 -119.60 -97.68 -2.72
N ALA B 989 -119.20 -98.09 -3.92
CA ALA B 989 -118.67 -99.43 -4.10
C ALA B 989 -117.39 -99.63 -3.31
N GLU B 990 -116.53 -98.61 -3.27
CA GLU B 990 -115.29 -98.72 -2.51
C GLU B 990 -115.55 -98.93 -1.03
N ASN B 991 -116.48 -98.17 -0.46
CA ASN B 991 -116.80 -98.34 0.96
C ASN B 991 -117.44 -99.71 1.22
N GLY B 992 -118.33 -100.14 0.31
CA GLY B 992 -118.94 -101.45 0.47
C GLY B 992 -117.95 -102.58 0.42
N HIS B 993 -116.89 -102.43 -0.38
CA HIS B 993 -115.83 -103.43 -0.38
C HIS B 993 -114.91 -103.31 0.84
N ASN B 994 -114.67 -102.07 1.30
CA ASN B 994 -113.78 -101.87 2.43
C ASN B 994 -114.35 -102.47 3.71
N VAL B 995 -115.65 -102.31 3.93
CA VAL B 995 -116.25 -102.90 5.14
C VAL B 995 -116.14 -104.43 5.10
N TRP B 996 -116.38 -105.02 3.93
CA TRP B 996 -116.26 -106.47 3.79
C TRP B 996 -114.83 -106.93 4.01
N ALA B 997 -113.85 -106.18 3.48
CA ALA B 997 -112.46 -106.52 3.73
C ALA B 997 -112.12 -106.44 5.21
N ARG B 998 -112.68 -105.44 5.90
CA ARG B 998 -112.44 -105.31 7.33
C ARG B 998 -112.97 -106.52 8.10
N ASP B 999 -114.20 -106.97 7.77
CA ASP B 999 -114.72 -108.11 8.52
C ASP B 999 -114.02 -109.40 8.15
N ARG B 1000 -113.56 -109.53 6.90
CA ARG B 1000 -112.73 -110.69 6.54
C ARG B 1000 -111.43 -110.69 7.33
N VAL B 1001 -110.81 -109.53 7.50
CA VAL B 1001 -109.60 -109.44 8.31
C VAL B 1001 -109.90 -109.82 9.75
N ALA B 1002 -111.05 -109.37 10.27
CA ALA B 1002 -111.47 -109.75 11.62
C ALA B 1002 -111.63 -111.26 11.74
N GLN B 1003 -112.20 -111.90 10.72
CA GLN B 1003 -112.28 -113.37 10.71
C GLN B 1003 -110.89 -113.98 10.72
N GLY B 1004 -109.97 -113.42 9.94
CA GLY B 1004 -108.61 -113.95 9.88
C GLY B 1004 -108.20 -114.46 8.52
N TRP B 1005 -108.76 -113.88 7.46
CA TRP B 1005 -108.42 -114.25 6.11
C TRP B 1005 -107.22 -113.46 5.62
N SER B 1006 -106.56 -113.98 4.58
CA SER B 1006 -105.36 -113.39 4.02
C SER B 1006 -105.49 -113.32 2.51
N TYR B 1007 -104.49 -112.72 1.86
CA TYR B 1007 -104.47 -112.55 0.42
C TYR B 1007 -103.56 -113.58 -0.23
N SER B 1008 -103.99 -114.12 -1.36
CA SER B 1008 -103.20 -115.07 -2.12
C SER B 1008 -103.56 -114.94 -3.59
N ALA B 1009 -102.58 -115.22 -4.46
CA ALA B 1009 -102.82 -115.15 -5.90
C ALA B 1009 -103.75 -116.25 -6.38
N VAL B 1010 -103.90 -117.34 -5.62
CA VAL B 1010 -104.77 -118.45 -5.98
C VAL B 1010 -105.77 -118.64 -4.84
N GLN B 1011 -107.05 -118.76 -5.21
CA GLN B 1011 -108.10 -118.91 -4.21
C GLN B 1011 -107.97 -120.24 -3.49
N ASP B 1012 -108.12 -120.20 -2.16
CA ASP B 1012 -108.08 -121.42 -1.35
C ASP B 1012 -109.02 -121.20 -0.16
N ILE B 1013 -110.27 -121.66 -0.30
CA ILE B 1013 -111.25 -121.48 0.77
C ILE B 1013 -110.83 -122.20 2.06
N PRO B 1014 -110.40 -123.46 2.04
CA PRO B 1014 -109.96 -124.09 3.30
C PRO B 1014 -108.77 -123.40 3.94
N ALA B 1015 -107.95 -122.69 3.17
CA ALA B 1015 -106.78 -122.03 3.70
C ALA B 1015 -107.03 -120.58 4.10
N ARG B 1016 -108.29 -120.13 4.04
CA ARG B 1016 -108.66 -118.74 4.39
C ARG B 1016 -107.85 -117.73 3.57
N ARG B 1017 -107.70 -118.01 2.28
CA ARG B 1017 -107.01 -117.13 1.35
C ARG B 1017 -107.99 -116.68 0.27
N ASN B 1018 -108.07 -115.38 0.06
CA ASN B 1018 -109.02 -114.80 -0.89
C ASN B 1018 -108.28 -113.81 -1.78
N PRO B 1019 -108.29 -113.99 -3.11
CA PRO B 1019 -107.61 -113.04 -3.99
C PRO B 1019 -108.34 -111.74 -4.23
N ARG B 1020 -109.38 -111.42 -3.47
CA ARG B 1020 -110.17 -110.23 -3.70
C ARG B 1020 -110.36 -109.36 -2.45
N LEU B 1021 -109.61 -109.62 -1.38
CA LEU B 1021 -109.74 -108.83 -0.16
C LEU B 1021 -108.73 -107.70 -0.06
N VAL B 1022 -108.00 -107.43 -1.13
CA VAL B 1022 -107.12 -106.25 -1.19
C VAL B 1022 -108.03 -105.02 -1.23
N PRO B 1023 -107.55 -103.84 -0.81
CA PRO B 1023 -108.39 -102.65 -0.84
C PRO B 1023 -108.91 -102.35 -2.24
N TYR B 1024 -109.93 -101.48 -2.29
CA TYR B 1024 -110.59 -101.19 -3.56
C TYR B 1024 -109.65 -100.52 -4.55
N ARG B 1025 -108.71 -99.72 -4.06
CA ARG B 1025 -107.71 -99.12 -4.96
C ARG B 1025 -106.84 -100.19 -5.60
N LEU B 1026 -106.48 -101.22 -4.83
CA LEU B 1026 -105.65 -102.29 -5.35
C LEU B 1026 -106.43 -103.30 -6.17
N LEU B 1027 -107.76 -103.30 -6.06
CA LEU B 1027 -108.57 -104.23 -6.85
C LEU B 1027 -108.47 -103.94 -8.34
N ASP B 1028 -108.64 -104.98 -9.14
CA ASP B 1028 -108.65 -104.84 -10.59
C ASP B 1028 -110.00 -104.33 -11.08
N GLU B 1029 -110.04 -103.92 -12.34
CA GLU B 1029 -111.24 -103.29 -12.89
C GLU B 1029 -112.40 -104.27 -13.06
N ALA B 1030 -112.12 -105.57 -13.19
CA ALA B 1030 -113.20 -106.54 -13.33
C ALA B 1030 -114.06 -106.60 -12.07
N THR B 1031 -113.41 -106.75 -10.91
CA THR B 1031 -114.15 -106.71 -9.66
C THR B 1031 -114.80 -105.36 -9.44
N LYS B 1032 -114.15 -104.28 -9.91
CA LYS B 1032 -114.73 -102.95 -9.78
C LYS B 1032 -116.06 -102.86 -10.52
N ARG B 1033 -116.09 -103.30 -11.78
CA ARG B 1033 -117.34 -103.23 -12.53
C ARG B 1033 -118.38 -104.22 -11.99
N SER B 1034 -117.92 -105.38 -11.49
CA SER B 1034 -118.84 -106.34 -10.90
C SER B 1034 -119.52 -105.77 -9.66
N ASN B 1035 -118.78 -105.00 -8.86
CA ASN B 1035 -119.36 -104.34 -7.70
C ASN B 1035 -120.04 -103.02 -8.05
N ARG B 1036 -119.83 -102.52 -9.27
CA ARG B 1036 -120.35 -101.22 -9.66
C ARG B 1036 -121.65 -101.27 -10.44
N ASP B 1037 -121.95 -102.38 -11.13
CA ASP B 1037 -123.11 -102.41 -12.01
C ASP B 1037 -124.42 -102.20 -11.23
N SER B 1038 -124.60 -102.94 -10.14
CA SER B 1038 -125.84 -102.84 -9.37
C SER B 1038 -125.99 -101.46 -8.74
N LEU B 1039 -124.88 -100.89 -8.26
CA LEU B 1039 -124.92 -99.54 -7.71
C LEU B 1039 -125.22 -98.51 -8.79
N CYS B 1040 -124.76 -98.73 -10.03
CA CYS B 1040 -125.13 -97.86 -11.13
C CYS B 1040 -126.63 -97.92 -11.40
N GLN B 1041 -127.21 -99.12 -11.36
CA GLN B 1041 -128.66 -99.23 -11.51
C GLN B 1041 -129.40 -98.50 -10.39
N ALA B 1042 -128.93 -98.67 -9.15
CA ALA B 1042 -129.57 -97.99 -8.02
C ALA B 1042 -129.47 -96.48 -8.16
N VAL B 1043 -128.30 -95.98 -8.59
CA VAL B 1043 -128.13 -94.54 -8.76
C VAL B 1043 -128.98 -94.02 -9.91
N ARG B 1044 -129.16 -94.82 -10.96
CA ARG B 1044 -130.09 -94.45 -12.02
C ARG B 1044 -131.51 -94.32 -11.48
N THR B 1045 -131.90 -95.25 -10.59
CA THR B 1045 -133.21 -95.13 -9.96
C THR B 1045 -133.32 -93.88 -9.11
N LEU B 1046 -132.25 -93.55 -8.37
CA LEU B 1046 -132.26 -92.32 -7.57
C LEU B 1046 -132.41 -91.08 -8.46
N LEU B 1047 -131.70 -91.07 -9.58
CA LEU B 1047 -131.82 -89.94 -10.51
C LEU B 1047 -133.23 -89.86 -11.09
N GLY B 1048 -133.83 -91.01 -11.42
CA GLY B 1048 -135.20 -91.00 -11.90
C GLY B 1048 -136.18 -90.47 -10.87
N TYR B 1049 -136.00 -90.86 -9.61
CA TYR B 1049 -136.84 -90.31 -8.54
C TYR B 1049 -136.53 -88.86 -8.24
N GLY B 1050 -135.36 -88.37 -8.64
CA GLY B 1050 -135.03 -86.97 -8.46
C GLY B 1050 -134.25 -86.67 -7.19
N TYR B 1051 -133.16 -87.40 -6.97
CA TYR B 1051 -132.30 -87.12 -5.83
C TYR B 1051 -131.48 -85.86 -6.06
N ASN B 1052 -131.32 -85.06 -5.01
CA ASN B 1052 -130.50 -83.85 -5.05
C ASN B 1052 -129.14 -84.09 -4.41
N ILE B 1053 -128.58 -85.28 -4.59
CA ILE B 1053 -127.31 -85.64 -3.95
C ILE B 1053 -126.19 -84.81 -4.57
N GLU B 1054 -125.37 -84.20 -3.71
CA GLU B 1054 -124.26 -83.37 -4.14
C GLU B 1054 -122.97 -83.88 -3.50
N PRO B 1055 -121.90 -84.04 -4.27
CA PRO B 1055 -120.64 -84.48 -3.67
C PRO B 1055 -120.13 -83.43 -2.69
N PRO B 1056 -119.42 -83.86 -1.63
CA PRO B 1056 -118.88 -82.95 -0.63
C PRO B 1056 -117.73 -82.10 -1.18
N ASN B 1065 -91.22 -82.78 5.28
CA ASN B 1065 -89.90 -82.22 5.06
C ASN B 1065 -89.00 -83.23 4.37
N GLN B 1066 -88.84 -84.40 5.00
CA GLN B 1066 -88.03 -85.46 4.41
C GLN B 1066 -88.63 -85.96 3.10
N SER B 1067 -89.96 -86.08 3.06
CA SER B 1067 -90.62 -86.57 1.86
C SER B 1067 -90.56 -85.58 0.70
N ARG B 1068 -90.31 -84.30 0.98
CA ARG B 1068 -90.22 -83.31 -0.09
C ARG B 1068 -89.06 -83.62 -1.03
N TRP B 1069 -87.90 -83.97 -0.46
CA TRP B 1069 -86.74 -84.30 -1.27
C TRP B 1069 -86.94 -85.59 -2.07
N ASP B 1070 -87.84 -86.46 -1.64
CA ASP B 1070 -88.08 -87.73 -2.31
C ASP B 1070 -89.00 -87.60 -3.52
N ARG B 1071 -89.39 -86.39 -3.88
CA ARG B 1071 -90.31 -86.19 -5.00
C ARG B 1071 -89.65 -85.59 -6.24
N VAL B 1072 -88.59 -84.80 -6.07
CA VAL B 1072 -87.97 -84.06 -7.16
C VAL B 1072 -86.50 -84.44 -7.25
N ARG B 1073 -86.04 -84.78 -8.44
CA ARG B 1073 -84.65 -85.08 -8.72
C ARG B 1073 -84.14 -84.12 -9.78
N ILE B 1074 -82.99 -83.49 -9.51
CA ILE B 1074 -82.45 -82.44 -10.37
C ILE B 1074 -81.19 -82.98 -11.06
N PHE B 1075 -81.14 -82.82 -12.37
CA PHE B 1075 -79.98 -83.17 -13.17
C PHE B 1075 -79.38 -81.91 -13.79
N ARG B 1076 -78.06 -81.81 -13.72
CA ARG B 1076 -77.37 -80.65 -14.29
C ARG B 1076 -76.00 -81.09 -14.78
N ALA B 1077 -75.44 -80.29 -15.69
CA ALA B 1077 -74.11 -80.57 -16.20
C ALA B 1077 -73.05 -80.18 -15.17
N GLU B 1078 -71.83 -80.65 -15.39
CA GLU B 1078 -70.73 -80.32 -14.50
C GLU B 1078 -70.38 -78.83 -14.62
N LYS B 1079 -69.86 -78.27 -13.53
CA LYS B 1079 -69.54 -76.85 -13.48
C LYS B 1079 -68.35 -76.47 -14.36
N SER B 1080 -67.68 -77.44 -14.99
CA SER B 1080 -66.59 -77.13 -15.90
C SER B 1080 -67.07 -76.75 -17.29
N TYR B 1081 -68.37 -76.85 -17.56
CA TYR B 1081 -68.92 -76.54 -18.88
C TYR B 1081 -69.70 -75.23 -18.89
N THR B 1082 -69.50 -74.37 -17.89
CA THR B 1082 -70.20 -73.10 -17.84
C THR B 1082 -69.79 -72.21 -19.01
N VAL B 1083 -70.77 -71.55 -19.61
CA VAL B 1083 -70.57 -70.69 -20.77
C VAL B 1083 -70.98 -69.27 -20.40
N GLN B 1084 -70.16 -68.30 -20.82
CA GLN B 1084 -70.42 -66.90 -20.54
C GLN B 1084 -70.56 -66.07 -21.81
N SER B 1085 -70.56 -66.68 -22.98
CA SER B 1085 -70.73 -65.96 -24.23
C SER B 1085 -71.25 -66.91 -25.30
N GLY B 1086 -71.85 -66.34 -26.32
CA GLY B 1086 -72.29 -67.09 -27.48
C GLY B 1086 -73.77 -67.41 -27.46
N ARG B 1087 -74.17 -68.20 -28.46
CA ARG B 1087 -75.54 -68.64 -28.65
C ARG B 1087 -75.58 -70.15 -28.61
N TRP B 1088 -76.17 -70.72 -27.55
CA TRP B 1088 -76.17 -72.15 -27.33
C TRP B 1088 -77.59 -72.70 -27.40
N TYR B 1089 -77.70 -73.97 -27.78
CA TYR B 1089 -78.99 -74.63 -27.96
C TYR B 1089 -78.90 -76.07 -27.50
N PHE B 1090 -79.92 -76.53 -26.78
CA PHE B 1090 -80.03 -77.94 -26.43
C PHE B 1090 -81.50 -78.33 -26.41
N GLU B 1091 -81.76 -79.63 -26.30
CA GLU B 1091 -83.11 -80.14 -26.48
C GLU B 1091 -83.48 -81.08 -25.35
N PHE B 1092 -84.79 -81.13 -25.05
CA PHE B 1092 -85.32 -82.02 -24.03
C PHE B 1092 -86.59 -82.64 -24.59
N GLU B 1093 -86.84 -83.90 -24.23
CA GLU B 1093 -88.01 -84.62 -24.70
C GLU B 1093 -88.77 -85.20 -23.51
N ALA B 1094 -90.05 -84.87 -23.43
CA ALA B 1094 -90.91 -85.34 -22.35
C ALA B 1094 -91.61 -86.62 -22.80
N VAL B 1095 -91.03 -87.77 -22.45
CA VAL B 1095 -91.62 -89.04 -22.84
C VAL B 1095 -92.92 -89.28 -22.09
N THR B 1096 -92.96 -88.94 -20.81
CA THR B 1096 -94.14 -89.10 -19.98
C THR B 1096 -94.69 -87.73 -19.61
N THR B 1097 -95.96 -87.50 -19.89
CA THR B 1097 -96.59 -86.22 -19.57
C THR B 1097 -96.66 -86.04 -18.06
N GLY B 1098 -95.94 -85.06 -17.55
CA GLY B 1098 -95.89 -84.85 -16.12
C GLY B 1098 -95.21 -83.55 -15.76
N GLU B 1099 -94.69 -83.50 -14.53
CA GLU B 1099 -94.11 -82.29 -13.96
C GLU B 1099 -92.59 -82.33 -14.13
N MET B 1100 -92.09 -81.70 -15.19
CA MET B 1100 -90.67 -81.48 -15.37
C MET B 1100 -90.41 -80.02 -15.66
N ARG B 1101 -89.21 -79.57 -15.30
CA ARG B 1101 -88.82 -78.17 -15.41
C ARG B 1101 -87.45 -78.12 -16.08
N VAL B 1102 -87.38 -77.50 -17.25
CA VAL B 1102 -86.17 -77.53 -18.06
C VAL B 1102 -85.71 -76.10 -18.34
N GLY B 1103 -84.40 -75.87 -18.27
CA GLY B 1103 -83.90 -74.52 -18.54
C GLY B 1103 -82.43 -74.39 -18.23
N TRP B 1104 -82.06 -73.18 -17.80
CA TRP B 1104 -80.67 -72.86 -17.51
C TRP B 1104 -80.53 -72.49 -16.03
N ALA B 1105 -79.36 -72.79 -15.47
CA ALA B 1105 -79.14 -72.60 -14.05
C ALA B 1105 -77.72 -72.08 -13.83
N ARG B 1106 -77.49 -71.58 -12.62
CA ARG B 1106 -76.19 -71.08 -12.22
C ARG B 1106 -75.39 -72.17 -11.53
N PRO B 1107 -74.05 -72.07 -11.57
CA PRO B 1107 -73.23 -73.10 -10.90
C PRO B 1107 -73.49 -73.21 -9.40
N GLU B 1108 -73.95 -72.14 -8.77
CA GLU B 1108 -74.17 -72.13 -7.33
C GLU B 1108 -75.46 -72.84 -6.93
N LEU B 1109 -76.34 -73.13 -7.88
CA LEU B 1109 -77.66 -73.70 -7.65
C LEU B 1109 -77.64 -74.81 -6.61
N ARG B 1110 -78.41 -74.64 -5.53
CA ARG B 1110 -78.49 -75.59 -4.44
C ARG B 1110 -79.39 -76.76 -4.80
N PRO B 1111 -79.14 -77.94 -4.22
CA PRO B 1111 -80.00 -79.10 -4.53
C PRO B 1111 -81.32 -79.11 -3.79
N ASP B 1112 -81.43 -78.45 -2.64
CA ASP B 1112 -82.67 -78.51 -1.86
C ASP B 1112 -83.77 -77.67 -2.50
N VAL B 1113 -83.44 -76.48 -3.00
CA VAL B 1113 -84.45 -75.57 -3.50
C VAL B 1113 -84.98 -76.07 -4.85
N GLU B 1114 -86.26 -75.79 -5.10
CA GLU B 1114 -86.86 -76.13 -6.37
C GLU B 1114 -86.33 -75.23 -7.48
N LEU B 1115 -86.45 -75.71 -8.71
CA LEU B 1115 -85.96 -74.95 -9.87
C LEU B 1115 -86.82 -73.71 -10.09
N GLY B 1116 -86.17 -72.54 -10.12
CA GLY B 1116 -86.86 -71.30 -10.38
C GLY B 1116 -87.37 -70.58 -9.15
N ALA B 1117 -87.41 -71.24 -7.99
CA ALA B 1117 -87.88 -70.60 -6.77
C ALA B 1117 -86.94 -69.49 -6.31
N ASP B 1118 -85.69 -69.50 -6.75
CA ASP B 1118 -84.70 -68.49 -6.43
C ASP B 1118 -84.23 -67.82 -7.72
N GLU B 1119 -83.21 -66.98 -7.59
CA GLU B 1119 -82.65 -66.26 -8.73
C GLU B 1119 -81.58 -67.05 -9.46
N LEU B 1120 -81.39 -68.32 -9.12
CA LEU B 1120 -80.32 -69.14 -9.65
C LEU B 1120 -80.73 -70.01 -10.82
N ALA B 1121 -81.96 -69.86 -11.32
CA ALA B 1121 -82.43 -70.73 -12.41
C ALA B 1121 -83.51 -70.02 -13.20
N TYR B 1122 -83.30 -69.93 -14.51
CA TYR B 1122 -84.33 -69.50 -15.45
C TYR B 1122 -84.88 -70.76 -16.12
N VAL B 1123 -86.10 -71.16 -15.74
CA VAL B 1123 -86.60 -72.47 -16.12
C VAL B 1123 -88.00 -72.34 -16.69
N PHE B 1124 -88.43 -73.38 -17.39
CA PHE B 1124 -89.76 -73.45 -17.98
C PHE B 1124 -90.40 -74.75 -17.53
N ASN B 1125 -91.64 -74.66 -17.04
CA ASN B 1125 -92.43 -75.80 -16.61
C ASN B 1125 -93.55 -75.99 -17.61
N GLY B 1126 -93.47 -77.06 -18.40
CA GLY B 1126 -94.44 -77.38 -19.42
C GLY B 1126 -95.65 -78.15 -18.96
N HIS B 1127 -95.71 -78.53 -17.68
CA HIS B 1127 -96.90 -79.19 -17.17
C HIS B 1127 -98.07 -78.22 -17.05
N ARG B 1128 -97.80 -76.96 -16.71
CA ARG B 1128 -98.82 -75.94 -16.59
C ARG B 1128 -98.56 -74.73 -17.49
N GLY B 1129 -97.42 -74.69 -18.17
CA GLY B 1129 -97.09 -73.56 -19.02
C GLY B 1129 -96.66 -72.35 -18.23
N GLN B 1130 -95.61 -72.48 -17.43
CA GLN B 1130 -95.17 -71.39 -16.56
C GLN B 1130 -93.67 -71.17 -16.72
N ARG B 1131 -93.27 -69.93 -16.99
CA ARG B 1131 -91.88 -69.54 -16.87
C ARG B 1131 -91.58 -69.23 -15.41
N TRP B 1132 -90.44 -69.71 -14.93
CA TRP B 1132 -90.14 -69.71 -13.50
C TRP B 1132 -88.75 -69.13 -13.28
N HIS B 1133 -88.70 -68.00 -12.59
CA HIS B 1133 -87.45 -67.41 -12.12
C HIS B 1133 -87.82 -66.51 -10.95
N LEU B 1134 -87.39 -66.87 -9.74
CA LEU B 1134 -87.72 -66.10 -8.55
C LEU B 1134 -89.24 -65.85 -8.48
N GLY B 1135 -90.00 -66.79 -9.01
CA GLY B 1135 -91.45 -66.67 -9.08
C GLY B 1135 -91.96 -67.27 -10.36
N SER B 1136 -93.26 -67.58 -10.38
CA SER B 1136 -93.91 -68.25 -11.50
C SER B 1136 -94.83 -67.29 -12.24
N GLU B 1137 -94.72 -67.27 -13.56
CA GLU B 1137 -95.58 -66.43 -14.41
C GLU B 1137 -96.03 -67.25 -15.60
N PRO B 1138 -97.31 -67.15 -15.98
CA PRO B 1138 -97.80 -67.92 -17.13
C PRO B 1138 -97.06 -67.55 -18.41
N PHE B 1139 -96.80 -68.57 -19.25
CA PHE B 1139 -96.05 -68.39 -20.48
C PHE B 1139 -96.19 -69.65 -21.32
N GLY B 1140 -96.43 -69.47 -22.62
CA GLY B 1140 -96.53 -70.61 -23.50
C GLY B 1140 -97.78 -71.45 -23.23
N ARG B 1141 -97.69 -72.71 -23.61
CA ARG B 1141 -98.78 -73.66 -23.46
C ARG B 1141 -98.24 -74.97 -22.91
N PRO B 1142 -99.08 -75.76 -22.24
CA PRO B 1142 -98.61 -77.07 -21.77
C PRO B 1142 -98.28 -78.00 -22.92
N TRP B 1143 -97.34 -78.92 -22.66
CA TRP B 1143 -96.86 -79.83 -23.68
C TRP B 1143 -97.67 -81.13 -23.66
N GLN B 1144 -97.30 -82.06 -24.54
CA GLN B 1144 -97.89 -83.38 -24.59
C GLN B 1144 -96.78 -84.43 -24.46
N SER B 1145 -97.15 -85.69 -24.62
CA SER B 1145 -96.17 -86.78 -24.56
C SER B 1145 -95.47 -86.92 -25.91
N GLY B 1146 -94.14 -86.96 -25.87
CA GLY B 1146 -93.34 -87.08 -27.06
C GLY B 1146 -92.93 -85.77 -27.71
N ASP B 1147 -93.42 -84.64 -27.21
CA ASP B 1147 -93.06 -83.34 -27.76
C ASP B 1147 -91.69 -82.91 -27.23
N VAL B 1148 -90.90 -82.30 -28.10
CA VAL B 1148 -89.54 -81.89 -27.77
C VAL B 1148 -89.50 -80.38 -27.61
N VAL B 1149 -88.89 -79.91 -26.53
CA VAL B 1149 -88.71 -78.49 -26.25
C VAL B 1149 -87.24 -78.16 -26.38
N GLY B 1150 -86.93 -77.15 -27.19
CA GLY B 1150 -85.57 -76.69 -27.39
C GLY B 1150 -85.33 -75.40 -26.62
N CYS B 1151 -84.28 -75.42 -25.80
CA CYS B 1151 -83.87 -74.27 -25.03
C CYS B 1151 -82.68 -73.60 -25.70
N MET B 1152 -82.80 -72.30 -25.98
CA MET B 1152 -81.78 -71.54 -26.66
C MET B 1152 -81.42 -70.33 -25.79
N ILE B 1153 -80.13 -70.16 -25.53
CA ILE B 1153 -79.64 -69.01 -24.78
C ILE B 1153 -78.76 -68.18 -25.69
N ASP B 1154 -78.92 -66.86 -25.58
CA ASP B 1154 -78.13 -65.89 -26.35
C ASP B 1154 -77.50 -64.95 -25.34
N LEU B 1155 -76.21 -65.13 -25.05
CA LEU B 1155 -75.54 -64.28 -24.09
C LEU B 1155 -75.07 -62.96 -24.68
N THR B 1156 -75.07 -62.82 -26.01
CA THR B 1156 -74.80 -61.53 -26.63
C THR B 1156 -76.00 -60.60 -26.50
N GLU B 1157 -77.20 -61.14 -26.67
CA GLU B 1157 -78.43 -60.37 -26.53
C GLU B 1157 -79.08 -60.52 -25.15
N ASN B 1158 -78.55 -61.38 -24.29
CA ASN B 1158 -79.09 -61.63 -22.96
C ASN B 1158 -80.55 -62.07 -23.04
N THR B 1159 -80.77 -63.15 -23.77
CA THR B 1159 -82.13 -63.64 -24.03
C THR B 1159 -82.18 -65.16 -23.89
N ILE B 1160 -83.37 -65.64 -23.56
CA ILE B 1160 -83.65 -67.07 -23.46
C ILE B 1160 -84.94 -67.37 -24.23
N ILE B 1161 -84.91 -68.38 -25.08
CA ILE B 1161 -86.02 -68.73 -25.95
C ILE B 1161 -86.34 -70.20 -25.80
N PHE B 1162 -87.62 -70.52 -25.63
CA PHE B 1162 -88.09 -71.90 -25.57
C PHE B 1162 -88.97 -72.17 -26.78
N THR B 1163 -88.63 -73.20 -27.55
CA THR B 1163 -89.37 -73.55 -28.75
C THR B 1163 -89.96 -74.94 -28.60
N LEU B 1164 -91.28 -75.06 -28.79
CA LEU B 1164 -91.98 -76.33 -28.68
C LEU B 1164 -92.23 -76.87 -30.08
N ASN B 1165 -91.61 -78.00 -30.40
CA ASN B 1165 -91.75 -78.66 -31.70
C ASN B 1165 -91.42 -77.71 -32.85
N GLY B 1166 -90.37 -76.91 -32.67
CA GLY B 1166 -89.93 -75.99 -33.69
C GLY B 1166 -90.71 -74.69 -33.75
N GLU B 1167 -91.70 -74.50 -32.89
CA GLU B 1167 -92.48 -73.28 -32.84
C GLU B 1167 -92.19 -72.55 -31.54
N VAL B 1168 -91.82 -71.28 -31.63
CA VAL B 1168 -91.43 -70.50 -30.47
C VAL B 1168 -92.65 -70.29 -29.57
N LEU B 1169 -92.51 -70.64 -28.29
CA LEU B 1169 -93.58 -70.40 -27.34
C LEU B 1169 -93.83 -68.92 -27.18
N MET B 1170 -95.09 -68.56 -27.01
CA MET B 1170 -95.54 -67.17 -27.05
C MET B 1170 -95.91 -66.70 -25.64
N SER B 1171 -95.47 -65.50 -25.29
CA SER B 1171 -95.84 -64.89 -24.04
C SER B 1171 -97.18 -64.16 -24.18
N ASP B 1172 -97.78 -63.83 -23.03
CA ASP B 1172 -99.06 -63.14 -23.04
C ASP B 1172 -98.93 -61.74 -23.65
N SER B 1173 -97.87 -61.02 -23.30
CA SER B 1173 -97.67 -59.68 -23.84
C SER B 1173 -97.38 -59.70 -25.33
N GLY B 1174 -96.68 -60.71 -25.82
CA GLY B 1174 -96.35 -60.80 -27.23
C GLY B 1174 -94.87 -60.73 -27.51
N SER B 1175 -94.05 -61.18 -26.57
CA SER B 1175 -92.60 -61.19 -26.71
C SER B 1175 -92.11 -62.62 -26.92
N GLU B 1176 -91.23 -62.79 -27.90
CA GLU B 1176 -90.70 -64.12 -28.20
C GLU B 1176 -89.73 -64.60 -27.13
N THR B 1177 -89.04 -63.67 -26.46
CA THR B 1177 -88.07 -64.04 -25.44
C THR B 1177 -88.78 -64.29 -24.12
N ALA B 1178 -88.58 -65.49 -23.56
CA ALA B 1178 -89.15 -65.80 -22.25
C ALA B 1178 -88.55 -64.91 -21.18
N PHE B 1179 -87.25 -64.67 -21.23
CA PHE B 1179 -86.55 -63.79 -20.31
C PHE B 1179 -85.65 -62.86 -21.09
N ARG B 1180 -85.38 -61.69 -20.51
CA ARG B 1180 -84.52 -60.70 -21.14
C ARG B 1180 -83.79 -59.93 -20.05
N GLU B 1181 -82.84 -59.09 -20.48
CA GLU B 1181 -82.02 -58.29 -19.57
C GLU B 1181 -81.31 -59.17 -18.55
N ILE B 1182 -80.79 -60.30 -19.02
CA ILE B 1182 -80.13 -61.28 -18.14
C ILE B 1182 -78.66 -60.93 -18.03
N GLU B 1183 -78.20 -60.68 -16.82
CA GLU B 1183 -76.78 -60.46 -16.60
C GLU B 1183 -76.02 -61.77 -16.70
N ILE B 1184 -74.84 -61.73 -17.33
CA ILE B 1184 -74.06 -62.94 -17.53
C ILE B 1184 -73.59 -63.50 -16.19
N GLY B 1185 -73.10 -62.62 -15.31
CA GLY B 1185 -72.65 -63.08 -14.00
C GLY B 1185 -71.49 -64.04 -14.11
N ASP B 1186 -71.64 -65.21 -13.46
CA ASP B 1186 -70.58 -66.21 -13.44
C ASP B 1186 -70.74 -67.29 -14.49
N GLY B 1187 -71.93 -67.45 -15.07
CA GLY B 1187 -72.12 -68.44 -16.12
C GLY B 1187 -73.45 -69.16 -16.05
N PHE B 1188 -73.69 -70.04 -17.02
CA PHE B 1188 -74.93 -70.79 -17.09
C PHE B 1188 -74.65 -72.24 -17.48
N LEU B 1189 -75.53 -73.14 -17.05
CA LEU B 1189 -75.44 -74.55 -17.33
C LEU B 1189 -76.83 -75.07 -17.67
N PRO B 1190 -76.92 -76.08 -18.53
CA PRO B 1190 -78.21 -76.75 -18.73
C PRO B 1190 -78.68 -77.42 -17.45
N VAL B 1191 -80.00 -77.44 -17.25
CA VAL B 1191 -80.57 -78.04 -16.05
C VAL B 1191 -81.97 -78.55 -16.35
N CYS B 1192 -82.33 -79.64 -15.69
CA CYS B 1192 -83.65 -80.23 -15.81
C CYS B 1192 -84.01 -80.92 -14.51
N SER B 1193 -85.29 -80.88 -14.17
CA SER B 1193 -85.81 -81.49 -12.96
C SER B 1193 -87.04 -82.30 -13.31
N LEU B 1194 -87.15 -83.49 -12.72
CA LEU B 1194 -88.23 -84.43 -13.02
C LEU B 1194 -89.00 -84.73 -11.74
N GLY B 1195 -90.32 -84.89 -11.86
CA GLY B 1195 -91.13 -85.25 -10.73
C GLY B 1195 -91.22 -86.75 -10.52
N PRO B 1196 -92.10 -87.17 -9.62
CA PRO B 1196 -92.25 -88.61 -9.35
C PRO B 1196 -92.78 -89.35 -10.56
N GLY B 1197 -92.19 -90.51 -10.83
CA GLY B 1197 -92.63 -91.36 -11.93
C GLY B 1197 -92.55 -90.71 -13.28
N GLN B 1198 -91.51 -89.91 -13.51
CA GLN B 1198 -91.33 -89.19 -14.77
C GLN B 1198 -90.04 -89.63 -15.45
N VAL B 1199 -90.06 -89.62 -16.78
CA VAL B 1199 -88.88 -89.92 -17.57
C VAL B 1199 -88.72 -88.84 -18.63
N GLY B 1200 -87.47 -88.59 -19.03
CA GLY B 1200 -87.19 -87.57 -20.01
C GLY B 1200 -85.86 -87.82 -20.69
N HIS B 1201 -85.76 -87.39 -21.93
CA HIS B 1201 -84.56 -87.60 -22.74
C HIS B 1201 -83.91 -86.25 -23.02
N LEU B 1202 -82.72 -86.04 -22.46
CA LEU B 1202 -81.98 -84.78 -22.62
C LEU B 1202 -80.93 -84.96 -23.70
N ASN B 1203 -80.98 -84.12 -24.73
CA ASN B 1203 -80.05 -84.19 -25.85
C ASN B 1203 -79.27 -82.88 -25.90
N LEU B 1204 -78.02 -82.92 -25.46
CA LEU B 1204 -77.19 -81.72 -25.49
C LEU B 1204 -76.80 -81.34 -26.91
N GLY B 1205 -76.58 -82.32 -27.78
CA GLY B 1205 -76.29 -82.03 -29.17
C GLY B 1205 -74.92 -82.48 -29.62
N GLN B 1206 -74.40 -83.57 -29.05
CA GLN B 1206 -73.10 -84.08 -29.47
C GLN B 1206 -73.13 -84.51 -30.93
N ASP B 1207 -74.23 -85.11 -31.37
CA ASP B 1207 -74.42 -85.49 -32.76
C ASP B 1207 -75.53 -84.63 -33.35
N VAL B 1208 -75.22 -83.92 -34.43
CA VAL B 1208 -76.21 -83.04 -35.06
C VAL B 1208 -77.29 -83.85 -35.74
N SER B 1209 -76.97 -85.06 -36.20
CA SER B 1209 -77.96 -85.90 -36.87
C SER B 1209 -79.06 -86.37 -35.92
N SER B 1210 -78.77 -86.41 -34.62
CA SER B 1210 -79.76 -86.81 -33.62
C SER B 1210 -80.54 -85.63 -33.07
N LEU B 1211 -80.26 -84.41 -33.51
CA LEU B 1211 -80.93 -83.21 -33.01
C LEU B 1211 -82.14 -82.93 -33.88
N ARG B 1212 -83.32 -82.89 -33.26
CA ARG B 1212 -84.56 -82.61 -33.96
C ARG B 1212 -84.89 -81.12 -33.87
N PHE B 1213 -85.47 -80.59 -34.95
CA PHE B 1213 -85.96 -79.23 -35.00
C PHE B 1213 -84.86 -78.18 -34.86
N PHE B 1214 -83.60 -78.63 -34.78
CA PHE B 1214 -82.49 -77.69 -34.79
C PHE B 1214 -82.41 -76.95 -36.12
N ALA B 1215 -82.65 -77.66 -37.22
CA ALA B 1215 -82.71 -77.00 -38.52
C ALA B 1215 -83.93 -76.10 -38.63
N ILE B 1216 -85.04 -76.47 -37.99
CA ILE B 1216 -86.23 -75.63 -38.01
C ILE B 1216 -85.98 -74.32 -37.29
N CYS B 1217 -85.34 -74.38 -36.12
CA CYS B 1217 -85.03 -73.18 -35.36
C CYS B 1217 -83.66 -73.33 -34.71
N GLY B 1218 -82.78 -72.35 -34.94
CA GLY B 1218 -81.48 -72.30 -34.34
C GLY B 1218 -80.33 -72.48 -35.31
N LEU B 1219 -80.55 -73.25 -36.39
CA LEU B 1219 -79.47 -73.54 -37.33
C LEU B 1219 -79.01 -72.28 -38.06
N GLN B 1220 -79.95 -71.53 -38.63
CA GLN B 1220 -79.63 -70.33 -39.39
C GLN B 1220 -79.69 -69.06 -38.55
N GLU B 1221 -80.00 -69.17 -37.26
CA GLU B 1221 -79.99 -68.03 -36.36
C GLU B 1221 -78.68 -67.86 -35.62
N GLY B 1222 -77.67 -68.68 -35.93
CA GLY B 1222 -76.39 -68.56 -35.27
C GLY B 1222 -76.30 -69.25 -33.93
N PHE B 1223 -77.11 -70.27 -33.70
CA PHE B 1223 -77.11 -71.00 -32.43
C PHE B 1223 -76.41 -72.34 -32.63
N GLU B 1224 -75.46 -72.65 -31.74
CA GLU B 1224 -74.71 -73.89 -31.85
C GLU B 1224 -75.22 -74.90 -30.82
N PRO B 1225 -75.25 -76.20 -31.19
CA PRO B 1225 -75.63 -77.21 -30.20
C PRO B 1225 -74.61 -77.29 -29.08
N PHE B 1226 -75.12 -77.50 -27.87
CA PHE B 1226 -74.25 -77.59 -26.71
C PHE B 1226 -73.38 -78.84 -26.82
N ALA B 1227 -72.07 -78.66 -26.60
CA ALA B 1227 -71.09 -79.74 -26.73
C ALA B 1227 -71.14 -80.36 -28.12
N ILE B 1228 -70.81 -79.54 -29.11
CA ILE B 1228 -70.86 -79.98 -30.52
C ILE B 1228 -69.58 -80.68 -30.92
N ASN B 1229 -68.42 -80.10 -30.61
CA ASN B 1229 -67.13 -80.65 -31.00
C ASN B 1229 -66.50 -81.50 -29.89
N MET B 1230 -67.22 -81.74 -28.80
CA MET B 1230 -66.65 -82.49 -27.69
C MET B 1230 -66.51 -83.96 -28.05
N GLN B 1231 -65.35 -84.54 -27.72
CA GLN B 1231 -65.07 -85.93 -28.06
C GLN B 1231 -65.83 -86.89 -27.16
N ARG B 1232 -65.97 -86.56 -25.88
CA ARG B 1232 -66.64 -87.45 -24.95
C ARG B 1232 -67.95 -86.85 -24.46
N PRO B 1233 -68.92 -87.68 -24.09
CA PRO B 1233 -70.19 -87.15 -23.59
C PRO B 1233 -70.01 -86.35 -22.31
N VAL B 1234 -70.88 -85.34 -22.14
CA VAL B 1234 -70.78 -84.45 -21.01
C VAL B 1234 -71.19 -85.17 -19.73
N THR B 1235 -70.34 -85.10 -18.72
CA THR B 1235 -70.69 -85.65 -17.41
C THR B 1235 -71.73 -84.78 -16.73
N THR B 1236 -72.67 -85.42 -16.04
CA THR B 1236 -73.76 -84.71 -15.38
C THR B 1236 -73.78 -85.07 -13.90
N TRP B 1237 -74.30 -84.14 -13.09
CA TRP B 1237 -74.42 -84.32 -11.66
C TRP B 1237 -75.89 -84.34 -11.27
N PHE B 1238 -76.23 -85.19 -10.30
CA PHE B 1238 -77.59 -85.31 -9.82
C PHE B 1238 -77.62 -85.14 -8.31
N SER B 1239 -78.75 -84.65 -7.80
CA SER B 1239 -78.90 -84.35 -6.39
C SER B 1239 -79.29 -85.63 -5.65
N LYS B 1240 -78.32 -86.30 -5.05
CA LYS B 1240 -78.59 -87.50 -4.29
C LYS B 1240 -79.32 -87.15 -3.00
N SER B 1241 -80.26 -88.02 -2.61
CA SER B 1241 -81.13 -87.78 -1.46
C SER B 1241 -80.72 -88.60 -0.25
N LEU B 1242 -79.42 -88.78 -0.03
CA LEU B 1242 -78.94 -89.50 1.14
C LEU B 1242 -78.48 -88.51 2.19
N PRO B 1243 -79.15 -88.41 3.33
CA PRO B 1243 -78.74 -87.44 4.36
C PRO B 1243 -77.35 -87.75 4.89
N GLN B 1244 -76.58 -86.68 5.13
CA GLN B 1244 -75.22 -86.80 5.63
C GLN B 1244 -74.91 -85.62 6.53
N PHE B 1245 -73.91 -85.80 7.39
CA PHE B 1245 -73.52 -84.79 8.36
C PHE B 1245 -72.51 -83.83 7.73
N GLU B 1246 -72.81 -82.54 7.82
CA GLU B 1246 -71.95 -81.49 7.28
C GLU B 1246 -71.76 -80.40 8.32
N PRO B 1247 -70.63 -79.67 8.26
CA PRO B 1247 -70.39 -78.61 9.25
C PRO B 1247 -71.43 -77.51 9.15
N VAL B 1248 -71.72 -76.90 10.31
CA VAL B 1248 -72.69 -75.82 10.39
C VAL B 1248 -72.09 -74.58 9.74
N PRO B 1249 -72.72 -74.01 8.71
CA PRO B 1249 -72.15 -72.83 8.07
C PRO B 1249 -72.17 -71.63 9.01
N PRO B 1250 -71.18 -70.74 8.92
CA PRO B 1250 -71.17 -69.57 9.79
C PRO B 1250 -72.22 -68.53 9.45
N GLU B 1251 -72.76 -68.56 8.24
CA GLU B 1251 -73.73 -67.57 7.78
C GLU B 1251 -75.16 -68.08 7.85
N HIS B 1252 -75.41 -69.19 8.54
CA HIS B 1252 -76.75 -69.74 8.63
C HIS B 1252 -77.67 -68.76 9.37
N PRO B 1253 -78.79 -68.35 8.77
CA PRO B 1253 -79.60 -67.28 9.38
C PRO B 1253 -80.29 -67.68 10.68
N HIS B 1254 -80.44 -68.98 10.96
CA HIS B 1254 -81.26 -69.41 12.08
C HIS B 1254 -80.47 -69.98 13.26
N TYR B 1255 -79.25 -70.46 13.04
CA TYR B 1255 -78.49 -71.12 14.10
C TYR B 1255 -77.08 -70.55 14.16
N GLU B 1256 -76.55 -70.44 15.38
CA GLU B 1256 -75.22 -69.91 15.61
C GLU B 1256 -74.55 -70.72 16.72
N VAL B 1257 -73.28 -71.04 16.52
CA VAL B 1257 -72.51 -71.84 17.48
C VAL B 1257 -71.37 -70.98 18.01
N ALA B 1258 -71.23 -70.95 19.33
CA ALA B 1258 -70.21 -70.15 20.00
C ALA B 1258 -69.20 -71.07 20.68
N ARG B 1259 -67.91 -70.73 20.54
CA ARG B 1259 -66.83 -71.49 21.14
C ARG B 1259 -66.38 -70.74 22.39
N MET B 1260 -66.97 -71.10 23.53
CA MET B 1260 -66.65 -70.46 24.79
C MET B 1260 -65.43 -71.12 25.41
N ASP B 1261 -64.50 -70.29 25.89
CA ASP B 1261 -63.27 -70.80 26.48
C ASP B 1261 -63.51 -71.30 27.91
N GLY B 1262 -62.48 -71.89 28.48
CA GLY B 1262 -62.55 -72.45 29.81
C GLY B 1262 -62.03 -71.49 30.87
N THR B 1263 -62.55 -71.64 32.09
CA THR B 1263 -62.16 -70.81 33.22
C THR B 1263 -61.71 -71.68 34.38
N VAL B 1264 -61.55 -71.07 35.55
CA VAL B 1264 -61.06 -71.80 36.72
C VAL B 1264 -62.03 -72.92 37.11
N ASP B 1265 -63.33 -72.66 37.01
CA ASP B 1265 -64.34 -73.61 37.46
C ASP B 1265 -65.24 -74.12 36.34
N THR B 1266 -64.97 -73.74 35.09
CA THR B 1266 -65.79 -74.18 33.97
C THR B 1266 -64.91 -74.76 32.87
N PRO B 1267 -65.25 -75.92 32.32
CA PRO B 1267 -64.46 -76.51 31.25
C PRO B 1267 -64.81 -75.90 29.91
N PRO B 1268 -64.06 -76.20 28.86
CA PRO B 1268 -64.45 -75.73 27.52
C PRO B 1268 -65.80 -76.28 27.11
N CYS B 1269 -66.51 -75.50 26.28
CA CYS B 1269 -67.87 -75.85 25.91
C CYS B 1269 -68.22 -75.17 24.59
N LEU B 1270 -69.10 -75.84 23.84
CA LEU B 1270 -69.64 -75.31 22.59
C LEU B 1270 -71.15 -75.13 22.77
N ARG B 1271 -71.61 -73.89 22.66
CA ARG B 1271 -72.99 -73.55 22.96
C ARG B 1271 -73.75 -73.28 21.67
N LEU B 1272 -75.00 -73.74 21.62
CA LEU B 1272 -75.86 -73.54 20.45
C LEU B 1272 -76.96 -72.54 20.78
N ALA B 1273 -77.22 -71.62 19.87
CA ALA B 1273 -78.21 -70.56 20.06
C ALA B 1273 -79.01 -70.36 18.79
N HIS B 1274 -80.21 -69.79 18.95
CA HIS B 1274 -81.12 -69.53 17.85
C HIS B 1274 -81.11 -68.03 17.54
N ARG B 1275 -80.76 -67.68 16.30
CA ARG B 1275 -80.69 -66.27 15.93
C ARG B 1275 -82.09 -65.67 15.78
N THR B 1276 -82.99 -66.38 15.11
CA THR B 1276 -84.27 -65.82 14.71
C THR B 1276 -85.41 -66.29 15.61
N TRP B 1277 -85.11 -66.69 16.84
CA TRP B 1277 -86.14 -67.14 17.76
C TRP B 1277 -87.10 -66.00 18.10
N GLY B 1278 -88.37 -66.33 18.24
CA GLY B 1278 -89.38 -65.33 18.57
C GLY B 1278 -89.62 -64.31 17.48
N SER B 1279 -89.66 -64.74 16.23
CA SER B 1279 -89.89 -63.84 15.10
C SER B 1279 -90.87 -64.48 14.13
N GLN B 1280 -91.51 -63.64 13.33
CA GLN B 1280 -92.51 -64.13 12.38
C GLN B 1280 -91.89 -65.03 11.33
N ASN B 1281 -90.73 -64.63 10.80
CA ASN B 1281 -90.05 -65.40 9.75
C ASN B 1281 -88.98 -66.29 10.38
N SER B 1282 -89.44 -67.28 11.13
CA SER B 1282 -88.56 -68.23 11.80
C SER B 1282 -89.07 -69.64 11.56
N LEU B 1283 -88.15 -70.59 11.50
CA LEU B 1283 -88.45 -72.00 11.31
C LEU B 1283 -87.94 -72.79 12.50
N VAL B 1284 -88.78 -73.68 13.03
CA VAL B 1284 -88.43 -74.54 14.15
C VAL B 1284 -88.67 -75.97 13.73
N GLU B 1285 -87.65 -76.82 13.89
CA GLU B 1285 -87.72 -78.20 13.45
C GLU B 1285 -86.64 -78.99 14.18
N MET B 1286 -86.74 -80.32 14.08
CA MET B 1286 -85.78 -81.18 14.74
C MET B 1286 -84.38 -80.96 14.17
N LEU B 1287 -83.38 -81.01 15.06
CA LEU B 1287 -82.00 -80.70 14.71
C LEU B 1287 -81.13 -81.86 15.14
N PHE B 1288 -80.35 -82.41 14.21
CA PHE B 1288 -79.46 -83.54 14.46
C PHE B 1288 -78.03 -83.01 14.38
N LEU B 1289 -77.34 -83.01 15.52
CA LEU B 1289 -75.98 -82.48 15.60
C LEU B 1289 -75.04 -83.55 16.14
N ARG B 1290 -73.79 -83.51 15.68
CA ARG B 1290 -72.76 -84.42 16.14
C ARG B 1290 -71.44 -83.67 16.22
N LEU B 1291 -70.44 -84.33 16.79
CA LEU B 1291 -69.09 -83.80 16.85
C LEU B 1291 -68.25 -84.40 15.72
N SER B 1292 -67.32 -83.60 15.20
CA SER B 1292 -66.61 -83.98 13.98
C SER B 1292 -65.60 -85.09 14.20
N LEU B 1293 -65.19 -85.36 15.45
CA LEU B 1293 -64.15 -86.34 15.67
C LEU B 1293 -64.67 -87.52 16.48
N PRO B 1294 -64.33 -88.75 16.10
CA PRO B 1294 -64.82 -89.93 16.81
C PRO B 1294 -63.85 -90.41 17.89
N VAL B 1295 -64.37 -91.31 18.71
CA VAL B 1295 -63.57 -92.05 19.70
C VAL B 1295 -63.69 -93.53 19.38
N GLN B 1296 -62.54 -94.22 19.31
CA GLN B 1296 -62.47 -95.59 18.84
C GLN B 1296 -62.13 -96.53 20.00
N PHE B 1297 -62.83 -97.66 20.04
CA PHE B 1297 -62.62 -98.66 21.09
C PHE B 1297 -61.36 -99.48 20.79
N HIS B 1298 -60.91 -100.21 21.81
CA HIS B 1298 -59.71 -101.02 21.68
C HIS B 1298 -59.98 -102.23 20.79
N GLN B 1299 -58.90 -102.73 20.17
CA GLN B 1299 -59.03 -103.90 19.30
C GLN B 1299 -59.44 -105.14 20.09
N HIS B 1300 -58.83 -105.35 21.25
CA HIS B 1300 -59.15 -106.48 22.11
C HIS B 1300 -59.58 -105.95 23.47
N PHE B 1301 -60.68 -106.49 23.99
CA PHE B 1301 -61.21 -106.07 25.29
C PHE B 1301 -60.49 -106.85 26.38
N ARG B 1302 -59.32 -106.34 26.76
CA ARG B 1302 -58.53 -107.00 27.80
C ARG B 1302 -59.03 -106.60 29.19
N CYS B 1303 -60.33 -106.80 29.43
CA CYS B 1303 -60.98 -106.43 30.70
C CYS B 1303 -60.74 -104.94 30.92
N THR B 1304 -60.47 -104.52 32.15
CA THR B 1304 -60.21 -103.12 32.51
C THR B 1304 -61.28 -102.18 31.96
N ASN B 1420 -62.68 -83.72 43.34
CA ASN B 1420 -61.69 -83.38 44.36
C ASN B 1420 -60.28 -83.78 43.90
N ARG B 1421 -59.43 -84.14 44.86
CA ARG B 1421 -58.06 -84.53 44.54
C ARG B 1421 -58.06 -85.90 43.87
N ASP B 1422 -57.49 -85.98 42.67
CA ASP B 1422 -57.45 -87.22 41.91
C ASP B 1422 -56.05 -87.82 41.96
N ASP B 1423 -55.99 -89.13 42.18
CA ASP B 1423 -54.72 -89.80 42.48
C ASP B 1423 -54.00 -90.10 41.16
N PRO B 1424 -52.72 -89.73 41.03
CA PRO B 1424 -52.05 -89.90 39.73
C PRO B 1424 -51.99 -91.32 39.20
N GLU B 1425 -51.90 -92.34 40.06
CA GLU B 1425 -51.90 -93.70 39.52
C GLU B 1425 -53.22 -93.99 38.80
N ILE B 1426 -54.33 -93.54 39.38
CA ILE B 1426 -55.62 -93.69 38.70
C ILE B 1426 -55.67 -92.82 37.44
N ILE B 1427 -55.06 -91.64 37.49
CA ILE B 1427 -55.10 -90.75 36.33
C ILE B 1427 -54.40 -91.37 35.14
N LEU B 1428 -53.21 -91.93 35.35
CA LEU B 1428 -52.46 -92.56 34.25
C LEU B 1428 -52.71 -94.06 34.12
N ASN B 1429 -53.65 -94.63 34.87
CA ASN B 1429 -54.07 -96.00 34.65
C ASN B 1429 -55.54 -96.13 34.26
N THR B 1430 -56.29 -95.04 34.18
CA THR B 1430 -57.71 -95.12 33.87
C THR B 1430 -57.92 -95.29 32.37
N THR B 1431 -59.14 -95.68 32.02
CA THR B 1431 -59.54 -95.83 30.62
C THR B 1431 -60.87 -95.17 30.31
N THR B 1432 -61.65 -94.78 31.32
CA THR B 1432 -62.94 -94.15 31.09
C THR B 1432 -62.77 -92.68 30.71
N TYR B 1433 -63.76 -92.16 29.98
CA TYR B 1433 -63.77 -90.78 29.54
C TYR B 1433 -65.15 -90.16 29.77
N TYR B 1434 -65.15 -88.85 29.94
CA TYR B 1434 -66.32 -88.07 30.32
C TYR B 1434 -66.68 -87.06 29.23
N TYR B 1435 -67.98 -86.75 29.16
CA TYR B 1435 -68.54 -85.90 28.12
C TYR B 1435 -69.94 -85.51 28.54
N SER B 1436 -70.24 -84.21 28.68
CA SER B 1436 -71.52 -83.82 29.24
C SER B 1436 -72.24 -82.86 28.30
N VAL B 1437 -73.57 -82.83 28.47
CA VAL B 1437 -74.43 -81.92 27.74
C VAL B 1437 -75.32 -81.19 28.76
N ARG B 1438 -75.37 -79.87 28.66
CA ARG B 1438 -76.18 -79.05 29.54
C ARG B 1438 -77.33 -78.45 28.72
N VAL B 1439 -78.55 -78.74 29.14
CA VAL B 1439 -79.75 -78.17 28.54
C VAL B 1439 -80.14 -76.97 29.39
N PHE B 1440 -80.28 -75.81 28.74
CA PHE B 1440 -80.53 -74.56 29.44
C PHE B 1440 -81.96 -74.50 29.97
N ALA B 1441 -82.17 -73.58 30.92
CA ALA B 1441 -83.50 -73.33 31.44
C ALA B 1441 -84.38 -72.70 30.37
N GLY B 1442 -85.63 -73.16 30.29
CA GLY B 1442 -86.55 -72.74 29.26
C GLY B 1442 -86.66 -73.71 28.10
N GLN B 1443 -85.70 -74.60 27.94
CA GLN B 1443 -85.77 -75.66 26.93
C GLN B 1443 -86.32 -76.91 27.58
N GLU B 1444 -87.36 -77.47 26.97
CA GLU B 1444 -88.03 -78.63 27.55
C GLU B 1444 -87.10 -79.84 27.54
N PRO B 1445 -86.88 -80.49 28.68
CA PRO B 1445 -86.05 -81.70 28.68
C PRO B 1445 -86.62 -82.84 27.87
N SER B 1446 -87.93 -82.82 27.59
CA SER B 1446 -88.55 -83.90 26.83
C SER B 1446 -88.21 -83.84 25.35
N CYS B 1447 -87.58 -82.77 24.87
CA CYS B 1447 -87.29 -82.58 23.45
C CYS B 1447 -85.80 -82.66 23.14
N VAL B 1448 -85.04 -83.35 23.99
CA VAL B 1448 -83.61 -83.51 23.78
C VAL B 1448 -83.24 -84.98 23.95
N TRP B 1449 -82.31 -85.46 23.12
CA TRP B 1449 -81.77 -86.81 23.23
C TRP B 1449 -80.25 -86.72 23.23
N VAL B 1450 -79.62 -87.38 24.19
CA VAL B 1450 -78.18 -87.30 24.41
C VAL B 1450 -77.59 -88.70 24.31
N GLY B 1451 -76.51 -88.83 23.54
CA GLY B 1451 -75.84 -90.11 23.40
C GLY B 1451 -74.72 -90.11 22.39
N TRP B 1452 -74.56 -91.23 21.68
CA TRP B 1452 -73.50 -91.41 20.69
C TRP B 1452 -74.10 -91.97 19.41
N VAL B 1453 -73.40 -91.75 18.30
CA VAL B 1453 -73.84 -92.24 16.99
C VAL B 1453 -72.66 -92.94 16.30
N THR B 1454 -73.01 -93.87 15.41
CA THR B 1454 -72.04 -94.56 14.57
C THR B 1454 -71.86 -93.79 13.27
N PRO B 1455 -70.81 -94.09 12.50
CA PRO B 1455 -70.60 -93.36 11.24
C PRO B 1455 -71.73 -93.53 10.23
N ASP B 1456 -72.54 -94.59 10.35
CA ASP B 1456 -73.64 -94.84 9.41
C ASP B 1456 -74.95 -94.45 10.08
N TYR B 1457 -75.31 -93.16 9.97
CA TYR B 1457 -76.58 -92.66 10.45
C TYR B 1457 -77.09 -91.64 9.42
N HIS B 1458 -78.12 -92.02 8.66
CA HIS B 1458 -78.66 -91.18 7.61
C HIS B 1458 -80.17 -91.04 7.72
N GLN B 1459 -80.70 -91.13 8.93
CA GLN B 1459 -82.15 -91.07 9.17
C GLN B 1459 -82.52 -89.64 9.56
N HIS B 1460 -83.24 -88.95 8.66
CA HIS B 1460 -83.64 -87.56 8.84
C HIS B 1460 -85.13 -87.44 9.13
N ASP B 1461 -85.68 -88.38 9.91
CA ASP B 1461 -87.10 -88.32 10.24
C ASP B 1461 -87.37 -87.13 11.15
N MET B 1462 -88.41 -86.35 10.81
CA MET B 1462 -88.73 -85.15 11.55
C MET B 1462 -89.57 -85.43 12.79
N ASN B 1463 -89.99 -86.67 13.00
CA ASN B 1463 -90.75 -87.04 14.19
C ASN B 1463 -89.99 -88.10 14.98
N PHE B 1464 -88.70 -87.87 15.18
CA PHE B 1464 -87.82 -88.87 15.76
C PHE B 1464 -88.24 -89.22 17.17
N ASP B 1465 -88.44 -90.52 17.42
CA ASP B 1465 -88.66 -91.06 18.75
C ASP B 1465 -87.57 -92.07 19.07
N LEU B 1466 -87.42 -92.38 20.36
CA LEU B 1466 -86.42 -93.35 20.77
C LEU B 1466 -86.74 -94.76 20.29
N SER B 1467 -87.95 -95.01 19.82
CA SER B 1467 -88.35 -96.31 19.31
C SER B 1467 -88.20 -96.44 17.80
N LYS B 1468 -87.69 -95.41 17.13
CA LYS B 1468 -87.52 -95.41 15.69
C LYS B 1468 -86.09 -95.72 15.26
N VAL B 1469 -85.23 -96.10 16.20
CA VAL B 1469 -83.84 -96.38 15.89
C VAL B 1469 -83.70 -97.79 15.34
N ARG B 1470 -82.78 -97.97 14.39
CA ARG B 1470 -82.54 -99.29 13.83
C ARG B 1470 -81.88 -100.20 14.87
N ALA B 1471 -82.31 -101.45 14.90
CA ALA B 1471 -81.75 -102.42 15.83
C ALA B 1471 -81.98 -103.82 15.29
N VAL B 1472 -80.95 -104.68 15.41
CA VAL B 1472 -81.04 -106.05 14.97
C VAL B 1472 -80.21 -106.90 15.93
N THR B 1473 -80.52 -108.19 16.00
CA THR B 1473 -79.77 -109.12 16.84
C THR B 1473 -79.42 -110.35 16.02
N VAL B 1474 -78.13 -110.59 15.82
CA VAL B 1474 -77.67 -111.79 15.13
C VAL B 1474 -77.40 -112.84 16.18
N THR B 1475 -78.09 -113.98 16.08
CA THR B 1475 -77.94 -115.07 17.05
C THR B 1475 -77.33 -116.27 16.36
N MET B 1476 -76.18 -116.72 16.89
CA MET B 1476 -75.46 -117.88 16.40
C MET B 1476 -75.65 -119.02 17.41
N GLY B 1477 -76.18 -120.15 16.92
CA GLY B 1477 -76.40 -121.32 17.74
C GLY B 1477 -75.57 -122.49 17.28
N ASP B 1478 -75.56 -123.54 18.11
CA ASP B 1478 -74.83 -124.76 17.80
C ASP B 1478 -75.70 -125.67 16.93
N GLU B 1479 -75.24 -126.91 16.72
CA GLU B 1479 -76.03 -127.85 15.94
C GLU B 1479 -77.33 -128.23 16.65
N GLN B 1480 -77.31 -128.27 17.99
CA GLN B 1480 -78.50 -128.62 18.75
C GLN B 1480 -79.54 -127.51 18.75
N GLY B 1481 -79.20 -126.31 18.32
CA GLY B 1481 -80.12 -125.20 18.24
C GLY B 1481 -80.00 -124.18 19.36
N ASN B 1482 -79.34 -124.54 20.45
CA ASN B 1482 -79.15 -123.58 21.55
C ASN B 1482 -78.12 -122.54 21.16
N VAL B 1483 -78.47 -121.27 21.36
CA VAL B 1483 -77.62 -120.18 20.90
C VAL B 1483 -76.42 -120.03 21.83
N HIS B 1484 -75.23 -119.88 21.25
CA HIS B 1484 -74.05 -119.54 22.02
C HIS B 1484 -73.61 -118.11 21.85
N SER B 1485 -74.10 -117.41 20.82
CA SER B 1485 -73.75 -116.01 20.60
C SER B 1485 -75.02 -115.22 20.27
N SER B 1486 -75.09 -113.99 20.78
CA SER B 1486 -76.22 -113.11 20.50
C SER B 1486 -75.68 -111.68 20.51
N LEU B 1487 -75.49 -111.10 19.32
CA LEU B 1487 -74.86 -109.79 19.19
C LEU B 1487 -75.88 -108.78 18.68
N LYS B 1488 -75.99 -107.66 19.39
CA LYS B 1488 -76.88 -106.57 19.00
C LYS B 1488 -76.13 -105.57 18.13
N CYS B 1489 -76.81 -105.08 17.09
CA CYS B 1489 -76.27 -104.07 16.20
C CYS B 1489 -77.27 -102.94 16.04
N SER B 1490 -76.77 -101.71 16.07
CA SER B 1490 -77.60 -100.52 15.97
C SER B 1490 -76.72 -99.38 15.46
N ASN B 1491 -77.29 -98.17 15.42
CA ASN B 1491 -76.54 -97.01 14.97
C ASN B 1491 -76.80 -95.77 15.81
N CYS B 1492 -77.44 -95.91 16.98
CA CYS B 1492 -77.78 -94.75 17.79
C CYS B 1492 -77.97 -95.23 19.23
N TYR B 1493 -77.07 -94.81 20.12
CA TYR B 1493 -77.12 -95.18 21.54
C TYR B 1493 -77.32 -93.90 22.34
N MET B 1494 -78.58 -93.52 22.57
CA MET B 1494 -78.91 -92.29 23.28
C MET B 1494 -79.92 -92.58 24.37
N VAL B 1495 -80.14 -91.57 25.21
CA VAL B 1495 -81.19 -91.59 26.22
C VAL B 1495 -82.16 -90.45 25.91
N TRP B 1496 -83.25 -90.40 26.66
CA TRP B 1496 -84.26 -89.36 26.50
C TRP B 1496 -84.26 -88.48 27.74
N GLY B 1497 -84.18 -87.15 27.52
CA GLY B 1497 -84.12 -86.22 28.62
C GLY B 1497 -85.39 -86.14 29.44
N GLY B 1498 -86.53 -86.54 28.86
CA GLY B 1498 -87.78 -86.50 29.60
C GLY B 1498 -87.87 -87.52 30.71
N ASP B 1499 -87.08 -88.60 30.63
CA ASP B 1499 -87.10 -89.60 31.69
C ASP B 1499 -86.60 -89.02 33.01
N PHE B 1500 -85.55 -88.19 32.96
CA PHE B 1500 -85.00 -87.61 34.17
C PHE B 1500 -85.90 -86.51 34.73
N VAL B 1501 -86.67 -85.85 33.88
CA VAL B 1501 -87.53 -84.76 34.34
C VAL B 1501 -88.92 -85.23 34.74
N SER B 1502 -89.32 -86.43 34.33
CA SER B 1502 -90.63 -86.96 34.75
C SER B 1502 -90.67 -87.16 36.27
N PRO B 1503 -89.59 -87.68 36.84
CA PRO B 1503 -89.53 -87.86 38.29
C PRO B 1503 -89.46 -86.54 39.05
N GLY B 1504 -89.03 -85.46 38.38
CA GLY B 1504 -88.92 -84.14 38.99
C GLY B 1504 -88.06 -84.17 40.25
N ARG B 1508 -93.71 -77.42 33.73
CA ARG B 1508 -93.48 -76.05 33.28
C ARG B 1508 -91.99 -75.74 33.17
N ILE B 1509 -91.66 -74.46 33.06
CA ILE B 1509 -90.28 -74.03 32.91
C ILE B 1509 -89.59 -74.04 34.26
N SER B 1510 -88.48 -74.74 34.35
CA SER B 1510 -87.69 -74.82 35.58
C SER B 1510 -86.42 -73.98 35.44
N HIS B 1511 -86.01 -73.38 36.55
CA HIS B 1511 -84.82 -72.52 36.53
C HIS B 1511 -83.54 -73.32 36.39
N THR B 1512 -83.51 -74.55 36.93
CA THR B 1512 -82.29 -75.34 36.94
C THR B 1512 -82.01 -75.92 35.56
N ASP B 1513 -80.78 -75.76 35.10
CA ASP B 1513 -80.33 -76.41 33.88
C ASP B 1513 -80.09 -77.90 34.13
N LEU B 1514 -80.24 -78.70 33.08
CA LEU B 1514 -80.13 -80.15 33.21
C LEU B 1514 -78.81 -80.62 32.62
N VAL B 1515 -77.97 -81.25 33.44
CA VAL B 1515 -76.66 -81.72 33.02
C VAL B 1515 -76.69 -83.24 32.94
N ILE B 1516 -76.39 -83.77 31.76
CA ILE B 1516 -76.37 -85.21 31.53
C ILE B 1516 -74.96 -85.60 31.07
N GLY B 1517 -74.35 -86.53 31.76
CA GLY B 1517 -72.99 -86.98 31.46
C GLY B 1517 -73.01 -88.40 30.91
N CYS B 1518 -72.10 -88.68 29.98
CA CYS B 1518 -72.00 -89.96 29.33
C CYS B 1518 -70.60 -90.52 29.57
N LEU B 1519 -70.50 -91.51 30.45
CA LEU B 1519 -69.23 -92.16 30.73
C LEU B 1519 -68.98 -93.26 29.71
N VAL B 1520 -67.81 -93.25 29.10
CA VAL B 1520 -67.44 -94.26 28.12
C VAL B 1520 -66.22 -95.02 28.62
N ASP B 1521 -66.14 -96.31 28.28
CA ASP B 1521 -64.96 -97.11 28.58
C ASP B 1521 -64.52 -97.82 27.31
N LEU B 1522 -63.30 -97.52 26.86
CA LEU B 1522 -62.77 -98.07 25.62
C LEU B 1522 -62.11 -99.42 25.79
N ALA B 1523 -61.99 -99.92 27.02
CA ALA B 1523 -61.40 -101.23 27.29
C ALA B 1523 -62.47 -102.28 27.59
N THR B 1524 -63.34 -102.02 28.56
CA THR B 1524 -64.44 -102.93 28.82
C THR B 1524 -65.41 -102.98 27.64
N GLY B 1525 -65.70 -101.83 27.05
CA GLY B 1525 -66.63 -101.74 25.94
C GLY B 1525 -68.02 -101.24 26.29
N LEU B 1526 -68.19 -100.62 27.44
CA LEU B 1526 -69.51 -100.19 27.90
C LEU B 1526 -69.56 -98.67 28.08
N MET B 1527 -70.76 -98.13 27.86
CA MET B 1527 -71.04 -96.73 28.11
C MET B 1527 -72.30 -96.61 28.97
N THR B 1528 -72.22 -95.72 29.96
CA THR B 1528 -73.28 -95.48 30.92
C THR B 1528 -73.64 -93.99 30.92
N PHE B 1529 -74.79 -93.67 31.51
CA PHE B 1529 -75.29 -92.31 31.54
C PHE B 1529 -75.67 -91.92 32.97
N THR B 1530 -75.43 -90.65 33.30
CA THR B 1530 -75.81 -90.09 34.59
C THR B 1530 -76.47 -88.73 34.37
N ALA B 1531 -77.33 -88.35 35.30
CA ALA B 1531 -78.05 -87.08 35.23
C ALA B 1531 -77.95 -86.37 36.57
N ASN B 1532 -77.35 -85.18 36.56
CA ASN B 1532 -77.21 -84.35 37.75
C ASN B 1532 -76.52 -85.10 38.89
N GLY B 1533 -75.54 -85.92 38.53
CA GLY B 1533 -74.82 -86.71 39.51
C GLY B 1533 -75.56 -87.92 40.01
N LYS B 1534 -76.70 -88.26 39.43
CA LYS B 1534 -77.50 -89.40 39.87
C LYS B 1534 -77.33 -90.54 38.86
N GLU B 1535 -76.99 -91.72 39.36
CA GLU B 1535 -76.79 -92.87 38.50
C GLU B 1535 -78.11 -93.30 37.86
N SER B 1536 -78.07 -93.62 36.58
CA SER B 1536 -79.23 -94.07 35.84
C SER B 1536 -79.19 -95.58 35.64
N ASN B 1537 -80.28 -96.11 35.09
CA ASN B 1537 -80.41 -97.54 34.84
C ASN B 1537 -80.07 -97.90 33.39
N THR B 1538 -79.58 -96.96 32.60
CA THR B 1538 -79.29 -97.18 31.20
C THR B 1538 -77.81 -97.54 31.03
N PHE B 1539 -77.56 -98.68 30.39
CA PHE B 1539 -76.21 -99.12 30.08
C PHE B 1539 -76.18 -99.64 28.65
N PHE B 1540 -75.01 -99.58 28.03
CA PHE B 1540 -74.85 -100.13 26.70
C PHE B 1540 -73.49 -100.79 26.59
N GLN B 1541 -73.44 -101.89 25.82
CA GLN B 1541 -72.22 -102.64 25.57
C GLN B 1541 -72.04 -102.80 24.07
N VAL B 1542 -70.83 -102.55 23.57
CA VAL B 1542 -70.57 -102.57 22.13
C VAL B 1542 -69.36 -103.44 21.85
N GLU B 1543 -69.26 -103.88 20.60
CA GLU B 1543 -68.17 -104.71 20.13
C GLU B 1543 -66.90 -103.88 19.93
N PRO B 1544 -65.74 -104.53 19.93
CA PRO B 1544 -64.49 -103.79 19.71
C PRO B 1544 -64.40 -103.24 18.29
N ASN B 1545 -63.38 -102.40 18.09
CA ASN B 1545 -63.12 -101.75 16.80
C ASN B 1545 -64.32 -100.94 16.33
N THR B 1546 -64.97 -100.26 17.25
CA THR B 1546 -66.11 -99.39 16.97
C THR B 1546 -65.75 -97.96 17.32
N LYS B 1547 -66.03 -97.03 16.41
CA LYS B 1547 -65.78 -95.61 16.63
C LYS B 1547 -67.11 -94.87 16.67
N LEU B 1548 -67.28 -94.04 17.68
CA LEU B 1548 -68.54 -93.33 17.92
C LEU B 1548 -68.30 -91.83 18.00
N PHE B 1549 -69.30 -91.08 17.53
CA PHE B 1549 -69.30 -89.62 17.59
C PHE B 1549 -70.31 -89.16 18.63
N PRO B 1550 -69.93 -88.25 19.54
CA PRO B 1550 -70.94 -87.64 20.40
C PRO B 1550 -71.97 -86.89 19.57
N ALA B 1551 -73.22 -86.94 20.00
CA ALA B 1551 -74.30 -86.36 19.20
C ALA B 1551 -75.48 -86.03 20.09
N VAL B 1552 -76.28 -85.06 19.63
CA VAL B 1552 -77.52 -84.67 20.29
C VAL B 1552 -78.59 -84.39 19.24
N PHE B 1553 -79.82 -84.79 19.53
CA PHE B 1553 -80.97 -84.47 18.73
C PHE B 1553 -81.88 -83.57 19.57
N VAL B 1554 -82.18 -82.38 19.06
CA VAL B 1554 -82.83 -81.35 19.85
C VAL B 1554 -83.97 -80.71 19.06
N LEU B 1555 -85.06 -80.39 19.76
CA LEU B 1555 -86.12 -79.59 19.18
C LEU B 1555 -86.09 -78.21 19.82
N PRO B 1556 -85.65 -77.17 19.11
CA PRO B 1556 -85.48 -75.86 19.74
C PRO B 1556 -86.82 -75.25 20.15
N THR B 1557 -86.94 -74.93 21.44
CA THR B 1557 -88.12 -74.25 21.96
C THR B 1557 -87.74 -73.09 22.88
N HIS B 1558 -86.51 -72.61 22.78
CA HIS B 1558 -86.03 -71.52 23.62
C HIS B 1558 -84.90 -70.82 22.90
N GLN B 1559 -84.60 -69.60 23.36
CA GLN B 1559 -83.52 -68.82 22.74
C GLN B 1559 -82.17 -69.52 22.90
N ASN B 1560 -81.90 -70.06 24.08
CA ASN B 1560 -80.67 -70.81 24.36
C ASN B 1560 -81.05 -72.25 24.66
N VAL B 1561 -80.41 -73.20 23.98
CA VAL B 1561 -80.87 -74.57 24.04
C VAL B 1561 -79.87 -75.51 24.74
N ILE B 1562 -78.69 -75.70 24.14
CA ILE B 1562 -77.79 -76.76 24.56
C ILE B 1562 -76.35 -76.28 24.60
N GLN B 1563 -75.54 -76.99 25.40
CA GLN B 1563 -74.14 -76.70 25.56
C GLN B 1563 -73.37 -78.01 25.68
N PHE B 1564 -72.49 -78.28 24.73
CA PHE B 1564 -71.58 -79.42 24.77
C PHE B 1564 -70.43 -79.07 25.70
N GLU B 1565 -70.39 -79.67 26.89
CA GLU B 1565 -69.33 -79.44 27.85
C GLU B 1565 -68.31 -80.57 27.77
N LEU B 1566 -67.05 -80.21 27.55
CA LEU B 1566 -65.96 -81.16 27.35
C LEU B 1566 -64.94 -80.96 28.45
N GLY B 1567 -65.17 -81.63 29.58
CA GLY B 1567 -64.28 -81.54 30.71
C GLY B 1567 -63.99 -82.90 31.31
N LYS B 1568 -63.42 -82.93 32.51
CA LYS B 1568 -63.07 -84.17 33.18
C LYS B 1568 -63.66 -84.18 34.58
N GLN B 1569 -63.83 -85.38 35.12
CA GLN B 1569 -64.34 -85.59 36.46
C GLN B 1569 -63.20 -86.09 37.36
N LYS B 1570 -63.54 -86.43 38.60
CA LYS B 1570 -62.54 -86.96 39.51
C LYS B 1570 -62.10 -88.34 39.05
N ASN B 1571 -60.78 -88.51 38.90
CA ASN B 1571 -60.16 -89.76 38.45
C ASN B 1571 -60.64 -90.19 37.07
N ILE B 1572 -61.09 -89.24 36.26
CA ILE B 1572 -61.60 -89.51 34.92
C ILE B 1572 -60.97 -88.53 33.95
N MET B 1573 -60.51 -89.03 32.81
CA MET B 1573 -59.76 -88.26 31.83
C MET B 1573 -60.71 -87.69 30.76
N PRO B 1574 -60.47 -86.49 30.26
CA PRO B 1574 -61.40 -85.84 29.34
C PRO B 1574 -61.35 -86.44 27.94
N LEU B 1575 -62.22 -85.92 27.07
CA LEU B 1575 -62.35 -86.46 25.72
C LEU B 1575 -61.19 -86.06 24.81
N SER B 1576 -60.43 -85.03 25.18
CA SER B 1576 -59.30 -84.63 24.34
C SER B 1576 -58.28 -85.74 24.22
N ALA B 1577 -58.00 -86.42 25.33
CA ALA B 1577 -57.07 -87.55 25.31
C ALA B 1577 -57.58 -88.68 24.43
N ALA B 1578 -58.88 -88.97 24.52
CA ALA B 1578 -59.44 -90.05 23.71
C ALA B 1578 -59.41 -89.71 22.23
N MET B 1579 -59.66 -88.45 21.89
CA MET B 1579 -59.72 -88.07 20.48
C MET B 1579 -58.34 -87.92 19.85
N PHE B 1580 -57.37 -87.37 20.60
CA PHE B 1580 -56.07 -87.02 20.05
C PHE B 1580 -54.99 -87.92 20.62
N LEU B 1581 -54.12 -88.43 19.75
CA LEU B 1581 -53.04 -89.31 20.18
C LEU B 1581 -51.94 -88.53 20.89
N SER B 1582 -51.61 -87.33 20.39
CA SER B 1582 -50.53 -86.54 20.97
C SER B 1582 -50.86 -86.06 22.38
N GLU B 1583 -52.13 -86.07 22.77
CA GLU B 1583 -52.55 -85.64 24.10
C GLU B 1583 -53.17 -86.78 24.88
N ARG B 1584 -52.68 -88.01 24.65
CA ARG B 1584 -53.30 -89.19 25.25
C ARG B 1584 -53.18 -89.19 26.77
N LYS B 1585 -52.14 -88.56 27.31
CA LYS B 1585 -51.90 -88.54 28.75
C LYS B 1585 -52.00 -87.14 29.33
N ASN B 1586 -52.85 -86.30 28.74
CA ASN B 1586 -53.01 -84.93 29.23
C ASN B 1586 -54.32 -84.82 30.00
N PRO B 1587 -54.28 -84.71 31.33
CA PRO B 1587 -55.54 -84.55 32.08
C PRO B 1587 -56.22 -83.21 31.85
N ALA B 1588 -55.51 -82.21 31.34
CA ALA B 1588 -56.10 -80.89 31.14
C ALA B 1588 -57.00 -80.89 29.91
N PRO B 1589 -58.28 -80.55 30.04
CA PRO B 1589 -59.15 -80.52 28.87
C PRO B 1589 -58.78 -79.37 27.93
N GLN B 1590 -59.08 -79.57 26.65
CA GLN B 1590 -58.82 -78.56 25.64
C GLN B 1590 -59.71 -78.83 24.43
N CYS B 1591 -59.88 -77.80 23.60
CA CYS B 1591 -60.69 -77.88 22.38
C CYS B 1591 -59.88 -77.37 21.21
N PRO B 1592 -59.17 -78.25 20.51
CA PRO B 1592 -58.42 -77.84 19.32
C PRO B 1592 -59.36 -77.41 18.21
N PRO B 1593 -58.86 -76.67 17.21
CA PRO B 1593 -59.74 -76.18 16.14
C PRO B 1593 -60.46 -77.28 15.36
N ARG B 1594 -59.88 -78.48 15.28
CA ARG B 1594 -60.50 -79.55 14.51
C ARG B 1594 -61.86 -79.94 15.08
N LEU B 1595 -61.98 -79.96 16.41
CA LEU B 1595 -63.25 -80.31 17.04
C LEU B 1595 -64.30 -79.28 16.67
N GLU B 1596 -65.45 -79.75 16.20
CA GLU B 1596 -66.46 -78.87 15.61
C GLU B 1596 -67.81 -79.57 15.65
N VAL B 1597 -68.87 -78.77 15.57
CA VAL B 1597 -70.24 -79.26 15.58
C VAL B 1597 -70.74 -79.34 14.14
N GLN B 1598 -71.34 -80.46 13.78
CA GLN B 1598 -71.86 -80.70 12.43
C GLN B 1598 -73.34 -81.02 12.51
N MET B 1599 -74.07 -80.59 11.47
CA MET B 1599 -75.51 -80.76 11.39
C MET B 1599 -75.86 -81.71 10.25
N LEU B 1600 -76.99 -82.41 10.41
CA LEU B 1600 -77.45 -83.33 9.38
C LEU B 1600 -78.17 -82.57 8.27
N MET B 1601 -77.77 -82.82 7.02
CA MET B 1601 -78.35 -82.19 5.85
C MET B 1601 -79.03 -83.23 4.96
N PRO B 1602 -80.20 -82.92 4.39
CA PRO B 1602 -80.98 -83.95 3.68
C PRO B 1602 -80.48 -84.27 2.27
N VAL B 1603 -80.03 -83.26 1.52
CA VAL B 1603 -79.73 -83.43 0.10
C VAL B 1603 -78.31 -82.93 -0.17
N SER B 1604 -77.70 -83.52 -1.20
CA SER B 1604 -76.36 -83.12 -1.63
C SER B 1604 -76.17 -83.54 -3.08
N TRP B 1605 -75.18 -82.92 -3.72
CA TRP B 1605 -74.87 -83.25 -5.10
C TRP B 1605 -74.06 -84.54 -5.19
N SER B 1606 -74.12 -85.19 -6.35
CA SER B 1606 -73.37 -86.40 -6.61
C SER B 1606 -73.08 -86.49 -8.10
N ARG B 1607 -72.08 -87.30 -8.45
CA ARG B 1607 -71.63 -87.44 -9.83
C ARG B 1607 -72.07 -88.79 -10.38
N MET B 1608 -72.71 -88.77 -11.55
CA MET B 1608 -73.15 -90.01 -12.17
C MET B 1608 -71.98 -90.70 -12.86
N PRO B 1609 -71.88 -92.03 -12.73
CA PRO B 1609 -70.81 -92.76 -13.42
C PRO B 1609 -70.94 -92.65 -14.93
N ASN B 1610 -69.79 -92.73 -15.60
CA ASN B 1610 -69.79 -92.64 -17.06
C ASN B 1610 -70.31 -93.92 -17.71
N HIS B 1611 -70.04 -95.07 -17.10
CA HIS B 1611 -70.49 -96.35 -17.63
C HIS B 1611 -71.20 -97.14 -16.52
N PHE B 1612 -72.16 -97.95 -16.93
CA PHE B 1612 -73.01 -98.69 -16.01
C PHE B 1612 -72.99 -100.18 -16.34
N LEU B 1613 -73.24 -101.00 -15.32
CA LEU B 1613 -73.28 -102.43 -15.51
C LEU B 1613 -74.44 -102.82 -16.42
N GLN B 1614 -74.17 -103.70 -17.38
CA GLN B 1614 -75.18 -104.20 -18.30
C GLN B 1614 -75.68 -105.54 -17.79
N VAL B 1615 -76.86 -105.54 -17.18
CA VAL B 1615 -77.47 -106.74 -16.61
C VAL B 1615 -78.59 -107.20 -17.53
N GLU B 1616 -78.58 -108.47 -17.91
CA GLU B 1616 -79.58 -109.04 -18.79
C GLU B 1616 -80.46 -109.99 -17.98
N THR B 1617 -81.76 -109.74 -17.98
CA THR B 1617 -82.72 -110.52 -17.24
C THR B 1617 -83.85 -110.96 -18.16
N ARG B 1618 -84.25 -112.22 -18.05
CA ARG B 1618 -85.41 -112.72 -18.80
C ARG B 1618 -85.98 -113.90 -18.03
N ARG B 1619 -86.85 -114.68 -18.69
CA ARG B 1619 -87.38 -115.91 -18.11
C ARG B 1619 -87.20 -117.04 -19.10
N ALA B 1620 -86.59 -118.14 -18.64
CA ALA B 1620 -86.38 -119.29 -19.51
C ALA B 1620 -87.66 -120.09 -19.70
N GLY B 1621 -88.46 -120.21 -18.66
CA GLY B 1621 -89.70 -120.95 -18.74
C GLY B 1621 -90.21 -121.31 -17.36
N GLU B 1622 -91.30 -122.08 -17.35
CA GLU B 1622 -91.88 -122.53 -16.09
C GLU B 1622 -90.97 -123.52 -15.37
N ARG B 1623 -90.17 -124.28 -16.12
CA ARG B 1623 -89.25 -125.22 -15.50
C ARG B 1623 -88.09 -124.50 -14.81
N LEU B 1624 -87.55 -123.46 -15.45
CA LEU B 1624 -86.34 -122.80 -14.97
C LEU B 1624 -86.59 -121.45 -14.31
N GLY B 1625 -87.72 -120.81 -14.57
CA GLY B 1625 -87.99 -119.52 -13.97
C GLY B 1625 -87.19 -118.40 -14.62
N TRP B 1626 -87.02 -117.32 -13.85
CA TRP B 1626 -86.36 -116.12 -14.33
C TRP B 1626 -84.85 -116.24 -14.16
N ALA B 1627 -84.10 -115.72 -15.13
CA ALA B 1627 -82.66 -115.81 -15.17
C ALA B 1627 -82.05 -114.41 -15.27
N VAL B 1628 -80.98 -114.21 -14.51
CA VAL B 1628 -80.24 -112.95 -14.46
C VAL B 1628 -78.77 -113.25 -14.76
N GLN B 1629 -78.15 -112.44 -15.62
CA GLN B 1629 -76.75 -112.62 -15.94
C GLN B 1629 -76.09 -111.28 -16.21
N CYS B 1630 -74.85 -111.14 -15.74
CA CYS B 1630 -74.01 -109.99 -16.02
C CYS B 1630 -72.58 -110.47 -16.22
N GLN B 1631 -71.93 -109.99 -17.28
CA GLN B 1631 -70.62 -110.53 -17.64
C GLN B 1631 -69.61 -109.47 -18.08
N ASP B 1632 -69.93 -108.18 -18.01
CA ASP B 1632 -69.02 -107.15 -18.46
C ASP B 1632 -68.34 -106.49 -17.28
N PRO B 1633 -67.01 -106.57 -17.17
CA PRO B 1633 -66.32 -105.96 -16.03
C PRO B 1633 -66.45 -104.45 -16.04
N LEU B 1634 -66.38 -103.88 -14.82
CA LEU B 1634 -66.45 -102.43 -14.65
C LEU B 1634 -65.87 -102.08 -13.29
N THR B 1635 -64.82 -101.28 -13.29
CA THR B 1635 -64.12 -100.91 -12.06
C THR B 1635 -64.05 -99.40 -11.94
N MET B 1636 -63.66 -98.92 -10.76
CA MET B 1636 -63.48 -97.51 -10.50
C MET B 1636 -62.52 -97.32 -9.34
N MET B 1637 -61.87 -96.17 -9.30
CA MET B 1637 -60.92 -95.83 -8.24
C MET B 1637 -61.63 -95.00 -7.18
N ALA B 1638 -61.49 -95.41 -5.92
CA ALA B 1638 -62.20 -94.79 -4.81
C ALA B 1638 -61.24 -94.04 -3.91
N LEU B 1639 -61.70 -92.91 -3.36
CA LEU B 1639 -60.96 -92.12 -2.39
C LEU B 1639 -61.65 -92.26 -1.05
N HIS B 1640 -60.92 -92.72 -0.05
CA HIS B 1640 -61.49 -93.10 1.24
C HIS B 1640 -61.08 -92.10 2.31
N ILE B 1641 -62.07 -91.55 3.01
CA ILE B 1641 -61.84 -90.67 4.15
C ILE B 1641 -61.76 -91.54 5.39
N PRO B 1642 -60.64 -91.57 6.11
CA PRO B 1642 -60.47 -92.55 7.20
C PRO B 1642 -61.40 -92.34 8.38
N GLU B 1643 -61.49 -91.11 8.89
CA GLU B 1643 -62.22 -90.87 10.14
C GLU B 1643 -63.71 -91.11 9.96
N GLU B 1644 -64.28 -90.72 8.83
CA GLU B 1644 -65.72 -90.88 8.61
C GLU B 1644 -66.10 -92.25 8.10
N ASN B 1645 -65.12 -93.11 7.77
CA ASN B 1645 -65.36 -94.48 7.34
C ASN B 1645 -66.30 -94.53 6.12
N ARG B 1646 -66.03 -93.66 5.15
CA ARG B 1646 -66.78 -93.66 3.91
C ARG B 1646 -65.86 -93.23 2.78
N CYS B 1647 -66.19 -93.65 1.57
CA CYS B 1647 -65.37 -93.40 0.40
C CYS B 1647 -66.16 -92.60 -0.64
N MET B 1648 -65.45 -92.21 -1.69
CA MET B 1648 -66.06 -91.45 -2.78
C MET B 1648 -65.23 -91.68 -4.05
N ASP B 1649 -65.84 -91.37 -5.19
CA ASP B 1649 -65.15 -91.52 -6.46
C ASP B 1649 -64.00 -90.53 -6.57
N ILE B 1650 -62.89 -90.99 -7.15
CA ILE B 1650 -61.74 -90.10 -7.33
C ILE B 1650 -62.06 -88.99 -8.31
N LEU B 1651 -63.00 -89.21 -9.22
CA LEU B 1651 -63.38 -88.20 -10.20
C LEU B 1651 -64.29 -87.13 -9.63
N GLU B 1652 -64.82 -87.34 -8.42
CA GLU B 1652 -65.63 -86.32 -7.77
C GLU B 1652 -64.81 -85.14 -7.27
N LEU B 1653 -63.47 -85.25 -7.29
CA LEU B 1653 -62.61 -84.18 -6.84
C LEU B 1653 -62.51 -83.03 -7.82
N SER B 1654 -63.09 -83.17 -9.02
CA SER B 1654 -63.10 -82.08 -9.98
C SER B 1654 -63.93 -80.89 -9.49
N GLU B 1655 -64.82 -81.11 -8.53
CA GLU B 1655 -65.59 -80.02 -7.93
C GLU B 1655 -65.26 -79.80 -6.46
N ARG B 1656 -64.64 -80.76 -5.79
CA ARG B 1656 -64.17 -80.59 -4.42
C ARG B 1656 -62.76 -80.01 -4.50
N LEU B 1657 -62.67 -78.67 -4.45
CA LEU B 1657 -61.41 -77.99 -4.71
C LEU B 1657 -60.47 -77.96 -3.52
N ASP B 1658 -60.91 -78.41 -2.34
CA ASP B 1658 -60.04 -78.47 -1.17
C ASP B 1658 -59.40 -79.85 -1.03
N LEU B 1659 -60.19 -80.91 -1.12
CA LEU B 1659 -59.65 -82.25 -1.07
C LEU B 1659 -58.70 -82.51 -2.23
N GLN B 1660 -58.99 -81.93 -3.40
CA GLN B 1660 -58.08 -82.07 -4.53
C GLN B 1660 -56.72 -81.47 -4.23
N ARG B 1661 -56.70 -80.27 -3.64
CA ARG B 1661 -55.44 -79.63 -3.29
C ARG B 1661 -54.69 -80.44 -2.23
N PHE B 1662 -55.42 -80.92 -1.22
CA PHE B 1662 -54.77 -81.71 -0.17
C PHE B 1662 -54.17 -82.99 -0.73
N HIS B 1663 -54.88 -83.66 -1.65
CA HIS B 1663 -54.36 -84.89 -2.22
C HIS B 1663 -53.19 -84.62 -3.15
N SER B 1664 -53.21 -83.51 -3.88
CA SER B 1664 -52.07 -83.16 -4.71
C SER B 1664 -50.83 -82.91 -3.85
N HIS B 1665 -50.99 -82.20 -2.73
CA HIS B 1665 -49.86 -82.00 -1.84
C HIS B 1665 -49.42 -83.29 -1.17
N THR B 1666 -50.36 -84.21 -0.91
CA THR B 1666 -49.99 -85.52 -0.41
C THR B 1666 -49.14 -86.29 -1.40
N LEU B 1667 -49.51 -86.23 -2.69
CA LEU B 1667 -48.68 -86.87 -3.71
C LEU B 1667 -47.31 -86.21 -3.81
N ARG B 1668 -47.26 -84.89 -3.67
CA ARG B 1668 -45.97 -84.21 -3.67
C ARG B 1668 -45.10 -84.67 -2.51
N LEU B 1669 -45.69 -84.84 -1.33
CA LEU B 1669 -44.94 -85.38 -0.19
C LEU B 1669 -44.50 -86.81 -0.44
N TYR B 1670 -45.35 -87.60 -1.12
CA TYR B 1670 -44.97 -88.96 -1.47
C TYR B 1670 -43.74 -88.99 -2.35
N ARG B 1671 -43.67 -88.09 -3.34
CA ARG B 1671 -42.46 -88.00 -4.15
C ARG B 1671 -41.28 -87.50 -3.33
N ALA B 1672 -41.51 -86.52 -2.45
CA ALA B 1672 -40.41 -85.91 -1.70
C ALA B 1672 -39.75 -86.91 -0.77
N VAL B 1673 -40.53 -87.76 -0.10
CA VAL B 1673 -39.94 -88.66 0.89
C VAL B 1673 -39.04 -89.70 0.21
N CYS B 1674 -39.40 -90.14 -0.99
CA CYS B 1674 -38.61 -91.13 -1.71
C CYS B 1674 -37.63 -90.50 -2.71
N ALA B 1675 -37.56 -89.17 -2.77
CA ALA B 1675 -36.68 -88.51 -3.72
C ALA B 1675 -35.22 -88.79 -3.40
N LEU B 1676 -34.38 -88.71 -4.43
CA LEU B 1676 -32.92 -88.85 -4.33
C LEU B 1676 -32.52 -90.25 -3.83
N GLY B 1677 -33.01 -91.25 -4.54
CA GLY B 1677 -32.53 -92.62 -4.36
C GLY B 1677 -32.76 -93.22 -3.00
N ASN B 1678 -33.95 -93.03 -2.42
CA ASN B 1678 -34.30 -93.68 -1.16
C ASN B 1678 -35.14 -94.91 -1.50
N ASN B 1679 -34.45 -95.97 -1.94
CA ASN B 1679 -35.13 -97.18 -2.37
C ASN B 1679 -35.83 -97.89 -1.23
N ARG B 1680 -35.28 -97.78 -0.01
CA ARG B 1680 -35.92 -98.43 1.14
C ARG B 1680 -37.29 -97.84 1.43
N VAL B 1681 -37.49 -96.56 1.14
CA VAL B 1681 -38.80 -95.95 1.30
C VAL B 1681 -39.64 -96.08 0.03
N ALA B 1682 -38.99 -96.16 -1.15
CA ALA B 1682 -39.72 -96.42 -2.38
C ALA B 1682 -40.41 -97.78 -2.34
N HIS B 1683 -39.75 -98.77 -1.74
CA HIS B 1683 -40.38 -100.06 -1.54
C HIS B 1683 -41.59 -99.96 -0.65
N ALA B 1684 -41.49 -99.19 0.44
CA ALA B 1684 -42.61 -99.05 1.36
C ALA B 1684 -43.79 -98.34 0.73
N LEU B 1685 -43.52 -97.37 -0.16
CA LEU B 1685 -44.60 -96.64 -0.81
C LEU B 1685 -45.45 -97.53 -1.72
N CYS B 1686 -44.93 -98.69 -2.13
CA CYS B 1686 -45.70 -99.59 -2.99
C CYS B 1686 -46.90 -100.17 -2.25
N SER B 1687 -46.80 -100.36 -0.94
CA SER B 1687 -47.93 -100.85 -0.16
C SER B 1687 -49.06 -99.83 -0.08
N HIS B 1688 -48.77 -98.56 -0.38
CA HIS B 1688 -49.77 -97.50 -0.36
C HIS B 1688 -50.31 -97.20 -1.76
N VAL B 1689 -49.42 -97.04 -2.74
CA VAL B 1689 -49.80 -96.84 -4.13
C VAL B 1689 -49.19 -97.98 -4.94
N ASP B 1690 -50.03 -98.73 -5.64
CA ASP B 1690 -49.60 -99.94 -6.32
C ASP B 1690 -49.67 -99.79 -7.83
N GLN B 1691 -49.17 -100.82 -8.51
CA GLN B 1691 -48.99 -100.79 -9.95
C GLN B 1691 -50.33 -100.68 -10.68
N ALA B 1692 -51.34 -101.42 -10.22
CA ALA B 1692 -52.65 -101.35 -10.86
C ALA B 1692 -53.25 -99.96 -10.76
N GLN B 1693 -53.15 -99.34 -9.58
CA GLN B 1693 -53.66 -97.98 -9.43
C GLN B 1693 -52.88 -97.01 -10.32
N LEU B 1694 -51.56 -97.18 -10.39
CA LEU B 1694 -50.76 -96.28 -11.22
C LEU B 1694 -51.13 -96.39 -12.69
N LEU B 1695 -51.29 -97.62 -13.20
CA LEU B 1695 -51.66 -97.79 -14.61
C LEU B 1695 -53.07 -97.29 -14.88
N HIS B 1696 -54.01 -97.52 -13.95
CA HIS B 1696 -55.38 -97.05 -14.15
C HIS B 1696 -55.42 -95.52 -14.15
N ALA B 1697 -54.65 -94.88 -13.27
CA ALA B 1697 -54.55 -93.42 -13.31
C ALA B 1697 -53.83 -92.94 -14.56
N LEU B 1698 -52.90 -93.73 -15.10
CA LEU B 1698 -52.23 -93.36 -16.33
C LEU B 1698 -53.22 -93.28 -17.48
N GLU B 1699 -54.12 -94.25 -17.59
CA GLU B 1699 -55.10 -94.24 -18.68
C GLU B 1699 -56.44 -93.61 -18.34
N ASP B 1700 -56.62 -93.09 -17.13
CA ASP B 1700 -57.87 -92.43 -16.78
C ASP B 1700 -58.00 -91.11 -17.54
N ALA B 1701 -59.03 -91.02 -18.38
CA ALA B 1701 -59.20 -89.88 -19.28
C ALA B 1701 -60.02 -88.75 -18.69
N HIS B 1702 -60.64 -88.94 -17.53
CA HIS B 1702 -61.43 -87.90 -16.89
C HIS B 1702 -60.79 -87.34 -15.62
N LEU B 1703 -59.58 -87.76 -15.31
CA LEU B 1703 -58.92 -87.30 -14.09
C LEU B 1703 -58.53 -85.83 -14.24
N PRO B 1704 -58.58 -85.05 -13.15
CA PRO B 1704 -58.12 -83.67 -13.21
C PRO B 1704 -56.62 -83.59 -13.52
N GLY B 1705 -56.22 -82.49 -14.14
CA GLY B 1705 -54.86 -82.30 -14.56
C GLY B 1705 -53.82 -82.35 -13.46
N PRO B 1706 -54.05 -81.65 -12.34
CA PRO B 1706 -53.09 -81.75 -11.22
C PRO B 1706 -52.89 -83.17 -10.72
N LEU B 1707 -53.98 -83.93 -10.54
CA LEU B 1707 -53.85 -85.30 -10.07
C LEU B 1707 -53.17 -86.18 -11.12
N ARG B 1708 -53.48 -85.95 -12.40
CA ARG B 1708 -52.84 -86.69 -13.48
C ARG B 1708 -51.33 -86.49 -13.45
N ALA B 1709 -50.89 -85.23 -13.39
CA ALA B 1709 -49.47 -84.93 -13.36
C ALA B 1709 -48.82 -85.50 -12.10
N GLY B 1710 -49.51 -85.41 -10.96
CA GLY B 1710 -48.97 -85.97 -9.74
C GLY B 1710 -48.76 -87.47 -9.81
N TYR B 1711 -49.73 -88.19 -10.39
CA TYR B 1711 -49.60 -89.63 -10.50
C TYR B 1711 -48.49 -90.01 -11.48
N TYR B 1712 -48.38 -89.29 -12.60
CA TYR B 1712 -47.29 -89.56 -13.53
C TYR B 1712 -45.94 -89.36 -12.84
N ASP B 1713 -45.79 -88.25 -12.13
CA ASP B 1713 -44.54 -87.96 -11.45
C ASP B 1713 -44.25 -88.99 -10.36
N LEU B 1714 -45.28 -89.42 -9.64
CA LEU B 1714 -45.09 -90.43 -8.60
C LEU B 1714 -44.60 -91.75 -9.20
N LEU B 1715 -45.21 -92.18 -10.31
CA LEU B 1715 -44.75 -93.40 -10.96
C LEU B 1715 -43.29 -93.28 -11.39
N ILE B 1716 -42.95 -92.16 -12.05
CA ILE B 1716 -41.59 -91.97 -12.52
C ILE B 1716 -40.61 -91.96 -11.36
N SER B 1717 -40.99 -91.31 -10.25
CA SER B 1717 -40.10 -91.20 -9.11
C SER B 1717 -39.87 -92.54 -8.43
N ILE B 1718 -40.93 -93.34 -8.26
CA ILE B 1718 -40.81 -94.56 -7.47
C ILE B 1718 -40.47 -95.78 -8.31
N HIS B 1719 -40.36 -95.65 -9.63
CA HIS B 1719 -40.03 -96.81 -10.44
C HIS B 1719 -38.92 -96.61 -11.47
N LEU B 1720 -38.55 -95.37 -11.82
CA LEU B 1720 -37.58 -95.17 -12.88
C LEU B 1720 -36.48 -94.14 -12.55
N GLU B 1721 -36.67 -93.29 -11.55
CA GLU B 1721 -35.80 -92.13 -11.40
C GLU B 1721 -34.36 -92.53 -11.09
N SER B 1722 -34.15 -93.51 -10.21
CA SER B 1722 -32.80 -93.87 -9.81
C SER B 1722 -32.01 -94.47 -10.97
N ALA B 1723 -32.62 -95.42 -11.68
CA ALA B 1723 -31.94 -96.03 -12.82
C ALA B 1723 -31.69 -95.00 -13.92
N CYS B 1724 -32.66 -94.11 -14.15
CA CYS B 1724 -32.48 -93.07 -15.15
C CYS B 1724 -31.31 -92.16 -14.79
N ARG B 1725 -31.21 -91.76 -13.52
CA ARG B 1725 -30.12 -90.91 -13.08
C ARG B 1725 -28.77 -91.60 -13.22
N SER B 1726 -28.71 -92.89 -12.84
CA SER B 1726 -27.46 -93.62 -12.96
C SER B 1726 -27.02 -93.74 -14.40
N ARG B 1727 -27.94 -94.07 -15.31
CA ARG B 1727 -27.59 -94.17 -16.72
C ARG B 1727 -27.18 -92.82 -17.28
N ARG B 1728 -27.87 -91.75 -16.88
CA ARG B 1728 -27.51 -90.42 -17.36
C ARG B 1728 -26.11 -90.03 -16.89
N SER B 1729 -25.76 -90.39 -15.65
CA SER B 1729 -24.41 -90.13 -15.17
C SER B 1729 -23.38 -90.92 -15.97
N MET B 1730 -23.68 -92.18 -16.29
CA MET B 1730 -22.72 -93.01 -17.02
C MET B 1730 -22.63 -92.66 -18.50
N LEU B 1731 -23.63 -91.97 -19.06
CA LEU B 1731 -23.65 -91.71 -20.49
C LEU B 1731 -22.59 -90.70 -20.94
N SER B 1732 -21.91 -90.02 -20.01
CA SER B 1732 -20.97 -88.97 -20.41
C SER B 1732 -19.80 -89.51 -21.22
N GLU B 1733 -19.25 -90.65 -20.80
CA GLU B 1733 -18.05 -91.20 -21.41
C GLU B 1733 -18.39 -92.26 -22.46
N TYR B 1734 -17.43 -92.51 -23.34
CA TYR B 1734 -17.56 -93.50 -24.41
C TYR B 1734 -16.38 -94.46 -24.34
N ILE B 1735 -16.60 -95.65 -23.78
CA ILE B 1735 -15.58 -96.69 -23.72
C ILE B 1735 -16.01 -97.84 -24.61
N VAL B 1736 -15.55 -97.84 -25.86
CA VAL B 1736 -16.00 -98.81 -26.86
C VAL B 1736 -15.02 -99.98 -26.85
N PRO B 1737 -15.49 -101.22 -26.68
CA PRO B 1737 -14.60 -102.37 -26.78
C PRO B 1737 -14.22 -102.65 -28.22
N LEU B 1738 -13.14 -103.42 -28.38
CA LEU B 1738 -12.59 -103.75 -29.69
C LEU B 1738 -13.08 -105.14 -30.08
N THR B 1739 -14.24 -105.19 -30.71
CA THR B 1739 -14.93 -106.42 -31.05
C THR B 1739 -15.32 -106.40 -32.53
N PRO B 1740 -15.62 -107.58 -33.10
CA PRO B 1740 -16.18 -107.58 -34.47
C PRO B 1740 -17.46 -106.78 -34.60
N GLU B 1741 -18.29 -106.77 -33.56
CA GLU B 1741 -19.47 -105.91 -33.57
C GLU B 1741 -19.06 -104.44 -33.66
N THR B 1742 -17.99 -104.06 -32.98
CA THR B 1742 -17.48 -102.70 -33.07
C THR B 1742 -17.00 -102.40 -34.49
N ARG B 1743 -16.20 -103.30 -35.07
CA ARG B 1743 -15.64 -103.03 -36.38
C ARG B 1743 -16.67 -103.09 -37.49
N ALA B 1744 -17.82 -103.73 -37.25
CA ALA B 1744 -18.89 -103.77 -38.24
C ALA B 1744 -19.61 -102.43 -38.40
N ILE B 1745 -19.37 -101.48 -37.50
CA ILE B 1745 -20.07 -100.19 -37.54
C ILE B 1745 -19.48 -99.34 -38.65
N THR B 1746 -20.35 -98.73 -39.45
CA THR B 1746 -19.95 -97.85 -40.53
C THR B 1746 -20.56 -96.47 -40.32
N LEU B 1747 -19.88 -95.45 -40.84
CA LEU B 1747 -20.36 -94.07 -40.67
C LEU B 1747 -21.69 -93.85 -41.38
N PHE B 1748 -21.78 -94.25 -42.64
CA PHE B 1748 -23.00 -94.10 -43.40
C PHE B 1748 -23.65 -95.45 -43.68
N PRO B 1749 -24.97 -95.51 -43.77
CA PRO B 1749 -25.63 -96.77 -44.12
C PRO B 1749 -25.22 -97.20 -45.51
N PRO B 1750 -25.13 -98.51 -45.75
CA PRO B 1750 -24.78 -98.99 -47.08
C PRO B 1750 -25.88 -98.72 -48.09
N GLY B 1751 -25.49 -98.71 -49.36
CA GLY B 1751 -26.42 -98.42 -50.43
C GLY B 1751 -27.38 -99.55 -50.70
N ARG B 1752 -28.28 -99.82 -49.76
CA ARG B 1752 -29.25 -100.89 -49.94
C ARG B 1752 -30.20 -100.60 -51.09
N LYS B 1753 -30.62 -99.33 -51.22
CA LYS B 1753 -31.51 -98.94 -52.31
C LYS B 1753 -30.86 -99.07 -53.68
N GLY B 1754 -29.52 -99.08 -53.75
CA GLY B 1754 -28.83 -99.20 -55.00
C GLY B 1754 -28.26 -97.89 -55.51
N GLY B 1755 -26.94 -97.76 -55.45
CA GLY B 1755 -26.31 -96.52 -55.90
C GLY B 1755 -26.67 -95.31 -55.06
N ASN B 1756 -26.76 -95.48 -53.75
CA ASN B 1756 -27.12 -94.42 -52.82
C ASN B 1756 -25.94 -94.13 -51.90
N ALA B 1757 -25.60 -92.85 -51.75
CA ALA B 1757 -24.50 -92.45 -50.90
C ALA B 1757 -24.87 -91.14 -50.21
N ARG B 1758 -24.19 -90.87 -49.09
CA ARG B 1758 -24.39 -89.66 -48.30
C ARG B 1758 -25.85 -89.51 -47.87
N ARG B 1759 -26.46 -90.63 -47.49
CA ARG B 1759 -27.84 -90.65 -47.00
C ARG B 1759 -27.81 -91.01 -45.52
N HIS B 1760 -28.19 -90.06 -44.67
CA HIS B 1760 -28.18 -90.30 -43.24
C HIS B 1760 -29.22 -91.33 -42.84
N GLY B 1761 -28.86 -92.20 -41.91
CA GLY B 1761 -29.83 -93.10 -41.33
C GLY B 1761 -30.68 -92.40 -40.30
N LEU B 1762 -31.72 -93.10 -39.85
CA LEU B 1762 -32.62 -92.54 -38.85
C LEU B 1762 -31.87 -92.37 -37.53
N PRO B 1763 -31.87 -91.18 -36.94
CA PRO B 1763 -31.13 -90.99 -35.69
C PRO B 1763 -31.69 -91.86 -34.57
N GLY B 1764 -30.78 -92.40 -33.76
CA GLY B 1764 -31.15 -93.26 -32.67
C GLY B 1764 -31.47 -94.69 -33.06
N VAL B 1765 -31.40 -95.03 -34.35
CA VAL B 1765 -31.68 -96.37 -34.83
C VAL B 1765 -30.37 -96.93 -35.37
N GLY B 1766 -29.72 -97.76 -34.57
CA GLY B 1766 -28.45 -98.33 -34.99
C GLY B 1766 -27.94 -99.31 -33.95
N VAL B 1767 -26.65 -99.60 -34.04
CA VAL B 1767 -25.97 -100.53 -33.14
C VAL B 1767 -25.07 -99.71 -32.21
N THR B 1768 -25.27 -99.87 -30.91
CA THR B 1768 -24.47 -99.19 -29.91
C THR B 1768 -23.60 -100.21 -29.19
N THR B 1769 -22.29 -99.94 -29.14
CA THR B 1769 -21.33 -100.88 -28.57
C THR B 1769 -20.62 -100.36 -27.33
N SER B 1770 -20.68 -99.06 -27.05
CA SER B 1770 -20.03 -98.52 -25.87
C SER B 1770 -20.62 -99.14 -24.61
N LEU B 1771 -19.77 -99.38 -23.61
CA LEU B 1771 -20.17 -100.12 -22.42
C LEU B 1771 -21.03 -99.25 -21.52
N ARG B 1772 -22.26 -99.70 -21.25
CA ARG B 1772 -23.14 -99.09 -20.28
C ARG B 1772 -23.57 -100.19 -19.31
N PRO B 1773 -23.37 -100.02 -18.00
CA PRO B 1773 -23.78 -101.05 -17.07
C PRO B 1773 -25.27 -101.24 -17.08
N PRO B 1774 -25.76 -102.46 -16.91
CA PRO B 1774 -27.19 -102.72 -16.95
C PRO B 1774 -27.89 -102.25 -15.68
N HIS B 1775 -29.21 -102.14 -15.77
CA HIS B 1775 -30.03 -101.73 -14.65
C HIS B 1775 -30.24 -102.89 -13.68
N HIS B 1776 -30.67 -102.53 -12.46
CA HIS B 1776 -30.95 -103.52 -11.42
C HIS B 1776 -32.24 -103.15 -10.73
N PHE B 1777 -33.16 -104.12 -10.61
CA PHE B 1777 -34.43 -103.92 -9.93
C PHE B 1777 -34.70 -105.12 -9.03
N SER B 1778 -35.52 -104.90 -8.02
CA SER B 1778 -35.92 -105.95 -7.10
C SER B 1778 -37.43 -106.02 -7.01
N PRO B 1779 -38.00 -107.22 -6.94
CA PRO B 1779 -39.46 -107.35 -6.87
C PRO B 1779 -39.99 -106.83 -5.55
N PRO B 1780 -41.05 -106.02 -5.58
CA PRO B 1780 -41.64 -105.50 -4.34
C PRO B 1780 -42.44 -106.58 -3.63
N CYS B 1781 -41.89 -107.09 -2.54
CA CYS B 1781 -42.54 -108.12 -1.74
C CYS B 1781 -42.43 -107.75 -0.26
N PHE B 1782 -43.53 -107.95 0.47
CA PHE B 1782 -43.58 -107.64 1.89
C PHE B 1782 -43.87 -108.86 2.75
N VAL B 1783 -43.89 -110.06 2.16
CA VAL B 1783 -44.11 -111.28 2.92
C VAL B 1783 -42.81 -111.92 3.39
N ALA B 1784 -41.69 -111.64 2.71
CA ALA B 1784 -40.41 -112.22 3.11
C ALA B 1784 -39.97 -111.68 4.46
N ALA B 1785 -39.25 -112.53 5.20
CA ALA B 1785 -38.78 -112.14 6.53
C ALA B 1785 -37.77 -111.01 6.43
N LEU B 1786 -37.90 -110.03 7.32
CA LEU B 1786 -37.00 -108.88 7.32
C LEU B 1786 -35.86 -109.12 8.31
N PRO B 1787 -34.60 -109.19 7.84
CA PRO B 1787 -33.45 -109.43 8.72
C PRO B 1787 -33.06 -108.18 9.51
N GLU B 1793 -22.00 -103.51 6.07
CA GLU B 1793 -23.38 -103.29 6.48
C GLU B 1793 -24.35 -104.04 5.56
N ALA B 1794 -25.63 -103.74 5.69
CA ALA B 1794 -26.63 -104.38 4.84
C ALA B 1794 -26.48 -103.92 3.40
N PRO B 1795 -26.72 -104.80 2.43
CA PRO B 1795 -26.64 -104.38 1.03
C PRO B 1795 -27.69 -103.34 0.68
N ALA B 1796 -27.34 -102.46 -0.25
CA ALA B 1796 -28.25 -101.41 -0.67
C ALA B 1796 -29.46 -102.00 -1.38
N ARG B 1797 -30.65 -101.49 -1.04
CA ARG B 1797 -31.87 -101.98 -1.65
C ARG B 1797 -31.99 -101.46 -3.09
N LEU B 1798 -32.75 -102.21 -3.89
CA LEU B 1798 -32.93 -101.91 -5.30
C LEU B 1798 -34.31 -101.30 -5.55
N SER B 1799 -34.47 -100.71 -6.72
CA SER B 1799 -35.73 -100.08 -7.07
C SER B 1799 -36.82 -101.12 -7.28
N PRO B 1800 -38.08 -100.77 -6.99
CA PRO B 1800 -39.17 -101.71 -7.24
C PRO B 1800 -39.30 -102.02 -8.73
N ALA B 1801 -39.77 -103.24 -9.01
CA ALA B 1801 -39.86 -103.72 -10.38
C ALA B 1801 -41.24 -103.46 -10.96
N ILE B 1802 -41.27 -103.19 -12.27
CA ILE B 1802 -42.52 -102.97 -13.01
C ILE B 1802 -42.30 -103.49 -14.42
N PRO B 1803 -43.33 -104.06 -15.07
CA PRO B 1803 -43.12 -104.61 -16.42
C PRO B 1803 -42.82 -103.54 -17.46
N LEU B 1804 -41.56 -103.46 -17.86
CA LEU B 1804 -41.12 -102.41 -18.77
C LEU B 1804 -41.58 -102.66 -20.20
N GLU B 1805 -41.64 -103.92 -20.63
CA GLU B 1805 -42.08 -104.22 -21.99
C GLU B 1805 -43.55 -103.83 -22.19
N ALA B 1806 -44.38 -104.05 -21.18
CA ALA B 1806 -45.77 -103.61 -21.27
C ALA B 1806 -45.88 -102.10 -21.08
N LEU B 1807 -45.07 -101.54 -20.18
CA LEU B 1807 -45.14 -100.10 -19.92
C LEU B 1807 -44.78 -99.29 -21.16
N ARG B 1808 -43.75 -99.71 -21.89
CA ARG B 1808 -43.33 -98.95 -23.07
C ARG B 1808 -44.41 -98.98 -24.16
N ASP B 1809 -45.04 -100.14 -24.37
CA ASP B 1809 -46.12 -100.22 -25.36
C ASP B 1809 -47.31 -99.37 -24.93
N LYS B 1810 -47.65 -99.41 -23.64
CA LYS B 1810 -48.75 -98.58 -23.15
C LYS B 1810 -48.46 -97.10 -23.38
N ALA B 1811 -47.23 -96.68 -23.06
CA ALA B 1811 -46.86 -95.28 -23.24
C ALA B 1811 -46.88 -94.87 -24.71
N LEU B 1812 -46.39 -95.75 -25.58
CA LEU B 1812 -46.37 -95.44 -27.01
C LEU B 1812 -47.78 -95.29 -27.57
N ARG B 1813 -48.67 -96.23 -27.21
CA ARG B 1813 -50.05 -96.13 -27.68
C ARG B 1813 -50.74 -94.90 -27.11
N MET B 1814 -50.47 -94.57 -25.84
CA MET B 1814 -51.04 -93.39 -25.22
C MET B 1814 -50.56 -92.12 -25.93
N LEU B 1815 -49.28 -92.05 -26.28
CA LEU B 1815 -48.76 -90.90 -27.00
C LEU B 1815 -49.40 -90.78 -28.38
N GLY B 1816 -49.58 -91.91 -29.07
CA GLY B 1816 -50.26 -91.87 -30.35
C GLY B 1816 -51.69 -91.35 -30.24
N GLU B 1817 -52.42 -91.84 -29.23
CA GLU B 1817 -53.78 -91.35 -29.01
C GLU B 1817 -53.79 -89.87 -28.69
N ALA B 1818 -52.84 -89.40 -27.88
CA ALA B 1818 -52.77 -87.99 -27.54
C ALA B 1818 -52.49 -87.13 -28.77
N VAL B 1819 -51.58 -87.61 -29.63
CA VAL B 1819 -51.28 -86.86 -30.85
C VAL B 1819 -52.50 -86.80 -31.76
N ARG B 1820 -53.23 -87.92 -31.89
CA ARG B 1820 -54.43 -87.91 -32.73
C ARG B 1820 -55.49 -86.99 -32.16
N ASP B 1821 -55.67 -86.99 -30.84
CA ASP B 1821 -56.66 -86.11 -30.23
C ASP B 1821 -56.26 -84.64 -30.36
N GLY B 1822 -54.96 -84.36 -30.29
CA GLY B 1822 -54.51 -82.99 -30.53
C GLY B 1822 -54.74 -82.56 -31.97
N GLY B 1823 -54.53 -83.48 -32.91
CA GLY B 1823 -54.79 -83.16 -34.31
C GLY B 1823 -56.26 -82.90 -34.58
N GLN B 1824 -57.14 -83.72 -33.99
CA GLN B 1824 -58.58 -83.54 -34.14
C GLN B 1824 -59.05 -82.57 -33.06
N HIS B 1825 -59.23 -81.31 -33.44
CA HIS B 1825 -59.54 -80.26 -32.48
C HIS B 1825 -60.83 -80.55 -31.73
N ALA B 1826 -60.80 -80.40 -30.41
CA ALA B 1826 -61.95 -80.62 -29.56
C ALA B 1826 -61.92 -79.64 -28.41
N ARG B 1827 -63.08 -79.42 -27.80
CA ARG B 1827 -63.21 -78.45 -26.73
C ARG B 1827 -63.05 -79.06 -25.34
N ASP B 1828 -62.79 -80.37 -25.24
CA ASP B 1828 -62.61 -81.05 -23.97
C ASP B 1828 -61.33 -81.88 -24.03
N PRO B 1829 -60.17 -81.23 -23.93
CA PRO B 1829 -58.90 -81.98 -23.90
C PRO B 1829 -58.74 -82.76 -22.62
N VAL B 1830 -57.96 -83.83 -22.70
CA VAL B 1830 -57.72 -84.68 -21.54
C VAL B 1830 -56.88 -83.91 -20.52
N GLY B 1831 -57.32 -83.91 -19.27
CA GLY B 1831 -56.64 -83.20 -18.21
C GLY B 1831 -57.03 -81.74 -18.07
N GLY B 1832 -57.88 -81.22 -18.95
CA GLY B 1832 -58.34 -79.86 -18.88
C GLY B 1832 -57.65 -78.90 -19.81
N SER B 1833 -56.47 -79.26 -20.33
CA SER B 1833 -55.74 -78.38 -21.23
C SER B 1833 -54.75 -79.20 -22.04
N VAL B 1834 -54.26 -78.58 -23.12
CA VAL B 1834 -53.28 -79.24 -23.98
C VAL B 1834 -52.00 -79.53 -23.22
N GLU B 1835 -51.59 -78.59 -22.35
CA GLU B 1835 -50.40 -78.81 -21.54
C GLU B 1835 -50.56 -80.03 -20.64
N PHE B 1836 -51.69 -80.11 -19.92
CA PHE B 1836 -51.92 -81.25 -19.05
C PHE B 1836 -52.06 -82.54 -19.84
N GLN B 1837 -52.51 -82.44 -21.10
CA GLN B 1837 -52.63 -83.63 -21.92
C GLN B 1837 -51.27 -84.14 -22.39
N PHE B 1838 -50.38 -83.22 -22.75
CA PHE B 1838 -49.14 -83.60 -23.45
C PHE B 1838 -47.93 -83.75 -22.53
N VAL B 1839 -47.77 -82.90 -21.52
CA VAL B 1839 -46.52 -82.87 -20.76
C VAL B 1839 -46.21 -84.19 -20.06
N PRO B 1840 -47.14 -84.80 -19.29
CA PRO B 1840 -46.77 -86.06 -18.60
C PRO B 1840 -46.39 -87.18 -19.55
N VAL B 1841 -47.09 -87.31 -20.67
CA VAL B 1841 -46.77 -88.37 -21.63
C VAL B 1841 -45.39 -88.16 -22.21
N LEU B 1842 -45.06 -86.91 -22.56
CA LEU B 1842 -43.74 -86.62 -23.09
C LEU B 1842 -42.66 -86.89 -22.07
N LYS B 1843 -42.92 -86.56 -20.79
CA LYS B 1843 -41.95 -86.84 -19.74
C LYS B 1843 -41.70 -88.34 -19.62
N LEU B 1844 -42.76 -89.14 -19.60
CA LEU B 1844 -42.59 -90.58 -19.48
C LEU B 1844 -41.86 -91.16 -20.68
N VAL B 1845 -42.20 -90.70 -21.89
CA VAL B 1845 -41.53 -91.19 -23.09
C VAL B 1845 -40.05 -90.83 -23.07
N SER B 1846 -39.74 -89.60 -22.66
CA SER B 1846 -38.34 -89.18 -22.59
C SER B 1846 -37.56 -90.01 -21.57
N THR B 1847 -38.17 -90.28 -20.41
CA THR B 1847 -37.51 -91.09 -19.40
C THR B 1847 -37.22 -92.49 -19.92
N LEU B 1848 -38.22 -93.12 -20.55
CA LEU B 1848 -37.99 -94.45 -21.10
C LEU B 1848 -36.95 -94.44 -22.22
N LEU B 1849 -36.98 -93.41 -23.06
CA LEU B 1849 -36.03 -93.33 -24.17
C LEU B 1849 -34.60 -93.18 -23.67
N VAL B 1850 -34.38 -92.32 -22.66
CA VAL B 1850 -33.03 -92.16 -22.14
C VAL B 1850 -32.60 -93.40 -21.37
N MET B 1851 -33.54 -94.09 -20.71
CA MET B 1851 -33.20 -95.35 -20.06
C MET B 1851 -32.88 -96.45 -21.08
N GLY B 1852 -33.35 -96.31 -22.32
CA GLY B 1852 -33.02 -97.25 -23.37
C GLY B 1852 -33.94 -98.43 -23.51
N ILE B 1853 -35.16 -98.35 -22.96
CA ILE B 1853 -36.08 -99.48 -23.05
C ILE B 1853 -36.57 -99.67 -24.48
N PHE B 1854 -36.83 -98.57 -25.19
CA PHE B 1854 -37.43 -98.65 -26.51
C PHE B 1854 -36.50 -99.34 -27.51
N GLY B 1855 -37.09 -100.12 -28.40
CA GLY B 1855 -36.36 -100.79 -29.45
C GLY B 1855 -36.30 -99.98 -30.73
N ASP B 1856 -35.75 -100.61 -31.78
CA ASP B 1856 -35.56 -99.92 -33.04
C ASP B 1856 -36.89 -99.54 -33.67
N GLU B 1857 -37.85 -100.46 -33.68
CA GLU B 1857 -39.17 -100.15 -34.24
C GLU B 1857 -39.88 -99.09 -33.42
N ASP B 1858 -39.73 -99.13 -32.10
CA ASP B 1858 -40.32 -98.11 -31.26
C ASP B 1858 -39.73 -96.73 -31.56
N VAL B 1859 -38.41 -96.66 -31.77
CA VAL B 1859 -37.78 -95.40 -32.11
C VAL B 1859 -38.26 -94.91 -33.47
N LYS B 1860 -38.45 -95.83 -34.42
CA LYS B 1860 -38.99 -95.43 -35.72
C LYS B 1860 -40.40 -94.87 -35.58
N GLN B 1861 -41.23 -95.51 -34.76
CA GLN B 1861 -42.58 -94.99 -34.54
C GLN B 1861 -42.55 -93.63 -33.87
N ILE B 1862 -41.64 -93.43 -32.91
CA ILE B 1862 -41.51 -92.13 -32.26
C ILE B 1862 -41.09 -91.07 -33.26
N LEU B 1863 -40.17 -91.41 -34.17
CA LEU B 1863 -39.75 -90.46 -35.19
C LEU B 1863 -40.89 -90.12 -36.14
N LYS B 1864 -41.70 -91.12 -36.50
CA LYS B 1864 -42.88 -90.85 -37.31
C LYS B 1864 -43.85 -89.92 -36.59
N MET B 1865 -44.04 -90.14 -35.29
CA MET B 1865 -44.91 -89.27 -34.51
C MET B 1865 -44.39 -87.85 -34.47
N ILE B 1866 -43.08 -87.70 -34.31
CA ILE B 1866 -42.49 -86.36 -34.24
C ILE B 1866 -42.63 -85.64 -35.58
N GLU B 1867 -42.26 -86.32 -36.67
CA GLU B 1867 -42.43 -85.73 -37.99
C GLU B 1867 -42.52 -86.83 -39.06
N PRO B 1868 -43.68 -86.98 -39.70
CA PRO B 1868 -43.82 -88.05 -40.70
C PRO B 1868 -43.05 -87.77 -41.99
N GLU B 1869 -42.70 -86.53 -42.28
CA GLU B 1869 -42.13 -86.20 -43.58
C GLU B 1869 -40.63 -86.50 -43.65
N VAL B 1870 -39.85 -85.84 -42.80
CA VAL B 1870 -38.39 -85.95 -42.92
C VAL B 1870 -37.91 -87.33 -42.49
N PHE B 1871 -38.50 -87.91 -41.45
CA PHE B 1871 -38.06 -89.18 -40.91
C PHE B 1871 -38.75 -90.38 -41.53
N THR B 1872 -39.28 -90.23 -42.75
CA THR B 1872 -39.91 -91.36 -43.41
C THR B 1872 -38.86 -92.34 -43.92
N GLU B 1873 -39.30 -93.56 -44.18
CA GLU B 1873 -38.44 -94.63 -44.67
C GLU B 1873 -38.77 -94.93 -46.12
N GLU B 1874 -37.75 -94.98 -46.97
CA GLU B 1874 -37.95 -95.25 -48.39
C GLU B 1874 -38.26 -96.73 -48.62
N LEU B 1922 -53.15 -85.51 -44.48
CA LEU B 1922 -52.55 -86.72 -43.90
C LEU B 1922 -52.28 -86.54 -42.42
N GLU B 1923 -51.39 -87.37 -41.88
CA GLU B 1923 -51.04 -87.27 -40.47
C GLU B 1923 -50.29 -85.98 -40.18
N GLU B 1924 -50.62 -85.35 -39.06
CA GLU B 1924 -50.01 -84.09 -38.65
C GLU B 1924 -48.96 -84.38 -37.58
N GLY B 1925 -47.73 -83.93 -37.82
CA GLY B 1925 -46.67 -84.17 -36.87
C GLY B 1925 -46.79 -83.31 -35.63
N LEU B 1926 -46.06 -83.72 -34.58
CA LEU B 1926 -46.06 -82.98 -33.33
C LEU B 1926 -45.42 -81.62 -33.47
N LEU B 1927 -44.56 -81.42 -34.48
CA LEU B 1927 -43.92 -80.13 -34.71
C LEU B 1927 -44.87 -79.11 -35.32
N GLN B 1928 -45.79 -79.55 -36.19
CA GLN B 1928 -46.59 -78.61 -36.96
C GLN B 1928 -47.66 -77.93 -36.09
N MET B 1929 -48.26 -78.67 -35.16
CA MET B 1929 -49.35 -78.12 -34.37
C MET B 1929 -48.84 -77.05 -33.40
N LYS B 1930 -49.73 -76.11 -33.07
CA LYS B 1930 -49.39 -75.07 -32.12
C LYS B 1930 -49.37 -75.63 -30.71
N LEU B 1931 -48.31 -75.34 -29.96
CA LEU B 1931 -48.11 -75.90 -28.64
C LEU B 1931 -47.73 -74.83 -27.65
N PRO B 1932 -48.04 -75.02 -26.36
CA PRO B 1932 -47.56 -74.08 -25.34
C PRO B 1932 -46.07 -74.24 -25.05
N GLU B 1933 -45.57 -73.51 -24.06
CA GLU B 1933 -44.14 -73.48 -23.81
C GLU B 1933 -43.64 -74.78 -23.18
N SER B 1934 -44.43 -75.37 -22.28
CA SER B 1934 -44.01 -76.59 -21.61
C SER B 1934 -43.82 -77.73 -22.60
N VAL B 1935 -44.74 -77.88 -23.56
CA VAL B 1935 -44.62 -78.91 -24.56
C VAL B 1935 -43.36 -78.69 -25.40
N LYS B 1936 -43.05 -77.43 -25.71
CA LYS B 1936 -41.84 -77.11 -26.46
C LYS B 1936 -40.60 -77.50 -25.67
N LEU B 1937 -40.60 -77.25 -24.36
CA LEU B 1937 -39.46 -77.64 -23.53
C LEU B 1937 -39.29 -79.15 -23.52
N GLN B 1938 -40.39 -79.90 -23.36
CA GLN B 1938 -40.31 -81.35 -23.37
C GLN B 1938 -39.82 -81.86 -24.73
N MET B 1939 -40.24 -81.22 -25.82
CA MET B 1939 -39.80 -81.65 -27.13
C MET B 1939 -38.33 -81.35 -27.37
N CYS B 1940 -37.84 -80.23 -26.82
CA CYS B 1940 -36.40 -79.97 -26.87
C CYS B 1940 -35.62 -81.03 -26.11
N ASN B 1941 -36.14 -81.44 -24.94
CA ASN B 1941 -35.52 -82.54 -24.22
C ASN B 1941 -35.53 -83.82 -25.04
N LEU B 1942 -36.61 -84.04 -25.80
CA LEU B 1942 -36.68 -85.21 -26.68
C LEU B 1942 -35.61 -85.14 -27.76
N LEU B 1943 -35.41 -83.96 -28.36
CA LEU B 1943 -34.46 -83.84 -29.47
C LEU B 1943 -33.02 -83.94 -29.00
N GLU B 1944 -32.75 -83.53 -27.76
CA GLU B 1944 -31.39 -83.64 -27.22
C GLU B 1944 -30.92 -85.09 -27.23
N TYR B 1945 -31.83 -86.03 -26.93
CA TYR B 1945 -31.45 -87.44 -26.94
C TYR B 1945 -30.99 -87.89 -28.32
N PHE B 1946 -31.71 -87.50 -29.37
CA PHE B 1946 -31.32 -87.91 -30.72
C PHE B 1946 -30.02 -87.24 -31.15
N CYS B 1947 -29.80 -85.99 -30.73
CA CYS B 1947 -28.51 -85.35 -31.00
C CYS B 1947 -27.37 -86.12 -30.34
N ASP B 1948 -27.57 -86.53 -29.09
CA ASP B 1948 -26.56 -87.32 -28.39
C ASP B 1948 -26.32 -88.66 -29.08
N GLN B 1949 -27.39 -89.28 -29.57
CA GLN B 1949 -27.23 -90.54 -30.30
C GLN B 1949 -26.41 -90.35 -31.57
N GLU B 1950 -26.65 -89.26 -32.28
CA GLU B 1950 -25.85 -88.97 -33.48
C GLU B 1950 -24.38 -88.78 -33.12
N LEU B 1951 -24.10 -88.04 -32.05
CA LEU B 1951 -22.71 -87.85 -31.63
C LEU B 1951 -22.05 -89.18 -31.26
N GLN B 1952 -22.77 -90.03 -30.53
CA GLN B 1952 -22.22 -91.32 -30.14
C GLN B 1952 -21.97 -92.20 -31.36
N HIS B 1953 -22.88 -92.16 -32.33
CA HIS B 1953 -22.65 -92.92 -33.56
C HIS B 1953 -21.40 -92.44 -34.28
N ARG B 1954 -21.20 -91.13 -34.34
CA ARG B 1954 -20.00 -90.60 -35.00
C ARG B 1954 -18.72 -91.05 -34.28
N VAL B 1955 -18.72 -90.98 -32.95
CA VAL B 1955 -17.50 -91.36 -32.22
C VAL B 1955 -17.24 -92.86 -32.34
N GLU B 1956 -18.29 -93.68 -32.34
CA GLU B 1956 -18.10 -95.11 -32.50
C GLU B 1956 -17.58 -95.45 -33.90
N SER B 1957 -18.09 -94.76 -34.92
CA SER B 1957 -17.58 -94.98 -36.27
C SER B 1957 -16.11 -94.58 -36.37
N LEU B 1958 -15.73 -93.48 -35.73
CA LEU B 1958 -14.33 -93.08 -35.73
C LEU B 1958 -13.46 -94.13 -35.05
N ALA B 1959 -13.93 -94.68 -33.92
CA ALA B 1959 -13.17 -95.72 -33.24
C ALA B 1959 -13.03 -96.96 -34.11
N ALA B 1960 -14.10 -97.34 -34.80
CA ALA B 1960 -14.04 -98.51 -35.68
C ALA B 1960 -13.04 -98.29 -36.82
N PHE B 1961 -13.04 -97.10 -37.41
CA PHE B 1961 -12.08 -96.81 -38.46
C PHE B 1961 -10.65 -96.83 -37.93
N ALA B 1962 -10.45 -96.33 -36.71
CA ALA B 1962 -9.13 -96.40 -36.10
C ALA B 1962 -8.67 -97.84 -35.94
N GLU B 1963 -9.58 -98.71 -35.49
CA GLU B 1963 -9.26 -100.14 -35.37
C GLU B 1963 -8.88 -100.73 -36.73
N ARG B 1964 -9.64 -100.39 -37.77
CA ARG B 1964 -9.35 -100.93 -39.09
C ARG B 1964 -8.03 -100.41 -39.64
N TYR B 1965 -7.65 -99.17 -39.30
CA TYR B 1965 -6.48 -98.54 -39.90
C TYR B 1965 -5.19 -98.92 -39.17
N VAL B 1966 -5.26 -99.16 -37.86
CA VAL B 1966 -4.05 -99.46 -37.09
C VAL B 1966 -3.40 -100.75 -37.58
N ASP B 1967 -4.20 -101.77 -37.86
CA ASP B 1967 -3.64 -103.04 -38.31
C ASP B 1967 -2.92 -102.89 -39.65
N LYS B 1968 -3.52 -102.15 -40.59
CA LYS B 1968 -2.88 -101.91 -41.88
C LYS B 1968 -1.59 -101.13 -41.70
N LEU B 1969 -1.61 -100.11 -40.82
CA LEU B 1969 -0.40 -99.34 -40.57
C LEU B 1969 0.71 -100.22 -39.99
N GLN B 1970 0.37 -101.10 -39.05
CA GLN B 1970 1.36 -101.98 -38.46
C GLN B 1970 1.94 -102.95 -39.48
N ALA B 1971 1.07 -103.52 -40.33
CA ALA B 1971 1.56 -104.44 -41.35
C ALA B 1971 2.49 -103.73 -42.34
N ASN B 1972 2.10 -102.52 -42.76
CA ASN B 1972 2.95 -101.76 -43.67
C ASN B 1972 4.28 -101.42 -43.03
N GLN B 1973 4.27 -101.03 -41.76
CA GLN B 1973 5.51 -100.71 -41.07
C GLN B 1973 6.41 -101.94 -40.95
N ARG B 1974 5.81 -103.10 -40.67
CA ARG B 1974 6.60 -104.33 -40.60
C ARG B 1974 7.23 -104.66 -41.95
N SER B 1975 6.48 -104.50 -43.03
CA SER B 1975 7.04 -104.75 -44.36
C SER B 1975 8.17 -103.77 -44.67
N ARG B 1976 7.98 -102.49 -44.33
CA ARG B 1976 9.02 -101.50 -44.58
C ARG B 1976 10.26 -101.78 -43.73
N TYR B 1977 10.07 -102.25 -42.50
CA TYR B 1977 11.21 -102.62 -41.66
C TYR B 1977 11.96 -103.80 -42.25
N ALA B 1978 11.22 -104.79 -42.76
CA ALA B 1978 11.86 -105.93 -43.41
C ALA B 1978 12.68 -105.48 -44.61
N LEU B 1979 12.15 -104.54 -45.39
CA LEU B 1979 12.92 -104.00 -46.52
C LEU B 1979 14.13 -103.21 -46.05
N LEU B 1980 13.97 -102.44 -44.97
CA LEU B 1980 15.01 -101.51 -44.55
C LEU B 1980 16.18 -102.23 -43.90
N MET B 1981 15.90 -103.23 -43.05
CA MET B 1981 16.97 -103.94 -42.36
C MET B 1981 17.86 -104.68 -43.35
N ARG B 1982 17.27 -105.27 -44.39
CA ARG B 1982 18.03 -105.97 -45.41
C ARG B 1982 18.87 -105.02 -46.24
N ALA B 1983 18.54 -103.72 -46.26
CA ALA B 1983 19.25 -102.76 -47.09
C ALA B 1983 20.62 -102.44 -46.54
N PHE B 1984 21.55 -103.41 -46.62
CA PHE B 1984 22.91 -103.20 -46.16
C PHE B 1984 23.80 -102.53 -47.19
N THR B 1985 23.34 -102.41 -48.44
CA THR B 1985 24.16 -101.77 -49.47
C THR B 1985 24.25 -100.27 -49.25
N MET B 1986 23.12 -99.57 -49.27
CA MET B 1986 23.07 -98.14 -48.98
C MET B 1986 23.01 -97.96 -47.48
N SER B 1987 24.18 -98.03 -46.84
CA SER B 1987 24.24 -97.97 -45.38
C SER B 1987 23.78 -96.61 -44.86
N ALA B 1988 24.22 -95.52 -45.50
CA ALA B 1988 23.84 -94.20 -45.05
C ALA B 1988 22.34 -93.96 -45.20
N ALA B 1989 21.76 -94.35 -46.33
CA ALA B 1989 20.32 -94.21 -46.54
C ALA B 1989 19.55 -95.07 -45.55
N GLU B 1990 20.03 -96.29 -45.29
CA GLU B 1990 19.36 -97.16 -44.33
C GLU B 1990 19.39 -96.56 -42.93
N THR B 1991 20.54 -96.01 -42.52
CA THR B 1991 20.63 -95.39 -41.21
C THR B 1991 19.73 -94.17 -41.11
N ALA B 1992 19.68 -93.35 -42.17
CA ALA B 1992 18.81 -92.18 -42.16
C ALA B 1992 17.34 -92.59 -42.06
N ARG B 1993 16.93 -93.60 -42.83
CA ARG B 1993 15.53 -94.05 -42.77
C ARG B 1993 15.21 -94.64 -41.39
N ARG B 1994 16.15 -95.39 -40.82
CA ARG B 1994 15.93 -95.95 -39.48
C ARG B 1994 15.78 -94.84 -38.45
N THR B 1995 16.65 -93.83 -38.50
CA THR B 1995 16.53 -92.72 -37.56
C THR B 1995 15.24 -91.94 -37.78
N ARG B 1996 14.76 -91.88 -39.02
CA ARG B 1996 13.55 -91.12 -39.31
C ARG B 1996 12.31 -91.84 -38.79
N GLU B 1997 12.10 -93.08 -39.23
CA GLU B 1997 10.85 -93.75 -38.93
C GLU B 1997 10.91 -94.66 -37.69
N PHE B 1998 12.02 -95.34 -37.48
CA PHE B 1998 12.17 -96.23 -36.34
C PHE B 1998 12.99 -95.56 -35.25
N ARG B 1999 13.29 -96.30 -34.19
CA ARG B 1999 14.12 -95.82 -33.08
C ARG B 1999 13.58 -94.51 -32.51
N SER B 2000 12.26 -94.42 -32.40
CA SER B 2000 11.57 -93.24 -31.91
C SER B 2000 10.45 -93.67 -30.99
N PRO B 2001 10.00 -92.79 -30.10
CA PRO B 2001 8.82 -93.11 -29.29
C PRO B 2001 7.63 -93.40 -30.18
N PRO B 2002 6.76 -94.31 -29.77
CA PRO B 2002 5.61 -94.67 -30.62
C PRO B 2002 4.72 -93.49 -30.95
N GLN B 2003 4.52 -92.57 -30.00
CA GLN B 2003 3.67 -91.42 -30.26
C GLN B 2003 4.26 -90.53 -31.34
N GLU B 2004 5.56 -90.22 -31.24
CA GLU B 2004 6.20 -89.42 -32.27
C GLU B 2004 6.21 -90.14 -33.61
N GLN B 2005 6.41 -91.46 -33.59
CA GLN B 2005 6.40 -92.23 -34.83
C GLN B 2005 5.06 -92.16 -35.51
N ILE B 2006 3.98 -92.33 -34.75
CA ILE B 2006 2.65 -92.29 -35.36
C ILE B 2006 2.29 -90.88 -35.79
N ASN B 2007 2.76 -89.85 -35.07
CA ASN B 2007 2.55 -88.48 -35.52
C ASN B 2007 3.24 -88.23 -36.86
N MET B 2008 4.49 -88.71 -37.00
CA MET B 2008 5.20 -88.57 -38.26
C MET B 2008 4.49 -89.32 -39.38
N LEU B 2009 3.96 -90.52 -39.07
CA LEU B 2009 3.24 -91.29 -40.07
C LEU B 2009 1.98 -90.57 -40.51
N LEU B 2010 1.24 -89.96 -39.58
CA LEU B 2010 -0.02 -89.32 -39.91
C LEU B 2010 0.14 -87.90 -40.47
N HIS B 2011 1.31 -87.29 -40.33
CA HIS B 2011 1.52 -85.92 -40.80
C HIS B 2011 1.78 -85.98 -42.31
N PHE B 2012 0.68 -86.14 -43.07
CA PHE B 2012 0.77 -86.13 -44.52
C PHE B 2012 -0.40 -85.40 -45.17
N LYS B 2013 -1.09 -84.53 -44.43
CA LYS B 2013 -2.29 -83.90 -44.98
C LYS B 2013 -1.97 -83.02 -46.18
N ASP B 2014 -0.87 -82.27 -46.11
CA ASP B 2014 -0.49 -81.38 -47.19
C ASP B 2014 0.20 -82.15 -48.31
N GLU B 2015 0.19 -81.56 -49.51
CA GLU B 2015 0.85 -82.19 -50.65
C GLU B 2015 2.35 -82.30 -50.42
N ALA B 2016 2.96 -81.27 -49.86
CA ALA B 2016 4.39 -81.32 -49.55
C ALA B 2016 4.68 -82.40 -48.51
N ASP B 2017 3.83 -82.50 -47.49
CA ASP B 2017 4.01 -83.52 -46.46
C ASP B 2017 3.78 -84.93 -46.99
N GLU B 2018 3.01 -85.07 -48.08
CA GLU B 2018 2.78 -86.39 -48.66
C GLU B 2018 4.08 -87.02 -49.15
N GLU B 2019 4.93 -86.22 -49.79
CA GLU B 2019 6.22 -86.74 -50.25
C GLU B 2019 7.11 -87.14 -49.08
N ASP B 2020 7.13 -86.34 -48.01
CA ASP B 2020 7.94 -86.67 -46.85
C ASP B 2020 7.44 -87.93 -46.16
N CYS B 2021 6.13 -88.11 -46.07
CA CYS B 2021 5.58 -89.29 -45.42
C CYS B 2021 5.84 -90.53 -46.29
N PRO B 2022 6.32 -91.64 -45.72
CA PRO B 2022 6.58 -92.84 -46.50
C PRO B 2022 5.37 -93.72 -46.75
N LEU B 2023 4.17 -93.29 -46.36
CA LEU B 2023 2.99 -94.11 -46.52
C LEU B 2023 2.64 -94.25 -48.00
N PRO B 2024 2.08 -95.39 -48.40
CA PRO B 2024 1.70 -95.59 -49.81
C PRO B 2024 0.47 -94.78 -50.18
N GLU B 2025 0.28 -94.65 -51.49
CA GLU B 2025 -0.81 -93.82 -52.01
C GLU B 2025 -2.18 -94.36 -51.59
N ASP B 2026 -2.37 -95.67 -51.67
CA ASP B 2026 -3.65 -96.26 -51.28
C ASP B 2026 -3.91 -96.09 -49.78
N ILE B 2027 -2.87 -96.28 -48.96
CA ILE B 2027 -3.02 -96.12 -47.51
C ILE B 2027 -3.38 -94.68 -47.18
N ARG B 2028 -2.77 -93.71 -47.87
CA ARG B 2028 -3.11 -92.31 -47.64
C ARG B 2028 -4.53 -92.00 -48.14
N GLN B 2029 -4.91 -92.58 -49.28
CA GLN B 2029 -6.23 -92.31 -49.86
C GLN B 2029 -7.34 -92.87 -48.99
N ASP B 2030 -7.10 -93.97 -48.29
CA ASP B 2030 -8.09 -94.48 -47.36
C ASP B 2030 -8.42 -93.44 -46.29
N LEU B 2031 -7.38 -92.86 -45.67
CA LEU B 2031 -7.60 -91.84 -44.66
C LEU B 2031 -8.26 -90.60 -45.26
N GLN B 2032 -7.86 -90.22 -46.47
CA GLN B 2032 -8.46 -89.05 -47.11
C GLN B 2032 -9.95 -89.27 -47.33
N ASP B 2033 -10.33 -90.45 -47.83
CA ASP B 2033 -11.73 -90.75 -48.07
C ASP B 2033 -12.52 -90.79 -46.77
N PHE B 2034 -11.95 -91.38 -45.71
CA PHE B 2034 -12.67 -91.40 -44.45
C PHE B 2034 -12.85 -90.00 -43.88
N HIS B 2035 -11.83 -89.14 -44.02
CA HIS B 2035 -11.95 -87.77 -43.54
C HIS B 2035 -13.02 -87.02 -44.31
N GLN B 2036 -13.08 -87.21 -45.63
CA GLN B 2036 -14.11 -86.57 -46.42
C GLN B 2036 -15.51 -87.05 -46.01
N ASP B 2037 -15.65 -88.35 -45.77
CA ASP B 2037 -16.94 -88.88 -45.33
C ASP B 2037 -17.31 -88.34 -43.95
N LEU B 2038 -16.33 -88.19 -43.06
CA LEU B 2038 -16.59 -87.63 -41.75
C LEU B 2038 -17.07 -86.19 -41.83
N LEU B 2039 -16.43 -85.40 -42.70
CA LEU B 2039 -16.90 -84.02 -42.90
C LEU B 2039 -18.30 -84.00 -43.48
N ALA B 2040 -18.59 -84.89 -44.44
CA ALA B 2040 -19.93 -84.94 -45.02
C ALA B 2040 -20.96 -85.29 -43.96
N HIS B 2041 -20.66 -86.25 -43.08
CA HIS B 2041 -21.58 -86.61 -42.02
C HIS B 2041 -21.78 -85.46 -41.04
N CYS B 2042 -20.70 -84.78 -40.67
CA CYS B 2042 -20.81 -83.63 -39.77
C CYS B 2042 -21.53 -82.46 -40.41
N GLY B 2043 -21.63 -82.44 -41.75
CA GLY B 2043 -22.34 -81.39 -42.43
C GLY B 2043 -21.49 -80.23 -42.93
N ILE B 2044 -20.16 -80.38 -42.93
CA ILE B 2044 -19.26 -79.32 -43.39
C ILE B 2044 -19.13 -79.51 -44.90
N GLN B 2045 -20.07 -78.91 -45.63
CA GLN B 2045 -20.08 -79.02 -47.09
C GLN B 2045 -20.86 -77.87 -47.72
N LYS B 2089 -38.57 -75.33 -48.91
CA LYS B 2089 -37.35 -76.00 -48.49
C LYS B 2089 -37.64 -77.06 -47.43
N LYS B 2090 -37.98 -78.26 -47.89
CA LYS B 2090 -38.28 -79.35 -46.97
C LYS B 2090 -37.00 -79.84 -46.33
N PRO B 2091 -36.91 -79.88 -45.00
CA PRO B 2091 -35.70 -80.37 -44.35
C PRO B 2091 -35.46 -81.84 -44.66
N GLN B 2092 -34.18 -82.21 -44.73
CA GLN B 2092 -33.78 -83.58 -45.03
C GLN B 2092 -33.03 -84.26 -43.90
N SER B 2093 -32.73 -83.55 -42.81
CA SER B 2093 -31.93 -84.12 -41.74
C SER B 2093 -32.32 -83.47 -40.42
N LEU B 2094 -31.86 -84.10 -39.33
CA LEU B 2094 -32.18 -83.63 -37.99
C LEU B 2094 -31.63 -82.24 -37.75
N GLN B 2095 -30.44 -81.95 -38.26
CA GLN B 2095 -29.84 -80.64 -38.05
C GLN B 2095 -30.69 -79.53 -38.68
N GLU B 2096 -31.07 -79.72 -39.95
CA GLU B 2096 -31.92 -78.74 -40.61
C GLU B 2096 -33.27 -78.63 -39.92
N LEU B 2097 -33.85 -79.76 -39.52
CA LEU B 2097 -35.15 -79.73 -38.86
C LEU B 2097 -35.07 -78.91 -37.57
N VAL B 2098 -34.07 -79.18 -36.74
CA VAL B 2098 -33.94 -78.49 -35.46
C VAL B 2098 -33.69 -77.00 -35.67
N SER B 2099 -32.79 -76.66 -36.60
CA SER B 2099 -32.49 -75.25 -36.84
C SER B 2099 -33.72 -74.49 -37.32
N HIS B 2100 -34.44 -75.07 -38.29
CA HIS B 2100 -35.64 -74.41 -38.80
C HIS B 2100 -36.70 -74.29 -37.72
N MET B 2101 -36.88 -75.33 -36.91
CA MET B 2101 -37.89 -75.28 -35.87
C MET B 2101 -37.56 -74.21 -34.84
N VAL B 2102 -36.29 -74.12 -34.43
CA VAL B 2102 -35.91 -73.12 -33.43
C VAL B 2102 -36.11 -71.71 -33.98
N VAL B 2103 -35.65 -71.48 -35.21
CA VAL B 2103 -35.79 -70.15 -35.80
C VAL B 2103 -37.25 -69.79 -35.97
N ARG B 2104 -38.07 -70.72 -36.44
CA ARG B 2104 -39.48 -70.46 -36.63
C ARG B 2104 -40.18 -70.19 -35.31
N TRP B 2105 -39.81 -70.92 -34.25
CA TRP B 2105 -40.41 -70.66 -32.94
C TRP B 2105 -40.06 -69.26 -32.45
N ALA B 2106 -38.78 -68.89 -32.53
CA ALA B 2106 -38.36 -67.57 -32.08
C ALA B 2106 -39.01 -66.47 -32.89
N GLN B 2107 -39.26 -66.71 -34.17
CA GLN B 2107 -39.97 -65.74 -34.99
C GLN B 2107 -41.44 -65.68 -34.65
N GLU B 2108 -42.03 -66.82 -34.30
CA GLU B 2108 -43.48 -66.88 -34.06
C GLU B 2108 -43.86 -66.23 -32.76
N ASP B 2109 -43.06 -66.40 -31.71
CA ASP B 2109 -43.44 -65.78 -30.45
C ASP B 2109 -42.21 -65.34 -29.66
N TYR B 2110 -42.43 -64.35 -28.80
CA TYR B 2110 -41.41 -63.85 -27.88
C TYR B 2110 -41.45 -64.74 -26.63
N VAL B 2111 -40.50 -65.65 -26.52
CA VAL B 2111 -40.52 -66.65 -25.45
C VAL B 2111 -40.26 -65.97 -24.12
N GLN B 2112 -41.10 -66.26 -23.14
CA GLN B 2112 -40.99 -65.68 -21.80
C GLN B 2112 -40.37 -66.63 -20.79
N SER B 2113 -39.92 -67.81 -21.22
CA SER B 2113 -39.36 -68.80 -20.30
C SER B 2113 -37.84 -68.83 -20.46
N PRO B 2114 -37.07 -68.41 -19.46
CA PRO B 2114 -35.60 -68.48 -19.58
C PRO B 2114 -35.09 -69.90 -19.82
N GLU B 2115 -35.69 -70.89 -19.16
CA GLU B 2115 -35.27 -72.28 -19.37
C GLU B 2115 -35.53 -72.71 -20.80
N LEU B 2116 -36.70 -72.37 -21.35
CA LEU B 2116 -37.00 -72.72 -22.74
C LEU B 2116 -36.04 -72.03 -23.68
N VAL B 2117 -35.74 -70.75 -23.44
CA VAL B 2117 -34.84 -70.00 -24.31
C VAL B 2117 -33.45 -70.63 -24.30
N ARG B 2118 -32.94 -70.94 -23.11
CA ARG B 2118 -31.65 -71.60 -23.00
C ARG B 2118 -31.67 -72.94 -23.73
N ALA B 2119 -32.77 -73.69 -23.60
CA ALA B 2119 -32.86 -74.98 -24.28
C ALA B 2119 -32.78 -74.82 -25.79
N MET B 2120 -33.57 -73.91 -26.36
CA MET B 2120 -33.56 -73.78 -27.83
C MET B 2120 -32.20 -73.32 -28.33
N PHE B 2121 -31.58 -72.36 -27.63
CA PHE B 2121 -30.32 -71.83 -28.15
C PHE B 2121 -29.18 -72.83 -27.97
N SER B 2122 -29.16 -73.57 -26.86
CA SER B 2122 -28.16 -74.61 -26.69
C SER B 2122 -28.33 -75.72 -27.72
N LEU B 2123 -29.58 -76.08 -28.04
CA LEU B 2123 -29.81 -77.07 -29.07
C LEU B 2123 -29.39 -76.55 -30.44
N LEU B 2124 -29.64 -75.27 -30.72
CA LEU B 2124 -29.29 -74.69 -32.01
C LEU B 2124 -27.78 -74.61 -32.20
N HIS B 2125 -27.05 -74.31 -31.14
CA HIS B 2125 -25.60 -74.14 -31.26
C HIS B 2125 -24.91 -75.42 -31.73
N ARG B 2126 -25.38 -76.57 -31.23
CA ARG B 2126 -24.74 -77.85 -31.55
C ARG B 2126 -24.84 -78.17 -33.04
N GLN B 2127 -26.00 -77.88 -33.64
CA GLN B 2127 -26.19 -78.20 -35.06
C GLN B 2127 -25.18 -77.47 -35.92
N TYR B 2128 -24.93 -76.20 -35.62
CA TYR B 2128 -23.93 -75.45 -36.38
C TYR B 2128 -22.52 -75.92 -36.04
N ASP B 2129 -22.21 -76.06 -34.75
CA ASP B 2129 -20.89 -76.51 -34.33
C ASP B 2129 -20.87 -78.00 -34.02
N GLY B 2130 -21.30 -78.81 -34.99
CA GLY B 2130 -21.20 -80.25 -34.82
C GLY B 2130 -19.77 -80.76 -34.72
N LEU B 2131 -18.87 -80.19 -35.53
CA LEU B 2131 -17.47 -80.63 -35.52
C LEU B 2131 -16.81 -80.34 -34.18
N GLY B 2132 -17.05 -79.15 -33.62
CA GLY B 2132 -16.50 -78.83 -32.32
C GLY B 2132 -17.00 -79.73 -31.22
N GLU B 2133 -18.26 -80.17 -31.32
CA GLU B 2133 -18.80 -81.11 -30.34
C GLU B 2133 -18.02 -82.42 -30.36
N LEU B 2134 -17.73 -82.94 -31.56
CA LEU B 2134 -16.91 -84.14 -31.66
C LEU B 2134 -15.50 -83.88 -31.15
N LEU B 2135 -14.95 -82.70 -31.43
CA LEU B 2135 -13.61 -82.38 -30.96
C LEU B 2135 -13.53 -82.40 -29.43
N ARG B 2136 -14.54 -81.83 -28.76
CA ARG B 2136 -14.55 -81.85 -27.31
C ARG B 2136 -14.99 -83.19 -26.73
N ALA B 2137 -15.67 -84.03 -27.50
CA ALA B 2137 -16.08 -85.34 -27.00
C ALA B 2137 -15.00 -86.40 -27.15
N LEU B 2138 -14.07 -86.20 -28.10
CA LEU B 2138 -12.99 -87.17 -28.28
C LEU B 2138 -12.13 -87.40 -27.03
N PRO B 2139 -11.80 -86.39 -26.22
CA PRO B 2139 -10.99 -86.67 -25.01
C PRO B 2139 -11.56 -87.74 -24.10
N ARG B 2140 -12.89 -87.86 -24.01
CA ARG B 2140 -13.49 -88.88 -23.16
C ARG B 2140 -13.58 -90.24 -23.83
N ALA B 2141 -13.23 -90.35 -25.10
CA ALA B 2141 -13.27 -91.64 -25.78
C ALA B 2141 -12.11 -92.53 -25.32
N TYR B 2142 -12.35 -93.83 -25.33
CA TYR B 2142 -11.34 -94.79 -24.92
C TYR B 2142 -11.64 -96.14 -25.56
N THR B 2143 -10.59 -96.87 -25.89
CA THR B 2143 -10.70 -98.17 -26.52
C THR B 2143 -10.01 -99.22 -25.64
N ILE B 2144 -10.72 -100.32 -25.37
CA ILE B 2144 -10.21 -101.38 -24.51
C ILE B 2144 -10.27 -102.70 -25.26
N SER B 2145 -9.51 -103.67 -24.76
CA SER B 2145 -9.50 -104.99 -25.36
C SER B 2145 -10.77 -105.76 -24.99
N PRO B 2146 -11.22 -106.67 -25.85
CA PRO B 2146 -12.44 -107.44 -25.54
C PRO B 2146 -12.30 -108.34 -24.32
N SER B 2147 -11.08 -108.65 -23.89
CA SER B 2147 -10.88 -109.55 -22.76
C SER B 2147 -11.01 -108.86 -21.41
N SER B 2148 -11.09 -107.53 -21.38
CA SER B 2148 -11.20 -106.78 -20.13
C SER B 2148 -12.57 -106.16 -19.92
N VAL B 2149 -13.56 -106.55 -20.74
CA VAL B 2149 -14.87 -105.89 -20.68
C VAL B 2149 -15.56 -106.19 -19.37
N GLU B 2150 -15.41 -107.39 -18.83
CA GLU B 2150 -16.06 -107.75 -17.58
C GLU B 2150 -15.53 -106.89 -16.43
N ASP B 2151 -14.21 -106.76 -16.33
CA ASP B 2151 -13.64 -105.94 -15.28
C ASP B 2151 -13.93 -104.46 -15.49
N THR B 2152 -13.98 -104.01 -16.74
CA THR B 2152 -14.36 -102.62 -16.99
C THR B 2152 -15.80 -102.36 -16.55
N MET B 2153 -16.70 -103.31 -16.81
CA MET B 2153 -18.08 -103.16 -16.36
C MET B 2153 -18.16 -103.16 -14.83
N SER B 2154 -17.36 -104.00 -14.18
CA SER B 2154 -17.32 -104.00 -12.72
C SER B 2154 -16.83 -102.66 -12.19
N LEU B 2155 -15.80 -102.09 -12.82
CA LEU B 2155 -15.30 -100.79 -12.41
C LEU B 2155 -16.37 -99.70 -12.59
N LEU B 2156 -17.09 -99.75 -13.71
CA LEU B 2156 -18.16 -98.78 -13.93
C LEU B 2156 -19.26 -98.91 -12.89
N GLU B 2157 -19.63 -100.15 -12.54
CA GLU B 2157 -20.64 -100.34 -11.51
C GLU B 2157 -20.17 -99.82 -10.15
N CYS B 2158 -18.89 -100.05 -9.82
CA CYS B 2158 -18.37 -99.52 -8.57
C CYS B 2158 -18.35 -97.99 -8.57
N LEU B 2159 -17.99 -97.37 -9.70
CA LEU B 2159 -17.92 -95.91 -9.77
C LEU B 2159 -19.31 -95.29 -9.75
N GLY B 2160 -20.31 -96.00 -10.25
CA GLY B 2160 -21.67 -95.46 -10.25
C GLY B 2160 -22.18 -95.16 -8.85
N GLN B 2161 -21.92 -96.07 -7.90
CA GLN B 2161 -22.36 -95.84 -6.52
C GLN B 2161 -21.66 -94.64 -5.91
N ILE B 2162 -20.36 -94.50 -6.17
CA ILE B 2162 -19.62 -93.35 -5.63
C ILE B 2162 -20.18 -92.05 -6.19
N ARG B 2163 -20.47 -92.03 -7.50
CA ARG B 2163 -21.06 -90.83 -8.09
C ARG B 2163 -22.45 -90.56 -7.51
N SER B 2164 -23.24 -91.61 -7.28
CA SER B 2164 -24.59 -91.42 -6.79
C SER B 2164 -24.62 -90.94 -5.35
N LEU B 2165 -23.64 -91.34 -4.54
CA LEU B 2165 -23.63 -90.95 -3.14
C LEU B 2165 -23.14 -89.52 -2.91
N LEU B 2166 -22.93 -88.74 -3.97
CA LEU B 2166 -22.59 -87.33 -3.80
C LEU B 2166 -23.79 -86.51 -3.37
N ILE B 2167 -24.96 -86.77 -3.96
CA ILE B 2167 -26.15 -85.98 -3.68
C ILE B 2167 -26.77 -86.29 -2.33
N VAL B 2168 -26.28 -87.31 -1.62
CA VAL B 2168 -26.81 -87.70 -0.33
C VAL B 2168 -25.90 -87.16 0.76
N GLN B 2169 -26.51 -86.65 1.84
CA GLN B 2169 -25.73 -86.23 2.99
C GLN B 2169 -25.03 -87.44 3.62
N MET B 2170 -23.78 -87.23 4.02
CA MET B 2170 -22.93 -88.34 4.43
C MET B 2170 -23.40 -88.90 5.77
N GLY B 2171 -23.47 -90.23 5.86
CA GLY B 2171 -23.87 -90.91 7.06
C GLY B 2171 -23.09 -92.18 7.28
N PRO B 2172 -23.44 -92.96 8.31
CA PRO B 2172 -22.68 -94.20 8.58
C PRO B 2172 -22.81 -95.22 7.47
N GLN B 2173 -24.04 -95.50 7.02
CA GLN B 2173 -24.24 -96.49 5.96
C GLN B 2173 -23.57 -96.05 4.67
N GLU B 2174 -23.72 -94.77 4.32
CA GLU B 2174 -23.08 -94.24 3.12
C GLU B 2174 -21.56 -94.35 3.21
N GLU B 2175 -21.01 -94.04 4.39
CA GLU B 2175 -19.57 -94.16 4.59
C GLU B 2175 -19.12 -95.60 4.38
N ASN B 2176 -19.86 -96.57 4.95
CA ASN B 2176 -19.49 -97.97 4.79
C ASN B 2176 -19.57 -98.39 3.31
N LEU B 2177 -20.60 -97.94 2.60
CA LEU B 2177 -20.72 -98.26 1.18
C LEU B 2177 -19.54 -97.71 0.40
N MET B 2178 -19.14 -96.47 0.68
CA MET B 2178 -17.98 -95.92 -0.01
C MET B 2178 -16.69 -96.64 0.37
N ILE B 2179 -16.55 -97.09 1.62
CA ILE B 2179 -15.39 -97.88 2.00
C ILE B 2179 -15.31 -99.13 1.13
N GLN B 2180 -16.42 -99.86 1.03
CA GLN B 2180 -16.43 -101.08 0.22
C GLN B 2180 -16.16 -100.77 -1.25
N SER B 2181 -16.76 -99.70 -1.78
CA SER B 2181 -16.56 -99.37 -3.19
C SER B 2181 -15.12 -99.00 -3.47
N ILE B 2182 -14.48 -98.22 -2.58
CA ILE B 2182 -13.09 -97.85 -2.77
C ILE B 2182 -12.21 -99.10 -2.68
N GLY B 2183 -12.50 -99.99 -1.74
CA GLY B 2183 -11.73 -101.23 -1.67
C GLY B 2183 -11.83 -102.04 -2.94
N ASN B 2184 -13.03 -102.16 -3.50
CA ASN B 2184 -13.18 -102.87 -4.77
C ASN B 2184 -12.43 -102.16 -5.89
N ILE B 2185 -12.42 -100.83 -5.87
CA ILE B 2185 -11.68 -100.08 -6.90
C ILE B 2185 -10.20 -100.39 -6.82
N MET B 2186 -9.64 -100.42 -5.62
CA MET B 2186 -8.22 -100.77 -5.47
C MET B 2186 -7.96 -102.20 -5.92
N ASN B 2187 -8.81 -103.14 -5.51
CA ASN B 2187 -8.56 -104.53 -5.86
C ASN B 2187 -8.76 -104.82 -7.34
N ASN B 2188 -9.51 -103.98 -8.05
CA ASN B 2188 -9.69 -104.19 -9.48
C ASN B 2188 -8.37 -104.00 -10.22
N LYS B 2189 -8.10 -104.87 -11.19
CA LYS B 2189 -6.82 -104.84 -11.90
C LYS B 2189 -6.75 -103.72 -12.92
N VAL B 2190 -7.89 -103.28 -13.46
CA VAL B 2190 -7.88 -102.21 -14.46
C VAL B 2190 -7.43 -100.89 -13.87
N PHE B 2191 -7.45 -100.75 -12.54
CA PHE B 2191 -7.07 -99.49 -11.92
C PHE B 2191 -5.62 -99.14 -12.21
N TYR B 2192 -4.71 -100.12 -12.09
CA TYR B 2192 -3.30 -99.88 -12.33
C TYR B 2192 -2.84 -100.29 -13.72
N GLN B 2193 -3.75 -100.78 -14.57
CA GLN B 2193 -3.41 -101.11 -15.95
C GLN B 2193 -3.84 -100.05 -16.94
N HIS B 2194 -4.83 -99.23 -16.61
CA HIS B 2194 -5.29 -98.14 -17.48
C HIS B 2194 -5.37 -96.85 -16.67
N PRO B 2195 -4.23 -96.30 -16.25
CA PRO B 2195 -4.25 -95.01 -15.55
C PRO B 2195 -4.80 -93.89 -16.40
N ASN B 2196 -4.58 -93.94 -17.71
CA ASN B 2196 -5.18 -92.93 -18.59
C ASN B 2196 -6.70 -93.02 -18.56
N LEU B 2197 -7.25 -94.23 -18.57
CA LEU B 2197 -8.70 -94.40 -18.46
C LEU B 2197 -9.21 -93.90 -17.11
N MET B 2198 -8.48 -94.20 -16.03
CA MET B 2198 -8.87 -93.70 -14.72
C MET B 2198 -8.89 -92.18 -14.69
N ARG B 2199 -7.87 -91.55 -15.25
CA ARG B 2199 -7.81 -90.09 -15.29
C ARG B 2199 -8.94 -89.51 -16.14
N ALA B 2200 -9.24 -90.15 -17.27
CA ALA B 2200 -10.33 -89.68 -18.13
C ALA B 2200 -11.66 -89.76 -17.41
N LEU B 2201 -11.90 -90.86 -16.68
CA LEU B 2201 -13.11 -90.94 -15.87
C LEU B 2201 -13.08 -89.92 -14.73
N GLY B 2202 -11.89 -89.53 -14.28
CA GLY B 2202 -11.77 -88.49 -13.27
C GLY B 2202 -12.32 -88.84 -11.90
N MET B 2203 -12.03 -90.04 -11.40
CA MET B 2203 -12.51 -90.42 -10.09
C MET B 2203 -11.74 -89.73 -8.97
N HIS B 2204 -10.54 -89.23 -9.25
CA HIS B 2204 -9.78 -88.51 -8.22
C HIS B 2204 -10.52 -87.26 -7.78
N GLU B 2205 -11.10 -86.52 -8.73
CA GLU B 2205 -11.89 -85.35 -8.37
C GLU B 2205 -13.14 -85.75 -7.58
N THR B 2206 -13.74 -86.89 -7.92
CA THR B 2206 -14.91 -87.35 -7.19
C THR B 2206 -14.58 -87.63 -5.73
N VAL B 2207 -13.53 -88.43 -5.49
CA VAL B 2207 -13.16 -88.72 -4.11
C VAL B 2207 -12.67 -87.47 -3.40
N MET B 2208 -12.06 -86.53 -4.13
CA MET B 2208 -11.69 -85.26 -3.53
C MET B 2208 -12.92 -84.50 -3.04
N GLU B 2209 -13.98 -84.45 -3.85
CA GLU B 2209 -15.19 -83.77 -3.41
C GLU B 2209 -15.85 -84.48 -2.25
N VAL B 2210 -15.78 -85.82 -2.21
CA VAL B 2210 -16.28 -86.55 -1.04
C VAL B 2210 -15.52 -86.14 0.20
N MET B 2211 -14.19 -86.07 0.10
CA MET B 2211 -13.38 -85.68 1.25
C MET B 2211 -13.70 -84.24 1.68
N VAL B 2212 -13.88 -83.35 0.71
CA VAL B 2212 -14.20 -81.96 1.04
C VAL B 2212 -15.54 -81.88 1.74
N ASN B 2213 -16.53 -82.63 1.26
CA ASN B 2213 -17.85 -82.62 1.88
C ASN B 2213 -17.78 -83.15 3.31
N VAL B 2214 -17.04 -84.24 3.53
CA VAL B 2214 -16.98 -84.79 4.88
C VAL B 2214 -16.17 -83.88 5.79
N LEU B 2215 -15.19 -83.15 5.26
CA LEU B 2215 -14.43 -82.22 6.07
C LEU B 2215 -15.25 -80.99 6.45
N GLY B 2216 -16.08 -80.52 5.53
CA GLY B 2216 -16.89 -79.33 5.77
C GLY B 2216 -17.97 -79.54 6.81
N ILE B 2223 -12.89 -84.71 13.74
CA ILE B 2223 -13.75 -84.63 12.57
C ILE B 2223 -14.54 -85.94 12.42
N ARG B 2224 -15.74 -85.84 11.87
CA ARG B 2224 -16.58 -87.02 11.69
C ARG B 2224 -16.08 -87.89 10.54
N PHE B 2225 -16.40 -89.17 10.62
CA PHE B 2225 -16.02 -90.16 9.62
C PHE B 2225 -14.51 -90.20 9.36
N PRO B 2226 -13.71 -90.42 10.41
CA PRO B 2226 -12.25 -90.54 10.19
C PRO B 2226 -11.88 -91.72 9.31
N LYS B 2227 -12.66 -92.81 9.36
CA LYS B 2227 -12.42 -93.92 8.46
C LYS B 2227 -12.61 -93.50 7.00
N MET B 2228 -13.66 -92.73 6.72
CA MET B 2228 -13.86 -92.22 5.37
C MET B 2228 -12.72 -91.30 4.94
N VAL B 2229 -12.29 -90.42 5.84
CA VAL B 2229 -11.18 -89.52 5.51
C VAL B 2229 -9.92 -90.31 5.21
N THR B 2230 -9.61 -91.31 6.05
CA THR B 2230 -8.42 -92.12 5.85
C THR B 2230 -8.49 -92.90 4.54
N SER B 2231 -9.67 -93.46 4.22
CA SER B 2231 -9.81 -94.19 2.97
C SER B 2231 -9.61 -93.29 1.76
N CYS B 2232 -10.19 -92.08 1.79
CA CYS B 2232 -9.99 -91.15 0.68
C CYS B 2232 -8.53 -90.77 0.53
N CYS B 2233 -7.86 -90.48 1.65
CA CYS B 2233 -6.46 -90.08 1.59
C CYS B 2233 -5.57 -91.21 1.08
N ARG B 2234 -5.82 -92.44 1.54
CA ARG B 2234 -5.01 -93.56 1.06
C ARG B 2234 -5.29 -93.87 -0.41
N PHE B 2235 -6.54 -93.71 -0.86
CA PHE B 2235 -6.83 -93.86 -2.27
C PHE B 2235 -6.07 -92.83 -3.10
N LEU B 2236 -6.06 -91.57 -2.64
CA LEU B 2236 -5.33 -90.54 -3.38
C LEU B 2236 -3.83 -90.82 -3.38
N CYS B 2237 -3.29 -91.28 -2.26
CA CYS B 2237 -1.86 -91.60 -2.21
C CYS B 2237 -1.51 -92.74 -3.17
N TYR B 2238 -2.35 -93.79 -3.20
CA TYR B 2238 -2.11 -94.89 -4.13
C TYR B 2238 -2.23 -94.41 -5.57
N PHE B 2239 -3.21 -93.56 -5.85
CA PHE B 2239 -3.37 -93.02 -7.20
C PHE B 2239 -2.15 -92.22 -7.62
N CYS B 2240 -1.60 -91.43 -6.70
CA CYS B 2240 -0.37 -90.69 -6.99
C CYS B 2240 0.79 -91.65 -7.25
N ARG B 2241 0.90 -92.71 -6.44
CA ARG B 2241 1.99 -93.66 -6.62
C ARG B 2241 1.87 -94.47 -7.90
N ILE B 2242 0.66 -94.56 -8.48
CA ILE B 2242 0.47 -95.33 -9.71
C ILE B 2242 1.43 -94.85 -10.79
N SER B 2243 1.30 -93.59 -11.19
CA SER B 2243 2.09 -93.06 -12.30
C SER B 2243 2.36 -91.58 -12.09
N ARG B 2244 3.31 -91.06 -12.86
CA ARG B 2244 3.72 -89.67 -12.69
C ARG B 2244 2.67 -88.70 -13.18
N GLN B 2245 1.97 -89.04 -14.27
CA GLN B 2245 0.92 -88.16 -14.77
C GLN B 2245 -0.22 -88.02 -13.77
N ASN B 2246 -0.53 -89.11 -13.06
CA ASN B 2246 -1.50 -89.01 -11.96
C ASN B 2246 -1.00 -88.08 -10.88
N GLN B 2247 0.29 -88.17 -10.54
CA GLN B 2247 0.87 -87.27 -9.56
C GLN B 2247 0.81 -85.82 -10.02
N ARG B 2248 1.11 -85.57 -11.30
CA ARG B 2248 1.01 -84.22 -11.84
C ARG B 2248 -0.42 -83.70 -11.79
N SER B 2249 -1.39 -84.56 -12.11
CA SER B 2249 -2.79 -84.16 -12.05
C SER B 2249 -3.20 -83.81 -10.62
N MET B 2250 -2.77 -84.61 -9.64
CA MET B 2250 -3.08 -84.31 -8.24
C MET B 2250 -2.33 -83.09 -7.74
N PHE B 2251 -1.21 -82.73 -8.36
CA PHE B 2251 -0.44 -81.57 -7.92
C PHE B 2251 -1.23 -80.27 -8.07
N ASP B 2252 -2.15 -80.21 -9.03
CA ASP B 2252 -2.89 -78.97 -9.29
C ASP B 2252 -3.78 -78.57 -8.13
N HIS B 2253 -4.05 -79.48 -7.19
CA HIS B 2253 -4.88 -79.20 -6.03
C HIS B 2253 -4.07 -79.17 -4.74
N LEU B 2254 -2.75 -79.01 -4.84
CA LEU B 2254 -1.89 -79.05 -3.66
C LEU B 2254 -2.22 -77.93 -2.69
N SER B 2255 -2.40 -76.71 -3.20
CA SER B 2255 -2.67 -75.57 -2.32
C SER B 2255 -4.03 -75.69 -1.64
N TYR B 2256 -5.01 -76.27 -2.32
CA TYR B 2256 -6.36 -76.32 -1.78
C TYR B 2256 -6.44 -77.34 -0.66
N LEU B 2257 -5.75 -78.48 -0.82
CA LEU B 2257 -5.63 -79.43 0.27
C LEU B 2257 -4.95 -78.81 1.49
N LEU B 2258 -4.01 -77.89 1.27
CA LEU B 2258 -3.37 -77.21 2.41
C LEU B 2258 -4.40 -76.39 3.19
N GLU B 2259 -5.29 -75.68 2.50
CA GLU B 2259 -6.35 -74.95 3.19
C GLU B 2259 -7.29 -75.90 3.90
N ASN B 2260 -7.60 -77.04 3.28
CA ASN B 2260 -8.47 -78.01 3.94
C ASN B 2260 -7.81 -78.62 5.18
N SER B 2261 -6.48 -78.70 5.19
CA SER B 2261 -5.77 -79.38 6.27
C SER B 2261 -5.91 -78.63 7.59
N GLY B 2262 -5.80 -79.38 8.68
CA GLY B 2262 -5.85 -78.84 10.02
C GLY B 2262 -5.00 -79.68 10.95
N ILE B 2263 -4.95 -79.26 12.21
CA ILE B 2263 -4.10 -79.96 13.19
C ILE B 2263 -4.64 -81.36 13.47
N GLY B 2264 -5.94 -81.47 13.75
CA GLY B 2264 -6.53 -82.78 13.94
C GLY B 2264 -6.55 -83.59 12.66
N LEU B 2265 -6.89 -82.95 11.54
CA LEU B 2265 -6.86 -83.62 10.25
C LEU B 2265 -5.47 -84.16 9.94
N GLY B 2266 -4.44 -83.35 10.20
CA GLY B 2266 -3.08 -83.83 10.00
C GLY B 2266 -2.72 -84.95 10.94
N MET B 2267 -3.22 -84.90 12.18
CA MET B 2267 -2.92 -85.96 13.14
C MET B 2267 -3.64 -87.25 12.82
N GLN B 2268 -4.69 -87.20 11.99
CA GLN B 2268 -5.26 -88.43 11.46
C GLN B 2268 -4.20 -89.25 10.74
N GLY B 2269 -4.41 -90.57 10.71
CA GLY B 2269 -3.40 -91.46 10.15
C GLY B 2269 -3.07 -91.13 8.71
N SER B 2270 -4.10 -90.91 7.89
CA SER B 2270 -3.93 -90.45 6.51
C SER B 2270 -4.64 -89.11 6.36
N THR B 2271 -3.92 -88.12 5.86
CA THR B 2271 -4.38 -86.75 5.83
C THR B 2271 -4.12 -86.13 4.47
N PRO B 2272 -4.87 -85.08 4.10
CA PRO B 2272 -4.54 -84.35 2.87
C PRO B 2272 -3.12 -83.81 2.85
N LEU B 2273 -2.53 -83.56 4.02
CA LEU B 2273 -1.11 -83.21 4.06
C LEU B 2273 -0.25 -84.36 3.53
N ASP B 2274 -0.57 -85.59 3.93
CA ASP B 2274 0.13 -86.74 3.36
C ASP B 2274 -0.19 -86.91 1.88
N VAL B 2275 -1.40 -86.55 1.46
CA VAL B 2275 -1.73 -86.60 0.03
C VAL B 2275 -0.83 -85.64 -0.75
N ALA B 2276 -0.66 -84.43 -0.24
CA ALA B 2276 0.22 -83.46 -0.88
C ALA B 2276 1.67 -83.92 -0.85
N ALA B 2277 2.10 -84.54 0.26
CA ALA B 2277 3.45 -85.08 0.33
C ALA B 2277 3.66 -86.16 -0.72
N ALA B 2278 2.67 -87.02 -0.92
CA ALA B 2278 2.77 -88.05 -1.96
C ALA B 2278 2.75 -87.44 -3.35
N SER B 2279 2.00 -86.35 -3.54
CA SER B 2279 1.93 -85.70 -4.84
C SER B 2279 3.17 -84.87 -5.15
N VAL B 2280 3.99 -84.56 -4.14
CA VAL B 2280 5.19 -83.77 -4.34
C VAL B 2280 6.49 -84.54 -4.12
N ILE B 2281 6.42 -85.78 -3.63
CA ILE B 2281 7.61 -86.52 -3.25
C ILE B 2281 8.33 -87.04 -4.49
N ASP B 2282 9.66 -86.92 -4.46
CA ASP B 2282 10.54 -87.51 -5.48
C ASP B 2282 10.23 -87.00 -6.88
N ASN B 2283 9.77 -85.75 -6.99
CA ASN B 2283 9.49 -85.12 -8.28
C ASN B 2283 10.22 -83.78 -8.30
N ASN B 2284 11.37 -83.76 -8.98
CA ASN B 2284 12.17 -82.54 -9.01
C ASN B 2284 11.43 -81.40 -9.69
N GLU B 2285 10.77 -81.69 -10.81
CA GLU B 2285 10.06 -80.64 -11.54
C GLU B 2285 8.92 -80.06 -10.71
N LEU B 2286 8.16 -80.92 -10.02
CA LEU B 2286 7.07 -80.42 -9.19
C LEU B 2286 7.60 -79.64 -7.99
N ALA B 2287 8.71 -80.11 -7.40
CA ALA B 2287 9.31 -79.38 -6.29
C ALA B 2287 9.78 -78.00 -6.74
N LEU B 2288 10.34 -77.91 -7.95
CA LEU B 2288 10.71 -76.61 -8.49
C LEU B 2288 9.49 -75.74 -8.75
N ALA B 2289 8.40 -76.36 -9.20
CA ALA B 2289 7.17 -75.64 -9.51
C ALA B 2289 6.35 -75.29 -8.27
N LEU B 2290 6.77 -75.75 -7.09
CA LEU B 2290 6.10 -75.37 -5.85
C LEU B 2290 6.10 -73.85 -5.69
N GLN B 2291 5.23 -73.36 -4.81
CA GLN B 2291 4.97 -71.93 -4.69
C GLN B 2291 5.35 -71.42 -3.30
N GLU B 2292 5.98 -70.24 -3.28
CA GLU B 2292 6.35 -69.61 -2.02
C GLU B 2292 5.12 -69.27 -1.19
N GLN B 2293 3.98 -69.01 -1.83
CA GLN B 2293 2.75 -68.78 -1.07
C GLN B 2293 2.32 -70.03 -0.31
N ASP B 2294 2.39 -71.20 -0.96
CA ASP B 2294 2.07 -72.44 -0.27
C ASP B 2294 3.06 -72.73 0.85
N LEU B 2295 4.35 -72.48 0.60
CA LEU B 2295 5.34 -72.66 1.66
C LEU B 2295 5.08 -71.71 2.83
N GLU B 2296 4.66 -70.48 2.53
CA GLU B 2296 4.32 -69.53 3.58
C GLU B 2296 3.10 -70.01 4.37
N LYS B 2297 2.12 -70.59 3.70
CA LYS B 2297 0.95 -71.13 4.40
C LYS B 2297 1.36 -72.25 5.35
N VAL B 2298 2.20 -73.18 4.88
CA VAL B 2298 2.60 -74.28 5.75
C VAL B 2298 3.47 -73.77 6.89
N VAL B 2299 4.31 -72.77 6.66
CA VAL B 2299 5.09 -72.18 7.74
C VAL B 2299 4.18 -71.48 8.74
N SER B 2300 3.10 -70.84 8.26
CA SER B 2300 2.15 -70.22 9.16
C SER B 2300 1.46 -71.26 10.03
N TYR B 2301 1.09 -72.39 9.45
CA TYR B 2301 0.51 -73.47 10.26
C TYR B 2301 1.51 -73.99 11.29
N LEU B 2302 2.78 -74.13 10.89
CA LEU B 2302 3.81 -74.59 11.81
C LEU B 2302 3.99 -73.61 12.96
N ALA B 2303 3.97 -72.31 12.67
CA ALA B 2303 4.04 -71.31 13.73
C ALA B 2303 2.81 -71.35 14.63
N GLY B 2304 1.64 -71.54 14.03
CA GLY B 2304 0.41 -71.54 14.81
C GLY B 2304 0.32 -72.71 15.78
N CYS B 2305 0.75 -73.90 15.35
CA CYS B 2305 0.64 -75.05 16.23
C CYS B 2305 1.62 -74.99 17.40
N GLY B 2306 2.59 -74.09 17.37
CA GLY B 2306 3.57 -73.94 18.41
C GLY B 2306 3.23 -72.94 19.50
N LEU B 2307 2.01 -72.42 19.52
CA LEU B 2307 1.61 -71.41 20.49
C LEU B 2307 0.50 -71.85 21.43
N GLN B 2308 0.01 -73.09 21.30
CA GLN B 2308 -1.06 -73.56 22.16
C GLN B 2308 -1.02 -75.08 22.22
N SER B 2309 -1.64 -75.64 23.26
CA SER B 2309 -1.70 -77.08 23.42
C SER B 2309 -2.77 -77.68 22.52
N CYS B 2310 -2.66 -78.99 22.31
CA CYS B 2310 -3.59 -79.69 21.42
C CYS B 2310 -4.94 -79.88 22.10
N PRO B 2311 -6.04 -79.54 21.44
CA PRO B 2311 -7.36 -79.72 22.08
C PRO B 2311 -7.65 -81.15 22.49
N MET B 2312 -7.22 -82.13 21.69
CA MET B 2312 -7.48 -83.52 22.03
C MET B 2312 -6.77 -83.91 23.33
N LEU B 2313 -5.50 -83.51 23.47
CA LEU B 2313 -4.76 -83.87 24.67
C LEU B 2313 -5.29 -83.12 25.89
N LEU B 2314 -5.62 -81.83 25.74
CA LEU B 2314 -6.13 -81.11 26.90
C LEU B 2314 -7.53 -81.59 27.28
N ALA B 2315 -8.28 -82.15 26.33
CA ALA B 2315 -9.57 -82.76 26.67
C ALA B 2315 -9.37 -84.10 27.37
N LYS B 2316 -8.41 -84.90 26.90
CA LYS B 2316 -8.10 -86.16 27.56
C LYS B 2316 -7.42 -85.98 28.90
N GLY B 2317 -6.94 -84.77 29.20
CA GLY B 2317 -6.40 -84.46 30.51
C GLY B 2317 -4.89 -84.29 30.57
N TYR B 2318 -4.20 -84.35 29.45
CA TYR B 2318 -2.75 -84.17 29.46
C TYR B 2318 -2.40 -82.73 29.80
N PRO B 2319 -1.29 -82.51 30.50
CA PRO B 2319 -0.93 -81.15 30.93
C PRO B 2319 -0.64 -80.24 29.74
N ASP B 2320 -0.91 -78.95 29.94
CA ASP B 2320 -0.68 -77.95 28.90
C ASP B 2320 0.80 -77.59 28.85
N ILE B 2321 1.38 -77.64 27.66
CA ILE B 2321 2.78 -77.27 27.45
C ILE B 2321 2.93 -76.05 26.58
N GLY B 2322 1.87 -75.54 25.98
CA GLY B 2322 1.92 -74.33 25.19
C GLY B 2322 2.29 -74.50 23.73
N TRP B 2323 2.48 -75.74 23.27
CA TRP B 2323 2.80 -75.97 21.86
C TRP B 2323 2.46 -77.42 21.53
N ASN B 2324 2.45 -77.72 20.22
CA ASN B 2324 2.05 -79.03 19.71
C ASN B 2324 3.20 -79.64 18.93
N PRO B 2325 4.07 -80.41 19.59
CA PRO B 2325 5.11 -81.12 18.84
C PRO B 2325 4.54 -82.12 17.85
N CYS B 2326 3.47 -82.83 18.24
CA CYS B 2326 2.82 -83.74 17.31
C CYS B 2326 2.23 -82.99 16.12
N GLY B 2327 1.70 -81.78 16.38
CA GLY B 2327 1.24 -80.95 15.28
C GLY B 2327 2.38 -80.55 14.35
N GLY B 2328 3.55 -80.22 14.91
CA GLY B 2328 4.67 -79.81 14.09
C GLY B 2328 5.34 -80.92 13.31
N GLU B 2329 5.18 -82.17 13.76
CA GLU B 2329 5.78 -83.29 13.05
C GLU B 2329 5.32 -83.34 11.60
N ARG B 2330 4.02 -83.17 11.36
CA ARG B 2330 3.48 -83.30 10.01
C ARG B 2330 4.05 -82.22 9.09
N TYR B 2331 4.06 -80.98 9.55
CA TYR B 2331 4.59 -79.89 8.73
C TYR B 2331 6.08 -80.06 8.49
N LEU B 2332 6.83 -80.52 9.48
CA LEU B 2332 8.26 -80.72 9.28
C LEU B 2332 8.52 -81.83 8.26
N ASP B 2333 7.73 -82.91 8.31
CA ASP B 2333 7.88 -83.97 7.32
C ASP B 2333 7.54 -83.48 5.92
N PHE B 2334 6.44 -82.73 5.79
CA PHE B 2334 6.08 -82.19 4.47
C PHE B 2334 7.16 -81.25 3.96
N LEU B 2335 7.75 -80.45 4.85
CA LEU B 2335 8.80 -79.53 4.44
C LEU B 2335 10.05 -80.27 3.99
N ARG B 2336 10.44 -81.34 4.68
CA ARG B 2336 11.63 -82.06 4.23
C ARG B 2336 11.37 -82.77 2.90
N PHE B 2337 10.16 -83.27 2.70
CA PHE B 2337 9.82 -83.82 1.38
C PHE B 2337 9.88 -82.75 0.29
N ALA B 2338 9.39 -81.54 0.60
CA ALA B 2338 9.42 -80.46 -0.38
C ALA B 2338 10.85 -80.06 -0.72
N VAL B 2339 11.73 -80.00 0.28
CA VAL B 2339 13.07 -79.49 0.05
C VAL B 2339 13.97 -80.54 -0.59
N PHE B 2340 13.90 -81.78 -0.13
CA PHE B 2340 14.85 -82.81 -0.54
C PHE B 2340 14.22 -83.74 -1.58
N VAL B 2341 14.89 -83.90 -2.72
CA VAL B 2341 14.45 -84.81 -3.78
C VAL B 2341 15.67 -85.53 -4.33
N ASN B 2342 15.56 -86.85 -4.49
CA ASN B 2342 16.56 -87.67 -5.17
C ASN B 2342 17.96 -87.49 -4.54
N GLY B 2343 17.99 -87.37 -3.22
CA GLY B 2343 19.27 -87.27 -2.54
C GLY B 2343 19.97 -85.94 -2.66
N GLU B 2344 19.32 -84.93 -3.22
CA GLU B 2344 19.89 -83.60 -3.37
C GLU B 2344 18.90 -82.57 -2.86
N SER B 2345 19.43 -81.41 -2.48
CA SER B 2345 18.64 -80.34 -1.91
C SER B 2345 18.28 -79.32 -2.99
N VAL B 2346 17.00 -78.96 -3.07
CA VAL B 2346 16.56 -77.91 -3.97
C VAL B 2346 16.97 -76.57 -3.35
N GLU B 2347 17.86 -75.86 -4.03
CA GLU B 2347 18.42 -74.63 -3.46
C GLU B 2347 17.33 -73.57 -3.26
N GLU B 2348 16.47 -73.39 -4.26
CA GLU B 2348 15.43 -72.35 -4.17
C GLU B 2348 14.48 -72.63 -3.01
N ASN B 2349 13.96 -73.87 -2.94
CA ASN B 2349 13.04 -74.21 -1.87
C ASN B 2349 13.70 -74.12 -0.51
N ALA B 2350 14.96 -74.58 -0.41
CA ALA B 2350 15.66 -74.50 0.86
C ALA B 2350 15.85 -73.06 1.31
N ASN B 2351 16.26 -72.19 0.38
CA ASN B 2351 16.45 -70.79 0.72
C ASN B 2351 15.14 -70.14 1.15
N VAL B 2352 14.06 -70.40 0.44
CA VAL B 2352 12.77 -69.81 0.80
C VAL B 2352 12.34 -70.29 2.18
N VAL B 2353 12.47 -71.60 2.44
CA VAL B 2353 12.04 -72.16 3.71
C VAL B 2353 12.85 -71.57 4.86
N VAL B 2354 14.18 -71.49 4.70
CA VAL B 2354 15.00 -70.99 5.79
C VAL B 2354 14.74 -69.50 6.01
N ARG B 2355 14.51 -68.75 4.93
CA ARG B 2355 14.20 -67.33 5.08
C ARG B 2355 12.90 -67.13 5.87
N LEU B 2356 11.86 -67.89 5.53
CA LEU B 2356 10.61 -67.78 6.28
C LEU B 2356 10.80 -68.22 7.73
N LEU B 2357 11.58 -69.28 7.95
CA LEU B 2357 11.79 -69.79 9.29
C LEU B 2357 12.50 -68.76 10.17
N ILE B 2358 13.51 -68.09 9.62
CA ILE B 2358 14.21 -67.08 10.41
C ILE B 2358 13.40 -65.79 10.52
N ARG B 2359 12.53 -65.51 9.54
CA ARG B 2359 11.66 -64.34 9.64
C ARG B 2359 10.64 -64.52 10.75
N LYS B 2360 10.11 -65.72 10.91
CA LYS B 2360 9.15 -66.03 11.99
C LYS B 2360 9.79 -67.05 12.90
N PRO B 2361 10.48 -66.62 13.97
CA PRO B 2361 11.18 -67.57 14.84
C PRO B 2361 10.26 -68.42 15.70
N GLU B 2362 8.96 -68.15 15.71
CA GLU B 2362 8.04 -68.94 16.53
C GLU B 2362 7.96 -70.39 16.08
N CYS B 2363 8.39 -70.70 14.85
CA CYS B 2363 8.37 -72.07 14.37
C CYS B 2363 9.47 -72.93 14.99
N PHE B 2364 10.41 -72.34 15.72
CA PHE B 2364 11.51 -73.09 16.31
C PHE B 2364 11.16 -73.72 17.65
N GLY B 2365 9.94 -73.51 18.14
CA GLY B 2365 9.52 -74.08 19.40
C GLY B 2365 9.90 -73.20 20.57
N PRO B 2366 9.58 -73.65 21.80
CA PRO B 2366 9.93 -72.84 22.98
C PRO B 2366 11.43 -72.66 23.15
N ALA B 2367 12.19 -73.75 23.13
CA ALA B 2367 13.63 -73.64 23.15
C ALA B 2367 14.14 -73.20 21.78
N LEU B 2368 15.42 -72.80 21.74
CA LEU B 2368 16.07 -72.34 20.51
C LEU B 2368 15.39 -71.10 19.94
N ARG B 2369 14.71 -70.33 20.77
CA ARG B 2369 13.97 -69.15 20.32
C ARG B 2369 14.18 -68.01 21.32
N GLY B 2370 14.83 -66.94 20.86
CA GLY B 2370 14.97 -65.76 21.68
C GLY B 2370 15.87 -65.96 22.90
N GLU B 2371 15.65 -65.09 23.88
CA GLU B 2371 16.45 -65.13 25.10
C GLU B 2371 16.04 -66.30 25.99
N GLY B 2372 14.74 -66.62 26.02
CA GLY B 2372 14.27 -67.71 26.85
C GLY B 2372 14.45 -69.09 26.27
N GLY B 2373 14.91 -69.19 25.03
CA GLY B 2373 15.08 -70.49 24.40
C GLY B 2373 16.31 -71.19 24.94
N SER B 2374 16.12 -72.40 25.48
CA SER B 2374 17.24 -73.19 25.97
C SER B 2374 17.88 -73.96 24.82
N GLY B 2375 18.98 -74.65 25.12
CA GLY B 2375 19.71 -75.39 24.12
C GLY B 2375 19.19 -76.79 23.90
N LEU B 2376 19.80 -77.48 22.94
CA LEU B 2376 19.44 -78.87 22.66
C LEU B 2376 19.69 -79.74 23.88
N LEU B 2377 20.81 -79.53 24.56
CA LEU B 2377 21.12 -80.32 25.75
C LEU B 2377 20.03 -80.17 26.80
N ALA B 2378 19.64 -78.92 27.09
CA ALA B 2378 18.60 -78.70 28.09
C ALA B 2378 17.27 -79.32 27.65
N ALA B 2379 16.92 -79.17 26.37
CA ALA B 2379 15.65 -79.71 25.89
C ALA B 2379 15.61 -81.22 26.03
N ILE B 2380 16.66 -81.92 25.58
CA ILE B 2380 16.63 -83.37 25.64
C ILE B 2380 16.76 -83.88 27.07
N GLU B 2381 17.52 -83.19 27.94
CA GLU B 2381 17.55 -83.60 29.34
C GLU B 2381 16.18 -83.43 30.00
N GLU B 2382 15.48 -82.35 29.68
CA GLU B 2382 14.11 -82.18 30.19
C GLU B 2382 13.21 -83.30 29.68
N ALA B 2383 13.36 -83.68 28.41
CA ALA B 2383 12.59 -84.78 27.87
C ALA B 2383 12.90 -86.08 28.60
N ILE B 2384 14.18 -86.33 28.90
CA ILE B 2384 14.56 -87.55 29.60
C ILE B 2384 13.95 -87.59 31.00
N ARG B 2385 14.00 -86.46 31.72
CA ARG B 2385 13.42 -86.43 33.06
C ARG B 2385 11.89 -86.58 33.01
N ILE B 2386 11.23 -85.95 32.05
CA ILE B 2386 9.78 -86.08 31.96
C ILE B 2386 9.38 -87.47 31.51
N SER B 2387 10.26 -88.19 30.81
CA SER B 2387 10.01 -89.59 30.52
C SER B 2387 10.21 -90.47 31.75
N GLU B 2388 11.25 -90.18 32.53
CA GLU B 2388 11.48 -90.90 33.79
C GLU B 2388 10.35 -90.67 34.78
N ASP B 2389 9.62 -89.55 34.66
CA ASP B 2389 8.47 -89.29 35.49
C ASP B 2389 7.20 -89.73 34.75
N PRO B 2390 6.68 -90.94 34.99
CA PRO B 2390 5.48 -91.37 34.25
C PRO B 2390 4.26 -90.51 34.50
N ALA B 2391 4.13 -89.94 35.71
CA ALA B 2391 2.94 -89.14 36.03
C ALA B 2391 2.84 -87.93 35.13
N ARG B 2392 3.96 -87.26 34.86
CA ARG B 2392 3.94 -86.12 33.95
C ARG B 2392 3.63 -86.55 32.53
N ASP B 2393 4.13 -87.74 32.13
CA ASP B 2393 3.88 -88.23 30.78
C ASP B 2393 2.40 -88.59 30.58
N GLY B 2394 1.72 -89.02 31.65
CA GLY B 2394 0.34 -89.39 31.54
C GLY B 2394 -0.59 -88.19 31.59
N PRO B 2395 -1.90 -88.48 31.55
CA PRO B 2395 -2.94 -87.44 31.61
C PRO B 2395 -2.88 -86.60 32.88
N ASN B 2414 -0.53 -94.58 28.97
CA ASN B 2414 -0.34 -93.36 28.19
C ASN B 2414 -0.06 -93.69 26.73
N ARG B 2415 -0.76 -93.00 25.82
CA ARG B 2415 -0.63 -93.24 24.39
C ARG B 2415 0.02 -92.09 23.64
N VAL B 2416 -0.16 -90.85 24.09
CA VAL B 2416 0.36 -89.70 23.37
C VAL B 2416 1.88 -89.69 23.40
N HIS B 2417 2.47 -89.95 24.57
CA HIS B 2417 3.92 -89.87 24.77
C HIS B 2417 4.45 -88.49 24.39
N LEU B 2418 3.96 -87.49 25.12
CA LEU B 2418 4.41 -86.12 24.90
C LEU B 2418 5.89 -85.96 25.16
N GLY B 2419 6.45 -86.76 26.07
CA GLY B 2419 7.89 -86.73 26.28
C GLY B 2419 8.67 -87.09 25.02
N HIS B 2420 8.19 -88.10 24.29
CA HIS B 2420 8.78 -88.41 23.00
C HIS B 2420 8.47 -87.35 21.97
N ALA B 2421 7.28 -86.73 22.05
CA ALA B 2421 6.93 -85.68 21.11
C ALA B 2421 7.90 -84.51 21.19
N ILE B 2422 8.30 -84.14 22.41
CA ILE B 2422 9.11 -82.94 22.61
C ILE B 2422 10.39 -83.02 21.78
N MET B 2423 11.13 -84.12 21.91
CA MET B 2423 12.41 -84.20 21.21
C MET B 2423 12.29 -84.79 19.81
N SER B 2424 11.18 -85.45 19.48
CA SER B 2424 10.95 -85.78 18.08
C SER B 2424 10.75 -84.51 17.26
N PHE B 2425 10.11 -83.50 17.85
CA PHE B 2425 9.98 -82.21 17.17
C PHE B 2425 11.35 -81.64 16.80
N TYR B 2426 12.28 -81.59 17.77
CA TYR B 2426 13.59 -81.02 17.50
C TYR B 2426 14.40 -81.89 16.54
N ALA B 2427 14.25 -83.22 16.63
CA ALA B 2427 14.95 -84.07 15.67
C ALA B 2427 14.46 -83.82 14.25
N ALA B 2428 13.14 -83.70 14.07
CA ALA B 2428 12.60 -83.41 12.74
C ALA B 2428 13.04 -82.03 12.25
N LEU B 2429 13.10 -81.06 13.15
CA LEU B 2429 13.57 -79.73 12.77
C LEU B 2429 15.02 -79.77 12.33
N ILE B 2430 15.87 -80.51 13.05
CA ILE B 2430 17.27 -80.65 12.68
C ILE B 2430 17.40 -81.34 11.33
N ASP B 2431 16.59 -82.38 11.10
CA ASP B 2431 16.60 -83.06 9.81
C ASP B 2431 16.21 -82.10 8.68
N LEU B 2432 15.18 -81.29 8.90
CA LEU B 2432 14.78 -80.33 7.88
C LEU B 2432 15.89 -79.32 7.59
N LEU B 2433 16.55 -78.81 8.64
CA LEU B 2433 17.64 -77.88 8.42
C LEU B 2433 18.79 -78.53 7.66
N GLY B 2434 19.12 -79.78 8.02
CA GLY B 2434 20.18 -80.49 7.31
C GLY B 2434 19.86 -80.70 5.84
N ARG B 2435 18.60 -81.03 5.54
CA ARG B 2435 18.21 -81.17 4.14
C ARG B 2435 18.19 -79.82 3.43
N CYS B 2436 17.93 -78.74 4.16
CA CYS B 2436 17.98 -77.40 3.58
C CYS B 2436 19.41 -76.87 3.45
N ALA B 2437 20.38 -77.53 4.03
CA ALA B 2437 21.76 -77.07 3.97
C ALA B 2437 22.27 -77.08 2.52
N PRO B 2438 23.21 -76.19 2.18
CA PRO B 2438 23.70 -76.11 0.79
C PRO B 2438 24.54 -77.31 0.36
N GLU B 2439 25.06 -77.26 -0.85
CA GLU B 2439 25.79 -78.38 -1.45
C GLU B 2439 27.29 -78.10 -1.50
N MET B 2440 28.06 -79.19 -1.47
CA MET B 2440 29.52 -79.07 -1.37
C MET B 2440 30.11 -78.43 -2.62
N HIS B 2441 29.55 -78.71 -3.80
CA HIS B 2441 30.10 -78.10 -5.01
C HIS B 2441 29.85 -76.60 -5.03
N LEU B 2442 28.67 -76.16 -4.59
CA LEU B 2442 28.42 -74.73 -4.48
C LEU B 2442 29.34 -74.08 -3.45
N ILE B 2443 29.56 -74.77 -2.31
CA ILE B 2443 30.46 -74.23 -1.30
C ILE B 2443 31.87 -74.08 -1.85
N GLN B 2444 32.35 -75.10 -2.57
CA GLN B 2444 33.69 -75.04 -3.16
C GLN B 2444 33.79 -73.92 -4.20
N ALA B 2445 32.76 -73.79 -5.04
CA ALA B 2445 32.74 -72.71 -6.03
C ALA B 2445 32.63 -71.34 -5.37
N GLY B 2446 32.17 -71.28 -4.13
CA GLY B 2446 32.12 -70.02 -3.42
C GLY B 2446 30.92 -69.15 -3.75
N LYS B 2447 29.77 -69.76 -4.00
CA LYS B 2447 28.56 -68.98 -4.23
C LYS B 2447 28.19 -68.21 -2.97
N GLY B 2448 28.01 -66.89 -3.12
CA GLY B 2448 27.78 -66.06 -1.96
C GLY B 2448 26.51 -66.42 -1.21
N GLU B 2449 25.43 -66.69 -1.95
CA GLU B 2449 24.17 -67.04 -1.30
C GLU B 2449 24.29 -68.36 -0.55
N ALA B 2450 24.97 -69.36 -1.15
CA ALA B 2450 25.15 -70.63 -0.48
C ALA B 2450 25.99 -70.48 0.78
N LEU B 2451 27.07 -69.71 0.71
CA LEU B 2451 27.89 -69.48 1.89
C LEU B 2451 27.10 -68.76 2.97
N ARG B 2452 26.27 -67.79 2.58
CA ARG B 2452 25.44 -67.07 3.55
C ARG B 2452 24.44 -68.01 4.21
N ILE B 2453 23.81 -68.89 3.43
CA ILE B 2453 22.85 -69.84 4.00
C ILE B 2453 23.53 -70.77 4.98
N ARG B 2454 24.71 -71.28 4.62
CA ARG B 2454 25.43 -72.16 5.53
C ARG B 2454 25.83 -71.42 6.81
N ALA B 2455 26.22 -70.15 6.68
CA ALA B 2455 26.56 -69.36 7.85
C ALA B 2455 25.35 -69.15 8.75
N ILE B 2456 24.19 -68.89 8.15
CA ILE B 2456 22.97 -68.70 8.94
C ILE B 2456 22.62 -69.98 9.70
N LEU B 2457 22.69 -71.13 9.01
CA LEU B 2457 22.41 -72.39 9.70
C LEU B 2457 23.43 -72.67 10.79
N ARG B 2458 24.70 -72.33 10.54
CA ARG B 2458 25.74 -72.49 11.55
C ARG B 2458 25.45 -71.64 12.78
N SER B 2459 25.01 -70.40 12.57
CA SER B 2459 24.65 -69.54 13.70
C SER B 2459 23.43 -70.08 14.44
N LEU B 2460 22.44 -70.60 13.71
CA LEU B 2460 21.24 -71.11 14.34
C LEU B 2460 21.53 -72.33 15.21
N VAL B 2461 22.30 -73.28 14.69
CA VAL B 2461 22.55 -74.54 15.38
C VAL B 2461 24.03 -74.62 15.74
N PRO B 2462 24.39 -74.65 17.02
CA PRO B 2462 25.79 -74.83 17.41
C PRO B 2462 26.23 -76.28 17.24
N LEU B 2463 27.55 -76.45 17.09
CA LEU B 2463 28.12 -77.79 16.95
C LEU B 2463 28.11 -78.54 18.27
N ASP B 2464 28.36 -77.83 19.38
CA ASP B 2464 28.47 -78.49 20.68
C ASP B 2464 27.16 -79.16 21.07
N ASP B 2465 26.02 -78.54 20.74
CA ASP B 2465 24.74 -79.16 21.01
C ASP B 2465 24.59 -80.49 20.26
N LEU B 2466 24.98 -80.51 18.99
CA LEU B 2466 24.92 -81.73 18.21
C LEU B 2466 25.81 -82.81 18.82
N VAL B 2467 27.03 -82.44 19.20
CA VAL B 2467 27.95 -83.41 19.77
C VAL B 2467 27.41 -83.97 21.08
N GLY B 2468 26.88 -83.11 21.95
CA GLY B 2468 26.36 -83.58 23.22
C GLY B 2468 25.16 -84.48 23.07
N ILE B 2469 24.20 -84.09 22.21
CA ILE B 2469 23.00 -84.90 22.07
C ILE B 2469 23.32 -86.22 21.37
N ILE B 2470 24.33 -86.22 20.50
CA ILE B 2470 24.84 -87.50 19.98
C ILE B 2470 25.43 -88.33 21.11
N SER B 2471 26.17 -87.67 22.02
CA SER B 2471 26.89 -88.39 23.05
C SER B 2471 25.96 -89.06 24.04
N LEU B 2472 24.85 -88.41 24.40
CA LEU B 2472 24.00 -88.96 25.44
C LEU B 2472 23.43 -90.31 25.01
N PRO B 2473 23.34 -91.29 25.91
CA PRO B 2473 22.94 -92.65 25.51
C PRO B 2473 21.43 -92.86 25.51
N LEU B 2474 21.03 -94.10 25.21
CA LEU B 2474 19.62 -94.48 25.18
C LEU B 2474 19.43 -95.78 25.96
N GLN B 2475 18.18 -96.07 26.29
CA GLN B 2475 17.87 -97.30 27.01
C GLN B 2475 18.21 -98.51 26.16
N ILE B 2476 18.74 -99.55 26.81
CA ILE B 2476 19.17 -100.76 26.14
C ILE B 2476 18.48 -101.96 26.79
N PRO B 2477 17.71 -102.76 26.05
CA PRO B 2477 17.09 -103.94 26.65
C PRO B 2477 18.11 -105.02 26.97
N THR B 2478 17.92 -105.66 28.11
CA THR B 2478 18.71 -106.81 28.53
C THR B 2478 17.77 -107.96 28.88
N LEU B 2479 18.33 -109.01 29.47
CA LEU B 2479 17.57 -110.17 29.91
C LEU B 2479 17.58 -110.22 31.43
N GLY B 2480 16.40 -110.22 32.04
CA GLY B 2480 16.25 -110.23 33.48
C GLY B 2480 15.99 -111.61 34.02
N LYS B 2481 15.29 -111.66 35.16
CA LYS B 2481 14.97 -112.93 35.78
C LYS B 2481 14.05 -113.77 34.90
N ASP B 2482 13.08 -113.13 34.26
CA ASP B 2482 12.15 -113.82 33.39
C ASP B 2482 12.79 -114.25 32.07
N GLY B 2483 14.00 -113.79 31.78
CA GLY B 2483 14.68 -114.11 30.54
C GLY B 2483 14.66 -113.02 29.50
N ALA B 2484 13.86 -111.96 29.70
CA ALA B 2484 13.81 -110.84 28.77
C ALA B 2484 13.22 -109.64 29.51
N LEU B 2485 14.01 -108.58 29.65
CA LEU B 2485 13.55 -107.40 30.35
C LEU B 2485 12.71 -106.53 29.41
N VAL B 2486 12.30 -105.36 29.92
CA VAL B 2486 11.45 -104.47 29.15
C VAL B 2486 12.23 -103.88 27.98
N GLN B 2487 11.52 -103.64 26.88
CA GLN B 2487 12.10 -103.03 25.68
C GLN B 2487 11.22 -101.86 25.26
N PRO B 2488 11.30 -100.75 26.00
CA PRO B 2488 10.46 -99.59 25.69
C PRO B 2488 11.04 -98.78 24.55
N LYS B 2489 10.41 -98.89 23.38
CA LYS B 2489 10.79 -98.12 22.20
C LYS B 2489 9.53 -97.49 21.60
N MET B 2490 9.71 -96.33 20.97
CA MET B 2490 8.63 -95.51 20.43
C MET B 2490 7.63 -95.07 21.49
N SER B 2491 7.96 -95.27 22.76
CA SER B 2491 7.09 -94.92 23.89
C SER B 2491 7.89 -94.12 24.89
N ALA B 2492 7.97 -92.80 24.66
CA ALA B 2492 8.69 -91.88 25.55
C ALA B 2492 10.13 -92.34 25.80
N SER B 2493 10.79 -92.81 24.74
CA SER B 2493 12.13 -93.34 24.84
C SER B 2493 12.97 -92.82 23.67
N PHE B 2494 14.29 -92.80 23.89
CA PHE B 2494 15.21 -92.34 22.86
C PHE B 2494 15.30 -93.36 21.72
N VAL B 2495 15.42 -92.84 20.50
CA VAL B 2495 15.46 -93.68 19.31
C VAL B 2495 16.67 -93.29 18.47
N PRO B 2496 17.40 -94.25 17.90
CA PRO B 2496 18.59 -93.90 17.10
C PRO B 2496 18.27 -93.11 15.84
N ASP B 2497 17.01 -93.08 15.39
CA ASP B 2497 16.68 -92.30 14.20
C ASP B 2497 16.92 -90.81 14.42
N HIS B 2498 16.69 -90.31 15.63
CA HIS B 2498 16.96 -88.91 15.93
C HIS B 2498 18.45 -88.61 15.77
N LYS B 2499 19.30 -89.49 16.32
CA LYS B 2499 20.74 -89.33 16.14
C LYS B 2499 21.13 -89.48 14.68
N ALA B 2500 20.42 -90.30 13.91
CA ALA B 2500 20.70 -90.40 12.48
C ALA B 2500 20.42 -89.07 11.77
N SER B 2501 19.32 -88.41 12.13
CA SER B 2501 19.03 -87.10 11.57
C SER B 2501 20.10 -86.09 11.97
N MET B 2502 20.55 -86.14 13.22
CA MET B 2502 21.62 -85.25 13.65
C MET B 2502 22.93 -85.54 12.91
N VAL B 2503 23.20 -86.81 12.60
CA VAL B 2503 24.40 -87.16 11.85
C VAL B 2503 24.30 -86.63 10.43
N LEU B 2504 23.11 -86.70 9.84
CA LEU B 2504 22.91 -86.08 8.53
C LEU B 2504 23.17 -84.58 8.59
N PHE B 2505 22.68 -83.92 9.65
CA PHE B 2505 22.97 -82.49 9.83
C PHE B 2505 24.47 -82.24 9.96
N LEU B 2506 25.16 -83.08 10.73
CA LEU B 2506 26.60 -82.93 10.90
C LEU B 2506 27.36 -83.17 9.61
N ASP B 2507 26.82 -84.03 8.74
CA ASP B 2507 27.45 -84.24 7.44
C ASP B 2507 27.25 -83.04 6.53
N ARG B 2508 26.03 -82.49 6.50
CA ARG B 2508 25.76 -81.34 5.62
C ARG B 2508 26.53 -80.10 6.08
N VAL B 2509 26.48 -79.79 7.37
CA VAL B 2509 27.18 -78.64 7.94
C VAL B 2509 27.96 -79.13 9.15
N TYR B 2510 29.07 -78.43 9.44
CA TYR B 2510 30.08 -78.91 10.39
C TYR B 2510 30.70 -80.22 9.90
N GLY B 2511 31.27 -80.17 8.70
CA GLY B 2511 31.86 -81.35 8.11
C GLY B 2511 33.06 -81.84 8.88
N ILE B 2512 33.41 -83.10 8.62
CA ILE B 2512 34.52 -83.75 9.30
C ILE B 2512 35.79 -83.49 8.48
N GLU B 2513 36.68 -82.65 9.03
CA GLU B 2513 37.93 -82.31 8.36
C GLU B 2513 39.17 -82.51 9.20
N ASN B 2514 39.06 -82.58 10.53
CA ASN B 2514 40.21 -82.75 11.40
C ASN B 2514 40.27 -84.20 11.87
N GLN B 2515 41.47 -84.79 11.80
CA GLN B 2515 41.63 -86.17 12.27
C GLN B 2515 41.39 -86.27 13.77
N ASP B 2516 41.92 -85.33 14.55
CA ASP B 2516 41.73 -85.35 15.99
C ASP B 2516 40.26 -85.18 16.35
N PHE B 2517 39.58 -84.24 15.71
CA PHE B 2517 38.16 -84.03 16.00
C PHE B 2517 37.34 -85.24 15.56
N LEU B 2518 37.70 -85.85 14.44
CA LEU B 2518 37.00 -87.04 13.98
C LEU B 2518 37.13 -88.18 14.97
N LEU B 2519 38.36 -88.45 15.43
CA LEU B 2519 38.54 -89.53 16.39
C LEU B 2519 37.88 -89.21 17.72
N HIS B 2520 37.87 -87.94 18.13
CA HIS B 2520 37.20 -87.55 19.36
C HIS B 2520 35.70 -87.79 19.26
N VAL B 2521 35.06 -87.30 18.20
CA VAL B 2521 33.62 -87.44 18.07
C VAL B 2521 33.24 -88.91 17.84
N LEU B 2522 34.17 -89.70 17.29
CA LEU B 2522 33.92 -91.13 17.17
C LEU B 2522 33.95 -91.80 18.54
N ASP B 2523 35.08 -91.67 19.25
CA ASP B 2523 35.24 -92.33 20.53
C ASP B 2523 34.17 -91.91 21.53
N VAL B 2524 33.75 -90.64 21.48
CA VAL B 2524 32.64 -90.20 22.30
C VAL B 2524 31.43 -89.98 21.41
N GLY B 2525 30.61 -91.01 21.23
CA GLY B 2525 29.42 -90.87 20.42
C GLY B 2525 29.08 -92.05 19.52
N PHE B 2526 30.08 -92.80 19.06
CA PHE B 2526 29.81 -93.89 18.12
C PHE B 2526 30.29 -95.23 18.63
N LEU B 2527 31.49 -95.29 19.23
CA LEU B 2527 32.00 -96.55 19.75
C LEU B 2527 31.09 -97.19 20.80
N PRO B 2528 30.51 -96.47 21.75
CA PRO B 2528 29.56 -97.13 22.67
C PRO B 2528 28.41 -97.80 21.94
N ASP B 2529 27.88 -97.17 20.90
CA ASP B 2529 26.80 -97.79 20.13
C ASP B 2529 27.28 -99.04 19.40
N MET B 2530 28.49 -98.99 18.83
CA MET B 2530 29.03 -100.17 18.17
C MET B 2530 29.23 -101.32 19.15
N ARG B 2531 29.72 -101.02 20.35
CA ARG B 2531 29.90 -102.07 21.35
C ARG B 2531 28.56 -102.60 21.83
N ALA B 2532 27.55 -101.73 21.94
CA ALA B 2532 26.21 -102.20 22.29
C ALA B 2532 25.66 -103.13 21.22
N ALA B 2533 25.85 -102.79 19.94
CA ALA B 2533 25.42 -103.67 18.86
C ALA B 2533 26.18 -104.98 18.90
N ALA B 2534 27.47 -104.94 19.20
CA ALA B 2534 28.25 -106.16 19.33
C ALA B 2534 27.71 -107.06 20.43
N SER B 2535 27.36 -106.47 21.58
CA SER B 2535 26.77 -107.23 22.66
C SER B 2535 25.41 -107.81 22.27
N LEU B 2536 24.60 -107.02 21.57
CA LEU B 2536 23.27 -107.43 21.15
C LEU B 2536 23.27 -108.39 19.98
N ASP B 2537 24.43 -108.62 19.35
CA ASP B 2537 24.52 -109.53 18.22
C ASP B 2537 24.09 -110.96 18.57
N THR B 2538 24.10 -111.32 19.86
CA THR B 2538 23.70 -112.67 20.24
C THR B 2538 22.22 -112.91 19.92
N ALA B 2539 21.88 -114.18 19.73
CA ALA B 2539 20.58 -114.55 19.16
C ALA B 2539 19.42 -114.00 19.98
N THR B 2540 19.43 -114.26 21.29
CA THR B 2540 18.35 -113.76 22.14
C THR B 2540 18.33 -112.24 22.15
N PHE B 2541 19.51 -111.62 22.19
CA PHE B 2541 19.58 -110.16 22.18
C PHE B 2541 19.30 -109.60 20.78
N SER B 2542 19.67 -110.32 19.72
CA SER B 2542 19.36 -109.85 18.37
C SER B 2542 17.89 -109.98 18.03
N THR B 2543 17.17 -110.89 18.71
CA THR B 2543 15.74 -111.00 18.49
C THR B 2543 14.99 -109.74 18.91
N THR B 2544 15.59 -108.93 19.78
CA THR B 2544 14.97 -107.67 20.19
C THR B 2544 14.79 -106.75 19.00
N GLU B 2545 13.69 -106.00 19.00
CA GLU B 2545 13.34 -105.20 17.83
C GLU B 2545 14.28 -104.02 17.63
N MET B 2546 14.77 -103.42 18.71
CA MET B 2546 15.57 -102.21 18.55
C MET B 2546 16.98 -102.50 18.07
N ALA B 2547 17.43 -103.76 18.14
CA ALA B 2547 18.74 -104.10 17.59
C ALA B 2547 18.78 -103.87 16.09
N LEU B 2548 17.70 -104.23 15.39
CA LEU B 2548 17.61 -103.94 13.97
C LEU B 2548 17.60 -102.43 13.72
N ALA B 2549 16.93 -101.68 14.60
CA ALA B 2549 16.94 -100.23 14.47
C ALA B 2549 18.34 -99.66 14.63
N LEU B 2550 19.11 -100.17 15.60
CA LEU B 2550 20.49 -99.73 15.77
C LEU B 2550 21.35 -100.08 14.57
N ASN B 2551 21.16 -101.29 14.02
CA ASN B 2551 21.91 -101.68 12.83
C ASN B 2551 21.60 -100.77 11.66
N ARG B 2552 20.31 -100.47 11.46
CA ARG B 2552 19.90 -99.58 10.38
C ARG B 2552 20.48 -98.18 10.58
N TYR B 2553 20.41 -97.67 11.80
CA TYR B 2553 20.98 -96.35 12.10
C TYR B 2553 22.46 -96.32 11.79
N LEU B 2554 23.20 -97.34 12.24
CA LEU B 2554 24.64 -97.39 11.96
C LEU B 2554 24.90 -97.41 10.47
N CYS B 2555 24.31 -98.38 9.76
CA CYS B 2555 24.60 -98.54 8.34
C CYS B 2555 24.13 -97.37 7.50
N LEU B 2556 23.17 -96.57 7.98
CA LEU B 2556 22.67 -95.45 7.20
C LEU B 2556 23.32 -94.12 7.55
N ALA B 2557 23.86 -93.96 8.75
CA ALA B 2557 24.43 -92.68 9.14
C ALA B 2557 25.91 -92.75 9.48
N VAL B 2558 26.32 -93.73 10.29
CA VAL B 2558 27.66 -93.73 10.87
C VAL B 2558 28.68 -94.34 9.92
N LEU B 2559 28.37 -95.53 9.42
CA LEU B 2559 29.33 -96.27 8.59
C LEU B 2559 29.70 -95.52 7.30
N PRO B 2560 28.75 -94.99 6.52
CA PRO B 2560 29.16 -94.23 5.33
C PRO B 2560 30.02 -93.02 5.65
N LEU B 2561 29.81 -92.38 6.80
CA LEU B 2561 30.69 -91.29 7.21
C LEU B 2561 32.12 -91.80 7.40
N ILE B 2562 32.27 -92.98 8.01
CA ILE B 2562 33.59 -93.56 8.17
C ILE B 2562 34.21 -93.89 6.83
N THR B 2563 33.40 -94.38 5.88
CA THR B 2563 33.92 -94.64 4.54
C THR B 2563 34.41 -93.36 3.89
N LYS B 2564 33.66 -92.28 4.02
CA LYS B 2564 34.06 -91.01 3.42
C LYS B 2564 35.31 -90.46 4.09
N CYS B 2565 35.45 -90.65 5.40
CA CYS B 2565 36.58 -90.12 6.14
C CYS B 2565 37.74 -91.09 6.25
N ALA B 2566 37.67 -92.23 5.56
CA ALA B 2566 38.77 -93.19 5.60
C ALA B 2566 40.10 -92.60 5.17
N PRO B 2567 40.20 -91.83 4.07
CA PRO B 2567 41.49 -91.19 3.75
C PRO B 2567 42.00 -90.27 4.85
N LEU B 2568 41.10 -89.62 5.58
CA LEU B 2568 41.52 -88.74 6.67
C LEU B 2568 42.15 -89.55 7.80
N PHE B 2569 41.74 -90.81 7.96
CA PHE B 2569 42.26 -91.64 9.04
C PHE B 2569 43.76 -91.92 8.90
N ALA B 2570 44.33 -91.67 7.72
CA ALA B 2570 45.74 -91.97 7.50
C ALA B 2570 46.62 -91.06 8.37
N GLY B 2571 47.59 -91.66 9.05
CA GLY B 2571 48.52 -90.91 9.87
C GLY B 2571 48.04 -90.65 11.28
N THR B 2572 47.58 -91.69 11.96
CA THR B 2572 47.14 -91.56 13.34
C THR B 2572 48.34 -91.44 14.27
N GLU B 2573 48.21 -90.60 15.29
CA GLU B 2573 49.26 -90.39 16.30
C GLU B 2573 48.77 -90.95 17.62
N HIS B 2574 49.42 -92.02 18.10
CA HIS B 2574 49.12 -92.64 19.39
C HIS B 2574 47.66 -93.05 19.50
N ARG B 2575 47.07 -93.48 18.37
CA ARG B 2575 45.67 -93.88 18.32
C ARG B 2575 45.51 -95.40 18.19
N ALA B 2576 46.60 -96.15 18.42
CA ALA B 2576 46.68 -97.52 17.96
C ALA B 2576 45.63 -98.43 18.60
N ILE B 2577 45.54 -98.42 19.94
CA ILE B 2577 44.69 -99.40 20.61
C ILE B 2577 43.21 -99.09 20.41
N MET B 2578 42.82 -97.81 20.45
CA MET B 2578 41.44 -97.47 20.12
C MET B 2578 41.09 -97.80 18.66
N VAL B 2579 42.02 -97.56 17.73
CA VAL B 2579 41.74 -97.94 16.34
C VAL B 2579 41.58 -99.45 16.23
N ASP B 2580 42.40 -100.21 16.97
CA ASP B 2580 42.28 -101.66 16.96
C ASP B 2580 40.95 -102.12 17.54
N SER B 2581 40.52 -101.49 18.62
CA SER B 2581 39.23 -101.84 19.23
C SER B 2581 38.07 -101.52 18.28
N MET B 2582 38.13 -100.37 17.61
CA MET B 2582 37.07 -100.07 16.66
C MET B 2582 37.12 -101.00 15.46
N LEU B 2583 38.31 -101.49 15.11
CA LEU B 2583 38.41 -102.53 14.09
C LEU B 2583 37.72 -103.82 14.55
N HIS B 2584 37.92 -104.19 15.82
CA HIS B 2584 37.18 -105.32 16.39
C HIS B 2584 35.68 -105.12 16.24
N THR B 2585 35.19 -103.94 16.64
CA THR B 2585 33.75 -103.68 16.58
C THR B 2585 33.24 -103.75 15.15
N VAL B 2586 33.97 -103.13 14.21
CA VAL B 2586 33.53 -103.09 12.82
C VAL B 2586 33.52 -104.49 12.22
N TYR B 2587 34.56 -105.28 12.49
CA TYR B 2587 34.63 -106.63 11.94
C TYR B 2587 33.55 -107.52 12.52
N ARG B 2588 33.28 -107.41 13.83
CA ARG B 2588 32.23 -108.20 14.44
C ARG B 2588 30.86 -107.81 13.88
N LEU B 2589 30.62 -106.52 13.67
CA LEU B 2589 29.37 -106.09 13.05
C LEU B 2589 29.28 -106.59 11.62
N SER B 2590 30.41 -106.63 10.90
CA SER B 2590 30.41 -107.13 9.53
C SER B 2590 30.03 -108.61 9.48
N ARG B 2591 30.57 -109.41 10.41
CA ARG B 2591 30.19 -110.81 10.50
C ARG B 2591 28.97 -111.04 11.39
N GLY B 2592 28.25 -109.97 11.74
CA GLY B 2592 27.04 -110.12 12.52
C GLY B 2592 25.99 -110.97 11.82
N ARG B 2593 24.92 -111.22 12.55
CA ARG B 2593 23.84 -112.10 12.10
C ARG B 2593 22.51 -111.37 12.22
N SER B 2594 21.55 -111.81 11.40
CA SER B 2594 20.20 -111.24 11.36
C SER B 2594 20.24 -109.78 10.92
N LEU B 2595 20.82 -109.56 9.74
CA LEU B 2595 20.87 -108.24 9.14
C LEU B 2595 20.76 -108.38 7.63
N THR B 2596 20.37 -107.28 6.99
CA THR B 2596 20.17 -107.29 5.55
C THR B 2596 21.50 -107.45 4.82
N LYS B 2597 21.42 -108.07 3.64
CA LYS B 2597 22.61 -108.25 2.81
C LYS B 2597 23.24 -106.92 2.44
N ALA B 2598 22.40 -105.92 2.15
CA ALA B 2598 22.91 -104.59 1.84
C ALA B 2598 23.67 -104.00 3.03
N GLN B 2599 23.13 -104.17 4.24
CA GLN B 2599 23.80 -103.67 5.43
C GLN B 2599 25.14 -104.36 5.63
N ARG B 2600 25.17 -105.68 5.47
CA ARG B 2600 26.42 -106.43 5.61
C ARG B 2600 27.43 -105.97 4.58
N ASP B 2601 27.00 -105.75 3.35
CA ASP B 2601 27.89 -105.25 2.30
C ASP B 2601 28.43 -103.88 2.66
N VAL B 2602 27.59 -103.02 3.26
CA VAL B 2602 28.05 -101.69 3.68
C VAL B 2602 29.17 -101.82 4.70
N ILE B 2603 28.98 -102.67 5.72
CA ILE B 2603 30.02 -102.84 6.72
C ILE B 2603 31.29 -103.40 6.09
N GLU B 2604 31.14 -104.33 5.14
CA GLU B 2604 32.30 -104.95 4.50
C GLU B 2604 33.12 -103.92 3.72
N ASP B 2605 32.44 -103.12 2.89
CA ASP B 2605 33.17 -102.13 2.11
C ASP B 2605 33.73 -101.04 2.99
N CYS B 2606 33.06 -100.71 4.10
CA CYS B 2606 33.64 -99.78 5.05
C CYS B 2606 34.93 -100.34 5.64
N LEU B 2607 34.94 -101.63 5.99
CA LEU B 2607 36.15 -102.27 6.49
C LEU B 2607 37.30 -102.12 5.51
N MET B 2608 37.07 -102.49 4.25
CA MET B 2608 38.16 -102.42 3.28
C MET B 2608 38.59 -100.98 3.02
N ALA B 2609 37.62 -100.06 2.89
CA ALA B 2609 37.94 -98.66 2.63
C ALA B 2609 38.77 -98.05 3.75
N LEU B 2610 38.42 -98.36 5.00
CA LEU B 2610 39.23 -97.87 6.11
C LEU B 2610 40.60 -98.52 6.12
N CYS B 2611 40.68 -99.82 5.86
CA CYS B 2611 41.97 -100.50 5.88
C CYS B 2611 42.92 -99.95 4.82
N ARG B 2612 42.38 -99.41 3.72
CA ARG B 2612 43.23 -98.89 2.65
C ARG B 2612 44.15 -97.77 3.12
N TYR B 2613 43.84 -97.09 4.23
CA TYR B 2613 44.61 -95.93 4.66
C TYR B 2613 45.20 -96.10 6.06
N ILE B 2614 45.38 -97.32 6.54
CA ILE B 2614 45.94 -97.57 7.87
C ILE B 2614 47.25 -98.30 7.73
N ARG B 2615 48.24 -97.88 8.53
CA ARG B 2615 49.54 -98.52 8.52
C ARG B 2615 49.43 -99.97 8.99
N PRO B 2616 50.08 -100.92 8.31
CA PRO B 2616 49.97 -102.33 8.71
C PRO B 2616 50.60 -102.66 10.05
N SER B 2617 51.31 -101.72 10.68
CA SER B 2617 51.90 -102.00 11.98
C SER B 2617 50.84 -102.24 13.05
N MET B 2618 49.71 -101.55 12.94
CA MET B 2618 48.61 -101.70 13.90
C MET B 2618 47.53 -102.66 13.43
N LEU B 2619 47.73 -103.30 12.27
CA LEU B 2619 46.78 -104.30 11.77
C LEU B 2619 47.20 -105.72 12.11
N GLN B 2620 48.26 -105.91 12.89
CA GLN B 2620 48.65 -107.26 13.27
C GLN B 2620 47.61 -107.90 14.18
N HIS B 2621 46.94 -107.10 15.02
CA HIS B 2621 45.83 -107.64 15.81
C HIS B 2621 44.68 -108.07 14.89
N LEU B 2622 44.41 -107.29 13.85
CA LEU B 2622 43.37 -107.69 12.89
C LEU B 2622 43.75 -108.99 12.19
N LEU B 2623 45.02 -109.15 11.83
CA LEU B 2623 45.47 -110.41 11.24
C LEU B 2623 45.34 -111.57 12.22
N ARG B 2624 45.64 -111.30 13.51
CA ARG B 2624 45.51 -112.34 14.53
C ARG B 2624 44.06 -112.75 14.71
N ARG B 2625 43.12 -111.80 14.57
CA ARG B 2625 41.72 -112.17 14.58
C ARG B 2625 41.30 -112.90 13.31
N LEU B 2626 41.89 -112.53 12.17
CA LEU B 2626 41.52 -113.15 10.91
C LEU B 2626 42.00 -114.60 10.81
N VAL B 2627 43.16 -114.92 11.40
CA VAL B 2627 43.66 -116.28 11.31
C VAL B 2627 42.77 -117.25 12.08
N PHE B 2628 41.96 -116.75 13.01
CA PHE B 2628 41.08 -117.62 13.77
C PHE B 2628 40.02 -118.28 12.89
N ASP B 2629 39.48 -117.53 11.93
CA ASP B 2629 38.33 -118.00 11.16
C ASP B 2629 38.58 -118.13 9.67
N VAL B 2630 39.51 -117.37 9.09
CA VAL B 2630 39.72 -117.40 7.64
C VAL B 2630 40.12 -118.79 7.14
N PRO B 2631 41.11 -119.48 7.73
CA PRO B 2631 41.45 -120.82 7.22
C PRO B 2631 40.31 -121.82 7.33
N ILE B 2632 39.35 -121.60 8.24
CA ILE B 2632 38.20 -122.50 8.33
C ILE B 2632 37.37 -122.44 7.06
N LEU B 2633 37.44 -121.33 6.33
CA LEU B 2633 36.73 -121.14 5.06
C LEU B 2633 35.22 -121.31 5.24
N ASN B 2634 34.64 -120.42 6.04
CA ASN B 2634 33.20 -120.38 6.22
C ASN B 2634 32.54 -119.66 5.05
N GLU B 2635 31.22 -119.49 5.12
CA GLU B 2635 30.50 -118.81 4.06
C GLU B 2635 30.87 -117.33 3.99
N PHE B 2636 30.99 -116.67 5.15
CA PHE B 2636 31.28 -115.25 5.22
C PHE B 2636 32.75 -114.96 5.47
N ALA B 2637 33.61 -115.97 5.40
CA ALA B 2637 35.04 -115.80 5.58
C ALA B 2637 35.76 -115.47 4.28
N LYS B 2638 35.05 -115.32 3.16
CA LYS B 2638 35.73 -115.08 1.90
C LYS B 2638 36.13 -113.62 1.71
N MET B 2639 35.23 -112.67 2.01
CA MET B 2639 35.57 -111.26 1.91
C MET B 2639 36.75 -110.86 2.77
N PRO B 2640 36.87 -111.33 4.02
CA PRO B 2640 38.11 -111.05 4.75
C PRO B 2640 39.34 -111.57 4.02
N LEU B 2641 39.23 -112.69 3.30
CA LEU B 2641 40.37 -113.16 2.52
C LEU B 2641 40.69 -112.20 1.38
N LYS B 2642 39.67 -111.60 0.77
CA LYS B 2642 39.90 -110.56 -0.23
C LYS B 2642 40.58 -109.34 0.37
N LEU B 2643 40.15 -108.95 1.58
CA LEU B 2643 40.79 -107.84 2.27
C LEU B 2643 42.26 -108.14 2.53
N LEU B 2644 42.56 -109.38 2.93
CA LEU B 2644 43.94 -109.81 3.07
C LEU B 2644 44.67 -109.74 1.74
N THR B 2645 44.01 -110.14 0.65
CA THR B 2645 44.62 -110.09 -0.67
C THR B 2645 45.06 -108.67 -1.01
N ASN B 2646 44.17 -107.70 -0.82
CA ASN B 2646 44.52 -106.32 -1.14
C ASN B 2646 45.57 -105.75 -0.20
N HIS B 2647 45.41 -106.01 1.11
CA HIS B 2647 46.39 -105.54 2.09
C HIS B 2647 47.75 -106.18 1.88
N TYR B 2648 47.81 -107.34 1.24
CA TYR B 2648 49.06 -108.05 0.98
C TYR B 2648 49.69 -107.64 -0.34
N GLU B 2649 48.86 -107.32 -1.35
CA GLU B 2649 49.39 -106.67 -2.53
C GLU B 2649 50.00 -105.32 -2.19
N ARG B 2650 49.32 -104.56 -1.34
CA ARG B 2650 49.90 -103.35 -0.78
C ARG B 2650 50.86 -103.72 0.36
N CYS B 2651 51.71 -102.77 0.74
CA CYS B 2651 52.70 -102.99 1.80
C CYS B 2651 53.57 -104.21 1.50
N TRP B 2652 53.87 -104.41 0.22
CA TRP B 2652 54.53 -105.64 -0.21
C TRP B 2652 55.98 -105.69 0.27
N LYS B 2653 56.71 -104.59 0.15
CA LYS B 2653 58.08 -104.56 0.67
C LYS B 2653 58.10 -104.46 2.19
N TYR B 2654 57.03 -103.93 2.80
CA TYR B 2654 57.01 -103.76 4.24
C TYR B 2654 57.08 -105.12 4.94
N TYR B 2655 56.36 -106.11 4.41
CA TYR B 2655 56.55 -107.52 4.77
C TYR B 2655 57.70 -108.08 3.94
N CYS B 2656 58.87 -108.17 4.56
CA CYS B 2656 60.03 -108.80 3.93
C CYS B 2656 61.14 -108.88 4.97
N LEU B 2657 62.07 -109.81 4.75
CA LEU B 2657 63.22 -109.93 5.66
C LEU B 2657 64.06 -108.65 5.69
N PRO B 2658 64.41 -108.02 4.58
CA PRO B 2658 65.07 -106.71 4.64
C PRO B 2658 64.03 -105.61 4.88
N THR B 2659 64.53 -104.37 4.96
CA THR B 2659 63.67 -103.22 5.19
C THR B 2659 63.12 -102.71 3.85
N GLY B 2660 61.81 -102.68 3.72
CA GLY B 2660 61.18 -102.25 2.48
C GLY B 2660 61.26 -100.76 2.21
N TRP B 2661 60.53 -99.97 2.99
CA TRP B 2661 60.50 -98.52 2.84
C TRP B 2661 59.87 -97.91 4.08
N ALA B 2662 60.04 -96.60 4.22
CA ALA B 2662 59.62 -95.87 5.42
C ALA B 2662 58.20 -95.31 5.32
N ASN B 2663 57.48 -95.57 4.24
CA ASN B 2663 56.11 -95.09 4.14
C ASN B 2663 55.23 -95.69 5.23
N PHE B 2664 55.52 -96.93 5.64
CA PHE B 2664 54.83 -97.54 6.77
C PHE B 2664 55.78 -98.31 7.68
N GLY B 2665 57.10 -98.28 7.43
CA GLY B 2665 58.05 -98.89 8.33
C GLY B 2665 58.57 -100.25 7.86
N VAL B 2666 58.91 -101.12 8.81
CA VAL B 2666 59.35 -102.47 8.51
C VAL B 2666 58.51 -103.45 9.32
N THR B 2667 58.40 -104.67 8.82
CA THR B 2667 57.61 -105.68 9.49
C THR B 2667 58.26 -106.10 10.80
N SER B 2668 57.44 -106.61 11.72
CA SER B 2668 57.94 -107.10 12.99
C SER B 2668 58.76 -108.36 12.77
N GLU B 2669 59.38 -108.84 13.85
CA GLU B 2669 60.22 -110.03 13.78
C GLU B 2669 59.44 -111.30 13.50
N GLU B 2670 58.11 -111.26 13.61
CA GLU B 2670 57.31 -112.48 13.54
C GLU B 2670 56.10 -112.37 12.63
N GLU B 2671 55.68 -111.16 12.25
CA GLU B 2671 54.53 -111.01 11.35
C GLU B 2671 54.74 -111.74 10.03
N LEU B 2672 56.01 -111.88 9.61
CA LEU B 2672 56.29 -112.74 8.46
C LEU B 2672 55.88 -114.17 8.74
N HIS B 2673 56.12 -114.66 9.95
CA HIS B 2673 55.70 -116.02 10.28
C HIS B 2673 54.18 -116.10 10.44
N LEU B 2674 53.54 -115.01 10.85
CA LEU B 2674 52.08 -114.98 10.80
C LEU B 2674 51.57 -115.15 9.38
N THR B 2675 52.20 -114.46 8.43
CA THR B 2675 51.86 -114.64 7.02
C THR B 2675 52.13 -116.07 6.57
N ARG B 2676 53.23 -116.66 7.04
CA ARG B 2676 53.57 -118.04 6.69
C ARG B 2676 52.51 -119.01 7.20
N LYS B 2677 52.08 -118.83 8.45
CA LYS B 2677 51.03 -119.66 9.01
C LYS B 2677 49.71 -119.47 8.27
N LEU B 2678 49.41 -118.22 7.89
CA LEU B 2678 48.25 -117.97 7.04
C LEU B 2678 48.33 -118.78 5.75
N PHE B 2679 49.49 -118.75 5.10
CA PHE B 2679 49.64 -119.44 3.82
C PHE B 2679 49.45 -120.94 4.01
N TRP B 2680 50.06 -121.52 5.04
CA TRP B 2680 49.92 -122.96 5.24
C TRP B 2680 48.48 -123.34 5.60
N GLY B 2681 47.83 -122.55 6.46
CA GLY B 2681 46.45 -122.86 6.80
C GLY B 2681 45.53 -122.80 5.59
N ILE B 2682 45.69 -121.75 4.77
CA ILE B 2682 44.86 -121.63 3.58
C ILE B 2682 45.18 -122.74 2.60
N PHE B 2683 46.44 -123.15 2.50
CA PHE B 2683 46.81 -124.22 1.57
C PHE B 2683 46.22 -125.56 2.00
N ASP B 2684 46.29 -125.89 3.30
CA ASP B 2684 45.72 -127.15 3.74
C ASP B 2684 44.20 -127.14 3.68
N SER B 2685 43.57 -125.99 3.91
CA SER B 2685 42.13 -125.90 3.71
C SER B 2685 41.78 -126.04 2.23
N LEU B 2686 42.62 -125.49 1.35
CA LEU B 2686 42.44 -125.65 -0.09
C LEU B 2686 42.50 -127.11 -0.50
N ALA B 2687 43.48 -127.83 0.02
CA ALA B 2687 43.68 -129.23 -0.36
C ALA B 2687 42.45 -130.05 0.01
N HIS B 2688 42.09 -130.97 -0.90
CA HIS B 2688 40.94 -131.88 -0.75
C HIS B 2688 39.71 -131.15 -0.21
N LYS B 2689 39.33 -130.08 -0.89
CA LYS B 2689 38.13 -129.33 -0.58
C LYS B 2689 37.21 -129.33 -1.80
N LYS B 2690 35.95 -128.93 -1.58
CA LYS B 2690 34.96 -128.87 -2.64
C LYS B 2690 35.47 -128.01 -3.80
N TYR B 2691 35.32 -128.53 -5.02
CA TYR B 2691 35.78 -127.82 -6.22
C TYR B 2691 34.65 -126.93 -6.74
N ASP B 2692 34.47 -125.80 -6.09
CA ASP B 2692 33.58 -124.75 -6.57
C ASP B 2692 34.42 -123.59 -7.09
N GLN B 2693 34.03 -123.06 -8.26
CA GLN B 2693 34.85 -122.07 -8.93
C GLN B 2693 34.97 -120.78 -8.11
N GLU B 2694 33.84 -120.12 -7.86
CA GLU B 2694 33.85 -118.88 -7.11
C GLU B 2694 34.31 -119.08 -5.67
N LEU B 2695 34.32 -120.32 -5.19
CA LEU B 2695 34.81 -120.59 -3.84
C LEU B 2695 36.27 -120.19 -3.68
N TYR B 2696 37.06 -120.22 -4.77
CA TYR B 2696 38.48 -119.91 -4.64
C TYR B 2696 38.99 -119.07 -5.81
N ARG B 2697 38.11 -118.59 -6.69
CA ARG B 2697 38.54 -117.73 -7.79
C ARG B 2697 39.28 -116.51 -7.28
N MET B 2698 38.72 -115.83 -6.29
CA MET B 2698 39.37 -114.67 -5.70
C MET B 2698 40.53 -115.04 -4.80
N ALA B 2699 40.56 -116.28 -4.31
CA ALA B 2699 41.54 -116.68 -3.31
C ALA B 2699 42.83 -117.24 -3.89
N MET B 2700 42.83 -117.70 -5.14
CA MET B 2700 44.10 -118.19 -5.67
C MET B 2700 45.07 -117.03 -5.94
N PRO B 2701 44.61 -115.88 -6.46
CA PRO B 2701 45.52 -114.72 -6.48
C PRO B 2701 45.95 -114.29 -5.09
N CYS B 2702 45.12 -114.57 -4.08
CA CYS B 2702 45.56 -114.33 -2.71
C CYS B 2702 46.75 -115.20 -2.36
N LEU B 2703 46.74 -116.47 -2.75
CA LEU B 2703 47.92 -117.31 -2.54
C LEU B 2703 49.12 -116.77 -3.28
N CYS B 2704 48.92 -116.31 -4.52
CA CYS B 2704 50.02 -115.72 -5.27
C CYS B 2704 50.62 -114.54 -4.53
N ALA B 2705 49.76 -113.63 -4.05
CA ALA B 2705 50.23 -112.43 -3.36
C ALA B 2705 50.93 -112.79 -2.05
N ILE B 2706 50.38 -113.73 -1.29
CA ILE B 2706 51.00 -114.12 -0.02
C ILE B 2706 52.37 -114.75 -0.27
N ALA B 2707 52.46 -115.63 -1.27
CA ALA B 2707 53.74 -116.25 -1.59
C ALA B 2707 54.76 -115.21 -2.02
N GLY B 2708 54.34 -114.22 -2.81
CA GLY B 2708 55.24 -113.16 -3.21
C GLY B 2708 55.50 -112.10 -2.16
N ALA B 2709 54.78 -112.13 -1.05
CA ALA B 2709 54.88 -111.10 -0.02
C ALA B 2709 55.92 -111.40 1.05
N LEU B 2710 56.61 -112.55 0.97
CA LEU B 2710 57.64 -112.90 1.95
C LEU B 2710 58.79 -113.61 1.25
N PRO B 2711 60.01 -113.41 1.72
CA PRO B 2711 61.19 -113.95 1.03
C PRO B 2711 61.35 -115.43 1.28
N PRO B 2712 61.87 -116.17 0.31
CA PRO B 2712 62.10 -117.61 0.53
C PRO B 2712 63.29 -117.91 1.43
N ASP B 2713 64.42 -117.25 1.21
CA ASP B 2713 65.62 -117.55 2.00
C ASP B 2713 65.46 -116.96 3.40
N TYR B 2714 65.58 -117.81 4.41
CA TYR B 2714 65.25 -117.46 5.79
C TYR B 2714 63.84 -116.88 5.86
N VAL B 2715 62.87 -117.73 5.53
CA VAL B 2715 61.49 -117.29 5.36
C VAL B 2715 60.95 -116.71 6.65
N ASP B 2716 61.20 -117.38 7.77
CA ASP B 2716 60.64 -117.01 9.06
C ASP B 2716 61.76 -116.80 10.06
N ALA B 2717 61.63 -115.76 10.87
CA ALA B 2717 62.59 -115.47 11.93
C ALA B 2717 62.09 -116.05 13.24
N SER B 2718 62.95 -116.82 13.91
CA SER B 2718 62.62 -117.45 15.19
C SER B 2718 61.39 -118.34 15.06
N TYR B 2719 61.44 -119.26 14.10
CA TYR B 2719 60.35 -120.21 13.91
C TYR B 2719 60.28 -121.15 15.11
N SER B 2720 59.07 -121.31 15.64
CA SER B 2720 58.83 -122.14 16.84
C SER B 2720 59.74 -121.74 17.99
N ASN B 2734 38.20 -121.41 15.60
CA ASN B 2734 39.32 -120.73 16.23
C ASN B 2734 40.48 -121.69 16.47
N PHE B 2735 41.39 -121.30 17.36
CA PHE B 2735 42.55 -122.11 17.71
C PHE B 2735 42.36 -122.70 19.10
N ASP B 2736 42.57 -124.01 19.22
CA ASP B 2736 42.48 -124.71 20.50
C ASP B 2736 43.83 -125.34 20.83
N PRO B 2737 44.59 -124.75 21.76
CA PRO B 2737 45.89 -125.35 22.12
C PRO B 2737 45.74 -126.67 22.84
N ARG B 2738 46.10 -127.77 22.17
CA ARG B 2738 45.96 -129.09 22.77
C ARG B 2738 47.09 -129.33 23.76
N PRO B 2739 46.79 -129.67 25.02
CA PRO B 2739 47.86 -129.98 25.97
C PRO B 2739 48.40 -131.39 25.76
N VAL B 2740 49.30 -131.82 26.65
CA VAL B 2740 49.90 -133.14 26.59
C VAL B 2740 49.32 -133.97 27.72
N GLU B 2741 48.73 -135.13 27.38
CA GLU B 2741 48.15 -136.03 28.36
C GLU B 2741 49.27 -136.75 29.09
N THR B 2742 49.63 -136.26 30.28
CA THR B 2742 50.71 -136.83 31.05
C THR B 2742 50.30 -137.28 32.44
N LEU B 2743 49.09 -136.93 32.90
CA LEU B 2743 48.65 -137.39 34.22
C LEU B 2743 48.28 -138.86 34.21
N ASN B 2744 47.81 -139.38 33.07
CA ASN B 2744 47.40 -140.78 32.99
C ASN B 2744 48.60 -141.71 33.16
N VAL B 2745 49.73 -141.37 32.54
CA VAL B 2745 50.90 -142.24 32.59
C VAL B 2745 51.57 -142.15 33.96
N ILE B 2746 52.14 -143.26 34.40
CA ILE B 2746 52.85 -143.30 35.67
C ILE B 2746 54.24 -142.68 35.49
N ILE B 2747 54.55 -141.69 36.33
CA ILE B 2747 55.81 -140.95 36.20
C ILE B 2747 56.94 -141.74 36.87
N PRO B 2748 58.15 -141.68 36.34
CA PRO B 2748 59.29 -142.31 37.03
C PRO B 2748 59.69 -141.52 38.27
N GLU B 2749 60.29 -142.23 39.22
CA GLU B 2749 60.82 -141.61 40.43
C GLU B 2749 62.25 -142.06 40.72
N LYS B 2750 62.93 -142.62 39.72
CA LYS B 2750 64.31 -143.06 39.89
C LYS B 2750 65.29 -141.89 39.97
N LEU B 2751 64.87 -140.69 39.61
CA LEU B 2751 65.72 -139.50 39.67
C LEU B 2751 65.12 -138.43 40.57
N ASP B 2752 64.44 -138.85 41.65
CA ASP B 2752 63.83 -137.90 42.57
C ASP B 2752 64.87 -137.01 43.22
N SER B 2753 66.11 -137.49 43.37
CA SER B 2753 67.18 -136.67 43.89
C SER B 2753 67.44 -135.46 43.00
N PHE B 2754 67.11 -135.57 41.72
CA PHE B 2754 67.15 -134.42 40.82
C PHE B 2754 65.81 -133.68 40.78
N ILE B 2755 64.71 -134.42 40.84
CA ILE B 2755 63.38 -133.80 40.77
C ILE B 2755 63.21 -132.78 41.90
N ASN B 2756 63.33 -133.25 43.15
CA ASN B 2756 63.13 -132.37 44.29
C ASN B 2756 64.20 -131.28 44.35
N LYS B 2757 65.44 -131.63 43.99
CA LYS B 2757 66.52 -130.65 44.02
C LYS B 2757 66.24 -129.50 43.07
N PHE B 2758 65.79 -129.80 41.85
CA PHE B 2758 65.47 -128.74 40.91
C PHE B 2758 64.20 -128.00 41.31
N ALA B 2759 63.24 -128.70 41.91
CA ALA B 2759 62.03 -128.03 42.39
C ALA B 2759 62.36 -126.97 43.43
N GLU B 2760 63.27 -127.29 44.36
CA GLU B 2760 63.71 -126.29 45.32
C GLU B 2760 64.63 -125.26 44.67
N TYR B 2761 65.41 -125.67 43.66
CA TYR B 2761 66.35 -124.76 43.02
C TYR B 2761 65.63 -123.68 42.22
N THR B 2762 64.43 -123.97 41.73
CA THR B 2762 63.65 -122.92 41.05
C THR B 2762 63.36 -121.75 41.99
N HIS B 2763 62.86 -122.05 43.19
CA HIS B 2763 62.63 -120.98 44.16
C HIS B 2763 63.94 -120.39 44.66
N GLU B 2764 64.99 -121.20 44.75
CA GLU B 2764 66.29 -120.67 45.16
C GLU B 2764 66.81 -119.64 44.15
N LYS B 2765 66.65 -119.92 42.86
CA LYS B 2765 67.04 -118.95 41.83
C LYS B 2765 66.08 -117.77 41.79
N TRP B 2766 64.81 -117.98 42.12
CA TRP B 2766 63.90 -116.86 42.28
C TRP B 2766 64.39 -115.91 43.36
N ALA B 2767 64.89 -116.47 44.47
CA ALA B 2767 65.54 -115.65 45.48
C ALA B 2767 66.81 -114.98 44.94
N PHE B 2768 67.59 -115.73 44.15
CA PHE B 2768 68.82 -115.20 43.59
C PHE B 2768 68.57 -113.98 42.69
N ASP B 2769 67.42 -113.96 42.01
CA ASP B 2769 67.12 -112.81 41.15
C ASP B 2769 66.92 -111.53 41.95
N LYS B 2770 66.45 -111.65 43.20
CA LYS B 2770 66.11 -110.46 43.98
C LYS B 2770 67.35 -109.66 44.38
N ILE B 2771 68.46 -110.35 44.72
CA ILE B 2771 69.66 -109.63 45.11
C ILE B 2771 70.22 -108.86 43.92
N GLN B 2772 70.12 -109.43 42.71
CA GLN B 2772 70.48 -108.69 41.51
C GLN B 2772 69.51 -107.54 41.27
N ASN B 2773 68.23 -107.74 41.58
CA ASN B 2773 67.24 -106.68 41.49
C ASN B 2773 67.37 -105.64 42.60
N ASN B 2774 68.30 -105.84 43.54
CA ASN B 2774 68.58 -104.91 44.63
C ASN B 2774 67.39 -104.82 45.60
N TRP B 2775 66.93 -105.98 46.06
CA TRP B 2775 65.89 -106.06 47.07
C TRP B 2775 66.21 -107.21 48.02
N SER B 2776 66.17 -106.91 49.32
CA SER B 2776 66.43 -107.93 50.32
C SER B 2776 65.22 -108.84 50.50
N TYR B 2777 65.47 -110.02 51.06
CA TYR B 2777 64.41 -111.00 51.31
C TYR B 2777 63.89 -110.82 52.73
N GLY B 2778 62.61 -110.45 52.84
CA GLY B 2778 61.99 -110.26 54.13
C GLY B 2778 61.45 -111.57 54.69
N GLU B 2779 61.60 -111.76 56.00
CA GLU B 2779 61.18 -113.01 56.63
C GLU B 2779 59.67 -113.06 56.80
N ASN B 2780 59.10 -112.11 57.54
CA ASN B 2780 57.67 -112.08 57.77
C ASN B 2780 56.93 -111.64 56.51
N VAL B 2781 55.64 -111.97 56.47
CA VAL B 2781 54.79 -111.60 55.33
C VAL B 2781 54.40 -110.14 55.46
N ASP B 2782 54.71 -109.34 54.44
CA ASP B 2782 54.40 -107.92 54.45
C ASP B 2782 54.10 -107.48 53.03
N GLU B 2783 53.13 -106.57 52.89
CA GLU B 2783 52.71 -106.12 51.57
C GLU B 2783 53.69 -105.14 50.94
N GLU B 2784 54.42 -104.38 51.76
CA GLU B 2784 55.32 -103.37 51.21
C GLU B 2784 56.48 -104.00 50.45
N LEU B 2785 56.86 -105.23 50.80
CA LEU B 2785 57.92 -105.94 50.09
C LEU B 2785 57.37 -106.44 48.77
N LYS B 2786 57.92 -105.93 47.66
CA LYS B 2786 57.38 -106.25 46.34
C LYS B 2786 57.60 -107.71 45.97
N THR B 2787 58.70 -108.30 46.43
CA THR B 2787 58.92 -109.72 46.21
C THR B 2787 58.11 -110.54 47.21
N HIS B 2788 58.13 -111.86 47.02
CA HIS B 2788 57.38 -112.77 47.88
C HIS B 2788 57.90 -112.70 49.30
N PRO B 2789 57.09 -112.21 50.26
CA PRO B 2789 57.57 -112.07 51.63
C PRO B 2789 57.60 -113.37 52.43
N MET B 2790 57.02 -114.45 51.89
CA MET B 2790 57.02 -115.72 52.59
C MET B 2790 58.40 -116.34 52.68
N LEU B 2791 59.33 -115.90 51.83
CA LEU B 2791 60.69 -116.44 51.83
C LEU B 2791 61.37 -116.18 53.17
N ARG B 2792 62.16 -117.15 53.61
CA ARG B 2792 62.85 -117.08 54.89
C ARG B 2792 64.17 -117.84 54.76
N PRO B 2793 65.08 -117.65 55.71
CA PRO B 2793 66.24 -118.55 55.77
C PRO B 2793 65.79 -119.97 56.05
N TYR B 2794 66.56 -120.93 55.53
CA TYR B 2794 66.16 -122.34 55.61
C TYR B 2794 66.02 -122.83 57.05
N LYS B 2795 66.69 -122.18 58.00
CA LYS B 2795 66.53 -122.56 59.40
C LYS B 2795 65.10 -122.31 59.88
N THR B 2796 64.51 -121.19 59.48
CA THR B 2796 63.16 -120.81 59.87
C THR B 2796 62.23 -120.75 58.67
N PHE B 2797 62.37 -121.72 57.76
CA PHE B 2797 61.59 -121.77 56.53
C PHE B 2797 60.59 -122.91 56.62
N SER B 2798 59.34 -122.63 56.28
CA SER B 2798 58.27 -123.62 56.31
C SER B 2798 58.10 -124.27 54.95
N GLU B 2799 57.98 -125.59 54.93
CA GLU B 2799 57.88 -126.35 53.70
C GLU B 2799 56.46 -126.42 53.14
N LYS B 2800 55.49 -125.78 53.80
CA LYS B 2800 54.13 -125.79 53.28
C LYS B 2800 54.03 -125.15 51.91
N ASP B 2801 54.91 -124.20 51.61
CA ASP B 2801 54.95 -123.59 50.28
C ASP B 2801 55.89 -124.32 49.34
N LYS B 2802 56.91 -125.00 49.88
CA LYS B 2802 57.78 -125.82 49.04
C LYS B 2802 57.04 -127.02 48.48
N GLU B 2803 56.09 -127.57 49.24
CA GLU B 2803 55.31 -128.71 48.77
C GLU B 2803 54.18 -128.30 47.83
N ILE B 2804 54.01 -127.01 47.55
CA ILE B 2804 53.01 -126.56 46.59
C ILE B 2804 53.63 -125.81 45.41
N TYR B 2805 54.83 -125.24 45.54
CA TYR B 2805 55.47 -124.55 44.43
C TYR B 2805 56.17 -125.49 43.46
N ARG B 2806 56.35 -126.76 43.83
CA ARG B 2806 56.96 -127.73 42.94
C ARG B 2806 55.99 -128.24 41.87
N TRP B 2807 54.70 -127.91 42.00
CA TRP B 2807 53.71 -128.44 41.06
C TRP B 2807 53.97 -128.05 39.61
N PRO B 2808 54.30 -126.79 39.27
CA PRO B 2808 54.70 -126.52 37.88
C PRO B 2808 55.92 -127.30 37.45
N ILE B 2809 56.89 -127.48 38.34
CA ILE B 2809 58.07 -128.29 38.02
C ILE B 2809 57.68 -129.74 37.79
N LYS B 2810 56.78 -130.26 38.64
CA LYS B 2810 56.28 -131.62 38.45
C LYS B 2810 55.58 -131.77 37.10
N GLU B 2811 54.75 -130.78 36.74
CA GLU B 2811 54.05 -130.83 35.46
C GLU B 2811 55.03 -130.80 34.30
N SER B 2812 56.06 -129.96 34.38
CA SER B 2812 57.04 -129.88 33.30
C SER B 2812 57.82 -131.20 33.16
N LEU B 2813 58.21 -131.80 34.29
CA LEU B 2813 58.93 -133.06 34.23
C LEU B 2813 58.04 -134.17 33.70
N LYS B 2814 56.77 -134.19 34.09
CA LYS B 2814 55.82 -135.15 33.52
C LYS B 2814 55.64 -134.92 32.03
N ALA B 2815 55.70 -133.66 31.59
CA ALA B 2815 55.61 -133.36 30.17
C ALA B 2815 56.81 -133.95 29.42
N MET B 2816 58.01 -133.78 29.97
CA MET B 2816 59.18 -134.39 29.32
C MET B 2816 59.07 -135.90 29.32
N ILE B 2817 58.56 -136.48 30.40
CA ILE B 2817 58.39 -137.94 30.46
C ILE B 2817 57.42 -138.41 29.38
N ALA B 2818 56.30 -137.70 29.22
CA ALA B 2818 55.33 -138.05 28.19
C ALA B 2818 55.92 -137.86 26.79
N TRP B 2819 56.83 -136.91 26.62
CA TRP B 2819 57.51 -136.75 25.36
C TRP B 2819 58.38 -137.97 25.06
N GLU B 2820 58.70 -138.15 23.78
CA GLU B 2820 59.52 -139.28 23.36
C GLU B 2820 60.95 -139.20 23.89
N TRP B 2821 61.37 -138.04 24.39
CA TRP B 2821 62.73 -137.87 24.87
C TRP B 2821 62.86 -138.39 26.30
N THR B 2822 63.88 -139.20 26.53
CA THR B 2822 64.13 -139.82 27.83
C THR B 2822 65.31 -139.16 28.52
N ILE B 2823 65.49 -139.49 29.80
CA ILE B 2823 66.56 -138.95 30.63
C ILE B 2823 67.36 -140.13 31.18
N GLU B 2824 68.68 -140.08 30.98
CA GLU B 2824 69.58 -141.11 31.47
C GLU B 2824 70.67 -140.48 32.32
N LYS B 2825 70.98 -141.12 33.45
CA LYS B 2825 72.01 -140.64 34.37
C LYS B 2825 73.37 -141.11 33.87
N ALA B 2826 73.93 -140.36 32.93
CA ALA B 2826 75.24 -140.70 32.40
C ALA B 2826 76.33 -140.54 33.47
N ARG B 2827 76.24 -139.48 34.27
CA ARG B 2827 77.23 -139.21 35.30
C ARG B 2827 76.89 -139.97 36.58
N GLU B 2828 77.85 -139.99 37.51
CA GLU B 2828 77.69 -140.60 38.82
C GLU B 2828 77.63 -139.49 39.86
N GLY B 2829 76.43 -139.23 40.36
CA GLY B 2829 76.25 -138.18 41.35
C GLY B 2829 74.82 -138.15 41.84
N GLU B 2830 74.60 -137.28 42.82
CA GLU B 2830 73.29 -137.10 43.44
C GLU B 2830 72.72 -138.41 43.97
N TYR B 2855 69.88 -117.98 52.12
CA TYR B 2855 69.00 -118.50 51.08
C TYR B 2855 69.35 -117.88 49.72
N ASN B 2856 70.60 -118.09 49.30
CA ASN B 2856 71.08 -117.55 48.03
C ASN B 2856 72.03 -118.57 47.41
N PRO B 2857 71.81 -118.95 46.15
CA PRO B 2857 72.69 -119.94 45.51
C PRO B 2857 73.93 -119.33 44.90
N GLN B 2858 75.11 -119.81 45.32
CA GLN B 2858 76.35 -119.35 44.70
C GLN B 2858 76.46 -119.74 43.24
N PRO B 2859 76.19 -120.97 42.82
CA PRO B 2859 76.25 -121.30 41.38
C PRO B 2859 75.12 -120.62 40.63
N PRO B 2860 75.43 -119.84 39.59
CA PRO B 2860 74.38 -119.15 38.84
C PRO B 2860 73.85 -119.95 37.67
N ASP B 2861 72.57 -119.76 37.40
CA ASP B 2861 71.89 -120.36 36.25
C ASP B 2861 71.63 -119.24 35.23
N LEU B 2862 72.49 -119.17 34.21
CA LEU B 2862 72.40 -118.15 33.18
C LEU B 2862 72.19 -118.82 31.82
N SER B 2863 71.28 -118.26 31.03
CA SER B 2863 70.94 -118.81 29.72
C SER B 2863 71.60 -118.03 28.58
N GLY B 2864 72.72 -117.36 28.85
CA GLY B 2864 73.42 -116.57 27.86
C GLY B 2864 74.46 -117.30 27.05
N VAL B 2865 74.58 -118.61 27.21
CA VAL B 2865 75.56 -119.40 26.49
C VAL B 2865 74.85 -120.26 25.46
N THR B 2866 75.56 -120.54 24.36
CA THR B 2866 74.99 -121.31 23.26
C THR B 2866 75.05 -122.81 23.56
N LEU B 2867 74.40 -123.58 22.69
CA LEU B 2867 74.34 -125.03 22.83
C LEU B 2867 74.11 -125.63 21.45
N SER B 2868 74.02 -126.96 21.41
CA SER B 2868 73.83 -127.65 20.14
C SER B 2868 72.40 -127.45 19.62
N ARG B 2869 72.23 -127.73 18.33
CA ARG B 2869 70.95 -127.46 17.68
C ARG B 2869 69.83 -128.34 18.23
N GLU B 2870 70.08 -129.65 18.31
CA GLU B 2870 69.05 -130.56 18.82
CA GLU B 2870 69.05 -130.56 18.82
C GLU B 2870 68.75 -130.28 20.28
N LEU B 2871 69.78 -130.03 21.09
CA LEU B 2871 69.55 -129.76 22.50
C LEU B 2871 68.87 -128.42 22.71
N GLN B 2872 69.06 -127.47 21.77
CA GLN B 2872 68.29 -126.23 21.80
C GLN B 2872 66.86 -126.46 21.32
N ALA B 2873 66.66 -127.38 20.37
CA ALA B 2873 65.31 -127.76 19.99
C ALA B 2873 64.57 -128.40 21.16
N MET B 2874 65.29 -129.06 22.06
CA MET B 2874 64.69 -129.55 23.30
C MET B 2874 64.03 -128.42 24.07
N ALA B 2875 64.78 -127.34 24.31
CA ALA B 2875 64.22 -126.20 25.05
C ALA B 2875 63.12 -125.52 24.26
N GLU B 2876 63.26 -125.46 22.93
CA GLU B 2876 62.23 -124.85 22.10
C GLU B 2876 60.91 -125.59 22.23
N GLN B 2877 60.96 -126.93 22.15
CA GLN B 2877 59.74 -127.72 22.28
C GLN B 2877 59.20 -127.67 23.70
N LEU B 2878 60.07 -127.61 24.71
CA LEU B 2878 59.60 -127.48 26.08
C LEU B 2878 58.86 -126.15 26.28
N ALA B 2879 59.40 -125.06 25.72
CA ALA B 2879 58.71 -123.78 25.80
C ALA B 2879 57.41 -123.80 25.02
N GLU B 2880 57.38 -124.51 23.89
CA GLU B 2880 56.13 -124.67 23.14
C GLU B 2880 55.07 -125.37 23.99
N ASN B 2881 55.47 -126.43 24.71
CA ASN B 2881 54.53 -127.12 25.59
C ASN B 2881 54.07 -126.20 26.73
N TYR B 2882 55.01 -125.45 27.31
CA TYR B 2882 54.64 -124.47 28.33
C TYR B 2882 53.57 -123.51 27.82
N HIS B 2883 53.80 -122.95 26.63
CA HIS B 2883 52.88 -121.93 26.15
C HIS B 2883 51.55 -122.51 25.71
N ASN B 2884 51.52 -123.72 25.16
CA ASN B 2884 50.22 -124.28 24.80
C ASN B 2884 49.42 -124.68 26.04
N THR B 2885 50.10 -125.17 27.08
CA THR B 2885 49.40 -125.40 28.35
C THR B 2885 48.87 -124.09 28.92
N TRP B 2886 49.67 -123.02 28.87
CA TRP B 2886 49.22 -121.72 29.35
C TRP B 2886 48.04 -121.21 28.55
N GLY B 2887 48.08 -121.38 27.22
CA GLY B 2887 46.98 -120.96 26.39
C GLY B 2887 45.70 -121.74 26.66
N ARG B 2888 45.83 -123.05 26.90
CA ARG B 2888 44.67 -123.85 27.26
C ARG B 2888 44.07 -123.40 28.58
N LYS B 2889 44.92 -123.19 29.60
CA LYS B 2889 44.39 -122.79 30.90
C LYS B 2889 43.86 -121.37 30.90
N LYS B 2890 44.30 -120.53 29.95
CA LYS B 2890 43.71 -119.20 29.82
C LYS B 2890 42.40 -119.24 29.05
N LYS B 2891 42.35 -120.01 27.96
CA LYS B 2891 41.13 -120.09 27.16
C LYS B 2891 40.03 -120.86 27.87
N GLN B 2892 40.36 -121.66 28.89
CA GLN B 2892 39.31 -122.28 29.70
C GLN B 2892 38.47 -121.22 30.39
N GLU B 2893 39.11 -120.19 30.94
CA GLU B 2893 38.37 -119.06 31.50
C GLU B 2893 37.84 -118.12 30.42
N LEU B 2894 38.59 -117.95 29.34
CA LEU B 2894 38.20 -116.97 28.32
C LEU B 2894 37.00 -117.42 27.51
N GLU B 2895 36.75 -118.73 27.42
CA GLU B 2895 35.67 -119.23 26.57
C GLU B 2895 34.29 -118.88 27.11
N ALA B 2896 34.19 -118.46 28.38
CA ALA B 2896 32.89 -118.07 28.92
C ALA B 2896 32.40 -116.73 28.37
N LYS B 2897 33.30 -115.91 27.82
CA LYS B 2897 32.89 -114.63 27.28
C LYS B 2897 32.08 -114.79 25.99
N GLY B 2898 32.50 -115.68 25.11
CA GLY B 2898 31.83 -115.87 23.84
C GLY B 2898 32.20 -114.87 22.76
N GLY B 2899 33.09 -113.93 23.05
CA GLY B 2899 33.48 -112.94 22.07
C GLY B 2899 34.85 -112.35 22.38
N GLY B 2900 35.71 -112.27 21.36
CA GLY B 2900 37.05 -111.77 21.54
C GLY B 2900 38.00 -112.85 22.00
N THR B 2901 39.29 -112.51 22.01
CA THR B 2901 40.32 -113.46 22.41
C THR B 2901 41.52 -112.71 22.96
N HIS B 2902 42.33 -113.41 23.74
CA HIS B 2902 43.55 -112.83 24.28
C HIS B 2902 44.58 -112.64 23.17
N PRO B 2903 45.31 -111.52 23.17
CA PRO B 2903 46.33 -111.32 22.13
C PRO B 2903 47.46 -112.33 22.17
N LEU B 2904 47.69 -112.98 23.31
CA LEU B 2904 48.75 -113.96 23.46
C LEU B 2904 48.25 -115.39 23.36
N LEU B 2905 46.98 -115.59 22.99
CA LEU B 2905 46.43 -116.93 22.83
C LEU B 2905 46.91 -117.61 21.56
N VAL B 2906 47.63 -116.91 20.70
CA VAL B 2906 48.14 -117.45 19.45
C VAL B 2906 49.15 -118.56 19.75
N PRO B 2907 49.32 -119.53 18.86
CA PRO B 2907 50.26 -120.63 19.13
C PRO B 2907 51.69 -120.14 19.42
N TYR B 2908 52.49 -121.06 19.97
CA TYR B 2908 53.84 -120.72 20.39
C TYR B 2908 54.70 -120.30 19.21
N ASP B 2909 54.60 -121.03 18.09
CA ASP B 2909 55.37 -120.65 16.92
C ASP B 2909 54.90 -119.32 16.34
N THR B 2910 53.60 -119.04 16.44
CA THR B 2910 53.04 -117.82 15.83
C THR B 2910 53.34 -116.57 16.65
N LEU B 2911 53.44 -116.68 17.97
CA LEU B 2911 53.61 -115.47 18.76
C LEU B 2911 54.97 -114.83 18.51
N THR B 2912 55.05 -113.52 18.77
CA THR B 2912 56.26 -112.77 18.50
C THR B 2912 57.38 -113.18 19.45
N ALA B 2913 58.62 -113.06 18.96
CA ALA B 2913 59.78 -113.46 19.75
C ALA B 2913 59.98 -112.58 20.97
N LYS B 2914 59.49 -111.33 20.95
CA LYS B 2914 59.66 -110.45 22.10
C LYS B 2914 58.92 -110.98 23.32
N GLU B 2915 57.71 -111.49 23.13
CA GLU B 2915 56.95 -112.11 24.21
C GLU B 2915 57.28 -113.59 24.39
N LYS B 2916 58.03 -114.18 23.47
CA LYS B 2916 58.47 -115.56 23.63
C LYS B 2916 59.49 -115.71 24.74
N ALA B 2917 60.16 -114.62 25.13
CA ALA B 2917 61.24 -114.70 26.10
C ALA B 2917 60.75 -115.22 27.45
N ARG B 2918 59.49 -114.96 27.81
CA ARG B 2918 58.98 -115.38 29.10
C ARG B 2918 59.09 -116.89 29.30
N ASP B 2919 58.78 -117.66 28.25
CA ASP B 2919 58.96 -119.11 28.31
C ASP B 2919 60.34 -119.55 27.86
N ARG B 2920 60.96 -118.82 26.93
CA ARG B 2920 62.27 -119.22 26.41
C ARG B 2920 63.33 -119.17 27.49
N GLU B 2921 63.31 -118.14 28.34
CA GLU B 2921 64.30 -118.02 29.41
C GLU B 2921 64.19 -119.17 30.40
N LYS B 2922 62.96 -119.52 30.79
CA LYS B 2922 62.77 -120.65 31.71
C LYS B 2922 63.21 -121.96 31.07
N ALA B 2923 62.84 -122.17 29.80
CA ALA B 2923 63.23 -123.40 29.12
C ALA B 2923 64.75 -123.51 29.00
N GLN B 2924 65.42 -122.40 28.68
CA GLN B 2924 66.86 -122.42 28.55
C GLN B 2924 67.55 -122.57 29.90
N GLU B 2925 66.98 -122.01 30.97
CA GLU B 2925 67.53 -122.22 32.30
C GLU B 2925 67.43 -123.69 32.70
N LEU B 2926 66.29 -124.31 32.42
CA LEU B 2926 66.15 -125.74 32.68
C LEU B 2926 67.13 -126.55 31.84
N LEU B 2927 67.32 -126.13 30.58
CA LEU B 2927 68.28 -126.80 29.71
C LEU B 2927 69.70 -126.70 30.25
N LYS B 2928 70.08 -125.53 30.76
CA LYS B 2928 71.41 -125.36 31.33
C LYS B 2928 71.57 -126.17 32.61
N PHE B 2929 70.49 -126.27 33.41
CA PHE B 2929 70.54 -127.14 34.58
C PHE B 2929 70.76 -128.58 34.16
N LEU B 2930 70.07 -129.03 33.12
CA LEU B 2930 70.27 -130.40 32.61
C LEU B 2930 71.70 -130.59 32.10
N GLN B 2931 72.24 -129.57 31.43
CA GLN B 2931 73.62 -129.65 30.95
C GLN B 2931 74.60 -129.76 32.12
N MET B 2932 74.37 -128.98 33.18
CA MET B 2932 75.23 -129.07 34.36
C MET B 2932 75.13 -130.45 35.00
N ASN B 2933 73.92 -131.03 35.02
CA ASN B 2933 73.78 -132.39 35.52
C ASN B 2933 74.53 -133.38 34.63
N GLY B 2934 74.51 -133.18 33.33
CA GLY B 2934 75.12 -134.11 32.39
C GLY B 2934 74.23 -135.23 31.94
N TYR B 2935 72.91 -135.08 32.07
CA TYR B 2935 71.98 -136.13 31.70
C TYR B 2935 71.97 -136.35 30.20
N ALA B 2936 71.86 -137.61 29.80
CA ALA B 2936 71.76 -137.97 28.38
C ALA B 2936 70.30 -137.97 27.95
N VAL B 2937 70.03 -137.36 26.80
CA VAL B 2937 68.67 -137.25 26.27
C VAL B 2937 68.64 -137.91 24.90
N THR B 2938 67.70 -138.84 24.72
CA THR B 2938 67.53 -139.55 23.47
C THR B 2938 66.04 -139.71 23.19
N ARG B 2939 65.65 -139.53 21.93
CA ARG B 2939 64.25 -139.66 21.54
C ARG B 2939 63.87 -141.13 21.36
N SER B 2950 68.13 -125.65 7.81
CA SER B 2950 68.77 -124.91 6.72
C SER B 2950 67.76 -124.61 5.61
N ILE B 2951 68.09 -125.03 4.39
CA ILE B 2951 67.21 -124.78 3.25
C ILE B 2951 65.90 -125.56 3.36
N GLU B 2952 65.89 -126.65 4.12
CA GLU B 2952 64.66 -127.43 4.31
C GLU B 2952 63.59 -126.61 5.04
N LYS B 2953 64.01 -125.84 6.04
CA LYS B 2953 63.06 -125.04 6.80
C LYS B 2953 62.55 -123.83 6.02
N ARG B 2954 63.23 -123.45 4.95
CA ARG B 2954 62.90 -122.23 4.24
C ARG B 2954 61.74 -122.44 3.26
N PHE B 2955 61.09 -121.32 2.93
CA PHE B 2955 60.19 -121.26 1.78
C PHE B 2955 60.90 -121.54 0.46
N ALA B 2956 62.23 -121.41 0.44
CA ALA B 2956 62.96 -121.66 -0.80
C ALA B 2956 62.75 -123.08 -1.28
N PHE B 2957 62.91 -124.07 -0.39
CA PHE B 2957 63.00 -125.46 -0.81
C PHE B 2957 61.96 -126.38 -0.17
N GLY B 2958 61.51 -126.08 1.06
CA GLY B 2958 60.47 -126.89 1.67
C GLY B 2958 59.18 -126.88 0.87
N PHE B 2959 58.73 -125.69 0.45
CA PHE B 2959 57.57 -125.61 -0.42
C PHE B 2959 57.81 -126.41 -1.70
N LEU B 2960 59.04 -126.44 -2.17
CA LEU B 2960 59.36 -127.29 -3.31
C LEU B 2960 59.38 -128.77 -2.92
N GLN B 2961 59.64 -129.11 -1.66
CA GLN B 2961 59.48 -130.49 -1.22
C GLN B 2961 58.02 -130.91 -1.33
N GLN B 2962 57.11 -130.07 -0.81
CA GLN B 2962 55.69 -130.36 -1.02
C GLN B 2962 55.30 -130.30 -2.50
N LEU B 2963 56.00 -129.51 -3.31
CA LEU B 2963 55.76 -129.60 -4.75
C LEU B 2963 56.10 -130.99 -5.27
N LEU B 2964 57.21 -131.58 -4.80
CA LEU B 2964 57.57 -132.94 -5.18
C LEU B 2964 56.46 -133.92 -4.79
N ARG B 2965 56.01 -133.80 -3.53
CA ARG B 2965 54.92 -134.62 -3.02
C ARG B 2965 53.62 -134.37 -3.77
N TRP B 2966 53.53 -133.28 -4.52
CA TRP B 2966 52.39 -133.04 -5.39
C TRP B 2966 52.60 -133.61 -6.79
N MET B 2967 53.76 -133.38 -7.40
CA MET B 2967 53.93 -133.72 -8.80
C MET B 2967 54.12 -135.23 -9.00
N ASP B 2968 54.52 -135.96 -7.96
CA ASP B 2968 54.49 -137.42 -8.10
C ASP B 2968 53.06 -137.89 -8.38
N ILE B 2969 52.12 -137.44 -7.54
CA ILE B 2969 50.71 -137.73 -7.77
C ILE B 2969 50.26 -137.16 -9.11
N SER B 2970 50.76 -135.98 -9.47
CA SER B 2970 50.36 -135.36 -10.73
C SER B 2970 50.74 -136.25 -11.91
N GLN B 2971 51.99 -136.71 -11.93
CA GLN B 2971 52.44 -137.54 -13.05
C GLN B 2971 51.70 -138.87 -13.08
N GLU B 2972 51.46 -139.49 -11.91
CA GLU B 2972 50.77 -140.78 -11.95
C GLU B 2972 49.33 -140.61 -12.44
N PHE B 2973 48.62 -139.56 -11.99
CA PHE B 2973 47.24 -139.45 -12.44
C PHE B 2973 47.14 -138.98 -13.88
N ILE B 2974 48.09 -138.17 -14.37
CA ILE B 2974 48.02 -137.81 -15.79
C ILE B 2974 48.41 -139.00 -16.66
N ALA B 2975 49.28 -139.88 -16.16
CA ALA B 2975 49.53 -141.14 -16.87
C ALA B 2975 48.27 -141.98 -16.95
N HIS B 2976 47.52 -142.06 -15.84
CA HIS B 2976 46.24 -142.74 -15.86
C HIS B 2976 45.28 -142.10 -16.86
N LEU B 2977 45.24 -140.76 -16.88
CA LEU B 2977 44.34 -140.06 -17.78
C LEU B 2977 44.69 -140.31 -19.24
N GLU B 2978 45.98 -140.30 -19.58
CA GLU B 2978 46.37 -140.57 -20.96
C GLU B 2978 46.11 -142.02 -21.32
N ALA B 2979 46.30 -142.94 -20.37
CA ALA B 2979 45.98 -144.35 -20.64
C ALA B 2979 44.50 -144.53 -20.92
N VAL B 2980 43.63 -143.90 -20.12
CA VAL B 2980 42.20 -144.08 -20.33
C VAL B 2980 41.73 -143.34 -21.58
N VAL B 2981 42.34 -142.19 -21.91
CA VAL B 2981 41.95 -141.50 -23.13
C VAL B 2981 42.40 -142.29 -24.36
N SER B 2982 43.51 -143.03 -24.25
CA SER B 2982 43.89 -143.94 -25.33
C SER B 2982 42.91 -145.09 -25.43
N SER B 2983 42.59 -145.72 -24.30
CA SER B 2983 41.58 -146.79 -24.27
C SER B 2983 40.20 -146.25 -23.91
N GLY B 2984 39.78 -145.19 -24.58
CA GLY B 2984 38.43 -144.66 -24.41
C GLY B 2984 38.38 -143.44 -23.50
N ARG B 2985 37.63 -143.56 -22.40
CA ARG B 2985 37.50 -142.51 -21.40
C ARG B 2985 36.94 -143.12 -20.13
N VAL B 2986 37.02 -142.35 -19.05
CA VAL B 2986 36.50 -142.73 -17.74
C VAL B 2986 35.31 -141.83 -17.42
N GLU B 2987 34.18 -142.45 -17.06
CA GLU B 2987 32.98 -141.67 -16.73
C GLU B 2987 33.22 -140.79 -15.52
N LYS B 2988 33.88 -141.31 -14.49
CA LYS B 2988 34.17 -140.57 -13.27
C LYS B 2988 35.64 -140.75 -12.93
N SER B 2989 36.38 -139.64 -12.92
CA SER B 2989 37.78 -139.69 -12.52
C SER B 2989 37.88 -140.00 -11.03
N PRO B 2990 38.83 -140.85 -10.62
CA PRO B 2990 38.94 -141.17 -9.18
C PRO B 2990 39.24 -139.96 -8.31
N HIS B 2991 40.04 -139.02 -8.78
CA HIS B 2991 40.47 -137.87 -7.99
C HIS B 2991 40.42 -136.59 -8.81
N GLU B 2992 39.28 -136.37 -9.48
CA GLU B 2992 39.14 -135.21 -10.36
C GLU B 2992 39.38 -133.89 -9.64
N GLN B 2993 39.02 -133.82 -8.36
CA GLN B 2993 39.26 -132.60 -7.60
C GLN B 2993 40.76 -132.32 -7.51
N GLU B 2994 41.54 -133.34 -7.19
CA GLU B 2994 42.99 -133.20 -7.18
C GLU B 2994 43.54 -133.01 -8.60
N ILE B 2995 42.81 -133.48 -9.61
CA ILE B 2995 43.22 -133.29 -11.00
C ILE B 2995 43.19 -131.82 -11.38
N LYS B 2996 42.11 -131.13 -11.02
CA LYS B 2996 42.00 -129.71 -11.32
C LYS B 2996 42.70 -128.83 -10.29
N PHE B 2997 43.06 -129.39 -9.12
CA PHE B 2997 43.75 -128.60 -8.11
C PHE B 2997 45.03 -128.00 -8.65
N PHE B 2998 45.88 -128.82 -9.28
CA PHE B 2998 47.16 -128.30 -9.75
C PHE B 2998 46.94 -127.28 -10.85
N ALA B 2999 46.01 -127.55 -11.77
CA ALA B 2999 45.77 -126.64 -12.89
C ALA B 2999 45.28 -125.28 -12.42
N LYS B 3000 44.57 -125.23 -11.29
CA LYS B 3000 44.09 -123.95 -10.81
C LYS B 3000 44.98 -123.29 -9.75
N ILE B 3001 45.85 -124.03 -9.08
CA ILE B 3001 46.68 -123.47 -8.02
C ILE B 3001 48.16 -123.54 -8.38
N LEU B 3002 48.66 -124.73 -8.67
CA LEU B 3002 50.10 -124.93 -8.80
C LEU B 3002 50.66 -124.12 -9.96
N LEU B 3003 50.02 -124.19 -11.12
CA LEU B 3003 50.52 -123.45 -12.29
C LEU B 3003 50.55 -121.94 -12.04
N PRO B 3004 49.45 -121.30 -11.58
CA PRO B 3004 49.59 -119.87 -11.23
C PRO B 3004 50.62 -119.62 -10.15
N LEU B 3005 50.65 -120.45 -9.12
CA LEU B 3005 51.61 -120.24 -8.04
C LEU B 3005 53.04 -120.37 -8.53
N ILE B 3006 53.34 -121.39 -9.35
CA ILE B 3006 54.71 -121.51 -9.84
C ILE B 3006 55.06 -120.33 -10.73
N ASN B 3007 54.19 -120.00 -11.70
CA ASN B 3007 54.53 -118.97 -12.66
C ASN B 3007 54.49 -117.57 -12.09
N GLN B 3008 53.95 -117.39 -10.88
CA GLN B 3008 54.02 -116.11 -10.19
C GLN B 3008 55.20 -116.08 -9.24
N TYR B 3009 55.36 -117.11 -8.40
CA TYR B 3009 56.38 -117.13 -7.37
C TYR B 3009 57.77 -117.12 -7.99
N PHE B 3010 58.04 -118.03 -8.94
CA PHE B 3010 59.36 -118.07 -9.54
C PHE B 3010 59.62 -116.82 -10.39
N THR B 3011 58.59 -116.29 -11.04
CA THR B 3011 58.73 -115.00 -11.71
C THR B 3011 59.17 -113.92 -10.73
N ASN B 3012 58.52 -113.85 -9.56
CA ASN B 3012 58.80 -112.77 -8.62
C ASN B 3012 60.20 -112.87 -8.04
N HIS B 3013 60.63 -114.09 -7.67
CA HIS B 3013 61.91 -114.25 -7.01
C HIS B 3013 62.99 -114.82 -7.90
N CYS B 3014 62.82 -114.75 -9.22
CA CYS B 3014 63.84 -115.25 -10.14
C CYS B 3014 65.15 -114.47 -10.04
N LEU B 3015 65.12 -113.29 -9.42
CA LEU B 3015 66.32 -112.50 -9.22
C LEU B 3015 67.37 -113.27 -8.42
N TYR B 3016 66.96 -114.00 -7.39
CA TYR B 3016 67.91 -114.73 -6.55
C TYR B 3016 68.05 -116.20 -6.94
N PHE B 3017 67.07 -116.76 -7.67
CA PHE B 3017 67.14 -118.17 -8.02
C PHE B 3017 68.36 -118.48 -8.88
N LEU B 3018 68.80 -117.54 -9.70
CA LEU B 3018 70.03 -117.67 -10.47
C LEU B 3018 71.21 -117.00 -9.79
N SER B 3019 71.11 -116.77 -8.49
CA SER B 3019 72.19 -116.16 -7.72
C SER B 3019 72.89 -117.22 -6.88
N THR B 3020 74.21 -117.09 -6.81
CA THR B 3020 75.07 -117.94 -6.01
C THR B 3020 76.06 -117.04 -5.29
N PRO B 3021 76.55 -117.45 -4.12
CA PRO B 3021 77.65 -116.68 -3.49
C PRO B 3021 78.80 -116.38 -4.44
N ALA B 3022 79.09 -117.28 -5.38
CA ALA B 3022 80.05 -116.96 -6.43
C ALA B 3022 79.54 -115.83 -7.32
N LYS B 3023 78.25 -115.83 -7.64
CA LYS B 3023 77.68 -114.78 -8.48
C LYS B 3023 77.61 -113.46 -7.70
N VAL B 3024 77.48 -112.37 -8.45
CA VAL B 3024 77.42 -111.03 -7.89
C VAL B 3024 76.06 -110.45 -8.28
N LEU B 3025 75.08 -110.59 -7.39
CA LEU B 3025 73.72 -110.15 -7.66
C LEU B 3025 73.14 -109.49 -6.41
N GLY B 3026 72.14 -108.64 -6.63
CA GLY B 3026 71.59 -107.87 -5.53
C GLY B 3026 70.90 -108.71 -4.48
N SER B 3027 70.04 -109.64 -4.91
CA SER B 3027 69.34 -110.50 -3.97
C SER B 3027 70.26 -111.62 -3.48
N GLY B 3028 70.10 -112.00 -2.22
CA GLY B 3028 70.93 -113.04 -1.66
C GLY B 3028 70.70 -114.38 -2.33
N GLY B 3029 71.81 -115.08 -2.60
CA GLY B 3029 71.71 -116.34 -3.29
C GLY B 3029 71.15 -117.44 -2.42
N HIS B 3030 70.57 -118.46 -3.08
CA HIS B 3030 70.01 -119.59 -2.35
C HIS B 3030 71.09 -120.44 -1.70
N ALA B 3031 72.24 -120.58 -2.35
CA ALA B 3031 73.40 -121.29 -1.79
C ALA B 3031 73.03 -122.71 -1.37
N SER B 3032 72.20 -123.37 -2.16
CA SER B 3032 71.76 -124.72 -1.86
C SER B 3032 71.57 -125.48 -3.17
N ASN B 3033 72.30 -126.58 -3.33
CA ASN B 3033 72.25 -127.31 -4.59
C ASN B 3033 70.88 -127.94 -4.80
N LYS B 3034 70.31 -128.53 -3.75
CA LYS B 3034 68.98 -129.13 -3.85
C LYS B 3034 67.91 -128.12 -4.15
N GLU B 3035 68.04 -126.90 -3.59
CA GLU B 3035 67.08 -125.83 -3.84
C GLU B 3035 66.83 -125.63 -5.32
N LYS B 3036 67.89 -125.64 -6.13
CA LYS B 3036 67.77 -125.46 -7.58
C LYS B 3036 67.73 -126.77 -8.33
N GLU B 3037 68.15 -127.88 -7.73
CA GLU B 3037 68.29 -129.09 -8.51
C GLU B 3037 66.99 -129.88 -8.54
N MET B 3038 66.17 -129.76 -7.52
CA MET B 3038 64.84 -130.34 -7.65
C MET B 3038 64.01 -129.48 -8.60
N ILE B 3039 64.37 -128.19 -8.74
CA ILE B 3039 63.78 -127.39 -9.81
C ILE B 3039 64.17 -127.96 -11.16
N THR B 3040 65.43 -128.37 -11.31
CA THR B 3040 65.87 -129.04 -12.53
C THR B 3040 65.10 -130.34 -12.75
N SER B 3041 64.90 -131.12 -11.69
CA SER B 3041 64.07 -132.32 -11.79
C SER B 3041 62.67 -131.95 -12.24
N LEU B 3042 62.17 -130.79 -11.78
CA LEU B 3042 60.85 -130.34 -12.16
C LEU B 3042 60.81 -129.98 -13.64
N PHE B 3043 61.91 -129.42 -14.16
CA PHE B 3043 62.02 -129.25 -15.61
C PHE B 3043 61.83 -130.58 -16.31
N CYS B 3044 62.62 -131.58 -15.93
CA CYS B 3044 62.57 -132.87 -16.60
C CYS B 3044 61.18 -133.51 -16.44
N LYS B 3045 60.63 -133.46 -15.23
CA LYS B 3045 59.34 -134.07 -14.96
C LYS B 3045 58.23 -133.36 -15.72
N LEU B 3046 58.21 -132.03 -15.68
CA LEU B 3046 57.18 -131.28 -16.41
C LEU B 3046 57.29 -131.53 -17.90
N ALA B 3047 58.51 -131.57 -18.44
CA ALA B 3047 58.69 -132.00 -19.82
C ALA B 3047 58.03 -133.34 -20.06
N ALA B 3048 58.33 -134.33 -19.22
CA ALA B 3048 57.72 -135.65 -19.33
C ALA B 3048 56.21 -135.61 -19.13
N LEU B 3049 55.71 -134.68 -18.32
CA LEU B 3049 54.26 -134.55 -18.13
C LEU B 3049 53.57 -134.14 -19.41
N VAL B 3050 54.26 -133.40 -20.27
CA VAL B 3050 53.72 -132.95 -21.55
C VAL B 3050 54.50 -133.54 -22.72
N ARG B 3051 55.46 -134.43 -22.45
CA ARG B 3051 56.24 -135.02 -23.52
C ARG B 3051 55.33 -135.82 -24.43
N HIS B 3052 55.13 -135.35 -25.66
CA HIS B 3052 54.20 -135.92 -26.62
C HIS B 3052 52.77 -135.94 -26.09
N ARG B 3053 52.51 -135.22 -24.98
CA ARG B 3053 51.20 -135.17 -24.35
C ARG B 3053 50.78 -133.73 -24.09
N VAL B 3054 51.30 -132.77 -24.87
CA VAL B 3054 50.97 -131.37 -24.64
C VAL B 3054 49.48 -131.12 -24.86
N SER B 3055 48.94 -131.63 -25.97
CA SER B 3055 47.50 -131.51 -26.21
C SER B 3055 46.73 -132.41 -25.26
N LEU B 3056 47.33 -133.53 -24.85
CA LEU B 3056 46.68 -134.41 -23.88
C LEU B 3056 46.62 -133.78 -22.51
N PHE B 3057 47.58 -132.91 -22.18
CA PHE B 3057 47.64 -132.35 -20.83
C PHE B 3057 46.39 -131.54 -20.50
N GLY B 3058 45.88 -130.79 -21.47
CA GLY B 3058 44.64 -130.08 -21.26
C GLY B 3058 44.70 -128.69 -21.88
N THR B 3059 43.66 -127.91 -21.58
CA THR B 3059 43.59 -126.53 -22.04
C THR B 3059 44.62 -125.64 -21.37
N ASP B 3060 45.18 -126.08 -20.24
CA ASP B 3060 46.22 -125.32 -19.57
C ASP B 3060 47.61 -125.63 -20.12
N ALA B 3061 47.70 -126.33 -21.24
CA ALA B 3061 49.00 -126.58 -21.88
C ALA B 3061 49.73 -125.29 -22.21
N PRO B 3062 49.10 -124.26 -22.79
CA PRO B 3062 49.81 -122.99 -22.92
C PRO B 3062 50.26 -122.43 -21.59
N ALA B 3063 49.43 -122.58 -20.55
CA ALA B 3063 49.86 -122.19 -19.21
C ALA B 3063 51.03 -123.05 -18.75
N VAL B 3064 50.97 -124.37 -19.02
CA VAL B 3064 52.04 -125.27 -18.61
C VAL B 3064 53.35 -124.90 -19.29
N VAL B 3065 53.30 -124.61 -20.60
CA VAL B 3065 54.52 -124.26 -21.31
C VAL B 3065 55.03 -122.89 -20.86
N ASN B 3066 54.14 -121.96 -20.50
CA ASN B 3066 54.60 -120.69 -19.94
C ASN B 3066 55.30 -120.90 -18.60
N CYS B 3067 54.74 -121.79 -17.77
CA CYS B 3067 55.39 -122.13 -16.50
C CYS B 3067 56.75 -122.77 -16.74
N LEU B 3068 56.84 -123.65 -17.74
CA LEU B 3068 58.11 -124.28 -18.07
C LEU B 3068 59.10 -123.24 -18.59
N HIS B 3069 58.60 -122.22 -19.27
CA HIS B 3069 59.45 -121.15 -19.80
C HIS B 3069 60.05 -120.33 -18.65
N ILE B 3070 59.18 -119.85 -17.75
CA ILE B 3070 59.67 -119.07 -16.63
C ILE B 3070 60.52 -119.94 -15.71
N LEU B 3071 60.29 -121.25 -15.73
CA LEU B 3071 61.23 -122.19 -15.12
C LEU B 3071 62.59 -122.12 -15.80
N ALA B 3072 62.60 -122.12 -17.14
CA ALA B 3072 63.86 -122.09 -17.88
C ALA B 3072 64.71 -120.90 -17.45
N ARG B 3073 64.05 -119.82 -17.06
CA ARG B 3073 64.78 -118.73 -16.40
C ARG B 3073 65.45 -119.22 -15.12
N SER B 3074 66.58 -118.62 -14.78
CA SER B 3074 67.31 -118.91 -13.53
C SER B 3074 67.83 -120.35 -13.48
N LEU B 3075 68.84 -120.64 -14.31
CA LEU B 3075 69.54 -121.93 -14.25
C LEU B 3075 71.04 -121.72 -14.33
N ASP B 3076 71.78 -122.27 -13.36
CA ASP B 3076 73.24 -122.28 -13.40
C ASP B 3076 73.75 -123.71 -13.39
N ALA B 3077 74.79 -123.98 -14.19
CA ALA B 3077 75.41 -125.30 -14.22
C ALA B 3077 76.00 -125.69 -12.87
N ARG B 3078 76.32 -124.73 -12.03
CA ARG B 3078 76.85 -125.03 -10.70
C ARG B 3078 75.84 -125.79 -9.85
N THR B 3079 74.56 -125.80 -10.25
CA THR B 3079 73.53 -126.51 -9.51
C THR B 3079 72.94 -127.68 -10.27
N VAL B 3080 73.22 -127.84 -11.57
CA VAL B 3080 72.59 -128.86 -12.39
C VAL B 3080 73.59 -129.89 -12.90
N MET B 3081 74.75 -129.45 -13.40
CA MET B 3081 75.75 -130.35 -13.95
C MET B 3081 77.06 -130.34 -13.17
N LYS B 3082 77.63 -129.16 -12.93
CA LYS B 3082 78.92 -129.10 -12.23
C LYS B 3082 78.82 -129.62 -10.81
N SER B 3083 77.62 -129.60 -10.21
CA SER B 3083 77.41 -130.20 -8.90
C SER B 3083 76.01 -130.80 -8.86
N GLY B 3084 75.86 -131.87 -8.07
CA GLY B 3084 74.56 -132.46 -7.87
C GLY B 3084 74.54 -133.97 -8.08
N PRO B 3085 73.46 -134.61 -7.63
CA PRO B 3085 73.34 -136.06 -7.79
C PRO B 3085 73.25 -136.44 -9.27
N GLU B 3086 73.71 -137.66 -9.56
CA GLU B 3086 73.74 -138.13 -10.94
C GLU B 3086 72.36 -138.47 -11.49
N ILE B 3087 71.37 -138.67 -10.63
CA ILE B 3087 70.03 -139.02 -11.11
C ILE B 3087 69.43 -137.87 -11.91
N VAL B 3088 69.44 -136.66 -11.33
CA VAL B 3088 68.88 -135.51 -12.04
C VAL B 3088 69.79 -135.08 -13.19
N LYS B 3089 71.11 -135.25 -13.05
CA LYS B 3089 72.02 -134.99 -14.16
C LYS B 3089 71.67 -135.86 -15.35
N ALA B 3090 71.50 -137.17 -15.12
CA ALA B 3090 71.11 -138.07 -16.19
C ALA B 3090 69.71 -137.77 -16.70
N GLY B 3091 68.83 -137.27 -15.83
CA GLY B 3091 67.51 -136.88 -16.29
C GLY B 3091 67.54 -135.75 -17.28
N LEU B 3092 68.31 -134.71 -16.98
CA LEU B 3092 68.40 -133.57 -17.90
C LEU B 3092 69.16 -133.95 -19.16
N ARG B 3093 70.20 -134.78 -19.04
CA ARG B 3093 70.90 -135.27 -20.22
C ARG B 3093 69.98 -136.10 -21.10
N SER B 3094 69.15 -136.95 -20.48
CA SER B 3094 68.17 -137.71 -21.24
C SER B 3094 67.13 -136.82 -21.89
N PHE B 3095 66.76 -135.72 -21.22
CA PHE B 3095 65.87 -134.75 -21.86
C PHE B 3095 66.51 -134.17 -23.11
N PHE B 3096 67.81 -133.82 -23.03
CA PHE B 3096 68.51 -133.32 -24.21
C PHE B 3096 68.53 -134.35 -25.32
N GLU B 3097 68.85 -135.61 -24.98
CA GLU B 3097 68.88 -136.66 -26.00
C GLU B 3097 67.51 -136.87 -26.62
N SER B 3098 66.46 -136.88 -25.79
CA SER B 3098 65.12 -137.08 -26.30
C SER B 3098 64.68 -135.93 -27.21
N ALA B 3099 64.97 -134.70 -26.81
CA ALA B 3099 64.61 -133.55 -27.64
C ALA B 3099 65.33 -133.58 -28.97
N SER B 3100 66.64 -133.88 -28.95
CA SER B 3100 67.39 -133.95 -30.20
C SER B 3100 66.90 -135.09 -31.08
N GLU B 3101 66.57 -136.23 -30.48
CA GLU B 3101 66.05 -137.36 -31.24
C GLU B 3101 64.69 -137.03 -31.87
N ASP B 3102 63.83 -136.34 -31.11
CA ASP B 3102 62.54 -135.92 -31.67
C ASP B 3102 62.75 -134.94 -32.81
N ILE B 3103 63.71 -134.03 -32.68
CA ILE B 3103 64.02 -133.11 -33.77
C ILE B 3103 64.49 -133.87 -35.00
N GLU B 3104 65.34 -134.88 -34.80
CA GLU B 3104 65.79 -135.71 -35.91
C GLU B 3104 64.62 -136.42 -36.59
N LYS B 3105 63.71 -136.96 -35.78
CA LYS B 3105 62.55 -137.66 -36.36
C LYS B 3105 61.66 -136.71 -37.14
N MET B 3106 61.43 -135.50 -36.61
CA MET B 3106 60.66 -134.49 -37.34
C MET B 3106 61.32 -134.12 -38.66
N VAL B 3107 62.64 -133.89 -38.64
CA VAL B 3107 63.30 -133.44 -39.86
C VAL B 3107 63.45 -134.56 -40.88
N GLU B 3108 63.44 -135.83 -40.44
CA GLU B 3108 63.44 -136.92 -41.42
C GLU B 3108 62.05 -137.24 -41.92
N ASN B 3109 61.02 -136.98 -41.10
CA ASN B 3109 59.64 -137.13 -41.58
C ASN B 3109 59.31 -136.05 -42.60
N LEU B 3110 59.74 -134.81 -42.34
CA LEU B 3110 59.48 -133.70 -43.26
C LEU B 3110 60.36 -133.75 -44.50
N ARG B 3111 61.37 -134.60 -44.53
CA ARG B 3111 62.26 -134.73 -45.68
C ARG B 3111 61.51 -135.27 -46.90
N GLN B 3127 49.97 -134.76 -32.58
CA GLN B 3127 51.02 -134.97 -33.58
C GLN B 3127 52.40 -134.66 -32.98
N ASN B 3128 53.39 -135.48 -33.37
CA ASN B 3128 54.74 -135.29 -32.87
C ASN B 3128 55.30 -133.93 -33.26
N LEU B 3129 55.09 -133.51 -34.51
CA LEU B 3129 55.59 -132.21 -34.95
C LEU B 3129 54.86 -131.07 -34.24
N THR B 3130 53.56 -131.21 -34.02
CA THR B 3130 52.83 -130.17 -33.28
C THR B 3130 53.35 -130.06 -31.85
N TYR B 3131 53.55 -131.19 -31.19
CA TYR B 3131 54.11 -131.18 -29.83
C TYR B 3131 55.47 -130.51 -29.82
N THR B 3132 56.34 -130.88 -30.77
CA THR B 3132 57.65 -130.27 -30.83
C THR B 3132 57.55 -128.76 -31.01
N THR B 3133 56.85 -128.32 -32.06
CA THR B 3133 56.79 -126.90 -32.40
C THR B 3133 56.09 -126.06 -31.34
N VAL B 3134 55.22 -126.67 -30.53
CA VAL B 3134 54.51 -125.91 -29.51
C VAL B 3134 55.30 -125.84 -28.21
N ALA B 3135 55.81 -126.98 -27.73
CA ALA B 3135 56.47 -126.98 -26.43
C ALA B 3135 57.99 -126.98 -26.56
N LEU B 3136 58.54 -127.92 -27.34
CA LEU B 3136 59.97 -128.17 -27.29
C LEU B 3136 60.77 -127.05 -27.90
N LEU B 3137 60.40 -126.60 -29.10
CA LEU B 3137 61.20 -125.61 -29.81
C LEU B 3137 61.27 -124.28 -29.06
N PRO B 3138 60.16 -123.69 -28.60
CA PRO B 3138 60.30 -122.41 -27.87
C PRO B 3138 61.07 -122.53 -26.58
N VAL B 3139 60.76 -123.54 -25.75
CA VAL B 3139 61.45 -123.69 -24.48
C VAL B 3139 62.92 -124.01 -24.70
N LEU B 3140 63.23 -124.84 -25.69
CA LEU B 3140 64.63 -125.13 -26.01
C LEU B 3140 65.36 -123.86 -26.45
N THR B 3141 64.68 -123.02 -27.23
CA THR B 3141 65.24 -121.72 -27.61
C THR B 3141 65.54 -120.89 -26.38
N THR B 3142 64.62 -120.88 -25.40
CA THR B 3142 64.84 -120.12 -24.18
C THR B 3142 66.02 -120.68 -23.37
N LEU B 3143 66.12 -122.01 -23.27
CA LEU B 3143 67.28 -122.59 -22.59
C LEU B 3143 68.57 -122.15 -23.24
N PHE B 3144 68.64 -122.24 -24.57
CA PHE B 3144 69.87 -121.85 -25.28
C PHE B 3144 70.16 -120.36 -25.11
N GLN B 3145 69.14 -119.51 -25.19
CA GLN B 3145 69.35 -118.08 -25.01
C GLN B 3145 69.83 -117.77 -23.60
N HIS B 3146 69.23 -118.41 -22.59
CA HIS B 3146 69.63 -118.17 -21.21
C HIS B 3146 71.06 -118.61 -20.96
N ILE B 3147 71.43 -119.78 -21.50
CA ILE B 3147 72.81 -120.26 -21.34
C ILE B 3147 73.78 -119.32 -22.06
N ALA B 3148 73.43 -118.86 -23.26
CA ALA B 3148 74.30 -117.96 -23.99
C ALA B 3148 74.50 -116.65 -23.26
N GLN B 3149 73.42 -116.09 -22.71
CA GLN B 3149 73.52 -114.80 -22.01
C GLN B 3149 74.27 -114.96 -20.69
N HIS B 3150 74.05 -116.08 -19.99
CA HIS B 3150 74.74 -116.32 -18.73
C HIS B 3150 76.17 -116.80 -18.92
N GLN B 3151 76.60 -117.05 -20.17
CA GLN B 3151 77.94 -117.55 -20.47
C GLN B 3151 78.22 -118.87 -19.74
N PHE B 3152 77.22 -119.75 -19.70
CA PHE B 3152 77.36 -121.08 -19.13
C PHE B 3152 77.52 -122.16 -20.19
N GLY B 3153 77.81 -121.77 -21.44
CA GLY B 3153 77.90 -122.74 -22.51
C GLY B 3153 78.97 -123.79 -22.28
N ASP B 3154 80.13 -123.37 -21.77
CA ASP B 3154 81.20 -124.32 -21.48
C ASP B 3154 80.82 -125.26 -20.34
N ASP B 3155 80.11 -124.74 -19.33
CA ASP B 3155 79.77 -125.54 -18.16
C ASP B 3155 78.51 -126.38 -18.36
N VAL B 3156 77.67 -126.04 -19.34
CA VAL B 3156 76.46 -126.80 -19.61
C VAL B 3156 76.64 -127.73 -20.80
N ILE B 3157 77.14 -127.20 -21.91
CA ILE B 3157 77.30 -127.99 -23.14
C ILE B 3157 78.66 -128.69 -23.04
N LEU B 3158 78.63 -129.93 -22.57
CA LEU B 3158 79.84 -130.74 -22.49
C LEU B 3158 79.44 -132.20 -22.39
N ASP B 3159 80.31 -133.07 -22.91
CA ASP B 3159 80.15 -134.53 -22.82
C ASP B 3159 78.84 -134.93 -23.48
N ASP B 3160 77.90 -135.56 -22.78
CA ASP B 3160 76.65 -136.00 -23.40
C ASP B 3160 75.85 -134.80 -23.90
N VAL B 3161 75.83 -133.71 -23.15
CA VAL B 3161 75.12 -132.51 -23.57
C VAL B 3161 75.72 -131.97 -24.86
N GLN B 3162 77.05 -131.96 -24.97
CA GLN B 3162 77.67 -131.45 -26.18
C GLN B 3162 77.42 -132.37 -27.37
N VAL B 3163 77.39 -133.68 -27.14
CA VAL B 3163 77.04 -134.61 -28.22
C VAL B 3163 75.61 -134.36 -28.69
N SER B 3164 74.69 -134.18 -27.74
CA SER B 3164 73.30 -133.89 -28.09
C SER B 3164 73.19 -132.59 -28.87
N CYS B 3165 73.94 -131.57 -28.45
CA CYS B 3165 73.97 -130.32 -29.20
C CYS B 3165 74.50 -130.53 -30.62
N TYR B 3166 75.52 -131.37 -30.77
CA TYR B 3166 76.02 -131.70 -32.09
C TYR B 3166 74.93 -132.29 -32.97
N ARG B 3167 74.22 -133.29 -32.46
CA ARG B 3167 73.27 -133.98 -33.34
C ARG B 3167 72.03 -133.13 -33.61
N THR B 3168 71.58 -132.34 -32.63
CA THR B 3168 70.45 -131.44 -32.92
C THR B 3168 70.87 -130.33 -33.87
N LEU B 3169 72.10 -129.83 -33.74
CA LEU B 3169 72.63 -128.85 -34.68
C LEU B 3169 72.61 -129.39 -36.10
N CYS B 3170 73.12 -130.61 -36.29
CA CYS B 3170 73.19 -131.16 -37.63
C CYS B 3170 71.85 -131.66 -38.13
N SER B 3171 70.88 -131.87 -37.24
CA SER B 3171 69.53 -132.22 -37.67
C SER B 3171 68.76 -130.99 -38.12
N ILE B 3172 68.95 -129.85 -37.45
CA ILE B 3172 68.25 -128.63 -37.84
C ILE B 3172 68.63 -128.22 -39.25
N TYR B 3173 69.92 -128.22 -39.57
CA TYR B 3173 70.38 -127.82 -40.88
C TYR B 3173 70.14 -128.89 -41.94
N SER B 3174 69.93 -130.14 -41.53
CA SER B 3174 69.61 -131.21 -42.48
C SER B 3174 68.28 -130.96 -43.16
N LEU B 3175 67.30 -130.45 -42.42
CA LEU B 3175 66.00 -130.11 -43.01
C LEU B 3175 66.13 -128.99 -44.04
N GLY B 3176 67.24 -128.25 -44.03
CA GLY B 3176 67.42 -127.15 -44.97
C GLY B 3176 67.38 -127.58 -46.42
N THR B 3177 67.73 -128.85 -46.69
CA THR B 3177 67.68 -129.33 -48.07
C THR B 3177 66.25 -129.54 -48.55
N THR B 3178 65.29 -129.61 -47.65
CA THR B 3178 63.90 -129.83 -48.04
C THR B 3178 63.29 -128.58 -48.63
N LYS B 3179 62.54 -128.74 -49.72
CA LYS B 3179 61.91 -127.64 -50.42
C LYS B 3179 60.38 -127.74 -50.39
N ASN B 3180 59.83 -128.27 -49.30
CA ASN B 3180 58.38 -128.44 -49.18
C ASN B 3180 57.72 -127.11 -48.85
N THR B 3181 56.39 -127.13 -48.76
CA THR B 3181 55.60 -125.95 -48.49
C THR B 3181 55.22 -125.81 -47.02
N TYR B 3182 54.82 -126.90 -46.37
CA TYR B 3182 54.42 -126.83 -44.97
C TYR B 3182 55.59 -126.50 -44.05
N VAL B 3183 56.83 -126.66 -44.52
CA VAL B 3183 58.00 -126.35 -43.70
C VAL B 3183 58.40 -124.88 -43.76
N GLU B 3184 57.82 -124.10 -44.68
CA GLU B 3184 58.23 -122.71 -44.84
C GLU B 3184 57.96 -121.89 -43.59
N LYS B 3185 56.81 -122.10 -42.95
CA LYS B 3185 56.48 -121.34 -41.75
C LYS B 3185 57.39 -121.71 -40.58
N LEU B 3186 57.84 -122.96 -40.52
CA LEU B 3186 58.68 -123.40 -39.41
C LEU B 3186 60.11 -122.91 -39.51
N ARG B 3187 60.58 -122.61 -40.73
CA ARG B 3187 61.99 -122.24 -40.92
C ARG B 3187 62.44 -121.06 -40.08
N PRO B 3188 61.68 -119.97 -39.91
CA PRO B 3188 62.14 -118.91 -39.01
C PRO B 3188 62.44 -119.38 -37.59
N ALA B 3189 61.60 -120.26 -37.04
CA ALA B 3189 61.84 -120.74 -35.68
C ALA B 3189 63.09 -121.61 -35.62
N LEU B 3190 63.29 -122.48 -36.61
CA LEU B 3190 64.50 -123.29 -36.65
C LEU B 3190 65.74 -122.42 -36.77
N GLY B 3191 65.66 -121.37 -37.60
CA GLY B 3191 66.79 -120.45 -37.72
C GLY B 3191 67.08 -119.73 -36.41
N GLU B 3192 66.04 -119.28 -35.72
CA GLU B 3192 66.24 -118.61 -34.44
C GLU B 3192 66.88 -119.54 -33.42
N CYS B 3193 66.38 -120.78 -33.32
CA CYS B 3193 66.96 -121.73 -32.37
C CYS B 3193 68.39 -122.11 -32.74
N LEU B 3194 68.66 -122.22 -34.04
CA LEU B 3194 70.02 -122.51 -34.48
C LEU B 3194 70.97 -121.37 -34.15
N ALA B 3195 70.49 -120.13 -34.31
CA ALA B 3195 71.28 -118.97 -33.88
C ALA B 3195 71.53 -118.99 -32.39
N ARG B 3196 70.51 -119.34 -31.60
CA ARG B 3196 70.68 -119.39 -30.16
C ARG B 3196 71.71 -120.45 -29.74
N LEU B 3197 71.67 -121.63 -30.37
CA LEU B 3197 72.66 -122.65 -30.05
C LEU B 3197 74.04 -122.26 -30.52
N ALA B 3198 74.14 -121.55 -31.65
CA ALA B 3198 75.45 -121.14 -32.16
C ALA B 3198 76.14 -120.19 -31.18
N ALA B 3199 75.38 -119.30 -30.55
CA ALA B 3199 75.97 -118.36 -29.62
C ALA B 3199 76.55 -119.06 -28.39
N ALA B 3200 75.83 -120.05 -27.87
CA ALA B 3200 76.26 -120.78 -26.68
C ALA B 3200 77.00 -122.07 -27.02
N MET B 3201 77.59 -122.16 -28.21
CA MET B 3201 78.24 -123.39 -28.64
C MET B 3201 79.73 -123.23 -28.35
N PRO B 3202 80.28 -123.93 -27.35
CA PRO B 3202 81.62 -123.60 -26.84
C PRO B 3202 82.79 -124.34 -27.47
N VAL B 3203 82.60 -125.10 -28.54
CA VAL B 3203 83.73 -125.77 -29.19
C VAL B 3203 84.14 -125.08 -30.48
N ALA B 3204 83.29 -124.21 -31.03
CA ALA B 3204 83.49 -123.61 -32.35
C ALA B 3204 83.57 -124.70 -33.41
N PHE B 3205 82.43 -125.38 -33.57
CA PHE B 3205 82.32 -126.50 -34.51
C PHE B 3205 82.62 -126.11 -35.94
N LEU B 3206 82.51 -124.82 -36.28
CA LEU B 3206 82.70 -124.39 -37.66
C LEU B 3206 84.11 -124.64 -38.16
N GLU B 3207 85.08 -124.81 -37.27
CA GLU B 3207 86.44 -125.13 -37.65
C GLU B 3207 86.79 -126.56 -37.25
N PRO B 3208 86.40 -127.56 -38.06
CA PRO B 3208 86.75 -128.95 -37.71
C PRO B 3208 88.23 -129.21 -37.67
N GLN B 3209 89.02 -128.55 -38.52
CA GLN B 3209 90.45 -128.80 -38.58
C GLN B 3209 91.22 -128.22 -37.40
N LEU B 3210 90.59 -127.37 -36.59
CA LEU B 3210 91.23 -126.77 -35.44
C LEU B 3210 90.53 -127.10 -34.13
N ASN B 3211 89.58 -128.05 -34.14
CA ASN B 3211 88.83 -128.36 -32.93
C ASN B 3211 89.66 -129.11 -31.89
N GLU B 3212 90.76 -129.74 -32.31
CA GLU B 3212 91.61 -130.48 -31.37
C GLU B 3212 92.30 -129.55 -30.38
N TYR B 3213 92.48 -128.27 -30.73
CA TYR B 3213 93.12 -127.33 -29.83
C TYR B 3213 92.20 -126.93 -28.68
N ASN B 3214 90.92 -126.73 -28.98
CA ASN B 3214 89.96 -126.32 -27.96
C ASN B 3214 89.71 -127.47 -26.99
N ALA B 3215 89.72 -127.16 -25.69
CA ALA B 3215 89.52 -128.19 -24.67
C ALA B 3215 88.07 -128.62 -24.56
N CYS B 3216 87.13 -127.82 -25.06
CA CYS B 3216 85.72 -128.18 -24.99
C CYS B 3216 85.33 -129.28 -25.96
N SER B 3217 86.20 -129.60 -26.92
CA SER B 3217 85.89 -130.64 -27.89
C SER B 3217 85.78 -132.00 -27.23
N VAL B 3218 84.84 -132.81 -27.72
CA VAL B 3218 84.67 -134.16 -27.22
C VAL B 3218 85.92 -134.99 -27.47
N TYR B 3219 86.64 -134.72 -28.56
CA TYR B 3219 87.87 -135.45 -28.84
C TYR B 3219 88.99 -135.00 -27.91
N THR B 3220 89.08 -133.71 -27.62
CA THR B 3220 90.08 -133.22 -26.67
C THR B 3220 89.72 -133.59 -25.24
N SER B 3221 88.44 -133.43 -24.87
CA SER B 3221 88.02 -133.72 -23.50
C SER B 3221 88.03 -135.23 -23.24
N LYS B 3222 87.50 -136.02 -24.18
CA LYS B 3222 87.40 -137.46 -24.02
C LYS B 3222 88.44 -138.15 -24.89
N SER B 3223 89.23 -139.02 -24.27
CA SER B 3223 90.24 -139.78 -24.99
C SER B 3223 89.57 -140.74 -25.96
N PRO B 3224 90.29 -141.18 -27.01
CA PRO B 3224 89.69 -142.13 -27.97
C PRO B 3224 89.05 -143.35 -27.32
N ARG B 3225 89.59 -143.82 -26.20
CA ARG B 3225 88.92 -144.87 -25.45
C ARG B 3225 87.55 -144.40 -24.97
N GLU B 3226 87.48 -143.18 -24.45
CA GLU B 3226 86.20 -142.60 -24.06
C GLU B 3226 85.33 -142.26 -25.27
N ARG B 3227 85.93 -142.13 -26.45
CA ARG B 3227 85.18 -141.87 -27.67
C ARG B 3227 84.68 -143.15 -28.34
N ALA B 3228 85.17 -144.32 -27.92
CA ALA B 3228 84.82 -145.56 -28.59
C ALA B 3228 83.40 -146.00 -28.26
N ILE B 3229 82.96 -145.79 -27.01
CA ILE B 3229 81.66 -146.31 -26.59
C ILE B 3229 80.53 -145.71 -27.42
N LEU B 3230 80.65 -144.44 -27.81
CA LEU B 3230 79.66 -143.80 -28.67
C LEU B 3230 80.12 -143.69 -30.11
N GLY B 3231 81.22 -144.36 -30.46
CA GLY B 3231 81.69 -144.41 -31.84
C GLY B 3231 82.02 -143.06 -32.43
N LEU B 3232 82.76 -142.24 -31.68
CA LEU B 3232 83.05 -140.89 -32.13
C LEU B 3232 84.03 -140.92 -33.30
N PRO B 3233 83.67 -140.35 -34.44
CA PRO B 3233 84.63 -140.23 -35.55
C PRO B 3233 85.73 -139.23 -35.23
N ASN B 3234 86.68 -139.13 -36.15
CA ASN B 3234 87.90 -138.35 -35.88
C ASN B 3234 87.59 -136.87 -35.72
N SER B 3235 86.71 -136.32 -36.56
CA SER B 3235 86.46 -134.88 -36.57
C SER B 3235 84.99 -134.58 -36.28
N VAL B 3236 84.73 -133.36 -35.81
CA VAL B 3236 83.36 -132.92 -35.58
C VAL B 3236 82.59 -132.90 -36.90
N GLU B 3237 83.30 -132.64 -38.01
CA GLU B 3237 82.67 -132.69 -39.32
C GLU B 3237 82.36 -134.13 -39.72
N GLU B 3238 83.15 -135.09 -39.23
CA GLU B 3238 82.92 -136.48 -39.61
C GLU B 3238 81.66 -137.05 -38.99
N MET B 3239 81.30 -136.62 -37.78
CA MET B 3239 80.04 -137.08 -37.19
C MET B 3239 78.88 -136.66 -38.09
N CYS B 3240 78.88 -135.41 -38.52
CA CYS B 3240 77.86 -134.84 -39.37
C CYS B 3240 78.45 -133.70 -40.18
N PRO B 3241 78.77 -133.94 -41.46
CA PRO B 3241 79.36 -132.89 -42.29
C PRO B 3241 78.32 -131.94 -42.85
N ASP B 3242 77.13 -131.94 -42.24
CA ASP B 3242 76.03 -131.13 -42.73
C ASP B 3242 76.40 -129.65 -42.76
N ILE B 3243 77.10 -129.17 -41.74
CA ILE B 3243 77.54 -127.78 -41.69
C ILE B 3243 78.81 -127.62 -42.51
N PRO B 3244 78.80 -126.79 -43.56
CA PRO B 3244 80.03 -126.52 -44.30
C PRO B 3244 81.01 -125.71 -43.48
N VAL B 3245 82.29 -125.84 -43.84
CA VAL B 3245 83.33 -125.07 -43.16
C VAL B 3245 83.18 -123.59 -43.46
N LEU B 3246 83.72 -122.77 -42.56
CA LEU B 3246 83.55 -121.32 -42.68
C LEU B 3246 84.35 -120.73 -43.83
N ASP B 3247 85.40 -121.43 -44.28
CA ASP B 3247 86.31 -120.85 -45.26
C ASP B 3247 85.60 -120.51 -46.57
N ARG B 3248 84.74 -121.41 -47.05
CA ARG B 3248 84.04 -121.20 -48.31
C ARG B 3248 82.58 -120.81 -48.16
N LEU B 3249 81.94 -121.15 -47.03
CA LEU B 3249 80.52 -120.88 -46.88
C LEU B 3249 80.23 -119.39 -46.88
N MET B 3250 81.08 -118.60 -46.23
CA MET B 3250 80.93 -117.14 -46.30
C MET B 3250 81.07 -116.64 -47.72
N ALA B 3251 82.06 -117.15 -48.45
CA ALA B 3251 82.20 -116.80 -49.86
C ALA B 3251 81.01 -117.31 -50.66
N ASP B 3252 80.49 -118.49 -50.32
CA ASP B 3252 79.35 -119.03 -51.04
C ASP B 3252 78.14 -118.12 -50.93
N ILE B 3253 77.81 -117.68 -49.72
CA ILE B 3253 76.66 -116.78 -49.56
C ILE B 3253 76.97 -115.42 -50.17
N GLY B 3254 78.17 -114.89 -49.95
CA GLY B 3254 78.53 -113.60 -50.52
C GLY B 3254 78.58 -113.60 -52.04
N GLY B 3255 78.59 -114.77 -52.66
CA GLY B 3255 78.47 -114.84 -54.10
C GLY B 3255 77.04 -115.05 -54.55
N LEU B 3256 76.38 -116.06 -53.98
CA LEU B 3256 75.03 -116.42 -54.44
C LEU B 3256 74.02 -115.32 -54.16
N ALA B 3257 74.06 -114.72 -52.97
CA ALA B 3257 73.08 -113.69 -52.64
C ALA B 3257 73.28 -112.45 -53.51
N GLU B 3258 74.53 -112.07 -53.77
CA GLU B 3258 74.79 -110.96 -54.67
C GLU B 3258 74.32 -111.27 -56.09
N SER B 3259 74.56 -112.50 -56.56
CA SER B 3259 74.21 -112.85 -57.94
C SER B 3259 72.70 -112.89 -58.13
N GLY B 3260 71.99 -113.58 -57.24
CA GLY B 3260 70.55 -113.71 -57.40
C GLY B 3260 69.82 -112.41 -57.18
N ALA B 3261 70.00 -111.80 -56.00
CA ALA B 3261 69.46 -110.49 -55.67
C ALA B 3261 67.93 -110.46 -55.75
N ARG B 3262 67.28 -111.59 -55.50
CA ARG B 3262 65.82 -111.64 -55.55
C ARG B 3262 65.33 -112.83 -54.74
N TYR B 3263 64.24 -112.63 -53.99
CA TYR B 3263 63.63 -113.73 -53.27
C TYR B 3263 62.89 -114.68 -54.20
N THR B 3264 62.13 -114.12 -55.15
CA THR B 3264 61.28 -114.95 -56.00
C THR B 3264 62.11 -115.87 -56.90
N GLU B 3265 63.26 -115.39 -57.37
CA GLU B 3265 64.09 -116.20 -58.26
C GLU B 3265 64.61 -117.45 -57.55
N MET B 3266 65.00 -117.32 -56.29
CA MET B 3266 65.52 -118.43 -55.49
C MET B 3266 64.83 -118.47 -54.13
N PRO B 3267 63.54 -118.82 -54.11
CA PRO B 3267 62.79 -118.78 -52.84
C PRO B 3267 63.30 -119.75 -51.79
N HIS B 3268 63.96 -120.84 -52.20
CA HIS B 3268 64.41 -121.84 -51.23
C HIS B 3268 65.51 -121.27 -50.33
N VAL B 3269 66.54 -120.67 -50.92
CA VAL B 3269 67.65 -120.20 -50.10
C VAL B 3269 67.23 -119.04 -49.22
N ILE B 3270 66.25 -118.24 -49.65
CA ILE B 3270 65.79 -117.12 -48.83
C ILE B 3270 65.26 -117.60 -47.48
N GLU B 3271 64.71 -118.81 -47.44
CA GLU B 3271 64.22 -119.38 -46.19
C GLU B 3271 65.08 -120.51 -45.66
N ILE B 3272 66.21 -120.82 -46.31
CA ILE B 3272 67.09 -121.87 -45.81
C ILE B 3272 68.43 -121.30 -45.39
N THR B 3273 69.11 -120.61 -46.29
CA THR B 3273 70.44 -120.06 -46.00
C THR B 3273 70.34 -118.85 -45.09
N LEU B 3274 69.33 -118.03 -45.26
CA LEU B 3274 69.14 -116.89 -44.36
C LEU B 3274 68.96 -117.32 -42.91
N PRO B 3275 68.22 -118.38 -42.57
CA PRO B 3275 68.27 -118.87 -41.19
C PRO B 3275 69.67 -119.22 -40.70
N MET B 3276 70.49 -119.90 -41.50
CA MET B 3276 71.84 -120.16 -41.02
C MET B 3276 72.72 -118.92 -41.08
N LEU B 3277 72.34 -117.93 -41.90
CA LEU B 3277 73.00 -116.63 -41.83
C LEU B 3277 72.71 -115.94 -40.50
N CYS B 3278 71.46 -116.04 -40.02
CA CYS B 3278 71.14 -115.57 -38.67
C CYS B 3278 71.86 -116.40 -37.62
N SER B 3279 72.11 -117.69 -37.90
CA SER B 3279 72.94 -118.50 -37.02
C SER B 3279 74.36 -117.95 -36.95
N TYR B 3280 74.90 -117.52 -38.10
CA TYR B 3280 76.23 -116.93 -38.14
C TYR B 3280 76.26 -115.51 -37.58
N LEU B 3281 75.08 -114.89 -37.44
CA LEU B 3281 75.01 -113.54 -36.86
C LEU B 3281 75.74 -113.41 -35.54
N PRO B 3282 75.58 -114.30 -34.54
CA PRO B 3282 76.40 -114.19 -33.33
C PRO B 3282 77.83 -114.71 -33.55
N ARG B 3283 78.50 -114.14 -34.54
CA ARG B 3283 79.89 -114.51 -34.83
C ARG B 3283 80.78 -113.74 -33.86
N TRP B 3284 81.40 -114.45 -32.94
CA TRP B 3284 82.29 -113.85 -31.95
C TRP B 3284 83.71 -113.76 -32.48
N TRP B 3285 84.36 -112.64 -32.20
CA TRP B 3285 85.76 -112.45 -32.57
C TRP B 3285 86.63 -112.06 -31.38
N GLU B 3286 86.07 -112.07 -30.17
CA GLU B 3286 86.88 -111.80 -28.98
C GLU B 3286 87.75 -112.99 -28.60
N ARG B 3287 87.52 -114.16 -29.18
CA ARG B 3287 88.33 -115.35 -28.92
C ARG B 3287 89.18 -115.72 -30.14
N GLY B 3288 89.58 -114.73 -30.93
CA GLY B 3288 90.40 -114.97 -32.09
C GLY B 3288 91.66 -114.14 -32.09
N PRO B 3289 92.27 -113.95 -33.26
CA PRO B 3289 93.47 -113.11 -33.33
C PRO B 3289 93.23 -111.64 -33.02
N GLU B 3290 91.98 -111.18 -33.15
CA GLU B 3290 91.70 -109.75 -32.95
C GLU B 3290 91.88 -109.34 -31.49
N ALA B 3291 91.36 -110.14 -30.56
CA ALA B 3291 91.41 -109.83 -29.15
C ALA B 3291 91.93 -111.04 -28.38
N PRO B 3292 92.54 -110.83 -27.21
CA PRO B 3292 93.07 -111.94 -26.42
C PRO B 3292 91.97 -112.95 -26.10
N PRO B 3293 92.09 -114.17 -26.60
CA PRO B 3293 91.03 -115.17 -26.40
C PRO B 3293 91.01 -115.66 -24.96
N PRO B 3294 89.83 -115.74 -24.35
CA PRO B 3294 89.73 -116.43 -23.04
C PRO B 3294 90.09 -117.90 -23.13
N ALA B 3295 89.88 -118.52 -24.29
CA ALA B 3295 90.22 -119.92 -24.50
C ALA B 3295 91.63 -120.11 -25.06
N LEU B 3296 92.40 -119.03 -25.16
CA LEU B 3296 93.77 -119.15 -25.66
C LEU B 3296 94.63 -120.10 -24.82
N PRO B 3297 94.60 -120.08 -23.48
CA PRO B 3297 95.33 -121.12 -22.73
C PRO B 3297 94.88 -122.53 -23.07
N ALA B 3298 93.57 -122.73 -23.32
CA ALA B 3298 93.09 -124.05 -23.71
C ALA B 3298 93.59 -124.43 -25.08
N GLY B 3299 93.49 -123.53 -26.05
CA GLY B 3299 94.02 -123.77 -27.38
C GLY B 3299 94.87 -122.62 -27.89
N ALA B 3300 96.16 -122.87 -28.09
CA ALA B 3300 97.05 -121.82 -28.60
C ALA B 3300 96.67 -121.34 -29.99
N PRO B 3301 96.36 -122.20 -30.97
CA PRO B 3301 95.77 -121.72 -32.22
C PRO B 3301 94.25 -121.76 -32.16
N PRO B 3302 93.60 -120.74 -31.60
CA PRO B 3302 92.15 -120.81 -31.40
C PRO B 3302 91.41 -121.00 -32.71
N PRO B 3303 90.33 -121.79 -32.72
CA PRO B 3303 89.60 -122.02 -33.98
C PRO B 3303 89.14 -120.75 -34.66
N CYS B 3304 88.70 -119.75 -33.90
CA CYS B 3304 88.24 -118.49 -34.47
C CYS B 3304 89.42 -117.76 -35.10
N THR B 3305 89.44 -117.68 -36.43
CA THR B 3305 90.52 -117.03 -37.16
C THR B 3305 89.94 -116.20 -38.30
N ALA B 3306 88.89 -115.44 -38.00
CA ALA B 3306 88.27 -114.53 -38.96
C ALA B 3306 88.36 -113.11 -38.43
N VAL B 3307 88.75 -112.18 -39.31
CA VAL B 3307 89.02 -110.80 -38.90
C VAL B 3307 88.19 -109.83 -39.74
N THR B 3308 88.27 -109.95 -41.05
CA THR B 3308 87.68 -108.97 -41.95
C THR B 3308 86.16 -108.97 -41.85
N SER B 3309 85.57 -107.78 -42.05
CA SER B 3309 84.13 -107.59 -42.06
C SER B 3309 83.52 -107.81 -43.44
N ASP B 3310 84.18 -108.61 -44.28
CA ASP B 3310 83.61 -108.96 -45.57
C ASP B 3310 82.22 -109.57 -45.42
N HIS B 3311 82.01 -110.34 -44.35
CA HIS B 3311 80.68 -110.86 -44.07
C HIS B 3311 79.66 -109.72 -43.95
N LEU B 3312 79.99 -108.70 -43.15
CA LEU B 3312 79.04 -107.61 -42.90
C LEU B 3312 78.80 -106.80 -44.17
N ASN B 3313 79.85 -106.48 -44.92
CA ASN B 3313 79.63 -105.67 -46.11
C ASN B 3313 78.91 -106.47 -47.20
N SER B 3314 79.14 -107.78 -47.27
CA SER B 3314 78.34 -108.61 -48.15
C SER B 3314 76.88 -108.63 -47.72
N LEU B 3315 76.64 -108.65 -46.41
CA LEU B 3315 75.27 -108.53 -45.90
C LEU B 3315 74.63 -107.25 -46.39
N LEU B 3316 75.34 -106.13 -46.29
CA LEU B 3316 74.78 -104.85 -46.69
C LEU B 3316 74.50 -104.80 -48.20
N GLY B 3317 75.43 -105.34 -49.00
CA GLY B 3317 75.21 -105.39 -50.43
C GLY B 3317 74.01 -106.25 -50.81
N ASN B 3318 73.88 -107.41 -50.16
CA ASN B 3318 72.72 -108.26 -50.37
C ASN B 3318 71.44 -107.54 -49.99
N ILE B 3319 71.47 -106.82 -48.87
CA ILE B 3319 70.29 -106.07 -48.42
C ILE B 3319 69.88 -105.09 -49.50
N LEU B 3320 70.83 -104.29 -49.98
CA LEU B 3320 70.53 -103.30 -51.01
C LEU B 3320 69.94 -103.97 -52.24
N ARG B 3321 70.59 -105.02 -52.73
CA ARG B 3321 70.12 -105.66 -53.96
C ARG B 3321 68.72 -106.23 -53.81
N ILE B 3322 68.49 -107.00 -52.74
CA ILE B 3322 67.20 -107.66 -52.59
C ILE B 3322 66.10 -106.64 -52.38
N ILE B 3323 66.34 -105.62 -51.55
CA ILE B 3323 65.32 -104.60 -51.31
C ILE B 3323 64.97 -103.88 -52.60
N VAL B 3324 65.99 -103.41 -53.33
CA VAL B 3324 65.73 -102.65 -54.55
C VAL B 3324 65.01 -103.51 -55.58
N ASN B 3325 65.41 -104.77 -55.72
CA ASN B 3325 64.79 -105.61 -56.73
C ASN B 3325 63.37 -106.01 -56.37
N ASN B 3326 63.09 -106.23 -55.08
CA ASN B 3326 61.77 -106.69 -54.63
C ASN B 3326 61.11 -105.64 -53.74
N LEU B 3327 61.20 -104.38 -54.14
CA LEU B 3327 60.50 -103.31 -53.43
C LEU B 3327 59.01 -103.60 -53.33
N GLY B 3328 58.38 -103.97 -54.45
CA GLY B 3328 56.96 -104.28 -54.45
C GLY B 3328 56.60 -105.55 -53.71
N ILE B 3329 57.54 -106.48 -53.57
CA ILE B 3329 57.27 -107.73 -52.88
C ILE B 3329 57.05 -107.46 -51.40
N ASP B 3330 55.98 -108.03 -50.85
CA ASP B 3330 55.64 -107.86 -49.43
C ASP B 3330 56.53 -108.75 -48.58
N GLU B 3331 57.79 -108.32 -48.46
CA GLU B 3331 58.80 -109.01 -47.66
C GLU B 3331 58.92 -108.43 -46.26
N ALA B 3332 57.80 -107.93 -45.70
CA ALA B 3332 57.85 -107.19 -44.44
C ALA B 3332 58.37 -108.05 -43.29
N THR B 3333 58.01 -109.33 -43.27
CA THR B 3333 58.46 -110.20 -42.19
C THR B 3333 59.97 -110.40 -42.25
N TRP B 3334 60.49 -110.79 -43.42
CA TRP B 3334 61.93 -110.90 -43.56
C TRP B 3334 62.59 -109.53 -43.41
N MET B 3335 61.86 -108.46 -43.75
CA MET B 3335 62.40 -107.12 -43.52
C MET B 3335 62.62 -106.87 -42.03
N LYS B 3336 61.68 -107.31 -41.19
CA LYS B 3336 61.83 -107.16 -39.75
C LYS B 3336 62.98 -108.01 -39.23
N ARG B 3337 63.06 -109.27 -39.67
CA ARG B 3337 64.19 -110.11 -39.27
C ARG B 3337 65.51 -109.50 -39.74
N LEU B 3338 65.52 -108.85 -40.89
CA LEU B 3338 66.74 -108.25 -41.40
C LEU B 3338 67.10 -106.98 -40.64
N ALA B 3339 66.10 -106.22 -40.20
CA ALA B 3339 66.34 -105.06 -39.36
C ALA B 3339 66.97 -105.46 -38.04
N VAL B 3340 66.45 -106.52 -37.41
CA VAL B 3340 67.06 -107.01 -36.18
C VAL B 3340 68.33 -107.80 -36.44
N PHE B 3341 68.57 -108.18 -37.70
CA PHE B 3341 69.74 -108.92 -38.09
C PHE B 3341 71.00 -108.06 -37.98
N ALA B 3342 72.14 -108.73 -37.81
CA ALA B 3342 73.45 -108.08 -37.74
C ALA B 3342 73.49 -107.06 -36.60
N GLN B 3343 73.33 -107.57 -35.38
CA GLN B 3343 73.38 -106.72 -34.20
C GLN B 3343 74.83 -106.37 -33.84
N PRO B 3344 75.80 -107.32 -33.92
CA PRO B 3344 77.20 -106.93 -33.61
C PRO B 3344 77.92 -106.31 -34.81
N ILE B 3345 77.42 -105.17 -35.26
CA ILE B 3345 78.09 -104.44 -36.33
C ILE B 3345 79.21 -103.58 -35.77
N VAL B 3346 78.99 -102.95 -34.61
CA VAL B 3346 79.93 -101.97 -34.09
C VAL B 3346 81.28 -102.61 -33.78
N SER B 3347 81.27 -103.81 -33.20
CA SER B 3347 82.53 -104.46 -32.83
C SER B 3347 83.39 -104.73 -34.05
N ARG B 3348 82.77 -104.95 -35.21
CA ARG B 3348 83.48 -105.17 -36.47
C ARG B 3348 83.26 -104.03 -37.45
N ALA B 3349 82.89 -102.84 -36.96
CA ALA B 3349 82.56 -101.73 -37.83
C ALA B 3349 83.82 -101.12 -38.44
N ARG B 3350 83.92 -101.17 -39.77
CA ARG B 3350 85.03 -100.56 -40.50
C ARG B 3350 84.51 -99.32 -41.22
N PRO B 3351 84.78 -98.12 -40.69
CA PRO B 3351 84.08 -96.92 -41.18
C PRO B 3351 84.27 -96.64 -42.67
N GLU B 3352 85.39 -97.04 -43.25
CA GLU B 3352 85.62 -96.78 -44.67
C GLU B 3352 84.58 -97.50 -45.54
N LEU B 3353 84.54 -98.83 -45.44
CA LEU B 3353 83.56 -99.59 -46.22
C LEU B 3353 82.15 -99.29 -45.78
N LEU B 3354 81.94 -98.98 -44.48
CA LEU B 3354 80.60 -98.62 -44.03
C LEU B 3354 80.11 -97.34 -44.70
N HIS B 3355 80.98 -96.33 -44.82
CA HIS B 3355 80.61 -95.18 -45.66
C HIS B 3355 80.32 -95.61 -47.09
N SER B 3356 81.27 -96.34 -47.70
CA SER B 3356 81.15 -96.69 -49.11
C SER B 3356 79.88 -97.47 -49.41
N HIS B 3357 79.27 -98.09 -48.41
CA HIS B 3357 78.01 -98.80 -48.59
C HIS B 3357 76.79 -98.04 -48.09
N PHE B 3358 76.90 -97.27 -47.00
CA PHE B 3358 75.74 -96.57 -46.45
C PHE B 3358 75.36 -95.36 -47.30
N ILE B 3359 76.31 -94.53 -47.73
CA ILE B 3359 75.94 -93.37 -48.55
C ILE B 3359 75.24 -93.77 -49.85
N PRO B 3360 75.79 -94.67 -50.68
CA PRO B 3360 75.03 -95.08 -51.88
C PRO B 3360 73.68 -95.69 -51.54
N THR B 3361 73.61 -96.49 -50.48
CA THR B 3361 72.35 -97.16 -50.14
C THR B 3361 71.28 -96.17 -49.73
N ILE B 3362 71.61 -95.27 -48.79
CA ILE B 3362 70.62 -94.33 -48.30
C ILE B 3362 70.40 -93.26 -49.35
N GLY B 3363 71.23 -93.26 -50.39
CA GLY B 3363 71.11 -92.23 -51.39
C GLY B 3363 70.16 -92.69 -52.46
N ARG B 3364 70.20 -93.97 -52.82
CA ARG B 3364 69.12 -94.53 -53.63
C ARG B 3364 67.80 -94.53 -52.86
N LEU B 3365 67.85 -94.81 -51.55
CA LEU B 3365 66.63 -94.80 -50.75
C LEU B 3365 65.94 -93.44 -50.82
N ARG B 3366 66.68 -92.38 -50.50
CA ARG B 3366 66.07 -91.05 -50.56
C ARG B 3366 65.83 -90.61 -51.99
N LYS B 3367 66.60 -91.13 -52.95
CA LYS B 3367 66.41 -90.80 -54.35
C LYS B 3367 65.02 -91.22 -54.82
N ARG B 3368 64.64 -92.47 -54.56
CA ARG B 3368 63.27 -92.83 -54.89
C ARG B 3368 62.27 -92.22 -53.93
N ALA B 3369 62.68 -91.88 -52.70
CA ALA B 3369 61.78 -91.19 -51.79
C ALA B 3369 61.35 -89.83 -52.33
N GLY B 3370 62.22 -89.18 -53.11
CA GLY B 3370 61.86 -87.90 -53.70
C GLY B 3370 60.69 -88.00 -54.66
N LYS B 3371 60.68 -89.02 -55.50
CA LYS B 3371 59.57 -89.22 -56.43
C LYS B 3371 58.30 -89.67 -55.71
N VAL B 3372 58.44 -90.44 -54.63
CA VAL B 3372 57.28 -90.99 -53.95
C VAL B 3372 56.41 -89.88 -53.38
N VAL B 3373 57.03 -88.90 -52.73
CA VAL B 3373 56.29 -87.74 -52.24
C VAL B 3373 55.82 -86.87 -53.40
N ALA B 3374 56.64 -86.76 -54.45
CA ALA B 3374 56.28 -85.95 -55.61
C ALA B 3374 55.03 -86.49 -56.29
N GLU B 3375 54.97 -87.81 -56.50
CA GLU B 3375 53.78 -88.40 -57.09
C GLU B 3375 52.58 -88.27 -56.16
N GLU B 3376 52.81 -88.38 -54.84
CA GLU B 3376 51.76 -88.09 -53.88
C GLU B 3376 51.25 -86.66 -54.02
N GLU B 3377 52.18 -85.71 -54.13
CA GLU B 3377 51.79 -84.30 -54.18
C GLU B 3377 50.96 -83.99 -55.42
N GLN B 3378 51.35 -84.53 -56.58
CA GLN B 3378 50.64 -84.26 -57.81
C GLN B 3378 49.22 -84.83 -57.76
N LEU B 3379 49.08 -86.06 -57.26
CA LEU B 3379 47.76 -86.69 -57.19
C LEU B 3379 46.87 -86.00 -56.15
N ARG B 3380 47.45 -85.55 -55.03
CA ARG B 3380 46.64 -84.94 -53.99
C ARG B 3380 46.07 -83.60 -54.44
N LEU B 3381 46.68 -82.96 -55.42
CA LEU B 3381 46.19 -81.69 -55.94
C LEU B 3381 45.39 -81.91 -57.23
N GLU B 3391 46.11 -92.22 -55.76
CA GLU B 3391 46.47 -92.15 -54.36
C GLU B 3391 46.94 -93.50 -53.83
N LEU B 3392 46.20 -94.56 -54.16
CA LEU B 3392 46.55 -95.89 -53.67
C LEU B 3392 47.94 -96.30 -54.14
N LEU B 3393 48.36 -95.84 -55.31
CA LEU B 3393 49.70 -96.17 -55.80
C LEU B 3393 50.77 -95.56 -54.91
N VAL B 3394 50.64 -94.28 -54.57
CA VAL B 3394 51.66 -93.62 -53.75
C VAL B 3394 51.64 -94.17 -52.34
N ARG B 3395 50.45 -94.50 -51.81
CA ARG B 3395 50.38 -95.11 -50.49
C ARG B 3395 51.15 -96.42 -50.45
N ASP B 3396 51.12 -97.18 -51.54
CA ASP B 3396 51.93 -98.38 -51.65
C ASP B 3396 53.41 -98.03 -51.70
N GLU B 3397 53.78 -96.96 -52.43
CA GLU B 3397 55.17 -96.54 -52.47
C GLU B 3397 55.66 -96.13 -51.09
N PHE B 3398 54.83 -95.40 -50.34
CA PHE B 3398 55.20 -95.07 -48.97
C PHE B 3398 55.20 -96.31 -48.08
N SER B 3399 54.41 -97.33 -48.43
CA SER B 3399 54.38 -98.56 -47.64
C SER B 3399 55.72 -99.26 -47.66
N VAL B 3400 56.31 -99.42 -48.84
CA VAL B 3400 57.63 -100.04 -48.94
C VAL B 3400 58.70 -99.08 -48.41
N LEU B 3401 58.53 -97.78 -48.68
CA LEU B 3401 59.44 -96.77 -48.12
C LEU B 3401 59.48 -96.85 -46.59
N CYS B 3402 58.32 -96.82 -45.95
CA CYS B 3402 58.30 -96.95 -44.50
C CYS B 3402 58.87 -98.28 -44.06
N ARG B 3403 58.73 -99.31 -44.90
CA ARG B 3403 59.32 -100.60 -44.60
C ARG B 3403 60.85 -100.53 -44.65
N ASP B 3404 61.39 -99.86 -45.69
CA ASP B 3404 62.84 -99.80 -45.85
C ASP B 3404 63.50 -98.97 -44.76
N LEU B 3405 62.87 -97.87 -44.36
CA LEU B 3405 63.41 -97.03 -43.29
C LEU B 3405 63.61 -97.85 -42.02
N TYR B 3406 62.53 -98.39 -41.48
CA TYR B 3406 62.61 -99.16 -40.24
C TYR B 3406 63.43 -100.44 -40.41
N ALA B 3407 63.74 -100.82 -41.64
CA ALA B 3407 64.57 -101.99 -41.91
C ALA B 3407 66.04 -101.64 -42.14
N LEU B 3408 66.34 -100.38 -42.43
CA LEU B 3408 67.72 -99.96 -42.61
C LEU B 3408 68.19 -98.94 -41.59
N TYR B 3409 67.29 -98.09 -41.10
CA TYR B 3409 67.66 -97.07 -40.12
C TYR B 3409 68.27 -97.66 -38.85
N PRO B 3410 67.74 -98.74 -38.26
CA PRO B 3410 68.37 -99.26 -37.03
C PRO B 3410 69.83 -99.62 -37.16
N LEU B 3411 70.26 -100.16 -38.30
CA LEU B 3411 71.67 -100.54 -38.46
C LEU B 3411 72.57 -99.32 -38.65
N LEU B 3412 72.04 -98.25 -39.23
CA LEU B 3412 72.86 -97.05 -39.42
C LEU B 3412 73.08 -96.30 -38.11
N ILE B 3413 72.11 -96.37 -37.19
CA ILE B 3413 72.26 -95.68 -35.91
C ILE B 3413 73.47 -96.21 -35.15
N ARG B 3414 73.57 -97.53 -35.00
CA ARG B 3414 74.64 -98.11 -34.22
C ARG B 3414 76.01 -97.84 -34.84
N TYR B 3415 76.08 -97.75 -36.17
CA TYR B 3415 77.35 -97.49 -36.83
C TYR B 3415 77.95 -96.15 -36.38
N VAL B 3416 77.12 -95.11 -36.35
CA VAL B 3416 77.62 -93.78 -36.02
C VAL B 3416 77.53 -93.47 -34.52
N ASP B 3417 76.73 -94.23 -33.76
CA ASP B 3417 76.73 -94.05 -32.31
C ASP B 3417 78.15 -94.12 -31.73
N ASN B 3418 78.99 -94.98 -32.30
CA ASN B 3418 80.34 -95.18 -31.82
C ASN B 3418 81.38 -94.57 -32.76
N ASN B 3419 80.95 -93.97 -33.87
CA ASN B 3419 81.86 -93.26 -34.77
C ASN B 3419 81.60 -91.76 -34.82
N ARG B 3420 80.52 -91.27 -34.20
CA ARG B 3420 80.27 -89.83 -34.18
C ARG B 3420 81.35 -89.10 -33.41
N ALA B 3421 81.83 -89.68 -32.31
CA ALA B 3421 82.82 -89.02 -31.47
C ALA B 3421 84.09 -88.73 -32.26
N HIS B 3422 84.51 -89.66 -33.12
CA HIS B 3422 85.67 -89.41 -33.96
C HIS B 3422 85.42 -88.28 -34.94
N TRP B 3423 84.21 -88.24 -35.52
CA TRP B 3423 83.92 -87.21 -36.51
C TRP B 3423 83.69 -85.84 -35.86
N LEU B 3424 83.14 -85.82 -34.65
CA LEU B 3424 83.11 -84.57 -33.89
C LEU B 3424 84.52 -84.10 -33.57
N THR B 3425 85.40 -85.04 -33.19
CA THR B 3425 86.78 -84.68 -32.88
C THR B 3425 87.51 -84.19 -34.12
N GLU B 3426 87.38 -84.89 -35.23
CA GLU B 3426 87.99 -84.49 -36.50
C GLU B 3426 86.91 -84.52 -37.56
N PRO B 3427 86.58 -83.38 -38.19
CA PRO B 3427 85.46 -83.36 -39.14
C PRO B 3427 85.70 -84.29 -40.32
N ASN B 3428 84.68 -85.06 -40.66
CA ASN B 3428 84.72 -85.99 -41.78
C ASN B 3428 83.72 -85.53 -42.83
N ALA B 3429 84.18 -85.44 -44.09
CA ALA B 3429 83.34 -84.92 -45.16
C ALA B 3429 82.08 -85.75 -45.34
N ASN B 3430 82.20 -87.07 -45.28
CA ASN B 3430 81.03 -87.94 -45.40
C ASN B 3430 80.07 -87.74 -44.24
N ALA B 3431 80.58 -87.42 -43.04
CA ALA B 3431 79.74 -87.29 -41.87
C ALA B 3431 78.72 -86.16 -42.05
N GLU B 3432 79.17 -85.00 -42.55
CA GLU B 3432 78.23 -83.91 -42.77
C GLU B 3432 77.30 -84.20 -43.93
N GLU B 3433 77.77 -84.92 -44.95
CA GLU B 3433 76.90 -85.26 -46.07
C GLU B 3433 75.75 -86.15 -45.61
N LEU B 3434 76.05 -87.15 -44.77
CA LEU B 3434 75.00 -88.03 -44.26
C LEU B 3434 74.01 -87.28 -43.39
N PHE B 3435 74.48 -86.25 -42.67
CA PHE B 3435 73.57 -85.38 -41.95
C PHE B 3435 72.54 -84.76 -42.91
N ARG B 3436 72.99 -84.34 -44.09
CA ARG B 3436 72.06 -83.79 -45.06
C ARG B 3436 71.09 -84.84 -45.58
N MET B 3437 71.57 -86.08 -45.77
CA MET B 3437 70.68 -87.14 -46.25
C MET B 3437 69.55 -87.42 -45.27
N VAL B 3438 69.91 -87.66 -44.00
CA VAL B 3438 68.89 -87.94 -42.98
C VAL B 3438 67.98 -86.73 -42.78
N GLY B 3439 68.55 -85.53 -42.87
CA GLY B 3439 67.71 -84.33 -42.79
C GLY B 3439 66.72 -84.23 -43.93
N GLU B 3440 67.15 -84.56 -45.15
CA GLU B 3440 66.24 -84.51 -46.28
C GLU B 3440 65.13 -85.55 -46.15
N ILE B 3441 65.47 -86.77 -45.72
CA ILE B 3441 64.42 -87.77 -45.50
C ILE B 3441 63.46 -87.32 -44.42
N PHE B 3442 63.98 -86.73 -43.34
CA PHE B 3442 63.13 -86.28 -42.24
C PHE B 3442 62.18 -85.19 -42.72
N ILE B 3443 62.71 -84.18 -43.41
CA ILE B 3443 61.87 -83.07 -43.85
C ILE B 3443 60.86 -83.55 -44.87
N TYR B 3444 61.24 -84.50 -45.72
CA TYR B 3444 60.28 -85.14 -46.61
C TYR B 3444 59.16 -85.79 -45.81
N TRP B 3445 59.50 -86.41 -44.67
CA TRP B 3445 58.47 -87.03 -43.85
C TRP B 3445 57.55 -85.98 -43.24
N SER B 3446 58.13 -84.85 -42.83
CA SER B 3446 57.34 -83.77 -42.25
C SER B 3446 56.44 -83.11 -43.28
N LYS B 3447 56.87 -83.06 -44.55
CA LYS B 3447 56.01 -82.52 -45.60
C LYS B 3447 54.87 -83.49 -45.94
N SER B 3448 55.14 -84.79 -45.88
CA SER B 3448 54.22 -85.79 -46.42
C SER B 3448 53.38 -86.36 -45.29
N HIS B 3449 52.11 -85.94 -45.24
CA HIS B 3449 51.21 -86.35 -44.17
C HIS B 3449 50.98 -87.85 -44.16
N ASN B 3450 50.73 -88.44 -45.33
CA ASN B 3450 50.49 -89.89 -45.36
C ASN B 3450 51.79 -90.66 -45.13
N PHE B 3451 52.93 -90.07 -45.47
CA PHE B 3451 54.20 -90.72 -45.14
C PHE B 3451 54.36 -90.81 -43.63
N LYS B 3452 53.91 -89.77 -42.91
CA LYS B 3452 53.73 -89.92 -41.46
C LYS B 3452 52.71 -91.01 -41.15
N ARG B 3453 51.59 -91.02 -41.88
CA ARG B 3453 50.55 -92.03 -41.67
C ARG B 3453 51.09 -93.43 -41.89
N GLU B 3454 51.74 -93.65 -43.04
CA GLU B 3454 52.23 -94.99 -43.34
C GLU B 3454 53.39 -95.37 -42.43
N GLU B 3455 54.20 -94.40 -41.99
CA GLU B 3455 55.22 -94.68 -41.00
C GLU B 3455 54.59 -95.25 -39.74
N GLN B 3456 53.53 -94.61 -39.24
CA GLN B 3456 52.82 -95.13 -38.09
C GLN B 3456 52.15 -96.47 -38.42
N ASN B 3457 51.63 -96.61 -39.64
CA ASN B 3457 51.05 -97.89 -40.05
C ASN B 3457 52.05 -99.01 -39.90
N PHE B 3458 53.25 -98.85 -40.47
CA PHE B 3458 54.22 -99.92 -40.39
C PHE B 3458 54.79 -100.08 -38.98
N VAL B 3459 54.66 -99.06 -38.13
CA VAL B 3459 54.93 -99.27 -36.70
C VAL B 3459 53.99 -100.32 -36.14
N VAL B 3460 52.70 -100.23 -36.47
CA VAL B 3460 51.73 -101.17 -35.91
C VAL B 3460 51.53 -102.39 -36.81
N GLN B 3461 51.72 -102.25 -38.13
CA GLN B 3461 51.60 -103.42 -39.01
C GLN B 3461 52.73 -104.41 -38.77
N ASN B 3462 53.97 -103.92 -38.68
CA ASN B 3462 55.13 -104.78 -38.45
C ASN B 3462 55.51 -104.88 -36.98
N GLU B 3463 54.74 -104.24 -36.09
CA GLU B 3463 55.02 -104.27 -34.65
C GLU B 3463 56.47 -103.83 -34.37
N ILE B 3464 56.82 -102.65 -34.87
CA ILE B 3464 58.19 -102.18 -34.82
C ILE B 3464 58.58 -101.83 -33.39
N ASN B 3465 59.72 -102.36 -32.96
CA ASN B 3465 60.27 -102.07 -31.63
C ASN B 3465 61.27 -100.90 -31.76
N ASN B 3466 60.71 -99.72 -32.01
CA ASN B 3466 61.55 -98.53 -32.19
C ASN B 3466 62.25 -98.13 -30.90
N MET B 3467 61.57 -98.31 -29.76
CA MET B 3467 62.23 -98.09 -28.48
C MET B 3467 63.43 -99.02 -28.33
N SER B 3468 63.35 -100.24 -28.88
CA SER B 3468 64.48 -101.15 -28.85
C SER B 3468 65.65 -100.60 -29.66
N PHE B 3469 65.36 -99.99 -30.81
CA PHE B 3469 66.42 -99.36 -31.59
C PHE B 3469 67.07 -98.22 -30.80
N LEU B 3470 66.27 -97.45 -30.06
CA LEU B 3470 66.86 -96.39 -29.23
C LEU B 3470 67.76 -96.97 -28.13
N THR B 3471 67.26 -97.96 -27.39
CA THR B 3471 68.01 -98.45 -26.23
C THR B 3471 69.13 -99.36 -26.71
N ALA B 3472 70.36 -98.97 -26.43
CA ALA B 3472 71.52 -99.81 -26.74
C ALA B 3472 71.75 -100.79 -25.61
N ASP B 3473 71.78 -102.09 -25.95
CA ASP B 3473 72.03 -103.11 -24.93
C ASP B 3473 73.43 -102.97 -24.35
N SER B 3474 74.43 -102.74 -25.20
CA SER B 3474 75.81 -102.53 -24.78
C SER B 3474 76.33 -103.66 -23.91
N SER B 3504 52.39 -91.06 -33.33
CA SER B 3504 51.75 -91.48 -32.08
C SER B 3504 52.78 -91.99 -31.08
N VAL B 3505 53.77 -92.74 -31.55
CA VAL B 3505 54.77 -93.35 -30.68
C VAL B 3505 55.71 -92.29 -30.14
N GLN B 3506 55.78 -91.15 -30.84
CA GLN B 3506 56.71 -90.06 -30.53
C GLN B 3506 58.12 -90.56 -30.27
N THR B 3507 58.51 -91.63 -30.95
CA THR B 3507 59.85 -92.20 -30.86
C THR B 3507 60.24 -92.88 -32.17
N SER B 3508 59.81 -92.30 -33.29
CA SER B 3508 60.17 -92.83 -34.59
C SER B 3508 61.66 -92.68 -34.84
N LEU B 3509 62.16 -93.40 -35.84
CA LEU B 3509 63.59 -93.33 -36.13
C LEU B 3509 63.94 -92.09 -36.95
N ILE B 3510 63.02 -91.63 -37.81
CA ILE B 3510 63.32 -90.47 -38.65
C ILE B 3510 63.53 -89.22 -37.80
N VAL B 3511 62.82 -89.12 -36.68
CA VAL B 3511 63.11 -88.05 -35.73
C VAL B 3511 64.31 -88.41 -34.85
N ALA B 3512 64.45 -89.70 -34.52
CA ALA B 3512 65.56 -90.13 -33.69
C ALA B 3512 66.90 -89.90 -34.37
N THR B 3513 66.96 -90.12 -35.69
CA THR B 3513 68.24 -90.01 -36.38
C THR B 3513 68.79 -88.58 -36.37
N LEU B 3514 67.93 -87.56 -36.31
CA LEU B 3514 68.46 -86.20 -36.15
C LEU B 3514 68.89 -85.91 -34.72
N LYS B 3515 68.09 -86.32 -33.73
CA LYS B 3515 68.54 -86.19 -32.33
C LYS B 3515 69.92 -86.81 -32.15
N LYS B 3516 70.26 -87.73 -33.07
CA LYS B 3516 71.49 -88.49 -33.14
C LYS B 3516 72.58 -87.81 -33.97
N MET B 3517 72.24 -87.24 -35.12
CA MET B 3517 73.21 -86.69 -36.06
C MET B 3517 73.30 -85.18 -36.03
N LEU B 3518 72.54 -84.51 -35.16
CA LEU B 3518 72.52 -83.05 -35.14
C LEU B 3518 73.86 -82.42 -34.78
N PRO B 3519 74.62 -82.92 -33.80
CA PRO B 3519 75.94 -82.29 -33.55
C PRO B 3519 76.85 -82.28 -34.76
N ILE B 3520 76.79 -83.34 -35.59
CA ILE B 3520 77.63 -83.40 -36.78
C ILE B 3520 77.28 -82.26 -37.73
N GLY B 3521 75.98 -82.00 -37.91
CA GLY B 3521 75.56 -80.89 -38.76
C GLY B 3521 75.59 -79.54 -38.11
N LEU B 3522 75.79 -79.48 -36.80
CA LEU B 3522 75.79 -78.22 -36.06
C LEU B 3522 77.19 -77.69 -35.79
N ASN B 3523 78.19 -78.56 -35.70
CA ASN B 3523 79.55 -78.11 -35.46
C ASN B 3523 80.27 -77.70 -36.73
N MET B 3524 79.60 -77.75 -37.88
CA MET B 3524 80.18 -77.30 -39.14
C MET B 3524 79.86 -75.85 -39.46
N CYS B 3525 79.06 -75.17 -38.63
CA CYS B 3525 78.54 -73.85 -38.96
C CYS B 3525 78.80 -72.90 -37.79
N ALA B 3526 79.75 -71.98 -37.97
CA ALA B 3526 80.04 -70.96 -36.98
C ALA B 3526 79.06 -69.78 -37.03
N PRO B 3527 78.83 -69.16 -38.20
CA PRO B 3527 77.97 -67.97 -38.23
C PRO B 3527 76.56 -68.26 -37.72
N THR B 3528 76.04 -67.35 -36.90
CA THR B 3528 74.68 -67.45 -36.39
C THR B 3528 73.71 -66.64 -37.24
N ASP B 3529 73.68 -66.91 -38.56
CA ASP B 3529 72.66 -66.34 -39.43
C ASP B 3529 71.41 -67.20 -39.46
N GLN B 3530 71.45 -68.34 -38.77
CA GLN B 3530 70.30 -69.24 -38.73
C GLN B 3530 69.08 -68.59 -38.12
N ASP B 3531 69.24 -67.51 -37.36
CA ASP B 3531 68.07 -66.79 -36.83
C ASP B 3531 67.33 -66.05 -37.95
N LEU B 3532 68.06 -65.33 -38.80
CA LEU B 3532 67.40 -64.66 -39.93
C LEU B 3532 66.86 -65.68 -40.91
N ILE B 3533 67.58 -66.78 -41.11
CA ILE B 3533 67.01 -67.84 -41.93
C ILE B 3533 65.78 -68.42 -41.27
N MET B 3534 65.76 -68.50 -39.93
CA MET B 3534 64.58 -68.94 -39.20
C MET B 3534 63.40 -68.03 -39.48
N LEU B 3535 63.65 -66.73 -39.55
CA LEU B 3535 62.60 -65.79 -39.95
C LEU B 3535 62.11 -66.08 -41.36
N ALA B 3536 63.03 -66.42 -42.27
CA ALA B 3536 62.61 -66.83 -43.61
C ALA B 3536 61.75 -68.10 -43.56
N LYS B 3537 62.12 -69.03 -42.69
CA LYS B 3537 61.35 -70.26 -42.58
C LYS B 3537 59.97 -70.02 -41.97
N THR B 3538 59.85 -69.07 -41.06
CA THR B 3538 58.51 -68.64 -40.65
C THR B 3538 57.77 -67.98 -41.81
N ARG B 3539 58.49 -67.23 -42.64
CA ARG B 3539 57.86 -66.67 -43.84
C ARG B 3539 57.40 -67.76 -44.81
N TYR B 3540 57.96 -68.96 -44.72
CA TYR B 3540 57.36 -70.09 -45.45
C TYR B 3540 55.88 -70.22 -45.14
N ALA B 3541 55.53 -70.26 -43.85
CA ALA B 3541 54.11 -70.29 -43.48
C ALA B 3541 53.44 -68.95 -43.74
N LEU B 3542 54.23 -67.88 -43.75
CA LEU B 3542 53.74 -66.55 -44.12
C LEU B 3542 53.78 -66.32 -45.63
N LYS B 3543 53.75 -67.40 -46.42
CA LYS B 3543 53.61 -67.33 -47.89
C LYS B 3543 54.88 -66.83 -48.57
N ASP B 3544 56.04 -67.34 -48.14
CA ASP B 3544 57.30 -67.16 -48.84
C ASP B 3544 57.81 -68.54 -49.25
N THR B 3545 57.95 -68.76 -50.55
CA THR B 3545 58.23 -70.09 -51.08
C THR B 3545 59.75 -70.30 -51.20
N ASP B 3546 60.12 -71.39 -51.88
CA ASP B 3546 61.53 -71.73 -52.02
C ASP B 3546 62.29 -70.65 -52.80
N GLU B 3547 61.65 -70.06 -53.82
CA GLU B 3547 62.30 -68.98 -54.54
C GLU B 3547 62.55 -67.78 -53.63
N GLU B 3548 61.57 -67.43 -52.80
CA GLU B 3548 61.74 -66.29 -51.89
C GLU B 3548 62.84 -66.57 -50.86
N VAL B 3549 62.92 -67.80 -50.35
CA VAL B 3549 64.00 -68.08 -49.42
C VAL B 3549 65.33 -68.20 -50.13
N ARG B 3550 65.34 -68.47 -51.44
CA ARG B 3550 66.57 -68.33 -52.22
C ARG B 3550 66.99 -66.87 -52.28
N GLU B 3551 66.04 -65.96 -52.47
CA GLU B 3551 66.37 -64.53 -52.40
C GLU B 3551 66.92 -64.15 -51.02
N PHE B 3552 66.34 -64.73 -49.97
CA PHE B 3552 66.87 -64.49 -48.63
C PHE B 3552 68.27 -65.09 -48.48
N LEU B 3553 68.55 -66.22 -49.12
CA LEU B 3553 69.92 -66.73 -49.17
C LEU B 3553 70.84 -65.73 -49.85
N GLN B 3554 70.38 -65.12 -50.94
CA GLN B 3554 71.19 -64.13 -51.64
C GLN B 3554 71.47 -62.91 -50.79
N ASN B 3555 70.51 -62.50 -49.95
CA ASN B 3555 70.73 -61.33 -49.10
C ASN B 3555 71.29 -61.69 -47.72
N ASN B 3556 71.49 -62.97 -47.44
CA ASN B 3556 72.02 -63.37 -46.13
C ASN B 3556 73.44 -62.88 -45.90
N LEU B 3557 74.27 -62.86 -46.95
CA LEU B 3557 75.70 -62.64 -46.77
C LEU B 3557 76.04 -61.25 -46.24
N HIS B 3558 75.10 -60.31 -46.24
CA HIS B 3558 75.38 -58.97 -45.73
C HIS B 3558 75.20 -58.86 -44.23
N LEU B 3559 74.80 -59.93 -43.55
CA LEU B 3559 74.66 -59.96 -42.10
C LEU B 3559 75.30 -61.24 -41.57
N GLN B 3560 76.37 -61.10 -40.80
CA GLN B 3560 77.06 -62.24 -40.20
C GLN B 3560 77.40 -61.91 -38.76
N GLY B 3561 77.60 -62.97 -37.97
CA GLY B 3561 77.96 -62.78 -36.58
C GLY B 3561 79.37 -62.25 -36.40
N LYS B 3562 79.62 -61.73 -35.21
CA LYS B 3562 80.91 -61.15 -34.87
C LYS B 3562 81.44 -61.79 -33.59
N VAL B 3563 82.76 -61.91 -33.50
CA VAL B 3563 83.39 -62.48 -32.31
C VAL B 3563 83.32 -61.52 -31.13
N GLU B 3564 83.15 -60.22 -31.38
CA GLU B 3564 83.08 -59.23 -30.33
C GLU B 3564 81.66 -58.95 -29.86
N GLY B 3565 80.66 -59.58 -30.46
CA GLY B 3565 79.28 -59.35 -30.05
C GLY B 3565 79.00 -59.84 -28.64
N SER B 3566 79.48 -61.03 -28.31
CA SER B 3566 79.27 -61.63 -27.00
C SER B 3566 80.57 -62.17 -26.44
N PRO B 3567 80.74 -62.13 -25.13
CA PRO B 3567 81.95 -62.72 -24.52
C PRO B 3567 82.08 -64.21 -24.78
N SER B 3568 80.96 -64.93 -24.84
CA SER B 3568 81.03 -66.37 -25.13
C SER B 3568 81.47 -66.65 -26.55
N LEU B 3569 81.20 -65.70 -27.47
CA LEU B 3569 81.61 -65.88 -28.86
C LEU B 3569 83.12 -66.00 -28.98
N ARG B 3570 83.87 -65.34 -28.08
CA ARG B 3570 85.33 -65.41 -28.15
C ARG B 3570 85.82 -66.84 -27.98
N TRP B 3571 85.40 -67.52 -26.91
CA TRP B 3571 85.85 -68.89 -26.70
C TRP B 3571 85.20 -69.86 -27.67
N GLN B 3572 83.96 -69.58 -28.10
CA GLN B 3572 83.33 -70.43 -29.11
C GLN B 3572 84.15 -70.42 -30.41
N MET B 3573 84.52 -69.23 -30.87
CA MET B 3573 85.35 -69.12 -32.07
C MET B 3573 86.75 -69.67 -31.83
N ALA B 3574 87.27 -69.52 -30.60
CA ALA B 3574 88.56 -70.10 -30.29
C ALA B 3574 88.55 -71.62 -30.50
N LEU B 3575 87.54 -72.29 -29.96
CA LEU B 3575 87.41 -73.73 -30.17
C LEU B 3575 87.18 -74.05 -31.64
N TYR B 3576 86.32 -73.27 -32.31
CA TYR B 3576 85.97 -73.54 -33.70
C TYR B 3576 87.19 -73.47 -34.61
N ARG B 3577 88.05 -72.46 -34.40
CA ARG B 3577 89.28 -72.37 -35.18
C ARG B 3577 90.39 -73.27 -34.67
N GLY B 3578 90.32 -73.71 -33.41
CA GLY B 3578 91.27 -74.67 -32.91
C GLY B 3578 90.98 -76.10 -33.27
N LEU B 3579 89.81 -76.36 -33.85
CA LEU B 3579 89.54 -77.69 -34.39
C LEU B 3579 90.57 -78.02 -35.46
N PRO B 3580 91.27 -79.16 -35.36
CA PRO B 3580 92.35 -79.45 -36.32
C PRO B 3580 91.88 -79.52 -37.77
N GLY B 3581 90.68 -80.03 -38.01
CA GLY B 3581 90.17 -80.20 -39.35
C GLY B 3581 89.39 -79.01 -39.89
N ARG B 3582 89.37 -77.89 -39.18
CA ARG B 3582 88.62 -76.72 -39.64
C ARG B 3582 89.24 -76.14 -40.90
N GLU B 3583 88.38 -75.67 -41.80
CA GLU B 3583 88.81 -75.09 -43.06
C GLU B 3583 87.90 -73.92 -43.40
N GLU B 3584 88.42 -73.01 -44.23
CA GLU B 3584 87.68 -71.83 -44.65
C GLU B 3584 86.83 -72.07 -45.89
N ASP B 3585 86.77 -73.30 -46.39
CA ASP B 3585 85.91 -73.60 -47.54
C ASP B 3585 84.45 -73.33 -47.21
N ALA B 3586 84.01 -73.74 -46.02
CA ALA B 3586 82.65 -73.42 -45.59
C ALA B 3586 82.48 -71.93 -45.33
N ASP B 3587 83.53 -71.28 -44.83
CA ASP B 3587 83.48 -69.84 -44.59
C ASP B 3587 83.49 -69.03 -45.88
N ASP B 3588 83.79 -69.66 -47.01
CA ASP B 3588 83.72 -68.96 -48.30
C ASP B 3588 82.27 -68.54 -48.57
N PRO B 3589 82.08 -67.43 -49.29
CA PRO B 3589 80.71 -66.91 -49.47
C PRO B 3589 79.77 -67.87 -50.18
N GLU B 3590 80.29 -68.78 -51.02
CA GLU B 3590 79.41 -69.68 -51.75
C GLU B 3590 78.87 -70.80 -50.87
N LYS B 3591 79.70 -71.32 -49.96
CA LYS B 3591 79.32 -72.48 -49.16
C LYS B 3591 78.63 -72.13 -47.85
N ILE B 3592 78.85 -70.91 -47.35
CA ILE B 3592 78.23 -70.50 -46.09
C ILE B 3592 76.71 -70.53 -46.21
N VAL B 3593 76.19 -69.98 -47.31
CA VAL B 3593 74.74 -69.95 -47.50
C VAL B 3593 74.18 -71.36 -47.60
N ARG B 3594 74.90 -72.25 -48.28
CA ARG B 3594 74.43 -73.62 -48.42
C ARG B 3594 74.35 -74.32 -47.06
N ARG B 3595 75.44 -74.25 -46.28
CA ARG B 3595 75.46 -74.94 -45.00
C ARG B 3595 74.41 -74.36 -44.04
N VAL B 3596 74.30 -73.04 -43.99
CA VAL B 3596 73.33 -72.43 -43.07
C VAL B 3596 71.90 -72.74 -43.51
N GLN B 3597 71.65 -72.80 -44.82
CA GLN B 3597 70.33 -73.17 -45.30
C GLN B 3597 69.98 -74.61 -44.91
N GLU B 3598 70.93 -75.53 -45.07
CA GLU B 3598 70.67 -76.91 -44.70
C GLU B 3598 70.35 -77.03 -43.21
N VAL B 3599 71.19 -76.39 -42.38
CA VAL B 3599 70.98 -76.44 -40.94
C VAL B 3599 69.64 -75.81 -40.58
N SER B 3600 69.31 -74.68 -41.20
CA SER B 3600 68.06 -74.00 -40.90
C SER B 3600 66.85 -74.86 -41.26
N ALA B 3601 66.90 -75.54 -42.41
CA ALA B 3601 65.76 -76.36 -42.81
C ALA B 3601 65.57 -77.56 -41.88
N VAL B 3602 66.66 -78.28 -41.59
CA VAL B 3602 66.51 -79.42 -40.68
C VAL B 3602 66.05 -78.94 -39.31
N LEU B 3603 66.56 -77.78 -38.87
CA LEU B 3603 66.13 -77.23 -37.59
C LEU B 3603 64.66 -76.83 -37.62
N TYR B 3604 64.21 -76.20 -38.71
CA TYR B 3604 62.77 -76.02 -38.94
C TYR B 3604 62.00 -77.24 -38.54
N HIS B 3605 62.20 -78.30 -39.31
CA HIS B 3605 61.32 -79.45 -39.15
C HIS B 3605 61.50 -80.09 -37.78
N LEU B 3606 62.70 -79.98 -37.20
CA LEU B 3606 62.89 -80.44 -35.82
C LEU B 3606 62.05 -79.65 -34.82
N GLU B 3607 62.03 -78.31 -34.94
CA GLU B 3607 61.22 -77.53 -34.00
C GLU B 3607 59.73 -77.79 -34.18
N GLN B 3608 59.27 -77.91 -35.43
CA GLN B 3608 57.85 -78.17 -35.63
C GLN B 3608 57.46 -79.59 -35.20
N THR B 3609 58.42 -80.53 -35.20
CA THR B 3609 58.16 -81.79 -34.50
C THR B 3609 58.11 -81.57 -32.99
N GLU B 3610 58.99 -80.70 -32.47
CA GLU B 3610 59.07 -80.46 -31.03
C GLU B 3610 57.81 -79.78 -30.50
N HIS B 3611 57.13 -78.98 -31.32
CA HIS B 3611 55.95 -78.26 -30.89
C HIS B 3611 54.75 -79.19 -30.92
N PRO B 3612 54.09 -79.46 -29.79
CA PRO B 3612 52.95 -80.38 -29.72
C PRO B 3612 51.68 -79.79 -30.32
N THR B 3639 9.64 -100.12 -28.62
CA THR B 3639 9.61 -98.85 -29.34
C THR B 3639 8.89 -98.89 -30.70
N PRO B 3640 9.09 -99.92 -31.53
CA PRO B 3640 8.36 -99.97 -32.80
C PRO B 3640 6.87 -100.20 -32.59
N LEU B 3641 6.09 -99.71 -33.55
CA LEU B 3641 4.64 -99.75 -33.42
C LEU B 3641 4.09 -101.17 -33.54
N TYR B 3642 4.70 -102.00 -34.40
CA TYR B 3642 4.13 -103.31 -34.67
C TYR B 3642 4.21 -104.27 -33.48
N ASN B 3643 4.97 -103.92 -32.45
CA ASN B 3643 5.03 -104.71 -31.23
C ASN B 3643 3.99 -104.29 -30.20
N LEU B 3644 3.28 -103.18 -30.44
CA LEU B 3644 2.33 -102.65 -29.48
C LEU B 3644 0.98 -103.37 -29.59
N PRO B 3645 0.22 -103.41 -28.50
CA PRO B 3645 -1.14 -103.95 -28.58
C PRO B 3645 -2.04 -103.07 -29.42
N THR B 3646 -3.10 -103.69 -29.94
CA THR B 3646 -3.98 -102.99 -30.89
C THR B 3646 -4.68 -101.81 -30.22
N HIS B 3647 -5.16 -101.98 -29.00
CA HIS B 3647 -5.96 -100.93 -28.36
C HIS B 3647 -5.12 -99.69 -28.03
N ARG B 3648 -3.89 -99.89 -27.53
CA ARG B 3648 -3.04 -98.75 -27.22
C ARG B 3648 -2.64 -97.99 -28.48
N ALA B 3649 -2.32 -98.72 -29.55
CA ALA B 3649 -2.03 -98.07 -30.82
C ALA B 3649 -3.24 -97.34 -31.35
N CYS B 3650 -4.44 -97.89 -31.15
CA CYS B 3650 -5.66 -97.22 -31.57
C CYS B 3650 -5.87 -95.92 -30.80
N ASN B 3651 -5.60 -95.94 -29.49
CA ASN B 3651 -5.70 -94.71 -28.70
C ASN B 3651 -4.70 -93.66 -29.18
N MET B 3652 -3.47 -94.08 -29.46
CA MET B 3652 -2.47 -93.14 -29.97
C MET B 3652 -2.90 -92.58 -31.32
N PHE B 3653 -3.46 -93.43 -32.19
CA PHE B 3653 -3.95 -92.97 -33.48
C PHE B 3653 -5.08 -91.96 -33.30
N LEU B 3654 -5.99 -92.22 -32.36
CA LEU B 3654 -7.08 -91.29 -32.11
C LEU B 3654 -6.54 -89.92 -31.67
N GLU B 3655 -5.59 -89.92 -30.73
CA GLU B 3655 -5.03 -88.65 -30.26
C GLU B 3655 -4.33 -87.91 -31.40
N SER B 3656 -3.52 -88.63 -32.18
CA SER B 3656 -2.78 -87.99 -33.27
C SER B 3656 -3.72 -87.46 -34.34
N TYR B 3657 -4.76 -88.22 -34.70
CA TYR B 3657 -5.70 -87.77 -35.71
C TYR B 3657 -6.48 -86.56 -35.23
N LYS B 3658 -6.88 -86.55 -33.96
CA LYS B 3658 -7.56 -85.38 -33.41
C LYS B 3658 -6.66 -84.16 -33.43
N ALA B 3659 -5.37 -84.34 -33.10
CA ALA B 3659 -4.48 -83.20 -33.03
C ALA B 3659 -4.07 -82.69 -34.41
N ALA B 3660 -4.07 -83.56 -35.42
CA ALA B 3660 -3.55 -83.20 -36.73
C ALA B 3660 -4.63 -82.84 -37.75
N TRP B 3661 -5.67 -83.67 -37.87
CA TRP B 3661 -6.65 -83.50 -38.94
C TRP B 3661 -7.89 -82.73 -38.51
N ILE B 3662 -8.54 -83.14 -37.43
CA ILE B 3662 -9.78 -82.50 -37.01
C ILE B 3662 -9.50 -81.08 -36.51
N LEU B 3663 -8.47 -80.92 -35.68
CA LEU B 3663 -8.21 -79.62 -35.07
C LEU B 3663 -7.82 -78.58 -36.11
N THR B 3664 -7.01 -78.97 -37.09
CA THR B 3664 -6.55 -78.02 -38.11
C THR B 3664 -7.62 -77.67 -39.12
N GLU B 3665 -8.73 -78.41 -39.16
CA GLU B 3665 -9.79 -78.09 -40.10
C GLU B 3665 -10.45 -76.76 -39.74
N ASP B 3666 -10.84 -76.00 -40.75
CA ASP B 3666 -11.43 -74.69 -40.57
C ASP B 3666 -12.86 -74.70 -41.10
N HIS B 3667 -13.80 -74.26 -40.27
CA HIS B 3667 -15.20 -74.15 -40.65
C HIS B 3667 -15.70 -72.77 -40.25
N SER B 3668 -16.36 -72.09 -41.19
CA SER B 3668 -16.87 -70.74 -40.98
C SER B 3668 -18.39 -70.79 -40.94
N PHE B 3669 -18.95 -70.62 -39.74
CA PHE B 3669 -20.40 -70.60 -39.57
C PHE B 3669 -20.90 -69.41 -38.78
N GLU B 3670 -20.01 -68.62 -38.18
CA GLU B 3670 -20.44 -67.51 -37.32
C GLU B 3670 -21.25 -66.50 -38.10
N ASP B 3671 -20.75 -66.06 -39.25
CA ASP B 3671 -21.45 -65.03 -40.03
C ASP B 3671 -22.79 -65.54 -40.53
N ARG B 3672 -22.84 -66.76 -41.06
CA ARG B 3672 -24.09 -67.30 -41.57
C ARG B 3672 -25.12 -67.47 -40.46
N MET B 3673 -24.70 -68.00 -39.31
CA MET B 3673 -25.62 -68.18 -38.20
C MET B 3673 -26.10 -66.84 -37.66
N ILE B 3674 -25.22 -65.84 -37.61
CA ILE B 3674 -25.62 -64.52 -37.14
C ILE B 3674 -26.63 -63.90 -38.10
N ASP B 3675 -26.41 -64.06 -39.41
CA ASP B 3675 -27.37 -63.54 -40.38
C ASP B 3675 -28.72 -64.23 -40.26
N ASP B 3676 -28.72 -65.55 -40.08
CA ASP B 3676 -29.97 -66.27 -39.94
C ASP B 3676 -30.72 -65.85 -38.68
N LEU B 3677 -29.99 -65.64 -37.58
CA LEU B 3677 -30.63 -65.17 -36.35
C LEU B 3677 -31.12 -63.73 -36.49
N SER B 3678 -30.40 -62.91 -37.26
CA SER B 3678 -30.78 -61.50 -37.40
C SER B 3678 -31.97 -61.34 -38.32
N LYS B 3679 -32.20 -62.28 -39.23
CA LYS B 3679 -33.41 -62.23 -40.05
C LYS B 3679 -34.64 -62.23 -39.17
N ALA B 3680 -35.51 -61.24 -39.36
CA ALA B 3680 -36.66 -61.04 -38.49
C ALA B 3680 -37.85 -61.92 -38.83
N GLY B 3681 -37.88 -62.54 -40.00
CA GLY B 3681 -39.00 -63.40 -40.35
C GLY B 3681 -40.28 -62.60 -40.54
N GLU B 3682 -41.37 -63.12 -39.97
CA GLU B 3682 -42.69 -62.52 -40.09
C GLU B 3682 -43.09 -61.70 -38.87
N GLN B 3683 -42.15 -61.44 -37.96
CA GLN B 3683 -42.47 -60.73 -36.72
C GLN B 3683 -42.89 -59.28 -36.95
N GLU B 3684 -42.67 -58.73 -38.15
CA GLU B 3684 -43.12 -57.39 -38.47
C GLU B 3684 -44.30 -57.39 -39.42
N GLU B 3685 -44.79 -58.56 -39.83
CA GLU B 3685 -45.88 -58.66 -40.79
C GLU B 3685 -47.11 -59.37 -40.25
N GLU B 3686 -46.95 -60.32 -39.33
CA GLU B 3686 -48.12 -61.04 -38.82
C GLU B 3686 -48.99 -60.18 -37.92
N GLU B 3687 -48.45 -59.08 -37.39
CA GLU B 3687 -49.21 -58.17 -36.52
C GLU B 3687 -48.49 -56.84 -36.49
N GLU B 3688 -49.16 -55.78 -36.95
CA GLU B 3688 -48.54 -54.47 -37.13
C GLU B 3688 -48.95 -53.48 -36.04
N GLU B 3689 -49.07 -53.94 -34.79
CA GLU B 3689 -49.47 -53.05 -33.70
C GLU B 3689 -48.25 -52.40 -33.03
N VAL B 3690 -47.34 -53.20 -32.51
CA VAL B 3690 -46.17 -52.70 -31.78
C VAL B 3690 -44.91 -53.24 -32.44
N GLU B 3691 -43.95 -52.35 -32.69
CA GLU B 3691 -42.68 -52.75 -33.27
C GLU B 3691 -41.93 -53.66 -32.31
N GLU B 3692 -41.34 -54.73 -32.86
CA GLU B 3692 -40.59 -55.71 -32.08
C GLU B 3692 -41.43 -56.29 -30.95
N LYS B 3693 -42.72 -56.54 -31.24
CA LYS B 3693 -43.55 -57.29 -30.32
C LYS B 3693 -42.96 -58.66 -30.04
N LYS B 3694 -42.31 -59.25 -31.04
CA LYS B 3694 -41.61 -60.54 -30.92
C LYS B 3694 -40.19 -60.28 -31.36
N PRO B 3695 -39.33 -59.80 -30.46
CA PRO B 3695 -38.00 -59.35 -30.87
C PRO B 3695 -37.21 -60.44 -31.57
N ASP B 3696 -36.37 -60.01 -32.51
CA ASP B 3696 -35.46 -60.83 -33.29
C ASP B 3696 -34.79 -61.88 -32.41
N PRO B 3697 -34.57 -63.10 -32.91
CA PRO B 3697 -33.92 -64.13 -32.08
C PRO B 3697 -32.61 -63.68 -31.46
N LEU B 3698 -31.78 -62.92 -32.20
CA LEU B 3698 -30.55 -62.39 -31.62
C LEU B 3698 -30.85 -61.42 -30.49
N HIS B 3699 -31.90 -60.60 -30.66
CA HIS B 3699 -32.29 -59.68 -29.61
C HIS B 3699 -32.75 -60.43 -28.36
N GLN B 3700 -33.50 -61.51 -28.55
CA GLN B 3700 -33.93 -62.32 -27.41
C GLN B 3700 -32.74 -62.98 -26.72
N LEU B 3701 -31.76 -63.44 -27.51
CA LEU B 3701 -30.56 -64.05 -26.94
C LEU B 3701 -29.79 -63.05 -26.08
N VAL B 3702 -29.57 -61.84 -26.61
CA VAL B 3702 -28.81 -60.85 -25.85
C VAL B 3702 -29.61 -60.38 -24.65
N LEU B 3703 -30.94 -60.32 -24.75
CA LEU B 3703 -31.76 -59.98 -23.59
C LEU B 3703 -31.66 -61.05 -22.52
N HIS B 3704 -31.62 -62.32 -22.91
CA HIS B 3704 -31.46 -63.40 -21.94
C HIS B 3704 -30.11 -63.30 -21.24
N PHE B 3705 -29.05 -63.02 -22.00
CA PHE B 3705 -27.74 -62.85 -21.38
C PHE B 3705 -27.72 -61.65 -20.44
N SER B 3706 -28.39 -60.56 -20.83
CA SER B 3706 -28.46 -59.40 -19.95
C SER B 3706 -29.23 -59.72 -18.67
N ARG B 3707 -30.28 -60.53 -18.78
CA ARG B 3707 -31.03 -60.96 -17.59
C ARG B 3707 -30.14 -61.78 -16.67
N THR B 3708 -29.38 -62.72 -17.23
CA THR B 3708 -28.46 -63.49 -16.40
C THR B 3708 -27.39 -62.60 -15.77
N ALA B 3709 -26.97 -61.55 -16.48
CA ALA B 3709 -26.04 -60.58 -15.90
C ALA B 3709 -26.66 -59.87 -14.72
N LEU B 3710 -27.86 -59.33 -14.90
CA LEU B 3710 -28.49 -58.50 -13.88
C LEU B 3710 -29.04 -59.31 -12.72
N THR B 3711 -29.15 -60.63 -12.85
CA THR B 3711 -29.57 -61.46 -11.74
C THR B 3711 -28.59 -61.32 -10.57
N GLU B 3712 -29.13 -61.10 -9.37
CA GLU B 3712 -28.29 -60.90 -8.20
C GLU B 3712 -27.73 -62.23 -7.74
N LYS B 3713 -26.40 -62.35 -7.79
CA LYS B 3713 -25.70 -63.56 -7.39
C LYS B 3713 -24.51 -63.19 -6.51
N SER B 3714 -24.09 -64.14 -5.68
CA SER B 3714 -22.89 -63.92 -4.86
C SER B 3714 -21.66 -63.74 -5.73
N LYS B 3715 -21.53 -64.53 -6.79
CA LYS B 3715 -20.41 -64.41 -7.70
C LYS B 3715 -20.82 -64.96 -9.06
N LEU B 3716 -20.08 -64.57 -10.09
CA LEU B 3716 -20.33 -65.08 -11.43
C LEU B 3716 -19.85 -66.52 -11.55
N ASP B 3717 -20.50 -67.28 -12.43
CA ASP B 3717 -20.17 -68.67 -12.66
C ASP B 3717 -19.90 -68.89 -14.14
N GLU B 3718 -19.14 -69.95 -14.43
CA GLU B 3718 -18.78 -70.26 -15.80
C GLU B 3718 -20.02 -70.64 -16.61
N ASP B 3719 -20.03 -70.21 -17.87
CA ASP B 3719 -21.14 -70.50 -18.78
C ASP B 3719 -20.56 -70.75 -20.17
N TYR B 3720 -20.45 -72.04 -20.53
CA TYR B 3720 -19.89 -72.40 -21.82
C TYR B 3720 -20.75 -71.87 -22.96
N LEU B 3721 -22.08 -71.88 -22.77
CA LEU B 3721 -22.97 -71.34 -23.79
C LEU B 3721 -22.71 -69.86 -24.03
N TYR B 3722 -22.59 -69.09 -22.94
CA TYR B 3722 -22.29 -67.67 -23.08
C TYR B 3722 -20.94 -67.44 -23.74
N MET B 3723 -19.93 -68.21 -23.34
CA MET B 3723 -18.60 -68.03 -23.94
C MET B 3723 -18.63 -68.34 -25.43
N ALA B 3724 -19.28 -69.43 -25.82
CA ALA B 3724 -19.37 -69.79 -27.23
C ALA B 3724 -20.13 -68.72 -28.03
N TYR B 3725 -21.24 -68.23 -27.49
CA TYR B 3725 -22.01 -67.24 -28.23
C TYR B 3725 -21.27 -65.91 -28.33
N ALA B 3726 -20.55 -65.52 -27.28
CA ALA B 3726 -19.73 -64.32 -27.34
C ALA B 3726 -18.64 -64.46 -28.39
N ASP B 3727 -18.00 -65.64 -28.45
CA ASP B 3727 -16.99 -65.86 -29.47
C ASP B 3727 -17.59 -65.79 -30.87
N ILE B 3728 -18.78 -66.38 -31.06
CA ILE B 3728 -19.43 -66.34 -32.37
C ILE B 3728 -19.75 -64.90 -32.76
N MET B 3729 -20.29 -64.12 -31.84
CA MET B 3729 -20.64 -62.73 -32.14
C MET B 3729 -19.40 -61.91 -32.47
N ALA B 3730 -18.34 -62.08 -31.68
CA ALA B 3730 -17.11 -61.34 -31.94
C ALA B 3730 -16.52 -61.70 -33.30
N LYS B 3731 -16.50 -63.00 -33.62
CA LYS B 3731 -15.98 -63.43 -34.92
C LYS B 3731 -16.83 -62.88 -36.06
N SER B 3732 -18.15 -62.86 -35.88
CA SER B 3732 -19.03 -62.34 -36.93
C SER B 3732 -18.80 -60.86 -37.17
N CYS B 3733 -18.68 -60.08 -36.11
CA CYS B 3733 -18.52 -58.64 -36.26
C CYS B 3733 -17.09 -58.19 -36.48
N HIS B 3734 -16.12 -59.10 -36.37
CA HIS B 3734 -14.72 -58.77 -36.59
C HIS B 3734 -14.22 -59.10 -37.99
N LEU B 3735 -15.11 -59.55 -38.88
CA LEU B 3735 -14.68 -59.97 -40.21
C LEU B 3735 -14.08 -58.80 -40.99
N GLU B 3736 -14.79 -57.67 -41.03
CA GLU B 3736 -14.28 -56.51 -41.75
C GLU B 3736 -13.06 -55.90 -41.06
N GLU B 3737 -13.02 -55.96 -39.73
CA GLU B 3737 -11.85 -55.47 -39.01
C GLU B 3737 -10.61 -56.28 -39.35
N GLY B 3738 -10.75 -57.61 -39.44
CA GLY B 3738 -9.65 -58.46 -39.86
C GLY B 3738 -9.43 -58.54 -41.34
N GLY B 3739 -10.30 -57.95 -42.13
CA GLY B 3739 -10.18 -57.97 -43.58
C GLY B 3739 -10.93 -59.07 -44.28
N GLU B 3740 -11.56 -59.98 -43.53
CA GLU B 3740 -12.31 -61.07 -44.13
C GLU B 3740 -13.81 -60.75 -44.15
N GLU B 3747 4.28 -54.49 -51.55
CA GLU B 3747 3.67 -55.74 -51.10
C GLU B 3747 2.23 -55.85 -51.60
N GLU B 3748 1.31 -55.24 -50.87
CA GLU B 3748 -0.09 -55.29 -51.24
C GLU B 3748 -0.35 -54.41 -52.46
N VAL B 3749 -1.41 -54.74 -53.19
CA VAL B 3749 -1.80 -53.98 -54.37
C VAL B 3749 -2.40 -52.66 -53.93
N GLU B 3750 -2.55 -51.72 -54.87
CA GLU B 3750 -3.11 -50.41 -54.54
C GLU B 3750 -4.58 -50.54 -54.17
N VAL B 3751 -4.95 -49.98 -53.03
CA VAL B 3751 -6.32 -50.02 -52.52
C VAL B 3751 -6.84 -48.59 -52.47
N SER B 3752 -7.95 -48.34 -53.16
CA SER B 3752 -8.53 -47.01 -53.19
C SER B 3752 -9.11 -46.66 -51.81
N PHE B 3753 -9.03 -45.36 -51.48
CA PHE B 3753 -9.64 -44.89 -50.24
C PHE B 3753 -11.15 -45.12 -50.25
N GLU B 3754 -11.76 -45.16 -51.44
CA GLU B 3754 -13.16 -45.52 -51.52
C GLU B 3754 -13.37 -46.99 -51.16
N GLU B 3755 -12.43 -47.86 -51.53
CA GLU B 3755 -12.51 -49.25 -51.08
C GLU B 3755 -12.32 -49.36 -49.57
N LYS B 3756 -11.43 -48.55 -49.01
CA LYS B 3756 -11.30 -48.50 -47.56
C LYS B 3756 -12.62 -48.04 -46.92
N GLU B 3757 -13.28 -47.06 -47.53
CA GLU B 3757 -14.57 -46.62 -47.04
C GLU B 3757 -15.61 -47.72 -47.13
N MET B 3758 -15.60 -48.49 -48.22
CA MET B 3758 -16.59 -49.56 -48.37
C MET B 3758 -16.39 -50.66 -47.32
N GLU B 3759 -15.14 -51.05 -47.05
CA GLU B 3759 -14.93 -52.02 -45.98
C GLU B 3759 -15.24 -51.41 -44.62
N LYS B 3760 -15.04 -50.10 -44.47
CA LYS B 3760 -15.47 -49.43 -43.23
C LYS B 3760 -16.98 -49.51 -43.05
N GLN B 3761 -17.73 -49.32 -44.14
CA GLN B 3761 -19.19 -49.46 -44.06
C GLN B 3761 -19.59 -50.89 -43.72
N ARG B 3762 -18.88 -51.87 -44.28
CA ARG B 3762 -19.12 -53.25 -43.89
C ARG B 3762 -18.93 -53.43 -42.38
N LEU B 3763 -17.84 -52.89 -41.85
CA LEU B 3763 -17.56 -53.01 -40.42
C LEU B 3763 -18.64 -52.31 -39.58
N LEU B 3764 -19.06 -51.13 -40.00
CA LEU B 3764 -20.09 -50.39 -39.26
C LEU B 3764 -21.41 -51.14 -39.28
N TYR B 3765 -21.78 -51.73 -40.42
CA TYR B 3765 -23.02 -52.49 -40.48
C TYR B 3765 -22.95 -53.72 -39.59
N GLN B 3766 -21.82 -54.43 -39.60
CA GLN B 3766 -21.66 -55.59 -38.74
C GLN B 3766 -21.74 -55.22 -37.28
N GLN B 3767 -21.14 -54.09 -36.90
CA GLN B 3767 -21.22 -53.63 -35.52
C GLN B 3767 -22.63 -53.15 -35.17
N SER B 3768 -23.35 -52.60 -36.14
CA SER B 3768 -24.73 -52.17 -35.90
C SER B 3768 -25.64 -53.35 -35.63
N ARG B 3769 -25.43 -54.46 -36.36
CA ARG B 3769 -26.26 -55.63 -36.15
C ARG B 3769 -26.21 -56.10 -34.70
N LEU B 3770 -25.11 -55.85 -34.01
CA LEU B 3770 -24.97 -56.27 -32.61
C LEU B 3770 -25.32 -55.17 -31.62
N HIS B 3771 -24.91 -53.92 -31.87
CA HIS B 3771 -25.14 -52.88 -30.89
C HIS B 3771 -26.52 -52.24 -30.99
N THR B 3772 -27.29 -52.56 -32.02
CA THR B 3772 -28.67 -52.10 -32.08
C THR B 3772 -29.61 -53.02 -31.32
N ARG B 3773 -29.08 -53.96 -30.54
CA ARG B 3773 -29.90 -54.95 -29.85
C ARG B 3773 -29.56 -55.11 -28.37
N GLY B 3774 -28.44 -54.56 -27.89
CA GLY B 3774 -28.15 -54.61 -26.46
C GLY B 3774 -26.78 -55.15 -26.10
N ALA B 3775 -25.94 -55.39 -27.10
CA ALA B 3775 -24.59 -55.91 -26.82
C ALA B 3775 -23.76 -54.89 -26.06
N ALA B 3776 -23.90 -53.60 -26.39
CA ALA B 3776 -23.12 -52.58 -25.70
C ALA B 3776 -23.42 -52.54 -24.22
N GLU B 3777 -24.66 -52.84 -23.82
CA GLU B 3777 -25.00 -52.90 -22.40
C GLU B 3777 -24.64 -54.25 -21.79
N MET B 3778 -24.74 -55.33 -22.57
CA MET B 3778 -24.40 -56.65 -22.06
C MET B 3778 -22.92 -56.72 -21.69
N VAL B 3779 -22.05 -56.15 -22.53
CA VAL B 3779 -20.62 -56.19 -22.24
C VAL B 3779 -20.26 -55.35 -21.01
N LEU B 3780 -21.11 -54.41 -20.61
CA LEU B 3780 -20.89 -53.66 -19.38
C LEU B 3780 -21.43 -54.39 -18.17
N GLN B 3781 -22.61 -55.01 -18.29
CA GLN B 3781 -23.15 -55.77 -17.17
C GLN B 3781 -22.30 -56.99 -16.84
N MET B 3782 -21.74 -57.65 -17.86
CA MET B 3782 -20.79 -58.73 -17.63
C MET B 3782 -19.61 -58.26 -16.80
N ILE B 3783 -19.00 -57.13 -17.19
CA ILE B 3783 -17.83 -56.64 -16.47
C ILE B 3783 -18.20 -56.25 -15.05
N SER B 3784 -19.37 -55.63 -14.88
CA SER B 3784 -19.82 -55.26 -13.53
C SER B 3784 -20.02 -56.49 -12.65
N ALA B 3785 -20.60 -57.56 -13.22
CA ALA B 3785 -20.86 -58.77 -12.44
C ALA B 3785 -19.61 -59.61 -12.22
N CYS B 3786 -18.56 -59.41 -13.02
CA CYS B 3786 -17.33 -60.19 -12.84
C CYS B 3786 -16.72 -59.94 -11.46
N LYS B 3787 -16.96 -58.77 -10.87
CA LYS B 3787 -16.46 -58.44 -9.53
C LYS B 3787 -14.94 -58.50 -9.45
N GLY B 3788 -14.26 -58.13 -10.53
CA GLY B 3788 -12.80 -58.11 -10.55
C GLY B 3788 -12.15 -59.46 -10.41
N GLU B 3789 -12.66 -60.48 -11.11
CA GLU B 3789 -12.07 -61.81 -11.09
C GLU B 3789 -11.69 -62.20 -12.52
N THR B 3790 -10.44 -62.61 -12.70
CA THR B 3790 -9.94 -62.98 -14.02
C THR B 3790 -10.45 -64.36 -14.41
N GLY B 3791 -10.88 -64.50 -15.66
CA GLY B 3791 -11.36 -65.77 -16.13
C GLY B 3791 -11.78 -65.70 -17.59
N ALA B 3792 -12.22 -66.85 -18.09
CA ALA B 3792 -12.66 -66.93 -19.49
C ALA B 3792 -13.87 -66.04 -19.73
N MET B 3793 -14.73 -65.87 -18.73
CA MET B 3793 -15.91 -65.03 -18.89
C MET B 3793 -15.51 -63.59 -19.17
N VAL B 3794 -14.65 -63.02 -18.33
CA VAL B 3794 -14.22 -61.63 -18.53
C VAL B 3794 -13.36 -61.52 -19.78
N SER B 3795 -12.58 -62.55 -20.12
CA SER B 3795 -11.80 -62.51 -21.34
C SER B 3795 -12.71 -62.42 -22.57
N SER B 3796 -13.76 -63.24 -22.61
CA SER B 3796 -14.70 -63.21 -23.71
C SER B 3796 -15.45 -61.87 -23.76
N THR B 3797 -15.82 -61.34 -22.58
CA THR B 3797 -16.48 -60.05 -22.55
C THR B 3797 -15.59 -58.95 -23.11
N LEU B 3798 -14.32 -58.93 -22.72
CA LEU B 3798 -13.40 -57.92 -23.23
C LEU B 3798 -13.18 -58.07 -24.73
N LYS B 3799 -13.06 -59.31 -25.21
CA LYS B 3799 -12.89 -59.51 -26.65
C LYS B 3799 -14.11 -59.04 -27.42
N LEU B 3800 -15.31 -59.35 -26.94
CA LEU B 3800 -16.53 -58.89 -27.60
C LEU B 3800 -16.62 -57.37 -27.58
N GLY B 3801 -16.27 -56.75 -26.45
CA GLY B 3801 -16.29 -55.30 -26.38
C GLY B 3801 -15.31 -54.66 -27.33
N ILE B 3802 -14.10 -55.23 -27.45
CA ILE B 3802 -13.12 -54.71 -28.38
C ILE B 3802 -13.61 -54.85 -29.82
N SER B 3803 -14.22 -55.99 -30.15
CA SER B 3803 -14.75 -56.19 -31.49
C SER B 3803 -15.85 -55.18 -31.80
N ILE B 3804 -16.71 -54.90 -30.82
CA ILE B 3804 -17.75 -53.89 -31.01
C ILE B 3804 -17.14 -52.50 -31.19
N LEU B 3805 -16.13 -52.17 -30.38
CA LEU B 3805 -15.56 -50.83 -30.34
C LEU B 3805 -14.49 -50.58 -31.39
N ASN B 3806 -14.15 -51.57 -32.20
CA ASN B 3806 -13.13 -51.36 -33.22
C ASN B 3806 -13.51 -50.19 -34.13
N GLY B 3807 -12.57 -49.27 -34.32
CA GLY B 3807 -12.84 -48.02 -34.98
C GLY B 3807 -13.24 -46.90 -34.05
N GLY B 3808 -13.55 -47.21 -32.79
CA GLY B 3808 -13.91 -46.20 -31.81
C GLY B 3808 -15.14 -45.39 -32.19
N ASN B 3809 -16.21 -46.07 -32.59
CA ASN B 3809 -17.37 -45.39 -33.13
C ASN B 3809 -18.22 -44.73 -32.04
N ALA B 3810 -18.62 -43.49 -32.31
CA ALA B 3810 -19.32 -42.67 -31.35
C ALA B 3810 -20.68 -43.24 -30.98
N GLU B 3811 -21.29 -44.06 -31.84
CA GLU B 3811 -22.58 -44.64 -31.51
C GLU B 3811 -22.48 -45.49 -30.26
N VAL B 3812 -21.58 -46.47 -30.25
CA VAL B 3812 -21.52 -47.32 -29.07
C VAL B 3812 -20.80 -46.61 -27.93
N GLN B 3813 -19.88 -45.67 -28.24
CA GLN B 3813 -19.29 -44.90 -27.16
C GLN B 3813 -20.35 -44.12 -26.39
N GLN B 3814 -21.25 -43.45 -27.12
CA GLN B 3814 -22.31 -42.69 -26.50
C GLN B 3814 -23.31 -43.60 -25.79
N LYS B 3815 -23.62 -44.76 -26.38
CA LYS B 3815 -24.53 -45.69 -25.70
C LYS B 3815 -23.96 -46.16 -24.38
N MET B 3816 -22.68 -46.52 -24.37
CA MET B 3816 -22.04 -46.95 -23.12
C MET B 3816 -22.02 -45.82 -22.10
N LEU B 3817 -21.67 -44.60 -22.53
CA LEU B 3817 -21.63 -43.48 -21.61
C LEU B 3817 -23.01 -43.19 -21.03
N ASP B 3818 -24.04 -43.22 -21.87
CA ASP B 3818 -25.40 -42.98 -21.40
C ASP B 3818 -25.84 -44.04 -20.41
N TYR B 3819 -25.54 -45.31 -20.68
CA TYR B 3819 -25.88 -46.37 -19.75
C TYR B 3819 -25.19 -46.16 -18.41
N LEU B 3820 -23.89 -45.85 -18.44
CA LEU B 3820 -23.15 -45.65 -17.19
C LEU B 3820 -23.71 -44.48 -16.40
N LYS B 3821 -23.98 -43.36 -17.08
CA LYS B 3821 -24.47 -42.18 -16.38
C LYS B 3821 -25.90 -42.37 -15.88
N ASP B 3822 -26.70 -43.18 -16.57
CA ASP B 3822 -28.07 -43.43 -16.13
C ASP B 3822 -28.09 -44.35 -14.92
N LYS B 3823 -27.27 -45.41 -14.93
CA LYS B 3823 -27.28 -46.36 -13.82
C LYS B 3823 -26.57 -45.82 -12.60
N LYS B 3824 -25.50 -45.03 -12.78
CA LYS B 3824 -24.76 -44.43 -11.67
C LYS B 3824 -24.27 -45.49 -10.68
N GLU B 3825 -23.64 -46.53 -11.21
CA GLU B 3825 -23.10 -47.61 -10.41
C GLU B 3825 -21.58 -47.51 -10.33
N VAL B 3826 -21.02 -48.13 -9.29
CA VAL B 3826 -19.58 -48.15 -9.08
C VAL B 3826 -18.95 -49.51 -9.31
N GLY B 3827 -19.76 -50.56 -9.45
CA GLY B 3827 -19.21 -51.90 -9.59
C GLY B 3827 -18.36 -52.05 -10.85
N PHE B 3828 -18.76 -51.38 -11.93
CA PHE B 3828 -18.00 -51.48 -13.18
C PHE B 3828 -16.56 -51.01 -12.99
N PHE B 3829 -16.39 -49.80 -12.44
CA PHE B 3829 -15.04 -49.27 -12.27
C PHE B 3829 -14.30 -49.98 -11.14
N GLN B 3830 -15.01 -50.46 -10.12
CA GLN B 3830 -14.35 -51.26 -9.10
C GLN B 3830 -13.77 -52.54 -9.68
N SER B 3831 -14.54 -53.23 -10.54
CA SER B 3831 -14.05 -54.43 -11.19
C SER B 3831 -12.90 -54.12 -12.14
N ILE B 3832 -12.98 -53.00 -12.87
CA ILE B 3832 -11.89 -52.62 -13.74
C ILE B 3832 -10.61 -52.39 -12.95
N GLN B 3833 -10.73 -51.67 -11.83
CA GLN B 3833 -9.56 -51.40 -10.99
C GLN B 3833 -8.97 -52.69 -10.42
N ALA B 3834 -9.83 -53.61 -9.96
CA ALA B 3834 -9.33 -54.87 -9.43
C ALA B 3834 -8.62 -55.68 -10.51
N LEU B 3835 -9.20 -55.75 -11.70
CA LEU B 3835 -8.57 -56.49 -12.79
C LEU B 3835 -7.23 -55.88 -13.18
N MET B 3836 -7.14 -54.54 -13.16
CA MET B 3836 -5.87 -53.89 -13.44
C MET B 3836 -4.84 -54.19 -12.35
N GLN B 3837 -5.29 -54.21 -11.08
CA GLN B 3837 -4.36 -54.48 -9.98
C GLN B 3837 -3.83 -55.91 -10.02
N THR B 3838 -4.64 -56.87 -10.44
CA THR B 3838 -4.20 -58.26 -10.49
C THR B 3838 -3.47 -58.62 -11.78
N CYS B 3839 -2.90 -57.64 -12.48
CA CYS B 3839 -2.10 -57.92 -13.66
C CYS B 3839 -0.69 -58.37 -13.25
N SER B 3840 -0.03 -59.08 -14.16
CA SER B 3840 1.28 -59.67 -13.90
C SER B 3840 2.38 -58.92 -14.63
N VAL B 3841 3.60 -59.08 -14.12
CA VAL B 3841 4.81 -58.49 -14.71
C VAL B 3841 5.89 -59.56 -14.77
N LEU B 3842 7.09 -59.16 -15.21
CA LEU B 3842 8.20 -60.09 -15.29
C LEU B 3842 8.60 -60.60 -13.91
N ASP B 3843 8.95 -61.88 -13.84
CA ASP B 3843 9.35 -62.53 -12.59
C ASP B 3843 10.61 -63.35 -12.85
N LEU B 3844 11.77 -62.79 -12.51
CA LEU B 3844 13.03 -63.45 -12.80
C LEU B 3844 13.27 -64.65 -11.89
N ASN B 3845 12.67 -64.70 -10.71
CA ASN B 3845 12.77 -65.90 -9.87
C ASN B 3845 12.07 -67.08 -10.55
N ALA B 3846 10.84 -66.86 -11.03
CA ALA B 3846 10.17 -67.89 -11.81
C ALA B 3846 10.93 -68.21 -13.08
N PHE B 3847 11.57 -67.21 -13.69
CA PHE B 3847 12.37 -67.47 -14.88
C PHE B 3847 13.54 -68.39 -14.56
N GLU B 3848 14.22 -68.17 -13.43
CA GLU B 3848 15.33 -69.03 -13.03
C GLU B 3848 14.84 -70.45 -12.74
N ARG B 3849 13.70 -70.57 -12.05
CA ARG B 3849 13.14 -71.90 -11.80
C ARG B 3849 12.83 -72.61 -13.11
N GLN B 3850 12.23 -71.90 -14.07
CA GLN B 3850 11.92 -72.48 -15.37
C GLN B 3850 13.19 -72.91 -16.10
N ASN B 3851 14.22 -72.07 -16.08
CA ASN B 3851 15.46 -72.40 -16.75
C ASN B 3851 16.08 -73.67 -16.16
N LYS B 3852 16.13 -73.76 -14.83
CA LYS B 3852 16.71 -74.94 -14.20
C LYS B 3852 15.89 -76.19 -14.52
N ALA B 3853 14.56 -76.09 -14.43
CA ALA B 3853 13.71 -77.24 -14.71
C ALA B 3853 13.86 -77.70 -16.15
N GLU B 3854 13.90 -76.77 -17.10
CA GLU B 3854 14.06 -77.12 -18.50
C GLU B 3854 15.44 -77.71 -18.77
N GLY B 3855 16.47 -77.17 -18.14
CA GLY B 3855 17.81 -77.69 -18.35
C GLY B 3855 17.99 -79.09 -17.80
N LEU B 3856 17.41 -79.38 -16.64
CA LEU B 3856 17.56 -80.71 -16.07
C LEU B 3856 16.76 -81.76 -16.83
N GLY B 3857 15.91 -81.36 -17.77
CA GLY B 3857 15.17 -82.32 -18.57
C GLY B 3857 13.91 -82.87 -17.92
N MET B 3858 13.33 -82.12 -16.99
CA MET B 3858 12.13 -82.51 -16.23
C MET B 3858 12.10 -84.01 -15.88
N GLN B 3869 9.85 -75.93 -20.35
CA GLN B 3869 9.66 -74.68 -21.08
C GLN B 3869 8.18 -74.32 -21.18
N ASN B 3870 7.82 -73.15 -20.66
CA ASN B 3870 6.43 -72.70 -20.68
C ASN B 3870 6.40 -71.19 -20.46
N GLY B 3871 5.65 -70.48 -21.31
CA GLY B 3871 5.45 -69.06 -21.12
C GLY B 3871 4.63 -68.72 -19.89
N GLU B 3872 3.95 -69.70 -19.30
CA GLU B 3872 3.19 -69.48 -18.09
C GLU B 3872 4.08 -69.03 -16.93
N LYS B 3873 5.35 -69.44 -16.94
CA LYS B 3873 6.25 -69.11 -15.84
C LYS B 3873 6.45 -67.61 -15.71
N VAL B 3874 6.66 -66.92 -16.82
CA VAL B 3874 6.99 -65.49 -16.82
C VAL B 3874 5.98 -64.76 -17.69
N MET B 3875 5.32 -63.76 -17.09
CA MET B 3875 4.39 -62.87 -17.79
C MET B 3875 3.31 -63.64 -18.55
N ALA B 3876 2.51 -64.38 -17.79
CA ALA B 3876 1.28 -64.95 -18.34
C ALA B 3876 0.19 -63.89 -18.35
N ASP B 3877 -0.93 -64.21 -19.01
CA ASP B 3877 -2.08 -63.33 -19.13
C ASP B 3877 -1.74 -62.01 -19.83
N ASP B 3878 -0.65 -62.00 -20.61
CA ASP B 3878 -0.29 -60.81 -21.35
C ASP B 3878 -1.37 -60.44 -22.36
N GLU B 3879 -2.01 -61.45 -22.97
CA GLU B 3879 -3.12 -61.18 -23.88
C GLU B 3879 -4.27 -60.51 -23.14
N PHE B 3880 -4.57 -60.96 -21.91
CA PHE B 3880 -5.62 -60.32 -21.13
C PHE B 3880 -5.26 -58.87 -20.80
N THR B 3881 -4.00 -58.62 -20.44
CA THR B 3881 -3.58 -57.25 -20.13
C THR B 3881 -3.71 -56.35 -21.37
N GLN B 3882 -3.25 -56.85 -22.52
CA GLN B 3882 -3.37 -56.08 -23.75
C GLN B 3882 -4.83 -55.83 -24.10
N ASP B 3883 -5.70 -56.83 -23.89
CA ASP B 3883 -7.11 -56.64 -24.16
C ASP B 3883 -7.72 -55.58 -23.26
N LEU B 3884 -7.34 -55.58 -21.98
CA LEU B 3884 -7.86 -54.57 -21.06
C LEU B 3884 -7.47 -53.17 -21.50
N PHE B 3885 -6.18 -52.95 -21.76
CA PHE B 3885 -5.77 -51.60 -22.15
C PHE B 3885 -6.27 -51.22 -23.54
N ARG B 3886 -6.44 -52.19 -24.43
CA ARG B 3886 -7.05 -51.90 -25.73
C ARG B 3886 -8.50 -51.50 -25.58
N PHE B 3887 -9.22 -52.13 -24.64
CA PHE B 3887 -10.60 -51.75 -24.37
C PHE B 3887 -10.67 -50.31 -23.87
N LEU B 3888 -9.78 -49.95 -22.94
CA LEU B 3888 -9.76 -48.58 -22.44
C LEU B 3888 -9.41 -47.59 -23.55
N GLN B 3889 -8.43 -47.94 -24.39
CA GLN B 3889 -8.04 -47.06 -25.48
C GLN B 3889 -9.19 -46.87 -26.48
N LEU B 3890 -9.91 -47.93 -26.79
CA LEU B 3890 -11.05 -47.82 -27.70
C LEU B 3890 -12.19 -47.03 -27.08
N LEU B 3891 -12.34 -47.10 -25.75
CA LEU B 3891 -13.30 -46.24 -25.09
C LEU B 3891 -12.92 -44.78 -25.24
N CYS B 3892 -11.64 -44.46 -25.11
CA CYS B 3892 -11.18 -43.07 -25.21
C CYS B 3892 -10.85 -42.64 -26.63
N GLU B 3893 -11.08 -43.51 -27.63
CA GLU B 3893 -10.73 -43.17 -29.00
C GLU B 3893 -11.58 -42.03 -29.53
N GLY B 3894 -11.02 -41.30 -30.50
CA GLY B 3894 -11.75 -40.25 -31.18
C GLY B 3894 -11.77 -38.91 -30.47
N HIS B 3895 -11.01 -38.74 -29.40
CA HIS B 3895 -10.97 -37.51 -28.61
C HIS B 3895 -12.36 -37.17 -28.07
N ASN B 3896 -12.91 -38.11 -27.29
CA ASN B 3896 -14.19 -37.90 -26.62
C ASN B 3896 -13.91 -37.36 -25.21
N ASN B 3897 -14.00 -36.03 -25.07
CA ASN B 3897 -13.71 -35.41 -23.78
C ASN B 3897 -14.66 -35.89 -22.70
N ASP B 3898 -15.87 -36.29 -23.07
CA ASP B 3898 -16.81 -36.79 -22.08
C ASP B 3898 -16.27 -38.03 -21.38
N PHE B 3899 -15.84 -39.03 -22.15
CA PHE B 3899 -15.23 -40.21 -21.56
C PHE B 3899 -13.90 -39.88 -20.90
N GLN B 3900 -13.10 -39.01 -21.52
CA GLN B 3900 -11.81 -38.65 -20.94
C GLN B 3900 -11.94 -38.03 -19.57
N ASN B 3901 -13.06 -37.33 -19.32
CA ASN B 3901 -13.32 -36.76 -18.00
C ASN B 3901 -14.04 -37.72 -17.07
N TYR B 3902 -14.91 -38.58 -17.61
CA TYR B 3902 -15.63 -39.53 -16.78
C TYR B 3902 -14.70 -40.60 -16.22
N LEU B 3903 -13.67 -40.98 -16.97
CA LEU B 3903 -12.68 -41.92 -16.44
C LEU B 3903 -11.93 -41.31 -15.25
N ARG B 3904 -11.58 -40.04 -15.34
CA ARG B 3904 -10.87 -39.39 -14.24
C ARG B 3904 -11.78 -39.22 -13.02
N THR B 3905 -12.99 -38.71 -13.23
CA THR B 3905 -13.92 -38.46 -12.14
C THR B 3905 -15.27 -39.07 -12.47
N GLN B 3906 -15.83 -39.83 -11.52
CA GLN B 3906 -17.15 -40.44 -11.67
C GLN B 3906 -18.16 -39.46 -11.09
N THR B 3907 -18.75 -38.63 -11.95
CA THR B 3907 -19.71 -37.64 -11.49
C THR B 3907 -21.04 -38.31 -11.15
N GLY B 3908 -21.57 -37.98 -9.97
CA GLY B 3908 -22.83 -38.55 -9.54
C GLY B 3908 -22.68 -39.72 -8.60
N ASN B 3909 -21.69 -40.57 -8.87
CA ASN B 3909 -21.46 -41.74 -8.02
C ASN B 3909 -20.94 -41.31 -6.66
N THR B 3910 -21.29 -42.11 -5.64
CA THR B 3910 -20.85 -41.81 -4.29
C THR B 3910 -19.35 -42.01 -4.10
N THR B 3911 -18.71 -42.76 -5.00
CA THR B 3911 -17.27 -42.98 -4.94
C THR B 3911 -16.70 -42.89 -6.34
N THR B 3912 -15.43 -42.49 -6.43
CA THR B 3912 -14.76 -42.29 -7.70
C THR B 3912 -13.45 -43.07 -7.74
N ILE B 3913 -13.07 -43.50 -8.94
CA ILE B 3913 -11.85 -44.25 -9.18
C ILE B 3913 -11.05 -43.54 -10.27
N ASN B 3914 -9.74 -43.49 -10.09
CA ASN B 3914 -8.86 -42.79 -11.04
C ASN B 3914 -8.13 -43.83 -11.88
N ILE B 3915 -8.75 -44.16 -13.02
CA ILE B 3915 -8.15 -45.13 -13.95
C ILE B 3915 -6.83 -44.63 -14.47
N ILE B 3916 -6.66 -43.31 -14.60
CA ILE B 3916 -5.39 -42.74 -15.04
C ILE B 3916 -4.29 -43.11 -14.05
N ILE B 3917 -4.56 -42.92 -12.76
CA ILE B 3917 -3.57 -43.23 -11.74
C ILE B 3917 -3.31 -44.73 -11.68
N CYS B 3918 -4.35 -45.54 -11.87
CA CYS B 3918 -4.15 -46.99 -11.92
C CYS B 3918 -3.22 -47.39 -13.06
N THR B 3919 -3.41 -46.79 -14.24
CA THR B 3919 -2.55 -47.06 -15.38
C THR B 3919 -1.12 -46.65 -15.09
N VAL B 3920 -0.94 -45.48 -14.47
CA VAL B 3920 0.41 -45.02 -14.13
C VAL B 3920 1.07 -45.99 -13.16
N ASP B 3921 0.32 -46.47 -12.18
CA ASP B 3921 0.88 -47.41 -11.20
C ASP B 3921 1.31 -48.70 -11.87
N TYR B 3922 0.47 -49.24 -12.77
CA TYR B 3922 0.84 -50.47 -13.45
C TYR B 3922 2.07 -50.26 -14.33
N LEU B 3923 2.16 -49.10 -14.99
CA LEU B 3923 3.34 -48.80 -15.80
C LEU B 3923 4.59 -48.73 -14.94
N LEU B 3924 4.47 -48.14 -13.75
CA LEU B 3924 5.63 -48.08 -12.85
C LEU B 3924 6.07 -49.48 -12.43
N ARG B 3925 5.12 -50.35 -12.09
CA ARG B 3925 5.48 -51.73 -11.73
C ARG B 3925 6.16 -52.45 -12.89
N LEU B 3926 5.64 -52.27 -14.11
CA LEU B 3926 6.25 -52.89 -15.27
C LEU B 3926 7.67 -52.36 -15.49
N GLN B 3927 7.87 -51.06 -15.30
CA GLN B 3927 9.20 -50.47 -15.45
C GLN B 3927 10.16 -51.06 -14.43
N GLU B 3928 9.71 -51.23 -13.18
CA GLU B 3928 10.57 -51.84 -12.17
C GLU B 3928 10.95 -53.27 -12.55
N SER B 3929 9.99 -54.03 -13.06
CA SER B 3929 10.29 -55.40 -13.48
C SER B 3929 11.31 -55.42 -14.62
N ILE B 3930 11.16 -54.53 -15.60
CA ILE B 3930 12.10 -54.50 -16.72
C ILE B 3930 13.48 -54.06 -16.24
N SER B 3931 13.53 -53.13 -15.30
CA SER B 3931 14.83 -52.71 -14.74
C SER B 3931 15.50 -53.87 -14.01
N ASP B 3932 14.72 -54.67 -13.27
CA ASP B 3932 15.30 -55.84 -12.63
C ASP B 3932 15.83 -56.84 -13.65
N PHE B 3933 15.10 -57.04 -14.74
CA PHE B 3933 15.57 -57.95 -15.78
C PHE B 3933 16.86 -57.44 -16.41
N TYR B 3934 16.95 -56.12 -16.65
CA TYR B 3934 18.19 -55.54 -17.14
C TYR B 3934 19.34 -55.78 -16.18
N TRP B 3935 19.10 -55.55 -14.89
CA TRP B 3935 20.17 -55.70 -13.91
C TRP B 3935 20.63 -57.15 -13.82
N TYR B 3936 19.71 -58.09 -14.02
CA TYR B 3936 20.10 -59.50 -14.03
C TYR B 3936 20.92 -59.84 -15.28
N TYR B 3937 20.49 -59.37 -16.45
CA TYR B 3937 21.12 -59.77 -17.70
C TYR B 3937 22.29 -58.87 -18.10
N SER B 3938 22.65 -57.88 -17.29
CA SER B 3938 23.73 -56.97 -17.66
C SER B 3938 25.06 -57.71 -17.79
N GLY B 3939 25.35 -58.64 -16.87
CA GLY B 3939 26.63 -59.31 -16.90
C GLY B 3939 26.82 -60.21 -18.10
N LYS B 3940 25.77 -60.88 -18.54
CA LYS B 3940 25.88 -61.84 -19.62
C LYS B 3940 26.25 -61.16 -20.93
N ASP B 3941 27.15 -61.77 -21.69
CA ASP B 3941 27.56 -61.21 -22.96
C ASP B 3941 26.50 -61.39 -24.03
N VAL B 3942 25.86 -62.57 -24.07
CA VAL B 3942 24.87 -62.90 -25.07
C VAL B 3942 23.55 -63.20 -24.37
N ILE B 3943 22.48 -62.56 -24.82
CA ILE B 3943 21.16 -62.75 -24.22
C ILE B 3943 20.57 -64.05 -24.73
N GLU B 3944 20.07 -64.87 -23.81
CA GLU B 3944 19.44 -66.13 -24.16
C GLU B 3944 18.12 -65.89 -24.88
N GLU B 3945 17.75 -66.81 -25.77
CA GLU B 3945 16.55 -66.65 -26.58
C GLU B 3945 15.30 -66.53 -25.73
N GLN B 3946 15.25 -67.26 -24.61
CA GLN B 3946 14.11 -67.14 -23.71
C GLN B 3946 14.03 -65.74 -23.12
N GLY B 3947 15.17 -65.18 -22.71
CA GLY B 3947 15.19 -63.81 -22.25
C GLY B 3947 14.76 -62.82 -23.32
N LYS B 3948 15.16 -63.09 -24.57
CA LYS B 3948 14.72 -62.25 -25.68
C LYS B 3948 13.21 -62.30 -25.84
N ARG B 3949 12.61 -63.49 -25.73
CA ARG B 3949 11.16 -63.61 -25.83
C ARG B 3949 10.45 -62.86 -24.70
N ASN B 3950 10.97 -63.01 -23.47
CA ASN B 3950 10.36 -62.30 -22.34
C ASN B 3950 10.48 -60.79 -22.52
N PHE B 3951 11.63 -60.31 -22.99
CA PHE B 3951 11.79 -58.89 -23.27
C PHE B 3951 10.81 -58.43 -24.33
N SER B 3952 10.62 -59.22 -25.38
CA SER B 3952 9.69 -58.85 -26.44
C SER B 3952 8.27 -58.70 -25.90
N LYS B 3953 7.83 -59.69 -25.10
CA LYS B 3953 6.47 -59.61 -24.55
C LYS B 3953 6.32 -58.41 -23.62
N ALA B 3954 7.32 -58.18 -22.75
CA ALA B 3954 7.24 -57.07 -21.82
C ALA B 3954 7.19 -55.73 -22.54
N MET B 3955 8.01 -55.57 -23.59
CA MET B 3955 8.02 -54.32 -24.32
C MET B 3955 6.75 -54.14 -25.16
N SER B 3956 6.15 -55.23 -25.64
CA SER B 3956 4.86 -55.11 -26.31
C SER B 3956 3.78 -54.62 -25.35
N VAL B 3957 3.76 -55.18 -24.13
CA VAL B 3957 2.78 -54.72 -23.13
C VAL B 3957 3.02 -53.26 -22.78
N ALA B 3958 4.30 -52.87 -22.62
CA ALA B 3958 4.63 -51.49 -22.31
C ALA B 3958 4.21 -50.56 -23.44
N LYS B 3959 4.39 -50.99 -24.69
CA LYS B 3959 3.95 -50.19 -25.82
C LYS B 3959 2.44 -50.00 -25.82
N GLN B 3960 1.69 -51.05 -25.49
CA GLN B 3960 0.24 -50.90 -25.41
C GLN B 3960 -0.15 -49.92 -24.30
N VAL B 3961 0.52 -49.99 -23.16
CA VAL B 3961 0.20 -49.08 -22.06
C VAL B 3961 0.36 -47.62 -22.46
N PHE B 3962 1.48 -47.29 -23.11
CA PHE B 3962 1.73 -45.91 -23.52
C PHE B 3962 0.66 -45.39 -24.45
N ASN B 3963 0.26 -46.20 -25.42
CA ASN B 3963 -0.74 -45.77 -26.39
C ASN B 3963 -2.02 -45.39 -25.67
N SER B 3964 -2.40 -46.17 -24.67
CA SER B 3964 -3.60 -45.88 -23.91
C SER B 3964 -3.46 -44.53 -23.22
N LEU B 3965 -2.31 -44.28 -22.63
CA LEU B 3965 -2.08 -43.00 -21.96
C LEU B 3965 -2.18 -41.83 -22.93
N THR B 3966 -1.58 -41.98 -24.10
CA THR B 3966 -1.64 -40.91 -25.09
C THR B 3966 -3.08 -40.61 -25.45
N GLU B 3967 -3.88 -41.67 -25.60
CA GLU B 3967 -5.28 -41.48 -25.96
C GLU B 3967 -6.00 -40.68 -24.89
N TYR B 3968 -5.67 -40.92 -23.64
CA TYR B 3968 -6.32 -40.22 -22.54
C TYR B 3968 -6.11 -38.72 -22.64
N ILE B 3969 -4.93 -38.29 -23.09
CA ILE B 3969 -4.64 -36.86 -23.13
C ILE B 3969 -4.41 -36.29 -24.53
N GLN B 3970 -4.55 -37.11 -25.57
CA GLN B 3970 -4.27 -36.63 -26.92
C GLN B 3970 -5.17 -35.45 -27.18
N GLY B 3971 -6.45 -35.59 -26.86
CA GLY B 3971 -7.35 -34.46 -26.98
C GLY B 3971 -6.91 -33.57 -25.83
N PRO B 3972 -6.81 -32.26 -26.06
CA PRO B 3972 -6.28 -31.38 -25.01
C PRO B 3972 -7.13 -31.40 -23.76
N CYS B 3973 -7.03 -32.49 -22.99
CA CYS B 3973 -7.78 -32.65 -21.75
C CYS B 3973 -6.93 -32.11 -20.61
N THR B 3974 -7.26 -30.89 -20.16
CA THR B 3974 -6.44 -30.22 -19.16
C THR B 3974 -6.45 -30.95 -17.83
N GLY B 3975 -7.61 -31.47 -17.43
CA GLY B 3975 -7.68 -32.17 -16.15
C GLY B 3975 -6.82 -33.41 -16.14
N ASN B 3976 -6.90 -34.21 -17.20
CA ASN B 3976 -6.08 -35.41 -17.29
C ASN B 3976 -4.60 -35.05 -17.38
N GLN B 3977 -4.27 -33.97 -18.09
CA GLN B 3977 -2.88 -33.53 -18.17
C GLN B 3977 -2.35 -33.15 -16.79
N GLN B 3978 -3.15 -32.42 -16.01
CA GLN B 3978 -2.73 -32.05 -14.66
C GLN B 3978 -2.58 -33.28 -13.77
N SER B 3979 -3.51 -34.23 -13.89
CA SER B 3979 -3.42 -35.45 -13.08
C SER B 3979 -2.17 -36.24 -13.41
N LEU B 3980 -1.83 -36.34 -14.70
CA LEU B 3980 -0.59 -37.02 -15.09
C LEU B 3980 0.64 -36.25 -14.62
N ALA B 3981 0.59 -34.92 -14.68
CA ALA B 3981 1.73 -34.13 -14.22
C ALA B 3981 1.98 -34.34 -12.73
N HIS B 3982 0.91 -34.39 -11.95
CA HIS B 3982 1.02 -34.69 -10.51
C HIS B 3982 0.83 -36.19 -10.29
N SER B 3983 1.84 -36.95 -10.69
CA SER B 3983 1.78 -38.41 -10.60
C SER B 3983 3.21 -38.95 -10.56
N ARG B 3984 3.33 -40.27 -10.51
CA ARG B 3984 4.61 -40.96 -10.52
C ARG B 3984 5.07 -41.33 -11.93
N LEU B 3985 4.53 -40.67 -12.95
CA LEU B 3985 4.92 -40.97 -14.32
C LEU B 3985 6.38 -40.65 -14.58
N TRP B 3986 6.90 -39.60 -13.92
CA TRP B 3986 8.24 -39.13 -14.21
C TRP B 3986 9.30 -40.12 -13.73
N ASP B 3987 9.05 -40.78 -12.60
CA ASP B 3987 9.98 -41.80 -12.12
C ASP B 3987 10.07 -42.97 -13.09
N ALA B 3988 8.92 -43.42 -13.60
CA ALA B 3988 8.91 -44.47 -14.60
C ALA B 3988 9.61 -44.03 -15.87
N VAL B 3989 9.45 -42.75 -16.24
CA VAL B 3989 10.14 -42.22 -17.41
C VAL B 3989 11.64 -42.28 -17.22
N VAL B 3990 12.10 -41.86 -16.04
CA VAL B 3990 13.54 -41.87 -15.75
C VAL B 3990 14.08 -43.29 -15.80
N GLY B 3991 13.35 -44.23 -15.19
CA GLY B 3991 13.79 -45.62 -15.21
C GLY B 3991 13.85 -46.19 -16.61
N PHE B 3992 12.84 -45.89 -17.44
CA PHE B 3992 12.82 -46.37 -18.80
C PHE B 3992 13.98 -45.79 -19.60
N LEU B 3993 14.28 -44.51 -19.40
CA LEU B 3993 15.44 -43.91 -20.06
C LEU B 3993 16.74 -44.59 -19.63
N HIS B 3994 16.86 -44.89 -18.34
CA HIS B 3994 18.06 -45.56 -17.85
C HIS B 3994 18.22 -46.94 -18.48
N VAL B 3995 17.11 -47.69 -18.57
CA VAL B 3995 17.18 -49.01 -19.19
C VAL B 3995 17.55 -48.89 -20.67
N PHE B 3996 16.94 -47.93 -21.36
CA PHE B 3996 17.16 -47.77 -22.81
C PHE B 3996 18.61 -47.42 -23.09
N ALA B 3997 19.19 -46.52 -22.29
CA ALA B 3997 20.54 -46.02 -22.57
C ALA B 3997 21.56 -47.15 -22.61
N HIS B 3998 21.34 -48.21 -21.83
CA HIS B 3998 22.23 -49.35 -21.84
C HIS B 3998 21.78 -50.42 -22.84
N MET B 3999 20.47 -50.58 -23.04
CA MET B 3999 19.98 -51.55 -24.00
C MET B 3999 20.46 -51.27 -25.41
N MET B 4000 20.43 -50.01 -25.85
CA MET B 4000 20.82 -49.72 -27.23
C MET B 4000 22.26 -50.16 -27.48
N MET B 4001 23.20 -49.73 -26.62
CA MET B 4001 24.60 -50.05 -26.85
C MET B 4001 24.95 -51.49 -26.50
N LYS B 4002 24.15 -52.16 -25.67
CA LYS B 4002 24.42 -53.58 -25.46
C LYS B 4002 23.96 -54.41 -26.66
N LEU B 4003 22.82 -54.08 -27.25
CA LEU B 4003 22.30 -54.84 -28.38
C LEU B 4003 22.89 -54.42 -29.71
N ALA B 4004 23.58 -53.27 -29.78
CA ALA B 4004 24.15 -52.81 -31.03
C ALA B 4004 25.29 -53.71 -31.49
N GLN B 4005 26.21 -54.06 -30.58
CA GLN B 4005 27.40 -54.81 -30.96
C GLN B 4005 27.05 -56.17 -31.55
N ASP B 4006 26.11 -56.88 -30.94
CA ASP B 4006 25.72 -58.19 -31.44
C ASP B 4006 24.97 -58.05 -32.76
N SER B 4007 24.98 -59.13 -33.55
CA SER B 4007 24.31 -59.16 -34.84
C SER B 4007 23.03 -59.99 -34.82
N SER B 4008 22.73 -60.66 -33.71
CA SER B 4008 21.53 -61.48 -33.59
C SER B 4008 20.44 -60.81 -32.77
N GLN B 4009 20.58 -59.53 -32.45
CA GLN B 4009 19.63 -58.81 -31.61
C GLN B 4009 19.06 -57.59 -32.32
N ILE B 4010 19.13 -57.54 -33.64
CA ILE B 4010 18.67 -56.37 -34.38
C ILE B 4010 17.17 -56.20 -34.27
N GLU B 4011 16.42 -57.31 -34.31
CA GLU B 4011 14.97 -57.23 -34.18
C GLU B 4011 14.56 -56.69 -32.81
N LEU B 4012 15.20 -57.21 -31.76
CA LEU B 4012 14.93 -56.71 -30.41
C LEU B 4012 15.28 -55.23 -30.29
N LEU B 4013 16.40 -54.82 -30.89
CA LEU B 4013 16.79 -53.41 -30.85
C LEU B 4013 15.76 -52.54 -31.58
N LYS B 4014 15.25 -53.02 -32.72
CA LYS B 4014 14.24 -52.25 -33.46
C LYS B 4014 12.96 -52.13 -32.66
N GLU B 4015 12.54 -53.21 -32.00
CA GLU B 4015 11.34 -53.14 -31.16
C GLU B 4015 11.56 -52.18 -29.99
N LEU B 4016 12.76 -52.19 -29.42
CA LEU B 4016 13.10 -51.22 -28.38
C LEU B 4016 12.99 -49.78 -28.89
N LEU B 4017 13.49 -49.55 -30.11
CA LEU B 4017 13.43 -48.20 -30.68
C LEU B 4017 11.99 -47.78 -30.92
N ASP B 4018 11.13 -48.70 -31.35
CA ASP B 4018 9.72 -48.39 -31.51
C ASP B 4018 9.07 -48.03 -30.17
N LEU B 4019 9.41 -48.78 -29.12
CA LEU B 4019 8.89 -48.46 -27.79
C LEU B 4019 9.35 -47.08 -27.34
N GLN B 4020 10.62 -46.74 -27.58
CA GLN B 4020 11.13 -45.43 -27.22
C GLN B 4020 10.43 -44.33 -28.01
N LYS B 4021 10.10 -44.60 -29.26
CA LYS B 4021 9.36 -43.60 -30.04
C LYS B 4021 8.03 -43.31 -29.38
N ASP B 4022 7.32 -44.34 -28.94
CA ASP B 4022 6.02 -44.15 -28.28
C ASP B 4022 6.17 -43.33 -27.03
N MET B 4023 7.23 -43.58 -26.28
CA MET B 4023 7.46 -42.84 -25.05
C MET B 4023 7.53 -41.36 -25.37
N VAL B 4024 8.28 -41.01 -26.41
CA VAL B 4024 8.42 -39.61 -26.79
C VAL B 4024 7.09 -39.02 -27.22
N VAL B 4025 6.32 -39.77 -27.99
CA VAL B 4025 5.02 -39.28 -28.45
C VAL B 4025 4.13 -38.94 -27.28
N MET B 4026 4.14 -39.80 -26.25
CA MET B 4026 3.34 -39.54 -25.07
C MET B 4026 3.80 -38.25 -24.41
N LEU B 4027 5.11 -38.07 -24.33
CA LEU B 4027 5.66 -36.86 -23.73
C LEU B 4027 5.26 -35.63 -24.53
N LEU B 4028 5.30 -35.73 -25.85
CA LEU B 4028 4.90 -34.62 -26.70
C LEU B 4028 3.43 -34.30 -26.47
N SER B 4029 2.60 -35.33 -26.37
CA SER B 4029 1.19 -35.12 -26.09
C SER B 4029 1.06 -34.40 -24.77
N LEU B 4030 1.84 -34.83 -23.78
CA LEU B 4030 1.83 -34.14 -22.52
C LEU B 4030 2.19 -32.69 -22.76
N LEU B 4031 3.20 -32.47 -23.60
CA LEU B 4031 3.61 -31.09 -23.89
C LEU B 4031 2.60 -30.33 -24.74
N GLU B 4032 1.62 -31.03 -25.32
CA GLU B 4032 0.62 -30.37 -26.15
C GLU B 4032 -0.14 -29.31 -25.37
N GLY B 4033 -0.35 -28.16 -26.03
CA GLY B 4033 -1.14 -27.08 -25.45
C GLY B 4033 -0.53 -26.42 -24.23
N ASN B 4034 0.76 -26.12 -24.28
CA ASN B 4034 1.45 -25.48 -23.17
C ASN B 4034 1.56 -23.97 -23.41
N VAL B 4035 1.92 -23.25 -22.35
CA VAL B 4035 2.15 -21.82 -22.41
C VAL B 4035 3.63 -21.56 -22.12
N VAL B 4036 4.02 -20.29 -22.26
CA VAL B 4036 5.39 -19.90 -21.96
C VAL B 4036 5.63 -20.03 -20.47
N ASN B 4037 6.76 -20.66 -20.10
CA ASN B 4037 7.12 -20.90 -18.70
C ASN B 4037 6.03 -21.71 -18.00
N GLY B 4038 5.54 -22.76 -18.66
CA GLY B 4038 4.50 -23.57 -18.11
C GLY B 4038 4.98 -24.54 -17.05
N MET B 4039 4.05 -24.93 -16.17
CA MET B 4039 4.40 -25.86 -15.09
C MET B 4039 4.80 -27.22 -15.64
N ILE B 4040 4.08 -27.72 -16.65
CA ILE B 4040 4.42 -29.01 -17.24
C ILE B 4040 5.78 -28.93 -17.93
N ALA B 4041 6.07 -27.80 -18.58
CA ALA B 4041 7.38 -27.62 -19.20
C ALA B 4041 8.50 -27.62 -18.16
N ARG B 4042 8.27 -26.95 -17.02
CA ARG B 4042 9.26 -26.98 -15.95
C ARG B 4042 9.44 -28.39 -15.40
N GLN B 4043 8.34 -29.14 -15.27
CA GLN B 4043 8.44 -30.52 -14.80
C GLN B 4043 9.26 -31.37 -15.77
N MET B 4044 9.04 -31.19 -17.08
CA MET B 4044 9.83 -31.92 -18.06
C MET B 4044 11.30 -31.54 -17.99
N VAL B 4045 11.59 -30.25 -17.78
CA VAL B 4045 12.98 -29.81 -17.63
C VAL B 4045 13.61 -30.45 -16.41
N ASP B 4046 12.88 -30.50 -15.30
CA ASP B 4046 13.40 -31.14 -14.09
C ASP B 4046 13.66 -32.63 -14.32
N MET B 4047 12.76 -33.29 -15.06
CA MET B 4047 12.98 -34.68 -15.43
C MET B 4047 14.26 -34.84 -16.23
N LEU B 4048 14.48 -33.96 -17.22
CA LEU B 4048 15.67 -34.06 -18.05
C LEU B 4048 16.94 -33.82 -17.24
N VAL B 4049 16.92 -32.84 -16.35
CA VAL B 4049 18.11 -32.58 -15.54
C VAL B 4049 18.32 -33.66 -14.49
N GLU B 4050 17.26 -34.39 -14.11
CA GLU B 4050 17.44 -35.53 -13.22
C GLU B 4050 18.04 -36.71 -13.97
N SER B 4051 17.67 -36.90 -15.23
CA SER B 4051 18.16 -38.01 -16.04
C SER B 4051 19.07 -37.51 -17.17
N SER B 4052 19.93 -36.55 -16.85
CA SER B 4052 20.80 -35.95 -17.87
C SER B 4052 21.74 -36.98 -18.49
N SER B 4053 22.33 -37.84 -17.67
CA SER B 4053 23.38 -38.74 -18.16
C SER B 4053 22.87 -39.64 -19.25
N ASN B 4054 21.74 -40.33 -19.01
CA ASN B 4054 21.20 -41.26 -20.00
C ASN B 4054 20.79 -40.54 -21.27
N VAL B 4055 20.24 -39.34 -21.14
CA VAL B 4055 19.89 -38.54 -22.32
C VAL B 4055 21.15 -38.22 -23.11
N GLU B 4056 22.24 -37.88 -22.42
CA GLU B 4056 23.50 -37.61 -23.11
C GLU B 4056 24.01 -38.84 -23.85
N MET B 4057 23.91 -40.01 -23.22
CA MET B 4057 24.35 -41.24 -23.89
C MET B 4057 23.51 -41.52 -25.13
N ILE B 4058 22.20 -41.33 -25.03
CA ILE B 4058 21.32 -41.56 -26.18
C ILE B 4058 21.67 -40.59 -27.31
N LEU B 4059 21.83 -39.31 -26.97
CA LEU B 4059 22.14 -38.29 -27.97
C LEU B 4059 23.47 -38.58 -28.64
N LYS B 4060 24.48 -38.97 -27.86
CA LYS B 4060 25.76 -39.32 -28.44
C LYS B 4060 25.64 -40.52 -29.36
N PHE B 4061 24.92 -41.56 -28.91
CA PHE B 4061 24.72 -42.75 -29.74
C PHE B 4061 24.10 -42.39 -31.08
N PHE B 4062 23.17 -41.43 -31.08
CA PHE B 4062 22.55 -41.02 -32.34
C PHE B 4062 23.54 -40.24 -33.21
N ASP B 4063 24.26 -39.28 -32.61
CA ASP B 4063 25.04 -38.36 -33.42
C ASP B 4063 26.27 -39.02 -34.02
N MET B 4064 26.95 -39.91 -33.27
CA MET B 4064 28.13 -40.54 -33.87
C MET B 4064 27.72 -41.50 -34.98
N PHE B 4065 26.52 -42.06 -34.92
CA PHE B 4065 26.08 -42.92 -36.02
C PHE B 4065 25.65 -42.09 -37.24
N LEU B 4066 25.08 -40.91 -37.02
CA LEU B 4066 24.87 -40.00 -38.14
C LEU B 4066 26.20 -39.63 -38.80
N LYS B 4067 27.20 -39.29 -37.98
CA LYS B 4067 28.52 -39.02 -38.54
C LYS B 4067 29.14 -40.27 -39.16
N LEU B 4068 28.73 -41.44 -38.69
CA LEU B 4068 29.16 -42.69 -39.30
C LEU B 4068 28.65 -42.80 -40.74
N LYS B 4069 27.37 -42.48 -40.94
CA LYS B 4069 26.89 -42.38 -42.32
C LYS B 4069 27.54 -41.22 -43.08
N ASP B 4070 28.01 -40.20 -42.36
CA ASP B 4070 28.71 -39.10 -43.03
C ASP B 4070 30.09 -39.51 -43.52
N ILE B 4071 30.75 -40.45 -42.82
CA ILE B 4071 32.14 -40.78 -43.11
C ILE B 4071 32.30 -41.45 -44.48
N VAL B 4072 31.22 -41.96 -45.07
CA VAL B 4072 31.37 -42.66 -46.36
C VAL B 4072 31.79 -41.68 -47.44
N GLY B 4073 31.31 -40.44 -47.38
CA GLY B 4073 31.68 -39.42 -48.33
C GLY B 4073 32.98 -38.70 -48.04
N SER B 4074 33.65 -39.04 -46.94
CA SER B 4074 34.89 -38.38 -46.58
C SER B 4074 36.04 -38.91 -47.43
N GLU B 4075 36.76 -38.00 -48.08
CA GLU B 4075 37.91 -38.41 -48.89
C GLU B 4075 39.03 -38.95 -48.03
N ALA B 4076 39.20 -38.40 -46.82
CA ALA B 4076 40.26 -38.84 -45.91
C ALA B 4076 40.06 -40.27 -45.42
N PHE B 4077 38.87 -40.84 -45.62
CA PHE B 4077 38.64 -42.25 -45.37
C PHE B 4077 38.51 -43.06 -46.65
N GLN B 4078 37.98 -42.47 -47.72
CA GLN B 4078 37.89 -43.16 -49.00
C GLN B 4078 39.27 -43.51 -49.54
N ASP B 4079 40.24 -42.61 -49.37
CA ASP B 4079 41.60 -42.92 -49.79
C ASP B 4079 42.19 -44.06 -48.97
N TYR B 4080 41.90 -44.07 -47.66
CA TYR B 4080 42.33 -45.19 -46.82
C TYR B 4080 41.66 -46.50 -47.22
N VAL B 4081 40.49 -46.45 -47.84
CA VAL B 4081 39.89 -47.68 -48.38
C VAL B 4081 40.81 -48.25 -49.44
N THR B 4082 41.23 -49.51 -49.25
CA THR B 4082 42.19 -50.15 -50.13
C THR B 4082 41.60 -51.30 -50.94
N ASP B 4083 40.74 -52.11 -50.34
CA ASP B 4083 40.20 -53.28 -51.03
C ASP B 4083 39.42 -52.85 -52.26
N PRO B 4084 39.69 -53.43 -53.43
CA PRO B 4084 38.88 -53.12 -54.62
C PRO B 4084 37.40 -53.31 -54.39
N ARG B 4085 37.00 -54.35 -53.65
CA ARG B 4085 35.60 -54.56 -53.30
C ARG B 4085 35.04 -53.45 -52.43
N GLY B 4086 35.90 -52.59 -51.87
CA GLY B 4086 35.46 -51.47 -51.07
C GLY B 4086 35.65 -51.65 -49.58
N LEU B 4087 36.35 -52.69 -49.16
CA LEU B 4087 36.49 -52.99 -47.74
C LEU B 4087 37.66 -52.20 -47.15
N ILE B 4088 37.54 -51.84 -45.87
CA ILE B 4088 38.51 -50.99 -45.21
C ILE B 4088 39.07 -51.74 -44.01
N SER B 4089 40.40 -51.83 -43.94
CA SER B 4089 41.05 -52.55 -42.85
C SER B 4089 40.73 -51.90 -41.51
N LYS B 4090 40.71 -52.71 -40.46
CA LYS B 4090 40.38 -52.23 -39.13
C LYS B 4090 41.31 -51.11 -38.67
N LYS B 4091 42.61 -51.35 -38.74
CA LYS B 4091 43.59 -50.34 -38.35
C LYS B 4091 43.46 -49.09 -39.21
N ASP B 4092 43.31 -49.27 -40.52
CA ASP B 4092 43.14 -48.13 -41.43
C ASP B 4092 41.91 -47.32 -41.06
N PHE B 4093 40.83 -47.99 -40.68
CA PHE B 4093 39.57 -47.35 -40.32
C PHE B 4093 39.68 -46.62 -38.98
N GLN B 4094 40.48 -47.15 -38.05
CA GLN B 4094 40.84 -46.41 -36.85
C GLN B 4094 41.63 -45.14 -37.19
N LYS B 4095 42.65 -45.28 -38.03
CA LYS B 4095 43.45 -44.11 -38.40
C LYS B 4095 42.61 -43.07 -39.13
N ALA B 4096 41.64 -43.52 -39.94
CA ALA B 4096 40.76 -42.60 -40.65
C ALA B 4096 39.92 -41.80 -39.68
N MET B 4097 39.35 -42.47 -38.66
CA MET B 4097 38.61 -41.70 -37.66
C MET B 4097 39.52 -40.69 -36.98
N ASP B 4098 40.73 -41.12 -36.61
CA ASP B 4098 41.62 -40.25 -35.85
C ASP B 4098 42.02 -39.03 -36.68
N SER B 4099 42.23 -39.23 -37.99
CA SER B 4099 42.55 -38.10 -38.87
C SER B 4099 41.36 -37.17 -39.04
N GLN B 4100 40.15 -37.72 -39.24
CA GLN B 4100 38.99 -36.88 -39.45
C GLN B 4100 38.52 -36.20 -38.17
N LYS B 4101 38.91 -36.72 -37.00
CA LYS B 4101 38.57 -36.16 -35.70
C LYS B 4101 37.06 -36.06 -35.49
N GLN B 4102 36.29 -36.94 -36.14
CA GLN B 4102 34.86 -36.98 -35.90
C GLN B 4102 34.54 -37.59 -34.54
N PHE B 4103 35.27 -38.65 -34.16
CA PHE B 4103 35.02 -39.36 -32.92
C PHE B 4103 36.29 -39.42 -32.09
N THR B 4104 36.14 -39.24 -30.78
CA THR B 4104 37.26 -39.21 -29.86
C THR B 4104 37.73 -40.62 -29.52
N GLY B 4105 38.87 -40.68 -28.84
CA GLY B 4105 39.57 -41.93 -28.59
C GLY B 4105 38.76 -43.01 -27.89
N PRO B 4106 38.14 -42.68 -26.76
CA PRO B 4106 37.24 -43.66 -26.13
C PRO B 4106 36.09 -44.09 -27.01
N GLU B 4107 35.56 -43.20 -27.85
CA GLU B 4107 34.50 -43.57 -28.77
C GLU B 4107 35.01 -44.47 -29.88
N ILE B 4108 36.31 -44.40 -30.19
CA ILE B 4108 36.88 -45.21 -31.26
C ILE B 4108 36.68 -46.68 -30.97
N GLN B 4109 36.93 -47.09 -29.73
CA GLN B 4109 36.81 -48.49 -29.35
C GLN B 4109 35.37 -48.97 -29.44
N PHE B 4110 34.41 -48.14 -29.03
CA PHE B 4110 33.01 -48.51 -29.13
C PHE B 4110 32.60 -48.69 -30.59
N LEU B 4111 33.05 -47.79 -31.47
CA LEU B 4111 32.76 -47.97 -32.89
C LEU B 4111 33.42 -49.24 -33.44
N LEU B 4112 34.66 -49.52 -33.02
CA LEU B 4112 35.32 -50.74 -33.45
C LEU B 4112 34.52 -51.97 -33.05
N SER B 4113 34.03 -51.99 -31.80
CA SER B 4113 33.26 -53.12 -31.32
C SER B 4113 31.96 -53.27 -32.10
N CYS B 4114 31.25 -52.16 -32.32
CA CYS B 4114 29.98 -52.23 -33.06
C CYS B 4114 30.20 -52.56 -34.53
N SER B 4115 31.40 -52.32 -35.06
CA SER B 4115 31.68 -52.67 -36.44
C SER B 4115 31.59 -54.17 -36.65
N GLU B 4116 31.11 -54.56 -37.83
CA GLU B 4116 31.01 -55.97 -38.16
C GLU B 4116 32.40 -56.60 -38.26
N ALA B 4117 33.01 -56.87 -37.09
CA ALA B 4117 34.18 -57.73 -36.95
C ALA B 4117 34.23 -58.78 -38.06
N ASP B 4118 34.55 -58.33 -39.27
CA ASP B 4118 34.66 -59.22 -40.41
C ASP B 4118 35.87 -60.13 -40.21
N GLU B 4119 35.89 -61.26 -40.93
CA GLU B 4119 37.00 -62.21 -40.79
C GLU B 4119 38.35 -61.52 -41.00
N ASN B 4120 38.40 -60.56 -41.92
CA ASN B 4120 39.58 -59.74 -42.11
C ASN B 4120 39.41 -58.42 -41.36
N GLU B 4121 40.54 -57.74 -41.12
CA GLU B 4121 40.48 -56.37 -40.61
C GLU B 4121 39.66 -55.49 -41.52
N MET B 4122 39.65 -55.80 -42.81
CA MET B 4122 38.70 -55.24 -43.75
C MET B 4122 37.27 -55.40 -43.22
N ILE B 4123 36.55 -54.30 -43.12
CA ILE B 4123 35.19 -54.27 -42.59
C ILE B 4123 34.30 -53.51 -43.57
N ASN B 4124 33.05 -53.96 -43.69
CA ASN B 4124 32.07 -53.32 -44.58
C ASN B 4124 31.48 -52.10 -43.89
N PHE B 4125 32.22 -50.99 -43.98
CA PHE B 4125 31.71 -49.73 -43.45
C PHE B 4125 30.38 -49.38 -44.07
N GLU B 4126 30.13 -49.86 -45.30
CA GLU B 4126 28.84 -49.64 -45.96
C GLU B 4126 27.69 -50.02 -45.04
N GLU B 4127 27.61 -51.30 -44.67
CA GLU B 4127 26.54 -51.74 -43.78
C GLU B 4127 26.70 -51.16 -42.38
N PHE B 4128 27.95 -51.12 -41.88
CA PHE B 4128 28.17 -50.65 -40.51
C PHE B 4128 27.63 -49.23 -40.31
N ALA B 4129 27.68 -48.41 -41.35
CA ALA B 4129 27.24 -47.02 -41.27
C ALA B 4129 25.88 -46.80 -41.91
N ASN B 4130 25.31 -47.82 -42.56
CA ASN B 4130 24.03 -47.67 -43.22
C ASN B 4130 22.91 -48.32 -42.41
N ARG B 4131 23.24 -49.26 -41.52
CA ARG B 4131 22.23 -49.82 -40.63
C ARG B 4131 21.90 -48.85 -39.52
N PHE B 4132 21.01 -49.26 -38.61
CA PHE B 4132 20.55 -48.44 -37.50
C PHE B 4132 20.16 -47.00 -37.88
N GLN B 4133 19.86 -46.71 -39.15
CA GLN B 4133 19.55 -45.32 -39.50
C GLN B 4133 18.05 -45.10 -39.75
N GLU B 4134 17.39 -46.01 -40.46
CA GLU B 4134 15.93 -45.93 -40.60
C GLU B 4134 15.21 -45.97 -39.25
N PRO B 4135 15.41 -46.98 -38.39
CA PRO B 4135 14.74 -46.99 -37.10
C PRO B 4135 15.15 -45.85 -36.20
N ALA B 4136 16.33 -45.28 -36.41
CA ALA B 4136 16.78 -44.18 -35.59
C ALA B 4136 16.37 -42.84 -36.16
N ARG B 4137 16.06 -42.76 -37.46
CA ARG B 4137 15.63 -41.49 -38.04
C ARG B 4137 14.36 -40.99 -37.37
N ASP B 4138 13.35 -41.85 -37.22
CA ASP B 4138 12.09 -41.38 -36.66
C ASP B 4138 12.26 -40.91 -35.21
N ILE B 4139 12.93 -41.71 -34.39
CA ILE B 4139 13.07 -41.38 -32.97
C ILE B 4139 13.97 -40.16 -32.80
N GLY B 4140 15.03 -40.03 -33.61
CA GLY B 4140 15.85 -38.84 -33.55
C GLY B 4140 15.09 -37.59 -33.91
N PHE B 4141 14.24 -37.66 -34.94
CA PHE B 4141 13.42 -36.50 -35.28
C PHE B 4141 12.48 -36.13 -34.14
N ASN B 4142 11.87 -37.14 -33.52
CA ASN B 4142 10.98 -36.85 -32.39
C ASN B 4142 11.73 -36.19 -31.23
N VAL B 4143 12.94 -36.67 -30.94
CA VAL B 4143 13.73 -36.07 -29.86
C VAL B 4143 14.07 -34.63 -30.21
N ALA B 4144 14.45 -34.37 -31.47
CA ALA B 4144 14.76 -33.01 -31.88
C ALA B 4144 13.54 -32.10 -31.74
N VAL B 4145 12.36 -32.59 -32.12
CA VAL B 4145 11.15 -31.80 -31.99
C VAL B 4145 10.86 -31.48 -30.53
N LEU B 4146 11.01 -32.47 -29.65
CA LEU B 4146 10.78 -32.26 -28.23
C LEU B 4146 11.74 -31.20 -27.67
N LEU B 4147 13.02 -31.31 -28.03
CA LEU B 4147 14.00 -30.34 -27.54
C LEU B 4147 13.71 -28.95 -28.07
N THR B 4148 13.33 -28.84 -29.34
CA THR B 4148 13.00 -27.53 -29.90
C THR B 4148 11.79 -26.91 -29.20
N ASN B 4149 10.76 -27.72 -28.95
CA ASN B 4149 9.57 -27.23 -28.26
C ASN B 4149 9.92 -26.72 -26.87
N LEU B 4150 10.69 -27.51 -26.11
CA LEU B 4150 11.07 -27.09 -24.76
C LEU B 4150 11.91 -25.82 -24.80
N SER B 4151 12.87 -25.74 -25.72
CA SER B 4151 13.73 -24.57 -25.81
C SER B 4151 12.93 -23.32 -26.14
N GLU B 4152 11.97 -23.43 -27.07
CA GLU B 4152 11.19 -22.27 -27.46
C GLU B 4152 10.21 -21.85 -26.38
N HIS B 4153 9.66 -22.80 -25.62
CA HIS B 4153 8.65 -22.47 -24.63
C HIS B 4153 9.22 -22.22 -23.24
N VAL B 4154 10.51 -22.45 -23.01
CA VAL B 4154 11.09 -22.14 -21.70
C VAL B 4154 12.30 -21.24 -21.89
N PRO B 4155 12.13 -19.92 -21.90
CA PRO B 4155 13.28 -19.02 -21.98
C PRO B 4155 14.06 -18.98 -20.67
N HIS B 4156 15.33 -18.62 -20.78
CA HIS B 4156 16.25 -18.48 -19.64
C HIS B 4156 16.33 -19.78 -18.83
N ASP B 4157 16.85 -20.81 -19.50
CA ASP B 4157 17.00 -22.14 -18.91
C ASP B 4157 18.39 -22.68 -19.21
N PRO B 4158 19.38 -22.33 -18.37
CA PRO B 4158 20.77 -22.72 -18.68
C PRO B 4158 20.98 -24.22 -18.82
N ARG B 4159 20.27 -25.02 -18.03
CA ARG B 4159 20.37 -26.48 -18.19
C ARG B 4159 19.85 -26.90 -19.56
N LEU B 4160 18.75 -26.29 -20.00
CA LEU B 4160 18.20 -26.62 -21.31
C LEU B 4160 19.15 -26.21 -22.42
N ARG B 4161 19.81 -25.06 -22.29
CA ARG B 4161 20.84 -24.71 -23.27
C ARG B 4161 22.04 -25.66 -23.22
N ASN B 4162 22.35 -26.20 -22.03
CA ASN B 4162 23.37 -27.24 -21.96
C ASN B 4162 22.96 -28.47 -22.76
N PHE B 4163 21.70 -28.90 -22.63
CA PHE B 4163 21.22 -30.02 -23.42
C PHE B 4163 21.25 -29.72 -24.91
N LEU B 4164 20.88 -28.49 -25.29
CA LEU B 4164 20.94 -28.11 -26.71
C LEU B 4164 22.36 -28.13 -27.23
N GLU B 4165 23.31 -27.65 -26.43
CA GLU B 4165 24.72 -27.69 -26.82
C GLU B 4165 25.17 -29.14 -27.01
N LEU B 4166 24.75 -30.04 -26.11
CA LEU B 4166 25.10 -31.45 -26.27
C LEU B 4166 24.48 -32.03 -27.54
N ALA B 4167 23.24 -31.66 -27.85
CA ALA B 4167 22.50 -32.20 -28.98
C ALA B 4167 22.51 -31.27 -30.18
N GLU B 4168 23.55 -30.46 -30.35
CA GLU B 4168 23.60 -29.52 -31.46
C GLU B 4168 23.58 -30.23 -32.81
N SER B 4169 24.32 -31.33 -32.94
CA SER B 4169 24.45 -32.00 -34.23
C SER B 4169 23.11 -32.51 -34.75
N ILE B 4170 22.29 -33.10 -33.87
CA ILE B 4170 20.99 -33.60 -34.27
C ILE B 4170 20.10 -32.46 -34.76
N LEU B 4171 20.14 -31.32 -34.04
CA LEU B 4171 19.35 -30.17 -34.45
C LEU B 4171 19.78 -29.66 -35.82
N GLU B 4172 21.09 -29.62 -36.07
CA GLU B 4172 21.56 -29.20 -37.38
C GLU B 4172 21.13 -30.18 -38.46
N TYR B 4173 21.15 -31.49 -38.16
CA TYR B 4173 20.74 -32.48 -39.15
C TYR B 4173 19.26 -32.34 -39.50
N PHE B 4174 18.41 -32.17 -38.48
CA PHE B 4174 16.96 -32.15 -38.70
C PHE B 4174 16.39 -30.75 -38.85
N ARG B 4175 17.24 -29.72 -38.93
CA ARG B 4175 16.74 -28.36 -39.09
C ARG B 4175 15.93 -28.17 -40.38
N PRO B 4176 16.38 -28.62 -41.56
CA PRO B 4176 15.55 -28.44 -42.75
C PRO B 4176 14.22 -29.17 -42.70
N TYR B 4177 14.11 -30.24 -41.91
CA TYR B 4177 12.92 -31.08 -41.91
C TYR B 4177 11.90 -30.69 -40.84
N LEU B 4178 12.23 -29.75 -39.96
CA LEU B 4178 11.34 -29.34 -38.88
C LEU B 4178 10.61 -28.06 -39.30
N GLY B 4179 9.29 -28.11 -39.31
CA GLY B 4179 8.48 -26.95 -39.66
C GLY B 4179 7.62 -26.52 -38.49
N ARG B 4180 7.43 -25.20 -38.35
CA ARG B 4180 6.66 -24.63 -37.26
C ARG B 4180 5.58 -23.71 -37.81
N ILE B 4181 4.41 -23.75 -37.17
CA ILE B 4181 3.23 -23.02 -37.63
C ILE B 4181 2.51 -22.43 -36.44
N GLU B 4182 2.10 -21.16 -36.55
CA GLU B 4182 1.29 -20.52 -35.52
C GLU B 4182 -0.16 -20.51 -35.95
N ILE B 4183 -1.05 -20.91 -35.03
CA ILE B 4183 -2.48 -20.98 -35.28
C ILE B 4183 -3.22 -20.27 -34.15
N MET B 4184 -4.47 -19.91 -34.43
CA MET B 4184 -5.31 -19.28 -33.42
C MET B 4184 -5.55 -20.23 -32.26
N GLY B 4185 -5.84 -21.48 -32.54
CA GLY B 4185 -5.99 -22.49 -31.51
C GLY B 4185 -7.39 -22.52 -30.91
N ALA B 4186 -7.67 -23.63 -30.22
CA ALA B 4186 -8.97 -23.78 -29.55
C ALA B 4186 -9.15 -22.73 -28.47
N SER B 4187 -8.11 -22.48 -27.67
CA SER B 4187 -8.16 -21.42 -26.68
C SER B 4187 -7.90 -20.07 -27.35
N ARG B 4188 -8.07 -19.00 -26.59
CA ARG B 4188 -7.88 -17.65 -27.08
C ARG B 4188 -6.40 -17.27 -27.24
N ARG B 4189 -5.49 -18.23 -27.14
CA ARG B 4189 -4.05 -17.97 -27.21
C ARG B 4189 -3.47 -18.56 -28.50
N ILE B 4190 -2.59 -17.80 -29.13
CA ILE B 4190 -1.90 -18.29 -30.32
C ILE B 4190 -1.00 -19.45 -29.92
N GLU B 4191 -1.09 -20.55 -30.67
CA GLU B 4191 -0.34 -21.76 -30.36
C GLU B 4191 0.61 -22.09 -31.50
N ARG B 4192 1.67 -22.82 -31.17
CA ARG B 4192 2.71 -23.19 -32.12
C ARG B 4192 2.74 -24.70 -32.28
N ILE B 4193 2.83 -25.16 -33.53
CA ILE B 4193 2.79 -26.57 -33.89
C ILE B 4193 4.05 -26.91 -34.66
N TYR B 4194 4.66 -28.05 -34.32
CA TYR B 4194 5.86 -28.53 -35.00
C TYR B 4194 5.53 -29.82 -35.75
N PHE B 4195 6.02 -29.92 -36.98
CA PHE B 4195 5.72 -31.07 -37.82
C PHE B 4195 6.91 -31.35 -38.74
N GLU B 4196 6.78 -32.41 -39.53
CA GLU B 4196 7.84 -32.90 -40.40
C GLU B 4196 7.58 -32.52 -41.85
N ILE B 4197 8.65 -32.15 -42.54
CA ILE B 4197 8.58 -31.79 -43.95
C ILE B 4197 9.44 -32.77 -44.74
N SER B 4198 8.87 -33.35 -45.79
CA SER B 4198 9.57 -34.33 -46.60
C SER B 4198 10.58 -33.65 -47.53
N GLU B 4199 11.70 -34.34 -47.75
CA GLU B 4199 12.74 -33.81 -48.64
C GLU B 4199 12.24 -33.69 -50.06
N THR B 4200 11.45 -34.66 -50.53
CA THR B 4200 10.90 -34.57 -51.88
C THR B 4200 9.99 -33.36 -52.03
N ASN B 4201 9.13 -33.12 -51.04
CA ASN B 4201 8.26 -31.95 -51.08
C ASN B 4201 9.07 -30.67 -51.04
N ARG B 4202 10.13 -30.64 -50.22
CA ARG B 4202 10.97 -29.44 -50.15
C ARG B 4202 11.65 -29.17 -51.48
N ALA B 4203 12.16 -30.21 -52.14
CA ALA B 4203 12.79 -30.03 -53.44
C ALA B 4203 11.78 -29.56 -54.49
N GLN B 4204 10.58 -30.15 -54.49
CA GLN B 4204 9.56 -29.72 -55.43
C GLN B 4204 9.15 -28.27 -55.18
N TRP B 4205 9.19 -27.83 -53.92
CA TRP B 4205 8.91 -26.43 -53.63
C TRP B 4205 10.04 -25.53 -54.10
N GLU B 4206 11.29 -25.99 -53.98
CA GLU B 4206 12.42 -25.23 -54.49
C GLU B 4206 12.54 -25.29 -56.00
N MET B 4207 11.72 -26.09 -56.66
CA MET B 4207 11.72 -26.11 -58.13
C MET B 4207 11.42 -24.71 -58.65
N PRO B 4208 12.11 -24.26 -59.70
CA PRO B 4208 11.97 -22.85 -60.13
C PRO B 4208 10.55 -22.44 -60.51
N GLN B 4209 9.80 -23.32 -61.18
CA GLN B 4209 8.46 -22.93 -61.62
C GLN B 4209 7.48 -22.88 -60.45
N VAL B 4210 7.62 -23.81 -59.50
CA VAL B 4210 6.78 -23.78 -58.30
C VAL B 4210 7.04 -22.50 -57.52
N LYS B 4211 8.31 -22.12 -57.37
CA LYS B 4211 8.64 -20.85 -56.73
C LYS B 4211 8.25 -19.66 -57.58
N GLU B 4212 8.14 -19.84 -58.90
CA GLU B 4212 7.71 -18.74 -59.77
C GLU B 4212 6.22 -18.47 -59.60
N SER B 4213 5.42 -19.51 -59.39
CA SER B 4213 3.98 -19.32 -59.24
C SER B 4213 3.64 -18.45 -58.04
N LYS B 4214 4.49 -18.47 -57.00
CA LYS B 4214 4.26 -17.62 -55.84
C LYS B 4214 4.31 -16.15 -56.21
N ARG B 4215 5.21 -15.77 -57.13
CA ARG B 4215 5.28 -14.38 -57.56
C ARG B 4215 3.98 -13.93 -58.19
N GLN B 4216 3.42 -14.74 -59.09
CA GLN B 4216 2.14 -14.40 -59.71
C GLN B 4216 1.01 -14.36 -58.70
N PHE B 4217 0.99 -15.32 -57.77
CA PHE B 4217 -0.07 -15.34 -56.76
C PHE B 4217 0.00 -14.09 -55.89
N ILE B 4218 1.21 -13.70 -55.49
CA ILE B 4218 1.40 -12.48 -54.70
C ILE B 4218 0.95 -11.27 -55.48
N PHE B 4219 1.31 -11.21 -56.77
CA PHE B 4219 0.91 -10.08 -57.59
C PHE B 4219 -0.61 -9.97 -57.69
N ASP B 4220 -1.30 -11.08 -57.90
CA ASP B 4220 -2.74 -11.01 -58.07
C ASP B 4220 -3.48 -10.82 -56.75
N VAL B 4221 -2.88 -11.15 -55.61
CA VAL B 4221 -3.55 -10.86 -54.35
C VAL B 4221 -3.27 -9.44 -53.88
N VAL B 4222 -2.13 -8.86 -54.23
CA VAL B 4222 -1.85 -7.47 -53.86
C VAL B 4222 -2.58 -6.52 -54.79
N ASN B 4223 -2.39 -6.68 -56.10
CA ASN B 4223 -3.08 -5.86 -57.09
C ASN B 4223 -4.35 -6.59 -57.53
N GLU B 4224 -5.49 -5.90 -57.47
CA GLU B 4224 -6.78 -6.46 -57.81
C GLU B 4224 -7.07 -7.70 -56.95
N GLY B 4225 -7.11 -7.48 -55.64
CA GLY B 4225 -7.36 -8.55 -54.70
C GLY B 4225 -7.79 -8.05 -53.33
N GLY B 4226 -8.80 -8.71 -52.75
CA GLY B 4226 -9.29 -8.32 -51.45
C GLY B 4226 -8.46 -8.86 -50.31
N GLU B 4227 -8.82 -8.43 -49.10
CA GLU B 4227 -8.15 -8.86 -47.88
C GLU B 4227 -8.97 -9.83 -47.04
N ALA B 4228 -10.29 -9.76 -47.08
CA ALA B 4228 -11.11 -10.71 -46.36
C ALA B 4228 -11.05 -12.10 -47.00
N GLU B 4229 -11.00 -12.14 -48.33
CA GLU B 4229 -10.89 -13.39 -49.08
C GLU B 4229 -9.44 -13.79 -49.33
N LYS B 4230 -8.49 -13.08 -48.74
CA LYS B 4230 -7.08 -13.36 -48.97
C LYS B 4230 -6.70 -14.75 -48.48
N MET B 4231 -7.21 -15.15 -47.31
CA MET B 4231 -6.90 -16.47 -46.79
C MET B 4231 -7.50 -17.57 -47.66
N GLU B 4232 -8.73 -17.36 -48.15
CA GLU B 4232 -9.33 -18.34 -49.05
C GLU B 4232 -8.53 -18.47 -50.34
N LEU B 4233 -8.08 -17.34 -50.90
CA LEU B 4233 -7.25 -17.39 -52.10
C LEU B 4233 -5.94 -18.11 -51.82
N PHE B 4234 -5.33 -17.87 -50.65
CA PHE B 4234 -4.10 -18.54 -50.30
C PHE B 4234 -4.30 -20.05 -50.18
N VAL B 4235 -5.41 -20.47 -49.58
CA VAL B 4235 -5.70 -21.90 -49.46
C VAL B 4235 -5.90 -22.52 -50.83
N SER B 4236 -6.62 -21.82 -51.73
CA SER B 4236 -6.81 -22.33 -53.08
C SER B 4236 -5.48 -22.47 -53.81
N PHE B 4237 -4.59 -21.48 -53.63
CA PHE B 4237 -3.26 -21.56 -54.22
C PHE B 4237 -2.49 -22.76 -53.67
N CYS B 4238 -2.61 -23.02 -52.37
CA CYS B 4238 -1.96 -24.19 -51.79
C CYS B 4238 -2.50 -25.49 -52.39
N GLU B 4239 -3.82 -25.56 -52.59
CA GLU B 4239 -4.41 -26.75 -53.20
C GLU B 4239 -3.87 -26.96 -54.61
N ASP B 4240 -3.81 -25.88 -55.40
CA ASP B 4240 -3.29 -25.99 -56.76
C ASP B 4240 -1.83 -26.40 -56.76
N THR B 4241 -1.03 -25.86 -55.84
CA THR B 4241 0.38 -26.22 -55.76
C THR B 4241 0.56 -27.68 -55.38
N ILE B 4242 -0.26 -28.18 -54.45
CA ILE B 4242 -0.17 -29.59 -54.08
C ILE B 4242 -0.52 -30.47 -55.27
N PHE B 4243 -1.56 -30.11 -56.03
CA PHE B 4243 -1.92 -30.90 -57.20
C PHE B 4243 -0.81 -30.90 -58.24
N GLU B 4244 -0.19 -29.73 -58.47
CA GLU B 4244 0.93 -29.67 -59.42
C GLU B 4244 2.11 -30.50 -58.94
N MET B 4245 2.38 -30.49 -57.63
CA MET B 4245 3.44 -31.34 -57.09
C MET B 4245 3.14 -32.81 -57.32
N GLN B 4246 1.87 -33.21 -57.13
CA GLN B 4246 1.50 -34.60 -57.38
C GLN B 4246 1.70 -34.97 -58.84
N ILE B 4247 1.32 -34.08 -59.76
CA ILE B 4247 1.52 -34.35 -61.18
C ILE B 4247 3.01 -34.46 -61.50
N ALA B 4248 3.83 -33.58 -60.94
CA ALA B 4248 5.27 -33.64 -61.18
C ALA B 4248 5.87 -34.94 -60.65
N ALA B 4249 5.43 -35.38 -59.47
CA ALA B 4249 5.90 -36.65 -58.94
C ALA B 4249 5.47 -37.81 -59.82
N GLN B 4250 4.24 -37.76 -60.35
CA GLN B 4250 3.77 -38.81 -61.24
C GLN B 4250 4.62 -38.87 -62.51
N ILE B 4251 4.95 -37.71 -63.09
CA ILE B 4251 5.66 -37.68 -64.37
C ILE B 4251 7.18 -37.70 -64.20
N SER B 4252 7.68 -37.70 -62.97
CA SER B 4252 9.12 -37.73 -62.76
C SER B 4252 9.72 -39.03 -63.28
N GLU B 4253 10.86 -38.92 -63.95
CA GLU B 4253 11.58 -40.06 -64.51
C GLU B 4253 10.71 -40.90 -65.43
N PHE B 4540 1.91 -58.12 -75.61
CA PHE B 4540 1.47 -57.17 -76.63
C PHE B 4540 0.75 -55.99 -75.97
N TRP B 4541 -0.36 -56.28 -75.30
CA TRP B 4541 -1.14 -55.22 -74.64
C TRP B 4541 -0.31 -54.50 -73.59
N GLY B 4542 0.31 -55.25 -72.68
CA GLY B 4542 1.13 -54.63 -71.66
C GLY B 4542 2.34 -53.91 -72.23
N GLU B 4543 2.95 -54.49 -73.27
CA GLU B 4543 4.10 -53.86 -73.91
C GLU B 4543 3.73 -52.50 -74.50
N LEU B 4544 2.62 -52.45 -75.26
CA LEU B 4544 2.21 -51.19 -75.86
C LEU B 4544 1.79 -50.18 -74.81
N GLU B 4545 1.10 -50.64 -73.75
CA GLU B 4545 0.71 -49.72 -72.69
C GLU B 4545 1.93 -49.12 -72.00
N VAL B 4546 2.93 -49.93 -71.69
CA VAL B 4546 4.12 -49.44 -71.02
C VAL B 4546 4.90 -48.50 -71.92
N GLN B 4547 5.03 -48.84 -73.21
CA GLN B 4547 5.73 -47.97 -74.14
C GLN B 4547 5.03 -46.62 -74.29
N ARG B 4548 3.70 -46.63 -74.38
CA ARG B 4548 2.97 -45.37 -74.50
C ARG B 4548 3.06 -44.58 -73.20
N VAL B 4549 3.12 -45.25 -72.05
CA VAL B 4549 3.30 -44.54 -70.79
C VAL B 4549 4.64 -43.81 -70.77
N LYS B 4550 5.71 -44.49 -71.20
CA LYS B 4550 7.01 -43.83 -71.28
C LYS B 4550 6.99 -42.68 -72.27
N PHE B 4551 6.32 -42.86 -73.42
CA PHE B 4551 6.27 -41.81 -74.42
C PHE B 4551 5.55 -40.57 -73.90
N LEU B 4552 4.41 -40.77 -73.24
CA LEU B 4552 3.67 -39.64 -72.69
C LEU B 4552 4.46 -38.96 -71.58
N ASN B 4553 5.15 -39.73 -70.73
CA ASN B 4553 5.98 -39.15 -69.69
C ASN B 4553 7.11 -38.31 -70.29
N TYR B 4554 7.74 -38.83 -71.36
CA TYR B 4554 8.81 -38.09 -72.01
C TYR B 4554 8.30 -36.77 -72.58
N LEU B 4555 7.14 -36.80 -73.24
CA LEU B 4555 6.57 -35.58 -73.78
C LEU B 4555 6.24 -34.58 -72.67
N SER B 4556 5.67 -35.07 -71.57
CA SER B 4556 5.32 -34.18 -70.47
C SER B 4556 6.57 -33.54 -69.87
N ARG B 4557 7.65 -34.30 -69.73
CA ARG B 4557 8.88 -33.72 -69.19
C ARG B 4557 9.51 -32.72 -70.15
N ASN B 4558 9.48 -33.00 -71.45
CA ASN B 4558 10.15 -32.16 -72.44
C ASN B 4558 9.15 -31.33 -73.25
N PHE B 4559 8.07 -30.88 -72.61
CA PHE B 4559 7.10 -30.03 -73.31
C PHE B 4559 7.72 -28.72 -73.79
N TYR B 4560 8.50 -28.06 -72.93
CA TYR B 4560 9.00 -26.72 -73.28
C TYR B 4560 10.07 -26.77 -74.35
N THR B 4561 10.97 -27.76 -74.28
CA THR B 4561 12.01 -27.87 -75.29
C THR B 4561 11.41 -28.08 -76.68
N LEU B 4562 10.27 -28.77 -76.77
CA LEU B 4562 9.58 -28.91 -78.05
C LEU B 4562 9.12 -27.55 -78.55
N ARG B 4563 8.62 -26.68 -77.66
CA ARG B 4563 8.20 -25.35 -78.07
C ARG B 4563 9.38 -24.54 -78.60
N PHE B 4564 10.52 -24.60 -77.90
CA PHE B 4564 11.70 -23.86 -78.34
C PHE B 4564 12.20 -24.39 -79.68
N LEU B 4565 12.18 -25.72 -79.84
CA LEU B 4565 12.60 -26.32 -81.12
C LEU B 4565 11.66 -25.91 -82.24
N ALA B 4566 10.36 -25.82 -81.96
CA ALA B 4566 9.42 -25.35 -82.96
C ALA B 4566 9.71 -23.91 -83.35
N LEU B 4567 10.06 -23.06 -82.38
CA LEU B 4567 10.44 -21.69 -82.70
C LEU B 4567 11.67 -21.66 -83.60
N PHE B 4568 12.67 -22.48 -83.28
CA PHE B 4568 13.88 -22.52 -84.10
C PHE B 4568 13.59 -22.99 -85.51
N LEU B 4569 12.77 -24.03 -85.65
CA LEU B 4569 12.43 -24.53 -86.98
C LEU B 4569 11.63 -23.50 -87.77
N ALA B 4570 10.73 -22.77 -87.11
CA ALA B 4570 9.99 -21.72 -87.80
C ALA B 4570 10.93 -20.63 -88.29
N PHE B 4571 11.89 -20.23 -87.46
CA PHE B 4571 12.85 -19.21 -87.89
C PHE B 4571 13.68 -19.69 -89.07
N ALA B 4572 14.14 -20.95 -89.04
CA ALA B 4572 14.92 -21.47 -90.16
C ALA B 4572 14.09 -21.56 -91.43
N ILE B 4573 12.85 -22.07 -91.33
CA ILE B 4573 12.01 -22.23 -92.50
C ILE B 4573 11.56 -20.89 -93.06
N ASN B 4574 11.55 -19.84 -92.24
CA ASN B 4574 11.25 -18.51 -92.76
C ASN B 4574 12.48 -17.83 -93.34
N PHE B 4575 13.66 -18.14 -92.82
CA PHE B 4575 14.89 -17.65 -93.43
C PHE B 4575 15.08 -18.25 -94.82
N ILE B 4576 14.74 -19.54 -94.99
CA ILE B 4576 14.89 -20.18 -96.30
C ILE B 4576 14.00 -19.51 -97.33
N LEU B 4577 12.79 -19.09 -96.93
CA LEU B 4577 11.84 -18.51 -97.86
C LEU B 4577 12.25 -17.15 -98.38
N LEU B 4578 13.28 -16.52 -97.80
CA LEU B 4578 13.75 -15.22 -98.28
C LEU B 4578 14.37 -15.28 -99.66
N PHE B 4579 14.68 -16.48 -100.16
CA PHE B 4579 15.29 -16.64 -101.48
C PHE B 4579 14.28 -16.90 -102.57
N TYR B 4580 12.99 -16.77 -102.28
CA TYR B 4580 11.95 -17.05 -103.25
C TYR B 4580 11.94 -16.00 -104.34
N LYS B 4581 11.42 -16.37 -105.52
CA LYS B 4581 11.47 -15.48 -106.66
C LYS B 4581 10.36 -15.81 -107.63
N VAL B 4582 9.81 -14.78 -108.28
CA VAL B 4582 8.76 -14.93 -109.27
C VAL B 4582 9.38 -14.88 -110.66
N SER B 4583 8.88 -15.71 -111.57
CA SER B 4583 9.36 -15.74 -112.94
C SER B 4583 8.18 -15.93 -113.88
N ASP B 4584 8.39 -15.54 -115.14
CA ASP B 4584 7.38 -15.74 -116.18
C ASP B 4584 7.55 -17.07 -116.89
N SER B 4585 8.80 -17.50 -117.11
CA SER B 4585 9.12 -18.78 -117.71
C SER B 4585 9.31 -19.85 -116.65
N PRO B 4586 9.04 -21.12 -116.98
CA PRO B 4586 9.23 -22.18 -116.01
C PRO B 4586 10.70 -22.28 -115.64
N PRO B 4587 11.01 -22.69 -114.39
CA PRO B 4587 12.38 -22.81 -113.91
C PRO B 4587 13.18 -23.88 -114.67
N ASN B 4626 1.91 -21.03 -115.58
CA ASN B 4626 1.90 -20.41 -116.90
C ASN B 4626 2.26 -18.93 -116.80
N MET B 4627 1.35 -18.14 -116.23
CA MET B 4627 1.60 -16.71 -116.09
C MET B 4627 2.69 -16.42 -115.08
N VAL B 4628 2.68 -17.14 -113.95
CA VAL B 4628 3.65 -16.92 -112.87
C VAL B 4628 4.17 -18.27 -112.41
N TYR B 4629 5.46 -18.32 -112.07
CA TYR B 4629 6.15 -19.56 -111.74
C TYR B 4629 6.97 -19.41 -110.47
N TYR B 4630 6.33 -18.94 -109.40
CA TYR B 4630 6.97 -18.79 -108.09
C TYR B 4630 7.86 -20.00 -107.77
N PHE B 4631 9.14 -19.74 -107.56
CA PHE B 4631 10.10 -20.81 -107.32
C PHE B 4631 11.28 -20.26 -106.54
N LEU B 4632 11.94 -21.15 -105.81
CA LEU B 4632 13.07 -20.79 -104.96
C LEU B 4632 14.33 -20.73 -105.82
N GLU B 4633 14.89 -19.53 -105.97
CA GLU B 4633 16.12 -19.33 -106.74
C GLU B 4633 17.28 -19.16 -105.76
N GLU B 4634 18.31 -19.99 -105.93
CA GLU B 4634 19.43 -19.98 -105.01
C GLU B 4634 20.64 -20.59 -105.70
N SER B 4635 21.82 -20.31 -105.15
CA SER B 4635 23.08 -20.82 -105.69
C SER B 4635 23.49 -22.13 -105.01
N THR B 4636 23.64 -22.11 -103.69
CA THR B 4636 24.03 -23.31 -102.95
C THR B 4636 22.86 -24.30 -102.92
N GLY B 4637 23.10 -25.50 -103.40
CA GLY B 4637 22.06 -26.50 -103.49
C GLY B 4637 21.60 -27.00 -102.13
N TYR B 4638 20.78 -28.05 -102.17
CA TYR B 4638 20.22 -28.68 -100.98
C TYR B 4638 19.43 -27.68 -100.14
N MET B 4639 18.68 -26.80 -100.81
CA MET B 4639 17.80 -25.87 -100.11
C MET B 4639 16.34 -26.30 -100.15
N GLU B 4640 15.85 -26.74 -101.30
CA GLU B 4640 14.48 -27.28 -101.37
C GLU B 4640 14.32 -28.56 -100.56
N PRO B 4641 15.23 -29.55 -100.62
CA PRO B 4641 15.10 -30.69 -99.71
C PRO B 4641 15.14 -30.29 -98.25
N ALA B 4642 15.98 -29.31 -97.89
CA ALA B 4642 16.01 -28.82 -96.53
C ALA B 4642 14.68 -28.20 -96.14
N LEU B 4643 14.08 -27.43 -97.05
CA LEU B 4643 12.77 -26.83 -96.80
C LEU B 4643 11.72 -27.91 -96.55
N TRP B 4644 11.71 -28.94 -97.39
CA TRP B 4644 10.72 -30.01 -97.26
C TRP B 4644 10.89 -30.77 -95.94
N CYS B 4645 12.13 -31.14 -95.62
CA CYS B 4645 12.39 -31.85 -94.37
C CYS B 4645 12.04 -31.00 -93.16
N LEU B 4646 12.37 -29.71 -93.21
CA LEU B 4646 12.07 -28.83 -92.09
C LEU B 4646 10.58 -28.63 -91.91
N SER B 4647 9.83 -28.55 -93.01
CA SER B 4647 8.37 -28.45 -92.90
C SER B 4647 7.78 -29.69 -92.25
N LEU B 4648 8.23 -30.87 -92.69
CA LEU B 4648 7.72 -32.10 -92.09
C LEU B 4648 8.07 -32.17 -90.61
N LEU B 4649 9.31 -31.83 -90.25
CA LEU B 4649 9.72 -31.87 -88.86
C LEU B 4649 8.94 -30.86 -88.02
N HIS B 4650 8.68 -29.68 -88.58
CA HIS B 4650 7.91 -28.68 -87.85
C HIS B 4650 6.49 -29.16 -87.57
N THR B 4651 5.85 -29.79 -88.57
CA THR B 4651 4.52 -30.34 -88.34
C THR B 4651 4.55 -31.41 -87.26
N LEU B 4652 5.55 -32.29 -87.30
CA LEU B 4652 5.66 -33.34 -86.29
C LEU B 4652 5.84 -32.74 -84.89
N VAL B 4653 6.70 -31.73 -84.76
CA VAL B 4653 6.95 -31.12 -83.47
C VAL B 4653 5.70 -30.40 -82.96
N ALA B 4654 4.93 -29.78 -83.86
CA ALA B 4654 3.68 -29.16 -83.45
C ALA B 4654 2.71 -30.19 -82.90
N PHE B 4655 2.60 -31.34 -83.58
CA PHE B 4655 1.72 -32.40 -83.09
C PHE B 4655 2.16 -32.88 -81.70
N LEU B 4656 3.47 -33.09 -81.53
CA LEU B 4656 3.97 -33.50 -80.22
C LEU B 4656 3.70 -32.45 -79.16
N CYS B 4657 3.76 -31.16 -79.53
CA CYS B 4657 3.44 -30.10 -78.57
C CYS B 4657 1.99 -30.18 -78.13
N ILE B 4658 1.07 -30.42 -79.06
CA ILE B 4658 -0.34 -30.56 -78.68
C ILE B 4658 -0.51 -31.74 -77.73
N ILE B 4659 0.13 -32.87 -78.05
CA ILE B 4659 0.00 -34.06 -77.20
C ILE B 4659 0.55 -33.79 -75.81
N GLY B 4660 1.72 -33.15 -75.74
CA GLY B 4660 2.32 -32.88 -74.44
C GLY B 4660 1.50 -31.92 -73.60
N TYR B 4661 0.95 -30.87 -74.22
CA TYR B 4661 0.09 -29.96 -73.49
C TYR B 4661 -1.14 -30.69 -72.95
N ASN B 4662 -1.81 -31.46 -73.81
CA ASN B 4662 -2.98 -32.21 -73.36
C ASN B 4662 -2.63 -33.18 -72.24
N CYS B 4663 -1.40 -33.72 -72.25
CA CYS B 4663 -1.01 -34.65 -71.20
C CYS B 4663 -0.75 -33.94 -69.88
N LEU B 4664 -0.10 -32.78 -69.91
CA LEU B 4664 0.43 -32.21 -68.68
C LEU B 4664 -0.41 -31.06 -68.11
N LYS B 4665 -0.91 -30.15 -68.94
CA LYS B 4665 -1.52 -28.93 -68.41
C LYS B 4665 -3.03 -29.05 -68.20
N VAL B 4666 -3.70 -29.92 -68.96
CA VAL B 4666 -5.16 -30.04 -68.85
C VAL B 4666 -5.60 -30.50 -67.46
N PRO B 4667 -4.98 -31.50 -66.83
CA PRO B 4667 -5.50 -31.97 -65.53
C PRO B 4667 -5.63 -30.88 -64.48
N LEU B 4668 -4.75 -29.89 -64.46
CA LEU B 4668 -4.91 -28.79 -63.52
C LEU B 4668 -6.20 -28.01 -63.78
N VAL B 4669 -6.49 -27.74 -65.06
CA VAL B 4669 -7.71 -27.01 -65.40
C VAL B 4669 -8.94 -27.81 -64.98
N ILE B 4670 -8.95 -29.10 -65.29
CA ILE B 4670 -10.08 -29.94 -64.90
C ILE B 4670 -10.23 -29.98 -63.39
N PHE B 4671 -9.11 -30.11 -62.67
CA PHE B 4671 -9.15 -30.16 -61.22
C PHE B 4671 -9.74 -28.88 -60.64
N LYS B 4672 -9.31 -27.72 -61.15
CA LYS B 4672 -9.85 -26.45 -60.66
C LYS B 4672 -11.34 -26.35 -60.95
N ARG B 4673 -11.77 -26.72 -62.16
CA ARG B 4673 -13.18 -26.63 -62.51
C ARG B 4673 -14.03 -27.51 -61.60
N GLU B 4674 -13.61 -28.76 -61.41
CA GLU B 4674 -14.40 -29.68 -60.59
C GLU B 4674 -14.38 -29.26 -59.12
N LYS B 4675 -13.25 -28.74 -58.63
CA LYS B 4675 -13.19 -28.26 -57.26
C LYS B 4675 -14.15 -27.11 -57.04
N GLU B 4676 -14.17 -26.15 -57.96
CA GLU B 4676 -15.09 -25.02 -57.82
C GLU B 4676 -16.53 -25.48 -57.90
N LEU B 4677 -16.84 -26.40 -58.82
CA LEU B 4677 -18.20 -26.91 -58.95
C LEU B 4677 -18.65 -27.60 -57.67
N ALA B 4678 -17.79 -28.44 -57.09
CA ALA B 4678 -18.13 -29.11 -55.84
C ALA B 4678 -18.32 -28.10 -54.71
N ARG B 4679 -17.44 -27.09 -54.65
CA ARG B 4679 -17.56 -26.07 -53.61
C ARG B 4679 -18.93 -25.38 -53.67
N LYS B 4680 -19.31 -24.88 -54.85
CA LYS B 4680 -20.58 -24.17 -54.94
C LYS B 4680 -21.77 -25.10 -54.91
N LEU B 4681 -21.58 -26.39 -55.17
CA LEU B 4681 -22.67 -27.35 -55.07
C LEU B 4681 -22.96 -27.71 -53.61
N GLU B 4682 -21.93 -27.81 -52.78
CA GLU B 4682 -22.12 -28.24 -51.40
C GLU B 4682 -22.25 -27.08 -50.42
N PHE B 4683 -21.81 -25.87 -50.78
CA PHE B 4683 -21.84 -24.76 -49.84
C PHE B 4683 -22.87 -23.68 -50.20
N ASP B 4684 -23.17 -23.51 -51.49
CA ASP B 4684 -24.22 -22.58 -51.90
C ASP B 4684 -25.47 -23.27 -52.41
N GLY B 4685 -25.36 -24.51 -52.88
CA GLY B 4685 -26.51 -25.22 -53.41
C GLY B 4685 -27.09 -24.57 -54.64
N LEU B 4686 -26.22 -24.17 -55.57
CA LEU B 4686 -26.69 -23.44 -56.76
C LEU B 4686 -27.61 -24.29 -57.61
N TYR B 4687 -27.44 -25.62 -57.57
CA TYR B 4687 -28.34 -26.50 -58.32
C TYR B 4687 -29.49 -27.01 -57.46
N ILE B 4688 -29.27 -27.20 -56.16
CA ILE B 4688 -30.36 -27.59 -55.27
C ILE B 4688 -31.30 -26.41 -55.03
N THR B 4689 -30.74 -25.29 -54.58
CA THR B 4689 -31.51 -24.06 -54.39
C THR B 4689 -31.39 -23.22 -55.65
N GLU B 4690 -32.51 -22.95 -56.31
CA GLU B 4690 -32.55 -22.23 -57.57
C GLU B 4690 -31.71 -22.93 -58.63
N GLN B 4691 -31.39 -22.23 -59.70
CA GLN B 4691 -30.61 -22.77 -60.81
C GLN B 4691 -29.65 -21.71 -61.29
N PRO B 4692 -28.57 -22.11 -61.96
CA PRO B 4692 -27.65 -21.12 -62.54
C PRO B 4692 -28.36 -20.21 -63.52
N GLY B 4693 -27.94 -18.96 -63.55
CA GLY B 4693 -28.58 -17.98 -64.41
C GLY B 4693 -28.31 -18.24 -65.89
N ASP B 4694 -29.14 -17.62 -66.73
CA ASP B 4694 -29.00 -17.80 -68.17
C ASP B 4694 -27.71 -17.20 -68.69
N ASP B 4695 -27.20 -16.15 -68.03
CA ASP B 4695 -25.92 -15.56 -68.44
C ASP B 4695 -24.74 -16.48 -68.15
N ASP B 4696 -24.93 -17.49 -67.30
CA ASP B 4696 -23.85 -18.41 -66.94
C ASP B 4696 -23.86 -19.58 -67.90
N VAL B 4697 -23.18 -19.40 -69.04
CA VAL B 4697 -23.06 -20.49 -70.01
C VAL B 4697 -22.31 -21.67 -69.40
N LYS B 4698 -21.25 -21.39 -68.64
CA LYS B 4698 -20.58 -22.45 -67.91
C LYS B 4698 -21.49 -23.06 -66.85
N GLY B 4699 -22.39 -22.25 -66.27
CA GLY B 4699 -23.35 -22.80 -65.33
C GLY B 4699 -24.28 -23.80 -65.97
N GLN B 4700 -24.76 -23.50 -67.18
CA GLN B 4700 -25.58 -24.47 -67.91
C GLN B 4700 -24.76 -25.68 -68.31
N TRP B 4701 -23.50 -25.49 -68.71
CA TRP B 4701 -22.68 -26.61 -69.15
C TRP B 4701 -22.34 -27.55 -68.00
N ASP B 4702 -22.21 -27.02 -66.78
CA ASP B 4702 -21.84 -27.85 -65.64
C ASP B 4702 -22.93 -28.84 -65.23
N ARG B 4703 -24.14 -28.70 -65.77
CA ARG B 4703 -25.23 -29.62 -65.41
C ARG B 4703 -25.03 -31.02 -65.97
N LEU B 4704 -24.08 -31.20 -66.89
CA LEU B 4704 -23.91 -32.51 -67.53
C LEU B 4704 -23.27 -33.53 -66.59
N VAL B 4705 -22.36 -33.10 -65.73
CA VAL B 4705 -21.64 -34.04 -64.86
C VAL B 4705 -22.38 -34.34 -63.57
N LEU B 4706 -23.56 -33.75 -63.36
CA LEU B 4706 -24.31 -34.01 -62.13
C LEU B 4706 -24.75 -35.46 -62.05
N ASN B 4707 -25.23 -36.03 -63.15
CA ASN B 4707 -25.72 -37.40 -63.17
C ASN B 4707 -24.64 -38.42 -63.50
N THR B 4708 -23.45 -37.99 -63.87
CA THR B 4708 -22.40 -38.93 -64.24
C THR B 4708 -21.85 -39.63 -62.99
N PRO B 4709 -21.45 -40.89 -63.12
CA PRO B 4709 -20.83 -41.61 -61.99
C PRO B 4709 -19.34 -41.33 -61.80
N SER B 4710 -18.79 -40.34 -62.50
CA SER B 4710 -17.38 -39.99 -62.37
C SER B 4710 -17.23 -38.50 -62.06
N PHE B 4711 -18.21 -37.92 -61.38
CA PHE B 4711 -18.15 -36.50 -61.04
C PHE B 4711 -16.96 -36.11 -60.18
N PRO B 4712 -16.61 -36.83 -59.09
CA PRO B 4712 -15.52 -36.35 -58.23
C PRO B 4712 -14.13 -36.74 -58.74
N SER B 4713 -14.04 -37.13 -60.00
CA SER B 4713 -12.75 -37.51 -60.57
C SER B 4713 -11.82 -36.30 -60.63
N ASN B 4714 -10.51 -36.58 -60.63
CA ASN B 4714 -9.48 -35.55 -60.73
C ASN B 4714 -9.61 -34.51 -59.62
N TYR B 4715 -9.91 -34.98 -58.41
CA TYR B 4715 -10.13 -34.11 -57.27
C TYR B 4715 -10.05 -34.96 -56.01
N TRP B 4716 -9.58 -34.35 -54.92
CA TRP B 4716 -9.33 -35.12 -53.70
C TRP B 4716 -10.59 -35.80 -53.18
N ASP B 4717 -11.66 -35.03 -53.00
CA ASP B 4717 -12.85 -35.55 -52.36
C ASP B 4717 -13.69 -36.37 -53.33
N LYS B 4718 -14.18 -37.51 -52.85
CA LYS B 4718 -15.08 -38.37 -53.62
C LYS B 4718 -16.44 -38.54 -52.98
N PHE B 4719 -16.70 -37.89 -51.84
CA PHE B 4719 -17.96 -38.00 -51.13
C PHE B 4719 -18.77 -36.70 -51.19
N VAL B 4720 -18.48 -35.84 -52.17
CA VAL B 4720 -19.17 -34.56 -52.26
C VAL B 4720 -20.65 -34.76 -52.50
N LYS B 4721 -21.01 -35.73 -53.35
CA LYS B 4721 -22.41 -36.02 -53.60
C LYS B 4721 -23.11 -36.50 -52.32
N ARG B 4722 -22.43 -37.35 -51.55
CA ARG B 4722 -23.00 -37.83 -50.29
C ARG B 4722 -23.21 -36.69 -49.32
N LYS B 4723 -22.25 -35.78 -49.21
CA LYS B 4723 -22.42 -34.63 -48.31
C LYS B 4723 -23.55 -33.73 -48.77
N VAL B 4724 -23.66 -33.48 -50.08
CA VAL B 4724 -24.75 -32.65 -50.60
C VAL B 4724 -26.09 -33.30 -50.29
N LEU B 4725 -26.19 -34.62 -50.47
CA LEU B 4725 -27.41 -35.33 -50.13
C LEU B 4725 -27.74 -35.17 -48.66
N ASP B 4726 -26.79 -35.47 -47.78
CA ASP B 4726 -27.03 -35.38 -46.34
C ASP B 4726 -27.36 -33.96 -45.91
N LYS B 4727 -26.96 -32.95 -46.69
CA LYS B 4727 -27.24 -31.58 -46.30
C LYS B 4727 -28.59 -31.08 -46.80
N HIS B 4728 -28.98 -31.41 -48.03
CA HIS B 4728 -30.18 -30.84 -48.63
C HIS B 4728 -31.35 -31.80 -48.73
N GLY B 4729 -31.20 -33.07 -48.35
CA GLY B 4729 -32.29 -34.02 -48.53
C GLY B 4729 -33.50 -33.70 -47.69
N ASP B 4730 -33.29 -33.37 -46.41
CA ASP B 4730 -34.41 -33.17 -45.50
C ASP B 4730 -35.30 -32.03 -45.95
N ILE B 4731 -34.76 -31.06 -46.69
CA ILE B 4731 -35.50 -29.84 -47.02
C ILE B 4731 -36.00 -29.88 -48.47
N PHE B 4732 -35.16 -30.25 -49.43
CA PHE B 4732 -35.58 -30.29 -50.83
C PHE B 4732 -35.99 -31.68 -51.30
N GLY B 4733 -36.14 -32.64 -50.40
CA GLY B 4733 -36.50 -33.98 -50.82
C GLY B 4733 -35.27 -34.84 -51.07
N ARG B 4734 -35.10 -35.89 -50.26
CA ARG B 4734 -33.92 -36.72 -50.39
C ARG B 4734 -33.89 -37.46 -51.72
N GLU B 4735 -35.03 -38.00 -52.15
CA GLU B 4735 -35.09 -38.72 -53.42
C GLU B 4735 -34.85 -37.77 -54.59
N ARG B 4736 -35.36 -36.54 -54.50
CA ARG B 4736 -35.14 -35.57 -55.58
C ARG B 4736 -33.66 -35.26 -55.74
N ILE B 4737 -32.96 -35.05 -54.62
CA ILE B 4737 -31.53 -34.77 -54.68
C ILE B 4737 -30.77 -36.00 -55.17
N ALA B 4738 -31.22 -37.20 -54.78
CA ALA B 4738 -30.58 -38.41 -55.28
C ALA B 4738 -30.70 -38.53 -56.79
N GLU B 4739 -31.89 -38.24 -57.33
CA GLU B 4739 -32.06 -38.26 -58.78
C GLU B 4739 -31.24 -37.16 -59.45
N LEU B 4740 -31.16 -35.97 -58.83
CA LEU B 4740 -30.38 -34.89 -59.41
C LEU B 4740 -28.90 -35.25 -59.49
N LEU B 4741 -28.37 -35.90 -58.46
CA LEU B 4741 -26.96 -36.28 -58.43
C LEU B 4741 -26.69 -37.64 -59.05
N GLY B 4742 -27.73 -38.33 -59.51
CA GLY B 4742 -27.53 -39.63 -60.15
C GLY B 4742 -27.00 -40.70 -59.22
N MET B 4743 -27.50 -40.76 -57.99
CA MET B 4743 -27.09 -41.76 -57.02
C MET B 4743 -28.34 -42.43 -56.46
N ASP B 4744 -28.16 -43.68 -55.99
CA ASP B 4744 -29.25 -44.49 -55.47
C ASP B 4744 -29.01 -44.72 -53.98
N LEU B 4745 -29.89 -44.17 -53.14
CA LEU B 4745 -29.76 -44.35 -51.70
C LEU B 4745 -29.90 -45.82 -51.31
N ALA B 4746 -30.84 -46.53 -51.92
CA ALA B 4746 -31.00 -47.95 -51.63
C ALA B 4746 -29.76 -48.73 -52.05
N SER B 4747 -29.20 -48.40 -53.21
CA SER B 4747 -28.01 -49.10 -53.67
C SER B 4747 -26.83 -48.87 -52.73
N LEU B 4748 -26.62 -47.62 -52.32
CA LEU B 4748 -25.50 -47.35 -51.42
C LEU B 4748 -25.72 -48.01 -50.06
N GLU B 4749 -26.96 -48.04 -49.57
CA GLU B 4749 -27.23 -48.68 -48.29
C GLU B 4749 -27.00 -50.18 -48.36
N ILE B 4750 -27.45 -50.83 -49.43
CA ILE B 4750 -27.26 -52.29 -49.54
C ILE B 4750 -25.80 -52.62 -49.78
N THR B 4751 -25.05 -51.75 -50.47
CA THR B 4751 -23.61 -51.98 -50.61
C THR B 4751 -22.90 -51.80 -49.28
N ALA B 4752 -23.35 -50.84 -48.47
CA ALA B 4752 -22.79 -50.69 -47.13
C ALA B 4752 -23.06 -51.91 -46.28
N HIS B 4753 -24.27 -52.48 -46.37
CA HIS B 4753 -24.56 -53.72 -45.67
C HIS B 4753 -23.66 -54.85 -46.16
N ASN B 4754 -23.83 -55.23 -47.43
CA ASN B 4754 -23.04 -56.32 -48.02
C ASN B 4754 -23.19 -56.30 -49.53
N GLU B 4755 -22.08 -56.26 -50.26
CA GLU B 4755 -22.11 -56.20 -51.71
C GLU B 4755 -21.15 -57.24 -52.29
N ARG B 4756 -21.54 -57.81 -53.43
CA ARG B 4756 -20.69 -58.74 -54.15
C ARG B 4756 -19.85 -57.99 -55.18
N LYS B 4757 -18.60 -58.42 -55.34
CA LYS B 4757 -17.68 -57.75 -56.26
C LYS B 4757 -17.53 -58.58 -57.52
N PRO B 4758 -18.07 -58.16 -58.66
CA PRO B 4758 -17.90 -58.92 -59.89
C PRO B 4758 -16.48 -58.79 -60.43
N ASP B 4759 -16.09 -59.81 -61.21
CA ASP B 4759 -14.76 -59.80 -61.81
C ASP B 4759 -14.67 -58.73 -62.89
N PRO B 4760 -13.58 -57.96 -62.92
CA PRO B 4760 -13.43 -56.93 -63.94
C PRO B 4760 -13.03 -57.51 -65.28
N PRO B 4761 -13.80 -57.27 -66.33
CA PRO B 4761 -13.42 -57.74 -67.66
C PRO B 4761 -12.55 -56.73 -68.37
N PRO B 4762 -11.38 -57.14 -68.87
CA PRO B 4762 -10.44 -56.19 -69.49
C PRO B 4762 -10.60 -56.03 -71.00
N GLY B 4763 -11.64 -56.59 -71.61
CA GLY B 4763 -11.78 -56.51 -73.05
C GLY B 4763 -12.19 -55.13 -73.52
N LEU B 4764 -11.85 -54.83 -74.78
CA LEU B 4764 -12.26 -53.57 -75.38
C LEU B 4764 -13.77 -53.47 -75.51
N LEU B 4765 -14.45 -54.61 -75.71
CA LEU B 4765 -15.90 -54.59 -75.86
C LEU B 4765 -16.58 -54.01 -74.63
N THR B 4766 -16.22 -54.51 -73.44
CA THR B 4766 -16.78 -53.95 -72.22
C THR B 4766 -16.15 -52.60 -71.87
N TRP B 4767 -14.90 -52.38 -72.29
CA TRP B 4767 -14.25 -51.09 -72.05
C TRP B 4767 -15.01 -49.97 -72.74
N LEU B 4768 -15.59 -50.26 -73.90
CA LEU B 4768 -16.31 -49.24 -74.68
C LEU B 4768 -17.40 -48.59 -73.84
N MET B 4769 -18.24 -49.39 -73.18
CA MET B 4769 -19.24 -48.85 -72.27
C MET B 4769 -18.71 -48.59 -70.87
N SER B 4770 -17.50 -49.05 -70.54
CA SER B 4770 -16.86 -48.57 -69.31
C SER B 4770 -16.50 -47.10 -69.43
N ILE B 4771 -16.25 -46.63 -70.64
CA ILE B 4771 -16.02 -45.21 -70.87
C ILE B 4771 -17.30 -44.44 -70.61
N ASP B 4772 -17.20 -43.36 -69.82
CA ASP B 4772 -18.35 -42.52 -69.47
C ASP B 4772 -18.51 -41.47 -70.57
N VAL B 4773 -19.45 -41.71 -71.48
CA VAL B 4773 -19.59 -40.86 -72.67
C VAL B 4773 -19.97 -39.44 -72.27
N LYS B 4774 -20.92 -39.30 -71.34
CA LYS B 4774 -21.36 -37.96 -70.93
C LYS B 4774 -20.24 -37.19 -70.24
N TYR B 4775 -19.47 -37.87 -69.39
CA TYR B 4775 -18.34 -37.21 -68.73
C TYR B 4775 -17.28 -36.79 -69.74
N GLN B 4776 -17.00 -37.65 -70.73
CA GLN B 4776 -16.04 -37.27 -71.75
C GLN B 4776 -16.54 -36.10 -72.59
N ILE B 4777 -17.84 -36.05 -72.87
CA ILE B 4777 -18.40 -34.91 -73.60
C ILE B 4777 -18.23 -33.62 -72.80
N TRP B 4778 -18.51 -33.68 -71.50
CA TRP B 4778 -18.34 -32.49 -70.66
C TRP B 4778 -16.86 -32.07 -70.60
N LYS B 4779 -15.96 -33.04 -70.49
CA LYS B 4779 -14.53 -32.73 -70.44
C LYS B 4779 -14.08 -32.09 -71.75
N PHE B 4780 -14.54 -32.60 -72.89
CA PHE B 4780 -14.20 -32.01 -74.17
C PHE B 4780 -14.76 -30.59 -74.28
N GLY B 4781 -15.99 -30.39 -73.80
CA GLY B 4781 -16.57 -29.06 -73.83
C GLY B 4781 -15.79 -28.06 -73.01
N VAL B 4782 -15.29 -28.49 -71.84
CA VAL B 4782 -14.52 -27.57 -71.00
C VAL B 4782 -13.06 -27.46 -71.44
N ILE B 4783 -12.57 -28.39 -72.26
CA ILE B 4783 -11.19 -28.30 -72.73
C ILE B 4783 -11.08 -27.54 -74.05
N PHE B 4784 -12.14 -27.52 -74.87
CA PHE B 4784 -12.08 -26.80 -76.13
C PHE B 4784 -12.29 -25.30 -75.96
N THR B 4785 -12.67 -24.84 -74.78
CA THR B 4785 -12.81 -23.41 -74.52
C THR B 4785 -11.56 -22.80 -73.89
N ASP B 4786 -10.51 -23.59 -73.69
CA ASP B 4786 -9.28 -23.07 -73.11
C ASP B 4786 -8.57 -22.17 -74.12
N ASN B 4787 -8.04 -21.05 -73.61
CA ASN B 4787 -7.36 -20.10 -74.49
C ASN B 4787 -6.08 -20.69 -75.07
N SER B 4788 -5.29 -21.37 -74.23
CA SER B 4788 -4.02 -21.93 -74.70
C SER B 4788 -4.26 -23.07 -75.69
N PHE B 4789 -5.25 -23.91 -75.43
CA PHE B 4789 -5.52 -25.03 -76.31
C PHE B 4789 -5.97 -24.56 -77.69
N LEU B 4790 -6.79 -23.50 -77.73
CA LEU B 4790 -7.20 -22.93 -79.01
C LEU B 4790 -6.02 -22.36 -79.78
N TYR B 4791 -5.09 -21.71 -79.08
CA TYR B 4791 -3.91 -21.17 -79.74
C TYR B 4791 -3.04 -22.29 -80.30
N LEU B 4792 -2.88 -23.38 -79.54
CA LEU B 4792 -2.12 -24.52 -80.04
C LEU B 4792 -2.80 -25.17 -81.24
N GLY B 4793 -4.13 -25.26 -81.20
CA GLY B 4793 -4.86 -25.78 -82.35
C GLY B 4793 -4.70 -24.91 -83.58
N TRP B 4794 -4.70 -23.58 -83.39
CA TRP B 4794 -4.44 -22.67 -84.51
C TRP B 4794 -3.03 -22.87 -85.05
N TYR B 4795 -2.05 -23.05 -84.16
CA TYR B 4795 -0.68 -23.33 -84.59
C TYR B 4795 -0.62 -24.60 -85.43
N MET B 4796 -1.30 -25.66 -84.98
CA MET B 4796 -1.33 -26.91 -85.73
C MET B 4796 -2.00 -26.74 -87.09
N VAL B 4797 -3.10 -25.99 -87.12
CA VAL B 4797 -3.81 -25.76 -88.39
C VAL B 4797 -2.93 -25.00 -89.37
N MET B 4798 -2.22 -23.99 -88.89
CA MET B 4798 -1.31 -23.24 -89.76
C MET B 4798 -0.16 -24.11 -90.23
N SER B 4799 0.35 -24.99 -89.36
CA SER B 4799 1.40 -25.91 -89.77
C SER B 4799 0.91 -26.85 -90.87
N LEU B 4800 -0.32 -27.34 -90.74
CA LEU B 4800 -0.88 -28.20 -91.79
C LEU B 4800 -1.07 -27.42 -93.09
N LEU B 4801 -1.58 -26.18 -93.00
CA LEU B 4801 -1.76 -25.36 -94.19
C LEU B 4801 -0.44 -24.96 -94.84
N GLY B 4802 0.66 -24.97 -94.08
CA GLY B 4802 1.96 -24.66 -94.64
C GLY B 4802 2.40 -25.61 -95.74
N HIS B 4803 1.88 -26.84 -95.73
CA HIS B 4803 2.19 -27.78 -96.80
C HIS B 4803 1.44 -27.44 -98.08
N TYR B 4804 0.24 -26.88 -97.97
CA TYR B 4804 -0.49 -26.40 -99.15
C TYR B 4804 0.26 -25.25 -99.82
N ASN B 4805 0.64 -24.24 -99.03
CA ASN B 4805 1.46 -23.15 -99.50
C ASN B 4805 2.48 -22.82 -98.42
N ASN B 4806 3.75 -22.67 -98.83
CA ASN B 4806 4.83 -22.56 -97.86
C ASN B 4806 4.72 -21.29 -97.03
N PHE B 4807 4.29 -20.18 -97.63
CA PHE B 4807 4.32 -18.90 -96.95
C PHE B 4807 3.42 -18.85 -95.73
N PHE B 4808 2.47 -19.79 -95.60
CA PHE B 4808 1.65 -19.84 -94.40
C PHE B 4808 2.51 -20.03 -93.15
N PHE B 4809 3.68 -20.67 -93.29
CA PHE B 4809 4.58 -20.83 -92.15
C PHE B 4809 4.99 -19.49 -91.56
N ALA B 4810 4.95 -18.41 -92.34
CA ALA B 4810 5.30 -17.09 -91.80
C ALA B 4810 4.39 -16.70 -90.65
N ALA B 4811 3.16 -17.21 -90.64
CA ALA B 4811 2.23 -16.87 -89.56
C ALA B 4811 2.73 -17.36 -88.20
N HIS B 4812 3.69 -18.29 -88.18
CA HIS B 4812 4.22 -18.77 -86.92
C HIS B 4812 5.21 -17.80 -86.29
N LEU B 4813 5.71 -16.81 -87.03
CA LEU B 4813 6.63 -15.84 -86.45
C LEU B 4813 5.98 -15.08 -85.30
N LEU B 4814 4.66 -14.92 -85.33
CA LEU B 4814 3.96 -14.24 -84.25
C LEU B 4814 4.13 -14.95 -82.92
N ASP B 4815 4.56 -16.21 -82.93
CA ASP B 4815 4.80 -16.91 -81.68
C ASP B 4815 5.85 -16.21 -80.83
N ILE B 4816 6.74 -15.43 -81.44
CA ILE B 4816 7.75 -14.72 -80.67
C ILE B 4816 7.11 -13.71 -79.73
N ALA B 4817 5.86 -13.32 -79.97
CA ALA B 4817 5.17 -12.44 -79.04
C ALA B 4817 4.99 -13.12 -77.69
N MET B 4818 4.64 -14.40 -77.68
CA MET B 4818 4.50 -15.17 -76.44
C MET B 4818 5.62 -16.17 -76.24
N GLY B 4819 6.66 -16.12 -77.07
CA GLY B 4819 7.83 -16.95 -76.89
C GLY B 4819 8.96 -16.29 -76.12
N VAL B 4820 8.89 -14.98 -75.94
CA VAL B 4820 9.88 -14.21 -75.20
C VAL B 4820 9.18 -13.57 -74.01
N LYS B 4821 9.78 -13.68 -72.83
CA LYS B 4821 9.14 -13.20 -71.62
C LYS B 4821 8.93 -11.70 -71.65
N THR B 4822 9.94 -10.94 -72.07
CA THR B 4822 9.87 -9.48 -71.97
C THR B 4822 9.09 -8.87 -73.14
N LEU B 4823 9.04 -9.56 -74.29
CA LEU B 4823 8.22 -9.07 -75.39
C LEU B 4823 6.76 -8.98 -75.00
N ARG B 4824 6.26 -9.99 -74.28
CA ARG B 4824 4.88 -9.92 -73.80
C ARG B 4824 4.70 -8.84 -72.74
N THR B 4825 5.75 -8.55 -71.96
CA THR B 4825 5.64 -7.47 -70.98
C THR B 4825 5.53 -6.11 -71.67
N ILE B 4826 6.29 -5.91 -72.75
CA ILE B 4826 6.17 -4.63 -73.46
C ILE B 4826 4.93 -4.57 -74.34
N LEU B 4827 4.37 -5.71 -74.73
CA LEU B 4827 3.08 -5.72 -75.42
C LEU B 4827 1.91 -5.58 -74.46
N SER B 4828 2.12 -5.84 -73.17
CA SER B 4828 1.08 -5.61 -72.19
C SER B 4828 0.75 -4.13 -72.05
N SER B 4829 1.72 -3.25 -72.33
CA SER B 4829 1.46 -1.82 -72.27
C SER B 4829 0.58 -1.36 -73.44
N VAL B 4830 0.48 -2.16 -74.50
CA VAL B 4830 -0.41 -1.84 -75.59
C VAL B 4830 -1.76 -2.54 -75.44
N THR B 4831 -1.76 -3.81 -75.03
CA THR B 4831 -3.01 -4.53 -74.81
C THR B 4831 -3.79 -3.93 -73.65
N HIS B 4832 -3.12 -3.75 -72.51
CA HIS B 4832 -3.69 -2.98 -71.41
C HIS B 4832 -3.98 -1.56 -71.88
N ASN B 4833 -5.13 -1.03 -71.45
CA ASN B 4833 -5.59 0.29 -71.87
C ASN B 4833 -5.79 0.36 -73.38
N GLY B 4834 -6.18 -0.75 -73.99
CA GLY B 4834 -6.37 -0.82 -75.43
C GLY B 4834 -7.79 -0.55 -75.88
N LYS B 4835 -8.75 -0.75 -74.98
CA LYS B 4835 -10.12 -0.38 -75.28
C LYS B 4835 -10.22 1.12 -75.54
N GLN B 4836 -9.52 1.93 -74.74
CA GLN B 4836 -9.48 3.36 -74.98
C GLN B 4836 -8.88 3.67 -76.34
N LEU B 4837 -7.84 2.92 -76.75
CA LEU B 4837 -7.28 3.11 -78.08
C LEU B 4837 -8.30 2.82 -79.17
N VAL B 4838 -9.05 1.73 -79.02
CA VAL B 4838 -10.05 1.38 -80.01
C VAL B 4838 -11.12 2.46 -80.11
N MET B 4839 -11.60 2.95 -78.97
CA MET B 4839 -12.64 3.99 -79.01
C MET B 4839 -12.10 5.32 -79.49
N THR B 4840 -10.82 5.63 -79.24
CA THR B 4840 -10.25 6.85 -79.81
C THR B 4840 -10.15 6.77 -81.32
N VAL B 4841 -9.72 5.62 -81.84
CA VAL B 4841 -9.65 5.48 -83.30
C VAL B 4841 -11.04 5.42 -83.91
N GLY B 4842 -12.05 4.98 -83.16
CA GLY B 4842 -13.41 5.07 -83.64
C GLY B 4842 -13.95 6.49 -83.64
N LEU B 4843 -13.62 7.26 -82.61
CA LEU B 4843 -14.00 8.67 -82.56
C LEU B 4843 -13.31 9.48 -83.64
N LEU B 4844 -12.09 9.07 -84.04
CA LEU B 4844 -11.41 9.73 -85.14
C LEU B 4844 -12.20 9.61 -86.44
N ALA B 4845 -13.02 8.57 -86.58
CA ALA B 4845 -13.80 8.36 -87.79
C ALA B 4845 -15.07 9.21 -87.84
N VAL B 4846 -15.43 9.88 -86.74
CA VAL B 4846 -16.63 10.71 -86.72
C VAL B 4846 -16.32 12.14 -87.09
N VAL B 4847 -15.23 12.70 -86.55
CA VAL B 4847 -14.85 14.07 -86.90
C VAL B 4847 -14.48 14.17 -88.38
N VAL B 4848 -13.88 13.11 -88.92
CA VAL B 4848 -13.59 13.08 -90.36
C VAL B 4848 -14.89 13.07 -91.15
N TYR B 4849 -15.92 12.40 -90.63
CA TYR B 4849 -17.22 12.42 -91.28
C TYR B 4849 -17.82 13.83 -91.28
N LEU B 4850 -17.69 14.55 -90.17
CA LEU B 4850 -18.18 15.92 -90.12
C LEU B 4850 -17.45 16.81 -91.11
N TYR B 4851 -16.12 16.68 -91.18
CA TYR B 4851 -15.35 17.43 -92.16
C TYR B 4851 -15.74 17.05 -93.58
N THR B 4852 -16.06 15.78 -93.81
CA THR B 4852 -16.51 15.34 -95.13
C THR B 4852 -17.82 15.99 -95.51
N VAL B 4853 -18.77 16.07 -94.57
CA VAL B 4853 -20.05 16.72 -94.87
C VAL B 4853 -19.82 18.19 -95.21
N VAL B 4854 -18.99 18.87 -94.41
CA VAL B 4854 -18.72 20.29 -94.66
C VAL B 4854 -18.04 20.47 -96.01
N ALA B 4855 -17.09 19.60 -96.34
CA ALA B 4855 -16.37 19.69 -97.61
C ALA B 4855 -17.14 19.11 -98.78
N PHE B 4856 -18.31 18.53 -98.54
CA PHE B 4856 -19.18 18.04 -99.59
C PHE B 4856 -20.27 19.03 -99.97
N ASN B 4857 -20.88 19.71 -98.99
CA ASN B 4857 -21.86 20.74 -99.31
C ASN B 4857 -21.23 21.88 -100.10
N PHE B 4858 -19.97 22.19 -99.80
CA PHE B 4858 -19.20 23.18 -100.55
C PHE B 4858 -17.73 22.83 -100.40
N PHE B 4859 -16.86 23.62 -101.05
CA PHE B 4859 -15.41 23.42 -101.11
C PHE B 4859 -15.02 22.26 -102.00
N ARG B 4860 -15.94 21.69 -102.79
CA ARG B 4860 -15.65 20.47 -103.52
C ARG B 4860 -15.07 20.73 -104.91
N LYS B 4861 -14.84 21.98 -105.28
CA LYS B 4861 -14.13 22.26 -106.53
C LYS B 4861 -12.63 22.12 -106.38
N PHE B 4862 -12.13 22.04 -105.15
CA PHE B 4862 -10.71 21.91 -104.89
C PHE B 4862 -10.23 20.46 -104.86
N TYR B 4863 -11.13 19.50 -104.88
CA TYR B 4863 -10.79 18.09 -104.72
C TYR B 4863 -10.49 17.40 -106.04
N ASN B 4864 -10.46 18.14 -107.14
CA ASN B 4864 -10.02 17.56 -108.40
C ASN B 4864 -8.56 17.15 -108.30
N LYS B 4865 -8.23 15.99 -108.88
CA LYS B 4865 -6.90 15.43 -108.76
C LYS B 4865 -6.31 15.04 -110.11
N SER B 4866 -6.87 15.56 -111.21
CA SER B 4866 -6.37 15.29 -112.55
C SER B 4866 -5.68 16.54 -113.07
N GLU B 4867 -4.37 16.43 -113.34
CA GLU B 4867 -3.60 17.57 -113.80
C GLU B 4867 -3.92 17.95 -115.23
N ASP B 4868 -4.47 17.02 -116.02
CA ASP B 4868 -4.81 17.29 -117.40
C ASP B 4868 -6.27 17.70 -117.53
N GLU B 4869 -6.56 18.50 -118.54
CA GLU B 4869 -7.91 18.98 -118.80
C GLU B 4869 -8.75 18.00 -119.60
N ASP B 4870 -8.18 16.86 -120.00
CA ASP B 4870 -8.94 15.88 -120.78
C ASP B 4870 -10.12 15.34 -119.99
N GLU B 4871 -9.91 15.00 -118.73
CA GLU B 4871 -10.97 14.48 -117.88
C GLU B 4871 -10.72 14.93 -116.45
N PRO B 4872 -11.76 15.11 -115.65
CA PRO B 4872 -11.59 15.40 -114.22
C PRO B 4872 -11.59 14.13 -113.39
N ASP B 4873 -11.06 14.27 -112.17
CA ASP B 4873 -10.95 13.17 -111.23
C ASP B 4873 -11.43 13.62 -109.86
N MET B 4874 -12.62 14.22 -109.82
CA MET B 4874 -13.17 14.74 -108.58
C MET B 4874 -13.32 13.64 -107.54
N LYS B 4875 -13.01 13.99 -106.29
CA LYS B 4875 -13.09 13.03 -105.19
C LYS B 4875 -14.24 13.29 -104.23
N CYS B 4876 -14.83 14.49 -104.24
CA CYS B 4876 -15.89 14.83 -103.29
C CYS B 4876 -17.23 15.05 -104.00
N ASP B 4877 -17.43 14.40 -105.15
CA ASP B 4877 -18.74 14.44 -105.79
C ASP B 4877 -19.73 13.51 -105.10
N ASP B 4878 -19.25 12.42 -104.50
CA ASP B 4878 -20.08 11.50 -103.73
C ASP B 4878 -19.70 11.57 -102.26
N MET B 4879 -20.66 11.23 -101.40
CA MET B 4879 -20.37 11.24 -99.98
C MET B 4879 -19.50 10.06 -99.58
N MET B 4880 -19.61 8.93 -100.29
CA MET B 4880 -18.78 7.78 -99.99
C MET B 4880 -17.34 8.00 -100.44
N THR B 4881 -17.16 8.56 -101.65
CA THR B 4881 -15.81 8.77 -102.16
C THR B 4881 -15.09 9.87 -101.38
N CYS B 4882 -15.80 10.93 -100.98
CA CYS B 4882 -15.18 12.00 -100.24
C CYS B 4882 -14.77 11.55 -98.84
N TYR B 4883 -15.60 10.73 -98.20
CA TYR B 4883 -15.25 10.20 -96.89
C TYR B 4883 -14.06 9.26 -96.96
N LEU B 4884 -13.98 8.45 -98.02
CA LEU B 4884 -12.83 7.57 -98.20
C LEU B 4884 -11.56 8.37 -98.43
N PHE B 4885 -11.64 9.44 -99.22
CA PHE B 4885 -10.46 10.24 -99.50
C PHE B 4885 -9.90 10.87 -98.23
N HIS B 4886 -10.77 11.47 -97.41
CA HIS B 4886 -10.32 12.12 -96.18
C HIS B 4886 -9.69 11.11 -95.22
N MET B 4887 -10.30 9.93 -95.08
CA MET B 4887 -9.78 8.97 -94.13
C MET B 4887 -8.47 8.35 -94.62
N TYR B 4888 -8.42 7.93 -95.89
CA TYR B 4888 -7.26 7.24 -96.39
C TYR B 4888 -6.07 8.18 -96.58
N VAL B 4889 -6.29 9.34 -97.19
CA VAL B 4889 -5.20 10.21 -97.58
C VAL B 4889 -5.04 11.39 -96.62
N GLY B 4890 -6.15 11.98 -96.18
CA GLY B 4890 -6.08 13.16 -95.34
C GLY B 4890 -5.44 12.89 -93.99
N VAL B 4891 -5.80 11.78 -93.35
CA VAL B 4891 -5.28 11.50 -92.02
C VAL B 4891 -3.80 11.13 -92.08
N ARG B 4892 -3.40 10.34 -93.08
CA ARG B 4892 -2.02 9.91 -93.18
C ARG B 4892 -1.08 11.04 -93.61
N ALA B 4893 -1.61 12.11 -94.19
CA ALA B 4893 -0.77 13.22 -94.60
C ALA B 4893 -0.23 13.96 -93.39
N GLY B 4894 1.05 14.32 -93.44
CA GLY B 4894 1.68 14.99 -92.31
C GLY B 4894 1.12 16.37 -92.07
N GLY B 4895 0.91 17.15 -93.13
CA GLY B 4895 0.43 18.51 -92.97
C GLY B 4895 -1.07 18.64 -92.80
N GLY B 4896 -1.82 17.58 -93.08
CA GLY B 4896 -3.26 17.64 -92.97
C GLY B 4896 -3.95 17.52 -94.32
N ILE B 4897 -5.11 18.16 -94.47
CA ILE B 4897 -5.84 18.13 -95.73
C ILE B 4897 -5.46 19.26 -96.66
N GLY B 4898 -4.72 20.27 -96.18
CA GLY B 4898 -4.43 21.44 -96.99
C GLY B 4898 -3.39 21.22 -98.06
N ASP B 4899 -2.54 20.21 -97.93
CA ASP B 4899 -1.46 19.97 -98.89
C ASP B 4899 -1.87 19.04 -100.02
N GLU B 4900 -3.12 18.58 -100.04
CA GLU B 4900 -3.60 17.66 -101.07
C GLU B 4900 -4.52 18.30 -102.09
N ILE B 4901 -5.26 19.34 -101.69
CA ILE B 4901 -6.26 19.94 -102.55
C ILE B 4901 -5.75 21.28 -103.07
N GLU B 4902 -6.49 21.85 -104.02
CA GLU B 4902 -6.08 23.11 -104.63
C GLU B 4902 -6.04 24.22 -103.61
N ASP B 4903 -5.02 25.07 -103.71
CA ASP B 4903 -4.86 26.16 -102.76
C ASP B 4903 -5.99 27.18 -102.92
N PRO B 4904 -6.44 27.78 -101.82
CA PRO B 4904 -7.54 28.75 -101.87
C PRO B 4904 -7.13 30.18 -102.20
N ALA B 4905 -5.92 30.40 -102.69
CA ALA B 4905 -5.49 31.76 -102.99
C ALA B 4905 -6.29 32.35 -104.14
N GLY B 4906 -6.66 33.61 -104.01
CA GLY B 4906 -7.45 34.28 -105.03
C GLY B 4906 -8.82 33.69 -105.22
N ASP B 4907 -9.53 33.42 -104.13
CA ASP B 4907 -10.86 32.84 -104.19
C ASP B 4907 -11.74 33.48 -103.13
N GLU B 4908 -13.05 33.42 -103.36
CA GLU B 4908 -14.00 34.02 -102.42
C GLU B 4908 -13.99 33.31 -101.07
N TYR B 4909 -13.74 32.00 -101.06
CA TYR B 4909 -13.75 31.21 -99.84
C TYR B 4909 -12.33 30.98 -99.30
N GLU B 4910 -11.45 31.97 -99.45
CA GLU B 4910 -10.08 31.81 -98.97
C GLU B 4910 -10.04 31.67 -97.46
N LEU B 4911 -10.70 32.57 -96.74
CA LEU B 4911 -10.67 32.53 -95.29
C LEU B 4911 -11.32 31.27 -94.74
N TYR B 4912 -12.45 30.87 -95.33
CA TYR B 4912 -13.13 29.66 -94.89
C TYR B 4912 -12.26 28.43 -95.09
N ARG B 4913 -11.57 28.36 -96.24
CA ARG B 4913 -10.68 27.22 -96.48
C ARG B 4913 -9.49 27.22 -95.54
N VAL B 4914 -8.96 28.40 -95.21
CA VAL B 4914 -7.85 28.48 -94.27
C VAL B 4914 -8.30 27.96 -92.90
N VAL B 4915 -9.47 28.41 -92.44
CA VAL B 4915 -9.99 27.93 -91.17
C VAL B 4915 -10.23 26.43 -91.21
N PHE B 4916 -10.80 25.94 -92.31
CA PHE B 4916 -11.06 24.51 -92.48
C PHE B 4916 -9.77 23.70 -92.35
N ASP B 4917 -8.74 24.08 -93.12
CA ASP B 4917 -7.48 23.34 -93.12
C ASP B 4917 -6.78 23.41 -91.76
N ILE B 4918 -6.76 24.60 -91.14
CA ILE B 4918 -6.06 24.75 -89.87
C ILE B 4918 -6.76 23.96 -88.77
N THR B 4919 -8.10 24.00 -88.75
CA THR B 4919 -8.83 23.21 -87.77
C THR B 4919 -8.61 21.72 -87.98
N PHE B 4920 -8.61 21.28 -89.24
CA PHE B 4920 -8.34 19.87 -89.54
C PHE B 4920 -6.97 19.46 -89.00
N PHE B 4921 -5.95 20.26 -89.30
CA PHE B 4921 -4.59 19.92 -88.87
C PHE B 4921 -4.46 19.94 -87.36
N PHE B 4922 -5.09 20.91 -86.69
CA PHE B 4922 -4.96 21.02 -85.25
C PHE B 4922 -5.85 20.04 -84.49
N PHE B 4923 -6.83 19.44 -85.15
CA PHE B 4923 -7.73 18.53 -84.47
C PHE B 4923 -7.44 17.06 -84.72
N VAL B 4924 -7.16 16.66 -85.97
CA VAL B 4924 -6.97 15.25 -86.27
C VAL B 4924 -5.51 14.85 -86.36
N ILE B 4925 -4.58 15.78 -86.16
CA ILE B 4925 -3.17 15.46 -86.28
C ILE B 4925 -2.46 15.63 -84.95
N VAL B 4926 -2.49 16.86 -84.41
CA VAL B 4926 -1.72 17.14 -83.19
C VAL B 4926 -2.49 16.87 -81.91
N ILE B 4927 -3.82 16.72 -81.99
CA ILE B 4927 -4.64 16.48 -80.81
C ILE B 4927 -5.05 15.03 -80.69
N LEU B 4928 -5.47 14.41 -81.80
CA LEU B 4928 -5.99 13.05 -81.78
C LEU B 4928 -4.90 11.99 -81.86
N LEU B 4929 -3.63 12.39 -81.95
CA LEU B 4929 -2.51 11.46 -81.86
C LEU B 4929 -1.77 11.56 -80.54
N ALA B 4930 -1.78 12.73 -79.91
CA ALA B 4930 -1.26 12.86 -78.56
C ALA B 4930 -2.02 11.98 -77.59
N ILE B 4931 -3.32 11.78 -77.82
CA ILE B 4931 -4.09 10.86 -77.00
C ILE B 4931 -3.55 9.44 -77.13
N ILE B 4932 -3.29 9.02 -78.37
CA ILE B 4932 -2.78 7.67 -78.63
C ILE B 4932 -1.43 7.47 -77.95
N GLN B 4933 -0.54 8.46 -78.06
CA GLN B 4933 0.78 8.32 -77.43
C GLN B 4933 0.67 8.35 -75.91
N GLY B 4934 -0.15 9.24 -75.36
CA GLY B 4934 -0.26 9.35 -73.92
C GLY B 4934 -0.86 8.11 -73.29
N LEU B 4935 -1.80 7.47 -73.97
CA LEU B 4935 -2.42 6.27 -73.41
C LEU B 4935 -1.38 5.18 -73.15
N ILE B 4936 -0.52 4.91 -74.14
CA ILE B 4936 0.47 3.85 -73.98
C ILE B 4936 1.57 4.27 -73.00
N ILE B 4937 1.98 5.55 -73.04
CA ILE B 4937 2.98 6.00 -72.07
C ILE B 4937 2.47 5.83 -70.65
N ASP B 4938 1.21 6.19 -70.41
CA ASP B 4938 0.63 6.04 -69.08
C ASP B 4938 0.39 4.59 -68.73
N ALA B 4939 0.17 3.72 -69.72
CA ALA B 4939 0.11 2.29 -69.43
C ALA B 4939 1.45 1.79 -68.89
N PHE B 4940 2.55 2.20 -69.54
CA PHE B 4940 3.87 1.89 -69.00
C PHE B 4940 4.02 2.39 -67.56
N GLY B 4941 3.67 3.66 -67.34
CA GLY B 4941 3.82 4.24 -66.02
C GLY B 4941 3.00 3.52 -64.96
N GLU B 4942 1.76 3.19 -65.28
CA GLU B 4942 0.89 2.49 -64.34
C GLU B 4942 1.40 1.09 -64.04
N LEU B 4943 1.94 0.40 -65.05
CA LEU B 4943 2.53 -0.90 -64.79
C LEU B 4943 3.70 -0.80 -63.83
N ARG B 4944 4.58 0.20 -64.04
CA ARG B 4944 5.70 0.38 -63.13
C ARG B 4944 5.22 0.70 -61.71
N ASP B 4945 4.18 1.55 -61.61
CA ASP B 4945 3.63 1.87 -60.30
C ASP B 4945 3.06 0.63 -59.61
N GLN B 4946 2.41 -0.24 -60.37
CA GLN B 4946 1.89 -1.48 -59.79
C GLN B 4946 3.01 -2.36 -59.25
N GLN B 4947 4.09 -2.50 -60.02
CA GLN B 4947 5.22 -3.31 -59.55
C GLN B 4947 5.80 -2.73 -58.27
N GLU B 4948 6.04 -1.42 -58.24
CA GLU B 4948 6.65 -0.84 -57.04
C GLU B 4948 5.69 -0.89 -55.86
N GLN B 4949 4.38 -0.79 -56.10
CA GLN B 4949 3.42 -0.91 -55.01
C GLN B 4949 3.44 -2.31 -54.42
N VAL B 4950 3.50 -3.34 -55.27
CA VAL B 4950 3.60 -4.71 -54.76
C VAL B 4950 4.85 -4.89 -53.93
N LYS B 4951 5.99 -4.37 -54.44
CA LYS B 4951 7.25 -4.50 -53.70
C LYS B 4951 7.16 -3.82 -52.34
N GLU B 4952 6.61 -2.61 -52.30
CA GLU B 4952 6.50 -1.89 -51.03
C GLU B 4952 5.57 -2.61 -50.07
N ASP B 4953 4.44 -3.11 -50.56
CA ASP B 4953 3.49 -3.80 -49.69
C ASP B 4953 4.13 -5.05 -49.09
N MET B 4954 4.89 -5.80 -49.87
CA MET B 4954 5.52 -7.00 -49.32
C MET B 4954 6.70 -6.67 -48.42
N GLU B 4955 7.36 -5.53 -48.65
CA GLU B 4955 8.46 -5.14 -47.78
C GLU B 4955 8.00 -4.38 -46.53
N THR B 4956 6.71 -4.05 -46.43
CA THR B 4956 6.23 -3.21 -45.33
C THR B 4956 5.70 -4.05 -44.16
N LYS B 4957 4.71 -4.90 -44.41
CA LYS B 4957 3.99 -5.58 -43.34
C LYS B 4957 3.92 -7.08 -43.63
N CYS B 4958 3.61 -7.83 -42.57
CA CYS B 4958 3.52 -9.28 -42.66
C CYS B 4958 2.30 -9.70 -43.47
N PHE B 4959 2.45 -10.80 -44.22
CA PHE B 4959 1.36 -11.27 -45.07
C PHE B 4959 0.25 -11.90 -44.27
N ILE B 4960 0.59 -12.71 -43.28
CA ILE B 4960 -0.43 -13.45 -42.52
C ILE B 4960 -1.05 -12.57 -41.44
N CYS B 4961 -0.22 -12.10 -40.50
CA CYS B 4961 -0.74 -11.33 -39.38
C CYS B 4961 -1.21 -9.95 -39.82
N GLY B 4962 -0.48 -9.32 -40.73
CA GLY B 4962 -0.73 -7.93 -41.09
C GLY B 4962 -0.07 -6.92 -40.19
N ILE B 4963 0.68 -7.36 -39.18
CA ILE B 4963 1.38 -6.44 -38.29
C ILE B 4963 2.54 -5.79 -39.02
N GLY B 4964 2.71 -4.48 -38.83
CA GLY B 4964 3.77 -3.76 -39.49
C GLY B 4964 5.14 -4.17 -38.99
N SER B 4965 6.15 -3.89 -39.82
CA SER B 4965 7.52 -4.26 -39.49
C SER B 4965 8.10 -3.43 -38.37
N ASP B 4966 7.50 -2.28 -38.05
CA ASP B 4966 8.03 -1.42 -37.01
C ASP B 4966 7.97 -2.11 -35.64
N TYR B 4967 6.89 -2.85 -35.38
CA TYR B 4967 6.77 -3.55 -34.11
C TYR B 4967 7.84 -4.62 -33.97
N PHE B 4968 8.10 -5.37 -35.04
CA PHE B 4968 9.08 -6.45 -34.97
C PHE B 4968 10.50 -5.91 -34.96
N ASP B 4969 10.73 -4.74 -35.54
CA ASP B 4969 12.10 -4.22 -35.64
C ASP B 4969 12.66 -3.75 -34.31
N THR B 4970 11.92 -3.89 -33.20
CA THR B 4970 12.47 -3.54 -31.89
C THR B 4970 13.68 -4.43 -31.57
N THR B 4971 13.55 -5.72 -31.81
CA THR B 4971 14.68 -6.64 -31.71
C THR B 4971 15.44 -6.66 -33.03
N PRO B 4972 16.75 -6.92 -33.00
CA PRO B 4972 17.53 -6.94 -34.24
C PRO B 4972 17.00 -7.99 -35.22
N HIS B 4973 16.83 -7.57 -36.47
CA HIS B 4973 16.35 -8.44 -37.55
C HIS B 4973 15.02 -9.09 -37.21
N GLY B 4974 14.17 -8.36 -36.46
CA GLY B 4974 12.92 -8.93 -36.00
C GLY B 4974 11.97 -9.26 -37.13
N PHE B 4975 11.82 -8.36 -38.09
CA PHE B 4975 10.88 -8.59 -39.19
C PHE B 4975 11.33 -9.76 -40.06
N GLU B 4976 12.62 -9.83 -40.37
CA GLU B 4976 13.13 -10.95 -41.17
C GLU B 4976 12.97 -12.26 -40.42
N THR B 4977 13.27 -12.28 -39.12
CA THR B 4977 13.07 -13.49 -38.33
C THR B 4977 11.61 -13.90 -38.33
N HIS B 4978 10.70 -12.93 -38.20
CA HIS B 4978 9.27 -13.24 -38.20
C HIS B 4978 8.83 -13.80 -39.55
N THR B 4979 9.31 -13.21 -40.64
CA THR B 4979 8.87 -13.64 -41.97
C THR B 4979 9.48 -14.97 -42.39
N LEU B 4980 10.63 -15.36 -41.84
CA LEU B 4980 11.24 -16.62 -42.21
C LEU B 4980 10.99 -17.75 -41.22
N GLU B 4981 10.63 -17.45 -39.97
CA GLU B 4981 10.47 -18.49 -38.96
C GLU B 4981 9.08 -18.53 -38.36
N GLU B 4982 8.54 -17.38 -37.93
CA GLU B 4982 7.26 -17.38 -37.23
C GLU B 4982 6.11 -17.73 -38.17
N HIS B 4983 5.89 -16.91 -39.19
CA HIS B 4983 4.83 -17.14 -40.17
C HIS B 4983 5.48 -17.25 -41.55
N ASN B 4984 5.40 -18.45 -42.14
CA ASN B 4984 6.01 -18.70 -43.43
C ASN B 4984 5.00 -19.39 -44.33
N LEU B 4985 4.81 -18.84 -45.54
CA LEU B 4985 3.83 -19.39 -46.48
C LEU B 4985 4.21 -20.81 -46.87
N ALA B 4986 5.51 -21.07 -47.05
CA ALA B 4986 5.95 -22.43 -47.36
C ALA B 4986 5.61 -23.37 -46.22
N ASN B 4987 5.77 -22.94 -44.97
CA ASN B 4987 5.43 -23.77 -43.83
C ASN B 4987 3.93 -24.06 -43.79
N TYR B 4988 3.10 -23.06 -44.08
CA TYR B 4988 1.65 -23.31 -44.10
C TYR B 4988 1.27 -24.29 -45.19
N MET B 4989 1.87 -24.13 -46.38
CA MET B 4989 1.59 -25.08 -47.47
C MET B 4989 2.02 -26.49 -47.09
N PHE B 4990 3.21 -26.62 -46.48
CA PHE B 4990 3.69 -27.93 -46.07
C PHE B 4990 2.80 -28.56 -45.02
N PHE B 4991 2.32 -27.76 -44.06
CA PHE B 4991 1.41 -28.30 -43.06
C PHE B 4991 0.09 -28.75 -43.68
N LEU B 4992 -0.43 -27.98 -44.63
CA LEU B 4992 -1.66 -28.40 -45.30
C LEU B 4992 -1.45 -29.72 -46.04
N MET B 4993 -0.33 -29.85 -46.76
CA MET B 4993 -0.04 -31.08 -47.47
C MET B 4993 0.13 -32.25 -46.50
N TYR B 4994 0.80 -32.01 -45.37
CA TYR B 4994 1.00 -33.06 -44.37
C TYR B 4994 -0.33 -33.52 -43.80
N LEU B 4995 -1.23 -32.58 -43.49
CA LEU B 4995 -2.55 -32.95 -42.97
C LEU B 4995 -3.34 -33.73 -44.00
N ILE B 4996 -3.28 -33.33 -45.27
CA ILE B 4996 -3.99 -34.06 -46.31
C ILE B 4996 -3.44 -35.47 -46.44
N ASN B 4997 -2.12 -35.62 -46.40
CA ASN B 4997 -1.51 -36.93 -46.63
C ASN B 4997 -1.72 -37.89 -45.46
N LYS B 4998 -1.54 -37.42 -44.24
CA LYS B 4998 -1.55 -38.34 -43.10
C LYS B 4998 -2.97 -38.84 -42.82
N ASP B 4999 -3.03 -39.98 -42.14
CA ASP B 4999 -4.31 -40.63 -41.86
C ASP B 4999 -5.09 -39.88 -40.80
N GLU B 5000 -6.42 -40.01 -40.87
CA GLU B 5000 -7.29 -39.32 -39.92
C GLU B 5000 -7.12 -39.87 -38.51
N THR B 5001 -6.96 -41.19 -38.38
CA THR B 5001 -6.85 -41.80 -37.06
C THR B 5001 -5.56 -41.43 -36.35
N GLU B 5002 -4.55 -40.96 -37.07
CA GLU B 5002 -3.27 -40.57 -36.48
C GLU B 5002 -3.22 -39.09 -36.13
N HIS B 5003 -4.29 -38.33 -36.39
CA HIS B 5003 -4.30 -36.92 -36.07
C HIS B 5003 -4.24 -36.71 -34.56
N THR B 5004 -3.43 -35.74 -34.13
CA THR B 5004 -3.41 -35.34 -32.73
C THR B 5004 -4.57 -34.37 -32.50
N GLY B 5005 -4.67 -33.80 -31.30
CA GLY B 5005 -5.78 -32.92 -30.99
C GLY B 5005 -5.76 -31.65 -31.84
N GLN B 5006 -4.61 -31.01 -31.93
CA GLN B 5006 -4.51 -29.75 -32.69
C GLN B 5006 -4.70 -29.99 -34.18
N GLU B 5007 -4.11 -31.07 -34.70
CA GLU B 5007 -4.30 -31.40 -36.12
C GLU B 5007 -5.75 -31.74 -36.41
N SER B 5008 -6.42 -32.46 -35.50
CA SER B 5008 -7.83 -32.76 -35.68
C SER B 5008 -8.66 -31.49 -35.69
N TYR B 5009 -8.37 -30.56 -34.78
CA TYR B 5009 -9.09 -29.29 -34.75
C TYR B 5009 -8.90 -28.52 -36.04
N VAL B 5010 -7.66 -28.44 -36.52
CA VAL B 5010 -7.37 -27.72 -37.76
C VAL B 5010 -8.06 -28.39 -38.95
N TRP B 5011 -8.08 -29.73 -38.97
CA TRP B 5011 -8.69 -30.46 -40.07
C TRP B 5011 -10.20 -30.25 -40.10
N LYS B 5012 -10.86 -30.35 -38.95
CA LYS B 5012 -12.30 -30.18 -38.91
C LYS B 5012 -12.69 -28.73 -39.18
N MET B 5013 -11.82 -27.77 -38.83
CA MET B 5013 -12.09 -26.38 -39.22
C MET B 5013 -11.84 -26.16 -40.70
N TYR B 5014 -10.89 -26.89 -41.28
CA TYR B 5014 -10.58 -26.75 -42.70
C TYR B 5014 -11.69 -27.29 -43.58
N GLN B 5015 -12.34 -28.38 -43.15
CA GLN B 5015 -13.41 -28.93 -43.96
C GLN B 5015 -14.59 -27.97 -44.13
N GLU B 5016 -14.77 -27.01 -43.23
CA GLU B 5016 -15.91 -26.10 -43.28
C GLU B 5016 -15.56 -24.72 -43.83
N ARG B 5017 -14.37 -24.55 -44.40
CA ARG B 5017 -13.95 -23.28 -45.00
C ARG B 5017 -14.00 -22.13 -44.00
N CYS B 5018 -13.66 -22.43 -42.74
CA CYS B 5018 -13.73 -21.39 -41.71
C CYS B 5018 -12.64 -20.35 -41.88
N TRP B 5019 -11.40 -20.81 -42.08
CA TRP B 5019 -10.23 -19.93 -42.20
C TRP B 5019 -10.11 -18.98 -41.02
N ASP B 5020 -10.36 -19.52 -39.82
CA ASP B 5020 -10.26 -18.74 -38.60
C ASP B 5020 -9.00 -19.05 -37.81
N PHE B 5021 -8.43 -20.25 -37.99
CA PHE B 5021 -7.23 -20.63 -37.25
C PHE B 5021 -6.02 -19.81 -37.64
N PHE B 5022 -6.05 -19.13 -38.79
CA PHE B 5022 -4.94 -18.27 -39.17
C PHE B 5022 -4.81 -17.10 -38.19
N PRO B 5023 -3.60 -16.76 -37.77
CA PRO B 5023 -3.43 -15.61 -36.87
C PRO B 5023 -3.63 -14.29 -37.58
N ALA B 5024 -4.71 -13.59 -37.28
CA ALA B 5024 -5.02 -12.31 -37.89
C ALA B 5024 -4.83 -11.21 -36.84
N GLY B 5025 -3.85 -10.33 -37.08
CA GLY B 5025 -3.60 -9.24 -36.16
C GLY B 5025 -2.98 -9.65 -34.85
N ASP B 5026 -2.38 -10.84 -34.77
CA ASP B 5026 -1.76 -11.30 -33.55
C ASP B 5026 -0.64 -12.27 -33.88
N CYS B 5027 0.30 -12.41 -32.95
CA CYS B 5027 1.43 -13.30 -33.11
C CYS B 5027 1.86 -13.81 -31.74
N PHE B 5028 2.80 -14.76 -31.75
CA PHE B 5028 3.29 -15.34 -30.51
C PHE B 5028 4.00 -14.29 -29.66
N ARG B 5029 4.80 -13.44 -30.30
CA ARG B 5029 5.52 -12.40 -29.57
C ARG B 5029 4.56 -11.41 -28.92
N LYS B 5030 3.50 -11.03 -29.64
CA LYS B 5030 2.52 -10.12 -29.05
C LYS B 5030 1.73 -10.81 -27.94
N GLN B 5031 1.45 -12.11 -28.11
CA GLN B 5031 0.74 -12.85 -27.08
C GLN B 5031 1.55 -12.95 -25.80
N TYR B 5032 2.88 -13.09 -25.93
CA TYR B 5032 3.74 -13.23 -24.76
C TYR B 5032 4.84 -12.17 -24.74
N GLU B 5033 4.46 -10.90 -24.92
CA GLU B 5033 5.40 -9.81 -24.74
C GLU B 5033 6.07 -9.88 -23.38
N ASP B 5034 5.29 -10.12 -22.33
CA ASP B 5034 5.86 -10.44 -21.03
C ASP B 5034 6.41 -11.86 -21.06
N GLN B 5035 7.36 -12.12 -20.17
CA GLN B 5035 8.19 -13.32 -20.15
C GLN B 5035 8.98 -13.51 -21.44
N LEU B 5036 9.00 -12.51 -22.32
CA LEU B 5036 9.81 -12.51 -23.55
C LEU B 5036 9.53 -13.75 -24.41
N SER B 5037 8.27 -14.17 -24.44
CA SER B 5037 7.83 -15.29 -25.25
C SER B 5037 8.65 -16.56 -25.00
N VAL C 11 30.81 7.02 12.38
CA VAL C 11 32.01 6.81 11.60
C VAL C 11 32.42 8.11 10.91
N GLN C 12 31.84 9.23 11.36
CA GLN C 12 32.17 10.53 10.79
C GLN C 12 33.60 10.91 11.15
N PHE C 13 34.27 11.59 10.22
CA PHE C 13 35.64 12.03 10.41
C PHE C 13 35.65 13.48 10.84
N LEU C 14 36.44 13.77 11.88
CA LEU C 14 36.57 15.14 12.37
C LEU C 14 37.23 16.02 11.31
N ARG C 15 36.72 17.24 11.17
CA ARG C 15 37.23 18.18 10.19
C ARG C 15 37.35 19.55 10.84
N THR C 16 38.01 20.47 10.14
CA THR C 16 38.26 21.80 10.68
C THR C 16 36.95 22.59 10.73
N ASP C 17 37.04 23.80 11.30
CA ASP C 17 35.89 24.70 11.47
C ASP C 17 34.80 24.04 12.32
N ASP C 18 35.20 23.17 13.24
CA ASP C 18 34.28 22.46 14.10
C ASP C 18 34.66 22.67 15.57
N GLU C 19 33.65 22.59 16.44
CA GLU C 19 33.84 22.77 17.87
C GLU C 19 33.91 21.41 18.55
N VAL C 20 34.89 21.25 19.44
CA VAL C 20 35.12 20.00 20.15
C VAL C 20 35.29 20.32 21.63
N VAL C 21 34.99 19.34 22.48
CA VAL C 21 35.11 19.50 23.93
C VAL C 21 36.45 18.98 24.43
N LEU C 22 37.01 17.98 23.74
CA LEU C 22 38.26 17.34 24.13
C LEU C 22 38.17 16.76 25.55
N GLN C 23 37.29 15.78 25.70
CA GLN C 23 37.05 15.15 26.99
C GLN C 23 38.02 14.00 27.20
N CYS C 24 38.53 13.88 28.43
CA CYS C 24 39.45 12.82 28.82
C CYS C 24 38.77 11.95 29.85
N SER C 25 38.71 10.64 29.58
CA SER C 25 38.07 9.68 30.48
C SER C 25 39.05 9.31 31.58
N ALA C 26 38.80 9.82 32.79
CA ALA C 26 39.69 9.53 33.91
C ALA C 26 39.50 8.10 34.41
N THR C 27 38.25 7.64 34.49
CA THR C 27 37.93 6.31 35.01
C THR C 27 38.51 6.12 36.41
N VAL C 28 38.37 7.15 37.23
CA VAL C 28 38.86 7.10 38.61
C VAL C 28 37.80 6.44 39.47
N LEU C 29 38.22 5.43 40.25
CA LEU C 29 37.32 4.67 41.12
C LEU C 29 36.17 4.06 40.33
N LYS C 30 36.46 3.65 39.09
CA LYS C 30 35.47 3.03 38.20
C LYS C 30 34.25 3.92 38.02
N GLU C 31 34.47 5.23 37.88
CA GLU C 31 33.40 6.19 37.69
C GLU C 31 33.29 6.71 36.26
N GLN C 32 34.40 6.74 35.52
CA GLN C 32 34.43 7.25 34.16
C GLN C 32 33.81 8.63 34.07
N LEU C 33 34.33 9.56 34.89
CA LEU C 33 33.80 10.91 34.92
C LEU C 33 33.93 11.61 33.57
N LYS C 34 34.99 11.30 32.83
CA LYS C 34 35.25 11.89 31.51
C LYS C 34 35.30 13.42 31.61
N LEU C 35 36.24 13.89 32.43
CA LEU C 35 36.40 15.33 32.65
C LEU C 35 36.86 16.00 31.37
N CYS C 36 36.51 17.27 31.22
CA CYS C 36 36.88 18.05 30.05
C CYS C 36 37.63 19.31 30.47
N LEU C 37 38.61 19.71 29.66
CA LEU C 37 39.42 20.88 29.95
C LEU C 37 38.64 22.15 29.67
N ALA C 38 38.92 23.18 30.47
CA ALA C 38 38.27 24.47 30.33
C ALA C 38 39.16 25.55 30.91
N ALA C 39 39.04 26.75 30.36
CA ALA C 39 39.78 27.92 30.83
C ALA C 39 38.96 29.16 30.55
N GLU C 40 39.00 30.12 31.49
CA GLU C 40 38.21 31.33 31.34
C GLU C 40 38.75 32.20 30.21
N GLY C 41 40.06 32.44 30.20
CA GLY C 41 40.71 33.23 29.18
C GLY C 41 40.92 34.69 29.57
N PHE C 42 40.10 35.21 30.48
CA PHE C 42 40.25 36.57 31.00
C PHE C 42 40.42 36.49 32.51
N GLY C 43 41.54 37.01 33.00
CA GLY C 43 41.86 36.92 34.40
C GLY C 43 42.52 35.63 34.82
N ASN C 44 42.58 34.63 33.94
CA ASN C 44 43.23 33.36 34.24
C ASN C 44 43.47 32.63 32.94
N ARG C 45 44.73 32.24 32.70
CA ARG C 45 45.11 31.56 31.47
C ARG C 45 45.16 30.04 31.61
N LEU C 46 45.41 29.55 32.82
CA LEU C 46 45.62 28.11 33.01
C LEU C 46 44.32 27.33 32.85
N CYS C 47 44.42 26.17 32.21
CA CYS C 47 43.28 25.29 32.01
C CYS C 47 43.14 24.33 33.18
N PHE C 48 41.94 23.76 33.31
CA PHE C 48 41.66 22.79 34.36
C PHE C 48 40.53 21.89 33.92
N LEU C 49 40.49 20.68 34.48
CA LEU C 49 39.45 19.71 34.15
C LEU C 49 38.23 19.92 35.02
N GLU C 50 37.07 20.03 34.38
CA GLU C 50 35.81 20.01 35.10
C GLU C 50 35.07 18.72 34.77
N PRO C 51 34.39 18.14 35.76
CA PRO C 51 33.72 16.85 35.52
C PRO C 51 32.45 17.02 34.69
N THR C 52 32.35 16.22 33.63
CA THR C 52 31.16 16.20 32.79
C THR C 52 30.15 15.14 33.24
N SER C 53 30.46 14.38 34.27
CA SER C 53 29.57 13.35 34.79
C SER C 53 28.66 13.95 35.86
N ASN C 54 27.72 13.12 36.34
CA ASN C 54 26.75 13.53 37.36
C ASN C 54 25.99 14.77 36.93
N ALA C 55 25.61 14.82 35.64
CA ALA C 55 24.89 15.97 35.12
C ALA C 55 23.47 16.06 35.67
N GLN C 56 22.91 14.94 36.16
CA GLN C 56 21.54 14.96 36.64
C GLN C 56 21.43 15.74 37.96
N ASN C 57 22.35 15.51 38.88
CA ASN C 57 22.32 16.21 40.16
C ASN C 57 22.78 17.65 40.04
N VAL C 58 23.73 17.93 39.14
CA VAL C 58 24.23 19.29 38.93
C VAL C 58 24.68 19.44 37.49
N PRO C 59 24.20 20.44 36.77
CA PRO C 59 24.60 20.61 35.36
C PRO C 59 25.97 21.28 35.27
N PRO C 60 26.95 20.61 34.69
CA PRO C 60 28.27 21.24 34.51
C PRO C 60 28.26 22.25 33.38
N ASP C 61 29.04 23.31 33.57
CA ASP C 61 29.15 24.35 32.55
C ASP C 61 29.96 23.85 31.36
N LEU C 62 29.55 24.25 30.16
CA LEU C 62 30.26 23.89 28.94
C LEU C 62 30.47 25.08 28.02
N ALA C 63 30.13 26.29 28.46
CA ALA C 63 30.37 27.48 27.63
C ALA C 63 31.85 27.75 27.44
N ILE C 64 32.68 27.38 28.42
CA ILE C 64 34.12 27.57 28.33
C ILE C 64 34.82 26.25 27.98
N CYS C 65 34.11 25.30 27.37
CA CYS C 65 34.64 23.99 27.03
C CYS C 65 34.54 23.72 25.54
N CYS C 66 34.55 24.76 24.72
CA CYS C 66 34.41 24.62 23.28
C CYS C 66 35.69 25.13 22.61
N PHE C 67 36.29 24.29 21.78
CA PHE C 67 37.51 24.63 21.05
C PHE C 67 37.26 24.41 19.57
N THR C 68 37.48 25.46 18.78
CA THR C 68 37.30 25.39 17.34
C THR C 68 38.61 25.00 16.67
N LEU C 69 38.52 24.04 15.75
CA LEU C 69 39.66 23.61 14.94
C LEU C 69 39.90 24.67 13.87
N GLU C 70 40.92 25.51 14.07
CA GLU C 70 41.15 26.62 13.16
C GLU C 70 41.90 26.19 11.91
N GLN C 71 43.10 25.64 12.08
CA GLN C 71 43.93 25.24 10.96
C GLN C 71 44.48 23.83 11.19
N SER C 72 44.65 23.09 10.10
CA SER C 72 45.26 21.78 10.12
C SER C 72 46.36 21.73 9.05
N LEU C 73 47.53 21.23 9.42
CA LEU C 73 48.66 21.22 8.52
C LEU C 73 49.59 20.06 8.85
N SER C 74 50.39 19.68 7.86
CA SER C 74 51.39 18.63 8.04
C SER C 74 52.63 19.20 8.72
N VAL C 75 53.52 18.30 9.13
CA VAL C 75 54.71 18.71 9.87
C VAL C 75 55.65 19.51 8.97
N ARG C 76 55.90 19.02 7.75
CA ARG C 76 56.83 19.69 6.86
C ARG C 76 56.30 21.05 6.42
N ALA C 77 55.02 21.10 6.05
CA ALA C 77 54.41 22.37 5.67
C ALA C 77 54.39 23.34 6.85
N LEU C 78 54.14 22.81 8.05
CA LEU C 78 54.16 23.64 9.26
C LEU C 78 55.53 24.25 9.47
N GLN C 79 56.59 23.45 9.32
CA GLN C 79 57.94 23.98 9.44
C GLN C 79 58.20 25.05 8.39
N GLU C 80 57.75 24.83 7.17
CA GLU C 80 58.00 25.81 6.11
C GLU C 80 57.29 27.13 6.40
N MET C 81 56.03 27.07 6.85
CA MET C 81 55.33 28.34 7.10
C MET C 81 55.86 29.03 8.35
N LEU C 82 56.32 28.26 9.34
CA LEU C 82 56.98 28.87 10.48
C LEU C 82 58.27 29.57 10.07
N ALA C 83 59.00 28.96 9.13
CA ALA C 83 60.18 29.64 8.57
C ALA C 83 59.77 30.90 7.82
N ASN C 84 58.66 30.86 7.11
CA ASN C 84 58.14 32.02 6.40
C ASN C 84 57.82 33.16 7.36
N GLY C 97 35.25 24.99 3.55
CA GLY C 97 36.65 24.60 3.52
C GLY C 97 37.04 23.68 4.66
N HIS C 98 36.54 22.45 4.63
CA HIS C 98 36.81 21.47 5.67
C HIS C 98 37.91 20.54 5.21
N ARG C 99 38.90 20.31 6.07
CA ARG C 99 40.01 19.40 5.81
C ARG C 99 39.93 18.23 6.77
N THR C 100 39.97 17.01 6.24
CA THR C 100 39.87 15.83 7.08
C THR C 100 41.12 15.68 7.93
N LEU C 101 40.92 15.42 9.22
CA LEU C 101 42.03 15.28 10.16
C LEU C 101 42.55 13.85 10.13
N LEU C 102 43.85 13.71 9.97
CA LEU C 102 44.52 12.41 9.96
C LEU C 102 45.75 12.48 10.86
N TYR C 103 46.22 11.31 11.26
CA TYR C 103 47.32 11.22 12.22
C TYR C 103 48.60 11.80 11.63
N GLY C 104 49.47 12.26 12.51
CA GLY C 104 50.69 12.92 12.10
C GLY C 104 50.47 14.27 11.43
N HIS C 105 49.54 15.06 11.96
CA HIS C 105 49.22 16.37 11.41
C HIS C 105 49.11 17.38 12.54
N ALA C 106 49.50 18.61 12.24
CA ALA C 106 49.45 19.69 13.22
C ALA C 106 48.13 20.43 13.13
N ILE C 107 47.55 20.74 14.30
CA ILE C 107 46.26 21.41 14.37
C ILE C 107 46.37 22.61 15.30
N LEU C 108 45.41 23.52 15.16
CA LEU C 108 45.33 24.73 15.97
C LEU C 108 43.96 24.80 16.63
N LEU C 109 43.94 25.04 17.93
CA LEU C 109 42.71 25.07 18.71
C LEU C 109 42.47 26.49 19.23
N ARG C 110 41.29 27.03 18.97
CA ARG C 110 40.91 28.35 19.43
C ARG C 110 39.75 28.25 20.41
N HIS C 111 39.93 28.84 21.59
CA HIS C 111 38.85 28.88 22.57
C HIS C 111 37.66 29.67 22.02
N ALA C 112 36.47 29.13 22.21
CA ALA C 112 35.28 29.77 21.64
C ALA C 112 35.00 31.12 22.32
N HIS C 113 34.97 31.14 23.65
CA HIS C 113 34.59 32.36 24.35
C HIS C 113 35.70 33.40 24.32
N SER C 114 36.94 32.98 24.58
CA SER C 114 38.05 33.91 24.76
C SER C 114 38.72 34.33 23.47
N ARG C 115 38.43 33.64 22.35
CA ARG C 115 39.05 33.90 21.06
C ARG C 115 40.57 33.76 21.08
N MET C 116 41.13 33.18 22.14
CA MET C 116 42.57 32.95 22.22
C MET C 116 42.89 31.56 21.68
N TYR C 117 44.17 31.21 21.70
CA TYR C 117 44.63 29.94 21.16
C TYR C 117 45.22 29.08 22.28
N LEU C 118 44.85 27.80 22.26
CA LEU C 118 45.42 26.86 23.23
C LEU C 118 46.91 26.67 22.96
N SER C 119 47.70 26.66 24.03
CA SER C 119 49.14 26.60 23.90
C SER C 119 49.73 25.89 25.12
N CYS C 120 51.03 25.64 25.06
CA CYS C 120 51.78 25.02 26.14
C CYS C 120 52.69 26.08 26.76
N LEU C 121 52.32 26.55 27.94
CA LEU C 121 53.09 27.58 28.62
C LEU C 121 54.39 27.01 29.17
N THR C 122 55.40 27.87 29.29
CA THR C 122 56.69 27.46 29.83
C THR C 122 56.72 27.41 31.34
N THR C 123 55.71 27.99 32.01
CA THR C 123 55.68 27.96 33.47
C THR C 123 55.27 26.57 33.96
N SER C 124 55.84 26.19 35.11
CA SER C 124 55.58 24.87 35.72
C SER C 124 55.19 25.11 37.17
N ARG C 125 53.88 25.21 37.43
CA ARG C 125 53.39 25.40 38.79
C ARG C 125 53.38 24.10 39.59
N SER C 126 53.44 22.95 38.92
CA SER C 126 53.38 21.66 39.60
C SER C 126 54.77 21.30 40.13
N MET C 127 54.92 21.32 41.45
CA MET C 127 56.20 20.98 42.07
C MET C 127 56.41 19.48 42.17
N THR C 128 55.37 18.66 41.95
CA THR C 128 55.53 17.22 42.03
C THR C 128 56.46 16.71 40.94
N ASP C 129 56.34 17.25 39.74
CA ASP C 129 57.14 16.83 38.59
C ASP C 129 57.97 18.01 38.10
N LYS C 130 59.29 17.82 37.99
CA LYS C 130 60.16 18.88 37.50
C LYS C 130 60.03 19.07 35.99
N LEU C 131 59.75 17.98 35.26
CA LEU C 131 59.64 18.04 33.81
C LEU C 131 58.27 18.49 33.33
N ALA C 132 57.28 18.57 34.22
CA ALA C 132 55.94 18.94 33.80
C ALA C 132 55.88 20.40 33.36
N PHE C 133 54.98 20.67 32.42
CA PHE C 133 54.73 22.02 31.91
C PHE C 133 53.24 22.29 31.92
N ASP C 134 52.87 23.51 32.28
CA ASP C 134 51.46 23.88 32.36
C ASP C 134 50.93 24.30 31.00
N VAL C 135 49.68 23.95 30.72
CA VAL C 135 49.01 24.26 29.48
C VAL C 135 48.02 25.39 29.72
N GLY C 136 48.02 26.37 28.83
CA GLY C 136 47.14 27.53 28.97
C GLY C 136 46.76 28.16 27.65
N LEU C 137 46.16 29.34 27.71
CA LEU C 137 45.73 30.07 26.53
C LEU C 137 46.67 31.22 26.24
N GLN C 138 46.92 31.47 24.96
CA GLN C 138 47.72 32.60 24.51
C GLN C 138 46.95 33.37 23.44
N GLU C 139 47.19 34.67 23.39
CA GLU C 139 46.42 35.57 22.54
C GLU C 139 47.02 35.74 21.15
N ASP C 140 48.11 35.04 20.83
CA ASP C 140 48.76 35.17 19.54
C ASP C 140 48.96 33.80 18.92
N ALA C 141 48.78 33.73 17.59
CA ALA C 141 48.99 32.51 16.85
C ALA C 141 50.44 32.33 16.40
N THR C 142 51.31 33.30 16.68
CA THR C 142 52.71 33.19 16.30
C THR C 142 53.42 32.15 17.16
N GLY C 143 54.45 31.53 16.58
CA GLY C 143 55.22 30.52 17.27
C GLY C 143 54.61 29.14 17.14
N GLU C 144 55.37 28.15 17.60
CA GLU C 144 54.96 26.75 17.54
C GLU C 144 54.42 26.23 18.86
N ALA C 145 54.27 27.10 19.86
CA ALA C 145 53.77 26.65 21.16
C ALA C 145 52.28 26.31 21.12
N CYS C 146 51.54 26.85 20.16
CA CYS C 146 50.10 26.64 20.07
C CYS C 146 49.70 25.52 19.11
N TRP C 147 50.65 24.85 18.48
CA TRP C 147 50.36 23.81 17.50
C TRP C 147 50.52 22.43 18.14
N TRP C 148 49.60 21.53 17.82
CA TRP C 148 49.55 20.22 18.43
C TRP C 148 49.37 19.16 17.34
N THR C 149 49.89 17.96 17.60
CA THR C 149 49.83 16.86 16.65
C THR C 149 49.23 15.63 17.32
N MET C 150 48.27 15.00 16.65
CA MET C 150 47.66 13.78 17.15
C MET C 150 48.42 12.56 16.66
N HIS C 151 48.32 11.48 17.42
CA HIS C 151 48.97 10.23 17.06
C HIS C 151 48.01 9.07 17.22
N PRO C 152 48.21 7.99 16.48
CA PRO C 152 47.30 6.84 16.56
C PRO C 152 47.53 6.00 17.81
N ALA C 153 46.92 6.41 18.93
CA ALA C 153 47.09 5.68 20.18
C ALA C 153 46.62 4.24 20.05
N SER C 154 45.57 4.00 19.29
CA SER C 154 45.08 2.64 19.09
C SER C 154 46.07 1.83 18.25
N LYS C 155 46.21 0.56 18.59
CA LYS C 155 47.11 -0.31 17.83
C LYS C 155 46.61 -0.53 16.41
N GLN C 156 45.30 -0.65 16.25
CA GLN C 156 44.73 -0.88 14.91
C GLN C 156 45.02 0.30 14.00
N ARG C 157 44.90 1.52 14.51
CA ARG C 157 45.13 2.69 13.68
C ARG C 157 46.61 2.89 13.42
N SER C 158 46.92 3.66 12.39
CA SER C 158 48.30 3.93 12.00
C SER C 158 48.40 5.34 11.44
N GLU C 159 49.63 5.84 11.35
CA GLU C 159 49.86 7.18 10.84
C GLU C 159 49.45 7.28 9.38
N GLY C 160 48.97 8.46 8.98
CA GLY C 160 48.46 8.67 7.65
C GLY C 160 47.01 8.30 7.46
N GLU C 161 46.35 7.78 8.50
CA GLU C 161 44.96 7.38 8.42
C GLU C 161 44.07 8.48 8.99
N LYS C 162 42.95 8.73 8.32
CA LYS C 162 42.02 9.76 8.79
C LYS C 162 41.38 9.34 10.10
N VAL C 163 41.31 10.29 11.03
CA VAL C 163 40.70 10.03 12.33
C VAL C 163 39.18 10.11 12.19
N ARG C 164 38.49 9.45 13.12
CA ARG C 164 37.04 9.42 13.14
C ARG C 164 36.53 9.72 14.54
N VAL C 165 35.24 10.06 14.62
CA VAL C 165 34.65 10.39 15.90
C VAL C 165 34.64 9.16 16.80
N GLY C 166 34.62 9.41 18.11
CA GLY C 166 34.65 8.32 19.08
C GLY C 166 35.94 7.51 19.06
N ASP C 167 37.06 8.16 18.82
CA ASP C 167 38.36 7.49 18.77
C ASP C 167 39.32 8.21 19.71
N ASP C 168 40.00 7.44 20.55
CA ASP C 168 40.97 8.03 21.48
C ASP C 168 42.18 8.55 20.73
N LEU C 169 42.72 9.67 21.19
CA LEU C 169 43.86 10.31 20.57
C LEU C 169 44.90 10.68 21.61
N ILE C 170 46.13 10.88 21.15
CA ILE C 170 47.23 11.33 21.98
C ILE C 170 47.85 12.55 21.30
N LEU C 171 47.92 13.66 22.02
CA LEU C 171 48.36 14.94 21.48
C LEU C 171 49.75 15.29 22.00
N VAL C 172 50.59 15.79 21.10
CA VAL C 172 51.97 16.18 21.42
C VAL C 172 52.22 17.58 20.88
N SER C 173 52.85 18.41 21.71
CA SER C 173 53.24 19.74 21.26
C SER C 173 54.33 19.64 20.19
N VAL C 174 54.18 20.41 19.11
CA VAL C 174 55.23 20.45 18.11
C VAL C 174 56.44 21.21 18.63
N SER C 175 56.23 22.13 19.58
CA SER C 175 57.35 22.89 20.15
C SER C 175 58.22 22.02 21.04
N SER C 176 57.59 21.16 21.84
CA SER C 176 58.33 20.28 22.75
C SER C 176 57.55 18.98 22.90
N GLU C 177 58.24 17.85 22.73
CA GLU C 177 57.60 16.55 22.90
C GLU C 177 57.04 16.39 24.29
N ARG C 178 55.72 16.32 24.42
CA ARG C 178 55.05 16.17 25.70
C ARG C 178 53.59 15.83 25.44
N TYR C 179 52.94 15.27 26.45
CA TYR C 179 51.56 14.82 26.33
C TYR C 179 50.68 15.55 27.34
N LEU C 180 49.38 15.61 27.03
CA LEU C 180 48.40 16.22 27.93
C LEU C 180 48.10 15.23 29.07
N HIS C 181 49.11 15.01 29.89
CA HIS C 181 48.99 14.04 30.97
C HIS C 181 48.00 14.54 32.02
N LEU C 182 47.19 13.61 32.53
CA LEU C 182 46.18 13.89 33.56
C LEU C 182 46.79 13.52 34.90
N SER C 183 47.49 14.49 35.50
CA SER C 183 48.11 14.27 36.80
C SER C 183 47.06 14.18 37.89
N THR C 184 47.17 13.15 38.73
CA THR C 184 46.26 12.93 39.85
C THR C 184 47.01 12.47 41.09
N ALA C 185 48.30 12.83 41.19
CA ALA C 185 49.11 12.41 42.33
C ALA C 185 48.61 13.03 43.63
N SER C 186 48.15 14.27 43.58
CA SER C 186 47.70 14.98 44.77
C SER C 186 46.22 14.76 45.05
N GLY C 187 45.56 13.89 44.29
CA GLY C 187 44.14 13.66 44.43
C GLY C 187 43.26 14.59 43.62
N GLU C 188 43.84 15.57 42.94
CA GLU C 188 43.11 16.49 42.08
C GLU C 188 43.55 16.28 40.64
N LEU C 189 42.58 16.23 39.73
CA LEU C 189 42.87 15.97 38.33
C LEU C 189 43.27 17.27 37.65
N GLN C 190 44.53 17.33 37.19
CA GLN C 190 45.03 18.48 36.46
C GLN C 190 45.59 18.02 35.11
N VAL C 191 45.60 18.91 34.14
CA VAL C 191 46.13 18.63 32.81
C VAL C 191 47.45 19.38 32.67
N ASP C 192 48.51 18.66 32.30
CA ASP C 192 49.80 19.32 32.15
C ASP C 192 50.62 18.58 31.09
N ALA C 193 51.58 19.31 30.53
CA ALA C 193 52.48 18.73 29.53
C ALA C 193 53.55 17.92 30.22
N SER C 194 53.46 16.60 30.11
CA SER C 194 54.38 15.68 30.75
C SER C 194 54.83 14.63 29.74
N PHE C 195 55.71 13.73 30.19
CA PHE C 195 56.28 12.69 29.35
C PHE C 195 55.48 11.39 29.39
N MET C 196 54.38 11.33 30.13
CA MET C 196 53.55 10.14 30.20
C MET C 196 52.39 10.26 29.23
N GLN C 197 52.02 9.15 28.61
CA GLN C 197 50.97 9.12 27.61
C GLN C 197 49.60 9.23 28.26
N THR C 198 48.64 9.80 27.51
CA THR C 198 47.28 9.95 27.99
C THR C 198 46.33 10.00 26.80
N LEU C 199 45.31 9.15 26.83
CA LEU C 199 44.33 9.11 25.75
C LEU C 199 43.30 10.20 25.93
N TRP C 200 42.91 10.83 24.82
CA TRP C 200 41.94 11.92 24.83
C TRP C 200 40.85 11.65 23.80
N ASN C 201 39.60 11.76 24.24
CA ASN C 201 38.46 11.58 23.35
C ASN C 201 38.09 12.92 22.73
N MET C 202 38.08 12.97 21.40
CA MET C 202 37.83 14.21 20.67
C MET C 202 36.37 14.19 20.23
N ASN C 203 35.49 14.48 21.19
CA ASN C 203 34.05 14.42 20.93
C ASN C 203 33.57 15.73 20.34
N PRO C 204 33.04 15.72 19.11
CA PRO C 204 32.56 16.97 18.51
C PRO C 204 31.17 17.34 19.01
N ILE C 205 30.94 18.65 19.12
CA ILE C 205 29.63 19.19 19.44
C ILE C 205 29.35 20.35 18.48
N CYS C 206 28.06 20.69 18.35
CA CYS C 206 27.60 21.77 17.49
C CYS C 206 27.99 21.54 16.04
N SER C 207 28.18 20.27 15.65
CA SER C 207 28.61 19.97 14.28
C SER C 207 27.47 20.15 13.27
N CYS C 208 26.27 19.68 13.61
CA CYS C 208 25.13 19.72 12.70
C CYS C 208 24.41 21.05 12.91
N CYS C 209 24.76 22.04 12.12
CA CYS C 209 24.18 23.37 12.27
C CYS C 209 22.71 23.37 11.85
N GLU C 210 21.82 23.62 12.81
CA GLU C 210 20.41 23.85 12.52
C GLU C 210 20.23 25.29 12.05
N GLU C 211 20.20 25.48 10.73
CA GLU C 211 20.04 26.82 10.17
C GLU C 211 18.61 27.30 10.39
N GLY C 212 18.48 28.53 10.91
CA GLY C 212 17.19 29.09 11.24
C GLY C 212 16.47 28.41 12.38
N TYR C 213 16.97 27.27 12.87
CA TYR C 213 16.41 26.56 13.99
C TYR C 213 17.19 26.91 15.26
N VAL C 214 16.57 26.63 16.40
CA VAL C 214 17.20 26.92 17.69
C VAL C 214 18.10 25.75 18.08
N THR C 215 19.34 26.05 18.45
CA THR C 215 20.34 25.05 18.77
C THR C 215 20.72 25.13 20.24
N GLY C 216 21.33 24.04 20.72
CA GLY C 216 21.83 24.02 22.08
C GLY C 216 23.08 24.87 22.26
N GLY C 217 23.35 25.21 23.51
CA GLY C 217 24.49 26.08 23.81
C GLY C 217 24.38 27.44 23.16
N HIS C 218 23.19 28.02 23.14
CA HIS C 218 22.93 29.28 22.47
C HIS C 218 22.30 30.26 23.45
N VAL C 219 22.65 31.53 23.30
CA VAL C 219 22.12 32.62 24.11
C VAL C 219 21.14 33.43 23.25
N LEU C 220 20.03 33.82 23.85
CA LEU C 220 18.96 34.48 23.10
C LEU C 220 18.01 35.16 24.08
N ARG C 221 17.11 35.96 23.54
CA ARG C 221 16.12 36.68 24.33
C ARG C 221 14.73 36.14 24.00
N LEU C 222 14.16 35.35 24.91
CA LEU C 222 12.81 34.83 24.72
C LEU C 222 11.80 35.97 24.82
N PHE C 223 10.73 35.86 24.01
CA PHE C 223 9.78 36.95 23.83
C PHE C 223 8.39 36.34 23.67
N HIS C 224 7.52 36.42 24.68
CA HIS C 224 6.12 36.07 24.42
C HIS C 224 5.51 37.11 23.51
N GLY C 225 5.41 36.78 22.23
CA GLY C 225 4.93 37.71 21.20
C GLY C 225 6.06 38.60 20.66
N HIS C 226 5.97 39.89 20.92
CA HIS C 226 7.01 40.84 20.56
C HIS C 226 7.05 41.91 21.63
N MET C 227 8.25 42.39 21.94
CA MET C 227 8.44 43.41 22.98
C MET C 227 7.89 42.88 24.31
N ASP C 228 8.55 41.83 24.79
CA ASP C 228 8.10 41.08 25.97
C ASP C 228 9.14 40.95 27.06
N GLU C 229 10.40 40.68 26.70
CA GLU C 229 11.47 40.40 27.68
C GLU C 229 11.08 39.24 28.58
N CYS C 230 10.88 38.08 27.96
CA CYS C 230 10.40 36.91 28.68
C CYS C 230 11.46 36.40 29.65
N LEU C 231 11.03 36.14 30.89
CA LEU C 231 11.92 35.67 31.96
C LEU C 231 13.12 36.61 32.15
N THR C 232 12.88 37.90 32.01
CA THR C 232 13.94 38.88 32.26
C THR C 232 14.04 39.12 33.77
N ILE C 233 15.22 38.82 34.32
CA ILE C 233 15.41 38.95 35.76
C ILE C 233 15.35 40.42 36.17
N SER C 234 15.13 40.65 37.46
CA SER C 234 15.04 42.00 37.97
C SER C 234 16.39 42.69 37.90
N ALA C 235 16.38 44.01 38.14
CA ALA C 235 17.59 44.81 38.06
C ALA C 235 18.52 44.47 39.23
N ALA C 236 19.73 45.02 39.16
CA ALA C 236 20.73 44.76 40.18
C ALA C 236 20.34 45.42 41.51
N ASP C 237 20.71 44.76 42.60
CA ASP C 237 20.44 45.25 43.95
C ASP C 237 18.94 45.47 44.18
N SER C 238 18.13 44.53 43.74
CA SER C 238 16.69 44.59 43.88
C SER C 238 16.23 43.73 45.05
N ASP C 239 15.05 44.06 45.57
CA ASP C 239 14.46 43.26 46.64
C ASP C 239 14.14 41.85 46.20
N ASP C 240 13.94 41.62 44.91
CA ASP C 240 13.71 40.29 44.38
C ASP C 240 14.92 39.39 44.56
N GLN C 241 16.10 39.97 44.79
CA GLN C 241 17.37 39.23 44.85
C GLN C 241 17.64 38.50 43.55
N ARG C 242 17.08 39.01 42.45
CA ARG C 242 17.21 38.40 41.14
C ARG C 242 16.83 36.92 41.17
N ARG C 243 15.67 36.64 41.78
CA ARG C 243 15.19 35.28 41.94
C ARG C 243 13.86 35.00 41.24
N LEU C 244 13.17 36.02 40.75
CA LEU C 244 11.88 35.84 40.09
C LEU C 244 11.91 36.50 38.71
N VAL C 245 11.07 36.00 37.82
CA VAL C 245 10.99 36.48 36.44
C VAL C 245 9.73 37.32 36.28
N TYR C 246 9.82 38.33 35.41
CA TYR C 246 8.71 39.28 35.23
C TYR C 246 8.65 39.69 33.76
N TYR C 247 7.86 40.73 33.50
CA TYR C 247 7.73 41.35 32.19
C TYR C 247 8.22 42.79 32.30
N GLU C 248 9.18 43.16 31.46
CA GLU C 248 9.78 44.48 31.52
C GLU C 248 9.70 45.14 30.15
N GLY C 249 10.24 46.36 30.07
CA GLY C 249 10.18 47.12 28.82
C GLY C 249 11.17 48.25 28.81
N GLY C 250 11.29 48.85 27.63
CA GLY C 250 12.19 49.98 27.44
C GLY C 250 13.53 49.53 26.86
N ALA C 251 14.62 49.97 27.48
CA ALA C 251 15.96 49.58 27.06
C ALA C 251 16.38 48.24 27.63
N VAL C 252 15.53 47.59 28.42
CA VAL C 252 15.86 46.27 28.92
C VAL C 252 15.96 45.25 27.79
N CYS C 253 15.37 45.54 26.63
CA CYS C 253 15.57 44.68 25.46
C CYS C 253 17.04 44.64 25.06
N THR C 254 17.69 45.81 25.02
CA THR C 254 19.12 45.86 24.75
C THR C 254 19.96 45.47 25.96
N HIS C 255 19.42 45.60 27.16
CA HIS C 255 20.14 45.22 28.37
C HIS C 255 20.52 43.73 28.32
N ALA C 256 21.54 43.38 29.11
CA ALA C 256 22.10 42.03 29.10
C ALA C 256 21.45 41.10 30.11
N ARG C 257 20.51 41.59 30.91
CA ARG C 257 19.84 40.72 31.89
C ARG C 257 18.73 39.88 31.27
N SER C 258 18.30 40.19 30.05
CA SER C 258 17.25 39.45 29.38
C SER C 258 17.78 38.22 28.63
N LEU C 259 19.08 37.99 28.67
CA LEU C 259 19.67 36.87 27.94
C LEU C 259 19.49 35.57 28.69
N TRP C 260 19.14 34.51 27.94
CA TRP C 260 19.02 33.17 28.48
C TRP C 260 19.75 32.20 27.56
N ARG C 261 20.43 31.23 28.16
CA ARG C 261 21.22 30.23 27.46
C ARG C 261 20.53 28.88 27.57
N LEU C 262 20.54 28.12 26.49
CA LEU C 262 19.89 26.81 26.46
C LEU C 262 20.91 25.69 26.51
N GLU C 263 20.60 24.65 27.28
CA GLU C 263 21.50 23.51 27.43
C GLU C 263 20.71 22.21 27.40
N PRO C 264 20.81 21.41 26.34
CA PRO C 264 20.15 20.10 26.34
C PRO C 264 20.77 19.18 27.37
N LEU C 265 19.95 18.26 27.90
CA LEU C 265 20.41 17.37 28.96
C LEU C 265 21.46 16.38 28.48
N ARG C 266 21.65 16.23 27.17
CA ARG C 266 22.66 15.33 26.63
C ARG C 266 24.03 16.01 26.64
N ILE C 267 25.03 15.30 26.12
CA ILE C 267 26.40 15.81 26.10
C ILE C 267 26.89 15.94 24.66
N SER C 268 26.96 14.81 23.95
CA SER C 268 27.48 14.82 22.59
C SER C 268 26.48 15.47 21.65
N TRP C 269 27.00 16.29 20.73
CA TRP C 269 26.21 16.98 19.72
C TRP C 269 25.13 17.85 20.36
N SER C 270 25.42 18.40 21.54
CA SER C 270 24.42 19.16 22.28
C SER C 270 23.98 20.40 21.51
N GLY C 271 24.91 21.12 20.91
CA GLY C 271 24.61 22.31 20.15
C GLY C 271 24.22 22.06 18.72
N SER C 272 24.02 20.81 18.32
CA SER C 272 23.70 20.50 16.93
C SER C 272 22.23 20.71 16.63
N HIS C 273 21.35 19.92 17.26
CA HIS C 273 19.93 20.00 16.98
C HIS C 273 19.12 19.87 18.26
N LEU C 274 17.99 20.57 18.28
CA LEU C 274 17.05 20.56 19.39
C LEU C 274 15.71 19.99 18.91
N ARG C 275 15.10 19.15 19.73
CA ARG C 275 13.90 18.41 19.34
C ARG C 275 12.68 18.95 20.07
N TRP C 276 11.52 18.81 19.42
CA TRP C 276 10.26 19.17 20.06
C TRP C 276 10.00 18.27 21.24
N GLY C 277 9.70 18.88 22.40
CA GLY C 277 9.50 18.12 23.60
C GLY C 277 10.76 17.54 24.21
N GLN C 278 11.92 17.90 23.70
CA GLN C 278 13.18 17.39 24.24
C GLN C 278 13.50 18.11 25.55
N PRO C 279 13.72 17.39 26.64
CA PRO C 279 14.05 18.06 27.91
C PRO C 279 15.34 18.86 27.80
N LEU C 280 15.34 20.02 28.44
CA LEU C 280 16.49 20.93 28.38
C LEU C 280 16.45 21.84 29.60
N ARG C 281 17.58 22.51 29.84
CA ARG C 281 17.72 23.45 30.94
C ARG C 281 17.95 24.85 30.39
N ILE C 282 17.45 25.84 31.12
CA ILE C 282 17.59 27.25 30.75
C ILE C 282 18.39 27.95 31.84
N ARG C 283 19.43 28.67 31.44
CA ARG C 283 20.37 29.30 32.34
C ARG C 283 20.36 30.80 32.11
N HIS C 284 20.64 31.58 33.15
CA HIS C 284 20.77 33.01 33.04
C HIS C 284 22.22 33.36 32.78
N VAL C 285 22.48 34.04 31.66
CA VAL C 285 23.86 34.29 31.24
C VAL C 285 24.58 35.18 32.24
N THR C 286 23.92 36.24 32.69
CA THR C 286 24.58 37.21 33.56
C THR C 286 24.77 36.69 34.98
N THR C 287 23.77 36.01 35.53
CA THR C 287 23.82 35.58 36.93
C THR C 287 24.21 34.12 37.12
N GLY C 288 24.02 33.28 36.11
CA GLY C 288 24.38 31.88 36.25
C GLY C 288 23.42 31.05 37.05
N ARG C 289 22.13 31.39 37.05
CA ARG C 289 21.11 30.65 37.76
C ARG C 289 20.19 29.94 36.76
N TYR C 290 19.75 28.74 37.12
CA TYR C 290 18.94 27.92 36.24
C TYR C 290 17.46 28.08 36.58
N LEU C 291 16.65 28.20 35.53
CA LEU C 291 15.20 28.21 35.70
C LEU C 291 14.72 26.93 36.36
N ALA C 292 13.80 27.04 37.32
CA ALA C 292 13.40 25.89 38.09
C ALA C 292 12.00 26.09 38.65
N LEU C 293 11.40 24.97 39.04
CA LEU C 293 10.12 24.92 39.73
C LEU C 293 10.36 24.60 41.20
N THR C 294 9.61 25.26 42.08
CA THR C 294 9.66 24.96 43.50
C THR C 294 8.25 24.96 44.06
N GLU C 295 8.08 24.28 45.20
CA GLU C 295 6.77 24.20 45.83
C GLU C 295 6.30 25.53 46.40
N ASP C 296 7.19 26.52 46.52
CA ASP C 296 6.82 27.83 47.03
C ASP C 296 6.32 28.76 45.93
N GLN C 297 7.02 28.81 44.80
CA GLN C 297 6.70 29.72 43.71
C GLN C 297 6.76 28.99 42.38
N GLY C 298 6.02 29.50 41.41
CA GLY C 298 5.95 28.88 40.11
C GLY C 298 7.28 28.82 39.38
N LEU C 299 7.80 29.98 39.00
CA LEU C 299 9.08 30.09 38.31
C LEU C 299 10.09 30.74 39.22
N VAL C 300 11.23 30.08 39.44
CA VAL C 300 12.33 30.63 40.20
C VAL C 300 13.63 30.36 39.45
N VAL C 301 14.73 30.91 39.96
CA VAL C 301 16.05 30.60 39.44
C VAL C 301 16.91 30.16 40.62
N VAL C 302 17.55 29.00 40.48
CA VAL C 302 18.31 28.40 41.58
C VAL C 302 19.74 28.18 41.13
N ASP C 303 20.62 27.99 42.10
CA ASP C 303 22.02 27.73 41.82
C ASP C 303 22.20 26.36 41.18
N ALA C 304 23.39 26.12 40.64
CA ALA C 304 23.66 24.85 39.98
C ALA C 304 23.62 23.69 40.97
N CYS C 305 24.00 23.93 42.22
CA CYS C 305 23.98 22.87 43.23
C CYS C 305 22.55 22.36 43.45
N LYS C 306 21.59 23.27 43.55
CA LYS C 306 20.19 22.89 43.70
C LYS C 306 19.52 22.57 42.37
N ALA C 307 20.19 22.84 41.26
CA ALA C 307 19.62 22.57 39.94
C ALA C 307 19.72 21.09 39.64
N HIS C 308 18.57 20.42 39.56
CA HIS C 308 18.50 19.00 39.22
C HIS C 308 17.40 18.79 38.20
N THR C 309 17.23 17.52 37.78
CA THR C 309 16.31 17.22 36.70
C THR C 309 14.85 17.42 37.11
N LYS C 310 14.53 17.25 38.40
CA LYS C 310 13.14 17.32 38.82
C LYS C 310 12.58 18.75 38.76
N ALA C 311 13.44 19.76 38.73
CA ALA C 311 13.01 21.14 38.75
C ALA C 311 13.48 21.96 37.57
N THR C 312 14.72 21.77 37.13
CA THR C 312 15.30 22.61 36.09
C THR C 312 15.06 22.10 34.69
N SER C 313 14.50 20.91 34.53
CA SER C 313 14.28 20.33 33.21
C SER C 313 13.01 20.91 32.59
N PHE C 314 13.16 21.61 31.48
CA PHE C 314 12.05 22.14 30.71
C PHE C 314 12.11 21.62 29.28
N CYS C 315 11.04 21.85 28.53
CA CYS C 315 10.96 21.37 27.16
C CYS C 315 10.18 22.39 26.33
N PHE C 316 9.99 22.06 25.06
CA PHE C 316 9.31 22.95 24.11
C PHE C 316 8.14 22.20 23.49
N ARG C 317 6.93 22.70 23.72
CA ARG C 317 5.72 22.12 23.13
C ARG C 317 4.94 23.19 22.39
N VAL C 318 3.73 22.88 21.98
CA VAL C 318 2.89 23.85 21.27
C VAL C 318 1.43 23.52 21.53
N SER C 319 0.60 24.57 21.62
CA SER C 319 -0.86 24.45 21.71
C SER C 319 -1.31 23.64 22.92
N LYS C 320 -0.56 23.72 24.02
CA LYS C 320 -0.94 23.07 25.28
C LYS C 320 -1.21 21.57 25.09
N GLU C 321 -0.37 20.93 24.29
CA GLU C 321 -0.57 19.52 23.93
C GLU C 321 0.34 18.64 24.79
N LYS C 322 -0.27 17.74 25.54
CA LYS C 322 0.51 16.76 26.31
C LYS C 322 1.28 15.83 25.39
N LEU C 323 0.65 15.36 24.32
CA LEU C 323 1.28 14.45 23.38
C LEU C 323 1.93 15.21 22.22
N GLU C 338 12.35 21.33 12.88
CA GLU C 338 12.14 21.27 14.32
C GLU C 338 11.55 22.56 14.86
N ILE C 339 12.31 23.24 15.71
CA ILE C 339 11.88 24.47 16.35
C ILE C 339 12.69 25.61 15.74
N LYS C 340 11.99 26.52 15.05
CA LYS C 340 12.67 27.63 14.40
C LYS C 340 13.22 28.61 15.43
N TYR C 341 14.43 29.09 15.18
CA TYR C 341 14.99 30.18 15.99
C TYR C 341 14.17 31.45 15.82
N GLY C 342 13.73 31.73 14.58
CA GLY C 342 12.90 32.88 14.32
C GLY C 342 11.68 32.50 13.51
N GLU C 343 10.68 33.38 13.55
CA GLU C 343 9.41 33.18 12.85
C GLU C 343 8.71 31.90 13.29
N SER C 344 8.58 31.74 14.61
CA SER C 344 7.88 30.60 15.18
C SER C 344 7.44 30.93 16.59
N LEU C 345 6.48 30.14 17.09
CA LEU C 345 6.00 30.25 18.45
C LEU C 345 5.90 28.85 19.06
N CYS C 346 5.99 28.78 20.38
CA CYS C 346 5.99 27.50 21.06
C CYS C 346 5.50 27.66 22.48
N PHE C 347 5.14 26.53 23.09
CA PHE C 347 4.68 26.48 24.47
C PHE C 347 5.69 25.70 25.31
N VAL C 348 5.78 26.06 26.58
CA VAL C 348 6.81 25.52 27.48
C VAL C 348 6.14 24.75 28.59
N GLN C 349 6.57 23.50 28.78
CA GLN C 349 6.15 22.66 29.90
C GLN C 349 7.38 22.25 30.70
N HIS C 350 7.24 22.27 32.02
CA HIS C 350 8.27 21.69 32.87
C HIS C 350 8.23 20.17 32.78
N VAL C 351 9.41 19.56 32.69
CA VAL C 351 9.48 18.10 32.54
C VAL C 351 9.03 17.43 33.83
N ALA C 352 8.31 16.31 33.68
CA ALA C 352 7.79 15.53 34.81
C ALA C 352 6.82 16.34 35.67
N SER C 353 6.08 17.25 35.04
CA SER C 353 5.03 18.00 35.73
C SER C 353 4.04 18.49 34.69
N GLY C 354 2.78 18.60 35.12
CA GLY C 354 1.73 19.05 34.22
C GLY C 354 1.60 20.54 34.07
N LEU C 355 2.36 21.32 34.84
CA LEU C 355 2.24 22.77 34.79
C LEU C 355 2.83 23.32 33.50
N TRP C 356 2.24 24.40 33.01
CA TRP C 356 2.69 25.09 31.81
C TRP C 356 3.14 26.49 32.17
N LEU C 357 4.18 26.96 31.46
CA LEU C 357 4.70 28.30 31.72
C LEU C 357 3.69 29.36 31.31
N THR C 358 3.36 30.26 32.24
CA THR C 358 2.41 31.32 31.98
C THR C 358 2.60 32.40 33.04
N TYR C 359 1.98 33.56 32.81
CA TYR C 359 2.15 34.67 33.74
C TYR C 359 0.95 34.81 34.65
N ALA C 360 1.12 35.55 35.73
CA ALA C 360 0.00 35.77 36.65
C ALA C 360 -1.01 36.70 36.02
N ALA C 361 -2.26 36.61 36.47
CA ALA C 361 -3.30 37.49 35.95
C ALA C 361 -2.87 38.93 36.15
N PRO C 362 -3.15 39.79 35.16
CA PRO C 362 -2.71 41.18 35.26
C PRO C 362 -3.03 41.76 36.63
N ASP C 363 -2.03 42.28 37.32
CA ASP C 363 -2.24 42.82 38.65
C ASP C 363 -2.61 44.29 38.58
N PRO C 364 -3.81 44.64 39.05
CA PRO C 364 -4.21 46.04 39.08
C PRO C 364 -3.24 46.83 39.94
N LYS C 365 -2.76 46.22 41.03
CA LYS C 365 -1.80 46.89 41.88
C LYS C 365 -0.50 47.12 41.12
N ALA C 366 -0.09 46.16 40.31
CA ALA C 366 1.11 46.33 39.51
C ALA C 366 0.92 47.51 38.58
N LEU C 367 -0.27 47.61 38.00
CA LEU C 367 -0.58 48.74 37.14
C LEU C 367 -0.54 50.02 37.96
N ARG C 368 -1.10 49.97 39.16
CA ARG C 368 -1.06 51.13 40.04
C ARG C 368 0.38 51.51 40.29
N LEU C 369 1.22 50.51 40.52
CA LEU C 369 2.64 50.77 40.74
C LEU C 369 3.31 51.12 39.43
N GLY C 370 2.58 51.00 38.33
CA GLY C 370 3.14 51.28 37.03
C GLY C 370 4.27 50.33 36.71
N VAL C 371 4.16 49.09 37.17
CA VAL C 371 5.20 48.11 36.92
C VAL C 371 4.74 47.07 35.91
N LEU C 372 5.50 46.91 34.83
CA LEU C 372 5.13 45.96 33.79
C LEU C 372 5.30 44.53 34.28
N LYS C 373 5.95 44.35 35.41
CA LYS C 373 6.22 43.00 35.91
C LYS C 373 5.00 42.11 35.78
N LYS C 374 5.20 40.91 35.24
CA LYS C 374 4.10 39.96 35.13
C LYS C 374 4.59 38.67 35.73
N LYS C 375 4.80 38.67 37.05
CA LYS C 375 5.34 37.50 37.71
C LYS C 375 4.77 36.24 37.08
N ALA C 376 5.64 35.45 36.46
CA ALA C 376 5.20 34.23 35.81
C ALA C 376 5.09 33.09 36.79
N ILE C 377 3.90 32.53 36.92
CA ILE C 377 3.71 31.39 37.82
C ILE C 377 3.33 30.18 36.98
N LEU C 378 3.80 29.01 37.42
CA LEU C 378 3.66 27.77 36.65
C LEU C 378 2.35 27.08 37.06
N HIS C 379 1.42 26.98 36.11
CA HIS C 379 0.17 26.24 36.33
C HIS C 379 -0.13 25.38 35.12
N GLN C 380 -0.93 24.33 35.34
CA GLN C 380 -1.36 23.48 34.25
C GLN C 380 -2.39 24.17 33.37
N GLU C 381 -3.27 24.97 33.97
CA GLU C 381 -4.31 25.65 33.20
C GLU C 381 -3.71 26.62 32.20
N GLY C 382 -2.75 27.44 32.64
CA GLY C 382 -2.08 28.34 31.74
C GLY C 382 -2.98 29.44 31.21
N HIS C 383 -2.63 29.92 30.02
CA HIS C 383 -3.38 30.99 29.34
C HIS C 383 -3.25 30.76 27.84
N MET C 384 -3.58 31.79 27.06
CA MET C 384 -3.46 31.71 25.60
C MET C 384 -2.40 32.64 25.04
N ASP C 385 -1.69 33.40 25.89
CA ASP C 385 -0.52 34.16 25.49
C ASP C 385 0.78 33.43 25.82
N ASP C 386 0.73 32.11 25.98
CA ASP C 386 1.91 31.34 26.36
C ASP C 386 2.86 31.07 25.21
N ALA C 387 2.47 31.40 23.98
CA ALA C 387 3.39 31.29 22.86
C ALA C 387 4.45 32.38 22.94
N LEU C 388 5.69 32.02 22.63
CA LEU C 388 6.81 32.93 22.77
C LEU C 388 7.72 32.89 21.55
N PHE C 389 8.43 34.00 21.35
CA PHE C 389 9.29 34.24 20.20
C PHE C 389 10.75 34.20 20.66
N LEU C 390 11.60 33.61 19.83
CA LEU C 390 13.03 33.48 20.12
C LEU C 390 13.83 34.40 19.21
N THR C 391 14.91 34.97 19.75
CA THR C 391 15.79 35.85 18.98
C THR C 391 17.17 35.83 19.62
N ARG C 392 18.18 35.47 18.83
CA ARG C 392 19.54 35.43 19.31
C ARG C 392 20.15 36.83 19.37
N CYS C 393 21.33 36.92 19.98
CA CYS C 393 22.02 38.18 20.14
C CYS C 393 23.47 38.03 19.66
N GLN C 394 24.16 39.17 19.58
CA GLN C 394 25.49 39.21 19.00
C GLN C 394 26.51 38.53 19.90
N GLN C 395 27.58 38.03 19.27
CA GLN C 395 28.67 37.44 20.02
C GLN C 395 29.34 38.45 20.95
N GLU C 396 29.28 39.74 20.59
CA GLU C 396 29.82 40.77 21.47
C GLU C 396 29.10 40.78 22.81
N GLU C 397 27.76 40.84 22.78
CA GLU C 397 26.99 40.81 24.02
C GLU C 397 27.12 39.47 24.73
N SER C 398 27.17 38.37 23.95
CA SER C 398 27.33 37.05 24.56
C SER C 398 28.63 36.96 25.35
N GLN C 399 29.72 37.47 24.78
CA GLN C 399 30.99 37.52 25.49
C GLN C 399 30.91 38.45 26.69
N ALA C 400 30.35 39.64 26.50
CA ALA C 400 30.35 40.67 27.54
C ALA C 400 29.59 40.19 28.78
N ALA C 401 28.48 39.49 28.59
CA ALA C 401 27.73 38.97 29.74
C ALA C 401 28.58 37.98 30.53
N ARG C 402 29.32 37.11 29.84
CA ARG C 402 30.17 36.16 30.53
C ARG C 402 31.28 36.86 31.31
N MET C 403 31.90 37.88 30.70
CA MET C 403 32.92 38.63 31.44
C MET C 403 32.31 39.34 32.65
N ILE C 404 31.09 39.86 32.50
CA ILE C 404 30.42 40.51 33.62
C ILE C 404 30.21 39.52 34.76
N HIS C 405 29.73 38.32 34.43
CA HIS C 405 29.50 37.30 35.46
C HIS C 405 30.80 36.92 36.17
N SER C 406 31.85 36.64 35.40
CA SER C 406 33.11 36.23 36.01
C SER C 406 33.71 37.34 36.84
N THR C 407 33.69 38.58 36.34
CA THR C 407 34.24 39.70 37.08
C THR C 407 33.46 39.94 38.38
N ALA C 408 32.13 39.85 38.31
CA ALA C 408 31.33 40.03 39.52
C ALA C 408 31.67 38.97 40.55
N GLY C 409 31.79 37.71 40.14
CA GLY C 409 32.15 36.66 41.08
C GLY C 409 33.51 36.90 41.71
N LEU C 410 34.52 37.19 40.89
CA LEU C 410 35.87 37.38 41.41
C LEU C 410 35.94 38.58 42.36
N TYR C 411 35.29 39.68 41.99
CA TYR C 411 35.36 40.88 42.80
C TYR C 411 34.56 40.73 44.08
N ASN C 412 33.46 39.99 44.06
CA ASN C 412 32.74 39.67 45.28
C ASN C 412 33.61 38.83 46.22
N GLN C 413 34.34 37.86 45.67
CA GLN C 413 35.27 37.10 46.50
C GLN C 413 36.34 38.01 47.09
N PHE C 414 36.86 38.94 46.30
CA PHE C 414 37.88 39.87 46.81
C PHE C 414 37.32 40.74 47.93
N ILE C 415 36.10 41.25 47.77
CA ILE C 415 35.49 42.10 48.80
C ILE C 415 35.24 41.29 50.07
N LYS C 416 34.76 40.05 49.92
CA LYS C 416 34.56 39.20 51.09
C LYS C 416 35.88 38.91 51.79
N GLY C 417 36.95 38.68 51.03
CA GLY C 417 38.25 38.48 51.63
C GLY C 417 38.73 39.69 52.40
N LEU C 418 38.54 40.88 51.85
CA LEU C 418 38.91 42.10 52.56
C LEU C 418 38.11 42.23 53.86
N ASP C 419 36.79 42.04 53.77
CA ASP C 419 35.94 42.16 54.95
C ASP C 419 36.22 41.08 55.99
N SER C 420 36.82 39.96 55.58
CA SER C 420 37.14 38.90 56.53
C SER C 420 38.11 39.40 57.60
N PHE C 421 39.22 40.02 57.18
CA PHE C 421 40.18 40.56 58.13
C PHE C 421 39.91 42.01 58.48
N SER C 422 38.91 42.64 57.86
CA SER C 422 38.54 44.00 58.25
C SER C 422 38.03 44.02 59.69
N GLY C 423 38.64 44.88 60.51
CA GLY C 423 38.27 45.05 61.89
C GLY C 423 39.15 44.34 62.89
N LYS C 424 39.92 43.34 62.45
CA LYS C 424 40.83 42.62 63.34
C LYS C 424 42.22 42.67 62.72
N PRO C 425 43.21 43.25 63.39
CA PRO C 425 44.57 43.31 62.82
C PRO C 425 45.14 41.91 62.63
N ARG C 426 45.90 41.75 61.54
CA ARG C 426 46.58 40.48 61.30
C ARG C 426 47.65 40.22 62.36
N GLY C 427 48.42 41.24 62.71
CA GLY C 427 49.47 41.10 63.69
C GLY C 427 50.56 40.14 63.26
N SER C 428 50.65 39.00 63.93
CA SER C 428 51.67 38.00 63.61
C SER C 428 51.13 36.94 62.64
N GLY C 429 50.06 36.26 63.02
CA GLY C 429 49.48 35.22 62.19
C GLY C 429 48.54 35.77 61.14
N PRO C 430 48.58 35.19 59.94
CA PRO C 430 47.71 35.65 58.85
C PRO C 430 46.25 35.41 59.17
N PRO C 431 45.35 36.16 58.53
CA PRO C 431 43.92 35.95 58.81
C PRO C 431 43.48 34.53 58.47
N ALA C 432 42.53 34.03 59.26
CA ALA C 432 42.07 32.66 59.10
C ALA C 432 41.42 32.43 57.74
N GLY C 433 40.88 33.49 57.12
CA GLY C 433 40.27 33.38 55.82
C GLY C 433 41.27 33.06 54.74
N PRO C 434 40.80 32.50 53.62
CA PRO C 434 41.71 32.18 52.52
C PRO C 434 42.33 33.44 51.94
N ALA C 435 43.53 33.28 51.40
CA ALA C 435 44.26 34.41 50.83
C ALA C 435 43.49 35.01 49.66
N LEU C 436 43.49 36.34 49.60
CA LEU C 436 42.76 37.03 48.54
C LEU C 436 43.44 36.76 47.20
N PRO C 437 42.65 36.57 46.14
CA PRO C 437 43.23 36.32 44.80
C PRO C 437 43.74 37.60 44.15
N ILE C 438 44.82 38.14 44.69
CA ILE C 438 45.32 39.44 44.23
C ILE C 438 45.86 39.33 42.81
N GLU C 439 46.51 38.21 42.48
CA GLU C 439 47.01 38.03 41.12
C GLU C 439 45.87 37.96 40.11
N ALA C 440 44.80 37.24 40.45
CA ALA C 440 43.63 37.20 39.58
C ALA C 440 43.01 38.58 39.45
N VAL C 441 42.95 39.33 40.56
CA VAL C 441 42.37 40.67 40.53
C VAL C 441 43.16 41.58 39.60
N ILE C 442 44.49 41.57 39.72
CA ILE C 442 45.30 42.47 38.90
C ILE C 442 45.24 42.06 37.43
N LEU C 443 45.26 40.75 37.15
CA LEU C 443 45.17 40.31 35.76
C LEU C 443 43.82 40.70 35.15
N SER C 444 42.73 40.51 35.90
CA SER C 444 41.42 40.91 35.40
C SER C 444 41.32 42.41 35.22
N LEU C 445 41.94 43.18 36.12
CA LEU C 445 41.94 44.63 35.98
C LEU C 445 42.66 45.06 34.70
N GLN C 446 43.83 44.46 34.43
CA GLN C 446 44.53 44.80 33.20
C GLN C 446 43.73 44.39 31.97
N ASP C 447 43.09 43.22 32.03
CA ASP C 447 42.26 42.79 30.91
C ASP C 447 41.10 43.75 30.65
N LEU C 448 40.45 44.21 31.72
CA LEU C 448 39.33 45.14 31.56
C LEU C 448 39.81 46.51 31.07
N ILE C 449 40.97 46.97 31.54
CA ILE C 449 41.51 48.23 31.05
C ILE C 449 41.81 48.14 29.56
N GLY C 450 42.39 47.02 29.12
CA GLY C 450 42.60 46.83 27.69
C GLY C 450 41.30 46.72 26.92
N TYR C 451 40.30 46.09 27.53
CA TYR C 451 39.01 45.90 26.87
C TYR C 451 38.30 47.24 26.66
N PHE C 452 38.34 48.12 27.66
CA PHE C 452 37.79 49.47 27.54
C PHE C 452 38.93 50.41 27.15
N GLU C 453 39.18 50.53 25.84
CA GLU C 453 40.25 51.38 25.34
C GLU C 453 39.70 52.29 24.25
N PRO C 454 39.98 53.59 24.32
CA PRO C 454 39.46 54.50 23.30
C PRO C 454 40.07 54.18 21.94
N PRO C 455 39.32 54.40 20.87
CA PRO C 455 39.87 54.17 19.53
C PRO C 455 41.01 55.11 19.21
N SER C 456 41.94 54.62 18.38
CA SER C 456 43.07 55.44 17.96
C SER C 456 42.62 56.54 17.00
N GLU C 457 43.22 57.72 17.14
CA GLU C 457 42.86 58.85 16.29
C GLU C 457 43.37 58.69 14.87
N GLU C 458 44.42 57.87 14.66
CA GLU C 458 44.95 57.63 13.33
C GLU C 458 44.00 56.84 12.45
N LEU C 459 42.97 56.21 13.03
CA LEU C 459 42.03 55.42 12.27
C LEU C 459 41.18 56.31 11.37
N GLN C 460 40.59 55.70 10.34
CA GLN C 460 39.68 56.42 9.47
C GLN C 460 38.43 56.83 10.23
N HIS C 461 37.72 57.82 9.69
CA HIS C 461 36.59 58.40 10.40
C HIS C 461 35.48 57.37 10.64
N GLU C 462 35.14 56.60 9.61
CA GLU C 462 34.04 55.64 9.72
C GLU C 462 34.36 54.54 10.73
N GLU C 463 35.54 53.94 10.61
CA GLU C 463 35.93 52.86 11.51
C GLU C 463 36.07 53.38 12.93
N LYS C 464 36.60 54.60 13.09
CA LYS C 464 36.71 55.20 14.41
C LYS C 464 35.34 55.42 15.03
N GLN C 465 34.37 55.89 14.24
CA GLN C 465 33.02 56.08 14.77
C GLN C 465 32.40 54.74 15.16
N SER C 466 32.62 53.70 14.35
CA SER C 466 32.10 52.38 14.70
C SER C 466 32.70 51.88 16.01
N LYS C 467 34.01 52.06 16.19
CA LYS C 467 34.65 51.65 17.43
C LYS C 467 34.13 52.46 18.62
N LEU C 468 33.86 53.75 18.40
CA LEU C 468 33.29 54.57 19.46
C LEU C 468 31.91 54.05 19.87
N ARG C 469 31.07 53.70 18.90
CA ARG C 469 29.76 53.14 19.22
C ARG C 469 29.91 51.83 19.99
N SER C 470 30.83 50.96 19.55
CA SER C 470 31.03 49.70 20.25
C SER C 470 31.47 49.93 21.70
N LEU C 471 32.43 50.83 21.90
CA LEU C 471 32.89 51.11 23.26
C LEU C 471 31.79 51.70 24.10
N ARG C 472 30.98 52.59 23.53
CA ARG C 472 29.89 53.20 24.28
C ARG C 472 28.88 52.16 24.73
N ASN C 473 28.50 51.24 23.84
CA ASN C 473 27.51 50.25 24.24
C ASN C 473 28.08 49.25 25.24
N ARG C 474 29.37 48.91 25.11
CA ARG C 474 29.98 48.03 26.10
C ARG C 474 30.01 48.69 27.48
N GLN C 475 30.39 49.97 27.54
CA GLN C 475 30.37 50.70 28.81
C GLN C 475 28.96 50.76 29.38
N SER C 476 27.97 51.00 28.51
CA SER C 476 26.58 51.03 28.98
C SER C 476 26.16 49.69 29.57
N LEU C 477 26.52 48.59 28.91
CA LEU C 477 26.15 47.27 29.42
C LEU C 477 26.79 47.01 30.78
N PHE C 478 28.07 47.32 30.92
CA PHE C 478 28.73 47.09 32.21
C PHE C 478 28.14 47.98 33.30
N GLN C 479 27.86 49.24 33.01
CA GLN C 479 27.35 50.13 34.05
C GLN C 479 25.92 49.77 34.44
N GLU C 480 25.11 49.29 33.50
CA GLU C 480 23.76 48.87 33.86
C GLU C 480 23.78 47.56 34.64
N GLU C 481 24.71 46.66 34.32
CA GLU C 481 24.86 45.46 35.14
C GLU C 481 25.46 45.77 36.50
N GLY C 482 26.09 46.92 36.66
CA GLY C 482 26.50 47.39 37.97
C GLY C 482 27.94 47.17 38.34
N MET C 483 28.83 46.95 37.36
CA MET C 483 30.24 46.79 37.68
C MET C 483 30.84 48.06 38.26
N LEU C 484 30.30 49.22 37.90
CA LEU C 484 30.84 50.48 38.40
C LEU C 484 30.67 50.59 39.92
N SER C 485 29.49 50.23 40.42
CA SER C 485 29.28 50.26 41.88
C SER C 485 30.20 49.27 42.58
N LEU C 486 30.42 48.11 41.97
CA LEU C 486 31.33 47.12 42.54
C LEU C 486 32.75 47.66 42.61
N VAL C 487 33.20 48.35 41.56
CA VAL C 487 34.53 48.95 41.55
C VAL C 487 34.63 50.01 42.64
N LEU C 488 33.60 50.85 42.77
CA LEU C 488 33.61 51.87 43.82
C LEU C 488 33.65 51.24 45.21
N ASN C 489 32.92 50.14 45.41
CA ASN C 489 32.96 49.46 46.70
C ASN C 489 34.35 48.91 46.99
N CYS C 490 35.01 48.34 45.98
CA CYS C 490 36.38 47.87 46.17
C CYS C 490 37.32 49.02 46.51
N ILE C 491 37.14 50.16 45.83
CA ILE C 491 37.98 51.32 46.10
C ILE C 491 37.78 51.81 47.54
N ASP C 492 36.53 51.82 48.01
CA ASP C 492 36.27 52.21 49.40
C ASP C 492 36.92 51.21 50.36
N ARG C 493 36.81 49.92 50.06
CA ARG C 493 37.40 48.90 50.94
C ARG C 493 38.90 49.10 51.06
N LEU C 494 39.58 49.40 49.95
CA LEU C 494 41.02 49.61 50.02
C LEU C 494 41.39 50.95 50.63
N ASN C 495 40.61 51.99 50.37
CA ASN C 495 40.88 53.30 50.98
C ASN C 495 40.58 53.33 52.46
N VAL C 496 39.90 52.32 53.00
CA VAL C 496 39.76 52.20 54.45
C VAL C 496 41.14 52.20 55.10
N TYR C 497 42.12 51.57 54.47
CA TYR C 497 43.49 51.53 54.97
C TYR C 497 44.29 52.67 54.36
N THR C 498 45.07 53.36 55.19
CA THR C 498 45.77 54.56 54.74
C THR C 498 46.97 54.21 53.87
N THR C 499 47.76 53.21 54.25
CA THR C 499 49.01 52.93 53.59
C THR C 499 49.22 51.42 53.46
N ALA C 500 50.20 51.06 52.64
CA ALA C 500 50.55 49.65 52.46
C ALA C 500 51.04 49.02 53.75
N ALA C 501 51.68 49.80 54.62
CA ALA C 501 52.10 49.29 55.92
C ALA C 501 50.88 48.87 56.75
N HIS C 502 49.85 49.71 56.78
CA HIS C 502 48.63 49.36 57.49
C HIS C 502 47.95 48.16 56.86
N PHE C 503 47.89 48.13 55.53
CA PHE C 503 47.25 47.00 54.86
C PHE C 503 48.03 45.71 55.07
N ALA C 504 49.35 45.81 55.32
CA ALA C 504 50.12 44.64 55.71
C ALA C 504 49.84 44.23 57.15
N GLU C 505 49.75 45.21 58.06
CA GLU C 505 49.42 44.90 59.45
C GLU C 505 48.07 44.22 59.56
N TYR C 506 47.18 44.48 58.61
CA TYR C 506 45.87 43.81 58.63
C TYR C 506 45.76 42.62 57.68
N ALA C 507 46.68 42.47 56.73
CA ALA C 507 46.57 41.37 55.77
C ALA C 507 47.88 40.65 55.48
N GLY C 508 49.03 41.18 55.87
CA GLY C 508 50.28 40.52 55.58
C GLY C 508 51.07 41.23 54.49
N GLU C 509 52.40 41.09 54.54
CA GLU C 509 53.25 41.78 53.58
C GLU C 509 53.09 41.20 52.17
N GLU C 510 52.94 39.89 52.06
CA GLU C 510 52.78 39.27 50.75
C GLU C 510 51.51 39.74 50.05
N ALA C 511 50.49 40.13 50.82
CA ALA C 511 49.27 40.69 50.27
C ALA C 511 49.36 42.19 50.05
N ALA C 512 50.10 42.90 50.91
CA ALA C 512 50.23 44.35 50.79
C ALA C 512 51.24 44.78 49.74
N GLU C 513 52.05 43.85 49.22
CA GLU C 513 53.01 44.21 48.19
C GLU C 513 52.31 44.76 46.94
N SER C 514 51.07 44.36 46.68
CA SER C 514 50.34 44.78 45.49
C SER C 514 49.24 45.80 45.79
N TRP C 515 49.23 46.39 46.98
CA TRP C 515 48.14 47.28 47.38
C TRP C 515 48.08 48.52 46.49
N LYS C 516 49.20 49.22 46.32
CA LYS C 516 49.22 50.43 45.51
C LYS C 516 48.90 50.12 44.05
N GLU C 517 49.44 49.01 43.54
CA GLU C 517 49.16 48.63 42.16
C GLU C 517 47.68 48.34 41.96
N ILE C 518 47.05 47.64 42.91
CA ILE C 518 45.62 47.36 42.80
C ILE C 518 44.82 48.65 42.83
N VAL C 519 45.19 49.58 43.71
CA VAL C 519 44.45 50.85 43.81
C VAL C 519 44.56 51.62 42.50
N ASN C 520 45.77 51.70 41.95
CA ASN C 520 45.97 52.42 40.69
C ASN C 520 45.20 51.77 39.55
N LEU C 521 45.20 50.44 39.49
CA LEU C 521 44.46 49.74 38.46
C LEU C 521 42.96 49.98 38.58
N LEU C 522 42.45 50.01 39.82
CA LEU C 522 41.03 50.29 40.02
C LEU C 522 40.67 51.70 39.55
N TYR C 523 41.49 52.69 39.90
CA TYR C 523 41.21 54.05 39.45
C TYR C 523 41.27 54.15 37.92
N GLU C 524 42.26 53.49 37.31
CA GLU C 524 42.35 53.51 35.85
C GLU C 524 41.15 52.84 35.20
N LEU C 525 40.68 51.74 35.78
CA LEU C 525 39.50 51.07 35.25
C LEU C 525 38.26 51.95 35.37
N LEU C 526 38.11 52.64 36.50
CA LEU C 526 36.98 53.56 36.65
C LEU C 526 37.04 54.68 35.62
N ALA C 527 38.23 55.24 35.39
CA ALA C 527 38.39 56.29 34.39
C ALA C 527 38.05 55.76 33.00
N SER C 528 38.48 54.54 32.68
CA SER C 528 38.15 53.96 31.38
C SER C 528 36.65 53.74 31.24
N LEU C 529 36.01 53.28 32.31
CA LEU C 529 34.56 53.03 32.26
C LEU C 529 33.78 54.32 32.04
N ILE C 530 34.16 55.39 32.74
CA ILE C 530 33.37 56.62 32.67
C ILE C 530 33.82 57.58 31.58
N ARG C 531 34.96 57.33 30.94
CA ARG C 531 35.50 58.29 29.98
C ARG C 531 34.65 58.32 28.72
N GLY C 532 34.16 59.50 28.36
CA GLY C 532 33.46 59.69 27.11
C GLY C 532 31.99 59.35 27.12
N ASN C 533 31.46 58.83 28.23
CA ASN C 533 30.05 58.46 28.32
C ASN C 533 29.35 59.47 29.21
N ARG C 534 28.48 60.29 28.61
CA ARG C 534 27.79 61.32 29.37
C ARG C 534 26.86 60.71 30.41
N ALA C 535 26.15 59.64 30.05
CA ALA C 535 25.25 58.99 31.00
C ALA C 535 26.01 58.43 32.19
N ASN C 536 27.17 57.80 31.94
CA ASN C 536 27.97 57.27 33.03
C ASN C 536 28.53 58.39 33.90
N CYS C 537 28.97 59.49 33.28
CA CYS C 537 29.51 60.61 34.04
C CYS C 537 28.43 61.27 34.90
N ALA C 538 27.20 61.33 34.40
CA ALA C 538 26.13 61.97 35.14
C ALA C 538 25.78 61.23 36.43
N LEU C 539 26.15 59.95 36.54
CA LEU C 539 25.89 59.19 37.75
C LEU C 539 26.71 59.64 38.94
N PHE C 540 27.73 60.49 38.73
CA PHE C 540 28.61 60.95 39.79
C PHE C 540 28.12 62.21 40.46
N SER C 541 26.92 62.69 40.12
CA SER C 541 26.43 63.94 40.68
C SER C 541 26.33 63.88 42.20
N THR C 542 26.09 62.70 42.76
CA THR C 542 26.05 62.52 44.20
C THR C 542 27.36 62.01 44.77
N ASN C 543 28.40 61.87 43.94
CA ASN C 543 29.70 61.40 44.39
C ASN C 543 30.79 62.46 44.23
N LEU C 544 30.40 63.74 44.18
CA LEU C 544 31.39 64.80 44.09
C LEU C 544 32.30 64.82 45.31
N ASP C 545 31.72 64.66 46.50
CA ASP C 545 32.54 64.55 47.71
C ASP C 545 33.43 63.33 47.65
N TRP C 546 32.89 62.21 47.14
CA TRP C 546 33.68 60.98 47.03
C TRP C 546 34.91 61.18 46.16
N VAL C 547 34.75 61.87 45.02
CA VAL C 547 35.88 62.07 44.11
C VAL C 547 36.75 63.26 44.50
N VAL C 548 36.28 64.13 45.38
CA VAL C 548 37.07 65.30 45.78
C VAL C 548 37.91 65.02 47.02
N SER C 549 37.33 64.35 48.03
CA SER C 549 38.05 64.12 49.27
C SER C 549 39.25 63.19 49.10
N LYS C 550 39.33 62.47 47.99
CA LYS C 550 40.43 61.55 47.74
C LYS C 550 41.55 62.17 46.91
N LEU C 551 41.43 63.46 46.56
CA LEU C 551 42.48 64.12 45.79
C LEU C 551 43.75 64.32 46.61
N ASP C 552 43.65 64.34 47.94
CA ASP C 552 44.80 64.57 48.80
C ASP C 552 45.61 63.31 49.05
N ARG C 553 45.08 62.13 48.71
CA ARG C 553 45.82 60.89 48.94
C ARG C 553 47.00 60.80 47.99
N LEU C 554 48.15 60.39 48.54
CA LEU C 554 49.39 60.40 47.76
C LEU C 554 49.36 59.38 46.63
N GLU C 555 48.78 58.22 46.87
CA GLU C 555 48.72 57.17 45.86
C GLU C 555 47.61 57.46 44.85
N ALA C 556 47.89 57.17 43.57
CA ALA C 556 46.92 57.31 42.49
C ALA C 556 46.37 58.74 42.38
N SER C 557 47.21 59.73 42.70
CA SER C 557 46.79 61.11 42.56
C SER C 557 46.49 61.45 41.10
N SER C 558 47.35 60.99 40.18
CA SER C 558 47.08 61.19 38.76
C SER C 558 45.80 60.51 38.33
N GLY C 559 45.55 59.30 38.84
CA GLY C 559 44.33 58.59 38.47
C GLY C 559 43.08 59.29 38.95
N ILE C 560 43.07 59.75 40.20
CA ILE C 560 41.89 60.42 40.72
C ILE C 560 41.69 61.78 40.03
N LEU C 561 42.79 62.47 39.71
CA LEU C 561 42.69 63.71 38.95
C LEU C 561 42.11 63.46 37.56
N GLU C 562 42.52 62.38 36.90
CA GLU C 562 41.98 62.04 35.60
C GLU C 562 40.50 61.70 35.70
N VAL C 563 40.11 60.99 36.75
CA VAL C 563 38.69 60.68 36.95
C VAL C 563 37.87 61.96 37.09
N LEU C 564 38.36 62.89 37.93
CA LEU C 564 37.67 64.15 38.10
C LEU C 564 37.58 64.93 36.79
N TYR C 565 38.68 64.95 36.02
CA TYR C 565 38.68 65.65 34.74
C TYR C 565 37.66 65.04 33.79
N CYS C 566 37.59 63.71 33.73
CA CYS C 566 36.64 63.05 32.85
C CYS C 566 35.21 63.35 33.24
N VAL C 567 34.93 63.38 34.55
CA VAL C 567 33.57 63.73 35.00
C VAL C 567 33.25 65.17 34.61
N LEU C 568 34.19 66.09 34.84
CA LEU C 568 33.90 67.51 34.66
C LEU C 568 33.74 67.87 33.18
N ILE C 569 34.58 67.32 32.30
CA ILE C 569 34.50 67.68 30.89
C ILE C 569 33.32 67.05 30.19
N GLU C 570 32.53 66.24 30.89
CA GLU C 570 31.40 65.55 30.26
C GLU C 570 30.05 65.86 30.91
N SER C 571 30.00 66.10 32.22
CA SER C 571 28.73 66.34 32.87
C SER C 571 28.52 67.82 33.11
N PRO C 572 27.58 68.47 32.42
CA PRO C 572 27.21 69.85 32.78
C PRO C 572 26.44 69.95 34.09
N GLU C 573 25.92 68.83 34.60
CA GLU C 573 25.12 68.87 35.82
C GLU C 573 25.98 69.09 37.06
N VAL C 574 27.18 68.47 37.10
CA VAL C 574 28.02 68.56 38.29
C VAL C 574 28.55 69.98 38.47
N LEU C 575 28.67 70.75 37.38
CA LEU C 575 29.15 72.12 37.49
C LEU C 575 28.15 73.02 38.20
N ASN C 576 26.87 72.66 38.20
CA ASN C 576 25.88 73.37 39.01
C ASN C 576 25.90 72.92 40.47
N ILE C 577 26.67 71.88 40.78
CA ILE C 577 26.83 71.41 42.16
C ILE C 577 28.20 71.79 42.74
N ILE C 578 29.16 72.16 41.90
CA ILE C 578 30.47 72.59 42.39
C ILE C 578 30.30 73.76 43.36
N GLN C 579 31.00 73.71 44.49
CA GLN C 579 30.90 74.71 45.53
C GLN C 579 32.27 75.30 45.86
N GLU C 580 32.25 76.29 46.75
CA GLU C 580 33.47 77.02 47.10
C GLU C 580 34.48 76.10 47.77
N ASN C 581 34.03 75.23 48.67
CA ASN C 581 34.96 74.29 49.30
C ASN C 581 35.55 73.33 48.29
N HIS C 582 34.75 72.91 47.31
CA HIS C 582 35.27 72.06 46.23
C HIS C 582 36.38 72.78 45.47
N ILE C 583 36.15 74.06 45.12
CA ILE C 583 37.15 74.80 44.37
C ILE C 583 38.41 75.01 45.20
N LYS C 584 38.24 75.29 46.50
CA LYS C 584 39.40 75.44 47.37
C LYS C 584 40.20 74.15 47.47
N SER C 585 39.50 73.02 47.56
CA SER C 585 40.20 71.73 47.59
C SER C 585 40.95 71.48 46.29
N ILE C 586 40.37 71.87 45.16
CA ILE C 586 41.05 71.72 43.87
C ILE C 586 42.31 72.59 43.83
N ILE C 587 42.20 73.84 44.30
CA ILE C 587 43.35 74.74 44.30
C ILE C 587 44.43 74.25 45.26
N SER C 588 44.02 73.54 46.32
CA SER C 588 45.00 72.95 47.24
C SER C 588 45.93 71.97 46.53
N LEU C 589 45.50 71.39 45.40
CA LEU C 589 46.40 70.53 44.63
C LEU C 589 47.58 71.32 44.08
N LEU C 590 47.31 72.48 43.47
CA LEU C 590 48.38 73.35 43.03
C LEU C 590 49.21 73.84 44.20
N ASP C 591 48.55 74.15 45.32
CA ASP C 591 49.26 74.68 46.48
C ASP C 591 50.23 73.65 47.05
N LYS C 592 49.85 72.37 47.08
CA LYS C 592 50.60 71.35 47.80
C LYS C 592 51.37 70.39 46.91
N HIS C 593 50.89 70.10 45.70
CA HIS C 593 51.56 69.11 44.86
C HIS C 593 52.58 69.71 43.91
N GLY C 594 52.33 70.92 43.43
CA GLY C 594 53.25 71.58 42.53
C GLY C 594 52.52 72.34 41.45
N ARG C 595 53.26 72.77 40.45
CA ARG C 595 52.73 73.57 39.34
C ARG C 595 52.41 72.62 38.19
N ASN C 596 51.18 72.13 38.17
CA ASN C 596 50.72 71.19 37.15
C ASN C 596 49.63 71.87 36.31
N HIS C 597 49.82 71.85 34.98
CA HIS C 597 48.87 72.49 34.09
C HIS C 597 47.55 71.74 34.01
N LYS C 598 47.51 70.48 34.45
CA LYS C 598 46.25 69.75 34.44
C LYS C 598 45.23 70.34 35.40
N VAL C 599 45.69 70.86 36.54
CA VAL C 599 44.78 71.54 37.46
C VAL C 599 44.20 72.79 36.81
N LEU C 600 45.03 73.52 36.07
CA LEU C 600 44.53 74.68 35.34
C LEU C 600 43.50 74.28 34.29
N ASP C 601 43.73 73.16 33.61
CA ASP C 601 42.74 72.65 32.66
C ASP C 601 41.43 72.30 33.36
N VAL C 602 41.52 71.71 34.55
CA VAL C 602 40.33 71.40 35.33
C VAL C 602 39.57 72.69 35.68
N LEU C 603 40.28 73.72 36.10
CA LEU C 603 39.64 74.99 36.41
C LEU C 603 38.98 75.60 35.17
N CYS C 604 39.66 75.53 34.03
CA CYS C 604 39.08 76.02 32.79
C CYS C 604 37.80 75.27 32.45
N SER C 605 37.80 73.95 32.66
CA SER C 605 36.58 73.17 32.43
C SER C 605 35.47 73.60 33.38
N LEU C 606 35.82 73.92 34.63
CA LEU C 606 34.83 74.40 35.58
C LEU C 606 34.22 75.73 35.13
N CYS C 607 35.05 76.62 34.56
CA CYS C 607 34.56 77.96 34.22
C CYS C 607 33.38 77.90 33.24
N VAL C 608 33.61 77.40 32.04
CA VAL C 608 32.63 77.45 30.96
C VAL C 608 32.37 76.03 30.45
N CYS C 609 31.09 75.72 30.23
CA CYS C 609 30.70 74.40 29.72
C CYS C 609 29.67 74.57 28.61
N ASN C 610 29.97 74.00 27.45
CA ASN C 610 29.03 73.92 26.32
C ASN C 610 28.49 75.29 25.93
N GLY C 611 29.37 76.29 25.92
CA GLY C 611 28.96 77.62 25.53
C GLY C 611 28.13 78.36 26.55
N VAL C 612 28.05 77.87 27.78
CA VAL C 612 27.28 78.51 28.85
C VAL C 612 28.25 78.83 29.98
N ALA C 613 28.20 80.07 30.46
CA ALA C 613 29.14 80.55 31.46
C ALA C 613 28.53 80.40 32.86
N VAL C 614 29.30 79.82 33.77
CA VAL C 614 28.89 79.67 35.16
C VAL C 614 29.52 80.82 35.95
N ARG C 615 28.72 81.86 36.18
CA ARG C 615 29.22 83.06 36.83
C ARG C 615 29.73 82.76 38.24
N SER C 616 29.02 81.89 38.97
CA SER C 616 29.45 81.56 40.32
C SER C 616 30.82 80.90 40.31
N ASN C 617 31.03 79.93 39.41
CA ASN C 617 32.32 79.27 39.33
C ASN C 617 33.42 80.25 38.94
N GLN C 618 33.16 81.10 37.95
CA GLN C 618 34.19 82.07 37.54
C GLN C 618 34.55 83.00 38.69
N ASP C 619 33.54 83.50 39.42
CA ASP C 619 33.81 84.42 40.53
C ASP C 619 34.58 83.73 41.64
N LEU C 620 34.21 82.48 41.97
CA LEU C 620 34.91 81.78 43.04
C LEU C 620 36.37 81.52 42.65
N ILE C 621 36.61 81.06 41.42
CA ILE C 621 37.98 80.82 40.98
C ILE C 621 38.79 82.11 41.02
N THR C 622 38.20 83.21 40.51
CA THR C 622 38.90 84.48 40.52
C THR C 622 39.26 84.90 41.93
N GLU C 623 38.28 84.91 42.84
CA GLU C 623 38.52 85.40 44.19
C GLU C 623 39.49 84.52 44.98
N ASN C 624 39.49 83.20 44.72
CA ASN C 624 40.37 82.32 45.46
C ASN C 624 41.72 82.09 44.79
N LEU C 625 41.94 82.61 43.59
CA LEU C 625 43.24 82.44 42.93
C LEU C 625 43.96 83.75 42.69
N LEU C 626 43.31 84.72 42.04
CA LEU C 626 44.02 85.93 41.60
C LEU C 626 44.56 86.78 42.75
N PRO C 627 43.79 87.11 43.80
CA PRO C 627 44.27 88.10 44.78
C PRO C 627 45.58 87.73 45.45
N GLY C 628 45.87 86.44 45.64
CA GLY C 628 47.06 86.05 46.36
C GLY C 628 48.34 86.46 45.65
N ARG C 629 48.32 86.52 44.32
CA ARG C 629 49.51 86.79 43.51
C ARG C 629 50.63 85.82 43.86
N GLU C 630 50.26 84.57 44.07
CA GLU C 630 51.19 83.48 44.31
C GLU C 630 50.72 82.28 43.51
N LEU C 631 51.60 81.27 43.39
CA LEU C 631 51.39 80.06 42.63
C LEU C 631 51.25 80.32 41.14
N LEU C 632 51.35 81.57 40.69
CA LEU C 632 51.26 81.94 39.28
C LEU C 632 52.37 82.94 38.98
N LEU C 633 53.02 82.77 37.83
CA LEU C 633 54.09 83.66 37.44
C LEU C 633 53.54 85.05 37.11
N GLN C 634 54.25 86.07 37.55
CA GLN C 634 53.86 87.46 37.34
C GLN C 634 54.65 88.06 36.18
N THR C 635 54.06 89.05 35.52
CA THR C 635 54.70 89.75 34.42
C THR C 635 54.58 91.26 34.63
N ASN C 636 55.62 91.98 34.22
CA ASN C 636 55.64 93.43 34.32
C ASN C 636 56.78 93.95 33.47
N LEU C 637 56.73 95.25 33.18
CA LEU C 637 57.76 95.92 32.39
C LEU C 637 58.71 96.66 33.32
N ILE C 638 60.02 96.49 33.09
CA ILE C 638 61.04 97.12 33.91
C ILE C 638 62.04 97.83 32.99
N ASN C 639 62.97 98.54 33.61
CA ASN C 639 63.98 99.30 32.89
C ASN C 639 65.33 98.59 32.97
N TYR C 640 66.25 99.05 32.13
CA TYR C 640 67.63 98.57 32.13
C TYR C 640 68.48 99.52 32.96
N VAL C 641 69.24 98.96 33.91
CA VAL C 641 70.07 99.72 34.82
C VAL C 641 71.51 99.27 34.64
N THR C 642 72.41 100.23 34.44
CA THR C 642 73.83 99.95 34.27
C THR C 642 74.62 100.57 35.41
N SER C 643 75.91 100.23 35.49
CA SER C 643 76.75 100.62 36.61
C SER C 643 78.14 100.98 36.10
N ILE C 644 78.71 102.04 36.70
CA ILE C 644 80.03 102.55 36.31
C ILE C 644 80.85 102.80 37.58
N ARG C 645 82.11 102.41 37.54
CA ARG C 645 83.06 102.65 38.63
C ARG C 645 84.17 103.59 38.19
N PRO C 646 84.92 104.14 39.15
CA PRO C 646 86.01 105.07 38.81
C PRO C 646 87.40 104.46 38.71
N ASN C 647 87.50 103.12 38.75
CA ASN C 647 88.79 102.42 38.62
C ASN C 647 89.74 102.76 39.78
N ILE C 648 89.20 102.80 41.00
CA ILE C 648 89.98 103.04 42.20
C ILE C 648 89.61 101.97 43.22
N PHE C 649 90.51 101.02 43.43
CA PHE C 649 90.28 99.92 44.37
C PHE C 649 91.07 100.15 45.64
N VAL C 650 90.39 100.10 46.78
CA VAL C 650 91.01 100.31 48.09
C VAL C 650 90.53 99.25 49.06
N GLY C 651 91.31 99.04 50.11
CA GLY C 651 90.98 98.05 51.11
C GLY C 651 92.03 98.02 52.18
N ARG C 652 91.98 96.99 53.02
CA ARG C 652 92.98 96.84 54.06
C ARG C 652 93.17 95.36 54.39
N ALA C 653 94.33 95.05 54.97
CA ALA C 653 94.66 93.72 55.45
C ALA C 653 95.84 93.86 56.41
N GLU C 654 96.31 92.72 56.93
CA GLU C 654 97.45 92.73 57.83
C GLU C 654 98.73 92.98 57.04
N GLY C 655 99.38 94.11 57.33
CA GLY C 655 100.61 94.46 56.65
C GLY C 655 100.45 95.14 55.31
N SER C 656 99.24 95.61 54.98
CA SER C 656 99.01 96.25 53.70
C SER C 656 99.68 97.63 53.65
N THR C 657 99.91 98.10 52.43
CA THR C 657 100.55 99.39 52.18
C THR C 657 99.56 100.48 51.84
N GLN C 658 98.26 100.23 52.00
CA GLN C 658 97.22 101.18 51.60
C GLN C 658 96.76 102.01 52.79
N TYR C 659 95.94 103.00 52.49
CA TYR C 659 95.39 103.91 53.49
C TYR C 659 93.95 103.51 53.82
N GLY C 660 93.58 103.67 55.09
CA GLY C 660 92.31 103.19 55.58
C GLY C 660 91.16 104.18 55.58
N LYS C 661 91.31 105.34 54.94
CA LYS C 661 90.27 106.35 54.90
C LYS C 661 90.20 106.95 53.51
N TRP C 662 89.00 107.07 52.95
CA TRP C 662 88.86 107.60 51.61
C TRP C 662 87.59 108.44 51.49
N TYR C 663 87.54 109.23 50.42
CA TYR C 663 86.50 110.24 50.26
C TYR C 663 86.43 110.64 48.80
N PHE C 664 85.21 110.72 48.25
CA PHE C 664 85.05 111.14 46.86
C PHE C 664 83.72 111.87 46.69
N GLU C 665 83.53 112.41 45.49
CA GLU C 665 82.47 113.37 45.19
C GLU C 665 81.83 113.06 43.84
N VAL C 666 80.50 113.13 43.78
CA VAL C 666 79.77 112.96 42.52
C VAL C 666 78.68 114.02 42.45
N MET C 667 78.58 114.70 41.31
CA MET C 667 77.58 115.73 41.13
C MET C 667 76.67 115.39 39.97
N VAL C 668 75.43 115.86 40.04
CA VAL C 668 74.39 115.53 39.06
C VAL C 668 74.07 116.77 38.24
N ASP C 669 74.03 116.62 36.91
CA ASP C 669 73.72 117.73 36.02
C ASP C 669 72.30 117.67 35.48
N GLU C 670 71.92 116.55 34.87
CA GLU C 670 70.61 116.41 34.24
C GLU C 670 69.93 115.14 34.73
N VAL C 671 68.66 115.26 35.11
CA VAL C 671 67.82 114.13 35.48
C VAL C 671 66.45 114.33 34.85
N VAL C 672 65.95 113.29 34.18
CA VAL C 672 64.63 113.34 33.58
C VAL C 672 63.73 112.33 34.30
N PRO C 673 62.98 112.76 35.31
CA PRO C 673 62.16 111.81 36.06
C PRO C 673 61.01 111.25 35.24
N PHE C 674 60.62 110.02 35.58
CA PHE C 674 59.43 109.38 35.03
C PHE C 674 59.48 109.27 33.51
N LEU C 675 60.68 109.13 32.95
CA LEU C 675 60.82 108.83 31.54
C LEU C 675 60.52 107.35 31.31
N THR C 676 59.80 107.06 30.23
CA THR C 676 59.34 105.70 29.91
C THR C 676 58.52 105.09 31.05
N ALA C 677 57.69 105.93 31.67
CA ALA C 677 56.68 105.47 32.63
C ALA C 677 57.28 104.70 33.80
N GLN C 678 58.50 105.06 34.21
CA GLN C 678 59.14 104.40 35.33
C GLN C 678 60.13 105.38 35.96
N ALA C 679 60.21 105.35 37.29
CA ALA C 679 61.10 106.26 38.00
C ALA C 679 62.54 106.01 37.60
N THR C 680 63.27 107.09 37.31
CA THR C 680 64.66 106.98 36.89
C THR C 680 65.52 106.47 38.04
N HIS C 681 66.39 105.51 37.73
CA HIS C 681 67.30 104.93 38.71
C HIS C 681 68.56 105.77 38.81
N LEU C 682 68.97 106.09 40.04
CA LEU C 682 70.20 106.84 40.25
C LEU C 682 70.65 106.61 41.69
N ARG C 683 71.76 105.89 41.86
CA ARG C 683 72.33 105.63 43.18
C ARG C 683 73.84 105.76 43.11
N VAL C 684 74.43 106.29 44.18
CA VAL C 684 75.87 106.50 44.30
C VAL C 684 76.34 105.84 45.59
N GLY C 685 77.45 105.11 45.52
CA GLY C 685 77.99 104.49 46.72
C GLY C 685 79.26 103.72 46.51
N TRP C 686 79.50 102.72 47.36
CA TRP C 686 80.65 101.85 47.26
C TRP C 686 80.21 100.44 46.87
N ALA C 687 81.19 99.61 46.52
CA ALA C 687 80.93 98.24 46.11
C ALA C 687 82.15 97.39 46.42
N LEU C 688 81.96 96.08 46.39
CA LEU C 688 83.01 95.12 46.70
C LEU C 688 83.37 94.33 45.44
N THR C 689 84.66 94.13 45.23
CA THR C 689 85.12 93.45 44.01
C THR C 689 84.70 91.98 44.00
N GLU C 690 84.55 91.36 45.17
CA GLU C 690 84.33 89.92 45.24
C GLU C 690 82.94 89.55 44.72
N GLY C 691 81.91 90.26 45.18
CA GLY C 691 80.55 89.82 44.93
C GLY C 691 79.71 90.71 44.04
N TYR C 692 80.05 91.99 43.93
CA TYR C 692 79.24 92.90 43.14
C TYR C 692 79.45 92.66 41.66
N SER C 693 78.64 91.78 41.07
CA SER C 693 78.73 91.43 39.65
C SER C 693 77.34 91.52 39.04
N PRO C 694 76.86 92.73 38.76
CA PRO C 694 75.53 92.88 38.16
C PRO C 694 75.54 92.48 36.68
N TYR C 695 74.36 92.12 36.20
CA TYR C 695 74.17 91.70 34.81
C TYR C 695 73.03 92.48 34.19
N PRO C 696 73.03 92.64 32.87
CA PRO C 696 71.95 93.42 32.21
C PRO C 696 70.57 92.80 32.37
N GLY C 697 70.48 91.51 32.71
CA GLY C 697 69.19 90.86 32.84
C GLY C 697 68.45 91.29 34.08
N GLY C 698 67.39 90.55 34.38
CA GLY C 698 66.55 90.85 35.52
C GLY C 698 67.23 90.60 36.86
N GLY C 699 67.47 89.33 37.17
CA GLY C 699 68.12 88.99 38.42
C GLY C 699 67.19 88.96 39.62
N GLU C 700 67.69 89.35 40.78
CA GLU C 700 66.92 89.28 42.01
C GLU C 700 65.82 90.33 42.04
N GLY C 701 64.84 90.11 42.90
CA GLY C 701 63.71 91.02 43.01
C GLY C 701 62.91 91.05 41.72
N TRP C 702 62.48 92.25 41.34
CA TRP C 702 61.78 92.45 40.07
C TRP C 702 62.71 92.87 38.95
N GLY C 703 64.01 92.93 39.19
CA GLY C 703 64.98 93.30 38.18
C GLY C 703 65.55 94.69 38.41
N GLY C 704 66.38 95.11 37.47
CA GLY C 704 67.00 96.41 37.52
C GLY C 704 67.90 96.62 38.73
N ASN C 705 68.74 95.62 39.01
CA ASN C 705 69.61 95.69 40.18
C ASN C 705 70.69 96.76 39.99
N GLY C 706 70.91 97.55 41.03
CA GLY C 706 71.93 98.57 41.06
C GLY C 706 72.73 98.49 42.34
N VAL C 707 73.13 99.66 42.84
CA VAL C 707 73.89 99.74 44.08
C VAL C 707 72.93 99.53 45.25
N GLY C 708 73.31 98.64 46.17
CA GLY C 708 72.50 98.37 47.34
C GLY C 708 71.51 97.23 47.19
N ASP C 709 71.37 96.66 46.00
CA ASP C 709 70.50 95.50 45.80
C ASP C 709 71.20 94.19 46.07
N ASP C 710 72.27 94.22 46.86
CA ASP C 710 73.04 93.02 47.20
C ASP C 710 73.82 93.33 48.47
N LEU C 711 74.24 92.26 49.16
CA LEU C 711 75.00 92.41 50.40
C LEU C 711 76.47 92.73 50.16
N TYR C 712 76.84 93.13 48.94
CA TYR C 712 78.19 93.54 48.62
C TYR C 712 78.30 95.02 48.25
N SER C 713 77.17 95.73 48.17
CA SER C 713 77.18 97.13 47.80
C SER C 713 76.23 97.91 48.71
N TYR C 714 76.53 99.20 48.88
CA TYR C 714 75.74 100.09 49.71
C TYR C 714 75.56 101.40 48.96
N GLY C 715 74.32 101.89 48.89
CA GLY C 715 73.99 103.03 48.06
C GLY C 715 73.19 104.09 48.81
N PHE C 716 72.86 105.14 48.08
CA PHE C 716 72.10 106.27 48.62
C PHE C 716 71.43 106.99 47.46
N ASP C 717 70.10 106.97 47.43
CA ASP C 717 69.34 107.56 46.34
C ASP C 717 68.73 108.91 46.68
N GLY C 718 68.92 109.41 47.90
CA GLY C 718 68.38 110.69 48.29
C GLY C 718 67.45 110.62 49.48
N LEU C 719 66.66 109.55 49.56
CA LEU C 719 65.73 109.34 50.66
C LEU C 719 66.10 108.16 51.54
N HIS C 720 66.60 107.08 50.96
CA HIS C 720 66.86 105.85 51.69
C HIS C 720 68.32 105.42 51.53
N LEU C 721 68.75 104.54 52.43
CA LEU C 721 70.04 103.86 52.33
C LEU C 721 69.78 102.43 51.88
N TRP C 722 70.42 102.03 50.78
CA TRP C 722 70.13 100.76 50.13
C TRP C 722 71.18 99.73 50.49
N THR C 723 70.72 98.59 51.02
CA THR C 723 71.58 97.43 51.25
C THR C 723 70.70 96.19 51.36
N GLY C 724 71.14 95.12 50.71
CA GLY C 724 70.38 93.88 50.74
C GLY C 724 68.99 93.99 50.14
N HIS C 725 68.83 94.82 49.11
CA HIS C 725 67.55 95.04 48.45
C HIS C 725 66.48 95.52 49.42
N VAL C 726 66.87 96.26 50.45
CA VAL C 726 65.95 96.82 51.43
C VAL C 726 66.22 98.32 51.53
N ALA C 727 65.18 99.12 51.38
CA ALA C 727 65.29 100.58 51.44
C ALA C 727 64.81 101.07 52.80
N ARG C 728 65.71 101.71 53.54
CA ARG C 728 65.38 102.28 54.85
C ARG C 728 65.45 103.79 54.79
N PRO C 729 64.36 104.50 55.05
CA PRO C 729 64.38 105.96 54.91
C PRO C 729 65.32 106.61 55.92
N VAL C 730 65.91 107.73 55.49
CA VAL C 730 66.87 108.49 56.29
C VAL C 730 66.33 109.89 56.49
N THR C 731 66.51 110.43 57.69
CA THR C 731 66.00 111.76 58.04
C THR C 731 67.04 112.81 57.65
N SER C 732 67.23 112.96 56.35
CA SER C 732 68.15 113.97 55.83
C SER C 732 67.55 115.36 55.96
N PRO C 733 68.39 116.39 56.06
CA PRO C 733 67.86 117.77 56.12
C PRO C 733 67.01 118.14 54.91
N GLY C 734 67.37 117.68 53.73
CA GLY C 734 66.64 118.02 52.52
C GLY C 734 65.39 117.19 52.30
N GLN C 735 65.52 115.86 52.45
CA GLN C 735 64.40 114.93 52.25
C GLN C 735 63.80 115.07 50.86
N HIS C 736 64.66 114.98 49.84
CA HIS C 736 64.20 115.02 48.46
C HIS C 736 65.07 114.10 47.62
N LEU C 737 64.50 113.64 46.51
CA LEU C 737 65.22 112.76 45.60
C LEU C 737 66.34 113.52 44.91
N LEU C 738 67.31 112.77 44.37
CA LEU C 738 68.43 113.39 43.67
C LEU C 738 67.93 114.23 42.51
N ALA C 739 68.45 115.45 42.42
CA ALA C 739 67.99 116.47 41.49
C ALA C 739 69.19 117.11 40.80
N PRO C 740 68.97 117.84 39.72
CA PRO C 740 70.07 118.58 39.11
C PRO C 740 70.68 119.57 40.09
N GLU C 741 71.98 119.81 39.92
CA GLU C 741 72.76 120.68 40.80
C GLU C 741 72.82 120.14 42.22
N ASP C 742 73.00 118.82 42.35
CA ASP C 742 73.16 118.16 43.64
C ASP C 742 74.55 117.52 43.69
N VAL C 743 75.27 117.76 44.78
CA VAL C 743 76.61 117.23 44.98
C VAL C 743 76.57 116.30 46.18
N VAL C 744 77.07 115.07 46.01
CA VAL C 744 77.06 114.05 47.03
C VAL C 744 78.50 113.67 47.35
N SER C 745 78.85 113.70 48.62
CA SER C 745 80.17 113.34 49.11
C SER C 745 80.05 112.04 49.90
N CYS C 746 80.89 111.07 49.54
CA CYS C 746 80.89 109.76 50.18
C CYS C 746 82.24 109.51 50.83
N CYS C 747 82.23 109.09 52.10
CA CYS C 747 83.44 108.83 52.85
C CYS C 747 83.40 107.41 53.41
N LEU C 748 84.55 106.74 53.37
CA LEU C 748 84.70 105.35 53.77
C LEU C 748 85.81 105.22 54.79
N ASP C 749 85.53 104.52 55.89
CA ASP C 749 86.48 104.26 56.96
C ASP C 749 86.65 102.76 57.10
N LEU C 750 87.89 102.30 56.95
CA LEU C 750 88.21 100.88 57.04
C LEU C 750 88.72 100.46 58.41
N SER C 751 89.27 101.37 59.21
CA SER C 751 89.70 101.04 60.55
C SER C 751 88.52 100.52 61.37
N VAL C 752 87.52 101.36 61.58
CA VAL C 752 86.19 100.93 61.99
C VAL C 752 85.30 100.95 60.75
N PRO C 753 84.78 99.81 60.29
CA PRO C 753 84.07 99.78 59.01
C PRO C 753 82.84 100.66 59.01
N SER C 754 82.87 101.76 58.24
CA SER C 754 81.74 102.66 58.24
C SER C 754 81.75 103.49 56.96
N ILE C 755 80.59 103.58 56.31
CA ILE C 755 80.42 104.37 55.10
C ILE C 755 79.38 105.45 55.39
N SER C 756 79.72 106.71 55.11
CA SER C 756 78.83 107.82 55.38
C SER C 756 78.69 108.68 54.12
N PHE C 757 77.55 109.36 54.04
CA PHE C 757 77.22 110.20 52.90
C PHE C 757 76.76 111.57 53.38
N ARG C 758 76.93 112.56 52.51
CA ARG C 758 76.39 113.90 52.76
C ARG C 758 76.04 114.54 51.43
N ILE C 759 75.02 115.38 51.44
CA ILE C 759 74.51 116.00 50.22
C ILE C 759 74.49 117.51 50.42
N ASN C 760 75.19 118.23 49.54
CA ASN C 760 75.25 119.69 49.56
C ASN C 760 75.67 120.21 50.94
N GLY C 761 76.60 119.48 51.58
CA GLY C 761 77.06 119.83 52.90
C GLY C 761 76.19 119.35 54.04
N CYS C 762 74.99 118.84 53.75
CA CYS C 762 74.10 118.37 54.80
C CYS C 762 74.33 116.88 55.04
N PRO C 763 74.79 116.48 56.21
CA PRO C 763 75.02 115.05 56.46
C PRO C 763 73.71 114.29 56.64
N VAL C 764 73.76 113.01 56.31
CA VAL C 764 72.63 112.12 56.53
C VAL C 764 72.76 111.47 57.90
N GLN C 765 71.63 111.03 58.45
CA GLN C 765 71.62 110.50 59.81
C GLN C 765 72.02 109.04 59.90
N GLY C 766 71.86 108.27 58.83
CA GLY C 766 72.12 106.85 58.86
C GLY C 766 73.47 106.48 58.28
N VAL C 767 74.07 105.42 58.85
CA VAL C 767 75.37 104.95 58.40
C VAL C 767 75.41 103.42 58.41
N PHE C 768 76.15 102.87 57.45
CA PHE C 768 76.42 101.44 57.41
C PHE C 768 77.60 101.11 58.31
N GLU C 769 77.54 99.97 58.99
CA GLU C 769 78.56 99.59 59.95
C GLU C 769 78.75 98.09 59.95
N ALA C 770 79.91 97.65 60.44
CA ALA C 770 80.20 96.26 60.74
C ALA C 770 79.93 95.34 59.54
N PHE C 771 80.59 95.66 58.44
CA PHE C 771 80.49 94.84 57.23
C PHE C 771 81.79 94.06 57.04
N ASN C 772 81.72 93.07 56.16
CA ASN C 772 82.88 92.22 55.89
C ASN C 772 83.97 93.02 55.19
N LEU C 773 85.20 92.88 55.68
CA LEU C 773 86.34 93.62 55.16
C LEU C 773 87.11 92.87 54.08
N ASP C 774 86.65 91.68 53.70
CA ASP C 774 87.28 90.94 52.61
C ASP C 774 87.09 91.67 51.29
N GLY C 775 88.11 91.60 50.43
CA GLY C 775 88.04 92.22 49.12
C GLY C 775 88.39 93.69 49.16
N LEU C 776 88.27 94.31 47.99
CA LEU C 776 88.61 95.71 47.79
C LEU C 776 87.36 96.52 47.45
N PHE C 777 87.37 97.78 47.87
CA PHE C 777 86.25 98.68 47.67
C PHE C 777 86.54 99.68 46.56
N PHE C 778 85.53 100.00 45.77
CA PHE C 778 85.65 100.99 44.72
C PHE C 778 84.39 101.83 44.64
N PRO C 779 84.51 103.10 44.25
CA PRO C 779 83.31 103.92 44.03
C PRO C 779 82.49 103.38 42.88
N VAL C 780 81.17 103.57 42.97
CA VAL C 780 80.26 102.99 41.99
C VAL C 780 79.01 103.85 41.91
N VAL C 781 78.45 103.94 40.70
CA VAL C 781 77.18 104.62 40.45
C VAL C 781 76.33 103.74 39.56
N SER C 782 75.06 103.56 39.94
CA SER C 782 74.09 102.83 39.14
C SER C 782 73.03 103.77 38.63
N PHE C 783 72.68 103.62 37.35
CA PHE C 783 71.74 104.56 36.75
C PHE C 783 71.02 103.92 35.58
N SER C 784 69.82 104.42 35.32
CA SER C 784 69.06 104.08 34.11
C SER C 784 69.34 105.14 33.04
N ALA C 785 68.55 105.13 31.97
CA ALA C 785 68.72 106.12 30.92
C ALA C 785 68.17 107.48 31.35
N GLY C 786 68.75 108.53 30.78
CA GLY C 786 68.28 109.88 31.02
C GLY C 786 68.85 110.54 32.25
N VAL C 787 70.15 110.41 32.48
CA VAL C 787 70.82 111.04 33.62
C VAL C 787 72.26 111.34 33.24
N LYS C 788 72.73 112.52 33.64
CA LYS C 788 74.10 112.96 33.39
C LYS C 788 74.77 113.30 34.71
N VAL C 789 75.97 112.75 34.92
CA VAL C 789 76.68 112.92 36.18
C VAL C 789 78.15 113.23 35.90
N ARG C 790 78.82 113.76 36.93
CA ARG C 790 80.23 114.06 36.87
C ARG C 790 80.91 113.56 38.14
N PHE C 791 82.11 113.03 37.98
CA PHE C 791 82.90 112.43 39.06
C PHE C 791 84.02 113.39 39.43
N LEU C 792 83.93 114.00 40.61
CA LEU C 792 85.00 114.86 41.11
C LEU C 792 85.97 113.96 41.88
N LEU C 793 86.91 113.36 41.16
CA LEU C 793 87.85 112.40 41.72
C LEU C 793 89.12 113.13 42.11
N GLY C 794 89.23 113.50 43.38
CA GLY C 794 90.45 114.14 43.85
C GLY C 794 90.62 115.53 43.28
N GLY C 795 91.88 115.93 43.13
CA GLY C 795 92.22 117.26 42.65
C GLY C 795 92.66 117.30 41.19
N ARG C 796 93.26 116.21 40.72
CA ARG C 796 93.70 116.17 39.32
C ARG C 796 92.52 116.24 38.37
N HIS C 797 91.45 115.50 38.66
CA HIS C 797 90.28 115.39 37.80
C HIS C 797 89.09 115.96 38.58
N GLY C 798 88.74 117.20 38.30
CA GLY C 798 87.71 117.89 39.05
C GLY C 798 88.24 118.42 40.38
N GLU C 799 87.47 119.34 40.95
CA GLU C 799 87.80 119.94 42.24
C GLU C 799 86.62 119.79 43.18
N PHE C 800 86.93 119.50 44.44
CA PHE C 800 85.88 119.25 45.43
C PHE C 800 85.09 120.52 45.69
N LYS C 801 83.76 120.41 45.65
CA LYS C 801 82.92 121.57 45.98
C LYS C 801 82.96 121.87 47.47
N PHE C 802 83.19 120.86 48.30
CA PHE C 802 83.28 121.03 49.75
C PHE C 802 84.54 120.35 50.26
N LEU C 803 85.09 120.89 51.34
CA LEU C 803 86.33 120.37 51.89
C LEU C 803 86.12 118.97 52.46
N PRO C 804 87.07 118.06 52.26
CA PRO C 804 86.95 116.71 52.83
C PRO C 804 87.04 116.75 54.34
N PRO C 805 86.45 115.76 55.02
CA PRO C 805 86.66 115.65 56.46
C PRO C 805 88.13 115.36 56.75
N PRO C 806 88.63 115.79 57.91
CA PRO C 806 90.05 115.61 58.21
C PRO C 806 90.45 114.14 58.22
N GLY C 807 91.64 113.86 57.68
CA GLY C 807 92.15 112.51 57.61
C GLY C 807 91.62 111.67 56.48
N TYR C 808 90.81 112.23 55.59
CA TYR C 808 90.20 111.49 54.48
C TYR C 808 90.92 111.86 53.19
N ALA C 809 91.68 110.91 52.65
CA ALA C 809 92.43 111.17 51.42
C ALA C 809 91.50 111.13 50.20
N PRO C 810 91.74 111.99 49.22
CA PRO C 810 90.96 111.91 47.98
C PRO C 810 91.24 110.63 47.21
N CYS C 811 90.26 110.22 46.42
CA CYS C 811 90.37 108.95 45.69
C CYS C 811 91.39 109.01 44.56
N HIS C 812 91.81 110.20 44.14
CA HIS C 812 92.79 110.31 43.07
C HIS C 812 94.19 109.86 43.50
N GLU C 813 94.42 109.66 44.80
CA GLU C 813 95.72 109.27 45.32
C GLU C 813 95.94 107.76 45.28
N ALA C 814 94.91 106.97 44.98
CA ALA C 814 95.01 105.51 45.04
C ALA C 814 95.22 104.88 43.67
N VAL C 815 95.51 105.68 42.64
CA VAL C 815 95.73 105.13 41.31
C VAL C 815 97.09 104.43 41.29
N LEU C 816 97.10 103.21 40.75
CA LEU C 816 98.34 102.44 40.68
C LEU C 816 99.32 103.09 39.68
N PRO C 817 100.62 102.96 39.91
CA PRO C 817 101.59 103.57 38.98
C PRO C 817 101.51 103.01 37.57
N ARG C 818 101.15 101.74 37.40
CA ARG C 818 101.13 101.14 36.08
C ARG C 818 100.00 101.67 35.22
N GLU C 819 98.86 102.00 35.82
CA GLU C 819 97.66 102.37 35.07
C GLU C 819 97.31 103.83 35.29
N ARG C 820 96.51 104.35 34.38
CA ARG C 820 95.97 105.71 34.47
C ARG C 820 94.48 105.64 34.77
N LEU C 821 93.92 106.79 35.14
CA LEU C 821 92.51 106.86 35.47
C LEU C 821 91.66 106.65 34.22
N ARG C 822 90.59 105.87 34.36
CA ARG C 822 89.74 105.52 33.23
C ARG C 822 88.41 104.98 33.75
N LEU C 823 87.31 105.56 33.28
CA LEU C 823 86.00 105.05 33.63
C LEU C 823 85.70 103.77 32.87
N GLU C 824 85.08 102.81 33.55
CA GLU C 824 84.82 101.51 32.95
C GLU C 824 83.64 100.87 33.67
N PRO C 825 82.90 99.98 33.01
CA PRO C 825 81.87 99.22 33.69
C PRO C 825 82.48 98.18 34.64
N ILE C 826 81.64 97.67 35.52
CA ILE C 826 82.10 96.71 36.53
C ILE C 826 82.57 95.43 35.87
N LYS C 827 81.64 94.72 35.23
CA LYS C 827 81.96 93.51 34.49
C LYS C 827 81.13 93.48 33.22
N GLU C 828 81.65 92.80 32.19
CA GLU C 828 80.96 92.71 30.92
C GLU C 828 81.38 91.43 30.21
N TYR C 829 80.50 90.97 29.32
CA TYR C 829 80.77 89.83 28.46
C TYR C 829 80.74 90.19 26.99
N ARG C 830 80.68 91.49 26.67
CA ARG C 830 80.69 91.94 25.29
C ARG C 830 81.24 93.35 25.24
N ARG C 831 81.60 93.79 24.03
CA ARG C 831 82.19 95.10 23.85
C ARG C 831 81.93 95.55 22.42
N GLU C 832 81.81 96.86 22.23
CA GLU C 832 81.61 97.42 20.91
C GLU C 832 82.94 97.59 20.21
N GLY C 833 83.03 97.12 18.97
CA GLY C 833 84.25 97.20 18.20
C GLY C 833 84.02 97.75 16.81
N PRO C 834 85.09 97.96 16.05
CA PRO C 834 84.94 98.50 14.69
C PRO C 834 84.21 97.57 13.76
N ARG C 835 84.66 96.32 13.64
CA ARG C 835 83.96 95.36 12.80
C ARG C 835 82.59 95.02 13.37
N GLY C 836 82.49 94.89 14.69
CA GLY C 836 81.25 94.54 15.34
C GLY C 836 81.46 94.25 16.81
N PRO C 837 80.48 93.63 17.45
CA PRO C 837 80.61 93.30 18.87
C PRO C 837 81.74 92.31 19.11
N HIS C 838 82.54 92.58 20.15
CA HIS C 838 83.62 91.70 20.56
C HIS C 838 83.23 91.01 21.85
N LEU C 839 83.11 89.70 21.82
CA LEU C 839 82.84 88.94 23.03
C LEU C 839 84.09 88.89 23.88
N VAL C 840 83.95 89.18 25.18
CA VAL C 840 85.07 89.20 26.09
C VAL C 840 84.86 88.15 27.17
N GLY C 841 85.96 87.68 27.74
CA GLY C 841 85.92 86.67 28.77
C GLY C 841 86.13 87.26 30.15
N PRO C 842 86.46 86.41 31.12
CA PRO C 842 86.69 86.90 32.48
C PRO C 842 87.91 87.81 32.55
N SER C 843 87.90 88.70 33.53
CA SER C 843 88.97 89.65 33.74
C SER C 843 89.64 89.38 35.08
N ARG C 844 90.96 89.33 35.10
CA ARG C 844 91.70 89.13 36.34
C ARG C 844 91.55 90.36 37.24
N CYS C 845 91.37 90.10 38.53
CA CYS C 845 91.16 91.16 39.51
C CYS C 845 92.14 90.99 40.66
N LEU C 846 92.63 92.11 41.18
CA LEU C 846 93.56 92.08 42.32
C LEU C 846 92.82 91.72 43.60
N SER C 847 93.55 91.14 44.53
CA SER C 847 93.03 90.78 45.84
C SER C 847 93.62 91.69 46.90
N HIS C 848 92.95 91.76 48.06
CA HIS C 848 93.40 92.62 49.14
C HIS C 848 94.70 92.14 49.77
N THR C 849 95.08 90.89 49.52
CA THR C 849 96.35 90.35 50.02
C THR C 849 97.49 90.52 49.03
N ASP C 850 97.24 91.12 47.87
CA ASP C 850 98.29 91.36 46.89
C ASP C 850 99.14 92.58 47.21
N PHE C 851 98.69 93.45 48.11
CA PHE C 851 99.42 94.66 48.44
C PHE C 851 100.38 94.48 49.62
N VAL C 852 100.35 93.34 50.29
CA VAL C 852 101.25 93.10 51.42
C VAL C 852 102.58 92.56 50.89
N PRO C 853 103.70 92.88 51.54
CA PRO C 853 104.98 92.30 51.13
C PRO C 853 105.27 90.98 51.84
N CYS C 854 105.75 90.01 51.07
CA CYS C 854 106.07 88.68 51.57
C CYS C 854 107.50 88.34 51.17
N PRO C 855 108.49 88.84 51.92
CA PRO C 855 109.89 88.56 51.57
C PRO C 855 110.41 87.29 52.24
N VAL C 856 111.67 86.95 51.95
CA VAL C 856 112.31 85.75 52.48
C VAL C 856 113.42 86.18 53.42
N ASP C 857 113.50 85.55 54.58
CA ASP C 857 114.53 85.85 55.57
C ASP C 857 115.86 85.28 55.09
N THR C 858 116.67 86.12 54.44
CA THR C 858 117.94 85.69 53.90
C THR C 858 119.12 85.94 54.82
N VAL C 859 118.97 86.83 55.80
CA VAL C 859 120.08 87.12 56.71
C VAL C 859 120.36 85.95 57.64
N GLN C 860 119.42 85.02 57.79
CA GLN C 860 119.65 83.85 58.63
C GLN C 860 120.77 82.98 58.08
N ILE C 861 120.81 82.80 56.76
CA ILE C 861 121.84 82.00 56.12
C ILE C 861 123.14 82.77 56.08
N VAL C 862 124.26 82.10 56.39
CA VAL C 862 125.57 82.71 56.42
C VAL C 862 126.49 81.96 55.47
N LEU C 863 127.42 82.70 54.85
CA LEU C 863 128.35 82.15 53.85
C LEU C 863 129.77 82.62 54.16
N PRO C 864 130.37 82.11 55.23
CA PRO C 864 131.73 82.57 55.62
C PRO C 864 132.79 82.38 54.53
N PRO C 865 132.79 81.27 53.78
CA PRO C 865 133.84 81.13 52.75
C PRO C 865 133.81 82.21 51.69
N HIS C 866 132.65 82.78 51.40
CA HIS C 866 132.61 83.95 50.54
C HIS C 866 132.86 85.23 51.32
N LEU C 867 132.31 85.33 52.53
CA LEU C 867 132.43 86.54 53.33
C LEU C 867 133.89 86.87 53.64
N GLU C 868 134.77 85.87 53.62
CA GLU C 868 136.16 86.14 54.01
C GLU C 868 136.91 86.92 52.93
N ARG C 869 136.79 86.52 51.66
CA ARG C 869 137.54 87.18 50.57
C ARG C 869 136.69 87.62 49.40
N ILE C 870 135.69 86.81 49.02
CA ILE C 870 134.94 87.10 47.79
C ILE C 870 134.10 88.35 47.96
N ARG C 871 133.54 88.56 49.16
CA ARG C 871 132.66 89.69 49.36
C ARG C 871 133.45 91.00 49.39
N GLU C 872 134.69 90.99 49.87
CA GLU C 872 135.52 92.18 49.71
C GLU C 872 136.00 92.37 48.27
N LYS C 873 136.18 91.31 47.48
CA LYS C 873 136.42 91.59 46.06
C LYS C 873 135.23 92.28 45.42
N LEU C 874 134.02 91.80 45.74
CA LEU C 874 132.81 92.46 45.25
C LEU C 874 132.72 93.89 45.75
N ALA C 875 133.04 94.11 47.03
CA ALA C 875 133.01 95.46 47.59
C ALA C 875 134.03 96.36 46.93
N GLU C 876 135.21 95.83 46.59
CA GLU C 876 136.22 96.61 45.89
C GLU C 876 135.68 97.10 44.55
N ASN C 877 135.09 96.20 43.77
CA ASN C 877 134.59 96.65 42.47
C ASN C 877 133.36 97.55 42.62
N ILE C 878 132.56 97.35 43.66
CA ILE C 878 131.45 98.27 43.93
C ILE C 878 131.97 99.67 44.25
N HIS C 879 133.04 99.75 45.05
CA HIS C 879 133.67 101.04 45.31
C HIS C 879 134.19 101.67 44.03
N GLU C 880 134.80 100.84 43.16
CA GLU C 880 135.26 101.32 41.87
C GLU C 880 134.12 101.97 41.10
N LEU C 881 133.00 101.26 40.94
CA LEU C 881 131.87 101.82 40.20
C LEU C 881 131.29 103.06 40.88
N TRP C 882 131.25 103.04 42.22
CA TRP C 882 130.73 104.16 43.00
C TRP C 882 131.51 105.44 42.67
N ALA C 883 132.83 105.34 42.79
CA ALA C 883 133.70 106.48 42.51
C ALA C 883 133.66 106.86 41.03
N LEU C 884 133.52 105.87 40.16
CA LEU C 884 133.35 106.18 38.73
C LEU C 884 132.14 107.05 38.51
N THR C 885 131.03 106.76 39.20
CA THR C 885 129.85 107.60 39.11
C THR C 885 130.15 109.02 39.55
N ARG C 886 130.82 109.17 40.71
CA ARG C 886 131.13 110.54 41.13
C ARG C 886 132.02 111.26 40.13
N ILE C 887 133.06 110.59 39.63
CA ILE C 887 133.99 111.25 38.71
C ILE C 887 133.28 111.65 37.41
N GLU C 888 132.46 110.75 36.87
CA GLU C 888 131.64 111.11 35.72
C GLU C 888 130.72 112.28 36.04
N GLN C 889 130.26 112.37 37.28
CA GLN C 889 129.47 113.51 37.72
C GLN C 889 130.37 114.68 38.07
N GLY C 890 129.77 115.87 38.17
CA GLY C 890 130.47 117.07 38.60
C GLY C 890 131.17 116.96 39.94
N TRP C 891 130.95 115.85 40.63
CA TRP C 891 131.46 115.65 41.99
C TRP C 891 132.97 115.85 42.05
N THR C 892 133.41 116.69 42.96
CA THR C 892 134.81 117.04 43.14
C THR C 892 135.43 116.28 44.32
N TYR C 893 136.72 116.49 44.51
CA TYR C 893 137.46 115.85 45.59
C TYR C 893 137.61 116.83 46.76
N GLY C 894 137.25 116.36 47.96
CA GLY C 894 137.40 117.15 49.16
C GLY C 894 137.48 116.28 50.40
N PRO C 895 138.51 116.50 51.23
CA PRO C 895 138.76 115.58 52.35
C PRO C 895 137.57 115.37 53.27
N VAL C 896 136.71 116.37 53.44
CA VAL C 896 135.49 116.27 54.24
C VAL C 896 134.30 116.28 53.29
N ARG C 897 133.29 115.47 53.60
CA ARG C 897 132.12 115.33 52.73
C ARG C 897 131.39 116.67 52.70
N ASP C 898 131.36 117.31 51.53
CA ASP C 898 130.64 118.55 51.31
C ASP C 898 129.84 118.40 50.02
N ASP C 899 128.59 117.95 50.17
CA ASP C 899 127.73 117.80 49.00
C ASP C 899 127.45 119.14 48.33
N ASN C 900 127.52 120.24 49.08
CA ASN C 900 127.34 121.56 48.50
C ASN C 900 128.40 121.85 47.45
N LYS C 901 129.66 121.65 47.79
CA LYS C 901 130.75 121.79 46.83
C LYS C 901 131.07 120.46 46.16
N ARG C 902 130.23 119.45 46.37
CA ARG C 902 130.32 118.17 45.65
C ARG C 902 131.58 117.41 46.04
N LEU C 903 131.98 117.49 47.31
CA LEU C 903 133.29 117.03 47.76
C LEU C 903 133.26 115.57 48.17
N HIS C 904 134.30 114.83 47.80
CA HIS C 904 134.35 113.38 47.97
C HIS C 904 134.88 113.04 49.36
N PRO C 905 134.05 112.52 50.27
CA PRO C 905 134.53 112.27 51.65
C PRO C 905 135.75 111.36 51.71
N CYS C 906 135.82 110.36 50.84
CA CYS C 906 136.99 109.49 50.80
C CYS C 906 138.04 110.01 49.83
N LEU C 907 137.67 110.18 48.56
CA LEU C 907 138.59 110.60 47.50
C LEU C 907 139.85 109.73 47.48
N VAL C 908 139.68 108.43 47.68
CA VAL C 908 140.78 107.46 47.61
C VAL C 908 140.36 106.33 46.68
N ASN C 909 141.30 105.89 45.83
CA ASN C 909 141.00 104.77 44.93
C ASN C 909 140.72 103.50 45.70
N PHE C 910 141.59 103.16 46.65
CA PHE C 910 141.38 102.00 47.50
C PHE C 910 140.63 102.45 48.75
N HIS C 911 139.45 101.87 48.98
CA HIS C 911 138.63 102.27 50.10
C HIS C 911 139.32 101.96 51.42
N SER C 912 139.31 102.92 52.34
CA SER C 912 139.94 102.73 53.65
C SER C 912 139.06 101.82 54.50
N LEU C 913 139.53 100.59 54.71
CA LEU C 913 138.70 99.57 55.34
C LEU C 913 138.19 99.94 56.73
N PRO C 914 138.99 100.53 57.64
CA PRO C 914 138.45 100.86 58.97
C PRO C 914 137.22 101.77 58.95
N GLU C 915 136.88 102.36 57.83
CA GLU C 915 135.74 103.29 57.78
C GLU C 915 134.43 102.54 57.98
N PRO C 916 133.55 103.00 58.88
CA PRO C 916 132.25 102.34 59.04
C PRO C 916 131.43 102.35 57.77
N GLU C 917 131.63 103.32 56.89
CA GLU C 917 131.01 103.28 55.56
C GLU C 917 131.49 102.07 54.77
N ARG C 918 132.79 101.79 54.85
CA ARG C 918 133.33 100.60 54.19
C ARG C 918 132.76 99.34 54.82
N ASN C 919 132.58 99.35 56.15
CA ASN C 919 131.90 98.23 56.81
C ASN C 919 130.48 98.06 56.28
N TYR C 920 129.76 99.17 56.06
CA TYR C 920 128.41 99.05 55.55
C TYR C 920 128.40 98.49 54.13
N ASN C 921 129.45 98.79 53.35
CA ASN C 921 129.59 98.13 52.05
C ASN C 921 129.93 96.64 52.20
N LEU C 922 130.63 96.27 53.28
CA LEU C 922 130.79 94.85 53.56
C LEU C 922 129.44 94.19 53.87
N GLN C 923 128.57 94.90 54.59
CA GLN C 923 127.18 94.43 54.74
C GLN C 923 126.46 94.33 53.40
N MET C 924 126.69 95.29 52.49
CA MET C 924 126.26 95.11 51.10
C MET C 924 126.55 93.71 50.60
N SER C 925 127.85 93.41 50.48
CA SER C 925 128.27 92.17 49.85
C SER C 925 127.74 90.97 50.62
N GLY C 926 127.77 91.05 51.96
CA GLY C 926 127.29 89.95 52.76
C GLY C 926 125.82 89.65 52.52
N GLU C 927 124.99 90.70 52.52
CA GLU C 927 123.56 90.49 52.31
C GLU C 927 123.28 89.97 50.91
N THR C 928 124.00 90.46 49.90
CA THR C 928 123.80 89.95 48.54
C THR C 928 124.12 88.46 48.47
N LEU C 929 125.25 88.04 49.06
CA LEU C 929 125.59 86.62 49.02
C LEU C 929 124.61 85.78 49.83
N LYS C 930 124.15 86.29 50.97
CA LYS C 930 123.17 85.56 51.77
C LYS C 930 121.87 85.36 51.01
N THR C 931 121.39 86.40 50.32
CA THR C 931 120.18 86.25 49.53
C THR C 931 120.38 85.27 48.38
N LEU C 932 121.55 85.33 47.72
CA LEU C 932 121.83 84.41 46.63
C LEU C 932 121.81 82.97 47.11
N LEU C 933 122.40 82.69 48.27
CA LEU C 933 122.38 81.32 48.77
C LEU C 933 121.01 80.93 49.30
N ALA C 934 120.26 81.87 49.88
CA ALA C 934 118.93 81.57 50.38
C ALA C 934 117.99 81.18 49.25
N LEU C 935 118.13 81.82 48.09
CA LEU C 935 117.38 81.40 46.91
C LEU C 935 118.02 80.12 46.35
N GLY C 936 117.54 79.68 45.19
CA GLY C 936 118.02 78.43 44.62
C GLY C 936 119.40 78.48 44.02
N CYS C 937 120.06 79.64 44.06
CA CYS C 937 121.38 79.77 43.47
C CYS C 937 122.40 78.93 44.23
N HIS C 938 123.32 78.33 43.49
CA HIS C 938 124.44 77.60 44.07
C HIS C 938 125.72 78.41 43.84
N VAL C 939 126.23 79.01 44.90
CA VAL C 939 127.43 79.83 44.78
C VAL C 939 128.67 78.95 44.67
N GLY C 940 129.74 79.51 44.12
CA GLY C 940 130.99 78.80 44.00
C GLY C 940 132.00 79.64 43.26
N MET C 941 133.21 79.09 43.17
CA MET C 941 134.33 79.73 42.49
C MET C 941 134.79 78.86 41.34
N ALA C 942 134.91 79.45 40.15
CA ALA C 942 135.40 78.76 38.96
C ALA C 942 136.25 79.73 38.16
N ASP C 943 137.56 79.51 38.17
CA ASP C 943 138.52 80.31 37.40
C ASP C 943 138.47 81.78 37.80
N GLU C 944 138.73 82.02 39.09
CA GLU C 944 138.95 83.39 39.55
C GLU C 944 140.29 83.92 39.07
N LYS C 945 141.28 83.04 38.90
CA LYS C 945 142.53 83.43 38.29
C LYS C 945 142.34 83.91 36.86
N ALA C 946 141.31 83.41 36.17
CA ALA C 946 140.97 83.94 34.86
C ALA C 946 140.46 85.37 34.97
N GLU C 947 139.67 85.66 36.00
CA GLU C 947 139.21 87.04 36.22
C GLU C 947 140.38 87.95 36.54
N ASP C 948 141.34 87.47 37.32
CA ASP C 948 142.53 88.28 37.60
C ASP C 948 143.42 88.42 36.37
N ASN C 949 143.37 87.46 35.45
CA ASN C 949 144.24 87.47 34.28
C ASN C 949 143.77 88.50 33.25
N LEU C 950 142.47 88.65 33.07
CA LEU C 950 141.95 89.56 32.07
C LEU C 950 142.20 91.01 32.50
N LYS C 951 141.90 91.94 31.59
CA LYS C 951 142.13 93.36 31.85
C LYS C 951 141.13 93.89 32.85
N LYS C 952 141.51 93.90 34.13
CA LYS C 952 140.65 94.43 35.18
C LYS C 952 140.81 95.93 35.38
N THR C 953 142.01 96.46 35.14
CA THR C 953 142.28 97.88 35.34
C THR C 953 142.13 98.64 34.02
N LYS C 954 140.89 98.71 33.57
CA LYS C 954 140.56 99.50 32.38
C LYS C 954 140.40 100.96 32.77
N LEU C 955 141.17 101.84 32.14
CA LEU C 955 141.21 103.23 32.56
C LEU C 955 140.73 104.15 31.45
N PRO C 956 139.94 105.17 31.76
CA PRO C 956 139.54 106.16 30.76
C PRO C 956 140.39 107.42 30.72
N LYS C 957 141.38 107.55 31.61
CA LYS C 957 142.29 108.69 31.71
C LYS C 957 141.58 110.00 32.03
N THR C 958 140.32 109.95 32.44
CA THR C 958 139.55 111.13 32.79
C THR C 958 139.38 111.27 34.31
N TYR C 959 139.95 110.36 35.08
CA TYR C 959 139.75 110.34 36.52
C TYR C 959 140.36 111.57 37.18
N MET C 960 139.75 111.98 38.30
CA MET C 960 140.25 113.09 39.09
C MET C 960 141.61 112.75 39.68
N MET C 961 142.44 113.78 39.88
CA MET C 961 143.82 113.56 40.29
C MET C 961 143.93 113.10 41.74
N SER C 962 142.88 113.25 42.54
CA SER C 962 142.89 112.66 43.88
C SER C 962 142.64 111.16 43.82
N ASN C 963 141.78 110.72 42.91
CA ASN C 963 141.52 109.30 42.73
C ASN C 963 142.65 108.65 41.96
N GLY C 964 142.83 107.35 42.19
CA GLY C 964 143.80 106.56 41.47
C GLY C 964 143.22 105.96 40.21
N TYR C 965 143.84 104.86 39.77
CA TYR C 965 143.41 104.16 38.57
C TYR C 965 142.19 103.32 38.92
N LYS C 966 141.01 103.78 38.50
CA LYS C 966 139.77 103.05 38.78
C LYS C 966 139.67 101.84 37.86
N PRO C 967 139.58 100.62 38.40
CA PRO C 967 139.59 99.44 37.53
C PRO C 967 138.20 99.06 37.03
N ALA C 968 138.08 98.82 35.72
CA ALA C 968 136.84 98.33 35.13
C ALA C 968 137.05 96.91 34.65
N PRO C 969 136.49 95.91 35.32
CA PRO C 969 136.72 94.51 34.90
C PRO C 969 136.25 94.21 33.50
N LEU C 970 135.16 94.83 33.05
CA LEU C 970 134.58 94.60 31.73
C LEU C 970 134.30 93.12 31.50
N ASP C 971 133.67 92.50 32.52
CA ASP C 971 133.35 91.08 32.44
C ASP C 971 132.24 90.78 31.46
N LEU C 972 131.54 91.80 30.95
CA LEU C 972 130.49 91.56 29.96
C LEU C 972 131.05 90.94 28.69
N SER C 973 132.21 91.43 28.24
CA SER C 973 132.82 90.87 27.03
C SER C 973 133.24 89.43 27.23
N HIS C 974 133.79 89.10 28.41
CA HIS C 974 134.21 87.73 28.67
C HIS C 974 133.01 86.80 28.78
N VAL C 975 131.98 87.21 29.52
CA VAL C 975 130.78 86.41 29.69
C VAL C 975 129.57 87.32 29.80
N ARG C 976 128.68 87.25 28.81
CA ARG C 976 127.47 88.06 28.85
C ARG C 976 126.45 87.44 29.80
N LEU C 977 125.47 88.26 30.19
CA LEU C 977 124.43 87.81 31.11
C LEU C 977 123.45 86.90 30.39
N THR C 978 123.24 85.71 30.93
CA THR C 978 122.27 84.79 30.38
C THR C 978 120.86 85.25 30.72
N PRO C 979 119.84 84.77 29.98
CA PRO C 979 118.46 85.04 30.41
C PRO C 979 118.18 84.58 31.83
N ALA C 980 118.72 83.42 32.21
CA ALA C 980 118.61 82.98 33.59
C ALA C 980 119.26 83.99 34.53
N GLN C 981 120.41 84.54 34.13
CA GLN C 981 121.11 85.48 34.99
C GLN C 981 120.32 86.78 35.17
N THR C 982 119.70 87.29 34.10
CA THR C 982 118.91 88.50 34.25
C THR C 982 117.64 88.25 35.04
N THR C 983 117.05 87.05 34.93
CA THR C 983 115.95 86.71 35.82
C THR C 983 116.41 86.68 37.28
N LEU C 984 117.60 86.13 37.54
CA LEU C 984 118.14 86.16 38.89
C LEU C 984 118.29 87.59 39.40
N VAL C 985 118.80 88.48 38.54
CA VAL C 985 118.90 89.90 38.91
C VAL C 985 117.52 90.44 39.27
N ASP C 986 116.51 90.08 38.49
CA ASP C 986 115.16 90.58 38.71
C ASP C 986 114.63 90.13 40.07
N ARG C 987 114.80 88.84 40.41
CA ARG C 987 114.26 88.38 41.69
C ARG C 987 115.06 88.92 42.87
N LEU C 988 116.37 89.09 42.70
CA LEU C 988 117.17 89.73 43.75
C LEU C 988 116.67 91.15 44.03
N ALA C 989 116.43 91.92 42.95
CA ALA C 989 115.90 93.27 43.13
C ALA C 989 114.52 93.23 43.77
N GLU C 990 113.68 92.27 43.37
CA GLU C 990 112.34 92.16 43.93
C GLU C 990 112.40 91.91 45.44
N ASN C 991 113.26 90.99 45.87
CA ASN C 991 113.38 90.71 47.29
C ASN C 991 113.95 91.92 48.04
N GLY C 992 114.94 92.59 47.46
CA GLY C 992 115.50 93.77 48.08
C GLY C 992 114.49 94.89 48.25
N HIS C 993 113.55 95.01 47.31
CA HIS C 993 112.49 95.99 47.47
C HIS C 993 111.41 95.51 48.44
N ASN C 994 111.14 94.20 48.47
CA ASN C 994 110.10 93.67 49.35
C ASN C 994 110.47 93.85 50.82
N VAL C 995 111.74 93.60 51.17
CA VAL C 995 112.16 93.78 52.56
C VAL C 995 112.01 95.24 52.97
N TRP C 996 112.40 96.16 52.09
CA TRP C 996 112.27 97.58 52.38
C TRP C 996 110.81 97.97 52.55
N ALA C 997 109.94 97.46 51.68
CA ALA C 997 108.52 97.74 51.82
C ALA C 997 107.98 97.21 53.14
N ARG C 998 108.46 96.03 53.56
CA ARG C 998 108.02 95.48 54.85
C ARG C 998 108.42 96.38 56.00
N ASP C 999 109.67 96.87 56.01
CA ASP C 999 110.06 97.72 57.13
C ASP C 999 109.38 99.08 57.08
N ARG C 1000 109.09 99.60 55.88
CA ARG C 1000 108.31 100.83 55.79
C ARG C 1000 106.90 100.62 56.35
N VAL C 1001 106.29 99.48 56.07
CA VAL C 1001 104.99 99.16 56.63
C VAL C 1001 105.08 99.08 58.15
N ALA C 1002 106.16 98.46 58.66
CA ALA C 1002 106.37 98.40 60.10
C ALA C 1002 106.48 99.80 60.71
N GLN C 1003 107.18 100.70 60.02
CA GLN C 1003 107.22 102.10 60.47
C GLN C 1003 105.83 102.72 60.48
N GLY C 1004 105.03 102.45 59.44
CA GLY C 1004 103.69 102.99 59.36
C GLY C 1004 103.46 103.91 58.18
N TRP C 1005 104.17 103.66 57.09
CA TRP C 1005 104.02 104.45 55.87
C TRP C 1005 102.90 103.87 55.01
N SER C 1006 102.39 104.70 54.10
CA SER C 1006 101.30 104.33 53.22
C SER C 1006 101.63 104.73 51.80
N TYR C 1007 100.74 104.38 50.87
CA TYR C 1007 100.92 104.66 49.45
C TYR C 1007 100.09 105.85 49.03
N SER C 1008 100.67 106.71 48.20
CA SER C 1008 99.97 107.87 47.66
C SER C 1008 100.53 108.19 46.29
N ALA C 1009 99.68 108.75 45.42
CA ALA C 1009 100.10 109.12 44.08
C ALA C 1009 101.07 110.29 44.09
N VAL C 1010 101.09 111.09 45.15
CA VAL C 1010 101.98 112.23 45.29
C VAL C 1010 102.82 112.04 46.55
N GLN C 1011 104.12 112.24 46.42
CA GLN C 1011 105.01 112.05 47.56
C GLN C 1011 104.77 113.11 48.63
N ASP C 1012 104.73 112.66 49.88
CA ASP C 1012 104.56 113.57 51.02
C ASP C 1012 105.33 112.97 52.20
N ILE C 1013 106.57 113.42 52.38
CA ILE C 1013 107.40 112.90 53.47
C ILE C 1013 106.79 113.19 54.84
N PRO C 1014 106.33 114.42 55.16
CA PRO C 1014 105.71 114.64 56.48
C PRO C 1014 104.45 113.82 56.70
N ALA C 1015 103.78 113.38 55.64
CA ALA C 1015 102.55 112.61 55.76
C ALA C 1015 102.78 111.11 55.74
N ARG C 1016 104.04 110.67 55.72
CA ARG C 1016 104.38 109.25 55.66
C ARG C 1016 103.72 108.56 54.48
N ARG C 1017 103.75 109.21 53.33
CA ARG C 1017 103.21 108.67 52.09
C ARG C 1017 104.34 108.56 51.07
N ASN C 1018 104.48 107.38 50.47
CA ASN C 1018 105.57 107.11 49.54
C ASN C 1018 104.97 106.45 48.30
N PRO C 1019 105.17 107.03 47.10
CA PRO C 1019 104.63 106.42 45.88
C PRO C 1019 105.42 105.24 45.36
N ARG C 1020 106.36 104.68 46.13
CA ARG C 1020 107.20 103.59 45.65
C ARG C 1020 107.23 102.39 46.59
N LEU C 1021 106.33 102.31 47.57
CA LEU C 1021 106.31 101.19 48.49
C LEU C 1021 105.32 100.10 48.10
N VAL C 1022 104.75 100.18 46.90
CA VAL C 1022 103.92 99.10 46.37
C VAL C 1022 104.84 97.92 46.07
N PRO C 1023 104.34 96.69 46.05
CA PRO C 1023 105.20 95.54 45.76
C PRO C 1023 105.91 95.67 44.42
N TYR C 1024 106.95 94.85 44.26
CA TYR C 1024 107.79 94.94 43.06
C TYR C 1024 107.01 94.64 41.79
N ARG C 1025 106.03 93.74 41.87
CA ARG C 1025 105.18 93.47 40.71
C ARG C 1025 104.38 94.70 40.31
N LEU C 1026 103.88 95.45 41.30
CA LEU C 1026 103.12 96.65 41.03
C LEU C 1026 103.99 97.85 40.67
N LEU C 1027 105.29 97.79 40.96
CA LEU C 1027 106.18 98.89 40.62
C LEU C 1027 106.29 99.07 39.11
N ASP C 1028 106.55 100.31 38.70
CA ASP C 1028 106.76 100.63 37.29
C ASP C 1028 108.18 100.26 36.87
N GLU C 1029 108.40 100.25 35.55
CA GLU C 1029 109.67 99.80 35.01
C GLU C 1029 110.82 100.75 35.31
N ALA C 1030 110.54 102.04 35.55
CA ALA C 1030 111.60 102.99 35.87
C ALA C 1030 112.28 102.63 37.19
N THR C 1031 111.48 102.44 38.24
CA THR C 1031 112.03 102.00 39.51
C THR C 1031 112.67 100.63 39.39
N LYS C 1032 112.12 99.77 38.52
CA LYS C 1032 112.71 98.44 38.31
C LYS C 1032 114.12 98.55 37.77
N ARG C 1033 114.32 99.36 36.73
CA ARG C 1033 115.67 99.50 36.17
C ARG C 1033 116.59 100.25 37.14
N SER C 1034 116.05 101.21 37.90
CA SER C 1034 116.86 101.93 38.88
C SER C 1034 117.37 100.99 39.96
N ASN C 1035 116.54 100.03 40.38
CA ASN C 1035 116.97 99.02 41.35
C ASN C 1035 117.72 97.87 40.70
N ARG C 1036 117.70 97.77 39.37
CA ARG C 1036 118.29 96.63 38.68
C ARG C 1036 119.69 96.90 38.13
N ASP C 1037 120.05 98.16 37.87
CA ASP C 1037 121.34 98.43 37.22
C ASP C 1037 122.52 97.97 38.06
N SER C 1038 122.54 98.33 39.34
CA SER C 1038 123.66 97.97 40.20
C SER C 1038 123.74 96.45 40.39
N LEU C 1039 122.59 95.79 40.51
CA LEU C 1039 122.58 94.34 40.62
C LEU C 1039 123.05 93.68 39.33
N CYS C 1040 122.76 94.29 38.18
CA CYS C 1040 123.30 93.79 36.92
C CYS C 1040 124.82 93.89 36.90
N GLN C 1041 125.36 95.01 37.38
CA GLN C 1041 126.82 95.13 37.46
C GLN C 1041 127.42 94.08 38.40
N ALA C 1042 126.77 93.87 39.55
CA ALA C 1042 127.27 92.87 40.49
C ALA C 1042 127.22 91.46 39.89
N VAL C 1043 126.14 91.14 39.18
CA VAL C 1043 126.02 89.83 38.54
C VAL C 1043 127.03 89.68 37.42
N ARG C 1044 127.33 90.75 36.69
CA ARG C 1044 128.42 90.71 35.72
C ARG C 1044 129.74 90.39 36.39
N THR C 1045 129.99 90.99 37.56
CA THR C 1045 131.20 90.66 38.30
C THR C 1045 131.22 89.19 38.73
N LEU C 1046 130.07 88.68 39.18
CA LEU C 1046 130.00 87.27 39.55
C LEU C 1046 130.29 86.37 38.36
N LEU C 1047 129.74 86.70 37.19
CA LEU C 1047 130.02 85.92 35.99
C LEU C 1047 131.49 85.98 35.61
N GLY C 1048 132.10 87.16 35.74
CA GLY C 1048 133.53 87.28 35.48
C GLY C 1048 134.37 86.44 36.41
N TYR C 1049 134.00 86.42 37.70
CA TYR C 1049 134.70 85.56 38.65
C TYR C 1049 134.38 84.08 38.45
N GLY C 1050 133.30 83.77 37.75
CA GLY C 1050 132.97 82.39 37.45
C GLY C 1050 132.04 81.73 38.45
N TYR C 1051 130.90 82.37 38.72
CA TYR C 1051 129.90 81.79 39.60
C TYR C 1051 129.16 80.68 38.87
N ASN C 1052 128.86 79.60 39.60
CA ASN C 1052 128.08 78.48 39.08
C ASN C 1052 126.64 78.53 39.57
N ILE C 1053 126.09 79.73 39.69
CA ILE C 1053 124.74 79.90 40.22
C ILE C 1053 123.73 79.33 39.23
N GLU C 1054 122.81 78.51 39.74
CA GLU C 1054 121.79 77.87 38.92
C GLU C 1054 120.42 78.19 39.51
N PRO C 1055 119.45 78.61 38.68
CA PRO C 1055 118.12 78.87 39.21
C PRO C 1055 117.50 77.58 39.73
N PRO C 1056 116.65 77.68 40.76
CA PRO C 1056 115.98 76.51 41.35
C PRO C 1056 114.95 75.90 40.41
N ASN C 1065 87.78 75.15 43.05
CA ASN C 1065 86.52 74.70 42.48
C ASN C 1065 85.70 75.90 42.02
N GLN C 1066 85.43 76.82 42.95
CA GLN C 1066 84.68 78.03 42.61
C GLN C 1066 85.46 78.89 41.62
N SER C 1067 86.77 79.00 41.79
CA SER C 1067 87.59 79.81 40.90
C SER C 1067 87.71 79.23 39.51
N ARG C 1068 87.45 77.92 39.34
CA ARG C 1068 87.53 77.32 38.02
C ARG C 1068 86.50 77.91 37.07
N TRP C 1069 85.27 78.11 37.55
CA TRP C 1069 84.23 78.70 36.72
C TRP C 1069 84.50 80.16 36.39
N ASP C 1070 85.32 80.84 37.20
CA ASP C 1070 85.62 82.26 36.99
C ASP C 1070 86.70 82.48 35.94
N ARG C 1071 87.17 81.43 35.27
CA ARG C 1071 88.23 81.57 34.28
C ARG C 1071 87.76 81.39 32.85
N VAL C 1072 86.71 80.61 32.61
CA VAL C 1072 86.26 80.25 31.27
C VAL C 1072 84.80 80.67 31.12
N ARG C 1073 84.52 81.38 30.02
CA ARG C 1073 83.16 81.78 29.66
C ARG C 1073 82.82 81.20 28.30
N ILE C 1074 81.67 80.54 28.20
CA ILE C 1074 81.27 79.83 27.00
C ILE C 1074 80.11 80.57 26.34
N PHE C 1075 80.25 80.83 25.04
CA PHE C 1075 79.20 81.44 24.24
C PHE C 1075 78.72 80.44 23.19
N ARG C 1076 77.40 80.35 23.04
CA ARG C 1076 76.82 79.44 22.06
C ARG C 1076 75.52 80.03 21.53
N ALA C 1077 75.11 79.56 20.36
CA ALA C 1077 73.86 80.01 19.78
C ALA C 1077 72.68 79.34 20.48
N GLU C 1078 71.49 79.89 20.25
CA GLU C 1078 70.28 79.32 20.83
C GLU C 1078 69.99 77.97 20.21
N LYS C 1079 69.33 77.10 21.00
CA LYS C 1079 69.04 75.75 20.56
C LYS C 1079 68.00 75.68 19.46
N SER C 1080 67.41 76.80 19.07
CA SER C 1080 66.45 76.81 17.96
C SER C 1080 67.12 76.88 16.60
N TYR C 1081 68.45 77.03 16.56
CA TYR C 1081 69.19 77.13 15.30
C TYR C 1081 69.98 75.86 14.99
N THR C 1082 69.66 74.74 15.64
CA THR C 1082 70.38 73.50 15.39
C THR C 1082 70.16 73.03 13.96
N VAL C 1083 71.23 72.56 13.34
CA VAL C 1083 71.20 72.10 11.95
C VAL C 1083 71.59 70.64 11.91
N GLN C 1084 70.86 69.86 11.11
CA GLN C 1084 71.10 68.43 10.98
C GLN C 1084 71.44 68.01 9.54
N SER C 1085 71.59 68.97 8.63
CA SER C 1085 71.95 68.66 7.26
C SER C 1085 72.59 69.88 6.62
N GLY C 1086 73.33 69.64 5.55
CA GLY C 1086 73.91 70.70 4.77
C GLY C 1086 75.37 70.97 5.09
N ARG C 1087 75.89 72.02 4.44
CA ARG C 1087 77.27 72.45 4.59
C ARG C 1087 77.26 73.90 5.10
N TRP C 1088 77.68 74.09 6.34
CA TRP C 1088 77.63 75.39 6.99
C TRP C 1088 79.04 75.90 7.30
N TYR C 1089 79.16 77.22 7.34
CA TYR C 1089 80.45 77.87 7.55
C TYR C 1089 80.26 79.11 8.42
N PHE C 1090 81.16 79.30 9.38
CA PHE C 1090 81.19 80.54 10.15
C PHE C 1090 82.64 80.87 10.49
N GLU C 1091 82.85 82.07 11.03
CA GLU C 1091 84.20 82.58 11.21
C GLU C 1091 84.40 83.11 12.63
N PHE C 1092 85.64 83.03 13.10
CA PHE C 1092 86.02 83.55 14.39
C PHE C 1092 87.34 84.30 14.25
N GLU C 1093 87.51 85.38 15.00
CA GLU C 1093 88.72 86.19 14.94
C GLU C 1093 89.28 86.35 16.34
N ALA C 1094 90.56 85.98 16.50
CA ALA C 1094 91.25 86.07 17.77
C ALA C 1094 91.97 87.41 17.83
N VAL C 1095 91.33 88.41 18.44
CA VAL C 1095 91.93 89.73 18.54
C VAL C 1095 93.12 89.70 19.51
N THR C 1096 92.99 88.98 20.61
CA THR C 1096 94.04 88.86 21.61
C THR C 1096 94.56 87.42 21.62
N THR C 1097 95.87 87.26 21.45
CA THR C 1097 96.46 85.93 21.44
C THR C 1097 96.32 85.30 22.82
N GLY C 1098 95.57 84.21 22.90
CA GLY C 1098 95.33 83.59 24.18
C GLY C 1098 94.63 82.25 24.03
N GLU C 1099 93.94 81.85 25.09
CA GLU C 1099 93.31 80.52 25.17
C GLU C 1099 91.83 80.64 24.82
N MET C 1100 91.51 80.38 23.56
CA MET C 1100 90.13 80.27 23.13
C MET C 1100 89.94 78.96 22.37
N ARG C 1101 88.72 78.46 22.41
CA ARG C 1101 88.37 77.17 21.82
C ARG C 1101 87.11 77.36 20.99
N VAL C 1102 87.21 77.13 19.68
CA VAL C 1102 86.12 77.43 18.75
C VAL C 1102 85.75 76.17 17.99
N GLY C 1103 84.45 75.95 17.81
CA GLY C 1103 84.02 74.77 17.07
C GLY C 1103 82.52 74.58 17.11
N TRP C 1104 82.11 73.31 17.09
CA TRP C 1104 80.71 72.95 17.08
C TRP C 1104 80.38 72.14 18.34
N ALA C 1105 79.13 72.28 18.80
CA ALA C 1105 78.71 71.66 20.05
C ALA C 1105 77.29 71.13 19.90
N ARG C 1106 76.91 70.29 20.85
CA ARG C 1106 75.58 69.72 20.89
C ARG C 1106 74.67 70.57 21.76
N PRO C 1107 73.35 70.52 21.52
CA PRO C 1107 72.42 71.31 22.35
C PRO C 1107 72.47 70.94 23.82
N GLU C 1108 72.86 69.71 24.16
CA GLU C 1108 72.88 69.25 25.55
C GLU C 1108 74.08 69.78 26.31
N LEU C 1109 75.08 70.33 25.63
CA LEU C 1109 76.35 70.76 26.21
C LEU C 1109 76.16 71.51 27.53
N ARG C 1110 76.78 71.00 28.59
CA ARG C 1110 76.68 71.57 29.92
C ARG C 1110 77.60 72.78 30.06
N PRO C 1111 77.25 73.72 30.95
CA PRO C 1111 78.11 74.90 31.14
C PRO C 1111 79.32 74.66 32.01
N ASP C 1112 79.28 73.67 32.90
CA ASP C 1112 80.40 73.46 33.82
C ASP C 1112 81.60 72.84 33.12
N VAL C 1113 81.36 71.86 32.24
CA VAL C 1113 82.46 71.13 31.62
C VAL C 1113 83.16 72.00 30.59
N GLU C 1114 84.46 71.80 30.44
CA GLU C 1114 85.23 72.50 29.42
C GLU C 1114 84.88 71.99 28.03
N LEU C 1115 85.15 72.82 27.03
CA LEU C 1115 84.84 72.46 25.66
C LEU C 1115 85.75 71.33 25.18
N GLY C 1116 85.14 70.25 24.70
CA GLY C 1116 85.88 69.12 24.17
C GLY C 1116 86.23 68.05 25.18
N ALA C 1117 86.10 68.32 26.47
CA ALA C 1117 86.41 67.32 27.48
C ALA C 1117 85.44 66.15 27.46
N ASP C 1118 84.26 66.34 26.87
CA ASP C 1118 83.26 65.29 26.73
C ASP C 1118 82.99 65.06 25.25
N GLU C 1119 81.98 64.24 24.96
CA GLU C 1119 81.60 63.91 23.59
C GLU C 1119 80.62 64.92 22.99
N LEU C 1120 80.37 66.03 23.68
CA LEU C 1120 79.35 66.99 23.28
C LEU C 1120 79.91 68.18 22.52
N ALA C 1121 81.20 68.16 22.17
CA ALA C 1121 81.78 69.30 21.48
C ALA C 1121 82.98 68.85 20.65
N TYR C 1122 82.97 69.18 19.36
CA TYR C 1122 84.13 69.03 18.48
C TYR C 1122 84.73 70.42 18.33
N VAL C 1123 85.87 70.66 18.97
CA VAL C 1123 86.39 72.01 19.10
C VAL C 1123 87.86 72.04 18.70
N PHE C 1124 88.36 73.24 18.42
CA PHE C 1124 89.76 73.45 18.08
C PHE C 1124 90.31 74.54 18.99
N ASN C 1125 91.46 74.27 19.59
CA ASN C 1125 92.16 75.21 20.46
C ASN C 1125 93.41 75.68 19.72
N GLY C 1126 93.41 76.94 19.30
CA GLY C 1126 94.50 77.52 18.57
C GLY C 1126 95.63 78.09 19.41
N HIS C 1127 95.50 78.04 20.74
CA HIS C 1127 96.61 78.50 21.58
C HIS C 1127 97.76 77.52 21.57
N ARG C 1128 97.47 76.23 21.46
CA ARG C 1128 98.49 75.19 21.40
C ARG C 1128 98.38 74.33 20.15
N GLY C 1129 97.35 74.52 19.33
CA GLY C 1129 97.16 73.72 18.15
C GLY C 1129 96.65 72.32 18.45
N GLN C 1130 95.50 72.23 19.10
CA GLN C 1130 94.96 70.93 19.52
C GLN C 1130 93.50 70.81 19.11
N ARG C 1131 93.19 69.72 18.42
CA ARG C 1131 91.79 69.34 18.22
C ARG C 1131 91.30 68.60 19.45
N TRP C 1132 90.10 68.94 19.89
CA TRP C 1132 89.60 68.51 21.20
C TRP C 1132 88.20 67.92 21.04
N HIS C 1133 88.08 66.63 21.32
CA HIS C 1133 86.80 65.95 21.42
C HIS C 1133 87.03 64.72 22.29
N LEU C 1134 86.42 64.70 23.47
CA LEU C 1134 86.61 63.60 24.42
C LEU C 1134 88.09 63.31 24.60
N GLY C 1135 88.90 64.34 24.51
CA GLY C 1135 90.36 64.23 24.61
C GLY C 1135 91.04 65.18 23.64
N SER C 1136 92.31 65.45 23.91
CA SER C 1136 93.09 66.42 23.15
C SER C 1136 94.12 65.71 22.29
N GLU C 1137 94.20 66.10 21.01
CA GLU C 1137 95.18 65.55 20.09
C GLU C 1137 95.78 66.68 19.26
N PRO C 1138 97.09 66.67 19.05
CA PRO C 1138 97.72 67.76 18.29
C PRO C 1138 97.18 67.81 16.87
N PHE C 1139 97.01 69.03 16.36
CA PHE C 1139 96.45 69.26 15.03
C PHE C 1139 96.67 70.72 14.65
N GLY C 1140 97.09 70.94 13.41
CA GLY C 1140 97.29 72.30 12.95
C GLY C 1140 98.47 72.98 13.61
N ARG C 1141 98.41 74.30 13.65
CA ARG C 1141 99.44 75.14 14.23
C ARG C 1141 98.80 76.23 15.07
N PRO C 1142 99.52 76.75 16.05
CA PRO C 1142 98.98 77.87 16.84
C PRO C 1142 98.78 79.12 16.00
N TRP C 1143 97.79 79.91 16.39
CA TRP C 1143 97.44 81.12 15.65
C TRP C 1143 98.21 82.33 16.18
N GLN C 1144 97.95 83.48 15.60
CA GLN C 1144 98.51 84.76 16.02
C GLN C 1144 97.37 85.73 16.33
N SER C 1145 97.73 86.98 16.60
CA SER C 1145 96.74 88.01 16.86
C SER C 1145 96.21 88.58 15.55
N GLY C 1146 94.89 88.62 15.40
CA GLY C 1146 94.27 89.12 14.21
C GLY C 1146 93.98 88.09 13.14
N ASP C 1147 94.42 86.84 13.33
CA ASP C 1147 94.15 85.78 12.37
C ASP C 1147 92.75 85.25 12.54
N VAL C 1148 92.09 84.94 11.43
CA VAL C 1148 90.71 84.48 11.41
C VAL C 1148 90.69 83.00 11.10
N VAL C 1149 89.93 82.24 11.89
CA VAL C 1149 89.76 80.81 11.69
C VAL C 1149 88.31 80.57 11.26
N GLY C 1150 88.15 79.87 10.15
CA GLY C 1150 86.84 79.52 9.63
C GLY C 1150 86.53 78.06 9.94
N CYS C 1151 85.38 77.85 10.56
CA CYS C 1151 84.89 76.51 10.88
C CYS C 1151 83.81 76.13 9.87
N MET C 1152 84.00 74.97 9.24
CA MET C 1152 83.09 74.47 8.21
C MET C 1152 82.65 73.07 8.62
N ILE C 1153 81.34 72.85 8.62
CA ILE C 1153 80.77 71.55 8.92
C ILE C 1153 80.04 71.04 7.68
N ASP C 1154 80.21 69.75 7.39
CA ASP C 1154 79.56 69.09 6.26
C ASP C 1154 78.83 67.88 6.84
N LEU C 1155 77.51 68.00 6.98
CA LEU C 1155 76.72 66.91 7.53
C LEU C 1155 76.37 65.85 6.51
N THR C 1156 76.56 66.13 5.22
CA THR C 1156 76.40 65.09 4.21
C THR C 1156 77.60 64.14 4.19
N GLU C 1157 78.81 64.69 4.38
CA GLU C 1157 80.02 63.88 4.44
C GLU C 1157 80.47 63.59 5.86
N ASN C 1158 79.79 64.15 6.87
CA ASN C 1158 80.14 63.96 8.27
C ASN C 1158 81.59 64.38 8.54
N THR C 1159 81.88 65.63 8.20
CA THR C 1159 83.25 66.14 8.31
C THR C 1159 83.25 67.54 8.91
N ILE C 1160 84.37 67.89 9.53
CA ILE C 1160 84.61 69.21 10.11
C ILE C 1160 85.98 69.69 9.66
N ILE C 1161 86.04 70.92 9.16
CA ILE C 1161 87.26 71.49 8.60
C ILE C 1161 87.52 72.84 9.25
N PHE C 1162 88.76 73.07 9.67
CA PHE C 1162 89.19 74.35 10.23
C PHE C 1162 90.22 74.96 9.28
N THR C 1163 89.97 76.18 8.84
CA THR C 1163 90.86 76.87 7.90
C THR C 1163 91.40 78.13 8.57
N LEU C 1164 92.72 78.26 8.59
CA LEU C 1164 93.38 79.42 9.19
C LEU C 1164 93.81 80.36 8.07
N ASN C 1165 93.20 81.56 8.03
CA ASN C 1165 93.51 82.58 7.04
C ASN C 1165 93.36 82.04 5.61
N GLY C 1166 92.32 81.25 5.40
CA GLY C 1166 92.05 80.69 4.10
C GLY C 1166 92.85 79.45 3.75
N GLU C 1167 93.71 78.99 4.64
CA GLU C 1167 94.51 77.79 4.41
C GLU C 1167 94.05 76.70 5.38
N VAL C 1168 93.74 75.53 4.83
CA VAL C 1168 93.21 74.44 5.65
C VAL C 1168 94.29 73.95 6.59
N LEU C 1169 93.97 73.89 7.88
CA LEU C 1169 94.90 73.35 8.86
C LEU C 1169 95.16 71.87 8.58
N MET C 1170 96.40 71.45 8.81
CA MET C 1170 96.87 70.14 8.41
C MET C 1170 97.05 69.26 9.64
N SER C 1171 96.60 68.01 9.53
CA SER C 1171 96.80 67.04 10.58
C SER C 1171 98.16 66.35 10.41
N ASP C 1172 98.61 65.68 11.47
CA ASP C 1172 99.90 64.99 11.41
C ASP C 1172 99.89 63.85 10.40
N SER C 1173 98.79 63.08 10.35
CA SER C 1173 98.70 61.97 9.41
C SER C 1173 98.63 62.46 7.97
N GLY C 1174 97.97 63.60 7.74
CA GLY C 1174 97.85 64.12 6.39
C GLY C 1174 96.41 64.17 5.90
N SER C 1175 95.47 64.33 6.81
CA SER C 1175 94.04 64.40 6.48
C SER C 1175 93.57 65.84 6.65
N GLU C 1176 92.81 66.32 5.66
CA GLU C 1176 92.31 67.69 5.72
C GLU C 1176 91.19 67.84 6.74
N THR C 1177 90.43 66.77 6.98
CA THR C 1177 89.31 66.83 7.92
C THR C 1177 89.84 66.65 9.34
N ALA C 1178 89.55 67.62 10.21
CA ALA C 1178 89.91 67.50 11.61
C ALA C 1178 89.20 66.32 12.28
N PHE C 1179 87.91 66.16 11.97
CA PHE C 1179 87.12 65.05 12.46
C PHE C 1179 86.34 64.42 11.32
N ARG C 1180 86.03 63.14 11.47
CA ARG C 1180 85.29 62.41 10.45
C ARG C 1180 84.44 61.35 11.14
N GLU C 1181 83.57 60.70 10.35
CA GLU C 1181 82.65 59.69 10.84
C GLU C 1181 81.78 60.23 11.98
N ILE C 1182 81.30 61.45 11.81
CA ILE C 1182 80.52 62.13 12.84
C ILE C 1182 79.05 61.80 12.63
N GLU C 1183 78.43 61.19 13.64
CA GLU C 1183 76.99 60.94 13.59
C GLU C 1183 76.23 62.25 13.79
N ILE C 1184 75.16 62.43 13.01
CA ILE C 1184 74.38 63.66 13.09
C ILE C 1184 73.72 63.78 14.47
N GLY C 1185 73.13 62.70 14.95
CA GLY C 1185 72.50 62.74 16.26
C GLY C 1185 71.34 63.71 16.30
N ASP C 1186 71.37 64.61 17.28
CA ASP C 1186 70.30 65.58 17.48
C ASP C 1186 70.57 66.93 16.83
N GLY C 1187 71.83 67.24 16.50
CA GLY C 1187 72.14 68.49 15.84
C GLY C 1187 73.43 69.13 16.31
N PHE C 1188 73.80 70.26 15.70
CA PHE C 1188 75.01 70.97 16.05
C PHE C 1188 74.75 72.47 16.09
N LEU C 1189 75.55 73.16 16.89
CA LEU C 1189 75.47 74.61 17.05
C LEU C 1189 76.88 75.18 17.08
N PRO C 1190 77.07 76.41 16.59
CA PRO C 1190 78.36 77.08 16.78
C PRO C 1190 78.63 77.30 18.26
N VAL C 1191 79.91 77.24 18.64
CA VAL C 1191 80.29 77.42 20.03
C VAL C 1191 81.70 77.97 20.09
N CYS C 1192 81.95 78.80 21.12
CA CYS C 1192 83.27 79.36 21.36
C CYS C 1192 83.42 79.62 22.84
N SER C 1193 84.64 79.44 23.33
CA SER C 1193 84.98 79.64 24.73
C SER C 1193 86.23 80.49 24.82
N LEU C 1194 86.23 81.45 25.75
CA LEU C 1194 87.32 82.39 25.91
C LEU C 1194 87.90 82.28 27.32
N GLY C 1195 89.22 82.44 27.43
CA GLY C 1195 89.86 82.42 28.72
C GLY C 1195 89.88 83.78 29.39
N PRO C 1196 90.63 83.88 30.49
CA PRO C 1196 90.70 85.17 31.20
C PRO C 1196 91.38 86.23 30.36
N GLY C 1197 90.80 87.43 30.40
CA GLY C 1197 91.37 88.56 29.69
C GLY C 1197 91.49 88.35 28.19
N GLN C 1198 90.52 87.70 27.58
CA GLN C 1198 90.53 87.41 26.16
C GLN C 1198 89.34 88.05 25.47
N VAL C 1199 89.54 88.46 24.22
CA VAL C 1199 88.47 89.01 23.40
C VAL C 1199 88.48 88.30 22.05
N GLY C 1200 87.31 88.23 21.44
CA GLY C 1200 87.19 87.56 20.15
C GLY C 1200 85.96 88.04 19.42
N HIS C 1201 86.04 88.01 18.09
CA HIS C 1201 84.96 88.49 17.22
C HIS C 1201 84.38 87.30 16.47
N LEU C 1202 83.13 86.95 16.76
CA LEU C 1202 82.46 85.83 16.13
C LEU C 1202 81.56 86.36 15.02
N ASN C 1203 81.77 85.87 13.79
CA ASN C 1203 81.00 86.30 12.63
C ASN C 1203 80.27 85.08 12.07
N LEU C 1204 78.96 85.02 12.32
CA LEU C 1204 78.17 83.91 11.81
C LEU C 1204 78.00 83.98 10.30
N GLY C 1205 77.88 85.19 9.75
CA GLY C 1205 77.78 85.36 8.32
C GLY C 1205 76.47 85.94 7.84
N GLN C 1206 75.87 86.82 8.64
CA GLN C 1206 74.63 87.46 8.22
C GLN C 1206 74.83 88.31 6.98
N ASP C 1207 75.98 89.00 6.91
CA ASP C 1207 76.35 89.78 5.74
C ASP C 1207 77.55 89.12 5.07
N VAL C 1208 77.41 88.77 3.80
CA VAL C 1208 78.50 88.12 3.07
C VAL C 1208 79.65 89.08 2.83
N SER C 1209 79.36 90.38 2.72
CA SER C 1209 80.42 91.36 2.49
C SER C 1209 81.35 91.49 3.68
N SER C 1210 80.90 91.14 4.88
CA SER C 1210 81.73 91.18 6.07
C SER C 1210 82.45 89.87 6.34
N LEU C 1211 82.25 88.86 5.51
CA LEU C 1211 82.87 87.55 5.70
C LEU C 1211 84.21 87.51 4.97
N ARG C 1212 85.29 87.27 5.71
CA ARG C 1212 86.62 87.19 5.13
C ARG C 1212 86.96 85.74 4.80
N PHE C 1213 87.70 85.55 3.71
CA PHE C 1213 88.23 84.25 3.29
C PHE C 1213 87.14 83.24 2.97
N PHE C 1214 85.87 83.68 3.01
CA PHE C 1214 84.80 82.81 2.55
C PHE C 1214 84.91 82.51 1.06
N ALA C 1215 85.29 83.53 0.27
CA ALA C 1215 85.55 83.30 -1.15
C ALA C 1215 86.78 82.44 -1.36
N ILE C 1216 87.78 82.58 -0.48
CA ILE C 1216 88.99 81.76 -0.60
C ILE C 1216 88.66 80.30 -0.37
N CYS C 1217 87.88 80.01 0.67
CA CYS C 1217 87.49 78.63 0.98
C CYS C 1217 86.04 78.61 1.44
N GLY C 1218 85.23 77.77 0.81
CA GLY C 1218 83.84 77.57 1.18
C GLY C 1218 82.84 78.07 0.16
N LEU C 1219 83.19 79.12 -0.60
CA LEU C 1219 82.25 79.70 -1.54
C LEU C 1219 81.92 78.74 -2.68
N GLN C 1220 82.95 78.19 -3.31
CA GLN C 1220 82.76 77.29 -4.44
C GLN C 1220 82.72 75.82 -4.03
N GLU C 1221 82.86 75.52 -2.74
CA GLU C 1221 82.75 74.16 -2.25
C GLU C 1221 81.35 73.79 -1.79
N GLY C 1222 80.38 74.69 -1.97
CA GLY C 1222 79.01 74.41 -1.56
C GLY C 1222 78.73 74.64 -0.09
N PHE C 1223 79.48 75.53 0.56
CA PHE C 1223 79.28 75.85 1.97
C PHE C 1223 78.59 77.20 2.09
N GLU C 1224 77.53 77.23 2.89
CA GLU C 1224 76.77 78.46 3.07
C GLU C 1224 77.11 79.11 4.42
N PRO C 1225 77.16 80.43 4.48
CA PRO C 1225 77.38 81.10 5.77
C PRO C 1225 76.22 80.84 6.71
N PHE C 1226 76.54 80.66 7.98
CA PHE C 1226 75.52 80.41 8.99
C PHE C 1226 74.64 81.65 9.14
N ALA C 1227 73.32 81.45 9.12
CA ALA C 1227 72.35 82.53 9.19
C ALA C 1227 72.57 83.56 8.08
N ILE C 1228 72.41 83.09 6.85
CA ILE C 1228 72.64 83.93 5.67
C ILE C 1228 71.41 84.75 5.32
N ASN C 1229 70.23 84.13 5.28
CA ASN C 1229 69.00 84.81 4.91
C ASN C 1229 68.19 85.28 6.12
N MET C 1230 68.76 85.16 7.32
CA MET C 1230 68.03 85.54 8.52
C MET C 1230 67.90 87.06 8.62
N GLN C 1231 66.69 87.53 8.94
CA GLN C 1231 66.45 88.96 9.01
C GLN C 1231 67.05 89.58 10.26
N ARG C 1232 67.02 88.87 11.38
CA ARG C 1232 67.51 89.41 12.63
C ARG C 1232 68.77 88.67 13.08
N PRO C 1233 69.66 89.32 13.82
CA PRO C 1233 70.86 88.64 14.31
C PRO C 1233 70.53 87.49 15.24
N VAL C 1234 71.38 86.46 15.20
CA VAL C 1234 71.14 85.26 15.98
C VAL C 1234 71.35 85.55 17.46
N THR C 1235 70.38 85.18 18.28
CA THR C 1235 70.53 85.30 19.73
C THR C 1235 71.49 84.23 20.24
N THR C 1236 72.31 84.60 21.22
CA THR C 1236 73.30 83.71 21.78
C THR C 1236 73.13 83.59 23.28
N TRP C 1237 73.54 82.45 23.83
CA TRP C 1237 73.46 82.17 25.25
C TRP C 1237 74.86 82.05 25.83
N PHE C 1238 75.04 82.55 27.04
CA PHE C 1238 76.32 82.49 27.73
C PHE C 1238 76.14 81.87 29.10
N SER C 1239 77.21 81.22 29.58
CA SER C 1239 77.17 80.49 30.84
C SER C 1239 77.43 81.47 31.98
N LYS C 1240 76.36 81.94 32.61
CA LYS C 1240 76.50 82.84 33.74
C LYS C 1240 77.06 82.11 34.94
N SER C 1241 77.91 82.79 35.71
CA SER C 1241 78.62 82.19 36.84
C SER C 1241 78.03 82.60 38.18
N LEU C 1242 76.70 82.73 38.26
CA LEU C 1242 76.06 83.07 39.51
C LEU C 1242 75.47 81.82 40.13
N PRO C 1243 75.99 81.36 41.28
CA PRO C 1243 75.45 80.13 41.89
C PRO C 1243 73.99 80.29 42.28
N GLN C 1244 73.22 79.22 42.08
CA GLN C 1244 71.80 79.21 42.39
C GLN C 1244 71.40 77.82 42.84
N PHE C 1245 70.29 77.74 43.58
CA PHE C 1245 69.80 76.49 44.11
C PHE C 1245 68.91 75.79 43.09
N GLU C 1246 69.21 74.53 42.82
CA GLU C 1246 68.46 73.71 41.86
C GLU C 1246 68.15 72.36 42.49
N PRO C 1247 67.06 71.71 42.05
CA PRO C 1247 66.71 70.41 42.62
C PRO C 1247 67.78 69.37 42.34
N VAL C 1248 67.92 68.43 43.27
CA VAL C 1248 68.89 67.34 43.15
C VAL C 1248 68.41 66.38 42.08
N PRO C 1249 69.19 66.14 41.02
CA PRO C 1249 68.74 65.23 39.97
C PRO C 1249 68.66 63.81 40.49
N PRO C 1250 67.70 63.01 39.99
CA PRO C 1250 67.59 61.63 40.45
C PRO C 1250 68.70 60.72 39.95
N GLU C 1251 69.42 61.10 38.90
CA GLU C 1251 70.46 60.28 38.31
C GLU C 1251 71.86 60.72 38.72
N HIS C 1252 71.99 61.55 39.74
CA HIS C 1252 73.29 62.02 40.18
C HIS C 1252 74.11 60.85 40.70
N PRO C 1253 75.32 60.61 40.17
CA PRO C 1253 76.05 59.39 40.54
C PRO C 1253 76.55 59.35 41.97
N HIS C 1254 76.63 60.50 42.66
CA HIS C 1254 77.27 60.55 43.97
C HIS C 1254 76.32 60.74 45.14
N TYR C 1255 75.14 61.30 44.91
CA TYR C 1255 74.23 61.61 46.00
C TYR C 1255 72.83 61.07 45.68
N GLU C 1256 72.14 60.61 46.73
CA GLU C 1256 70.80 60.07 46.60
C GLU C 1256 69.97 60.51 47.80
N VAL C 1257 68.73 60.90 47.54
CA VAL C 1257 67.82 61.39 48.57
C VAL C 1257 66.63 60.43 48.66
N ALA C 1258 66.31 60.01 49.87
CA ALA C 1258 65.22 59.06 50.12
C ALA C 1258 64.11 59.75 50.90
N ARG C 1259 62.87 59.49 50.48
CA ARG C 1259 61.69 60.06 51.13
C ARG C 1259 61.09 58.97 52.02
N MET C 1260 61.52 58.95 53.28
CA MET C 1260 61.03 57.96 54.22
C MET C 1260 59.72 58.42 54.84
N ASP C 1261 58.76 57.51 54.91
CA ASP C 1261 57.45 57.83 55.45
C ASP C 1261 57.47 57.87 56.98
N GLY C 1262 56.36 58.28 57.57
CA GLY C 1262 56.23 58.40 59.00
C GLY C 1262 55.59 57.17 59.63
N THR C 1263 55.94 56.93 60.90
CA THR C 1263 55.41 55.80 61.64
C THR C 1263 54.80 56.28 62.94
N VAL C 1264 54.48 55.34 63.85
CA VAL C 1264 53.82 55.69 65.10
C VAL C 1264 54.70 56.61 65.94
N ASP C 1265 56.01 56.36 65.96
CA ASP C 1265 56.93 57.11 66.81
C ASP C 1265 57.96 57.92 66.03
N THR C 1266 57.87 57.95 64.70
CA THR C 1266 58.83 58.69 63.89
C THR C 1266 58.09 59.60 62.91
N PRO C 1267 58.49 60.87 62.80
CA PRO C 1267 57.83 61.77 61.86
C PRO C 1267 58.39 61.59 60.46
N PRO C 1268 57.78 62.22 59.46
CA PRO C 1268 58.36 62.18 58.11
C PRO C 1268 59.74 62.80 58.08
N CYS C 1269 60.57 62.30 57.16
CA CYS C 1269 61.96 62.72 57.11
C CYS C 1269 62.51 62.47 55.70
N LEU C 1270 63.47 63.32 55.32
CA LEU C 1270 64.19 63.19 54.06
C LEU C 1270 65.66 62.93 54.38
N ARG C 1271 66.16 61.77 53.96
CA ARG C 1271 67.50 61.31 54.32
C ARG C 1271 68.44 61.44 53.13
N LEU C 1272 69.68 61.87 53.40
CA LEU C 1272 70.68 62.02 52.37
C LEU C 1272 71.75 60.94 52.53
N ALA C 1273 72.15 60.34 51.40
CA ALA C 1273 73.13 59.26 51.41
C ALA C 1273 74.11 59.43 50.25
N HIS C 1274 75.28 58.82 50.40
CA HIS C 1274 76.35 58.88 49.40
C HIS C 1274 76.40 57.56 48.66
N ARG C 1275 76.23 57.61 47.33
CA ARG C 1275 76.25 56.39 46.54
C ARG C 1275 77.66 55.84 46.40
N THR C 1276 78.64 56.70 46.11
CA THR C 1276 79.98 56.26 45.74
C THR C 1276 80.97 56.41 46.90
N TRP C 1277 80.49 56.41 48.14
CA TRP C 1277 81.38 56.54 49.28
C TRP C 1277 82.30 55.33 49.38
N GLY C 1278 83.54 55.57 49.79
CA GLY C 1278 84.51 54.50 49.93
C GLY C 1278 84.92 53.85 48.62
N SER C 1279 85.12 54.65 47.58
CA SER C 1279 85.52 54.13 46.27
C SER C 1279 86.61 55.02 45.70
N GLN C 1280 87.39 54.45 44.77
CA GLN C 1280 88.49 55.18 44.18
C GLN C 1280 87.99 56.38 43.38
N ASN C 1281 86.93 56.19 42.59
CA ASN C 1281 86.39 57.26 41.75
C ASN C 1281 85.21 57.93 42.46
N SER C 1282 85.55 58.64 43.54
CA SER C 1282 84.58 59.35 44.34
C SER C 1282 85.08 60.76 44.63
N LEU C 1283 84.14 61.70 44.72
CA LEU C 1283 84.46 63.09 45.02
C LEU C 1283 83.76 63.48 46.32
N VAL C 1284 84.50 64.15 47.20
CA VAL C 1284 83.98 64.63 48.48
C VAL C 1284 84.24 66.13 48.55
N GLU C 1285 83.20 66.90 48.81
CA GLU C 1285 83.29 68.35 48.84
C GLU C 1285 82.11 68.90 49.62
N MET C 1286 82.19 70.18 49.94
CA MET C 1286 81.13 70.83 50.70
C MET C 1286 79.83 70.82 49.92
N LEU C 1287 78.72 70.61 50.62
CA LEU C 1287 77.40 70.46 50.01
C LEU C 1287 76.45 71.45 50.66
N PHE C 1288 75.81 72.27 49.83
CA PHE C 1288 74.87 73.29 50.29
C PHE C 1288 73.47 72.86 49.87
N LEU C 1289 72.62 72.52 50.84
CA LEU C 1289 71.28 72.01 50.56
C LEU C 1289 70.25 72.89 51.27
N ARG C 1290 69.08 73.01 50.65
CA ARG C 1290 67.97 73.76 51.21
C ARG C 1290 66.67 73.06 50.88
N LEU C 1291 65.59 73.53 51.48
CA LEU C 1291 64.25 73.04 51.19
C LEU C 1291 63.57 73.98 50.19
N SER C 1292 62.73 73.38 49.33
CA SER C 1292 62.19 74.14 48.20
C SER C 1292 61.13 75.16 48.61
N LEU C 1293 60.56 75.03 49.81
CA LEU C 1293 59.47 75.93 50.18
C LEU C 1293 59.85 76.79 51.38
N PRO C 1294 59.53 78.08 51.35
CA PRO C 1294 59.89 78.98 52.44
C PRO C 1294 58.78 79.12 53.48
N VAL C 1295 59.15 79.72 54.61
CA VAL C 1295 58.21 80.13 55.64
C VAL C 1295 58.34 81.64 55.81
N GLN C 1296 57.21 82.33 55.81
CA GLN C 1296 57.16 83.78 55.78
C GLN C 1296 56.65 84.33 57.11
N PHE C 1297 57.31 85.38 57.60
CA PHE C 1297 56.93 86.01 58.85
C PHE C 1297 55.72 86.91 58.66
N HIS C 1298 55.11 87.29 59.77
CA HIS C 1298 53.93 88.13 59.74
C HIS C 1298 54.28 89.56 59.31
N GLN C 1299 53.29 90.25 58.73
CA GLN C 1299 53.52 91.63 58.28
C GLN C 1299 53.78 92.55 59.47
N HIS C 1300 53.01 92.42 60.54
CA HIS C 1300 53.19 93.21 61.75
C HIS C 1300 53.44 92.28 62.92
N PHE C 1301 54.45 92.60 63.73
CA PHE C 1301 54.80 91.79 64.89
C PHE C 1301 53.92 92.22 66.06
N ARG C 1302 52.71 91.65 66.11
CA ARG C 1302 51.78 91.97 67.18
C ARG C 1302 52.10 91.17 68.42
N CYS C 1303 53.34 91.24 68.89
CA CYS C 1303 53.82 90.49 70.06
C CYS C 1303 53.58 89.00 69.79
N THR C 1304 53.14 88.23 70.78
CA THR C 1304 52.88 86.79 70.65
C THR C 1304 54.03 86.05 69.99
N ASN C 1420 54.25 64.95 75.22
CA ASN C 1420 53.13 64.35 75.94
C ASN C 1420 51.79 64.89 75.43
N ARG C 1421 50.81 64.96 76.33
CA ARG C 1421 49.49 65.46 75.96
C ARG C 1421 49.55 66.97 75.75
N ASP C 1422 49.15 67.43 74.57
CA ASP C 1422 49.18 68.84 74.23
C ASP C 1422 47.79 69.43 74.26
N ASP C 1423 47.66 70.60 74.87
CA ASP C 1423 46.36 71.18 75.17
C ASP C 1423 45.82 71.89 73.94
N PRO C 1424 44.58 71.60 73.52
CA PRO C 1424 44.08 72.18 72.24
C PRO C 1424 44.07 73.69 72.19
N GLU C 1425 43.85 74.40 73.29
CA GLU C 1425 43.89 75.86 73.21
C GLU C 1425 45.28 76.32 72.80
N ILE C 1426 46.32 75.70 73.36
CA ILE C 1426 47.68 76.02 72.95
C ILE C 1426 47.92 75.59 71.50
N ILE C 1427 47.34 74.45 71.10
CA ILE C 1427 47.55 73.96 69.74
C ILE C 1427 47.02 74.95 68.71
N LEU C 1428 45.80 75.44 68.91
CA LEU C 1428 45.19 76.38 67.97
C LEU C 1428 45.42 77.84 68.34
N ASN C 1429 46.24 78.14 69.35
CA ASN C 1429 46.66 79.50 69.62
C ASN C 1429 48.16 79.72 69.50
N THR C 1430 48.94 78.68 69.19
CA THR C 1430 50.38 78.82 69.12
C THR C 1430 50.80 79.44 67.79
N THR C 1431 52.05 79.89 67.74
CA THR C 1431 52.63 80.46 66.54
C THR C 1431 54.01 79.88 66.22
N THR C 1432 54.65 79.20 67.16
CA THR C 1432 55.97 78.64 66.93
C THR C 1432 55.89 77.36 66.10
N TYR C 1433 56.98 77.07 65.39
CA TYR C 1433 57.09 75.89 64.55
C TYR C 1433 58.42 75.20 64.77
N TYR C 1434 58.44 73.89 64.52
CA TYR C 1434 59.56 73.02 64.80
C TYR C 1434 60.09 72.39 63.52
N TYR C 1435 61.39 72.08 63.53
CA TYR C 1435 62.11 71.58 62.37
C TYR C 1435 63.44 71.05 62.84
N SER C 1436 63.75 69.77 62.61
CA SER C 1436 64.94 69.19 63.20
C SER C 1436 65.81 68.55 62.12
N VAL C 1437 67.10 68.44 62.45
CA VAL C 1437 68.09 67.78 61.60
C VAL C 1437 68.83 66.76 62.46
N ARG C 1438 68.92 65.53 61.97
CA ARG C 1438 69.63 64.46 62.66
C ARG C 1438 70.88 64.12 61.87
N VAL C 1439 72.03 64.24 62.52
CA VAL C 1439 73.32 63.85 61.95
C VAL C 1439 73.62 62.43 62.42
N PHE C 1440 73.88 61.53 61.47
CA PHE C 1440 74.05 60.13 61.78
C PHE C 1440 75.38 59.88 62.47
N ALA C 1441 75.48 58.70 63.09
CA ALA C 1441 76.73 58.28 63.69
C ALA C 1441 77.76 57.99 62.62
N GLY C 1442 79.00 58.42 62.85
CA GLY C 1442 80.07 58.31 61.89
C GLY C 1442 80.32 59.58 61.11
N GLN C 1443 79.36 60.51 61.10
CA GLN C 1443 79.56 61.82 60.48
C GLN C 1443 79.99 62.81 61.55
N GLU C 1444 81.08 63.51 61.30
CA GLU C 1444 81.65 64.41 62.30
C GLU C 1444 80.70 65.58 62.53
N PRO C 1445 80.30 65.86 63.77
CA PRO C 1445 79.46 67.03 64.04
C PRO C 1445 80.11 68.36 63.70
N SER C 1446 81.45 68.39 63.60
CA SER C 1446 82.15 69.63 63.30
C SER C 1446 82.02 70.04 61.84
N CYS C 1447 81.48 69.18 60.98
CA CYS C 1447 81.40 69.44 59.55
C CYS C 1447 79.96 69.65 59.08
N VAL C 1448 79.07 70.06 59.97
CA VAL C 1448 77.67 70.31 59.63
C VAL C 1448 77.26 71.67 60.19
N TRP C 1449 76.45 72.39 59.44
CA TRP C 1449 75.87 73.65 59.87
C TRP C 1449 74.36 73.60 59.63
N VAL C 1450 73.59 73.95 60.67
CA VAL C 1450 72.13 73.84 60.64
C VAL C 1450 71.54 75.21 60.89
N GLY C 1451 70.57 75.61 60.06
CA GLY C 1451 69.89 76.88 60.23
C GLY C 1451 68.92 77.22 59.13
N TRP C 1452 68.84 78.50 58.78
CA TRP C 1452 67.93 78.99 57.75
C TRP C 1452 68.69 79.92 56.80
N VAL C 1453 68.16 80.06 55.59
CA VAL C 1453 68.74 80.92 54.58
C VAL C 1453 67.67 81.82 53.98
N THR C 1454 68.11 82.97 53.47
CA THR C 1454 67.26 83.90 52.76
C THR C 1454 67.28 83.58 51.27
N PRO C 1455 66.33 84.12 50.50
CA PRO C 1455 66.32 83.83 49.05
C PRO C 1455 67.57 84.27 48.31
N ASP C 1456 68.34 85.22 48.86
CA ASP C 1456 69.55 85.72 48.21
C ASP C 1456 70.77 85.12 48.90
N TYR C 1457 71.15 83.92 48.45
CA TYR C 1457 72.37 83.26 48.92
C TYR C 1457 73.03 82.61 47.72
N HIS C 1458 74.15 83.18 47.26
CA HIS C 1458 74.85 82.69 46.08
C HIS C 1458 76.33 82.49 46.35
N GLN C 1459 76.69 82.18 47.60
CA GLN C 1459 78.08 82.03 48.00
C GLN C 1459 78.44 80.54 47.98
N HIS C 1460 79.28 80.15 47.02
CA HIS C 1460 79.68 78.76 46.82
C HIS C 1460 81.12 78.53 47.26
N ASP C 1461 81.54 79.16 48.36
CA ASP C 1461 82.89 78.98 48.85
C ASP C 1461 83.07 77.55 49.38
N MET C 1462 84.16 76.91 48.96
CA MET C 1462 84.41 75.52 49.33
C MET C 1462 85.06 75.38 50.71
N ASN C 1463 85.42 76.49 51.34
CA ASN C 1463 86.00 76.47 52.68
C ASN C 1463 85.11 77.25 53.64
N PHE C 1464 83.81 76.99 53.57
CA PHE C 1464 82.84 77.79 54.31
C PHE C 1464 83.06 77.67 55.82
N ASP C 1465 83.18 78.82 56.47
CA ASP C 1465 83.22 78.93 57.92
C ASP C 1465 82.07 79.81 58.38
N LEU C 1466 81.74 79.71 59.66
CA LEU C 1466 80.67 80.53 60.21
C LEU C 1466 81.01 82.02 60.24
N SER C 1467 82.27 82.38 60.04
CA SER C 1467 82.70 83.76 60.02
C SER C 1467 82.76 84.35 58.61
N LYS C 1468 82.39 83.58 57.59
CA LYS C 1468 82.41 84.03 56.21
C LYS C 1468 81.05 84.49 55.71
N VAL C 1469 80.05 84.59 56.59
CA VAL C 1469 78.71 84.98 56.19
C VAL C 1469 78.62 86.50 56.09
N ARG C 1470 77.84 86.97 55.13
CA ARG C 1470 77.64 88.40 54.97
C ARG C 1470 76.83 88.96 56.13
N ALA C 1471 77.22 90.15 56.61
CA ALA C 1471 76.52 90.79 57.71
C ALA C 1471 76.79 92.28 57.65
N VAL C 1472 75.75 93.08 57.89
CA VAL C 1472 75.86 94.53 57.92
C VAL C 1472 74.89 95.05 58.97
N THR C 1473 75.15 96.25 59.47
CA THR C 1473 74.27 96.89 60.44
C THR C 1473 74.01 98.32 59.99
N VAL C 1474 72.76 98.64 59.71
CA VAL C 1474 72.38 100.00 59.36
C VAL C 1474 71.93 100.69 60.65
N THR C 1475 72.61 101.79 60.99
CA THR C 1475 72.31 102.52 62.21
C THR C 1475 71.76 103.89 61.85
N MET C 1476 70.56 104.19 62.34
CA MET C 1476 69.88 105.45 62.14
C MET C 1476 69.91 106.22 63.45
N GLY C 1477 70.46 107.44 63.42
CA GLY C 1477 70.55 108.29 64.57
C GLY C 1477 69.76 109.58 64.39
N ASP C 1478 69.62 110.31 65.49
CA ASP C 1478 68.91 111.59 65.47
C ASP C 1478 69.88 112.70 65.05
N GLU C 1479 69.42 113.95 65.18
CA GLU C 1479 70.28 115.08 64.84
C GLU C 1479 71.46 115.18 65.80
N GLN C 1480 71.26 114.81 67.07
CA GLN C 1480 72.32 114.88 68.07
C GLN C 1480 73.38 113.81 67.86
N GLY C 1481 73.13 112.81 67.04
CA GLY C 1481 74.08 111.75 66.75
C GLY C 1481 73.82 110.44 67.48
N ASN C 1482 73.01 110.46 68.53
CA ASN C 1482 72.70 109.21 69.24
C ASN C 1482 71.75 108.37 68.42
N VAL C 1483 72.11 107.08 68.25
CA VAL C 1483 71.35 106.20 67.36
C VAL C 1483 70.04 105.80 68.04
N HIS C 1484 68.94 105.87 67.27
CA HIS C 1484 67.66 105.35 67.73
C HIS C 1484 67.28 104.04 67.07
N SER C 1485 67.93 103.68 65.96
CA SER C 1485 67.66 102.42 65.27
C SER C 1485 68.96 101.75 64.90
N SER C 1486 68.99 100.42 65.01
CA SER C 1486 70.17 99.64 64.62
C SER C 1486 69.66 98.29 64.12
N LEU C 1487 69.65 98.11 62.80
CA LEU C 1487 69.08 96.92 62.18
C LEU C 1487 70.18 96.08 61.54
N LYS C 1488 70.21 94.80 61.87
CA LYS C 1488 71.17 93.86 61.30
C LYS C 1488 70.57 93.20 60.05
N CYS C 1489 71.40 93.03 59.03
CA CYS C 1489 71.01 92.37 57.80
C CYS C 1489 72.05 91.31 57.44
N SER C 1490 71.58 90.15 57.03
CA SER C 1490 72.44 89.04 56.67
C SER C 1490 71.67 88.12 55.73
N ASN C 1491 72.26 86.97 55.40
CA ASN C 1491 71.60 86.02 54.51
C ASN C 1491 71.78 84.57 54.96
N CYS C 1492 72.24 84.33 56.19
CA CYS C 1492 72.48 82.97 56.65
C CYS C 1492 72.47 82.98 58.17
N TYR C 1493 71.47 82.33 58.76
CA TYR C 1493 71.31 82.24 60.22
C TYR C 1493 71.42 80.78 60.60
N MET C 1494 72.64 80.32 60.88
CA MET C 1494 72.90 78.93 61.21
C MET C 1494 73.75 78.84 62.47
N VAL C 1495 73.87 77.62 62.99
CA VAL C 1495 74.77 77.30 64.08
C VAL C 1495 75.79 76.29 63.57
N TRP C 1496 76.77 75.99 64.41
CA TRP C 1496 77.82 75.03 64.08
C TRP C 1496 77.67 73.81 64.97
N GLY C 1497 77.64 72.62 64.35
CA GLY C 1497 77.46 71.39 65.09
C GLY C 1497 78.60 71.04 66.01
N GLY C 1498 79.80 71.57 65.74
CA GLY C 1498 80.94 71.28 66.60
C GLY C 1498 80.85 71.90 67.98
N ASP C 1499 80.07 72.96 68.13
CA ASP C 1499 79.91 73.60 69.43
C ASP C 1499 79.25 72.64 70.42
N PHE C 1500 78.24 71.90 69.98
CA PHE C 1500 77.53 70.98 70.88
C PHE C 1500 78.37 69.74 71.19
N VAL C 1501 79.26 69.37 70.28
CA VAL C 1501 80.07 68.17 70.49
C VAL C 1501 81.39 68.46 71.21
N SER C 1502 81.81 69.72 71.26
CA SER C 1502 83.03 70.06 72.00
C SER C 1502 82.87 69.78 73.49
N PRO C 1503 81.70 70.13 74.05
CA PRO C 1503 81.44 69.86 75.46
C PRO C 1503 81.30 68.37 75.75
N GLY C 1504 80.98 67.57 74.74
CA GLY C 1504 80.82 66.11 74.88
C GLY C 1504 79.79 65.78 75.96
N ARG C 1508 86.44 61.23 68.53
CA ARG C 1508 86.31 60.08 67.65
C ARG C 1508 84.85 59.85 67.25
N ILE C 1509 84.57 58.67 66.70
CA ILE C 1509 83.23 58.34 66.23
C ILE C 1509 82.36 57.95 67.42
N SER C 1510 81.23 58.61 67.57
CA SER C 1510 80.27 58.32 68.63
C SER C 1510 79.06 57.60 68.07
N HIS C 1511 78.50 56.69 68.88
CA HIS C 1511 77.36 55.91 68.43
C HIS C 1511 76.09 56.74 68.36
N THR C 1512 75.96 57.74 69.24
CA THR C 1512 74.73 58.52 69.34
C THR C 1512 74.63 59.51 68.18
N ASP C 1513 73.48 59.52 67.51
CA ASP C 1513 73.20 60.52 66.50
C ASP C 1513 72.89 61.87 67.17
N LEU C 1514 73.16 62.95 66.44
CA LEU C 1514 73.00 64.29 66.99
C LEU C 1514 71.77 64.96 66.40
N VAL C 1515 70.81 65.31 67.25
CA VAL C 1515 69.56 65.92 66.82
C VAL C 1515 69.58 67.39 67.22
N ILE C 1516 69.42 68.27 66.23
CA ILE C 1516 69.40 69.71 66.45
C ILE C 1516 68.07 70.24 65.94
N GLY C 1517 67.34 70.94 66.80
CA GLY C 1517 66.03 71.48 66.47
C GLY C 1517 66.09 73.00 66.39
N CYS C 1518 65.32 73.57 65.47
CA CYS C 1518 65.27 75.00 65.24
C CYS C 1518 63.85 75.49 65.43
N LEU C 1519 63.61 76.17 66.56
CA LEU C 1519 62.29 76.72 66.85
C LEU C 1519 62.16 78.09 66.19
N VAL C 1520 61.08 78.29 65.45
CA VAL C 1520 60.83 79.56 64.79
C VAL C 1520 59.54 80.15 65.33
N ASP C 1521 59.48 81.49 65.39
CA ASP C 1521 58.25 82.18 65.76
C ASP C 1521 57.97 83.26 64.72
N LEU C 1522 56.83 83.13 64.04
CA LEU C 1522 56.48 84.04 62.96
C LEU C 1522 55.77 85.30 63.45
N ALA C 1523 55.46 85.40 64.74
CA ALA C 1523 54.82 86.57 65.31
C ALA C 1523 55.80 87.46 66.07
N THR C 1524 56.55 86.89 67.02
CA THR C 1524 57.58 87.66 67.70
C THR C 1524 58.70 88.05 66.74
N GLY C 1525 59.09 87.13 65.87
CA GLY C 1525 60.17 87.37 64.94
C GLY C 1525 61.50 86.75 65.30
N LEU C 1526 61.54 85.79 66.21
CA LEU C 1526 62.78 85.22 66.69
C LEU C 1526 62.84 83.72 66.39
N MET C 1527 64.07 83.25 66.19
CA MET C 1527 64.34 81.83 66.04
C MET C 1527 65.47 81.42 66.99
N THR C 1528 65.28 80.27 67.63
CA THR C 1528 66.20 79.73 68.61
C THR C 1528 66.59 78.30 68.20
N PHE C 1529 67.65 77.79 68.82
CA PHE C 1529 68.17 76.48 68.50
C PHE C 1529 68.36 75.66 69.77
N THR C 1530 68.12 74.35 69.66
CA THR C 1530 68.32 73.42 70.75
C THR C 1530 69.03 72.18 70.22
N ALA C 1531 69.77 71.51 71.10
CA ALA C 1531 70.51 70.31 70.74
C ALA C 1531 70.25 69.23 71.77
N ASN C 1532 69.68 68.11 71.32
CA ASN C 1532 69.39 66.95 72.17
C ASN C 1532 68.54 67.34 73.37
N GLY C 1533 67.60 68.25 73.14
CA GLY C 1533 66.73 68.71 74.21
C GLY C 1533 67.37 69.69 75.16
N LYS C 1534 68.57 70.16 74.87
CA LYS C 1534 69.28 71.10 75.74
C LYS C 1534 69.22 72.49 75.13
N GLU C 1535 68.79 73.48 75.91
CA GLU C 1535 68.69 74.84 75.43
C GLU C 1535 70.07 75.42 75.14
N SER C 1536 70.20 76.12 74.02
CA SER C 1536 71.44 76.75 73.62
C SER C 1536 71.39 78.24 73.90
N ASN C 1537 72.54 78.89 73.70
CA ASN C 1537 72.68 80.33 73.91
C ASN C 1537 72.53 81.12 72.62
N THR C 1538 72.17 80.48 71.52
CA THR C 1538 72.07 81.13 70.22
C THR C 1538 70.63 81.56 69.96
N PHE C 1539 70.44 82.84 69.69
CA PHE C 1539 69.14 83.39 69.35
C PHE C 1539 69.30 84.32 68.16
N PHE C 1540 68.23 84.47 67.38
CA PHE C 1540 68.24 85.42 66.29
C PHE C 1540 66.89 86.12 66.19
N GLN C 1541 66.93 87.39 65.79
CA GLN C 1541 65.74 88.21 65.63
C GLN C 1541 65.77 88.82 64.23
N VAL C 1542 64.65 88.76 63.52
CA VAL C 1542 64.59 89.24 62.15
C VAL C 1542 63.40 90.18 61.98
N GLU C 1543 63.47 90.98 60.92
CA GLU C 1543 62.43 91.95 60.58
C GLU C 1543 61.23 91.24 59.97
N PRO C 1544 60.06 91.88 60.01
CA PRO C 1544 58.86 91.28 59.39
C PRO C 1544 58.98 91.19 57.88
N ASN C 1545 58.02 90.48 57.29
CA ASN C 1545 57.95 90.27 55.84
C ASN C 1545 59.22 89.61 55.31
N THR C 1546 59.76 88.66 56.07
CA THR C 1546 60.94 87.90 55.68
C THR C 1546 60.57 86.44 55.52
N LYS C 1547 61.00 85.83 54.42
CA LYS C 1547 60.75 84.41 54.16
C LYS C 1547 62.07 83.67 54.15
N LEU C 1548 62.13 82.56 54.87
CA LEU C 1548 63.35 81.79 55.05
C LEU C 1548 63.14 80.35 54.62
N PHE C 1549 64.20 79.75 54.10
CA PHE C 1549 64.23 78.34 53.70
C PHE C 1549 65.09 77.56 54.69
N PRO C 1550 64.62 76.42 55.20
CA PRO C 1550 65.51 75.56 55.97
C PRO C 1550 66.66 75.08 55.10
N ALA C 1551 67.84 74.97 55.70
CA ALA C 1551 69.02 74.64 54.92
C ALA C 1551 70.09 74.02 55.81
N VAL C 1552 70.96 73.23 55.20
CA VAL C 1552 72.11 72.62 55.86
C VAL C 1552 73.31 72.65 54.94
N PHE C 1553 74.48 72.92 55.51
CA PHE C 1553 75.75 72.83 54.81
C PHE C 1553 76.55 71.70 55.45
N VAL C 1554 76.95 70.72 54.64
CA VAL C 1554 77.49 69.48 55.16
C VAL C 1554 78.75 69.10 54.38
N LEU C 1555 79.73 68.55 55.09
CA LEU C 1555 80.89 67.93 54.45
C LEU C 1555 80.81 66.43 54.62
N PRO C 1556 80.48 65.67 53.57
CA PRO C 1556 80.26 64.23 53.73
C PRO C 1556 81.53 63.50 54.12
N THR C 1557 81.49 62.80 55.25
CA THR C 1557 82.61 61.96 55.70
C THR C 1557 82.12 60.59 56.16
N HIS C 1558 80.92 60.19 55.75
CA HIS C 1558 80.36 58.90 56.13
C HIS C 1558 79.36 58.48 55.07
N GLN C 1559 79.02 57.19 55.10
CA GLN C 1559 78.06 56.66 54.13
C GLN C 1559 76.68 57.30 54.30
N ASN C 1560 76.23 57.46 55.55
CA ASN C 1560 74.97 58.11 55.86
C ASN C 1560 75.27 59.38 56.65
N VAL C 1561 74.71 60.51 56.21
CA VAL C 1561 75.12 61.79 56.75
C VAL C 1561 74.03 62.48 57.55
N ILE C 1562 72.93 62.88 56.89
CA ILE C 1562 71.96 63.78 57.49
C ILE C 1562 70.53 63.34 57.17
N GLN C 1563 69.62 63.78 58.03
CA GLN C 1563 68.20 63.49 57.90
C GLN C 1563 67.40 64.71 58.33
N PHE C 1564 66.65 65.28 57.38
CA PHE C 1564 65.72 66.37 57.65
C PHE C 1564 64.46 65.79 58.26
N GLU C 1565 64.24 66.00 59.55
CA GLU C 1565 63.06 65.50 60.24
C GLU C 1565 62.04 66.62 60.38
N LEU C 1566 60.83 66.37 59.88
CA LEU C 1566 59.76 67.37 59.83
C LEU C 1566 58.60 66.86 60.67
N GLY C 1567 58.66 67.14 61.97
CA GLY C 1567 57.62 66.73 62.88
C GLY C 1567 57.22 67.85 63.82
N LYS C 1568 56.49 67.51 64.89
CA LYS C 1568 56.03 68.50 65.85
C LYS C 1568 56.42 68.06 67.25
N GLN C 1569 56.48 69.04 68.15
CA GLN C 1569 56.80 68.82 69.55
C GLN C 1569 55.54 69.04 70.39
N LYS C 1570 55.69 68.97 71.71
CA LYS C 1570 54.57 69.22 72.59
C LYS C 1570 54.15 70.69 72.52
N ASN C 1571 52.87 70.92 72.25
CA ASN C 1571 52.30 72.26 72.13
C ASN C 1571 52.95 73.08 71.03
N ILE C 1572 53.53 72.42 70.03
CA ILE C 1572 54.22 73.08 68.92
C ILE C 1572 53.74 72.45 67.62
N MET C 1573 53.44 73.29 66.64
CA MET C 1573 52.85 72.87 65.37
C MET C 1573 53.95 72.64 64.33
N PRO C 1574 53.80 71.67 63.44
CA PRO C 1574 54.87 71.30 62.52
C PRO C 1574 55.00 72.31 61.38
N LEU C 1575 55.99 72.07 60.52
CA LEU C 1575 56.29 72.99 59.43
C LEU C 1575 55.29 72.91 58.29
N SER C 1576 54.49 71.84 58.21
CA SER C 1576 53.51 71.74 57.14
C SER C 1576 52.48 72.86 57.24
N ALA C 1577 52.04 73.17 58.45
CA ALA C 1577 51.09 74.27 58.64
C ALA C 1577 51.70 75.60 58.23
N ALA C 1578 52.97 75.83 58.60
CA ALA C 1578 53.61 77.09 58.24
C ALA C 1578 53.80 77.22 56.73
N MET C 1579 54.12 76.12 56.06
CA MET C 1579 54.39 76.18 54.62
C MET C 1579 53.10 76.27 53.80
N PHE C 1580 52.06 75.54 54.19
CA PHE C 1580 50.86 75.40 53.38
C PHE C 1580 49.68 76.11 54.06
N LEU C 1581 48.93 76.88 53.28
CA LEU C 1581 47.78 77.60 53.81
C LEU C 1581 46.60 76.67 54.07
N SER C 1582 46.38 75.69 53.19
CA SER C 1582 45.25 74.78 53.34
C SER C 1582 45.38 73.88 54.57
N GLU C 1583 46.60 73.75 55.11
CA GLU C 1583 46.84 72.92 56.29
C GLU C 1583 47.32 73.76 57.47
N ARG C 1584 46.85 75.00 57.56
CA ARG C 1584 47.34 75.93 58.58
C ARG C 1584 47.01 75.46 59.99
N LYS C 1585 45.92 74.72 60.16
CA LYS C 1585 45.48 74.27 61.48
C LYS C 1585 45.53 72.75 61.61
N ASN C 1586 46.47 72.11 60.91
CA ASN C 1586 46.59 70.66 60.96
C ASN C 1586 47.78 70.29 61.84
N PRO C 1587 47.57 69.77 63.06
CA PRO C 1587 48.72 69.37 63.89
C PRO C 1587 49.45 68.14 63.36
N ALA C 1588 48.84 67.36 62.47
CA ALA C 1588 49.48 66.16 61.96
C ALA C 1588 50.54 66.51 60.92
N PRO C 1589 51.79 66.13 61.11
CA PRO C 1589 52.83 66.43 60.12
C PRO C 1589 52.61 65.64 58.83
N GLN C 1590 53.08 66.22 57.73
CA GLN C 1590 52.99 65.57 56.43
C GLN C 1590 54.03 66.19 55.51
N CYS C 1591 54.33 65.45 54.43
CA CYS C 1591 55.30 65.89 53.42
C CYS C 1591 54.67 65.78 52.05
N PRO C 1592 54.04 66.85 51.55
CA PRO C 1592 53.48 66.84 50.21
C PRO C 1592 54.57 66.75 49.16
N PRO C 1593 54.22 66.37 47.93
CA PRO C 1593 55.27 66.21 46.89
C PRO C 1593 56.05 67.48 46.59
N ARG C 1594 55.47 68.66 46.81
CA ARG C 1594 56.17 69.90 46.49
C ARG C 1594 57.43 70.06 47.34
N LEU C 1595 57.35 69.68 48.61
CA LEU C 1595 58.52 69.79 49.49
C LEU C 1595 59.64 68.90 48.97
N GLU C 1596 60.83 69.47 48.83
CA GLU C 1596 61.92 68.79 48.15
C GLU C 1596 63.24 69.42 48.59
N VAL C 1597 64.32 68.65 48.41
CA VAL C 1597 65.67 69.09 48.76
C VAL C 1597 66.36 69.58 47.49
N GLN C 1598 66.98 70.75 47.58
CA GLN C 1598 67.67 71.38 46.47
C GLN C 1598 69.12 71.63 46.84
N MET C 1599 69.99 71.53 45.83
CA MET C 1599 71.43 71.68 46.01
C MET C 1599 71.92 72.93 45.27
N LEU C 1600 72.99 73.52 45.79
CA LEU C 1600 73.56 74.70 45.16
C LEU C 1600 74.46 74.30 43.99
N MET C 1601 74.23 74.94 42.83
CA MET C 1601 74.99 74.69 41.62
C MET C 1601 75.76 75.94 41.20
N PRO C 1602 77.00 75.79 40.73
CA PRO C 1602 77.84 76.96 40.48
C PRO C 1602 77.53 77.72 39.18
N VAL C 1603 77.22 77.00 38.10
CA VAL C 1603 77.11 77.59 36.78
C VAL C 1603 75.76 77.25 36.17
N SER C 1604 75.28 78.12 35.30
CA SER C 1604 74.02 77.92 34.59
C SER C 1604 74.02 78.76 33.32
N TRP C 1605 73.15 78.40 32.39
CA TRP C 1605 73.02 79.14 31.15
C TRP C 1605 72.20 80.41 31.35
N SER C 1606 72.41 81.38 30.47
CA SER C 1606 71.68 82.63 30.49
C SER C 1606 71.60 83.19 29.07
N ARG C 1607 70.64 84.08 28.86
CA ARG C 1607 70.37 84.65 27.54
C ARG C 1607 70.86 86.09 27.50
N MET C 1608 71.65 86.42 26.48
CA MET C 1608 72.16 87.77 26.34
C MET C 1608 71.07 88.68 25.74
N PRO C 1609 70.92 89.90 26.26
CA PRO C 1609 69.94 90.83 25.69
C PRO C 1609 70.28 91.19 24.25
N ASN C 1610 69.25 91.50 23.47
CA ASN C 1610 69.44 91.86 22.08
C ASN C 1610 70.02 93.27 21.93
N HIS C 1611 69.65 94.18 22.82
CA HIS C 1611 70.13 95.55 22.79
C HIS C 1611 70.66 95.94 24.16
N PHE C 1612 71.65 96.83 24.16
CA PHE C 1612 72.35 97.22 25.37
C PHE C 1612 72.35 98.74 25.51
N LEU C 1613 72.42 99.19 26.77
CA LEU C 1613 72.46 100.62 27.04
C LEU C 1613 73.73 101.25 26.45
N GLN C 1614 73.58 102.38 25.79
CA GLN C 1614 74.70 103.12 25.22
C GLN C 1614 75.09 104.23 26.18
N VAL C 1615 76.18 104.01 26.91
CA VAL C 1615 76.67 104.96 27.90
C VAL C 1615 77.90 105.65 27.33
N GLU C 1616 77.91 106.98 27.36
CA GLU C 1616 79.02 107.77 26.85
C GLU C 1616 79.75 108.42 28.02
N THR C 1617 81.05 108.14 28.12
CA THR C 1617 81.88 108.64 29.20
C THR C 1617 83.11 109.32 28.61
N ARG C 1618 83.47 110.47 29.18
CA ARG C 1618 84.70 111.15 28.78
C ARG C 1618 85.15 112.03 29.94
N ARG C 1619 86.07 112.94 29.68
CA ARG C 1619 86.50 113.92 30.68
C ARG C 1619 86.43 115.32 30.07
N ALA C 1620 85.73 116.23 30.76
CA ALA C 1620 85.63 117.60 30.26
C ALA C 1620 86.90 118.39 30.50
N GLY C 1621 87.55 118.16 31.64
CA GLY C 1621 88.77 118.87 31.96
C GLY C 1621 89.07 118.77 33.44
N GLU C 1622 90.13 119.49 33.83
CA GLU C 1622 90.53 119.51 35.23
C GLU C 1622 89.50 120.26 36.09
N ARG C 1623 88.80 121.22 35.51
CA ARG C 1623 87.78 121.95 36.26
C ARG C 1623 86.56 121.08 36.52
N LEU C 1624 86.13 120.30 35.52
CA LEU C 1624 84.88 119.55 35.61
C LEU C 1624 85.06 118.06 35.85
N GLY C 1625 86.23 117.49 35.56
CA GLY C 1625 86.45 116.08 35.78
C GLY C 1625 85.77 115.23 34.71
N TRP C 1626 85.52 113.97 35.08
CA TRP C 1626 84.95 113.00 34.17
C TRP C 1626 83.43 113.09 34.16
N ALA C 1627 82.85 112.91 32.98
CA ALA C 1627 81.42 113.04 32.76
C ALA C 1627 80.86 111.75 32.16
N VAL C 1628 79.69 111.34 32.66
CA VAL C 1628 78.98 110.15 32.22
C VAL C 1628 77.57 110.56 31.83
N GLN C 1629 77.10 110.07 30.68
CA GLN C 1629 75.74 110.37 30.25
C GLN C 1629 75.15 109.19 29.49
N CYS C 1630 73.86 108.94 29.71
CA CYS C 1630 73.09 107.95 28.98
C CYS C 1630 71.69 108.51 28.74
N GLN C 1631 71.21 108.39 27.51
CA GLN C 1631 69.95 109.03 27.15
C GLN C 1631 69.03 108.19 26.27
N ASP C 1632 69.37 106.93 25.99
CA ASP C 1632 68.56 106.11 25.11
C ASP C 1632 67.73 105.14 25.93
N PRO C 1633 66.40 105.21 25.87
CA PRO C 1633 65.57 104.29 26.66
C PRO C 1633 65.73 102.84 26.22
N LEU C 1634 65.51 101.94 27.17
CA LEU C 1634 65.60 100.50 26.89
C LEU C 1634 64.83 99.77 27.99
N THR C 1635 63.80 99.02 27.61
CA THR C 1635 62.95 98.31 28.55
C THR C 1635 62.89 96.83 28.18
N MET C 1636 62.36 96.03 29.10
CA MET C 1636 62.18 94.61 28.87
C MET C 1636 61.07 94.10 29.79
N MET C 1637 60.45 93.01 29.38
CA MET C 1637 59.37 92.38 30.14
C MET C 1637 59.95 91.25 30.98
N ALA C 1638 59.62 91.25 32.27
CA ALA C 1638 60.19 90.31 33.23
C ALA C 1638 59.12 89.33 33.71
N LEU C 1639 59.53 88.09 33.94
CA LEU C 1639 58.68 87.05 34.50
C LEU C 1639 59.18 86.75 35.91
N HIS C 1640 58.30 86.89 36.90
CA HIS C 1640 58.68 86.85 38.31
C HIS C 1640 58.15 85.58 38.95
N ILE C 1641 59.05 84.82 39.57
CA ILE C 1641 58.68 83.64 40.34
C ILE C 1641 58.42 84.08 41.78
N PRO C 1642 57.20 83.92 42.30
CA PRO C 1642 56.86 84.51 43.60
C PRO C 1642 57.63 83.93 44.78
N GLU C 1643 57.66 82.60 44.90
CA GLU C 1643 58.23 81.98 46.09
C GLU C 1643 59.73 82.23 46.21
N GLU C 1644 60.46 82.19 45.10
CA GLU C 1644 61.90 82.38 45.14
C GLU C 1644 62.31 83.84 45.13
N ASN C 1645 61.38 84.77 44.96
CA ASN C 1645 61.65 86.20 45.00
C ASN C 1645 62.73 86.61 44.01
N ARG C 1646 62.62 86.08 42.79
CA ARG C 1646 63.54 86.45 41.71
C ARG C 1646 62.80 86.39 40.39
N CYS C 1647 63.28 87.17 39.44
CA CYS C 1647 62.64 87.31 38.13
C CYS C 1647 63.57 86.85 37.03
N MET C 1648 63.03 86.82 35.81
CA MET C 1648 63.79 86.42 34.63
C MET C 1648 63.15 87.05 33.41
N ASP C 1649 63.92 87.09 32.32
CA ASP C 1649 63.41 87.64 31.07
C ASP C 1649 62.30 86.75 30.51
N ILE C 1650 61.28 87.39 29.95
CA ILE C 1650 60.18 86.63 29.35
C ILE C 1650 60.65 85.87 28.13
N LEU C 1651 61.71 86.34 27.46
CA LEU C 1651 62.25 85.67 26.28
C LEU C 1651 63.09 84.45 26.63
N GLU C 1652 63.45 84.27 27.90
CA GLU C 1652 64.18 83.08 28.32
C GLU C 1652 63.32 81.83 28.31
N LEU C 1653 62.00 81.97 28.14
CA LEU C 1653 61.10 80.82 28.11
C LEU C 1653 61.17 80.04 26.81
N SER C 1654 61.91 80.53 25.81
CA SER C 1654 62.07 79.78 24.58
C SER C 1654 62.85 78.48 24.78
N GLU C 1655 63.60 78.38 25.88
CA GLU C 1655 64.30 77.14 26.22
C GLU C 1655 63.78 76.48 27.48
N ARG C 1656 63.05 77.21 28.33
CA ARG C 1656 62.39 76.63 29.50
C ARG C 1656 61.02 76.13 29.05
N LEU C 1657 60.95 74.85 28.67
CA LEU C 1657 59.76 74.31 28.04
C LEU C 1657 58.66 73.94 29.03
N ASP C 1658 58.93 73.99 30.34
CA ASP C 1658 57.90 73.71 31.34
C ASP C 1658 57.20 74.98 31.80
N LEU C 1659 57.99 76.00 32.15
CA LEU C 1659 57.42 77.28 32.54
C LEU C 1659 56.62 77.90 31.39
N GLN C 1660 57.08 77.71 30.16
CA GLN C 1660 56.35 78.20 28.99
C GLN C 1660 54.97 77.57 28.92
N ARG C 1661 54.89 76.25 29.10
CA ARG C 1661 53.60 75.56 29.06
C ARG C 1661 52.70 76.02 30.21
N PHE C 1662 53.28 76.15 31.41
CA PHE C 1662 52.48 76.60 32.55
C PHE C 1662 51.94 78.00 32.32
N HIS C 1663 52.75 78.90 31.77
CA HIS C 1663 52.29 80.26 31.54
C HIS C 1663 51.26 80.32 30.42
N SER C 1664 51.40 79.48 29.39
CA SER C 1664 50.39 79.42 28.35
C SER C 1664 49.05 78.95 28.91
N HIS C 1665 49.08 77.94 29.77
CA HIS C 1665 47.83 77.48 30.39
C HIS C 1665 47.28 78.53 31.34
N THR C 1666 48.15 79.30 32.00
CA THR C 1666 47.69 80.40 32.84
C THR C 1666 46.97 81.46 32.01
N LEU C 1667 47.51 81.79 30.84
CA LEU C 1667 46.83 82.73 29.95
C LEU C 1667 45.49 82.17 29.47
N ARG C 1668 45.45 80.86 29.19
CA ARG C 1668 44.19 80.24 28.80
C ARG C 1668 43.16 80.35 29.92
N LEU C 1669 43.57 80.13 31.16
CA LEU C 1669 42.67 80.31 32.29
C LEU C 1669 42.23 81.75 32.44
N TYR C 1670 43.15 82.70 32.17
CA TYR C 1670 42.79 84.11 32.20
C TYR C 1670 41.69 84.43 31.20
N ARG C 1671 41.78 83.88 30.00
CA ARG C 1671 40.70 84.07 29.04
C ARG C 1671 39.42 83.37 29.48
N ALA C 1672 39.55 82.17 30.04
CA ALA C 1672 38.37 81.38 30.40
C ALA C 1672 37.56 82.06 31.51
N VAL C 1673 38.23 82.64 32.51
CA VAL C 1673 37.49 83.21 33.62
C VAL C 1673 36.68 84.42 33.18
N CYS C 1674 37.18 85.21 32.24
CA CYS C 1674 36.47 86.39 31.75
C CYS C 1674 35.67 86.11 30.49
N ALA C 1675 35.64 84.87 30.01
CA ALA C 1675 34.90 84.56 28.80
C ALA C 1675 33.40 84.75 28.99
N LEU C 1676 32.72 85.02 27.87
CA LEU C 1676 31.26 85.15 27.81
C LEU C 1676 30.77 86.33 28.65
N GLY C 1677 31.33 87.50 28.35
CA GLY C 1677 30.79 88.75 28.88
C GLY C 1677 30.82 88.90 30.39
N ASN C 1678 31.92 88.52 31.02
CA ASN C 1678 32.09 88.74 32.46
C ASN C 1678 32.94 89.99 32.64
N ASN C 1679 32.29 91.15 32.45
CA ASN C 1679 33.00 92.42 32.51
C ASN C 1679 33.51 92.73 33.91
N ARG C 1680 32.81 92.26 34.95
CA ARG C 1680 33.25 92.51 36.31
C ARG C 1680 34.60 91.84 36.59
N VAL C 1681 34.86 90.70 35.95
CA VAL C 1681 36.15 90.04 36.09
C VAL C 1681 37.15 90.54 35.06
N ALA C 1682 36.67 90.99 33.90
CA ALA C 1682 37.56 91.59 32.91
C ALA C 1682 38.20 92.86 33.46
N HIS C 1683 37.44 93.63 34.24
CA HIS C 1683 38.01 94.79 34.91
C HIS C 1683 39.10 94.39 35.90
N ALA C 1684 38.86 93.33 36.66
CA ALA C 1684 39.84 92.89 37.65
C ALA C 1684 41.11 92.38 36.99
N LEU C 1685 40.99 91.74 35.81
CA LEU C 1685 42.17 91.22 35.13
C LEU C 1685 43.11 92.33 34.66
N CYS C 1686 42.63 93.57 34.57
CA CYS C 1686 43.49 94.66 34.14
C CYS C 1686 44.57 94.97 35.17
N SER C 1687 44.28 94.75 36.45
CA SER C 1687 45.28 94.95 37.49
C SER C 1687 46.41 93.93 37.41
N HIS C 1688 46.19 92.82 36.71
CA HIS C 1688 47.20 91.79 36.53
C HIS C 1688 47.93 91.93 35.20
N VAL C 1689 47.19 92.08 34.11
CA VAL C 1689 47.77 92.32 32.78
C VAL C 1689 47.25 93.66 32.29
N ASP C 1690 48.17 94.58 31.97
CA ASP C 1690 47.80 95.94 31.66
C ASP C 1690 48.09 96.27 30.18
N GLN C 1691 47.65 97.47 29.81
CA GLN C 1691 47.68 97.89 28.40
C GLN C 1691 49.11 97.97 27.87
N ALA C 1692 50.03 98.50 28.68
CA ALA C 1692 51.42 98.62 28.23
C ALA C 1692 52.03 97.25 27.97
N GLN C 1693 51.79 96.30 28.88
CA GLN C 1693 52.29 94.94 28.67
C GLN C 1693 51.68 94.32 27.43
N LEU C 1694 50.36 94.52 27.23
CA LEU C 1694 49.71 93.94 26.06
C LEU C 1694 50.28 94.50 24.77
N LEU C 1695 50.48 95.81 24.69
CA LEU C 1695 51.04 96.40 23.47
C LEU C 1695 52.49 95.98 23.25
N HIS C 1696 53.28 95.90 24.32
CA HIS C 1696 54.67 95.47 24.18
C HIS C 1696 54.75 94.02 23.72
N ALA C 1697 53.88 93.16 24.24
CA ALA C 1697 53.81 91.78 23.75
C ALA C 1697 53.28 91.72 22.32
N LEU C 1698 52.42 92.66 21.93
CA LEU C 1698 51.94 92.71 20.56
C LEU C 1698 53.08 92.96 19.58
N GLU C 1699 53.98 93.89 19.90
CA GLU C 1699 55.08 94.21 19.01
C GLU C 1699 56.37 93.47 19.33
N ASP C 1700 56.39 92.60 20.34
CA ASP C 1700 57.59 91.83 20.63
C ASP C 1700 57.86 90.81 19.53
N ALA C 1701 58.99 90.96 18.84
CA ALA C 1701 59.32 90.15 17.68
C ALA C 1701 60.08 88.87 18.00
N HIS C 1702 60.53 88.68 19.24
CA HIS C 1702 61.25 87.48 19.63
C HIS C 1702 60.45 86.58 20.56
N LEU C 1703 59.19 86.90 20.82
CA LEU C 1703 58.38 86.10 21.73
C LEU C 1703 58.05 84.76 21.09
N PRO C 1704 57.97 83.68 21.88
CA PRO C 1704 57.55 82.40 21.33
C PRO C 1704 56.11 82.46 20.81
N GLY C 1705 55.83 81.61 19.83
CA GLY C 1705 54.53 81.57 19.18
C GLY C 1705 53.35 81.31 20.10
N PRO C 1706 53.44 80.30 20.97
CA PRO C 1706 52.34 80.07 21.92
C PRO C 1706 52.04 81.28 22.80
N LEU C 1707 53.07 81.91 23.36
CA LEU C 1707 52.85 83.08 24.20
C LEU C 1707 52.31 84.26 23.38
N ARG C 1708 52.79 84.41 22.15
CA ARG C 1708 52.29 85.47 21.28
C ARG C 1708 50.80 85.31 21.03
N ALA C 1709 50.39 84.10 20.63
CA ALA C 1709 48.98 83.84 20.39
C ALA C 1709 48.15 84.01 21.66
N GLY C 1710 48.68 83.55 22.79
CA GLY C 1710 47.96 83.71 24.04
C GLY C 1710 47.74 85.16 24.41
N TYR C 1711 48.76 86.01 24.22
CA TYR C 1711 48.61 87.42 24.55
C TYR C 1711 47.64 88.11 23.58
N TYR C 1712 47.70 87.78 22.30
CA TYR C 1712 46.74 88.34 21.35
C TYR C 1712 45.31 87.97 21.74
N ASP C 1713 45.09 86.69 22.06
CA ASP C 1713 43.76 86.24 22.43
C ASP C 1713 43.30 86.89 23.73
N LEU C 1714 44.22 87.06 24.69
CA LEU C 1714 43.86 87.70 25.95
C LEU C 1714 43.43 89.14 25.73
N LEU C 1715 44.18 89.89 24.91
CA LEU C 1715 43.78 91.26 24.60
C LEU C 1715 42.41 91.30 23.95
N ILE C 1716 42.18 90.45 22.95
CA ILE C 1716 40.90 90.44 22.24
C ILE C 1716 39.77 90.09 23.21
N SER C 1717 40.01 89.13 24.10
CA SER C 1717 38.97 88.69 25.02
C SER C 1717 38.63 89.76 26.04
N ILE C 1718 39.63 90.45 26.60
CA ILE C 1718 39.38 91.36 27.70
C ILE C 1718 39.13 92.80 27.24
N HIS C 1719 39.21 93.08 25.93
CA HIS C 1719 38.97 94.44 25.48
C HIS C 1719 38.01 94.60 24.30
N LEU C 1720 37.73 93.53 23.54
CA LEU C 1720 36.91 93.67 22.34
C LEU C 1720 35.81 92.64 22.18
N GLU C 1721 35.87 91.51 22.90
CA GLU C 1721 35.01 90.37 22.56
C GLU C 1721 33.54 90.70 22.77
N SER C 1722 33.19 91.37 23.87
CA SER C 1722 31.78 91.61 24.18
C SER C 1722 31.15 92.55 23.15
N ALA C 1723 31.83 93.67 22.86
CA ALA C 1723 31.31 94.60 21.88
C ALA C 1723 31.23 93.97 20.50
N CYS C 1724 32.24 93.18 20.13
CA CYS C 1724 32.22 92.50 18.86
C CYS C 1724 31.04 91.55 18.75
N ARG C 1725 30.77 90.78 19.82
CA ARG C 1725 29.65 89.86 19.81
C ARG C 1725 28.32 90.59 19.71
N SER C 1726 28.18 91.69 20.45
CA SER C 1726 26.94 92.45 20.40
C SER C 1726 26.69 93.02 19.00
N ARG C 1727 27.73 93.60 18.40
CA ARG C 1727 27.58 94.13 17.05
C ARG C 1727 27.28 93.03 16.04
N ARG C 1728 27.93 91.88 16.18
CA ARG C 1728 27.67 90.76 15.27
C ARG C 1728 26.22 90.28 15.40
N SER C 1729 25.69 90.25 16.63
CA SER C 1729 24.30 89.88 16.81
C SER C 1729 23.37 90.91 16.16
N MET C 1730 23.70 92.19 16.29
CA MET C 1730 22.82 93.23 15.73
C MET C 1730 22.94 93.35 14.21
N LEU C 1731 24.03 92.85 13.61
CA LEU C 1731 24.25 93.03 12.18
C LEU C 1731 23.28 92.24 11.31
N SER C 1732 22.49 91.33 11.88
CA SER C 1732 21.65 90.46 11.05
C SER C 1732 20.59 91.26 10.30
N GLU C 1733 19.96 92.23 10.96
CA GLU C 1733 18.84 92.96 10.39
C GLU C 1733 19.30 94.29 9.78
N TYR C 1734 18.46 94.82 8.89
CA TYR C 1734 18.73 96.08 8.20
C TYR C 1734 17.53 97.00 8.41
N ILE C 1735 17.64 97.96 9.33
CA ILE C 1735 16.59 98.95 9.56
C ILE C 1735 17.11 100.31 9.15
N VAL C 1736 16.84 100.70 7.90
CA VAL C 1736 17.39 101.92 7.32
C VAL C 1736 16.40 103.06 7.55
N PRO C 1737 16.82 104.17 8.16
CA PRO C 1737 15.92 105.32 8.30
C PRO C 1737 15.74 106.04 6.97
N LEU C 1738 14.68 106.83 6.91
CA LEU C 1738 14.30 107.56 5.70
C LEU C 1738 14.82 109.00 5.83
N THR C 1739 16.05 109.22 5.42
CA THR C 1739 16.76 110.47 5.55
C THR C 1739 17.34 110.91 4.22
N PRO C 1740 17.69 112.19 4.08
CA PRO C 1740 18.43 112.61 2.88
C PRO C 1740 19.74 111.86 2.69
N GLU C 1741 20.43 111.51 3.78
CA GLU C 1741 21.61 110.67 3.67
C GLU C 1741 21.25 109.30 3.07
N THR C 1742 20.09 108.76 3.45
CA THR C 1742 19.65 107.50 2.86
C THR C 1742 19.36 107.65 1.37
N ARG C 1743 18.64 108.71 0.99
CA ARG C 1743 18.26 108.87 -0.40
C ARG C 1743 19.45 109.25 -1.28
N ALA C 1744 20.54 109.76 -0.70
CA ALA C 1744 21.73 110.07 -1.47
C ALA C 1744 22.49 108.84 -1.93
N ILE C 1745 22.15 107.66 -1.41
CA ILE C 1745 22.87 106.44 -1.75
C ILE C 1745 22.47 105.97 -3.14
N THR C 1746 23.44 105.63 -3.95
CA THR C 1746 23.21 105.12 -5.30
C THR C 1746 23.83 103.74 -5.44
N LEU C 1747 23.26 102.94 -6.34
CA LEU C 1747 23.72 101.57 -6.54
C LEU C 1747 25.14 101.54 -7.09
N PHE C 1748 25.40 102.32 -8.14
CA PHE C 1748 26.72 102.37 -8.73
C PHE C 1748 27.37 103.73 -8.49
N PRO C 1749 28.69 103.78 -8.37
CA PRO C 1749 29.36 105.07 -8.23
C PRO C 1749 29.15 105.93 -9.46
N PRO C 1750 29.06 107.25 -9.29
CA PRO C 1750 28.89 108.12 -10.45
C PRO C 1750 30.12 108.15 -11.33
N GLY C 1751 29.90 108.53 -12.59
CA GLY C 1751 30.98 108.56 -13.55
C GLY C 1751 31.95 109.71 -13.33
N ARG C 1752 32.70 109.66 -12.23
CA ARG C 1752 33.67 110.71 -11.93
C ARG C 1752 34.77 110.75 -12.98
N LYS C 1753 35.23 109.58 -13.44
CA LYS C 1753 36.27 109.54 -14.46
C LYS C 1753 35.81 110.09 -15.79
N GLY C 1754 34.50 110.14 -16.04
CA GLY C 1754 33.98 110.67 -17.28
C GLY C 1754 33.52 109.59 -18.24
N GLY C 1755 32.21 109.47 -18.41
CA GLY C 1755 31.67 108.44 -19.30
C GLY C 1755 31.94 107.03 -18.83
N ASN C 1756 31.85 106.79 -17.52
CA ASN C 1756 32.10 105.48 -16.94
C ASN C 1756 30.81 104.95 -16.33
N ALA C 1757 30.48 103.70 -16.62
CA ALA C 1757 29.27 103.07 -16.09
C ALA C 1757 29.57 101.60 -15.80
N ARG C 1758 28.75 101.03 -14.92
CA ARG C 1758 28.87 99.62 -14.52
C ARG C 1758 30.26 99.32 -13.96
N ARG C 1759 30.79 100.25 -13.16
CA ARG C 1759 32.09 100.09 -12.52
C ARG C 1759 31.85 99.98 -11.01
N HIS C 1760 32.12 98.81 -10.46
CA HIS C 1760 31.90 98.59 -9.04
C HIS C 1760 32.86 99.43 -8.21
N GLY C 1761 32.36 99.98 -7.11
CA GLY C 1761 33.21 100.64 -6.15
C GLY C 1761 33.94 99.64 -5.27
N LEU C 1762 34.89 100.14 -4.50
CA LEU C 1762 35.65 99.28 -3.61
C LEU C 1762 34.73 98.73 -2.52
N PRO C 1763 34.68 97.41 -2.33
CA PRO C 1763 33.78 96.85 -1.30
C PRO C 1763 34.15 97.33 0.09
N GLY C 1764 33.13 97.62 0.89
CA GLY C 1764 33.32 98.10 2.24
C GLY C 1764 33.67 99.56 2.35
N VAL C 1765 33.77 100.29 1.24
CA VAL C 1765 34.09 101.71 1.23
C VAL C 1765 32.86 102.43 0.72
N GLY C 1766 32.07 102.99 1.63
CA GLY C 1766 30.87 103.69 1.25
C GLY C 1766 30.19 104.31 2.45
N VAL C 1767 28.91 104.65 2.27
CA VAL C 1767 28.11 105.26 3.31
C VAL C 1767 27.10 104.23 3.81
N THR C 1768 27.11 103.97 5.11
CA THR C 1768 26.20 103.03 5.74
C THR C 1768 25.21 103.80 6.60
N THR C 1769 23.92 103.56 6.39
CA THR C 1769 22.88 104.30 7.07
C THR C 1769 22.01 103.44 7.98
N SER C 1770 22.06 102.12 7.86
CA SER C 1770 21.25 101.26 8.72
C SER C 1770 21.65 101.45 10.18
N LEU C 1771 20.67 101.38 11.07
CA LEU C 1771 20.89 101.71 12.48
C LEU C 1771 21.63 100.59 13.17
N ARG C 1772 22.80 100.91 13.74
CA ARG C 1772 23.56 100.01 14.59
C ARG C 1772 23.82 100.75 15.89
N PRO C 1773 23.44 100.19 17.05
CA PRO C 1773 23.70 100.88 18.31
C PRO C 1773 25.18 101.02 18.55
N PRO C 1774 25.60 102.12 19.16
CA PRO C 1774 27.04 102.34 19.40
C PRO C 1774 27.56 101.50 20.55
N HIS C 1775 28.88 101.39 20.61
CA HIS C 1775 29.54 100.64 21.65
C HIS C 1775 29.60 101.43 22.95
N HIS C 1776 29.85 100.71 24.05
CA HIS C 1776 29.96 101.32 25.36
C HIS C 1776 31.16 100.73 26.08
N PHE C 1777 32.03 101.60 26.62
CA PHE C 1777 33.19 101.17 27.38
C PHE C 1777 33.31 102.03 28.63
N SER C 1778 33.99 101.49 29.62
CA SER C 1778 34.24 102.20 30.87
C SER C 1778 35.72 102.21 31.19
N PRO C 1779 36.25 103.32 31.70
CA PRO C 1779 37.68 103.38 32.01
C PRO C 1779 38.04 102.47 33.16
N PRO C 1780 39.10 101.68 33.03
CA PRO C 1780 39.53 100.80 34.12
C PRO C 1780 40.20 101.59 35.24
N CYS C 1781 39.49 101.75 36.34
CA CYS C 1781 40.01 102.46 37.50
C CYS C 1781 39.70 101.67 38.76
N PHE C 1782 40.68 101.61 39.67
CA PHE C 1782 40.54 100.87 40.91
C PHE C 1782 40.67 101.77 42.14
N VAL C 1783 40.76 103.08 41.95
CA VAL C 1783 40.84 104.01 43.08
C VAL C 1783 39.48 104.50 43.53
N ALA C 1784 38.47 104.47 42.66
CA ALA C 1784 37.14 104.92 43.03
C ALA C 1784 36.53 104.01 44.08
N ALA C 1785 35.70 104.60 44.93
CA ALA C 1785 35.05 103.83 46.00
C ALA C 1785 34.08 102.81 45.42
N LEU C 1786 34.12 101.60 45.97
CA LEU C 1786 33.25 100.52 45.50
C LEU C 1786 31.99 100.48 46.34
N PRO C 1787 30.79 100.72 45.75
CA PRO C 1787 29.53 100.69 46.49
C PRO C 1787 29.07 99.27 46.80
N GLU C 1793 18.69 96.13 40.60
CA GLU C 1793 20.01 95.77 41.10
C GLU C 1793 21.07 96.75 40.60
N ALA C 1794 22.33 96.39 40.81
CA ALA C 1794 23.42 97.24 40.35
C ALA C 1794 23.48 97.25 38.82
N PRO C 1795 23.84 98.38 38.21
CA PRO C 1795 23.96 98.41 36.76
C PRO C 1795 25.07 97.50 36.25
N ALA C 1796 24.87 96.97 35.06
CA ALA C 1796 25.85 96.07 34.47
C ALA C 1796 27.14 96.83 34.15
N ARG C 1797 28.28 96.21 34.47
CA ARG C 1797 29.56 96.83 34.21
C ARG C 1797 29.90 96.79 32.72
N LEU C 1798 30.73 97.73 32.30
CA LEU C 1798 31.12 97.87 30.91
C LEU C 1798 32.53 97.34 30.68
N SER C 1799 32.87 97.13 29.41
CA SER C 1799 34.17 96.61 29.07
C SER C 1799 35.26 97.64 29.35
N PRO C 1800 36.47 97.20 29.68
CA PRO C 1800 37.57 98.14 29.89
C PRO C 1800 37.90 98.89 28.61
N ALA C 1801 38.37 100.12 28.77
CA ALA C 1801 38.64 101.00 27.63
C ALA C 1801 40.10 100.90 27.20
N ILE C 1802 40.31 101.05 25.90
CA ILE C 1802 41.65 101.04 25.31
C ILE C 1802 41.63 101.97 24.10
N PRO C 1803 42.72 102.70 23.81
CA PRO C 1803 42.68 103.64 22.68
C PRO C 1803 42.55 102.94 21.34
N LEU C 1804 41.36 103.02 20.75
CA LEU C 1804 41.08 102.31 19.51
C LEU C 1804 41.72 102.98 18.30
N GLU C 1805 41.81 104.31 18.29
CA GLU C 1805 42.44 105.00 17.17
C GLU C 1805 43.91 104.65 17.06
N ALA C 1806 44.61 104.54 18.20
CA ALA C 1806 46.00 104.12 18.17
C ALA C 1806 46.12 102.62 17.90
N LEU C 1807 45.20 101.83 18.46
CA LEU C 1807 45.27 100.38 18.28
C LEU C 1807 45.10 99.99 16.82
N ARG C 1808 44.17 100.63 16.10
CA ARG C 1808 43.95 100.29 14.70
C ARG C 1808 45.15 100.63 13.84
N ASP C 1809 45.78 101.79 14.08
CA ASP C 1809 46.98 102.13 13.32
C ASP C 1809 48.12 101.18 13.63
N LYS C 1810 48.29 100.81 14.90
CA LYS C 1810 49.31 99.84 15.27
C LYS C 1810 49.09 98.51 14.56
N ALA C 1811 47.84 98.03 14.56
CA ALA C 1811 47.53 96.76 13.91
C ALA C 1811 47.76 96.83 12.41
N LEU C 1812 47.38 97.95 11.78
CA LEU C 1812 47.57 98.09 10.34
C LEU C 1812 49.04 98.09 9.97
N ARG C 1813 49.86 98.84 10.70
CA ARG C 1813 51.28 98.87 10.43
C ARG C 1813 51.92 97.51 10.68
N MET C 1814 51.48 96.82 11.74
CA MET C 1814 51.99 95.49 12.03
C MET C 1814 51.64 94.51 10.92
N LEU C 1815 50.42 94.59 10.39
CA LEU C 1815 50.03 93.72 9.28
C LEU C 1815 50.85 94.02 8.04
N GLY C 1816 51.10 95.30 7.76
CA GLY C 1816 51.95 95.63 6.63
C GLY C 1816 53.36 95.09 6.77
N GLU C 1817 53.94 95.21 7.97
CA GLU C 1817 55.27 94.66 8.21
C GLU C 1817 55.27 93.14 8.06
N ALA C 1818 54.23 92.48 8.56
CA ALA C 1818 54.14 91.02 8.44
C ALA C 1818 54.04 90.61 6.98
N VAL C 1819 53.26 91.33 6.18
CA VAL C 1819 53.14 91.02 4.75
C VAL C 1819 54.49 91.20 4.06
N ARG C 1820 55.19 92.29 4.37
CA ARG C 1820 56.50 92.52 3.75
C ARG C 1820 57.50 91.44 4.15
N ASP C 1821 57.50 91.03 5.42
CA ASP C 1821 58.40 89.98 5.87
C ASP C 1821 58.05 88.64 5.23
N GLY C 1822 56.77 88.36 5.03
CA GLY C 1822 56.39 87.16 4.32
C GLY C 1822 56.82 87.19 2.87
N GLY C 1823 56.72 88.35 2.22
CA GLY C 1823 57.19 88.47 0.85
C GLY C 1823 58.68 88.28 0.72
N GLN C 1824 59.45 88.86 1.64
CA GLN C 1824 60.91 88.70 1.65
C GLN C 1824 61.25 87.44 2.44
N HIS C 1825 61.50 86.35 1.72
CA HIS C 1825 61.69 85.05 2.35
C HIS C 1825 62.86 85.07 3.31
N ALA C 1826 62.64 84.51 4.51
CA ALA C 1826 63.66 84.44 5.54
C ALA C 1826 63.49 83.15 6.31
N ARG C 1827 64.57 82.72 6.97
CA ARG C 1827 64.58 81.47 7.71
C ARG C 1827 64.22 81.64 9.18
N ASP C 1828 63.92 82.85 9.64
CA ASP C 1828 63.53 83.12 11.02
C ASP C 1828 62.25 83.94 11.04
N PRO C 1829 61.10 83.32 10.78
CA PRO C 1829 59.85 84.06 10.86
C PRO C 1829 59.49 84.41 12.29
N VAL C 1830 58.69 85.47 12.43
CA VAL C 1830 58.27 85.92 13.75
C VAL C 1830 57.32 84.90 14.35
N GLY C 1831 57.59 84.50 15.60
CA GLY C 1831 56.78 83.52 16.28
C GLY C 1831 57.19 82.08 16.02
N GLY C 1832 58.16 81.84 15.15
CA GLY C 1832 58.65 80.51 14.85
C GLY C 1832 58.10 79.90 13.59
N SER C 1833 57.00 80.43 13.05
CA SER C 1833 56.42 79.88 11.83
C SER C 1833 55.54 80.93 11.18
N VAL C 1834 55.20 80.69 9.90
CA VAL C 1834 54.35 81.60 9.15
C VAL C 1834 52.97 81.67 9.79
N GLU C 1835 52.46 80.52 10.27
CA GLU C 1835 51.16 80.51 10.93
C GLU C 1835 51.17 81.38 12.18
N PHE C 1836 52.18 81.21 13.04
CA PHE C 1836 52.28 82.03 14.24
C PHE C 1836 52.49 83.49 13.91
N GLN C 1837 53.11 83.77 12.76
CA GLN C 1837 53.32 85.16 12.36
C GLN C 1837 52.03 85.81 11.89
N PHE C 1838 51.20 85.07 11.14
CA PHE C 1838 50.08 85.67 10.44
C PHE C 1838 48.74 85.57 11.17
N VAL C 1839 48.47 84.44 11.84
CA VAL C 1839 47.12 84.22 12.38
C VAL C 1839 46.70 85.27 13.40
N PRO C 1840 47.49 85.59 14.43
CA PRO C 1840 47.01 86.58 15.42
C PRO C 1840 46.73 87.95 14.83
N VAL C 1841 47.58 88.40 13.91
CA VAL C 1841 47.38 89.71 13.29
C VAL C 1841 46.09 89.72 12.48
N LEU C 1842 45.84 88.65 11.72
CA LEU C 1842 44.61 88.56 10.94
C LEU C 1842 43.39 88.53 11.86
N LYS C 1843 43.48 87.81 12.98
CA LYS C 1843 42.37 87.78 13.93
C LYS C 1843 42.07 89.16 14.47
N LEU C 1844 43.11 89.90 14.88
CA LEU C 1844 42.89 91.25 15.41
C LEU C 1844 42.31 92.17 14.35
N VAL C 1845 42.84 92.10 13.12
CA VAL C 1845 42.33 92.95 12.05
C VAL C 1845 40.88 92.63 11.75
N SER C 1846 40.52 91.34 11.71
CA SER C 1846 39.14 90.96 11.47
C SER C 1846 38.22 91.45 12.57
N THR C 1847 38.65 91.34 13.83
CA THR C 1847 37.83 91.81 14.95
C THR C 1847 37.59 93.31 14.84
N LEU C 1848 38.64 94.08 14.57
CA LEU C 1848 38.48 95.53 14.44
C LEU C 1848 37.60 95.86 13.25
N LEU C 1849 37.76 95.16 12.13
CA LEU C 1849 36.98 95.43 10.93
C LEU C 1849 35.51 95.17 11.16
N VAL C 1850 35.17 94.05 11.82
CA VAL C 1850 33.76 93.76 12.07
C VAL C 1850 33.20 94.71 13.13
N MET C 1851 34.02 95.15 14.08
CA MET C 1851 33.56 96.17 15.03
C MET C 1851 33.37 97.52 14.37
N GLY C 1852 34.01 97.76 13.22
CA GLY C 1852 33.79 98.98 12.48
C GLY C 1852 34.71 100.14 12.85
N ILE C 1853 35.84 99.87 13.49
CA ILE C 1853 36.74 100.95 13.89
C ILE C 1853 37.42 101.56 12.66
N PHE C 1854 37.80 100.72 11.70
CA PHE C 1854 38.57 101.19 10.56
C PHE C 1854 37.78 102.17 9.71
N GLY C 1855 38.48 103.18 9.18
CA GLY C 1855 37.87 104.16 8.30
C GLY C 1855 38.00 103.78 6.84
N ASP C 1856 37.60 104.71 5.98
CA ASP C 1856 37.59 104.45 4.54
C ASP C 1856 39.02 104.25 4.02
N GLU C 1857 39.94 105.11 4.42
CA GLU C 1857 41.33 104.97 3.98
C GLU C 1857 41.95 103.68 4.52
N ASP C 1858 41.61 103.32 5.76
CA ASP C 1858 42.11 102.06 6.32
C ASP C 1858 41.58 100.87 5.53
N VAL C 1859 40.31 100.90 5.14
CA VAL C 1859 39.77 99.82 4.33
C VAL C 1859 40.44 99.76 2.97
N LYS C 1860 40.73 100.92 2.39
CA LYS C 1860 41.45 100.93 1.12
C LYS C 1860 42.84 100.32 1.26
N GLN C 1861 43.55 100.66 2.35
CA GLN C 1861 44.86 100.07 2.59
C GLN C 1861 44.78 98.56 2.80
N ILE C 1862 43.74 98.11 3.50
CA ILE C 1862 43.55 96.68 3.71
C ILE C 1862 43.30 95.98 2.37
N LEU C 1863 42.50 96.61 1.50
CA LEU C 1863 42.25 96.02 0.18
C LEU C 1863 43.52 95.97 -0.65
N LYS C 1864 44.35 97.02 -0.57
CA LYS C 1864 45.64 96.98 -1.26
C LYS C 1864 46.51 95.86 -0.73
N MET C 1865 46.52 95.66 0.59
CA MET C 1865 47.29 94.57 1.19
C MET C 1865 46.80 93.22 0.70
N ILE C 1866 45.48 93.04 0.63
CA ILE C 1866 44.92 91.76 0.21
C ILE C 1866 45.25 91.49 -1.26
N GLU C 1867 45.04 92.48 -2.13
CA GLU C 1867 45.39 92.32 -3.54
C GLU C 1867 45.61 93.69 -4.18
N PRO C 1868 46.85 94.01 -4.58
CA PRO C 1868 47.10 95.32 -5.18
C PRO C 1868 46.53 95.48 -6.58
N GLU C 1869 46.23 94.39 -7.28
CA GLU C 1869 45.86 94.49 -8.69
C GLU C 1869 44.38 94.84 -8.86
N VAL C 1870 43.50 93.96 -8.38
CA VAL C 1870 42.07 94.13 -8.65
C VAL C 1870 41.51 95.33 -7.90
N PHE C 1871 41.94 95.54 -6.66
CA PHE C 1871 41.39 96.60 -5.81
C PHE C 1871 42.14 97.92 -5.95
N THR C 1872 42.84 98.14 -7.06
CA THR C 1872 43.53 99.40 -7.26
C THR C 1872 42.53 100.51 -7.58
N GLU C 1873 42.98 101.75 -7.38
CA GLU C 1873 42.16 102.93 -7.64
C GLU C 1873 42.70 103.65 -8.87
N GLU C 1874 41.80 103.99 -9.79
CA GLU C 1874 42.18 104.67 -11.01
C GLU C 1874 42.49 106.14 -10.74
N LEU C 1922 56.90 93.87 -8.22
CA LEU C 1922 56.22 94.86 -7.39
C LEU C 1922 55.75 94.24 -6.08
N GLU C 1923 54.76 94.87 -5.45
CA GLU C 1923 54.23 94.36 -4.20
C GLU C 1923 53.48 93.06 -4.44
N GLU C 1924 53.66 92.10 -3.52
CA GLU C 1924 53.02 90.79 -3.61
C GLU C 1924 51.83 90.77 -2.66
N GLY C 1925 50.66 90.44 -3.19
CA GLY C 1925 49.47 90.40 -2.38
C GLY C 1925 49.44 89.21 -1.44
N LEU C 1926 48.56 89.29 -0.44
CA LEU C 1926 48.41 88.20 0.52
C LEU C 1926 47.82 86.94 -0.13
N LEU C 1927 47.11 87.10 -1.25
CA LEU C 1927 46.55 85.95 -1.95
C LEU C 1927 47.60 85.15 -2.71
N GLN C 1928 48.61 85.81 -3.27
CA GLN C 1928 49.53 85.13 -4.17
C GLN C 1928 50.47 84.20 -3.42
N MET C 1929 50.92 84.60 -2.23
CA MET C 1929 51.91 83.81 -1.51
C MET C 1929 51.30 82.52 -0.99
N LYS C 1930 52.15 81.50 -0.84
CA LYS C 1930 51.71 80.22 -0.32
C LYS C 1930 51.48 80.32 1.18
N LEU C 1931 50.34 79.83 1.64
CA LEU C 1931 49.95 79.97 3.04
C LEU C 1931 49.44 78.65 3.59
N PRO C 1932 49.57 78.44 4.90
CA PRO C 1932 48.98 77.24 5.51
C PRO C 1932 47.47 77.33 5.62
N GLU C 1933 46.85 76.35 6.26
CA GLU C 1933 45.39 76.27 6.29
C GLU C 1933 44.78 77.32 7.22
N SER C 1934 45.44 77.59 8.35
CA SER C 1934 44.90 78.55 9.31
C SER C 1934 44.82 79.95 8.70
N VAL C 1935 45.86 80.35 7.97
CA VAL C 1935 45.85 81.66 7.32
C VAL C 1935 44.73 81.74 6.29
N LYS C 1936 44.50 80.62 5.57
CA LYS C 1936 43.40 80.60 4.60
C LYS C 1936 42.05 80.74 5.29
N LEU C 1937 41.88 80.09 6.44
CA LEU C 1937 40.63 80.25 7.19
C LEU C 1937 40.42 81.69 7.64
N GLN C 1938 41.48 82.31 8.17
CA GLN C 1938 41.36 83.70 8.58
C GLN C 1938 41.06 84.62 7.41
N MET C 1939 41.65 84.33 6.24
CA MET C 1939 41.38 85.17 5.07
C MET C 1939 39.96 84.97 4.55
N CYS C 1940 39.42 83.76 4.67
CA CYS C 1940 38.02 83.55 4.34
C CYS C 1940 37.11 84.35 5.28
N ASN C 1941 37.45 84.36 6.57
CA ASN C 1941 36.71 85.20 7.51
C ASN C 1941 36.81 86.68 7.12
N LEU C 1942 37.99 87.10 6.63
CA LEU C 1942 38.16 88.47 6.16
C LEU C 1942 37.24 88.77 4.97
N LEU C 1943 37.15 87.84 4.02
CA LEU C 1943 36.37 88.08 2.81
C LEU C 1943 34.87 88.06 3.08
N GLU C 1944 34.45 87.29 4.09
CA GLU C 1944 33.02 87.27 4.43
C GLU C 1944 32.52 88.66 4.82
N TYR C 1945 33.36 89.44 5.50
CA TYR C 1945 32.96 90.79 5.88
C TYR C 1945 32.68 91.65 4.66
N PHE C 1946 33.55 91.59 3.65
CA PHE C 1946 33.34 92.40 2.46
C PHE C 1946 32.13 91.91 1.67
N CYS C 1947 31.88 90.60 1.63
CA CYS C 1947 30.65 90.12 1.01
C CYS C 1947 29.41 90.67 1.71
N ASP C 1948 29.44 90.67 3.05
CA ASP C 1948 28.32 91.23 3.81
C ASP C 1948 28.14 92.71 3.53
N GLN C 1949 29.25 93.44 3.41
CA GLN C 1949 29.17 94.87 3.09
C GLN C 1949 28.55 95.09 1.72
N GLU C 1950 28.91 94.27 0.74
CA GLU C 1950 28.29 94.38 -0.57
C GLU C 1950 26.78 94.12 -0.51
N LEU C 1951 26.37 93.09 0.25
CA LEU C 1951 24.95 92.81 0.38
C LEU C 1951 24.21 93.97 1.04
N GLN C 1952 24.81 94.54 2.10
CA GLN C 1952 24.17 95.67 2.78
C GLN C 1952 24.07 96.89 1.88
N HIS C 1953 25.11 97.14 1.07
CA HIS C 1953 25.04 98.24 0.11
C HIS C 1953 23.91 98.03 -0.87
N ARG C 1954 23.74 96.80 -1.37
CA ARG C 1954 22.66 96.53 -2.32
C ARG C 1954 21.30 96.76 -1.68
N VAL C 1955 21.10 96.29 -0.44
CA VAL C 1955 19.79 96.44 0.19
C VAL C 1955 19.51 97.91 0.50
N GLU C 1956 20.54 98.67 0.90
CA GLU C 1956 20.34 100.10 1.16
C GLU C 1956 20.02 100.85 -0.12
N SER C 1957 20.68 100.50 -1.23
CA SER C 1957 20.35 101.13 -2.50
C SER C 1957 18.92 100.82 -2.92
N LEU C 1958 18.48 99.58 -2.71
CA LEU C 1958 17.10 99.23 -3.03
C LEU C 1958 16.12 100.04 -2.18
N ALA C 1959 16.41 100.20 -0.89
CA ALA C 1959 15.54 101.00 -0.03
C ALA C 1959 15.50 102.46 -0.48
N ALA C 1960 16.65 103.01 -0.87
CA ALA C 1960 16.69 104.39 -1.35
C ALA C 1960 15.86 104.55 -2.62
N PHE C 1961 15.97 103.60 -3.55
CA PHE C 1961 15.16 103.68 -4.76
C PHE C 1961 13.68 103.56 -4.45
N ALA C 1962 13.32 102.71 -3.48
CA ALA C 1962 11.92 102.62 -3.07
C ALA C 1962 11.42 103.95 -2.54
N GLU C 1963 12.24 104.62 -1.72
CA GLU C 1963 11.87 105.95 -1.22
C GLU C 1963 11.68 106.94 -2.36
N ARG C 1964 12.58 106.92 -3.35
CA ARG C 1964 12.46 107.84 -4.47
C ARG C 1964 11.23 107.54 -5.32
N TYR C 1965 10.85 106.27 -5.44
CA TYR C 1965 9.78 105.89 -6.36
C TYR C 1965 8.40 106.04 -5.74
N VAL C 1966 8.28 105.87 -4.42
CA VAL C 1966 6.97 105.94 -3.77
C VAL C 1966 6.36 107.34 -3.91
N ASP C 1967 7.17 108.38 -3.75
CA ASP C 1967 6.65 109.75 -3.87
C ASP C 1967 6.13 110.02 -5.27
N LYS C 1968 6.87 109.60 -6.30
CA LYS C 1968 6.41 109.78 -7.67
C LYS C 1968 5.13 109.00 -7.93
N LEU C 1969 5.05 107.77 -7.42
CA LEU C 1969 3.83 106.99 -7.58
C LEU C 1969 2.64 107.67 -6.93
N GLN C 1970 2.83 108.21 -5.72
CA GLN C 1970 1.75 108.88 -5.02
C GLN C 1970 1.30 110.13 -5.77
N ALA C 1971 2.25 110.91 -6.27
CA ALA C 1971 1.89 112.11 -7.03
C ALA C 1971 1.13 111.77 -8.29
N ASN C 1972 1.60 110.73 -9.01
CA ASN C 1972 0.90 110.31 -10.23
C ASN C 1972 -0.51 109.81 -9.91
N GLN C 1973 -0.66 109.06 -8.82
CA GLN C 1973 -1.98 108.57 -8.44
C GLN C 1973 -2.90 109.72 -8.07
N ARG C 1974 -2.38 110.73 -7.38
CA ARG C 1974 -3.20 111.90 -7.05
C ARG C 1974 -3.65 112.64 -8.29
N SER C 1975 -2.74 112.80 -9.27
CA SER C 1975 -3.13 113.45 -10.52
C SER C 1975 -4.18 112.64 -11.26
N ARG C 1976 -4.01 111.32 -11.32
CA ARG C 1976 -4.98 110.47 -12.00
C ARG C 1976 -6.33 110.50 -11.28
N TYR C 1977 -6.33 110.57 -9.95
CA TYR C 1977 -7.59 110.68 -9.22
C TYR C 1977 -8.26 112.01 -9.49
N ALA C 1978 -7.49 113.10 -9.58
CA ALA C 1978 -8.05 114.40 -9.92
C ALA C 1978 -8.70 114.35 -11.30
N LEU C 1979 -8.03 113.69 -12.26
CA LEU C 1979 -8.62 113.54 -13.59
C LEU C 1979 -9.87 112.67 -13.56
N LEU C 1980 -9.85 111.60 -12.76
CA LEU C 1980 -10.91 110.60 -12.79
C LEU C 1980 -12.18 111.12 -12.11
N MET C 1981 -12.04 111.80 -10.97
CA MET C 1981 -13.21 112.29 -10.26
C MET C 1981 -13.97 113.32 -11.08
N ARG C 1982 -13.26 114.18 -11.79
CA ARG C 1982 -13.89 115.18 -12.65
C ARG C 1982 -14.59 114.54 -13.84
N ALA C 1983 -14.23 113.31 -14.21
CA ALA C 1983 -14.79 112.68 -15.39
C ALA C 1983 -16.23 112.23 -15.16
N PHE C 1984 -17.14 113.19 -15.06
CA PHE C 1984 -18.55 112.89 -14.87
C PHE C 1984 -19.27 112.58 -16.18
N THR C 1985 -18.64 112.84 -17.33
CA THR C 1985 -19.30 112.57 -18.61
C THR C 1985 -19.40 111.07 -18.87
N MET C 1986 -18.25 110.40 -18.94
CA MET C 1986 -18.21 108.94 -19.12
C MET C 1986 -18.35 108.30 -17.74
N SER C 1987 -19.60 108.21 -17.29
CA SER C 1987 -19.87 107.70 -15.94
C SER C 1987 -19.46 106.24 -15.80
N ALA C 1988 -19.77 105.41 -16.81
CA ALA C 1988 -19.43 104.00 -16.73
C ALA C 1988 -17.92 103.79 -16.73
N ALA C 1989 -17.20 104.50 -17.61
CA ALA C 1989 -15.74 104.39 -17.64
C ALA C 1989 -15.13 104.88 -16.34
N GLU C 1990 -15.67 105.98 -15.79
CA GLU C 1990 -15.16 106.49 -14.52
C GLU C 1990 -15.37 105.50 -13.39
N THR C 1991 -16.55 104.87 -13.34
CA THR C 1991 -16.81 103.88 -12.31
C THR C 1991 -15.90 102.67 -12.47
N ALA C 1992 -15.69 102.22 -13.70
CA ALA C 1992 -14.80 101.08 -13.94
C ALA C 1992 -13.37 101.40 -13.51
N ARG C 1993 -12.88 102.60 -13.87
CA ARG C 1993 -11.53 102.98 -13.48
C ARG C 1993 -11.41 103.11 -11.97
N ARG C 1994 -12.43 103.66 -11.31
CA ARG C 1994 -12.41 103.79 -9.86
C ARG C 1994 -12.38 102.41 -9.20
N THR C 1995 -13.20 101.48 -9.67
CA THR C 1995 -13.20 100.13 -9.12
C THR C 1995 -11.88 99.43 -9.39
N ARG C 1996 -11.22 99.74 -10.51
CA ARG C 1996 -9.97 99.08 -10.85
C ARG C 1996 -8.82 99.58 -9.98
N GLU C 1997 -8.59 100.89 -9.97
CA GLU C 1997 -7.40 101.41 -9.31
C GLU C 1997 -7.66 101.89 -7.89
N PHE C 1998 -8.81 102.51 -7.62
CA PHE C 1998 -9.13 103.01 -6.30
C PHE C 1998 -10.07 102.03 -5.59
N ARG C 1999 -10.54 102.43 -4.40
CA ARG C 1999 -11.50 101.64 -3.63
C ARG C 1999 -11.01 100.21 -3.42
N SER C 2000 -9.72 100.08 -3.15
CA SER C 2000 -9.09 98.78 -2.96
C SER C 2000 -8.10 98.88 -1.81
N PRO C 2001 -7.76 97.76 -1.17
CA PRO C 2001 -6.72 97.80 -0.16
C PRO C 2001 -5.43 98.31 -0.73
N PRO C 2002 -4.63 99.04 0.06
CA PRO C 2002 -3.39 99.61 -0.48
C PRO C 2002 -2.43 98.57 -1.03
N GLN C 2003 -2.35 97.40 -0.39
CA GLN C 2003 -1.44 96.36 -0.87
C GLN C 2003 -1.85 95.86 -2.25
N GLU C 2004 -3.15 95.57 -2.43
CA GLU C 2004 -3.63 95.14 -3.74
C GLU C 2004 -3.47 96.23 -4.78
N GLN C 2005 -3.70 97.49 -4.38
CA GLN C 2005 -3.54 98.61 -5.31
C GLN C 2005 -2.10 98.72 -5.79
N ILE C 2006 -1.14 98.62 -4.87
CA ILE C 2006 0.26 98.74 -5.26
C ILE C 2006 0.71 97.52 -6.05
N ASN C 2007 0.15 96.34 -5.75
CA ASN C 2007 0.46 95.17 -6.58
C ASN C 2007 -0.04 95.36 -8.00
N MET C 2008 -1.26 95.88 -8.16
CA MET C 2008 -1.78 96.15 -9.49
C MET C 2008 -0.95 97.20 -10.21
N LEU C 2009 -0.50 98.22 -9.48
CA LEU C 2009 0.34 99.25 -10.09
C LEU C 2009 1.67 98.68 -10.56
N LEU C 2010 2.28 97.80 -9.77
CA LEU C 2010 3.59 97.25 -10.10
C LEU C 2010 3.54 96.08 -11.07
N HIS C 2011 2.36 95.48 -11.29
CA HIS C 2011 2.26 94.34 -12.19
C HIS C 2011 2.21 94.86 -13.63
N PHE C 2012 3.39 95.22 -14.15
CA PHE C 2012 3.50 95.66 -15.53
C PHE C 2012 4.78 95.14 -16.20
N LYS C 2013 5.38 94.07 -15.68
CA LYS C 2013 6.66 93.61 -16.22
C LYS C 2013 6.52 93.14 -17.66
N ASP C 2014 5.44 92.44 -17.98
CA ASP C 2014 5.24 91.93 -19.33
C ASP C 2014 4.68 93.04 -20.24
N GLU C 2015 4.88 92.83 -21.54
CA GLU C 2015 4.37 93.79 -22.52
C GLU C 2015 2.85 93.87 -22.49
N ALA C 2016 2.19 92.72 -22.35
CA ALA C 2016 0.73 92.72 -22.24
C ALA C 2016 0.28 93.42 -20.97
N ASP C 2017 0.98 93.18 -19.86
CA ASP C 2017 0.63 93.84 -18.60
C ASP C 2017 0.91 95.34 -18.64
N GLU C 2018 1.81 95.79 -19.52
CA GLU C 2018 2.09 97.22 -19.61
C GLU C 2018 0.86 97.99 -20.07
N GLU C 2019 0.12 97.45 -21.04
CA GLU C 2019 -1.11 98.12 -21.49
C GLU C 2019 -2.15 98.16 -20.38
N ASP C 2020 -2.30 97.07 -19.63
CA ASP C 2020 -3.27 97.03 -18.54
C ASP C 2020 -2.91 98.03 -17.44
N CYS C 2021 -1.62 98.13 -17.12
CA CYS C 2021 -1.20 99.06 -16.07
C CYS C 2021 -1.35 100.50 -16.54
N PRO C 2022 -1.94 101.38 -15.73
CA PRO C 2022 -2.12 102.78 -16.14
C PRO C 2022 -0.90 103.66 -15.92
N LEU C 2023 0.24 103.10 -15.53
CA LEU C 2023 1.42 103.92 -15.26
C LEU C 2023 1.97 104.50 -16.56
N PRO C 2024 2.54 105.70 -16.50
CA PRO C 2024 3.11 106.30 -17.72
C PRO C 2024 4.41 105.62 -18.15
N GLU C 2025 4.78 105.89 -19.40
CA GLU C 2025 5.95 105.24 -19.99
C GLU C 2025 7.22 105.60 -19.24
N ASP C 2026 7.40 106.87 -18.89
CA ASP C 2026 8.61 107.27 -18.16
C ASP C 2026 8.65 106.64 -16.77
N ILE C 2027 7.51 106.60 -16.08
CA ILE C 2027 7.46 106.00 -14.76
C ILE C 2027 7.80 104.51 -14.83
N ARG C 2028 7.31 103.83 -15.85
CA ARG C 2028 7.66 102.41 -16.03
C ARG C 2028 9.13 102.23 -16.39
N GLN C 2029 9.65 103.13 -17.25
CA GLN C 2029 11.04 103.02 -17.68
C GLN C 2029 12.01 103.26 -16.54
N ASP C 2030 11.66 104.10 -15.58
CA ASP C 2030 12.50 104.28 -14.41
C ASP C 2030 12.70 102.96 -13.67
N LEU C 2031 11.60 102.24 -13.41
CA LEU C 2031 11.70 100.95 -12.74
C LEU C 2031 12.46 99.94 -13.59
N GLN C 2032 12.23 99.95 -14.91
CA GLN C 2032 12.95 99.03 -15.78
C GLN C 2032 14.45 99.28 -15.72
N ASP C 2033 14.87 100.54 -15.77
CA ASP C 2033 16.28 100.87 -15.72
C ASP C 2033 16.89 100.49 -14.37
N PHE C 2034 16.17 100.74 -13.28
CA PHE C 2034 16.69 100.36 -11.98
C PHE C 2034 16.83 98.85 -11.85
N HIS C 2035 15.86 98.09 -12.39
CA HIS C 2035 15.94 96.64 -12.34
C HIS C 2035 17.13 96.14 -13.14
N GLN C 2036 17.35 96.73 -14.32
CA GLN C 2036 18.51 96.33 -15.13
C GLN C 2036 19.81 96.64 -14.40
N ASP C 2037 19.90 97.80 -13.75
CA ASP C 2037 21.10 98.14 -12.99
C ASP C 2037 21.29 97.19 -11.81
N LEU C 2038 20.20 96.79 -11.16
CA LEU C 2038 20.29 95.85 -10.04
C LEU C 2038 20.81 94.50 -10.51
N LEU C 2039 20.31 94.01 -11.66
CA LEU C 2039 20.82 92.77 -12.21
C LEU C 2039 22.30 92.89 -12.57
N ALA C 2040 22.69 94.02 -13.16
CA ALA C 2040 24.10 94.23 -13.49
C ALA C 2040 24.98 94.21 -12.25
N HIS C 2041 24.52 94.87 -11.18
CA HIS C 2041 25.29 94.86 -9.93
C HIS C 2041 25.38 93.45 -9.34
N CYS C 2042 24.27 92.72 -9.35
CA CYS C 2042 24.28 91.35 -8.84
C CYS C 2042 25.11 90.42 -9.71
N GLY C 2043 25.39 90.80 -10.95
CA GLY C 2043 26.21 89.99 -11.83
C GLY C 2043 25.46 89.08 -12.76
N ILE C 2044 24.15 89.24 -12.91
CA ILE C 2044 23.34 88.40 -13.79
C ILE C 2044 23.42 89.03 -15.17
N GLN C 2045 24.46 88.69 -15.92
CA GLN C 2045 24.67 89.22 -17.26
C GLN C 2045 25.55 88.30 -18.08
N LYS C 2089 43.31 85.87 -17.55
CA LYS C 2089 42.02 86.40 -17.11
C LYS C 2089 42.15 87.09 -15.75
N LYS C 2090 42.53 88.35 -15.76
CA LYS C 2090 42.67 89.10 -14.52
C LYS C 2090 41.30 89.40 -13.93
N PRO C 2091 41.03 89.03 -12.68
CA PRO C 2091 39.73 89.33 -12.09
C PRO C 2091 39.50 90.83 -11.97
N GLN C 2092 38.23 91.22 -12.09
CA GLN C 2092 37.86 92.63 -12.01
C GLN C 2092 36.94 92.94 -10.84
N SER C 2093 36.50 91.94 -10.08
CA SER C 2093 35.56 92.18 -9.00
C SER C 2093 35.77 91.14 -7.90
N LEU C 2094 35.15 91.42 -6.75
CA LEU C 2094 35.30 90.55 -5.59
C LEU C 2094 34.75 89.15 -5.86
N GLN C 2095 33.64 89.07 -6.60
CA GLN C 2095 33.05 87.76 -6.89
C GLN C 2095 34.00 86.90 -7.70
N GLU C 2096 34.54 87.46 -8.80
CA GLU C 2096 35.50 86.72 -9.61
C GLU C 2096 36.75 86.36 -8.80
N LEU C 2097 37.25 87.30 -8.00
CA LEU C 2097 38.43 87.04 -7.19
C LEU C 2097 38.20 85.87 -6.25
N VAL C 2098 37.08 85.89 -5.52
CA VAL C 2098 36.80 84.84 -4.54
C VAL C 2098 36.60 83.49 -5.24
N SER C 2099 35.85 83.47 -6.34
CA SER C 2099 35.62 82.22 -7.04
C SER C 2099 36.93 81.62 -7.55
N HIS C 2100 37.76 82.44 -8.20
CA HIS C 2100 39.03 81.96 -8.72
C HIS C 2100 39.94 81.49 -7.59
N MET C 2101 39.98 82.22 -6.48
CA MET C 2101 40.84 81.83 -5.37
C MET C 2101 40.39 80.50 -4.77
N VAL C 2102 39.08 80.31 -4.59
CA VAL C 2102 38.58 79.06 -4.01
C VAL C 2102 38.89 77.89 -4.94
N VAL C 2103 38.61 78.06 -6.24
CA VAL C 2103 38.85 76.97 -7.19
C VAL C 2103 40.34 76.64 -7.25
N ARG C 2104 41.19 77.67 -7.29
CA ARG C 2104 42.63 77.44 -7.36
C ARG C 2104 43.14 76.76 -6.09
N TRP C 2105 42.62 77.14 -4.93
CA TRP C 2105 43.02 76.48 -3.69
C TRP C 2105 42.64 75.00 -3.71
N ALA C 2106 41.39 74.71 -4.07
CA ALA C 2106 40.94 73.32 -4.11
C ALA C 2106 41.73 72.50 -5.12
N GLN C 2107 42.14 73.13 -6.22
CA GLN C 2107 42.97 72.44 -7.21
C GLN C 2107 44.39 72.25 -6.69
N GLU C 2108 44.91 73.21 -5.92
CA GLU C 2108 46.30 73.17 -5.49
C GLU C 2108 46.51 72.12 -4.41
N ASP C 2109 45.57 71.98 -3.47
CA ASP C 2109 45.79 71.00 -2.42
C ASP C 2109 44.47 70.37 -1.99
N TYR C 2110 44.60 69.15 -1.45
CA TYR C 2110 43.47 68.42 -0.88
C TYR C 2110 43.32 68.88 0.58
N VAL C 2111 42.33 69.74 0.83
CA VAL C 2111 42.18 70.35 2.13
C VAL C 2111 41.75 69.30 3.15
N GLN C 2112 42.45 69.26 4.28
CA GLN C 2112 42.16 68.30 5.35
C GLN C 2112 41.39 68.91 6.50
N SER C 2113 40.99 70.18 6.40
CA SER C 2113 40.28 70.84 7.49
C SER C 2113 38.80 70.96 7.14
N PRO C 2114 37.90 70.27 7.85
CA PRO C 2114 36.47 70.41 7.55
C PRO C 2114 35.97 71.83 7.70
N GLU C 2115 36.45 72.57 8.70
CA GLU C 2115 36.03 73.95 8.87
C GLU C 2115 36.47 74.81 7.69
N LEU C 2116 37.71 74.62 7.24
CA LEU C 2116 38.19 75.37 6.08
C LEU C 2116 37.39 75.03 4.83
N VAL C 2117 37.09 73.75 4.63
CA VAL C 2117 36.33 73.31 3.45
C VAL C 2117 34.94 73.95 3.46
N ARG C 2118 34.27 73.89 4.61
CA ARG C 2118 32.96 74.51 4.75
C ARG C 2118 33.05 76.01 4.48
N ALA C 2119 34.10 76.66 4.97
CA ALA C 2119 34.26 78.09 4.75
C ALA C 2119 34.39 78.41 3.27
N MET C 2120 35.26 77.69 2.55
CA MET C 2120 35.47 78.02 1.14
C MET C 2120 34.21 77.77 0.34
N PHE C 2121 33.51 76.66 0.61
CA PHE C 2121 32.35 76.34 -0.21
C PHE C 2121 31.17 77.25 0.11
N SER C 2122 30.98 77.62 1.38
CA SER C 2122 29.94 78.59 1.72
C SER C 2122 30.23 79.94 1.10
N LEU C 2123 31.50 80.36 1.10
CA LEU C 2123 31.86 81.62 0.45
C LEU C 2123 31.64 81.56 -1.06
N LEU C 2124 31.95 80.42 -1.67
CA LEU C 2124 31.80 80.28 -3.11
C LEU C 2124 30.34 80.28 -3.53
N HIS C 2125 29.46 79.69 -2.72
CA HIS C 2125 28.06 79.60 -3.09
C HIS C 2125 27.42 80.97 -3.23
N ARG C 2126 27.77 81.90 -2.34
CA ARG C 2126 27.16 83.22 -2.34
C ARG C 2126 27.47 83.99 -3.63
N GLN C 2127 28.70 83.88 -4.12
CA GLN C 2127 29.07 84.62 -5.32
C GLN C 2127 28.21 84.20 -6.51
N TYR C 2128 27.94 82.91 -6.66
CA TYR C 2128 27.08 82.46 -7.73
C TYR C 2128 25.63 82.83 -7.46
N ASP C 2129 25.14 82.56 -6.25
CA ASP C 2129 23.75 82.90 -5.89
C ASP C 2129 23.67 84.22 -5.15
N GLY C 2130 24.21 85.29 -5.74
CA GLY C 2130 24.05 86.61 -5.17
C GLY C 2130 22.61 87.07 -5.12
N LEU C 2131 21.85 86.81 -6.18
CA LEU C 2131 20.46 87.26 -6.23
C LEU C 2131 19.62 86.58 -5.14
N GLY C 2132 19.81 85.27 -4.95
CA GLY C 2132 19.08 84.59 -3.91
C GLY C 2132 19.42 85.09 -2.51
N GLU C 2133 20.67 85.51 -2.31
CA GLU C 2133 21.05 86.09 -1.02
C GLU C 2133 20.25 87.36 -0.74
N LEU C 2134 20.11 88.23 -1.74
CA LEU C 2134 19.29 89.42 -1.59
C LEU C 2134 17.82 89.06 -1.38
N LEU C 2135 17.35 88.02 -2.08
CA LEU C 2135 15.96 87.60 -1.92
C LEU C 2135 15.67 87.16 -0.49
N ARG C 2136 16.59 86.39 0.10
CA ARG C 2136 16.40 85.96 1.48
C ARG C 2136 16.72 87.04 2.50
N ALA C 2137 17.49 88.06 2.13
CA ALA C 2137 17.80 89.15 3.05
C ALA C 2137 16.71 90.22 3.08
N LEU C 2138 15.94 90.35 2.00
CA LEU C 2138 14.87 91.35 1.98
C LEU C 2138 13.85 91.20 3.11
N PRO C 2139 13.43 89.99 3.53
CA PRO C 2139 12.45 89.91 4.63
C PRO C 2139 12.87 90.64 5.90
N ARG C 2140 14.16 90.70 6.20
CA ARG C 2140 14.63 91.39 7.40
C ARG C 2140 14.77 92.89 7.20
N ALA C 2141 14.60 93.40 5.99
CA ALA C 2141 14.70 94.82 5.75
C ALA C 2141 13.48 95.55 6.30
N TYR C 2142 13.68 96.80 6.72
CA TYR C 2142 12.61 97.60 7.27
C TYR C 2142 12.96 99.08 7.12
N THR C 2143 11.96 99.90 6.89
CA THR C 2143 12.11 101.33 6.71
C THR C 2143 11.29 102.07 7.76
N ILE C 2144 11.93 103.02 8.45
CA ILE C 2144 11.28 103.77 9.51
C ILE C 2144 11.42 105.26 9.23
N SER C 2145 10.58 106.04 9.89
CA SER C 2145 10.62 107.48 9.74
C SER C 2145 11.82 108.07 10.48
N PRO C 2146 12.35 109.20 10.02
CA PRO C 2146 13.49 109.80 10.73
C PRO C 2146 13.18 110.29 12.13
N SER C 2147 11.90 110.48 12.47
CA SER C 2147 11.54 110.99 13.78
C SER C 2147 11.49 109.91 14.85
N SER C 2148 11.59 108.64 14.49
CA SER C 2148 11.54 107.54 15.45
C SER C 2148 12.89 106.86 15.63
N VAL C 2149 13.97 107.46 15.12
CA VAL C 2149 15.27 106.79 15.15
C VAL C 2149 15.78 106.64 16.58
N GLU C 2150 15.51 107.63 17.43
CA GLU C 2150 15.98 107.57 18.81
C GLU C 2150 15.32 106.41 19.56
N ASP C 2151 14.00 106.28 19.43
CA ASP C 2151 13.30 105.19 20.09
C ASP C 2151 13.65 103.85 19.48
N THR C 2152 13.89 103.80 18.17
CA THR C 2152 14.33 102.55 17.55
C THR C 2152 15.70 102.13 18.09
N MET C 2153 16.62 103.09 18.26
CA MET C 2153 17.92 102.78 18.83
C MET C 2153 17.78 102.31 20.28
N SER C 2154 16.88 102.93 21.03
CA SER C 2154 16.64 102.49 22.41
C SER C 2154 16.11 101.06 22.43
N LEU C 2155 15.19 100.73 21.52
CA LEU C 2155 14.67 99.37 21.44
C LEU C 2155 15.77 98.38 21.08
N LEU C 2156 16.64 98.75 20.14
CA LEU C 2156 17.75 97.87 19.78
C LEU C 2156 18.69 97.64 20.95
N GLU C 2157 18.98 98.71 21.71
CA GLU C 2157 19.84 98.56 22.89
C GLU C 2157 19.20 97.65 23.93
N CYS C 2158 17.88 97.79 24.14
CA CYS C 2158 17.20 96.91 25.08
C CYS C 2158 17.21 95.46 24.61
N LEU C 2159 17.03 95.23 23.30
CA LEU C 2159 17.00 93.87 22.78
C LEU C 2159 18.39 93.23 22.81
N GLY C 2160 19.44 94.05 22.70
CA GLY C 2160 20.80 93.50 22.71
C GLY C 2160 21.11 92.78 24.01
N GLN C 2161 20.70 93.35 25.15
CA GLN C 2161 20.95 92.71 26.43
C GLN C 2161 20.20 91.39 26.55
N ILE C 2162 18.95 91.36 26.08
CA ILE C 2162 18.17 90.12 26.13
C ILE C 2162 18.83 89.05 25.27
N ARG C 2163 19.30 89.42 24.08
CA ARG C 2163 19.99 88.45 23.24
C ARG C 2163 21.29 87.98 23.89
N SER C 2164 22.02 88.89 24.54
CA SER C 2164 23.30 88.54 25.13
C SER C 2164 23.14 87.63 26.34
N LEU C 2165 22.05 87.78 27.09
CA LEU C 2165 21.85 86.98 28.29
C LEU C 2165 21.37 85.56 28.00
N LEU C 2166 21.32 85.15 26.73
CA LEU C 2166 20.99 83.76 26.41
C LEU C 2166 22.14 82.82 26.74
N ILE C 2167 23.37 83.23 26.42
CA ILE C 2167 24.53 82.37 26.60
C ILE C 2167 24.95 82.23 28.06
N VAL C 2168 24.34 82.99 28.96
CA VAL C 2168 24.68 82.95 30.38
C VAL C 2168 23.64 82.12 31.12
N GLN C 2169 24.10 81.31 32.05
CA GLN C 2169 23.19 80.56 32.91
C GLN C 2169 22.38 81.53 33.76
N MET C 2170 21.09 81.23 33.90
CA MET C 2170 20.17 82.19 34.51
C MET C 2170 20.43 82.29 36.01
N GLY C 2171 20.46 83.53 36.51
CA GLY C 2171 20.68 83.79 37.92
C GLY C 2171 19.84 84.97 38.40
N PRO C 2172 20.03 85.37 39.66
CA PRO C 2172 19.22 86.48 40.18
C PRO C 2172 19.48 87.81 39.48
N GLN C 2173 20.75 88.19 39.31
CA GLN C 2173 21.07 89.44 38.65
C GLN C 2173 20.61 89.43 37.19
N GLU C 2174 20.82 88.31 36.50
CA GLU C 2174 20.37 88.20 35.12
C GLU C 2174 18.85 88.30 35.03
N GLU C 2175 18.14 87.67 35.96
CA GLU C 2175 16.69 87.75 35.99
C GLU C 2175 16.23 89.20 36.18
N ASN C 2176 16.88 89.92 37.11
CA ASN C 2176 16.50 91.31 37.33
C ASN C 2176 16.76 92.17 36.09
N LEU C 2177 17.90 91.94 35.42
CA LEU C 2177 18.20 92.68 34.20
C LEU C 2177 17.16 92.42 33.13
N MET C 2178 16.75 91.15 32.96
CA MET C 2178 15.71 90.87 31.98
C MET C 2178 14.36 91.46 32.38
N ILE C 2179 14.05 91.51 33.68
CA ILE C 2179 12.83 92.17 34.11
C ILE C 2179 12.83 93.64 33.68
N GLN C 2180 13.94 94.33 33.95
CA GLN C 2180 14.04 95.74 33.57
C GLN C 2180 13.97 95.91 32.06
N SER C 2181 14.66 95.04 31.31
CA SER C 2181 14.67 95.16 29.85
C SER C 2181 13.28 94.93 29.27
N ILE C 2182 12.56 93.92 29.78
CA ILE C 2182 11.21 93.66 29.30
C ILE C 2182 10.30 94.84 29.65
N GLY C 2183 10.44 95.40 30.84
CA GLY C 2183 9.64 96.57 31.19
C GLY C 2183 9.89 97.73 30.25
N ASN C 2184 11.16 98.00 29.92
CA ASN C 2184 11.47 99.05 28.98
C ASN C 2184 10.88 98.74 27.60
N ILE C 2185 10.91 97.47 27.20
CA ILE C 2185 10.34 97.08 25.90
C ILE C 2185 8.86 97.39 25.87
N MET C 2186 8.12 97.05 26.93
CA MET C 2186 6.70 97.37 26.98
C MET C 2186 6.47 98.87 26.96
N ASN C 2187 7.24 99.63 27.75
CA ASN C 2187 7.01 101.07 27.82
C ASN C 2187 7.40 101.79 26.54
N ASN C 2188 8.26 101.20 25.72
CA ASN C 2188 8.63 101.84 24.45
C ASN C 2188 7.43 101.91 23.52
N LYS C 2189 7.28 103.05 22.84
CA LYS C 2189 6.11 103.26 21.99
C LYS C 2189 6.20 102.50 20.67
N VAL C 2190 7.42 102.23 20.19
CA VAL C 2190 7.57 101.52 18.92
C VAL C 2190 7.07 100.09 19.00
N PHE C 2191 6.92 99.56 20.22
CA PHE C 2191 6.48 98.17 20.36
C PHE C 2191 5.09 97.96 19.78
N TYR C 2192 4.16 98.86 20.06
CA TYR C 2192 2.79 98.75 19.57
C TYR C 2192 2.52 99.58 18.32
N GLN C 2193 3.53 100.29 17.80
CA GLN C 2193 3.38 101.03 16.56
C GLN C 2193 3.96 100.32 15.35
N HIS C 2194 4.91 99.41 15.55
CA HIS C 2194 5.52 98.63 14.47
C HIS C 2194 5.51 97.15 14.84
N PRO C 2195 4.33 96.53 14.91
CA PRO C 2195 4.28 95.09 15.18
C PRO C 2195 4.97 94.28 14.10
N ASN C 2196 4.94 94.72 12.85
CA ASN C 2196 5.67 94.03 11.80
C ASN C 2196 7.17 94.06 12.07
N LEU C 2197 7.69 95.21 12.51
CA LEU C 2197 9.11 95.30 12.86
C LEU C 2197 9.44 94.40 14.05
N MET C 2198 8.56 94.37 15.06
CA MET C 2198 8.78 93.49 16.19
C MET C 2198 8.82 92.03 15.77
N ARG C 2199 7.90 91.63 14.89
CA ARG C 2199 7.88 90.25 14.40
C ARG C 2199 9.13 89.93 13.58
N ALA C 2200 9.57 90.89 12.75
CA ALA C 2200 10.77 90.67 11.95
C ALA C 2200 12.00 90.50 12.83
N LEU C 2201 12.12 91.31 13.89
CA LEU C 2201 13.19 91.12 14.85
C LEU C 2201 13.02 89.80 15.60
N GLY C 2202 11.79 89.32 15.74
CA GLY C 2202 11.55 88.02 16.35
C GLY C 2202 11.90 87.92 17.82
N MET C 2203 11.53 88.92 18.62
CA MET C 2203 11.81 88.86 20.05
C MET C 2203 10.91 87.87 20.78
N HIS C 2204 9.76 87.51 20.19
CA HIS C 2204 8.89 86.53 20.84
C HIS C 2204 9.59 85.18 20.98
N GLU C 2205 10.31 84.76 19.93
CA GLU C 2205 11.07 83.52 20.02
C GLU C 2205 12.18 83.64 21.06
N THR C 2206 12.80 84.81 21.17
CA THR C 2206 13.86 85.00 22.16
C THR C 2206 13.31 84.83 23.57
N VAL C 2207 12.22 85.53 23.90
CA VAL C 2207 11.66 85.39 25.24
C VAL C 2207 11.11 83.99 25.47
N MET C 2208 10.63 83.33 24.39
CA MET C 2208 10.21 81.95 24.52
C MET C 2208 11.37 81.05 24.92
N GLU C 2209 12.53 81.23 24.29
CA GLU C 2209 13.69 80.42 24.66
C GLU C 2209 14.16 80.73 26.07
N VAL C 2210 14.06 81.99 26.50
CA VAL C 2210 14.38 82.32 27.89
C VAL C 2210 13.46 81.55 28.84
N MET C 2211 12.16 81.55 28.53
CA MET C 2211 11.21 80.84 29.39
C MET C 2211 11.49 79.34 29.39
N VAL C 2212 11.83 78.78 28.22
CA VAL C 2212 12.12 77.36 28.15
C VAL C 2212 13.37 77.03 28.97
N ASN C 2213 14.40 77.87 28.88
CA ASN C 2213 15.62 77.64 29.66
C ASN C 2213 15.34 77.71 31.16
N VAL C 2214 14.55 78.69 31.59
CA VAL C 2214 14.28 78.81 33.02
C VAL C 2214 13.38 77.67 33.50
N LEU C 2215 12.51 77.16 32.62
CA LEU C 2215 11.66 76.05 33.01
C LEU C 2215 12.44 74.75 33.09
N GLY C 2216 13.40 74.55 32.19
CA GLY C 2216 14.20 73.34 32.18
C GLY C 2216 15.13 73.19 33.37
N ILE C 2223 9.02 76.09 40.78
CA ILE C 2223 10.03 76.36 39.77
C ILE C 2223 10.80 77.63 40.15
N ARG C 2224 12.07 77.68 39.75
CA ARG C 2224 12.91 78.83 40.06
C ARG C 2224 12.54 80.03 39.19
N PHE C 2225 12.83 81.22 39.69
CA PHE C 2225 12.57 82.47 39.00
C PHE C 2225 11.11 82.62 38.57
N PRO C 2226 10.16 82.53 39.51
CA PRO C 2226 8.75 82.74 39.14
C PRO C 2226 8.48 84.14 38.62
N LYS C 2227 9.22 85.15 39.11
CA LYS C 2227 9.08 86.49 38.57
C LYS C 2227 9.47 86.53 37.10
N MET C 2228 10.57 85.86 36.74
CA MET C 2228 10.97 85.79 35.33
C MET C 2228 9.92 85.07 34.50
N VAL C 2229 9.39 83.96 35.01
CA VAL C 2229 8.36 83.23 34.28
C VAL C 2229 7.13 84.11 34.05
N THR C 2230 6.69 84.80 35.11
CA THR C 2230 5.52 85.67 35.01
C THR C 2230 5.76 86.81 34.03
N SER C 2231 6.95 87.41 34.06
CA SER C 2231 7.25 88.49 33.12
C SER C 2231 7.23 88.00 31.68
N CYS C 2232 7.83 86.84 31.42
CA CYS C 2232 7.81 86.30 30.06
C CYS C 2232 6.39 86.02 29.60
N CYS C 2233 5.58 85.41 30.47
CA CYS C 2233 4.21 85.07 30.10
C CYS C 2233 3.38 86.33 29.84
N ARG C 2234 3.53 87.36 30.69
CA ARG C 2234 2.77 88.58 30.47
C ARG C 2234 3.24 89.33 29.23
N PHE C 2235 4.54 89.28 28.92
CA PHE C 2235 5.03 89.85 27.68
C PHE C 2235 4.42 89.14 26.48
N LEU C 2236 4.37 87.81 26.52
CA LEU C 2236 3.76 87.08 25.40
C LEU C 2236 2.28 87.37 25.28
N CYS C 2237 1.57 87.48 26.41
CA CYS C 2237 0.15 87.79 26.36
C CYS C 2237 -0.09 89.18 25.76
N TYR C 2238 0.72 90.17 26.16
CA TYR C 2238 0.59 91.50 25.59
C TYR C 2238 0.92 91.49 24.10
N PHE C 2239 1.95 90.75 23.71
CA PHE C 2239 2.31 90.65 22.30
C PHE C 2239 1.17 90.04 21.49
N CYS C 2240 0.51 89.01 22.04
CA CYS C 2240 -0.65 88.43 21.37
C CYS C 2240 -1.78 89.45 21.26
N ARG C 2241 -2.02 90.21 22.33
CA ARG C 2241 -3.09 91.20 22.31
C ARG C 2241 -2.82 92.35 21.37
N ILE C 2242 -1.54 92.59 21.02
CA ILE C 2242 -1.20 93.69 20.12
C ILE C 2242 -1.99 93.60 18.81
N SER C 2243 -1.79 92.52 18.08
CA SER C 2243 -2.40 92.37 16.76
C SER C 2243 -2.67 90.90 16.47
N ARG C 2244 -3.49 90.66 15.45
CA ARG C 2244 -3.89 89.30 15.12
C ARG C 2244 -2.75 88.50 14.51
N GLN C 2245 -1.91 89.14 13.69
CA GLN C 2245 -0.79 88.44 13.09
C GLN C 2245 0.20 87.98 14.15
N ASN C 2246 0.39 88.79 15.19
CA ASN C 2246 1.20 88.34 16.33
C ASN C 2246 0.57 87.12 16.99
N GLN C 2247 -0.75 87.14 17.15
CA GLN C 2247 -1.45 85.99 17.72
C GLN C 2247 -1.28 84.75 16.85
N ARG C 2248 -1.40 84.92 15.53
CA ARG C 2248 -1.20 83.79 14.62
C ARG C 2248 0.22 83.26 14.71
N SER C 2249 1.21 84.15 14.81
CA SER C 2249 2.59 83.72 14.93
C SER C 2249 2.81 82.93 16.22
N MET C 2250 2.23 83.41 17.33
CA MET C 2250 2.35 82.69 18.60
C MET C 2250 1.57 81.38 18.60
N PHE C 2251 0.54 81.26 17.75
CA PHE C 2251 -0.25 80.04 17.70
C PHE C 2251 0.58 78.84 17.26
N ASP C 2252 1.63 79.05 16.47
CA ASP C 2252 2.42 77.93 15.94
C ASP C 2252 3.15 77.17 17.04
N HIS C 2253 3.28 77.74 18.24
CA HIS C 2253 3.94 77.10 19.36
C HIS C 2253 2.96 76.70 20.45
N LEU C 2254 1.67 76.60 20.12
CA LEU C 2254 0.65 76.31 21.13
C LEU C 2254 0.87 74.93 21.75
N SER C 2255 1.15 73.92 20.92
CA SER C 2255 1.32 72.56 21.44
C SER C 2255 2.56 72.43 22.30
N TYR C 2256 3.62 73.17 21.97
CA TYR C 2256 4.89 73.03 22.68
C TYR C 2256 4.78 73.65 24.07
N LEU C 2257 4.10 74.80 24.16
CA LEU C 2257 3.79 75.37 25.47
C LEU C 2257 2.97 74.43 26.34
N LEU C 2258 2.09 73.63 25.72
CA LEU C 2258 1.33 72.65 26.49
C LEU C 2258 2.24 71.61 27.12
N GLU C 2259 3.24 71.14 26.36
CA GLU C 2259 4.20 70.20 26.93
C GLU C 2259 5.03 70.86 28.03
N ASN C 2260 5.40 72.13 27.84
CA ASN C 2260 6.14 72.83 28.89
C ASN C 2260 5.30 73.04 30.14
N SER C 2261 3.99 73.15 29.99
CA SER C 2261 3.12 73.47 31.12
C SER C 2261 3.09 72.35 32.15
N GLY C 2262 2.81 72.73 33.39
CA GLY C 2262 2.69 71.80 34.50
C GLY C 2262 1.70 72.33 35.52
N ILE C 2263 1.48 71.55 36.56
CA ILE C 2263 0.50 71.93 37.58
C ILE C 2263 0.97 73.17 38.35
N GLY C 2264 2.21 73.16 38.83
CA GLY C 2264 2.73 74.34 39.49
C GLY C 2264 2.91 75.50 38.54
N LEU C 2265 3.43 75.22 37.33
CA LEU C 2265 3.56 76.26 36.32
C LEU C 2265 2.21 76.89 36.00
N GLY C 2266 1.17 76.07 35.86
CA GLY C 2266 -0.16 76.61 35.63
C GLY C 2266 -0.68 77.41 36.82
N MET C 2267 -0.35 76.97 38.03
CA MET C 2267 -0.81 77.68 39.22
C MET C 2267 -0.06 79.00 39.41
N GLN C 2268 1.08 79.18 38.76
CA GLN C 2268 1.70 80.50 38.72
C GLN C 2268 0.73 81.52 38.15
N GLY C 2269 0.91 82.78 38.56
CA GLY C 2269 -0.03 83.82 38.16
C GLY C 2269 -0.15 83.96 36.66
N SER C 2270 0.99 83.98 35.96
CA SER C 2270 1.02 83.97 34.51
C SER C 2270 1.77 82.73 34.05
N THR C 2271 1.16 81.95 33.16
CA THR C 2271 1.64 80.64 32.78
C THR C 2271 1.59 80.49 31.27
N PRO C 2272 2.40 79.59 30.71
CA PRO C 2272 2.26 79.27 29.28
C PRO C 2272 0.86 78.80 28.91
N LEU C 2273 0.12 78.22 29.85
CA LEU C 2273 -1.27 77.90 29.57
C LEU C 2273 -2.08 79.17 29.32
N ASP C 2274 -1.85 80.22 30.11
CA ASP C 2274 -2.48 81.50 29.83
C ASP C 2274 -1.97 82.11 28.53
N VAL C 2275 -0.70 81.87 28.19
CA VAL C 2275 -0.18 82.34 26.91
C VAL C 2275 -0.94 81.70 25.75
N ALA C 2276 -1.15 80.39 25.84
CA ALA C 2276 -1.92 79.69 24.81
C ALA C 2276 -3.37 80.15 24.78
N ALA C 2277 -3.96 80.40 25.96
CA ALA C 2277 -5.31 80.93 26.01
C ALA C 2277 -5.41 82.28 25.32
N ALA C 2278 -4.41 83.14 25.54
CA ALA C 2278 -4.39 84.44 24.86
C ALA C 2278 -4.16 84.29 23.36
N SER C 2279 -3.37 83.30 22.96
CA SER C 2279 -3.12 83.08 21.54
C SER C 2279 -4.29 82.41 20.82
N VAL C 2280 -5.22 81.82 21.57
CA VAL C 2280 -6.37 81.15 20.96
C VAL C 2280 -7.70 81.85 21.23
N ILE C 2281 -7.72 82.88 22.08
CA ILE C 2281 -8.97 83.48 22.51
C ILE C 2281 -9.53 84.38 21.40
N ASP C 2282 -10.85 84.29 21.20
CA ASP C 2282 -11.58 85.18 20.30
C ASP C 2282 -11.07 85.12 18.86
N ASN C 2283 -10.58 83.96 18.45
CA ASN C 2283 -10.10 83.74 17.08
C ASN C 2283 -10.79 82.50 16.55
N ASN C 2284 -11.83 82.70 15.74
CA ASN C 2284 -12.61 81.57 15.23
C ASN C 2284 -11.76 80.68 14.32
N GLU C 2285 -10.95 81.28 13.46
CA GLU C 2285 -10.12 80.49 12.55
C GLU C 2285 -9.10 79.67 13.32
N LEU C 2286 -8.46 80.25 14.33
CA LEU C 2286 -7.48 79.50 15.11
C LEU C 2286 -8.16 78.40 15.92
N ALA C 2287 -9.34 78.69 16.47
CA ALA C 2287 -10.08 77.66 17.20
C ALA C 2287 -10.45 76.50 16.30
N LEU C 2288 -10.84 76.80 15.06
CA LEU C 2288 -11.11 75.74 14.09
C LEU C 2288 -9.83 74.97 13.75
N ALA C 2289 -8.70 75.68 13.67
CA ALA C 2289 -7.44 75.05 13.33
C ALA C 2289 -6.79 74.32 14.50
N LEU C 2290 -7.37 74.41 15.70
CA LEU C 2290 -6.87 73.64 16.83
C LEU C 2290 -6.86 72.15 16.52
N GLN C 2291 -6.12 71.39 17.31
CA GLN C 2291 -5.84 69.99 17.04
C GLN C 2291 -6.40 69.09 18.13
N GLU C 2292 -6.99 67.98 17.69
CA GLU C 2292 -7.53 66.99 18.64
C GLU C 2292 -6.41 66.39 19.48
N GLN C 2293 -5.19 66.32 18.96
CA GLN C 2293 -4.08 65.83 19.77
C GLN C 2293 -3.79 66.79 20.93
N ASP C 2294 -3.79 68.09 20.67
CA ASP C 2294 -3.59 69.06 21.75
C ASP C 2294 -4.73 69.01 22.75
N LEU C 2295 -5.97 68.88 22.26
CA LEU C 2295 -7.10 68.74 23.18
C LEU C 2295 -6.98 67.47 24.02
N GLU C 2296 -6.50 66.39 23.41
CA GLU C 2296 -6.27 65.16 24.16
C GLU C 2296 -5.21 65.34 25.23
N LYS C 2297 -4.15 66.08 24.90
CA LYS C 2297 -3.10 66.35 25.89
C LYS C 2297 -3.66 67.14 27.07
N VAL C 2298 -4.45 68.18 26.80
CA VAL C 2298 -4.99 68.97 27.90
C VAL C 2298 -6.00 68.15 28.71
N VAL C 2299 -6.77 67.28 28.05
CA VAL C 2299 -7.68 66.41 28.78
C VAL C 2299 -6.91 65.42 29.65
N SER C 2300 -5.76 64.93 29.14
CA SER C 2300 -4.92 64.04 29.92
C SER C 2300 -4.38 64.75 31.16
N TYR C 2301 -3.96 66.00 31.02
CA TYR C 2301 -3.53 66.76 32.19
C TYR C 2301 -4.67 66.96 33.18
N LEU C 2302 -5.88 67.25 32.67
CA LEU C 2302 -7.03 67.43 33.55
C LEU C 2302 -7.35 66.14 34.31
N ALA C 2303 -7.25 65.00 33.62
CA ALA C 2303 -7.45 63.72 34.30
C ALA C 2303 -6.36 63.46 35.33
N GLY C 2304 -5.12 63.80 35.00
CA GLY C 2304 -4.02 63.52 35.90
C GLY C 2304 -4.08 64.34 37.18
N CYS C 2305 -4.47 65.61 37.08
CA CYS C 2305 -4.51 66.43 38.29
C CYS C 2305 -5.65 66.04 39.22
N GLY C 2306 -6.57 65.21 38.78
CA GLY C 2306 -7.69 64.77 39.59
C GLY C 2306 -7.48 63.48 40.35
N LEU C 2307 -6.26 62.94 40.38
CA LEU C 2307 -5.99 61.68 41.03
C LEU C 2307 -5.02 61.79 42.21
N GLN C 2308 -4.55 62.99 42.54
CA GLN C 2308 -3.62 63.16 43.65
C GLN C 2308 -3.70 64.59 44.15
N SER C 2309 -3.24 64.78 45.39
CA SER C 2309 -3.23 66.10 46.00
C SER C 2309 -2.07 66.93 45.47
N CYS C 2310 -2.17 68.24 45.67
CA CYS C 2310 -1.14 69.16 45.17
C CYS C 2310 0.09 69.10 46.06
N PRO C 2311 1.29 68.96 45.49
CA PRO C 2311 2.50 68.90 46.32
C PRO C 2311 2.69 70.12 47.19
N MET C 2312 2.37 71.31 46.68
CA MET C 2312 2.54 72.53 47.46
C MET C 2312 1.66 72.51 48.70
N LEU C 2313 0.39 72.12 48.54
CA LEU C 2313 -0.52 72.10 49.68
C LEU C 2313 -0.16 71.01 50.67
N LEU C 2314 0.22 69.82 50.19
CA LEU C 2314 0.60 68.77 51.12
C LEU C 2314 1.91 69.09 51.82
N ALA C 2315 2.77 69.89 51.21
CA ALA C 2315 3.98 70.33 51.89
C ALA C 2315 3.65 71.40 52.93
N LYS C 2316 2.76 72.33 52.60
CA LYS C 2316 2.33 73.33 53.57
C LYS C 2316 1.48 72.75 54.69
N GLY C 2317 0.98 71.53 54.53
CA GLY C 2317 0.28 70.84 55.59
C GLY C 2317 -1.21 70.70 55.39
N TYR C 2318 -1.75 71.11 54.25
CA TYR C 2318 -3.18 70.97 54.00
C TYR C 2318 -3.55 69.50 53.83
N PRO C 2319 -4.74 69.10 54.28
CA PRO C 2319 -5.12 67.68 54.21
C PRO C 2319 -5.23 67.19 52.77
N ASP C 2320 -4.95 65.90 52.60
CA ASP C 2320 -5.01 65.27 51.30
C ASP C 2320 -6.47 64.97 50.93
N ILE C 2321 -6.88 65.40 49.73
CA ILE C 2321 -8.23 65.14 49.24
C ILE C 2321 -8.24 64.25 48.01
N GLY C 2322 -7.08 63.92 47.43
CA GLY C 2322 -7.01 63.02 46.31
C GLY C 2322 -7.18 63.64 44.95
N TRP C 2323 -7.33 64.96 44.86
CA TRP C 2323 -7.45 65.63 43.57
C TRP C 2323 -7.10 67.10 43.74
N ASN C 2324 -6.91 67.78 42.61
CA ASN C 2324 -6.47 69.17 42.58
C ASN C 2324 -7.52 70.02 41.88
N PRO C 2325 -8.50 70.57 42.61
CA PRO C 2325 -9.44 71.50 41.98
C PRO C 2325 -8.75 72.74 41.43
N CYS C 2326 -7.77 73.28 42.17
CA CYS C 2326 -7.01 74.42 41.67
C CYS C 2326 -6.25 74.05 40.41
N GLY C 2327 -5.74 72.81 40.34
CA GLY C 2327 -5.12 72.35 39.11
C GLY C 2327 -6.10 72.29 37.96
N GLY C 2328 -7.32 71.82 38.22
CA GLY C 2328 -8.31 71.69 37.17
C GLY C 2328 -8.88 73.02 36.70
N GLU C 2329 -8.82 74.06 37.52
CA GLU C 2329 -9.35 75.37 37.11
C GLU C 2329 -8.70 75.85 35.82
N ARG C 2330 -7.37 75.73 35.72
CA ARG C 2330 -6.64 76.25 34.57
C ARG C 2330 -7.06 75.53 33.30
N TYR C 2331 -7.11 74.20 33.35
CA TYR C 2331 -7.49 73.43 32.16
C TYR C 2331 -8.94 73.70 31.78
N LEU C 2332 -9.83 73.84 32.76
CA LEU C 2332 -11.23 74.14 32.43
C LEU C 2332 -11.37 75.51 31.77
N ASP C 2333 -10.62 76.50 32.26
CA ASP C 2333 -10.64 77.82 31.63
C ASP C 2333 -10.09 77.78 30.21
N PHE C 2334 -8.98 77.07 30.01
CA PHE C 2334 -8.44 76.97 28.67
C PHE C 2334 -9.41 76.25 27.73
N LEU C 2335 -10.10 75.23 28.24
CA LEU C 2335 -11.06 74.50 27.43
C LEU C 2335 -12.25 75.37 27.06
N ARG C 2336 -12.75 76.19 27.98
CA ARG C 2336 -13.89 77.03 27.62
C ARG C 2336 -13.47 78.10 26.62
N PHE C 2337 -12.24 78.62 26.75
CA PHE C 2337 -11.74 79.54 25.72
C PHE C 2337 -11.63 78.85 24.36
N ALA C 2338 -11.16 77.60 24.35
CA ALA C 2338 -11.03 76.88 23.09
C ALA C 2338 -12.38 76.63 22.45
N VAL C 2339 -13.39 76.29 23.25
CA VAL C 2339 -14.69 75.90 22.70
C VAL C 2339 -15.51 77.12 22.29
N PHE C 2340 -15.53 78.17 23.12
CA PHE C 2340 -16.44 79.29 22.91
C PHE C 2340 -15.69 80.47 22.31
N VAL C 2341 -16.19 80.99 21.19
CA VAL C 2341 -15.64 82.17 20.53
C VAL C 2341 -16.78 83.06 20.06
N ASN C 2342 -16.68 84.36 20.34
CA ASN C 2342 -17.60 85.36 19.82
C ASN C 2342 -19.05 85.04 20.15
N GLY C 2343 -19.28 84.52 21.36
CA GLY C 2343 -20.64 84.24 21.80
C GLY C 2343 -21.28 83.03 21.16
N GLU C 2344 -20.54 82.22 20.42
CA GLU C 2344 -21.05 81.01 19.79
C GLU C 2344 -20.12 79.85 20.09
N SER C 2345 -20.68 78.65 20.01
CA SER C 2345 -19.94 77.43 20.33
C SER C 2345 -19.42 76.79 19.06
N VAL C 2346 -18.13 76.45 19.06
CA VAL C 2346 -17.54 75.71 17.95
C VAL C 2346 -18.01 74.26 18.06
N GLU C 2347 -18.78 73.81 17.08
CA GLU C 2347 -19.38 72.47 17.16
C GLU C 2347 -18.31 71.39 17.16
N GLU C 2348 -17.31 71.50 16.29
CA GLU C 2348 -16.28 70.46 16.20
C GLU C 2348 -15.50 70.35 17.51
N ASN C 2349 -15.03 71.49 18.02
CA ASN C 2349 -14.27 71.48 19.26
C ASN C 2349 -15.11 70.98 20.42
N ALA C 2350 -16.37 71.42 20.49
CA ALA C 2350 -17.25 70.97 21.57
C ALA C 2350 -17.47 69.46 21.52
N ASN C 2351 -17.72 68.92 20.32
CA ASN C 2351 -17.93 67.49 20.18
C ASN C 2351 -16.68 66.71 20.57
N VAL C 2352 -15.51 67.16 20.12
CA VAL C 2352 -14.27 66.45 20.47
C VAL C 2352 -14.05 66.48 21.98
N VAL C 2353 -14.25 67.65 22.60
CA VAL C 2353 -14.00 67.78 24.02
C VAL C 2353 -14.96 66.89 24.82
N VAL C 2354 -16.24 66.89 24.45
CA VAL C 2354 -17.20 66.09 25.21
C VAL C 2354 -16.95 64.61 25.01
N ARG C 2355 -16.54 64.21 23.79
CA ARG C 2355 -16.23 62.81 23.54
C ARG C 2355 -15.05 62.36 24.39
N LEU C 2356 -13.98 63.16 24.45
CA LEU C 2356 -12.85 62.79 25.30
C LEU C 2356 -13.25 62.77 26.77
N LEU C 2357 -14.07 63.73 27.19
CA LEU C 2357 -14.47 63.80 28.59
C LEU C 2357 -15.28 62.57 28.99
N ILE C 2358 -16.19 62.12 28.14
CA ILE C 2358 -16.97 60.93 28.47
C ILE C 2358 -16.16 59.66 28.29
N ARG C 2359 -15.15 59.67 27.40
CA ARG C 2359 -14.29 58.52 27.26
C ARG C 2359 -13.43 58.31 28.50
N LYS C 2360 -12.94 59.40 29.09
CA LYS C 2360 -12.16 59.34 30.33
C LYS C 2360 -12.94 60.05 31.43
N PRO C 2361 -13.76 59.32 32.19
CA PRO C 2361 -14.59 59.98 33.21
C PRO C 2361 -13.83 60.50 34.41
N GLU C 2362 -12.52 60.21 34.51
CA GLU C 2362 -11.75 60.69 35.66
C GLU C 2362 -11.65 62.21 35.70
N CYS C 2363 -11.90 62.88 34.58
CA CYS C 2363 -11.85 64.34 34.54
C CYS C 2363 -13.03 64.99 35.24
N PHE C 2364 -14.06 64.22 35.62
CA PHE C 2364 -15.25 64.78 36.25
C PHE C 2364 -15.09 64.96 37.75
N GLY C 2365 -13.96 64.58 38.32
CA GLY C 2365 -13.73 64.73 39.74
C GLY C 2365 -14.25 63.54 40.53
N PRO C 2366 -14.11 63.59 41.86
CA PRO C 2366 -14.60 62.46 42.67
C PRO C 2366 -16.09 62.27 42.57
N ALA C 2367 -16.87 63.32 42.77
CA ALA C 2367 -18.30 63.25 42.56
C ALA C 2367 -18.61 63.26 41.07
N LEU C 2368 -19.86 62.92 40.73
CA LEU C 2368 -20.33 62.87 39.35
C LEU C 2368 -19.54 61.86 38.52
N ARG C 2369 -18.97 60.85 39.17
CA ARG C 2369 -18.15 59.85 38.48
C ARG C 2369 -18.48 58.47 39.03
N GLY C 2370 -19.03 57.61 38.19
CA GLY C 2370 -19.26 56.24 38.57
C GLY C 2370 -20.31 56.07 39.65
N GLU C 2371 -20.22 54.93 40.34
CA GLU C 2371 -21.18 54.62 41.39
C GLU C 2371 -20.92 55.43 42.65
N GLY C 2372 -19.65 55.72 42.95
CA GLY C 2372 -19.31 56.48 44.13
C GLY C 2372 -19.44 57.98 43.99
N GLY C 2373 -19.72 58.47 42.79
CA GLY C 2373 -19.84 59.90 42.57
C GLY C 2373 -21.14 60.43 43.13
N SER C 2374 -21.06 61.40 44.03
CA SER C 2374 -22.26 62.03 44.58
C SER C 2374 -22.75 63.13 43.64
N GLY C 2375 -23.90 63.72 43.99
CA GLY C 2375 -24.50 64.75 43.18
C GLY C 2375 -23.98 66.13 43.49
N LEU C 2376 -24.46 67.09 42.69
CA LEU C 2376 -24.10 68.49 42.91
C LEU C 2376 -24.53 68.95 44.29
N LEU C 2377 -25.74 68.57 44.71
CA LEU C 2377 -26.22 68.96 46.03
C LEU C 2377 -25.28 68.48 47.12
N ALA C 2378 -24.91 67.19 47.07
CA ALA C 2378 -24.01 66.65 48.08
C ALA C 2378 -22.66 67.34 48.04
N ALA C 2379 -22.13 67.59 46.84
CA ALA C 2379 -20.82 68.22 46.73
C ALA C 2379 -20.82 69.63 47.34
N ILE C 2380 -21.82 70.44 46.98
CA ILE C 2380 -21.83 71.81 47.49
C ILE C 2380 -22.17 71.85 48.98
N GLU C 2381 -23.02 70.94 49.47
CA GLU C 2381 -23.26 70.91 50.91
C GLU C 2381 -21.99 70.51 51.67
N GLU C 2382 -21.23 69.56 51.14
CA GLU C 2382 -19.94 69.22 51.75
C GLU C 2382 -19.00 70.41 51.74
N ALA C 2383 -18.98 71.17 50.64
CA ALA C 2383 -18.16 72.37 50.58
C ALA C 2383 -18.60 73.40 51.63
N ILE C 2384 -19.92 73.56 51.80
CA ILE C 2384 -20.42 74.52 52.79
C ILE C 2384 -20.01 74.11 54.20
N ARG C 2385 -20.14 72.82 54.52
CA ARG C 2385 -19.73 72.37 55.86
C ARG C 2385 -18.23 72.49 56.07
N ILE C 2386 -17.43 72.17 55.06
CA ILE C 2386 -15.98 72.28 55.22
C ILE C 2386 -15.56 73.74 55.28
N SER C 2387 -16.35 74.66 54.72
CA SER C 2387 -16.08 76.08 54.90
C SER C 2387 -16.47 76.53 56.30
N GLU C 2388 -17.61 76.04 56.82
CA GLU C 2388 -18.02 76.35 58.17
C GLU C 2388 -17.03 75.81 59.20
N ASP C 2389 -16.27 74.76 58.85
CA ASP C 2389 -15.24 74.23 59.71
C ASP C 2389 -13.89 74.84 59.32
N PRO C 2390 -13.44 75.91 59.99
CA PRO C 2390 -12.15 76.52 59.59
C PRO C 2390 -10.96 75.60 59.74
N ALA C 2391 -10.99 74.68 60.72
CA ALA C 2391 -9.84 73.80 60.93
C ALA C 2391 -9.58 72.93 59.72
N ARG C 2392 -10.64 72.39 59.12
CA ARG C 2392 -10.48 71.59 57.91
C ARG C 2392 -9.98 72.44 56.75
N ASP C 2393 -10.44 73.69 56.67
CA ASP C 2393 -10.01 74.57 55.58
C ASP C 2393 -8.54 74.94 55.71
N GLY C 2394 -8.02 75.00 56.94
CA GLY C 2394 -6.64 75.36 57.15
C GLY C 2394 -5.71 74.18 56.95
N PRO C 2395 -4.42 74.44 57.18
CA PRO C 2395 -3.36 73.42 57.06
C PRO C 2395 -3.59 72.23 57.99
N ASN C 2414 -5.54 81.07 56.44
CA ASN C 2414 -5.58 80.16 55.31
C ASN C 2414 -5.68 80.92 53.99
N ARG C 2415 -4.85 80.53 53.02
CA ARG C 2415 -4.78 81.20 51.73
C ARG C 2415 -5.30 80.35 50.58
N VAL C 2416 -5.15 79.03 50.65
CA VAL C 2416 -5.55 78.16 49.54
C VAL C 2416 -7.06 78.18 49.36
N HIS C 2417 -7.81 78.08 50.46
CA HIS C 2417 -9.27 77.98 50.42
C HIS C 2417 -9.72 76.79 49.57
N LEU C 2418 -9.31 75.60 50.02
CA LEU C 2418 -9.68 74.37 49.32
C LEU C 2418 -11.19 74.18 49.31
N GLY C 2419 -11.89 74.67 50.34
CA GLY C 2419 -13.34 74.61 50.33
C GLY C 2419 -13.94 75.36 49.15
N HIS C 2420 -13.39 76.53 48.84
CA HIS C 2420 -13.79 77.25 47.64
C HIS C 2420 -13.32 76.53 46.38
N ALA C 2421 -12.15 75.90 46.43
CA ALA C 2421 -11.65 75.18 45.27
C ALA C 2421 -12.59 74.06 44.85
N ILE C 2422 -13.14 73.35 45.84
CA ILE C 2422 -13.96 72.16 45.54
C ILE C 2422 -15.11 72.52 44.61
N MET C 2423 -15.89 73.55 44.96
CA MET C 2423 -17.05 73.86 44.15
C MET C 2423 -16.75 74.85 43.04
N SER C 2424 -15.63 75.56 43.09
CA SER C 2424 -15.20 76.30 41.89
C SER C 2424 -14.88 75.34 40.76
N PHE C 2425 -14.30 74.18 41.10
CA PHE C 2425 -14.06 73.16 40.08
C PHE C 2425 -15.34 72.77 39.37
N TYR C 2426 -16.39 72.43 40.13
CA TYR C 2426 -17.63 72.00 39.52
C TYR C 2426 -18.32 73.14 38.78
N ALA C 2427 -18.23 74.38 39.28
CA ALA C 2427 -18.80 75.50 38.55
C ALA C 2427 -18.12 75.69 37.21
N ALA C 2428 -16.78 75.59 37.17
CA ALA C 2428 -16.06 75.72 35.92
C ALA C 2428 -16.40 74.57 34.97
N LEU C 2429 -16.55 73.36 35.51
CA LEU C 2429 -16.94 72.23 34.67
C LEU C 2429 -18.32 72.45 34.06
N ILE C 2430 -19.26 72.94 34.86
CA ILE C 2430 -20.61 73.21 34.36
C ILE C 2430 -20.56 74.30 33.29
N ASP C 2431 -19.75 75.33 33.50
CA ASP C 2431 -19.60 76.37 32.49
C ASP C 2431 -19.04 75.82 31.19
N LEU C 2432 -18.03 74.94 31.29
CA LEU C 2432 -17.47 74.33 30.08
C LEU C 2432 -18.51 73.49 29.35
N LEU C 2433 -19.29 72.70 30.08
CA LEU C 2433 -20.33 71.90 29.44
C LEU C 2433 -21.38 72.78 28.78
N GLY C 2434 -21.78 73.86 29.45
CA GLY C 2434 -22.75 74.78 28.86
C GLY C 2434 -22.23 75.42 27.58
N ARG C 2435 -20.96 75.80 27.57
CA ARG C 2435 -20.37 76.36 26.35
C ARG C 2435 -20.22 75.30 25.27
N CYS C 2436 -20.04 74.03 25.66
CA CYS C 2436 -19.98 72.94 24.69
C CYS C 2436 -21.36 72.50 24.21
N ALA C 2437 -22.44 72.98 24.83
CA ALA C 2437 -23.77 72.58 24.43
C ALA C 2437 -24.08 73.06 23.01
N PRO C 2438 -24.94 72.33 22.27
CA PRO C 2438 -25.23 72.69 20.88
C PRO C 2438 -26.03 73.98 20.73
N GLU C 2439 -26.38 74.33 19.50
CA GLU C 2439 -27.04 75.59 19.18
C GLU C 2439 -28.51 75.37 18.85
N MET C 2440 -29.30 76.41 19.09
CA MET C 2440 -30.76 76.30 18.96
C MET C 2440 -31.16 76.09 17.50
N HIS C 2441 -30.45 76.71 16.55
CA HIS C 2441 -30.81 76.51 15.15
C HIS C 2441 -30.53 75.08 14.71
N LEU C 2442 -29.41 74.51 15.14
CA LEU C 2442 -29.15 73.10 14.85
C LEU C 2442 -30.19 72.19 15.49
N ILE C 2443 -30.57 72.50 16.74
CA ILE C 2443 -31.60 71.70 17.41
C ILE C 2443 -32.92 71.76 16.64
N GLN C 2444 -33.31 72.96 16.20
CA GLN C 2444 -34.55 73.11 15.45
C GLN C 2444 -34.48 72.37 14.12
N ALA C 2445 -33.35 72.48 13.42
CA ALA C 2445 -33.17 71.76 12.17
C ALA C 2445 -33.12 70.24 12.38
N GLY C 2446 -32.84 69.79 13.59
CA GLY C 2446 -32.85 68.38 13.89
C GLY C 2446 -31.61 67.63 13.48
N LYS C 2447 -30.44 68.26 13.58
CA LYS C 2447 -29.20 67.56 13.29
C LYS C 2447 -28.99 66.43 14.29
N GLY C 2448 -28.77 65.23 13.77
CA GLY C 2448 -28.67 64.07 14.64
C GLY C 2448 -27.53 64.16 15.63
N GLU C 2449 -26.36 64.61 15.17
CA GLU C 2449 -25.22 64.72 16.06
C GLU C 2449 -25.46 65.75 17.15
N ALA C 2450 -26.08 66.89 16.80
CA ALA C 2450 -26.38 67.91 17.80
C ALA C 2450 -27.38 67.39 18.83
N LEU C 2451 -28.43 66.71 18.37
CA LEU C 2451 -29.39 66.14 19.30
C LEU C 2451 -28.73 65.11 20.21
N ARG C 2452 -27.84 64.28 19.65
CA ARG C 2452 -27.14 63.29 20.46
C ARG C 2452 -26.27 63.96 21.51
N ILE C 2453 -25.56 65.03 21.13
CA ILE C 2453 -24.70 65.72 22.09
C ILE C 2453 -25.54 66.33 23.21
N ARG C 2454 -26.67 66.95 22.86
CA ARG C 2454 -27.52 67.52 23.89
C ARG C 2454 -28.06 66.44 24.81
N ALA C 2455 -28.42 65.28 24.25
CA ALA C 2455 -28.91 64.17 25.06
C ALA C 2455 -27.82 63.66 26.00
N ILE C 2456 -26.58 63.57 25.52
CA ILE C 2456 -25.48 63.12 26.38
C ILE C 2456 -25.26 64.10 27.53
N LEU C 2457 -25.26 65.41 27.23
CA LEU C 2457 -25.11 66.39 28.30
C LEU C 2457 -26.28 66.34 29.28
N ARG C 2458 -27.49 66.11 28.76
CA ARG C 2458 -28.66 65.98 29.62
C ARG C 2458 -28.52 64.80 30.56
N SER C 2459 -28.04 63.67 30.04
CA SER C 2459 -27.82 62.50 30.88
C SER C 2459 -26.73 62.76 31.91
N LEU C 2460 -25.66 63.46 31.52
CA LEU C 2460 -24.56 63.72 32.44
C LEU C 2460 -25.00 64.62 33.59
N VAL C 2461 -25.71 65.70 33.30
CA VAL C 2461 -26.09 66.69 34.29
C VAL C 2461 -27.60 66.68 34.45
N PRO C 2462 -28.12 66.33 35.62
CA PRO C 2462 -29.57 66.43 35.85
C PRO C 2462 -30.02 67.86 36.07
N LEU C 2463 -31.30 68.08 35.80
CA LEU C 2463 -31.88 69.41 36.00
C LEU C 2463 -32.07 69.73 37.48
N ASP C 2464 -32.46 68.72 38.27
CA ASP C 2464 -32.76 68.94 39.68
C ASP C 2464 -31.53 69.44 40.44
N ASP C 2465 -30.35 68.93 40.09
CA ASP C 2465 -29.12 69.41 40.72
C ASP C 2465 -28.91 70.89 40.44
N LEU C 2466 -29.11 71.30 39.19
CA LEU C 2466 -28.97 72.72 38.85
C LEU C 2466 -29.96 73.57 39.63
N VAL C 2467 -31.22 73.13 39.69
CA VAL C 2467 -32.23 73.90 40.41
C VAL C 2467 -31.88 74.02 41.89
N GLY C 2468 -31.47 72.92 42.51
CA GLY C 2468 -31.13 72.96 43.93
C GLY C 2468 -29.94 73.84 44.23
N ILE C 2469 -28.87 73.71 43.43
CA ILE C 2469 -27.68 74.50 43.72
C ILE C 2469 -27.93 75.97 43.41
N ILE C 2470 -28.81 76.27 42.45
CA ILE C 2470 -29.27 77.65 42.29
C ILE C 2470 -30.03 78.11 43.53
N SER C 2471 -30.86 77.23 44.07
CA SER C 2471 -31.74 77.60 45.18
C SER C 2471 -30.96 77.92 46.45
N LEU C 2472 -29.90 77.16 46.73
CA LEU C 2472 -29.21 77.35 48.01
C LEU C 2472 -28.63 78.75 48.09
N PRO C 2473 -28.69 79.40 49.25
CA PRO C 2473 -28.26 80.81 49.35
C PRO C 2473 -26.78 80.98 49.62
N LEU C 2474 -26.36 82.24 49.78
CA LEU C 2474 -24.97 82.58 50.05
C LEU C 2474 -24.92 83.58 51.21
N GLN C 2475 -23.73 83.72 51.79
CA GLN C 2475 -23.54 84.65 52.89
C GLN C 2475 -23.80 86.09 52.42
N ILE C 2476 -24.44 86.88 53.27
CA ILE C 2476 -24.78 88.25 52.95
C ILE C 2476 -24.22 89.18 54.03
N PRO C 2477 -23.38 90.14 53.68
CA PRO C 2477 -22.86 91.07 54.69
C PRO C 2477 -23.95 92.02 55.18
N THR C 2478 -23.93 92.28 56.48
CA THR C 2478 -24.80 93.25 57.13
C THR C 2478 -23.95 94.23 57.94
N LEU C 2479 -24.60 95.05 58.74
CA LEU C 2479 -23.93 96.00 59.62
C LEU C 2479 -24.16 95.59 61.06
N GLY C 2480 -23.08 95.37 61.79
CA GLY C 2480 -23.13 94.93 63.17
C GLY C 2480 -22.97 96.07 64.16
N LYS C 2481 -22.44 95.76 65.33
CA LYS C 2481 -22.24 96.78 66.36
C LYS C 2481 -21.22 97.82 65.91
N ASP C 2482 -20.15 97.38 65.24
CA ASP C 2482 -19.13 98.31 64.76
C ASP C 2482 -19.59 99.12 63.57
N GLY C 2483 -20.73 98.80 62.98
CA GLY C 2483 -21.24 99.50 61.82
C GLY C 2483 -21.05 98.77 60.51
N ALA C 2484 -20.27 97.70 60.49
CA ALA C 2484 -20.07 96.91 59.28
C ALA C 2484 -19.56 95.53 59.67
N LEU C 2485 -20.34 94.50 59.39
CA LEU C 2485 -19.96 93.14 59.73
C LEU C 2485 -18.97 92.59 58.70
N VAL C 2486 -18.62 91.32 58.88
CA VAL C 2486 -17.65 90.68 58.00
C VAL C 2486 -18.24 90.50 56.61
N GLN C 2487 -17.39 90.60 55.59
CA GLN C 2487 -17.77 90.41 54.19
C GLN C 2487 -16.83 89.39 53.57
N PRO C 2488 -16.97 88.11 53.91
CA PRO C 2488 -16.07 87.08 53.38
C PRO C 2488 -16.47 86.67 51.96
N LYS C 2489 -15.70 87.12 50.98
CA LYS C 2489 -15.89 86.76 49.59
C LYS C 2489 -14.55 86.32 49.01
N MET C 2490 -14.62 85.42 48.03
CA MET C 2490 -13.45 84.79 47.41
C MET C 2490 -12.61 84.02 48.42
N SER C 2491 -13.10 83.81 49.64
CA SER C 2491 -12.38 83.12 50.71
C SER C 2491 -13.31 82.06 51.30
N ALA C 2492 -13.33 80.89 50.66
CA ALA C 2492 -14.14 79.75 51.11
C ALA C 2492 -15.60 80.15 51.29
N SER C 2493 -16.12 80.93 50.35
CA SER C 2493 -17.48 81.43 50.41
C SER C 2493 -18.14 81.32 49.05
N PHE C 2494 -19.47 81.27 49.06
CA PHE C 2494 -20.24 81.16 47.83
C PHE C 2494 -20.19 82.48 47.06
N VAL C 2495 -20.13 82.37 45.73
CA VAL C 2495 -20.02 83.54 44.85
C VAL C 2495 -21.09 83.44 43.78
N PRO C 2496 -21.77 84.55 43.45
CA PRO C 2496 -22.82 84.49 42.42
C PRO C 2496 -22.32 84.12 41.02
N ASP C 2497 -21.00 84.19 40.77
CA ASP C 2497 -20.49 83.82 39.46
C ASP C 2497 -20.73 82.34 39.17
N HIS C 2498 -20.64 81.49 40.19
CA HIS C 2498 -20.94 80.07 40.00
C HIS C 2498 -22.38 79.86 39.55
N LYS C 2499 -23.31 80.55 40.22
CA LYS C 2499 -24.71 80.48 39.81
C LYS C 2499 -24.91 81.08 38.42
N ALA C 2500 -24.11 82.08 38.06
CA ALA C 2500 -24.19 82.62 36.69
C ALA C 2500 -23.80 81.57 35.66
N SER C 2501 -22.74 80.82 35.95
CA SER C 2501 -22.34 79.73 35.06
C SER C 2501 -23.44 78.67 34.97
N MET C 2502 -24.06 78.34 36.11
CA MET C 2502 -25.16 77.39 36.09
C MET C 2502 -26.35 77.92 35.30
N VAL C 2503 -26.61 79.23 35.37
CA VAL C 2503 -27.70 79.81 34.60
C VAL C 2503 -27.39 79.76 33.11
N LEU C 2504 -26.13 79.97 32.74
CA LEU C 2504 -25.74 79.77 31.34
C LEU C 2504 -25.98 78.34 30.91
N PHE C 2505 -25.62 77.38 31.76
CA PHE C 2505 -25.90 75.97 31.46
C PHE C 2505 -27.40 75.72 31.29
N LEU C 2506 -28.20 76.30 32.18
CA LEU C 2506 -29.66 76.14 32.10
C LEU C 2506 -30.24 76.78 30.85
N ASP C 2507 -29.60 77.85 30.37
CA ASP C 2507 -30.04 78.47 29.12
C ASP C 2507 -29.69 77.60 27.92
N ARG C 2508 -28.48 77.06 27.90
CA ARG C 2508 -28.06 76.23 26.76
C ARG C 2508 -28.85 74.92 26.70
N VAL C 2509 -28.97 74.23 27.83
CA VAL C 2509 -29.72 72.98 27.91
C VAL C 2509 -30.68 73.09 29.09
N TYR C 2510 -31.80 72.37 29.00
CA TYR C 2510 -32.94 72.54 29.90
C TYR C 2510 -33.51 73.95 29.76
N GLY C 2511 -33.91 74.29 28.53
CA GLY C 2511 -34.43 75.60 28.26
C GLY C 2511 -35.75 75.87 28.97
N ILE C 2512 -36.08 77.15 29.05
CA ILE C 2512 -37.30 77.59 29.75
C ILE C 2512 -38.43 77.61 28.73
N GLU C 2513 -39.37 76.66 28.86
CA GLU C 2513 -40.50 76.58 27.94
C GLU C 2513 -41.87 76.54 28.63
N ASN C 2514 -41.93 76.19 29.91
CA ASN C 2514 -43.19 76.10 30.64
C ASN C 2514 -43.35 77.34 31.51
N GLN C 2515 -44.54 77.95 31.46
CA GLN C 2515 -44.79 79.12 32.30
C GLN C 2515 -44.76 78.75 33.78
N ASP C 2516 -45.38 77.63 34.14
CA ASP C 2516 -45.39 77.20 35.54
C ASP C 2516 -43.98 76.90 36.03
N PHE C 2517 -43.20 76.18 35.24
CA PHE C 2517 -41.83 75.87 35.64
C PHE C 2517 -40.98 77.13 35.72
N LEU C 2518 -41.21 78.07 34.79
CA LEU C 2518 -40.46 79.33 34.82
C LEU C 2518 -40.76 80.11 36.09
N LEU C 2519 -42.04 80.26 36.43
CA LEU C 2519 -42.38 80.99 37.65
C LEU C 2519 -41.90 80.26 38.90
N HIS C 2520 -41.92 78.92 38.88
CA HIS C 2520 -41.41 78.16 40.02
C HIS C 2520 -39.93 78.39 40.21
N VAL C 2521 -39.13 78.23 39.14
CA VAL C 2521 -37.69 78.39 39.26
C VAL C 2521 -37.33 79.84 39.54
N LEU C 2522 -38.18 80.78 39.15
CA LEU C 2522 -37.95 82.17 39.50
C LEU C 2522 -38.19 82.39 40.99
N ASP C 2523 -39.40 82.07 41.46
CA ASP C 2523 -39.75 82.31 42.87
C ASP C 2523 -38.81 81.58 43.81
N VAL C 2524 -38.36 80.39 43.44
CA VAL C 2524 -37.36 79.68 44.23
C VAL C 2524 -36.05 79.72 43.48
N GLY C 2525 -35.23 80.73 43.75
CA GLY C 2525 -33.94 80.83 43.12
C GLY C 2525 -33.50 82.21 42.68
N PHE C 2526 -34.44 83.09 42.32
CA PHE C 2526 -34.07 84.41 41.83
C PHE C 2526 -34.65 85.55 42.65
N LEU C 2527 -35.92 85.44 43.06
CA LEU C 2527 -36.52 86.50 43.87
C LEU C 2527 -35.78 86.76 45.17
N PRO C 2528 -35.32 85.76 45.94
CA PRO C 2528 -34.53 86.09 47.14
C PRO C 2528 -33.30 86.93 46.82
N ASP C 2529 -32.61 86.64 45.71
CA ASP C 2529 -31.45 87.44 45.34
C ASP C 2529 -31.85 88.86 44.95
N MET C 2530 -32.98 89.01 44.25
CA MET C 2530 -33.45 90.36 43.90
C MET C 2530 -33.80 91.15 45.15
N ARG C 2531 -34.45 90.51 46.13
CA ARG C 2531 -34.78 91.20 47.36
C ARG C 2531 -33.53 91.54 48.16
N ALA C 2532 -32.53 90.65 48.14
CA ALA C 2532 -31.26 90.95 48.80
C ALA C 2532 -30.59 92.16 48.15
N ALA C 2533 -30.59 92.23 46.82
CA ALA C 2533 -30.04 93.39 46.14
C ALA C 2533 -30.83 94.65 46.46
N ALA C 2534 -32.15 94.54 46.56
CA ALA C 2534 -32.97 95.69 46.94
C ALA C 2534 -32.60 96.18 48.33
N SER C 2535 -32.39 95.26 49.28
CA SER C 2535 -31.98 95.65 50.63
C SER C 2535 -30.59 96.28 50.62
N LEU C 2536 -29.67 95.72 49.82
CA LEU C 2536 -28.30 96.22 49.74
C LEU C 2536 -28.17 97.50 48.93
N ASP C 2537 -29.23 97.93 48.25
CA ASP C 2537 -29.19 99.15 47.45
C ASP C 2537 -28.84 100.39 48.29
N THR C 2538 -29.04 100.35 49.60
CA THR C 2538 -28.72 101.50 50.45
C THR C 2538 -27.22 101.79 50.41
N ALA C 2539 -26.88 103.05 50.68
CA ALA C 2539 -25.53 103.55 50.42
C ALA C 2539 -24.48 102.75 51.19
N THR C 2540 -24.67 102.60 52.50
CA THR C 2540 -23.72 101.83 53.30
C THR C 2540 -23.66 100.38 52.84
N PHE C 2541 -24.82 99.80 52.53
CA PHE C 2541 -24.86 98.42 52.05
C PHE C 2541 -24.37 98.30 50.62
N SER C 2542 -24.61 99.33 49.79
CA SER C 2542 -24.11 99.29 48.42
C SER C 2542 -22.61 99.50 48.34
N THR C 2543 -22.00 100.12 49.35
CA THR C 2543 -20.56 100.27 49.38
C THR C 2543 -19.85 98.92 49.49
N THR C 2544 -20.55 97.89 49.98
CA THR C 2544 -19.96 96.56 50.06
C THR C 2544 -19.60 96.05 48.67
N GLU C 2545 -18.50 95.31 48.60
CA GLU C 2545 -17.96 94.91 47.30
C GLU C 2545 -18.84 93.86 46.61
N MET C 2546 -19.46 92.96 47.38
CA MET C 2546 -20.22 91.88 46.76
C MET C 2546 -21.55 92.34 46.20
N ALA C 2547 -22.03 93.53 46.59
CA ALA C 2547 -23.26 94.05 45.99
C ALA C 2547 -23.09 94.29 44.50
N LEU C 2548 -21.93 94.82 44.11
CA LEU C 2548 -21.63 94.99 42.68
C LEU C 2548 -21.56 93.63 42.00
N ALA C 2549 -21.01 92.62 42.68
CA ALA C 2549 -20.96 91.28 42.11
C ALA C 2549 -22.36 90.73 41.90
N LEU C 2550 -23.27 90.93 42.86
CA LEU C 2550 -24.64 90.48 42.70
C LEU C 2550 -25.33 91.22 41.55
N ASN C 2551 -25.10 92.52 41.44
CA ASN C 2551 -25.69 93.28 40.34
C ASN C 2551 -25.18 92.77 38.99
N ARG C 2552 -23.88 92.51 38.88
CA ARG C 2552 -23.32 91.99 37.65
C ARG C 2552 -23.88 90.61 37.32
N TYR C 2553 -23.98 89.74 38.34
CA TYR C 2553 -24.55 88.41 38.13
C TYR C 2553 -25.98 88.51 37.61
N LEU C 2554 -26.79 89.36 38.25
CA LEU C 2554 -28.17 89.52 37.82
C LEU C 2554 -28.24 90.00 36.38
N CYS C 2555 -27.57 91.13 36.09
CA CYS C 2555 -27.65 91.73 34.77
C CYS C 2555 -27.05 90.86 33.68
N LEU C 2556 -26.16 89.94 34.02
CA LEU C 2556 -25.52 89.10 33.01
C LEU C 2556 -26.19 87.74 32.83
N ALA C 2557 -26.88 87.23 33.84
CA ALA C 2557 -27.47 85.90 33.74
C ALA C 2557 -28.99 85.91 33.88
N VAL C 2558 -29.53 86.59 34.88
CA VAL C 2558 -30.93 86.44 35.24
C VAL C 2558 -31.82 87.33 34.40
N LEU C 2559 -31.48 88.62 34.33
CA LEU C 2559 -32.33 89.59 33.65
C LEU C 2559 -32.50 89.29 32.16
N PRO C 2560 -31.44 89.00 31.38
CA PRO C 2560 -31.66 88.65 29.96
C PRO C 2560 -32.54 87.42 29.78
N LEU C 2561 -32.47 86.46 30.70
CA LEU C 2561 -33.38 85.31 30.63
C LEU C 2561 -34.82 85.76 30.77
N ILE C 2562 -35.08 86.71 31.68
CA ILE C 2562 -36.42 87.25 31.84
C ILE C 2562 -36.87 87.98 30.57
N THR C 2563 -35.94 88.73 29.96
CA THR C 2563 -36.27 89.39 28.70
C THR C 2563 -36.64 88.39 27.62
N LYS C 2564 -35.89 87.30 27.52
CA LYS C 2564 -36.18 86.29 26.51
C LYS C 2564 -37.50 85.58 26.79
N CYS C 2565 -37.82 85.37 28.06
CA CYS C 2565 -39.03 84.65 28.45
C CYS C 2565 -40.22 85.57 28.69
N ALA C 2566 -40.08 86.87 28.40
CA ALA C 2566 -41.19 87.79 28.58
C ALA C 2566 -42.45 87.40 27.80
N PRO C 2567 -42.37 87.00 26.52
CA PRO C 2567 -43.60 86.52 25.85
C PRO C 2567 -44.23 85.32 26.52
N LEU C 2568 -43.42 84.45 27.14
CA LEU C 2568 -43.97 83.29 27.84
C LEU C 2568 -44.77 83.72 29.06
N PHE C 2569 -44.41 84.87 29.66
CA PHE C 2569 -45.09 85.33 30.86
C PHE C 2569 -46.56 85.69 30.61
N ALA C 2570 -46.96 85.82 29.35
CA ALA C 2570 -48.33 86.19 29.03
C ALA C 2570 -49.30 85.10 29.44
N GLY C 2571 -50.37 85.48 30.14
CA GLY C 2571 -51.39 84.53 30.55
C GLY C 2571 -51.10 83.83 31.86
N THR C 2572 -50.76 84.60 32.89
CA THR C 2572 -50.52 84.04 34.22
C THR C 2572 -51.83 83.67 34.88
N GLU C 2573 -51.83 82.55 35.61
CA GLU C 2573 -53.00 82.08 36.34
C GLU C 2573 -52.71 82.18 37.83
N HIS C 2574 -53.44 83.06 38.51
CA HIS C 2574 -53.33 83.25 39.96
C HIS C 2574 -51.90 83.58 40.39
N ARG C 2575 -51.18 84.32 39.55
CA ARG C 2575 -49.80 84.69 39.82
C ARG C 2575 -49.67 86.17 40.17
N ALA C 2576 -50.78 86.84 40.49
CA ALA C 2576 -50.83 88.30 40.45
C ALA C 2576 -49.89 88.92 41.48
N ILE C 2577 -49.99 88.51 42.75
CA ILE C 2577 -49.27 89.22 43.80
C ILE C 2577 -47.77 88.96 43.73
N MET C 2578 -47.36 87.71 43.42
CA MET C 2578 -45.94 87.46 43.19
C MET C 2578 -45.40 88.21 41.97
N VAL C 2579 -46.18 88.28 40.89
CA VAL C 2579 -45.72 89.08 39.75
C VAL C 2579 -45.59 90.54 40.13
N ASP C 2580 -46.52 91.06 40.94
CA ASP C 2580 -46.43 92.44 41.39
C ASP C 2580 -45.21 92.67 42.26
N SER C 2581 -44.90 91.72 43.15
CA SER C 2581 -43.73 91.84 44.00
C SER C 2581 -42.44 91.80 43.19
N MET C 2582 -42.38 90.92 42.19
CA MET C 2582 -41.20 90.90 41.34
C MET C 2582 -41.10 92.16 40.48
N LEU C 2583 -42.24 92.76 40.14
CA LEU C 2583 -42.22 94.06 39.50
C LEU C 2583 -41.63 95.12 40.42
N HIS C 2584 -42.00 95.10 41.70
CA HIS C 2584 -41.38 95.99 42.69
C HIS C 2584 -39.86 95.81 42.69
N THR C 2585 -39.41 94.55 42.77
CA THR C 2585 -37.98 94.29 42.83
C THR C 2585 -37.27 94.78 41.58
N VAL C 2586 -37.84 94.49 40.41
CA VAL C 2586 -37.22 94.87 39.15
C VAL C 2586 -37.15 96.39 39.02
N TYR C 2587 -38.24 97.09 39.37
CA TYR C 2587 -38.27 98.54 39.25
C TYR C 2587 -37.29 99.19 40.23
N ARG C 2588 -37.21 98.67 41.46
CA ARG C 2588 -36.26 99.22 42.42
C ARG C 2588 -34.83 98.98 41.97
N LEU C 2589 -34.54 97.81 41.41
CA LEU C 2589 -33.21 97.57 40.86
C LEU C 2589 -32.92 98.49 39.69
N SER C 2590 -33.94 98.76 38.86
CA SER C 2590 -33.76 99.66 37.73
C SER C 2590 -33.42 101.07 38.19
N ARG C 2591 -34.10 101.56 39.23
CA ARG C 2591 -33.76 102.85 39.80
C ARG C 2591 -32.69 102.78 40.87
N GLY C 2592 -31.99 101.65 40.97
CA GLY C 2592 -30.90 101.52 41.92
C GLY C 2592 -29.79 102.51 41.66
N ARG C 2593 -28.82 102.51 42.58
CA ARG C 2593 -27.72 103.46 42.58
C ARG C 2593 -26.41 102.70 42.64
N SER C 2594 -25.36 103.35 42.15
CA SER C 2594 -24.00 102.79 42.12
C SER C 2594 -23.94 101.54 41.25
N LEU C 2595 -24.36 101.70 39.99
CA LEU C 2595 -24.30 100.63 39.01
C LEU C 2595 -23.98 101.22 37.66
N THR C 2596 -23.48 100.37 36.77
CA THR C 2596 -23.08 100.82 35.44
C THR C 2596 -24.30 101.22 34.61
N LYS C 2597 -24.08 102.18 33.70
CA LYS C 2597 -25.14 102.63 32.82
C LYS C 2597 -25.68 101.48 31.97
N ALA C 2598 -24.78 100.60 31.50
CA ALA C 2598 -25.23 99.45 30.74
C ALA C 2598 -26.13 98.54 31.57
N GLN C 2599 -25.76 98.31 32.84
CA GLN C 2599 -26.57 97.48 33.71
C GLN C 2599 -27.95 98.11 33.93
N ARG C 2600 -27.99 99.42 34.17
CA ARG C 2600 -29.25 100.11 34.37
C ARG C 2600 -30.12 100.02 33.11
N ASP C 2601 -29.49 100.18 31.94
CA ASP C 2601 -30.22 100.04 30.68
C ASP C 2601 -30.79 98.63 30.53
N VAL C 2602 -30.03 97.62 30.94
CA VAL C 2602 -30.51 96.24 30.87
C VAL C 2602 -31.76 96.07 31.71
N ILE C 2603 -31.72 96.56 32.96
CA ILE C 2603 -32.91 96.44 33.82
C ILE C 2603 -34.09 97.19 33.21
N GLU C 2604 -33.82 98.36 32.63
CA GLU C 2604 -34.89 99.17 32.06
C GLU C 2604 -35.57 98.46 30.89
N ASP C 2605 -34.77 97.94 29.96
CA ASP C 2605 -35.36 97.25 28.82
C ASP C 2605 -36.02 95.95 29.23
N CYS C 2606 -35.50 95.29 30.26
CA CYS C 2606 -36.19 94.12 30.80
C CYS C 2606 -37.56 94.50 31.35
N LEU C 2607 -37.64 95.62 32.06
CA LEU C 2607 -38.93 96.10 32.58
C LEU C 2607 -39.92 96.28 31.44
N MET C 2608 -39.54 97.03 30.41
CA MET C 2608 -40.48 97.28 29.31
C MET C 2608 -40.83 95.99 28.57
N ALA C 2609 -39.83 95.14 28.30
CA ALA C 2609 -40.08 93.89 27.58
C ALA C 2609 -41.04 92.98 28.34
N LEU C 2610 -40.88 92.90 29.66
CA LEU C 2610 -41.82 92.10 30.45
C LEU C 2610 -43.20 92.74 30.45
N CYS C 2611 -43.27 94.07 30.60
CA CYS C 2611 -44.57 94.73 30.65
C CYS C 2611 -45.35 94.55 29.35
N ARG C 2612 -44.64 94.37 28.23
CA ARG C 2612 -45.33 94.23 26.95
C ARG C 2612 -46.28 93.03 26.92
N TYR C 2613 -46.11 92.03 27.79
CA TYR C 2613 -46.91 90.82 27.74
C TYR C 2613 -47.69 90.55 29.02
N ILE C 2614 -47.97 91.58 29.83
CA ILE C 2614 -48.70 91.41 31.08
C ILE C 2614 -50.01 92.19 30.99
N ARG C 2615 -51.08 91.56 31.48
CA ARG C 2615 -52.38 92.20 31.48
C ARG C 2615 -52.36 93.43 32.39
N PRO C 2616 -52.94 94.56 31.94
CA PRO C 2616 -52.91 95.77 32.77
C PRO C 2616 -53.72 95.69 34.05
N SER C 2617 -54.50 94.62 34.26
CA SER C 2617 -55.28 94.50 35.48
C SER C 2617 -54.37 94.38 36.71
N MET C 2618 -53.22 93.72 36.56
CA MET C 2618 -52.28 93.55 37.65
C MET C 2618 -51.16 94.59 37.65
N LEU C 2619 -51.20 95.56 36.74
CA LEU C 2619 -50.22 96.64 36.70
C LEU C 2619 -50.71 97.90 37.39
N GLN C 2620 -51.88 97.86 38.04
CA GLN C 2620 -52.35 99.04 38.77
C GLN C 2620 -51.46 99.34 39.96
N HIS C 2621 -50.89 98.31 40.60
CA HIS C 2621 -49.91 98.56 41.65
C HIS C 2621 -48.66 99.22 41.09
N LEU C 2622 -48.22 98.79 39.90
CA LEU C 2622 -47.08 99.45 39.27
C LEU C 2622 -47.38 100.90 38.97
N LEU C 2623 -48.59 101.20 38.49
CA LEU C 2623 -48.99 102.59 38.26
C LEU C 2623 -49.02 103.38 39.56
N ARG C 2624 -49.49 102.76 40.63
CA ARG C 2624 -49.52 103.41 41.93
C ARG C 2624 -48.11 103.72 42.44
N ARG C 2625 -47.16 102.84 42.14
CA ARG C 2625 -45.77 103.15 42.46
C ARG C 2625 -45.20 104.23 41.55
N LEU C 2626 -45.62 104.24 40.28
CA LEU C 2626 -45.08 105.22 39.34
C LEU C 2626 -45.59 106.63 39.62
N VAL C 2627 -46.82 106.78 40.11
CA VAL C 2627 -47.34 108.11 40.38
C VAL C 2627 -46.58 108.78 41.52
N PHE C 2628 -45.89 107.99 42.36
CA PHE C 2628 -45.15 108.58 43.47
C PHE C 2628 -43.99 109.44 42.99
N ASP C 2629 -43.30 109.02 41.93
CA ASP C 2629 -42.07 109.68 41.51
C ASP C 2629 -42.12 110.27 40.11
N VAL C 2630 -42.95 109.74 39.20
CA VAL C 2630 -42.95 110.22 37.82
C VAL C 2630 -43.31 111.70 37.71
N PRO C 2631 -44.38 112.19 38.34
CA PRO C 2631 -44.67 113.64 38.24
C PRO C 2631 -43.58 114.53 38.80
N ILE C 2632 -42.76 114.03 39.72
CA ILE C 2632 -41.65 114.82 40.24
C ILE C 2632 -40.65 115.14 39.14
N LEU C 2633 -40.59 114.30 38.10
CA LEU C 2633 -39.71 114.50 36.95
C LEU C 2633 -38.25 114.58 37.38
N ASN C 2634 -37.77 113.47 37.94
CA ASN C 2634 -36.37 113.35 38.29
C ASN C 2634 -35.54 113.01 37.06
N GLU C 2635 -34.23 112.79 37.27
CA GLU C 2635 -33.35 112.46 36.15
C GLU C 2635 -33.68 111.08 35.58
N PHE C 2636 -33.94 110.10 36.45
CA PHE C 2636 -34.21 108.73 36.04
C PHE C 2636 -35.70 108.41 35.98
N ALA C 2637 -36.55 109.42 36.11
CA ALA C 2637 -37.99 109.22 36.03
C ALA C 2637 -38.53 109.34 34.60
N LYS C 2638 -37.65 109.52 33.61
CA LYS C 2638 -38.15 109.69 32.25
C LYS C 2638 -38.49 108.36 31.57
N MET C 2639 -37.63 107.36 31.68
CA MET C 2639 -37.91 106.05 31.10
C MET C 2639 -39.19 105.42 31.63
N PRO C 2640 -39.49 105.50 32.93
CA PRO C 2640 -40.82 105.03 33.36
C PRO C 2640 -41.94 105.77 32.67
N LEU C 2641 -41.76 107.05 32.34
CA LEU C 2641 -42.79 107.78 31.60
C LEU C 2641 -42.93 107.22 30.19
N LYS C 2642 -41.82 106.81 29.57
CA LYS C 2642 -41.88 106.14 28.27
C LYS C 2642 -42.61 104.80 28.37
N LEU C 2643 -42.36 104.05 29.45
CA LEU C 2643 -43.06 102.79 29.67
C LEU C 2643 -44.55 103.04 29.80
N LEU C 2644 -44.92 104.10 30.52
CA LEU C 2644 -46.33 104.50 30.60
C LEU C 2644 -46.86 104.85 29.22
N THR C 2645 -46.06 105.55 28.41
CA THR C 2645 -46.49 105.92 27.07
C THR C 2645 -46.84 104.69 26.25
N ASN C 2646 -45.97 103.69 26.25
CA ASN C 2646 -46.24 102.48 25.48
C ASN C 2646 -47.40 101.67 26.06
N HIS C 2647 -47.44 101.52 27.38
CA HIS C 2647 -48.52 100.80 28.02
C HIS C 2647 -49.86 101.49 27.83
N TYR C 2648 -49.85 102.79 27.57
CA TYR C 2648 -51.07 103.57 27.37
C TYR C 2648 -51.50 103.62 25.92
N GLU C 2649 -50.54 103.60 24.99
CA GLU C 2649 -50.87 103.36 23.60
C GLU C 2649 -51.50 101.97 23.43
N ARG C 2650 -50.93 100.97 24.08
CA ARG C 2650 -51.56 99.66 24.16
C ARG C 2650 -52.66 99.70 25.22
N CYS C 2651 -53.54 98.68 25.17
CA CYS C 2651 -54.68 98.59 26.08
C CYS C 2651 -55.52 99.86 26.06
N TRP C 2652 -55.65 100.46 24.87
CA TRP C 2652 -56.27 101.77 24.76
C TRP C 2652 -57.77 101.71 25.03
N LYS C 2653 -58.45 100.70 24.48
CA LYS C 2653 -59.87 100.55 24.77
C LYS C 2653 -60.11 99.99 26.16
N TYR C 2654 -59.12 99.27 26.72
CA TYR C 2654 -59.30 98.67 28.03
C TYR C 2654 -59.50 99.75 29.09
N TYR C 2655 -58.73 100.83 29.00
CA TYR C 2655 -58.99 102.06 29.75
C TYR C 2655 -60.03 102.89 28.98
N CYS C 2656 -61.28 102.82 29.43
CA CYS C 2656 -62.36 103.62 28.86
C CYS C 2656 -63.60 103.40 29.72
N LEU C 2657 -64.51 104.38 29.66
CA LEU C 2657 -65.77 104.23 30.39
C LEU C 2657 -66.58 103.03 29.93
N PRO C 2658 -66.77 102.78 28.63
CA PRO C 2658 -67.40 101.52 28.20
C PRO C 2658 -66.38 100.38 28.23
N THR C 2659 -66.85 99.20 27.85
CA THR C 2659 -66.02 98.01 27.84
C THR C 2659 -65.28 97.92 26.49
N GLY C 2660 -63.94 97.91 26.55
CA GLY C 2660 -63.16 97.86 25.33
C GLY C 2660 -63.16 96.53 24.61
N TRP C 2661 -62.54 95.52 25.20
CA TRP C 2661 -62.44 94.19 24.62
C TRP C 2661 -61.98 93.21 25.69
N ALA C 2662 -62.13 91.92 25.39
CA ALA C 2662 -61.88 90.86 26.35
C ALA C 2662 -60.45 90.32 26.28
N ASN C 2663 -59.59 90.89 25.44
CA ASN C 2663 -58.20 90.42 25.39
C ASN C 2663 -57.50 90.65 26.73
N PHE C 2664 -57.86 91.71 27.45
CA PHE C 2664 -57.36 91.93 28.80
C PHE C 2664 -58.44 92.41 29.76
N GLY C 2665 -59.70 92.48 29.34
CA GLY C 2665 -60.79 92.81 30.24
C GLY C 2665 -61.25 94.25 30.15
N VAL C 2666 -61.75 94.78 31.25
CA VAL C 2666 -62.17 96.18 31.33
C VAL C 2666 -61.47 96.83 32.50
N THR C 2667 -61.33 98.16 32.43
CA THR C 2667 -60.65 98.89 33.48
C THR C 2667 -61.50 98.90 34.75
N SER C 2668 -60.82 99.09 35.89
CA SER C 2668 -61.50 99.17 37.16
C SER C 2668 -62.32 100.47 37.24
N GLU C 2669 -63.09 100.60 38.31
CA GLU C 2669 -63.94 101.77 38.50
C GLU C 2669 -63.15 103.04 38.73
N GLU C 2670 -61.84 102.94 39.00
CA GLU C 2670 -61.07 104.10 39.42
C GLU C 2670 -59.74 104.26 38.69
N GLU C 2671 -59.24 103.21 38.03
CA GLU C 2671 -57.98 103.32 37.30
C GLU C 2671 -58.03 104.42 36.25
N LEU C 2672 -59.22 104.72 35.72
CA LEU C 2672 -59.37 105.89 34.86
C LEU C 2672 -59.03 107.17 35.62
N HIS C 2673 -59.45 107.26 36.88
CA HIS C 2673 -59.11 108.44 37.66
C HIS C 2673 -57.63 108.44 38.05
N LEU C 2674 -57.02 107.25 38.19
CA LEU C 2674 -55.56 107.21 38.34
C LEU C 2674 -54.88 107.80 37.11
N THR C 2675 -55.35 107.45 35.93
CA THR C 2675 -54.83 108.05 34.70
C THR C 2675 -55.06 109.56 34.69
N ARG C 2676 -56.23 109.99 35.15
CA ARG C 2676 -56.54 111.42 35.19
C ARG C 2676 -55.59 112.17 36.12
N LYS C 2677 -55.33 111.59 37.30
CA LYS C 2677 -54.39 112.20 38.24
C LYS C 2677 -52.98 112.21 37.66
N LEU C 2678 -52.60 111.14 36.96
CA LEU C 2678 -51.32 111.13 36.25
C LEU C 2678 -51.24 112.29 35.27
N PHE C 2679 -52.30 112.49 34.49
CA PHE C 2679 -52.28 113.55 33.48
C PHE C 2679 -52.15 114.92 34.13
N TRP C 2680 -52.91 115.17 35.20
CA TRP C 2680 -52.83 116.47 35.85
C TRP C 2680 -51.48 116.69 36.51
N GLY C 2681 -50.93 115.66 37.17
CA GLY C 2681 -49.61 115.81 37.77
C GLY C 2681 -48.54 116.11 36.74
N ILE C 2682 -48.55 115.37 35.63
CA ILE C 2682 -47.57 115.60 34.58
C ILE C 2682 -47.77 116.97 33.95
N PHE C 2683 -49.02 117.42 33.82
CA PHE C 2683 -49.28 118.73 33.22
C PHE C 2683 -48.78 119.85 34.12
N ASP C 2684 -49.03 119.77 35.43
CA ASP C 2684 -48.57 120.83 36.32
C ASP C 2684 -47.05 120.81 36.45
N SER C 2685 -46.43 119.62 36.42
CA SER C 2685 -44.97 119.56 36.38
C SER C 2685 -44.42 120.15 35.09
N LEU C 2686 -45.13 119.92 33.97
CA LEU C 2686 -44.75 120.51 32.69
C LEU C 2686 -44.79 122.03 32.76
N ALA C 2687 -45.86 122.57 33.32
CA ALA C 2687 -46.01 124.02 33.38
C ALA C 2687 -44.87 124.67 34.14
N HIS C 2688 -44.41 125.80 33.63
CA HIS C 2688 -43.32 126.60 34.20
C HIS C 2688 -42.15 125.71 34.65
N LYS C 2689 -41.66 124.89 33.73
CA LYS C 2689 -40.49 124.06 33.96
C LYS C 2689 -39.42 124.41 32.95
N LYS C 2690 -38.20 123.94 33.20
CA LYS C 2690 -37.07 124.19 32.32
C LYS C 2690 -37.39 123.74 30.89
N TYR C 2691 -37.09 124.60 29.93
CA TYR C 2691 -37.36 124.30 28.52
C TYR C 2691 -36.15 123.61 27.91
N ASP C 2692 -36.04 122.31 28.20
CA ASP C 2692 -35.07 121.44 27.55
C ASP C 2692 -35.80 120.52 26.58
N GLN C 2693 -35.24 120.38 25.38
CA GLN C 2693 -35.94 119.64 24.32
C GLN C 2693 -36.13 118.18 24.68
N GLU C 2694 -35.04 117.45 24.87
CA GLU C 2694 -35.13 116.03 25.20
C GLU C 2694 -35.79 115.78 26.55
N LEU C 2695 -35.89 116.82 27.38
CA LEU C 2695 -36.57 116.69 28.67
C LEU C 2695 -38.03 116.28 28.49
N TYR C 2696 -38.65 116.66 27.37
CA TYR C 2696 -40.07 116.36 27.20
C TYR C 2696 -40.40 115.93 25.77
N ARG C 2697 -39.39 115.72 24.91
CA ARG C 2697 -39.65 115.25 23.55
C ARG C 2697 -40.43 113.95 23.55
N MET C 2698 -40.00 112.98 24.36
CA MET C 2698 -40.70 111.71 24.46
C MET C 2698 -41.98 111.82 25.27
N ALA C 2699 -42.11 112.85 26.10
CA ALA C 2699 -43.22 112.94 27.03
C ALA C 2699 -44.43 113.68 26.48
N MET C 2700 -44.27 114.50 25.44
CA MET C 2700 -45.47 115.16 24.92
C MET C 2700 -46.36 114.16 24.17
N PRO C 2701 -45.81 113.21 23.40
CA PRO C 2701 -46.68 112.14 22.89
C PRO C 2701 -47.28 111.31 24.00
N CYS C 2702 -46.62 111.25 25.16
CA CYS C 2702 -47.23 110.61 26.32
C CYS C 2702 -48.48 111.35 26.75
N LEU C 2703 -48.44 112.68 26.77
CA LEU C 2703 -49.66 113.44 27.07
C LEU C 2703 -50.73 113.18 26.03
N CYS C 2704 -50.35 113.12 24.76
CA CYS C 2704 -51.33 112.82 23.72
C CYS C 2704 -51.99 111.47 23.97
N ALA C 2705 -51.19 110.44 24.26
CA ALA C 2705 -51.73 109.11 24.48
C ALA C 2705 -52.61 109.06 25.73
N ILE C 2706 -52.19 109.70 26.81
CA ILE C 2706 -52.98 109.70 28.03
C ILE C 2706 -54.32 110.40 27.80
N ALA C 2707 -54.29 111.55 27.12
CA ALA C 2707 -55.53 112.26 26.83
C ALA C 2707 -56.46 111.44 25.96
N GLY C 2708 -55.90 110.72 24.98
CA GLY C 2708 -56.72 109.85 24.15
C GLY C 2708 -57.10 108.53 24.78
N ALA C 2709 -56.54 108.21 25.93
CA ALA C 2709 -56.76 106.91 26.58
C ALA C 2709 -57.95 106.90 27.52
N LEU C 2710 -58.64 108.02 27.71
CA LEU C 2710 -59.80 108.09 28.60
C LEU C 2710 -60.86 108.99 27.99
N PRO C 2711 -62.14 108.68 28.21
CA PRO C 2711 -63.21 109.44 27.56
C PRO C 2711 -63.44 110.78 28.24
N PRO C 2712 -63.84 111.79 27.47
CA PRO C 2712 -64.13 113.09 28.10
C PRO C 2712 -65.43 113.13 28.87
N ASP C 2713 -66.52 112.60 28.31
CA ASP C 2713 -67.81 112.65 28.97
C ASP C 2713 -67.84 111.66 30.13
N TYR C 2714 -68.12 112.17 31.33
CA TYR C 2714 -67.97 111.40 32.57
C TYR C 2714 -66.57 110.79 32.64
N VAL C 2715 -65.59 111.70 32.73
CA VAL C 2715 -64.18 111.29 32.62
C VAL C 2715 -63.81 110.33 33.74
N ASP C 2716 -64.23 110.63 34.97
CA ASP C 2716 -63.85 109.86 36.13
C ASP C 2716 -65.09 109.39 36.86
N ALA C 2717 -65.06 108.14 37.33
CA ALA C 2717 -66.15 107.56 38.09
C ALA C 2717 -65.84 107.70 39.57
N SER C 2718 -66.81 108.24 40.32
CA SER C 2718 -66.67 108.45 41.77
C SER C 2718 -65.45 109.32 42.09
N TYR C 2719 -65.38 110.48 41.46
CA TYR C 2719 -64.30 111.41 41.72
C TYR C 2719 -64.41 111.94 43.16
N SER C 2720 -63.30 111.90 43.88
CA SER C 2720 -63.25 112.32 45.28
C SER C 2720 -64.29 111.59 46.13
N ASN C 2734 -42.62 111.55 46.75
CA ASN C 2734 -43.81 110.73 46.98
C ASN C 2734 -45.01 111.60 47.34
N PHE C 2735 -46.03 110.98 47.94
CA PHE C 2735 -47.25 111.67 48.36
C PHE C 2735 -47.27 111.79 49.87
N ASP C 2736 -47.52 113.01 50.36
CA ASP C 2736 -47.61 113.29 51.78
C ASP C 2736 -49.01 113.80 52.10
N PRO C 2737 -49.88 112.98 52.70
CA PRO C 2737 -51.23 113.46 53.04
C PRO C 2737 -51.21 114.50 54.15
N ARG C 2738 -51.49 115.74 53.81
CA ARG C 2738 -51.48 116.83 54.78
C ARG C 2738 -52.73 116.77 55.64
N PRO C 2739 -52.61 116.70 56.96
CA PRO C 2739 -53.82 116.73 57.82
C PRO C 2739 -54.35 118.13 57.98
N VAL C 2740 -55.37 118.30 58.83
CA VAL C 2740 -55.99 119.60 59.09
C VAL C 2740 -55.59 120.03 60.49
N GLU C 2741 -54.99 121.21 60.59
CA GLU C 2741 -54.56 121.76 61.88
C GLU C 2741 -55.79 122.24 62.63
N THR C 2742 -56.29 121.42 63.55
CA THR C 2742 -57.49 121.74 64.31
C THR C 2742 -57.28 121.74 65.82
N LEU C 2743 -56.14 121.24 66.31
CA LEU C 2743 -55.90 121.25 67.75
C LEU C 2743 -55.56 122.65 68.25
N ASN C 2744 -54.94 123.48 67.40
CA ASN C 2744 -54.57 124.83 67.81
C ASN C 2744 -55.80 125.69 68.09
N VAL C 2745 -56.82 125.58 67.25
CA VAL C 2745 -58.01 126.43 67.40
C VAL C 2745 -58.86 125.92 68.57
N ILE C 2746 -59.51 126.86 69.25
CA ILE C 2746 -60.39 126.52 70.36
C ILE C 2746 -61.72 126.02 69.80
N ILE C 2747 -62.13 124.84 70.24
CA ILE C 2747 -63.34 124.20 69.73
C ILE C 2747 -64.56 124.77 70.44
N PRO C 2748 -65.69 124.89 69.75
CA PRO C 2748 -66.93 125.31 70.43
C PRO C 2748 -67.48 124.19 71.30
N GLU C 2749 -68.22 124.58 72.34
CA GLU C 2749 -68.90 123.62 73.21
C GLU C 2749 -70.37 123.99 73.42
N LYS C 2750 -70.91 124.86 72.57
CA LYS C 2750 -72.32 125.25 72.68
C LYS C 2750 -73.27 124.14 72.25
N LEU C 2751 -72.77 123.09 71.60
CA LEU C 2751 -73.60 121.96 71.17
C LEU C 2751 -73.11 120.66 71.77
N ASP C 2752 -72.59 120.72 73.01
CA ASP C 2752 -72.09 119.51 73.66
C ASP C 2752 -73.20 118.47 73.86
N SER C 2753 -74.45 118.93 73.98
CA SER C 2753 -75.57 118.01 74.08
C SER C 2753 -75.68 117.14 72.83
N PHE C 2754 -75.18 117.62 71.69
CA PHE C 2754 -75.06 116.81 70.49
C PHE C 2754 -73.72 116.09 70.42
N ILE C 2755 -72.64 116.75 70.85
CA ILE C 2755 -71.31 116.14 70.77
C ILE C 2755 -71.27 114.83 71.55
N ASN C 2756 -71.58 114.89 72.85
CA ASN C 2756 -71.52 113.70 73.69
C ASN C 2756 -72.57 112.68 73.26
N LYS C 2757 -73.75 113.14 72.85
CA LYS C 2757 -74.81 112.23 72.43
C LYS C 2757 -74.37 111.41 71.22
N PHE C 2758 -73.77 112.07 70.22
CA PHE C 2758 -73.29 111.33 69.05
C PHE C 2758 -72.07 110.48 69.38
N ALA C 2759 -71.22 110.94 70.31
CA ALA C 2759 -70.07 110.14 70.71
C ALA C 2759 -70.51 108.82 71.32
N GLU C 2760 -71.55 108.85 72.18
CA GLU C 2760 -72.11 107.61 72.70
C GLU C 2760 -72.89 106.85 71.65
N TYR C 2761 -73.54 107.57 70.72
CA TYR C 2761 -74.37 106.92 69.71
C TYR C 2761 -73.53 106.13 68.72
N THR C 2762 -72.26 106.53 68.52
CA THR C 2762 -71.38 105.73 67.66
C THR C 2762 -71.20 104.32 68.22
N HIS C 2763 -70.88 104.21 69.52
CA HIS C 2763 -70.75 102.90 70.13
C HIS C 2763 -72.11 102.20 70.24
N GLU C 2764 -73.18 102.97 70.42
CA GLU C 2764 -74.51 102.38 70.46
C GLU C 2764 -74.86 101.72 69.13
N LYS C 2765 -74.54 102.37 68.01
CA LYS C 2765 -74.75 101.78 66.71
C LYS C 2765 -73.78 100.65 66.43
N TRP C 2766 -72.56 100.72 66.99
CA TRP C 2766 -71.66 99.59 66.92
C TRP C 2766 -72.29 98.36 67.58
N ALA C 2767 -72.94 98.55 68.72
CA ALA C 2767 -73.71 97.48 69.34
C ALA C 2767 -74.87 97.04 68.44
N PHE C 2768 -75.54 98.01 67.82
CA PHE C 2768 -76.68 97.71 66.95
C PHE C 2768 -76.28 96.83 65.78
N ASP C 2769 -75.05 96.98 65.28
CA ASP C 2769 -74.61 96.16 64.16
C ASP C 2769 -74.49 94.69 64.55
N LYS C 2770 -74.20 94.40 65.83
CA LYS C 2770 -73.96 93.02 66.25
C LYS C 2770 -75.22 92.18 66.21
N ILE C 2771 -76.37 92.74 66.58
CA ILE C 2771 -77.60 91.95 66.56
C ILE C 2771 -77.98 91.61 65.12
N GLN C 2772 -77.72 92.51 64.18
CA GLN C 2772 -77.89 92.19 62.77
C GLN C 2772 -76.88 91.14 62.32
N ASN C 2773 -75.66 91.21 62.85
CA ASN C 2773 -74.63 90.21 62.59
C ASN C 2773 -74.90 88.89 63.29
N ASN C 2774 -75.97 88.81 64.11
CA ASN C 2774 -76.36 87.59 64.81
C ASN C 2774 -75.32 87.18 65.85
N TRP C 2775 -74.96 88.14 66.70
CA TRP C 2775 -74.06 87.89 67.83
C TRP C 2775 -74.54 88.68 69.03
N SER C 2776 -74.66 88.01 70.17
CA SER C 2776 -75.08 88.67 71.39
C SER C 2776 -73.93 89.46 72.01
N TYR C 2777 -74.28 90.41 72.86
CA TYR C 2777 -73.29 91.24 73.54
C TYR C 2777 -72.96 90.63 74.90
N GLY C 2778 -71.71 90.21 75.07
CA GLY C 2778 -71.27 89.62 76.31
C GLY C 2778 -70.83 90.69 77.30
N GLU C 2779 -71.18 90.46 78.57
CA GLU C 2779 -70.88 91.44 79.62
C GLU C 2779 -69.40 91.40 80.01
N ASN C 2780 -68.92 90.26 80.48
CA ASN C 2780 -67.53 90.15 80.89
C ASN C 2780 -66.62 90.09 79.67
N VAL C 2781 -65.34 90.38 79.91
CA VAL C 2781 -64.34 90.37 78.84
C VAL C 2781 -63.93 88.92 78.57
N ASP C 2782 -64.09 88.49 77.32
CA ASP C 2782 -63.74 87.13 76.94
C ASP C 2782 -63.23 87.14 75.51
N GLU C 2783 -62.24 86.30 75.23
CA GLU C 2783 -61.62 86.26 73.91
C GLU C 2783 -62.50 85.54 72.88
N GLU C 2784 -63.31 84.58 73.31
CA GLU C 2784 -64.11 83.81 72.36
C GLU C 2784 -65.17 84.68 71.68
N LEU C 2785 -65.62 85.74 72.33
CA LEU C 2785 -66.58 86.66 71.74
C LEU C 2785 -65.87 87.53 70.72
N LYS C 2786 -66.25 87.39 69.45
CA LYS C 2786 -65.54 88.09 68.38
C LYS C 2786 -65.74 89.60 68.45
N THR C 2787 -66.90 90.05 68.92
CA THR C 2787 -67.13 91.47 69.11
C THR C 2787 -66.47 91.93 70.41
N HIS C 2788 -66.50 93.24 70.64
CA HIS C 2788 -65.89 93.83 71.83
C HIS C 2788 -66.60 93.33 73.08
N PRO C 2789 -65.93 92.56 73.93
CA PRO C 2789 -66.59 92.00 75.13
C PRO C 2789 -66.76 93.00 76.26
N MET C 2790 -66.14 94.18 76.17
CA MET C 2790 -66.25 95.18 77.23
C MET C 2790 -67.66 95.76 77.30
N LEU C 2791 -68.45 95.64 76.24
CA LEU C 2791 -69.79 96.17 76.22
C LEU C 2791 -70.65 95.53 77.31
N ARG C 2792 -71.51 96.35 77.92
CA ARG C 2792 -72.38 95.89 79.00
C ARG C 2792 -73.67 96.68 78.93
N PRO C 2793 -74.71 96.23 79.63
CA PRO C 2793 -75.89 97.09 79.82
C PRO C 2793 -75.51 98.35 80.58
N TYR C 2794 -76.22 99.44 80.28
CA TYR C 2794 -75.88 100.74 80.83
C TYR C 2794 -75.93 100.75 82.36
N LYS C 2795 -76.72 99.87 82.97
CA LYS C 2795 -76.76 99.80 84.43
C LYS C 2795 -75.41 99.39 85.00
N THR C 2796 -74.75 98.43 84.36
CA THR C 2796 -73.45 97.91 84.80
C THR C 2796 -72.37 98.22 83.77
N PHE C 2797 -72.39 99.42 83.20
CA PHE C 2797 -71.45 99.83 82.17
C PHE C 2797 -70.50 100.87 82.73
N SER C 2798 -69.20 100.66 82.50
CA SER C 2798 -68.18 101.58 82.99
C SER C 2798 -67.84 102.61 81.91
N GLU C 2799 -67.74 103.87 82.33
CA GLU C 2799 -67.49 104.97 81.42
C GLU C 2799 -66.01 105.17 81.11
N LYS C 2800 -65.12 104.34 81.66
CA LYS C 2800 -63.70 104.48 81.38
C LYS C 2800 -63.40 104.29 79.90
N ASP C 2801 -64.21 103.50 79.20
CA ASP C 2801 -64.05 103.33 77.76
C ASP C 2801 -64.88 104.34 76.97
N LYS C 2802 -65.97 104.84 77.54
CA LYS C 2802 -66.74 105.89 76.88
C LYS C 2802 -65.95 107.20 76.83
N GLU C 2803 -65.13 107.47 77.83
CA GLU C 2803 -64.31 108.66 77.85
C GLU C 2803 -63.05 108.55 76.99
N ILE C 2804 -62.82 107.39 76.37
CA ILE C 2804 -61.69 107.24 75.45
C ILE C 2804 -62.12 106.91 74.03
N TYR C 2805 -63.32 106.35 73.82
CA TYR C 2805 -63.79 106.05 72.47
C TYR C 2805 -64.36 107.26 71.76
N ARG C 2806 -64.63 108.35 72.47
CA ARG C 2806 -65.12 109.58 71.83
C ARG C 2806 -64.02 110.36 71.13
N TRP C 2807 -62.76 109.98 71.31
CA TRP C 2807 -61.66 110.75 70.74
C TRP C 2807 -61.71 110.82 69.22
N PRO C 2808 -61.96 109.74 68.47
CA PRO C 2808 -62.16 109.92 67.01
C PRO C 2808 -63.32 110.83 66.68
N ILE C 2809 -64.42 110.75 67.44
CA ILE C 2809 -65.56 111.63 67.23
C ILE C 2809 -65.16 113.08 67.51
N LYS C 2810 -64.40 113.29 68.59
CA LYS C 2810 -63.91 114.64 68.90
C LYS C 2810 -63.03 115.18 67.78
N GLU C 2811 -62.14 114.33 67.25
CA GLU C 2811 -61.28 114.75 66.16
C GLU C 2811 -62.09 115.10 64.91
N SER C 2812 -63.10 114.30 64.59
CA SER C 2812 -63.92 114.59 63.42
C SER C 2812 -64.70 115.89 63.59
N LEU C 2813 -65.25 116.12 64.77
CA LEU C 2813 -65.99 117.36 65.02
C LEU C 2813 -65.05 118.57 64.98
N LYS C 2814 -63.85 118.43 65.53
CA LYS C 2814 -62.86 119.49 65.42
C LYS C 2814 -62.47 119.73 63.96
N ALA C 2815 -62.43 118.67 63.15
CA ALA C 2815 -62.15 118.82 61.73
C ALA C 2815 -63.23 119.64 61.05
N MET C 2816 -64.50 119.33 61.34
CA MET C 2816 -65.59 120.13 60.76
C MET C 2816 -65.51 121.58 61.23
N ILE C 2817 -65.17 121.78 62.51
CA ILE C 2817 -65.04 123.14 63.04
C ILE C 2817 -63.94 123.90 62.29
N ALA C 2818 -62.78 123.26 62.09
CA ALA C 2818 -61.70 123.88 61.35
C ALA C 2818 -62.08 124.15 59.91
N TRP C 2819 -62.93 123.31 59.33
CA TRP C 2819 -63.42 123.57 57.98
C TRP C 2819 -64.28 124.84 57.97
N GLU C 2820 -64.43 125.41 56.77
CA GLU C 2820 -65.21 126.63 56.61
C GLU C 2820 -66.69 126.43 56.87
N TRP C 2821 -67.15 125.18 56.94
CA TRP C 2821 -68.56 124.89 57.15
C TRP C 2821 -68.90 124.96 58.64
N THR C 2822 -69.96 125.68 58.97
CA THR C 2822 -70.39 125.88 60.34
C THR C 2822 -71.65 125.06 60.63
N ILE C 2823 -72.00 124.99 61.90
CA ILE C 2823 -73.16 124.25 62.37
C ILE C 2823 -74.07 125.21 63.14
N GLU C 2824 -75.34 125.25 62.76
CA GLU C 2824 -76.32 126.11 63.42
C GLU C 2824 -77.51 125.27 63.87
N LYS C 2825 -77.99 125.53 65.09
CA LYS C 2825 -79.12 124.82 65.66
C LYS C 2825 -80.41 125.45 65.15
N ALA C 2826 -80.81 125.04 63.95
CA ALA C 2826 -82.05 125.54 63.38
C ALA C 2826 -83.27 125.10 64.18
N ARG C 2827 -83.26 123.84 64.63
CA ARG C 2827 -84.39 123.28 65.38
C ARG C 2827 -84.25 123.60 66.87
N GLU C 2828 -85.33 123.35 67.61
CA GLU C 2828 -85.36 123.53 69.05
C GLU C 2828 -85.41 122.16 69.69
N GLY C 2829 -84.29 121.73 70.26
CA GLY C 2829 -84.23 120.42 70.89
C GLY C 2829 -82.88 120.21 71.54
N GLU C 2830 -82.78 119.08 72.23
CA GLU C 2830 -81.56 118.69 72.93
C GLU C 2830 -81.10 119.76 73.92
N TYR C 2855 -78.97 97.75 75.69
CA TYR C 2855 -77.96 98.55 75.00
C TYR C 2855 -78.12 98.39 73.49
N ASN C 2856 -79.30 98.74 72.97
CA ASN C 2856 -79.59 98.62 71.56
C ASN C 2856 -80.46 99.81 71.15
N PRO C 2857 -80.08 100.56 70.11
CA PRO C 2857 -80.87 101.71 69.69
C PRO C 2857 -82.02 101.35 68.76
N GLN C 2858 -83.24 101.70 69.13
CA GLN C 2858 -84.38 101.49 68.25
C GLN C 2858 -84.29 102.30 66.96
N PRO C 2859 -84.00 103.61 66.99
CA PRO C 2859 -83.87 104.35 65.72
C PRO C 2859 -82.62 103.91 64.97
N PRO C 2860 -82.77 103.50 63.71
CA PRO C 2860 -81.62 103.05 62.93
C PRO C 2860 -80.94 104.16 62.15
N ASP C 2861 -79.63 104.03 62.01
CA ASP C 2861 -78.82 104.93 61.20
C ASP C 2861 -78.40 104.19 59.95
N LEU C 2862 -79.11 104.45 58.84
CA LEU C 2862 -78.85 103.79 57.57
C LEU C 2862 -78.48 104.84 56.53
N SER C 2863 -77.45 104.54 55.74
CA SER C 2863 -76.95 105.45 54.72
C SER C 2863 -77.42 105.08 53.32
N GLY C 2864 -78.56 104.38 53.21
CA GLY C 2864 -79.09 103.95 51.94
C GLY C 2864 -80.03 104.91 51.26
N VAL C 2865 -80.20 106.12 51.79
CA VAL C 2865 -81.09 107.11 51.22
C VAL C 2865 -80.26 108.24 50.61
N THR C 2866 -80.81 108.86 49.56
CA THR C 2866 -80.11 109.91 48.85
C THR C 2866 -80.24 111.24 49.58
N LEU C 2867 -79.50 112.23 49.10
CA LEU C 2867 -79.50 113.56 49.67
C LEU C 2867 -79.09 114.56 48.59
N SER C 2868 -79.03 115.83 48.97
CA SER C 2868 -78.68 116.87 48.02
C SER C 2868 -77.19 116.81 47.67
N ARG C 2869 -76.83 117.47 46.56
CA ARG C 2869 -75.47 117.38 46.05
C ARG C 2869 -74.47 118.03 46.99
N GLU C 2870 -74.75 119.27 47.43
CA GLU C 2870 -73.83 119.95 48.33
CA GLU C 2870 -73.82 119.94 48.33
C GLU C 2870 -73.71 119.22 49.66
N LEU C 2871 -74.84 118.76 50.21
CA LEU C 2871 -74.80 118.07 51.48
C LEU C 2871 -74.12 116.70 51.35
N GLN C 2872 -74.17 116.10 50.17
CA GLN C 2872 -73.38 114.90 49.91
C GLN C 2872 -71.90 115.23 49.72
N ALA C 2873 -71.60 116.38 49.15
CA ALA C 2873 -70.21 116.84 49.09
C ALA C 2873 -69.66 117.08 50.48
N MET C 2874 -70.51 117.44 51.43
CA MET C 2874 -70.10 117.52 52.83
C MET C 2874 -69.53 116.19 53.30
N ALA C 2875 -70.28 115.09 53.10
CA ALA C 2875 -69.81 113.78 53.52
C ALA C 2875 -68.59 113.34 52.72
N GLU C 2876 -68.55 113.69 51.44
CA GLU C 2876 -67.40 113.35 50.61
C GLU C 2876 -66.12 113.99 51.14
N GLN C 2877 -66.18 115.29 51.47
CA GLN C 2877 -65.02 115.98 52.01
C GLN C 2877 -64.67 115.48 53.41
N LEU C 2878 -65.68 115.13 54.21
CA LEU C 2878 -65.40 114.57 55.52
C LEU C 2878 -64.67 113.23 55.41
N ALA C 2879 -65.09 112.38 54.48
CA ALA C 2879 -64.41 111.12 54.25
C ALA C 2879 -63.00 111.35 53.70
N GLU C 2880 -62.83 112.38 52.86
CA GLU C 2880 -61.50 112.73 52.38
C GLU C 2880 -60.58 113.11 53.54
N ASN C 2881 -61.10 113.90 54.49
CA ASN C 2881 -60.31 114.26 55.65
C ASN C 2881 -59.99 113.04 56.50
N TYR C 2882 -60.98 112.16 56.69
CA TYR C 2882 -60.74 110.91 57.41
C TYR C 2882 -59.58 110.14 56.78
N HIS C 2883 -59.63 109.97 55.45
CA HIS C 2883 -58.63 109.12 54.82
C HIS C 2883 -57.26 109.79 54.77
N ASN C 2884 -57.19 111.11 54.62
CA ASN C 2884 -55.86 111.72 54.63
C ASN C 2884 -55.26 111.70 56.03
N THR C 2885 -56.08 111.86 57.08
CA THR C 2885 -55.56 111.68 58.43
C THR C 2885 -55.09 110.25 58.65
N TRP C 2886 -55.85 109.26 58.16
CA TRP C 2886 -55.44 107.87 58.28
C TRP C 2886 -54.15 107.60 57.52
N GLY C 2887 -54.02 108.17 56.32
CA GLY C 2887 -52.79 108.00 55.56
C GLY C 2887 -51.60 108.63 56.23
N ARG C 2888 -51.79 109.81 56.84
CA ARG C 2888 -50.69 110.42 57.58
C ARG C 2888 -50.27 109.58 58.77
N LYS C 2889 -51.25 109.09 59.55
CA LYS C 2889 -50.91 108.29 60.73
C LYS C 2889 -50.35 106.93 60.36
N LYS C 2890 -50.63 106.43 59.15
CA LYS C 2890 -50.01 105.19 58.69
C LYS C 2890 -48.60 105.45 58.16
N LYS C 2891 -48.41 106.51 57.38
CA LYS C 2891 -47.10 106.81 56.82
C LYS C 2891 -46.13 107.29 57.88
N GLN C 2892 -46.61 107.76 59.04
CA GLN C 2892 -45.70 108.07 60.14
C GLN C 2892 -44.94 106.83 60.57
N GLU C 2893 -45.62 105.70 60.69
CA GLU C 2893 -44.94 104.44 60.98
C GLU C 2893 -44.25 103.85 59.74
N LEU C 2894 -44.84 104.04 58.57
CA LEU C 2894 -44.30 103.41 57.36
C LEU C 2894 -43.00 104.06 56.90
N GLU C 2895 -42.77 105.33 57.25
CA GLU C 2895 -41.60 106.05 56.76
C GLU C 2895 -40.30 105.51 57.35
N ALA C 2896 -40.36 104.72 58.42
CA ALA C 2896 -39.15 104.16 59.00
C ALA C 2896 -38.55 103.06 58.14
N LYS C 2897 -39.35 102.45 57.24
CA LYS C 2897 -38.83 101.38 56.39
C LYS C 2897 -37.85 101.92 55.36
N GLY C 2898 -38.18 103.05 54.73
CA GLY C 2898 -37.35 103.61 53.68
C GLY C 2898 -37.53 103.01 52.31
N GLY C 2899 -38.44 102.03 52.18
CA GLY C 2899 -38.67 101.40 50.89
C GLY C 2899 -40.05 100.77 50.81
N GLY C 2900 -40.76 101.02 49.71
CA GLY C 2900 -42.10 100.53 49.55
C GLY C 2900 -43.13 101.45 50.19
N THR C 2901 -44.40 101.15 49.91
CA THR C 2901 -45.50 101.95 50.42
C THR C 2901 -46.75 101.08 50.54
N HIS C 2902 -47.67 101.53 51.39
CA HIS C 2902 -48.93 100.84 51.54
C HIS C 2902 -49.79 101.02 50.29
N PRO C 2903 -50.50 99.97 49.85
CA PRO C 2903 -51.36 100.13 48.67
C PRO C 2903 -52.51 101.09 48.86
N LEU C 2904 -52.91 101.36 50.11
CA LEU C 2904 -54.01 102.28 50.40
C LEU C 2904 -53.52 103.67 50.81
N LEU C 2905 -52.22 103.94 50.71
CA LEU C 2905 -51.68 105.24 51.04
C LEU C 2905 -52.00 106.30 49.99
N VAL C 2906 -52.57 105.90 48.86
CA VAL C 2906 -52.91 106.83 47.79
C VAL C 2906 -53.97 107.80 48.27
N PRO C 2907 -54.06 109.01 47.70
CA PRO C 2907 -55.05 109.99 48.16
C PRO C 2907 -56.48 109.46 48.09
N TYR C 2908 -57.37 110.18 48.78
CA TYR C 2908 -58.76 109.76 48.88
C TYR C 2908 -59.44 109.75 47.52
N ASP C 2909 -59.21 110.78 46.72
CA ASP C 2909 -59.80 110.80 45.38
C ASP C 2909 -59.22 109.70 44.50
N THR C 2910 -57.94 109.37 44.68
CA THR C 2910 -57.29 108.40 43.82
C THR C 2910 -57.66 106.96 44.15
N LEU C 2911 -57.94 106.65 45.42
CA LEU C 2911 -58.19 105.26 45.77
C LEU C 2911 -59.49 104.77 45.15
N THR C 2912 -59.58 103.45 44.98
CA THR C 2912 -60.73 102.83 44.33
C THR C 2912 -61.98 102.96 45.20
N ALA C 2913 -63.13 103.02 44.53
CA ALA C 2913 -64.39 103.19 45.22
C ALA C 2913 -64.75 101.97 46.08
N LYS C 2914 -64.23 100.79 45.75
CA LYS C 2914 -64.54 99.60 46.53
C LYS C 2914 -63.98 99.71 47.95
N GLU C 2915 -62.77 100.24 48.09
CA GLU C 2915 -62.19 100.47 49.41
C GLU C 2915 -62.56 101.82 49.99
N LYS C 2916 -63.20 102.69 49.20
CA LYS C 2916 -63.69 103.96 49.71
C LYS C 2916 -64.85 103.78 50.67
N ALA C 2917 -65.54 102.64 50.60
CA ALA C 2917 -66.74 102.44 51.39
C ALA C 2917 -66.46 102.52 52.89
N ARG C 2918 -65.26 102.14 53.32
CA ARG C 2918 -64.93 102.12 54.74
C ARG C 2918 -65.11 103.50 55.36
N ASP C 2919 -64.68 104.55 54.67
CA ASP C 2919 -64.89 105.91 55.14
C ASP C 2919 -66.21 106.51 54.67
N ARG C 2920 -66.68 106.10 53.48
CA ARG C 2920 -67.90 106.68 52.94
C ARG C 2920 -69.12 106.31 53.79
N GLU C 2921 -69.18 105.07 54.28
CA GLU C 2921 -70.31 104.66 55.11
C GLU C 2921 -70.36 105.44 56.40
N LYS C 2922 -69.20 105.63 57.05
CA LYS C 2922 -69.17 106.42 58.29
C LYS C 2922 -69.53 107.86 58.02
N ALA C 2923 -69.00 108.45 56.95
CA ALA C 2923 -69.33 109.84 56.63
C ALA C 2923 -70.81 110.01 56.34
N GLN C 2924 -71.40 109.06 55.60
CA GLN C 2924 -72.83 109.16 55.29
C GLN C 2924 -73.70 108.90 56.52
N GLU C 2925 -73.26 108.03 57.43
CA GLU C 2925 -74.00 107.83 58.67
C GLU C 2925 -73.98 109.10 59.52
N LEU C 2926 -72.83 109.76 59.60
CA LEU C 2926 -72.76 111.04 60.31
C LEU C 2926 -73.62 112.08 59.62
N LEU C 2927 -73.64 112.07 58.29
CA LEU C 2927 -74.48 113.01 57.53
C LEU C 2927 -75.96 112.77 57.82
N LYS C 2928 -76.38 111.50 57.89
CA LYS C 2928 -77.78 111.20 58.19
C LYS C 2928 -78.13 111.57 59.62
N PHE C 2929 -77.17 111.40 60.55
CA PHE C 2929 -77.40 111.88 61.91
C PHE C 2929 -77.59 113.39 61.94
N LEU C 2930 -76.77 114.12 61.18
CA LEU C 2930 -76.94 115.57 61.09
C LEU C 2930 -78.27 115.94 60.48
N GLN C 2931 -78.70 115.20 59.46
CA GLN C 2931 -80.00 115.44 58.85
C GLN C 2931 -81.14 115.21 59.83
N MET C 2932 -81.05 114.14 60.62
CA MET C 2932 -82.05 113.88 61.65
C MET C 2932 -82.08 115.00 62.69
N ASN C 2933 -80.90 115.51 63.06
CA ASN C 2933 -80.85 116.66 63.96
C ASN C 2933 -81.50 117.88 63.33
N GLY C 2934 -81.30 118.09 62.03
CA GLY C 2934 -81.79 119.27 61.36
C GLY C 2934 -80.86 120.47 61.41
N TYR C 2935 -79.57 120.24 61.67
CA TYR C 2935 -78.63 121.35 61.78
C TYR C 2935 -78.41 122.02 60.43
N ALA C 2936 -78.27 123.34 60.44
CA ALA C 2936 -77.99 124.11 59.24
C ALA C 2936 -76.48 124.21 59.03
N VAL C 2937 -76.04 123.98 57.80
CA VAL C 2937 -74.63 124.00 57.45
C VAL C 2937 -74.42 125.06 56.37
N THR C 2938 -73.48 125.98 56.62
CA THR C 2938 -73.15 127.04 55.68
C THR C 2938 -71.64 127.24 55.68
N ARG C 2939 -71.08 127.45 54.49
CA ARG C 2939 -69.65 127.67 54.35
C ARG C 2939 -69.26 129.10 54.69
N SER C 2950 -71.28 118.65 36.58
CA SER C 2950 -71.75 118.29 35.25
C SER C 2950 -70.59 118.31 34.25
N ILE C 2951 -70.75 119.10 33.19
CA ILE C 2951 -69.72 119.19 32.15
C ILE C 2951 -68.46 119.86 32.67
N GLU C 2952 -68.57 120.68 33.73
CA GLU C 2952 -67.39 121.33 34.31
C GLU C 2952 -66.43 120.31 34.90
N LYS C 2953 -66.96 119.27 35.54
CA LYS C 2953 -66.11 118.25 36.15
C LYS C 2953 -65.47 117.33 35.12
N ARG C 2954 -65.99 117.31 33.89
CA ARG C 2954 -65.54 116.36 32.89
C ARG C 2954 -64.26 116.83 32.20
N PHE C 2955 -63.53 115.87 31.64
CA PHE C 2955 -62.49 116.14 30.65
C PHE C 2955 -63.03 116.83 29.41
N ALA C 2956 -64.33 116.75 29.16
CA ALA C 2956 -64.89 117.37 27.97
C ALA C 2956 -64.64 118.88 27.98
N PHE C 2957 -64.94 119.53 29.10
CA PHE C 2957 -65.01 120.99 29.12
C PHE C 2957 -64.09 121.64 30.16
N GLY C 2958 -63.81 120.98 31.28
CA GLY C 2958 -62.87 121.55 32.25
C GLY C 2958 -61.49 121.74 31.68
N PHE C 2959 -60.97 120.73 30.97
CA PHE C 2959 -59.68 120.90 30.29
C PHE C 2959 -59.76 122.05 29.30
N LEU C 2960 -60.93 122.26 28.68
CA LEU C 2960 -61.09 123.42 27.84
C LEU C 2960 -61.19 124.72 28.65
N GLN C 2961 -61.65 124.65 29.90
CA GLN C 2961 -61.57 125.83 30.76
C GLN C 2961 -60.12 126.23 31.00
N GLN C 2962 -59.26 125.26 31.35
CA GLN C 2962 -57.85 125.57 31.43
C GLN C 2962 -57.25 125.95 30.09
N LEU C 2963 -57.82 125.47 28.97
CA LEU C 2963 -57.38 125.98 27.69
C LEU C 2963 -57.68 127.47 27.58
N LEU C 2964 -58.86 127.91 28.04
CA LEU C 2964 -59.19 129.33 28.05
C LEU C 2964 -58.17 130.12 28.87
N ARG C 2965 -57.89 129.61 30.08
CA ARG C 2965 -56.90 130.21 30.98
C ARG C 2965 -55.51 130.19 30.37
N TRP C 2966 -55.28 129.37 29.34
CA TRP C 2966 -54.03 129.39 28.61
C TRP C 2966 -54.05 130.37 27.43
N MET C 2967 -55.12 130.35 26.62
CA MET C 2967 -55.10 131.12 25.38
C MET C 2967 -55.29 132.61 25.64
N ASP C 2968 -55.85 132.99 26.78
CA ASP C 2968 -55.83 134.43 27.11
C ASP C 2968 -54.39 134.92 27.20
N ILE C 2969 -53.56 134.22 27.96
CA ILE C 2969 -52.14 134.55 28.04
C ILE C 2969 -51.50 134.40 26.66
N SER C 2970 -51.92 133.39 25.89
CA SER C 2970 -51.34 133.18 24.58
C SER C 2970 -51.57 134.40 23.68
N GLN C 2971 -52.81 134.88 23.64
CA GLN C 2971 -53.13 136.01 22.78
C GLN C 2971 -52.42 137.27 23.25
N GLU C 2972 -52.36 137.50 24.57
CA GLU C 2972 -51.69 138.72 25.04
C GLU C 2972 -50.19 138.69 24.72
N PHE C 2973 -49.53 137.54 24.91
CA PHE C 2973 -48.10 137.53 24.66
C PHE C 2973 -47.79 137.53 23.16
N ILE C 2974 -48.65 136.93 22.32
CA ILE C 2974 -48.37 137.02 20.88
C ILE C 2974 -48.67 138.43 20.37
N ALA C 2975 -49.62 139.14 21.00
CA ALA C 2975 -49.80 140.55 20.68
C ALA C 2975 -48.55 141.35 21.05
N HIS C 2976 -47.97 141.06 22.21
CA HIS C 2976 -46.71 141.70 22.58
C HIS C 2976 -45.60 141.37 21.58
N LEU C 2977 -45.54 140.10 21.16
CA LEU C 2977 -44.50 139.69 20.21
C LEU C 2977 -44.65 140.39 18.87
N GLU C 2978 -45.88 140.50 18.36
CA GLU C 2978 -46.09 141.20 17.10
C GLU C 2978 -45.81 142.69 17.23
N ALA C 2979 -46.15 143.28 18.39
CA ALA C 2979 -45.83 144.69 18.61
C ALA C 2979 -44.33 144.92 18.60
N VAL C 2980 -43.57 144.05 19.28
CA VAL C 2980 -42.12 144.25 19.35
C VAL C 2980 -41.47 143.92 18.00
N VAL C 2981 -42.00 142.95 17.26
CA VAL C 2981 -41.43 142.66 15.95
C VAL C 2981 -41.73 143.79 14.98
N SER C 2982 -42.85 144.49 15.15
CA SER C 2982 -43.11 145.69 14.37
C SER C 2982 -42.13 146.81 14.76
N SER C 2983 -41.99 147.05 16.05
CA SER C 2983 -41.03 148.03 16.55
C SER C 2983 -39.69 147.38 16.93
N GLY C 2984 -39.15 146.57 16.02
CA GLY C 2984 -37.84 145.98 16.20
C GLY C 2984 -37.88 144.55 16.69
N ARG C 2985 -37.30 144.30 17.86
CA ARG C 2985 -37.28 142.99 18.51
C ARG C 2985 -36.92 143.17 19.97
N VAL C 2986 -37.14 142.10 20.74
CA VAL C 2986 -36.80 142.05 22.16
C VAL C 2986 -35.65 141.08 22.34
N GLU C 2987 -34.60 141.52 23.03
CA GLU C 2987 -33.44 140.65 23.26
C GLU C 2987 -33.82 139.45 24.11
N LYS C 2988 -34.62 139.65 25.14
CA LYS C 2988 -35.07 138.57 26.02
C LYS C 2988 -36.58 138.66 26.18
N SER C 2989 -37.29 137.62 25.76
CA SER C 2989 -38.72 137.58 25.96
C SER C 2989 -39.04 137.41 27.44
N PRO C 2990 -40.05 138.12 27.96
CA PRO C 2990 -40.37 137.98 29.39
C PRO C 2990 -40.76 136.57 29.81
N HIS C 2991 -41.47 135.84 28.95
CA HIS C 2991 -41.97 134.52 29.29
C HIS C 2991 -41.78 133.55 28.14
N GLU C 2992 -40.56 133.52 27.58
CA GLU C 2992 -40.27 132.69 26.41
C GLU C 2992 -40.58 131.21 26.67
N GLN C 2993 -40.40 130.74 27.90
CA GLN C 2993 -40.72 129.35 28.21
C GLN C 2993 -42.21 129.09 27.99
N GLU C 2994 -43.05 129.98 28.51
CA GLU C 2994 -44.48 129.87 28.27
C GLU C 2994 -44.83 130.14 26.80
N ILE C 2995 -43.98 130.88 26.09
CA ILE C 2995 -44.19 131.14 24.67
C ILE C 2995 -44.07 129.86 23.87
N LYS C 2996 -43.03 129.07 24.14
CA LYS C 2996 -42.85 127.81 23.44
C LYS C 2996 -43.67 126.67 24.04
N PHE C 2997 -44.20 126.85 25.25
CA PHE C 2997 -45.01 125.80 25.88
C PHE C 2997 -46.19 125.43 25.00
N PHE C 2998 -46.96 126.43 24.54
CA PHE C 2998 -48.15 126.10 23.76
C PHE C 2998 -47.75 125.46 22.44
N ALA C 2999 -46.71 125.98 21.80
CA ALA C 2999 -46.31 125.46 20.49
C ALA C 2999 -45.85 124.01 20.58
N LYS C 3000 -45.30 123.60 21.72
CA LYS C 3000 -44.86 122.21 21.86
C LYS C 3000 -45.88 121.29 22.51
N ILE C 3001 -46.85 121.80 23.27
CA ILE C 3001 -47.81 120.96 23.97
C ILE C 3001 -49.22 121.17 23.45
N LEU C 3002 -49.70 122.41 23.48
CA LEU C 3002 -51.11 122.66 23.22
C LEU C 3002 -51.50 122.26 21.80
N LEU C 3003 -50.69 122.68 20.81
CA LEU C 3003 -51.02 122.34 19.42
C LEU C 3003 -51.04 120.84 19.19
N PRO C 3004 -50.02 120.05 19.57
CA PRO C 3004 -50.16 118.59 19.44
C PRO C 3004 -51.33 118.04 20.23
N LEU C 3005 -51.52 118.51 21.47
CA LEU C 3005 -52.62 118.00 22.28
C LEU C 3005 -53.97 118.31 21.67
N ILE C 3006 -54.18 119.53 21.17
CA ILE C 3006 -55.47 119.83 20.55
C ILE C 3006 -55.66 118.99 19.29
N ASN C 3007 -54.66 118.95 18.41
CA ASN C 3007 -54.84 118.28 17.14
C ASN C 3007 -54.84 116.76 17.25
N GLN C 3008 -54.48 116.21 18.41
CA GLN C 3008 -54.61 114.79 18.65
C GLN C 3008 -55.92 114.49 19.37
N TYR C 3009 -56.20 115.22 20.46
CA TYR C 3009 -57.36 114.94 21.30
C TYR C 3009 -58.67 115.16 20.52
N PHE C 3010 -58.81 116.31 19.87
CA PHE C 3010 -60.04 116.57 19.13
C PHE C 3010 -60.15 115.66 17.92
N THR C 3011 -59.03 115.32 17.28
CA THR C 3011 -59.04 114.30 16.24
C THR C 3011 -59.59 112.98 16.76
N ASN C 3012 -59.10 112.54 17.92
CA ASN C 3012 -59.48 111.23 18.45
C ASN C 3012 -60.96 111.18 18.83
N HIS C 3013 -61.46 112.23 19.48
CA HIS C 3013 -62.82 112.21 19.99
C HIS C 3013 -63.79 113.05 19.17
N CYS C 3014 -63.43 113.39 17.93
CA CYS C 3014 -64.32 114.18 17.08
C CYS C 3014 -65.62 113.42 16.76
N LEU C 3015 -65.64 112.12 16.98
CA LEU C 3015 -66.85 111.33 16.75
C LEU C 3015 -68.02 111.84 17.59
N TYR C 3016 -67.77 112.20 18.86
CA TYR C 3016 -68.84 112.66 19.73
C TYR C 3016 -68.95 114.18 19.80
N PHE C 3017 -67.90 114.92 19.43
CA PHE C 3017 -67.95 116.37 19.52
C PHE C 3017 -69.05 116.97 18.64
N LEU C 3018 -69.35 116.32 17.51
CA LEU C 3018 -70.46 116.71 16.66
C LEU C 3018 -71.71 115.89 16.94
N SER C 3019 -71.79 115.26 18.10
CA SER C 3019 -72.94 114.47 18.49
C SER C 3019 -73.78 115.24 19.50
N THR C 3020 -75.09 115.12 19.36
CA THR C 3020 -76.08 115.70 20.25
C THR C 3020 -77.14 114.65 20.51
N PRO C 3021 -77.79 114.68 21.67
CA PRO C 3021 -78.95 113.79 21.88
C PRO C 3021 -79.94 113.82 20.73
N ALA C 3022 -80.12 114.97 20.07
CA ALA C 3022 -80.92 115.02 18.85
C ALA C 3022 -80.28 114.21 17.74
N LYS C 3023 -78.95 114.26 17.62
CA LYS C 3023 -78.25 113.51 16.59
C LYS C 3023 -78.26 112.02 16.92
N VAL C 3024 -78.00 111.22 15.90
CA VAL C 3024 -77.99 109.76 16.02
C VAL C 3024 -76.57 109.30 15.67
N LEU C 3025 -75.73 109.14 16.68
CA LEU C 3025 -74.34 108.77 16.49
C LEU C 3025 -73.92 107.75 17.53
N GLY C 3026 -72.88 106.98 17.21
CA GLY C 3026 -72.47 105.89 18.08
C GLY C 3026 -71.95 106.37 19.42
N SER C 3027 -71.07 107.36 19.42
CA SER C 3027 -70.52 107.87 20.67
C SER C 3027 -71.52 108.80 21.34
N GLY C 3028 -71.54 108.78 22.67
CA GLY C 3028 -72.47 109.61 23.41
C GLY C 3028 -72.18 111.09 23.22
N GLY C 3029 -73.25 111.86 23.03
CA GLY C 3029 -73.08 113.28 22.78
C GLY C 3029 -72.68 114.05 24.02
N HIS C 3030 -72.04 115.20 23.78
CA HIS C 3030 -71.60 116.04 24.89
C HIS C 3030 -72.78 116.68 25.61
N ALA C 3031 -73.84 117.03 24.88
CA ALA C 3031 -75.08 117.56 25.47
C ALA C 3031 -74.80 118.77 26.36
N SER C 3032 -73.88 119.62 25.93
CA SER C 3032 -73.53 120.81 26.69
C SER C 3032 -73.17 121.92 25.72
N ASN C 3033 -73.89 123.04 25.80
CA ASN C 3033 -73.68 124.13 24.85
C ASN C 3033 -72.31 124.75 25.04
N LYS C 3034 -71.90 124.98 26.28
CA LYS C 3034 -70.59 125.57 26.56
C LYS C 3034 -69.46 124.65 26.11
N GLU C 3035 -69.64 123.34 26.24
CA GLU C 3035 -68.64 122.37 25.82
C GLU C 3035 -68.18 122.63 24.39
N LYS C 3036 -69.11 122.90 23.49
CA LYS C 3036 -68.80 123.18 22.10
C LYS C 3036 -68.67 124.67 21.78
N GLU C 3037 -69.20 125.54 22.63
CA GLU C 3037 -69.26 126.93 22.25
C GLU C 3037 -67.99 127.66 22.64
N MET C 3038 -67.31 127.21 23.69
CA MET C 3038 -65.99 127.78 23.92
C MET C 3038 -65.02 127.23 22.88
N ILE C 3039 -65.33 126.06 22.30
CA ILE C 3039 -64.58 125.61 21.13
C ILE C 3039 -64.79 126.58 19.98
N THR C 3040 -66.03 127.04 19.79
CA THR C 3040 -66.30 128.07 18.80
C THR C 3040 -65.53 129.37 19.09
N SER C 3041 -65.51 129.77 20.35
CA SER C 3041 -64.70 130.92 20.74
C SER C 3041 -63.23 130.67 20.40
N LEU C 3042 -62.79 129.42 20.55
CA LEU C 3042 -61.41 129.08 20.24
C LEU C 3042 -61.17 129.19 18.73
N PHE C 3043 -62.17 128.84 17.92
CA PHE C 3043 -62.08 129.13 16.48
C PHE C 3043 -61.81 130.61 16.26
N CYS C 3044 -62.68 131.46 16.82
CA CYS C 3044 -62.55 132.89 16.60
C CYS C 3044 -61.22 133.42 17.12
N LYS C 3045 -60.85 132.99 18.33
CA LYS C 3045 -59.61 133.46 18.95
C LYS C 3045 -58.40 132.99 18.18
N LEU C 3046 -58.35 131.71 17.80
CA LEU C 3046 -57.22 131.20 17.04
C LEU C 3046 -57.12 131.89 15.68
N ALA C 3047 -58.26 132.13 15.03
CA ALA C 3047 -58.24 132.96 13.82
C ALA C 3047 -57.59 134.30 14.10
N ALA C 3048 -58.04 134.99 15.16
CA ALA C 3048 -57.45 136.27 15.55
C ALA C 3048 -55.97 136.13 15.93
N LEU C 3049 -55.57 134.99 16.49
CA LEU C 3049 -54.16 134.78 16.82
C LEU C 3049 -53.29 134.77 15.58
N VAL C 3050 -53.84 134.34 14.44
CA VAL C 3050 -53.12 134.29 13.19
C VAL C 3050 -53.74 135.23 12.16
N ARG C 3051 -54.74 136.01 12.54
CA ARG C 3051 -55.39 136.92 11.61
C ARG C 3051 -54.37 137.95 11.12
N HIS C 3052 -54.00 137.87 9.86
CA HIS C 3052 -52.94 138.69 9.25
C HIS C 3052 -51.61 138.51 9.96
N ARG C 3053 -51.50 137.48 10.81
CA ARG C 3053 -50.29 137.21 11.57
C ARG C 3053 -49.87 135.74 11.44
N VAL C 3054 -50.26 135.09 10.33
CA VAL C 3054 -49.93 133.67 10.17
C VAL C 3054 -48.42 133.48 10.10
N SER C 3055 -47.74 134.29 9.27
CA SER C 3055 -46.29 134.22 9.21
C SER C 3055 -45.66 134.77 10.49
N LEU C 3056 -46.34 135.72 11.14
CA LEU C 3056 -45.86 136.25 12.40
C LEU C 3056 -45.97 135.22 13.52
N PHE C 3057 -46.95 134.32 13.43
CA PHE C 3057 -47.18 133.37 14.51
C PHE C 3057 -45.97 132.48 14.75
N GLY C 3058 -45.31 132.04 13.68
CA GLY C 3058 -44.09 131.27 13.82
C GLY C 3058 -44.03 130.15 12.80
N THR C 3059 -43.03 129.29 12.99
CA THR C 3059 -42.87 128.11 12.14
C THR C 3059 -43.97 127.08 12.36
N ASP C 3060 -44.68 127.16 13.48
CA ASP C 3060 -45.80 126.26 13.74
C ASP C 3060 -47.10 126.75 13.12
N ALA C 3061 -47.04 127.78 12.27
CA ALA C 3061 -48.26 128.23 11.57
C ALA C 3061 -48.90 127.13 10.75
N PRO C 3062 -48.18 126.31 9.98
CA PRO C 3062 -48.83 125.15 9.35
C PRO C 3062 -49.45 124.23 10.38
N ALA C 3063 -48.78 124.02 11.52
CA ALA C 3063 -49.39 123.26 12.61
C ALA C 3063 -50.62 123.97 13.15
N VAL C 3064 -50.55 125.29 13.29
CA VAL C 3064 -51.69 126.05 13.82
C VAL C 3064 -52.88 125.93 12.88
N VAL C 3065 -52.64 126.05 11.57
CA VAL C 3065 -53.75 125.97 10.63
C VAL C 3065 -54.29 124.54 10.56
N ASN C 3066 -53.44 123.52 10.72
CA ASN C 3066 -53.94 122.15 10.81
C ASN C 3066 -54.83 121.96 12.04
N CYS C 3067 -54.41 122.53 13.17
CA CYS C 3067 -55.23 122.49 14.37
C CYS C 3067 -56.56 123.20 14.15
N LEU C 3068 -56.52 124.34 13.47
CA LEU C 3068 -57.75 125.07 13.17
C LEU C 3068 -58.64 124.27 12.24
N HIS C 3069 -58.03 123.49 11.34
CA HIS C 3069 -58.77 122.65 10.41
C HIS C 3069 -59.51 121.54 11.16
N ILE C 3070 -58.76 120.78 11.98
CA ILE C 3070 -59.39 119.71 12.73
C ILE C 3070 -60.36 120.27 13.74
N LEU C 3071 -60.16 121.53 14.15
CA LEU C 3071 -61.21 122.24 14.89
C LEU C 3071 -62.45 122.42 14.04
N ALA C 3072 -62.28 122.83 12.78
CA ALA C 3072 -63.43 123.06 11.90
C ALA C 3072 -64.29 121.81 11.81
N ARG C 3073 -63.68 120.65 11.95
CA ARG C 3073 -64.46 119.43 12.13
C ARG C 3073 -65.32 119.51 13.39
N SER C 3074 -66.47 118.86 13.37
CA SER C 3074 -67.37 118.77 14.53
C SER C 3074 -67.92 120.13 14.95
N LEU C 3075 -68.82 120.69 14.13
CA LEU C 3075 -69.55 121.91 14.48
C LEU C 3075 -71.02 121.77 14.13
N ASP C 3076 -71.90 122.01 15.11
CA ASP C 3076 -73.33 122.07 14.88
C ASP C 3076 -73.87 123.43 15.25
N ALA C 3077 -74.80 123.96 14.43
CA ALA C 3077 -75.44 125.24 14.72
C ALA C 3077 -76.21 125.22 16.04
N ARG C 3078 -76.63 124.04 16.50
CA ARG C 3078 -77.34 123.93 17.77
C ARG C 3078 -76.48 124.37 18.94
N THR C 3079 -75.15 124.47 18.74
CA THR C 3079 -74.25 124.90 19.79
C THR C 3079 -73.58 126.24 19.52
N VAL C 3080 -73.69 126.79 18.30
CA VAL C 3080 -72.97 128.00 17.94
C VAL C 3080 -73.92 129.16 17.64
N MET C 3081 -74.99 128.92 16.88
CA MET C 3081 -75.92 129.97 16.48
C MET C 3081 -77.33 129.75 17.04
N LYS C 3082 -77.90 128.56 16.82
CA LYS C 3082 -79.27 128.32 17.28
C LYS C 3082 -79.38 128.37 18.81
N SER C 3083 -78.28 128.15 19.52
CA SER C 3083 -78.26 128.31 20.97
C SER C 3083 -76.89 128.83 21.38
N GLY C 3084 -76.87 129.60 22.48
CA GLY C 3084 -75.63 130.09 23.03
C GLY C 3084 -75.62 131.58 23.30
N PRO C 3085 -74.63 132.02 24.08
CA PRO C 3085 -74.51 133.45 24.37
C PRO C 3085 -74.23 134.27 23.12
N GLU C 3086 -74.67 135.53 23.15
CA GLU C 3086 -74.52 136.39 21.99
C GLU C 3086 -73.09 136.86 21.77
N ILE C 3087 -72.23 136.76 22.78
CA ILE C 3087 -70.84 137.21 22.62
C ILE C 3087 -70.11 136.35 21.59
N VAL C 3088 -70.18 135.03 21.76
CA VAL C 3088 -69.50 134.13 20.83
C VAL C 3088 -70.23 134.10 19.48
N LYS C 3089 -71.56 134.25 19.49
CA LYS C 3089 -72.29 134.35 18.24
C LYS C 3089 -71.80 135.55 17.43
N ALA C 3090 -71.70 136.71 18.08
CA ALA C 3090 -71.19 137.90 17.41
C ALA C 3090 -69.73 137.73 17.02
N GLY C 3091 -68.96 136.98 17.81
CA GLY C 3091 -67.57 136.72 17.44
C GLY C 3091 -67.45 135.95 16.15
N LEU C 3092 -68.23 134.88 16.00
CA LEU C 3092 -68.17 134.08 14.77
C LEU C 3092 -68.76 134.85 13.60
N ARG C 3093 -69.82 135.62 13.83
CA ARG C 3093 -70.36 136.47 12.76
C ARG C 3093 -69.35 137.51 12.32
N SER C 3094 -68.63 138.11 13.28
CA SER C 3094 -67.57 139.04 12.94
C SER C 3094 -66.43 138.37 12.20
N PHE C 3095 -66.13 137.11 12.54
CA PHE C 3095 -65.14 136.37 11.76
C PHE C 3095 -65.59 136.22 10.31
N PHE C 3096 -66.87 135.90 10.11
CA PHE C 3096 -67.40 135.79 8.75
C PHE C 3096 -67.29 137.11 8.01
N GLU C 3097 -67.68 138.21 8.67
CA GLU C 3097 -67.60 139.52 8.03
C GLU C 3097 -66.15 139.88 7.71
N SER C 3098 -65.23 139.62 8.63
CA SER C 3098 -63.82 139.94 8.40
C SER C 3098 -63.24 139.12 7.27
N ALA C 3099 -63.57 137.82 7.21
CA ALA C 3099 -63.07 136.98 6.14
C ALA C 3099 -63.60 137.43 4.78
N SER C 3100 -64.91 137.74 4.72
CA SER C 3100 -65.47 138.20 3.45
C SER C 3100 -64.89 139.55 3.05
N GLU C 3101 -64.68 140.45 4.00
CA GLU C 3101 -64.07 141.74 3.70
C GLU C 3101 -62.64 141.59 3.21
N ASP C 3102 -61.87 140.69 3.83
CA ASP C 3102 -60.52 140.42 3.35
C ASP C 3102 -60.54 139.84 1.94
N ILE C 3103 -61.50 138.96 1.65
CA ILE C 3103 -61.62 138.43 0.30
C ILE C 3103 -61.94 139.54 -0.68
N GLU C 3104 -62.83 140.46 -0.31
CA GLU C 3104 -63.14 141.60 -1.16
C GLU C 3104 -61.91 142.46 -1.42
N LYS C 3105 -61.12 142.71 -0.37
CA LYS C 3105 -59.91 143.52 -0.53
C LYS C 3105 -58.90 142.83 -1.44
N MET C 3106 -58.73 141.52 -1.28
CA MET C 3106 -57.84 140.77 -2.17
C MET C 3106 -58.31 140.84 -3.62
N VAL C 3107 -59.61 140.65 -3.86
CA VAL C 3107 -60.08 140.60 -5.24
C VAL C 3107 -60.11 141.98 -5.87
N GLU C 3108 -60.19 143.06 -5.07
CA GLU C 3108 -60.09 144.39 -5.65
C GLU C 3108 -58.64 144.82 -5.82
N ASN C 3109 -57.72 144.30 -5.00
CA ASN C 3109 -56.30 144.56 -5.21
C ASN C 3109 -55.80 143.83 -6.46
N LEU C 3110 -56.23 142.59 -6.66
CA LEU C 3110 -55.84 141.81 -7.82
C LEU C 3110 -56.53 142.26 -9.10
N ARG C 3111 -57.55 143.11 -9.00
CA ARG C 3111 -58.27 143.59 -10.17
C ARG C 3111 -57.37 144.46 -11.05
N GLN C 3127 -47.92 139.33 3.87
CA GLN C 3127 -48.83 139.85 2.86
C GLN C 3127 -50.26 139.41 3.13
N ASN C 3128 -51.20 140.32 2.87
CA ASN C 3128 -52.62 140.03 3.10
C ASN C 3128 -53.08 138.86 2.23
N LEU C 3129 -52.69 138.84 0.96
CA LEU C 3129 -53.09 137.75 0.08
C LEU C 3129 -52.46 136.44 0.50
N THR C 3130 -51.19 136.46 0.93
CA THR C 3130 -50.54 135.24 1.41
C THR C 3130 -51.25 134.70 2.65
N TYR C 3131 -51.58 135.59 3.59
CA TYR C 3131 -52.30 135.17 4.78
C TYR C 3131 -53.65 134.55 4.40
N THR C 3132 -54.38 135.22 3.50
CA THR C 3132 -55.67 134.68 3.08
C THR C 3132 -55.51 133.30 2.46
N THR C 3133 -54.66 133.19 1.43
CA THR C 3133 -54.53 131.95 0.68
C THR C 3133 -53.95 130.82 1.52
N VAL C 3134 -53.21 131.12 2.59
CA VAL C 3134 -52.64 130.06 3.41
C VAL C 3134 -53.61 129.61 4.50
N ALA C 3135 -54.19 130.55 5.23
CA ALA C 3135 -55.04 130.18 6.37
C ALA C 3135 -56.52 130.25 6.03
N LEU C 3136 -56.98 131.40 5.52
CA LEU C 3136 -58.41 131.65 5.45
C LEU C 3136 -59.09 130.79 4.40
N LEU C 3137 -58.55 130.73 3.19
CA LEU C 3137 -59.22 130.02 2.11
C LEU C 3137 -59.37 128.53 2.39
N PRO C 3138 -58.31 127.79 2.80
CA PRO C 3138 -58.52 126.35 3.08
C PRO C 3138 -59.47 126.08 4.23
N VAL C 3139 -59.30 126.79 5.35
CA VAL C 3139 -60.16 126.55 6.50
C VAL C 3139 -61.60 126.96 6.20
N LEU C 3140 -61.79 128.06 5.47
CA LEU C 3140 -63.12 128.46 5.07
C LEU C 3140 -63.75 127.41 4.17
N THR C 3141 -62.96 126.83 3.26
CA THR C 3141 -63.43 125.74 2.43
C THR C 3141 -63.89 124.56 3.30
N THR C 3142 -63.12 124.24 4.34
CA THR C 3142 -63.49 123.14 5.22
C THR C 3142 -64.76 123.45 5.99
N LEU C 3143 -64.92 124.69 6.47
CA LEU C 3143 -66.16 125.06 7.14
C LEU C 3143 -67.35 124.87 6.21
N PHE C 3144 -67.24 125.36 4.97
CA PHE C 3144 -68.34 125.23 4.02
C PHE C 3144 -68.63 123.77 3.69
N GLN C 3145 -67.58 122.96 3.49
CA GLN C 3145 -67.79 121.56 3.19
C GLN C 3145 -68.45 120.83 4.36
N HIS C 3146 -68.01 121.13 5.59
CA HIS C 3146 -68.59 120.48 6.76
C HIS C 3146 -70.05 120.86 6.93
N ILE C 3147 -70.37 122.14 6.73
CA ILE C 3147 -71.77 122.58 6.83
C ILE C 3147 -72.61 121.93 5.74
N ALA C 3148 -72.08 121.85 4.52
CA ALA C 3148 -72.83 121.24 3.42
C ALA C 3148 -73.09 119.76 3.69
N GLN C 3149 -72.09 119.04 4.18
CA GLN C 3149 -72.26 117.61 4.42
C GLN C 3149 -73.18 117.36 5.62
N HIS C 3150 -73.08 118.20 6.65
CA HIS C 3150 -73.95 118.08 7.82
C HIS C 3150 -75.36 118.62 7.58
N GLN C 3151 -75.61 119.26 6.44
CA GLN C 3151 -76.90 119.85 6.11
C GLN C 3151 -77.32 120.88 7.16
N PHE C 3152 -76.35 121.68 7.61
CA PHE C 3152 -76.60 122.77 8.54
C PHE C 3152 -76.64 124.13 7.85
N GLY C 3153 -76.74 124.15 6.51
CA GLY C 3153 -76.70 125.41 5.79
C GLY C 3153 -77.81 126.35 6.20
N ASP C 3154 -79.03 125.83 6.38
CA ASP C 3154 -80.14 126.67 6.79
C ASP C 3154 -79.95 127.20 8.21
N ASP C 3155 -79.37 126.38 9.10
CA ASP C 3155 -79.22 126.78 10.49
C ASP C 3155 -77.96 127.60 10.74
N VAL C 3156 -76.98 127.57 9.84
CA VAL C 3156 -75.76 128.35 9.98
C VAL C 3156 -75.80 129.60 9.12
N ILE C 3157 -76.12 129.46 7.83
CA ILE C 3157 -76.14 130.58 6.89
C ILE C 3157 -77.51 131.24 7.02
N LEU C 3158 -77.58 132.28 7.85
CA LEU C 3158 -78.80 133.06 8.00
C LEU C 3158 -78.45 134.40 8.60
N ASP C 3159 -79.25 135.42 8.27
CA ASP C 3159 -79.14 136.78 8.82
C ASP C 3159 -77.76 137.32 8.50
N ASP C 3160 -76.94 137.69 9.48
CA ASP C 3160 -75.62 138.26 9.20
C ASP C 3160 -74.73 137.26 8.48
N VAL C 3161 -74.81 135.99 8.85
CA VAL C 3161 -74.01 134.97 8.19
C VAL C 3161 -74.41 134.86 6.72
N GLN C 3162 -75.71 134.91 6.43
CA GLN C 3162 -76.16 134.82 5.05
C GLN C 3162 -75.76 136.05 4.24
N VAL C 3163 -75.79 137.23 4.87
CA VAL C 3163 -75.32 138.43 4.19
C VAL C 3163 -73.84 138.31 3.87
N SER C 3164 -73.05 137.83 4.83
CA SER C 3164 -71.62 137.63 4.61
C SER C 3164 -71.38 136.63 3.48
N CYS C 3165 -72.16 135.54 3.46
CA CYS C 3165 -72.06 134.59 2.37
C CYS C 3165 -72.38 135.24 1.04
N TYR C 3166 -73.40 136.11 1.00
CA TYR C 3166 -73.72 136.84 -0.21
C TYR C 3166 -72.51 137.64 -0.71
N ARG C 3167 -71.91 138.44 0.18
CA ARG C 3167 -70.86 139.34 -0.31
C ARG C 3167 -69.58 138.58 -0.65
N THR C 3168 -69.25 137.51 0.09
CA THR C 3168 -68.08 136.73 -0.30
C THR C 3168 -68.33 135.96 -1.59
N LEU C 3169 -69.56 135.48 -1.80
CA LEU C 3169 -69.93 134.85 -3.05
C LEU C 3169 -69.73 135.80 -4.23
N CYS C 3170 -70.23 137.02 -4.10
CA CYS C 3170 -70.14 137.96 -5.20
C CYS C 3170 -68.75 138.57 -5.33
N SER C 3171 -67.92 138.47 -4.29
CA SER C 3171 -66.53 138.91 -4.41
C SER C 3171 -65.67 137.86 -5.10
N ILE C 3172 -65.94 136.57 -4.85
CA ILE C 3172 -65.16 135.51 -5.49
C ILE C 3172 -65.32 135.57 -7.00
N TYR C 3173 -66.56 135.69 -7.47
CA TYR C 3173 -66.82 135.72 -8.90
C TYR C 3173 -66.45 137.07 -9.54
N SER C 3174 -66.33 138.12 -8.73
CA SER C 3174 -65.92 139.42 -9.26
C SER C 3174 -64.49 139.36 -9.80
N LEU C 3175 -63.62 138.62 -9.12
CA LEU C 3175 -62.25 138.46 -9.60
C LEU C 3175 -62.21 137.72 -10.93
N GLY C 3176 -63.29 137.03 -11.29
CA GLY C 3176 -63.32 136.28 -12.54
C GLY C 3176 -63.09 137.13 -13.77
N THR C 3177 -63.42 138.43 -13.69
CA THR C 3177 -63.19 139.31 -14.83
C THR C 3177 -61.71 139.63 -15.03
N THR C 3178 -60.89 139.40 -14.01
CA THR C 3178 -59.46 139.70 -14.11
C THR C 3178 -58.76 138.66 -14.99
N LYS C 3179 -57.86 139.14 -15.84
CA LYS C 3179 -57.11 138.30 -16.77
C LYS C 3179 -55.61 138.36 -16.49
N ASN C 3180 -55.23 138.51 -15.23
CA ASN C 3180 -53.83 138.60 -14.87
C ASN C 3180 -53.17 137.22 -14.87
N THR C 3181 -51.87 137.19 -14.60
CA THR C 3181 -51.09 135.95 -14.60
C THR C 3181 -50.92 135.36 -13.21
N TYR C 3182 -50.64 136.19 -12.20
CA TYR C 3182 -50.44 135.69 -10.84
C TYR C 3182 -51.72 135.12 -10.24
N VAL C 3183 -52.88 135.45 -10.82
CA VAL C 3183 -54.15 134.92 -10.30
C VAL C 3183 -54.50 133.54 -10.85
N GLU C 3184 -53.78 133.08 -11.89
CA GLU C 3184 -54.14 131.81 -12.52
C GLU C 3184 -54.03 130.65 -11.55
N LYS C 3185 -52.97 130.62 -10.73
CA LYS C 3185 -52.80 129.52 -9.78
C LYS C 3185 -53.87 129.53 -8.70
N LEU C 3186 -54.36 130.72 -8.32
CA LEU C 3186 -55.35 130.82 -7.25
C LEU C 3186 -56.74 130.41 -7.71
N ARG C 3187 -57.02 130.50 -9.00
CA ARG C 3187 -58.38 130.25 -9.50
C ARG C 3187 -58.93 128.87 -9.13
N PRO C 3188 -58.17 127.77 -9.19
CA PRO C 3188 -58.72 126.48 -8.74
C PRO C 3188 -59.23 126.52 -7.31
N ALA C 3189 -58.50 127.16 -6.39
CA ALA C 3189 -58.94 127.21 -5.00
C ALA C 3189 -60.20 128.03 -4.84
N LEU C 3190 -60.28 129.17 -5.54
CA LEU C 3190 -61.49 129.99 -5.50
C LEU C 3190 -62.68 129.22 -6.06
N GLY C 3191 -62.47 128.47 -7.15
CA GLY C 3191 -63.55 127.66 -7.69
C GLY C 3191 -64.00 126.58 -6.73
N GLU C 3192 -63.06 125.92 -6.06
CA GLU C 3192 -63.42 124.89 -5.09
C GLU C 3192 -64.21 125.48 -3.93
N CYS C 3193 -63.76 126.62 -3.40
CA CYS C 3193 -64.48 127.24 -2.29
C CYS C 3193 -65.85 127.73 -2.71
N LEU C 3194 -65.95 128.26 -3.94
CA LEU C 3194 -67.25 128.70 -4.45
C LEU C 3194 -68.19 127.52 -4.64
N ALA C 3195 -67.67 126.38 -5.09
CA ALA C 3195 -68.50 125.18 -5.16
C ALA C 3195 -68.95 124.74 -3.78
N ARG C 3196 -68.06 124.81 -2.79
CA ARG C 3196 -68.43 124.42 -1.43
C ARG C 3196 -69.51 125.32 -0.87
N LEU C 3197 -69.41 126.63 -1.09
CA LEU C 3197 -70.47 127.52 -0.60
C LEU C 3197 -71.77 127.33 -1.36
N ALA C 3198 -71.69 127.00 -2.66
CA ALA C 3198 -72.91 126.80 -3.44
C ALA C 3198 -73.71 125.62 -2.92
N ALA C 3199 -73.01 124.55 -2.49
CA ALA C 3199 -73.71 123.38 -1.98
C ALA C 3199 -74.47 123.68 -0.69
N ALA C 3200 -73.86 124.45 0.21
CA ALA C 3200 -74.46 124.79 1.49
C ALA C 3200 -75.18 126.13 1.48
N MET C 3201 -75.59 126.60 0.29
CA MET C 3201 -76.20 127.91 0.17
C MET C 3201 -77.72 127.71 0.21
N PRO C 3202 -78.41 128.09 1.27
CA PRO C 3202 -79.80 127.63 1.47
C PRO C 3202 -80.89 128.56 0.95
N VAL C 3203 -80.57 129.61 0.19
CA VAL C 3203 -81.62 130.48 -0.36
C VAL C 3203 -81.82 130.21 -1.85
N ALA C 3204 -80.89 129.54 -2.52
CA ALA C 3204 -80.90 129.38 -3.97
C ALA C 3204 -80.85 130.75 -4.65
N PHE C 3205 -79.71 131.42 -4.43
CA PHE C 3205 -79.50 132.77 -4.96
C PHE C 3205 -79.59 132.84 -6.47
N LEU C 3206 -79.41 131.72 -7.17
CA LEU C 3206 -79.39 131.73 -8.62
C LEU C 3206 -80.72 132.16 -9.22
N GLU C 3207 -81.81 132.08 -8.46
CA GLU C 3207 -83.13 132.53 -8.91
C GLU C 3207 -83.55 133.78 -8.14
N PRO C 3208 -83.08 134.96 -8.54
CA PRO C 3208 -83.49 136.19 -7.83
C PRO C 3208 -84.98 136.45 -7.92
N GLN C 3209 -85.63 136.10 -9.03
CA GLN C 3209 -87.05 136.39 -9.21
C GLN C 3209 -87.94 135.50 -8.38
N LEU C 3210 -87.41 134.43 -7.79
CA LEU C 3210 -88.21 133.51 -6.98
C LEU C 3210 -87.69 133.40 -5.55
N ASN C 3211 -86.77 134.28 -5.13
CA ASN C 3211 -86.21 134.19 -3.80
C ASN C 3211 -87.20 134.61 -2.70
N GLU C 3212 -88.24 135.37 -3.05
CA GLU C 3212 -89.21 135.79 -2.06
C GLU C 3212 -90.03 134.62 -1.51
N TYR C 3213 -90.12 133.51 -2.26
CA TYR C 3213 -90.87 132.36 -1.79
C TYR C 3213 -90.10 131.61 -0.71
N ASN C 3214 -88.78 131.47 -0.87
CA ASN C 3214 -87.97 130.75 0.10
C ASN C 3214 -87.88 131.54 1.40
N ALA C 3215 -88.07 130.84 2.52
CA ALA C 3215 -88.03 131.51 3.83
C ALA C 3215 -86.61 131.86 4.27
N CYS C 3216 -85.59 131.22 3.68
CA CYS C 3216 -84.22 131.51 4.06
C CYS C 3216 -83.72 132.85 3.53
N SER C 3217 -84.46 133.47 2.61
CA SER C 3217 -84.04 134.75 2.05
C SER C 3217 -84.04 135.84 3.11
N VAL C 3218 -83.06 136.73 3.02
CA VAL C 3218 -83.00 137.87 3.94
C VAL C 3218 -84.22 138.77 3.79
N TYR C 3219 -84.77 138.85 2.58
CA TYR C 3219 -85.98 139.66 2.36
C TYR C 3219 -87.20 138.98 2.95
N THR C 3220 -87.30 137.65 2.82
CA THR C 3220 -88.42 136.92 3.42
C THR C 3220 -88.26 136.84 4.93
N SER C 3221 -87.04 136.52 5.40
CA SER C 3221 -86.83 136.38 6.84
C SER C 3221 -86.90 137.73 7.54
N LYS C 3222 -86.27 138.76 6.98
CA LYS C 3222 -86.22 140.08 7.59
C LYS C 3222 -87.14 141.03 6.83
N SER C 3223 -88.04 141.68 7.57
CA SER C 3223 -88.95 142.65 6.98
C SER C 3223 -88.17 143.86 6.46
N PRO C 3224 -88.75 144.61 5.52
CA PRO C 3224 -88.05 145.79 4.99
C PRO C 3224 -87.52 146.73 6.05
N ARG C 3225 -88.23 146.86 7.18
CA ARG C 3225 -87.69 147.61 8.31
C ARG C 3225 -86.39 146.99 8.81
N GLU C 3226 -86.37 145.66 8.93
CA GLU C 3226 -85.13 144.96 9.29
C GLU C 3226 -84.10 144.98 8.17
N ARG C 3227 -84.53 145.24 6.93
CA ARG C 3227 -83.61 145.36 5.81
C ARG C 3227 -83.06 146.76 5.65
N ALA C 3228 -83.63 147.76 6.33
CA ALA C 3228 -83.21 149.14 6.13
C ALA C 3228 -81.86 149.43 6.77
N ILE C 3229 -81.59 148.83 7.95
CA ILE C 3229 -80.37 149.17 8.69
C ILE C 3229 -79.12 148.82 7.88
N LEU C 3230 -79.17 147.74 7.10
CA LEU C 3230 -78.05 147.37 6.23
C LEU C 3230 -78.31 147.73 4.78
N GLY C 3231 -79.37 148.49 4.50
CA GLY C 3231 -79.64 148.97 3.15
C GLY C 3231 -79.85 147.88 2.13
N LEU C 3232 -80.66 146.89 2.49
CA LEU C 3232 -80.87 145.75 1.61
C LEU C 3232 -81.68 146.15 0.38
N PRO C 3233 -81.15 145.96 -0.83
CA PRO C 3233 -81.94 146.21 -2.04
C PRO C 3233 -83.06 145.17 -2.19
N ASN C 3234 -83.87 145.38 -3.23
CA ASN C 3234 -85.08 144.59 -3.38
C ASN C 3234 -84.78 143.12 -3.64
N SER C 3235 -83.78 142.83 -4.48
CA SER C 3235 -83.50 141.47 -4.90
C SER C 3235 -82.09 141.06 -4.51
N VAL C 3236 -81.86 139.74 -4.40
CA VAL C 3236 -80.51 139.23 -4.14
C VAL C 3236 -79.58 139.60 -5.28
N GLU C 3237 -80.12 139.71 -6.50
CA GLU C 3237 -79.32 140.16 -7.63
C GLU C 3237 -78.99 141.63 -7.52
N GLU C 3238 -79.85 142.42 -6.87
CA GLU C 3238 -79.60 143.85 -6.77
C GLU C 3238 -78.45 144.18 -5.83
N MET C 3239 -78.26 143.38 -4.78
CA MET C 3239 -77.10 143.61 -3.91
C MET C 3239 -75.82 143.45 -4.73
N CYS C 3240 -75.74 142.40 -5.52
CA CYS C 3240 -74.58 142.10 -6.35
C CYS C 3240 -75.04 141.28 -7.55
N PRO C 3241 -75.19 141.90 -8.72
CA PRO C 3241 -75.63 141.17 -9.91
C PRO C 3241 -74.51 140.42 -10.58
N ASP C 3242 -73.42 140.22 -9.85
CA ASP C 3242 -72.23 139.56 -10.41
C ASP C 3242 -72.56 138.18 -10.94
N ILE C 3243 -73.39 137.42 -10.22
CA ILE C 3243 -73.80 136.09 -10.66
C ILE C 3243 -74.94 136.22 -11.67
N PRO C 3244 -74.76 135.75 -12.91
CA PRO C 3244 -75.87 135.75 -13.86
C PRO C 3244 -76.95 134.76 -13.46
N VAL C 3245 -78.17 135.01 -13.95
CA VAL C 3245 -79.28 134.10 -13.68
C VAL C 3245 -79.04 132.77 -14.40
N LEU C 3246 -79.69 131.72 -13.88
CA LEU C 3246 -79.47 130.38 -14.42
C LEU C 3246 -80.10 130.19 -15.79
N ASP C 3247 -81.08 131.01 -16.15
CA ASP C 3247 -81.84 130.78 -17.37
C ASP C 3247 -80.95 130.85 -18.61
N ARG C 3248 -80.05 131.83 -18.66
CA ARG C 3248 -79.18 132.01 -19.82
C ARG C 3248 -77.74 131.56 -19.59
N LEU C 3249 -77.28 131.53 -18.34
CA LEU C 3249 -75.89 131.18 -18.07
C LEU C 3249 -75.56 129.76 -18.51
N MET C 3250 -76.48 128.83 -18.26
CA MET C 3250 -76.29 127.46 -18.73
C MET C 3250 -76.23 127.43 -20.26
N ALA C 3251 -77.12 128.16 -20.92
CA ALA C 3251 -77.05 128.27 -22.37
C ALA C 3251 -75.77 128.96 -22.81
N ASP C 3252 -75.34 129.97 -22.05
CA ASP C 3252 -74.11 130.68 -22.40
C ASP C 3252 -72.91 129.76 -22.42
N ILE C 3253 -72.74 128.95 -21.36
CA ILE C 3253 -71.61 128.03 -21.33
C ILE C 3253 -71.79 126.93 -22.37
N GLY C 3254 -73.00 126.38 -22.50
CA GLY C 3254 -73.25 125.34 -23.48
C GLY C 3254 -73.09 125.80 -24.91
N GLY C 3255 -73.04 127.11 -25.14
CA GLY C 3255 -72.73 127.62 -26.46
C GLY C 3255 -71.26 127.93 -26.62
N LEU C 3256 -70.70 128.70 -25.68
CA LEU C 3256 -69.31 129.15 -25.81
C LEU C 3256 -68.32 127.99 -25.74
N ALA C 3257 -68.52 127.06 -24.81
CA ALA C 3257 -67.57 125.95 -24.68
C ALA C 3257 -67.62 125.05 -25.91
N GLU C 3258 -68.81 124.80 -26.45
CA GLU C 3258 -68.91 124.02 -27.68
C GLU C 3258 -68.26 124.74 -28.85
N SER C 3259 -68.46 126.07 -28.95
CA SER C 3259 -67.93 126.81 -30.09
C SER C 3259 -66.41 126.88 -30.05
N GLY C 3260 -65.84 127.24 -28.89
CA GLY C 3260 -64.40 127.39 -28.82
C GLY C 3260 -63.68 126.06 -28.90
N ALA C 3261 -64.02 125.13 -28.00
CA ALA C 3261 -63.49 123.76 -28.02
C ALA C 3261 -61.96 123.73 -27.91
N ARG C 3262 -61.38 124.71 -27.23
CA ARG C 3262 -59.93 124.74 -27.05
C ARG C 3262 -59.58 125.62 -25.86
N TYR C 3263 -58.60 125.17 -25.07
CA TYR C 3263 -58.12 125.98 -23.96
C TYR C 3263 -57.28 127.16 -24.45
N THR C 3264 -56.38 126.90 -25.40
CA THR C 3264 -55.45 127.94 -25.84
C THR C 3264 -56.16 129.10 -26.51
N GLU C 3265 -57.22 128.82 -27.27
CA GLU C 3265 -57.94 129.87 -27.97
C GLU C 3265 -58.58 130.86 -26.98
N MET C 3266 -59.14 130.35 -25.89
CA MET C 3266 -59.79 131.18 -24.88
C MET C 3266 -59.29 130.78 -23.48
N PRO C 3267 -58.03 131.08 -23.17
CA PRO C 3267 -57.46 130.64 -21.88
C PRO C 3267 -58.13 131.24 -20.67
N HIS C 3268 -58.75 132.42 -20.81
CA HIS C 3268 -59.35 133.08 -19.66
C HIS C 3268 -60.55 132.29 -19.13
N VAL C 3269 -61.48 131.92 -20.02
CA VAL C 3269 -62.68 131.25 -19.55
C VAL C 3269 -62.36 129.87 -19.00
N ILE C 3270 -61.32 129.22 -19.53
CA ILE C 3270 -60.95 127.89 -19.05
C ILE C 3270 -60.62 127.92 -17.56
N GLU C 3271 -60.11 129.04 -17.06
CA GLU C 3271 -59.80 129.19 -15.65
C GLU C 3271 -60.76 130.12 -14.92
N ILE C 3272 -61.79 130.64 -15.59
CA ILE C 3272 -62.76 131.51 -14.92
C ILE C 3272 -64.14 130.86 -14.87
N THR C 3273 -64.66 130.50 -16.04
CA THR C 3273 -66.01 129.92 -16.11
C THR C 3273 -66.02 128.49 -15.61
N LEU C 3274 -64.96 127.73 -15.89
CA LEU C 3274 -64.88 126.37 -15.37
C LEU C 3274 -64.91 126.32 -13.84
N PRO C 3275 -64.26 127.22 -13.10
CA PRO C 3275 -64.50 127.26 -11.65
C PRO C 3275 -65.96 127.47 -11.27
N MET C 3276 -66.68 128.38 -11.94
CA MET C 3276 -68.09 128.52 -11.59
C MET C 3276 -68.92 127.37 -12.14
N LEU C 3277 -68.41 126.67 -13.16
CA LEU C 3277 -69.05 125.43 -13.59
C LEU C 3277 -68.93 124.36 -12.51
N CYS C 3278 -67.76 124.28 -11.86
CA CYS C 3278 -67.62 123.41 -10.70
C CYS C 3278 -68.50 123.89 -9.55
N SER C 3279 -68.72 125.20 -9.46
CA SER C 3279 -69.69 125.72 -8.49
C SER C 3279 -71.10 125.22 -8.79
N TYR C 3280 -71.46 125.17 -10.07
CA TYR C 3280 -72.76 124.65 -10.48
C TYR C 3280 -72.83 123.13 -10.39
N LEU C 3281 -71.68 122.47 -10.28
CA LEU C 3281 -71.65 121.00 -10.15
C LEU C 3281 -72.56 120.49 -9.05
N PRO C 3282 -72.55 121.03 -7.80
CA PRO C 3282 -73.54 120.57 -6.81
C PRO C 3282 -74.92 121.16 -7.06
N ARG C 3283 -75.45 120.94 -8.26
CA ARG C 3283 -76.78 121.40 -8.61
C ARG C 3283 -77.78 120.39 -8.06
N TRP C 3284 -78.55 120.80 -7.06
CA TRP C 3284 -79.54 119.96 -6.43
C TRP C 3284 -80.87 120.06 -7.16
N TRP C 3285 -81.54 118.92 -7.34
CA TRP C 3285 -82.87 118.89 -7.92
C TRP C 3285 -83.87 118.17 -7.04
N GLU C 3286 -83.50 117.79 -5.83
CA GLU C 3286 -84.45 117.19 -4.89
C GLU C 3286 -85.41 118.22 -4.30
N ARG C 3287 -85.12 119.51 -4.45
CA ARG C 3287 -85.98 120.57 -3.96
C ARG C 3287 -86.66 121.32 -5.10
N GLY C 3288 -86.93 120.64 -6.20
CA GLY C 3288 -87.58 121.24 -7.34
C GLY C 3288 -88.82 120.48 -7.76
N PRO C 3289 -89.25 120.66 -9.01
CA PRO C 3289 -90.42 119.91 -9.51
C PRO C 3289 -90.17 118.42 -9.63
N GLU C 3290 -88.92 117.98 -9.71
CA GLU C 3290 -88.64 116.56 -9.93
C GLU C 3290 -89.01 115.73 -8.72
N ALA C 3291 -88.64 116.19 -7.52
CA ALA C 3291 -88.88 115.46 -6.28
C ALA C 3291 -89.53 116.39 -5.26
N PRO C 3292 -90.29 115.84 -4.33
CA PRO C 3292 -90.95 116.67 -3.31
C PRO C 3292 -89.93 117.51 -2.54
N PRO C 3293 -90.01 118.83 -2.64
CA PRO C 3293 -89.00 119.68 -2.01
C PRO C 3293 -89.19 119.71 -0.50
N PRO C 3294 -88.10 119.57 0.27
CA PRO C 3294 -88.20 119.83 1.71
C PRO C 3294 -88.58 121.26 2.03
N ALA C 3295 -88.23 122.21 1.17
CA ALA C 3295 -88.56 123.61 1.35
C ALA C 3295 -89.89 123.99 0.69
N LEU C 3296 -90.61 123.01 0.15
CA LEU C 3296 -91.91 123.31 -0.47
C LEU C 3296 -92.89 123.97 0.49
N PRO C 3297 -93.04 123.54 1.75
CA PRO C 3297 -93.89 124.31 2.68
C PRO C 3297 -93.42 125.75 2.86
N ALA C 3298 -92.11 125.99 2.86
CA ALA C 3298 -91.60 127.35 2.97
C ALA C 3298 -91.92 128.15 1.72
N GLY C 3299 -91.66 127.58 0.54
CA GLY C 3299 -92.00 128.24 -0.71
C GLY C 3299 -92.76 127.32 -1.66
N ALA C 3300 -94.01 127.65 -1.95
CA ALA C 3300 -94.80 126.82 -2.86
C ALA C 3300 -94.22 126.78 -4.27
N PRO C 3301 -93.80 127.90 -4.89
CA PRO C 3301 -93.03 127.82 -6.13
C PRO C 3301 -91.54 127.80 -5.86
N PRO C 3302 -90.94 126.64 -5.55
CA PRO C 3302 -89.53 126.61 -5.14
C PRO C 3302 -88.63 127.19 -6.21
N PRO C 3303 -87.57 127.91 -5.83
CA PRO C 3303 -86.69 128.50 -6.84
C PRO C 3303 -86.11 127.49 -7.81
N CYS C 3304 -85.75 126.30 -7.34
CA CYS C 3304 -85.19 125.27 -8.20
C CYS C 3304 -86.25 124.79 -9.19
N THR C 3305 -86.09 125.13 -10.46
CA THR C 3305 -87.05 124.76 -11.50
C THR C 3305 -86.29 124.30 -12.75
N ALA C 3306 -85.28 123.47 -12.56
CA ALA C 3306 -84.51 122.89 -13.65
C ALA C 3306 -84.65 121.37 -13.60
N VAL C 3307 -84.89 120.77 -14.76
CA VAL C 3307 -85.17 119.34 -14.85
C VAL C 3307 -84.22 118.65 -15.81
N THR C 3308 -84.12 119.18 -17.03
CA THR C 3308 -83.39 118.50 -18.10
C THR C 3308 -81.90 118.43 -17.78
N SER C 3309 -81.27 117.35 -18.26
CA SER C 3309 -79.83 117.14 -18.12
C SER C 3309 -79.04 117.76 -19.28
N ASP C 3310 -79.59 118.80 -19.91
CA ASP C 3310 -78.87 119.52 -20.95
C ASP C 3310 -77.53 120.02 -20.42
N HIS C 3311 -77.48 120.41 -19.14
CA HIS C 3311 -76.21 120.79 -18.55
C HIS C 3311 -75.20 119.66 -18.64
N LEU C 3312 -75.61 118.45 -18.25
CA LEU C 3312 -74.68 117.31 -18.22
C LEU C 3312 -74.24 116.92 -19.62
N ASN C 3313 -75.18 116.87 -20.58
CA ASN C 3313 -74.77 116.46 -21.92
C ASN C 3313 -73.93 117.54 -22.59
N SER C 3314 -74.18 118.82 -22.30
CA SER C 3314 -73.29 119.87 -22.76
C SER C 3314 -71.90 119.71 -22.15
N LEU C 3315 -71.84 119.33 -20.86
CA LEU C 3315 -70.55 119.03 -20.24
C LEU C 3315 -69.82 117.94 -21.01
N LEU C 3316 -70.52 116.86 -21.34
CA LEU C 3316 -69.87 115.76 -22.05
C LEU C 3316 -69.40 116.17 -23.43
N GLY C 3317 -70.21 116.94 -24.16
CA GLY C 3317 -69.79 117.43 -25.46
C GLY C 3317 -68.58 118.33 -25.38
N ASN C 3318 -68.57 119.24 -24.39
CA ASN C 3318 -67.40 120.09 -24.17
C ASN C 3318 -66.18 119.26 -23.86
N ILE C 3319 -66.34 118.23 -23.02
CA ILE C 3319 -65.23 117.35 -22.67
C ILE C 3319 -64.64 116.73 -23.94
N LEU C 3320 -65.50 116.14 -24.76
CA LEU C 3320 -65.04 115.52 -26.00
C LEU C 3320 -64.30 116.51 -26.86
N ARG C 3321 -64.89 117.68 -27.10
CA ARG C 3321 -64.28 118.66 -28.00
C ARG C 3321 -62.92 119.12 -27.48
N ILE C 3322 -62.86 119.52 -26.21
CA ILE C 3322 -61.62 120.08 -25.69
C ILE C 3322 -60.53 119.02 -25.64
N ILE C 3323 -60.87 117.80 -25.22
CA ILE C 3323 -59.86 116.73 -25.15
C ILE C 3323 -59.32 116.44 -26.55
N VAL C 3324 -60.23 116.24 -27.52
CA VAL C 3324 -59.78 115.88 -28.86
C VAL C 3324 -58.94 117.00 -29.47
N ASN C 3325 -59.35 118.25 -29.27
CA ASN C 3325 -58.62 119.35 -29.87
C ASN C 3325 -57.27 119.59 -29.21
N ASN C 3326 -57.17 119.40 -27.90
CA ASN C 3326 -55.94 119.65 -27.16
C ASN C 3326 -55.39 118.38 -26.54
N LEU C 3327 -55.39 117.30 -27.32
CA LEU C 3327 -54.77 116.05 -26.89
C LEU C 3327 -53.31 116.26 -26.50
N GLY C 3328 -52.55 116.95 -27.35
CA GLY C 3328 -51.15 117.21 -27.05
C GLY C 3328 -50.91 118.18 -25.93
N ILE C 3329 -51.89 119.04 -25.63
CA ILE C 3329 -51.75 120.02 -24.56
C ILE C 3329 -51.72 119.29 -23.22
N ASP C 3330 -50.75 119.65 -22.38
CA ASP C 3330 -50.61 119.04 -21.05
C ASP C 3330 -51.64 119.65 -20.09
N GLU C 3331 -52.89 119.23 -20.29
CA GLU C 3331 -54.01 119.66 -19.47
C GLU C 3331 -54.30 118.68 -18.34
N ALA C 3332 -53.27 118.01 -17.81
CA ALA C 3332 -53.47 116.91 -16.86
C ALA C 3332 -54.17 117.39 -15.60
N THR C 3333 -53.84 118.60 -15.13
CA THR C 3333 -54.45 119.10 -13.91
C THR C 3333 -55.95 119.35 -14.11
N TRP C 3334 -56.30 120.08 -15.16
CA TRP C 3334 -57.72 120.27 -15.46
C TRP C 3334 -58.36 118.93 -15.83
N MET C 3335 -57.58 118.01 -16.38
CA MET C 3335 -58.12 116.68 -16.65
C MET C 3335 -58.52 115.97 -15.35
N LYS C 3336 -57.72 116.13 -14.30
CA LYS C 3336 -58.07 115.54 -13.00
C LYS C 3336 -59.30 116.21 -12.42
N ARG C 3337 -59.34 117.55 -12.45
CA ARG C 3337 -60.53 118.24 -11.98
C ARG C 3337 -61.77 117.84 -12.78
N LEU C 3338 -61.60 117.58 -14.07
CA LEU C 3338 -62.73 117.19 -14.90
C LEU C 3338 -63.16 115.76 -14.62
N ALA C 3339 -62.21 114.87 -14.31
CA ALA C 3339 -62.54 113.52 -13.92
C ALA C 3339 -63.35 113.50 -12.63
N VAL C 3340 -62.94 114.31 -11.64
CA VAL C 3340 -63.73 114.41 -10.41
C VAL C 3340 -64.97 115.27 -10.60
N PHE C 3341 -65.04 116.02 -11.70
CA PHE C 3341 -66.17 116.88 -12.00
C PHE C 3341 -67.40 116.05 -12.34
N ALA C 3342 -68.57 116.66 -12.12
CA ALA C 3342 -69.87 116.04 -12.43
C ALA C 3342 -70.05 114.73 -11.68
N GLN C 3343 -70.06 114.83 -10.36
CA GLN C 3343 -70.26 113.67 -9.51
C GLN C 3343 -71.74 113.25 -9.48
N PRO C 3344 -72.71 114.20 -9.39
CA PRO C 3344 -74.12 113.76 -9.42
C PRO C 3344 -74.65 113.56 -10.83
N ILE C 3345 -74.08 112.60 -11.55
CA ILE C 3345 -74.58 112.26 -12.87
C ILE C 3345 -75.75 111.28 -12.77
N VAL C 3346 -75.67 110.33 -11.84
CA VAL C 3346 -76.65 109.25 -11.77
C VAL C 3346 -78.05 109.80 -11.48
N SER C 3347 -78.15 110.76 -10.55
CA SER C 3347 -79.46 111.29 -10.18
C SER C 3347 -80.15 111.94 -11.38
N ARG C 3348 -79.39 112.50 -12.31
CA ARG C 3348 -79.92 113.10 -13.52
C ARG C 3348 -79.53 112.32 -14.78
N ALA C 3349 -79.21 111.03 -14.61
CA ALA C 3349 -78.73 110.23 -15.73
C ALA C 3349 -79.89 109.87 -16.66
N ARG C 3350 -79.81 110.33 -17.91
CA ARG C 3350 -80.79 110.00 -18.95
C ARG C 3350 -80.14 109.02 -19.93
N PRO C 3351 -80.46 107.72 -19.84
CA PRO C 3351 -79.67 106.72 -20.58
C PRO C 3351 -79.64 106.92 -22.08
N GLU C 3352 -80.68 107.50 -22.67
CA GLU C 3352 -80.71 107.69 -24.12
C GLU C 3352 -79.59 108.63 -24.57
N LEU C 3353 -79.58 109.86 -24.07
CA LEU C 3353 -78.52 110.80 -24.43
C LEU C 3353 -77.17 110.34 -23.90
N LEU C 3354 -77.15 109.66 -22.76
CA LEU C 3354 -75.87 109.14 -22.26
C LEU C 3354 -75.28 108.11 -23.21
N HIS C 3355 -76.08 107.21 -23.76
CA HIS C 3355 -75.58 106.37 -24.85
C HIS C 3355 -75.10 107.21 -26.02
N SER C 3356 -75.97 108.11 -26.50
CA SER C 3356 -75.67 108.88 -27.70
C SER C 3356 -74.39 109.69 -27.58
N HIS C 3357 -73.94 109.95 -26.35
CA HIS C 3357 -72.68 110.65 -26.14
C HIS C 3357 -71.53 109.74 -25.73
N PHE C 3358 -71.78 108.69 -24.95
CA PHE C 3358 -70.69 107.83 -24.50
C PHE C 3358 -70.16 106.93 -25.61
N ILE C 3359 -71.02 106.29 -26.40
CA ILE C 3359 -70.52 105.43 -27.48
C ILE C 3359 -69.65 106.20 -28.48
N PRO C 3360 -70.10 107.32 -29.07
CA PRO C 3360 -69.19 108.05 -29.96
C PRO C 3360 -67.91 108.51 -29.27
N THR C 3361 -68.01 108.94 -28.01
CA THR C 3361 -66.83 109.46 -27.33
C THR C 3361 -65.80 108.35 -27.08
N ILE C 3362 -66.24 107.22 -26.53
CA ILE C 3362 -65.31 106.15 -26.21
C ILE C 3362 -64.92 105.45 -27.50
N GLY C 3363 -65.61 105.79 -28.59
CA GLY C 3363 -65.31 105.11 -29.84
C GLY C 3363 -64.23 105.86 -30.58
N ARG C 3364 -64.25 107.19 -30.53
CA ARG C 3364 -63.09 107.95 -30.96
C ARG C 3364 -61.89 107.69 -30.06
N LEU C 3365 -62.13 107.54 -28.75
CA LEU C 3365 -61.02 107.27 -27.83
C LEU C 3365 -60.31 105.98 -28.22
N ARG C 3366 -61.06 104.87 -28.34
CA ARG C 3366 -60.41 103.63 -28.72
C ARG C 3366 -59.97 103.64 -30.18
N LYS C 3367 -60.62 104.45 -31.02
CA LYS C 3367 -60.22 104.57 -32.42
C LYS C 3367 -58.80 105.07 -32.54
N ARG C 3368 -58.48 106.18 -31.85
CA ARG C 3368 -57.09 106.60 -31.87
C ARG C 3368 -56.22 105.69 -31.02
N ALA C 3369 -56.79 104.99 -30.02
CA ALA C 3369 -56.00 104.05 -29.24
C ALA C 3369 -55.47 102.91 -30.12
N GLY C 3370 -56.21 102.55 -31.17
CA GLY C 3370 -55.75 101.50 -32.06
C GLY C 3370 -54.45 101.87 -32.78
N LYS C 3371 -54.35 103.10 -33.25
CA LYS C 3371 -53.14 103.54 -33.91
C LYS C 3371 -51.98 103.73 -32.92
N VAL C 3372 -52.28 104.13 -31.68
CA VAL C 3372 -51.24 104.42 -30.72
C VAL C 3372 -50.44 103.17 -30.41
N VAL C 3373 -51.12 102.05 -30.18
CA VAL C 3373 -50.42 100.78 -29.97
C VAL C 3373 -49.78 100.30 -31.27
N ALA C 3374 -50.45 100.54 -32.41
CA ALA C 3374 -49.91 100.11 -33.69
C ALA C 3374 -48.59 100.81 -34.00
N GLU C 3375 -48.53 102.13 -33.79
CA GLU C 3375 -47.28 102.85 -33.99
C GLU C 3375 -46.23 102.40 -32.98
N GLU C 3376 -46.64 102.11 -31.74
CA GLU C 3376 -45.73 101.51 -30.78
C GLU C 3376 -45.17 100.19 -31.29
N GLU C 3377 -46.05 99.34 -31.81
CA GLU C 3377 -45.64 98.00 -32.23
C GLU C 3377 -44.63 98.08 -33.39
N GLN C 3378 -44.88 98.95 -34.35
CA GLN C 3378 -43.98 99.06 -35.50
C GLN C 3378 -42.60 99.56 -35.08
N LEU C 3379 -42.56 100.57 -34.22
CA LEU C 3379 -41.27 101.11 -33.77
C LEU C 3379 -40.52 100.12 -32.89
N ARG C 3380 -41.24 99.37 -32.05
CA ARG C 3380 -40.57 98.44 -31.14
C ARG C 3380 -39.91 97.30 -31.90
N LEU C 3381 -40.38 96.99 -33.12
CA LEU C 3381 -39.78 95.94 -33.92
C LEU C 3381 -38.83 96.52 -34.95
N GLU C 3391 -39.96 105.90 -30.51
CA GLU C 3391 -40.52 105.40 -29.26
C GLU C 3391 -41.07 106.54 -28.40
N LEU C 3392 -40.32 107.64 -28.29
CA LEU C 3392 -40.76 108.76 -27.47
C LEU C 3392 -42.08 109.33 -27.97
N LEU C 3393 -42.33 109.26 -29.28
CA LEU C 3393 -43.59 109.75 -29.82
C LEU C 3393 -44.76 108.92 -29.32
N VAL C 3394 -44.65 107.59 -29.37
CA VAL C 3394 -45.76 106.74 -28.95
C VAL C 3394 -45.95 106.82 -27.45
N ARG C 3395 -44.86 106.95 -26.68
CA ARG C 3395 -44.98 107.12 -25.24
C ARG C 3395 -45.78 108.37 -24.91
N ASP C 3396 -45.61 109.43 -25.70
CA ASP C 3396 -46.43 110.62 -25.54
C ASP C 3396 -47.88 110.34 -25.90
N GLU C 3397 -48.11 109.56 -26.96
CA GLU C 3397 -49.48 109.20 -27.32
C GLU C 3397 -50.14 108.40 -26.22
N PHE C 3398 -49.41 107.46 -25.62
CA PHE C 3398 -49.96 106.73 -24.49
C PHE C 3398 -50.11 107.63 -23.27
N SER C 3399 -49.30 108.69 -23.18
CA SER C 3399 -49.40 109.61 -22.05
C SER C 3399 -50.75 110.32 -22.04
N VAL C 3400 -51.18 110.85 -23.18
CA VAL C 3400 -52.48 111.49 -23.26
C VAL C 3400 -53.59 110.45 -23.22
N LEU C 3401 -53.36 109.28 -23.84
CA LEU C 3401 -54.31 108.17 -23.75
C LEU C 3401 -54.58 107.78 -22.30
N CYS C 3402 -53.51 107.52 -21.54
CA CYS C 3402 -53.68 107.20 -20.13
C CYS C 3402 -54.34 108.35 -19.39
N ARG C 3403 -54.11 109.58 -19.84
CA ARG C 3403 -54.78 110.73 -19.24
C ARG C 3403 -56.27 110.71 -19.54
N ASP C 3404 -56.65 110.41 -20.78
CA ASP C 3404 -58.06 110.43 -21.15
C ASP C 3404 -58.85 109.32 -20.48
N LEU C 3405 -58.26 108.13 -20.35
CA LEU C 3405 -58.93 107.03 -19.67
C LEU C 3405 -59.32 107.42 -18.26
N TYR C 3406 -58.32 107.74 -17.42
CA TYR C 3406 -58.59 108.09 -16.04
C TYR C 3406 -59.41 109.38 -15.91
N ALA C 3407 -59.56 110.13 -17.00
CA ALA C 3407 -60.36 111.34 -17.01
C ALA C 3407 -61.78 111.11 -17.53
N LEU C 3408 -62.02 110.02 -18.25
CA LEU C 3408 -63.35 109.70 -18.73
C LEU C 3408 -63.93 108.41 -18.14
N TYR C 3409 -63.08 107.43 -17.82
CA TYR C 3409 -63.56 106.18 -17.26
C TYR C 3409 -64.37 106.36 -15.97
N PRO C 3410 -63.95 107.20 -15.01
CA PRO C 3410 -64.74 107.32 -13.78
C PRO C 3410 -66.19 107.74 -13.99
N LEU C 3411 -66.46 108.62 -14.97
CA LEU C 3411 -67.84 109.05 -15.18
C LEU C 3411 -68.68 107.98 -15.86
N LEU C 3412 -68.05 107.12 -16.67
CA LEU C 3412 -68.81 106.05 -17.33
C LEU C 3412 -69.19 104.95 -16.36
N ILE C 3413 -68.36 104.71 -15.33
CA ILE C 3413 -68.67 103.65 -14.36
C ILE C 3413 -69.98 103.94 -13.65
N ARG C 3414 -70.13 105.17 -13.12
CA ARG C 3414 -71.32 105.51 -12.36
C ARG C 3414 -72.58 105.46 -13.21
N TYR C 3415 -72.47 105.79 -14.50
CA TYR C 3415 -73.62 105.78 -15.37
C TYR C 3415 -74.25 104.38 -15.44
N VAL C 3416 -73.42 103.36 -15.62
CA VAL C 3416 -73.93 102.00 -15.79
C VAL C 3416 -74.03 101.25 -14.46
N ASP C 3417 -73.37 101.72 -13.40
CA ASP C 3417 -73.57 101.10 -12.09
C ASP C 3417 -75.04 101.02 -11.72
N ASN C 3418 -75.81 102.03 -12.10
CA ASN C 3418 -77.23 102.11 -11.79
C ASN C 3418 -78.12 101.84 -13.00
N ASN C 3419 -77.52 101.59 -14.17
CA ASN C 3419 -78.28 101.21 -15.36
C ASN C 3419 -77.98 99.80 -15.84
N ARG C 3420 -76.99 99.12 -15.26
CA ARG C 3420 -76.71 97.74 -15.65
C ARG C 3420 -77.87 96.83 -15.29
N ALA C 3421 -78.50 97.06 -14.14
CA ALA C 3421 -79.60 96.20 -13.69
C ALA C 3421 -80.74 96.19 -14.70
N HIS C 3422 -81.06 97.35 -15.28
CA HIS C 3422 -82.09 97.40 -16.31
C HIS C 3422 -81.67 96.61 -17.54
N TRP C 3423 -80.40 96.72 -17.94
CA TRP C 3423 -79.95 96.05 -19.15
C TRP C 3423 -79.78 94.54 -18.92
N LEU C 3424 -79.40 94.14 -17.71
CA LEU C 3424 -79.45 92.71 -17.38
C LEU C 3424 -80.89 92.20 -17.41
N THR C 3425 -81.82 92.99 -16.89
CA THR C 3425 -83.23 92.58 -16.90
C THR C 3425 -83.78 92.51 -18.32
N GLU C 3426 -83.50 93.52 -19.13
CA GLU C 3426 -83.92 93.54 -20.53
C GLU C 3426 -82.70 93.87 -21.38
N PRO C 3427 -82.27 92.98 -22.27
CA PRO C 3427 -81.02 93.22 -23.01
C PRO C 3427 -81.12 94.48 -23.88
N ASN C 3428 -80.08 95.29 -23.82
CA ASN C 3428 -79.99 96.52 -24.59
C ASN C 3428 -78.84 96.38 -25.60
N ALA C 3429 -79.13 96.70 -26.85
CA ALA C 3429 -78.13 96.51 -27.91
C ALA C 3429 -76.87 97.33 -27.65
N ASN C 3430 -77.03 98.57 -27.20
CA ASN C 3430 -75.88 99.41 -26.88
C ASN C 3430 -75.08 98.84 -25.72
N ALA C 3431 -75.75 98.19 -24.78
CA ALA C 3431 -75.06 97.68 -23.59
C ALA C 3431 -74.01 96.63 -23.96
N GLU C 3432 -74.36 95.70 -24.85
CA GLU C 3432 -73.38 94.71 -25.27
C GLU C 3432 -72.30 95.32 -26.14
N GLU C 3433 -72.65 96.33 -26.94
CA GLU C 3433 -71.64 96.98 -27.77
C GLU C 3433 -70.58 97.66 -26.91
N LEU C 3434 -71.01 98.35 -25.85
CA LEU C 3434 -70.06 99.01 -24.96
C LEU C 3434 -69.18 98.00 -24.24
N PHE C 3435 -69.72 96.82 -23.93
CA PHE C 3435 -68.90 95.75 -23.41
C PHE C 3435 -67.74 95.43 -24.34
N ARG C 3436 -68.01 95.41 -25.65
CA ARG C 3436 -66.95 95.15 -26.61
C ARG C 3436 -65.94 96.29 -26.63
N MET C 3437 -66.41 97.54 -26.51
CA MET C 3437 -65.49 98.68 -26.50
C MET C 3437 -64.52 98.62 -25.34
N VAL C 3438 -65.04 98.47 -24.12
CA VAL C 3438 -64.19 98.40 -22.93
C VAL C 3438 -63.30 97.17 -22.99
N GLY C 3439 -63.81 96.06 -23.53
CA GLY C 3439 -62.98 94.88 -23.70
C GLY C 3439 -61.82 95.11 -24.67
N GLU C 3440 -62.09 95.81 -25.77
CA GLU C 3440 -61.03 96.10 -26.73
C GLU C 3440 -59.97 97.01 -26.12
N ILE C 3441 -60.40 98.05 -25.40
CA ILE C 3441 -59.42 98.92 -24.74
C ILE C 3441 -58.60 98.13 -23.73
N PHE C 3442 -59.26 97.25 -22.97
CA PHE C 3442 -58.55 96.47 -21.96
C PHE C 3442 -57.52 95.55 -22.60
N ILE C 3443 -57.92 94.82 -23.65
CA ILE C 3443 -57.01 93.87 -24.28
C ILE C 3443 -55.87 94.63 -24.95
N TYR C 3444 -56.16 95.81 -25.51
CA TYR C 3444 -55.10 96.66 -26.02
C TYR C 3444 -54.11 97.01 -24.91
N TRP C 3445 -54.63 97.26 -23.70
CA TRP C 3445 -53.73 97.58 -22.59
C TRP C 3445 -52.89 96.36 -22.21
N SER C 3446 -53.49 95.18 -22.25
CA SER C 3446 -52.76 93.96 -21.93
C SER C 3446 -51.71 93.62 -22.99
N LYS C 3447 -51.97 93.98 -24.25
CA LYS C 3447 -50.95 93.77 -25.28
C LYS C 3447 -49.80 94.77 -25.16
N SER C 3448 -50.11 96.00 -24.74
CA SER C 3448 -49.14 97.10 -24.80
C SER C 3448 -48.47 97.27 -23.45
N HIS C 3449 -47.21 96.82 -23.36
CA HIS C 3449 -46.49 96.85 -22.09
C HIS C 3449 -46.30 98.29 -21.60
N ASN C 3450 -45.89 99.20 -22.48
CA ASN C 3450 -45.69 100.57 -22.04
C ASN C 3450 -47.02 101.27 -21.77
N PHE C 3451 -48.09 100.84 -22.42
CA PHE C 3451 -49.40 101.39 -22.08
C PHE C 3451 -49.77 101.01 -20.65
N LYS C 3452 -49.41 99.80 -20.23
CA LYS C 3452 -49.44 99.49 -18.80
C LYS C 3452 -48.48 100.40 -18.03
N ARG C 3453 -47.27 100.61 -18.56
CA ARG C 3453 -46.30 101.47 -17.92
C ARG C 3453 -46.84 102.89 -17.76
N GLU C 3454 -47.32 103.48 -18.86
CA GLU C 3454 -47.80 104.85 -18.81
C GLU C 3454 -49.08 104.96 -17.99
N GLU C 3455 -49.91 103.92 -17.99
CA GLU C 3455 -51.08 103.91 -17.11
C GLU C 3455 -50.65 104.04 -15.66
N GLN C 3456 -49.64 103.25 -15.24
CA GLN C 3456 -49.10 103.38 -13.90
C GLN C 3456 -48.44 104.74 -13.70
N ASN C 3457 -47.76 105.24 -14.74
CA ASN C 3457 -47.14 106.57 -14.65
C ASN C 3457 -48.18 107.62 -14.31
N PHE C 3458 -49.28 107.66 -15.05
CA PHE C 3458 -50.29 108.68 -14.78
C PHE C 3458 -51.04 108.40 -13.49
N VAL C 3459 -51.01 107.17 -12.97
CA VAL C 3459 -51.48 106.94 -11.61
C VAL C 3459 -50.65 107.75 -10.62
N VAL C 3460 -49.33 107.74 -10.79
CA VAL C 3460 -48.47 108.43 -9.84
C VAL C 3460 -48.17 109.87 -10.28
N GLN C 3461 -48.18 110.15 -11.59
CA GLN C 3461 -47.96 111.53 -12.05
C GLN C 3461 -49.14 112.42 -11.67
N ASN C 3462 -50.36 111.94 -11.91
CA ASN C 3462 -51.56 112.72 -11.59
C ASN C 3462 -52.14 112.37 -10.22
N GLU C 3463 -51.49 111.48 -9.47
CA GLU C 3463 -51.96 111.06 -8.15
C GLU C 3463 -53.42 110.59 -8.22
N ILE C 3464 -53.68 109.64 -9.11
CA ILE C 3464 -55.04 109.21 -9.40
C ILE C 3464 -55.61 108.44 -8.21
N ASN C 3465 -56.82 108.84 -7.79
CA ASN C 3465 -57.54 108.16 -6.71
C ASN C 3465 -58.48 107.11 -7.33
N ASN C 3466 -57.87 106.05 -7.85
CA ASN C 3466 -58.63 104.99 -8.51
C ASN C 3466 -59.50 104.23 -7.51
N MET C 3467 -58.99 104.04 -6.28
CA MET C 3467 -59.82 103.45 -5.24
C MET C 3467 -61.05 104.31 -4.98
N SER C 3468 -60.91 105.64 -5.11
CA SER C 3468 -62.07 106.53 -4.96
C SER C 3468 -63.10 106.27 -6.06
N PHE C 3469 -62.64 106.04 -7.28
CA PHE C 3469 -63.58 105.71 -8.36
C PHE C 3469 -64.29 104.39 -8.06
N LEU C 3470 -63.59 103.42 -7.48
CA LEU C 3470 -64.27 102.17 -7.11
C LEU C 3470 -65.31 102.40 -6.02
N THR C 3471 -64.94 103.09 -4.95
CA THR C 3471 -65.85 103.22 -3.81
C THR C 3471 -66.93 104.27 -4.14
N ALA C 3472 -68.18 103.84 -4.16
CA ALA C 3472 -69.30 104.75 -4.36
C ALA C 3472 -69.70 105.35 -3.02
N ASP C 3473 -69.71 106.68 -2.94
CA ASP C 3473 -70.13 107.35 -1.71
C ASP C 3473 -71.59 107.07 -1.40
N SER C 3474 -72.45 107.12 -2.42
CA SER C 3474 -73.87 106.83 -2.28
C SER C 3474 -74.54 107.66 -1.17
N SER C 3504 -49.25 98.04 -10.61
CA SER C 3504 -48.81 98.04 -9.22
C SER C 3504 -49.97 98.24 -8.26
N VAL C 3505 -50.90 99.12 -8.61
CA VAL C 3505 -52.02 99.45 -7.74
C VAL C 3505 -53.01 98.30 -7.69
N GLN C 3506 -52.96 97.43 -8.71
CA GLN C 3506 -53.90 96.32 -8.87
C GLN C 3506 -55.35 96.74 -8.67
N THR C 3507 -55.66 97.98 -9.04
CA THR C 3507 -57.01 98.53 -8.97
C THR C 3507 -57.22 99.58 -10.04
N SER C 3508 -56.64 99.37 -11.22
CA SER C 3508 -56.82 100.28 -12.33
C SER C 3508 -58.27 100.24 -12.81
N LEU C 3509 -58.64 101.25 -13.60
CA LEU C 3509 -60.00 101.30 -14.10
C LEU C 3509 -60.21 100.38 -15.29
N ILE C 3510 -59.18 100.20 -16.12
CA ILE C 3510 -59.33 99.36 -17.31
C ILE C 3510 -59.63 97.91 -16.92
N VAL C 3511 -59.07 97.44 -15.80
CA VAL C 3511 -59.47 96.15 -15.27
C VAL C 3511 -60.79 96.25 -14.51
N ALA C 3512 -61.00 97.37 -13.82
CA ALA C 3512 -62.23 97.56 -13.04
C ALA C 3512 -63.46 97.58 -13.95
N THR C 3513 -63.34 98.19 -15.13
CA THR C 3513 -64.50 98.32 -16.00
C THR C 3513 -65.02 96.98 -16.50
N LEU C 3514 -64.15 95.96 -16.64
CA LEU C 3514 -64.68 94.64 -16.98
C LEU C 3514 -65.29 93.93 -15.78
N LYS C 3515 -64.65 94.00 -14.61
CA LYS C 3515 -65.27 93.45 -13.40
C LYS C 3515 -66.68 94.03 -13.23
N LYS C 3516 -66.91 95.17 -13.86
CA LYS C 3516 -68.14 95.95 -13.86
C LYS C 3516 -69.09 95.59 -15.00
N MET C 3517 -68.58 95.39 -16.21
CA MET C 3517 -69.39 95.18 -17.41
C MET C 3517 -69.46 93.73 -17.85
N LEU C 3518 -68.82 92.82 -17.13
CA LEU C 3518 -68.76 91.42 -17.55
C LEU C 3518 -70.12 90.73 -17.60
N PRO C 3519 -71.02 90.92 -16.63
CA PRO C 3519 -72.35 90.28 -16.76
C PRO C 3519 -73.09 90.67 -18.03
N ILE C 3520 -72.94 91.92 -18.47
CA ILE C 3520 -73.60 92.36 -19.70
C ILE C 3520 -73.10 91.57 -20.91
N GLY C 3521 -71.78 91.34 -20.97
CA GLY C 3521 -71.23 90.55 -22.05
C GLY C 3521 -71.31 89.05 -21.86
N LEU C 3522 -71.69 88.61 -20.67
CA LEU C 3522 -71.77 87.18 -20.36
C LEU C 3522 -73.17 86.62 -20.47
N ASN C 3523 -74.19 87.44 -20.25
CA ASN C 3523 -75.57 86.97 -20.35
C ASN C 3523 -76.10 86.99 -21.77
N MET C 3524 -75.28 87.38 -22.75
CA MET C 3524 -75.67 87.35 -24.15
C MET C 3524 -75.28 86.05 -24.86
N CYS C 3525 -74.59 85.14 -24.17
CA CYS C 3525 -73.99 83.97 -24.81
C CYS C 3525 -74.38 82.71 -24.04
N ALA C 3526 -75.28 81.91 -24.62
CA ALA C 3526 -75.68 80.64 -24.04
C ALA C 3526 -74.68 79.52 -24.33
N PRO C 3527 -74.27 79.28 -25.59
CA PRO C 3527 -73.40 78.14 -25.86
C PRO C 3527 -72.08 78.23 -25.10
N THR C 3528 -71.67 77.10 -24.53
CA THR C 3528 -70.38 77.01 -23.83
C THR C 3528 -69.28 76.48 -24.75
N ASP C 3529 -69.09 77.14 -25.89
CA ASP C 3529 -67.94 76.84 -26.75
C ASP C 3529 -66.71 77.64 -26.34
N GLN C 3530 -66.87 78.52 -25.35
CA GLN C 3530 -65.77 79.34 -24.88
C GLN C 3530 -64.62 78.50 -24.33
N ASP C 3531 -64.86 77.24 -23.97
CA ASP C 3531 -63.76 76.37 -23.54
C ASP C 3531 -62.85 75.99 -24.71
N LEU C 3532 -63.44 75.58 -25.84
CA LEU C 3532 -62.62 75.28 -27.00
C LEU C 3532 -61.97 76.54 -27.55
N ILE C 3533 -62.69 77.67 -27.49
CA ILE C 3533 -62.04 78.92 -27.87
C ILE C 3533 -60.92 79.24 -26.89
N MET C 3534 -61.09 78.90 -25.61
CA MET C 3534 -60.03 79.07 -24.62
C MET C 3534 -58.80 78.26 -25.01
N LEU C 3535 -59.01 77.05 -25.51
CA LEU C 3535 -57.89 76.26 -26.03
C LEU C 3535 -57.23 76.97 -27.20
N ALA C 3536 -58.01 77.59 -28.07
CA ALA C 3536 -57.42 78.38 -29.15
C ALA C 3536 -56.61 79.55 -28.60
N LYS C 3537 -57.11 80.17 -27.54
CA LYS C 3537 -56.39 81.29 -26.96
C LYS C 3537 -55.10 80.85 -26.27
N THR C 3538 -55.09 79.65 -25.67
CA THR C 3538 -53.81 79.10 -25.24
C THR C 3538 -52.90 78.81 -26.42
N ARG C 3539 -53.48 78.37 -27.55
CA ARG C 3539 -52.68 78.19 -28.76
C ARG C 3539 -52.12 79.50 -29.27
N TYR C 3540 -52.71 80.64 -28.90
CA TYR C 3540 -52.05 81.93 -29.15
C TYR C 3540 -50.62 81.92 -28.61
N ALA C 3541 -50.45 81.56 -27.34
CA ALA C 3541 -49.11 81.44 -26.78
C ALA C 3541 -48.38 80.23 -27.35
N LEU C 3542 -49.13 79.22 -27.81
CA LEU C 3542 -48.56 78.07 -28.50
C LEU C 3542 -48.39 78.31 -29.99
N LYS C 3543 -48.26 79.58 -30.41
CA LYS C 3543 -47.94 79.97 -31.78
C LYS C 3543 -49.09 79.73 -32.76
N ASP C 3544 -50.30 80.11 -32.35
CA ASP C 3544 -51.45 80.18 -33.25
C ASP C 3544 -51.93 81.63 -33.28
N THR C 3545 -51.88 82.24 -34.46
CA THR C 3545 -52.13 83.67 -34.58
C THR C 3545 -53.61 83.95 -34.83
N ASP C 3546 -53.91 85.20 -35.19
CA ASP C 3546 -55.30 85.59 -35.42
C ASP C 3546 -55.91 84.83 -36.58
N GLU C 3547 -55.13 84.57 -37.63
CA GLU C 3547 -55.65 83.77 -38.73
C GLU C 3547 -56.00 82.36 -38.28
N GLU C 3548 -55.14 81.74 -37.47
CA GLU C 3548 -55.41 80.39 -37.00
C GLU C 3548 -56.64 80.36 -36.10
N VAL C 3549 -56.81 81.37 -35.24
CA VAL C 3549 -58.02 81.38 -34.42
C VAL C 3549 -59.25 81.75 -35.25
N ARG C 3550 -59.07 82.40 -36.40
CA ARG C 3550 -60.19 82.54 -37.34
C ARG C 3550 -60.56 81.17 -37.91
N GLU C 3551 -59.58 80.33 -38.23
CA GLU C 3551 -59.88 78.97 -38.66
C GLU C 3551 -60.60 78.20 -37.55
N PHE C 3552 -60.19 78.41 -36.30
CA PHE C 3552 -60.90 77.79 -35.19
C PHE C 3552 -62.32 78.33 -35.06
N LEU C 3553 -62.53 79.61 -35.35
CA LEU C 3553 -63.89 80.14 -35.42
C LEU C 3553 -64.69 79.43 -36.49
N GLN C 3554 -64.07 79.17 -37.65
CA GLN C 3554 -64.75 78.47 -38.73
C GLN C 3554 -65.11 77.04 -38.33
N ASN C 3555 -64.28 76.37 -37.55
CA ASN C 3555 -64.58 75.01 -37.13
C ASN C 3555 -65.34 74.94 -35.80
N ASN C 3556 -65.61 76.08 -35.16
CA ASN C 3556 -66.32 76.07 -33.88
C ASN C 3556 -67.74 75.55 -34.01
N LEU C 3557 -68.41 75.88 -35.13
CA LEU C 3557 -69.86 75.64 -35.23
C LEU C 3557 -70.24 74.16 -35.20
N HIS C 3558 -69.28 73.25 -35.36
CA HIS C 3558 -69.60 71.83 -35.34
C HIS C 3558 -69.63 71.26 -33.93
N LEU C 3559 -69.34 72.06 -32.91
CA LEU C 3559 -69.42 71.64 -31.51
C LEU C 3559 -70.14 72.71 -30.71
N GLN C 3560 -71.31 72.37 -30.17
CA GLN C 3560 -72.10 73.28 -29.36
C GLN C 3560 -72.62 72.53 -28.13
N GLY C 3561 -72.96 73.29 -27.10
CA GLY C 3561 -73.50 72.70 -25.89
C GLY C 3561 -74.91 72.17 -26.09
N LYS C 3562 -75.31 71.31 -25.17
CA LYS C 3562 -76.63 70.69 -25.20
C LYS C 3562 -77.34 70.91 -23.86
N VAL C 3563 -78.67 71.03 -23.93
CA VAL C 3563 -79.46 71.22 -22.73
C VAL C 3563 -79.54 69.94 -21.90
N GLU C 3564 -79.30 68.79 -22.51
CA GLU C 3564 -79.36 67.50 -21.82
C GLU C 3564 -78.01 67.06 -21.25
N GLY C 3565 -76.95 67.84 -21.49
CA GLY C 3565 -75.65 67.46 -20.99
C GLY C 3565 -75.57 67.48 -19.48
N SER C 3566 -76.12 68.53 -18.85
CA SER C 3566 -76.09 68.68 -17.42
C SER C 3566 -77.47 69.06 -16.91
N PRO C 3567 -77.83 68.61 -15.69
CA PRO C 3567 -79.12 69.02 -15.12
C PRO C 3567 -79.24 70.51 -14.93
N SER C 3568 -78.14 71.20 -14.61
CA SER C 3568 -78.20 72.65 -14.44
C SER C 3568 -78.46 73.37 -15.76
N LEU C 3569 -78.04 72.75 -16.87
CA LEU C 3569 -78.26 73.35 -18.18
C LEU C 3569 -79.74 73.54 -18.47
N ARG C 3570 -80.58 72.65 -17.93
CA ARG C 3570 -82.02 72.76 -18.17
C ARG C 3570 -82.57 74.09 -17.64
N TRP C 3571 -82.30 74.39 -16.37
CA TRP C 3571 -82.82 75.64 -15.81
C TRP C 3571 -82.06 76.86 -16.33
N GLN C 3572 -80.77 76.69 -16.65
CA GLN C 3572 -80.03 77.80 -17.26
C GLN C 3572 -80.65 78.20 -18.59
N MET C 3573 -80.93 77.21 -19.45
CA MET C 3573 -81.58 77.50 -20.72
C MET C 3573 -83.01 77.98 -20.53
N ALA C 3574 -83.69 77.49 -19.49
CA ALA C 3574 -85.04 77.96 -19.19
C ALA C 3574 -85.02 79.46 -18.92
N LEU C 3575 -84.11 79.92 -18.06
CA LEU C 3575 -83.99 81.35 -17.81
C LEU C 3575 -83.56 82.11 -19.06
N TYR C 3576 -82.60 81.55 -19.81
CA TYR C 3576 -82.07 82.22 -20.99
C TYR C 3576 -83.16 82.46 -22.03
N ARG C 3577 -84.01 81.46 -22.27
CA ARG C 3577 -85.12 81.62 -23.20
C ARG C 3577 -86.30 82.36 -22.59
N GLY C 3578 -86.42 82.39 -21.27
CA GLY C 3578 -87.46 83.17 -20.63
C GLY C 3578 -87.15 84.64 -20.50
N LEU C 3579 -85.91 85.04 -20.79
CA LEU C 3579 -85.60 86.46 -20.86
C LEU C 3579 -86.48 87.12 -21.90
N PRO C 3580 -87.20 88.19 -21.55
CA PRO C 3580 -88.14 88.78 -22.52
C PRO C 3580 -87.49 89.29 -23.79
N GLY C 3581 -86.28 89.82 -23.69
CA GLY C 3581 -85.58 90.38 -24.84
C GLY C 3581 -84.73 89.41 -25.61
N ARG C 3582 -84.77 88.12 -25.28
CA ARG C 3582 -83.94 87.13 -25.96
C ARG C 3582 -84.37 86.98 -27.42
N GLU C 3583 -83.38 86.79 -28.29
CA GLU C 3583 -83.62 86.64 -29.71
C GLU C 3583 -82.65 85.61 -30.27
N GLU C 3584 -83.03 85.02 -31.40
CA GLU C 3584 -82.21 84.00 -32.06
C GLU C 3584 -81.20 84.59 -33.03
N ASP C 3585 -81.11 85.92 -33.12
CA ASP C 3585 -80.10 86.53 -33.99
C ASP C 3585 -78.70 86.15 -33.56
N ALA C 3586 -78.42 86.16 -32.25
CA ALA C 3586 -77.13 85.69 -31.76
C ALA C 3586 -76.97 84.19 -31.95
N ASP C 3587 -78.07 83.43 -31.82
CA ASP C 3587 -78.02 82.00 -32.03
C ASP C 3587 -77.83 81.62 -33.50
N ASP C 3588 -77.98 82.58 -34.41
CA ASP C 3588 -77.72 82.30 -35.82
C ASP C 3588 -76.24 81.96 -36.01
N PRO C 3589 -75.93 81.11 -37.00
CA PRO C 3589 -74.53 80.64 -37.15
C PRO C 3589 -73.53 81.76 -37.39
N GLU C 3590 -73.95 82.88 -37.96
CA GLU C 3590 -73.00 83.95 -38.26
C GLU C 3590 -72.61 84.73 -37.02
N LYS C 3591 -73.56 84.97 -36.10
CA LYS C 3591 -73.32 85.82 -34.95
C LYS C 3591 -72.82 85.06 -33.73
N ILE C 3592 -73.07 83.76 -33.66
CA ILE C 3592 -72.63 82.97 -32.51
C ILE C 3592 -71.10 83.00 -32.41
N VAL C 3593 -70.42 82.81 -33.54
CA VAL C 3593 -68.97 82.79 -33.53
C VAL C 3593 -68.42 84.15 -33.12
N ARG C 3594 -69.06 85.23 -33.58
CA ARG C 3594 -68.61 86.57 -33.21
C ARG C 3594 -68.74 86.82 -31.72
N ARG C 3595 -69.92 86.54 -31.16
CA ARG C 3595 -70.13 86.80 -29.73
C ARG C 3595 -69.22 85.94 -28.87
N VAL C 3596 -69.08 84.65 -29.22
CA VAL C 3596 -68.24 83.78 -28.40
C VAL C 3596 -66.77 84.17 -28.53
N GLN C 3597 -66.34 84.62 -29.71
CA GLN C 3597 -64.96 85.09 -29.86
C GLN C 3597 -64.70 86.33 -28.99
N GLU C 3598 -65.64 87.28 -29.00
CA GLU C 3598 -65.47 88.48 -28.19
C GLU C 3598 -65.37 88.13 -26.71
N VAL C 3599 -66.30 87.28 -26.24
CA VAL C 3599 -66.29 86.87 -24.84
C VAL C 3599 -65.00 86.14 -24.51
N SER C 3600 -64.56 85.25 -25.39
CA SER C 3600 -63.35 84.47 -25.14
C SER C 3600 -62.13 85.39 -25.04
N ALA C 3601 -62.02 86.38 -25.92
CA ALA C 3601 -60.86 87.26 -25.90
C ALA C 3601 -60.82 88.11 -24.63
N VAL C 3602 -61.95 88.73 -24.29
CA VAL C 3602 -61.96 89.53 -23.06
C VAL C 3602 -61.70 88.65 -21.86
N LEU C 3603 -62.23 87.43 -21.86
CA LEU C 3603 -61.97 86.50 -20.78
C LEU C 3603 -60.51 86.09 -20.73
N TYR C 3604 -59.88 85.82 -21.88
CA TYR C 3604 -58.44 85.68 -21.95
C TYR C 3604 -57.74 86.70 -21.09
N HIS C 3605 -57.86 87.96 -21.51
CA HIS C 3605 -57.03 88.98 -20.88
C HIS C 3605 -57.42 89.17 -19.43
N LEU C 3606 -58.68 88.91 -19.07
CA LEU C 3606 -59.07 88.93 -17.67
C LEU C 3606 -58.36 87.85 -16.86
N GLU C 3607 -58.30 86.62 -17.38
CA GLU C 3607 -57.61 85.56 -16.62
C GLU C 3607 -56.12 85.84 -16.50
N GLN C 3608 -55.49 86.32 -17.58
CA GLN C 3608 -54.06 86.61 -17.49
C GLN C 3608 -53.77 87.82 -16.60
N THR C 3609 -54.73 88.73 -16.44
CA THR C 3609 -54.61 89.70 -15.36
C THR C 3609 -54.77 89.02 -14.00
N GLU C 3610 -55.68 88.06 -13.90
CA GLU C 3610 -55.95 87.39 -12.63
C GLU C 3610 -54.76 86.56 -12.16
N HIS C 3611 -53.96 86.03 -13.09
CA HIS C 3611 -52.83 85.18 -12.74
C HIS C 3611 -51.66 86.05 -12.32
N PRO C 3612 -51.17 85.95 -11.07
CA PRO C 3612 -50.07 86.77 -10.58
C PRO C 3612 -48.71 86.37 -11.14
N THR C 3639 -7.78 104.27 2.52
CA THR C 3639 -7.62 103.28 1.45
C THR C 3639 -6.71 103.72 0.29
N PRO C 3640 -6.82 104.97 -0.20
CA PRO C 3640 -5.93 105.39 -1.29
C PRO C 3640 -4.49 105.51 -0.81
N LEU C 3641 -3.56 105.32 -1.76
CA LEU C 3641 -2.14 105.28 -1.41
C LEU C 3641 -1.62 106.67 -1.03
N TYR C 3642 -2.13 107.73 -1.65
CA TYR C 3642 -1.55 109.05 -1.43
C TYR C 3642 -1.82 109.58 -0.03
N ASN C 3643 -2.71 108.96 0.73
CA ASN C 3643 -2.95 109.34 2.11
C ASN C 3643 -2.05 108.59 3.10
N LEU C 3644 -1.29 107.60 2.63
CA LEU C 3644 -0.47 106.78 3.50
C LEU C 3644 0.86 107.47 3.81
N PRO C 3645 1.47 107.16 4.95
CA PRO C 3645 2.82 107.66 5.23
C PRO C 3645 3.83 107.06 4.28
N THR C 3646 4.95 107.79 4.13
CA THR C 3646 5.96 107.40 3.15
C THR C 3646 6.59 106.05 3.50
N HIS C 3647 6.89 105.82 4.78
CA HIS C 3647 7.62 104.62 5.17
C HIS C 3647 6.77 103.36 4.98
N ARG C 3648 5.49 103.42 5.35
CA ARG C 3648 4.62 102.26 5.17
C ARG C 3648 4.42 101.93 3.70
N ALA C 3649 4.23 102.96 2.87
CA ALA C 3649 4.13 102.75 1.43
C ALA C 3649 5.43 102.18 0.87
N CYS C 3650 6.57 102.63 1.40
CA CYS C 3650 7.85 102.08 0.96
C CYS C 3650 7.98 100.61 1.33
N ASN C 3651 7.53 100.22 2.52
CA ASN C 3651 7.55 98.81 2.90
C ASN C 3651 6.65 97.98 1.99
N MET C 3652 5.45 98.50 1.68
CA MET C 3652 4.56 97.79 0.78
C MET C 3652 5.18 97.66 -0.61
N PHE C 3653 5.83 98.72 -1.09
CA PHE C 3653 6.51 98.66 -2.38
C PHE C 3653 7.63 97.63 -2.36
N LEU C 3654 8.40 97.56 -1.27
CA LEU C 3654 9.46 96.56 -1.17
C LEU C 3654 8.90 95.15 -1.25
N GLU C 3655 7.83 94.88 -0.50
CA GLU C 3655 7.23 93.54 -0.53
C GLU C 3655 6.70 93.21 -1.92
N SER C 3656 6.00 94.15 -2.55
CA SER C 3656 5.43 93.89 -3.87
C SER C 3656 6.53 93.69 -4.91
N TYR C 3657 7.58 94.51 -4.88
CA TYR C 3657 8.67 94.37 -5.84
C TYR C 3657 9.40 93.05 -5.65
N LYS C 3658 9.63 92.64 -4.40
CA LYS C 3658 10.24 91.35 -4.14
C LYS C 3658 9.37 90.21 -4.66
N ALA C 3659 8.06 90.30 -4.46
CA ALA C 3659 7.17 89.22 -4.88
C ALA C 3659 6.99 89.17 -6.39
N ALA C 3660 7.11 90.31 -7.08
CA ALA C 3660 6.77 90.38 -8.50
C ALA C 3660 8.00 90.33 -9.42
N TRP C 3661 9.03 91.12 -9.14
CA TRP C 3661 10.14 91.28 -10.06
C TRP C 3661 11.33 90.38 -9.72
N ILE C 3662 11.81 90.43 -8.48
CA ILE C 3662 13.00 89.66 -8.11
C ILE C 3662 12.69 88.17 -8.12
N LEU C 3663 11.56 87.78 -7.52
CA LEU C 3663 11.24 86.36 -7.39
C LEU C 3663 11.03 85.70 -8.75
N THR C 3664 10.34 86.39 -9.66
CA THR C 3664 10.05 85.81 -10.96
C THR C 3664 11.26 85.76 -11.89
N GLU C 3665 12.34 86.46 -11.55
CA GLU C 3665 13.54 86.42 -12.38
C GLU C 3665 14.16 85.04 -12.34
N ASP C 3666 14.70 84.61 -13.49
CA ASP C 3666 15.30 83.29 -13.65
C ASP C 3666 16.79 83.43 -13.93
N HIS C 3667 17.61 82.74 -13.15
CA HIS C 3667 19.05 82.71 -13.35
C HIS C 3667 19.52 81.27 -13.34
N SER C 3668 20.32 80.90 -14.34
CA SER C 3668 20.82 79.54 -14.49
C SER C 3668 22.32 79.54 -14.23
N PHE C 3669 22.72 79.01 -13.08
CA PHE C 3669 24.13 78.90 -12.71
C PHE C 3669 24.54 77.51 -12.26
N GLU C 3670 23.59 76.59 -12.07
CA GLU C 3670 23.92 75.27 -11.54
C GLU C 3670 24.87 74.52 -12.48
N ASP C 3671 24.53 74.48 -13.77
CA ASP C 3671 25.36 73.72 -14.71
C ASP C 3671 26.74 74.32 -14.85
N ARG C 3672 26.84 75.65 -14.96
CA ARG C 3672 28.14 76.29 -15.10
C ARG C 3672 28.99 76.08 -13.86
N MET C 3673 28.40 76.25 -12.67
CA MET C 3673 29.17 76.06 -11.44
C MET C 3673 29.60 74.61 -11.28
N ILE C 3674 28.74 73.66 -11.66
CA ILE C 3674 29.10 72.25 -11.57
C ILE C 3674 30.24 71.93 -12.53
N ASP C 3675 30.20 72.49 -13.74
CA ASP C 3675 31.28 72.27 -14.69
C ASP C 3675 32.60 72.86 -14.17
N ASP C 3676 32.54 74.07 -13.61
CA ASP C 3676 33.76 74.69 -13.07
C ASP C 3676 34.33 73.88 -11.92
N LEU C 3677 33.47 73.35 -11.04
CA LEU C 3677 33.94 72.52 -9.95
C LEU C 3677 34.46 71.18 -10.45
N SER C 3678 33.88 70.64 -11.52
CA SER C 3678 34.30 69.35 -12.04
C SER C 3678 35.62 69.45 -12.78
N LYS C 3679 35.95 70.61 -13.32
CA LYS C 3679 37.26 70.79 -13.94
C LYS C 3679 38.37 70.50 -12.94
N ALA C 3680 39.28 69.60 -13.31
CA ALA C 3680 40.29 69.11 -12.39
C ALA C 3680 41.50 70.03 -12.27
N GLY C 3681 41.67 70.98 -13.18
CA GLY C 3681 42.81 71.87 -13.10
C GLY C 3681 44.12 71.15 -13.34
N GLU C 3682 45.11 71.44 -12.49
CA GLU C 3682 46.45 70.89 -12.60
C GLU C 3682 46.69 69.72 -11.66
N GLN C 3683 45.64 69.20 -11.01
CA GLN C 3683 45.79 68.15 -10.02
C GLN C 3683 46.28 66.84 -10.62
N GLU C 3684 46.24 66.68 -11.95
CA GLU C 3684 46.76 65.49 -12.60
C GLU C 3684 48.07 65.76 -13.33
N GLU C 3685 48.57 66.99 -13.29
CA GLU C 3685 49.79 67.36 -14.01
C GLU C 3685 50.91 67.84 -13.11
N GLU C 3686 50.61 68.47 -11.98
CA GLU C 3686 51.67 68.97 -11.11
C GLU C 3686 52.44 67.84 -10.42
N GLU C 3687 51.85 66.65 -10.33
CA GLU C 3687 52.51 65.51 -9.69
C GLU C 3687 51.82 64.24 -10.17
N GLU C 3688 52.58 63.37 -10.83
CA GLU C 3688 52.02 62.18 -11.49
C GLU C 3688 52.28 60.90 -10.70
N GLU C 3689 52.22 60.95 -9.37
CA GLU C 3689 52.47 59.76 -8.56
C GLU C 3689 51.20 58.95 -8.31
N VAL C 3690 50.20 59.58 -7.70
CA VAL C 3690 48.96 58.91 -7.32
C VAL C 3690 47.79 59.64 -7.96
N GLU C 3691 46.90 58.90 -8.60
CA GLU C 3691 45.71 59.49 -9.19
C GLU C 3691 44.81 60.08 -8.11
N GLU C 3692 44.28 61.27 -8.39
CA GLU C 3692 43.41 61.99 -7.45
C GLU C 3692 44.08 62.18 -6.09
N LYS C 3693 45.39 62.47 -6.11
CA LYS C 3693 46.07 62.88 -4.89
C LYS C 3693 45.41 64.12 -4.29
N LYS C 3694 44.88 65.00 -5.14
CA LYS C 3694 44.17 66.20 -4.73
C LYS C 3694 42.81 66.13 -5.43
N PRO C 3695 41.85 65.41 -4.84
CA PRO C 3695 40.59 65.13 -5.55
C PRO C 3695 39.89 66.41 -5.99
N ASP C 3696 39.19 66.30 -7.12
CA ASP C 3696 38.38 67.35 -7.73
C ASP C 3696 37.57 68.08 -6.67
N PRO C 3697 37.40 69.41 -6.79
CA PRO C 3697 36.62 70.13 -5.78
C PRO C 3697 35.24 69.55 -5.52
N LEU C 3698 34.55 69.08 -6.56
CA LEU C 3698 33.27 68.42 -6.36
C LEU C 3698 33.43 67.14 -5.55
N HIS C 3699 34.51 66.39 -5.82
CA HIS C 3699 34.77 65.17 -5.05
C HIS C 3699 35.02 65.50 -3.59
N GLN C 3700 35.77 66.57 -3.32
CA GLN C 3700 36.02 66.98 -1.94
C GLN C 3700 34.73 67.42 -1.26
N LEU C 3701 33.87 68.13 -1.99
CA LEU C 3701 32.59 68.55 -1.43
C LEU C 3701 31.73 67.36 -1.05
N VAL C 3702 31.61 66.39 -1.94
CA VAL C 3702 30.78 65.23 -1.65
C VAL C 3702 31.41 64.38 -0.54
N LEU C 3703 32.75 64.33 -0.47
CA LEU C 3703 33.40 63.63 0.63
C LEU C 3703 33.13 64.32 1.96
N HIS C 3704 33.13 65.65 1.97
CA HIS C 3704 32.80 66.38 3.20
C HIS C 3704 31.37 66.10 3.64
N PHE C 3705 30.43 66.10 2.69
CA PHE C 3705 29.05 65.78 3.04
C PHE C 3705 28.92 64.34 3.55
N SER C 3706 29.67 63.41 2.95
CA SER C 3706 29.65 62.02 3.43
C SER C 3706 30.22 61.93 4.84
N ARG C 3707 31.26 62.71 5.13
CA ARG C 3707 31.82 62.74 6.48
C ARG C 3707 30.80 63.24 7.48
N THR C 3708 30.10 64.33 7.14
CA THR C 3708 29.05 64.83 8.02
C THR C 3708 27.93 63.81 8.20
N ALA C 3709 27.64 63.04 7.15
CA ALA C 3709 26.66 61.97 7.27
C ALA C 3709 27.12 60.90 8.25
N LEU C 3710 28.35 60.42 8.08
CA LEU C 3710 28.86 59.31 8.87
C LEU C 3710 29.22 59.72 10.29
N THR C 3711 29.32 61.01 10.58
CA THR C 3711 29.56 61.45 11.95
C THR C 3711 28.44 60.98 12.86
N GLU C 3712 28.81 60.39 14.00
CA GLU C 3712 27.82 59.85 14.93
C GLU C 3712 27.16 60.98 15.69
N LYS C 3713 25.86 61.15 15.49
CA LYS C 3713 25.09 62.19 16.15
C LYS C 3713 23.79 61.58 16.70
N SER C 3714 23.24 62.25 17.71
CA SER C 3714 21.95 61.81 18.26
C SER C 3714 20.85 61.93 17.21
N LYS C 3715 20.85 63.02 16.44
CA LYS C 3715 19.87 63.21 15.39
C LYS C 3715 20.45 64.14 14.34
N LEU C 3716 19.86 64.10 13.14
CA LEU C 3716 20.29 65.00 12.08
C LEU C 3716 19.80 66.41 12.34
N ASP C 3717 20.55 67.39 11.82
CA ASP C 3717 20.22 68.79 11.99
C ASP C 3717 20.15 69.47 10.63
N GLU C 3718 19.42 70.57 10.57
CA GLU C 3718 19.25 71.31 9.33
C GLU C 3718 20.58 71.87 8.85
N ASP C 3719 20.78 71.87 7.54
CA ASP C 3719 22.00 72.40 6.93
C ASP C 3719 21.60 73.08 5.61
N TYR C 3720 21.51 74.41 5.66
CA TYR C 3720 21.13 75.16 4.47
C TYR C 3720 22.16 75.00 3.36
N LEU C 3721 23.44 74.91 3.72
CA LEU C 3721 24.48 74.70 2.73
C LEU C 3721 24.28 73.37 2.01
N TYR C 3722 24.03 72.30 2.78
CA TYR C 3722 23.79 70.99 2.16
C TYR C 3722 22.55 71.02 1.29
N MET C 3723 21.46 71.64 1.76
CA MET C 3723 20.24 71.68 0.96
C MET C 3723 20.47 72.42 -0.34
N ALA C 3724 21.16 73.58 -0.29
CA ALA C 3724 21.42 74.35 -1.49
C ALA C 3724 22.30 73.57 -2.46
N TYR C 3725 23.35 72.91 -1.96
CA TYR C 3725 24.24 72.18 -2.86
C TYR C 3725 23.54 70.96 -3.45
N ALA C 3726 22.69 70.29 -2.68
CA ALA C 3726 21.91 69.18 -3.23
C ALA C 3726 20.97 69.66 -4.32
N ASP C 3727 20.32 70.80 -4.10
CA ASP C 3727 19.46 71.36 -5.14
C ASP C 3727 20.26 71.71 -6.39
N ILE C 3728 21.43 72.29 -6.22
CA ILE C 3728 22.27 72.65 -7.38
C ILE C 3728 22.67 71.40 -8.16
N MET C 3729 23.09 70.35 -7.44
CA MET C 3729 23.51 69.12 -8.10
C MET C 3729 22.36 68.47 -8.84
N ALA C 3730 21.18 68.41 -8.20
CA ALA C 3730 20.01 67.82 -8.83
C ALA C 3730 19.61 68.60 -10.08
N LYS C 3731 19.62 69.93 -10.00
CA LYS C 3731 19.27 70.73 -11.15
C LYS C 3731 20.28 70.56 -12.28
N SER C 3732 21.57 70.45 -11.94
CA SER C 3732 22.59 70.26 -12.95
C SER C 3732 22.43 68.93 -13.67
N CYS C 3733 22.18 67.86 -12.92
CA CYS C 3733 22.08 66.54 -13.54
C CYS C 3733 20.70 66.22 -14.08
N HIS C 3734 19.70 67.07 -13.83
CA HIS C 3734 18.34 66.85 -14.33
C HIS C 3734 18.05 67.61 -15.62
N LEU C 3735 19.04 68.29 -16.19
CA LEU C 3735 18.79 69.10 -17.38
C LEU C 3735 18.32 68.24 -18.56
N GLU C 3736 19.06 67.17 -18.84
CA GLU C 3736 18.67 66.30 -19.95
C GLU C 3736 17.39 65.54 -19.65
N GLU C 3737 17.16 65.18 -18.38
CA GLU C 3737 15.92 64.52 -18.02
C GLU C 3737 14.71 65.43 -18.26
N GLY C 3738 14.84 66.70 -17.93
CA GLY C 3738 13.78 67.67 -18.20
C GLY C 3738 13.78 68.21 -19.60
N GLY C 3739 14.76 67.86 -20.42
CA GLY C 3739 14.84 68.33 -21.78
C GLY C 3739 15.66 69.58 -22.00
N GLU C 3740 16.15 70.21 -20.94
CA GLU C 3740 16.97 71.41 -21.06
C GLU C 3740 18.45 71.08 -20.97
N GLU C 3747 1.71 67.80 -32.36
CA GLU C 3747 2.21 68.83 -31.47
C GLU C 3747 3.71 69.06 -31.71
N GLU C 3748 4.53 68.24 -31.07
CA GLU C 3748 5.97 68.36 -31.21
C GLU C 3748 6.41 67.89 -32.59
N VAL C 3749 7.56 68.42 -33.04
CA VAL C 3749 8.13 68.05 -34.33
C VAL C 3749 8.68 66.63 -34.24
N GLU C 3750 8.99 66.03 -35.38
CA GLU C 3750 9.52 64.67 -35.40
C GLU C 3750 10.92 64.66 -34.80
N VAL C 3751 11.15 63.76 -33.85
CA VAL C 3751 12.43 63.61 -33.18
C VAL C 3751 12.96 62.22 -33.50
N SER C 3752 14.17 62.18 -34.07
CA SER C 3752 14.77 60.89 -34.43
C SER C 3752 15.16 60.13 -33.17
N PHE C 3753 15.07 58.80 -33.26
CA PHE C 3753 15.51 57.97 -32.15
C PHE C 3753 17.00 58.15 -31.89
N GLU C 3754 17.77 58.54 -32.91
CA GLU C 3754 19.17 58.88 -32.68
C GLU C 3754 19.30 60.16 -31.86
N GLU C 3755 18.39 61.11 -32.06
CA GLU C 3755 18.37 62.30 -31.21
C GLU C 3755 17.98 61.95 -29.78
N LYS C 3756 17.03 61.02 -29.62
CA LYS C 3756 16.71 60.53 -28.29
C LYS C 3756 17.94 59.87 -27.65
N GLU C 3757 18.69 59.10 -28.43
CA GLU C 3757 19.92 58.50 -27.92
C GLU C 3757 20.94 59.57 -27.53
N MET C 3758 21.06 60.64 -28.32
CA MET C 3758 22.03 61.68 -27.99
C MET C 3758 21.67 62.39 -26.70
N GLU C 3759 20.39 62.72 -26.50
CA GLU C 3759 20.01 63.32 -25.22
C GLU C 3759 20.14 62.31 -24.08
N LYS C 3760 19.96 61.02 -24.37
CA LYS C 3760 20.21 60.00 -23.35
C LYS C 3760 21.68 59.98 -22.96
N GLN C 3761 22.59 60.12 -23.93
CA GLN C 3761 24.01 60.19 -23.61
C GLN C 3761 24.33 61.43 -22.79
N ARG C 3762 23.69 62.56 -23.11
CA ARG C 3762 23.84 63.75 -22.29
C ARG C 3762 23.44 63.46 -20.84
N LEU C 3763 22.29 62.80 -20.66
CA LEU C 3763 21.83 62.49 -19.31
C LEU C 3763 22.79 61.55 -18.59
N LEU C 3764 23.29 60.53 -19.29
CA LEU C 3764 24.21 59.59 -18.68
C LEU C 3764 25.52 60.26 -18.28
N TYR C 3765 26.02 61.17 -19.13
CA TYR C 3765 27.25 61.89 -18.78
C TYR C 3765 27.03 62.80 -17.57
N GLN C 3766 25.89 63.48 -17.52
CA GLN C 3766 25.59 64.35 -16.38
C GLN C 3766 25.47 63.53 -15.10
N GLN C 3767 24.86 62.34 -15.18
CA GLN C 3767 24.76 61.49 -14.00
C GLN C 3767 26.11 60.90 -13.62
N SER C 3768 26.98 60.65 -14.61
CA SER C 3768 28.31 60.14 -14.33
C SER C 3768 29.14 61.17 -13.58
N ARG C 3769 29.02 62.44 -13.97
CA ARG C 3769 29.78 63.49 -13.29
C ARG C 3769 29.54 63.48 -11.78
N LEU C 3770 28.35 63.06 -11.36
CA LEU C 3770 28.02 63.03 -9.93
C LEU C 3770 28.23 61.66 -9.29
N HIS C 3771 27.90 60.57 -9.97
CA HIS C 3771 28.01 59.27 -9.33
C HIS C 3771 29.40 58.66 -9.43
N THR C 3772 30.30 59.26 -10.21
CA THR C 3772 31.69 58.82 -10.21
C THR C 3772 32.50 59.43 -9.08
N ARG C 3773 31.84 60.10 -8.13
CA ARG C 3773 32.53 60.80 -7.06
C ARG C 3773 31.99 60.51 -5.67
N GLY C 3774 30.83 59.88 -5.53
CA GLY C 3774 30.34 59.49 -4.22
C GLY C 3774 28.92 59.91 -3.90
N ALA C 3775 28.21 60.47 -4.88
CA ALA C 3775 26.84 60.91 -4.65
C ALA C 3775 25.93 59.73 -4.36
N ALA C 3776 26.15 58.60 -5.04
CA ALA C 3776 25.31 57.42 -4.83
C ALA C 3776 25.40 56.92 -3.39
N GLU C 3777 26.56 57.07 -2.76
CA GLU C 3777 26.69 56.68 -1.36
C GLU C 3777 26.23 57.78 -0.42
N MET C 3778 26.42 59.05 -0.80
CA MET C 3778 25.97 60.16 0.03
C MET C 3778 24.46 60.14 0.20
N VAL C 3779 23.72 59.86 -0.89
CA VAL C 3779 22.26 59.85 -0.80
C VAL C 3779 21.76 58.69 0.05
N LEU C 3780 22.58 57.65 0.25
CA LEU C 3780 22.19 56.56 1.15
C LEU C 3780 22.55 56.88 2.60
N GLN C 3781 23.71 57.48 2.84
CA GLN C 3781 24.09 57.84 4.20
C GLN C 3781 23.16 58.92 4.76
N MET C 3782 22.75 59.87 3.92
CA MET C 3782 21.75 60.86 4.35
C MET C 3782 20.47 60.18 4.82
N ILE C 3783 19.95 59.24 4.02
CA ILE C 3783 18.70 58.57 4.38
C ILE C 3783 18.88 57.75 5.65
N SER C 3784 20.03 57.09 5.79
CA SER C 3784 20.29 56.31 7.00
C SER C 3784 20.34 57.21 8.23
N ALA C 3785 20.96 58.38 8.11
CA ALA C 3785 21.09 59.29 9.25
C ALA C 3785 19.81 60.05 9.54
N CYS C 3786 18.88 60.13 8.59
CA CYS C 3786 17.63 60.84 8.83
C CYS C 3786 16.83 60.19 9.96
N LYS C 3787 17.01 58.89 10.20
CA LYS C 3787 16.33 58.17 11.27
C LYS C 3787 14.82 58.25 11.16
N GLY C 3788 14.31 58.24 9.93
CA GLY C 3788 12.88 58.26 9.71
C GLY C 3788 12.17 59.52 10.17
N GLU C 3789 12.75 60.68 9.90
CA GLU C 3789 12.14 61.96 10.24
C GLU C 3789 11.95 62.78 8.97
N THR C 3790 10.73 63.25 8.74
CA THR C 3790 10.41 64.02 7.56
C THR C 3790 10.94 65.44 7.68
N GLY C 3791 11.53 65.95 6.61
CA GLY C 3791 12.05 67.30 6.62
C GLY C 3791 12.67 67.66 5.29
N ALA C 3792 13.14 68.91 5.21
CA ALA C 3792 13.76 69.39 4.00
C ALA C 3792 15.02 68.61 3.66
N MET C 3793 15.74 68.12 4.68
CA MET C 3793 16.95 67.34 4.43
C MET C 3793 16.62 66.06 3.66
N VAL C 3794 15.66 65.28 4.16
CA VAL C 3794 15.30 64.04 3.48
C VAL C 3794 14.63 64.32 2.16
N SER C 3795 13.88 65.43 2.05
CA SER C 3795 13.28 65.78 0.77
C SER C 3795 14.34 66.06 -0.29
N SER C 3796 15.37 66.83 0.08
CA SER C 3796 16.46 67.11 -0.85
C SER C 3796 17.23 65.84 -1.19
N THR C 3797 17.45 64.97 -0.21
CA THR C 3797 18.13 63.72 -0.47
C THR C 3797 17.35 62.86 -1.47
N LEU C 3798 16.04 62.75 -1.28
CA LEU C 3798 15.22 61.96 -2.19
C LEU C 3798 15.21 62.57 -3.59
N LYS C 3799 15.13 63.90 -3.69
CA LYS C 3799 15.15 64.54 -5.00
C LYS C 3799 16.48 64.31 -5.71
N LEU C 3800 17.59 64.42 -4.98
CA LEU C 3800 18.89 64.16 -5.58
C LEU C 3800 19.02 62.71 -6.02
N GLY C 3801 18.53 61.77 -5.20
CA GLY C 3801 18.57 60.38 -5.57
C GLY C 3801 17.74 60.08 -6.80
N ILE C 3802 16.56 60.69 -6.90
CA ILE C 3802 15.72 60.50 -8.08
C ILE C 3802 16.41 61.06 -9.32
N SER C 3803 17.03 62.24 -9.19
CA SER C 3803 17.73 62.82 -10.32
C SER C 3803 18.89 61.94 -10.78
N ILE C 3804 19.61 61.34 -9.81
CA ILE C 3804 20.68 60.43 -10.17
C ILE C 3804 20.14 59.18 -10.85
N LEU C 3805 19.04 58.64 -10.33
CA LEU C 3805 18.50 57.35 -10.77
C LEU C 3805 17.59 57.46 -11.98
N ASN C 3806 17.33 58.66 -12.49
CA ASN C 3806 16.47 58.80 -13.67
C ASN C 3806 17.01 57.96 -14.82
N GLY C 3807 16.12 57.17 -15.41
CA GLY C 3807 16.51 56.17 -16.39
C GLY C 3807 16.79 54.81 -15.80
N GLY C 3808 16.92 54.70 -14.48
CA GLY C 3808 17.16 53.43 -13.82
C GLY C 3808 18.46 52.76 -14.24
N ASN C 3809 19.55 53.52 -14.27
CA ASN C 3809 20.79 52.99 -14.82
C ASN C 3809 21.50 52.02 -13.88
N ALA C 3810 21.95 50.92 -14.47
CA ALA C 3810 22.54 49.82 -13.72
C ALA C 3810 23.82 50.23 -13.00
N GLU C 3811 24.52 51.25 -13.48
CA GLU C 3811 25.75 51.67 -12.81
C GLU C 3811 25.46 52.10 -11.38
N VAL C 3812 24.54 53.06 -11.19
CA VAL C 3812 24.29 53.51 -9.83
C VAL C 3812 23.44 52.49 -9.08
N GLN C 3813 22.59 51.72 -9.79
CA GLN C 3813 21.87 50.66 -9.08
C GLN C 3813 22.83 49.66 -8.45
N GLN C 3814 23.84 49.23 -9.22
CA GLN C 3814 24.84 48.29 -8.73
C GLN C 3814 25.70 48.92 -7.65
N LYS C 3815 26.06 50.19 -7.79
CA LYS C 3815 26.85 50.83 -6.75
C LYS C 3815 26.08 50.90 -5.44
N MET C 3816 24.81 51.27 -5.49
CA MET C 3816 23.99 51.30 -4.27
C MET C 3816 23.86 49.92 -3.66
N LEU C 3817 23.60 48.90 -4.49
CA LEU C 3817 23.46 47.54 -3.97
C LEU C 3817 24.75 47.06 -3.33
N ASP C 3818 25.89 47.34 -3.97
CA ASP C 3818 27.17 46.93 -3.41
C ASP C 3818 27.45 47.62 -2.08
N TYR C 3819 27.16 48.92 -2.00
CA TYR C 3819 27.35 49.63 -0.75
C TYR C 3819 26.47 49.03 0.36
N LEU C 3820 25.21 48.77 0.05
CA LEU C 3820 24.30 48.22 1.07
C LEU C 3820 24.78 46.85 1.52
N LYS C 3821 25.16 45.98 0.58
CA LYS C 3821 25.58 44.64 0.94
C LYS C 3821 26.92 44.63 1.67
N ASP C 3822 27.79 45.60 1.38
CA ASP C 3822 29.08 45.67 2.07
C ASP C 3822 28.91 46.18 3.49
N LYS C 3823 28.08 47.21 3.68
CA LYS C 3823 27.92 47.76 5.03
C LYS C 3823 27.05 46.89 5.92
N LYS C 3824 26.04 46.22 5.35
CA LYS C 3824 25.16 45.33 6.11
C LYS C 3824 24.52 46.04 7.29
N GLU C 3825 23.94 47.21 7.03
CA GLU C 3825 23.28 48.00 8.04
C GLU C 3825 21.76 47.92 7.88
N VAL C 3826 21.05 48.20 8.97
CA VAL C 3826 19.59 48.17 8.97
C VAL C 3826 18.97 49.56 9.09
N GLY C 3827 19.77 50.58 9.39
CA GLY C 3827 19.22 51.91 9.59
C GLY C 3827 18.55 52.47 8.34
N PHE C 3828 19.11 52.15 7.18
CA PHE C 3828 18.53 52.64 5.92
C PHE C 3828 17.08 52.17 5.76
N PHE C 3829 16.87 50.86 5.88
CA PHE C 3829 15.52 50.33 5.69
C PHE C 3829 14.61 50.68 6.86
N GLN C 3830 15.16 50.80 8.07
CA GLN C 3830 14.34 51.25 9.19
C GLN C 3830 13.83 52.68 8.95
N SER C 3831 14.69 53.56 8.47
CA SER C 3831 14.28 54.93 8.15
C SER C 3831 13.27 54.94 7.01
N ILE C 3832 13.48 54.10 5.99
CA ILE C 3832 12.52 54.03 4.88
C ILE C 3832 11.15 53.59 5.40
N GLN C 3833 11.12 52.56 6.25
CA GLN C 3833 9.86 52.08 6.79
C GLN C 3833 9.17 53.14 7.64
N ALA C 3834 9.94 53.86 8.47
CA ALA C 3834 9.35 54.90 9.29
C ALA C 3834 8.78 56.02 8.42
N LEU C 3835 9.52 56.44 7.40
CA LEU C 3835 9.02 57.50 6.51
C LEU C 3835 7.76 57.06 5.79
N MET C 3836 7.70 55.79 5.38
CA MET C 3836 6.50 55.28 4.74
C MET C 3836 5.32 55.26 5.72
N GLN C 3837 5.59 54.88 6.98
CA GLN C 3837 4.51 54.81 7.96
C GLN C 3837 3.96 56.19 8.29
N THR C 3838 4.80 57.22 8.31
CA THR C 3838 4.34 58.57 8.63
C THR C 3838 3.78 59.32 7.43
N CYS C 3839 3.34 58.62 6.39
CA CYS C 3839 2.70 59.27 5.26
C CYS C 3839 1.24 59.59 5.58
N SER C 3840 0.69 60.56 4.84
CA SER C 3840 -0.64 61.08 5.10
C SER C 3840 -1.62 60.62 4.03
N VAL C 3841 -2.90 60.64 4.38
CA VAL C 3841 -4.00 60.29 3.48
C VAL C 3841 -5.09 61.35 3.61
N LEU C 3842 -6.20 61.13 2.91
CA LEU C 3842 -7.32 62.06 2.96
C LEU C 3842 -7.91 62.13 4.36
N ASP C 3843 -8.30 63.34 4.77
CA ASP C 3843 -8.88 63.58 6.09
C ASP C 3843 -10.11 64.46 5.92
N LEU C 3844 -11.29 63.85 5.91
CA LEU C 3844 -12.52 64.60 5.67
C LEU C 3844 -12.90 65.47 6.86
N ASN C 3845 -12.47 65.13 8.07
CA ASN C 3845 -12.71 66.02 9.21
C ASN C 3845 -11.96 67.33 9.04
N ALA C 3846 -10.67 67.25 8.69
CA ALA C 3846 -9.92 68.45 8.37
C ALA C 3846 -10.50 69.17 7.16
N PHE C 3847 -11.03 68.42 6.19
CA PHE C 3847 -11.66 69.04 5.05
C PHE C 3847 -12.89 69.85 5.46
N GLU C 3848 -13.71 69.30 6.36
CA GLU C 3848 -14.88 70.03 6.85
C GLU C 3848 -14.47 71.27 7.63
N ARG C 3849 -13.44 71.15 8.47
CA ARG C 3849 -12.95 72.33 9.19
C ARG C 3849 -12.47 73.40 8.22
N GLN C 3850 -11.73 73.00 7.18
CA GLN C 3850 -11.26 73.95 6.18
C GLN C 3850 -12.41 74.61 5.45
N ASN C 3851 -13.44 73.82 5.07
CA ASN C 3851 -14.58 74.38 4.37
C ASN C 3851 -15.30 75.42 5.23
N LYS C 3852 -15.53 75.09 6.50
CA LYS C 3852 -16.21 76.04 7.37
C LYS C 3852 -15.39 77.31 7.57
N ALA C 3853 -14.09 77.16 7.81
CA ALA C 3853 -13.23 78.32 8.02
C ALA C 3853 -13.18 79.20 6.78
N GLU C 3854 -13.07 78.60 5.60
CA GLU C 3854 -13.04 79.38 4.36
C GLU C 3854 -14.38 80.05 4.10
N GLY C 3855 -15.49 79.35 4.39
CA GLY C 3855 -16.80 79.94 4.16
C GLY C 3855 -17.08 81.12 5.08
N LEU C 3856 -16.67 81.02 6.34
CA LEU C 3856 -16.92 82.11 7.27
C LEU C 3856 -16.06 83.34 6.99
N GLY C 3857 -15.07 83.23 6.10
CA GLY C 3857 -14.25 84.37 5.75
C GLY C 3857 -13.11 84.66 6.69
N MET C 3858 -12.64 83.65 7.42
CA MET C 3858 -11.57 83.77 8.42
C MET C 3858 -11.62 85.08 9.21
N GLN C 3869 -8.61 78.71 2.84
CA GLN C 3869 -8.28 77.75 1.79
C GLN C 3869 -6.79 77.41 1.80
N ASN C 3870 -6.48 76.12 1.97
CA ASN C 3870 -5.10 75.67 2.01
C ASN C 3870 -5.06 74.17 1.75
N GLY C 3871 -4.18 73.74 0.84
CA GLY C 3871 -3.98 72.32 0.62
C GLY C 3871 -3.33 71.60 1.78
N GLU C 3872 -2.77 72.35 2.73
CA GLU C 3872 -2.17 71.74 3.92
C GLU C 3872 -3.20 70.98 4.74
N LYS C 3873 -4.47 71.40 4.67
CA LYS C 3873 -5.51 70.76 5.49
C LYS C 3873 -5.69 69.30 5.13
N VAL C 3874 -5.72 68.99 3.83
CA VAL C 3874 -6.02 67.64 3.35
C VAL C 3874 -4.88 67.18 2.45
N MET C 3875 -4.29 66.04 2.79
CA MET C 3875 -3.26 65.39 1.99
C MET C 3875 -2.10 66.34 1.65
N ALA C 3876 -1.42 66.78 2.71
CA ALA C 3876 -0.16 67.46 2.54
C ALA C 3876 0.96 66.44 2.36
N ASP C 3877 2.15 66.93 1.98
CA ASP C 3877 3.33 66.10 1.76
C ASP C 3877 3.11 65.07 0.66
N ASP C 3878 2.14 65.32 -0.24
CA ASP C 3878 1.91 64.42 -1.36
C ASP C 3878 3.14 64.36 -2.27
N GLU C 3879 3.82 65.49 -2.43
CA GLU C 3879 5.05 65.48 -3.22
C GLU C 3879 6.11 64.60 -2.58
N PHE C 3880 6.22 64.64 -1.25
CA PHE C 3880 7.16 63.77 -0.55
C PHE C 3880 6.80 62.30 -0.74
N THR C 3881 5.51 61.97 -0.65
CA THR C 3881 5.09 60.59 -0.85
C THR C 3881 5.40 60.11 -2.26
N GLN C 3882 5.10 60.94 -3.26
CA GLN C 3882 5.40 60.59 -4.64
C GLN C 3882 6.90 60.44 -4.84
N ASP C 3883 7.70 61.30 -4.22
CA ASP C 3883 9.15 61.18 -4.34
C ASP C 3883 9.65 59.87 -3.73
N LEU C 3884 9.10 59.49 -2.57
CA LEU C 3884 9.51 58.23 -1.95
C LEU C 3884 9.21 57.03 -2.85
N PHE C 3885 7.98 56.93 -3.34
CA PHE C 3885 7.65 55.79 -4.18
C PHE C 3885 8.34 55.84 -5.54
N ARG C 3886 8.62 57.04 -6.06
CA ARG C 3886 9.40 57.15 -7.28
C ARG C 3886 10.84 56.67 -7.06
N PHE C 3887 11.40 56.99 -5.89
CA PHE C 3887 12.73 56.50 -5.55
C PHE C 3887 12.76 54.98 -5.52
N LEU C 3888 11.77 54.38 -4.87
CA LEU C 3888 11.72 52.91 -4.83
C LEU C 3888 11.54 52.32 -6.23
N GLN C 3889 10.67 52.93 -7.04
CA GLN C 3889 10.47 52.44 -8.40
C GLN C 3889 11.73 52.53 -9.23
N LEU C 3890 12.47 53.64 -9.10
CA LEU C 3890 13.72 53.78 -9.84
C LEU C 3890 14.78 52.82 -9.34
N LEU C 3891 14.75 52.47 -8.04
CA LEU C 3891 15.63 51.42 -7.55
C LEU C 3891 15.31 50.08 -8.20
N CYS C 3892 14.03 49.77 -8.35
CA CYS C 3892 13.61 48.49 -8.94
C CYS C 3892 13.51 48.53 -10.45
N GLU C 3893 13.84 49.65 -11.09
CA GLU C 3893 13.69 49.77 -12.54
C GLU C 3893 14.63 48.83 -13.27
N GLY C 3894 14.24 48.45 -14.48
CA GLY C 3894 15.07 47.63 -15.35
C GLY C 3894 15.03 46.14 -15.09
N HIS C 3895 14.12 45.68 -14.23
CA HIS C 3895 14.00 44.26 -13.88
C HIS C 3895 15.31 43.73 -13.28
N ASN C 3896 15.73 44.38 -12.18
CA ASN C 3896 16.90 43.94 -11.44
C ASN C 3896 16.45 43.01 -10.32
N ASN C 3897 16.55 41.70 -10.58
CA ASN C 3897 16.09 40.72 -9.60
C ASN C 3897 16.87 40.82 -8.30
N ASP C 3898 18.12 41.28 -8.36
CA ASP C 3898 18.91 41.44 -7.14
C ASP C 3898 18.24 42.42 -6.17
N PHE C 3899 17.90 43.61 -6.66
CA PHE C 3899 17.18 44.57 -5.82
C PHE C 3899 15.78 44.08 -5.49
N GLN C 3900 15.10 43.45 -6.45
CA GLN C 3900 13.75 42.97 -6.19
C GLN C 3900 13.71 41.94 -5.07
N ASN C 3901 14.79 41.18 -4.90
CA ASN C 3901 14.88 40.23 -3.79
C ASN C 3901 15.44 40.84 -2.52
N TYR C 3902 16.36 41.80 -2.65
CA TYR C 3902 16.94 42.44 -1.47
C TYR C 3902 15.92 43.31 -0.75
N LEU C 3903 14.98 43.91 -1.48
CA LEU C 3903 13.92 44.67 -0.82
C LEU C 3903 13.03 43.75 0.00
N ARG C 3904 12.71 42.57 -0.52
CA ARG C 3904 11.88 41.63 0.22
C ARG C 3904 12.61 41.08 1.44
N THR C 3905 13.85 40.62 1.25
CA THR C 3905 14.63 40.04 2.34
C THR C 3905 16.00 40.69 2.40
N GLN C 3906 16.40 41.11 3.60
CA GLN C 3906 17.71 41.69 3.82
C GLN C 3906 18.66 40.56 4.21
N THR C 3907 19.37 40.02 3.23
CA THR C 3907 20.30 38.92 3.49
C THR C 3907 21.54 39.43 4.20
N GLY C 3908 21.92 38.74 5.28
CA GLY C 3908 23.09 39.13 6.03
C GLY C 3908 22.78 39.95 7.26
N ASN C 3909 21.83 40.87 7.13
CA ASN C 3909 21.45 41.72 8.26
C ASN C 3909 20.76 40.91 9.34
N THR C 3910 20.95 41.34 10.59
CA THR C 3910 20.33 40.65 11.72
C THR C 3910 18.82 40.82 11.74
N THR C 3911 18.28 41.81 11.04
CA THR C 3911 16.85 42.04 10.96
C THR C 3911 16.48 42.40 9.53
N THR C 3912 15.24 42.07 9.15
CA THR C 3912 14.76 42.29 7.80
C THR C 3912 13.46 43.07 7.82
N ILE C 3913 13.24 43.86 6.77
CA ILE C 3913 12.04 44.68 6.61
C ILE C 3913 11.42 44.35 5.26
N ASN C 3914 10.09 44.28 5.23
CA ASN C 3914 9.36 43.92 4.00
C ASN C 3914 8.74 45.19 3.42
N ILE C 3915 9.50 45.84 2.54
CA ILE C 3915 9.02 47.06 1.89
C ILE C 3915 7.79 46.77 1.05
N ILE C 3916 7.68 45.55 0.51
CA ILE C 3916 6.50 45.18 -0.26
C ILE C 3916 5.25 45.24 0.63
N ILE C 3917 5.34 44.66 1.82
CA ILE C 3917 4.21 44.66 2.75
C ILE C 3917 3.92 46.09 3.23
N CYS C 3918 4.96 46.89 3.44
CA CYS C 3918 4.73 48.29 3.82
C CYS C 3918 3.97 49.04 2.73
N THR C 3919 4.34 48.82 1.47
CA THR C 3919 3.63 49.46 0.36
C THR C 3919 2.17 49.00 0.30
N VAL C 3920 1.93 47.70 0.49
CA VAL C 3920 0.56 47.20 0.48
C VAL C 3920 -0.25 47.83 1.61
N ASP C 3921 0.35 47.97 2.79
CA ASP C 3921 -0.36 48.57 3.91
C ASP C 3921 -0.71 50.03 3.63
N TYR C 3922 0.23 50.79 3.07
CA TYR C 3922 -0.07 52.19 2.74
C TYR C 3922 -1.17 52.28 1.69
N LEU C 3923 -1.14 51.38 0.69
CA LEU C 3923 -2.18 51.37 -0.32
C LEU C 3923 -3.54 51.07 0.30
N LEU C 3924 -3.57 50.14 1.25
CA LEU C 3924 -4.84 49.83 1.93
C LEU C 3924 -5.37 51.04 2.69
N ARG C 3925 -4.49 51.75 3.39
CA ARG C 3925 -4.93 52.94 4.11
C ARG C 3925 -5.46 54.01 3.15
N LEU C 3926 -4.77 54.21 2.03
CA LEU C 3926 -5.24 55.16 1.03
C LEU C 3926 -6.60 54.76 0.47
N GLN C 3927 -6.78 53.46 0.21
CA GLN C 3927 -8.07 52.98 -0.28
C GLN C 3927 -9.18 53.24 0.73
N GLU C 3928 -8.91 53.02 2.01
CA GLU C 3928 -9.91 53.30 3.03
C GLU C 3928 -10.27 54.78 3.06
N SER C 3929 -9.26 55.66 2.94
CA SER C 3929 -9.53 57.09 2.93
C SER C 3929 -10.39 57.48 1.73
N ILE C 3930 -10.08 56.93 0.55
CA ILE C 3930 -10.85 57.26 -0.64
C ILE C 3930 -12.28 56.73 -0.52
N SER C 3931 -12.45 55.55 0.08
CA SER C 3931 -13.79 55.02 0.30
C SER C 3931 -14.59 55.91 1.23
N ASP C 3932 -13.94 56.42 2.28
CA ASP C 3932 -14.62 57.35 3.19
C ASP C 3932 -15.02 58.63 2.46
N PHE C 3933 -14.15 59.15 1.58
CA PHE C 3933 -14.49 60.34 0.82
C PHE C 3933 -15.68 60.07 -0.10
N TYR C 3934 -15.70 58.90 -0.75
CA TYR C 3934 -16.85 58.52 -1.57
C TYR C 3934 -18.13 58.48 -0.74
N TRP C 3935 -18.07 57.85 0.43
CA TRP C 3935 -19.26 57.72 1.25
C TRP C 3935 -19.76 59.09 1.71
N TYR C 3936 -18.84 60.02 1.95
CA TYR C 3936 -19.26 61.37 2.32
C TYR C 3936 -19.89 62.10 1.14
N TYR C 3937 -19.31 62.00 -0.04
CA TYR C 3937 -19.78 62.77 -1.19
C TYR C 3937 -20.84 62.07 -2.01
N SER C 3938 -21.30 60.89 -1.59
CA SER C 3938 -22.30 60.16 -2.38
C SER C 3938 -23.62 60.93 -2.46
N GLY C 3939 -24.05 61.54 -1.35
CA GLY C 3939 -25.33 62.22 -1.33
C GLY C 3939 -25.37 63.45 -2.23
N LYS C 3940 -24.28 64.19 -2.27
CA LYS C 3940 -24.26 65.45 -3.02
C LYS C 3940 -24.42 65.20 -4.52
N ASP C 3941 -25.23 66.05 -5.16
CA ASP C 3941 -25.45 65.91 -6.59
C ASP C 3941 -24.25 66.39 -7.40
N VAL C 3942 -23.64 67.50 -6.98
CA VAL C 3942 -22.52 68.10 -7.69
C VAL C 3942 -21.33 68.15 -6.76
N ILE C 3943 -20.19 67.65 -7.23
CA ILE C 3943 -18.98 67.62 -6.43
C ILE C 3943 -18.35 69.01 -6.42
N GLU C 3944 -18.00 69.49 -5.23
CA GLU C 3944 -17.36 70.79 -5.09
C GLU C 3944 -15.94 70.74 -5.66
N GLU C 3945 -15.47 71.89 -6.16
CA GLU C 3945 -14.16 71.96 -6.81
C GLU C 3945 -13.05 71.55 -5.86
N GLN C 3946 -13.16 71.90 -4.59
CA GLN C 3946 -12.15 71.48 -3.62
C GLN C 3946 -12.12 69.97 -3.48
N GLY C 3947 -13.30 69.34 -3.43
CA GLY C 3947 -13.34 67.89 -3.41
C GLY C 3947 -12.76 67.28 -4.67
N LYS C 3948 -12.98 67.92 -5.81
CA LYS C 3948 -12.38 67.46 -7.06
C LYS C 3948 -10.86 67.50 -6.99
N ARG C 3949 -10.31 68.60 -6.44
CA ARG C 3949 -8.86 68.72 -6.30
C ARG C 3949 -8.31 67.65 -5.36
N ASN C 3950 -8.98 67.41 -4.23
CA ASN C 3950 -8.52 66.38 -3.30
C ASN C 3950 -8.58 65.00 -3.94
N PHE C 3951 -9.66 64.72 -4.69
CA PHE C 3951 -9.74 63.45 -5.42
C PHE C 3951 -8.61 63.31 -6.41
N SER C 3952 -8.29 64.39 -7.14
CA SER C 3952 -7.21 64.33 -8.12
C SER C 3952 -5.89 64.01 -7.46
N LYS C 3953 -5.57 64.68 -6.36
CA LYS C 3953 -4.32 64.41 -5.67
C LYS C 3953 -4.27 62.98 -5.13
N ALA C 3954 -5.37 62.52 -4.53
CA ALA C 3954 -5.39 61.17 -3.98
C ALA C 3954 -5.21 60.13 -5.07
N MET C 3955 -5.88 60.31 -6.21
CA MET C 3955 -5.76 59.35 -7.30
C MET C 3955 -4.39 59.40 -7.95
N SER C 3956 -3.75 60.58 -7.99
CA SER C 3956 -2.37 60.64 -8.49
C SER C 3956 -1.44 59.84 -7.58
N VAL C 3957 -1.59 60.01 -6.27
CA VAL C 3957 -0.75 59.25 -5.33
C VAL C 3957 -1.01 57.75 -5.49
N ALA C 3958 -2.28 57.37 -5.62
CA ALA C 3958 -2.62 55.95 -5.80
C ALA C 3958 -2.03 55.40 -7.09
N LYS C 3959 -2.04 56.20 -8.16
CA LYS C 3959 -1.43 55.79 -9.42
C LYS C 3959 0.06 55.56 -9.26
N GLN C 3960 0.75 56.45 -8.53
CA GLN C 3960 2.17 56.24 -8.29
C GLN C 3960 2.43 54.97 -7.49
N VAL C 3961 1.60 54.70 -6.49
CA VAL C 3961 1.78 53.50 -5.69
C VAL C 3961 1.71 52.24 -6.53
N PHE C 3962 0.70 52.13 -7.40
CA PHE C 3962 0.55 50.95 -8.24
C PHE C 3962 1.75 50.72 -9.13
N ASN C 3963 2.25 51.78 -9.74
CA ASN C 3963 3.39 51.65 -10.65
C ASN C 3963 4.57 51.04 -9.92
N SER C 3964 4.78 51.47 -8.68
CA SER C 3964 5.88 50.93 -7.89
C SER C 3964 5.68 49.44 -7.68
N LEU C 3965 4.45 49.04 -7.35
CA LEU C 3965 4.16 47.62 -7.14
C LEU C 3965 4.42 46.80 -8.40
N THR C 3966 3.99 47.32 -9.54
CA THR C 3966 4.19 46.60 -10.79
C THR C 3966 5.68 46.41 -11.02
N GLU C 3967 6.47 47.43 -10.73
CA GLU C 3967 7.91 47.34 -10.94
C GLU C 3967 8.50 46.24 -10.08
N TYR C 3968 7.98 46.08 -8.86
CA TYR C 3968 8.49 45.06 -7.96
C TYR C 3968 8.33 43.67 -8.54
N ILE C 3969 7.24 43.43 -9.26
CA ILE C 3969 6.98 42.09 -9.79
C ILE C 3969 6.97 41.98 -11.32
N GLN C 3970 7.23 43.08 -12.02
CA GLN C 3970 7.15 43.04 -13.47
C GLN C 3970 8.11 41.98 -13.96
N GLY C 3971 9.33 41.99 -13.44
CA GLY C 3971 10.26 40.92 -13.78
C GLY C 3971 9.68 39.75 -13.03
N PRO C 3972 9.64 38.56 -13.67
CA PRO C 3972 8.99 37.41 -13.02
C PRO C 3972 9.67 37.04 -11.71
N CYS C 3973 9.43 37.84 -10.67
CA CYS C 3973 10.00 37.59 -9.35
C CYS C 3973 9.02 36.75 -8.56
N THR C 3974 9.30 35.44 -8.47
CA THR C 3974 8.36 34.51 -7.85
C THR C 3974 8.18 34.80 -6.37
N GLY C 3975 9.26 35.14 -5.67
CA GLY C 3975 9.15 35.41 -4.24
C GLY C 3975 8.26 36.62 -3.96
N ASN C 3976 8.47 37.70 -4.71
CA ASN C 3976 7.63 38.88 -4.54
C ASN C 3976 6.19 38.60 -4.94
N GLN C 3977 5.99 37.80 -5.99
CA GLN C 3977 4.63 37.44 -6.39
C GLN C 3977 3.92 36.66 -5.28
N GLN C 3978 4.62 35.71 -4.66
CA GLN C 3978 4.03 34.95 -3.56
C GLN C 3978 3.74 35.85 -2.37
N SER C 3979 4.65 36.77 -2.05
CA SER C 3979 4.43 37.67 -0.93
C SER C 3979 3.21 38.57 -1.17
N LEU C 3980 3.05 39.07 -2.40
CA LEU C 3980 1.87 39.86 -2.73
C LEU C 3980 0.60 39.01 -2.70
N ALA C 3981 0.68 37.76 -3.16
CA ALA C 3981 -0.49 36.89 -3.12
C ALA C 3981 -0.94 36.64 -1.69
N HIS C 3982 0.00 36.43 -0.79
CA HIS C 3982 -0.31 36.27 0.64
C HIS C 3982 -0.18 37.63 1.34
N SER C 3983 -1.14 38.50 1.05
CA SER C 3983 -1.14 39.85 1.58
C SER C 3983 -2.57 40.38 1.61
N ARG C 3984 -2.72 41.63 2.04
CA ARG C 3984 -4.00 42.31 2.06
C ARG C 3984 -4.27 43.11 0.79
N LEU C 3985 -3.58 42.79 -0.31
CA LEU C 3985 -3.78 43.51 -1.56
C LEU C 3985 -5.20 43.30 -2.10
N TRP C 3986 -5.77 42.12 -1.87
CA TRP C 3986 -7.06 41.79 -2.48
C TRP C 3986 -8.19 42.60 -1.87
N ASP C 3987 -8.10 42.88 -0.56
CA ASP C 3987 -9.12 43.73 0.08
C ASP C 3987 -9.09 45.13 -0.49
N ALA C 3988 -7.90 45.69 -0.67
CA ALA C 3988 -7.77 47.01 -1.29
C ALA C 3988 -8.29 46.98 -2.72
N VAL C 3989 -8.04 45.88 -3.44
CA VAL C 3989 -8.55 45.76 -4.81
C VAL C 3989 -10.08 45.78 -4.81
N VAL C 3990 -10.68 45.03 -3.90
CA VAL C 3990 -12.14 44.99 -3.82
C VAL C 3990 -12.70 46.37 -3.49
N GLY C 3991 -12.08 47.06 -2.53
CA GLY C 3991 -12.55 48.39 -2.19
C GLY C 3991 -12.41 49.37 -3.34
N PHE C 3992 -11.29 49.30 -4.07
CA PHE C 3992 -11.11 50.19 -5.21
C PHE C 3992 -12.13 49.91 -6.30
N LEU C 3993 -12.43 48.63 -6.55
CA LEU C 3993 -13.47 48.30 -7.52
C LEU C 3993 -14.82 48.84 -7.08
N HIS C 3994 -15.14 48.72 -5.78
CA HIS C 3994 -16.41 49.24 -5.28
C HIS C 3994 -16.50 50.75 -5.47
N VAL C 3995 -15.42 51.47 -5.17
CA VAL C 3995 -15.42 52.92 -5.37
C VAL C 3995 -15.58 53.26 -6.85
N PHE C 3996 -14.85 52.55 -7.71
CA PHE C 3996 -14.88 52.85 -9.14
C PHE C 3996 -16.27 52.64 -9.72
N ALA C 3997 -16.93 51.54 -9.33
CA ALA C 3997 -18.22 51.18 -9.92
C ALA C 3997 -19.25 52.29 -9.75
N HIS C 3998 -19.17 53.05 -8.66
CA HIS C 3998 -20.07 54.17 -8.45
C HIS C 3998 -19.51 55.48 -8.99
N MET C 3999 -18.18 55.66 -8.96
CA MET C 3999 -17.59 56.88 -9.49
C MET C 3999 -17.87 57.05 -10.98
N MET C 4000 -17.73 55.98 -11.78
CA MET C 4000 -17.94 56.15 -13.22
C MET C 4000 -19.34 56.67 -13.52
N MET C 4001 -20.37 56.02 -12.97
CA MET C 4001 -21.73 56.42 -13.28
C MET C 4001 -22.16 57.69 -12.55
N LYS C 4002 -21.50 58.06 -11.45
CA LYS C 4002 -21.82 59.35 -10.86
C LYS C 4002 -21.23 60.50 -11.68
N LEU C 4003 -20.00 60.34 -12.17
CA LEU C 4003 -19.36 61.40 -12.92
C LEU C 4003 -19.75 61.42 -14.40
N ALA C 4004 -20.39 60.36 -14.90
CA ALA C 4004 -20.77 60.33 -16.31
C ALA C 4004 -21.86 61.36 -16.62
N GLN C 4005 -22.90 61.42 -15.78
CA GLN C 4005 -24.05 62.27 -16.07
C GLN C 4005 -23.64 63.74 -16.16
N ASP C 4006 -22.81 64.21 -15.23
CA ASP C 4006 -22.39 65.60 -15.25
C ASP C 4006 -21.46 65.86 -16.44
N SER C 4007 -21.39 67.12 -16.85
CA SER C 4007 -20.55 67.54 -17.96
C SER C 4007 -19.31 68.30 -17.51
N SER C 4008 -19.16 68.59 -16.22
CA SER C 4008 -18.02 69.31 -15.68
C SER C 4008 -17.03 68.39 -14.97
N GLN C 4009 -17.19 67.07 -15.09
CA GLN C 4009 -16.35 66.11 -14.38
C GLN C 4009 -15.66 65.14 -15.34
N ILE C 4010 -15.54 65.52 -16.62
CA ILE C 4010 -14.97 64.62 -17.61
C ILE C 4010 -13.49 64.40 -17.34
N GLU C 4011 -12.77 65.45 -16.94
CA GLU C 4011 -11.34 65.29 -16.64
C GLU C 4011 -11.12 64.36 -15.46
N LEU C 4012 -11.91 64.53 -14.39
CA LEU C 4012 -11.81 63.64 -13.25
C LEU C 4012 -12.14 62.20 -13.63
N LEU C 4013 -13.17 62.03 -14.48
CA LEU C 4013 -13.52 60.68 -14.93
C LEU C 4013 -12.39 60.06 -15.75
N LYS C 4014 -11.74 60.84 -16.60
CA LYS C 4014 -10.62 60.33 -17.38
C LYS C 4014 -9.44 59.93 -16.50
N GLU C 4015 -9.14 60.75 -15.49
CA GLU C 4015 -8.08 60.40 -14.55
C GLU C 4015 -8.43 59.13 -13.78
N LEU C 4016 -9.70 58.98 -13.41
CA LEU C 4016 -10.16 57.75 -12.77
C LEU C 4016 -9.96 56.55 -13.68
N LEU C 4017 -10.28 56.70 -14.96
CA LEU C 4017 -10.10 55.60 -15.90
C LEU C 4017 -8.63 55.24 -16.06
N ASP C 4018 -7.75 56.24 -16.07
CA ASP C 4018 -6.31 55.95 -16.12
C ASP C 4018 -5.87 55.18 -14.89
N LEU C 4019 -6.35 55.58 -13.70
CA LEU C 4019 -6.02 54.86 -12.48
C LEU C 4019 -6.50 53.41 -12.54
N GLN C 4020 -7.72 53.20 -13.05
CA GLN C 4020 -8.25 51.84 -13.18
C GLN C 4020 -7.42 51.03 -14.16
N LYS C 4021 -6.93 51.65 -15.22
CA LYS C 4021 -6.06 50.93 -16.15
C LYS C 4021 -4.83 50.41 -15.43
N ASP C 4022 -4.21 51.26 -14.60
CA ASP C 4022 -3.02 50.85 -13.87
C ASP C 4022 -3.31 49.68 -12.96
N MET C 4023 -4.48 49.71 -12.32
CA MET C 4023 -4.86 48.64 -11.43
C MET C 4023 -4.85 47.33 -12.19
N VAL C 4024 -5.44 47.33 -13.38
CA VAL C 4024 -5.50 46.12 -14.20
C VAL C 4024 -4.10 45.65 -14.59
N VAL C 4025 -3.25 46.59 -14.98
CA VAL C 4025 -1.89 46.24 -15.38
C VAL C 4025 -1.18 45.53 -14.25
N MET C 4026 -1.33 46.03 -13.03
CA MET C 4026 -0.70 45.40 -11.89
C MET C 4026 -1.23 44.00 -11.72
N LEU C 4027 -2.53 43.81 -11.88
CA LEU C 4027 -3.13 42.49 -11.77
C LEU C 4027 -2.59 41.55 -12.85
N LEU C 4028 -2.46 42.07 -14.06
CA LEU C 4028 -1.92 41.27 -15.16
C LEU C 4028 -0.49 40.86 -14.84
N SER C 4029 0.30 41.79 -14.31
CA SER C 4029 1.65 41.47 -13.93
C SER C 4029 1.62 40.38 -12.88
N LEU C 4030 0.70 40.50 -11.94
CA LEU C 4030 0.56 39.46 -10.94
C LEU C 4030 0.27 38.16 -11.68
N LEU C 4031 -0.62 38.23 -12.66
CA LEU C 4031 -0.95 37.02 -13.42
C LEU C 4031 0.19 36.54 -14.32
N GLU C 4032 1.22 37.35 -14.51
CA GLU C 4032 2.34 36.97 -15.35
C GLU C 4032 3.00 35.69 -14.85
N GLY C 4033 3.34 34.80 -15.79
CA GLY C 4033 4.06 33.59 -15.46
C GLY C 4033 3.30 32.59 -14.61
N ASN C 4034 2.03 32.35 -14.92
CA ASN C 4034 1.21 31.41 -14.17
C ASN C 4034 1.17 30.05 -14.88
N VAL C 4035 0.68 29.06 -14.15
CA VAL C 4035 0.50 27.71 -14.67
C VAL C 4035 -1.00 27.40 -14.68
N VAL C 4036 -1.34 26.24 -15.26
CA VAL C 4036 -2.74 25.81 -15.29
C VAL C 4036 -3.18 25.49 -13.88
N ASN C 4037 -4.36 26.00 -13.50
CA ASN C 4037 -4.91 25.81 -12.16
C ASN C 4037 -3.96 26.33 -11.09
N GLY C 4038 -3.40 27.53 -11.33
CA GLY C 4038 -2.46 28.11 -10.41
C GLY C 4038 -3.11 28.71 -9.18
N MET C 4039 -2.32 28.80 -8.11
CA MET C 4039 -2.82 29.35 -6.86
C MET C 4039 -3.18 30.83 -7.00
N ILE C 4040 -2.33 31.60 -7.71
CA ILE C 4040 -2.63 33.00 -7.91
C ILE C 4040 -3.87 33.18 -8.77
N ALA C 4041 -4.05 32.31 -9.77
CA ALA C 4041 -5.25 32.36 -10.59
C ALA C 4041 -6.49 32.06 -9.77
N ARG C 4042 -6.42 31.07 -8.87
CA ARG C 4042 -7.54 30.79 -7.99
C ARG C 4042 -7.82 31.97 -7.06
N GLN C 4043 -6.78 32.62 -6.56
CA GLN C 4043 -6.98 33.79 -5.72
C GLN C 4043 -7.67 34.91 -6.47
N MET C 4044 -7.27 35.13 -7.73
CA MET C 4044 -7.93 36.15 -8.54
C MET C 4044 -9.40 35.79 -8.79
N VAL C 4045 -9.67 34.51 -9.03
CA VAL C 4045 -11.05 34.07 -9.21
C VAL C 4045 -11.87 34.32 -7.95
N ASP C 4046 -11.30 34.02 -6.79
CA ASP C 4046 -12.00 34.27 -5.53
C ASP C 4046 -12.25 35.76 -5.33
N MET C 4047 -11.28 36.59 -5.69
CA MET C 4047 -11.47 38.04 -5.64
C MET C 4047 -12.64 38.47 -6.54
N LEU C 4048 -12.69 37.92 -7.75
CA LEU C 4048 -13.76 38.31 -8.67
C LEU C 4048 -15.12 37.86 -8.16
N VAL C 4049 -15.21 36.65 -7.62
CA VAL C 4049 -16.49 36.18 -7.10
C VAL C 4049 -16.87 36.90 -5.81
N GLU C 4050 -15.89 37.44 -5.09
CA GLU C 4050 -16.20 38.26 -3.92
C GLU C 4050 -16.73 39.63 -4.34
N SER C 4051 -16.19 40.19 -5.42
CA SER C 4051 -16.59 41.49 -5.91
C SER C 4051 -17.33 41.40 -7.25
N SER C 4052 -18.20 40.40 -7.38
CA SER C 4052 -18.90 40.16 -8.63
C SER C 4052 -19.77 41.36 -9.03
N SER C 4053 -20.50 41.94 -8.07
CA SER C 4053 -21.49 42.96 -8.40
C SER C 4053 -20.84 44.15 -9.09
N ASN C 4054 -19.79 44.70 -8.49
CA ASN C 4054 -19.12 45.88 -9.05
C ASN C 4054 -18.53 45.58 -10.43
N VAL C 4055 -17.96 44.38 -10.59
CA VAL C 4055 -17.45 43.97 -11.89
C VAL C 4055 -18.58 43.94 -12.92
N GLU C 4056 -19.75 43.43 -12.52
CA GLU C 4056 -20.89 43.40 -13.43
C GLU C 4056 -21.32 44.82 -13.81
N MET C 4057 -21.35 45.74 -12.85
CA MET C 4057 -21.71 47.12 -13.16
C MET C 4057 -20.71 47.74 -14.13
N ILE C 4058 -19.41 47.51 -13.92
CA ILE C 4058 -18.39 48.07 -14.81
C ILE C 4058 -18.56 47.50 -16.22
N LEU C 4059 -18.74 46.18 -16.31
CA LEU C 4059 -18.88 45.53 -17.61
C LEU C 4059 -20.11 46.04 -18.34
N LYS C 4060 -21.23 46.19 -17.63
CA LYS C 4060 -22.44 46.73 -18.23
C LYS C 4060 -22.20 48.15 -18.72
N PHE C 4061 -21.58 48.99 -17.88
CA PHE C 4061 -21.30 50.36 -18.26
C PHE C 4061 -20.49 50.41 -19.55
N PHE C 4062 -19.55 49.50 -19.71
CA PHE C 4062 -18.76 49.47 -20.94
C PHE C 4062 -19.59 49.01 -22.14
N ASP C 4063 -20.36 47.94 -21.96
CA ASP C 4063 -21.01 47.33 -23.13
C ASP C 4063 -22.16 48.18 -23.65
N MET C 4064 -22.96 48.79 -22.77
CA MET C 4064 -24.05 49.60 -23.30
C MET C 4064 -23.53 50.86 -23.99
N PHE C 4065 -22.35 51.35 -23.60
CA PHE C 4065 -21.78 52.49 -24.31
C PHE C 4065 -21.16 52.07 -25.64
N LEU C 4066 -20.61 50.86 -25.72
CA LEU C 4066 -20.22 50.34 -27.04
C LEU C 4066 -21.43 50.21 -27.95
N LYS C 4067 -22.53 49.67 -27.43
CA LYS C 4067 -23.76 49.60 -28.21
C LYS C 4067 -24.31 51.00 -28.49
N LEU C 4068 -24.00 51.97 -27.64
CA LEU C 4068 -24.37 53.36 -27.90
C LEU C 4068 -23.67 53.87 -29.14
N LYS C 4069 -22.37 53.62 -29.26
CA LYS C 4069 -21.70 53.93 -30.52
C LYS C 4069 -22.22 53.08 -31.67
N ASP C 4070 -22.75 51.89 -31.39
CA ASP C 4070 -23.32 51.07 -32.45
C ASP C 4070 -24.65 51.65 -32.97
N ILE C 4071 -25.40 52.33 -32.11
CA ILE C 4071 -26.75 52.76 -32.48
C ILE C 4071 -26.74 53.82 -33.58
N VAL C 4072 -25.61 54.48 -33.84
CA VAL C 4072 -25.58 55.53 -34.85
C VAL C 4072 -25.83 54.94 -36.24
N GLY C 4073 -25.33 53.74 -36.49
CA GLY C 4073 -25.55 53.07 -37.75
C GLY C 4073 -26.85 52.32 -37.88
N SER C 4074 -27.68 52.32 -36.84
CA SER C 4074 -28.95 51.61 -36.87
C SER C 4074 -29.97 52.41 -37.65
N GLU C 4075 -30.58 51.76 -38.65
CA GLU C 4075 -31.61 52.42 -39.45
C GLU C 4075 -32.85 52.69 -38.62
N ALA C 4076 -33.18 51.80 -37.68
CA ALA C 4076 -34.36 51.96 -36.84
C ALA C 4076 -34.26 53.16 -35.90
N PHE C 4077 -33.07 53.75 -35.76
CA PHE C 4077 -32.90 55.01 -35.05
C PHE C 4077 -32.62 56.17 -35.99
N GLN C 4078 -31.94 55.92 -37.11
CA GLN C 4078 -31.68 56.97 -38.08
C GLN C 4078 -32.98 57.49 -38.68
N ASP C 4079 -33.95 56.61 -38.94
CA ASP C 4079 -35.24 57.07 -39.42
C ASP C 4079 -35.96 57.91 -38.38
N TYR C 4080 -35.86 57.52 -37.10
CA TYR C 4080 -36.42 58.33 -36.03
C TYR C 4080 -35.73 59.68 -35.91
N VAL C 4081 -34.49 59.81 -36.35
CA VAL C 4081 -33.85 61.12 -36.39
C VAL C 4081 -34.63 62.01 -37.34
N THR C 4082 -35.09 63.15 -36.83
CA THR C 4082 -35.94 64.07 -37.59
C THR C 4082 -35.26 65.39 -37.93
N ASP C 4083 -34.51 65.96 -36.99
CA ASP C 4083 -33.91 67.27 -37.19
C ASP C 4083 -32.97 67.22 -38.39
N PRO C 4084 -33.08 68.15 -39.35
CA PRO C 4084 -32.10 68.20 -40.45
C PRO C 4084 -30.67 68.28 -39.97
N ARG C 4085 -30.41 69.02 -38.90
CA ARG C 4085 -29.07 69.09 -38.32
C ARG C 4085 -28.61 67.76 -37.75
N GLY C 4086 -29.51 66.78 -37.62
CA GLY C 4086 -29.17 65.46 -37.14
C GLY C 4086 -29.57 65.18 -35.71
N LEU C 4087 -30.34 66.06 -35.09
CA LEU C 4087 -30.69 65.91 -33.69
C LEU C 4087 -31.91 65.00 -33.53
N ILE C 4088 -31.95 64.26 -32.43
CA ILE C 4088 -33.00 63.26 -32.20
C ILE C 4088 -33.73 63.62 -30.92
N SER C 4089 -35.06 63.73 -31.01
CA SER C 4089 -35.87 64.09 -29.85
C SER C 4089 -35.73 63.04 -28.75
N LYS C 4090 -35.87 63.49 -27.50
CA LYS C 4090 -35.71 62.61 -26.35
C LYS C 4090 -36.67 61.42 -26.39
N LYS C 4091 -37.96 61.72 -26.56
CA LYS C 4091 -38.97 60.65 -26.65
C LYS C 4091 -38.68 59.73 -27.82
N ASP C 4092 -38.35 60.29 -28.97
CA ASP C 4092 -38.04 59.49 -30.15
C ASP C 4092 -36.84 58.57 -29.89
N PHE C 4093 -35.85 59.08 -29.16
CA PHE C 4093 -34.64 58.32 -28.86
C PHE C 4093 -34.92 57.21 -27.83
N GLN C 4094 -35.85 57.46 -26.91
CA GLN C 4094 -36.35 56.39 -26.06
C GLN C 4094 -37.07 55.31 -26.88
N LYS C 4095 -37.96 55.72 -27.77
CA LYS C 4095 -38.68 54.73 -28.59
C LYS C 4095 -37.71 53.95 -29.48
N ALA C 4096 -36.66 54.62 -29.96
CA ALA C 4096 -35.66 53.93 -30.79
C ALA C 4096 -34.94 52.86 -30.00
N MET C 4097 -34.55 53.17 -28.77
CA MET C 4097 -33.93 52.11 -27.96
C MET C 4097 -34.90 50.97 -27.76
N ASP C 4098 -36.16 51.29 -27.44
CA ASP C 4098 -37.12 50.24 -27.12
C ASP C 4098 -37.39 49.35 -28.33
N SER C 4099 -37.41 49.95 -29.53
CA SER C 4099 -37.59 49.16 -30.76
C SER C 4099 -36.37 48.29 -31.04
N GLN C 4100 -35.16 48.85 -30.89
CA GLN C 4100 -33.95 48.08 -31.19
C GLN C 4100 -33.65 47.03 -30.12
N LYS C 4101 -34.22 47.18 -28.92
CA LYS C 4101 -34.05 46.24 -27.81
C LYS C 4101 -32.57 46.05 -27.44
N GLN C 4102 -31.75 47.07 -27.68
CA GLN C 4102 -30.35 47.00 -27.23
C GLN C 4102 -30.25 47.15 -25.73
N PHE C 4103 -31.03 48.06 -25.14
CA PHE C 4103 -30.98 48.35 -23.72
C PHE C 4103 -32.36 48.18 -23.10
N THR C 4104 -32.37 47.60 -21.89
CA THR C 4104 -33.62 47.30 -21.20
C THR C 4104 -34.15 48.56 -20.51
N GLY C 4105 -35.38 48.44 -20.00
CA GLY C 4105 -36.14 49.57 -19.48
C GLY C 4105 -35.45 50.35 -18.39
N PRO C 4106 -34.99 49.69 -17.33
CA PRO C 4106 -34.22 50.40 -16.30
C PRO C 4106 -32.97 51.06 -16.85
N GLU C 4107 -32.31 50.45 -17.83
CA GLU C 4107 -31.14 51.06 -18.44
C GLU C 4107 -31.50 52.28 -19.29
N ILE C 4108 -32.75 52.32 -19.78
CA ILE C 4108 -33.19 53.44 -20.62
C ILE C 4108 -33.05 54.75 -19.86
N GLN C 4109 -33.49 54.77 -18.60
CA GLN C 4109 -33.45 55.98 -17.80
C GLN C 4109 -32.02 56.43 -17.54
N PHE C 4110 -31.11 55.49 -17.27
CA PHE C 4110 -29.71 55.84 -17.07
C PHE C 4110 -29.12 56.46 -18.33
N LEU C 4111 -29.41 55.88 -19.49
CA LEU C 4111 -28.95 56.48 -20.74
C LEU C 4111 -29.54 57.87 -20.96
N LEU C 4112 -30.83 58.03 -20.65
CA LEU C 4112 -31.46 59.35 -20.77
C LEU C 4112 -30.74 60.37 -19.88
N SER C 4113 -30.44 59.99 -18.64
CA SER C 4113 -29.75 60.91 -17.74
C SER C 4113 -28.37 61.26 -18.25
N CYS C 4114 -27.60 60.26 -18.69
CA CYS C 4114 -26.26 60.53 -19.20
C CYS C 4114 -26.28 61.30 -20.51
N SER C 4115 -27.38 61.26 -21.25
CA SER C 4115 -27.48 62.02 -22.49
C SER C 4115 -27.39 63.51 -22.20
N GLU C 4116 -26.77 64.23 -23.13
CA GLU C 4116 -26.65 65.68 -22.99
C GLU C 4116 -28.03 66.34 -23.07
N ALA C 4117 -28.80 66.25 -21.98
CA ALA C 4117 -30.00 67.05 -21.75
C ALA C 4117 -29.91 68.39 -22.48
N ASP C 4118 -30.05 68.33 -23.80
CA ASP C 4118 -30.02 69.54 -24.60
C ASP C 4118 -31.27 70.36 -24.32
N GLU C 4119 -31.22 71.67 -24.64
CA GLU C 4119 -32.35 72.55 -24.37
C GLU C 4119 -33.64 71.99 -24.97
N ASN C 4120 -33.55 71.37 -26.14
CA ASN C 4120 -34.68 70.66 -26.73
C ASN C 4120 -34.58 69.17 -26.41
N GLU C 4121 -35.71 68.47 -26.56
CA GLU C 4121 -35.70 67.02 -26.48
C GLU C 4121 -34.74 66.44 -27.50
N MET C 4122 -34.56 67.14 -28.61
CA MET C 4122 -33.47 66.87 -29.54
C MET C 4122 -32.14 66.83 -28.79
N ILE C 4123 -31.41 65.72 -28.94
CA ILE C 4123 -30.14 65.51 -28.26
C ILE C 4123 -29.11 65.07 -29.29
N ASN C 4124 -27.86 65.50 -29.10
CA ASN C 4124 -26.75 65.15 -29.99
C ASN C 4124 -26.23 63.76 -29.64
N PHE C 4125 -26.93 62.75 -30.18
CA PHE C 4125 -26.48 61.38 -29.99
C PHE C 4125 -25.06 61.21 -30.50
N GLU C 4126 -24.66 62.04 -31.47
CA GLU C 4126 -23.29 62.01 -31.98
C GLU C 4126 -22.28 62.04 -30.83
N GLU C 4127 -22.27 63.16 -30.09
CA GLU C 4127 -21.35 63.27 -28.97
C GLU C 4127 -21.69 62.30 -27.85
N PHE C 4128 -22.99 62.14 -27.56
CA PHE C 4128 -23.39 61.27 -26.45
C PHE C 4128 -22.85 59.85 -26.62
N ALA C 4129 -22.74 59.39 -27.85
CA ALA C 4129 -22.30 58.03 -28.16
C ALA C 4129 -20.84 57.99 -28.64
N ASN C 4130 -20.23 59.16 -28.85
CA ASN C 4130 -18.85 59.18 -29.35
C ASN C 4130 -17.87 59.52 -28.22
N ARG C 4131 -18.36 60.15 -27.15
CA ARG C 4131 -17.48 60.40 -26.00
C ARG C 4131 -17.28 59.12 -25.20
N PHE C 4132 -16.54 59.21 -24.10
CA PHE C 4132 -16.22 58.07 -23.24
C PHE C 4132 -15.74 56.82 -23.99
N GLN C 4133 -15.27 56.92 -25.24
CA GLN C 4133 -14.88 55.70 -25.95
C GLN C 4133 -13.37 55.53 -26.04
N GLU C 4134 -12.63 56.61 -26.33
CA GLU C 4134 -11.17 56.54 -26.28
C GLU C 4134 -10.64 56.14 -24.91
N PRO C 4135 -10.98 56.86 -23.83
CA PRO C 4135 -10.48 56.45 -22.50
C PRO C 4135 -10.99 55.10 -22.05
N ALA C 4136 -12.13 54.65 -22.59
CA ALA C 4136 -12.66 53.35 -22.23
C ALA C 4136 -12.14 52.24 -23.13
N ARG C 4137 -11.65 52.57 -24.33
CA ARG C 4137 -11.13 51.52 -25.20
C ARG C 4137 -9.95 50.80 -24.55
N ASP C 4138 -8.99 51.56 -24.02
CA ASP C 4138 -7.80 50.91 -23.46
C ASP C 4138 -8.15 50.03 -22.26
N ILE C 4139 -8.95 50.55 -21.32
CA ILE C 4139 -9.28 49.81 -20.11
C ILE C 4139 -10.18 48.61 -20.45
N GLY C 4140 -11.10 48.76 -21.40
CA GLY C 4140 -11.90 47.63 -21.82
C GLY C 4140 -11.07 46.52 -22.44
N PHE C 4141 -10.09 46.90 -23.27
CA PHE C 4141 -9.21 45.89 -23.84
C PHE C 4141 -8.42 45.17 -22.76
N ASN C 4142 -7.93 45.91 -21.76
CA ASN C 4142 -7.19 45.27 -20.67
C ASN C 4142 -8.08 44.31 -19.89
N VAL C 4143 -9.33 44.70 -19.63
CA VAL C 4143 -10.24 43.82 -18.92
C VAL C 4143 -10.52 42.55 -19.73
N ALA C 4144 -10.71 42.71 -21.04
CA ALA C 4144 -10.92 41.55 -21.89
C ALA C 4144 -9.72 40.61 -21.88
N VAL C 4145 -8.51 41.18 -21.92
CA VAL C 4145 -7.30 40.35 -21.88
C VAL C 4145 -7.22 39.59 -20.55
N LEU C 4146 -7.51 40.27 -19.44
CA LEU C 4146 -7.47 39.61 -18.14
C LEU C 4146 -8.47 38.46 -18.07
N LEU C 4147 -9.70 38.71 -18.55
CA LEU C 4147 -10.72 37.66 -18.52
C LEU C 4147 -10.32 36.48 -19.41
N THR C 4148 -9.77 36.75 -20.59
CA THR C 4148 -9.33 35.68 -21.47
C THR C 4148 -8.23 34.86 -20.83
N ASN C 4149 -7.25 35.53 -20.21
CA ASN C 4149 -6.17 34.81 -19.55
C ASN C 4149 -6.69 33.92 -18.44
N LEU C 4150 -7.58 34.45 -17.59
CA LEU C 4150 -8.12 33.64 -16.50
C LEU C 4150 -8.93 32.47 -17.04
N SER C 4151 -9.75 32.70 -18.07
CA SER C 4151 -10.56 31.62 -18.63
C SER C 4151 -9.69 30.52 -19.22
N GLU C 4152 -8.62 30.90 -19.93
CA GLU C 4152 -7.78 29.88 -20.54
C GLU C 4152 -6.94 29.14 -19.52
N HIS C 4153 -6.52 29.80 -18.44
CA HIS C 4153 -5.64 29.16 -17.46
C HIS C 4153 -6.40 28.50 -16.31
N VAL C 4154 -7.70 28.67 -16.20
CA VAL C 4154 -8.46 28.00 -15.15
C VAL C 4154 -9.61 27.22 -15.77
N PRO C 4155 -9.42 25.97 -16.16
CA PRO C 4155 -10.52 25.16 -16.67
C PRO C 4155 -11.47 24.74 -15.55
N HIS C 4156 -12.72 24.45 -15.95
CA HIS C 4156 -13.77 23.99 -15.04
C HIS C 4156 -14.00 24.98 -13.90
N ASP C 4157 -14.44 26.18 -14.28
CA ASP C 4157 -14.70 27.27 -13.33
C ASP C 4157 -16.05 27.89 -13.64
N PRO C 4158 -17.13 27.33 -13.10
CA PRO C 4158 -18.48 27.84 -13.46
C PRO C 4158 -18.69 29.30 -13.16
N ARG C 4159 -18.13 29.81 -12.07
CA ARG C 4159 -18.22 31.24 -11.79
C ARG C 4159 -17.53 32.04 -12.88
N LEU C 4160 -16.37 31.58 -13.32
CA LEU C 4160 -15.64 32.29 -14.38
C LEU C 4160 -16.43 32.27 -15.69
N ARG C 4161 -17.08 31.15 -16.00
CA ARG C 4161 -17.96 31.13 -17.18
C ARG C 4161 -19.16 32.05 -17.00
N ASN C 4162 -19.65 32.21 -15.77
CA ASN C 4162 -20.70 33.20 -15.53
C ASN C 4162 -20.21 34.60 -15.85
N PHE C 4163 -19.00 34.94 -15.41
CA PHE C 4163 -18.43 36.25 -15.74
C PHE C 4163 -18.24 36.40 -17.25
N LEU C 4164 -17.79 35.35 -17.93
CA LEU C 4164 -17.64 35.43 -19.38
C LEU C 4164 -19.00 35.64 -20.07
N GLU C 4165 -20.04 34.95 -19.59
CA GLU C 4165 -21.37 35.15 -20.14
C GLU C 4165 -21.83 36.59 -19.94
N LEU C 4166 -21.55 37.16 -18.77
CA LEU C 4166 -21.90 38.56 -18.52
C LEU C 4166 -21.13 39.50 -19.44
N ALA C 4167 -19.85 39.20 -19.68
CA ALA C 4167 -18.98 40.06 -20.48
C ALA C 4167 -18.78 39.54 -21.91
N GLU C 4168 -19.79 38.84 -22.45
CA GLU C 4168 -19.66 38.29 -23.79
C GLU C 4168 -19.46 39.38 -24.84
N SER C 4169 -20.20 40.49 -24.73
CA SER C 4169 -20.17 41.52 -25.76
C SER C 4169 -18.78 42.13 -25.90
N ILE C 4170 -18.12 42.40 -24.79
CA ILE C 4170 -16.77 42.98 -24.83
C ILE C 4170 -15.80 42.01 -25.51
N LEU C 4171 -15.92 40.73 -25.19
CA LEU C 4171 -15.06 39.73 -25.81
C LEU C 4171 -15.28 39.67 -27.32
N GLU C 4172 -16.54 39.75 -27.75
CA GLU C 4172 -16.82 39.77 -29.19
C GLU C 4172 -16.26 41.02 -29.85
N TYR C 4173 -16.36 42.16 -29.16
CA TYR C 4173 -15.83 43.40 -29.72
C TYR C 4173 -14.32 43.35 -29.89
N PHE C 4174 -13.61 42.85 -28.88
CA PHE C 4174 -12.15 42.87 -28.89
C PHE C 4174 -11.53 41.57 -29.37
N ARG C 4175 -12.34 40.64 -29.88
CA ARG C 4175 -11.78 39.38 -30.40
C ARG C 4175 -10.81 39.57 -31.55
N PRO C 4176 -11.09 40.38 -32.58
CA PRO C 4176 -10.10 40.56 -33.65
C PRO C 4176 -8.81 41.21 -33.19
N TYR C 4177 -8.84 41.99 -32.10
CA TYR C 4177 -7.68 42.75 -31.67
C TYR C 4177 -6.81 42.03 -30.65
N LEU C 4178 -7.23 40.87 -30.15
CA LEU C 4178 -6.48 40.13 -29.14
C LEU C 4178 -5.68 39.03 -29.83
N GLY C 4179 -4.37 39.05 -29.65
CA GLY C 4179 -3.50 38.03 -30.22
C GLY C 4179 -2.79 37.25 -29.13
N ARG C 4180 -2.60 35.95 -29.37
CA ARG C 4180 -1.98 35.06 -28.42
C ARG C 4180 -0.81 34.33 -29.07
N ILE C 4181 0.26 34.13 -28.29
CA ILE C 4181 1.50 33.56 -28.78
C ILE C 4181 2.06 32.61 -27.74
N GLU C 4182 2.50 31.43 -28.19
CA GLU C 4182 3.18 30.48 -27.30
C GLU C 4182 4.69 30.58 -27.50
N ILE C 4183 5.42 30.66 -26.39
CA ILE C 4183 6.88 30.76 -26.42
C ILE C 4183 7.46 29.73 -25.46
N MET C 4184 8.75 29.45 -25.67
CA MET C 4184 9.46 28.52 -24.79
C MET C 4184 9.50 29.05 -23.37
N GLY C 4185 9.82 30.33 -23.21
CA GLY C 4185 9.80 30.96 -21.91
C GLY C 4185 11.10 30.78 -21.14
N ALA C 4186 11.26 31.62 -20.11
CA ALA C 4186 12.44 31.52 -19.26
C ALA C 4186 12.50 30.19 -18.54
N SER C 4187 11.37 29.74 -18.01
CA SER C 4187 11.31 28.42 -17.40
C SER C 4187 11.17 27.35 -18.48
N ARG C 4188 11.25 26.09 -18.06
CA ARG C 4188 11.16 24.96 -18.97
C ARG C 4188 9.73 24.68 -19.44
N ARG C 4189 8.79 25.59 -19.18
CA ARG C 4189 7.39 25.39 -19.53
C ARG C 4189 6.98 26.35 -20.62
N ILE C 4190 6.21 25.84 -21.59
CA ILE C 4190 5.67 26.70 -22.65
C ILE C 4190 4.70 27.70 -22.04
N GLU C 4191 4.86 28.97 -22.40
CA GLU C 4191 4.06 30.05 -21.84
C GLU C 4191 3.27 30.74 -22.94
N ARG C 4192 2.15 31.35 -22.55
CA ARG C 4192 1.24 32.01 -23.47
C ARG C 4192 1.21 33.51 -23.17
N ILE C 4193 1.28 34.32 -24.21
CA ILE C 4193 1.35 35.77 -24.11
C ILE C 4193 0.19 36.36 -24.91
N TYR C 4194 -0.48 37.34 -24.32
CA TYR C 4194 -1.57 38.05 -24.98
C TYR C 4194 -1.17 39.50 -25.24
N PHE C 4195 -1.49 39.98 -26.43
CA PHE C 4195 -1.11 41.33 -26.83
C PHE C 4195 -2.17 41.89 -27.77
N GLU C 4196 -1.95 43.14 -28.19
CA GLU C 4196 -2.89 43.90 -28.99
C GLU C 4196 -2.43 43.98 -30.43
N ILE C 4197 -3.38 43.87 -31.35
CA ILE C 4197 -3.12 43.96 -32.79
C ILE C 4197 -3.88 45.16 -33.33
N SER C 4198 -3.17 46.02 -34.07
CA SER C 4198 -3.78 47.21 -34.63
C SER C 4198 -4.63 46.87 -35.85
N GLU C 4199 -5.73 47.63 -36.01
CA GLU C 4199 -6.63 47.41 -37.14
C GLU C 4199 -5.94 47.72 -38.46
N THR C 4200 -5.11 48.78 -38.49
CA THR C 4200 -4.38 49.09 -39.71
C THR C 4200 -3.43 47.97 -40.09
N ASN C 4201 -2.70 47.42 -39.11
CA ASN C 4201 -1.81 46.30 -39.39
C ASN C 4201 -2.59 45.08 -39.86
N ARG C 4202 -3.75 44.82 -39.25
CA ARG C 4202 -4.56 43.69 -39.67
C ARG C 4202 -5.05 43.84 -41.10
N ALA C 4203 -5.49 45.06 -41.46
CA ALA C 4203 -5.93 45.30 -42.84
C ALA C 4203 -4.78 45.15 -43.82
N GLN C 4204 -3.60 45.69 -43.48
CA GLN C 4204 -2.45 45.55 -44.37
C GLN C 4204 -2.04 44.08 -44.51
N TRP C 4205 -2.25 43.28 -43.46
CA TRP C 4205 -1.98 41.85 -43.58
C TRP C 4205 -3.02 41.16 -44.46
N GLU C 4206 -4.27 41.58 -44.37
CA GLU C 4206 -5.32 41.03 -45.25
C GLU C 4206 -5.23 41.56 -46.67
N MET C 4207 -4.34 42.52 -46.94
CA MET C 4207 -4.14 42.98 -48.30
C MET C 4207 -3.72 41.80 -49.18
N PRO C 4208 -4.26 41.71 -50.41
CA PRO C 4208 -4.03 40.51 -51.23
C PRO C 4208 -2.57 40.21 -51.51
N GLN C 4209 -1.75 41.22 -51.77
CA GLN C 4209 -0.36 40.96 -52.12
C GLN C 4209 0.45 40.54 -50.90
N VAL C 4210 0.16 41.13 -49.74
CA VAL C 4210 0.83 40.71 -48.50
C VAL C 4210 0.49 39.27 -48.20
N LYS C 4211 -0.78 38.88 -48.35
CA LYS C 4211 -1.16 37.49 -48.18
C LYS C 4211 -0.63 36.60 -49.30
N GLU C 4212 -0.35 37.18 -50.47
CA GLU C 4212 0.22 36.40 -51.56
C GLU C 4212 1.67 36.05 -51.28
N SER C 4213 2.42 36.96 -50.65
CA SER C 4213 3.83 36.71 -50.37
C SER C 4213 4.01 35.49 -49.46
N LYS C 4214 3.03 35.21 -48.60
CA LYS C 4214 3.11 34.04 -47.73
C LYS C 4214 3.16 32.75 -48.54
N ARG C 4215 2.40 32.70 -49.65
CA ARG C 4215 2.41 31.51 -50.49
C ARG C 4215 3.80 31.24 -51.04
N GLN C 4216 4.47 32.29 -51.56
CA GLN C 4216 5.82 32.12 -52.08
C GLN C 4216 6.80 31.76 -50.98
N PHE C 4217 6.68 32.38 -49.80
CA PHE C 4217 7.58 32.06 -48.70
C PHE C 4217 7.42 30.61 -48.28
N ILE C 4218 6.18 30.13 -48.18
CA ILE C 4218 5.91 28.75 -47.84
C ILE C 4218 6.49 27.82 -48.90
N PHE C 4219 6.32 28.17 -50.17
CA PHE C 4219 6.85 27.33 -51.24
C PHE C 4219 8.36 27.22 -51.15
N ASP C 4220 9.05 28.34 -50.91
CA ASP C 4220 10.50 28.29 -50.89
C ASP C 4220 11.07 27.69 -49.61
N VAL C 4221 10.29 27.66 -48.52
CA VAL C 4221 10.80 26.98 -47.33
C VAL C 4221 10.48 25.49 -47.37
N VAL C 4222 9.42 25.08 -48.04
CA VAL C 4222 9.12 23.65 -48.14
C VAL C 4222 9.99 23.01 -49.22
N ASN C 4223 9.98 23.56 -50.43
CA ASN C 4223 10.82 23.08 -51.51
C ASN C 4223 12.12 23.88 -51.53
N GLU C 4224 13.25 23.17 -51.52
CA GLU C 4224 14.58 23.78 -51.49
C GLU C 4224 14.71 24.70 -50.27
N GLY C 4225 14.57 24.08 -49.10
CA GLY C 4225 14.67 24.81 -47.84
C GLY C 4225 14.92 23.91 -46.65
N GLY C 4226 15.81 24.33 -45.76
CA GLY C 4226 16.13 23.54 -44.59
C GLY C 4226 15.15 23.73 -43.46
N GLU C 4227 15.35 22.94 -42.40
CA GLU C 4227 14.49 23.00 -41.21
C GLU C 4227 15.17 23.65 -40.02
N ALA C 4228 16.49 23.55 -39.90
CA ALA C 4228 17.19 24.22 -38.80
C ALA C 4228 17.18 25.74 -39.00
N GLU C 4229 17.31 26.19 -40.23
CA GLU C 4229 17.28 27.60 -40.57
C GLU C 4229 15.88 28.10 -40.89
N LYS C 4230 14.86 27.25 -40.68
CA LYS C 4230 13.49 27.63 -41.01
C LYS C 4230 13.02 28.81 -40.16
N MET C 4231 13.36 28.82 -38.88
CA MET C 4231 12.94 29.93 -38.01
C MET C 4231 13.63 31.22 -38.41
N GLU C 4232 14.91 31.15 -38.78
CA GLU C 4232 15.62 32.34 -39.24
C GLU C 4232 15.01 32.88 -40.53
N LEU C 4233 14.66 31.99 -41.46
CA LEU C 4233 14.00 32.42 -42.69
C LEU C 4233 12.65 33.05 -42.39
N PHE C 4234 11.90 32.47 -41.45
CA PHE C 4234 10.61 33.03 -41.08
C PHE C 4234 10.76 34.42 -40.47
N VAL C 4235 11.77 34.62 -39.63
CA VAL C 4235 12.00 35.93 -39.04
C VAL C 4235 12.39 36.94 -40.11
N SER C 4236 13.23 36.53 -41.06
CA SER C 4236 13.60 37.44 -42.15
C SER C 4236 12.38 37.81 -42.99
N PHE C 4237 11.49 36.84 -43.24
CA PHE C 4237 10.26 37.13 -43.95
C PHE C 4237 9.39 38.12 -43.18
N CYS C 4238 9.32 37.96 -41.86
CA CYS C 4238 8.57 38.91 -41.04
C CYS C 4238 9.17 40.31 -41.13
N GLU C 4239 10.50 40.42 -41.11
CA GLU C 4239 11.14 41.73 -41.24
C GLU C 4239 10.79 42.37 -42.58
N ASP C 4240 10.87 41.59 -43.66
CA ASP C 4240 10.54 42.12 -44.98
C ASP C 4240 9.08 42.55 -45.06
N THR C 4241 8.18 41.76 -44.46
CA THR C 4241 6.76 42.11 -44.48
C THR C 4241 6.50 43.39 -43.70
N ILE C 4242 7.17 43.56 -42.56
CA ILE C 4242 7.01 44.79 -41.78
C ILE C 4242 7.50 45.99 -42.58
N PHE C 4243 8.63 45.85 -43.27
CA PHE C 4243 9.14 46.96 -44.07
C PHE C 4243 8.18 47.30 -45.21
N GLU C 4244 7.63 46.28 -45.87
CA GLU C 4244 6.65 46.53 -46.93
C GLU C 4244 5.40 47.21 -46.39
N MET C 4245 4.95 46.80 -45.20
CA MET C 4245 3.80 47.45 -44.57
C MET C 4245 4.09 48.92 -44.30
N GLN C 4246 5.32 49.22 -43.83
CA GLN C 4246 5.69 50.60 -43.59
C GLN C 4246 5.68 51.41 -44.87
N ILE C 4247 6.21 50.84 -45.96
CA ILE C 4247 6.20 51.54 -47.24
C ILE C 4247 4.77 51.78 -47.71
N ALA C 4248 3.90 50.78 -47.56
CA ALA C 4248 2.51 50.94 -47.97
C ALA C 4248 1.82 52.03 -47.16
N ALA C 4249 2.08 52.08 -45.85
CA ALA C 4249 1.51 53.13 -45.02
C ALA C 4249 2.03 54.50 -45.44
N GLN C 4250 3.32 54.59 -45.78
CA GLN C 4250 3.89 55.85 -46.24
C GLN C 4250 3.23 56.32 -47.52
N ILE C 4251 3.00 55.40 -48.48
CA ILE C 4251 2.47 55.78 -49.78
C ILE C 4251 0.95 55.78 -49.83
N SER C 4252 0.28 55.42 -48.74
CA SER C 4252 -1.18 55.41 -48.74
C SER C 4252 -1.73 56.82 -48.90
N GLU C 4253 -2.77 56.94 -49.73
CA GLU C 4253 -3.42 58.22 -50.01
C GLU C 4253 -2.44 59.28 -50.50
N PHE C 4540 7.31 78.60 -53.57
CA PHE C 4540 7.89 77.99 -54.75
C PHE C 4540 8.54 76.65 -54.41
N TRP C 4541 9.55 76.70 -53.52
CA TRP C 4541 10.24 75.48 -53.12
C TRP C 4541 9.28 74.48 -52.48
N GLY C 4542 8.54 74.93 -51.47
CA GLY C 4542 7.59 74.04 -50.81
C GLY C 4542 6.51 73.56 -51.74
N GLU C 4543 6.02 74.44 -52.62
CA GLU C 4543 4.98 74.06 -53.57
C GLU C 4543 5.47 72.95 -54.49
N LEU C 4544 6.66 73.11 -55.07
CA LEU C 4544 7.18 72.09 -55.98
C LEU C 4544 7.47 70.80 -55.23
N GLU C 4545 8.00 70.89 -54.01
CA GLU C 4545 8.26 69.68 -53.23
C GLU C 4545 6.98 68.92 -52.94
N VAL C 4546 5.92 69.63 -52.54
CA VAL C 4546 4.66 68.98 -52.22
C VAL C 4546 4.03 68.37 -53.47
N GLN C 4547 4.08 69.09 -54.59
CA GLN C 4547 3.52 68.57 -55.83
C GLN C 4547 4.27 67.32 -56.28
N ARG C 4548 5.61 67.34 -56.19
CA ARG C 4548 6.36 66.15 -56.58
C ARG C 4548 6.12 64.99 -55.62
N VAL C 4549 5.88 65.29 -54.34
CA VAL C 4549 5.55 64.22 -53.39
C VAL C 4549 4.24 63.56 -53.80
N LYS C 4550 3.22 64.37 -54.12
CA LYS C 4550 1.96 63.78 -54.58
C LYS C 4550 2.15 62.99 -55.87
N PHE C 4551 2.95 63.51 -56.80
CA PHE C 4551 3.17 62.82 -58.07
C PHE C 4551 3.83 61.45 -57.85
N LEU C 4552 4.87 61.42 -57.02
CA LEU C 4552 5.54 60.15 -56.74
C LEU C 4552 4.62 59.18 -56.01
N ASN C 4553 3.82 59.68 -55.08
CA ASN C 4553 2.86 58.82 -54.39
C ASN C 4553 1.85 58.24 -55.37
N TYR C 4554 1.35 59.06 -56.30
CA TYR C 4554 0.40 58.58 -57.29
C TYR C 4554 1.01 57.49 -58.16
N LEU C 4555 2.26 57.71 -58.62
CA LEU C 4555 2.92 56.68 -59.42
C LEU C 4555 3.11 55.39 -58.63
N SER C 4556 3.52 55.51 -57.36
CA SER C 4556 3.73 54.31 -56.56
C SER C 4556 2.43 53.54 -56.36
N ARG C 4557 1.32 54.25 -56.15
CA ARG C 4557 0.04 53.56 -55.98
C ARG C 4557 -0.43 52.92 -57.28
N ASN C 4558 -0.23 53.60 -58.41
CA ASN C 4558 -0.73 53.10 -59.70
C ASN C 4558 0.38 52.56 -60.58
N PHE C 4559 1.38 51.91 -59.98
CA PHE C 4559 2.45 51.28 -60.75
C PHE C 4559 1.94 50.20 -61.69
N TYR C 4560 1.05 49.32 -61.20
CA TYR C 4560 0.64 48.17 -62.00
C TYR C 4560 -0.28 48.57 -63.15
N THR C 4561 -1.20 49.50 -62.91
CA THR C 4561 -2.10 49.95 -63.96
C THR C 4561 -1.32 50.56 -65.12
N LEU C 4562 -0.19 51.22 -64.84
CA LEU C 4562 0.67 51.72 -65.90
C LEU C 4562 1.23 50.58 -66.73
N ARG C 4563 1.62 49.48 -66.09
CA ARG C 4563 2.12 48.32 -66.83
C ARG C 4563 1.04 47.73 -67.74
N PHE C 4564 -0.18 47.59 -67.22
CA PHE C 4564 -1.27 47.05 -68.03
C PHE C 4564 -1.59 47.99 -69.19
N LEU C 4565 -1.58 49.30 -68.94
CA LEU C 4565 -1.83 50.27 -70.00
C LEU C 4565 -0.74 50.21 -71.06
N ALA C 4566 0.51 50.01 -70.64
CA ALA C 4566 1.59 49.84 -71.60
C ALA C 4566 1.39 48.60 -72.46
N LEU C 4567 0.94 47.51 -71.85
CA LEU C 4567 0.62 46.31 -72.62
C LEU C 4567 -0.46 46.59 -73.66
N PHE C 4568 -1.52 47.28 -73.24
CA PHE C 4568 -2.62 47.60 -74.16
C PHE C 4568 -2.14 48.48 -75.30
N LEU C 4569 -1.32 49.49 -75.00
CA LEU C 4569 -0.81 50.37 -76.05
C LEU C 4569 0.11 49.62 -77.00
N ALA C 4570 0.93 48.71 -76.48
CA ALA C 4570 1.78 47.90 -77.35
C ALA C 4570 0.94 47.03 -78.28
N PHE C 4571 -0.13 46.41 -77.75
CA PHE C 4571 -0.99 45.60 -78.60
C PHE C 4571 -1.65 46.45 -79.69
N ALA C 4572 -2.14 47.63 -79.32
CA ALA C 4572 -2.77 48.49 -80.33
C ALA C 4572 -1.78 48.95 -81.38
N ILE C 4573 -0.58 49.37 -80.96
CA ILE C 4573 0.41 49.87 -81.90
C ILE C 4573 0.96 48.76 -82.77
N ASN C 4574 0.89 47.50 -82.33
CA ASN C 4574 1.29 46.40 -83.18
C ASN C 4574 0.16 45.95 -84.12
N PHE C 4575 -1.09 46.11 -83.68
CA PHE C 4575 -2.21 45.87 -84.58
C PHE C 4575 -2.21 46.87 -85.73
N ILE C 4576 -1.88 48.13 -85.45
CA ILE C 4576 -1.87 49.15 -86.51
C ILE C 4576 -0.83 48.81 -87.56
N LEU C 4577 0.33 48.27 -87.14
CA LEU C 4577 1.42 47.98 -88.06
C LEU C 4577 1.10 46.85 -89.03
N LEU C 4578 0.01 46.10 -88.82
CA LEU C 4578 -0.36 45.02 -89.73
C LEU C 4578 -0.78 45.52 -91.10
N PHE C 4579 -1.04 46.81 -91.25
CA PHE C 4579 -1.47 47.38 -92.52
C PHE C 4579 -0.33 47.94 -93.34
N TYR C 4580 0.91 47.70 -92.92
CA TYR C 4580 2.07 48.25 -93.60
C TYR C 4580 2.26 47.57 -94.96
N LYS C 4581 2.92 48.29 -95.87
CA LYS C 4581 3.05 47.79 -97.23
C LYS C 4581 4.28 48.38 -97.89
N VAL C 4582 4.93 47.59 -98.74
CA VAL C 4582 6.11 48.01 -99.49
C VAL C 4582 5.68 48.41 -100.89
N SER C 4583 6.29 49.46 -101.43
CA SER C 4583 6.01 49.92 -102.77
C SER C 4583 7.30 50.37 -103.43
N ASP C 4584 7.28 50.39 -104.77
CA ASP C 4584 8.41 50.87 -105.55
C ASP C 4584 8.31 52.36 -105.84
N SER C 4585 7.10 52.87 -106.08
CA SER C 4585 6.84 54.28 -106.31
C SER C 4585 6.48 54.98 -104.99
N PRO C 4586 6.77 56.27 -104.88
CA PRO C 4586 6.41 56.99 -103.66
C PRO C 4586 4.90 57.01 -103.48
N PRO C 4587 4.42 57.02 -102.23
CA PRO C 4587 2.99 57.02 -101.93
C PRO C 4587 2.28 58.27 -102.42
N ASN C 4626 13.63 55.60 -102.60
CA ASN C 4626 13.84 55.42 -104.03
C ASN C 4626 13.50 53.99 -104.45
N MET C 4627 14.34 53.04 -104.02
CA MET C 4627 14.11 51.64 -104.37
C MET C 4627 12.89 51.08 -103.64
N VAL C 4628 12.72 51.42 -102.37
CA VAL C 4628 11.63 50.90 -101.56
C VAL C 4628 11.01 52.06 -100.78
N TYR C 4629 9.69 52.03 -100.62
CA TYR C 4629 8.93 53.12 -100.03
C TYR C 4629 7.95 52.60 -98.99
N TYR C 4630 8.44 51.82 -98.04
CA TYR C 4630 7.64 51.29 -96.94
C TYR C 4630 6.69 52.35 -96.39
N PHE C 4631 5.39 52.06 -96.45
CA PHE C 4631 4.38 53.03 -96.02
C PHE C 4631 3.12 52.29 -95.62
N LEU C 4632 2.34 52.94 -94.75
CA LEU C 4632 1.12 52.35 -94.22
C LEU C 4632 -0.02 52.58 -95.22
N GLU C 4633 -0.52 51.50 -95.81
CA GLU C 4633 -1.62 51.57 -96.76
C GLU C 4633 -2.90 51.14 -96.07
N GLU C 4634 -3.92 52.00 -96.11
CA GLU C 4634 -5.16 51.74 -95.39
C GLU C 4634 -6.27 52.56 -96.03
N SER C 4635 -7.51 52.15 -95.75
CA SER C 4635 -8.69 52.83 -96.27
C SER C 4635 -9.22 53.88 -95.29
N THR C 4636 -9.56 53.45 -94.07
CA THR C 4636 -10.06 54.38 -93.06
C THR C 4636 -8.94 55.28 -92.57
N GLY C 4637 -9.13 56.59 -92.68
CA GLY C 4637 -8.11 57.54 -92.33
C GLY C 4637 -7.86 57.58 -90.82
N TYR C 4638 -7.06 58.57 -90.44
CA TYR C 4638 -6.68 58.79 -89.04
C TYR C 4638 -6.00 57.56 -88.44
N MET C 4639 -5.15 56.92 -89.23
CA MET C 4639 -4.34 55.80 -88.74
C MET C 4639 -2.90 56.18 -88.45
N GLU C 4640 -2.26 56.96 -89.34
CA GLU C 4640 -0.92 57.45 -89.04
C GLU C 4640 -0.90 58.42 -87.86
N PRO C 4641 -1.81 59.40 -87.74
CA PRO C 4641 -1.84 60.20 -86.51
C PRO C 4641 -2.07 59.38 -85.26
N ALA C 4642 -2.92 58.36 -85.35
CA ALA C 4642 -3.14 57.46 -84.21
C ALA C 4642 -1.86 56.73 -83.86
N LEU C 4643 -1.12 56.26 -84.87
CA LEU C 4643 0.15 55.59 -84.63
C LEU C 4643 1.14 56.51 -83.93
N TRP C 4644 1.25 57.75 -84.39
CA TRP C 4644 2.18 58.70 -83.81
C TRP C 4644 1.81 59.02 -82.36
N CYS C 4645 0.53 59.31 -82.12
CA CYS C 4645 0.09 59.61 -80.76
C CYS C 4645 0.28 58.41 -79.83
N LEU C 4646 -0.01 57.21 -80.32
CA LEU C 4646 0.14 56.02 -79.49
C LEU C 4646 1.61 55.75 -79.17
N SER C 4647 2.51 56.00 -80.14
CA SER C 4647 3.93 55.82 -79.87
C SER C 4647 4.40 56.79 -78.79
N LEU C 4648 3.99 58.07 -78.90
CA LEU C 4648 4.38 59.05 -77.89
C LEU C 4648 3.84 58.66 -76.51
N LEU C 4649 2.57 58.25 -76.47
CA LEU C 4649 1.96 57.86 -75.19
C LEU C 4649 2.64 56.63 -74.60
N HIS C 4650 3.00 55.67 -75.45
CA HIS C 4650 3.69 54.48 -74.97
C HIS C 4650 5.05 54.82 -74.37
N THR C 4651 5.80 55.71 -75.02
CA THR C 4651 7.08 56.14 -74.46
C THR C 4651 6.88 56.83 -73.11
N LEU C 4652 5.87 57.70 -73.02
CA LEU C 4652 5.60 58.38 -71.75
C LEU C 4652 5.24 57.39 -70.65
N VAL C 4653 4.38 56.42 -70.96
CA VAL C 4653 3.98 55.44 -69.96
C VAL C 4653 5.17 54.58 -69.53
N ALA C 4654 6.05 54.24 -70.47
CA ALA C 4654 7.25 53.50 -70.10
C ALA C 4654 8.12 54.29 -69.13
N PHE C 4655 8.29 55.59 -69.40
CA PHE C 4655 9.07 56.43 -68.49
C PHE C 4655 8.44 56.47 -67.10
N LEU C 4656 7.11 56.64 -67.05
CA LEU C 4656 6.42 56.64 -65.77
C LEU C 4656 6.56 55.31 -65.05
N CYS C 4657 6.60 54.20 -65.80
CA CYS C 4657 6.80 52.90 -65.18
C CYS C 4657 8.17 52.80 -64.54
N ILE C 4658 9.21 53.29 -65.22
CA ILE C 4658 10.55 53.28 -64.62
C ILE C 4658 10.55 54.10 -63.34
N ILE C 4659 9.94 55.29 -63.38
CA ILE C 4659 9.94 56.16 -62.20
C ILE C 4659 9.19 55.48 -61.05
N GLY C 4660 8.04 54.88 -61.33
CA GLY C 4660 7.28 54.23 -60.28
C GLY C 4660 7.99 53.05 -59.67
N TYR C 4661 8.64 52.24 -60.50
CA TYR C 4661 9.42 51.12 -59.97
C TYR C 4661 10.54 51.62 -59.08
N ASN C 4662 11.31 52.60 -59.55
CA ASN C 4662 12.39 53.15 -58.74
C ASN C 4662 11.87 53.74 -57.44
N CYS C 4663 10.65 54.27 -57.45
CA CYS C 4663 10.09 54.85 -56.23
C CYS C 4663 9.66 53.78 -55.23
N LEU C 4664 9.05 52.69 -55.71
CA LEU C 4664 8.37 51.78 -54.80
C LEU C 4664 9.14 50.50 -54.50
N LYS C 4665 9.77 49.88 -55.50
CA LYS C 4665 10.34 48.55 -55.28
C LYS C 4665 11.80 48.56 -54.84
N VAL C 4666 12.55 49.60 -55.20
CA VAL C 4666 13.97 49.65 -54.86
C VAL C 4666 14.22 49.65 -53.35
N PRO C 4667 13.48 50.42 -52.53
CA PRO C 4667 13.81 50.45 -51.09
C PRO C 4667 13.82 49.10 -50.42
N LEU C 4668 12.96 48.16 -50.83
CA LEU C 4668 13.01 46.82 -50.26
C LEU C 4668 14.34 46.14 -50.57
N VAL C 4669 14.83 46.27 -51.81
CA VAL C 4669 16.09 45.64 -52.19
C VAL C 4669 17.23 46.25 -51.38
N ILE C 4670 17.25 47.58 -51.26
CA ILE C 4670 18.30 48.23 -50.49
C ILE C 4670 18.24 47.81 -49.03
N PHE C 4671 17.03 47.73 -48.47
CA PHE C 4671 16.87 47.32 -47.09
C PHE C 4671 17.41 45.92 -46.85
N LYS C 4672 17.07 44.99 -47.75
CA LYS C 4672 17.57 43.62 -47.60
C LYS C 4672 19.09 43.58 -47.69
N ARG C 4673 19.66 44.29 -48.67
CA ARG C 4673 21.11 44.27 -48.83
C ARG C 4673 21.82 44.81 -47.59
N GLU C 4674 21.35 45.95 -47.08
CA GLU C 4674 21.99 46.56 -45.92
C GLU C 4674 21.77 45.72 -44.67
N LYS C 4675 20.60 45.10 -44.52
CA LYS C 4675 20.36 44.22 -43.38
C LYS C 4675 21.31 43.03 -43.39
N GLU C 4676 21.47 42.40 -44.55
CA GLU C 4676 22.40 41.27 -44.65
C GLU C 4676 23.83 41.69 -44.38
N LEU C 4677 24.23 42.85 -44.93
CA LEU C 4677 25.58 43.34 -44.69
C LEU C 4677 25.83 43.60 -43.22
N ALA C 4678 24.89 44.24 -42.54
CA ALA C 4678 25.04 44.48 -41.11
C ALA C 4678 25.08 43.17 -40.33
N ARG C 4679 24.24 42.21 -40.70
CA ARG C 4679 24.24 40.92 -40.03
C ARG C 4679 25.61 40.25 -40.11
N LYS C 4680 26.16 40.12 -41.31
CA LYS C 4680 27.44 39.45 -41.44
C LYS C 4680 28.60 40.31 -40.95
N LEU C 4681 28.42 41.62 -40.83
CA LEU C 4681 29.46 42.47 -40.29
C LEU C 4681 29.55 42.35 -38.77
N GLU C 4682 28.39 42.22 -38.10
CA GLU C 4682 28.39 42.19 -36.65
C GLU C 4682 28.42 40.80 -36.06
N PHE C 4683 28.06 39.77 -36.83
CA PHE C 4683 27.99 38.42 -36.29
C PHE C 4683 29.07 37.49 -36.82
N ASP C 4684 29.55 37.70 -38.04
CA ASP C 4684 30.67 36.92 -38.57
C ASP C 4684 31.96 37.71 -38.66
N GLY C 4685 31.89 39.04 -38.73
CA GLY C 4685 33.08 39.86 -38.85
C GLY C 4685 33.84 39.59 -40.13
N LEU C 4686 33.12 39.52 -41.26
CA LEU C 4686 33.76 39.18 -42.53
C LEU C 4686 34.77 40.24 -42.95
N TYR C 4687 34.58 41.49 -42.53
CA TYR C 4687 35.55 42.54 -42.82
C TYR C 4687 36.55 42.74 -41.70
N ILE C 4688 36.15 42.51 -40.45
CA ILE C 4688 37.11 42.59 -39.34
C ILE C 4688 38.03 41.37 -39.36
N THR C 4689 37.44 40.19 -39.34
CA THR C 4689 38.20 38.94 -39.44
C THR C 4689 38.26 38.52 -40.91
N GLU C 4690 39.48 38.46 -41.44
CA GLU C 4690 39.71 38.15 -42.86
C GLU C 4690 39.00 39.17 -43.75
N GLN C 4691 38.85 38.83 -45.03
CA GLN C 4691 38.22 39.70 -46.00
C GLN C 4691 37.35 38.86 -46.93
N PRO C 4692 36.37 39.48 -47.58
CA PRO C 4692 35.56 38.73 -48.56
C PRO C 4692 36.43 38.16 -49.66
N GLY C 4693 36.05 36.97 -50.13
CA GLY C 4693 36.81 36.30 -51.16
C GLY C 4693 36.75 37.00 -52.49
N ASP C 4694 37.70 36.65 -53.36
CA ASP C 4694 37.76 37.27 -54.68
C ASP C 4694 36.55 36.89 -55.54
N ASP C 4695 35.98 35.70 -55.31
CA ASP C 4695 34.79 35.30 -56.06
C ASP C 4695 33.56 36.10 -55.66
N ASP C 4696 33.61 36.81 -54.53
CA ASP C 4696 32.47 37.58 -54.05
C ASP C 4696 32.58 39.00 -54.61
N VAL C 4697 32.07 39.19 -55.82
CA VAL C 4697 32.07 40.52 -56.42
C VAL C 4697 31.21 41.48 -55.59
N LYS C 4698 30.06 41.00 -55.10
CA LYS C 4698 29.27 41.81 -54.17
C LYS C 4698 30.02 42.03 -52.87
N GLY C 4699 30.84 41.07 -52.44
CA GLY C 4699 31.66 41.28 -51.25
C GLY C 4699 32.64 42.41 -51.43
N GLN C 4700 33.29 42.48 -52.59
CA GLN C 4700 34.18 43.61 -52.87
C GLN C 4700 33.40 44.92 -52.98
N TRP C 4701 32.22 44.87 -53.60
CA TRP C 4701 31.44 46.09 -53.78
C TRP C 4701 30.92 46.64 -52.45
N ASP C 4702 30.64 45.76 -51.48
CA ASP C 4702 30.09 46.22 -50.20
C ASP C 4702 31.10 47.00 -49.36
N ARG C 4703 32.38 47.01 -49.74
CA ARG C 4703 33.38 47.75 -48.97
C ARG C 4703 33.23 49.26 -49.11
N LEU C 4704 32.40 49.74 -50.04
CA LEU C 4704 32.30 51.18 -50.26
C LEU C 4704 31.52 51.87 -49.16
N VAL C 4705 30.50 51.22 -48.60
CA VAL C 4705 29.65 51.87 -47.60
C VAL C 4705 30.20 51.74 -46.19
N LEU C 4706 31.36 51.08 -46.01
CA LEU C 4706 31.91 50.94 -44.67
C LEU C 4706 32.31 52.29 -44.07
N ASN C 4707 32.93 53.15 -44.88
CA ASN C 4707 33.39 54.45 -44.41
C ASN C 4707 32.35 55.54 -44.54
N THR C 4708 31.22 55.28 -45.20
CA THR C 4708 30.22 56.32 -45.40
C THR C 4708 29.47 56.61 -44.09
N PRO C 4709 29.07 57.86 -43.88
CA PRO C 4709 28.29 58.21 -42.68
C PRO C 4709 26.81 57.91 -42.79
N SER C 4710 26.37 57.19 -43.83
CA SER C 4710 24.96 56.85 -44.02
C SER C 4710 24.79 55.34 -44.20
N PHE C 4711 25.69 54.56 -43.60
CA PHE C 4711 25.61 53.10 -43.73
C PHE C 4711 24.32 52.49 -43.20
N PRO C 4712 23.81 52.86 -42.00
CA PRO C 4712 22.63 52.16 -41.49
C PRO C 4712 21.31 52.72 -42.04
N SER C 4713 21.39 53.48 -43.12
CA SER C 4713 20.19 54.04 -43.71
C SER C 4713 19.30 52.93 -44.28
N ASN C 4714 18.00 53.22 -44.37
CA ASN C 4714 17.01 52.30 -44.93
C ASN C 4714 17.01 50.97 -44.18
N TYR C 4715 17.13 51.04 -42.86
CA TYR C 4715 17.21 49.84 -42.02
C TYR C 4715 16.95 50.27 -40.58
N TRP C 4716 16.33 49.37 -39.81
CA TRP C 4716 15.89 49.73 -38.46
C TRP C 4716 17.05 50.19 -37.59
N ASP C 4717 18.10 49.38 -37.51
CA ASP C 4717 19.19 49.65 -36.57
C ASP C 4717 20.14 50.71 -37.12
N LYS C 4718 20.53 51.64 -36.26
CA LYS C 4718 21.50 52.67 -36.59
C LYS C 4718 22.76 52.61 -35.74
N PHE C 4719 22.87 51.63 -34.84
CA PHE C 4719 24.03 51.49 -33.96
C PHE C 4719 24.86 50.26 -34.31
N VAL C 4720 24.73 49.75 -35.54
CA VAL C 4720 25.45 48.54 -35.92
C VAL C 4720 26.95 48.78 -35.88
N LYS C 4721 27.40 49.95 -36.33
CA LYS C 4721 28.82 50.27 -36.28
C LYS C 4721 29.32 50.33 -34.83
N ARG C 4722 28.51 50.91 -33.94
CA ARG C 4722 28.90 50.97 -32.53
C ARG C 4722 29.01 49.58 -31.92
N LYS C 4723 28.06 48.70 -32.24
CA LYS C 4723 28.12 47.33 -31.73
C LYS C 4723 29.33 46.58 -32.28
N VAL C 4724 29.62 46.75 -33.57
CA VAL C 4724 30.79 46.10 -34.17
C VAL C 4724 32.06 46.59 -33.50
N LEU C 4725 32.15 47.89 -33.24
CA LEU C 4725 33.30 48.44 -32.53
C LEU C 4725 33.43 47.83 -31.15
N ASP C 4726 32.35 47.86 -30.36
CA ASP C 4726 32.41 47.33 -29.01
C ASP C 4726 32.69 45.83 -28.98
N LYS C 4727 32.43 45.13 -30.08
CA LYS C 4727 32.68 43.69 -30.09
C LYS C 4727 34.10 43.34 -30.55
N HIS C 4728 34.65 44.03 -31.55
CA HIS C 4728 35.93 43.64 -32.12
C HIS C 4728 37.09 44.56 -31.76
N GLY C 4729 36.86 45.65 -31.02
CA GLY C 4729 37.94 46.59 -30.76
C GLY C 4729 39.03 46.00 -29.89
N ASP C 4730 38.65 45.31 -28.83
CA ASP C 4730 39.63 44.81 -27.87
C ASP C 4730 40.61 43.83 -28.51
N ILE C 4731 40.20 43.16 -29.58
CA ILE C 4731 41.00 42.10 -30.17
C ILE C 4731 41.70 42.55 -31.45
N PHE C 4732 40.98 43.21 -32.37
CA PHE C 4732 41.60 43.67 -33.60
C PHE C 4732 42.03 45.13 -33.57
N GLY C 4733 42.04 45.77 -32.40
CA GLY C 4733 42.42 47.16 -32.34
C GLY C 4733 41.23 48.09 -32.48
N ARG C 4734 40.92 48.84 -31.42
CA ARG C 4734 39.75 49.70 -31.44
C ARG C 4734 39.89 50.81 -32.48
N GLU C 4735 41.08 51.43 -32.55
CA GLU C 4735 41.28 52.50 -33.53
C GLU C 4735 41.23 51.97 -34.95
N ARG C 4736 41.75 50.76 -35.18
CA ARG C 4736 41.70 50.17 -36.51
C ARG C 4736 40.26 49.95 -36.97
N ILE C 4737 39.43 49.43 -36.07
CA ILE C 4737 38.02 49.21 -36.42
C ILE C 4737 37.31 50.55 -36.61
N ALA C 4738 37.67 51.56 -35.81
CA ALA C 4738 37.08 52.89 -35.99
C ALA C 4738 37.42 53.45 -37.37
N GLU C 4739 38.67 53.32 -37.79
CA GLU C 4739 39.04 53.77 -39.14
C GLU C 4739 38.34 52.96 -40.22
N LEU C 4740 38.20 51.65 -40.00
CA LEU C 4740 37.53 50.80 -40.99
C LEU C 4740 36.07 51.20 -41.17
N LEU C 4741 35.39 51.51 -40.07
CA LEU C 4741 33.98 51.90 -40.12
C LEU C 4741 33.77 53.39 -40.32
N GLY C 4742 34.85 54.18 -40.39
CA GLY C 4742 34.71 55.61 -40.63
C GLY C 4742 34.04 56.36 -39.50
N MET C 4743 34.36 56.01 -38.25
CA MET C 4743 33.81 56.68 -37.09
C MET C 4743 34.95 57.13 -36.18
N ASP C 4744 34.67 58.16 -35.38
CA ASP C 4744 35.66 58.75 -34.49
C ASP C 4744 35.21 58.52 -33.05
N LEU C 4745 35.99 57.73 -32.30
CA LEU C 4745 35.64 57.45 -30.91
C LEU C 4745 35.69 58.73 -30.07
N ALA C 4746 36.71 59.57 -30.30
CA ALA C 4746 36.79 60.83 -29.57
C ALA C 4746 35.61 61.73 -29.89
N SER C 4747 35.22 61.79 -31.17
CA SER C 4747 34.08 62.62 -31.55
C SER C 4747 32.79 62.13 -30.90
N LEU C 4748 32.55 60.81 -30.92
CA LEU C 4748 31.33 60.31 -30.32
C LEU C 4748 31.34 60.52 -28.80
N GLU C 4749 32.50 60.37 -28.16
CA GLU C 4749 32.58 60.58 -26.72
C GLU C 4749 32.33 62.04 -26.36
N ILE C 4750 32.91 62.98 -27.11
CA ILE C 4750 32.70 64.39 -26.78
C ILE C 4750 31.28 64.81 -27.11
N THR C 4751 30.65 64.22 -28.13
CA THR C 4751 29.25 64.52 -28.39
C THR C 4751 28.36 63.94 -27.29
N ALA C 4752 28.72 62.78 -26.76
CA ALA C 4752 27.98 62.22 -25.63
C ALA C 4752 28.09 63.12 -24.41
N HIS C 4753 29.29 63.66 -24.16
CA HIS C 4753 29.46 64.62 -23.07
C HIS C 4753 28.62 65.87 -23.31
N ASN C 4754 28.95 66.62 -24.36
CA ASN C 4754 28.23 67.84 -24.70
C ASN C 4754 28.58 68.29 -26.10
N GLU C 4755 27.58 68.50 -26.95
CA GLU C 4755 27.81 68.89 -28.34
C GLU C 4755 26.92 70.08 -28.70
N ARG C 4756 27.45 70.96 -29.53
CA ARG C 4756 26.70 72.09 -30.05
C ARG C 4756 26.02 71.71 -31.36
N LYS C 4757 24.80 72.20 -31.56
CA LYS C 4757 24.03 71.87 -32.75
C LYS C 4757 24.03 73.05 -33.70
N PRO C 4758 24.74 72.97 -34.83
CA PRO C 4758 24.71 74.09 -35.79
C PRO C 4758 23.39 74.17 -36.53
N ASP C 4759 23.09 75.37 -37.00
CA ASP C 4759 21.86 75.59 -37.74
C ASP C 4759 21.93 74.90 -39.11
N PRO C 4760 20.88 74.21 -39.52
CA PRO C 4760 20.90 73.53 -40.83
C PRO C 4760 20.66 74.51 -41.96
N PRO C 4761 21.59 74.59 -42.91
CA PRO C 4761 21.38 75.46 -44.07
C PRO C 4761 20.63 74.72 -45.18
N PRO C 4762 19.54 75.29 -45.68
CA PRO C 4762 18.73 74.61 -46.69
C PRO C 4762 19.09 74.91 -48.14
N GLY C 4763 20.19 75.62 -48.39
CA GLY C 4763 20.54 75.98 -49.75
C GLY C 4763 21.04 74.80 -50.57
N LEU C 4764 20.87 74.91 -51.89
CA LEU C 4764 21.38 73.88 -52.79
C LEU C 4764 22.91 73.81 -52.74
N LEU C 4765 23.57 74.92 -52.48
CA LEU C 4765 25.04 74.93 -52.43
C LEU C 4765 25.55 73.98 -51.35
N THR C 4766 25.03 74.10 -50.13
CA THR C 4766 25.42 73.18 -49.07
C THR C 4766 24.78 71.81 -49.25
N TRP C 4767 23.61 71.74 -49.88
CA TRP C 4767 22.96 70.47 -50.14
C TRP C 4767 23.83 69.59 -51.04
N LEU C 4768 24.56 70.22 -51.96
CA LEU C 4768 25.40 69.46 -52.90
C LEU C 4768 26.38 68.55 -52.16
N MET C 4769 27.09 69.10 -51.18
CA MET C 4769 27.98 68.30 -50.34
C MET C 4769 27.27 67.62 -49.18
N SER C 4770 26.01 67.98 -48.91
CA SER C 4770 25.23 67.17 -47.98
C SER C 4770 24.91 65.81 -48.59
N ILE C 4771 24.83 65.74 -49.91
CA ILE C 4771 24.67 64.46 -50.60
C ILE C 4771 25.93 63.62 -50.40
N ASP C 4772 25.74 62.36 -50.01
CA ASP C 4772 26.85 61.42 -49.78
C ASP C 4772 27.19 60.76 -51.11
N VAL C 4773 28.23 61.25 -51.77
CA VAL C 4773 28.56 60.79 -53.13
C VAL C 4773 28.91 59.31 -53.14
N LYS C 4774 29.72 58.87 -52.18
CA LYS C 4774 30.14 57.47 -52.15
C LYS C 4774 28.94 56.55 -51.89
N TYR C 4775 28.04 56.95 -50.99
CA TYR C 4775 26.86 56.15 -50.72
C TYR C 4775 25.95 56.08 -51.94
N GLN C 4776 25.79 57.20 -52.65
CA GLN C 4776 24.98 57.18 -53.87
C GLN C 4776 25.62 56.31 -54.94
N ILE C 4777 26.95 56.32 -55.04
CA ILE C 4777 27.63 55.46 -56.00
C ILE C 4777 27.38 54.00 -55.67
N TRP C 4778 27.48 53.63 -54.39
CA TRP C 4778 27.21 52.25 -53.99
C TRP C 4778 25.77 51.87 -54.27
N LYS C 4779 24.82 52.77 -53.99
CA LYS C 4779 23.42 52.49 -54.24
C LYS C 4779 23.16 52.30 -55.73
N PHE C 4780 23.77 53.13 -56.58
CA PHE C 4780 23.62 52.96 -58.01
C PHE C 4780 24.22 51.64 -58.48
N GLY C 4781 25.37 51.27 -57.91
CA GLY C 4781 25.99 50.00 -58.27
C GLY C 4781 25.11 48.82 -57.91
N VAL C 4782 24.45 48.87 -56.76
CA VAL C 4782 23.59 47.76 -56.35
C VAL C 4782 22.22 47.82 -57.00
N ILE C 4783 21.82 48.96 -57.56
CA ILE C 4783 20.52 49.05 -58.22
C ILE C 4783 20.61 48.73 -59.71
N PHE C 4784 21.77 48.95 -60.33
CA PHE C 4784 21.91 48.66 -61.75
C PHE C 4784 22.12 47.18 -62.03
N THR C 4785 22.35 46.36 -61.01
CA THR C 4785 22.48 44.92 -61.18
C THR C 4785 21.17 44.18 -60.95
N ASP C 4786 20.08 44.89 -60.66
CA ASP C 4786 18.80 44.24 -60.45
C ASP C 4786 18.25 43.70 -61.76
N ASN C 4787 17.69 42.50 -61.71
CA ASN C 4787 17.15 41.88 -62.92
C ASN C 4787 15.94 42.64 -63.45
N SER C 4788 15.04 43.06 -62.57
CA SER C 4788 13.84 43.76 -63.02
C SER C 4788 14.18 45.14 -63.57
N PHE C 4789 15.11 45.85 -62.92
CA PHE C 4789 15.47 47.18 -63.38
C PHE C 4789 16.12 47.13 -64.76
N LEU C 4790 16.95 46.12 -65.01
CA LEU C 4790 17.56 45.98 -66.33
C LEU C 4790 16.50 45.70 -67.40
N TYR C 4791 15.51 44.87 -67.06
CA TYR C 4791 14.43 44.59 -68.01
C TYR C 4791 13.63 45.85 -68.32
N LEU C 4792 13.35 46.66 -67.28
CA LEU C 4792 12.63 47.92 -67.51
C LEU C 4792 13.47 48.88 -68.34
N GLY C 4793 14.77 48.92 -68.10
CA GLY C 4793 15.63 49.75 -68.93
C GLY C 4793 15.66 49.31 -70.37
N TRP C 4794 15.67 47.99 -70.60
CA TRP C 4794 15.58 47.48 -71.97
C TRP C 4794 14.26 47.86 -72.61
N TYR C 4795 13.16 47.78 -71.85
CA TYR C 4795 11.87 48.21 -72.36
C TYR C 4795 11.89 49.69 -72.76
N MET C 4796 12.49 50.54 -71.93
CA MET C 4796 12.59 51.95 -72.24
C MET C 4796 13.44 52.19 -73.49
N VAL C 4797 14.55 51.46 -73.59
CA VAL C 4797 15.43 51.62 -74.75
C VAL C 4797 14.71 51.22 -76.04
N MET C 4798 13.97 50.12 -75.99
CA MET C 4798 13.20 49.70 -77.17
C MET C 4798 12.11 50.69 -77.50
N SER C 4799 11.47 51.27 -76.48
CA SER C 4799 10.46 52.30 -76.73
C SER C 4799 11.08 53.51 -77.41
N LEU C 4800 12.27 53.93 -76.97
CA LEU C 4800 12.95 55.04 -77.62
C LEU C 4800 13.33 54.70 -79.05
N LEU C 4801 13.84 53.49 -79.28
CA LEU C 4801 14.21 53.06 -80.63
C LEU C 4801 12.99 52.92 -81.54
N GLY C 4802 11.81 52.71 -80.98
CA GLY C 4802 10.61 52.61 -81.78
C GLY C 4802 10.30 53.87 -82.58
N HIS C 4803 10.79 55.02 -82.13
CA HIS C 4803 10.61 56.25 -82.89
C HIS C 4803 11.54 56.31 -84.09
N TYR C 4804 12.72 55.72 -83.99
CA TYR C 4804 13.62 55.61 -85.15
C TYR C 4804 12.99 54.74 -86.24
N ASN C 4805 12.53 53.55 -85.86
CA ASN C 4805 11.81 52.66 -86.75
C ASN C 4805 10.65 52.04 -85.98
N ASN C 4806 9.46 52.06 -86.58
CA ASN C 4806 8.25 51.68 -85.85
C ASN C 4806 8.28 50.21 -85.44
N PHE C 4807 8.81 49.33 -86.30
CA PHE C 4807 8.71 47.90 -86.05
C PHE C 4807 9.44 47.46 -84.79
N PHE C 4808 10.34 48.29 -84.25
CA PHE C 4808 10.98 47.95 -82.99
C PHE C 4808 9.96 47.77 -81.87
N PHE C 4809 8.80 48.44 -81.97
CA PHE C 4809 7.76 48.27 -80.99
C PHE C 4809 7.29 46.81 -80.89
N ALA C 4810 7.46 46.03 -81.95
CA ALA C 4810 7.07 44.62 -81.90
C ALA C 4810 7.82 43.88 -80.81
N ALA C 4811 9.03 44.32 -80.47
CA ALA C 4811 9.80 43.65 -79.43
C ALA C 4811 9.11 43.71 -78.07
N HIS C 4812 8.14 44.61 -77.90
CA HIS C 4812 7.42 44.70 -76.63
C HIS C 4812 6.37 43.60 -76.48
N LEU C 4813 6.01 42.89 -77.55
CA LEU C 4813 5.04 41.81 -77.42
C LEU C 4813 5.53 40.72 -76.48
N LEU C 4814 6.86 40.54 -76.38
CA LEU C 4814 7.42 39.55 -75.48
C LEU C 4814 7.05 39.82 -74.03
N ASP C 4815 6.60 41.04 -73.71
CA ASP C 4815 6.17 41.33 -72.35
C ASP C 4815 5.03 40.41 -71.91
N ILE C 4816 4.25 39.88 -72.85
CA ILE C 4816 3.16 38.99 -72.48
C ILE C 4816 3.68 37.73 -71.82
N ALA C 4817 4.97 37.40 -72.00
CA ALA C 4817 5.55 36.27 -71.29
C ALA C 4817 5.51 36.49 -69.79
N MET C 4818 5.83 37.71 -69.34
CA MET C 4818 5.78 38.04 -67.92
C MET C 4818 4.61 38.97 -67.57
N GLY C 4819 3.71 39.21 -68.51
CA GLY C 4819 2.50 39.96 -68.24
C GLY C 4819 1.29 39.12 -67.89
N VAL C 4820 1.37 37.81 -68.11
CA VAL C 4820 0.30 36.88 -67.78
C VAL C 4820 0.85 35.88 -66.77
N LYS C 4821 0.09 35.65 -65.70
CA LYS C 4821 0.57 34.79 -64.61
C LYS C 4821 0.81 33.36 -65.09
N THR C 4822 -0.12 32.80 -65.85
CA THR C 4822 -0.02 31.39 -66.20
C THR C 4822 0.92 31.14 -67.38
N LEU C 4823 1.11 32.15 -68.24
CA LEU C 4823 2.08 32.01 -69.32
C LEU C 4823 3.49 31.77 -68.77
N ARG C 4824 3.86 32.49 -67.71
CA ARG C 4824 5.15 32.25 -67.10
C ARG C 4824 5.21 30.90 -66.40
N THR C 4825 4.07 30.40 -65.90
CA THR C 4825 4.06 29.07 -65.29
C THR C 4825 4.30 27.99 -66.34
N ILE C 4826 3.72 28.14 -67.53
CA ILE C 4826 3.94 27.15 -68.58
C ILE C 4826 5.30 27.33 -69.26
N LEU C 4827 5.88 28.53 -69.19
CA LEU C 4827 7.25 28.72 -69.66
C LEU C 4827 8.29 28.27 -68.64
N SER C 4828 7.89 28.11 -67.37
CA SER C 4828 8.80 27.58 -66.38
C SER C 4828 9.13 26.12 -66.66
N SER C 4829 8.23 25.39 -67.31
CA SER C 4829 8.52 24.00 -67.68
C SER C 4829 9.55 23.91 -68.79
N VAL C 4830 9.77 24.99 -69.53
CA VAL C 4830 10.83 25.01 -70.54
C VAL C 4830 12.12 25.59 -69.98
N THR C 4831 12.03 26.68 -69.21
CA THR C 4831 13.22 27.26 -68.61
C THR C 4831 13.84 26.32 -67.59
N HIS C 4832 13.04 25.80 -66.66
CA HIS C 4832 13.47 24.73 -65.79
C HIS C 4832 13.85 23.51 -66.62
N ASN C 4833 14.95 22.86 -66.23
CA ASN C 4833 15.49 21.72 -66.96
C ASN C 4833 15.88 22.11 -68.39
N GLY C 4834 16.34 23.35 -68.56
CA GLY C 4834 16.71 23.86 -69.88
C GLY C 4834 18.19 23.70 -70.18
N LYS C 4835 19.01 23.59 -69.14
CA LYS C 4835 20.42 23.30 -69.36
C LYS C 4835 20.59 21.95 -70.05
N GLN C 4836 19.80 20.96 -69.63
CA GLN C 4836 19.83 19.67 -70.31
C GLN C 4836 19.43 19.80 -71.77
N LEU C 4837 18.45 20.67 -72.06
CA LEU C 4837 18.07 20.90 -73.45
C LEU C 4837 19.23 21.49 -74.25
N VAL C 4838 19.93 22.46 -73.67
CA VAL C 4838 21.06 23.09 -74.36
C VAL C 4838 22.15 22.07 -74.63
N MET C 4839 22.48 21.24 -73.64
CA MET C 4839 23.52 20.24 -73.85
C MET C 4839 23.09 19.13 -74.79
N THR C 4840 21.79 18.79 -74.83
CA THR C 4840 21.33 17.81 -75.81
C THR C 4840 21.45 18.37 -77.23
N VAL C 4841 21.07 19.63 -77.43
CA VAL C 4841 21.19 20.21 -78.76
C VAL C 4841 22.66 20.42 -79.13
N GLY C 4842 23.54 20.58 -78.14
CA GLY C 4842 24.96 20.62 -78.43
C GLY C 4842 25.52 19.26 -78.80
N LEU C 4843 25.07 18.21 -78.12
CA LEU C 4843 25.47 16.84 -78.44
C LEU C 4843 24.95 16.43 -79.82
N LEU C 4844 23.80 16.97 -80.23
CA LEU C 4844 23.29 16.69 -81.57
C LEU C 4844 24.24 17.19 -82.64
N ALA C 4845 25.05 18.20 -82.34
CA ALA C 4845 25.99 18.76 -83.30
C ALA C 4845 27.26 17.94 -83.43
N VAL C 4846 27.48 16.96 -82.57
CA VAL C 4846 28.69 16.13 -82.62
C VAL C 4846 28.47 14.88 -83.47
N VAL C 4847 27.33 14.21 -83.28
CA VAL C 4847 27.03 13.02 -84.09
C VAL C 4847 26.88 13.40 -85.55
N VAL C 4848 26.32 14.58 -85.82
CA VAL C 4848 26.24 15.06 -87.20
C VAL C 4848 27.64 15.29 -87.76
N TYR C 4849 28.57 15.74 -86.93
CA TYR C 4849 29.95 15.88 -87.36
C TYR C 4849 30.56 14.55 -87.72
N LEU C 4850 30.30 13.51 -86.91
CA LEU C 4850 30.81 12.18 -87.22
C LEU C 4850 30.23 11.67 -88.53
N TYR C 4851 28.93 11.84 -88.74
CA TYR C 4851 28.32 11.43 -89.99
C TYR C 4851 28.90 12.22 -91.16
N THR C 4852 29.22 13.50 -90.94
CA THR C 4852 29.83 14.31 -91.99
C THR C 4852 31.20 13.78 -92.37
N VAL C 4853 32.01 13.40 -91.38
CA VAL C 4853 33.33 12.84 -91.67
C VAL C 4853 33.19 11.55 -92.48
N VAL C 4854 32.27 10.68 -92.05
CA VAL C 4854 32.07 9.42 -92.76
C VAL C 4854 31.59 9.67 -94.19
N ALA C 4855 30.67 10.62 -94.36
CA ALA C 4855 30.12 10.93 -95.68
C ALA C 4855 31.05 11.83 -96.49
N PHE C 4856 32.17 12.28 -95.93
CA PHE C 4856 33.16 13.06 -96.66
C PHE C 4856 34.31 12.21 -97.16
N ASN C 4857 34.79 11.25 -96.36
CA ASN C 4857 35.83 10.35 -96.85
C ASN C 4857 35.34 9.52 -98.02
N PHE C 4858 34.06 9.15 -98.01
CA PHE C 4858 33.42 8.46 -99.13
C PHE C 4858 31.94 8.78 -99.09
N PHE C 4859 31.18 8.25 -100.06
CA PHE C 4859 29.75 8.49 -100.25
C PHE C 4859 29.46 9.88 -100.79
N ARG C 4860 30.47 10.64 -101.23
CA ARG C 4860 30.25 12.03 -101.58
C ARG C 4860 29.88 12.23 -103.05
N LYS C 4861 29.73 11.15 -103.82
CA LYS C 4861 29.21 11.29 -105.17
C LYS C 4861 27.69 11.41 -105.20
N PHE C 4862 27.03 11.12 -104.09
CA PHE C 4862 25.58 11.19 -104.00
C PHE C 4862 25.07 12.57 -103.59
N TYR C 4863 25.95 13.47 -103.18
CA TYR C 4863 25.56 14.77 -102.65
C TYR C 4863 25.43 15.84 -103.73
N ASN C 4864 25.57 15.48 -104.99
CA ASN C 4864 25.30 16.42 -106.07
C ASN C 4864 23.82 16.82 -106.04
N LYS C 4865 23.56 18.10 -106.27
CA LYS C 4865 22.20 18.63 -106.17
C LYS C 4865 21.80 19.43 -107.42
N SER C 4866 22.51 19.26 -108.52
CA SER C 4866 22.20 19.95 -109.77
C SER C 4866 21.61 18.93 -110.74
N GLU C 4867 20.36 19.15 -111.14
CA GLU C 4867 19.68 18.21 -112.03
C GLU C 4867 20.20 18.29 -113.46
N ASP C 4868 20.83 19.41 -113.83
CA ASP C 4868 21.37 19.57 -115.18
C ASP C 4868 22.84 19.19 -115.22
N GLU C 4869 23.29 18.72 -116.38
CA GLU C 4869 24.68 18.32 -116.57
C GLU C 4869 25.59 19.48 -116.91
N ASP C 4870 25.06 20.70 -117.02
CA ASP C 4870 25.90 21.85 -117.35
C ASP C 4870 26.95 22.09 -116.28
N GLU C 4871 26.55 22.04 -115.01
CA GLU C 4871 27.48 22.24 -113.90
C GLU C 4871 27.04 21.39 -112.73
N PRO C 4872 27.97 20.94 -111.89
CA PRO C 4872 27.61 20.23 -110.67
C PRO C 4872 27.46 21.19 -109.48
N ASP C 4873 26.77 20.69 -108.46
CA ASP C 4873 26.51 21.45 -107.24
C ASP C 4873 26.80 20.59 -106.02
N MET C 4874 27.99 19.98 -106.00
CA MET C 4874 28.38 19.08 -104.92
C MET C 4874 28.35 19.82 -103.59
N LYS C 4875 27.89 19.11 -102.56
CA LYS C 4875 27.79 19.68 -101.22
C LYS C 4875 28.80 19.12 -100.24
N CYS C 4876 29.41 17.96 -100.53
CA CYS C 4876 30.34 17.32 -99.60
C CYS C 4876 31.77 17.30 -100.14
N ASP C 4877 32.11 18.27 -101.00
CA ASP C 4877 33.50 18.40 -101.44
C ASP C 4877 34.36 19.05 -100.36
N ASP C 4878 33.78 19.91 -99.53
CA ASP C 4878 34.47 20.54 -98.42
C ASP C 4878 33.90 20.02 -97.10
N MET C 4879 34.71 20.06 -96.07
CA MET C 4879 34.24 19.62 -94.76
C MET C 4879 33.30 20.64 -94.14
N MET C 4880 33.48 21.93 -94.45
CA MET C 4880 32.59 22.95 -93.92
C MET C 4880 31.24 22.92 -94.62
N THR C 4881 31.23 22.76 -95.95
CA THR C 4881 29.97 22.74 -96.68
C THR C 4881 29.17 21.47 -96.38
N CYS C 4882 29.85 20.33 -96.25
CA CYS C 4882 29.15 19.08 -95.96
C CYS C 4882 28.54 19.10 -94.55
N TYR C 4883 29.26 19.66 -93.58
CA TYR C 4883 28.71 19.77 -92.23
C TYR C 4883 27.53 20.71 -92.18
N LEU C 4884 27.58 21.81 -92.93
CA LEU C 4884 26.45 22.73 -92.99
C LEU C 4884 25.23 22.07 -93.64
N PHE C 4885 25.45 21.29 -94.69
CA PHE C 4885 24.33 20.64 -95.37
C PHE C 4885 23.62 19.66 -94.44
N HIS C 4886 24.39 18.82 -93.74
CA HIS C 4886 23.79 17.84 -92.84
C HIS C 4886 23.01 18.51 -91.72
N MET C 4887 23.56 19.58 -91.14
CA MET C 4887 22.89 20.22 -90.01
C MET C 4887 21.65 20.98 -90.46
N TYR C 4888 21.77 21.77 -91.54
CA TYR C 4888 20.67 22.61 -91.96
C TYR C 4888 19.54 21.80 -92.59
N VAL C 4889 19.87 20.88 -93.49
CA VAL C 4889 18.87 20.20 -94.29
C VAL C 4889 18.60 18.78 -93.76
N GLY C 4890 19.65 18.06 -93.37
CA GLY C 4890 19.49 16.68 -92.95
C GLY C 4890 18.66 16.53 -91.69
N VAL C 4891 18.91 17.38 -90.69
CA VAL C 4891 18.21 17.26 -89.42
C VAL C 4891 16.74 17.66 -89.58
N ARG C 4892 16.47 18.73 -90.33
CA ARG C 4892 15.10 19.20 -90.49
C ARG C 4892 14.26 18.27 -91.36
N ALA C 4893 14.89 17.43 -92.17
CA ALA C 4893 14.13 16.51 -93.02
C ALA C 4893 13.45 15.45 -92.17
N GLY C 4894 12.19 15.15 -92.51
CA GLY C 4894 11.43 14.18 -91.74
C GLY C 4894 11.98 12.77 -91.85
N GLY C 4895 12.35 12.36 -93.07
CA GLY C 4895 12.84 11.00 -93.27
C GLY C 4895 14.30 10.79 -92.94
N GLY C 4896 15.06 11.87 -92.77
CA GLY C 4896 16.47 11.75 -92.49
C GLY C 4896 17.34 12.27 -93.62
N ILE C 4897 18.52 11.68 -93.81
CA ILE C 4897 19.41 12.08 -94.89
C ILE C 4897 19.20 11.29 -96.16
N GLY C 4898 18.41 10.21 -96.12
CA GLY C 4898 18.26 9.35 -97.28
C GLY C 4898 17.38 9.91 -98.38
N ASP C 4899 16.50 10.85 -98.05
CA ASP C 4899 15.56 11.39 -99.02
C ASP C 4899 16.10 12.62 -99.76
N GLU C 4900 17.33 13.04 -99.46
CA GLU C 4900 17.92 14.21 -100.07
C GLU C 4900 18.99 13.90 -101.10
N ILE C 4901 19.69 12.78 -100.96
CA ILE C 4901 20.82 12.44 -101.80
C ILE C 4901 20.40 11.34 -102.78
N GLU C 4902 21.28 11.07 -103.74
CA GLU C 4902 21.00 10.09 -104.77
C GLU C 4902 20.84 8.70 -104.15
N ASP C 4903 19.86 7.95 -104.64
CA ASP C 4903 19.59 6.62 -104.12
C ASP C 4903 20.76 5.68 -104.41
N PRO C 4904 21.06 4.76 -103.50
CA PRO C 4904 22.18 3.83 -103.69
C PRO C 4904 21.86 2.57 -104.50
N ALA C 4905 20.73 2.54 -105.20
CA ALA C 4905 20.36 1.35 -105.96
C ALA C 4905 21.33 1.13 -107.11
N GLY C 4906 21.71 -0.12 -107.32
CA GLY C 4906 22.64 -0.46 -108.39
C GLY C 4906 24.02 0.13 -108.20
N ASP C 4907 24.56 0.04 -106.98
CA ASP C 4907 25.88 0.58 -106.68
C ASP C 4907 26.62 -0.37 -105.76
N GLU C 4908 27.95 -0.29 -105.78
CA GLU C 4908 28.77 -1.16 -104.95
C GLU C 4908 28.55 -0.90 -103.46
N TYR C 4909 28.28 0.35 -103.08
CA TYR C 4909 28.09 0.72 -101.68
C TYR C 4909 26.62 0.81 -101.31
N GLU C 4910 25.78 -0.07 -101.87
CA GLU C 4910 24.36 -0.03 -101.56
C GLU C 4910 24.11 -0.36 -100.10
N LEU C 4911 24.69 -1.46 -99.61
CA LEU C 4911 24.45 -1.87 -98.22
C LEU C 4911 24.99 -0.85 -97.24
N TYR C 4912 26.19 -0.31 -97.51
CA TYR C 4912 26.77 0.69 -96.62
C TYR C 4912 25.91 1.94 -96.57
N ARG C 4913 25.38 2.38 -97.71
CA ARG C 4913 24.51 3.55 -97.72
C ARG C 4913 23.20 3.29 -96.99
N VAL C 4914 22.65 2.08 -97.12
CA VAL C 4914 21.43 1.74 -96.41
C VAL C 4914 21.67 1.79 -94.91
N VAL C 4915 22.78 1.21 -94.45
CA VAL C 4915 23.11 1.26 -93.03
C VAL C 4915 23.32 2.70 -92.57
N PHE C 4916 24.02 3.49 -93.38
CA PHE C 4916 24.27 4.90 -93.07
C PHE C 4916 22.96 5.65 -92.87
N ASP C 4917 22.05 5.56 -93.85
CA ASP C 4917 20.79 6.28 -93.80
C ASP C 4917 19.92 5.81 -92.64
N ILE C 4918 19.83 4.49 -92.43
CA ILE C 4918 18.97 3.97 -91.37
C ILE C 4918 19.50 4.37 -90.00
N THR C 4919 20.82 4.30 -89.81
CA THR C 4919 21.39 4.73 -88.54
C THR C 4919 21.18 6.22 -88.31
N PHE C 4920 21.34 7.03 -89.36
CA PHE C 4920 21.08 8.46 -89.24
C PHE C 4920 19.64 8.71 -88.80
N PHE C 4921 18.68 8.07 -89.47
CA PHE C 4921 17.27 8.29 -89.15
C PHE C 4921 16.94 7.82 -87.75
N PHE C 4922 17.48 6.67 -87.33
CA PHE C 4922 17.16 6.13 -86.02
C PHE C 4922 17.92 6.80 -84.90
N PHE C 4923 18.96 7.55 -85.19
CA PHE C 4923 19.74 8.19 -84.14
C PHE C 4923 19.45 9.68 -83.97
N VAL C 4924 19.34 10.44 -85.06
CA VAL C 4924 19.17 11.89 -84.94
C VAL C 4924 17.72 12.32 -85.10
N ILE C 4925 16.80 11.41 -85.32
CA ILE C 4925 15.40 11.78 -85.54
C ILE C 4925 14.53 11.22 -84.43
N VAL C 4926 14.50 9.88 -84.30
CA VAL C 4926 13.59 9.25 -83.36
C VAL C 4926 14.17 9.10 -81.95
N ILE C 4927 15.48 9.24 -81.79
CA ILE C 4927 16.13 9.08 -80.49
C ILE C 4927 16.49 10.43 -79.89
N LEU C 4928 17.05 11.34 -80.68
CA LEU C 4928 17.53 12.61 -80.17
C LEU C 4928 16.44 13.67 -80.07
N LEU C 4929 15.20 13.35 -80.45
CA LEU C 4929 14.06 14.23 -80.24
C LEU C 4929 13.14 13.75 -79.12
N ALA C 4930 13.09 12.43 -78.90
CA ALA C 4930 12.39 11.91 -77.73
C ALA C 4930 12.99 12.44 -76.44
N ILE C 4931 14.30 12.67 -76.42
CA ILE C 4931 14.94 13.27 -75.26
C ILE C 4931 14.38 14.67 -75.02
N ILE C 4932 14.28 15.46 -76.10
CA ILE C 4932 13.79 16.83 -75.99
C ILE C 4932 12.36 16.85 -75.48
N GLN C 4933 11.51 15.97 -76.00
CA GLN C 4933 10.12 15.92 -75.56
C GLN C 4933 10.01 15.43 -74.11
N GLY C 4934 10.77 14.39 -73.77
CA GLY C 4934 10.68 13.84 -72.43
C GLY C 4934 11.15 14.81 -71.36
N LEU C 4935 12.17 15.62 -71.68
CA LEU C 4935 12.68 16.57 -70.70
C LEU C 4935 11.59 17.55 -70.27
N ILE C 4936 10.88 18.13 -71.23
CA ILE C 4936 9.86 19.11 -70.89
C ILE C 4936 8.64 18.44 -70.25
N ILE C 4937 8.26 17.25 -70.73
CA ILE C 4937 7.14 16.54 -70.10
C ILE C 4937 7.45 16.25 -68.64
N ASP C 4938 8.67 15.80 -68.36
CA ASP C 4938 9.06 15.52 -66.98
C ASP C 4938 9.22 16.80 -66.16
N ALA C 4939 9.55 17.91 -66.80
CA ALA C 4939 9.54 19.19 -66.08
C ALA C 4939 8.14 19.52 -65.60
N PHE C 4940 7.14 19.37 -66.48
CA PHE C 4940 5.74 19.52 -66.07
C PHE C 4940 5.41 18.60 -64.90
N GLY C 4941 5.76 17.32 -65.02
CA GLY C 4941 5.44 16.37 -63.97
C GLY C 4941 6.08 16.70 -62.64
N GLU C 4942 7.36 17.10 -62.68
CA GLU C 4942 8.08 17.44 -61.45
C GLU C 4942 7.49 18.70 -60.81
N LEU C 4943 7.08 19.68 -61.62
CA LEU C 4943 6.43 20.86 -61.07
C LEU C 4943 5.14 20.48 -60.34
N ARG C 4944 4.33 19.63 -60.96
CA ARG C 4944 3.09 19.19 -60.32
C ARG C 4944 3.39 18.43 -59.03
N ASP C 4945 4.41 17.58 -59.04
CA ASP C 4945 4.79 16.86 -57.83
C ASP C 4945 5.23 17.81 -56.73
N GLN C 4946 5.96 18.87 -57.09
CA GLN C 4946 6.37 19.85 -56.09
C GLN C 4946 5.16 20.54 -55.47
N GLN C 4947 4.19 20.94 -56.30
CA GLN C 4947 3.00 21.59 -55.76
C GLN C 4947 2.25 20.66 -54.81
N GLU C 4948 2.04 19.41 -55.22
CA GLU C 4948 1.29 18.50 -54.36
C GLU C 4948 2.07 18.16 -53.09
N GLN C 4949 3.40 18.10 -53.16
CA GLN C 4949 4.20 17.88 -51.97
C GLN C 4949 4.07 19.03 -50.99
N VAL C 4950 4.10 20.26 -51.48
CA VAL C 4950 3.91 21.42 -50.60
C VAL C 4950 2.54 21.35 -49.94
N LYS C 4951 1.50 21.05 -50.73
CA LYS C 4951 0.15 20.97 -50.17
C LYS C 4951 0.07 19.91 -49.08
N GLU C 4952 0.63 18.73 -49.34
CA GLU C 4952 0.58 17.65 -48.36
C GLU C 4952 1.35 18.01 -47.10
N ASP C 4953 2.53 18.62 -47.25
CA ASP C 4953 3.33 18.99 -46.09
C ASP C 4953 2.59 20.00 -45.22
N MET C 4954 1.92 20.98 -45.84
CA MET C 4954 1.20 21.96 -45.03
C MET C 4954 -0.08 21.39 -44.45
N GLU C 4955 -0.68 20.40 -45.10
CA GLU C 4955 -1.88 19.77 -44.56
C GLU C 4955 -1.58 18.66 -43.55
N THR C 4956 -0.32 18.29 -43.39
CA THR C 4956 0.03 17.15 -42.54
C THR C 4956 0.38 17.57 -41.11
N LYS C 4957 1.38 18.43 -40.94
CA LYS C 4957 1.92 18.74 -39.64
C LYS C 4957 2.01 20.25 -39.42
N CYS C 4958 2.14 20.63 -38.15
CA CYS C 4958 2.22 22.04 -37.79
C CYS C 4958 3.53 22.66 -38.25
N PHE C 4959 3.45 23.93 -38.64
CA PHE C 4959 4.63 24.62 -39.15
C PHE C 4959 5.62 24.96 -38.04
N ILE C 4960 5.13 25.43 -36.90
CA ILE C 4960 6.02 25.88 -35.83
C ILE C 4960 6.49 24.69 -35.00
N CYS C 4961 5.56 23.98 -34.37
CA CYS C 4961 5.93 22.88 -33.48
C CYS C 4961 6.49 21.69 -34.26
N GLY C 4962 5.90 21.39 -35.41
CA GLY C 4962 6.23 20.18 -36.13
C GLY C 4962 5.47 18.95 -35.69
N ILE C 4963 4.58 19.08 -34.70
CA ILE C 4963 3.79 17.95 -34.25
C ILE C 4963 2.76 17.57 -35.31
N GLY C 4964 2.60 16.28 -35.53
CA GLY C 4964 1.65 15.82 -36.53
C GLY C 4964 0.21 16.08 -36.12
N SER C 4965 -0.66 16.10 -37.13
CA SER C 4965 -2.07 16.39 -36.89
C SER C 4965 -2.79 15.25 -36.17
N ASP C 4966 -2.21 14.05 -36.16
CA ASP C 4966 -2.87 12.92 -35.50
C ASP C 4966 -3.01 13.15 -34.00
N TYR C 4967 -1.99 13.75 -33.38
CA TYR C 4967 -2.06 14.02 -31.95
C TYR C 4967 -3.17 15.03 -31.63
N PHE C 4968 -3.28 16.08 -32.45
CA PHE C 4968 -4.29 17.10 -32.19
C PHE C 4968 -5.69 16.63 -32.54
N ASP C 4969 -5.82 15.69 -33.48
CA ASP C 4969 -7.13 15.25 -33.92
C ASP C 4969 -7.88 14.41 -32.88
N THR C 4970 -7.30 14.18 -31.70
CA THR C 4970 -8.02 13.46 -30.65
C THR C 4970 -9.27 14.23 -30.25
N THR C 4971 -9.14 15.54 -30.05
CA THR C 4971 -10.29 16.41 -29.83
C THR C 4971 -10.87 16.86 -31.17
N PRO C 4972 -12.17 17.10 -31.25
CA PRO C 4972 -12.77 17.54 -32.52
C PRO C 4972 -12.13 18.82 -33.04
N HIS C 4973 -11.79 18.81 -34.33
CA HIS C 4973 -11.18 19.95 -35.01
C HIS C 4973 -9.91 20.43 -34.30
N GLY C 4974 -9.17 19.48 -33.71
CA GLY C 4974 -8.01 19.86 -32.93
C GLY C 4974 -6.91 20.51 -33.75
N PHE C 4975 -6.61 19.93 -34.92
CA PHE C 4975 -5.54 20.48 -35.74
C PHE C 4975 -5.90 21.87 -36.28
N GLU C 4976 -7.14 22.06 -36.72
CA GLU C 4976 -7.55 23.37 -37.19
C GLU C 4976 -7.51 24.40 -36.06
N THR C 4977 -7.99 24.01 -34.88
CA THR C 4977 -7.94 24.91 -33.74
C THR C 4977 -6.49 25.28 -33.40
N HIS C 4978 -5.59 24.30 -33.45
CA HIS C 4978 -4.18 24.57 -33.17
C HIS C 4978 -3.57 25.50 -34.21
N THR C 4979 -3.89 25.29 -35.48
CA THR C 4979 -3.28 26.09 -36.54
C THR C 4979 -3.86 27.50 -36.61
N LEU C 4980 -5.08 27.72 -36.12
CA LEU C 4980 -5.65 29.06 -36.17
C LEU C 4980 -5.56 29.82 -34.86
N GLU C 4981 -5.39 29.14 -33.73
CA GLU C 4981 -5.39 29.81 -32.43
C GLU C 4981 -4.09 29.64 -31.66
N GLU C 4982 -3.60 28.40 -31.53
CA GLU C 4982 -2.42 28.16 -30.70
C GLU C 4982 -1.16 28.76 -31.32
N HIS C 4983 -0.78 28.28 -32.50
CA HIS C 4983 0.39 28.78 -33.21
C HIS C 4983 -0.05 29.33 -34.56
N ASN C 4984 0.07 30.63 -34.74
CA ASN C 4984 -0.35 31.30 -35.96
C ASN C 4984 0.76 32.22 -36.46
N LEU C 4985 1.13 32.04 -37.74
CA LEU C 4985 2.20 32.84 -38.32
C LEU C 4985 1.86 34.32 -38.30
N ALA C 4986 0.60 34.65 -38.57
CA ALA C 4986 0.17 36.04 -38.50
C ALA C 4986 0.34 36.59 -37.09
N ASN C 4987 0.00 35.78 -36.08
CA ASN C 4987 0.17 36.23 -34.70
C ASN C 4987 1.64 36.46 -34.36
N TYR C 4988 2.52 35.57 -34.83
CA TYR C 4988 3.96 35.78 -34.57
C TYR C 4988 4.46 37.05 -35.24
N MET C 4989 4.04 37.28 -36.50
CA MET C 4989 4.44 38.50 -37.19
C MET C 4989 3.92 39.74 -36.46
N PHE C 4990 2.67 39.70 -36.01
CA PHE C 4990 2.10 40.83 -35.29
C PHE C 4990 2.82 41.09 -33.98
N PHE C 4991 3.20 40.02 -33.26
CA PHE C 4991 3.94 40.20 -32.02
C PHE C 4991 5.31 40.80 -32.29
N LEU C 4992 6.00 40.35 -33.34
CA LEU C 4992 7.29 40.94 -33.68
C LEU C 4992 7.16 42.41 -34.00
N MET C 4993 6.14 42.78 -34.79
CA MET C 4993 5.92 44.18 -35.12
C MET C 4993 5.60 44.99 -33.87
N TYR C 4994 4.79 44.44 -32.97
CA TYR C 4994 4.42 45.13 -31.73
C TYR C 4994 5.66 45.36 -30.87
N LEU C 4995 6.52 44.36 -30.74
CA LEU C 4995 7.74 44.51 -29.96
C LEU C 4995 8.67 45.56 -30.58
N ILE C 4996 8.78 45.56 -31.91
CA ILE C 4996 9.61 46.58 -32.57
C ILE C 4996 9.06 47.97 -32.32
N ASN C 4997 7.73 48.12 -32.43
CA ASN C 4997 7.14 49.45 -32.33
C ASN C 4997 7.17 50.00 -30.91
N LYS C 4998 6.82 49.17 -29.92
CA LYS C 4998 6.66 49.70 -28.57
C LYS C 4998 8.02 50.06 -27.95
N ASP C 4999 7.96 50.94 -26.95
CA ASP C 4999 9.16 51.44 -26.31
C ASP C 4999 9.82 50.39 -25.43
N GLU C 5000 11.14 50.49 -25.28
CA GLU C 5000 11.88 49.54 -24.48
C GLU C 5000 11.50 49.64 -22.99
N THR C 5001 11.30 50.85 -22.49
CA THR C 5001 11.00 51.02 -21.08
C THR C 5001 9.62 50.49 -20.70
N GLU C 5002 8.74 50.28 -21.67
CA GLU C 5002 7.41 49.75 -21.41
C GLU C 5002 7.34 48.24 -21.54
N HIS C 5003 8.44 47.58 -21.87
CA HIS C 5003 8.44 46.13 -22.00
C HIS C 5003 8.17 45.47 -20.65
N THR C 5004 7.34 44.44 -20.65
CA THR C 5004 7.13 43.61 -19.47
C THR C 5004 8.28 42.59 -19.39
N GLY C 5005 8.21 41.70 -18.42
CA GLY C 5005 9.29 40.73 -18.25
C GLY C 5005 9.43 39.79 -19.44
N GLN C 5006 8.30 39.22 -19.88
CA GLN C 5006 8.34 38.28 -20.99
C GLN C 5006 8.73 38.96 -22.30
N GLU C 5007 8.19 40.16 -22.54
CA GLU C 5007 8.57 40.89 -23.75
C GLU C 5007 10.04 41.29 -23.71
N SER C 5008 10.56 41.67 -22.55
CA SER C 5008 11.98 41.98 -22.43
C SER C 5008 12.83 40.75 -22.71
N TYR C 5009 12.43 39.59 -22.19
CA TYR C 5009 13.17 38.37 -22.44
C TYR C 5009 13.17 38.03 -23.92
N VAL C 5010 12.01 38.14 -24.57
CA VAL C 5010 11.92 37.83 -26.00
C VAL C 5010 12.76 38.82 -26.80
N TRP C 5011 12.74 40.09 -26.42
CA TRP C 5011 13.48 41.12 -27.15
C TRP C 5011 14.99 40.90 -27.03
N LYS C 5012 15.48 40.63 -25.82
CA LYS C 5012 16.90 40.41 -25.64
C LYS C 5012 17.35 39.11 -26.29
N MET C 5013 16.47 38.12 -26.38
CA MET C 5013 16.82 36.91 -27.12
C MET C 5013 16.77 37.15 -28.63
N TYR C 5014 15.91 38.06 -29.07
CA TYR C 5014 15.78 38.36 -30.50
C TYR C 5014 17.01 39.11 -31.01
N GLN C 5015 17.57 40.00 -30.18
CA GLN C 5015 18.73 40.76 -30.63
C GLN C 5015 19.94 39.88 -30.92
N GLU C 5016 20.02 38.68 -30.35
CA GLU C 5016 21.17 37.80 -30.52
C GLU C 5016 20.93 36.67 -31.50
N ARG C 5017 19.83 36.71 -32.26
CA ARG C 5017 19.53 35.70 -33.27
C ARG C 5017 19.46 34.30 -32.68
N CYS C 5018 18.95 34.19 -31.44
CA CYS C 5018 18.91 32.89 -30.79
C CYS C 5018 17.86 31.97 -31.41
N TRP C 5019 16.64 32.50 -31.64
CA TRP C 5019 15.53 31.73 -32.18
C TRP C 5019 15.27 30.47 -31.37
N ASP C 5020 15.34 30.59 -30.05
CA ASP C 5020 15.08 29.48 -29.15
C ASP C 5020 13.72 29.57 -28.47
N PHE C 5021 13.16 30.77 -28.36
CA PHE C 5021 11.86 30.93 -27.72
C PHE C 5021 10.73 30.29 -28.51
N PHE C 5022 10.94 30.00 -29.79
CA PHE C 5022 9.91 29.33 -30.57
C PHE C 5022 9.68 27.93 -30.03
N PRO C 5023 8.42 27.49 -29.90
CA PRO C 5023 8.16 26.14 -29.41
C PRO C 5023 8.48 25.08 -30.47
N ALA C 5024 9.52 24.30 -30.25
CA ALA C 5024 9.94 23.26 -31.17
C ALA C 5024 9.63 21.90 -30.56
N GLY C 5025 8.72 21.17 -31.20
CA GLY C 5025 8.36 19.85 -30.70
C GLY C 5025 7.56 19.84 -29.42
N ASP C 5026 6.93 20.96 -29.07
CA ASP C 5026 6.14 21.05 -27.85
C ASP C 5026 5.05 22.09 -28.03
N CYS C 5027 3.99 21.95 -27.23
CA CYS C 5027 2.87 22.88 -27.27
C CYS C 5027 2.25 22.96 -25.88
N PHE C 5028 1.31 23.88 -25.73
CA PHE C 5028 0.63 24.05 -24.45
C PHE C 5028 -0.17 22.82 -24.08
N ARG C 5029 -0.86 22.22 -25.05
CA ARG C 5029 -1.65 21.03 -24.78
C ARG C 5029 -0.76 19.87 -24.34
N LYS C 5030 0.39 19.69 -24.99
CA LYS C 5030 1.31 18.63 -24.57
C LYS C 5030 1.92 18.93 -23.21
N GLN C 5031 2.19 20.21 -22.93
CA GLN C 5031 2.74 20.59 -21.63
C GLN C 5031 1.75 20.30 -20.51
N TYR C 5032 0.46 20.50 -20.78
CA TYR C 5032 -0.57 20.29 -19.76
C TYR C 5032 -1.62 19.31 -20.21
N GLU C 5033 -1.20 18.14 -20.72
CA GLU C 5033 -2.15 17.07 -21.02
C GLU C 5033 -3.00 16.74 -19.80
N ASP C 5034 -2.36 16.61 -18.64
CA ASP C 5034 -3.12 16.54 -17.39
C ASP C 5034 -3.69 17.92 -17.06
N GLN C 5035 -4.77 17.91 -16.26
CA GLN C 5035 -5.62 19.06 -16.00
C GLN C 5035 -6.22 19.66 -17.26
N LEU C 5036 -6.09 18.98 -18.41
CA LEU C 5036 -6.73 19.38 -19.66
C LEU C 5036 -6.36 20.80 -20.07
N SER C 5037 -5.11 21.19 -19.78
CA SER C 5037 -4.60 22.51 -20.15
C SER C 5037 -5.46 23.65 -19.63
N VAL D 11 8.21 -32.62 4.49
CA VAL D 11 7.94 -33.62 3.46
C VAL D 11 9.18 -33.84 2.61
N GLN D 12 10.32 -33.35 3.08
CA GLN D 12 11.57 -33.51 2.35
C GLN D 12 11.99 -34.97 2.33
N PHE D 13 12.58 -35.40 1.23
CA PHE D 13 13.05 -36.76 1.06
C PHE D 13 14.54 -36.85 1.36
N LEU D 14 14.93 -37.83 2.17
CA LEU D 14 16.33 -38.03 2.49
C LEU D 14 17.12 -38.42 1.25
N ARG D 15 18.31 -37.86 1.12
CA ARG D 15 19.17 -38.11 -0.02
C ARG D 15 20.59 -38.35 0.47
N THR D 16 21.45 -38.82 -0.44
CA THR D 16 22.82 -39.14 -0.08
C THR D 16 23.61 -37.86 0.20
N ASP D 17 24.86 -38.04 0.62
CA ASP D 17 25.76 -36.94 0.98
C ASP D 17 25.19 -36.09 2.11
N ASP D 18 24.39 -36.70 2.98
CA ASP D 18 23.75 -36.01 4.09
C ASP D 18 24.11 -36.70 5.41
N GLU D 19 24.08 -35.92 6.48
CA GLU D 19 24.39 -36.42 7.81
C GLU D 19 23.09 -36.68 8.58
N VAL D 20 23.01 -37.83 9.23
CA VAL D 20 21.84 -38.25 9.97
C VAL D 20 22.29 -38.74 11.35
N VAL D 21 21.39 -38.66 12.32
CA VAL D 21 21.67 -39.09 13.68
C VAL D 21 21.20 -40.53 13.91
N LEU D 22 20.15 -40.94 13.20
CA LEU D 22 19.56 -42.27 13.35
C LEU D 22 19.10 -42.51 14.80
N GLN D 23 18.14 -41.70 15.22
CA GLN D 23 17.61 -41.77 16.58
C GLN D 23 16.49 -42.80 16.67
N CYS D 24 16.48 -43.57 17.75
CA CYS D 24 15.47 -44.58 18.02
C CYS D 24 14.67 -44.17 19.24
N SER D 25 13.35 -44.09 19.09
CA SER D 25 12.48 -43.69 20.19
C SER D 25 12.21 -44.90 21.07
N ALA D 26 12.82 -44.91 22.26
CA ALA D 26 12.63 -46.04 23.18
C ALA D 26 11.26 -46.01 23.82
N THR D 27 10.79 -44.82 24.21
CA THR D 27 9.51 -44.65 24.90
C THR D 27 9.45 -45.53 26.15
N VAL D 28 10.55 -45.56 26.89
CA VAL D 28 10.62 -46.34 28.12
C VAL D 28 10.03 -45.52 29.26
N LEU D 29 9.09 -46.13 30.00
CA LEU D 29 8.40 -45.47 31.12
C LEU D 29 7.73 -44.18 30.65
N LYS D 30 7.20 -44.19 29.43
CA LYS D 30 6.51 -43.05 28.84
C LYS D 30 7.37 -41.79 28.85
N GLU D 31 8.67 -41.95 28.57
CA GLU D 31 9.60 -40.83 28.54
C GLU D 31 9.99 -40.40 27.14
N GLN D 32 9.96 -41.31 26.16
CA GLN D 32 10.35 -41.03 24.78
C GLN D 32 11.73 -40.37 24.73
N LEU D 33 12.72 -41.04 25.32
CA LEU D 33 14.06 -40.49 25.37
C LEU D 33 14.64 -40.30 23.96
N LYS D 34 14.27 -41.17 23.03
CA LYS D 34 14.75 -41.12 21.65
C LYS D 34 16.28 -41.15 21.60
N LEU D 35 16.82 -42.23 22.16
CA LEU D 35 18.27 -42.41 22.20
C LEU D 35 18.84 -42.57 20.80
N CYS D 36 20.09 -42.15 20.64
CA CYS D 36 20.77 -42.22 19.35
C CYS D 36 22.06 -43.02 19.48
N LEU D 37 22.39 -43.78 18.44
CA LEU D 37 23.58 -44.60 18.45
C LEU D 37 24.83 -43.75 18.24
N ALA D 38 25.92 -44.18 18.86
CA ALA D 38 27.19 -43.49 18.77
C ALA D 38 28.33 -44.46 19.03
N ALA D 39 29.48 -44.18 18.43
CA ALA D 39 30.68 -44.99 18.63
C ALA D 39 31.89 -44.10 18.43
N GLU D 40 32.92 -44.32 19.26
CA GLU D 40 34.12 -43.49 19.19
C GLU D 40 34.89 -43.75 17.90
N GLY D 41 35.13 -45.00 17.56
CA GLY D 41 35.84 -45.40 16.37
C GLY D 41 37.32 -45.66 16.58
N PHE D 42 37.92 -45.04 17.59
CA PHE D 42 39.32 -45.28 17.95
C PHE D 42 39.36 -45.77 19.39
N GLY D 43 39.94 -46.96 19.57
CA GLY D 43 39.97 -47.59 20.87
C GLY D 43 38.72 -48.37 21.23
N ASN D 44 37.66 -48.25 20.45
CA ASN D 44 36.42 -48.98 20.71
C ASN D 44 35.58 -48.94 19.44
N ARG D 45 35.17 -50.12 18.97
CA ARG D 45 34.39 -50.24 17.75
C ARG D 45 32.89 -50.36 17.99
N LEU D 46 32.50 -50.88 19.15
CA LEU D 46 31.09 -51.16 19.40
C LEU D 46 30.30 -49.88 19.60
N CYS D 47 29.09 -49.86 19.06
CA CYS D 47 28.18 -48.72 19.20
C CYS D 47 27.32 -48.87 20.45
N PHE D 48 26.77 -47.75 20.90
CA PHE D 48 25.89 -47.74 22.06
C PHE D 48 24.94 -46.55 21.96
N LEU D 49 23.80 -46.66 22.62
CA LEU D 49 22.79 -45.62 22.61
C LEU D 49 23.07 -44.61 23.71
N GLU D 50 23.12 -43.34 23.34
CA GLU D 50 23.15 -42.27 24.33
C GLU D 50 21.84 -41.50 24.29
N PRO D 51 21.33 -41.07 25.44
CA PRO D 51 20.02 -40.40 25.48
C PRO D 51 20.13 -38.98 24.94
N THR D 52 19.23 -38.66 23.99
CA THR D 52 19.13 -37.31 23.46
C THR D 52 18.12 -36.46 24.20
N SER D 53 17.45 -37.02 25.20
CA SER D 53 16.46 -36.28 25.98
C SER D 53 17.14 -35.62 27.19
N ASN D 54 16.36 -34.84 27.93
CA ASN D 54 16.85 -34.11 29.10
C ASN D 54 18.05 -33.24 28.75
N ALA D 55 17.98 -32.58 27.59
CA ALA D 55 19.08 -31.73 27.15
C ALA D 55 19.20 -30.46 27.98
N GLN D 56 18.14 -30.07 28.68
CA GLN D 56 18.19 -28.83 29.47
C GLN D 56 19.08 -29.00 30.69
N ASN D 57 18.94 -30.12 31.41
CA ASN D 57 19.74 -30.35 32.60
C ASN D 57 21.17 -30.74 32.26
N VAL D 58 21.37 -31.45 31.14
CA VAL D 58 22.70 -31.86 30.72
C VAL D 58 22.73 -31.97 29.20
N PRO D 59 23.67 -31.32 28.52
CA PRO D 59 23.73 -31.40 27.06
C PRO D 59 24.39 -32.69 26.61
N PRO D 60 23.68 -33.53 25.87
CA PRO D 60 24.28 -34.75 25.36
C PRO D 60 25.20 -34.48 24.18
N ASP D 61 26.28 -35.25 24.09
CA ASP D 61 27.22 -35.10 22.98
C ASP D 61 26.63 -35.64 21.70
N LEU D 62 26.92 -34.96 20.59
CA LEU D 62 26.46 -35.39 19.27
C LEU D 62 27.57 -35.36 18.23
N ALA D 63 28.81 -35.10 18.63
CA ALA D 63 29.91 -35.11 17.68
C ALA D 63 30.17 -36.51 17.13
N ILE D 64 29.90 -37.54 17.93
CA ILE D 64 30.08 -38.91 17.51
C ILE D 64 28.75 -39.56 17.11
N CYS D 65 27.75 -38.74 16.77
CA CYS D 65 26.42 -39.23 16.43
C CYS D 65 26.01 -38.80 15.02
N CYS D 66 26.97 -38.60 14.14
CA CYS D 66 26.72 -38.15 12.77
C CYS D 66 27.17 -39.22 11.80
N PHE D 67 26.26 -39.65 10.94
CA PHE D 67 26.54 -40.66 9.92
C PHE D 67 26.20 -40.10 8.56
N THR D 68 27.17 -40.10 7.65
CA THR D 68 26.97 -39.61 6.31
C THR D 68 26.52 -40.74 5.39
N LEU D 69 25.50 -40.47 4.59
CA LEU D 69 25.01 -41.42 3.59
C LEU D 69 25.96 -41.39 2.41
N GLU D 70 26.82 -42.40 2.30
CA GLU D 70 27.86 -42.38 1.28
C GLU D 70 27.32 -42.86 -0.07
N GLN D 71 26.79 -44.07 -0.13
CA GLN D 71 26.29 -44.64 -1.37
C GLN D 71 24.92 -45.26 -1.15
N SER D 72 24.09 -45.21 -2.19
CA SER D 72 22.78 -45.84 -2.21
C SER D 72 22.66 -46.66 -3.47
N LEU D 73 22.19 -47.90 -3.34
CA LEU D 73 22.12 -48.80 -4.48
C LEU D 73 20.98 -49.81 -4.26
N SER D 74 20.52 -50.38 -5.37
CA SER D 74 19.51 -51.41 -5.33
C SER D 74 20.13 -52.76 -5.00
N VAL D 75 19.28 -53.75 -4.72
CA VAL D 75 19.76 -55.06 -4.32
C VAL D 75 20.49 -55.76 -5.46
N ARG D 76 19.89 -55.75 -6.66
CA ARG D 76 20.49 -56.44 -7.79
C ARG D 76 21.80 -55.78 -8.22
N ALA D 77 21.81 -54.45 -8.30
CA ALA D 77 23.04 -53.74 -8.63
C ALA D 77 24.10 -53.96 -7.56
N LEU D 78 23.68 -53.99 -6.29
CA LEU D 78 24.61 -54.27 -5.20
C LEU D 78 25.25 -55.64 -5.35
N GLN D 79 24.44 -56.65 -5.67
CA GLN D 79 24.99 -57.98 -5.89
C GLN D 79 25.96 -57.98 -7.06
N GLU D 80 25.62 -57.26 -8.14
CA GLU D 80 26.51 -57.25 -9.29
C GLU D 80 27.85 -56.59 -8.97
N MET D 81 27.83 -55.46 -8.24
CA MET D 81 29.10 -54.81 -7.95
C MET D 81 29.90 -55.59 -6.91
N LEU D 82 29.23 -56.28 -5.99
CA LEU D 82 29.94 -57.17 -5.08
C LEU D 82 30.60 -58.30 -5.84
N ALA D 83 29.93 -58.84 -6.85
CA ALA D 83 30.55 -59.83 -7.72
C ALA D 83 31.75 -59.24 -8.46
N ASN D 84 31.64 -57.98 -8.89
CA ASN D 84 32.73 -57.30 -9.57
C ASN D 84 33.95 -57.18 -8.67
N GLY D 97 25.36 -34.54 -6.59
CA GLY D 97 24.98 -35.90 -6.90
C GLY D 97 24.17 -36.56 -5.80
N HIS D 98 22.95 -36.09 -5.61
CA HIS D 98 22.05 -36.61 -4.59
C HIS D 98 21.08 -37.61 -5.20
N ARG D 99 20.94 -38.77 -4.58
CA ARG D 99 20.01 -39.81 -5.00
C ARG D 99 18.93 -39.97 -3.95
N THR D 100 17.68 -39.92 -4.37
CA THR D 100 16.57 -40.05 -3.44
C THR D 100 16.51 -41.47 -2.87
N LEU D 101 16.36 -41.57 -1.56
CA LEU D 101 16.31 -42.85 -0.88
C LEU D 101 14.88 -43.38 -0.91
N LEU D 102 14.73 -44.63 -1.35
CA LEU D 102 13.45 -45.30 -1.39
C LEU D 102 13.59 -46.70 -0.82
N TYR D 103 12.45 -47.29 -0.43
CA TYR D 103 12.46 -48.56 0.25
C TYR D 103 12.99 -49.66 -0.66
N GLY D 104 13.53 -50.71 -0.03
CA GLY D 104 14.17 -51.79 -0.77
C GLY D 104 15.44 -51.39 -1.47
N HIS D 105 16.28 -50.58 -0.81
CA HIS D 105 17.53 -50.12 -1.39
C HIS D 105 18.63 -50.23 -0.36
N ALA D 106 19.84 -50.52 -0.82
CA ALA D 106 21.00 -50.67 0.05
C ALA D 106 21.72 -49.34 0.20
N ILE D 107 22.13 -49.03 1.42
CA ILE D 107 22.79 -47.77 1.73
C ILE D 107 24.07 -48.06 2.52
N LEU D 108 24.96 -47.07 2.51
CA LEU D 108 26.23 -47.14 3.21
C LEU D 108 26.35 -45.95 4.16
N LEU D 109 26.71 -46.22 5.41
CA LEU D 109 26.81 -45.20 6.44
C LEU D 109 28.26 -45.05 6.87
N ARG D 110 28.76 -43.82 6.84
CA ARG D 110 30.13 -43.53 7.26
C ARG D 110 30.11 -42.62 8.49
N HIS D 111 30.80 -43.04 9.55
CA HIS D 111 30.92 -42.21 10.74
C HIS D 111 31.65 -40.91 10.41
N ALA D 112 31.12 -39.79 10.91
CA ALA D 112 31.71 -38.50 10.56
C ALA D 112 33.11 -38.35 11.16
N HIS D 113 33.24 -38.61 12.47
CA HIS D 113 34.51 -38.37 13.14
C HIS D 113 35.55 -39.42 12.77
N SER D 114 35.16 -40.69 12.78
CA SER D 114 36.11 -41.79 12.63
C SER D 114 36.42 -42.14 11.18
N ARG D 115 35.64 -41.63 10.22
CA ARG D 115 35.78 -41.94 8.81
C ARG D 115 35.66 -43.43 8.49
N MET D 116 35.17 -44.23 9.44
CA MET D 116 34.95 -45.65 9.22
C MET D 116 33.53 -45.88 8.74
N TYR D 117 33.19 -47.14 8.49
CA TYR D 117 31.88 -47.50 7.97
C TYR D 117 31.11 -48.34 9.00
N LEU D 118 29.84 -48.01 9.18
CA LEU D 118 29.00 -48.80 10.06
C LEU D 118 28.79 -50.20 9.49
N SER D 119 28.87 -51.21 10.35
CA SER D 119 28.81 -52.58 9.90
C SER D 119 28.22 -53.45 11.01
N CYS D 120 27.97 -54.71 10.67
CA CYS D 120 27.45 -55.70 11.61
C CYS D 120 28.56 -56.69 11.92
N LEU D 121 29.13 -56.59 13.12
CA LEU D 121 30.22 -57.47 13.51
C LEU D 121 29.70 -58.87 13.80
N THR D 122 30.57 -59.86 13.61
CA THR D 122 30.22 -61.25 13.88
C THR D 122 30.30 -61.61 15.36
N THR D 123 30.93 -60.78 16.18
CA THR D 123 31.03 -61.05 17.61
C THR D 123 29.69 -60.81 18.29
N SER D 124 29.40 -61.63 19.30
CA SER D 124 28.16 -61.55 20.07
C SER D 124 28.51 -61.49 21.55
N ARG D 125 28.63 -60.26 22.08
CA ARG D 125 28.92 -60.09 23.50
C ARG D 125 27.70 -60.28 24.39
N SER D 126 26.50 -60.23 23.82
CA SER D 126 25.28 -60.36 24.61
C SER D 126 24.98 -61.83 24.83
N MET D 127 25.11 -62.28 26.08
CA MET D 127 24.83 -63.67 26.43
C MET D 127 23.34 -63.93 26.60
N THR D 128 22.51 -62.90 26.69
CA THR D 128 21.08 -63.10 26.85
C THR D 128 20.47 -63.78 25.62
N ASP D 129 20.90 -63.38 24.43
CA ASP D 129 20.39 -63.92 23.18
C ASP D 129 21.53 -64.58 22.41
N LYS D 130 21.33 -65.84 22.03
CA LYS D 130 22.35 -66.55 21.27
C LYS D 130 22.41 -66.08 19.82
N LEU D 131 21.27 -65.68 19.27
CA LEU D 131 21.19 -65.25 17.88
C LEU D 131 21.60 -63.79 17.67
N ALA D 132 21.75 -63.03 18.75
CA ALA D 132 22.07 -61.61 18.63
C ALA D 132 23.49 -61.42 18.09
N PHE D 133 23.67 -60.33 17.35
CA PHE D 133 24.97 -59.94 16.81
C PHE D 133 25.24 -58.48 17.13
N ASP D 134 26.48 -58.17 17.46
CA ASP D 134 26.86 -56.81 17.82
C ASP D 134 27.15 -55.98 16.57
N VAL D 135 26.76 -54.70 16.63
CA VAL D 135 26.97 -53.77 15.53
C VAL D 135 28.10 -52.83 15.90
N GLY D 136 29.01 -52.60 14.96
CA GLY D 136 30.16 -51.75 15.20
C GLY D 136 30.68 -51.07 13.95
N LEU D 137 31.86 -50.48 14.05
CA LEU D 137 32.47 -49.76 12.93
C LEU D 137 33.61 -50.59 12.33
N GLN D 138 33.74 -50.53 11.01
CA GLN D 138 34.83 -51.19 10.31
C GLN D 138 35.50 -50.19 9.38
N GLU D 139 36.79 -50.37 9.17
CA GLU D 139 37.62 -49.42 8.44
C GLU D 139 37.66 -49.68 6.94
N ASP D 140 36.95 -50.69 6.45
CA ASP D 140 36.97 -51.03 5.03
C ASP D 140 35.55 -51.11 4.49
N ALA D 141 35.37 -50.66 3.26
CA ALA D 141 34.08 -50.72 2.58
C ALA D 141 33.87 -52.03 1.85
N THR D 142 34.86 -52.92 1.84
CA THR D 142 34.73 -54.20 1.16
C THR D 142 33.77 -55.11 1.93
N GLY D 143 33.12 -56.00 1.19
CA GLY D 143 32.17 -56.93 1.77
C GLY D 143 30.77 -56.33 1.89
N GLU D 144 29.83 -57.20 2.25
CA GLU D 144 28.43 -56.83 2.39
C GLU D 144 28.03 -56.61 3.85
N ALA D 145 28.98 -56.67 4.78
CA ALA D 145 28.65 -56.48 6.19
C ALA D 145 28.29 -55.03 6.51
N CYS D 146 28.74 -54.07 5.70
CA CYS D 146 28.52 -52.66 5.97
C CYS D 146 27.33 -52.08 5.22
N TRP D 147 26.61 -52.89 4.45
CA TRP D 147 25.48 -52.41 3.65
C TRP D 147 24.17 -52.75 4.35
N TRP D 148 23.23 -51.80 4.32
CA TRP D 148 21.98 -51.92 5.03
C TRP D 148 20.83 -51.52 4.11
N THR D 149 19.66 -52.12 4.34
CA THR D 149 18.47 -51.87 3.52
C THR D 149 17.32 -51.46 4.41
N MET D 150 16.62 -50.39 4.02
CA MET D 150 15.45 -49.95 4.76
C MET D 150 14.19 -50.60 4.21
N HIS D 151 13.17 -50.70 5.07
CA HIS D 151 11.91 -51.28 4.66
C HIS D 151 10.75 -50.41 5.14
N PRO D 152 9.61 -50.47 4.46
CA PRO D 152 8.47 -49.63 4.84
C PRO D 152 7.76 -50.16 6.08
N ALA D 153 8.25 -49.80 7.27
CA ALA D 153 7.64 -50.27 8.50
C ALA D 153 6.19 -49.82 8.61
N SER D 154 5.88 -48.63 8.13
CA SER D 154 4.50 -48.14 8.16
C SER D 154 3.64 -48.92 7.18
N LYS D 155 2.39 -49.18 7.59
CA LYS D 155 1.47 -49.91 6.73
C LYS D 155 1.11 -49.11 5.48
N GLN D 156 0.98 -47.78 5.62
CA GLN D 156 0.63 -46.96 4.48
C GLN D 156 1.73 -46.98 3.41
N ARG D 157 2.98 -46.96 3.83
CA ARG D 157 4.09 -46.97 2.88
C ARG D 157 4.27 -48.36 2.29
N SER D 158 4.96 -48.40 1.15
CA SER D 158 5.19 -49.66 0.44
C SER D 158 6.55 -49.59 -0.24
N GLU D 159 7.04 -50.76 -0.65
CA GLU D 159 8.33 -50.83 -1.31
C GLU D 159 8.29 -50.10 -2.65
N GLY D 160 9.44 -49.52 -3.02
CA GLY D 160 9.53 -48.73 -4.22
C GLY D 160 9.13 -47.27 -4.04
N GLU D 161 8.70 -46.87 -2.85
CA GLU D 161 8.29 -45.51 -2.58
C GLU D 161 9.43 -44.75 -1.92
N LYS D 162 9.62 -43.50 -2.34
CA LYS D 162 10.69 -42.68 -1.76
C LYS D 162 10.38 -42.36 -0.30
N VAL D 163 11.41 -42.48 0.54
CA VAL D 163 11.25 -42.17 1.95
C VAL D 163 11.32 -40.66 2.16
N ARG D 164 10.74 -40.22 3.27
CA ARG D 164 10.71 -38.80 3.61
C ARG D 164 11.12 -38.62 5.07
N VAL D 165 11.46 -37.37 5.41
CA VAL D 165 11.89 -37.07 6.76
C VAL D 165 10.74 -37.29 7.74
N GLY D 166 11.10 -37.56 8.99
CA GLY D 166 10.10 -37.84 10.02
C GLY D 166 9.31 -39.09 9.78
N ASP D 167 9.94 -40.13 9.22
CA ASP D 167 9.27 -41.40 8.94
C ASP D 167 10.07 -42.53 9.58
N ASP D 168 9.39 -43.40 10.31
CA ASP D 168 10.05 -44.53 10.95
C ASP D 168 10.51 -45.54 9.90
N LEU D 169 11.67 -46.14 10.14
CA LEU D 169 12.27 -47.09 9.21
C LEU D 169 12.72 -48.33 9.97
N ILE D 170 12.89 -49.42 9.22
CA ILE D 170 13.43 -50.67 9.75
C ILE D 170 14.58 -51.09 8.85
N LEU D 171 15.76 -51.28 9.44
CA LEU D 171 16.97 -51.57 8.69
C LEU D 171 17.38 -53.03 8.87
N VAL D 172 17.81 -53.64 7.76
CA VAL D 172 18.22 -55.04 7.73
C VAL D 172 19.57 -55.13 7.03
N SER D 173 20.49 -55.91 7.61
CA SER D 173 21.77 -56.16 6.99
C SER D 173 21.58 -56.98 5.72
N VAL D 174 22.25 -56.57 4.63
CA VAL D 174 22.22 -57.37 3.42
C VAL D 174 23.02 -58.65 3.60
N SER D 175 24.02 -58.64 4.48
CA SER D 175 24.82 -59.83 4.71
C SER D 175 24.03 -60.90 5.46
N SER D 176 23.25 -60.49 6.46
CA SER D 176 22.45 -61.43 7.24
C SER D 176 21.17 -60.74 7.68
N GLU D 177 20.03 -61.39 7.45
CA GLU D 177 18.75 -60.85 7.86
C GLU D 177 18.71 -60.62 9.36
N ARG D 178 18.65 -59.36 9.78
CA ARG D 178 18.61 -59.00 11.19
C ARG D 178 18.24 -57.53 11.30
N TYR D 179 17.76 -57.13 12.47
CA TYR D 179 17.30 -55.78 12.70
C TYR D 179 18.11 -55.13 13.82
N LEU D 180 18.14 -53.79 13.81
CA LEU D 180 18.82 -53.02 14.86
C LEU D 180 17.93 -53.01 16.10
N HIS D 181 17.78 -54.18 16.70
CA HIS D 181 16.92 -54.32 17.85
C HIS D 181 17.49 -53.58 19.05
N LEU D 182 16.62 -52.94 19.81
CA LEU D 182 16.98 -52.18 21.00
C LEU D 182 16.73 -53.09 22.21
N SER D 183 17.75 -53.87 22.55
CA SER D 183 17.65 -54.78 23.68
C SER D 183 17.64 -53.99 24.99
N THR D 184 16.68 -54.31 25.87
CA THR D 184 16.56 -53.68 27.18
C THR D 184 16.22 -54.72 28.25
N ALA D 185 16.60 -55.98 28.03
CA ALA D 185 16.27 -57.02 28.99
C ALA D 185 17.00 -56.82 30.31
N SER D 186 18.24 -56.34 30.27
CA SER D 186 19.05 -56.14 31.45
C SER D 186 18.84 -54.76 32.08
N GLY D 187 17.91 -53.97 31.56
CA GLY D 187 17.68 -52.62 32.04
C GLY D 187 18.53 -51.56 31.37
N GLU D 188 19.45 -51.97 30.51
CA GLU D 188 20.29 -51.04 29.76
C GLU D 188 19.96 -51.15 28.28
N LEU D 189 19.83 -50.00 27.62
CA LEU D 189 19.44 -49.96 26.21
C LEU D 189 20.69 -50.18 25.35
N GLN D 190 20.71 -51.29 24.61
CA GLN D 190 21.79 -51.59 23.69
C GLN D 190 21.22 -51.86 22.31
N VAL D 191 22.03 -51.62 21.29
CA VAL D 191 21.64 -51.85 19.90
C VAL D 191 22.38 -53.08 19.39
N ASP D 192 21.63 -54.05 18.86
CA ASP D 192 22.27 -55.25 18.37
C ASP D 192 21.46 -55.84 17.23
N ALA D 193 22.13 -56.62 16.39
CA ALA D 193 21.48 -57.29 15.26
C ALA D 193 20.73 -58.51 15.78
N SER D 194 19.40 -58.42 15.79
CA SER D 194 18.55 -59.49 16.29
C SER D 194 17.42 -59.73 15.29
N PHE D 195 16.57 -60.71 15.61
CA PHE D 195 15.46 -61.09 14.74
C PHE D 195 14.16 -60.36 15.07
N MET D 196 14.17 -59.47 16.04
CA MET D 196 12.98 -58.70 16.40
C MET D 196 13.01 -57.34 15.71
N GLN D 197 11.85 -56.87 15.29
CA GLN D 197 11.73 -55.63 14.56
C GLN D 197 11.89 -54.43 15.49
N THR D 198 12.38 -53.32 14.93
CA THR D 198 12.57 -52.10 15.69
C THR D 198 12.51 -50.90 14.74
N LEU D 199 11.66 -49.93 15.06
CA LEU D 199 11.52 -48.74 14.24
C LEU D 199 12.63 -47.75 14.56
N TRP D 200 13.15 -47.11 13.52
CA TRP D 200 14.23 -46.14 13.65
C TRP D 200 13.87 -44.85 12.93
N ASN D 201 14.01 -43.73 13.61
CA ASN D 201 13.74 -42.42 13.04
C ASN D 201 15.02 -41.89 12.40
N MET D 202 14.96 -41.59 11.11
CA MET D 202 16.13 -41.14 10.35
C MET D 202 16.08 -39.62 10.26
N ASN D 203 16.43 -38.97 11.36
CA ASN D 203 16.34 -37.52 11.44
C ASN D 203 17.60 -36.87 10.85
N PRO D 204 17.48 -36.10 9.78
CA PRO D 204 18.66 -35.46 9.20
C PRO D 204 19.07 -34.21 9.98
N ILE D 205 20.38 -33.97 10.03
CA ILE D 205 20.95 -32.76 10.59
C ILE D 205 22.01 -32.24 9.63
N CYS D 206 22.33 -30.95 9.76
CA CYS D 206 23.33 -30.28 8.94
C CYS D 206 22.98 -30.34 7.45
N SER D 207 21.69 -30.46 7.14
CA SER D 207 21.27 -30.58 5.75
C SER D 207 21.35 -29.25 5.01
N CYS D 208 20.90 -28.17 5.65
CA CYS D 208 20.86 -26.85 5.01
C CYS D 208 22.20 -26.16 5.28
N CYS D 209 23.13 -26.31 4.33
CA CYS D 209 24.46 -25.75 4.51
C CYS D 209 24.42 -24.22 4.43
N GLU D 210 24.74 -23.56 5.53
CA GLU D 210 24.93 -22.11 5.55
C GLU D 210 26.32 -21.80 5.02
N GLU D 211 26.40 -21.47 3.73
CA GLU D 211 27.68 -21.15 3.11
C GLU D 211 28.18 -19.80 3.59
N GLY D 212 29.44 -19.76 4.03
CA GLY D 212 30.02 -18.56 4.60
C GLY D 212 29.45 -18.14 5.93
N TYR D 213 28.36 -18.75 6.37
CA TYR D 213 27.74 -18.48 7.66
C TYR D 213 28.20 -19.51 8.69
N VAL D 214 28.03 -19.17 9.95
CA VAL D 214 28.43 -20.07 11.04
C VAL D 214 27.30 -21.05 11.32
N THR D 215 27.65 -22.34 11.37
CA THR D 215 26.68 -23.42 11.54
C THR D 215 26.88 -24.11 12.88
N GLY D 216 25.85 -24.85 13.30
CA GLY D 216 25.95 -25.64 14.50
C GLY D 216 26.82 -26.86 14.32
N GLY D 217 27.27 -27.41 15.45
CA GLY D 217 28.16 -28.55 15.41
C GLY D 217 29.46 -28.28 14.69
N HIS D 218 30.03 -27.09 14.89
CA HIS D 218 31.24 -26.66 14.19
C HIS D 218 32.28 -26.25 15.21
N VAL D 219 33.55 -26.53 14.88
CA VAL D 219 34.70 -26.17 15.68
C VAL D 219 35.41 -25.00 15.01
N LEU D 220 35.85 -24.03 15.81
CA LEU D 220 36.43 -22.81 15.26
C LEU D 220 37.19 -22.09 16.38
N ARG D 221 37.95 -21.06 15.98
CA ARG D 221 38.73 -20.27 16.92
C ARG D 221 38.16 -18.85 16.95
N LEU D 222 37.44 -18.52 18.02
CA LEU D 222 36.91 -17.18 18.18
C LEU D 222 38.04 -16.18 18.42
N PHE D 223 37.86 -14.97 17.89
CA PHE D 223 38.93 -13.96 17.84
C PHE D 223 38.29 -12.59 18.04
N HIS D 224 38.46 -11.97 19.21
CA HIS D 224 38.07 -10.56 19.30
C HIS D 224 39.03 -9.74 18.46
N GLY D 225 38.59 -9.36 17.27
CA GLY D 225 39.43 -8.64 16.32
C GLY D 225 40.26 -9.59 15.46
N HIS D 226 41.58 -9.53 15.62
CA HIS D 226 42.50 -10.44 14.96
C HIS D 226 43.66 -10.70 15.90
N MET D 227 44.17 -11.93 15.88
CA MET D 227 45.27 -12.31 16.76
C MET D 227 44.85 -12.09 18.23
N ASP D 228 43.85 -12.87 18.64
CA ASP D 228 43.22 -12.71 19.95
C ASP D 228 43.19 -13.98 20.78
N GLU D 229 42.90 -15.13 20.17
CA GLU D 229 42.71 -16.39 20.90
C GLU D 229 41.62 -16.25 21.96
N CYS D 230 40.41 -15.94 21.50
CA CYS D 230 39.31 -15.66 22.41
C CYS D 230 38.89 -16.92 23.15
N LEU D 231 38.74 -16.79 24.47
CA LEU D 231 38.37 -17.91 25.35
C LEU D 231 39.31 -19.09 25.18
N THR D 232 40.60 -18.81 24.99
CA THR D 232 41.59 -19.86 24.92
C THR D 232 41.96 -20.29 26.34
N ILE D 233 41.72 -21.57 26.64
CA ILE D 233 41.97 -22.07 27.97
C ILE D 233 43.48 -22.07 28.26
N SER D 234 43.82 -22.14 29.55
CA SER D 234 45.21 -22.13 29.95
C SER D 234 45.90 -23.43 29.52
N ALA D 235 47.22 -23.43 29.65
CA ALA D 235 48.02 -24.57 29.23
C ALA D 235 47.80 -25.76 30.18
N ALA D 236 48.34 -26.90 29.79
CA ALA D 236 48.18 -28.11 30.59
C ALA D 236 48.95 -28.01 31.90
N ASP D 237 48.40 -28.64 32.93
CA ASP D 237 48.99 -28.66 34.27
C ASP D 237 49.23 -27.25 34.81
N SER D 238 48.24 -26.38 34.64
CA SER D 238 48.31 -25.00 35.10
C SER D 238 47.55 -24.83 36.41
N ASP D 239 47.91 -23.79 37.16
CA ASP D 239 47.22 -23.49 38.40
C ASP D 239 45.76 -23.11 38.16
N ASP D 240 45.43 -22.63 36.96
CA ASP D 240 44.05 -22.31 36.62
C ASP D 240 43.17 -23.56 36.59
N GLN D 241 43.79 -24.75 36.50
CA GLN D 241 43.07 -26.02 36.34
C GLN D 241 42.22 -26.02 35.07
N ARG D 242 42.63 -25.21 34.09
CA ARG D 242 41.90 -25.04 32.83
C ARG D 242 40.43 -24.71 33.08
N ARG D 243 40.21 -23.74 33.96
CA ARG D 243 38.86 -23.34 34.33
C ARG D 243 38.51 -21.90 33.98
N LEU D 244 39.48 -21.08 33.57
CA LEU D 244 39.23 -19.69 33.23
C LEU D 244 39.77 -19.39 31.84
N VAL D 245 39.19 -18.38 31.20
CA VAL D 245 39.56 -17.98 29.84
C VAL D 245 40.37 -16.70 29.90
N TYR D 246 41.30 -16.56 28.95
CA TYR D 246 42.22 -15.42 28.94
C TYR D 246 42.50 -15.02 27.50
N TYR D 247 43.52 -14.17 27.34
CA TYR D 247 44.02 -13.73 26.04
C TYR D 247 45.46 -14.21 25.92
N GLU D 248 45.77 -14.94 24.86
CA GLU D 248 47.10 -15.51 24.67
C GLU D 248 47.63 -15.12 23.30
N GLY D 249 48.84 -15.59 23.00
CA GLY D 249 49.48 -15.22 21.74
C GLY D 249 50.61 -16.16 21.41
N GLY D 250 51.12 -16.01 20.19
CA GLY D 250 52.22 -16.81 19.70
C GLY D 250 51.73 -17.99 18.87
N ALA D 251 52.24 -19.19 19.20
CA ALA D 251 51.82 -20.41 18.52
C ALA D 251 50.53 -20.98 19.08
N VAL D 252 49.95 -20.34 20.10
CA VAL D 252 48.67 -20.80 20.62
C VAL D 252 47.56 -20.68 19.59
N CYS D 253 47.75 -19.84 18.57
CA CYS D 253 46.79 -19.79 17.46
C CYS D 253 46.73 -21.13 16.75
N THR D 254 47.88 -21.73 16.46
CA THR D 254 47.93 -23.06 15.87
C THR D 254 47.64 -24.16 16.89
N HIS D 255 47.87 -23.89 18.17
CA HIS D 255 47.60 -24.88 19.21
C HIS D 255 46.12 -25.28 19.21
N ALA D 256 45.85 -26.45 19.77
CA ALA D 256 44.51 -27.02 19.75
C ALA D 256 43.66 -26.64 20.96
N ARG D 257 44.20 -25.89 21.91
CA ARG D 257 43.43 -25.49 23.07
C ARG D 257 42.53 -24.28 22.79
N SER D 258 42.74 -23.59 21.68
CA SER D 258 41.93 -22.42 21.33
C SER D 258 40.65 -22.81 20.59
N LEU D 259 40.42 -24.09 20.35
CA LEU D 259 39.25 -24.53 19.60
C LEU D 259 38.01 -24.55 20.48
N TRP D 260 36.90 -24.07 19.92
CA TRP D 260 35.60 -24.11 20.58
C TRP D 260 34.56 -24.64 19.60
N ARG D 261 33.66 -25.46 20.12
CA ARG D 261 32.59 -26.09 19.34
C ARG D 261 31.25 -25.48 19.72
N LEU D 262 30.40 -25.27 18.73
CA LEU D 262 29.10 -24.65 18.96
C LEU D 262 27.99 -25.69 18.87
N GLU D 263 27.02 -25.59 19.78
CA GLU D 263 25.90 -26.53 19.81
C GLU D 263 24.60 -25.78 20.07
N PRO D 264 23.72 -25.66 19.08
CA PRO D 264 22.41 -25.05 19.34
C PRO D 264 21.58 -25.91 20.28
N LEU D 265 20.71 -25.25 21.05
CA LEU D 265 19.91 -25.95 22.05
C LEU D 265 18.89 -26.89 21.44
N ARG D 266 18.63 -26.79 20.14
CA ARG D 266 17.69 -27.67 19.46
C ARG D 266 18.37 -29.00 19.11
N ILE D 267 17.63 -29.87 18.43
CA ILE D 267 18.14 -31.19 18.07
C ILE D 267 18.15 -31.34 16.55
N SER D 268 16.96 -31.28 15.94
CA SER D 268 16.85 -31.47 14.50
C SER D 268 17.42 -30.28 13.75
N TRP D 269 18.16 -30.56 12.67
CA TRP D 269 18.75 -29.54 11.81
C TRP D 269 19.66 -28.61 12.60
N SER D 270 20.32 -29.15 13.64
CA SER D 270 21.14 -28.31 14.52
C SER D 270 22.30 -27.68 13.77
N GLY D 271 22.97 -28.45 12.92
CA GLY D 271 24.09 -27.95 12.15
C GLY D 271 23.72 -27.24 10.87
N SER D 272 22.43 -27.00 10.63
CA SER D 272 22.00 -26.40 9.38
C SER D 272 22.17 -24.88 9.40
N HIS D 273 21.44 -24.19 10.27
CA HIS D 273 21.49 -22.74 10.30
C HIS D 273 21.48 -22.24 11.74
N LEU D 274 22.16 -21.12 11.96
CA LEU D 274 22.23 -20.45 13.26
C LEU D 274 21.63 -19.06 13.13
N ARG D 275 20.85 -18.67 14.14
CA ARG D 275 20.09 -17.43 14.09
C ARG D 275 20.67 -16.38 15.03
N TRP D 276 20.48 -15.12 14.68
CA TRP D 276 20.89 -14.03 15.54
C TRP D 276 20.08 -14.06 16.84
N GLY D 277 20.80 -14.02 17.97
CA GLY D 277 20.14 -14.11 19.25
C GLY D 277 19.61 -15.48 19.60
N GLN D 278 19.94 -16.49 18.82
CA GLN D 278 19.49 -17.85 19.11
C GLN D 278 20.32 -18.44 20.24
N PRO D 279 19.70 -18.91 21.31
CA PRO D 279 20.47 -19.50 22.42
C PRO D 279 21.27 -20.71 21.95
N LEU D 280 22.49 -20.84 22.47
CA LEU D 280 23.39 -21.91 22.08
C LEU D 280 24.41 -22.13 23.19
N ARG D 281 25.09 -23.27 23.12
CA ARG D 281 26.13 -23.63 24.07
C ARG D 281 27.48 -23.69 23.37
N ILE D 282 28.53 -23.35 24.11
CA ILE D 282 29.89 -23.36 23.60
C ILE D 282 30.69 -24.36 24.42
N ARG D 283 31.37 -25.28 23.74
CA ARG D 283 32.10 -26.38 24.35
C ARG D 283 33.57 -26.28 23.99
N HIS D 284 34.43 -26.77 24.89
CA HIS D 284 35.86 -26.84 24.63
C HIS D 284 36.19 -28.18 24.02
N VAL D 285 36.77 -28.17 22.82
CA VAL D 285 36.98 -29.41 22.08
C VAL D 285 37.96 -30.31 22.81
N THR D 286 39.06 -29.75 23.31
CA THR D 286 40.10 -30.57 23.92
C THR D 286 39.71 -31.08 25.30
N THR D 287 39.06 -30.24 26.12
CA THR D 287 38.77 -30.62 27.50
C THR D 287 37.34 -31.07 27.72
N GLY D 288 36.40 -30.68 26.85
CA GLY D 288 35.02 -31.09 27.02
C GLY D 288 34.26 -30.36 28.09
N ARG D 289 34.59 -29.10 28.34
CA ARG D 289 33.91 -28.27 29.33
C ARG D 289 33.12 -27.18 28.63
N TYR D 290 31.95 -26.86 29.17
CA TYR D 290 31.05 -25.89 28.57
C TYR D 290 31.23 -24.52 29.22
N LEU D 291 31.25 -23.49 28.38
CA LEU D 291 31.28 -22.12 28.87
C LEU D 291 30.04 -21.84 29.72
N ALA D 292 30.25 -21.16 30.85
CA ALA D 292 29.16 -20.95 31.79
C ALA D 292 29.40 -19.72 32.63
N LEU D 293 28.31 -19.24 33.24
CA LEU D 293 28.32 -18.16 34.20
C LEU D 293 28.13 -18.74 35.60
N THR D 294 28.85 -18.17 36.56
CA THR D 294 28.69 -18.56 37.96
C THR D 294 28.73 -17.30 38.82
N GLU D 295 28.15 -17.41 40.02
CA GLU D 295 28.11 -16.27 40.93
C GLU D 295 29.49 -15.92 41.48
N ASP D 296 30.49 -16.78 41.31
CA ASP D 296 31.85 -16.51 41.78
C ASP D 296 32.67 -15.74 40.75
N GLN D 297 32.62 -16.18 39.49
CA GLN D 297 33.44 -15.60 38.43
C GLN D 297 32.59 -15.38 37.19
N GLY D 298 33.01 -14.42 36.37
CA GLY D 298 32.27 -14.08 35.17
C GLY D 298 32.16 -15.21 34.17
N LEU D 299 33.28 -15.61 33.59
CA LEU D 299 33.34 -16.69 32.62
C LEU D 299 34.08 -17.87 33.22
N VAL D 300 33.43 -19.04 33.24
CA VAL D 300 34.07 -20.27 33.68
C VAL D 300 33.73 -21.37 32.68
N VAL D 301 34.33 -22.55 32.88
CA VAL D 301 33.98 -23.73 32.11
C VAL D 301 33.65 -24.85 33.09
N VAL D 302 32.49 -25.46 32.91
CA VAL D 302 32.00 -26.46 33.85
C VAL D 302 31.74 -27.77 33.10
N ASP D 303 31.63 -28.84 33.88
CA ASP D 303 31.36 -30.15 33.31
C ASP D 303 29.94 -30.21 32.76
N ALA D 304 29.66 -31.25 31.98
CA ALA D 304 28.34 -31.41 31.39
C ALA D 304 27.27 -31.62 32.46
N CYS D 305 27.62 -32.26 33.57
CA CYS D 305 26.65 -32.49 34.63
C CYS D 305 26.16 -31.17 35.22
N LYS D 306 27.07 -30.23 35.46
CA LYS D 306 26.69 -28.90 35.96
C LYS D 306 26.25 -27.96 34.84
N ALA D 307 26.43 -28.36 33.59
CA ALA D 307 26.05 -27.52 32.46
C ALA D 307 24.53 -27.58 32.27
N HIS D 308 23.86 -26.46 32.51
CA HIS D 308 22.42 -26.35 32.31
C HIS D 308 22.11 -25.05 31.59
N THR D 309 20.82 -24.83 31.32
CA THR D 309 20.41 -23.69 30.51
C THR D 309 20.64 -22.36 31.21
N LYS D 310 20.58 -22.34 32.55
CA LYS D 310 20.69 -21.08 33.27
C LYS D 310 22.09 -20.49 33.22
N ALA D 311 23.11 -21.30 32.91
CA ALA D 311 24.50 -20.84 32.92
C ALA D 311 25.21 -21.02 31.59
N THR D 312 24.99 -22.14 30.90
CA THR D 312 25.73 -22.45 29.69
C THR D 312 25.09 -21.92 28.42
N SER D 313 23.89 -21.35 28.50
CA SER D 313 23.20 -20.85 27.32
C SER D 313 23.72 -19.48 26.96
N PHE D 314 24.31 -19.34 25.77
CA PHE D 314 24.79 -18.09 25.24
C PHE D 314 24.13 -17.84 23.89
N CYS D 315 24.29 -16.62 23.38
CA CYS D 315 23.69 -16.24 22.11
C CYS D 315 24.63 -15.27 21.39
N PHE D 316 24.19 -14.81 20.23
CA PHE D 316 24.99 -13.92 19.38
C PHE D 316 24.18 -12.66 19.11
N ARG D 317 24.70 -11.52 19.56
CA ARG D 317 24.06 -10.22 19.31
C ARG D 317 25.07 -9.27 18.67
N VAL D 318 24.71 -8.00 18.57
CA VAL D 318 25.61 -7.00 17.99
C VAL D 318 25.30 -5.64 18.60
N SER D 319 26.34 -4.83 18.80
CA SER D 319 26.24 -3.44 19.21
C SER D 319 25.53 -3.28 20.56
N LYS D 320 25.70 -4.26 21.45
CA LYS D 320 25.17 -4.19 22.81
C LYS D 320 23.66 -3.92 22.82
N GLU D 321 22.94 -4.57 21.90
CA GLU D 321 21.52 -4.34 21.72
C GLU D 321 20.72 -5.44 22.42
N LYS D 322 19.87 -5.04 23.37
CA LYS D 322 18.98 -5.99 24.02
C LYS D 322 17.97 -6.55 23.03
N LEU D 323 17.42 -5.71 22.17
CA LEU D 323 16.42 -6.13 21.19
C LEU D 323 17.08 -6.49 19.86
N GLU D 338 22.42 -14.39 7.93
CA GLU D 338 22.47 -14.52 9.38
C GLU D 338 23.81 -14.03 9.93
N ILE D 339 24.57 -14.95 10.53
CA ILE D 339 25.85 -14.65 11.15
C ILE D 339 26.93 -15.26 10.27
N LYS D 340 27.78 -14.42 9.69
CA LYS D 340 28.84 -14.89 8.81
C LYS D 340 29.91 -15.64 9.60
N TYR D 341 30.37 -16.76 9.03
CA TYR D 341 31.51 -17.45 9.61
C TYR D 341 32.76 -16.58 9.51
N GLY D 342 32.93 -15.88 8.40
CA GLY D 342 34.05 -14.97 8.24
C GLY D 342 33.59 -13.61 7.76
N GLU D 343 34.47 -12.63 7.95
CA GLU D 343 34.21 -11.24 7.57
C GLU D 343 32.97 -10.70 8.27
N SER D 344 32.93 -10.86 9.59
CA SER D 344 31.83 -10.33 10.40
C SER D 344 32.28 -10.21 11.84
N LEU D 345 31.54 -9.41 12.60
CA LEU D 345 31.76 -9.25 14.03
C LEU D 345 30.42 -9.32 14.75
N CYS D 346 30.47 -9.71 16.02
CA CYS D 346 29.24 -9.89 16.79
C CYS D 346 29.53 -9.72 18.27
N PHE D 347 28.46 -9.54 19.03
CA PHE D 347 28.51 -9.39 20.48
C PHE D 347 27.82 -10.59 21.14
N VAL D 348 28.29 -10.95 22.32
CA VAL D 348 27.84 -12.17 23.00
C VAL D 348 27.16 -11.79 24.30
N GLN D 349 25.94 -12.29 24.49
CA GLN D 349 25.20 -12.14 25.74
C GLN D 349 24.85 -13.52 26.28
N HIS D 350 24.99 -13.69 27.59
CA HIS D 350 24.50 -14.90 28.22
C HIS D 350 22.97 -14.87 28.26
N VAL D 351 22.36 -16.01 27.98
CA VAL D 351 20.90 -16.10 27.93
C VAL D 351 20.34 -15.95 29.35
N ALA D 352 19.21 -15.25 29.46
CA ALA D 352 18.53 -15.01 30.74
C ALA D 352 19.41 -14.25 31.71
N SER D 353 20.26 -13.35 31.19
CA SER D 353 21.06 -12.47 32.03
C SER D 353 21.45 -11.26 31.21
N GLY D 354 21.59 -10.12 31.90
CA GLY D 354 21.95 -8.88 31.23
C GLY D 354 23.43 -8.70 30.99
N LEU D 355 24.26 -9.59 31.50
CA LEU D 355 25.70 -9.43 31.36
C LEU D 355 26.15 -9.70 29.93
N TRP D 356 27.18 -8.98 29.50
CA TRP D 356 27.77 -9.13 28.17
C TRP D 356 29.20 -9.63 28.30
N LEU D 357 29.61 -10.47 27.34
CA LEU D 357 30.96 -11.01 27.36
C LEU D 357 31.97 -9.90 27.10
N THR D 358 32.96 -9.77 28.01
CA THR D 358 33.99 -8.76 27.88
C THR D 358 35.16 -9.15 28.77
N TYR D 359 36.29 -8.48 28.59
CA TYR D 359 37.48 -8.81 29.36
C TYR D 359 37.69 -7.84 30.50
N ALA D 360 38.52 -8.23 31.47
CA ALA D 360 38.82 -7.36 32.58
C ALA D 360 39.67 -6.19 32.13
N ALA D 361 39.61 -5.09 32.84
CA ALA D 361 40.43 -3.93 32.50
C ALA D 361 41.89 -4.36 32.47
N PRO D 362 42.65 -3.83 31.50
CA PRO D 362 44.04 -4.25 31.38
C PRO D 362 44.74 -4.23 32.74
N ASP D 363 45.33 -5.35 33.13
CA ASP D 363 45.99 -5.43 34.43
C ASP D 363 47.44 -5.02 34.32
N PRO D 364 47.81 -3.94 35.02
CA PRO D 364 49.21 -3.53 35.03
C PRO D 364 50.08 -4.64 35.58
N LYS D 365 49.57 -5.36 36.57
CA LYS D 365 50.31 -6.49 37.14
C LYS D 365 50.49 -7.56 36.08
N ALA D 366 49.45 -7.81 35.28
CA ALA D 366 49.57 -8.80 34.22
C ALA D 366 50.66 -8.36 33.26
N LEU D 367 50.69 -7.07 32.96
CA LEU D 367 51.74 -6.55 32.09
C LEU D 367 53.09 -6.74 32.77
N ARG D 368 53.14 -6.47 34.06
CA ARG D 368 54.38 -6.67 34.81
C ARG D 368 54.79 -8.11 34.69
N LEU D 369 53.83 -9.01 34.82
CA LEU D 369 54.11 -10.44 34.69
C LEU D 369 54.36 -10.79 33.23
N GLY D 370 54.12 -9.83 32.34
CA GLY D 370 54.30 -10.08 30.93
C GLY D 370 53.33 -11.14 30.44
N VAL D 371 52.14 -11.17 31.03
CA VAL D 371 51.15 -12.16 30.62
C VAL D 371 50.03 -11.51 29.83
N LEU D 372 49.78 -12.02 28.62
CA LEU D 372 48.74 -11.46 27.78
C LEU D 372 47.36 -11.76 28.34
N LYS D 373 47.28 -12.66 29.31
CA LYS D 373 45.99 -13.06 29.84
C LYS D 373 45.08 -11.87 30.08
N LYS D 374 43.85 -11.96 29.60
CA LYS D 374 42.89 -10.89 29.83
C LYS D 374 41.65 -11.54 30.41
N LYS D 375 41.77 -12.03 31.64
CA LYS D 375 40.65 -12.73 32.25
C LYS D 375 39.35 -12.08 31.87
N ALA D 376 38.51 -12.80 31.15
CA ALA D 376 37.24 -12.26 30.71
C ALA D 376 36.19 -12.40 31.80
N ILE D 377 35.63 -11.28 32.24
CA ILE D 377 34.57 -11.32 33.24
C ILE D 377 33.28 -10.79 32.62
N LEU D 378 32.16 -11.38 33.03
CA LEU D 378 30.86 -11.10 32.43
C LEU D 378 30.21 -9.94 33.17
N HIS D 379 30.02 -8.82 32.47
CA HIS D 379 29.30 -7.67 33.03
C HIS D 379 28.33 -7.13 31.99
N GLN D 380 27.31 -6.43 32.48
CA GLN D 380 26.35 -5.78 31.59
C GLN D 380 26.96 -4.57 30.90
N GLU D 381 27.80 -3.82 31.62
CA GLU D 381 28.41 -2.61 31.05
C GLU D 381 29.30 -2.95 29.86
N GLY D 382 30.15 -3.96 30.00
CA GLY D 382 30.98 -4.40 28.90
C GLY D 382 32.01 -3.37 28.50
N HIS D 383 32.40 -3.43 27.22
CA HIS D 383 33.40 -2.53 26.66
C HIS D 383 33.04 -2.33 25.18
N MET D 384 33.99 -1.80 24.41
CA MET D 384 33.78 -1.60 22.97
C MET D 384 34.67 -2.49 22.11
N ASP D 385 35.51 -3.33 22.71
CA ASP D 385 36.24 -4.38 22.00
C ASP D 385 35.54 -5.73 22.09
N ASP D 386 34.23 -5.75 22.36
CA ASP D 386 33.52 -7.00 22.54
C ASP D 386 33.15 -7.68 21.22
N ALA D 387 33.37 -7.02 20.09
CA ALA D 387 33.17 -7.66 18.80
C ALA D 387 34.26 -8.69 18.56
N LEU D 388 33.88 -9.84 18.00
CA LEU D 388 34.81 -10.94 17.81
C LEU D 388 34.67 -11.55 16.43
N PHE D 389 35.76 -12.17 15.98
CA PHE D 389 35.90 -12.75 14.65
C PHE D 389 35.91 -14.27 14.76
N LEU D 390 35.25 -14.94 13.82
CA LEU D 390 35.17 -16.38 13.79
C LEU D 390 36.00 -16.94 12.65
N THR D 391 36.63 -18.10 12.89
CA THR D 391 37.43 -18.76 11.87
C THR D 391 37.47 -20.25 12.17
N ARG D 392 37.06 -21.07 11.21
CA ARG D 392 37.05 -22.50 11.38
C ARG D 392 38.46 -23.07 11.17
N CYS D 393 38.61 -24.36 11.50
CA CYS D 393 39.89 -25.04 11.38
C CYS D 393 39.70 -26.34 10.60
N GLN D 394 40.83 -26.97 10.28
CA GLN D 394 40.82 -28.13 9.41
C GLN D 394 40.24 -29.35 10.11
N GLN D 395 39.70 -30.26 9.30
CA GLN D 395 39.17 -31.52 9.84
C GLN D 395 40.26 -32.34 10.49
N GLU D 396 41.51 -32.18 10.06
CA GLU D 396 42.62 -32.88 10.71
C GLU D 396 42.75 -32.47 12.17
N GLU D 397 42.79 -31.16 12.43
CA GLU D 397 42.87 -30.68 13.81
C GLU D 397 41.59 -31.00 14.58
N SER D 398 40.44 -30.91 13.91
CA SER D 398 39.18 -31.23 14.58
C SER D 398 39.16 -32.67 15.06
N GLN D 399 39.62 -33.60 14.22
CA GLN D 399 39.74 -35.00 14.62
C GLN D 399 40.77 -35.17 15.73
N ALA D 400 41.95 -34.54 15.56
CA ALA D 400 43.05 -34.75 16.49
C ALA D 400 42.68 -34.31 17.90
N ALA D 401 41.95 -33.19 18.02
CA ALA D 401 41.54 -32.74 19.35
C ALA D 401 40.62 -33.76 20.02
N ARG D 402 39.71 -34.35 19.25
CA ARG D 402 38.81 -35.36 19.81
C ARG D 402 39.59 -36.60 20.26
N MET D 403 40.56 -37.04 19.44
CA MET D 403 41.37 -38.18 19.87
C MET D 403 42.18 -37.84 21.12
N ILE D 404 42.68 -36.60 21.21
CA ILE D 404 43.42 -36.18 22.39
C ILE D 404 42.53 -36.26 23.62
N HIS D 405 41.30 -35.75 23.52
CA HIS D 405 40.38 -35.78 24.64
C HIS D 405 40.08 -37.21 25.08
N SER D 406 39.73 -38.07 24.12
CA SER D 406 39.38 -39.44 24.46
C SER D 406 40.57 -40.20 25.04
N THR D 407 41.75 -40.03 24.45
CA THR D 407 42.94 -40.70 24.96
C THR D 407 43.28 -40.23 26.36
N ALA D 408 43.19 -38.92 26.61
CA ALA D 408 43.45 -38.40 27.95
C ALA D 408 42.49 -38.99 28.96
N GLY D 409 41.21 -39.05 28.63
CA GLY D 409 40.24 -39.64 29.56
C GLY D 409 40.54 -41.09 29.85
N LEU D 410 40.77 -41.89 28.80
CA LEU D 410 41.01 -43.32 28.99
C LEU D 410 42.28 -43.56 29.79
N TYR D 411 43.34 -42.82 29.48
CA TYR D 411 44.62 -43.05 30.16
C TYR D 411 44.58 -42.56 31.59
N ASN D 412 43.82 -41.49 31.88
CA ASN D 412 43.62 -41.08 33.26
C ASN D 412 42.86 -42.15 34.04
N GLN D 413 41.85 -42.76 33.42
CA GLN D 413 41.16 -43.88 34.08
C GLN D 413 42.12 -45.03 34.34
N PHE D 414 43.00 -45.33 33.37
CA PHE D 414 43.96 -46.42 33.57
C PHE D 414 44.93 -46.11 34.71
N ILE D 415 45.42 -44.88 34.78
CA ILE D 415 46.34 -44.48 35.85
C ILE D 415 45.65 -44.55 37.21
N LYS D 416 44.41 -44.08 37.28
CA LYS D 416 43.66 -44.17 38.53
C LYS D 416 43.44 -45.62 38.93
N GLY D 417 43.14 -46.49 37.96
CA GLY D 417 43.00 -47.90 38.28
C GLY D 417 44.28 -48.51 38.82
N LEU D 418 45.42 -48.17 38.22
CA LEU D 418 46.69 -48.66 38.73
C LEU D 418 46.94 -48.17 40.16
N ASP D 419 46.73 -46.87 40.39
CA ASP D 419 46.95 -46.30 41.71
C ASP D 419 45.97 -46.84 42.75
N SER D 420 44.82 -47.35 42.31
CA SER D 420 43.85 -47.90 43.25
C SER D 420 44.43 -49.08 44.03
N PHE D 421 45.02 -50.04 43.32
CA PHE D 421 45.65 -51.18 43.98
C PHE D 421 47.13 -50.96 44.26
N SER D 422 47.70 -49.83 43.83
CA SER D 422 49.08 -49.52 44.18
C SER D 422 49.22 -49.36 45.68
N GLY D 423 50.15 -50.11 46.27
CA GLY D 423 50.44 -50.05 47.68
C GLY D 423 49.82 -51.15 48.51
N LYS D 424 48.79 -51.83 48.00
CA LYS D 424 48.16 -52.94 48.72
C LYS D 424 48.15 -54.15 47.79
N PRO D 425 48.81 -55.25 48.18
CA PRO D 425 48.82 -56.43 47.31
C PRO D 425 47.42 -57.00 47.12
N ARG D 426 47.16 -57.48 45.90
CA ARG D 426 45.88 -58.13 45.62
C ARG D 426 45.72 -59.41 46.43
N GLY D 427 46.77 -60.21 46.51
CA GLY D 427 46.72 -61.46 47.24
C GLY D 427 45.73 -62.46 46.65
N SER D 428 44.65 -62.72 47.38
CA SER D 428 43.62 -63.67 46.93
C SER D 428 42.50 -62.95 46.19
N GLY D 429 41.84 -62.00 46.85
CA GLY D 429 40.74 -61.28 46.28
C GLY D 429 41.18 -60.11 45.42
N PRO D 430 40.50 -59.90 44.30
CA PRO D 430 40.86 -58.81 43.39
C PRO D 430 40.64 -57.46 44.05
N PRO D 431 41.32 -56.41 43.58
CA PRO D 431 41.15 -55.09 44.17
C PRO D 431 39.70 -54.62 44.07
N ALA D 432 39.26 -53.88 45.09
CA ALA D 432 37.87 -53.43 45.14
C ALA D 432 37.52 -52.50 44.00
N GLY D 433 38.53 -51.82 43.44
CA GLY D 433 38.29 -50.93 42.32
C GLY D 433 37.89 -51.67 41.07
N PRO D 434 37.23 -50.97 40.14
CA PRO D 434 36.82 -51.61 38.88
C PRO D 434 38.03 -52.06 38.08
N ALA D 435 37.83 -53.13 37.30
CA ALA D 435 38.90 -53.68 36.49
C ALA D 435 39.41 -52.65 35.48
N LEU D 436 40.72 -52.59 35.31
CA LEU D 436 41.32 -51.64 34.39
C LEU D 436 40.93 -52.00 32.95
N PRO D 437 40.65 -51.00 32.12
CA PRO D 437 40.28 -51.27 30.71
C PRO D 437 41.50 -51.58 29.85
N ILE D 438 42.10 -52.75 30.09
CA ILE D 438 43.34 -53.11 29.43
C ILE D 438 43.12 -53.32 27.93
N GLU D 439 41.97 -53.90 27.55
CA GLU D 439 41.68 -54.08 26.13
C GLU D 439 41.52 -52.75 25.43
N ALA D 440 40.83 -51.80 26.05
CA ALA D 440 40.71 -50.47 25.48
C ALA D 440 42.07 -49.80 25.37
N VAL D 441 42.91 -49.97 26.40
CA VAL D 441 44.24 -49.36 26.39
C VAL D 441 45.07 -49.91 25.24
N ILE D 442 45.07 -51.23 25.05
CA ILE D 442 45.91 -51.81 24.00
C ILE D 442 45.36 -51.44 22.62
N LEU D 443 44.04 -51.42 22.46
CA LEU D 443 43.48 -51.03 21.17
C LEU D 443 43.81 -49.58 20.84
N SER D 444 43.68 -48.69 21.83
CA SER D 444 44.02 -47.29 21.61
C SER D 444 45.51 -47.11 21.32
N LEU D 445 46.36 -47.89 22.00
CA LEU D 445 47.79 -47.83 21.74
C LEU D 445 48.11 -48.24 20.31
N GLN D 446 47.50 -49.34 19.83
CA GLN D 446 47.72 -49.73 18.44
C GLN D 446 47.20 -48.68 17.47
N ASP D 447 46.04 -48.10 17.76
CA ASP D 447 45.51 -47.05 16.89
C ASP D 447 46.45 -45.85 16.83
N LEU D 448 47.00 -45.44 17.98
CA LEU D 448 47.90 -44.30 17.99
C LEU D 448 49.22 -44.61 17.30
N ILE D 449 49.72 -45.84 17.45
CA ILE D 449 50.94 -46.23 16.75
C ILE D 449 50.72 -46.19 15.24
N GLY D 450 49.57 -46.69 14.78
CA GLY D 450 49.27 -46.58 13.36
C GLY D 450 49.08 -45.14 12.92
N TYR D 451 48.50 -44.31 13.79
CA TYR D 451 48.25 -42.91 13.46
C TYR D 451 49.55 -42.14 13.30
N PHE D 452 50.52 -42.39 14.17
CA PHE D 452 51.86 -41.79 14.07
C PHE D 452 52.76 -42.79 13.36
N GLU D 453 52.77 -42.73 12.03
CA GLU D 453 53.57 -43.64 11.22
C GLU D 453 54.39 -42.84 10.22
N PRO D 454 55.69 -43.08 10.11
CA PRO D 454 56.50 -42.34 9.16
C PRO D 454 56.07 -42.63 7.73
N PRO D 455 56.20 -41.67 6.84
CA PRO D 455 55.84 -41.90 5.44
C PRO D 455 56.77 -42.93 4.79
N SER D 456 56.22 -43.64 3.81
CA SER D 456 56.99 -44.64 3.09
C SER D 456 58.00 -43.96 2.16
N GLU D 457 59.20 -44.54 2.07
CA GLU D 457 60.24 -43.98 1.23
C GLU D 457 59.96 -44.17 -0.25
N GLU D 458 59.13 -45.15 -0.62
CA GLU D 458 58.78 -45.37 -2.02
C GLU D 458 57.91 -44.27 -2.59
N LEU D 459 57.32 -43.42 -1.74
CA LEU D 459 56.47 -42.35 -2.20
C LEU D 459 57.27 -41.29 -2.96
N GLN D 460 56.57 -40.51 -3.77
CA GLN D 460 57.22 -39.41 -4.47
C GLN D 460 57.69 -38.35 -3.48
N HIS D 461 58.62 -37.51 -3.93
CA HIS D 461 59.26 -36.56 -3.03
C HIS D 461 58.25 -35.56 -2.48
N GLU D 462 57.38 -35.02 -3.33
CA GLU D 462 56.44 -34.00 -2.89
C GLU D 462 55.42 -34.56 -1.89
N GLU D 463 54.81 -35.69 -2.23
CA GLU D 463 53.82 -36.30 -1.35
C GLU D 463 54.47 -36.75 -0.04
N LYS D 464 55.70 -37.26 -0.11
CA LYS D 464 56.41 -37.66 1.10
C LYS D 464 56.67 -36.45 1.99
N GLN D 465 57.08 -35.33 1.40
CA GLN D 465 57.30 -34.12 2.20
C GLN D 465 56.01 -33.63 2.83
N SER D 466 54.90 -33.69 2.08
CA SER D 466 53.62 -33.29 2.66
C SER D 466 53.22 -34.18 3.83
N LYS D 467 53.42 -35.49 3.69
CA LYS D 467 53.12 -36.40 4.79
C LYS D 467 54.04 -36.15 5.98
N LEU D 468 55.31 -35.81 5.73
CA LEU D 468 56.22 -35.46 6.82
C LEU D 468 55.72 -34.23 7.57
N ARG D 469 55.27 -33.20 6.84
CA ARG D 469 54.74 -32.02 7.51
C ARG D 469 53.50 -32.35 8.33
N SER D 470 52.62 -33.18 7.77
CA SER D 470 51.41 -33.56 8.50
C SER D 470 51.77 -34.30 9.78
N LEU D 471 52.69 -35.27 9.70
CA LEU D 471 53.10 -36.02 10.87
C LEU D 471 53.76 -35.11 11.91
N ARG D 472 54.58 -34.18 11.45
CA ARG D 472 55.25 -33.27 12.38
C ARG D 472 54.24 -32.41 13.13
N ASN D 473 53.25 -31.85 12.43
CA ASN D 473 52.29 -31.01 13.12
C ASN D 473 51.39 -31.82 14.05
N ARG D 474 51.03 -33.05 13.67
CA ARG D 474 50.25 -33.89 14.56
C ARG D 474 51.04 -34.21 15.84
N GLN D 475 52.32 -34.56 15.70
CA GLN D 475 53.15 -34.81 16.88
C GLN D 475 53.25 -33.56 17.74
N SER D 476 53.40 -32.40 17.10
CA SER D 476 53.48 -31.15 17.86
C SER D 476 52.20 -30.91 18.64
N LEU D 477 51.04 -31.13 18.02
CA LEU D 477 49.77 -30.92 18.71
C LEU D 477 49.64 -31.85 19.91
N PHE D 478 49.96 -33.13 19.73
CA PHE D 478 49.84 -34.06 20.85
C PHE D 478 50.82 -33.72 21.97
N GLN D 479 52.06 -33.34 21.63
CA GLN D 479 53.02 -33.05 22.70
C GLN D 479 52.69 -31.76 23.43
N GLU D 480 52.13 -30.76 22.72
CA GLU D 480 51.74 -29.55 23.42
C GLU D 480 50.50 -29.77 24.28
N GLU D 481 49.58 -30.63 23.84
CA GLU D 481 48.46 -30.99 24.70
C GLU D 481 48.89 -31.87 25.86
N GLY D 482 50.06 -32.49 25.78
CA GLY D 482 50.63 -33.17 26.92
C GLY D 482 50.45 -34.67 26.97
N MET D 483 50.15 -35.31 25.84
CA MET D 483 50.02 -36.77 25.84
C MET D 483 51.35 -37.45 26.16
N LEU D 484 52.47 -36.81 25.84
CA LEU D 484 53.78 -37.42 26.10
C LEU D 484 54.01 -37.59 27.59
N SER D 485 53.70 -36.57 28.39
CA SER D 485 53.85 -36.69 29.84
C SER D 485 52.93 -37.76 30.40
N LEU D 486 51.72 -37.87 29.85
CA LEU D 486 50.79 -38.91 30.29
C LEU D 486 51.35 -40.30 29.99
N VAL D 487 51.93 -40.48 28.80
CA VAL D 487 52.54 -41.76 28.46
C VAL D 487 53.70 -42.08 29.40
N LEU D 488 54.53 -41.08 29.69
CA LEU D 488 55.64 -41.29 30.62
C LEU D 488 55.13 -41.67 32.02
N ASN D 489 54.05 -41.04 32.46
CA ASN D 489 53.49 -41.37 33.76
C ASN D 489 52.97 -42.80 33.78
N CYS D 490 52.32 -43.24 32.70
CA CYS D 490 51.87 -44.62 32.62
C CYS D 490 53.05 -45.58 32.64
N ILE D 491 54.13 -45.23 31.92
CA ILE D 491 55.32 -46.09 31.90
C ILE D 491 55.92 -46.20 33.29
N ASP D 492 55.98 -45.09 34.03
CA ASP D 492 56.47 -45.14 35.40
C ASP D 492 55.57 -46.01 36.28
N ARG D 493 54.25 -45.86 36.12
CA ARG D 493 53.32 -46.66 36.91
C ARG D 493 53.53 -48.15 36.68
N LEU D 494 53.75 -48.55 35.43
CA LEU D 494 53.96 -49.96 35.15
C LEU D 494 55.35 -50.44 35.56
N ASN D 495 56.37 -49.59 35.40
CA ASN D 495 57.72 -49.95 35.81
C ASN D 495 57.89 -49.99 37.32
N VAL D 496 56.91 -49.47 38.07
CA VAL D 496 56.92 -49.67 39.52
C VAL D 496 56.99 -51.16 39.85
N TYR D 497 56.31 -51.99 39.05
CA TYR D 497 56.33 -53.43 39.24
C TYR D 497 57.41 -54.05 38.37
N THR D 498 58.17 -54.97 38.95
CA THR D 498 59.33 -55.53 38.26
C THR D 498 58.92 -56.52 37.17
N THR D 499 57.95 -57.38 37.45
CA THR D 499 57.62 -58.46 36.54
C THR D 499 56.11 -58.68 36.50
N ALA D 500 55.67 -59.47 35.51
CA ALA D 500 54.27 -59.79 35.38
C ALA D 500 53.76 -60.58 36.57
N ALA D 501 54.61 -61.38 37.20
CA ALA D 501 54.20 -62.09 38.42
C ALA D 501 53.86 -61.10 39.52
N HIS D 502 54.70 -60.08 39.72
CA HIS D 502 54.40 -59.06 40.72
C HIS D 502 53.15 -58.27 40.36
N PHE D 503 53.00 -57.92 39.07
CA PHE D 503 51.81 -57.18 38.66
C PHE D 503 50.55 -58.03 38.80
N ALA D 504 50.68 -59.35 38.75
CA ALA D 504 49.56 -60.23 39.05
C ALA D 504 49.27 -60.28 40.55
N GLU D 505 50.32 -60.37 41.36
CA GLU D 505 50.14 -60.38 42.80
C GLU D 505 49.47 -59.10 43.28
N TYR D 506 49.63 -58.01 42.54
CA TYR D 506 48.97 -56.76 42.90
C TYR D 506 47.70 -56.47 42.11
N ALA D 507 47.47 -57.16 40.98
CA ALA D 507 46.28 -56.87 40.17
C ALA D 507 45.55 -58.09 39.65
N GLY D 508 46.11 -59.29 39.74
CA GLY D 508 45.44 -60.47 39.23
C GLY D 508 46.06 -60.96 37.93
N GLU D 509 45.93 -62.26 37.70
CA GLU D 509 46.52 -62.87 36.51
C GLU D 509 45.84 -62.41 35.23
N GLU D 510 44.51 -62.27 35.26
CA GLU D 510 43.79 -61.84 34.07
C GLU D 510 44.19 -60.43 33.65
N ALA D 511 44.65 -59.60 34.60
CA ALA D 511 45.14 -58.28 34.28
C ALA D 511 46.62 -58.28 33.94
N ALA D 512 47.40 -59.17 34.53
CA ALA D 512 48.83 -59.23 34.27
C ALA D 512 49.18 -59.98 32.99
N GLU D 513 48.21 -60.67 32.38
CA GLU D 513 48.48 -61.36 31.12
C GLU D 513 48.92 -60.41 30.03
N SER D 514 48.50 -59.14 30.10
CA SER D 514 48.81 -58.15 29.07
C SER D 514 49.85 -57.12 29.52
N TRP D 515 50.53 -57.36 30.63
CA TRP D 515 51.46 -56.37 31.19
C TRP D 515 52.61 -56.08 30.23
N LYS D 516 53.30 -57.12 29.76
CA LYS D 516 54.43 -56.92 28.86
C LYS D 516 53.99 -56.29 27.55
N GLU D 517 52.85 -56.72 27.01
CA GLU D 517 52.35 -56.16 25.78
C GLU D 517 52.03 -54.67 25.93
N ILE D 518 51.42 -54.29 27.05
CA ILE D 518 51.12 -52.88 27.29
C ILE D 518 52.40 -52.07 27.39
N VAL D 519 53.40 -52.61 28.10
CA VAL D 519 54.67 -51.89 28.25
C VAL D 519 55.34 -51.68 26.89
N ASN D 520 55.37 -52.73 26.08
CA ASN D 520 55.98 -52.63 24.75
C ASN D 520 55.23 -51.63 23.88
N LEU D 521 53.89 -51.66 23.93
CA LEU D 521 53.11 -50.72 23.14
C LEU D 521 53.36 -49.29 23.59
N LEU D 522 53.49 -49.07 24.90
CA LEU D 522 53.78 -47.72 25.39
C LEU D 522 55.13 -47.22 24.90
N TYR D 523 56.15 -48.08 24.97
CA TYR D 523 57.47 -47.67 24.47
C TYR D 523 57.44 -47.39 22.98
N GLU D 524 56.72 -48.22 22.21
CA GLU D 524 56.63 -48.00 20.78
C GLU D 524 55.89 -46.69 20.48
N LEU D 525 54.84 -46.39 21.23
CA LEU D 525 54.12 -45.13 21.04
C LEU D 525 55.00 -43.93 21.37
N LEU D 526 55.80 -44.03 22.43
CA LEU D 526 56.72 -42.94 22.76
C LEU D 526 57.75 -42.74 21.65
N ALA D 527 58.29 -43.84 21.12
CA ALA D 527 59.24 -43.73 20.03
C ALA D 527 58.60 -43.11 18.79
N SER D 528 57.36 -43.49 18.49
CA SER D 528 56.66 -42.89 17.35
C SER D 528 56.42 -41.40 17.57
N LEU D 529 56.05 -41.02 18.79
CA LEU D 529 55.80 -39.61 19.08
C LEU D 529 57.05 -38.77 18.94
N ILE D 530 58.18 -39.26 19.44
CA ILE D 530 59.40 -38.45 19.45
C ILE D 530 60.27 -38.63 18.22
N ARG D 531 59.97 -39.60 17.35
CA ARG D 531 60.84 -39.88 16.22
C ARG D 531 60.75 -38.78 15.18
N GLY D 532 61.89 -38.19 14.85
CA GLY D 532 61.98 -37.22 13.78
C GLY D 532 61.63 -35.79 14.15
N ASN D 533 61.20 -35.54 15.38
CA ASN D 533 60.83 -34.20 15.82
C ASN D 533 61.92 -33.69 16.76
N ARG D 534 62.68 -32.69 16.31
CA ARG D 534 63.77 -32.17 17.12
C ARG D 534 63.24 -31.50 18.38
N ALA D 535 62.14 -30.76 18.28
CA ALA D 535 61.58 -30.11 19.46
C ALA D 535 61.12 -31.13 20.49
N ASN D 536 60.49 -32.21 20.04
CA ASN D 536 60.06 -33.25 20.96
C ASN D 536 61.25 -33.97 21.58
N CYS D 537 62.29 -34.23 20.79
CA CYS D 537 63.48 -34.90 21.32
C CYS D 537 64.21 -34.03 22.34
N ALA D 538 64.22 -32.72 22.13
CA ALA D 538 64.91 -31.82 23.04
C ALA D 538 64.28 -31.79 24.43
N LEU D 539 63.03 -32.21 24.56
CA LEU D 539 62.37 -32.24 25.86
C LEU D 539 62.92 -33.31 26.78
N PHE D 540 63.76 -34.22 26.28
CA PHE D 540 64.30 -35.30 27.07
C PHE D 540 65.63 -34.95 27.73
N SER D 541 66.07 -33.69 27.62
CA SER D 541 67.36 -33.31 28.18
C SER D 541 67.43 -33.55 29.68
N THR D 542 66.30 -33.47 30.38
CA THR D 542 66.24 -33.76 31.80
C THR D 542 65.80 -35.18 32.10
N ASN D 543 65.58 -36.01 31.07
CA ASN D 543 65.16 -37.40 31.26
C ASN D 543 66.21 -38.38 30.77
N LEU D 544 67.47 -37.96 30.70
CA LEU D 544 68.54 -38.89 30.29
C LEU D 544 68.66 -40.04 31.28
N ASP D 545 68.60 -39.75 32.58
CA ASP D 545 68.61 -40.82 33.58
C ASP D 545 67.38 -41.70 33.42
N TRP D 546 66.23 -41.10 33.14
CA TRP D 546 65.00 -41.86 32.96
C TRP D 546 65.12 -42.86 31.81
N VAL D 547 65.72 -42.44 30.69
CA VAL D 547 65.83 -43.34 29.54
C VAL D 547 67.05 -44.24 29.62
N VAL D 548 68.00 -43.95 30.51
CA VAL D 548 69.20 -44.78 30.62
C VAL D 548 69.04 -45.88 31.66
N SER D 549 68.47 -45.56 32.81
CA SER D 549 68.35 -46.56 33.89
C SER D 549 67.40 -47.70 33.53
N LYS D 550 66.59 -47.55 32.49
CA LYS D 550 65.66 -48.59 32.08
C LYS D 550 66.22 -49.48 30.97
N LEU D 551 67.46 -49.25 30.55
CA LEU D 551 68.05 -50.09 29.51
C LEU D 551 68.34 -51.51 30.01
N ASP D 552 68.48 -51.70 31.32
CA ASP D 552 68.78 -53.01 31.87
C ASP D 552 67.55 -53.88 32.03
N ARG D 553 66.34 -53.33 31.92
CA ARG D 553 65.13 -54.12 32.07
C ARG D 553 64.96 -55.06 30.90
N LEU D 554 64.61 -56.31 31.20
CA LEU D 554 64.57 -57.35 30.17
C LEU D 554 63.45 -57.09 29.17
N GLU D 555 62.30 -56.60 29.63
CA GLU D 555 61.18 -56.35 28.74
C GLU D 555 61.36 -55.04 28.00
N ALA D 556 60.97 -55.03 26.72
CA ALA D 556 61.02 -53.84 25.87
C ALA D 556 62.41 -53.25 25.78
N SER D 557 63.44 -54.11 25.81
CA SER D 557 64.81 -53.63 25.64
C SER D 557 65.01 -53.00 24.28
N SER D 558 64.47 -53.64 23.23
CA SER D 558 64.55 -53.06 21.89
C SER D 558 63.83 -51.73 21.82
N GLY D 559 62.67 -51.63 22.48
CA GLY D 559 61.92 -50.38 22.45
C GLY D 559 62.65 -49.25 23.13
N ILE D 560 63.22 -49.51 24.32
CA ILE D 560 63.94 -48.46 25.02
C ILE D 560 65.22 -48.08 24.29
N LEU D 561 65.89 -49.06 23.67
CA LEU D 561 67.05 -48.76 22.86
C LEU D 561 66.68 -47.89 21.66
N GLU D 562 65.56 -48.18 21.02
CA GLU D 562 65.09 -47.36 19.90
C GLU D 562 64.76 -45.96 20.36
N VAL D 563 64.14 -45.82 21.54
CA VAL D 563 63.84 -44.49 22.07
C VAL D 563 65.13 -43.70 22.29
N LEU D 564 66.13 -44.34 22.91
CA LEU D 564 67.40 -43.67 23.12
C LEU D 564 68.06 -43.28 21.81
N TYR D 565 68.02 -44.17 20.82
CA TYR D 565 68.60 -43.87 19.51
C TYR D 565 67.91 -42.67 18.87
N CYS D 566 66.59 -42.63 18.94
CA CYS D 566 65.84 -41.52 18.35
C CYS D 566 66.16 -40.21 19.03
N VAL D 567 66.31 -40.23 20.35
CA VAL D 567 66.69 -39.00 21.06
C VAL D 567 68.08 -38.56 20.65
N LEU D 568 69.03 -39.51 20.58
CA LEU D 568 70.42 -39.15 20.35
C LEU D 568 70.65 -38.65 18.92
N ILE D 569 70.04 -39.30 17.92
CA ILE D 569 70.27 -38.88 16.54
C ILE D 569 69.57 -37.60 16.18
N GLU D 570 68.83 -36.99 17.11
CA GLU D 570 68.09 -35.78 16.81
C GLU D 570 68.43 -34.60 17.72
N SER D 571 68.80 -34.84 18.98
CA SER D 571 69.08 -33.75 19.88
C SER D 571 70.58 -33.56 20.03
N PRO D 572 71.16 -32.46 19.52
CA PRO D 572 72.56 -32.16 19.84
C PRO D 572 72.76 -31.69 21.27
N GLU D 573 71.70 -31.33 21.98
CA GLU D 573 71.85 -30.83 23.34
C GLU D 573 72.17 -31.94 24.34
N VAL D 574 71.56 -33.12 24.16
CA VAL D 574 71.77 -34.21 25.12
C VAL D 574 73.19 -34.74 25.05
N LEU D 575 73.87 -34.58 23.91
CA LEU D 575 75.24 -35.05 23.79
C LEU D 575 76.20 -34.21 24.62
N ASN D 576 75.84 -32.97 24.94
CA ASN D 576 76.60 -32.17 25.89
C ASN D 576 76.27 -32.53 27.34
N ILE D 577 75.28 -33.38 27.56
CA ILE D 577 74.94 -33.85 28.90
C ILE D 577 75.36 -35.29 29.13
N ILE D 578 75.67 -36.05 28.05
CA ILE D 578 76.14 -37.41 28.21
C ILE D 578 77.39 -37.44 29.08
N GLN D 579 77.44 -38.37 30.03
CA GLN D 579 78.54 -38.48 30.98
C GLN D 579 79.15 -39.88 30.94
N GLU D 580 80.22 -40.03 31.73
CA GLU D 580 80.97 -41.28 31.72
C GLU D 580 80.13 -42.45 32.23
N ASN D 581 79.34 -42.23 33.27
CA ASN D 581 78.47 -43.30 33.76
C ASN D 581 77.42 -43.67 32.73
N HIS D 582 76.91 -42.67 31.99
CA HIS D 582 75.98 -42.97 30.90
C HIS D 582 76.63 -43.86 29.85
N ILE D 583 77.87 -43.52 29.45
CA ILE D 583 78.55 -44.31 28.43
C ILE D 583 78.84 -45.71 28.94
N LYS D 584 79.23 -45.85 30.22
CA LYS D 584 79.46 -47.17 30.79
C LYS D 584 78.18 -47.99 30.82
N SER D 585 77.05 -47.37 31.15
CA SER D 585 75.78 -48.07 31.13
C SER D 585 75.43 -48.53 29.72
N ILE D 586 75.71 -47.69 28.72
CA ILE D 586 75.46 -48.08 27.33
C ILE D 586 76.33 -49.27 26.94
N ILE D 587 77.61 -49.24 27.31
CA ILE D 587 78.52 -50.34 26.98
C ILE D 587 78.11 -51.61 27.71
N SER D 588 77.50 -51.48 28.89
CA SER D 588 76.99 -52.65 29.60
C SER D 588 75.96 -53.42 28.79
N LEU D 589 75.29 -52.77 27.84
CA LEU D 589 74.37 -53.49 26.97
C LEU D 589 75.11 -54.49 26.10
N LEU D 590 76.20 -54.06 25.47
CA LEU D 590 77.05 -54.99 24.72
C LEU D 590 77.64 -56.05 25.63
N ASP D 591 78.03 -55.65 26.84
CA ASP D 591 78.66 -56.58 27.76
C ASP D 591 77.70 -57.69 28.19
N LYS D 592 76.44 -57.35 28.41
CA LYS D 592 75.48 -58.27 29.03
C LYS D 592 74.45 -58.85 28.07
N HIS D 593 74.05 -58.12 27.03
CA HIS D 593 73.00 -58.60 26.15
C HIS D 593 73.51 -59.36 24.94
N GLY D 594 74.68 -58.99 24.42
CA GLY D 594 75.26 -59.68 23.30
C GLY D 594 75.91 -58.69 22.35
N ARG D 595 76.27 -59.18 21.17
CA ARG D 595 76.96 -58.40 20.15
C ARG D 595 75.92 -57.86 19.18
N ASN D 596 75.41 -56.66 19.48
CA ASN D 596 74.39 -56.00 18.67
C ASN D 596 74.99 -54.75 18.04
N HIS D 597 74.86 -54.63 16.72
CA HIS D 597 75.42 -53.49 16.01
C HIS D 597 74.65 -52.20 16.30
N LYS D 598 73.44 -52.29 16.84
CA LYS D 598 72.69 -51.08 17.17
C LYS D 598 73.36 -50.29 18.29
N VAL D 599 73.99 -50.98 19.25
CA VAL D 599 74.73 -50.28 20.28
C VAL D 599 75.92 -49.54 19.68
N LEU D 600 76.60 -50.17 18.71
CA LEU D 600 77.69 -49.48 18.01
C LEU D 600 77.19 -48.26 17.27
N ASP D 601 76.01 -48.36 16.65
CA ASP D 601 75.42 -47.19 15.99
C ASP D 601 75.12 -46.08 17.00
N VAL D 602 74.64 -46.45 18.18
CA VAL D 602 74.40 -45.47 19.23
C VAL D 602 75.69 -44.77 19.63
N LEU D 603 76.77 -45.54 19.80
CA LEU D 603 78.05 -44.95 20.14
C LEU D 603 78.55 -44.02 19.03
N CYS D 604 78.38 -44.43 17.78
CA CYS D 604 78.77 -43.56 16.66
C CYS D 604 77.98 -42.26 16.67
N SER D 605 76.69 -42.34 16.99
CA SER D 605 75.89 -41.13 17.12
C SER D 605 76.39 -40.25 18.25
N LEU D 606 76.81 -40.86 19.36
CA LEU D 606 77.38 -40.09 20.46
C LEU D 606 78.66 -39.37 20.05
N CYS D 607 79.49 -40.02 19.23
CA CYS D 607 80.80 -39.44 18.90
C CYS D 607 80.66 -38.08 18.22
N VAL D 608 80.04 -38.04 17.05
CA VAL D 608 79.99 -36.84 16.22
C VAL D 608 78.55 -36.51 15.90
N CYS D 609 78.21 -35.22 15.99
CA CYS D 609 76.85 -34.75 15.71
C CYS D 609 76.91 -33.50 14.84
N ASN D 610 76.24 -33.55 13.69
CA ASN D 610 76.06 -32.38 12.82
C ASN D 610 77.39 -31.74 12.45
N GLY D 611 78.39 -32.57 12.16
CA GLY D 611 79.68 -32.05 11.76
C GLY D 611 80.50 -31.44 12.87
N VAL D 612 80.12 -31.65 14.13
CA VAL D 612 80.85 -31.14 15.29
C VAL D 612 81.27 -32.32 16.13
N ALA D 613 82.55 -32.35 16.50
CA ALA D 613 83.11 -33.48 17.23
C ALA D 613 83.08 -33.20 18.73
N VAL D 614 82.60 -34.18 19.50
CA VAL D 614 82.56 -34.09 20.95
C VAL D 614 83.77 -34.84 21.47
N ARG D 615 84.82 -34.09 21.79
CA ARG D 615 86.08 -34.70 22.21
C ARG D 615 85.90 -35.51 23.49
N SER D 616 85.11 -35.02 24.43
CA SER D 616 84.90 -35.74 25.67
C SER D 616 84.24 -37.09 25.41
N ASN D 617 83.21 -37.12 24.58
CA ASN D 617 82.54 -38.38 24.26
C ASN D 617 83.49 -39.33 23.55
N GLN D 618 84.25 -38.84 22.57
CA GLN D 618 85.18 -39.72 21.87
C GLN D 618 86.22 -40.31 22.82
N ASP D 619 86.77 -39.48 23.71
CA ASP D 619 87.77 -39.96 24.65
C ASP D 619 87.19 -40.98 25.62
N LEU D 620 85.98 -40.73 26.13
CA LEU D 620 85.37 -41.67 27.06
C LEU D 620 85.08 -43.01 26.38
N ILE D 621 84.53 -42.98 25.17
CA ILE D 621 84.26 -44.22 24.46
C ILE D 621 85.56 -44.98 24.21
N THR D 622 86.59 -44.26 23.75
CA THR D 622 87.87 -44.92 23.50
C THR D 622 88.42 -45.58 24.75
N GLU D 623 88.50 -44.82 25.85
CA GLU D 623 89.10 -45.35 27.07
C GLU D 623 88.29 -46.48 27.68
N ASN D 624 86.97 -46.47 27.54
CA ASN D 624 86.15 -47.52 28.14
C ASN D 624 85.88 -48.69 27.20
N LEU D 625 86.28 -48.62 25.95
CA LEU D 625 86.06 -49.73 25.03
C LEU D 625 87.35 -50.35 24.52
N LEU D 626 88.26 -49.55 23.96
CA LEU D 626 89.42 -50.11 23.27
C LEU D 626 90.38 -50.87 24.19
N PRO D 627 90.79 -50.35 25.36
CA PRO D 627 91.87 -51.02 26.11
C PRO D 627 91.57 -52.46 26.50
N GLY D 628 90.30 -52.81 26.73
CA GLY D 628 89.98 -54.14 27.19
C GLY D 628 90.33 -55.22 26.18
N ARG D 629 90.27 -54.90 24.89
CA ARG D 629 90.48 -55.88 23.81
C ARG D 629 89.56 -57.07 23.99
N GLU D 630 88.32 -56.78 24.38
CA GLU D 630 87.26 -57.77 24.49
C GLU D 630 85.99 -57.16 23.92
N LEU D 631 84.99 -58.02 23.69
CA LEU D 631 83.70 -57.66 23.10
C LEU D 631 83.84 -57.19 21.66
N LEU D 632 85.05 -57.16 21.10
CA LEU D 632 85.29 -56.75 19.72
C LEU D 632 86.26 -57.73 19.10
N LEU D 633 85.99 -58.12 17.85
CA LEU D 633 86.86 -59.05 17.15
C LEU D 633 88.20 -58.40 16.84
N GLN D 634 89.27 -59.17 17.03
CA GLN D 634 90.63 -58.71 16.79
C GLN D 634 91.12 -59.21 15.43
N THR D 635 92.05 -58.46 14.85
CA THR D 635 92.66 -58.82 13.58
C THR D 635 94.18 -58.71 13.68
N ASN D 636 94.87 -59.62 12.99
CA ASN D 636 96.33 -59.63 12.96
C ASN D 636 96.78 -60.54 11.83
N LEU D 637 98.04 -60.38 11.45
CA LEU D 637 98.65 -61.19 10.39
C LEU D 637 99.47 -62.30 11.02
N ILE D 638 99.28 -63.53 10.52
CA ILE D 638 99.99 -64.71 11.03
C ILE D 638 100.62 -65.45 9.85
N ASN D 639 101.39 -66.47 10.18
CA ASN D 639 102.09 -67.29 9.20
C ASN D 639 101.40 -68.63 9.03
N TYR D 640 101.78 -69.33 7.97
CA TYR D 640 101.31 -70.69 7.70
C TYR D 640 102.33 -71.68 8.24
N VAL D 641 101.86 -72.64 9.04
CA VAL D 641 102.71 -73.64 9.67
C VAL D 641 102.25 -75.02 9.20
N THR D 642 103.20 -75.83 8.73
CA THR D 642 102.90 -77.18 8.27
C THR D 642 103.64 -78.18 9.15
N SER D 643 103.29 -79.46 8.96
CA SER D 643 103.80 -80.53 9.81
C SER D 643 104.12 -81.76 8.99
N ILE D 644 105.22 -82.42 9.34
CA ILE D 644 105.70 -83.61 8.64
C ILE D 644 106.06 -84.68 9.65
N ARG D 645 105.68 -85.92 9.37
CA ARG D 645 106.01 -87.07 10.18
C ARG D 645 106.92 -88.04 9.43
N PRO D 646 107.56 -88.97 10.15
CA PRO D 646 108.47 -89.94 9.51
C PRO D 646 107.84 -91.28 9.15
N ASN D 647 106.52 -91.43 9.26
CA ASN D 647 105.82 -92.67 8.92
C ASN D 647 106.27 -93.84 9.79
N ILE D 648 106.40 -93.58 11.08
CA ILE D 648 106.76 -94.62 12.06
C ILE D 648 105.78 -94.51 13.22
N PHE D 649 104.85 -95.45 13.32
CA PHE D 649 103.84 -95.46 14.36
C PHE D 649 104.18 -96.52 15.40
N VAL D 650 104.23 -96.11 16.67
CA VAL D 650 104.56 -97.01 17.77
C VAL D 650 103.58 -96.77 18.91
N GLY D 651 103.46 -97.77 19.77
CA GLY D 651 102.56 -97.70 20.91
C GLY D 651 102.64 -98.97 21.72
N ARG D 652 101.67 -99.13 22.63
CA ARG D 652 101.62 -100.34 23.43
C ARG D 652 100.18 -100.64 23.81
N ALA D 653 99.93 -101.90 24.16
CA ALA D 653 98.64 -102.37 24.66
C ALA D 653 98.87 -103.72 25.30
N GLU D 654 97.79 -104.33 25.79
CA GLU D 654 97.88 -105.64 26.41
C GLU D 654 98.07 -106.71 25.34
N GLY D 655 99.22 -107.39 25.38
CA GLY D 655 99.52 -108.42 24.41
C GLY D 655 100.07 -107.94 23.10
N SER D 656 100.51 -106.68 23.01
CA SER D 656 101.04 -106.16 21.76
C SER D 656 102.40 -106.75 21.45
N THR D 657 102.77 -106.69 20.17
CA THR D 657 104.03 -107.24 19.68
C THR D 657 105.09 -106.16 19.48
N GLN D 658 104.85 -104.94 19.94
CA GLN D 658 105.75 -103.82 19.72
C GLN D 658 106.68 -103.61 20.90
N TYR D 659 107.64 -102.72 20.71
CA TYR D 659 108.63 -102.39 21.73
C TYR D 659 108.24 -101.08 22.41
N GLY D 660 108.52 -100.99 23.70
CA GLY D 660 108.08 -99.87 24.52
C GLY D 660 109.07 -98.73 24.69
N LYS D 661 110.16 -98.70 23.94
CA LYS D 661 111.15 -97.65 24.05
C LYS D 661 111.63 -97.26 22.67
N TRP D 662 111.70 -95.97 22.39
CA TRP D 662 112.12 -95.52 21.06
C TRP D 662 112.93 -94.23 21.17
N TYR D 663 113.63 -93.93 20.08
CA TYR D 663 114.62 -92.85 20.07
C TYR D 663 114.90 -92.44 18.63
N PHE D 664 114.91 -91.13 18.37
CA PHE D 664 115.20 -90.65 17.03
C PHE D 664 115.91 -89.30 17.09
N GLU D 665 116.35 -88.84 15.91
CA GLU D 665 117.26 -87.71 15.79
C GLU D 665 116.84 -86.80 14.65
N VAL D 666 116.89 -85.48 14.88
CA VAL D 666 116.61 -84.49 13.85
C VAL D 666 117.66 -83.40 13.94
N MET D 667 118.24 -83.02 12.80
CA MET D 667 119.25 -81.98 12.76
C MET D 667 118.79 -80.84 11.85
N VAL D 668 119.26 -79.63 12.16
CA VAL D 668 118.84 -78.41 11.48
C VAL D 668 120.00 -77.89 10.65
N ASP D 669 119.74 -77.55 9.39
CA ASP D 669 120.77 -77.03 8.50
C ASP D 669 120.66 -75.52 8.29
N GLU D 670 119.48 -75.04 7.89
CA GLU D 670 119.28 -73.63 7.58
C GLU D 670 118.06 -73.11 8.32
N VAL D 671 118.21 -71.96 8.96
CA VAL D 671 117.11 -71.25 9.60
C VAL D 671 117.24 -69.76 9.29
N VAL D 672 116.14 -69.15 8.84
CA VAL D 672 116.13 -67.73 8.55
C VAL D 672 115.20 -67.05 9.53
N PRO D 673 115.70 -66.52 10.64
CA PRO D 673 114.82 -65.92 11.64
C PRO D 673 114.19 -64.63 11.15
N PHE D 674 112.99 -64.36 11.67
CA PHE D 674 112.30 -63.08 11.46
C PHE D 674 112.05 -62.80 9.97
N LEU D 675 111.87 -63.84 9.17
CA LEU D 675 111.44 -63.67 7.80
C LEU D 675 109.95 -63.37 7.77
N THR D 676 109.56 -62.42 6.91
CA THR D 676 108.18 -61.95 6.82
C THR D 676 107.67 -61.41 8.14
N ALA D 677 108.55 -60.71 8.87
CA ALA D 677 108.17 -59.96 10.07
C ALA D 677 107.51 -60.82 11.14
N GLN D 678 107.92 -62.09 11.23
CA GLN D 678 107.36 -63.00 12.22
C GLN D 678 108.38 -64.07 12.53
N ALA D 679 108.48 -64.44 13.81
CA ALA D 679 109.45 -65.45 14.23
C ALA D 679 109.18 -66.78 13.53
N THR D 680 110.23 -67.39 13.00
CA THR D 680 110.09 -68.65 12.28
C THR D 680 109.69 -69.77 13.25
N HIS D 681 108.70 -70.57 12.83
CA HIS D 681 108.22 -71.68 13.63
C HIS D 681 109.07 -72.91 13.37
N LEU D 682 109.50 -73.58 14.45
CA LEU D 682 110.27 -74.81 14.31
C LEU D 682 110.17 -75.58 15.63
N ARG D 683 109.47 -76.71 15.60
CA ARG D 683 109.33 -77.57 16.77
C ARG D 683 109.46 -79.02 16.36
N VAL D 684 110.09 -79.82 17.22
CA VAL D 684 110.31 -81.25 16.99
C VAL D 684 109.77 -82.01 18.19
N GLY D 685 109.04 -83.09 17.94
CA GLY D 685 108.53 -83.90 19.03
C GLY D 685 107.75 -85.11 18.60
N TRP D 686 106.83 -85.56 19.46
CA TRP D 686 105.96 -86.69 19.18
C TRP D 686 104.52 -86.21 19.02
N ALA D 687 103.68 -87.10 18.53
CA ALA D 687 102.27 -86.79 18.30
C ALA D 687 101.45 -88.06 18.39
N LEU D 688 100.14 -87.90 18.52
CA LEU D 688 99.22 -89.02 18.66
C LEU D 688 98.32 -89.10 17.43
N THR D 689 98.11 -90.32 16.94
CA THR D 689 97.32 -90.51 15.73
C THR D 689 95.86 -90.14 15.93
N GLU D 690 95.35 -90.27 17.15
CA GLU D 690 93.91 -90.10 17.38
C GLU D 690 93.50 -88.65 17.23
N GLY D 691 94.23 -87.73 17.84
CA GLY D 691 93.77 -86.35 17.94
C GLY D 691 94.57 -85.31 17.20
N TYR D 692 95.84 -85.59 16.91
CA TYR D 692 96.68 -84.60 16.25
C TYR D 692 96.31 -84.48 14.77
N SER D 693 95.38 -83.58 14.46
CA SER D 693 94.91 -83.36 13.10
C SER D 693 94.94 -81.86 12.81
N PRO D 694 96.12 -81.30 12.54
CA PRO D 694 96.20 -79.87 12.25
C PRO D 694 95.68 -79.56 10.85
N TYR D 695 95.27 -78.31 10.66
CA TYR D 695 94.74 -77.83 9.40
C TYR D 695 95.46 -76.56 9.00
N PRO D 696 95.51 -76.26 7.69
CA PRO D 696 96.20 -75.04 7.24
C PRO D 696 95.60 -73.75 7.76
N GLY D 697 94.35 -73.77 8.21
CA GLY D 697 93.71 -72.56 8.67
C GLY D 697 94.24 -72.11 10.02
N GLY D 698 93.52 -71.15 10.61
CA GLY D 698 93.92 -70.59 11.88
C GLY D 698 93.78 -71.54 13.04
N GLY D 699 92.55 -71.89 13.40
CA GLY D 699 92.31 -72.80 14.50
C GLY D 699 92.39 -72.16 15.87
N GLU D 700 92.89 -72.91 16.85
CA GLU D 700 92.92 -72.44 18.23
C GLU D 700 93.96 -71.34 18.40
N GLY D 701 93.81 -70.59 19.50
CA GLY D 701 94.71 -69.49 19.77
C GLY D 701 94.64 -68.43 18.70
N TRP D 702 95.79 -67.89 18.32
CA TRP D 702 95.87 -66.91 17.24
C TRP D 702 96.21 -67.56 15.90
N GLY D 703 96.30 -68.88 15.84
CA GLY D 703 96.57 -69.59 14.62
C GLY D 703 97.98 -70.16 14.59
N GLY D 704 98.32 -70.75 13.46
CA GLY D 704 99.63 -71.34 13.26
C GLY D 704 99.94 -72.48 14.21
N ASN D 705 98.98 -73.39 14.38
CA ASN D 705 99.16 -74.49 15.31
C ASN D 705 100.20 -75.47 14.79
N GLY D 706 101.09 -75.90 15.69
CA GLY D 706 102.12 -76.88 15.40
C GLY D 706 102.16 -77.94 16.47
N VAL D 707 103.37 -78.42 16.75
CA VAL D 707 103.54 -79.43 17.79
C VAL D 707 103.43 -78.77 19.16
N GLY D 708 102.63 -79.35 20.04
CA GLY D 708 102.46 -78.84 21.38
C GLY D 708 101.31 -77.87 21.56
N ASP D 709 100.63 -77.48 20.48
CA ASP D 709 99.47 -76.62 20.58
C ASP D 709 98.18 -77.40 20.80
N ASP D 710 98.28 -78.63 21.31
CA ASP D 710 97.13 -79.47 21.57
C ASP D 710 97.54 -80.51 22.60
N LEU D 711 96.55 -81.10 23.26
CA LEU D 711 96.80 -82.11 24.29
C LEU D 711 97.11 -83.48 23.70
N TYR D 712 97.40 -83.55 22.40
CA TYR D 712 97.79 -84.79 21.74
C TYR D 712 99.23 -84.78 21.25
N SER D 713 99.92 -83.65 21.35
CA SER D 713 101.29 -83.53 20.87
C SER D 713 102.15 -82.80 21.91
N TYR D 714 103.43 -83.10 21.90
CA TYR D 714 104.40 -82.49 22.81
C TYR D 714 105.63 -82.11 22.01
N GLY D 715 106.11 -80.88 22.18
CA GLY D 715 107.18 -80.34 21.36
C GLY D 715 108.28 -79.71 22.18
N PHE D 716 109.27 -79.20 21.45
CA PHE D 716 110.44 -78.55 22.05
C PHE D 716 111.05 -77.61 21.02
N ASP D 717 111.02 -76.32 21.30
CA ASP D 717 111.51 -75.31 20.35
C ASP D 717 112.89 -74.77 20.71
N GLY D 718 113.48 -75.21 21.81
CA GLY D 718 114.80 -74.74 22.20
C GLY D 718 114.83 -74.10 23.57
N LEU D 719 113.77 -73.38 23.92
CA LEU D 719 113.65 -72.72 25.21
C LEU D 719 112.55 -73.30 26.08
N HIS D 720 111.43 -73.70 25.49
CA HIS D 720 110.26 -74.15 26.24
C HIS D 720 109.84 -75.54 25.80
N LEU D 721 109.03 -76.17 26.65
CA LEU D 721 108.36 -77.43 26.32
C LEU D 721 106.89 -77.11 26.06
N TRP D 722 106.39 -77.50 24.89
CA TRP D 722 105.08 -77.10 24.42
C TRP D 722 104.08 -78.23 24.63
N THR D 723 102.99 -77.93 25.34
CA THR D 723 101.88 -78.84 25.47
C THR D 723 100.64 -78.05 25.86
N GLY D 724 99.51 -78.35 25.24
CA GLY D 724 98.28 -77.65 25.54
C GLY D 724 98.33 -76.17 25.26
N HIS D 725 99.07 -75.75 24.22
CA HIS D 725 99.21 -74.34 23.85
C HIS D 725 99.77 -73.51 25.00
N VAL D 726 100.61 -74.11 25.84
CA VAL D 726 101.25 -73.42 26.96
C VAL D 726 102.75 -73.67 26.87
N ALA D 727 103.53 -72.60 26.89
CA ALA D 727 104.98 -72.68 26.80
C ALA D 727 105.59 -72.51 28.19
N ARG D 728 106.30 -73.54 28.66
CA ARG D 728 106.98 -73.49 29.95
C ARG D 728 108.48 -73.52 29.75
N PRO D 729 109.20 -72.49 30.19
CA PRO D 729 110.65 -72.44 29.93
C PRO D 729 111.38 -73.57 30.63
N VAL D 730 112.47 -74.02 29.99
CA VAL D 730 113.29 -75.11 30.50
C VAL D 730 114.71 -74.61 30.69
N THR D 731 115.34 -75.03 31.77
CA THR D 731 116.70 -74.58 32.11
C THR D 731 117.73 -75.49 31.41
N SER D 732 117.76 -75.37 30.09
CA SER D 732 118.72 -76.13 29.30
C SER D 732 120.12 -75.54 29.44
N PRO D 733 121.16 -76.36 29.26
CA PRO D 733 122.53 -75.81 29.33
C PRO D 733 122.79 -74.71 28.31
N GLY D 734 122.23 -74.81 27.12
CA GLY D 734 122.46 -73.82 26.09
C GLY D 734 121.60 -72.57 26.22
N GLN D 735 120.30 -72.76 26.46
CA GLN D 735 119.35 -71.65 26.59
C GLN D 735 119.37 -70.76 25.36
N HIS D 736 119.18 -71.36 24.18
CA HIS D 736 119.11 -70.60 22.95
C HIS D 736 118.12 -71.28 22.01
N LEU D 737 117.56 -70.49 21.10
CA LEU D 737 116.61 -71.01 20.13
C LEU D 737 117.32 -71.93 19.14
N LEU D 738 116.53 -72.77 18.46
CA LEU D 738 117.08 -73.69 17.48
C LEU D 738 117.83 -72.93 16.40
N ALA D 739 119.03 -73.37 16.09
CA ALA D 739 119.96 -72.70 15.21
C ALA D 739 120.54 -73.69 14.22
N PRO D 740 121.17 -73.22 13.15
CA PRO D 740 121.87 -74.14 12.25
C PRO D 740 122.94 -74.93 12.98
N GLU D 741 123.17 -76.16 12.50
CA GLU D 741 124.13 -77.09 13.11
C GLU D 741 123.70 -77.48 14.52
N ASP D 742 122.41 -77.71 14.72
CA ASP D 742 121.87 -78.18 15.98
C ASP D 742 121.23 -79.56 15.76
N VAL D 743 121.56 -80.49 16.65
CA VAL D 743 121.06 -81.86 16.59
C VAL D 743 120.24 -82.12 17.85
N VAL D 744 119.01 -82.58 17.65
CA VAL D 744 118.08 -82.83 18.74
C VAL D 744 117.73 -84.32 18.75
N SER D 745 117.87 -84.94 19.92
CA SER D 745 117.57 -86.35 20.12
C SER D 745 116.34 -86.44 21.01
N CYS D 746 115.34 -87.20 20.57
CA CYS D 746 114.09 -87.38 21.30
C CYS D 746 113.91 -88.85 21.65
N CYS D 747 113.60 -89.12 22.91
CA CYS D 747 113.41 -90.48 23.39
C CYS D 747 112.05 -90.61 24.06
N LEU D 748 111.38 -91.73 23.81
CA LEU D 748 110.03 -91.99 24.29
C LEU D 748 110.00 -93.31 25.03
N ASP D 749 109.40 -93.30 26.23
CA ASP D 749 109.24 -94.47 27.08
C ASP D 749 107.75 -94.71 27.29
N LEU D 750 107.29 -95.90 26.92
CA LEU D 750 105.88 -96.26 27.05
C LEU D 750 105.58 -97.08 28.31
N SER D 751 106.57 -97.77 28.87
CA SER D 751 106.35 -98.49 30.12
C SER D 751 105.90 -97.54 31.22
N VAL D 752 106.75 -96.59 31.57
CA VAL D 752 106.34 -95.40 32.31
C VAL D 752 106.26 -94.26 31.31
N PRO D 753 105.08 -93.68 31.07
CA PRO D 753 104.94 -92.71 29.99
C PRO D 753 105.81 -91.48 30.18
N SER D 754 106.83 -91.30 29.35
CA SER D 754 107.74 -90.18 29.52
C SER D 754 108.45 -89.88 28.21
N ILE D 755 108.47 -88.60 27.82
CA ILE D 755 109.16 -88.15 26.63
C ILE D 755 110.25 -87.17 27.05
N SER D 756 111.47 -87.41 26.60
CA SER D 756 112.61 -86.58 26.97
C SER D 756 113.35 -86.14 25.71
N PHE D 757 114.02 -84.99 25.82
CA PHE D 757 114.76 -84.40 24.72
C PHE D 757 116.16 -84.03 25.18
N ARG D 758 117.07 -83.97 24.22
CA ARG D 758 118.42 -83.47 24.47
C ARG D 758 118.94 -82.82 23.20
N ILE D 759 119.77 -81.80 23.37
CA ILE D 759 120.28 -81.02 22.25
C ILE D 759 121.81 -81.01 22.32
N ASN D 760 122.45 -81.47 21.25
CA ASN D 760 123.91 -81.51 21.14
C ASN D 760 124.55 -82.21 22.33
N GLY D 761 123.88 -83.27 22.81
CA GLY D 761 124.35 -84.01 23.96
C GLY D 761 123.96 -83.43 25.30
N CYS D 762 123.42 -82.20 25.33
CA CYS D 762 123.04 -81.58 26.59
C CYS D 762 121.58 -81.89 26.89
N PRO D 763 121.28 -82.62 27.96
CA PRO D 763 119.88 -82.93 28.28
C PRO D 763 119.14 -81.73 28.81
N VAL D 764 117.83 -81.72 28.59
CA VAL D 764 116.96 -80.69 29.12
C VAL D 764 116.43 -81.15 30.48
N GLN D 765 116.04 -80.18 31.30
CA GLN D 765 115.63 -80.48 32.67
C GLN D 765 114.19 -80.93 32.79
N GLY D 766 113.32 -80.56 31.85
CA GLY D 766 111.90 -80.85 31.95
C GLY D 766 111.49 -82.04 31.11
N VAL D 767 110.50 -82.78 31.60
CA VAL D 767 109.99 -83.96 30.92
C VAL D 767 108.47 -84.04 31.06
N PHE D 768 107.84 -84.57 30.00
CA PHE D 768 106.42 -84.85 30.02
C PHE D 768 106.17 -86.21 30.65
N GLU D 769 105.09 -86.32 31.43
CA GLU D 769 104.81 -87.55 32.16
C GLU D 769 103.30 -87.76 32.24
N ALA D 770 102.92 -89.01 32.49
CA ALA D 770 101.56 -89.40 32.84
C ALA D 770 100.55 -88.89 31.81
N PHE D 771 100.76 -89.27 30.56
CA PHE D 771 99.85 -88.94 29.48
C PHE D 771 99.06 -90.17 29.07
N ASN D 772 98.00 -89.94 28.30
CA ASN D 772 97.14 -91.02 27.86
C ASN D 772 97.87 -91.92 26.87
N LEU D 773 97.78 -93.22 27.07
CA LEU D 773 98.48 -94.19 26.25
C LEU D 773 97.64 -94.72 25.09
N ASP D 774 96.42 -94.21 24.93
CA ASP D 774 95.60 -94.61 23.79
C ASP D 774 96.21 -94.11 22.50
N GLY D 775 96.06 -94.90 21.44
CA GLY D 775 96.56 -94.53 20.13
C GLY D 775 98.04 -94.85 19.95
N LEU D 776 98.55 -94.45 18.79
CA LEU D 776 99.93 -94.71 18.41
C LEU D 776 100.70 -93.39 18.30
N PHE D 777 102.00 -93.47 18.59
CA PHE D 777 102.87 -92.31 18.59
C PHE D 777 103.77 -92.32 17.35
N PHE D 778 104.01 -91.15 16.79
CA PHE D 778 104.91 -91.00 15.65
C PHE D 778 105.73 -89.74 15.80
N PRO D 779 106.96 -89.73 15.28
CA PRO D 779 107.76 -88.51 15.27
C PRO D 779 107.11 -87.45 14.39
N VAL D 780 107.30 -86.18 14.75
CA VAL D 780 106.64 -85.09 14.06
C VAL D 780 107.48 -83.84 14.18
N VAL D 781 107.46 -83.02 13.13
CA VAL D 781 108.11 -81.72 13.12
C VAL D 781 107.14 -80.70 12.52
N SER D 782 107.01 -79.56 13.19
CA SER D 782 106.18 -78.46 12.69
C SER D 782 107.09 -77.28 12.35
N PHE D 783 106.84 -76.65 11.21
CA PHE D 783 107.71 -75.58 10.76
C PHE D 783 106.95 -74.63 9.83
N SER D 784 107.42 -73.39 9.80
CA SER D 784 106.99 -72.39 8.84
C SER D 784 107.94 -72.40 7.65
N ALA D 785 107.84 -71.40 6.79
CA ALA D 785 108.73 -71.29 5.65
C ALA D 785 110.12 -70.82 6.06
N GLY D 786 111.12 -71.24 5.30
CA GLY D 786 112.48 -70.79 5.53
C GLY D 786 113.27 -71.61 6.54
N VAL D 787 113.15 -72.93 6.47
CA VAL D 787 113.87 -73.82 7.38
C VAL D 787 114.16 -75.12 6.67
N LYS D 788 115.38 -75.65 6.85
CA LYS D 788 115.78 -76.92 6.26
C LYS D 788 116.24 -77.86 7.36
N VAL D 789 115.72 -79.09 7.35
CA VAL D 789 116.01 -80.06 8.39
C VAL D 789 116.30 -81.42 7.77
N ARG D 790 116.91 -82.29 8.57
CA ARG D 790 117.22 -83.66 8.17
C ARG D 790 116.84 -84.61 9.29
N PHE D 791 116.29 -85.76 8.90
CA PHE D 791 115.80 -86.77 9.83
C PHE D 791 116.79 -87.93 9.85
N LEU D 792 117.50 -88.09 10.97
CA LEU D 792 118.41 -89.23 11.14
C LEU D 792 117.58 -90.36 11.74
N LEU D 793 116.93 -91.13 10.88
CA LEU D 793 116.02 -92.19 11.30
C LEU D 793 116.79 -93.52 11.32
N GLY D 794 117.27 -93.89 12.50
CA GLY D 794 117.96 -95.16 12.63
C GLY D 794 119.30 -95.18 11.92
N GLY D 795 119.69 -96.36 11.46
CA GLY D 795 120.97 -96.54 10.81
C GLY D 795 120.88 -96.65 9.29
N ARG D 796 119.76 -97.15 8.78
CA ARG D 796 119.60 -97.27 7.34
C ARG D 796 119.58 -95.90 6.67
N HIS D 797 118.86 -94.95 7.26
CA HIS D 797 118.68 -93.62 6.69
C HIS D 797 119.30 -92.61 7.67
N GLY D 798 120.52 -92.18 7.38
CA GLY D 798 121.26 -91.33 8.28
C GLY D 798 121.91 -92.13 9.39
N GLU D 799 122.87 -91.48 10.05
CA GLU D 799 123.57 -92.08 11.17
C GLU D 799 123.51 -91.15 12.37
N PHE D 800 123.32 -91.74 13.56
CA PHE D 800 123.15 -90.94 14.76
C PHE D 800 124.45 -90.21 15.10
N LYS D 801 124.34 -88.90 15.37
CA LYS D 801 125.50 -88.13 15.77
C LYS D 801 125.93 -88.49 17.19
N PHE D 802 125.00 -88.93 18.03
CA PHE D 802 125.30 -89.34 19.40
C PHE D 802 124.68 -90.70 19.65
N LEU D 803 125.30 -91.46 20.55
CA LEU D 803 124.84 -92.81 20.83
C LEU D 803 123.49 -92.76 21.55
N PRO D 804 122.58 -93.67 21.23
CA PRO D 804 121.28 -93.70 21.92
C PRO D 804 121.45 -94.13 23.37
N PRO D 805 120.53 -93.74 24.24
CA PRO D 805 120.54 -94.28 25.60
C PRO D 805 120.28 -95.76 25.57
N PRO D 806 120.81 -96.50 26.55
CA PRO D 806 120.68 -97.96 26.53
C PRO D 806 119.21 -98.38 26.58
N GLY D 807 118.88 -99.43 25.81
CA GLY D 807 117.54 -99.94 25.75
C GLY D 807 116.60 -99.19 24.84
N TYR D 808 117.08 -98.19 24.10
CA TYR D 808 116.24 -97.37 23.23
C TYR D 808 116.50 -97.77 21.79
N ALA D 809 115.51 -98.41 21.16
CA ALA D 809 115.66 -98.86 19.79
C ALA D 809 115.51 -97.68 18.82
N PRO D 810 116.28 -97.67 17.74
CA PRO D 810 116.10 -96.63 16.71
C PRO D 810 114.76 -96.77 16.02
N CYS D 811 114.27 -95.65 15.50
CA CYS D 811 112.95 -95.63 14.87
C CYS D 811 112.91 -96.36 13.53
N HIS D 812 114.06 -96.65 12.94
CA HIS D 812 114.09 -97.37 11.67
C HIS D 812 113.68 -98.84 11.81
N GLU D 813 113.60 -99.36 13.04
CA GLU D 813 113.25 -100.74 13.28
C GLU D 813 111.75 -100.99 13.31
N ALA D 814 110.93 -99.95 13.33
CA ALA D 814 109.49 -100.09 13.48
C ALA D 814 108.74 -100.01 12.16
N VAL D 815 109.44 -100.03 11.03
CA VAL D 815 108.79 -99.97 9.73
C VAL D 815 108.09 -101.29 9.46
N LEU D 816 106.83 -101.22 9.03
CA LEU D 816 106.07 -102.43 8.75
C LEU D 816 106.63 -103.13 7.51
N PRO D 817 106.52 -104.46 7.45
CA PRO D 817 107.05 -105.18 6.28
C PRO D 817 106.38 -104.81 4.97
N ARG D 818 105.09 -104.45 5.01
CA ARG D 818 104.37 -104.15 3.77
C ARG D 818 104.83 -102.84 3.14
N GLU D 819 105.20 -101.86 3.95
CA GLU D 819 105.50 -100.51 3.48
C GLU D 819 106.98 -100.19 3.64
N ARG D 820 107.41 -99.18 2.89
CA ARG D 820 108.76 -98.64 2.98
C ARG D 820 108.72 -97.26 3.62
N LEU D 821 109.89 -96.78 4.02
CA LEU D 821 109.98 -95.47 4.64
C LEU D 821 109.66 -94.37 3.63
N ARG D 822 108.90 -93.38 4.09
CA ARG D 822 108.44 -92.30 3.21
C ARG D 822 107.95 -91.15 4.05
N LEU D 823 108.47 -89.95 3.80
CA LEU D 823 108.00 -88.76 4.47
C LEU D 823 106.65 -88.34 3.90
N GLU D 824 105.75 -87.91 4.79
CA GLU D 824 104.40 -87.55 4.38
C GLU D 824 103.81 -86.58 5.39
N PRO D 825 102.87 -85.74 4.98
CA PRO D 825 102.16 -84.90 5.96
C PRO D 825 101.22 -85.73 6.82
N ILE D 826 100.77 -85.11 7.92
CA ILE D 826 99.92 -85.83 8.87
C ILE D 826 98.58 -86.16 8.23
N LYS D 827 97.82 -85.13 7.87
CA LYS D 827 96.54 -85.30 7.19
C LYS D 827 96.40 -84.21 6.13
N GLU D 828 95.64 -84.51 5.09
CA GLU D 828 95.44 -83.55 4.02
C GLU D 828 94.10 -83.82 3.34
N TYR D 829 93.56 -82.78 2.71
CA TYR D 829 92.35 -82.89 1.91
C TYR D 829 92.58 -82.51 0.46
N ARG D 830 93.84 -82.35 0.04
CA ARG D 830 94.18 -82.04 -1.33
C ARG D 830 95.58 -82.53 -1.61
N ARG D 831 95.91 -82.61 -2.90
CA ARG D 831 97.21 -83.11 -3.33
C ARG D 831 97.53 -82.53 -4.69
N GLU D 832 98.82 -82.33 -4.96
CA GLU D 832 99.25 -81.82 -6.25
C GLU D 832 99.37 -82.96 -7.25
N GLY D 833 98.79 -82.77 -8.43
CA GLY D 833 98.82 -83.79 -9.45
C GLY D 833 99.25 -83.23 -10.79
N PRO D 834 99.40 -84.12 -11.79
CA PRO D 834 99.82 -83.66 -13.12
C PRO D 834 98.80 -82.74 -13.79
N ARG D 835 97.55 -83.19 -13.89
CA ARG D 835 96.50 -82.35 -14.47
C ARG D 835 96.22 -81.14 -13.58
N GLY D 836 96.20 -81.34 -12.26
CA GLY D 836 95.90 -80.29 -11.33
C GLY D 836 95.75 -80.83 -9.92
N PRO D 837 95.18 -80.03 -9.03
CA PRO D 837 94.97 -80.49 -7.65
C PRO D 837 94.01 -81.67 -7.60
N HIS D 838 94.37 -82.67 -6.79
CA HIS D 838 93.54 -83.84 -6.57
C HIS D 838 92.97 -83.77 -5.15
N LEU D 839 91.65 -83.67 -5.05
CA LEU D 839 91.00 -83.70 -3.75
C LEU D 839 91.03 -85.12 -3.20
N VAL D 840 91.43 -85.26 -1.94
CA VAL D 840 91.54 -86.56 -1.30
C VAL D 840 90.58 -86.62 -0.13
N GLY D 841 90.17 -87.83 0.22
CA GLY D 841 89.26 -88.05 1.31
C GLY D 841 89.96 -88.54 2.55
N PRO D 842 89.20 -89.09 3.50
CA PRO D 842 89.81 -89.62 4.72
C PRO D 842 90.72 -90.80 4.43
N SER D 843 91.70 -90.99 5.31
CA SER D 843 92.67 -92.07 5.20
C SER D 843 92.52 -93.01 6.38
N ARG D 844 92.49 -94.31 6.09
CA ARG D 844 92.40 -95.31 7.15
C ARG D 844 93.69 -95.33 7.95
N CYS D 845 93.56 -95.46 9.27
CA CYS D 845 94.70 -95.45 10.18
C CYS D 845 94.63 -96.67 11.10
N LEU D 846 95.79 -97.24 11.40
CA LEU D 846 95.86 -98.38 12.28
C LEU D 846 95.61 -97.96 13.73
N SER D 847 95.11 -98.90 14.52
CA SER D 847 94.87 -98.70 15.94
C SER D 847 95.88 -99.49 16.76
N HIS D 848 96.03 -99.09 18.02
CA HIS D 848 96.99 -99.75 18.90
C HIS D 848 96.57 -101.16 19.26
N THR D 849 95.31 -101.52 19.04
CA THR D 849 94.82 -102.87 19.28
C THR D 849 94.91 -103.76 18.05
N ASP D 850 95.42 -103.24 16.93
CA ASP D 850 95.56 -104.04 15.72
C ASP D 850 96.81 -104.91 15.74
N PHE D 851 97.75 -104.65 16.64
CA PHE D 851 99.00 -105.41 16.70
C PHE D 851 98.93 -106.61 17.63
N VAL D 852 97.85 -106.77 18.39
CA VAL D 852 97.71 -107.90 19.30
C VAL D 852 97.14 -109.09 18.53
N PRO D 853 97.51 -110.32 18.89
CA PRO D 853 96.90 -111.49 18.25
C PRO D 853 95.65 -111.96 18.99
N CYS D 854 94.63 -112.28 18.20
CA CYS D 854 93.34 -112.74 18.74
C CYS D 854 92.98 -114.05 18.06
N PRO D 855 93.55 -115.17 18.51
CA PRO D 855 93.24 -116.47 17.89
C PRO D 855 92.04 -117.15 18.52
N VAL D 856 91.68 -118.32 17.99
CA VAL D 856 90.53 -119.08 18.46
C VAL D 856 91.05 -120.38 19.08
N ASP D 857 90.52 -120.72 20.25
CA ASP D 857 90.91 -121.95 20.96
C ASP D 857 90.31 -123.15 20.24
N THR D 858 91.09 -123.76 19.35
CA THR D 858 90.62 -124.89 18.57
C THR D 858 90.96 -126.24 19.19
N VAL D 859 91.94 -126.30 20.10
CA VAL D 859 92.30 -127.57 20.71
C VAL D 859 91.22 -128.09 21.64
N GLN D 860 90.30 -127.22 22.08
CA GLN D 860 89.21 -127.66 22.93
C GLN D 860 88.30 -128.65 22.23
N ILE D 861 88.02 -128.40 20.95
CA ILE D 861 87.16 -129.27 20.16
C ILE D 861 87.94 -130.53 19.77
N VAL D 862 87.29 -131.69 19.87
CA VAL D 862 87.92 -132.97 19.55
C VAL D 862 87.09 -133.66 18.48
N LEU D 863 87.77 -134.41 17.62
CA LEU D 863 87.15 -135.11 16.49
C LEU D 863 87.65 -136.55 16.42
N PRO D 864 87.24 -137.40 17.36
CA PRO D 864 87.73 -138.79 17.40
C PRO D 864 87.45 -139.58 16.13
N PRO D 865 86.28 -139.44 15.49
CA PRO D 865 86.05 -140.23 14.26
C PRO D 865 87.05 -139.96 13.16
N HIS D 866 87.58 -138.74 13.08
CA HIS D 866 88.67 -138.48 12.15
C HIS D 866 90.02 -138.87 12.75
N LEU D 867 90.21 -138.59 14.04
CA LEU D 867 91.50 -138.87 14.68
C LEU D 867 91.85 -140.35 14.63
N GLU D 868 90.87 -141.23 14.50
CA GLU D 868 91.17 -142.66 14.54
C GLU D 868 91.86 -143.13 13.25
N ARG D 869 91.35 -142.73 12.08
CA ARG D 869 91.92 -143.21 10.81
C ARG D 869 92.25 -142.11 9.82
N ILE D 870 91.41 -141.07 9.74
CA ILE D 870 91.58 -140.06 8.69
C ILE D 870 92.84 -139.25 8.95
N ARG D 871 93.14 -138.95 10.22
CA ARG D 871 94.29 -138.12 10.51
C ARG D 871 95.59 -138.86 10.26
N GLU D 872 95.63 -140.18 10.45
CA GLU D 872 96.81 -140.92 10.00
C GLU D 872 96.88 -141.08 8.49
N LYS D 873 95.76 -141.09 7.76
CA LYS D 873 95.92 -141.01 6.30
C LYS D 873 96.54 -139.68 5.91
N LEU D 874 96.07 -138.58 6.52
CA LEU D 874 96.69 -137.27 6.26
C LEU D 874 98.16 -137.27 6.66
N ALA D 875 98.49 -137.87 7.80
CA ALA D 875 99.87 -137.92 8.24
C ALA D 875 100.73 -138.76 7.29
N GLU D 876 100.18 -139.84 6.75
CA GLU D 876 100.90 -140.64 5.77
C GLU D 876 101.27 -139.81 4.55
N ASN D 877 100.29 -139.07 4.00
CA ASN D 877 100.63 -138.29 2.82
C ASN D 877 101.54 -137.10 3.16
N ILE D 878 101.43 -136.55 4.37
CA ILE D 878 102.35 -135.51 4.80
C ILE D 878 103.77 -136.06 4.88
N HIS D 879 103.93 -137.28 5.40
CA HIS D 879 105.25 -137.93 5.41
C HIS D 879 105.75 -138.14 3.99
N GLU D 880 104.86 -138.54 3.09
CA GLU D 880 105.23 -138.69 1.68
C GLU D 880 105.81 -137.40 1.13
N LEU D 881 105.08 -136.29 1.30
CA LEU D 881 105.56 -135.00 0.79
C LEU D 881 106.86 -134.57 1.48
N TRP D 882 106.96 -134.82 2.79
CA TRP D 882 108.14 -134.45 3.56
C TRP D 882 109.38 -135.12 2.97
N ALA D 883 109.30 -136.43 2.78
CA ALA D 883 110.42 -137.19 2.23
C ALA D 883 110.66 -136.82 0.78
N LEU D 884 109.61 -136.49 0.04
CA LEU D 884 109.78 -136.02 -1.33
C LEU D 884 110.63 -134.76 -1.35
N THR D 885 110.39 -133.84 -0.41
CA THR D 885 111.22 -132.65 -0.31
C THR D 885 112.68 -133.01 -0.05
N ARG D 886 112.93 -133.92 0.90
CA ARG D 886 114.34 -134.27 1.14
C ARG D 886 114.97 -134.90 -0.10
N ILE D 887 114.26 -135.81 -0.77
CA ILE D 887 114.84 -136.50 -1.93
C ILE D 887 115.13 -135.52 -3.05
N GLU D 888 114.18 -134.62 -3.33
CA GLU D 888 114.43 -133.55 -4.29
C GLU D 888 115.62 -132.70 -3.87
N GLN D 889 115.82 -132.53 -2.57
CA GLN D 889 116.98 -131.82 -2.06
C GLN D 889 118.19 -132.75 -2.02
N GLY D 890 119.37 -132.16 -1.88
CA GLY D 890 120.61 -132.90 -1.73
C GLY D 890 120.62 -133.89 -0.57
N TRP D 891 119.57 -133.86 0.25
CA TRP D 891 119.51 -134.67 1.46
C TRP D 891 119.71 -136.15 1.15
N THR D 892 120.64 -136.77 1.88
CA THR D 892 121.01 -138.16 1.70
C THR D 892 120.36 -139.03 2.77
N TYR D 893 120.58 -140.34 2.65
CA TYR D 893 120.05 -141.32 3.60
C TYR D 893 121.11 -141.70 4.61
N GLY D 894 120.76 -141.64 5.89
CA GLY D 894 121.65 -142.03 6.96
C GLY D 894 120.89 -142.41 8.21
N PRO D 895 121.19 -143.58 8.77
CA PRO D 895 120.36 -144.10 9.89
C PRO D 895 120.23 -143.15 11.05
N VAL D 896 121.25 -142.32 11.33
CA VAL D 896 121.20 -141.33 12.39
C VAL D 896 121.12 -139.95 11.74
N ARG D 897 120.33 -139.06 12.33
CA ARG D 897 120.13 -137.73 11.77
C ARG D 897 121.44 -136.97 11.78
N ASP D 898 121.98 -136.66 10.60
CA ASP D 898 123.20 -135.89 10.45
C ASP D 898 122.93 -134.82 9.40
N ASP D 899 122.49 -133.64 9.85
CA ASP D 899 122.23 -132.55 8.93
C ASP D 899 123.50 -132.09 8.23
N ASN D 900 124.66 -132.31 8.85
CA ASN D 900 125.93 -131.97 8.22
C ASN D 900 126.14 -132.76 6.93
N LYS D 901 125.97 -134.08 7.00
CA LYS D 901 126.03 -134.91 5.81
C LYS D 901 124.66 -135.11 5.19
N ARG D 902 123.65 -134.36 5.67
CA ARG D 902 122.32 -134.32 5.07
C ARG D 902 121.60 -135.66 5.22
N LEU D 903 121.79 -136.32 6.35
CA LEU D 903 121.39 -137.71 6.53
C LEU D 903 119.97 -137.81 7.06
N HIS D 904 119.20 -138.76 6.53
CA HIS D 904 117.78 -138.88 6.82
C HIS D 904 117.56 -139.72 8.06
N PRO D 905 117.12 -139.12 9.19
CA PRO D 905 116.99 -139.91 10.42
C PRO D 905 116.09 -141.13 10.30
N CYS D 906 115.02 -141.04 9.52
CA CYS D 906 114.16 -142.18 9.28
C CYS D 906 114.60 -142.98 8.06
N LEU D 907 114.65 -142.33 6.90
CA LEU D 907 114.97 -142.98 5.63
C LEU D 907 114.12 -144.22 5.40
N VAL D 908 112.84 -144.13 5.73
CA VAL D 908 111.87 -145.20 5.50
C VAL D 908 110.67 -144.62 4.79
N ASN D 909 110.15 -145.35 3.80
CA ASN D 909 108.97 -144.89 3.07
C ASN D 909 107.76 -144.82 4.00
N PHE D 910 107.50 -145.89 4.74
CA PHE D 910 106.42 -145.90 5.73
C PHE D 910 106.98 -145.44 7.07
N HIS D 911 106.42 -144.36 7.60
CA HIS D 911 106.92 -143.80 8.85
C HIS D 911 106.71 -144.77 10.00
N SER D 912 107.76 -144.95 10.80
CA SER D 912 107.69 -145.85 11.95
C SER D 912 106.84 -145.21 13.04
N LEU D 913 105.64 -145.75 13.25
CA LEU D 913 104.67 -145.10 14.13
C LEU D 913 105.16 -144.91 15.57
N PRO D 914 105.84 -145.87 16.22
CA PRO D 914 106.29 -145.64 17.60
C PRO D 914 107.18 -144.42 17.79
N GLU D 915 107.66 -143.81 16.72
CA GLU D 915 108.58 -142.68 16.86
C GLU D 915 107.84 -141.47 17.41
N PRO D 916 108.39 -140.80 18.44
CA PRO D 916 107.74 -139.58 18.95
C PRO D 916 107.62 -138.49 17.90
N GLU D 917 108.52 -138.47 16.92
CA GLU D 917 108.35 -137.57 15.78
C GLU D 917 107.09 -137.90 15.00
N ARG D 918 106.81 -139.18 14.81
CA ARG D 918 105.57 -139.59 14.15
C ARG D 918 104.36 -139.22 14.99
N ASN D 919 104.49 -139.33 16.32
CA ASN D 919 103.45 -138.84 17.20
C ASN D 919 103.22 -137.34 17.03
N TYR D 920 104.30 -136.57 16.88
CA TYR D 920 104.13 -135.13 16.70
C TYR D 920 103.44 -134.83 15.37
N ASN D 921 103.68 -135.66 14.35
CA ASN D 921 102.91 -135.52 13.12
C ASN D 921 101.45 -135.93 13.32
N LEU D 922 101.18 -136.86 14.23
CA LEU D 922 99.79 -137.11 14.59
C LEU D 922 99.15 -135.89 15.24
N GLN D 923 99.91 -135.18 16.08
CA GLN D 923 99.46 -133.88 16.58
C GLN D 923 99.23 -132.87 15.45
N MET D 924 100.10 -132.86 14.43
CA MET D 924 99.80 -132.14 13.19
C MET D 924 98.36 -132.36 12.76
N SER D 925 98.07 -133.60 12.37
CA SER D 925 96.79 -133.90 11.78
C SER D 925 95.65 -133.58 12.74
N GLY D 926 95.84 -133.90 14.02
CA GLY D 926 94.81 -133.64 15.01
C GLY D 926 94.49 -132.17 15.12
N GLU D 927 95.52 -131.32 15.23
CA GLU D 927 95.30 -129.90 15.36
C GLU D 927 94.65 -129.32 14.11
N THR D 928 95.06 -129.79 12.92
CA THR D 928 94.43 -129.30 11.70
C THR D 928 92.94 -129.63 11.68
N LEU D 929 92.58 -130.87 12.03
CA LEU D 929 91.16 -131.23 12.04
C LEU D 929 90.39 -130.48 13.11
N LYS D 930 91.01 -130.28 14.28
CA LYS D 930 90.34 -129.52 15.34
C LYS D 930 90.07 -128.08 14.91
N THR D 931 91.04 -127.44 14.26
CA THR D 931 90.81 -126.08 13.78
C THR D 931 89.74 -126.05 12.70
N LEU D 932 89.75 -127.04 11.79
CA LEU D 932 88.74 -127.09 10.75
C LEU D 932 87.34 -127.20 11.34
N LEU D 933 87.16 -128.05 12.35
CA LEU D 933 85.84 -128.18 12.96
C LEU D 933 85.49 -126.97 13.82
N ALA D 934 86.49 -126.35 14.46
CA ALA D 934 86.22 -125.17 15.28
C ALA D 934 85.72 -124.02 14.42
N LEU D 935 86.27 -123.87 13.22
CA LEU D 935 85.74 -122.89 12.28
C LEU D 935 84.43 -123.42 11.69
N GLY D 936 83.87 -122.70 10.71
CA GLY D 936 82.59 -123.07 10.16
C GLY D 936 82.59 -124.28 9.26
N CYS D 937 83.75 -124.90 9.05
CA CYS D 937 83.84 -126.05 8.17
C CYS D 937 83.08 -127.24 8.75
N HIS D 938 82.41 -127.99 7.87
CA HIS D 938 81.74 -129.23 8.25
C HIS D 938 82.53 -130.39 7.66
N VAL D 939 83.23 -131.13 8.53
CA VAL D 939 84.04 -132.25 8.08
C VAL D 939 83.16 -133.45 7.77
N GLY D 940 83.68 -134.35 6.95
CA GLY D 940 82.95 -135.56 6.60
C GLY D 940 83.73 -136.36 5.59
N MET D 941 83.18 -137.53 5.27
CA MET D 941 83.77 -138.45 4.30
C MET D 941 82.80 -138.67 3.15
N ALA D 942 83.30 -138.51 1.93
CA ALA D 942 82.50 -138.72 0.72
C ALA D 942 83.40 -139.34 -0.33
N ASP D 943 83.20 -140.63 -0.60
CA ASP D 943 83.92 -141.38 -1.63
C ASP D 943 85.43 -141.39 -1.35
N GLU D 944 85.78 -141.93 -0.18
CA GLU D 944 87.19 -142.20 0.11
C GLU D 944 87.69 -143.39 -0.71
N LYS D 945 86.79 -144.33 -1.02
CA LYS D 945 87.14 -145.42 -1.93
C LYS D 945 87.50 -144.89 -3.31
N ALA D 946 86.92 -143.75 -3.71
CA ALA D 946 87.33 -143.11 -4.95
C ALA D 946 88.78 -142.60 -4.85
N GLU D 947 89.14 -142.05 -3.69
CA GLU D 947 90.53 -141.62 -3.49
C GLU D 947 91.48 -142.82 -3.52
N ASP D 948 91.07 -143.94 -2.94
CA ASP D 948 91.90 -145.14 -3.00
C ASP D 948 91.94 -145.72 -4.41
N ASN D 949 90.90 -145.50 -5.21
CA ASN D 949 90.82 -146.07 -6.54
C ASN D 949 91.75 -145.37 -7.52
N LEU D 950 91.88 -144.05 -7.42
CA LEU D 950 92.71 -143.31 -8.35
C LEU D 950 94.19 -143.60 -8.10
N LYS D 951 95.03 -143.08 -9.00
CA LYS D 951 96.46 -143.34 -8.93
C LYS D 951 97.07 -142.57 -7.76
N LYS D 952 97.20 -143.23 -6.61
CA LYS D 952 97.81 -142.61 -5.44
C LYS D 952 99.33 -142.78 -5.42
N THR D 953 99.84 -143.88 -5.96
CA THR D 953 101.27 -144.15 -5.94
C THR D 953 101.91 -143.69 -7.26
N LYS D 954 101.94 -142.37 -7.42
CA LYS D 954 102.61 -141.77 -8.57
C LYS D 954 104.11 -141.67 -8.27
N LEU D 955 104.93 -142.26 -9.13
CA LEU D 955 106.35 -142.36 -8.85
C LEU D 955 107.17 -141.63 -9.90
N PRO D 956 108.21 -140.89 -9.50
CA PRO D 956 109.11 -140.25 -10.46
C PRO D 956 110.37 -141.05 -10.80
N LYS D 957 110.57 -142.20 -10.16
CA LYS D 957 111.72 -143.09 -10.38
C LYS D 957 113.05 -142.43 -10.02
N THR D 958 113.03 -141.29 -9.33
CA THR D 958 114.24 -140.60 -8.91
C THR D 958 114.51 -140.77 -7.42
N TYR D 959 113.68 -141.53 -6.72
CA TYR D 959 113.78 -141.65 -5.28
C TYR D 959 115.07 -142.36 -4.87
N MET D 960 115.56 -142.01 -3.68
CA MET D 960 116.74 -142.65 -3.12
C MET D 960 116.46 -144.12 -2.82
N MET D 961 117.51 -144.94 -2.89
CA MET D 961 117.34 -146.39 -2.79
C MET D 961 117.01 -146.83 -1.38
N SER D 962 117.22 -145.98 -0.38
CA SER D 962 116.74 -146.30 0.97
C SER D 962 115.24 -146.09 1.09
N ASN D 963 114.72 -145.05 0.43
CA ASN D 963 113.29 -144.79 0.44
C ASN D 963 112.58 -145.74 -0.51
N GLY D 964 111.30 -145.99 -0.21
CA GLY D 964 110.46 -146.80 -1.06
C GLY D 964 109.74 -145.96 -2.11
N TYR D 965 108.62 -146.50 -2.58
CA TYR D 965 107.81 -145.82 -3.59
C TYR D 965 107.00 -144.73 -2.91
N LYS D 966 107.42 -143.48 -3.08
CA LYS D 966 106.71 -142.36 -2.48
C LYS D 966 105.42 -142.08 -3.25
N PRO D 967 104.26 -142.13 -2.60
CA PRO D 967 103.00 -141.98 -3.34
C PRO D 967 102.58 -140.53 -3.49
N ALA D 968 102.22 -140.13 -4.71
CA ALA D 968 101.69 -138.79 -4.96
C ALA D 968 100.22 -138.92 -5.36
N PRO D 969 99.27 -138.56 -4.49
CA PRO D 969 97.86 -138.73 -4.84
C PRO D 969 97.42 -137.95 -6.06
N LEU D 970 98.01 -136.77 -6.30
CA LEU D 970 97.65 -135.92 -7.44
C LEU D 970 96.16 -135.63 -7.46
N ASP D 971 95.62 -135.27 -6.30
CA ASP D 971 94.20 -134.98 -6.17
C ASP D 971 93.80 -133.67 -6.85
N LEU D 972 94.77 -132.85 -7.27
CA LEU D 972 94.45 -131.61 -7.97
C LEU D 972 93.72 -131.89 -9.29
N SER D 973 94.17 -132.91 -10.03
CA SER D 973 93.53 -133.25 -11.29
C SER D 973 92.10 -133.73 -11.06
N HIS D 974 91.88 -134.55 -10.03
CA HIS D 974 90.54 -135.04 -9.75
C HIS D 974 89.62 -133.91 -9.30
N VAL D 975 90.09 -133.08 -8.37
CA VAL D 975 89.29 -131.96 -7.88
C VAL D 975 90.21 -130.78 -7.57
N ARG D 976 90.06 -129.70 -8.33
CA ARG D 976 90.84 -128.50 -8.09
C ARG D 976 90.32 -127.73 -6.88
N LEU D 977 91.16 -126.86 -6.35
CA LEU D 977 90.78 -126.06 -5.19
C LEU D 977 89.81 -124.97 -5.59
N THR D 978 88.67 -124.91 -4.92
CA THR D 978 87.70 -123.87 -5.15
C THR D 978 88.18 -122.55 -4.55
N PRO D 979 87.63 -121.41 -4.98
CA PRO D 979 87.93 -120.16 -4.29
C PRO D 979 87.60 -120.22 -2.82
N ALA D 980 86.47 -120.85 -2.46
CA ALA D 980 86.16 -121.06 -1.05
C ALA D 980 87.25 -121.88 -0.37
N GLN D 981 87.77 -122.90 -1.08
CA GLN D 981 88.79 -123.76 -0.48
C GLN D 981 90.08 -122.99 -0.23
N THR D 982 90.50 -122.13 -1.18
CA THR D 982 91.72 -121.38 -0.95
C THR D 982 91.53 -120.31 0.13
N THR D 983 90.32 -119.74 0.24
CA THR D 983 90.06 -118.88 1.40
C THR D 983 90.16 -119.66 2.70
N LEU D 984 89.64 -120.89 2.73
CA LEU D 984 89.79 -121.72 3.93
C LEU D 984 91.26 -121.94 4.25
N VAL D 985 92.08 -122.22 3.24
CA VAL D 985 93.51 -122.37 3.45
C VAL D 985 94.07 -121.09 4.07
N ASP D 986 93.64 -119.94 3.56
CA ASP D 986 94.16 -118.67 4.06
C ASP D 986 93.83 -118.47 5.53
N ARG D 987 92.58 -118.74 5.92
CA ARG D 987 92.22 -118.50 7.32
C ARG D 987 92.87 -119.54 8.24
N LEU D 988 93.03 -120.77 7.78
CA LEU D 988 93.76 -121.77 8.57
C LEU D 988 95.19 -121.31 8.82
N ALA D 989 95.86 -120.82 7.77
CA ALA D 989 97.22 -120.31 7.94
C ALA D 989 97.24 -119.11 8.87
N GLU D 990 96.24 -118.23 8.76
CA GLU D 990 96.18 -117.05 9.62
C GLU D 990 96.05 -117.44 11.08
N ASN D 991 95.18 -118.40 11.39
CA ASN D 991 95.03 -118.85 12.78
C ASN D 991 96.29 -119.54 13.28
N GLY D 992 96.92 -120.36 12.42
CA GLY D 992 98.15 -121.01 12.81
C GLY D 992 99.27 -120.04 13.10
N HIS D 993 99.31 -118.92 12.38
CA HIS D 993 100.29 -117.89 12.71
C HIS D 993 99.90 -117.07 13.93
N ASN D 994 98.59 -116.84 14.12
CA ASN D 994 98.15 -116.04 15.26
C ASN D 994 98.44 -116.73 16.58
N VAL D 995 98.23 -118.05 16.65
CA VAL D 995 98.53 -118.76 17.90
C VAL D 995 100.02 -118.68 18.21
N TRP D 996 100.87 -118.84 17.18
CA TRP D 996 102.31 -118.75 17.39
C TRP D 996 102.71 -117.35 17.84
N ALA D 997 102.12 -116.32 17.24
CA ALA D 997 102.39 -114.95 17.66
C ALA D 997 101.99 -114.75 19.12
N ARG D 998 100.86 -115.33 19.51
CA ARG D 998 100.42 -115.20 20.90
C ARG D 998 101.42 -115.83 21.86
N ASP D 999 101.91 -117.04 21.54
CA ASP D 999 102.85 -117.65 22.48
C ASP D 999 104.21 -116.94 22.46
N ARG D 1000 104.61 -116.38 21.32
CA ARG D 1000 105.82 -115.56 21.31
C ARG D 1000 105.66 -114.33 22.19
N VAL D 1001 104.48 -113.69 22.14
CA VAL D 1001 104.22 -112.56 23.03
C VAL D 1001 104.27 -113.00 24.48
N ALA D 1002 103.71 -114.17 24.77
CA ALA D 1002 103.77 -114.70 26.13
C ALA D 1002 105.22 -114.90 26.58
N GLN D 1003 106.07 -115.41 25.68
CA GLN D 1003 107.49 -115.52 25.99
C GLN D 1003 108.10 -114.15 26.26
N GLY D 1004 107.74 -113.16 25.45
CA GLY D 1004 108.26 -111.81 25.64
C GLY D 1004 109.07 -111.30 24.47
N TRP D 1005 108.74 -111.76 23.27
CA TRP D 1005 109.41 -111.31 22.06
C TRP D 1005 108.75 -110.05 21.51
N SER D 1006 109.51 -109.33 20.68
CA SER D 1006 109.05 -108.07 20.11
C SER D 1006 109.33 -108.07 18.61
N TYR D 1007 108.89 -107.01 17.94
CA TYR D 1007 109.05 -106.86 16.51
C TYR D 1007 110.20 -105.92 16.19
N SER D 1008 110.98 -106.27 15.16
CA SER D 1008 112.08 -105.45 14.71
C SER D 1008 112.29 -105.69 13.22
N ALA D 1009 112.76 -104.64 12.54
CA ALA D 1009 113.02 -104.75 11.11
C ALA D 1009 114.20 -105.67 10.79
N VAL D 1010 115.08 -105.90 11.76
CA VAL D 1010 116.24 -106.77 11.59
C VAL D 1010 116.17 -107.87 12.64
N GLN D 1011 116.35 -109.11 12.21
CA GLN D 1011 116.27 -110.24 13.13
C GLN D 1011 117.41 -110.21 14.13
N ASP D 1012 117.08 -110.47 15.40
CA ASP D 1012 118.07 -110.53 16.47
C ASP D 1012 117.59 -111.56 17.48
N ILE D 1013 118.06 -112.80 17.34
CA ILE D 1013 117.64 -113.86 18.25
C ILE D 1013 118.05 -113.57 19.70
N PRO D 1014 119.29 -113.17 20.00
CA PRO D 1014 119.62 -112.86 21.40
C PRO D 1014 118.82 -111.70 21.98
N ALA D 1015 118.30 -110.81 21.14
CA ALA D 1015 117.54 -109.65 21.60
C ALA D 1015 116.04 -109.92 21.65
N ARG D 1016 115.60 -111.15 21.38
CA ARG D 1016 114.19 -111.51 21.37
C ARG D 1016 113.38 -110.61 20.43
N ARG D 1017 113.94 -110.37 19.24
CA ARG D 1017 113.30 -109.58 18.20
C ARG D 1017 113.09 -110.46 16.99
N ASN D 1018 111.87 -110.48 16.47
CA ASN D 1018 111.52 -111.34 15.33
C ASN D 1018 110.76 -110.50 14.32
N PRO D 1019 111.22 -110.40 13.08
CA PRO D 1019 110.51 -109.63 12.06
C PRO D 1019 109.30 -110.31 11.46
N ARG D 1020 108.81 -111.41 12.05
CA ARG D 1020 107.69 -112.14 11.48
C ARG D 1020 106.57 -112.42 12.49
N LEU D 1021 106.57 -111.76 13.66
CA LEU D 1021 105.54 -111.98 14.65
C LEU D 1021 104.42 -110.95 14.59
N VAL D 1022 104.39 -110.12 13.54
CA VAL D 1022 103.27 -109.22 13.31
C VAL D 1022 102.07 -110.09 12.90
N PRO D 1023 100.83 -109.62 13.10
CA PRO D 1023 99.67 -110.42 12.72
C PRO D 1023 99.69 -110.81 11.25
N TYR D 1024 98.85 -111.80 10.92
CA TYR D 1024 98.85 -112.35 9.57
C TYR D 1024 98.43 -111.31 8.54
N ARG D 1025 97.53 -110.39 8.92
CA ARG D 1025 97.16 -109.32 7.99
C ARG D 1025 98.35 -108.42 7.69
N LEU D 1026 99.18 -108.15 8.70
CA LEU D 1026 100.36 -107.31 8.50
C LEU D 1026 101.51 -108.04 7.86
N LEU D 1027 101.49 -109.37 7.85
CA LEU D 1027 102.56 -110.13 7.22
C LEU D 1027 102.61 -109.90 5.72
N ASP D 1028 103.81 -110.03 5.17
CA ASP D 1028 104.01 -109.92 3.73
C ASP D 1028 103.60 -111.21 3.03
N GLU D 1029 103.49 -111.14 1.69
CA GLU D 1029 102.99 -112.26 0.92
C GLU D 1029 103.98 -113.43 0.88
N ALA D 1030 105.28 -113.17 1.07
CA ALA D 1030 106.25 -114.26 1.05
C ALA D 1030 106.02 -115.22 2.21
N THR D 1031 105.91 -114.68 3.42
CA THR D 1031 105.58 -115.52 4.58
C THR D 1031 104.21 -116.15 4.42
N LYS D 1032 103.27 -115.44 3.79
CA LYS D 1032 101.94 -115.99 3.56
C LYS D 1032 102.01 -117.25 2.70
N ARG D 1033 102.73 -117.19 1.57
CA ARG D 1033 102.84 -118.38 0.73
C ARG D 1033 103.66 -119.47 1.39
N SER D 1034 104.68 -119.09 2.17
CA SER D 1034 105.49 -120.09 2.88
C SER D 1034 104.65 -120.85 3.90
N ASN D 1035 103.73 -120.16 4.56
CA ASN D 1035 102.81 -120.82 5.49
C ASN D 1035 101.61 -121.42 4.80
N ARG D 1036 101.39 -121.11 3.51
CA ARG D 1036 100.20 -121.56 2.80
C ARG D 1036 100.42 -122.79 1.93
N ASP D 1037 101.66 -123.06 1.50
CA ASP D 1037 101.88 -124.16 0.55
C ASP D 1037 101.49 -125.51 1.14
N SER D 1038 101.97 -125.80 2.35
CA SER D 1038 101.68 -127.10 2.97
C SER D 1038 100.20 -127.26 3.25
N LEU D 1039 99.54 -126.18 3.68
CA LEU D 1039 98.11 -126.24 3.92
C LEU D 1039 97.35 -126.42 2.61
N CYS D 1040 97.85 -125.86 1.50
CA CYS D 1040 97.24 -126.12 0.20
C CYS D 1040 97.35 -127.59 -0.17
N GLN D 1041 98.51 -128.20 0.08
CA GLN D 1041 98.64 -129.64 -0.18
C GLN D 1041 97.67 -130.45 0.69
N ALA D 1042 97.57 -130.09 1.98
CA ALA D 1042 96.65 -130.80 2.87
C ALA D 1042 95.20 -130.66 2.40
N VAL D 1043 94.82 -129.45 1.98
CA VAL D 1043 93.46 -129.23 1.50
C VAL D 1043 93.21 -129.97 0.20
N ARG D 1044 94.22 -130.07 -0.66
CA ARG D 1044 94.09 -130.90 -1.86
C ARG D 1044 93.84 -132.35 -1.47
N THR D 1045 94.54 -132.84 -0.45
CA THR D 1045 94.29 -134.20 0.03
C THR D 1045 92.87 -134.34 0.57
N LEU D 1046 92.38 -133.34 1.30
CA LEU D 1046 91.00 -133.39 1.80
C LEU D 1046 90.00 -133.42 0.65
N LEU D 1047 90.24 -132.63 -0.38
CA LEU D 1047 89.35 -132.65 -1.55
C LEU D 1047 89.39 -134.00 -2.25
N GLY D 1048 90.58 -134.59 -2.37
CA GLY D 1048 90.68 -135.92 -2.95
C GLY D 1048 89.93 -136.97 -2.16
N TYR D 1049 90.02 -136.90 -0.83
CA TYR D 1049 89.25 -137.81 0.00
C TYR D 1049 87.76 -137.49 0.01
N GLY D 1050 87.38 -136.29 -0.40
CA GLY D 1050 85.98 -135.93 -0.50
C GLY D 1050 85.41 -135.27 0.73
N TYR D 1051 86.07 -134.21 1.20
CA TYR D 1051 85.55 -133.44 2.32
C TYR D 1051 84.38 -132.57 1.89
N ASN D 1052 83.36 -132.48 2.74
CA ASN D 1052 82.20 -131.63 2.51
C ASN D 1052 82.28 -130.34 3.30
N ILE D 1053 83.50 -129.80 3.44
CA ILE D 1053 83.70 -128.60 4.25
C ILE D 1053 83.04 -127.40 3.57
N GLU D 1054 82.26 -126.64 4.33
CA GLU D 1054 81.55 -125.49 3.82
C GLU D 1054 81.91 -124.27 4.67
N PRO D 1055 82.25 -123.13 4.05
CA PRO D 1055 82.54 -121.94 4.84
C PRO D 1055 81.31 -121.48 5.61
N PRO D 1056 81.50 -120.89 6.79
CA PRO D 1056 80.38 -120.40 7.60
C PRO D 1056 79.68 -119.20 6.98
N ASN D 1065 79.03 -93.34 15.71
CA ASN D 1065 78.53 -91.99 15.50
C ASN D 1065 79.68 -91.05 15.13
N GLN D 1066 80.68 -90.98 16.01
CA GLN D 1066 81.84 -90.15 15.75
C GLN D 1066 82.62 -90.67 14.53
N SER D 1067 82.74 -91.98 14.41
CA SER D 1067 83.49 -92.56 13.29
C SER D 1067 82.78 -92.37 11.95
N ARG D 1068 81.47 -92.12 11.96
CA ARG D 1068 80.75 -91.92 10.71
C ARG D 1068 81.26 -90.68 9.97
N TRP D 1069 81.50 -89.59 10.70
CA TRP D 1069 82.00 -88.38 10.08
C TRP D 1069 83.43 -88.53 9.58
N ASP D 1070 84.17 -89.49 10.11
CA ASP D 1070 85.56 -89.70 9.73
C ASP D 1070 85.71 -90.52 8.44
N ARG D 1071 84.62 -90.85 7.78
CA ARG D 1071 84.66 -91.66 6.56
C ARG D 1071 84.36 -90.88 5.30
N VAL D 1072 83.56 -89.82 5.38
CA VAL D 1072 83.08 -89.10 4.21
C VAL D 1072 83.48 -87.63 4.34
N ARG D 1073 84.08 -87.09 3.29
CA ARG D 1073 84.45 -85.68 3.21
C ARG D 1073 83.75 -85.06 2.00
N ILE D 1074 83.08 -83.93 2.23
CA ILE D 1074 82.26 -83.28 1.22
C ILE D 1074 82.94 -81.99 0.77
N PHE D 1075 83.09 -81.82 -0.54
CA PHE D 1075 83.61 -80.60 -1.14
C PHE D 1075 82.52 -79.93 -1.96
N ARG D 1076 82.41 -78.61 -1.81
CA ARG D 1076 81.42 -77.85 -2.55
C ARG D 1076 81.96 -76.46 -2.81
N ALA D 1077 81.40 -75.80 -3.82
CA ALA D 1077 81.78 -74.44 -4.15
C ALA D 1077 81.17 -73.47 -3.13
N GLU D 1078 81.69 -72.24 -3.13
CA GLU D 1078 81.17 -71.22 -2.26
C GLU D 1078 79.76 -70.82 -2.67
N LYS D 1079 78.97 -70.38 -1.69
CA LYS D 1079 77.58 -70.03 -1.94
C LYS D 1079 77.41 -68.76 -2.78
N SER D 1080 78.50 -68.07 -3.11
CA SER D 1080 78.40 -66.90 -3.96
C SER D 1080 78.35 -67.24 -5.44
N TYR D 1081 78.50 -68.52 -5.81
CA TYR D 1081 78.49 -68.96 -7.20
C TYR D 1081 77.21 -69.70 -7.57
N THR D 1082 76.15 -69.56 -6.77
CA THR D 1082 74.90 -70.24 -7.07
C THR D 1082 74.30 -69.71 -8.36
N VAL D 1083 73.78 -70.62 -9.18
CA VAL D 1083 73.21 -70.30 -10.48
C VAL D 1083 71.74 -70.70 -10.48
N GLN D 1084 70.89 -69.83 -11.03
CA GLN D 1084 69.46 -70.07 -11.10
C GLN D 1084 68.93 -70.08 -12.52
N SER D 1085 69.80 -70.01 -13.52
CA SER D 1085 69.37 -70.05 -14.91
C SER D 1085 70.53 -70.50 -15.78
N GLY D 1086 70.21 -71.00 -16.96
CA GLY D 1086 71.20 -71.36 -17.95
C GLY D 1086 71.50 -72.85 -17.99
N ARG D 1087 72.49 -73.17 -18.82
CA ARG D 1087 72.95 -74.55 -19.02
C ARG D 1087 74.42 -74.62 -18.64
N TRP D 1088 74.73 -75.31 -17.54
CA TRP D 1088 76.08 -75.36 -17.01
C TRP D 1088 76.62 -76.78 -17.08
N TYR D 1089 77.94 -76.89 -17.17
CA TYR D 1089 78.62 -78.17 -17.32
C TYR D 1089 79.92 -78.16 -16.53
N PHE D 1090 80.20 -79.25 -15.82
CA PHE D 1090 81.49 -79.42 -15.18
C PHE D 1090 81.86 -80.89 -15.20
N GLU D 1091 83.11 -81.20 -14.83
CA GLU D 1091 83.64 -82.54 -15.00
C GLU D 1091 84.29 -83.03 -13.72
N PHE D 1092 84.27 -84.35 -13.54
CA PHE D 1092 84.90 -85.00 -12.40
C PHE D 1092 85.63 -86.23 -12.91
N GLU D 1093 86.77 -86.54 -12.30
CA GLU D 1093 87.58 -87.68 -12.70
C GLU D 1093 87.87 -88.55 -11.48
N ALA D 1094 87.53 -89.82 -11.59
CA ALA D 1094 87.73 -90.78 -10.50
C ALA D 1094 89.08 -91.47 -10.72
N VAL D 1095 90.12 -90.95 -10.08
CA VAL D 1095 91.45 -91.54 -10.22
C VAL D 1095 91.51 -92.90 -9.55
N THR D 1096 90.88 -93.04 -8.39
CA THR D 1096 90.85 -94.29 -7.65
C THR D 1096 89.43 -94.83 -7.64
N THR D 1097 89.26 -96.08 -8.08
CA THR D 1097 87.94 -96.70 -8.11
C THR D 1097 87.42 -96.89 -6.68
N GLY D 1098 86.35 -96.19 -6.35
CA GLY D 1098 85.83 -96.25 -5.00
C GLY D 1098 84.49 -95.58 -4.89
N GLU D 1099 84.16 -95.16 -3.66
CA GLU D 1099 82.86 -94.60 -3.34
C GLU D 1099 82.94 -93.07 -3.35
N MET D 1100 82.57 -92.48 -4.47
CA MET D 1100 82.40 -91.04 -4.57
C MET D 1100 81.05 -90.72 -5.16
N ARG D 1101 80.53 -89.54 -4.81
CA ARG D 1101 79.20 -89.11 -5.19
C ARG D 1101 79.31 -87.68 -5.73
N VAL D 1102 78.97 -87.50 -7.00
CA VAL D 1102 79.18 -86.23 -7.68
C VAL D 1102 77.86 -85.72 -8.23
N GLY D 1103 77.62 -84.41 -8.10
CA GLY D 1103 76.37 -83.86 -8.62
C GLY D 1103 76.18 -82.41 -8.22
N TRP D 1104 74.91 -82.05 -8.04
CA TRP D 1104 74.54 -80.68 -7.71
C TRP D 1104 73.85 -80.67 -6.36
N ALA D 1105 74.01 -79.55 -5.63
CA ALA D 1105 73.51 -79.43 -4.28
C ALA D 1105 72.96 -78.04 -4.05
N ARG D 1106 72.21 -77.89 -2.98
CA ARG D 1106 71.63 -76.62 -2.59
C ARG D 1106 72.55 -75.90 -1.60
N PRO D 1107 72.46 -74.57 -1.54
CA PRO D 1107 73.32 -73.83 -0.59
C PRO D 1107 73.09 -74.21 0.86
N GLU D 1108 71.90 -74.71 1.20
CA GLU D 1108 71.57 -75.04 2.57
C GLU D 1108 72.16 -76.38 3.01
N LEU D 1109 72.65 -77.18 2.07
CA LEU D 1109 73.14 -78.54 2.31
C LEU D 1109 74.00 -78.63 3.57
N ARG D 1110 73.58 -79.48 4.50
CA ARG D 1110 74.26 -79.67 5.78
C ARG D 1110 75.49 -80.57 5.61
N PRO D 1111 76.50 -80.40 6.46
CA PRO D 1111 77.70 -81.25 6.35
C PRO D 1111 77.53 -82.63 6.95
N ASP D 1112 76.63 -82.83 7.91
CA ASP D 1112 76.51 -84.13 8.57
C ASP D 1112 75.83 -85.15 7.67
N VAL D 1113 74.78 -84.74 6.95
CA VAL D 1113 74.01 -85.68 6.16
C VAL D 1113 74.79 -86.12 4.92
N GLU D 1114 74.57 -87.36 4.51
CA GLU D 1114 75.19 -87.87 3.30
C GLU D 1114 74.56 -87.22 2.06
N LEU D 1115 75.30 -87.25 0.96
CA LEU D 1115 74.83 -86.65 -0.28
C LEU D 1115 73.66 -87.45 -0.85
N GLY D 1116 72.54 -86.78 -1.10
CA GLY D 1116 71.38 -87.41 -1.67
C GLY D 1116 70.40 -88.00 -0.69
N ALA D 1117 70.78 -88.16 0.58
CA ALA D 1117 69.88 -88.71 1.58
C ALA D 1117 68.70 -87.78 1.86
N ASP D 1118 68.82 -86.50 1.55
CA ASP D 1118 67.76 -85.52 1.72
C ASP D 1118 67.40 -84.93 0.35
N GLU D 1119 66.57 -83.90 0.38
CA GLU D 1119 66.12 -83.23 -0.84
C GLU D 1119 67.06 -82.12 -1.28
N LEU D 1120 68.22 -82.00 -0.64
CA LEU D 1120 69.14 -80.90 -0.88
C LEU D 1120 70.26 -81.24 -1.86
N ALA D 1121 70.22 -82.41 -2.49
CA ALA D 1121 71.30 -82.81 -3.39
C ALA D 1121 70.79 -83.81 -4.41
N TYR D 1122 70.99 -83.49 -5.69
CA TYR D 1122 70.78 -84.42 -6.78
C TYR D 1122 72.16 -84.94 -7.19
N VAL D 1123 72.46 -86.19 -6.86
CA VAL D 1123 73.82 -86.69 -6.96
C VAL D 1123 73.81 -88.04 -7.67
N PHE D 1124 74.98 -88.43 -8.17
CA PHE D 1124 75.17 -89.71 -8.82
C PHE D 1124 76.33 -90.42 -8.16
N ASN D 1125 76.13 -91.70 -7.81
CA ASN D 1125 77.15 -92.55 -7.20
C ASN D 1125 77.55 -93.58 -8.23
N GLY D 1126 78.77 -93.46 -8.75
CA GLY D 1126 79.30 -94.35 -9.75
C GLY D 1126 79.94 -95.62 -9.24
N HIS D 1127 80.01 -95.80 -7.92
CA HIS D 1127 80.55 -97.04 -7.38
C HIS D 1127 79.57 -98.19 -7.58
N ARG D 1128 78.27 -97.91 -7.51
CA ARG D 1128 77.24 -98.92 -7.71
C ARG D 1128 76.27 -98.55 -8.83
N GLY D 1129 76.39 -97.36 -9.41
CA GLY D 1129 75.48 -96.93 -10.45
C GLY D 1129 74.12 -96.54 -9.92
N GLN D 1130 74.07 -95.57 -9.02
CA GLN D 1130 72.82 -95.17 -8.38
C GLN D 1130 72.64 -93.66 -8.45
N ARG D 1131 71.50 -93.22 -8.96
CA ARG D 1131 71.10 -91.82 -8.81
C ARG D 1131 70.48 -91.64 -7.43
N TRP D 1132 70.84 -90.56 -6.76
CA TRP D 1132 70.51 -90.38 -5.35
C TRP D 1132 69.91 -88.99 -5.15
N HIS D 1133 68.66 -88.98 -4.72
CA HIS D 1133 67.98 -87.76 -4.29
C HIS D 1133 66.84 -88.20 -3.38
N LEU D 1134 66.91 -87.88 -2.10
CA LEU D 1134 65.90 -88.30 -1.14
C LEU D 1134 65.63 -89.80 -1.26
N GLY D 1135 66.66 -90.55 -1.63
CA GLY D 1135 66.56 -91.98 -1.85
C GLY D 1135 67.43 -92.40 -3.01
N SER D 1136 67.72 -93.70 -3.06
CA SER D 1136 68.63 -94.26 -4.06
C SER D 1136 67.85 -95.09 -5.07
N GLU D 1137 68.13 -94.88 -6.36
CA GLU D 1137 67.50 -95.64 -7.43
C GLU D 1137 68.56 -96.01 -8.45
N PRO D 1138 68.55 -97.25 -8.96
CA PRO D 1138 69.56 -97.66 -9.94
C PRO D 1138 69.48 -96.81 -11.20
N PHE D 1139 70.66 -96.50 -11.76
CA PHE D 1139 70.77 -95.66 -12.94
C PHE D 1139 72.18 -95.74 -13.48
N GLY D 1140 72.31 -95.87 -14.80
CA GLY D 1140 73.61 -95.93 -15.41
C GLY D 1140 74.36 -97.22 -15.07
N ARG D 1141 75.68 -97.13 -15.15
CA ARG D 1141 76.57 -98.24 -14.89
C ARG D 1141 77.72 -97.78 -14.01
N PRO D 1142 78.34 -98.69 -13.26
CA PRO D 1142 79.51 -98.31 -12.47
C PRO D 1142 80.68 -97.90 -13.34
N TRP D 1143 81.51 -97.01 -12.81
CA TRP D 1143 82.64 -96.47 -13.54
C TRP D 1143 83.89 -97.31 -13.31
N GLN D 1144 85.00 -96.89 -13.92
CA GLN D 1144 86.30 -97.50 -13.73
C GLN D 1144 87.29 -96.43 -13.27
N SER D 1145 88.56 -96.81 -13.19
CA SER D 1145 89.61 -95.88 -12.79
C SER D 1145 90.05 -95.06 -14.00
N GLY D 1146 90.08 -93.75 -13.84
CA GLY D 1146 90.47 -92.85 -14.91
C GLY D 1146 89.34 -92.36 -15.79
N ASP D 1147 88.13 -92.87 -15.60
CA ASP D 1147 86.99 -92.42 -16.39
C ASP D 1147 86.46 -91.10 -15.85
N VAL D 1148 86.06 -90.22 -16.77
CA VAL D 1148 85.60 -88.87 -16.43
C VAL D 1148 84.09 -88.82 -16.60
N VAL D 1149 83.40 -88.29 -15.60
CA VAL D 1149 81.95 -88.10 -15.64
C VAL D 1149 81.66 -86.61 -15.72
N GLY D 1150 80.86 -86.21 -16.69
CA GLY D 1150 80.47 -84.83 -16.87
C GLY D 1150 79.04 -84.63 -16.39
N CYS D 1151 78.88 -83.65 -15.50
CA CYS D 1151 77.58 -83.28 -14.97
C CYS D 1151 77.09 -82.02 -15.67
N MET D 1152 75.90 -82.09 -16.24
CA MET D 1152 75.30 -80.99 -16.98
C MET D 1152 73.94 -80.68 -16.38
N ILE D 1153 73.72 -79.41 -16.05
CA ILE D 1153 72.43 -78.95 -15.53
C ILE D 1153 71.82 -77.98 -16.53
N ASP D 1154 70.51 -78.11 -16.74
CA ASP D 1154 69.75 -77.24 -17.64
C ASP D 1154 68.61 -76.68 -16.81
N LEU D 1155 68.72 -75.42 -16.37
CA LEU D 1155 67.68 -74.81 -15.57
C LEU D 1155 66.53 -74.26 -16.40
N THR D 1156 66.70 -74.15 -17.72
CA THR D 1156 65.57 -73.79 -18.58
C THR D 1156 64.64 -74.98 -18.78
N GLU D 1157 65.19 -76.19 -18.93
CA GLU D 1157 64.41 -77.40 -19.07
C GLU D 1157 64.24 -78.16 -17.76
N ASN D 1158 64.88 -77.72 -16.68
CA ASN D 1158 64.83 -78.37 -15.37
C ASN D 1158 65.27 -79.83 -15.48
N THR D 1159 66.49 -80.03 -15.97
CA THR D 1159 67.01 -81.36 -16.23
C THR D 1159 68.46 -81.46 -15.76
N ILE D 1160 68.86 -82.69 -15.44
CA ILE D 1160 70.22 -83.01 -15.05
C ILE D 1160 70.68 -84.24 -15.84
N ILE D 1161 71.86 -84.16 -16.43
CA ILE D 1161 72.38 -85.20 -17.30
C ILE D 1161 73.78 -85.57 -16.84
N PHE D 1162 74.05 -86.87 -16.72
CA PHE D 1162 75.38 -87.38 -16.40
C PHE D 1162 75.91 -88.16 -17.59
N THR D 1163 77.09 -87.78 -18.07
CA THR D 1163 77.70 -88.42 -19.23
C THR D 1163 79.02 -89.07 -18.82
N LEU D 1164 79.16 -90.37 -19.10
CA LEU D 1164 80.37 -91.11 -18.77
C LEU D 1164 81.21 -91.25 -20.03
N ASN D 1165 82.39 -90.62 -20.02
CA ASN D 1165 83.33 -90.68 -21.15
C ASN D 1165 82.67 -90.23 -22.45
N GLY D 1166 81.85 -89.18 -22.36
CA GLY D 1166 81.18 -88.63 -23.52
C GLY D 1166 79.93 -89.36 -23.94
N GLU D 1167 79.54 -90.42 -23.23
CA GLU D 1167 78.34 -91.17 -23.53
C GLU D 1167 77.33 -90.98 -22.40
N VAL D 1168 76.12 -90.57 -22.75
CA VAL D 1168 75.10 -90.26 -21.75
C VAL D 1168 74.69 -91.55 -21.03
N LEU D 1169 74.74 -91.52 -19.71
CA LEU D 1169 74.29 -92.66 -18.92
C LEU D 1169 72.81 -92.89 -19.13
N MET D 1170 72.41 -94.16 -19.15
CA MET D 1170 71.07 -94.56 -19.54
C MET D 1170 70.29 -95.03 -18.31
N SER D 1171 69.04 -94.60 -18.20
CA SER D 1171 68.16 -95.05 -17.15
C SER D 1171 67.48 -96.36 -17.57
N ASP D 1172 66.90 -97.05 -16.58
CA ASP D 1172 66.22 -98.30 -16.86
C ASP D 1172 65.00 -98.09 -17.76
N SER D 1173 64.22 -97.04 -17.48
CA SER D 1173 63.03 -96.77 -18.28
C SER D 1173 63.39 -96.35 -19.71
N GLY D 1174 64.49 -95.64 -19.89
CA GLY D 1174 64.90 -95.20 -21.21
C GLY D 1174 64.90 -93.69 -21.37
N SER D 1175 65.13 -92.97 -20.27
CA SER D 1175 65.17 -91.52 -20.28
C SER D 1175 66.62 -91.04 -20.14
N GLU D 1176 67.01 -90.08 -20.97
CA GLU D 1176 68.38 -89.57 -20.92
C GLU D 1176 68.60 -88.70 -19.69
N THR D 1177 67.56 -88.05 -19.19
CA THR D 1177 67.69 -87.17 -18.03
C THR D 1177 67.63 -88.00 -16.75
N ALA D 1178 68.68 -87.88 -15.93
CA ALA D 1178 68.68 -88.56 -14.63
C ALA D 1178 67.57 -88.04 -13.74
N PHE D 1179 67.36 -86.72 -13.73
CA PHE D 1179 66.29 -86.09 -12.97
C PHE D 1179 65.57 -85.10 -13.86
N ARG D 1180 64.31 -84.85 -13.54
CA ARG D 1180 63.48 -83.92 -14.29
C ARG D 1180 62.49 -83.26 -13.34
N GLU D 1181 61.77 -82.26 -13.86
CA GLU D 1181 60.79 -81.50 -13.09
C GLU D 1181 61.43 -80.90 -11.84
N ILE D 1182 62.64 -80.37 -12.00
CA ILE D 1182 63.40 -79.81 -10.87
C ILE D 1182 63.04 -78.34 -10.72
N GLU D 1183 62.52 -77.98 -9.55
CA GLU D 1183 62.27 -76.57 -9.26
C GLU D 1183 63.58 -75.84 -9.00
N ILE D 1184 63.68 -74.62 -9.52
CA ILE D 1184 64.91 -73.85 -9.37
C ILE D 1184 65.15 -73.52 -7.91
N GLY D 1185 64.12 -73.07 -7.21
CA GLY D 1185 64.26 -72.76 -5.80
C GLY D 1185 65.22 -71.61 -5.59
N ASP D 1186 66.21 -71.84 -4.71
CA ASP D 1186 67.19 -70.82 -4.37
C ASP D 1186 68.48 -70.91 -5.16
N GLY D 1187 68.76 -72.05 -5.79
CA GLY D 1187 69.95 -72.17 -6.61
C GLY D 1187 70.63 -73.52 -6.51
N PHE D 1188 71.72 -73.70 -7.26
CA PHE D 1188 72.45 -74.95 -7.27
C PHE D 1188 73.95 -74.67 -7.30
N LEU D 1189 74.73 -75.61 -6.76
CA LEU D 1189 76.17 -75.54 -6.70
C LEU D 1189 76.75 -76.90 -7.04
N PRO D 1190 77.92 -76.94 -7.65
CA PRO D 1190 78.61 -78.23 -7.81
C PRO D 1190 78.98 -78.81 -6.46
N VAL D 1191 78.95 -80.15 -6.38
CA VAL D 1191 79.25 -80.83 -5.13
C VAL D 1191 79.81 -82.21 -5.44
N CYS D 1192 80.72 -82.66 -4.57
CA CYS D 1192 81.32 -83.97 -4.67
C CYS D 1192 81.70 -84.45 -3.28
N SER D 1193 81.57 -85.76 -3.07
CA SER D 1193 81.89 -86.40 -1.81
C SER D 1193 82.76 -87.62 -2.08
N LEU D 1194 83.79 -87.80 -1.26
CA LEU D 1194 84.76 -88.87 -1.42
C LEU D 1194 84.77 -89.76 -0.18
N GLY D 1195 84.94 -91.06 -0.37
CA GLY D 1195 85.03 -91.98 0.73
C GLY D 1195 86.44 -92.11 1.26
N PRO D 1196 86.65 -93.08 2.16
CA PRO D 1196 87.99 -93.28 2.73
C PRO D 1196 88.98 -93.73 1.66
N GLY D 1197 90.18 -93.15 1.73
CA GLY D 1197 91.25 -93.52 0.81
C GLY D 1197 90.91 -93.31 -0.65
N GLN D 1198 90.19 -92.23 -0.96
CA GLN D 1198 89.79 -91.94 -2.32
C GLN D 1198 90.36 -90.60 -2.77
N VAL D 1199 90.66 -90.51 -4.06
CA VAL D 1199 91.13 -89.27 -4.67
C VAL D 1199 90.31 -89.00 -5.92
N GLY D 1200 90.17 -87.72 -6.25
CA GLY D 1200 89.40 -87.33 -7.41
C GLY D 1200 89.80 -85.95 -7.90
N HIS D 1201 89.66 -85.74 -9.20
CA HIS D 1201 90.06 -84.48 -9.83
C HIS D 1201 88.81 -83.78 -10.34
N LEU D 1202 88.48 -82.64 -9.74
CA LEU D 1202 87.31 -81.86 -10.12
C LEU D 1202 87.72 -80.72 -11.03
N ASN D 1203 87.13 -80.66 -12.22
CA ASN D 1203 87.46 -79.65 -13.22
C ASN D 1203 86.19 -78.83 -13.49
N LEU D 1204 86.14 -77.62 -12.95
CA LEU D 1204 84.98 -76.77 -13.17
C LEU D 1204 84.94 -76.25 -14.60
N GLY D 1205 86.09 -75.98 -15.21
CA GLY D 1205 86.12 -75.57 -16.59
C GLY D 1205 86.66 -74.17 -16.82
N GLN D 1206 87.59 -73.74 -15.97
CA GLN D 1206 88.19 -72.42 -16.16
C GLN D 1206 88.94 -72.33 -17.48
N ASP D 1207 89.62 -73.40 -17.87
CA ASP D 1207 90.31 -73.49 -19.14
C ASP D 1207 89.60 -74.53 -20.01
N VAL D 1208 89.14 -74.11 -21.19
CA VAL D 1208 88.43 -75.02 -22.08
C VAL D 1208 89.38 -76.06 -22.66
N SER D 1209 90.65 -75.73 -22.81
CA SER D 1209 91.61 -76.69 -23.35
C SER D 1209 91.84 -77.86 -22.41
N SER D 1210 91.60 -77.69 -21.13
CA SER D 1210 91.75 -78.77 -20.15
C SER D 1210 90.48 -79.56 -19.94
N LEU D 1211 89.39 -79.22 -20.62
CA LEU D 1211 88.11 -79.89 -20.46
C LEU D 1211 88.02 -81.03 -21.47
N ARG D 1212 87.84 -82.25 -20.98
CA ARG D 1212 87.72 -83.42 -21.83
C ARG D 1212 86.25 -83.72 -22.11
N PHE D 1213 85.97 -84.20 -23.33
CA PHE D 1213 84.64 -84.65 -23.73
C PHE D 1213 83.61 -83.53 -23.73
N PHE D 1214 84.03 -82.29 -23.44
CA PHE D 1214 83.12 -81.17 -23.56
C PHE D 1214 82.70 -80.96 -25.01
N ALA D 1215 83.64 -81.13 -25.94
CA ALA D 1215 83.29 -81.06 -27.36
C ALA D 1215 82.42 -82.25 -27.77
N ILE D 1216 82.64 -83.41 -27.17
CA ILE D 1216 81.83 -84.57 -27.48
C ILE D 1216 80.38 -84.35 -27.05
N CYS D 1217 80.18 -83.82 -25.84
CA CYS D 1217 78.84 -83.54 -25.35
C CYS D 1217 78.86 -82.24 -24.56
N GLY D 1218 77.95 -81.32 -24.92
CA GLY D 1218 77.78 -80.06 -24.24
C GLY D 1218 78.18 -78.85 -25.05
N LEU D 1219 79.16 -79.00 -25.94
CA LEU D 1219 79.67 -77.85 -26.69
C LEU D 1219 78.60 -77.30 -27.64
N GLN D 1220 78.00 -78.17 -28.44
CA GLN D 1220 77.00 -77.75 -29.42
C GLN D 1220 75.57 -77.85 -28.90
N GLU D 1221 75.39 -78.28 -27.65
CA GLU D 1221 74.07 -78.32 -27.03
C GLU D 1221 73.74 -77.06 -26.23
N GLY D 1222 74.61 -76.05 -26.28
CA GLY D 1222 74.36 -74.83 -25.54
C GLY D 1222 74.73 -74.87 -24.08
N PHE D 1223 75.67 -75.72 -23.69
CA PHE D 1223 76.10 -75.84 -22.31
C PHE D 1223 77.45 -75.16 -22.14
N GLU D 1224 77.56 -74.29 -21.13
CA GLU D 1224 78.80 -73.57 -20.88
C GLU D 1224 79.55 -74.19 -19.71
N PRO D 1225 80.89 -74.23 -19.78
CA PRO D 1225 81.66 -74.70 -18.63
C PRO D 1225 81.48 -73.80 -17.42
N PHE D 1226 81.42 -74.40 -16.24
CA PHE D 1226 81.25 -73.64 -15.02
C PHE D 1226 82.49 -72.79 -14.78
N ALA D 1227 82.27 -71.50 -14.49
CA ALA D 1227 83.36 -70.53 -14.28
C ALA D 1227 84.28 -70.48 -15.50
N ILE D 1228 83.71 -70.06 -16.62
CA ILE D 1228 84.45 -69.99 -17.89
C ILE D 1228 85.23 -68.70 -18.02
N ASN D 1229 84.59 -67.56 -17.74
CA ASN D 1229 85.23 -66.26 -17.88
C ASN D 1229 85.81 -65.74 -16.57
N MET D 1230 85.80 -66.55 -15.52
CA MET D 1230 86.29 -66.11 -14.22
C MET D 1230 87.80 -65.97 -14.22
N GLN D 1231 88.29 -64.85 -13.68
CA GLN D 1231 89.73 -64.59 -13.67
C GLN D 1231 90.45 -65.44 -12.65
N ARG D 1232 89.84 -65.67 -11.49
CA ARG D 1232 90.49 -66.44 -10.44
C ARG D 1232 89.79 -67.77 -10.21
N PRO D 1233 90.52 -68.79 -9.76
CA PRO D 1233 89.88 -70.08 -9.51
C PRO D 1233 88.81 -69.99 -8.43
N VAL D 1234 87.79 -70.84 -8.57
CA VAL D 1234 86.66 -70.82 -7.65
C VAL D 1234 87.08 -71.35 -6.29
N THR D 1235 86.79 -70.59 -5.24
CA THR D 1235 87.02 -71.06 -3.89
C THR D 1235 86.02 -72.14 -3.52
N THR D 1236 86.48 -73.14 -2.77
CA THR D 1236 85.63 -74.27 -2.38
C THR D 1236 85.65 -74.42 -0.87
N TRP D 1237 84.57 -74.98 -0.35
CA TRP D 1237 84.41 -75.23 1.08
C TRP D 1237 84.34 -76.72 1.33
N PHE D 1238 84.95 -77.16 2.43
CA PHE D 1238 84.96 -78.57 2.80
C PHE D 1238 84.45 -78.71 4.24
N SER D 1239 83.85 -79.87 4.52
CA SER D 1239 83.24 -80.13 5.81
C SER D 1239 84.32 -80.62 6.78
N LYS D 1240 84.83 -79.71 7.60
CA LYS D 1240 85.84 -80.07 8.59
C LYS D 1240 85.20 -80.90 9.69
N SER D 1241 85.95 -81.89 10.18
CA SER D 1241 85.46 -82.85 11.16
C SER D 1241 85.98 -82.56 12.57
N LEU D 1242 86.12 -81.29 12.93
CA LEU D 1242 86.56 -80.92 14.27
C LEU D 1242 85.35 -80.53 15.11
N PRO D 1243 85.00 -81.30 16.14
CA PRO D 1243 83.84 -80.95 16.95
C PRO D 1243 84.02 -79.60 17.65
N GLN D 1244 82.93 -78.84 17.72
CA GLN D 1244 82.94 -77.52 18.35
C GLN D 1244 81.59 -77.28 18.99
N PHE D 1245 81.57 -76.35 19.95
CA PHE D 1245 80.36 -76.02 20.69
C PHE D 1245 79.58 -74.95 19.96
N GLU D 1246 78.30 -75.20 19.72
CA GLU D 1246 77.40 -74.29 19.04
C GLU D 1246 76.11 -74.15 19.83
N PRO D 1247 75.43 -73.01 19.70
CA PRO D 1247 74.17 -72.83 20.44
C PRO D 1247 73.11 -73.83 20.02
N VAL D 1248 72.25 -74.20 20.97
CA VAL D 1248 71.18 -75.14 20.73
C VAL D 1248 70.11 -74.46 19.88
N PRO D 1249 69.79 -74.99 18.69
CA PRO D 1249 68.79 -74.34 17.85
C PRO D 1249 67.41 -74.41 18.50
N PRO D 1250 66.58 -73.39 18.29
CA PRO D 1250 65.23 -73.42 18.88
C PRO D 1250 64.29 -74.41 18.22
N GLU D 1251 64.59 -74.86 17.01
CA GLU D 1251 63.73 -75.76 16.26
C GLU D 1251 64.20 -77.21 16.31
N HIS D 1252 65.12 -77.54 17.21
CA HIS D 1252 65.64 -78.90 17.30
C HIS D 1252 64.51 -79.84 17.72
N PRO D 1253 64.24 -80.90 16.96
CA PRO D 1253 63.05 -81.73 17.24
C PRO D 1253 63.15 -82.54 18.53
N HIS D 1254 64.34 -82.74 19.08
CA HIS D 1254 64.51 -83.66 20.19
C HIS D 1254 64.80 -82.99 21.53
N TYR D 1255 65.34 -81.77 21.54
CA TYR D 1255 65.73 -81.12 22.77
C TYR D 1255 65.17 -79.71 22.83
N GLU D 1256 64.79 -79.28 24.02
CA GLU D 1256 64.23 -77.95 24.25
C GLU D 1256 64.78 -77.41 25.57
N VAL D 1257 65.13 -76.13 25.56
CA VAL D 1257 65.70 -75.46 26.73
C VAL D 1257 64.75 -74.35 27.16
N ALA D 1258 64.42 -74.32 28.45
CA ALA D 1258 63.51 -73.34 29.00
C ALA D 1258 64.26 -72.41 29.96
N ARG D 1259 63.96 -71.12 29.86
CA ARG D 1259 64.57 -70.09 30.70
C ARG D 1259 63.56 -69.74 31.79
N MET D 1260 63.66 -70.44 32.93
CA MET D 1260 62.75 -70.20 34.04
C MET D 1260 63.25 -69.04 34.89
N ASP D 1261 62.34 -68.14 35.26
CA ASP D 1261 62.70 -66.98 36.04
C ASP D 1261 62.88 -67.35 37.51
N GLY D 1262 63.33 -66.38 38.31
CA GLY D 1262 63.58 -66.58 39.71
C GLY D 1262 62.41 -66.14 40.57
N THR D 1263 62.28 -66.77 41.74
CA THR D 1263 61.22 -66.44 42.68
C THR D 1263 61.80 -66.12 44.04
N VAL D 1264 60.94 -66.04 45.06
CA VAL D 1264 61.40 -65.66 46.40
C VAL D 1264 62.39 -66.69 46.95
N ASP D 1265 62.16 -67.97 46.68
CA ASP D 1265 62.98 -69.03 47.24
C ASP D 1265 63.72 -69.85 46.19
N THR D 1266 63.64 -69.47 44.91
CA THR D 1266 64.31 -70.20 43.85
C THR D 1266 65.12 -69.24 42.99
N PRO D 1267 66.37 -69.57 42.68
CA PRO D 1267 67.19 -68.70 41.85
C PRO D 1267 66.89 -68.93 40.38
N PRO D 1268 67.43 -68.10 39.49
CA PRO D 1268 67.28 -68.36 38.05
C PRO D 1268 67.91 -69.69 37.66
N CYS D 1269 67.33 -70.31 36.63
CA CYS D 1269 67.74 -71.64 36.22
C CYS D 1269 67.38 -71.87 34.76
N LEU D 1270 68.19 -72.68 34.10
CA LEU D 1270 67.96 -73.12 32.73
C LEU D 1270 67.73 -74.62 32.72
N ARG D 1271 66.54 -75.04 32.30
CA ARG D 1271 66.13 -76.44 32.39
C ARG D 1271 66.16 -77.09 31.01
N LEU D 1272 66.61 -78.34 30.96
CA LEU D 1272 66.67 -79.09 29.71
C LEU D 1272 65.62 -80.19 29.71
N ALA D 1273 64.92 -80.35 28.59
CA ALA D 1273 63.86 -81.32 28.46
C ALA D 1273 63.94 -82.01 27.11
N HIS D 1274 63.34 -83.20 27.03
CA HIS D 1274 63.32 -84.01 25.83
C HIS D 1274 61.94 -83.94 25.19
N ARG D 1275 61.88 -83.47 23.94
CA ARG D 1275 60.58 -83.34 23.27
C ARG D 1275 60.03 -84.70 22.88
N THR D 1276 60.87 -85.56 22.30
CA THR D 1276 60.41 -86.80 21.68
C THR D 1276 60.66 -88.02 22.56
N TRP D 1277 60.77 -87.82 23.86
CA TRP D 1277 61.00 -88.95 24.77
C TRP D 1277 59.80 -89.89 24.76
N GLY D 1278 60.09 -91.20 24.87
CA GLY D 1278 59.05 -92.20 24.87
C GLY D 1278 58.29 -92.32 23.56
N SER D 1279 58.99 -92.26 22.44
CA SER D 1279 58.36 -92.37 21.13
C SER D 1279 59.20 -93.28 20.25
N GLN D 1280 58.55 -93.84 19.22
CA GLN D 1280 59.25 -94.77 18.32
C GLN D 1280 60.37 -94.07 17.56
N ASN D 1281 60.11 -92.87 17.05
CA ASN D 1281 61.09 -92.13 16.27
C ASN D 1281 61.81 -91.13 17.17
N SER D 1282 62.61 -91.68 18.08
CA SER D 1282 63.39 -90.89 19.02
C SER D 1282 64.82 -91.42 19.06
N LEU D 1283 65.76 -90.50 19.29
CA LEU D 1283 67.17 -90.83 19.40
C LEU D 1283 67.67 -90.44 20.77
N VAL D 1284 68.41 -91.34 21.41
CA VAL D 1284 69.00 -91.11 22.72
C VAL D 1284 70.50 -91.34 22.62
N GLU D 1285 71.29 -90.36 23.04
CA GLU D 1285 72.74 -90.42 22.92
C GLU D 1285 73.35 -89.44 23.90
N MET D 1286 74.66 -89.56 24.09
CA MET D 1286 75.36 -88.67 25.01
C MET D 1286 75.27 -87.23 24.53
N LEU D 1287 75.13 -86.31 25.49
CA LEU D 1287 74.92 -84.90 25.20
C LEU D 1287 75.95 -84.09 25.96
N PHE D 1288 76.70 -83.26 25.24
CA PHE D 1288 77.74 -82.42 25.82
C PHE D 1288 77.27 -80.98 25.75
N LEU D 1289 77.02 -80.38 26.91
CA LEU D 1289 76.48 -79.03 27.00
C LEU D 1289 77.40 -78.16 27.84
N ARG D 1290 77.48 -76.88 27.49
CA ARG D 1290 78.26 -75.90 28.23
C ARG D 1290 77.52 -74.57 28.25
N LEU D 1291 78.04 -73.65 29.05
CA LEU D 1291 77.52 -72.29 29.09
C LEU D 1291 78.36 -71.38 28.20
N SER D 1292 77.70 -70.39 27.60
CA SER D 1292 78.34 -69.59 26.57
C SER D 1292 79.39 -68.61 27.13
N LEU D 1293 79.37 -68.33 28.43
CA LEU D 1293 80.29 -67.33 28.96
C LEU D 1293 81.25 -67.95 29.96
N PRO D 1294 82.53 -67.60 29.90
CA PRO D 1294 83.52 -68.19 30.80
C PRO D 1294 83.75 -67.33 32.04
N VAL D 1295 84.44 -67.92 33.01
CA VAL D 1295 84.94 -67.22 34.19
C VAL D 1295 86.46 -67.35 34.19
N GLN D 1296 87.14 -66.23 34.39
CA GLN D 1296 88.59 -66.16 34.25
C GLN D 1296 89.25 -65.93 35.60
N PHE D 1297 90.33 -66.66 35.85
CA PHE D 1297 91.07 -66.55 37.09
C PHE D 1297 91.95 -65.31 37.11
N HIS D 1298 92.43 -64.96 38.30
CA HIS D 1298 93.26 -63.78 38.45
C HIS D 1298 94.64 -63.99 37.85
N GLN D 1299 95.27 -62.88 37.45
CA GLN D 1299 96.60 -62.96 36.85
C GLN D 1299 97.63 -63.47 37.86
N HIS D 1300 97.59 -62.96 39.08
CA HIS D 1300 98.48 -63.38 40.14
C HIS D 1300 97.65 -63.91 41.31
N PHE D 1301 98.06 -65.07 41.85
CA PHE D 1301 97.35 -65.70 42.96
C PHE D 1301 97.87 -65.09 44.26
N ARG D 1302 97.30 -63.94 44.62
CA ARG D 1302 97.71 -63.25 45.84
C ARG D 1302 97.02 -63.86 47.05
N CYS D 1303 97.14 -65.17 47.21
CA CYS D 1303 96.50 -65.93 48.31
C CYS D 1303 94.99 -65.66 48.22
N THR D 1304 94.30 -65.48 49.35
CA THR D 1304 92.86 -65.23 49.40
C THR D 1304 92.06 -66.23 48.55
N ASN D 1420 71.51 -68.11 55.35
CA ASN D 1420 70.96 -67.21 56.35
C ASN D 1420 71.45 -65.78 56.12
N ARG D 1421 71.60 -65.02 57.21
CA ARG D 1421 72.06 -63.64 57.10
C ARG D 1421 73.55 -63.62 56.77
N ASP D 1422 73.89 -62.96 55.67
CA ASP D 1422 75.27 -62.88 55.21
C ASP D 1422 75.85 -61.50 55.51
N ASP D 1423 77.07 -61.48 56.02
CA ASP D 1423 77.67 -60.27 56.56
C ASP D 1423 78.27 -59.45 55.43
N PRO D 1424 77.94 -58.15 55.33
CA PRO D 1424 78.39 -57.37 54.15
C PRO D 1424 79.91 -57.31 53.96
N GLU D 1425 80.70 -57.32 55.03
CA GLU D 1425 82.15 -57.31 54.82
C GLU D 1425 82.59 -58.57 54.08
N ILE D 1426 82.02 -59.71 54.43
CA ILE D 1426 82.31 -60.94 53.70
C ILE D 1426 81.75 -60.86 52.28
N ILE D 1427 80.58 -60.24 52.12
CA ILE D 1427 79.97 -60.15 50.79
C ILE D 1427 80.86 -59.37 49.82
N LEU D 1428 81.36 -58.22 50.25
CA LEU D 1428 82.21 -57.40 49.40
C LEU D 1428 83.71 -57.67 49.59
N ASN D 1429 84.08 -58.69 50.36
CA ASN D 1429 85.48 -59.12 50.41
C ASN D 1429 85.69 -60.55 49.93
N THR D 1430 84.64 -61.26 49.55
CA THR D 1430 84.77 -62.65 49.14
C THR D 1430 85.28 -62.74 47.71
N THR D 1431 85.73 -63.95 47.34
CA THR D 1431 86.19 -64.22 45.99
C THR D 1431 85.60 -65.51 45.43
N THR D 1432 84.99 -66.36 46.24
CA THR D 1432 84.43 -67.61 45.77
C THR D 1432 83.08 -67.37 45.09
N TYR D 1433 82.74 -68.29 44.19
CA TYR D 1433 81.49 -68.23 43.45
C TYR D 1433 80.83 -69.59 43.42
N TYR D 1434 79.50 -69.59 43.28
CA TYR D 1434 78.66 -70.77 43.37
C TYR D 1434 77.92 -71.01 42.06
N TYR D 1435 77.63 -72.28 41.80
CA TYR D 1435 77.03 -72.74 40.55
C TYR D 1435 76.56 -74.16 40.76
N SER D 1436 75.25 -74.43 40.58
CA SER D 1436 74.74 -75.75 40.92
C SER D 1436 74.02 -76.37 39.74
N VAL D 1437 73.93 -77.69 39.77
CA VAL D 1437 73.20 -78.48 38.78
C VAL D 1437 72.28 -79.43 39.52
N ARG D 1438 71.00 -79.43 39.14
CA ARG D 1438 70.00 -80.31 39.74
C ARG D 1438 69.60 -81.35 38.71
N VAL D 1439 69.79 -82.62 39.07
CA VAL D 1439 69.35 -83.75 38.26
C VAL D 1439 67.98 -84.19 38.78
N PHE D 1440 67.01 -84.25 37.88
CA PHE D 1440 65.63 -84.52 38.25
C PHE D 1440 65.44 -85.98 38.64
N ALA D 1441 64.33 -86.24 39.33
CA ALA D 1441 63.96 -87.61 39.66
C ALA D 1441 63.59 -88.38 38.41
N GLY D 1442 64.04 -89.63 38.33
CA GLY D 1442 63.87 -90.45 37.16
C GLY D 1442 65.07 -90.50 36.23
N GLN D 1443 65.98 -89.54 36.36
CA GLN D 1443 67.23 -89.55 35.61
C GLN D 1443 68.31 -90.19 36.47
N GLU D 1444 68.99 -91.19 35.91
CA GLU D 1444 69.98 -91.93 36.68
C GLU D 1444 71.16 -91.03 37.02
N PRO D 1445 71.54 -90.92 38.30
CA PRO D 1445 72.72 -90.12 38.64
C PRO D 1445 74.01 -90.66 38.06
N SER D 1446 74.05 -91.94 37.67
CA SER D 1446 75.27 -92.52 37.11
C SER D 1446 75.55 -92.06 35.68
N CYS D 1447 74.62 -91.36 35.05
CA CYS D 1447 74.76 -90.96 33.65
C CYS D 1447 74.90 -89.44 33.49
N VAL D 1448 75.39 -88.76 34.53
CA VAL D 1448 75.61 -87.32 34.49
C VAL D 1448 77.00 -87.00 35.03
N TRP D 1449 77.65 -86.03 34.40
CA TRP D 1449 78.95 -85.53 34.85
C TRP D 1449 78.87 -84.02 34.97
N VAL D 1450 79.30 -83.49 36.11
CA VAL D 1450 79.19 -82.07 36.42
C VAL D 1450 80.57 -81.51 36.69
N GLY D 1451 80.88 -80.36 36.08
CA GLY D 1451 82.17 -79.72 36.28
C GLY D 1451 82.40 -78.51 35.40
N TRP D 1452 83.65 -78.33 34.98
CA TRP D 1452 84.05 -77.20 34.15
C TRP D 1452 84.88 -77.70 32.97
N VAL D 1453 84.91 -76.90 31.90
CA VAL D 1453 85.69 -77.23 30.72
C VAL D 1453 86.53 -76.04 30.31
N THR D 1454 87.63 -76.32 29.62
CA THR D 1454 88.49 -75.30 29.04
C THR D 1454 88.04 -74.99 27.61
N PRO D 1455 88.51 -73.89 27.03
CA PRO D 1455 88.10 -73.56 25.65
C PRO D 1455 88.48 -74.61 24.62
N ASP D 1456 89.48 -75.45 24.90
CA ASP D 1456 89.92 -76.47 23.95
C ASP D 1456 89.38 -77.83 24.40
N TYR D 1457 88.16 -78.13 23.97
CA TYR D 1457 87.55 -79.43 24.21
C TYR D 1457 86.80 -79.83 22.95
N HIS D 1458 87.33 -80.79 22.21
CA HIS D 1458 86.74 -81.23 20.94
C HIS D 1458 86.58 -82.75 20.89
N GLN D 1459 86.38 -83.38 22.05
CA GLN D 1459 86.27 -84.83 22.13
C GLN D 1459 84.79 -85.21 22.16
N HIS D 1460 84.32 -85.82 21.08
CA HIS D 1460 82.91 -86.20 20.91
C HIS D 1460 82.72 -87.72 21.03
N ASP D 1461 83.45 -88.34 21.94
CA ASP D 1461 83.32 -89.78 22.13
C ASP D 1461 81.96 -90.11 22.72
N MET D 1462 81.28 -91.09 22.13
CA MET D 1462 79.93 -91.45 22.55
C MET D 1462 79.91 -92.39 23.74
N ASN D 1463 81.08 -92.87 24.19
CA ASN D 1463 81.18 -93.73 25.36
C ASN D 1463 82.02 -93.06 26.42
N PHE D 1464 81.76 -91.77 26.67
CA PHE D 1464 82.62 -90.98 27.55
C PHE D 1464 82.63 -91.53 28.96
N ASP D 1465 83.84 -91.77 29.48
CA ASP D 1465 84.07 -92.13 30.87
C ASP D 1465 84.99 -91.09 31.49
N LEU D 1466 84.99 -91.06 32.83
CA LEU D 1466 85.86 -90.12 33.54
C LEU D 1466 87.34 -90.42 33.36
N SER D 1467 87.69 -91.61 32.85
CA SER D 1467 89.07 -91.98 32.61
C SER D 1467 89.52 -91.71 31.18
N LYS D 1468 88.67 -91.13 30.35
CA LYS D 1468 89.01 -90.84 28.96
C LYS D 1468 89.41 -89.39 28.74
N VAL D 1469 89.58 -88.62 29.82
CA VAL D 1469 89.93 -87.20 29.69
C VAL D 1469 91.42 -87.07 29.49
N ARG D 1470 91.81 -86.07 28.70
CA ARG D 1470 93.23 -85.80 28.46
C ARG D 1470 93.87 -85.26 29.73
N ALA D 1471 95.10 -85.72 30.01
CA ALA D 1471 95.83 -85.28 31.18
C ALA D 1471 97.32 -85.49 30.94
N VAL D 1472 98.12 -84.50 31.33
CA VAL D 1472 99.58 -84.57 31.21
C VAL D 1472 100.17 -83.86 32.41
N THR D 1473 101.42 -84.20 32.74
CA THR D 1473 102.14 -83.55 33.83
C THR D 1473 103.52 -83.16 33.33
N VAL D 1474 103.81 -81.87 33.31
CA VAL D 1474 105.13 -81.37 32.94
C VAL D 1474 105.94 -81.22 34.22
N THR D 1475 107.05 -81.92 34.32
CA THR D 1475 107.90 -81.89 35.52
C THR D 1475 109.22 -81.24 35.18
N MET D 1476 109.55 -80.17 35.90
CA MET D 1476 110.80 -79.44 35.75
C MET D 1476 111.68 -79.74 36.95
N GLY D 1477 112.89 -80.23 36.68
CA GLY D 1477 113.84 -80.57 37.72
C GLY D 1477 115.10 -79.72 37.61
N ASP D 1478 115.93 -79.81 38.65
CA ASP D 1478 117.18 -79.08 38.68
C ASP D 1478 118.26 -79.90 37.97
N GLU D 1479 119.52 -79.47 38.09
CA GLU D 1479 120.62 -80.20 37.47
C GLU D 1479 120.81 -81.55 38.13
N GLN D 1480 120.56 -81.65 39.44
CA GLN D 1480 120.71 -82.91 40.15
C GLN D 1480 119.63 -83.94 39.81
N GLY D 1481 118.55 -83.52 39.15
CA GLY D 1481 117.49 -84.41 38.75
C GLY D 1481 116.25 -84.35 39.63
N ASN D 1482 116.35 -83.79 40.83
CA ASN D 1482 115.17 -83.69 41.69
C ASN D 1482 114.24 -82.59 41.16
N VAL D 1483 112.97 -82.93 41.04
CA VAL D 1483 112.01 -82.02 40.43
C VAL D 1483 111.66 -80.90 41.40
N HIS D 1484 111.65 -79.67 40.91
CA HIS D 1484 111.16 -78.54 41.68
C HIS D 1484 109.79 -78.05 41.23
N SER D 1485 109.34 -78.43 40.03
CA SER D 1485 108.03 -78.04 39.54
C SER D 1485 107.33 -79.25 38.94
N SER D 1486 106.03 -79.34 39.16
CA SER D 1486 105.22 -80.42 38.57
C SER D 1486 103.83 -79.84 38.32
N LEU D 1487 103.53 -79.54 37.06
CA LEU D 1487 102.29 -78.88 36.68
C LEU D 1487 101.41 -79.82 35.88
N LYS D 1488 100.15 -79.96 36.31
CA LYS D 1488 99.19 -80.78 35.60
C LYS D 1488 98.42 -79.94 34.59
N CYS D 1489 98.16 -80.53 33.42
CA CYS D 1489 97.38 -79.88 32.38
C CYS D 1489 96.31 -80.85 31.88
N SER D 1490 95.11 -80.32 31.69
CA SER D 1490 93.97 -81.10 31.24
C SER D 1490 92.98 -80.16 30.57
N ASN D 1491 91.80 -80.69 30.22
CA ASN D 1491 90.78 -79.88 29.58
C ASN D 1491 89.37 -80.18 30.10
N CYS D 1492 89.25 -80.92 31.21
CA CYS D 1492 87.92 -81.29 31.71
C CYS D 1492 88.07 -81.62 33.19
N TYR D 1493 87.47 -80.79 34.04
CA TYR D 1493 87.51 -80.96 35.49
C TYR D 1493 86.08 -81.19 35.97
N MET D 1494 85.66 -82.46 36.01
CA MET D 1494 84.31 -82.82 36.39
C MET D 1494 84.33 -83.94 37.42
N VAL D 1495 83.16 -84.18 38.00
CA VAL D 1495 82.94 -85.31 38.89
C VAL D 1495 81.89 -86.23 38.25
N TRP D 1496 81.68 -87.38 38.86
CA TRP D 1496 80.69 -88.34 38.39
C TRP D 1496 79.55 -88.43 39.40
N GLY D 1497 78.32 -88.30 38.89
CA GLY D 1497 77.15 -88.31 39.76
C GLY D 1497 76.89 -89.64 40.43
N GLY D 1498 77.40 -90.73 39.85
CA GLY D 1498 77.19 -92.04 40.44
C GLY D 1498 77.93 -92.24 41.75
N ASP D 1499 79.00 -91.49 41.99
CA ASP D 1499 79.74 -91.61 43.24
C ASP D 1499 78.88 -91.22 44.43
N PHE D 1500 78.09 -90.15 44.29
CA PHE D 1500 77.26 -89.69 45.39
C PHE D 1500 76.06 -90.60 45.60
N VAL D 1501 75.59 -91.28 44.56
CA VAL D 1501 74.43 -92.15 44.68
C VAL D 1501 74.79 -93.58 45.06
N SER D 1502 76.05 -93.98 44.89
CA SER D 1502 76.46 -95.31 45.31
C SER D 1502 76.31 -95.49 46.81
N PRO D 1503 76.69 -94.47 47.59
CA PRO D 1503 76.55 -94.55 49.04
C PRO D 1503 75.09 -94.51 49.48
N GLY D 1504 74.19 -94.00 48.64
CA GLY D 1504 72.77 -93.91 48.95
C GLY D 1504 72.51 -93.16 50.24
N ARG D 1508 67.39 -98.07 41.91
CA ARG D 1508 66.15 -97.78 41.19
C ARG D 1508 65.88 -96.28 41.15
N ILE D 1509 64.66 -95.92 40.78
CA ILE D 1509 64.29 -94.51 40.66
C ILE D 1509 63.99 -93.95 42.03
N SER D 1510 64.66 -92.85 42.38
CA SER D 1510 64.47 -92.17 43.65
C SER D 1510 63.69 -90.88 43.44
N HIS D 1511 62.85 -90.53 44.42
CA HIS D 1511 62.03 -89.34 44.31
C HIS D 1511 62.85 -88.07 44.47
N THR D 1512 63.91 -88.10 45.27
CA THR D 1512 64.69 -86.91 45.56
C THR D 1512 65.58 -86.53 44.38
N ASP D 1513 65.53 -85.26 43.99
CA ASP D 1513 66.44 -84.74 43.00
C ASP D 1513 67.82 -84.56 43.60
N LEU D 1514 68.84 -84.62 42.75
CA LEU D 1514 70.23 -84.57 43.20
C LEU D 1514 70.83 -83.21 42.85
N VAL D 1515 71.26 -82.47 43.86
CA VAL D 1515 71.82 -81.13 43.68
C VAL D 1515 73.31 -81.20 43.92
N ILE D 1516 74.10 -80.82 42.92
CA ILE D 1516 75.56 -80.80 43.03
C ILE D 1516 76.03 -79.38 42.79
N GLY D 1517 76.79 -78.84 43.73
CA GLY D 1517 77.31 -77.49 43.66
C GLY D 1517 78.81 -77.49 43.44
N CYS D 1518 79.29 -76.51 42.68
CA CYS D 1518 80.71 -76.38 42.34
C CYS D 1518 81.21 -75.03 42.81
N LEU D 1519 81.97 -75.02 43.89
CA LEU D 1519 82.54 -73.80 44.43
C LEU D 1519 83.84 -73.49 43.71
N VAL D 1520 83.97 -72.26 43.22
CA VAL D 1520 85.18 -71.84 42.52
C VAL D 1520 85.81 -70.69 43.29
N ASP D 1521 87.14 -70.62 43.26
CA ASP D 1521 87.86 -69.48 43.82
C ASP D 1521 88.84 -68.95 42.79
N LEU D 1522 88.67 -67.69 42.40
CA LEU D 1522 89.48 -67.08 41.35
C LEU D 1522 90.77 -66.47 41.89
N ALA D 1523 90.96 -66.46 43.20
CA ALA D 1523 92.19 -65.94 43.80
C ALA D 1523 93.14 -67.04 44.23
N THR D 1524 92.66 -67.99 45.04
CA THR D 1524 93.49 -69.14 45.40
C THR D 1524 93.79 -70.00 44.19
N GLY D 1525 92.80 -70.21 43.33
CA GLY D 1525 92.98 -71.04 42.16
C GLY D 1525 92.40 -72.44 42.27
N LEU D 1526 91.53 -72.70 43.23
CA LEU D 1526 91.00 -74.03 43.46
C LEU D 1526 89.49 -74.06 43.28
N MET D 1527 89.00 -75.21 42.84
CA MET D 1527 87.57 -75.49 42.76
C MET D 1527 87.25 -76.81 43.46
N THR D 1528 86.17 -76.79 44.23
CA THR D 1528 85.71 -77.94 45.01
C THR D 1528 84.27 -78.25 44.63
N PHE D 1529 83.81 -79.43 45.05
CA PHE D 1529 82.47 -79.91 44.73
C PHE D 1529 81.77 -80.38 45.99
N THR D 1530 80.46 -80.16 46.05
CA THR D 1530 79.63 -80.62 47.14
C THR D 1530 78.35 -81.24 46.57
N ALA D 1531 77.75 -82.15 47.32
CA ALA D 1531 76.53 -82.84 46.90
C ALA D 1531 75.53 -82.83 48.05
N ASN D 1532 74.38 -82.20 47.82
CA ASN D 1532 73.31 -82.15 48.81
C ASN D 1532 73.80 -81.57 50.14
N GLY D 1533 74.68 -80.58 50.06
CA GLY D 1533 75.23 -79.97 51.25
C GLY D 1533 76.29 -80.77 51.95
N LYS D 1534 76.75 -81.87 51.36
CA LYS D 1534 77.75 -82.73 51.96
C LYS D 1534 79.09 -82.52 51.25
N GLU D 1535 80.12 -82.24 52.04
CA GLU D 1535 81.44 -82.00 51.47
C GLU D 1535 81.99 -83.27 50.84
N SER D 1536 82.60 -83.12 49.67
CA SER D 1536 83.20 -84.23 48.95
C SER D 1536 84.72 -84.20 49.10
N ASN D 1537 85.35 -85.26 48.59
CA ASN D 1537 86.80 -85.40 48.64
C ASN D 1537 87.48 -84.96 47.36
N THR D 1538 86.74 -84.37 46.43
CA THR D 1538 87.28 -83.97 45.13
C THR D 1538 87.67 -82.51 45.17
N PHE D 1539 88.92 -82.22 44.84
CA PHE D 1539 89.44 -80.86 44.76
C PHE D 1539 90.26 -80.73 43.49
N PHE D 1540 90.34 -79.51 42.97
CA PHE D 1540 91.19 -79.25 41.81
C PHE D 1540 91.87 -77.90 41.97
N GLN D 1541 93.10 -77.81 41.47
CA GLN D 1541 93.90 -76.59 41.51
C GLN D 1541 94.40 -76.31 40.10
N VAL D 1542 94.26 -75.05 39.66
CA VAL D 1542 94.61 -74.67 38.30
C VAL D 1542 95.53 -73.45 38.33
N GLU D 1543 96.24 -73.27 37.21
CA GLU D 1543 97.16 -72.15 37.05
C GLU D 1543 96.40 -70.87 36.78
N PRO D 1544 97.03 -69.71 37.02
CA PRO D 1544 96.37 -68.43 36.75
C PRO D 1544 96.15 -68.22 35.26
N ASN D 1545 95.39 -67.15 34.96
CA ASN D 1545 95.06 -66.77 33.59
C ASN D 1545 94.37 -67.91 32.84
N THR D 1546 93.48 -68.62 33.54
CA THR D 1546 92.71 -69.71 32.96
C THR D 1546 91.23 -69.34 33.01
N LYS D 1547 90.53 -69.54 31.89
CA LYS D 1547 89.10 -69.27 31.82
C LYS D 1547 88.35 -70.57 31.56
N LEU D 1548 87.32 -70.82 32.36
CA LEU D 1548 86.57 -72.06 32.32
C LEU D 1548 85.09 -71.80 32.07
N PHE D 1549 84.45 -72.73 31.37
CA PHE D 1549 83.03 -72.70 31.10
C PHE D 1549 82.34 -73.77 31.92
N PRO D 1550 81.25 -73.46 32.62
CA PRO D 1550 80.44 -74.52 33.24
C PRO D 1550 79.91 -75.46 32.18
N ALA D 1551 79.86 -76.75 32.50
CA ALA D 1551 79.47 -77.74 31.50
C ALA D 1551 78.93 -78.99 32.19
N VAL D 1552 78.08 -79.72 31.46
CA VAL D 1552 77.55 -81.00 31.90
C VAL D 1552 77.51 -81.96 30.72
N PHE D 1553 77.84 -83.22 30.99
CA PHE D 1553 77.69 -84.31 30.03
C PHE D 1553 76.62 -85.26 30.58
N VAL D 1554 75.57 -85.49 29.78
CA VAL D 1554 74.39 -86.18 30.27
C VAL D 1554 73.94 -87.23 29.26
N LEU D 1555 73.46 -88.35 29.77
CA LEU D 1555 72.80 -89.35 28.93
C LEU D 1555 71.31 -89.34 29.26
N PRO D 1556 70.47 -88.81 28.37
CA PRO D 1556 69.04 -88.66 28.69
C PRO D 1556 68.36 -90.01 28.85
N THR D 1557 67.76 -90.25 30.02
CA THR D 1557 66.98 -91.45 30.27
C THR D 1557 65.65 -91.12 30.94
N HIS D 1558 65.21 -89.86 30.84
CA HIS D 1558 63.96 -89.43 31.45
C HIS D 1558 63.42 -88.23 30.69
N GLN D 1559 62.14 -87.93 30.89
CA GLN D 1559 61.53 -86.79 30.21
C GLN D 1559 62.18 -85.48 30.64
N ASN D 1560 62.44 -85.31 31.93
CA ASN D 1560 63.12 -84.15 32.47
C ASN D 1560 64.44 -84.58 33.05
N VAL D 1561 65.52 -83.91 32.66
CA VAL D 1561 66.86 -84.40 32.99
C VAL D 1561 67.61 -83.49 33.95
N ILE D 1562 67.94 -82.27 33.53
CA ILE D 1562 68.88 -81.43 34.26
C ILE D 1562 68.42 -79.99 34.31
N GLN D 1563 68.93 -79.28 35.31
CA GLN D 1563 68.61 -77.87 35.53
C GLN D 1563 69.87 -77.16 36.01
N PHE D 1564 70.35 -76.21 35.22
CA PHE D 1564 71.45 -75.33 35.60
C PHE D 1564 70.91 -74.25 36.52
N GLU D 1565 71.24 -74.33 37.81
CA GLU D 1565 70.79 -73.33 38.78
C GLU D 1565 71.91 -72.35 39.05
N LEU D 1566 71.62 -71.06 38.86
CA LEU D 1566 72.60 -70.00 38.96
C LEU D 1566 72.16 -69.06 40.09
N GLY D 1567 72.56 -69.40 41.31
CA GLY D 1567 72.22 -68.60 42.47
C GLY D 1567 73.41 -68.39 43.37
N LYS D 1568 73.17 -67.93 44.61
CA LYS D 1568 74.23 -67.68 45.55
C LYS D 1568 73.92 -68.39 46.87
N GLN D 1569 74.97 -68.61 47.64
CA GLN D 1569 74.88 -69.24 48.96
C GLN D 1569 75.17 -68.20 50.02
N LYS D 1570 75.22 -68.64 51.28
CA LYS D 1570 75.53 -67.74 52.38
C LYS D 1570 76.98 -67.29 52.28
N ASN D 1571 77.19 -65.97 52.29
CA ASN D 1571 78.51 -65.35 52.18
C ASN D 1571 79.24 -65.72 50.90
N ILE D 1572 78.49 -66.09 49.85
CA ILE D 1572 79.06 -66.49 48.57
C ILE D 1572 78.31 -65.74 47.47
N MET D 1573 79.07 -65.21 46.51
CA MET D 1573 78.54 -64.36 45.44
C MET D 1573 78.22 -65.21 44.21
N PRO D 1574 77.17 -64.88 43.47
CA PRO D 1574 76.73 -65.73 42.36
C PRO D 1574 77.63 -65.57 41.14
N LEU D 1575 77.32 -66.35 40.10
CA LEU D 1575 78.15 -66.38 38.89
C LEU D 1575 77.97 -65.15 38.02
N SER D 1576 76.90 -64.38 38.21
CA SER D 1576 76.69 -63.19 37.40
C SER D 1576 77.81 -62.18 37.64
N ALA D 1577 78.23 -62.01 38.89
CA ALA D 1577 79.33 -61.10 39.19
C ALA D 1577 80.62 -61.57 38.55
N ALA D 1578 80.89 -62.89 38.60
CA ALA D 1578 82.12 -63.41 38.00
C ALA D 1578 82.12 -63.25 36.48
N MET D 1579 80.96 -63.43 35.85
CA MET D 1579 80.91 -63.37 34.39
C MET D 1579 80.91 -61.94 33.88
N PHE D 1580 80.22 -61.03 34.55
CA PHE D 1580 80.00 -59.67 34.05
C PHE D 1580 80.76 -58.67 34.91
N LEU D 1581 81.46 -57.73 34.25
CA LEU D 1581 82.21 -56.71 34.97
C LEU D 1581 81.31 -55.65 35.57
N SER D 1582 80.25 -55.26 34.85
CA SER D 1582 79.36 -54.22 35.32
C SER D 1582 78.57 -54.64 36.56
N GLU D 1583 78.48 -55.94 36.82
CA GLU D 1583 77.76 -56.47 37.98
C GLU D 1583 78.70 -57.18 38.95
N ARG D 1584 79.95 -56.71 39.03
CA ARG D 1584 80.96 -57.40 39.84
C ARG D 1584 80.61 -57.41 41.32
N LYS D 1585 79.89 -56.39 41.80
CA LYS D 1585 79.55 -56.28 43.21
C LYS D 1585 78.05 -56.39 43.45
N ASN D 1586 77.35 -57.17 42.62
CA ASN D 1586 75.92 -57.33 42.77
C ASN D 1586 75.62 -58.69 43.37
N PRO D 1587 75.22 -58.78 44.65
CA PRO D 1587 74.89 -60.08 45.23
C PRO D 1587 73.63 -60.71 44.65
N ALA D 1588 72.77 -59.94 43.99
CA ALA D 1588 71.53 -60.47 43.46
C ALA D 1588 71.80 -61.26 42.19
N PRO D 1589 71.44 -62.54 42.12
CA PRO D 1589 71.66 -63.31 40.90
C PRO D 1589 70.77 -62.84 39.76
N GLN D 1590 71.25 -63.04 38.54
CA GLN D 1590 70.49 -62.68 37.35
C GLN D 1590 71.02 -63.46 36.17
N CYS D 1591 70.20 -63.54 35.11
CA CYS D 1591 70.55 -64.25 33.88
C CYS D 1591 70.32 -63.33 32.69
N PRO D 1592 71.34 -62.58 32.27
CA PRO D 1592 71.20 -61.72 31.09
C PRO D 1592 71.04 -62.56 29.84
N PRO D 1593 70.55 -61.95 28.74
CA PRO D 1593 70.30 -62.74 27.52
C PRO D 1593 71.54 -63.40 26.95
N ARG D 1594 72.73 -62.85 27.19
CA ARG D 1594 73.94 -63.44 26.62
C ARG D 1594 74.18 -64.85 27.15
N LEU D 1595 73.92 -65.08 28.44
CA LEU D 1595 74.11 -66.40 29.01
C LEU D 1595 73.18 -67.40 28.33
N GLU D 1596 73.75 -68.51 27.88
CA GLU D 1596 73.01 -69.44 27.03
C GLU D 1596 73.68 -70.81 27.10
N VAL D 1597 72.91 -71.84 26.75
CA VAL D 1597 73.38 -73.22 26.75
C VAL D 1597 73.77 -73.60 25.33
N GLN D 1598 74.95 -74.20 25.18
CA GLN D 1598 75.48 -74.60 23.88
C GLN D 1598 75.76 -76.09 23.89
N MET D 1599 75.59 -76.72 22.73
CA MET D 1599 75.75 -78.15 22.57
C MET D 1599 76.93 -78.44 21.64
N LEU D 1600 77.57 -79.59 21.85
CA LEU D 1600 78.70 -79.97 21.02
C LEU D 1600 78.21 -80.59 19.70
N MET D 1601 78.74 -80.10 18.58
CA MET D 1601 78.39 -80.57 17.25
C MET D 1601 79.59 -81.19 16.56
N PRO D 1602 79.42 -82.30 15.85
CA PRO D 1602 80.57 -83.03 15.30
C PRO D 1602 81.19 -82.43 14.06
N VAL D 1603 80.39 -81.90 13.15
CA VAL D 1603 80.87 -81.48 11.84
C VAL D 1603 80.46 -80.03 11.58
N SER D 1604 81.27 -79.34 10.76
CA SER D 1604 80.98 -77.97 10.37
C SER D 1604 81.72 -77.67 9.08
N TRP D 1605 81.27 -76.62 8.40
CA TRP D 1605 81.90 -76.20 7.15
C TRP D 1605 83.18 -75.41 7.44
N SER D 1606 84.07 -75.40 6.45
CA SER D 1606 85.31 -74.65 6.54
C SER D 1606 85.74 -74.25 5.13
N ARG D 1607 86.62 -73.24 5.06
CA ARG D 1607 87.06 -72.67 3.80
C ARG D 1607 88.50 -73.10 3.52
N MET D 1608 88.74 -73.64 2.32
CA MET D 1608 90.09 -74.06 1.96
C MET D 1608 90.92 -72.85 1.56
N PRO D 1609 92.18 -72.79 1.98
CA PRO D 1609 93.05 -71.68 1.58
C PRO D 1609 93.29 -71.69 0.07
N ASN D 1610 93.52 -70.49 -0.47
CA ASN D 1610 93.76 -70.36 -1.91
C ASN D 1610 95.15 -70.86 -2.29
N HIS D 1611 96.15 -70.67 -1.42
CA HIS D 1611 97.51 -71.11 -1.68
C HIS D 1611 98.02 -71.92 -0.50
N PHE D 1612 98.91 -72.86 -0.80
CA PHE D 1612 99.40 -73.81 0.19
C PHE D 1612 100.92 -73.80 0.20
N LEU D 1613 101.49 -74.15 1.35
CA LEU D 1613 102.94 -74.21 1.49
C LEU D 1613 103.51 -75.30 0.59
N GLN D 1614 104.59 -74.97 -0.11
CA GLN D 1614 105.28 -75.91 -0.99
C GLN D 1614 106.46 -76.48 -0.23
N VAL D 1615 106.32 -77.71 0.25
CA VAL D 1615 107.36 -78.39 1.03
C VAL D 1615 108.00 -79.45 0.13
N GLU D 1616 109.33 -79.43 0.05
CA GLU D 1616 110.08 -80.37 -0.76
C GLU D 1616 110.82 -81.33 0.16
N THR D 1617 110.56 -82.63 -0.02
CA THR D 1617 111.16 -83.68 0.80
C THR D 1617 111.78 -84.72 -0.10
N ARG D 1618 112.98 -85.17 0.27
CA ARG D 1618 113.64 -86.27 -0.45
C ARG D 1618 114.62 -86.94 0.50
N ARG D 1619 115.51 -87.76 -0.04
CA ARG D 1619 116.58 -88.36 0.75
C ARG D 1619 117.91 -88.13 0.06
N ALA D 1620 118.88 -87.59 0.80
CA ALA D 1620 120.19 -87.34 0.24
C ALA D 1620 121.02 -88.62 0.12
N GLY D 1621 120.89 -89.51 1.09
CA GLY D 1621 121.63 -90.76 1.07
C GLY D 1621 121.66 -91.38 2.44
N GLU D 1622 122.41 -92.48 2.53
CA GLU D 1622 122.55 -93.18 3.80
C GLU D 1622 123.36 -92.35 4.80
N ARG D 1623 124.27 -91.52 4.32
CA ARG D 1623 125.05 -90.67 5.21
C ARG D 1623 124.20 -89.56 5.81
N LEU D 1624 123.34 -88.94 5.01
CA LEU D 1624 122.59 -87.76 5.43
C LEU D 1624 121.13 -88.03 5.76
N GLY D 1625 120.56 -89.12 5.26
CA GLY D 1625 119.16 -89.41 5.53
C GLY D 1625 118.22 -88.53 4.73
N TRP D 1626 117.00 -88.40 5.25
CA TRP D 1626 115.94 -87.67 4.57
C TRP D 1626 116.04 -86.19 4.89
N ALA D 1627 115.75 -85.36 3.89
CA ALA D 1627 115.84 -83.91 3.99
C ALA D 1627 114.51 -83.26 3.64
N VAL D 1628 114.15 -82.25 4.43
CA VAL D 1628 112.91 -81.48 4.26
C VAL D 1628 113.29 -80.01 4.16
N GLN D 1629 112.69 -79.30 3.20
CA GLN D 1629 112.95 -77.88 3.05
C GLN D 1629 111.69 -77.17 2.55
N CYS D 1630 111.46 -75.96 3.08
CA CYS D 1630 110.41 -75.07 2.62
C CYS D 1630 110.94 -73.65 2.66
N GLN D 1631 110.70 -72.90 1.59
CA GLN D 1631 111.32 -71.58 1.46
C GLN D 1631 110.39 -70.51 0.89
N ASP D 1632 109.12 -70.81 0.65
CA ASP D 1632 108.21 -69.84 0.05
C ASP D 1632 107.31 -69.24 1.11
N PRO D 1633 107.37 -67.93 1.35
CA PRO D 1633 106.52 -67.32 2.38
C PRO D 1633 105.05 -67.41 2.03
N LEU D 1634 104.22 -67.43 3.08
CA LEU D 1634 102.77 -67.48 2.92
C LEU D 1634 102.13 -67.01 4.20
N THR D 1635 101.36 -65.93 4.14
CA THR D 1635 100.72 -65.33 5.30
C THR D 1635 99.22 -65.24 5.08
N MET D 1636 98.50 -64.93 6.16
CA MET D 1636 97.05 -64.74 6.10
C MET D 1636 96.63 -63.89 7.28
N MET D 1637 95.49 -63.21 7.11
CA MET D 1637 94.94 -62.35 8.14
C MET D 1637 93.88 -63.12 8.93
N ALA D 1638 94.00 -63.10 10.25
CA ALA D 1638 93.14 -63.88 11.13
C ALA D 1638 92.20 -62.98 11.92
N LEU D 1639 91.00 -63.46 12.15
CA LEU D 1639 90.00 -62.79 12.98
C LEU D 1639 89.83 -63.59 14.26
N HIS D 1640 90.04 -62.95 15.41
CA HIS D 1640 90.13 -63.64 16.69
C HIS D 1640 88.91 -63.30 17.54
N ILE D 1641 88.22 -64.33 18.01
CA ILE D 1641 87.11 -64.17 18.94
C ILE D 1641 87.68 -64.23 20.35
N PRO D 1642 87.56 -63.17 21.14
CA PRO D 1642 88.25 -63.11 22.44
C PRO D 1642 87.78 -64.13 23.46
N GLU D 1643 86.47 -64.22 23.67
CA GLU D 1643 85.95 -65.06 24.76
C GLU D 1643 86.22 -66.54 24.52
N GLU D 1644 86.10 -67.00 23.27
CA GLU D 1644 86.28 -68.42 22.98
C GLU D 1644 87.75 -68.78 22.75
N ASN D 1645 88.65 -67.80 22.71
CA ASN D 1645 90.09 -68.05 22.58
C ASN D 1645 90.40 -68.88 21.33
N ARG D 1646 89.78 -68.51 20.22
CA ARG D 1646 90.05 -69.14 18.94
C ARG D 1646 89.88 -68.13 17.83
N CYS D 1647 90.57 -68.37 16.72
CA CYS D 1647 90.59 -67.44 15.59
C CYS D 1647 90.04 -68.11 14.34
N MET D 1648 89.90 -67.32 13.29
CA MET D 1648 89.41 -67.81 12.01
C MET D 1648 89.92 -66.89 10.92
N ASP D 1649 89.88 -67.40 9.68
CA ASP D 1649 90.31 -66.61 8.54
C ASP D 1649 89.38 -65.43 8.32
N ILE D 1650 89.95 -64.28 7.95
CA ILE D 1650 89.15 -63.10 7.69
C ILE D 1650 88.27 -63.30 6.44
N LEU D 1651 88.70 -64.17 5.52
CA LEU D 1651 87.92 -64.45 4.32
C LEU D 1651 86.75 -65.38 4.57
N GLU D 1652 86.67 -66.01 5.74
CA GLU D 1652 85.53 -66.85 6.07
C GLU D 1652 84.28 -66.03 6.37
N LEU D 1653 84.40 -64.72 6.48
CA LEU D 1653 83.25 -63.86 6.76
C LEU D 1653 82.36 -63.66 5.54
N SER D 1654 82.77 -64.13 4.37
CA SER D 1654 81.91 -64.04 3.18
C SER D 1654 80.64 -64.86 3.33
N GLU D 1655 80.63 -65.85 4.24
CA GLU D 1655 79.43 -66.64 4.50
C GLU D 1655 78.88 -66.43 5.91
N ARG D 1656 79.67 -65.89 6.83
CA ARG D 1656 79.19 -65.53 8.17
C ARG D 1656 78.66 -64.11 8.08
N LEU D 1657 77.36 -63.98 7.83
CA LEU D 1657 76.75 -62.70 7.54
C LEU D 1657 76.46 -61.86 8.78
N ASP D 1658 76.62 -62.41 9.98
CA ASP D 1658 76.43 -61.64 11.20
C ASP D 1658 77.74 -61.03 11.70
N LEU D 1659 78.79 -61.86 11.78
CA LEU D 1659 80.10 -61.34 12.18
C LEU D 1659 80.61 -60.31 11.19
N GLN D 1660 80.30 -60.48 9.91
CA GLN D 1660 80.70 -59.49 8.90
C GLN D 1660 80.05 -58.14 9.19
N ARG D 1661 78.75 -58.14 9.50
CA ARG D 1661 78.06 -56.90 9.81
C ARG D 1661 78.61 -56.27 11.08
N PHE D 1662 78.85 -57.09 12.11
CA PHE D 1662 79.38 -56.55 13.36
C PHE D 1662 80.76 -55.94 13.15
N HIS D 1663 81.61 -56.59 12.35
CA HIS D 1663 82.95 -56.06 12.12
C HIS D 1663 82.90 -54.80 11.26
N SER D 1664 81.98 -54.74 10.30
CA SER D 1664 81.82 -53.52 9.52
C SER D 1664 81.40 -52.35 10.39
N HIS D 1665 80.46 -52.59 11.31
CA HIS D 1665 80.06 -51.52 12.23
C HIS D 1665 81.18 -51.17 13.20
N THR D 1666 82.01 -52.15 13.57
CA THR D 1666 83.18 -51.86 14.40
C THR D 1666 84.15 -50.94 13.67
N LEU D 1667 84.39 -51.20 12.39
CA LEU D 1667 85.24 -50.31 11.60
C LEU D 1667 84.63 -48.92 11.48
N ARG D 1668 83.30 -48.86 11.32
CA ARG D 1668 82.64 -47.55 11.28
C ARG D 1668 82.84 -46.79 12.59
N LEU D 1669 82.74 -47.48 13.72
CA LEU D 1669 83.00 -46.85 15.01
C LEU D 1669 84.46 -46.42 15.13
N TYR D 1670 85.38 -47.23 14.58
CA TYR D 1670 86.79 -46.86 14.58
C TYR D 1670 87.02 -45.55 13.83
N ARG D 1671 86.36 -45.38 12.68
CA ARG D 1671 86.46 -44.11 11.98
C ARG D 1671 85.80 -42.99 12.76
N ALA D 1672 84.65 -43.26 13.37
CA ALA D 1672 83.90 -42.22 14.05
C ALA D 1672 84.66 -41.65 15.24
N VAL D 1673 85.33 -42.52 16.01
CA VAL D 1673 86.00 -42.04 17.22
C VAL D 1673 87.16 -41.11 16.87
N CYS D 1674 87.86 -41.38 15.79
CA CYS D 1674 88.99 -40.54 15.37
C CYS D 1674 88.61 -39.49 14.35
N ALA D 1675 87.33 -39.38 13.99
CA ALA D 1675 86.91 -38.40 13.01
C ALA D 1675 87.11 -36.98 13.52
N LEU D 1676 87.26 -36.05 12.56
CA LEU D 1676 87.39 -34.62 12.83
C LEU D 1676 88.64 -34.29 13.65
N GLY D 1677 89.78 -34.75 13.14
CA GLY D 1677 91.07 -34.32 13.66
C GLY D 1677 91.35 -34.67 15.11
N ASN D 1678 91.02 -35.89 15.52
CA ASN D 1678 91.37 -36.38 16.85
C ASN D 1678 92.64 -37.21 16.73
N ASN D 1679 93.77 -36.51 16.59
CA ASN D 1679 95.04 -37.18 16.38
C ASN D 1679 95.48 -37.99 17.60
N ARG D 1680 95.10 -37.54 18.81
CA ARG D 1680 95.47 -38.28 20.01
C ARG D 1680 94.84 -39.66 20.04
N VAL D 1681 93.65 -39.81 19.45
CA VAL D 1681 93.01 -41.12 19.35
C VAL D 1681 93.43 -41.84 18.08
N ALA D 1682 93.76 -41.10 17.02
CA ALA D 1682 94.28 -41.73 15.81
C ALA D 1682 95.59 -42.45 16.10
N HIS D 1683 96.43 -41.87 16.96
CA HIS D 1683 97.65 -42.55 17.38
C HIS D 1683 97.33 -43.83 18.13
N ALA D 1684 96.34 -43.80 19.02
CA ALA D 1684 95.99 -44.98 19.79
C ALA D 1684 95.43 -46.09 18.91
N LEU D 1685 94.70 -45.73 17.85
CA LEU D 1685 94.13 -46.74 16.96
C LEU D 1685 95.20 -47.52 16.20
N CYS D 1686 96.41 -47.00 16.11
CA CYS D 1686 97.48 -47.72 15.42
C CYS D 1686 97.87 -48.99 16.14
N SER D 1687 97.77 -49.00 17.48
CA SER D 1687 98.07 -50.21 18.24
C SER D 1687 97.05 -51.30 17.99
N HIS D 1688 95.88 -50.97 17.45
CA HIS D 1688 94.84 -51.94 17.14
C HIS D 1688 94.87 -52.35 15.66
N VAL D 1689 94.92 -51.37 14.75
CA VAL D 1689 95.04 -51.64 13.33
C VAL D 1689 96.33 -50.99 12.86
N ASP D 1690 97.22 -51.79 12.27
CA ASP D 1690 98.56 -51.33 11.92
C ASP D 1690 98.75 -51.27 10.41
N GLN D 1691 99.91 -50.73 10.04
CA GLN D 1691 100.20 -50.43 8.63
C GLN D 1691 100.25 -51.70 7.78
N ALA D 1692 100.86 -52.77 8.32
CA ALA D 1692 100.94 -54.01 7.56
C ALA D 1692 99.55 -54.59 7.29
N GLN D 1693 98.69 -54.58 8.30
CA GLN D 1693 97.32 -55.06 8.10
C GLN D 1693 96.58 -54.19 7.09
N LEU D 1694 96.77 -52.87 7.17
CA LEU D 1694 96.08 -51.98 6.24
C LEU D 1694 96.52 -52.23 4.80
N LEU D 1695 97.83 -52.38 4.57
CA LEU D 1695 98.31 -52.63 3.22
C LEU D 1695 97.88 -54.01 2.70
N HIS D 1696 97.90 -55.03 3.58
CA HIS D 1696 97.47 -56.36 3.16
C HIS D 1696 95.99 -56.37 2.81
N ALA D 1697 95.16 -55.66 3.59
CA ALA D 1697 93.75 -55.51 3.25
C ALA D 1697 93.56 -54.68 1.99
N LEU D 1698 94.47 -53.73 1.72
CA LEU D 1698 94.38 -52.95 0.49
C LEU D 1698 94.56 -53.84 -0.73
N GLU D 1699 95.52 -54.75 -0.70
CA GLU D 1699 95.76 -55.63 -1.85
C GLU D 1699 95.06 -56.98 -1.76
N ASP D 1700 94.28 -57.25 -0.71
CA ASP D 1700 93.55 -58.50 -0.64
C ASP D 1700 92.44 -58.54 -1.69
N ALA D 1701 92.54 -59.49 -2.62
CA ALA D 1701 91.63 -59.56 -3.76
C ALA D 1701 90.38 -60.40 -3.50
N HIS D 1702 90.30 -61.12 -2.38
CA HIS D 1702 89.14 -61.94 -2.07
C HIS D 1702 88.33 -61.40 -0.91
N LEU D 1703 88.66 -60.22 -0.40
CA LEU D 1703 87.94 -59.65 0.74
C LEU D 1703 86.54 -59.22 0.30
N PRO D 1704 85.55 -59.35 1.17
CA PRO D 1704 84.21 -58.84 0.83
C PRO D 1704 84.22 -57.33 0.66
N GLY D 1705 83.28 -56.85 -0.16
CA GLY D 1705 83.19 -55.44 -0.50
C GLY D 1705 83.01 -54.51 0.68
N PRO D 1706 82.07 -54.82 1.59
CA PRO D 1706 81.92 -53.95 2.79
C PRO D 1706 83.19 -53.83 3.60
N LEU D 1707 83.88 -54.94 3.85
CA LEU D 1707 85.12 -54.89 4.63
C LEU D 1707 86.22 -54.15 3.86
N ARG D 1708 86.27 -54.35 2.54
CA ARG D 1708 87.25 -53.63 1.72
C ARG D 1708 87.05 -52.12 1.83
N ALA D 1709 85.81 -51.67 1.64
CA ALA D 1709 85.52 -50.24 1.74
C ALA D 1709 85.80 -49.72 3.14
N GLY D 1710 85.44 -50.50 4.16
CA GLY D 1710 85.71 -50.08 5.53
C GLY D 1710 87.19 -49.90 5.81
N TYR D 1711 88.02 -50.83 5.33
CA TYR D 1711 89.45 -50.72 5.55
C TYR D 1711 90.06 -49.55 4.78
N TYR D 1712 89.61 -49.34 3.55
CA TYR D 1712 90.08 -48.18 2.80
C TYR D 1712 89.74 -46.88 3.53
N ASP D 1713 88.50 -46.77 3.99
CA ASP D 1713 88.06 -45.56 4.69
C ASP D 1713 88.83 -45.39 6.00
N LEU D 1714 89.08 -46.50 6.72
CA LEU D 1714 89.83 -46.41 7.96
C LEU D 1714 91.24 -45.91 7.73
N LEU D 1715 91.92 -46.42 6.70
CA LEU D 1715 93.25 -45.95 6.37
C LEU D 1715 93.23 -44.46 6.05
N ILE D 1716 92.30 -44.04 5.20
CA ILE D 1716 92.23 -42.63 4.80
C ILE D 1716 91.96 -41.76 6.03
N SER D 1717 91.07 -42.21 6.92
CA SER D 1717 90.72 -41.41 8.08
C SER D 1717 91.87 -41.29 9.06
N ILE D 1718 92.60 -42.37 9.32
CA ILE D 1718 93.61 -42.35 10.37
C ILE D 1718 95.00 -41.97 9.86
N HIS D 1719 95.17 -41.75 8.54
CA HIS D 1719 96.49 -41.38 8.05
C HIS D 1719 96.53 -40.18 7.10
N LEU D 1720 95.41 -39.76 6.52
CA LEU D 1720 95.44 -38.69 5.53
C LEU D 1720 94.38 -37.60 5.70
N GLU D 1721 93.32 -37.85 6.48
CA GLU D 1721 92.15 -36.97 6.45
C GLU D 1721 92.48 -35.56 6.95
N SER D 1722 93.24 -35.46 8.04
CA SER D 1722 93.51 -34.15 8.64
C SER D 1722 94.36 -33.29 7.71
N ALA D 1723 95.44 -33.85 7.19
CA ALA D 1723 96.30 -33.10 6.26
C ALA D 1723 95.54 -32.73 5.00
N CYS D 1724 94.73 -33.66 4.49
CA CYS D 1724 93.93 -33.36 3.30
C CYS D 1724 92.97 -32.21 3.55
N ARG D 1725 92.30 -32.22 4.70
CA ARG D 1725 91.37 -31.14 5.02
C ARG D 1725 92.09 -29.80 5.17
N SER D 1726 93.25 -29.80 5.83
CA SER D 1726 94.00 -28.55 5.99
C SER D 1726 94.44 -28.00 4.64
N ARG D 1727 94.97 -28.86 3.77
CA ARG D 1727 95.39 -28.40 2.45
C ARG D 1727 94.20 -27.91 1.64
N ARG D 1728 93.06 -28.60 1.73
CA ARG D 1728 91.87 -28.16 0.99
C ARG D 1728 91.40 -26.81 1.48
N SER D 1729 91.47 -26.57 2.79
CA SER D 1729 91.12 -25.25 3.32
C SER D 1729 92.07 -24.18 2.82
N MET D 1730 93.37 -24.49 2.76
CA MET D 1730 94.34 -23.49 2.32
C MET D 1730 94.33 -23.26 0.81
N LEU D 1731 93.79 -24.20 0.03
CA LEU D 1731 93.85 -24.09 -1.43
C LEU D 1731 92.97 -22.97 -1.99
N SER D 1732 92.11 -22.35 -1.19
CA SER D 1732 91.18 -21.36 -1.72
C SER D 1732 91.90 -20.15 -2.28
N GLU D 1733 92.92 -19.66 -1.58
CA GLU D 1733 93.59 -18.42 -1.95
C GLU D 1733 94.86 -18.69 -2.74
N TYR D 1734 95.31 -17.68 -3.47
CA TYR D 1734 96.51 -17.74 -4.30
C TYR D 1734 97.44 -16.59 -3.91
N ILE D 1735 98.47 -16.90 -3.13
CA ILE D 1735 99.47 -15.90 -2.75
C ILE D 1735 100.79 -16.28 -3.38
N VAL D 1736 101.08 -15.73 -4.55
CA VAL D 1736 102.25 -16.10 -5.34
C VAL D 1736 103.39 -15.17 -4.99
N PRO D 1737 104.55 -15.67 -4.59
CA PRO D 1737 105.70 -14.81 -4.35
C PRO D 1737 106.30 -14.31 -5.66
N LEU D 1738 107.09 -13.24 -5.55
CA LEU D 1738 107.71 -12.59 -6.70
C LEU D 1738 109.15 -13.09 -6.81
N THR D 1739 109.33 -14.19 -7.51
CA THR D 1739 110.62 -14.88 -7.63
C THR D 1739 110.92 -15.14 -9.10
N PRO D 1740 112.19 -15.42 -9.42
CA PRO D 1740 112.50 -15.86 -10.79
C PRO D 1740 111.74 -17.11 -11.20
N GLU D 1741 111.50 -18.03 -10.28
CA GLU D 1741 110.65 -19.18 -10.58
C GLU D 1741 109.25 -18.73 -10.96
N THR D 1742 108.73 -17.71 -10.29
CA THR D 1742 107.42 -17.16 -10.64
C THR D 1742 107.45 -16.55 -12.03
N ARG D 1743 108.46 -15.74 -12.33
CA ARG D 1743 108.50 -15.05 -13.62
C ARG D 1743 108.81 -16.01 -14.78
N ALA D 1744 109.37 -17.17 -14.49
CA ALA D 1744 109.62 -18.15 -15.54
C ALA D 1744 108.35 -18.82 -16.06
N ILE D 1745 107.21 -18.65 -15.38
CA ILE D 1745 105.98 -19.30 -15.76
C ILE D 1745 105.39 -18.60 -16.98
N THR D 1746 104.98 -19.38 -17.97
CA THR D 1746 104.36 -18.87 -19.18
C THR D 1746 102.97 -19.47 -19.34
N LEU D 1747 102.09 -18.73 -20.01
CA LEU D 1747 100.72 -19.18 -20.20
C LEU D 1747 100.65 -20.44 -21.05
N PHE D 1748 101.34 -20.44 -22.19
CA PHE D 1748 101.34 -21.59 -23.07
C PHE D 1748 102.72 -22.23 -23.10
N PRO D 1749 102.79 -23.55 -23.28
CA PRO D 1749 104.09 -24.20 -23.40
C PRO D 1749 104.83 -23.69 -24.62
N PRO D 1750 106.16 -23.62 -24.54
CA PRO D 1750 106.93 -23.16 -25.70
C PRO D 1750 106.88 -24.17 -26.84
N GLY D 1751 107.16 -23.68 -28.04
CA GLY D 1751 107.12 -24.51 -29.22
C GLY D 1751 108.28 -25.46 -29.32
N ARG D 1752 108.33 -26.44 -28.42
CA ARG D 1752 109.40 -27.43 -28.44
C ARG D 1752 109.36 -28.28 -29.71
N LYS D 1753 108.16 -28.64 -30.16
CA LYS D 1753 108.04 -29.43 -31.38
C LYS D 1753 108.46 -28.67 -32.62
N GLY D 1754 108.49 -27.34 -32.57
CA GLY D 1754 108.90 -26.55 -33.70
C GLY D 1754 107.73 -25.91 -34.44
N GLY D 1755 107.59 -24.59 -34.30
CA GLY D 1755 106.50 -23.89 -34.95
C GLY D 1755 105.13 -24.29 -34.44
N ASN D 1756 105.00 -24.50 -33.13
CA ASN D 1756 103.75 -24.91 -32.51
C ASN D 1756 103.27 -23.80 -31.58
N ALA D 1757 102.00 -23.46 -31.68
CA ALA D 1757 101.41 -22.42 -30.85
C ALA D 1757 99.98 -22.80 -30.51
N ARG D 1758 99.47 -22.21 -29.42
CA ARG D 1758 98.11 -22.45 -28.94
C ARG D 1758 97.86 -23.93 -28.68
N ARG D 1759 98.86 -24.61 -28.11
CA ARG D 1759 98.77 -26.02 -27.76
C ARG D 1759 98.78 -26.13 -26.24
N HIS D 1760 97.67 -26.55 -25.66
CA HIS D 1760 97.58 -26.66 -24.21
C HIS D 1760 98.48 -27.77 -23.70
N GLY D 1761 99.13 -27.50 -22.56
CA GLY D 1761 99.87 -28.54 -21.88
C GLY D 1761 98.95 -29.46 -21.11
N LEU D 1762 99.52 -30.54 -20.61
CA LEU D 1762 98.75 -31.51 -19.84
C LEU D 1762 98.29 -30.86 -18.54
N PRO D 1763 96.99 -30.89 -18.23
CA PRO D 1763 96.53 -30.26 -16.98
C PRO D 1763 97.13 -30.92 -15.76
N GLY D 1764 97.47 -30.09 -14.77
CA GLY D 1764 98.07 -30.58 -13.54
C GLY D 1764 99.55 -30.90 -13.64
N VAL D 1765 100.16 -30.74 -14.80
CA VAL D 1765 101.58 -31.01 -15.01
C VAL D 1765 102.26 -29.67 -15.28
N GLY D 1766 102.89 -29.11 -14.27
CA GLY D 1766 103.54 -27.82 -14.42
C GLY D 1766 104.26 -27.43 -13.16
N VAL D 1767 104.58 -26.13 -13.08
CA VAL D 1767 105.27 -25.57 -11.92
C VAL D 1767 104.28 -24.72 -11.14
N THR D 1768 104.14 -25.03 -9.86
CA THR D 1768 103.25 -24.30 -8.96
C THR D 1768 104.09 -23.51 -7.97
N THR D 1769 103.82 -22.21 -7.86
CA THR D 1769 104.62 -21.33 -7.01
C THR D 1769 103.84 -20.71 -5.87
N SER D 1770 102.51 -20.76 -5.89
CA SER D 1770 101.73 -20.20 -4.80
C SER D 1770 102.04 -20.91 -3.50
N LEU D 1771 102.05 -20.15 -2.40
CA LEU D 1771 102.50 -20.67 -1.11
C LEU D 1771 101.45 -21.58 -0.50
N ARG D 1772 101.82 -22.83 -0.26
CA ARG D 1772 101.00 -23.78 0.48
C ARG D 1772 101.85 -24.32 1.63
N PRO D 1773 101.39 -24.22 2.87
CA PRO D 1773 102.19 -24.73 3.99
C PRO D 1773 102.36 -26.22 3.87
N PRO D 1774 103.52 -26.76 4.28
CA PRO D 1774 103.76 -28.18 4.17
C PRO D 1774 103.02 -28.98 5.24
N HIS D 1775 102.94 -30.28 5.01
CA HIS D 1775 102.27 -31.18 5.93
C HIS D 1775 103.17 -31.50 7.11
N HIS D 1776 102.56 -32.02 8.19
CA HIS D 1776 103.29 -32.41 9.38
C HIS D 1776 102.76 -33.75 9.87
N PHE D 1777 103.67 -34.69 10.12
CA PHE D 1777 103.33 -36.01 10.62
C PHE D 1777 104.28 -36.38 11.74
N SER D 1778 103.84 -37.29 12.61
CA SER D 1778 104.65 -37.78 13.69
C SER D 1778 104.69 -39.30 13.67
N PRO D 1779 105.85 -39.90 13.95
CA PRO D 1779 105.95 -41.37 13.93
C PRO D 1779 105.14 -41.99 15.04
N PRO D 1780 104.35 -43.02 14.74
CA PRO D 1780 103.56 -43.70 15.77
C PRO D 1780 104.45 -44.58 16.64
N CYS D 1781 104.72 -44.13 17.86
CA CYS D 1781 105.53 -44.89 18.81
C CYS D 1781 104.85 -44.88 20.16
N PHE D 1782 104.86 -46.05 20.83
CA PHE D 1782 104.24 -46.19 22.14
C PHE D 1782 105.25 -46.59 23.22
N VAL D 1783 106.54 -46.61 22.90
CA VAL D 1783 107.55 -46.91 23.91
C VAL D 1783 108.07 -45.66 24.61
N ALA D 1784 107.96 -44.49 24.00
CA ALA D 1784 108.44 -43.26 24.61
C ALA D 1784 107.62 -42.93 25.85
N ALA D 1785 108.27 -42.29 26.82
CA ALA D 1785 107.61 -41.92 28.06
C ALA D 1785 106.53 -40.88 27.80
N LEU D 1786 105.37 -41.06 28.43
CA LEU D 1786 104.26 -40.15 28.26
C LEU D 1786 104.28 -39.09 29.36
N PRO D 1787 104.46 -37.80 29.04
CA PRO D 1787 104.49 -36.73 30.04
C PRO D 1787 103.10 -36.38 30.56
N GLU D 1793 99.37 -24.96 27.14
CA GLU D 1793 99.07 -26.37 27.37
C GLU D 1793 100.00 -27.27 26.56
N ALA D 1794 99.68 -28.55 26.51
CA ALA D 1794 100.49 -29.49 25.74
C ALA D 1794 100.36 -29.21 24.26
N PRO D 1795 101.43 -29.39 23.48
CA PRO D 1795 101.34 -29.18 22.04
C PRO D 1795 100.39 -30.17 21.39
N ALA D 1796 99.75 -29.72 20.31
CA ALA D 1796 98.82 -30.57 19.59
C ALA D 1796 99.56 -31.74 18.93
N ARG D 1797 98.97 -32.93 19.03
CA ARG D 1797 99.57 -34.11 18.44
C ARG D 1797 99.40 -34.10 16.93
N LEU D 1798 100.30 -34.80 16.24
CA LEU D 1798 100.33 -34.85 14.79
C LEU D 1798 99.80 -36.19 14.30
N SER D 1799 99.47 -36.24 13.01
CA SER D 1799 98.92 -37.45 12.43
C SER D 1799 99.98 -38.55 12.37
N PRO D 1800 99.57 -39.81 12.45
CA PRO D 1800 100.54 -40.91 12.33
C PRO D 1800 101.18 -40.93 10.95
N ALA D 1801 102.42 -41.39 10.89
CA ALA D 1801 103.20 -41.38 9.66
C ALA D 1801 103.07 -42.71 8.92
N ILE D 1802 103.11 -42.62 7.60
CA ILE D 1802 103.04 -43.79 6.72
C ILE D 1802 103.87 -43.48 5.48
N PRO D 1803 104.58 -44.46 4.89
CA PRO D 1803 105.41 -44.14 3.72
C PRO D 1803 104.60 -43.73 2.51
N LEU D 1804 104.63 -42.44 2.20
CA LEU D 1804 103.81 -41.90 1.12
C LEU D 1804 104.37 -42.24 -0.26
N GLU D 1805 105.70 -42.30 -0.40
CA GLU D 1805 106.29 -42.63 -1.68
C GLU D 1805 105.94 -44.06 -2.10
N ALA D 1806 105.94 -44.99 -1.14
CA ALA D 1806 105.52 -46.35 -1.45
C ALA D 1806 104.00 -46.43 -1.61
N LEU D 1807 103.26 -45.70 -0.79
CA LEU D 1807 101.80 -45.75 -0.86
C LEU D 1807 101.28 -45.27 -2.21
N ARG D 1808 101.87 -44.19 -2.74
CA ARG D 1808 101.40 -43.66 -4.02
C ARG D 1808 101.66 -44.64 -5.17
N ASP D 1809 102.83 -45.28 -5.17
CA ASP D 1809 103.13 -46.27 -6.20
C ASP D 1809 102.20 -47.48 -6.08
N LYS D 1810 101.95 -47.93 -4.85
CA LYS D 1810 101.02 -49.03 -4.65
C LYS D 1810 99.63 -48.69 -5.17
N ALA D 1811 99.15 -47.49 -4.85
CA ALA D 1811 97.83 -47.07 -5.31
C ALA D 1811 97.77 -46.96 -6.82
N LEU D 1812 98.83 -46.42 -7.45
CA LEU D 1812 98.84 -46.27 -8.89
C LEU D 1812 98.81 -47.62 -9.59
N ARG D 1813 99.64 -48.56 -9.12
CA ARG D 1813 99.65 -49.90 -9.70
C ARG D 1813 98.32 -50.60 -9.49
N MET D 1814 97.72 -50.43 -8.31
CA MET D 1814 96.42 -51.02 -8.03
C MET D 1814 95.34 -50.46 -8.95
N LEU D 1815 95.36 -49.15 -9.19
CA LEU D 1815 94.40 -48.54 -10.11
C LEU D 1815 94.59 -49.06 -11.52
N GLY D 1816 95.85 -49.21 -11.96
CA GLY D 1816 96.09 -49.78 -13.28
C GLY D 1816 95.56 -51.19 -13.41
N GLU D 1817 95.80 -52.03 -12.39
CA GLU D 1817 95.27 -53.38 -12.40
C GLU D 1817 93.75 -53.39 -12.42
N ALA D 1818 93.13 -52.49 -11.64
CA ALA D 1818 91.67 -52.42 -11.62
C ALA D 1818 91.12 -52.01 -12.99
N VAL D 1819 91.77 -51.05 -13.65
CA VAL D 1819 91.33 -50.63 -14.98
C VAL D 1819 91.47 -51.77 -15.97
N ARG D 1820 92.58 -52.51 -15.92
CA ARG D 1820 92.76 -53.63 -16.84
C ARG D 1820 91.72 -54.72 -16.58
N ASP D 1821 91.43 -55.01 -15.31
CA ASP D 1821 90.43 -56.02 -14.99
C ASP D 1821 89.03 -55.58 -15.42
N GLY D 1822 88.74 -54.28 -15.31
CA GLY D 1822 87.47 -53.78 -15.81
C GLY D 1822 87.37 -53.88 -17.32
N GLY D 1823 88.48 -53.61 -18.02
CA GLY D 1823 88.48 -53.75 -19.46
C GLY D 1823 88.28 -55.19 -19.91
N GLN D 1824 88.94 -56.13 -19.24
CA GLN D 1824 88.80 -57.55 -19.54
C GLN D 1824 87.60 -58.08 -18.75
N HIS D 1825 86.46 -58.20 -19.42
CA HIS D 1825 85.22 -58.56 -18.74
C HIS D 1825 85.33 -59.92 -18.07
N ALA D 1826 84.88 -59.99 -16.82
CA ALA D 1826 84.91 -61.22 -16.04
C ALA D 1826 83.68 -61.25 -15.14
N ARG D 1827 83.32 -62.46 -14.70
CA ARG D 1827 82.13 -62.66 -13.89
C ARG D 1827 82.43 -62.63 -12.39
N ASP D 1828 83.68 -62.41 -11.99
CA ASP D 1828 84.06 -62.35 -10.57
C ASP D 1828 84.88 -61.09 -10.34
N PRO D 1829 84.23 -59.92 -10.28
CA PRO D 1829 84.96 -58.69 -9.99
C PRO D 1829 85.45 -58.66 -8.54
N VAL D 1830 86.51 -57.90 -8.31
CA VAL D 1830 87.07 -57.77 -6.97
C VAL D 1830 86.10 -57.00 -6.09
N GLY D 1831 85.81 -57.54 -4.92
CA GLY D 1831 84.88 -56.94 -3.99
C GLY D 1831 83.43 -57.31 -4.21
N GLY D 1832 83.12 -58.06 -5.25
CA GLY D 1832 81.79 -58.50 -5.54
C GLY D 1832 81.06 -57.71 -6.60
N SER D 1833 81.53 -56.49 -6.91
CA SER D 1833 80.87 -55.68 -7.92
C SER D 1833 81.86 -54.64 -8.44
N VAL D 1834 81.50 -54.05 -9.58
CA VAL D 1834 82.34 -53.01 -10.19
C VAL D 1834 82.45 -51.81 -9.27
N GLU D 1835 81.36 -51.45 -8.60
CA GLU D 1835 81.39 -50.33 -7.65
C GLU D 1835 82.38 -50.60 -6.52
N PHE D 1836 82.28 -51.78 -5.91
CA PHE D 1836 83.19 -52.12 -4.82
C PHE D 1836 84.63 -52.23 -5.32
N GLN D 1837 84.82 -52.57 -6.59
CA GLN D 1837 86.17 -52.65 -7.14
C GLN D 1837 86.77 -51.26 -7.38
N PHE D 1838 85.96 -50.32 -7.84
CA PHE D 1838 86.49 -49.04 -8.32
C PHE D 1838 86.44 -47.91 -7.30
N VAL D 1839 85.38 -47.82 -6.49
CA VAL D 1839 85.19 -46.63 -5.65
C VAL D 1839 86.32 -46.42 -4.65
N PRO D 1840 86.74 -47.42 -3.86
CA PRO D 1840 87.81 -47.14 -2.87
C PRO D 1840 89.12 -46.71 -3.49
N VAL D 1841 89.49 -47.32 -4.63
CA VAL D 1841 90.74 -46.95 -5.28
C VAL D 1841 90.68 -45.51 -5.78
N LEU D 1842 89.55 -45.14 -6.38
CA LEU D 1842 89.38 -43.76 -6.84
C LEU D 1842 89.42 -42.78 -5.68
N LYS D 1843 88.81 -43.14 -4.55
CA LYS D 1843 88.85 -42.27 -3.38
C LYS D 1843 90.28 -42.06 -2.90
N LEU D 1844 91.05 -43.14 -2.80
CA LEU D 1844 92.44 -43.02 -2.35
C LEU D 1844 93.27 -42.20 -3.32
N VAL D 1845 93.09 -42.43 -4.62
CA VAL D 1845 93.85 -41.68 -5.63
C VAL D 1845 93.49 -40.20 -5.56
N SER D 1846 92.21 -39.88 -5.41
CA SER D 1846 91.79 -38.49 -5.30
C SER D 1846 92.38 -37.82 -4.06
N THR D 1847 92.38 -38.53 -2.93
CA THR D 1847 92.93 -37.97 -1.70
C THR D 1847 94.42 -37.68 -1.88
N LEU D 1848 95.17 -38.63 -2.44
CA LEU D 1848 96.59 -38.39 -2.65
C LEU D 1848 96.84 -37.26 -3.64
N LEU D 1849 96.02 -37.19 -4.70
CA LEU D 1849 96.20 -36.16 -5.71
C LEU D 1849 95.95 -34.77 -5.13
N VAL D 1850 94.88 -34.62 -4.32
CA VAL D 1850 94.62 -33.31 -3.74
C VAL D 1850 95.65 -32.97 -2.67
N MET D 1851 96.18 -33.98 -1.97
CA MET D 1851 97.26 -33.72 -1.03
C MET D 1851 98.56 -33.35 -1.74
N GLY D 1852 98.69 -33.72 -3.02
CA GLY D 1852 99.85 -33.31 -3.79
C GLY D 1852 101.03 -34.25 -3.74
N ILE D 1853 100.83 -35.51 -3.34
CA ILE D 1853 101.94 -36.45 -3.25
C ILE D 1853 102.44 -36.82 -4.64
N PHE D 1854 101.53 -36.99 -5.60
CA PHE D 1854 101.91 -37.49 -6.92
C PHE D 1854 102.80 -36.50 -7.64
N GLY D 1855 103.76 -37.02 -8.40
CA GLY D 1855 104.66 -36.22 -9.20
C GLY D 1855 104.15 -36.03 -10.61
N ASP D 1856 105.01 -35.41 -11.43
CA ASP D 1856 104.62 -35.10 -12.81
C ASP D 1856 104.37 -36.38 -13.62
N GLU D 1857 105.28 -37.35 -13.51
CA GLU D 1857 105.10 -38.60 -14.23
C GLU D 1857 103.88 -39.35 -13.74
N ASP D 1858 103.62 -39.32 -12.43
CA ASP D 1858 102.42 -39.96 -11.90
C ASP D 1858 101.16 -39.30 -12.44
N VAL D 1859 101.15 -37.98 -12.54
CA VAL D 1859 100.00 -37.28 -13.10
C VAL D 1859 99.83 -37.64 -14.58
N LYS D 1860 100.93 -37.76 -15.31
CA LYS D 1860 100.83 -38.18 -16.71
C LYS D 1860 100.25 -39.59 -16.83
N GLN D 1861 100.68 -40.50 -15.96
CA GLN D 1861 100.12 -41.85 -15.98
C GLN D 1861 98.64 -41.84 -15.62
N ILE D 1862 98.24 -41.01 -14.67
CA ILE D 1862 96.83 -40.91 -14.31
C ILE D 1862 96.02 -40.38 -15.49
N LEU D 1863 96.56 -39.39 -16.21
CA LEU D 1863 95.86 -38.86 -17.38
C LEU D 1863 95.74 -39.92 -18.47
N LYS D 1864 96.80 -40.72 -18.67
CA LYS D 1864 96.71 -41.83 -19.63
C LYS D 1864 95.64 -42.82 -19.21
N MET D 1865 95.56 -43.13 -17.91
CA MET D 1865 94.54 -44.05 -17.42
C MET D 1865 93.14 -43.49 -17.67
N ILE D 1866 92.96 -42.19 -17.42
CA ILE D 1866 91.64 -41.58 -17.60
C ILE D 1866 91.24 -41.58 -19.08
N GLU D 1867 92.15 -41.16 -19.96
CA GLU D 1867 91.88 -41.18 -21.39
C GLU D 1867 93.18 -41.23 -22.18
N PRO D 1868 93.47 -42.32 -22.87
CA PRO D 1868 94.73 -42.41 -23.63
C PRO D 1868 94.77 -41.54 -24.86
N GLU D 1869 93.61 -41.12 -25.39
CA GLU D 1869 93.59 -40.43 -26.68
C GLU D 1869 93.90 -38.95 -26.55
N VAL D 1870 93.08 -38.21 -25.80
CA VAL D 1870 93.21 -36.75 -25.76
C VAL D 1870 94.48 -36.35 -25.01
N PHE D 1871 94.79 -37.04 -23.92
CA PHE D 1871 95.91 -36.67 -23.06
C PHE D 1871 97.22 -37.34 -23.47
N THR D 1872 97.35 -37.76 -24.72
CA THR D 1872 98.58 -38.36 -25.18
C THR D 1872 99.66 -37.30 -25.36
N GLU D 1873 100.91 -37.74 -25.37
CA GLU D 1873 102.07 -36.86 -25.53
C GLU D 1873 102.69 -37.10 -26.91
N GLU D 1874 102.93 -36.00 -27.62
CA GLU D 1874 103.52 -36.08 -28.96
C GLU D 1874 105.00 -36.41 -28.89
N LEU D 1922 93.07 -51.31 -28.66
CA LEU D 1922 94.12 -50.81 -27.78
C LEU D 1922 93.61 -50.66 -26.35
N GLU D 1923 94.30 -49.82 -25.57
CA GLU D 1923 93.89 -49.59 -24.19
C GLU D 1923 92.57 -48.84 -24.15
N GLU D 1924 91.70 -49.25 -23.22
CA GLU D 1924 90.39 -48.64 -23.05
C GLU D 1924 90.44 -47.69 -21.85
N GLY D 1925 90.05 -46.44 -22.08
CA GLY D 1925 90.08 -45.46 -21.02
C GLY D 1925 88.97 -45.67 -20.00
N LEU D 1926 89.14 -45.04 -18.85
CA LEU D 1926 88.14 -45.13 -17.79
C LEU D 1926 86.83 -44.44 -18.19
N LEU D 1927 86.88 -43.50 -19.12
CA LEU D 1927 85.68 -42.81 -19.57
C LEU D 1927 84.81 -43.69 -20.48
N GLN D 1928 85.44 -44.54 -21.30
CA GLN D 1928 84.68 -45.25 -22.33
C GLN D 1928 83.82 -46.36 -21.74
N MET D 1929 84.33 -47.06 -20.72
CA MET D 1929 83.61 -48.19 -20.18
C MET D 1929 82.35 -47.75 -19.42
N LYS D 1930 81.36 -48.63 -19.39
CA LYS D 1930 80.13 -48.35 -18.67
C LYS D 1930 80.36 -48.47 -17.17
N LEU D 1931 79.91 -47.47 -16.43
CA LEU D 1931 80.17 -47.39 -15.00
C LEU D 1931 78.89 -47.07 -14.24
N PRO D 1932 78.80 -47.49 -12.98
CA PRO D 1932 77.66 -47.08 -12.15
C PRO D 1932 77.75 -45.63 -11.72
N GLU D 1933 76.81 -45.19 -10.87
CA GLU D 1933 76.74 -43.78 -10.51
C GLU D 1933 77.86 -43.37 -9.56
N SER D 1934 78.24 -44.25 -8.63
CA SER D 1934 79.28 -43.91 -7.67
C SER D 1934 80.61 -43.67 -8.36
N VAL D 1935 80.96 -44.51 -9.33
CA VAL D 1935 82.20 -44.33 -10.06
C VAL D 1935 82.17 -43.00 -10.82
N LYS D 1936 81.01 -42.64 -11.37
CA LYS D 1936 80.89 -41.36 -12.06
C LYS D 1936 81.09 -40.20 -11.10
N LEU D 1937 80.55 -40.30 -9.89
CA LEU D 1937 80.75 -39.24 -8.89
C LEU D 1937 82.23 -39.11 -8.53
N GLN D 1938 82.91 -40.24 -8.32
CA GLN D 1938 84.33 -40.19 -8.00
C GLN D 1938 85.14 -39.61 -9.15
N MET D 1939 84.75 -39.91 -10.39
CA MET D 1939 85.48 -39.39 -11.53
C MET D 1939 85.23 -37.89 -11.70
N CYS D 1940 84.02 -37.42 -11.36
CA CYS D 1940 83.78 -35.97 -11.35
C CYS D 1940 84.65 -35.29 -10.30
N ASN D 1941 84.78 -35.91 -9.13
CA ASN D 1941 85.70 -35.38 -8.12
C ASN D 1941 87.14 -35.36 -8.64
N LEU D 1942 87.51 -36.37 -9.42
CA LEU D 1942 88.85 -36.39 -10.03
C LEU D 1942 89.03 -35.23 -11.00
N LEU D 1943 88.02 -34.96 -11.83
CA LEU D 1943 88.16 -33.92 -12.84
C LEU D 1943 88.15 -32.52 -12.24
N GLU D 1944 87.47 -32.35 -11.10
CA GLU D 1944 87.47 -31.04 -10.44
C GLU D 1944 88.88 -30.61 -10.07
N TYR D 1945 89.73 -31.56 -9.66
CA TYR D 1945 91.11 -31.21 -9.32
C TYR D 1945 91.86 -30.65 -10.52
N PHE D 1946 91.71 -31.27 -11.68
CA PHE D 1946 92.41 -30.78 -12.86
C PHE D 1946 91.86 -29.44 -13.32
N CYS D 1947 90.56 -29.22 -13.18
CA CYS D 1947 90.00 -27.90 -13.47
C CYS D 1947 90.60 -26.83 -12.56
N ASP D 1948 90.73 -27.15 -11.26
CA ASP D 1948 91.33 -26.22 -10.32
C ASP D 1948 92.79 -25.96 -10.68
N GLN D 1949 93.52 -27.00 -11.10
CA GLN D 1949 94.91 -26.81 -11.52
C GLN D 1949 95.01 -25.89 -12.72
N GLU D 1950 94.10 -26.03 -13.69
CA GLU D 1950 94.10 -25.13 -14.83
C GLU D 1950 93.84 -23.68 -14.41
N LEU D 1951 92.88 -23.49 -13.50
CA LEU D 1951 92.61 -22.13 -13.02
C LEU D 1951 93.82 -21.53 -12.31
N GLN D 1952 94.48 -22.33 -11.47
CA GLN D 1952 95.65 -21.85 -10.75
C GLN D 1952 96.78 -21.51 -11.71
N HIS D 1953 96.97 -22.34 -12.75
CA HIS D 1953 97.98 -22.03 -13.76
C HIS D 1953 97.68 -20.71 -14.44
N ARG D 1954 96.42 -20.47 -14.79
CA ARG D 1954 96.06 -19.21 -15.44
C ARG D 1954 96.35 -18.02 -14.53
N VAL D 1955 95.97 -18.12 -13.25
CA VAL D 1955 96.17 -16.98 -12.36
C VAL D 1955 97.67 -16.74 -12.11
N GLU D 1956 98.46 -17.80 -12.02
CA GLU D 1956 99.90 -17.64 -11.84
C GLU D 1956 100.54 -17.02 -13.08
N SER D 1957 100.11 -17.42 -14.27
CA SER D 1957 100.62 -16.80 -15.48
C SER D 1957 100.27 -15.32 -15.54
N LEU D 1958 99.04 -14.97 -15.13
CA LEU D 1958 98.66 -13.56 -15.10
C LEU D 1958 99.54 -12.78 -14.12
N ALA D 1959 99.82 -13.35 -12.95
CA ALA D 1959 100.68 -12.68 -11.99
C ALA D 1959 102.09 -12.50 -12.55
N ALA D 1960 102.61 -13.52 -13.23
CA ALA D 1960 103.94 -13.41 -13.82
C ALA D 1960 104.00 -12.32 -14.88
N PHE D 1961 102.97 -12.24 -15.72
CA PHE D 1961 102.93 -11.18 -16.72
C PHE D 1961 102.83 -9.80 -16.06
N ALA D 1962 102.07 -9.70 -14.97
CA ALA D 1962 102.01 -8.43 -14.26
C ALA D 1962 103.39 -8.03 -13.73
N GLU D 1963 104.13 -9.00 -13.18
CA GLU D 1963 105.48 -8.71 -12.73
C GLU D 1963 106.37 -8.25 -13.88
N ARG D 1964 106.27 -8.90 -15.04
CA ARG D 1964 107.10 -8.51 -16.17
C ARG D 1964 106.72 -7.13 -16.70
N TYR D 1965 105.43 -6.77 -16.63
CA TYR D 1965 104.97 -5.53 -17.23
C TYR D 1965 105.17 -4.32 -16.34
N VAL D 1966 105.12 -4.49 -15.02
CA VAL D 1966 105.23 -3.36 -14.10
C VAL D 1966 106.60 -2.71 -14.23
N ASP D 1967 107.66 -3.51 -14.34
CA ASP D 1967 109.01 -2.94 -14.45
C ASP D 1967 109.16 -2.11 -15.71
N LYS D 1968 108.65 -2.61 -16.84
CA LYS D 1968 108.71 -1.85 -18.09
C LYS D 1968 107.91 -0.56 -17.98
N LEU D 1969 106.73 -0.64 -17.36
CA LEU D 1969 105.92 0.57 -17.18
C LEU D 1969 106.65 1.60 -16.33
N GLN D 1970 107.29 1.15 -15.25
CA GLN D 1970 108.03 2.08 -14.38
C GLN D 1970 109.20 2.71 -15.11
N ALA D 1971 109.95 1.91 -15.88
CA ALA D 1971 111.08 2.46 -16.63
C ALA D 1971 110.61 3.48 -17.67
N ASN D 1972 109.52 3.17 -18.38
CA ASN D 1972 108.99 4.10 -19.37
C ASN D 1972 108.53 5.39 -18.70
N GLN D 1973 107.85 5.27 -17.55
CA GLN D 1973 107.40 6.47 -16.85
C GLN D 1973 108.58 7.32 -16.37
N ARG D 1974 109.65 6.66 -15.90
CA ARG D 1974 110.83 7.42 -15.49
C ARG D 1974 111.45 8.16 -16.66
N SER D 1975 111.54 7.49 -17.82
CA SER D 1975 112.08 8.16 -19.00
C SER D 1975 111.21 9.34 -19.43
N ARG D 1976 109.87 9.15 -19.40
CA ARG D 1976 108.98 10.23 -19.77
C ARG D 1976 109.06 11.39 -18.78
N TYR D 1977 109.25 11.09 -17.49
CA TYR D 1977 109.41 12.14 -16.50
C TYR D 1977 110.72 12.91 -16.74
N ALA D 1978 111.78 12.19 -17.08
CA ALA D 1978 113.04 12.86 -17.40
C ALA D 1978 112.88 13.79 -18.59
N LEU D 1979 112.14 13.35 -19.61
CA LEU D 1979 111.87 14.22 -20.76
C LEU D 1979 110.99 15.40 -20.37
N LEU D 1980 110.00 15.17 -19.51
CA LEU D 1980 109.00 16.20 -19.22
C LEU D 1980 109.57 17.29 -18.32
N MET D 1981 110.35 16.92 -17.30
CA MET D 1981 110.89 17.90 -16.38
C MET D 1981 111.84 18.86 -17.09
N ARG D 1982 112.65 18.33 -18.02
CA ARG D 1982 113.55 19.16 -18.79
C ARG D 1982 112.82 20.10 -19.74
N ALA D 1983 111.57 19.81 -20.08
CA ALA D 1983 110.82 20.60 -21.04
C ALA D 1983 110.40 21.93 -20.45
N PHE D 1984 111.36 22.83 -20.24
CA PHE D 1984 111.06 24.16 -19.72
C PHE D 1984 110.64 25.15 -20.80
N THR D 1985 110.80 24.80 -22.07
CA THR D 1985 110.42 25.71 -23.14
C THR D 1985 108.90 25.83 -23.25
N MET D 1986 108.22 24.72 -23.53
CA MET D 1986 106.77 24.68 -23.57
C MET D 1986 106.24 24.49 -22.15
N SER D 1987 106.19 25.61 -21.42
CA SER D 1987 105.79 25.55 -20.01
C SER D 1987 104.35 25.08 -19.86
N ALA D 1988 103.44 25.60 -20.68
CA ALA D 1988 102.03 25.21 -20.58
C ALA D 1988 101.85 23.73 -20.90
N ALA D 1989 102.47 23.25 -21.96
CA ALA D 1989 102.37 21.84 -22.32
C ALA D 1989 102.98 20.96 -21.24
N GLU D 1990 104.11 21.38 -20.67
CA GLU D 1990 104.74 20.62 -19.60
C GLU D 1990 103.84 20.55 -18.38
N THR D 1991 103.22 21.67 -18.00
CA THR D 1991 102.32 21.67 -16.86
C THR D 1991 101.10 20.79 -17.11
N ALA D 1992 100.55 20.85 -18.33
CA ALA D 1992 99.41 20.00 -18.66
C ALA D 1992 99.76 18.53 -18.59
N ARG D 1993 100.92 18.15 -19.15
CA ARG D 1993 101.35 16.75 -19.12
C ARG D 1993 101.61 16.30 -17.68
N ARG D 1994 102.21 17.17 -16.87
CA ARG D 1994 102.46 16.83 -15.47
C ARG D 1994 101.15 16.61 -14.72
N THR D 1995 100.17 17.51 -14.92
CA THR D 1995 98.88 17.34 -14.27
C THR D 1995 98.16 16.09 -14.77
N ARG D 1996 98.38 15.73 -16.03
CA ARG D 1996 97.69 14.55 -16.59
C ARG D 1996 98.27 13.26 -16.03
N GLU D 1997 99.58 13.06 -16.19
CA GLU D 1997 100.17 11.76 -15.86
C GLU D 1997 100.76 11.71 -14.46
N PHE D 1998 101.39 12.78 -14.00
CA PHE D 1998 102.01 12.81 -12.68
C PHE D 1998 101.11 13.55 -11.70
N ARG D 1999 101.59 13.75 -10.48
CA ARG D 1999 100.87 14.49 -9.44
C ARG D 1999 99.47 13.93 -9.22
N SER D 2000 99.35 12.62 -9.25
CA SER D 2000 98.08 11.92 -9.09
C SER D 2000 98.30 10.71 -8.20
N PRO D 2001 97.24 10.21 -7.58
CA PRO D 2001 97.36 8.96 -6.82
C PRO D 2001 97.83 7.84 -7.73
N PRO D 2002 98.63 6.91 -7.20
CA PRO D 2002 99.16 5.83 -8.05
C PRO D 2002 98.08 4.99 -8.71
N GLN D 2003 96.97 4.74 -8.00
CA GLN D 2003 95.89 3.94 -8.59
C GLN D 2003 95.27 4.64 -9.80
N GLU D 2004 94.98 5.94 -9.65
CA GLU D 2004 94.42 6.69 -10.77
C GLU D 2004 95.42 6.79 -11.91
N GLN D 2005 96.70 6.95 -11.58
CA GLN D 2005 97.73 7.04 -12.61
C GLN D 2005 97.82 5.75 -13.41
N ILE D 2006 97.80 4.60 -12.73
CA ILE D 2006 97.90 3.34 -13.43
C ILE D 2006 96.61 3.04 -14.21
N ASN D 2007 95.45 3.48 -13.69
CA ASN D 2007 94.22 3.35 -14.46
C ASN D 2007 94.28 4.16 -15.75
N MET D 2008 94.79 5.39 -15.67
CA MET D 2008 94.94 6.21 -16.87
C MET D 2008 95.93 5.58 -17.84
N LEU D 2009 97.01 5.00 -17.32
CA LEU D 2009 97.98 4.35 -18.19
C LEU D 2009 97.38 3.13 -18.89
N LEU D 2010 96.57 2.35 -18.18
CA LEU D 2010 96.02 1.13 -18.75
C LEU D 2010 94.76 1.38 -19.59
N HIS D 2011 94.14 2.55 -19.50
CA HIS D 2011 92.91 2.83 -20.25
C HIS D 2011 93.31 3.21 -21.67
N PHE D 2012 93.63 2.18 -22.47
CA PHE D 2012 93.95 2.39 -23.88
C PHE D 2012 93.38 1.29 -24.77
N LYS D 2013 92.36 0.55 -24.31
CA LYS D 2013 91.86 -0.57 -25.08
C LYS D 2013 91.28 -0.13 -26.42
N ASP D 2014 90.53 0.98 -26.42
CA ASP D 2014 89.92 1.46 -27.64
C ASP D 2014 90.92 2.23 -28.49
N GLU D 2015 90.61 2.34 -29.79
CA GLU D 2015 91.48 3.07 -30.71
C GLU D 2015 91.55 4.54 -30.32
N ALA D 2016 90.42 5.14 -29.96
CA ALA D 2016 90.42 6.53 -29.51
C ALA D 2016 91.23 6.71 -28.24
N ASP D 2017 91.09 5.77 -27.30
CA ASP D 2017 91.86 5.83 -26.06
C ASP D 2017 93.35 5.62 -26.28
N GLU D 2018 93.72 4.94 -27.38
CA GLU D 2018 95.13 4.72 -27.66
C GLU D 2018 95.87 6.05 -27.88
N GLU D 2019 95.24 6.97 -28.60
CA GLU D 2019 95.86 8.28 -28.82
C GLU D 2019 95.99 9.06 -27.52
N ASP D 2020 94.97 9.01 -26.66
CA ASP D 2020 95.03 9.71 -25.38
C ASP D 2020 96.10 9.13 -24.48
N CYS D 2021 96.25 7.81 -24.47
CA CYS D 2021 97.26 7.18 -23.62
C CYS D 2021 98.65 7.47 -24.17
N PRO D 2022 99.60 7.88 -23.33
CA PRO D 2022 100.96 8.18 -23.79
C PRO D 2022 101.87 6.97 -23.94
N LEU D 2023 101.35 5.75 -23.76
CA LEU D 2023 102.19 4.57 -23.84
C LEU D 2023 102.65 4.33 -25.28
N PRO D 2024 103.85 3.79 -25.45
CA PRO D 2024 104.36 3.53 -26.80
C PRO D 2024 103.65 2.35 -27.45
N GLU D 2025 103.81 2.26 -28.78
CA GLU D 2025 103.12 1.25 -29.56
C GLU D 2025 103.54 -0.16 -29.15
N ASP D 2026 104.85 -0.38 -28.94
CA ASP D 2026 105.31 -1.70 -28.55
C ASP D 2026 104.80 -2.08 -27.15
N ILE D 2027 104.81 -1.12 -26.23
CA ILE D 2027 104.33 -1.38 -24.87
C ILE D 2027 102.86 -1.74 -24.89
N ARG D 2028 102.07 -1.05 -25.73
CA ARG D 2028 100.65 -1.38 -25.86
C ARG D 2028 100.46 -2.74 -26.53
N GLN D 2029 101.27 -3.04 -27.55
CA GLN D 2029 101.14 -4.29 -28.28
C GLN D 2029 101.47 -5.49 -27.41
N ASP D 2030 102.39 -5.33 -26.46
CA ASP D 2030 102.68 -6.41 -25.52
C ASP D 2030 101.43 -6.80 -24.75
N LEU D 2031 100.73 -5.82 -24.20
CA LEU D 2031 99.50 -6.10 -23.46
C LEU D 2031 98.42 -6.66 -24.36
N GLN D 2032 98.32 -6.14 -25.60
CA GLN D 2032 97.33 -6.67 -26.53
C GLN D 2032 97.58 -8.15 -26.83
N ASP D 2033 98.85 -8.50 -27.08
CA ASP D 2033 99.18 -9.89 -27.37
C ASP D 2033 98.92 -10.79 -26.17
N PHE D 2034 99.26 -10.32 -24.97
CA PHE D 2034 99.00 -11.14 -23.79
C PHE D 2034 97.51 -11.33 -23.58
N HIS D 2035 96.71 -10.28 -23.80
CA HIS D 2035 95.27 -10.42 -23.65
C HIS D 2035 94.69 -11.40 -24.67
N GLN D 2036 95.18 -11.34 -25.92
CA GLN D 2036 94.74 -12.30 -26.92
C GLN D 2036 95.10 -13.73 -26.53
N ASP D 2037 96.31 -13.92 -26.02
CA ASP D 2037 96.72 -15.26 -25.58
C ASP D 2037 95.88 -15.73 -24.40
N LEU D 2038 95.55 -14.82 -23.49
CA LEU D 2038 94.70 -15.18 -22.35
C LEU D 2038 93.31 -15.62 -22.81
N LEU D 2039 92.74 -14.89 -23.77
CA LEU D 2039 91.44 -15.30 -24.31
C LEU D 2039 91.53 -16.65 -25.01
N ALA D 2040 92.62 -16.88 -25.76
CA ALA D 2040 92.80 -18.16 -26.41
C ALA D 2040 92.90 -19.30 -25.40
N HIS D 2041 93.64 -19.09 -24.32
CA HIS D 2041 93.74 -20.10 -23.28
C HIS D 2041 92.40 -20.36 -22.61
N CYS D 2042 91.65 -19.29 -22.31
CA CYS D 2042 90.34 -19.45 -21.70
C CYS D 2042 89.34 -20.10 -22.65
N GLY D 2043 89.61 -20.07 -23.95
CA GLY D 2043 88.75 -20.69 -24.92
C GLY D 2043 87.73 -19.78 -25.58
N ILE D 2044 87.89 -18.46 -25.44
CA ILE D 2044 86.96 -17.50 -26.04
C ILE D 2044 87.48 -17.25 -27.46
N GLN D 2045 87.07 -18.11 -28.39
CA GLN D 2045 87.49 -18.00 -29.77
C GLN D 2045 86.51 -18.70 -30.70
N LYS D 2089 84.21 -36.18 -33.98
CA LYS D 2089 84.78 -35.01 -33.31
C LYS D 2089 85.57 -35.42 -32.08
N LYS D 2090 86.84 -35.75 -32.28
CA LYS D 2090 87.69 -36.16 -31.17
C LYS D 2090 88.04 -34.93 -30.31
N PRO D 2091 87.77 -34.97 -29.01
CA PRO D 2091 88.12 -33.82 -28.16
C PRO D 2091 89.62 -33.59 -28.12
N GLN D 2092 90.01 -32.32 -27.99
CA GLN D 2092 91.40 -31.93 -27.95
C GLN D 2092 91.82 -31.29 -26.63
N SER D 2093 90.89 -31.07 -25.70
CA SER D 2093 91.20 -30.38 -24.47
C SER D 2093 90.28 -30.86 -23.36
N LEU D 2094 90.64 -30.51 -22.13
CA LEU D 2094 89.88 -30.93 -20.96
C LEU D 2094 88.47 -30.37 -20.98
N GLN D 2095 88.31 -29.12 -21.45
CA GLN D 2095 86.99 -28.52 -21.49
C GLN D 2095 86.05 -29.28 -22.42
N GLU D 2096 86.52 -29.56 -23.64
CA GLU D 2096 85.71 -30.33 -24.58
C GLU D 2096 85.44 -31.72 -24.05
N LEU D 2097 86.45 -32.36 -23.46
CA LEU D 2097 86.26 -33.71 -22.93
C LEU D 2097 85.18 -33.73 -21.86
N VAL D 2098 85.25 -32.80 -20.91
CA VAL D 2098 84.29 -32.77 -19.81
C VAL D 2098 82.89 -32.46 -20.32
N SER D 2099 82.77 -31.48 -21.22
CA SER D 2099 81.45 -31.12 -21.75
C SER D 2099 80.82 -32.30 -22.48
N HIS D 2100 81.59 -32.94 -23.36
CA HIS D 2100 81.06 -34.08 -24.12
C HIS D 2100 80.69 -35.23 -23.19
N MET D 2101 81.53 -35.49 -22.18
CA MET D 2101 81.23 -36.60 -21.27
C MET D 2101 79.96 -36.32 -20.47
N VAL D 2102 79.79 -35.09 -19.99
CA VAL D 2102 78.59 -34.77 -19.21
C VAL D 2102 77.34 -34.89 -20.08
N VAL D 2103 77.39 -34.32 -21.29
CA VAL D 2103 76.24 -34.37 -22.17
C VAL D 2103 75.91 -35.81 -22.54
N ARG D 2104 76.93 -36.61 -22.85
CA ARG D 2104 76.70 -38.00 -23.23
C ARG D 2104 76.14 -38.80 -22.06
N TRP D 2105 76.61 -38.54 -20.85
CA TRP D 2105 76.07 -39.23 -19.68
C TRP D 2105 74.59 -38.89 -19.50
N ALA D 2106 74.26 -37.60 -19.53
CA ALA D 2106 72.87 -37.19 -19.35
C ALA D 2106 71.98 -37.74 -20.44
N GLN D 2107 72.50 -37.88 -21.67
CA GLN D 2107 71.73 -38.49 -22.74
C GLN D 2107 71.60 -40.00 -22.55
N GLU D 2108 72.63 -40.65 -22.01
CA GLU D 2108 72.62 -42.10 -21.89
C GLU D 2108 71.69 -42.58 -20.79
N ASP D 2109 71.62 -41.87 -19.66
CA ASP D 2109 70.73 -42.34 -18.61
C ASP D 2109 70.13 -41.17 -17.84
N TYR D 2110 68.97 -41.44 -17.24
CA TYR D 2110 68.29 -40.49 -16.37
C TYR D 2110 68.87 -40.65 -14.97
N VAL D 2111 69.74 -39.73 -14.57
CA VAL D 2111 70.47 -39.87 -13.33
C VAL D 2111 69.51 -39.70 -12.15
N GLN D 2112 69.56 -40.63 -11.21
CA GLN D 2112 68.70 -40.62 -10.04
C GLN D 2112 69.40 -40.11 -8.78
N SER D 2113 70.65 -39.66 -8.90
CA SER D 2113 71.41 -39.19 -7.73
C SER D 2113 71.49 -37.67 -7.75
N PRO D 2114 70.85 -36.98 -6.80
CA PRO D 2114 70.97 -35.51 -6.78
C PRO D 2114 72.39 -35.01 -6.64
N GLU D 2115 73.21 -35.69 -5.84
CA GLU D 2115 74.61 -35.29 -5.70
C GLU D 2115 75.35 -35.43 -7.02
N LEU D 2116 75.14 -36.55 -7.72
CA LEU D 2116 75.79 -36.74 -9.01
C LEU D 2116 75.33 -35.68 -10.01
N VAL D 2117 74.03 -35.38 -10.04
CA VAL D 2117 73.51 -34.39 -10.97
C VAL D 2117 74.13 -33.02 -10.70
N ARG D 2118 74.17 -32.62 -9.43
CA ARG D 2118 74.80 -31.37 -9.05
C ARG D 2118 76.26 -31.35 -9.46
N ALA D 2119 76.95 -32.47 -9.28
CA ALA D 2119 78.37 -32.54 -9.64
C ALA D 2119 78.55 -32.33 -11.14
N MET D 2120 77.78 -33.04 -11.98
CA MET D 2120 77.98 -32.91 -13.42
C MET D 2120 77.66 -31.51 -13.88
N PHE D 2121 76.57 -30.92 -13.37
CA PHE D 2121 76.18 -29.61 -13.88
C PHE D 2121 77.11 -28.52 -13.39
N SER D 2122 77.58 -28.60 -12.14
CA SER D 2122 78.57 -27.65 -11.66
C SER D 2122 79.88 -27.75 -12.43
N LEU D 2123 80.29 -28.98 -12.76
CA LEU D 2123 81.49 -29.15 -13.57
C LEU D 2123 81.30 -28.60 -14.98
N LEU D 2124 80.11 -28.80 -15.55
CA LEU D 2124 79.84 -28.33 -16.91
C LEU D 2124 79.81 -26.81 -16.99
N HIS D 2125 79.28 -26.16 -15.95
CA HIS D 2125 79.15 -24.70 -15.99
C HIS D 2125 80.51 -24.02 -16.09
N ARG D 2126 81.51 -24.55 -15.39
CA ARG D 2126 82.83 -23.91 -15.36
C ARG D 2126 83.47 -23.90 -16.74
N GLN D 2127 83.33 -24.99 -17.49
CA GLN D 2127 83.96 -25.07 -18.80
C GLN D 2127 83.45 -23.98 -19.73
N TYR D 2128 82.14 -23.72 -19.70
CA TYR D 2128 81.58 -22.64 -20.51
C TYR D 2128 81.98 -21.28 -19.95
N ASP D 2129 81.83 -21.08 -18.65
CA ASP D 2129 82.17 -19.81 -18.01
C ASP D 2129 83.56 -19.85 -17.38
N GLY D 2130 84.56 -20.22 -18.17
CA GLY D 2130 85.94 -20.18 -17.68
C GLY D 2130 86.40 -18.76 -17.35
N LEU D 2131 86.04 -17.78 -18.19
CA LEU D 2131 86.47 -16.42 -17.95
C LEU D 2131 85.89 -15.85 -16.66
N GLY D 2132 84.60 -16.11 -16.41
CA GLY D 2132 84.00 -15.66 -15.16
C GLY D 2132 84.63 -16.28 -13.94
N GLU D 2133 85.07 -17.53 -14.05
CA GLU D 2133 85.77 -18.17 -12.94
C GLU D 2133 87.05 -17.43 -12.60
N LEU D 2134 87.83 -17.05 -13.61
CA LEU D 2134 89.03 -16.25 -13.37
C LEU D 2134 88.67 -14.89 -12.81
N LEU D 2135 87.58 -14.29 -13.29
CA LEU D 2135 87.17 -12.99 -12.80
C LEU D 2135 86.84 -13.03 -11.31
N ARG D 2136 86.14 -14.09 -10.87
CA ARG D 2136 85.83 -14.21 -9.45
C ARG D 2136 87.00 -14.74 -8.62
N ALA D 2137 88.00 -15.37 -9.25
CA ALA D 2137 89.15 -15.85 -8.52
C ALA D 2137 90.22 -14.78 -8.33
N LEU D 2138 90.25 -13.78 -9.21
CA LEU D 2138 91.23 -12.70 -9.08
C LEU D 2138 91.18 -11.96 -7.74
N PRO D 2139 90.02 -11.68 -7.13
CA PRO D 2139 90.02 -10.97 -5.84
C PRO D 2139 90.85 -11.66 -4.77
N ARG D 2140 90.95 -12.99 -4.77
CA ARG D 2140 91.75 -13.68 -3.76
C ARG D 2140 93.23 -13.75 -4.12
N ALA D 2141 93.62 -13.29 -5.30
CA ALA D 2141 95.03 -13.30 -5.67
C ALA D 2141 95.79 -12.21 -4.93
N TYR D 2142 97.06 -12.48 -4.67
CA TYR D 2142 97.92 -11.54 -3.95
C TYR D 2142 99.37 -11.82 -4.31
N THR D 2143 100.16 -10.75 -4.38
CA THR D 2143 101.58 -10.84 -4.71
C THR D 2143 102.40 -10.26 -3.56
N ILE D 2144 103.40 -11.00 -3.11
CA ILE D 2144 104.25 -10.60 -1.99
C ILE D 2144 105.70 -10.63 -2.43
N SER D 2145 106.53 -9.94 -1.66
CA SER D 2145 107.96 -9.91 -1.93
C SER D 2145 108.61 -11.23 -1.53
N PRO D 2146 109.70 -11.62 -2.19
CA PRO D 2146 110.37 -12.88 -1.83
C PRO D 2146 110.98 -12.87 -0.43
N SER D 2147 111.18 -11.70 0.16
CA SER D 2147 111.81 -11.62 1.48
C SER D 2147 110.83 -11.84 2.63
N SER D 2148 109.53 -11.89 2.36
CA SER D 2148 108.52 -12.08 3.39
C SER D 2148 107.86 -13.45 3.32
N VAL D 2149 108.42 -14.38 2.54
CA VAL D 2149 107.76 -15.67 2.33
C VAL D 2149 107.75 -16.48 3.61
N GLU D 2150 108.81 -16.40 4.42
CA GLU D 2150 108.86 -17.17 5.66
C GLU D 2150 107.77 -16.72 6.63
N ASP D 2151 107.63 -15.40 6.81
CA ASP D 2151 106.60 -14.89 7.70
C ASP D 2151 105.20 -15.13 7.13
N THR D 2152 105.04 -15.07 5.81
CA THR D 2152 103.75 -15.40 5.22
C THR D 2152 103.38 -16.86 5.47
N MET D 2153 104.36 -17.76 5.35
CA MET D 2153 104.11 -19.18 5.64
C MET D 2153 103.76 -19.38 7.11
N SER D 2154 104.45 -18.65 8.00
CA SER D 2154 104.11 -18.73 9.42
C SER D 2154 102.69 -18.26 9.68
N LEU D 2155 102.28 -17.17 9.03
CA LEU D 2155 100.92 -16.67 9.18
C LEU D 2155 99.90 -17.69 8.67
N LEU D 2156 100.19 -18.32 7.53
CA LEU D 2156 99.29 -19.34 7.01
C LEU D 2156 99.18 -20.53 7.96
N GLU D 2157 100.30 -20.95 8.53
CA GLU D 2157 100.27 -22.05 9.49
C GLU D 2157 99.45 -21.69 10.73
N CYS D 2158 99.60 -20.45 11.21
CA CYS D 2158 98.80 -20.02 12.36
C CYS D 2158 97.31 -19.96 12.02
N LEU D 2159 96.98 -19.49 10.82
CA LEU D 2159 95.57 -19.39 10.42
C LEU D 2159 94.95 -20.75 10.19
N GLY D 2160 95.75 -21.74 9.78
CA GLY D 2160 95.21 -23.06 9.54
C GLY D 2160 94.62 -23.69 10.78
N GLN D 2161 95.28 -23.53 11.93
CA GLN D 2161 94.75 -24.08 13.17
C GLN D 2161 93.44 -23.40 13.56
N ILE D 2162 93.36 -22.08 13.40
CA ILE D 2162 92.13 -21.37 13.72
C ILE D 2162 90.99 -21.84 12.83
N ARG D 2163 91.26 -22.01 11.54
CA ARG D 2163 90.22 -22.54 10.65
C ARG D 2163 89.82 -23.95 11.02
N SER D 2164 90.79 -24.78 11.42
CA SER D 2164 90.49 -26.18 11.73
C SER D 2164 89.69 -26.31 13.02
N LEU D 2165 89.90 -25.41 13.98
CA LEU D 2165 89.20 -25.50 15.25
C LEU D 2165 87.77 -25.01 15.20
N LEU D 2166 87.25 -24.69 14.01
CA LEU D 2166 85.84 -24.32 13.89
C LEU D 2166 84.93 -25.54 14.03
N ILE D 2167 85.32 -26.66 13.41
CA ILE D 2167 84.47 -27.85 13.40
C ILE D 2167 84.47 -28.59 14.73
N VAL D 2168 85.30 -28.18 15.68
CA VAL D 2168 85.40 -28.83 16.98
C VAL D 2168 84.63 -28.01 18.00
N GLN D 2169 83.90 -28.68 18.88
CA GLN D 2169 83.22 -28.00 19.97
C GLN D 2169 84.25 -27.38 20.90
N MET D 2170 83.97 -26.17 21.35
CA MET D 2170 84.96 -25.38 22.07
C MET D 2170 85.21 -25.98 23.46
N GLY D 2171 86.48 -26.08 23.84
CA GLY D 2171 86.87 -26.60 25.13
C GLY D 2171 88.07 -25.87 25.69
N PRO D 2172 88.58 -26.32 26.83
CA PRO D 2172 89.74 -25.62 27.44
C PRO D 2172 90.99 -25.68 26.58
N GLN D 2173 91.36 -26.87 26.10
CA GLN D 2173 92.55 -27.01 25.28
C GLN D 2173 92.41 -26.23 23.97
N GLU D 2174 91.24 -26.31 23.34
CA GLU D 2174 91.01 -25.56 22.11
C GLU D 2174 91.10 -24.06 22.36
N GLU D 2175 90.54 -23.59 23.48
CA GLU D 2175 90.62 -22.19 23.83
C GLU D 2175 92.08 -21.75 23.99
N ASN D 2176 92.88 -22.56 24.69
CA ASN D 2176 94.28 -22.22 24.87
C ASN D 2176 95.02 -22.17 23.54
N LEU D 2177 94.74 -23.13 22.66
CA LEU D 2177 95.38 -23.14 21.34
C LEU D 2177 95.02 -21.89 20.55
N MET D 2178 93.74 -21.48 20.59
CA MET D 2178 93.37 -20.25 19.89
C MET D 2178 93.99 -19.02 20.54
N ILE D 2179 94.16 -19.01 21.86
CA ILE D 2179 94.85 -17.88 22.50
C ILE D 2179 96.26 -17.76 21.95
N GLN D 2180 96.99 -18.90 21.92
CA GLN D 2180 98.35 -18.86 21.40
C GLN D 2180 98.39 -18.46 19.93
N SER D 2181 97.46 -18.99 19.14
CA SER D 2181 97.46 -18.67 17.70
C SER D 2181 97.17 -17.18 17.47
N ILE D 2182 96.21 -16.62 18.21
CA ILE D 2182 95.91 -15.20 18.08
C ILE D 2182 97.09 -14.36 18.51
N GLY D 2183 97.76 -14.76 19.60
CA GLY D 2183 98.95 -14.03 20.02
C GLY D 2183 100.03 -14.03 18.96
N ASN D 2184 100.27 -15.19 18.33
CA ASN D 2184 101.24 -15.26 17.24
C ASN D 2184 100.82 -14.39 16.06
N ILE D 2185 99.50 -14.35 15.78
CA ILE D 2185 99.01 -13.52 14.69
C ILE D 2185 99.32 -12.05 14.96
N MET D 2186 99.06 -11.59 16.19
CA MET D 2186 99.37 -10.20 16.52
C MET D 2186 100.87 -9.94 16.44
N ASN D 2187 101.69 -10.84 16.97
CA ASN D 2187 103.13 -10.61 16.97
C ASN D 2187 103.74 -10.69 15.57
N ASN D 2188 103.09 -11.35 14.63
CA ASN D 2188 103.61 -11.41 13.27
C ASN D 2188 103.58 -10.03 12.63
N LYS D 2189 104.66 -9.70 11.90
CA LYS D 2189 104.80 -8.37 11.32
C LYS D 2189 103.93 -8.18 10.09
N VAL D 2190 103.62 -9.26 9.37
CA VAL D 2190 102.81 -9.15 8.15
C VAL D 2190 101.39 -8.72 8.48
N PHE D 2191 100.95 -8.84 9.73
CA PHE D 2191 99.59 -8.48 10.08
C PHE D 2191 99.32 -6.99 9.85
N TYR D 2192 100.25 -6.13 10.26
CA TYR D 2192 100.07 -4.70 10.10
C TYR D 2192 100.80 -4.14 8.88
N GLN D 2193 101.45 -4.98 8.09
CA GLN D 2193 102.10 -4.53 6.86
C GLN D 2193 101.29 -4.86 5.61
N HIS D 2194 100.39 -5.85 5.66
CA HIS D 2194 99.53 -6.21 4.54
C HIS D 2194 98.09 -6.33 5.04
N PRO D 2195 97.47 -5.20 5.42
CA PRO D 2195 96.06 -5.26 5.80
C PRO D 2195 95.15 -5.71 4.68
N ASN D 2196 95.50 -5.39 3.43
CA ASN D 2196 94.71 -5.89 2.30
C ASN D 2196 94.77 -7.40 2.22
N LEU D 2197 95.96 -7.98 2.44
CA LEU D 2197 96.09 -9.43 2.44
C LEU D 2197 95.29 -10.04 3.60
N MET D 2198 95.35 -9.41 4.78
CA MET D 2198 94.58 -9.91 5.92
C MET D 2198 93.08 -9.89 5.61
N ARG D 2199 92.60 -8.80 5.00
CA ARG D 2199 91.19 -8.71 4.64
C ARG D 2199 90.82 -9.75 3.59
N ALA D 2200 91.69 -9.97 2.60
CA ALA D 2200 91.41 -10.97 1.57
C ALA D 2200 91.33 -12.36 2.18
N LEU D 2201 92.22 -12.68 3.11
CA LEU D 2201 92.11 -13.96 3.82
C LEU D 2201 90.87 -14.00 4.69
N GLY D 2202 90.40 -12.85 5.15
CA GLY D 2202 89.16 -12.77 5.90
C GLY D 2202 89.18 -13.45 7.25
N MET D 2203 90.25 -13.24 8.03
CA MET D 2203 90.32 -13.84 9.36
C MET D 2203 89.39 -13.15 10.36
N HIS D 2204 88.97 -11.91 10.08
CA HIS D 2204 88.05 -11.23 10.98
C HIS D 2204 86.73 -11.98 11.07
N GLU D 2205 86.21 -12.44 9.92
CA GLU D 2205 84.99 -13.24 9.94
C GLU D 2205 85.20 -14.55 10.69
N THR D 2206 86.38 -15.15 10.56
CA THR D 2206 86.66 -16.40 11.28
C THR D 2206 86.62 -16.19 12.79
N VAL D 2207 87.33 -15.18 13.28
CA VAL D 2207 87.32 -14.93 14.72
C VAL D 2207 85.94 -14.48 15.18
N MET D 2208 85.18 -13.80 14.31
CA MET D 2208 83.81 -13.45 14.64
C MET D 2208 82.95 -14.68 14.84
N GLU D 2209 83.08 -15.67 13.95
CA GLU D 2209 82.31 -16.90 14.12
C GLU D 2209 82.75 -17.68 15.35
N VAL D 2210 84.05 -17.64 15.68
CA VAL D 2210 84.48 -18.25 16.94
C VAL D 2210 83.82 -17.59 18.13
N MET D 2211 83.78 -16.26 18.13
CA MET D 2211 83.13 -15.54 19.23
C MET D 2211 81.65 -15.85 19.29
N VAL D 2212 80.99 -15.93 18.13
CA VAL D 2212 79.57 -16.24 18.11
C VAL D 2212 79.31 -17.64 18.66
N ASN D 2213 80.15 -18.61 18.27
CA ASN D 2213 79.99 -19.97 18.77
C ASN D 2213 80.19 -20.04 20.28
N VAL D 2214 81.21 -19.34 20.80
CA VAL D 2214 81.45 -19.40 22.23
C VAL D 2214 80.35 -18.66 22.99
N LEU D 2215 79.76 -17.62 22.39
CA LEU D 2215 78.68 -16.89 23.04
C LEU D 2215 77.39 -17.71 23.07
N GLY D 2216 77.12 -18.45 21.99
CA GLY D 2216 75.92 -19.25 21.90
C GLY D 2216 75.88 -20.43 22.85
N ILE D 2223 79.38 -16.07 31.18
CA ILE D 2223 79.57 -16.82 29.95
C ILE D 2223 80.87 -17.63 30.04
N ARG D 2224 80.89 -18.78 29.36
CA ARG D 2224 82.07 -19.63 29.38
C ARG D 2224 83.18 -19.04 28.51
N PHE D 2225 84.41 -19.41 28.84
CA PHE D 2225 85.61 -18.98 28.13
C PHE D 2225 85.71 -17.45 28.01
N PRO D 2226 85.69 -16.73 29.15
CA PRO D 2226 85.87 -15.28 29.09
C PRO D 2226 87.22 -14.87 28.53
N LYS D 2227 88.26 -15.67 28.75
CA LYS D 2227 89.55 -15.38 28.15
C LYS D 2227 89.47 -15.43 26.63
N MET D 2228 88.77 -16.44 26.09
CA MET D 2228 88.58 -16.52 24.65
C MET D 2228 87.79 -15.33 24.13
N VAL D 2229 86.72 -14.94 24.84
CA VAL D 2229 85.92 -13.80 24.41
C VAL D 2229 86.78 -12.53 24.40
N THR D 2230 87.56 -12.32 25.47
CA THR D 2230 88.41 -11.14 25.56
C THR D 2230 89.46 -11.12 24.46
N SER D 2231 90.06 -12.27 24.17
CA SER D 2231 91.06 -12.33 23.11
C SER D 2231 90.45 -12.00 21.75
N CYS D 2232 89.27 -12.56 21.47
CA CYS D 2232 88.62 -12.25 20.20
C CYS D 2232 88.29 -10.77 20.10
N CYS D 2233 87.75 -10.18 21.18
CA CYS D 2233 87.38 -8.78 21.14
C CYS D 2233 88.60 -7.88 20.99
N ARG D 2234 89.71 -8.19 21.67
CA ARG D 2234 90.90 -7.38 21.53
C ARG D 2234 91.53 -7.53 20.16
N PHE D 2235 91.46 -8.73 19.57
CA PHE D 2235 91.94 -8.91 18.21
C PHE D 2235 91.12 -8.07 17.24
N LEU D 2236 89.79 -8.06 17.40
CA LEU D 2236 88.97 -7.24 16.51
C LEU D 2236 89.23 -5.75 16.71
N CYS D 2237 89.44 -5.31 17.95
CA CYS D 2237 89.75 -3.91 18.20
C CYS D 2237 91.07 -3.52 17.55
N TYR D 2238 92.09 -4.36 17.68
CA TYR D 2238 93.38 -4.09 17.04
C TYR D 2238 93.24 -4.07 15.53
N PHE D 2239 92.47 -5.01 14.98
CA PHE D 2239 92.24 -5.04 13.53
C PHE D 2239 91.56 -3.76 13.06
N CYS D 2240 90.59 -3.27 13.82
CA CYS D 2240 89.95 -2.01 13.48
C CYS D 2240 90.93 -0.85 13.55
N ARG D 2241 91.78 -0.84 14.57
CA ARG D 2241 92.76 0.23 14.72
C ARG D 2241 93.84 0.20 13.64
N ILE D 2242 94.04 -0.95 12.99
CA ILE D 2242 95.08 -1.05 11.95
C ILE D 2242 94.86 0.00 10.88
N SER D 2243 93.72 -0.05 10.20
CA SER D 2243 93.47 0.83 9.07
C SER D 2243 91.97 1.12 8.98
N ARG D 2244 91.64 2.14 8.18
CA ARG D 2244 90.24 2.58 8.07
C ARG D 2244 89.41 1.58 7.29
N GLN D 2245 89.98 0.97 6.25
CA GLN D 2245 89.23 -0.01 5.47
C GLN D 2245 88.87 -1.23 6.32
N ASN D 2246 89.76 -1.62 7.23
CA ASN D 2246 89.42 -2.68 8.18
C ASN D 2246 88.26 -2.25 9.08
N GLN D 2247 88.28 -0.99 9.52
CA GLN D 2247 87.18 -0.47 10.33
C GLN D 2247 85.87 -0.46 9.54
N ARG D 2248 85.93 -0.05 8.27
CA ARG D 2248 84.73 -0.07 7.44
C ARG D 2248 84.21 -1.48 7.25
N SER D 2249 85.11 -2.45 7.05
CA SER D 2249 84.70 -3.84 6.91
C SER D 2249 84.04 -4.35 8.17
N MET D 2250 84.59 -4.02 9.34
CA MET D 2250 83.99 -4.44 10.60
C MET D 2250 82.69 -3.71 10.88
N PHE D 2251 82.49 -2.52 10.30
CA PHE D 2251 81.26 -1.78 10.54
C PHE D 2251 80.02 -2.51 10.03
N ASP D 2252 80.18 -3.36 8.99
CA ASP D 2252 79.02 -4.03 8.41
C ASP D 2252 78.36 -5.01 9.37
N HIS D 2253 79.05 -5.38 10.45
CA HIS D 2253 78.50 -6.29 11.44
C HIS D 2253 78.18 -5.59 12.76
N LEU D 2254 78.06 -4.27 12.74
CA LEU D 2254 77.84 -3.51 13.98
C LEU D 2254 76.53 -3.90 14.65
N SER D 2255 75.45 -4.01 13.85
CA SER D 2255 74.15 -4.32 14.43
C SER D 2255 74.09 -5.73 15.00
N TYR D 2256 74.82 -6.67 14.38
CA TYR D 2256 74.73 -8.06 14.79
C TYR D 2256 75.48 -8.26 16.11
N LEU D 2257 76.62 -7.58 16.27
CA LEU D 2257 77.31 -7.57 17.55
C LEU D 2257 76.44 -6.99 18.66
N LEU D 2258 75.59 -6.01 18.33
CA LEU D 2258 74.68 -5.46 19.32
C LEU D 2258 73.70 -6.52 19.82
N GLU D 2259 73.16 -7.33 18.90
CA GLU D 2259 72.29 -8.42 19.31
C GLU D 2259 73.04 -9.45 20.14
N ASN D 2260 74.29 -9.74 19.76
CA ASN D 2260 75.09 -10.68 20.55
C ASN D 2260 75.40 -10.14 21.94
N SER D 2261 75.49 -8.82 22.09
CA SER D 2261 75.90 -8.22 23.35
C SER D 2261 74.88 -8.45 24.46
N GLY D 2262 75.37 -8.45 25.69
CA GLY D 2262 74.53 -8.60 26.86
C GLY D 2262 75.15 -7.85 28.03
N ILE D 2263 74.46 -7.89 29.17
CA ILE D 2263 74.93 -7.15 30.34
C ILE D 2263 76.22 -7.75 30.87
N GLY D 2264 76.26 -9.07 31.06
CA GLY D 2264 77.49 -9.71 31.50
C GLY D 2264 78.58 -9.63 30.43
N LEU D 2265 78.19 -9.87 29.17
CA LEU D 2265 79.14 -9.75 28.07
C LEU D 2265 79.74 -8.35 28.01
N GLY D 2266 78.89 -7.32 28.17
CA GLY D 2266 79.41 -5.96 28.21
C GLY D 2266 80.30 -5.70 29.41
N MET D 2267 79.97 -6.31 30.55
CA MET D 2267 80.78 -6.11 31.74
C MET D 2267 82.12 -6.84 31.65
N GLN D 2268 82.25 -7.81 30.75
CA GLN D 2268 83.56 -8.38 30.46
C GLN D 2268 84.52 -7.27 30.04
N GLY D 2269 85.81 -7.51 30.30
CA GLY D 2269 86.81 -6.48 30.03
C GLY D 2269 86.81 -6.02 28.58
N SER D 2270 86.78 -6.97 27.65
CA SER D 2270 86.65 -6.68 26.23
C SER D 2270 85.38 -7.34 25.72
N THR D 2271 84.52 -6.56 25.08
CA THR D 2271 83.19 -6.98 24.69
C THR D 2271 82.89 -6.59 23.25
N PRO D 2272 81.95 -7.28 22.60
CA PRO D 2272 81.51 -6.83 21.27
C PRO D 2272 81.01 -5.40 21.26
N LEU D 2273 80.50 -4.90 22.39
CA LEU D 2273 80.16 -3.48 22.47
C LEU D 2273 81.40 -2.62 22.29
N ASP D 2274 82.52 -2.99 22.92
CA ASP D 2274 83.77 -2.28 22.69
C ASP D 2274 84.26 -2.47 21.26
N VAL D 2275 84.00 -3.64 20.66
CA VAL D 2275 84.36 -3.85 19.26
C VAL D 2275 83.62 -2.87 18.37
N ALA D 2276 82.31 -2.70 18.61
CA ALA D 2276 81.52 -1.75 17.85
C ALA D 2276 81.98 -0.32 18.11
N ALA D 2277 82.33 0.00 19.35
CA ALA D 2277 82.84 1.32 19.67
C ALA D 2277 84.13 1.60 18.91
N ALA D 2278 85.01 0.60 18.82
CA ALA D 2278 86.24 0.77 18.05
C ALA D 2278 85.97 0.87 16.55
N SER D 2279 84.95 0.17 16.06
CA SER D 2279 84.60 0.24 14.65
C SER D 2279 83.87 1.52 14.28
N VAL D 2280 83.35 2.25 15.26
CA VAL D 2280 82.62 3.49 14.98
C VAL D 2280 83.34 4.73 15.49
N ILE D 2281 84.44 4.59 16.23
CA ILE D 2281 85.07 5.73 16.87
C ILE D 2281 85.86 6.55 15.85
N ASP D 2282 85.74 7.87 15.96
CA ASP D 2282 86.55 8.81 15.18
C ASP D 2282 86.37 8.63 13.68
N ASN D 2283 85.18 8.21 13.25
CA ASN D 2283 84.86 8.06 11.84
C ASN D 2283 83.56 8.81 11.58
N ASN D 2284 83.68 10.03 11.02
CA ASN D 2284 82.51 10.86 10.78
C ASN D 2284 81.55 10.22 9.80
N GLU D 2285 82.08 9.63 8.72
CA GLU D 2285 81.22 9.01 7.72
C GLU D 2285 80.46 7.82 8.30
N LEU D 2286 81.14 6.98 9.09
CA LEU D 2286 80.46 5.84 9.70
C LEU D 2286 79.43 6.29 10.73
N ALA D 2287 79.77 7.33 11.50
CA ALA D 2287 78.81 7.85 12.47
C ALA D 2287 77.56 8.39 11.77
N LEU D 2288 77.74 9.06 10.63
CA LEU D 2288 76.61 9.51 9.84
C LEU D 2288 75.82 8.32 9.28
N ALA D 2289 76.52 7.26 8.88
CA ALA D 2289 75.88 6.08 8.33
C ALA D 2289 75.25 5.18 9.38
N LEU D 2290 75.44 5.48 10.67
CA LEU D 2290 74.78 4.72 11.72
C LEU D 2290 73.26 4.75 11.53
N GLN D 2291 72.59 3.81 12.20
CA GLN D 2291 71.17 3.58 11.99
C GLN D 2291 70.36 3.85 13.25
N GLU D 2292 69.21 4.51 13.07
CA GLU D 2292 68.32 4.78 14.17
C GLU D 2292 67.79 3.50 14.79
N GLN D 2293 67.67 2.42 14.02
CA GLN D 2293 67.27 1.14 14.59
C GLN D 2293 68.32 0.63 15.57
N ASP D 2294 69.60 0.72 15.21
CA ASP D 2294 70.66 0.30 16.13
C ASP D 2294 70.69 1.19 17.37
N LEU D 2295 70.51 2.50 17.18
CA LEU D 2295 70.46 3.40 18.35
C LEU D 2295 69.27 3.06 19.23
N GLU D 2296 68.13 2.70 18.63
CA GLU D 2296 66.97 2.29 19.40
C GLU D 2296 67.25 1.02 20.19
N LYS D 2297 67.97 0.07 19.57
CA LYS D 2297 68.32 -1.16 20.28
C LYS D 2297 69.21 -0.86 21.48
N VAL D 2298 70.21 -0.01 21.30
CA VAL D 2298 71.10 0.29 22.43
C VAL D 2298 70.36 1.07 23.51
N VAL D 2299 69.42 1.95 23.12
CA VAL D 2299 68.61 2.65 24.11
C VAL D 2299 67.71 1.68 24.85
N SER D 2300 67.19 0.66 24.15
CA SER D 2300 66.37 -0.36 24.79
C SER D 2300 67.17 -1.14 25.82
N TYR D 2301 68.43 -1.48 25.48
CA TYR D 2301 69.28 -2.15 26.45
C TYR D 2301 69.56 -1.25 27.64
N LEU D 2302 69.80 0.05 27.40
CA LEU D 2302 70.04 0.98 28.50
C LEU D 2302 68.82 1.09 29.41
N ALA D 2303 67.63 1.12 28.84
CA ALA D 2303 66.41 1.13 29.63
C ALA D 2303 66.25 -0.17 30.41
N GLY D 2304 66.56 -1.31 29.78
CA GLY D 2304 66.38 -2.59 30.43
C GLY D 2304 67.30 -2.79 31.63
N CYS D 2305 68.56 -2.36 31.50
CA CYS D 2305 69.48 -2.57 32.62
C CYS D 2305 69.17 -1.68 33.81
N GLY D 2306 68.29 -0.69 33.66
CA GLY D 2306 67.92 0.20 34.74
C GLY D 2306 66.71 -0.20 35.53
N LEU D 2307 66.18 -1.42 35.33
CA LEU D 2307 64.98 -1.86 36.02
C LEU D 2307 65.20 -3.06 36.93
N GLN D 2308 66.43 -3.57 37.04
CA GLN D 2308 66.69 -4.72 37.89
C GLN D 2308 68.16 -4.72 38.28
N SER D 2309 68.46 -5.44 39.36
CA SER D 2309 69.83 -5.55 39.84
C SER D 2309 70.62 -6.55 39.00
N CYS D 2310 71.93 -6.45 39.11
CA CYS D 2310 72.81 -7.32 38.31
C CYS D 2310 72.84 -8.72 38.91
N PRO D 2311 72.65 -9.77 38.09
CA PRO D 2311 72.67 -11.13 38.63
C PRO D 2311 73.97 -11.49 39.33
N MET D 2312 75.11 -11.03 38.80
CA MET D 2312 76.38 -11.34 39.43
C MET D 2312 76.47 -10.75 40.83
N LEU D 2313 76.06 -9.49 40.99
CA LEU D 2313 76.13 -8.86 42.30
C LEU D 2313 75.14 -9.47 43.27
N LEU D 2314 73.92 -9.75 42.82
CA LEU D 2314 72.95 -10.35 43.73
C LEU D 2314 73.33 -11.78 44.10
N ALA D 2315 74.09 -12.47 43.23
CA ALA D 2315 74.59 -13.79 43.58
C ALA D 2315 75.74 -13.69 44.58
N LYS D 2316 76.63 -12.71 44.39
CA LYS D 2316 77.72 -12.49 45.33
C LYS D 2316 77.23 -11.91 46.66
N GLY D 2317 75.99 -11.43 46.72
CA GLY D 2317 75.40 -11.00 47.97
C GLY D 2317 75.23 -9.50 48.13
N TYR D 2318 75.54 -8.71 47.10
CA TYR D 2318 75.37 -7.28 47.20
C TYR D 2318 73.89 -6.92 47.24
N PRO D 2319 73.53 -5.86 47.96
CA PRO D 2319 72.11 -5.51 48.10
C PRO D 2319 71.49 -5.09 46.78
N ASP D 2320 70.19 -5.35 46.66
CA ASP D 2320 69.45 -5.01 45.45
C ASP D 2320 69.11 -3.53 45.45
N ILE D 2321 69.44 -2.85 44.34
CA ILE D 2321 69.13 -1.43 44.19
C ILE D 2321 68.13 -1.16 43.08
N GLY D 2322 67.77 -2.17 42.29
CA GLY D 2322 66.76 -2.01 41.26
C GLY D 2322 67.26 -1.52 39.91
N TRP D 2323 68.57 -1.33 39.75
CA TRP D 2323 69.12 -0.90 38.47
C TRP D 2323 70.61 -1.25 38.44
N ASN D 2324 71.19 -1.17 37.24
CA ASN D 2324 72.58 -1.55 37.00
C ASN D 2324 73.35 -0.35 36.48
N PRO D 2325 73.95 0.44 37.37
CA PRO D 2325 74.83 1.53 36.89
C PRO D 2325 76.02 1.01 36.10
N CYS D 2326 76.62 -0.09 36.54
CA CYS D 2326 77.71 -0.70 35.79
C CYS D 2326 77.24 -1.16 34.43
N GLY D 2327 76.01 -1.68 34.35
CA GLY D 2327 75.45 -2.02 33.06
C GLY D 2327 75.28 -0.80 32.16
N GLY D 2328 74.83 0.31 32.74
CA GLY D 2328 74.61 1.51 31.95
C GLY D 2328 75.88 2.21 31.50
N GLU D 2329 76.99 1.99 32.21
CA GLU D 2329 78.26 2.62 31.81
C GLU D 2329 78.62 2.30 30.37
N ARG D 2330 78.50 1.02 29.99
CA ARG D 2330 78.93 0.59 28.66
C ARG D 2330 78.10 1.26 27.58
N TYR D 2331 76.77 1.26 27.75
CA TYR D 2331 75.90 1.89 26.77
C TYR D 2331 76.14 3.38 26.68
N LEU D 2332 76.35 4.04 27.83
CA LEU D 2332 76.61 5.48 27.80
C LEU D 2332 77.91 5.80 27.07
N ASP D 2333 78.95 4.98 27.30
CA ASP D 2333 80.21 5.18 26.59
C ASP D 2333 80.04 4.96 25.08
N PHE D 2334 79.33 3.91 24.70
CA PHE D 2334 79.11 3.67 23.28
C PHE D 2334 78.32 4.81 22.65
N LEU D 2335 77.34 5.34 23.40
CA LEU D 2335 76.54 6.44 22.89
C LEU D 2335 77.37 7.70 22.71
N ARG D 2336 78.27 8.01 23.66
CA ARG D 2336 79.06 9.22 23.48
C ARG D 2336 80.04 9.06 22.33
N PHE D 2337 80.58 7.85 22.14
CA PHE D 2337 81.41 7.62 20.95
C PHE D 2337 80.60 7.79 19.67
N ALA D 2338 79.36 7.30 19.65
CA ALA D 2338 78.53 7.44 18.46
C ALA D 2338 78.22 8.90 18.16
N VAL D 2339 77.95 9.69 19.20
CA VAL D 2339 77.50 11.08 18.98
C VAL D 2339 78.68 11.99 18.67
N PHE D 2340 79.79 11.86 19.39
CA PHE D 2340 80.89 12.81 19.30
C PHE D 2340 82.02 12.24 18.45
N VAL D 2341 82.43 13.00 17.43
CA VAL D 2341 83.55 12.63 16.58
C VAL D 2341 84.39 13.88 16.30
N ASN D 2342 85.71 13.75 16.43
CA ASN D 2342 86.66 14.78 16.06
C ASN D 2342 86.36 16.12 16.73
N GLY D 2343 85.95 16.06 17.99
CA GLY D 2343 85.71 17.27 18.75
C GLY D 2343 84.44 18.01 18.39
N GLU D 2344 83.58 17.43 17.57
CA GLU D 2344 82.32 18.05 17.18
C GLU D 2344 81.18 17.05 17.35
N SER D 2345 79.98 17.57 17.50
CA SER D 2345 78.79 16.76 17.75
C SER D 2345 78.05 16.52 16.44
N VAL D 2346 77.71 15.26 16.19
CA VAL D 2346 76.88 14.92 15.03
C VAL D 2346 75.45 15.30 15.36
N GLU D 2347 74.90 16.27 14.62
CA GLU D 2347 73.59 16.80 14.95
C GLU D 2347 72.51 15.74 14.80
N GLU D 2348 72.55 14.95 13.73
CA GLU D 2348 71.51 13.95 13.50
C GLU D 2348 71.52 12.89 14.59
N ASN D 2349 72.70 12.35 14.89
CA ASN D 2349 72.80 11.32 15.92
C ASN D 2349 72.40 11.88 17.28
N ALA D 2350 72.83 13.10 17.60
CA ALA D 2350 72.48 13.69 18.88
C ALA D 2350 70.98 13.89 19.00
N ASN D 2351 70.33 14.39 17.95
CA ASN D 2351 68.89 14.59 17.98
C ASN D 2351 68.16 13.26 18.14
N VAL D 2352 68.57 12.23 17.40
CA VAL D 2352 67.91 10.94 17.51
C VAL D 2352 68.06 10.39 18.93
N VAL D 2353 69.27 10.47 19.47
CA VAL D 2353 69.54 9.92 20.81
C VAL D 2353 68.72 10.64 21.86
N VAL D 2354 68.68 11.97 21.80
CA VAL D 2354 67.94 12.71 22.82
C VAL D 2354 66.45 12.48 22.68
N ARG D 2355 65.95 12.35 21.43
CA ARG D 2355 64.53 12.07 21.25
C ARG D 2355 64.15 10.72 21.84
N LEU D 2356 64.96 9.68 21.59
CA LEU D 2356 64.69 8.38 22.19
C LEU D 2356 64.79 8.43 23.71
N LEU D 2357 65.78 9.17 24.23
CA LEU D 2357 65.96 9.25 25.67
C LEU D 2357 64.78 9.91 26.35
N ILE D 2358 64.24 10.98 25.75
CA ILE D 2358 63.08 11.64 26.35
C ILE D 2358 61.81 10.85 26.11
N ARG D 2359 61.75 10.08 25.02
CA ARG D 2359 60.58 9.24 24.77
C ARG D 2359 60.49 8.12 25.81
N LYS D 2360 61.64 7.54 26.18
CA LYS D 2360 61.68 6.50 27.21
C LYS D 2360 62.49 7.03 28.39
N PRO D 2361 61.82 7.63 29.38
CA PRO D 2361 62.55 8.24 30.51
C PRO D 2361 63.18 7.23 31.45
N GLU D 2362 62.92 5.93 31.28
CA GLU D 2362 63.49 4.94 32.17
C GLU D 2362 65.01 4.87 32.07
N CYS D 2363 65.58 5.38 30.98
CA CYS D 2363 67.03 5.37 30.81
C CYS D 2363 67.74 6.38 31.71
N PHE D 2364 66.99 7.28 32.36
CA PHE D 2364 67.61 8.31 33.19
C PHE D 2364 67.91 7.83 34.60
N GLY D 2365 67.59 6.58 34.94
CA GLY D 2365 67.86 6.05 36.24
C GLY D 2365 66.74 6.35 37.23
N PRO D 2366 66.91 5.92 38.48
CA PRO D 2366 65.85 6.18 39.48
C PRO D 2366 65.65 7.66 39.73
N ALA D 2367 66.71 8.40 40.01
CA ALA D 2367 66.61 9.84 40.14
C ALA D 2367 66.49 10.48 38.76
N LEU D 2368 66.12 11.75 38.74
CA LEU D 2368 65.94 12.52 37.51
C LEU D 2368 64.88 11.92 36.60
N ARG D 2369 63.93 11.19 37.19
CA ARG D 2369 62.88 10.52 36.42
C ARG D 2369 61.55 10.68 37.16
N GLY D 2370 60.61 11.38 36.53
CA GLY D 2370 59.27 11.50 37.06
C GLY D 2370 59.20 12.27 38.37
N GLU D 2371 58.12 12.00 39.11
CA GLU D 2371 57.90 12.69 40.38
C GLU D 2371 58.83 12.17 41.47
N GLY D 2372 59.14 10.88 41.45
CA GLY D 2372 60.00 10.30 42.46
C GLY D 2372 61.48 10.49 42.23
N GLY D 2373 61.86 11.05 41.07
CA GLY D 2373 63.26 11.25 40.77
C GLY D 2373 63.83 12.41 41.57
N SER D 2374 64.88 12.16 42.34
CA SER D 2374 65.55 13.21 43.09
C SER D 2374 66.57 13.92 42.21
N GLY D 2375 67.18 14.97 42.75
CA GLY D 2375 68.12 15.78 42.00
C GLY D 2375 69.54 15.23 42.07
N LEU D 2376 70.43 15.90 41.33
CA LEU D 2376 71.84 15.53 41.34
C LEU D 2376 72.42 15.66 42.74
N LEU D 2377 72.06 16.74 43.45
CA LEU D 2377 72.57 16.92 44.81
C LEU D 2377 72.18 15.75 45.70
N ALA D 2378 70.90 15.37 45.68
CA ALA D 2378 70.45 14.24 46.49
C ALA D 2378 71.14 12.95 46.11
N ALA D 2379 71.29 12.71 44.80
CA ALA D 2379 71.92 11.47 44.34
C ALA D 2379 73.37 11.38 44.82
N ILE D 2380 74.15 12.44 44.63
CA ILE D 2380 75.55 12.37 45.00
C ILE D 2380 75.72 12.38 46.51
N GLU D 2381 74.86 13.07 47.26
CA GLU D 2381 74.94 12.97 48.72
C GLU D 2381 74.63 11.56 49.20
N GLU D 2382 73.63 10.91 48.59
CA GLU D 2382 73.35 9.52 48.93
C GLU D 2382 74.55 8.63 48.61
N ALA D 2383 75.20 8.89 47.48
CA ALA D 2383 76.40 8.12 47.13
C ALA D 2383 77.51 8.35 48.15
N ILE D 2384 77.68 9.58 48.60
CA ILE D 2384 78.72 9.88 49.60
C ILE D 2384 78.43 9.15 50.90
N ARG D 2385 77.18 9.18 51.37
CA ARG D 2385 76.85 8.48 52.60
C ARG D 2385 77.00 6.96 52.46
N ILE D 2386 76.58 6.40 51.32
CA ILE D 2386 76.72 4.97 51.15
C ILE D 2386 78.19 4.56 50.98
N SER D 2387 79.04 5.49 50.54
CA SER D 2387 80.48 5.22 50.55
C SER D 2387 81.04 5.30 51.96
N GLU D 2388 80.60 6.28 52.75
CA GLU D 2388 81.02 6.38 54.14
C GLU D 2388 80.57 5.17 54.95
N ASP D 2389 79.51 4.49 54.53
CA ASP D 2389 79.06 3.27 55.18
C ASP D 2389 79.65 2.07 54.45
N PRO D 2390 80.75 1.50 54.90
CA PRO D 2390 81.35 0.35 54.17
C PRO D 2390 80.45 -0.87 54.13
N ALA D 2391 79.62 -1.09 55.15
CA ALA D 2391 78.77 -2.27 55.19
C ALA D 2391 77.78 -2.27 54.02
N ARG D 2392 77.20 -1.11 53.72
CA ARG D 2392 76.29 -1.03 52.58
C ARG D 2392 77.04 -1.22 51.26
N ASP D 2393 78.28 -0.72 51.19
CA ASP D 2393 79.06 -0.88 49.97
C ASP D 2393 79.46 -2.33 49.72
N GLY D 2394 79.63 -3.11 50.79
CA GLY D 2394 80.00 -4.50 50.66
C GLY D 2394 78.82 -5.39 50.35
N PRO D 2395 79.10 -6.71 50.27
CA PRO D 2395 78.07 -7.71 49.99
C PRO D 2395 76.96 -7.74 51.05
N ASN D 2414 85.63 -5.27 49.25
CA ASN D 2414 84.62 -4.99 48.23
C ASN D 2414 85.28 -4.59 46.91
N ARG D 2415 84.81 -5.19 45.82
CA ARG D 2415 85.36 -4.95 44.49
C ARG D 2415 84.41 -4.21 43.56
N VAL D 2416 83.09 -4.41 43.72
CA VAL D 2416 82.14 -3.79 42.80
C VAL D 2416 82.14 -2.28 42.95
N HIS D 2417 82.13 -1.79 44.19
CA HIS D 2417 82.01 -0.37 44.50
C HIS D 2417 80.75 0.22 43.87
N LEU D 2418 79.61 -0.29 44.31
CA LEU D 2418 78.32 0.20 43.82
C LEU D 2418 78.12 1.67 44.17
N GLY D 2419 78.70 2.13 45.28
CA GLY D 2419 78.63 3.54 45.60
C GLY D 2419 79.27 4.40 44.54
N HIS D 2420 80.42 3.96 44.01
CA HIS D 2420 81.02 4.65 42.87
C HIS D 2420 80.21 4.45 41.61
N ALA D 2421 79.58 3.29 41.45
CA ALA D 2421 78.77 3.03 40.27
C ALA D 2421 77.61 4.02 40.17
N ILE D 2422 76.98 4.33 41.31
CA ILE D 2422 75.77 5.16 41.30
C ILE D 2422 76.04 6.50 40.64
N MET D 2423 77.09 7.20 41.07
CA MET D 2423 77.32 8.52 40.51
C MET D 2423 78.22 8.51 39.28
N SER D 2424 78.94 7.41 39.01
CA SER D 2424 79.57 7.28 37.71
C SER D 2424 78.52 7.19 36.60
N PHE D 2425 77.39 6.53 36.90
CA PHE D 2425 76.29 6.50 35.94
C PHE D 2425 75.83 7.91 35.57
N TYR D 2426 75.56 8.74 36.58
CA TYR D 2426 75.07 10.08 36.30
C TYR D 2426 76.14 10.94 35.64
N ALA D 2427 77.41 10.78 36.01
CA ALA D 2427 78.46 11.52 35.34
C ALA D 2427 78.55 11.16 33.85
N ALA D 2428 78.45 9.86 33.54
CA ALA D 2428 78.48 9.45 32.14
C ALA D 2428 77.25 9.96 31.39
N LEU D 2429 76.08 9.96 32.05
CA LEU D 2429 74.88 10.49 31.42
C LEU D 2429 75.03 11.99 31.13
N ILE D 2430 75.59 12.74 32.08
CA ILE D 2430 75.82 14.16 31.86
C ILE D 2430 76.79 14.39 30.72
N ASP D 2431 77.85 13.57 30.65
CA ASP D 2431 78.80 13.68 29.56
C ASP D 2431 78.13 13.41 28.21
N LEU D 2432 77.27 12.39 28.15
CA LEU D 2432 76.57 12.09 26.91
C LEU D 2432 75.66 13.24 26.51
N LEU D 2433 74.93 13.82 27.46
CA LEU D 2433 74.07 14.96 27.13
C LEU D 2433 74.90 16.16 26.65
N GLY D 2434 76.03 16.42 27.30
CA GLY D 2434 76.88 17.52 26.87
C GLY D 2434 77.42 17.32 25.46
N ARG D 2435 77.80 16.08 25.13
CA ARG D 2435 78.24 15.81 23.77
C ARG D 2435 77.09 15.88 22.78
N CYS D 2436 75.87 15.58 23.22
CA CYS D 2436 74.70 15.72 22.37
C CYS D 2436 74.21 17.16 22.24
N ALA D 2437 74.74 18.07 23.05
CA ALA D 2437 74.30 19.46 22.99
C ALA D 2437 74.65 20.09 21.64
N PRO D 2438 73.86 21.07 21.19
CA PRO D 2438 74.11 21.68 19.87
C PRO D 2438 75.37 22.51 19.80
N GLU D 2439 75.60 23.14 18.64
CA GLU D 2439 76.83 23.88 18.38
C GLU D 2439 76.57 25.39 18.41
N MET D 2440 77.64 26.14 18.74
CA MET D 2440 77.50 27.57 18.93
C MET D 2440 77.16 28.29 17.63
N HIS D 2441 77.70 27.83 16.50
CA HIS D 2441 77.38 28.48 15.23
C HIS D 2441 75.92 28.29 14.86
N LEU D 2442 75.38 27.08 15.09
CA LEU D 2442 73.95 26.85 14.86
C LEU D 2442 73.11 27.69 15.80
N ILE D 2443 73.51 27.80 17.06
CA ILE D 2443 72.77 28.63 18.01
C ILE D 2443 72.76 30.09 17.55
N GLN D 2444 73.92 30.60 17.13
CA GLN D 2444 73.99 31.98 16.66
C GLN D 2444 73.14 32.19 15.42
N ALA D 2445 73.19 31.25 14.47
CA ALA D 2445 72.36 31.34 13.28
C ALA D 2445 70.88 31.20 13.59
N GLY D 2446 70.55 30.65 14.75
CA GLY D 2446 69.15 30.57 15.15
C GLY D 2446 68.38 29.43 14.54
N LYS D 2447 69.02 28.28 14.33
CA LYS D 2447 68.30 27.12 13.81
C LYS D 2447 67.27 26.65 14.83
N GLY D 2448 66.03 26.52 14.38
CA GLY D 2448 64.94 26.22 15.30
C GLY D 2448 65.12 24.88 15.99
N GLU D 2449 65.54 23.86 15.25
CA GLU D 2449 65.73 22.55 15.85
C GLU D 2449 66.85 22.57 16.89
N ALA D 2450 67.96 23.27 16.59
CA ALA D 2450 69.06 23.36 17.54
C ALA D 2450 68.63 24.09 18.81
N LEU D 2451 67.90 25.21 18.65
CA LEU D 2451 67.41 25.92 19.82
C LEU D 2451 66.46 25.05 20.64
N ARG D 2452 65.59 24.29 19.96
CA ARG D 2452 64.68 23.41 20.67
C ARG D 2452 65.44 22.33 21.44
N ILE D 2453 66.48 21.75 20.83
CA ILE D 2453 67.26 20.71 21.50
C ILE D 2453 67.96 21.30 22.73
N ARG D 2454 68.54 22.49 22.59
CA ARG D 2454 69.20 23.10 23.73
C ARG D 2454 68.19 23.40 24.84
N ALA D 2455 66.99 23.85 24.47
CA ALA D 2455 65.96 24.11 25.46
C ALA D 2455 65.53 22.83 26.18
N ILE D 2456 65.41 21.72 25.44
CA ILE D 2456 65.05 20.45 26.06
C ILE D 2456 66.12 20.01 27.04
N LEU D 2457 67.39 20.11 26.65
CA LEU D 2457 68.47 19.74 27.56
C LEU D 2457 68.49 20.66 28.79
N ARG D 2458 68.22 21.94 28.58
CA ARG D 2458 68.16 22.90 29.68
C ARG D 2458 67.05 22.52 30.67
N SER D 2459 65.89 22.14 30.15
CA SER D 2459 64.80 21.70 31.01
C SER D 2459 65.15 20.41 31.75
N LEU D 2460 65.82 19.49 31.06
CA LEU D 2460 66.16 18.21 31.69
C LEU D 2460 67.16 18.40 32.83
N VAL D 2461 68.20 19.20 32.61
CA VAL D 2461 69.28 19.35 33.58
C VAL D 2461 69.29 20.79 34.07
N PRO D 2462 69.03 21.03 35.36
CA PRO D 2462 69.13 22.39 35.90
C PRO D 2462 70.58 22.81 36.09
N LEU D 2463 70.78 24.13 36.11
CA LEU D 2463 72.11 24.69 36.31
C LEU D 2463 72.55 24.55 37.76
N ASP D 2464 71.62 24.71 38.71
CA ASP D 2464 71.97 24.70 40.12
C ASP D 2464 72.53 23.35 40.54
N ASP D 2465 71.99 22.27 39.98
CA ASP D 2465 72.54 20.94 40.28
C ASP D 2465 73.99 20.84 39.83
N LEU D 2466 74.29 21.32 38.62
CA LEU D 2466 75.67 21.30 38.14
C LEU D 2466 76.58 22.11 39.05
N VAL D 2467 76.14 23.30 39.44
CA VAL D 2467 76.96 24.16 40.30
C VAL D 2467 77.22 23.48 41.64
N GLY D 2468 76.17 22.90 42.24
CA GLY D 2468 76.34 22.27 43.54
C GLY D 2468 77.25 21.06 43.49
N ILE D 2469 77.05 20.20 42.50
CA ILE D 2469 77.87 18.99 42.43
C ILE D 2469 79.31 19.33 42.07
N ILE D 2470 79.53 20.41 41.32
CA ILE D 2470 80.88 20.93 41.14
C ILE D 2470 81.43 21.40 42.47
N SER D 2471 80.60 22.08 43.27
CA SER D 2471 81.08 22.69 44.51
C SER D 2471 81.50 21.66 45.54
N LEU D 2472 80.77 20.54 45.64
CA LEU D 2472 81.08 19.60 46.71
C LEU D 2472 82.49 19.04 46.53
N PRO D 2473 83.23 18.84 47.62
CA PRO D 2473 84.64 18.45 47.50
C PRO D 2473 84.85 16.94 47.41
N LEU D 2474 86.12 16.53 47.37
CA LEU D 2474 86.50 15.13 47.30
C LEU D 2474 87.59 14.84 48.33
N GLN D 2475 87.78 13.56 48.60
CA GLN D 2475 88.81 13.15 49.55
C GLN D 2475 90.19 13.55 49.03
N ILE D 2476 91.05 14.00 49.94
CA ILE D 2476 92.39 14.43 49.60
C ILE D 2476 93.41 13.67 50.43
N PRO D 2477 94.35 12.94 49.83
CA PRO D 2477 95.36 12.24 50.62
C PRO D 2477 96.35 13.21 51.26
N THR D 2478 96.72 12.91 52.50
CA THR D 2478 97.73 13.64 53.23
C THR D 2478 98.77 12.64 53.75
N LEU D 2479 99.68 13.13 54.60
CA LEU D 2479 100.70 12.29 55.22
C LEU D 2479 100.42 12.19 56.71
N GLY D 2480 100.26 10.97 57.20
CA GLY D 2480 99.95 10.68 58.58
C GLY D 2480 101.18 10.35 59.40
N LYS D 2481 100.96 9.56 60.46
CA LYS D 2481 102.06 9.16 61.31
C LYS D 2481 103.07 8.29 60.57
N ASP D 2482 102.58 7.38 59.72
CA ASP D 2482 103.46 6.52 58.95
C ASP D 2482 104.17 7.26 57.81
N GLY D 2483 103.79 8.50 57.53
CA GLY D 2483 104.38 9.27 56.46
C GLY D 2483 103.54 9.37 55.21
N ALA D 2484 102.48 8.58 55.10
CA ALA D 2484 101.60 8.63 53.94
C ALA D 2484 100.26 8.01 54.34
N LEU D 2485 99.20 8.82 54.31
CA LEU D 2485 97.88 8.33 54.67
C LEU D 2485 97.24 7.59 53.50
N VAL D 2486 95.99 7.18 53.70
CA VAL D 2486 95.29 6.41 52.67
C VAL D 2486 94.98 7.30 51.47
N GLN D 2487 94.99 6.70 50.29
CA GLN D 2487 94.68 7.38 49.04
C GLN D 2487 93.62 6.57 48.30
N PRO D 2488 92.37 6.61 48.77
CA PRO D 2488 91.30 5.83 48.15
C PRO D 2488 90.77 6.52 46.90
N LYS D 2489 91.14 5.99 45.73
CA LYS D 2489 90.66 6.48 44.45
C LYS D 2489 90.18 5.30 43.62
N MET D 2490 89.19 5.56 42.77
CA MET D 2490 88.52 4.55 41.96
C MET D 2490 87.84 3.48 42.81
N SER D 2491 87.74 3.69 44.12
CA SER D 2491 87.15 2.73 45.05
C SER D 2491 86.14 3.48 45.91
N ALA D 2492 84.91 3.61 45.40
CA ALA D 2492 83.82 4.26 46.12
C ALA D 2492 84.22 5.67 46.59
N SER D 2493 84.92 6.39 45.72
CA SER D 2493 85.41 7.72 46.06
C SER D 2493 85.18 8.67 44.89
N PHE D 2494 85.12 9.96 45.20
CA PHE D 2494 84.91 10.98 44.18
C PHE D 2494 86.14 11.14 43.31
N VAL D 2495 85.93 11.37 42.02
CA VAL D 2495 87.01 11.48 41.05
C VAL D 2495 86.83 12.77 40.26
N PRO D 2496 87.89 13.54 39.99
CA PRO D 2496 87.73 14.79 39.23
C PRO D 2496 87.26 14.60 37.81
N ASP D 2497 87.30 13.38 37.25
CA ASP D 2497 86.83 13.17 35.90
C ASP D 2497 85.33 13.43 35.79
N HIS D 2498 84.56 13.10 36.84
CA HIS D 2498 83.14 13.38 36.84
C HIS D 2498 82.89 14.89 36.74
N LYS D 2499 83.62 15.66 37.55
CA LYS D 2499 83.51 17.11 37.46
C LYS D 2499 83.98 17.64 36.12
N ALA D 2500 84.96 16.96 35.49
CA ALA D 2500 85.36 17.36 34.15
C ALA D 2500 84.24 17.18 33.15
N SER D 2501 83.52 16.06 33.25
CA SER D 2501 82.35 15.85 32.38
C SER D 2501 81.29 16.91 32.64
N MET D 2502 81.06 17.25 33.90
CA MET D 2502 80.10 18.32 34.23
C MET D 2502 80.56 19.66 33.67
N VAL D 2503 81.87 19.93 33.68
CA VAL D 2503 82.37 21.18 33.15
C VAL D 2503 82.19 21.22 31.63
N LEU D 2504 82.37 20.07 30.97
CA LEU D 2504 82.06 19.99 29.55
C LEU D 2504 80.59 20.30 29.29
N PHE D 2505 79.71 19.74 30.12
CA PHE D 2505 78.29 20.04 30.01
C PHE D 2505 78.01 21.52 30.20
N LEU D 2506 78.66 22.13 31.20
CA LEU D 2506 78.49 23.55 31.47
C LEU D 2506 79.02 24.41 30.32
N ASP D 2507 80.04 23.94 29.62
CA ASP D 2507 80.55 24.66 28.46
C ASP D 2507 79.58 24.57 27.29
N ARG D 2508 79.04 23.37 27.04
CA ARG D 2508 78.12 23.20 25.92
C ARG D 2508 76.81 23.95 26.15
N VAL D 2509 76.22 23.80 27.33
CA VAL D 2509 74.98 24.48 27.67
C VAL D 2509 75.18 25.16 29.02
N TYR D 2510 74.45 26.25 29.25
CA TYR D 2510 74.69 27.16 30.36
C TYR D 2510 76.08 27.79 30.24
N GLY D 2511 76.30 28.46 29.11
CA GLY D 2511 77.60 29.06 28.85
C GLY D 2511 77.92 30.19 29.81
N ILE D 2512 79.19 30.53 29.87
CA ILE D 2512 79.69 31.56 30.77
C ILE D 2512 79.61 32.90 30.04
N GLU D 2513 78.68 33.75 30.45
CA GLU D 2513 78.51 35.06 29.83
C GLU D 2513 78.53 36.23 30.81
N ASN D 2514 78.28 36.01 32.10
CA ASN D 2514 78.26 37.06 33.10
C ASN D 2514 79.56 37.06 33.88
N GLN D 2515 80.17 38.24 34.04
CA GLN D 2515 81.39 38.34 34.82
C GLN D 2515 81.17 37.96 36.28
N ASP D 2516 80.07 38.45 36.87
CA ASP D 2516 79.77 38.14 38.26
C ASP D 2516 79.52 36.65 38.44
N PHE D 2517 78.73 36.05 37.56
CA PHE D 2517 78.46 34.62 37.67
C PHE D 2517 79.73 33.80 37.44
N LEU D 2518 80.59 34.25 36.52
CA LEU D 2518 81.84 33.55 36.27
C LEU D 2518 82.74 33.57 37.50
N LEU D 2519 82.90 34.75 38.12
CA LEU D 2519 83.74 34.82 39.30
C LEU D 2519 83.12 34.06 40.47
N HIS D 2520 81.79 34.05 40.57
CA HIS D 2520 81.13 33.29 41.62
C HIS D 2520 81.39 31.80 41.46
N VAL D 2521 81.14 31.26 40.26
CA VAL D 2521 81.31 29.84 40.04
C VAL D 2521 82.78 29.45 40.11
N LEU D 2522 83.68 30.39 39.83
CA LEU D 2522 85.10 30.12 40.02
C LEU D 2522 85.44 30.03 41.50
N ASP D 2523 85.17 31.09 42.25
CA ASP D 2523 85.53 31.13 43.67
C ASP D 2523 84.88 29.99 44.44
N VAL D 2524 83.66 29.61 44.07
CA VAL D 2524 83.03 28.44 44.68
C VAL D 2524 83.02 27.32 43.65
N GLY D 2525 84.06 26.49 43.65
CA GLY D 2525 84.10 25.37 42.72
C GLY D 2525 85.44 25.08 42.09
N PHE D 2526 86.28 26.09 41.89
CA PHE D 2526 87.55 25.88 41.21
C PHE D 2526 88.75 26.29 42.04
N LEU D 2527 88.68 27.42 42.73
CA LEU D 2527 89.78 27.86 43.56
C LEU D 2527 90.17 26.86 44.65
N PRO D 2528 89.25 26.21 45.37
CA PRO D 2528 89.69 25.17 46.32
C PRO D 2528 90.50 24.07 45.66
N ASP D 2529 90.12 23.64 44.46
CA ASP D 2529 90.89 22.61 43.76
C ASP D 2529 92.27 23.12 43.37
N MET D 2530 92.36 24.38 42.92
CA MET D 2530 93.65 24.96 42.59
C MET D 2530 94.56 25.04 43.81
N ARG D 2531 94.00 25.44 44.95
CA ARG D 2531 94.80 25.50 46.17
C ARG D 2531 95.20 24.11 46.64
N ALA D 2532 94.32 23.12 46.46
CA ALA D 2532 94.69 21.74 46.79
C ALA D 2532 95.84 21.26 45.91
N ALA D 2533 95.79 21.57 44.62
CA ALA D 2533 96.89 21.21 43.72
C ALA D 2533 98.18 21.93 44.12
N ALA D 2534 98.06 23.20 44.52
CA ALA D 2534 99.24 23.93 44.98
C ALA D 2534 99.85 23.27 46.21
N SER D 2535 99.01 22.84 47.16
CA SER D 2535 99.52 22.15 48.33
C SER D 2535 100.15 20.81 47.96
N LEU D 2536 99.54 20.08 47.03
CA LEU D 2536 100.03 18.77 46.60
C LEU D 2536 101.24 18.86 45.68
N ASP D 2537 101.60 20.06 45.23
CA ASP D 2537 102.75 20.22 44.34
C ASP D 2537 104.06 19.73 44.96
N THR D 2538 104.12 19.62 46.29
CA THR D 2538 105.35 19.16 46.93
C THR D 2538 105.64 17.71 46.54
N ALA D 2539 106.93 17.35 46.62
CA ALA D 2539 107.41 16.10 46.03
C ALA D 2539 106.68 14.89 46.61
N THR D 2540 106.64 14.78 47.94
CA THR D 2540 105.96 13.65 48.55
C THR D 2540 104.47 13.66 48.22
N PHE D 2541 103.85 14.85 48.23
CA PHE D 2541 102.45 14.95 47.89
C PHE D 2541 102.21 14.79 46.38
N SER D 2542 103.15 15.24 45.55
CA SER D 2542 102.99 15.07 44.11
C SER D 2542 103.19 13.62 43.68
N THR D 2543 103.91 12.82 44.48
CA THR D 2543 104.07 11.41 44.16
C THR D 2543 102.75 10.66 44.23
N THR D 2544 101.76 11.20 44.94
CA THR D 2544 100.45 10.59 45.00
C THR D 2544 99.81 10.53 43.62
N GLU D 2545 99.08 9.46 43.36
CA GLU D 2545 98.56 9.22 42.01
C GLU D 2545 97.45 10.21 41.63
N MET D 2546 96.63 10.61 42.59
CA MET D 2546 95.49 11.47 42.24
C MET D 2546 95.89 12.90 41.96
N ALA D 2547 97.11 13.31 42.35
CA ALA D 2547 97.57 14.64 42.01
C ALA D 2547 97.68 14.82 40.50
N LEU D 2548 98.19 13.79 39.81
CA LEU D 2548 98.22 13.83 38.36
C LEU D 2548 96.81 13.88 37.78
N ALA D 2549 95.87 13.16 38.41
CA ALA D 2549 94.48 13.21 37.95
C ALA D 2549 93.90 14.62 38.10
N LEU D 2550 94.19 15.28 39.22
CA LEU D 2550 93.72 16.65 39.42
C LEU D 2550 94.35 17.60 38.40
N ASN D 2551 95.65 17.43 38.12
CA ASN D 2551 96.29 18.27 37.13
C ASN D 2551 95.67 18.06 35.75
N ARG D 2552 95.42 16.81 35.38
CA ARG D 2552 94.80 16.52 34.09
C ARG D 2552 93.39 17.11 34.03
N TYR D 2553 92.61 16.96 35.09
CA TYR D 2553 91.27 17.53 35.14
C TYR D 2553 91.31 19.04 34.96
N LEU D 2554 92.21 19.71 35.68
CA LEU D 2554 92.32 21.16 35.55
C LEU D 2554 92.68 21.55 34.13
N CYS D 2555 93.78 20.99 33.61
CA CYS D 2555 94.26 21.39 32.29
C CYS D 2555 93.30 21.03 31.17
N LEU D 2556 92.41 20.06 31.38
CA LEU D 2556 91.50 19.64 30.32
C LEU D 2556 90.13 20.29 30.42
N ALA D 2557 89.71 20.74 31.60
CA ALA D 2557 88.37 21.30 31.74
C ALA D 2557 88.38 22.74 32.23
N VAL D 2558 89.14 23.06 33.27
CA VAL D 2558 89.01 24.35 33.94
C VAL D 2558 89.83 25.42 33.24
N LEU D 2559 91.10 25.13 32.99
CA LEU D 2559 92.00 26.14 32.44
C LEU D 2559 91.58 26.63 31.05
N PRO D 2560 91.23 25.77 30.09
CA PRO D 2560 90.75 26.29 28.80
C PRO D 2560 89.52 27.16 28.92
N LEU D 2561 88.63 26.87 29.87
CA LEU D 2561 87.49 27.73 30.10
C LEU D 2561 87.93 29.12 30.54
N ILE D 2562 88.95 29.19 31.39
CA ILE D 2562 89.50 30.49 31.81
C ILE D 2562 90.12 31.21 30.62
N THR D 2563 90.81 30.46 29.75
CA THR D 2563 91.37 31.08 28.54
C THR D 2563 90.27 31.66 27.67
N LYS D 2564 89.17 30.93 27.49
CA LYS D 2564 88.07 31.41 26.66
C LYS D 2564 87.39 32.62 27.29
N CYS D 2565 87.28 32.64 28.61
CA CYS D 2565 86.60 33.71 29.32
C CYS D 2565 87.54 34.84 29.74
N ALA D 2566 88.80 34.80 29.33
CA ALA D 2566 89.74 35.87 29.66
C ALA D 2566 89.26 37.26 29.22
N PRO D 2567 88.75 37.46 28.00
CA PRO D 2567 88.22 38.79 27.67
C PRO D 2567 87.07 39.22 28.57
N LEU D 2568 86.27 38.27 29.06
CA LEU D 2568 85.18 38.63 29.95
C LEU D 2568 85.70 39.14 31.29
N PHE D 2569 86.89 38.70 31.69
CA PHE D 2569 87.47 39.10 32.97
C PHE D 2569 87.78 40.59 33.02
N ALA D 2570 87.80 41.28 31.88
CA ALA D 2570 88.15 42.68 31.85
C ALA D 2570 87.08 43.51 32.56
N GLY D 2571 87.52 44.40 33.45
CA GLY D 2571 86.60 45.29 34.15
C GLY D 2571 86.03 44.69 35.42
N THR D 2572 86.88 44.14 36.27
CA THR D 2572 86.44 43.60 37.55
C THR D 2572 86.11 44.73 38.52
N GLU D 2573 85.07 44.52 39.32
CA GLU D 2573 84.65 45.50 40.34
C GLU D 2573 84.88 44.89 41.71
N HIS D 2574 85.82 45.46 42.47
CA HIS D 2574 86.13 45.04 43.83
C HIS D 2574 86.51 43.56 43.90
N ARG D 2575 87.17 43.06 42.85
CA ARG D 2575 87.58 41.66 42.77
C ARG D 2575 89.09 41.48 42.97
N ALA D 2576 89.77 42.52 43.46
CA ALA D 2576 91.22 42.61 43.32
C ALA D 2576 91.94 41.48 44.06
N ILE D 2577 91.64 41.29 45.35
CA ILE D 2577 92.43 40.37 46.15
C ILE D 2577 92.17 38.91 45.76
N MET D 2578 90.92 38.55 45.47
CA MET D 2578 90.65 37.21 44.95
C MET D 2578 91.29 36.98 43.58
N VAL D 2579 91.27 37.98 42.70
CA VAL D 2579 91.96 37.82 41.42
C VAL D 2579 93.46 37.63 41.64
N ASP D 2580 94.04 38.37 42.59
CA ASP D 2580 95.46 38.22 42.90
C ASP D 2580 95.76 36.83 43.45
N SER D 2581 94.89 36.31 44.32
CA SER D 2581 95.10 34.98 44.88
C SER D 2581 95.00 33.91 43.79
N MET D 2582 94.03 34.05 42.88
CA MET D 2582 93.94 33.09 41.79
C MET D 2582 95.12 33.22 40.84
N LEU D 2583 95.68 34.42 40.72
CA LEU D 2583 96.93 34.57 39.97
C LEU D 2583 98.07 33.82 40.64
N HIS D 2584 98.14 33.90 41.98
CA HIS D 2584 99.12 33.10 42.71
C HIS D 2584 98.95 31.61 42.40
N THR D 2585 97.71 31.12 42.48
CA THR D 2585 97.46 29.71 42.24
C THR D 2585 97.85 29.30 40.82
N VAL D 2586 97.45 30.12 39.84
CA VAL D 2586 97.73 29.80 38.44
C VAL D 2586 99.23 29.81 38.17
N TYR D 2587 99.94 30.81 38.70
CA TYR D 2587 101.38 30.89 38.47
C TYR D 2587 102.12 29.74 39.14
N ARG D 2588 101.71 29.37 40.37
CA ARG D 2588 102.34 28.25 41.04
C ARG D 2588 102.08 26.94 40.29
N LEU D 2589 100.87 26.76 39.78
CA LEU D 2589 100.59 25.57 38.97
C LEU D 2589 101.40 25.58 37.68
N SER D 2590 101.59 26.76 37.09
CA SER D 2590 102.39 26.87 35.88
C SER D 2590 103.84 26.46 36.13
N ARG D 2591 104.42 26.91 37.25
CA ARG D 2591 105.75 26.48 37.62
C ARG D 2591 105.77 25.20 38.43
N GLY D 2592 104.66 24.47 38.47
CA GLY D 2592 104.62 23.19 39.16
C GLY D 2592 105.60 22.19 38.57
N ARG D 2593 105.67 21.04 39.24
CA ARG D 2593 106.62 20.00 38.91
C ARG D 2593 105.88 18.68 38.75
N SER D 2594 106.49 17.78 37.97
CA SER D 2594 105.94 16.45 37.69
C SER D 2594 104.61 16.56 36.93
N LEU D 2595 104.67 17.25 35.79
CA LEU D 2595 103.51 17.38 34.92
C LEU D 2595 103.99 17.39 33.47
N THR D 2596 103.06 17.08 32.57
CA THR D 2596 103.39 17.00 31.16
C THR D 2596 103.72 18.38 30.60
N LYS D 2597 104.60 18.39 29.59
CA LYS D 2597 104.97 19.64 28.93
C LYS D 2597 103.75 20.32 28.31
N ALA D 2598 102.83 19.54 27.73
CA ALA D 2598 101.61 20.12 27.19
C ALA D 2598 100.78 20.78 28.28
N GLN D 2599 100.67 20.14 29.44
CA GLN D 2599 99.90 20.72 30.54
C GLN D 2599 100.54 22.02 31.01
N ARG D 2600 101.87 22.03 31.16
CA ARG D 2600 102.57 23.24 31.57
C ARG D 2600 102.36 24.36 30.56
N ASP D 2601 102.42 24.02 29.26
CA ASP D 2601 102.17 25.00 28.22
C ASP D 2601 100.75 25.56 28.31
N VAL D 2602 99.79 24.70 28.63
CA VAL D 2602 98.41 25.15 28.77
C VAL D 2602 98.30 26.18 29.89
N ILE D 2603 98.90 25.87 31.06
CA ILE D 2603 98.85 26.83 32.16
C ILE D 2603 99.54 28.13 31.77
N GLU D 2604 100.65 28.03 31.06
CA GLU D 2604 101.41 29.24 30.67
C GLU D 2604 100.59 30.14 29.75
N ASP D 2605 99.99 29.55 28.71
CA ASP D 2605 99.20 30.36 27.79
C ASP D 2605 97.94 30.88 28.45
N CYS D 2606 97.38 30.13 29.40
CA CYS D 2606 96.25 30.66 30.17
C CYS D 2606 96.67 31.88 30.98
N LEU D 2607 97.86 31.82 31.60
CA LEU D 2607 98.36 32.97 32.34
C LEU D 2607 98.44 34.20 31.45
N MET D 2608 99.10 34.07 30.29
CA MET D 2608 99.24 35.24 29.43
C MET D 2608 97.90 35.72 28.88
N ALA D 2609 97.03 34.78 28.48
CA ALA D 2609 95.73 35.17 27.93
C ALA D 2609 94.89 35.91 28.96
N LEU D 2610 94.91 35.45 30.22
CA LEU D 2610 94.18 36.16 31.26
C LEU D 2610 94.81 37.53 31.53
N CYS D 2611 96.15 37.60 31.57
CA CYS D 2611 96.80 38.86 31.86
C CYS D 2611 96.51 39.91 30.79
N ARG D 2612 96.24 39.46 29.55
CA ARG D 2612 95.97 40.43 28.48
C ARG D 2612 94.77 41.33 28.76
N TYR D 2613 93.87 40.93 29.65
CA TYR D 2613 92.64 41.70 29.88
C TYR D 2613 92.49 42.17 31.33
N ILE D 2614 93.58 42.28 32.08
CA ILE D 2614 93.52 42.71 33.47
C ILE D 2614 94.27 44.03 33.62
N ARG D 2615 93.70 44.94 34.39
CA ARG D 2615 94.32 46.22 34.64
C ARG D 2615 95.63 46.03 35.41
N PRO D 2616 96.71 46.72 35.02
CA PRO D 2616 98.00 46.54 35.71
C PRO D 2616 98.01 47.05 37.14
N SER D 2617 96.96 47.72 37.60
CA SER D 2617 96.95 48.21 38.98
C SER D 2617 96.93 47.05 39.98
N MET D 2618 96.27 45.95 39.62
CA MET D 2618 96.20 44.77 40.49
C MET D 2618 97.25 43.71 40.15
N LEU D 2619 98.13 43.98 39.19
CA LEU D 2619 99.21 43.06 38.85
C LEU D 2619 100.52 43.41 39.52
N GLN D 2620 100.53 44.41 40.41
CA GLN D 2620 101.77 44.73 41.12
C GLN D 2620 102.18 43.60 42.07
N HIS D 2621 101.21 42.88 42.64
CA HIS D 2621 101.55 41.70 43.42
C HIS D 2621 102.17 40.62 42.54
N LEU D 2622 101.65 40.45 41.32
CA LEU D 2622 102.24 39.50 40.40
C LEU D 2622 103.67 39.89 40.04
N LEU D 2623 103.91 41.19 39.84
CA LEU D 2623 105.28 41.65 39.58
C LEU D 2623 106.17 41.42 40.79
N ARG D 2624 105.64 41.62 41.99
CA ARG D 2624 106.42 41.37 43.20
C ARG D 2624 106.77 39.89 43.35
N ARG D 2625 105.88 39.01 42.92
CA ARG D 2625 106.22 37.59 42.89
C ARG D 2625 107.22 37.27 41.79
N LEU D 2626 107.12 37.96 40.65
CA LEU D 2626 108.01 37.68 39.53
C LEU D 2626 109.44 38.13 39.80
N VAL D 2627 109.62 39.23 40.53
CA VAL D 2627 110.98 39.71 40.80
C VAL D 2627 111.74 38.73 41.69
N PHE D 2628 111.04 37.85 42.41
CA PHE D 2628 111.71 36.90 43.28
C PHE D 2628 112.54 35.90 42.48
N ASP D 2629 112.03 35.45 41.32
CA ASP D 2629 112.65 34.36 40.59
C ASP D 2629 113.13 34.73 39.19
N VAL D 2630 112.52 35.73 38.54
CA VAL D 2630 112.87 36.05 37.15
C VAL D 2630 114.33 36.47 37.01
N PRO D 2631 114.88 37.38 37.82
CA PRO D 2631 116.30 37.73 37.66
C PRO D 2631 117.25 36.56 37.89
N ILE D 2632 116.83 35.54 38.64
CA ILE D 2632 117.67 34.36 38.83
C ILE D 2632 117.90 33.64 37.51
N LEU D 2633 116.97 33.80 36.56
CA LEU D 2633 117.07 33.20 35.23
C LEU D 2633 117.20 31.69 35.30
N ASN D 2634 116.15 31.06 35.83
CA ASN D 2634 116.06 29.61 35.87
C ASN D 2634 115.63 29.07 34.52
N GLU D 2635 115.43 27.75 34.44
CA GLU D 2635 115.00 27.13 33.18
C GLU D 2635 113.58 27.55 32.82
N PHE D 2636 112.68 27.59 33.81
CA PHE D 2636 111.28 27.90 33.59
C PHE D 2636 110.95 29.36 33.90
N ALA D 2637 111.95 30.19 34.13
CA ALA D 2637 111.76 31.61 34.38
C ALA D 2637 111.73 32.44 33.11
N LYS D 2638 111.83 31.83 31.94
CA LYS D 2638 111.89 32.62 30.71
C LYS D 2638 110.50 33.07 30.24
N MET D 2639 109.51 32.17 30.24
CA MET D 2639 108.16 32.54 29.84
C MET D 2639 107.57 33.66 30.69
N PRO D 2640 107.76 33.67 32.03
CA PRO D 2640 107.33 34.85 32.78
C PRO D 2640 107.99 36.13 32.30
N LEU D 2641 109.24 36.05 31.83
CA LEU D 2641 109.90 37.24 31.28
C LEU D 2641 109.21 37.68 30.00
N LYS D 2642 108.76 36.72 29.17
CA LYS D 2642 107.97 37.06 27.98
C LYS D 2642 106.65 37.71 28.36
N LEU D 2643 106.01 37.20 29.41
CA LEU D 2643 104.77 37.80 29.88
C LEU D 2643 105.02 39.24 30.34
N LEU D 2644 106.13 39.47 31.04
CA LEU D 2644 106.53 40.82 31.39
C LEU D 2644 106.75 41.67 30.14
N THR D 2645 107.38 41.09 29.12
CA THR D 2645 107.64 41.81 27.88
C THR D 2645 106.33 42.31 27.26
N ASN D 2646 105.34 41.43 27.16
CA ASN D 2646 104.07 41.84 26.56
C ASN D 2646 103.31 42.81 27.45
N HIS D 2647 103.27 42.56 28.76
CA HIS D 2647 102.60 43.46 29.69
C HIS D 2647 103.27 44.82 29.75
N TYR D 2648 104.55 44.89 29.39
CA TYR D 2648 105.30 46.14 29.40
C TYR D 2648 105.21 46.89 28.09
N GLU D 2649 105.12 46.16 26.97
CA GLU D 2649 104.75 46.80 25.70
C GLU D 2649 103.36 47.41 25.81
N ARG D 2650 102.42 46.68 26.39
CA ARG D 2650 101.13 47.24 26.73
C ARG D 2650 101.24 48.10 28.00
N CYS D 2651 100.22 48.93 28.23
CA CYS D 2651 100.21 49.83 29.38
C CYS D 2651 101.46 50.69 29.45
N TRP D 2652 101.96 51.09 28.27
CA TRP D 2652 103.25 51.75 28.19
C TRP D 2652 103.20 53.16 28.79
N LYS D 2653 102.15 53.92 28.50
CA LYS D 2653 102.01 55.23 29.11
C LYS D 2653 101.58 55.13 30.57
N TYR D 2654 100.91 54.03 30.94
CA TYR D 2654 100.43 53.90 32.31
C TYR D 2654 101.60 53.88 33.29
N TYR D 2655 102.68 53.17 32.93
CA TYR D 2655 103.96 53.29 33.62
C TYR D 2655 104.71 54.50 33.04
N CYS D 2656 104.67 55.62 33.77
CA CYS D 2656 105.42 56.81 33.39
C CYS D 2656 105.28 57.82 34.51
N LEU D 2657 106.23 58.75 34.59
CA LEU D 2657 106.15 59.81 35.59
C LEU D 2657 104.90 60.67 35.42
N PRO D 2658 104.54 61.14 34.22
CA PRO D 2658 103.25 61.81 34.06
C PRO D 2658 102.12 60.79 33.95
N THR D 2659 100.91 61.31 33.79
CA THR D 2659 99.72 60.46 33.68
C THR D 2659 99.52 60.05 32.22
N GLY D 2660 99.52 58.74 31.98
CA GLY D 2660 99.38 58.24 30.62
C GLY D 2660 97.98 58.37 30.03
N TRP D 2661 97.04 57.61 30.54
CA TRP D 2661 95.65 57.62 30.08
C TRP D 2661 94.78 56.89 31.09
N ALA D 2662 93.47 57.10 30.95
CA ALA D 2662 92.49 56.60 31.91
C ALA D 2662 91.96 55.21 31.57
N ASN D 2663 92.45 54.57 30.51
CA ASN D 2663 92.00 53.21 30.19
C ASN D 2663 92.33 52.24 31.31
N PHE D 2664 93.46 52.46 32.00
CA PHE D 2664 93.78 51.67 33.18
C PHE D 2664 94.34 52.52 34.32
N GLY D 2665 94.37 53.84 34.18
CA GLY D 2665 94.78 54.72 35.26
C GLY D 2665 96.20 55.23 35.16
N VAL D 2666 96.83 55.46 36.31
CA VAL D 2666 98.22 55.90 36.37
C VAL D 2666 98.98 54.96 37.29
N THR D 2667 100.30 54.88 37.07
CA THR D 2667 101.12 54.00 37.88
C THR D 2667 101.24 54.54 39.31
N SER D 2668 101.52 53.64 40.24
CA SER D 2668 101.72 54.01 41.62
C SER D 2668 103.00 54.82 41.77
N GLU D 2669 103.23 55.33 42.98
CA GLU D 2669 104.41 56.15 43.24
C GLU D 2669 105.70 55.35 43.20
N GLU D 2670 105.64 54.03 43.17
CA GLU D 2670 106.83 53.20 43.31
C GLU D 2670 106.92 52.07 42.29
N GLU D 2671 105.83 51.71 41.61
CA GLU D 2671 105.87 50.65 40.62
C GLU D 2671 106.88 50.96 39.52
N LEU D 2672 107.13 52.24 39.24
CA LEU D 2672 108.22 52.61 38.34
C LEU D 2672 109.55 52.14 38.90
N HIS D 2673 109.77 52.27 40.20
CA HIS D 2673 111.01 51.79 40.79
C HIS D 2673 111.04 50.27 40.84
N LEU D 2674 109.88 49.60 40.94
CA LEU D 2674 109.86 48.15 40.76
C LEU D 2674 110.34 47.77 39.36
N THR D 2675 109.88 48.50 38.35
CA THR D 2675 110.38 48.27 36.99
C THR D 2675 111.88 48.54 36.90
N ARG D 2676 112.35 49.58 37.58
CA ARG D 2676 113.77 49.92 37.57
C ARG D 2676 114.60 48.80 38.19
N LYS D 2677 114.14 48.27 39.32
CA LYS D 2677 114.82 47.16 39.98
C LYS D 2677 114.79 45.91 39.09
N LEU D 2678 113.66 45.67 38.41
CA LEU D 2678 113.59 44.59 37.44
C LEU D 2678 114.67 44.76 36.38
N PHE D 2679 114.80 45.96 35.83
CA PHE D 2679 115.77 46.20 34.77
C PHE D 2679 117.19 45.96 35.26
N TRP D 2680 117.52 46.47 36.45
CA TRP D 2680 118.87 46.28 36.95
C TRP D 2680 119.16 44.81 37.27
N GLY D 2681 118.20 44.11 37.86
CA GLY D 2681 118.40 42.70 38.13
C GLY D 2681 118.62 41.89 36.88
N ILE D 2682 117.78 42.13 35.86
CA ILE D 2682 117.93 41.41 34.60
C ILE D 2682 119.24 41.78 33.92
N PHE D 2683 119.66 43.04 34.04
CA PHE D 2683 120.92 43.46 33.41
C PHE D 2683 122.12 42.80 34.07
N ASP D 2684 122.15 42.75 35.41
CA ASP D 2684 123.27 42.13 36.08
C ASP D 2684 123.28 40.61 35.87
N SER D 2685 122.10 39.99 35.79
CA SER D 2685 122.04 38.57 35.44
C SER D 2685 122.52 38.35 34.00
N LEU D 2686 122.19 39.28 33.10
CA LEU D 2686 122.66 39.21 31.72
C LEU D 2686 124.18 39.27 31.67
N ALA D 2687 124.77 40.19 32.42
CA ALA D 2687 126.21 40.38 32.37
C ALA D 2687 126.93 39.10 32.80
N HIS D 2688 128.03 38.79 32.11
CA HIS D 2688 128.87 37.62 32.36
C HIS D 2688 128.04 36.37 32.61
N LYS D 2689 127.14 36.08 31.67
CA LYS D 2689 126.33 34.87 31.70
C LYS D 2689 126.60 34.05 30.44
N LYS D 2690 126.16 32.80 30.46
CA LYS D 2690 126.33 31.90 29.32
C LYS D 2690 125.76 32.52 28.05
N TYR D 2691 126.54 32.47 26.97
CA TYR D 2691 126.11 33.04 25.69
C TYR D 2691 125.37 31.98 24.88
N ASP D 2692 124.11 31.78 25.24
CA ASP D 2692 123.20 30.95 24.47
C ASP D 2692 122.20 31.86 23.78
N GLN D 2693 121.94 31.58 22.50
CA GLN D 2693 121.12 32.48 21.69
C GLN D 2693 119.69 32.56 22.21
N GLU D 2694 118.98 31.42 22.20
CA GLU D 2694 117.59 31.41 22.66
C GLU D 2694 117.47 31.73 24.13
N LEU D 2695 118.57 31.69 24.88
CA LEU D 2695 118.54 32.05 26.29
C LEU D 2695 118.11 33.50 26.49
N TYR D 2696 118.40 34.37 25.51
CA TYR D 2696 118.08 35.78 25.68
C TYR D 2696 117.52 36.42 24.41
N ARG D 2697 117.24 35.62 23.37
CA ARG D 2697 116.67 36.17 22.15
C ARG D 2697 115.36 36.90 22.42
N MET D 2698 114.47 36.27 23.19
CA MET D 2698 113.20 36.89 23.56
C MET D 2698 113.38 37.96 24.61
N ALA D 2699 114.47 37.92 25.38
CA ALA D 2699 114.63 38.81 26.52
C ALA D 2699 115.32 40.12 26.19
N MET D 2700 116.05 40.21 25.08
CA MET D 2700 116.66 41.52 24.79
C MET D 2700 115.59 42.53 24.35
N PRO D 2701 114.58 42.15 23.56
CA PRO D 2701 113.46 43.08 23.34
C PRO D 2701 112.74 43.40 24.63
N CYS D 2702 112.78 42.49 25.61
CA CYS D 2702 112.23 42.81 26.92
C CYS D 2702 113.00 43.96 27.57
N LEU D 2703 114.33 43.94 27.47
CA LEU D 2703 115.11 45.07 27.97
C LEU D 2703 114.76 46.35 27.22
N CYS D 2704 114.59 46.26 25.90
CA CYS D 2704 114.19 47.44 25.14
C CYS D 2704 112.86 48.00 25.65
N ALA D 2705 111.88 47.13 25.83
CA ALA D 2705 110.55 47.58 26.28
C ALA D 2705 110.61 48.15 27.69
N ILE D 2706 111.35 47.51 28.59
CA ILE D 2706 111.45 48.01 29.96
C ILE D 2706 112.13 49.38 29.98
N ALA D 2707 113.22 49.54 29.21
CA ALA D 2707 113.89 50.82 29.15
C ALA D 2707 112.98 51.91 28.59
N GLY D 2708 112.19 51.56 27.57
CA GLY D 2708 111.26 52.53 27.03
C GLY D 2708 109.98 52.72 27.83
N ALA D 2709 109.76 51.91 28.85
CA ALA D 2709 108.52 51.95 29.63
C ALA D 2709 108.59 52.89 30.82
N LEU D 2710 109.72 53.55 31.07
CA LEU D 2710 109.86 54.49 32.18
C LEU D 2710 110.70 55.68 31.75
N PRO D 2711 110.41 56.86 32.28
CA PRO D 2711 111.09 58.08 31.83
C PRO D 2711 112.49 58.18 32.42
N PRO D 2712 113.43 58.76 31.69
CA PRO D 2712 114.78 58.94 32.25
C PRO D 2712 114.88 60.05 33.30
N ASP D 2713 114.29 61.21 33.03
CA ASP D 2713 114.40 62.33 33.97
C ASP D 2713 113.52 62.08 35.17
N TYR D 2714 114.12 62.08 36.36
CA TYR D 2714 113.46 61.65 37.60
C TYR D 2714 112.88 60.25 37.41
N VAL D 2715 113.78 59.29 37.19
CA VAL D 2715 113.37 57.94 36.80
C VAL D 2715 112.52 57.30 37.89
N ASP D 2716 112.93 57.45 39.15
CA ASP D 2716 112.27 56.78 40.26
C ASP D 2716 111.85 57.83 41.28
N ALA D 2717 110.65 57.65 41.83
CA ALA D 2717 110.14 58.53 42.87
C ALA D 2717 110.40 57.90 44.23
N SER D 2718 111.01 58.69 45.13
CA SER D 2718 111.33 58.24 46.48
C SER D 2718 112.23 57.00 46.45
N TYR D 2719 113.33 57.10 45.72
CA TYR D 2719 114.30 56.01 45.66
C TYR D 2719 114.94 55.81 47.03
N SER D 2720 114.97 54.56 47.48
CA SER D 2720 115.51 54.21 48.80
C SER D 2720 114.86 55.02 49.91
N ASN D 2734 114.97 33.77 45.64
CA ASN D 2734 114.17 34.85 46.20
C ASN D 2734 115.06 35.97 46.75
N PHE D 2735 114.50 36.81 47.61
CA PHE D 2735 115.21 37.92 48.22
C PHE D 2735 115.47 37.60 49.69
N ASP D 2736 116.72 37.77 50.11
CA ASP D 2736 117.11 37.55 51.51
C ASP D 2736 117.65 38.84 52.09
N PRO D 2737 116.88 39.55 52.92
CA PRO D 2737 117.39 40.80 53.51
C PRO D 2737 118.52 40.55 54.51
N ARG D 2738 119.73 40.93 54.13
CA ARG D 2738 120.88 40.72 54.99
C ARG D 2738 120.90 41.76 56.11
N PRO D 2739 120.94 41.34 57.37
CA PRO D 2739 121.04 42.32 58.47
C PRO D 2739 122.46 42.84 58.63
N VAL D 2740 122.68 43.65 59.67
CA VAL D 2740 123.99 44.22 59.95
C VAL D 2740 124.55 43.53 61.19
N GLU D 2741 125.74 42.96 61.06
CA GLU D 2741 126.39 42.26 62.16
C GLU D 2741 126.95 43.30 63.13
N THR D 2742 126.20 43.57 64.20
CA THR D 2742 126.59 44.57 65.18
C THR D 2742 126.71 44.03 66.60
N LEU D 2743 126.26 42.80 66.87
CA LEU D 2743 126.40 42.24 68.21
C LEU D 2743 127.83 41.83 68.50
N ASN D 2744 128.59 41.45 67.47
CA ASN D 2744 129.98 41.02 67.67
C ASN D 2744 130.85 42.18 68.14
N VAL D 2745 130.67 43.36 67.55
CA VAL D 2745 131.51 44.49 67.90
C VAL D 2745 131.11 45.04 69.27
N ILE D 2746 132.10 45.56 70.00
CA ILE D 2746 131.86 46.16 71.31
C ILE D 2746 131.29 47.56 71.10
N ILE D 2747 130.16 47.84 71.73
CA ILE D 2747 129.48 49.11 71.56
C ILE D 2747 130.09 50.16 72.47
N PRO D 2748 130.16 51.42 72.05
CA PRO D 2748 130.62 52.47 72.95
C PRO D 2748 129.57 52.79 74.01
N GLU D 2749 130.05 53.30 75.15
CA GLU D 2749 129.17 53.73 76.23
C GLU D 2749 129.56 55.12 76.74
N LYS D 2750 130.34 55.87 75.97
CA LYS D 2750 130.73 57.23 76.35
C LYS D 2750 129.59 58.22 76.25
N LEU D 2751 128.49 57.87 75.59
CA LEU D 2751 127.32 58.74 75.45
C LEU D 2751 126.07 58.09 76.03
N ASP D 2752 126.24 57.31 77.11
CA ASP D 2752 125.10 56.65 77.75
C ASP D 2752 124.09 57.66 78.26
N SER D 2753 124.54 58.85 78.64
CA SER D 2753 123.61 59.91 79.05
C SER D 2753 122.64 60.27 77.93
N PHE D 2754 123.04 60.05 76.68
CA PHE D 2754 122.12 60.19 75.56
C PHE D 2754 121.40 58.88 75.24
N ILE D 2755 122.09 57.75 75.36
CA ILE D 2755 121.50 56.45 75.03
C ILE D 2755 120.26 56.21 75.89
N ASN D 2756 120.44 56.21 77.21
CA ASN D 2756 119.32 55.95 78.12
C ASN D 2756 118.25 57.04 78.02
N LYS D 2757 118.68 58.29 77.86
CA LYS D 2757 117.73 59.38 77.76
C LYS D 2757 116.82 59.21 76.56
N PHE D 2758 117.38 58.87 75.40
CA PHE D 2758 116.55 58.65 74.22
C PHE D 2758 115.74 57.37 74.33
N ALA D 2759 116.28 56.34 75.00
CA ALA D 2759 115.51 55.11 75.20
C ALA D 2759 114.25 55.38 76.00
N GLU D 2760 114.36 56.20 77.05
CA GLU D 2760 113.17 56.59 77.80
C GLU D 2760 112.31 57.58 77.03
N TYR D 2761 112.94 58.43 76.21
CA TYR D 2761 112.21 59.44 75.47
C TYR D 2761 111.33 58.82 74.38
N THR D 2762 111.72 57.66 73.87
CA THR D 2762 110.85 56.97 72.91
C THR D 2762 109.50 56.63 73.53
N HIS D 2763 109.51 56.02 74.71
CA HIS D 2763 108.25 55.73 75.40
C HIS D 2763 107.56 57.01 75.87
N GLU D 2764 108.34 58.03 76.22
CA GLU D 2764 107.74 59.31 76.61
C GLU D 2764 106.96 59.93 75.45
N LYS D 2765 107.53 59.87 74.24
CA LYS D 2765 106.82 60.37 73.06
C LYS D 2765 105.67 59.44 72.68
N TRP D 2766 105.80 58.15 72.94
CA TRP D 2766 104.67 57.24 72.76
C TRP D 2766 103.50 57.68 73.64
N ALA D 2767 103.79 58.07 74.88
CA ALA D 2767 102.77 58.65 75.75
C ALA D 2767 102.26 59.97 75.18
N PHE D 2768 103.16 60.80 74.64
CA PHE D 2768 102.78 62.09 74.08
C PHE D 2768 101.79 61.94 72.93
N ASP D 2769 101.92 60.86 72.16
CA ASP D 2769 100.99 60.66 71.03
C ASP D 2769 99.56 60.42 71.51
N LYS D 2770 99.39 59.85 72.71
CA LYS D 2770 98.06 59.48 73.17
C LYS D 2770 97.20 60.71 73.49
N ILE D 2771 97.80 61.75 74.08
CA ILE D 2771 97.01 62.94 74.39
C ILE D 2771 96.53 63.61 73.10
N GLN D 2772 97.36 63.60 72.06
CA GLN D 2772 96.91 64.08 70.76
C GLN D 2772 95.84 63.16 70.18
N ASN D 2773 95.95 61.86 70.42
CA ASN D 2773 94.94 60.90 70.01
C ASN D 2773 93.67 60.96 70.87
N ASN D 2774 93.67 61.80 71.90
CA ASN D 2774 92.52 62.01 72.78
C ASN D 2774 92.21 60.75 73.59
N TRP D 2775 93.23 60.22 74.25
CA TRP D 2775 93.08 59.10 75.17
C TRP D 2775 93.98 59.32 76.37
N SER D 2776 93.40 59.17 77.57
CA SER D 2776 94.16 59.32 78.79
C SER D 2776 95.00 58.08 79.06
N TYR D 2777 96.03 58.25 79.89
CA TYR D 2777 96.92 57.16 80.26
C TYR D 2777 96.43 56.52 81.55
N GLY D 2778 96.04 55.25 81.47
CA GLY D 2778 95.55 54.52 82.63
C GLY D 2778 96.72 53.90 83.40
N GLU D 2779 96.60 53.94 84.73
CA GLU D 2779 97.66 53.44 85.60
C GLU D 2779 97.67 51.92 85.63
N ASN D 2780 96.58 51.32 86.09
CA ASN D 2780 96.49 49.87 86.19
C ASN D 2780 96.34 49.25 84.80
N VAL D 2781 96.66 47.96 84.72
CA VAL D 2781 96.56 47.22 83.46
C VAL D 2781 95.10 46.85 83.23
N ASP D 2782 94.56 47.27 82.09
CA ASP D 2782 93.17 47.00 81.74
C ASP D 2782 93.06 46.81 80.23
N GLU D 2783 92.20 45.89 79.82
CA GLU D 2783 92.05 45.59 78.40
C GLU D 2783 91.24 46.65 77.65
N GLU D 2784 90.31 47.33 78.34
CA GLU D 2784 89.47 48.29 77.66
C GLU D 2784 90.26 49.49 77.16
N LEU D 2785 91.38 49.81 77.82
CA LEU D 2785 92.24 50.91 77.38
C LEU D 2785 93.03 50.47 76.15
N LYS D 2786 92.77 51.12 75.02
CA LYS D 2786 93.38 50.68 73.76
C LYS D 2786 94.89 50.90 73.75
N THR D 2787 95.37 51.94 74.43
CA THR D 2787 96.80 52.14 74.54
C THR D 2787 97.37 51.23 75.63
N HIS D 2788 98.70 51.24 75.74
CA HIS D 2788 99.39 50.39 76.71
C HIS D 2788 99.00 50.79 78.13
N PRO D 2789 98.31 49.92 78.87
CA PRO D 2789 97.86 50.29 80.22
C PRO D 2789 98.95 50.22 81.27
N MET D 2790 100.12 49.66 80.95
CA MET D 2790 101.21 49.56 81.92
C MET D 2790 101.79 50.93 82.26
N LEU D 2791 101.55 51.93 81.41
CA LEU D 2791 102.09 53.27 81.65
C LEU D 2791 101.55 53.84 82.96
N ARG D 2792 102.39 54.56 83.68
CA ARG D 2792 102.04 55.15 84.96
C ARG D 2792 102.81 56.45 85.11
N PRO D 2793 102.42 57.30 86.07
CA PRO D 2793 103.29 58.42 86.44
C PRO D 2793 104.61 57.91 86.99
N TYR D 2794 105.66 58.69 86.77
CA TYR D 2794 107.01 58.26 87.12
C TYR D 2794 107.16 57.98 88.62
N LYS D 2795 106.32 58.59 89.46
CA LYS D 2795 106.38 58.30 90.89
C LYS D 2795 106.02 56.85 91.17
N THR D 2796 105.01 56.32 90.49
CA THR D 2796 104.55 54.95 90.66
C THR D 2796 104.77 54.12 89.39
N PHE D 2797 105.91 54.32 88.74
CA PHE D 2797 106.23 53.64 87.49
C PHE D 2797 107.32 52.61 87.74
N SER D 2798 107.12 51.39 87.25
CA SER D 2798 108.07 50.32 87.41
C SER D 2798 109.00 50.24 86.20
N GLU D 2799 110.29 50.09 86.48
CA GLU D 2799 111.32 50.07 85.44
C GLU D 2799 111.50 48.71 84.80
N LYS D 2800 110.72 47.70 85.20
CA LYS D 2800 110.84 46.37 84.59
C LYS D 2800 110.53 46.41 83.11
N ASP D 2801 109.67 47.34 82.67
CA ASP D 2801 109.38 47.50 81.26
C ASP D 2801 110.31 48.51 80.59
N LYS D 2802 110.85 49.46 81.35
CA LYS D 2802 111.84 50.38 80.79
C LYS D 2802 113.14 49.66 80.46
N GLU D 2803 113.49 48.63 81.22
CA GLU D 2803 114.71 47.87 80.95
C GLU D 2803 114.51 46.83 79.85
N ILE D 2804 113.32 46.72 79.28
CA ILE D 2804 113.09 45.82 78.16
C ILE D 2804 112.63 46.55 76.90
N TYR D 2805 112.05 47.74 77.01
CA TYR D 2805 111.63 48.49 75.83
C TYR D 2805 112.77 49.25 75.16
N ARG D 2806 113.92 49.37 75.83
CA ARG D 2806 115.08 50.03 75.22
C ARG D 2806 115.81 49.13 74.23
N TRP D 2807 115.45 47.85 74.15
CA TRP D 2807 116.17 46.93 73.29
C TRP D 2807 116.12 47.32 71.81
N PRO D 2808 114.97 47.71 71.23
CA PRO D 2808 115.01 48.22 69.85
C PRO D 2808 115.89 49.46 69.71
N ILE D 2809 115.87 50.35 70.70
CA ILE D 2809 116.73 51.52 70.68
C ILE D 2809 118.19 51.12 70.75
N LYS D 2810 118.51 50.14 71.60
CA LYS D 2810 119.87 49.63 71.68
C LYS D 2810 120.32 49.04 70.34
N GLU D 2811 119.43 48.27 69.70
CA GLU D 2811 119.76 47.68 68.41
C GLU D 2811 120.00 48.75 67.35
N SER D 2812 119.17 49.79 67.34
CA SER D 2812 119.34 50.86 66.36
C SER D 2812 120.66 51.61 66.59
N LEU D 2813 120.99 51.89 67.85
CA LEU D 2813 122.23 52.57 68.15
C LEU D 2813 123.44 51.72 67.80
N LYS D 2814 123.35 50.41 68.08
CA LYS D 2814 124.41 49.50 67.65
C LYS D 2814 124.53 49.45 66.13
N ALA D 2815 123.40 49.57 65.43
CA ALA D 2815 123.43 49.61 63.97
C ALA D 2815 124.18 50.85 63.49
N MET D 2816 123.89 52.01 64.08
CA MET D 2816 124.63 53.21 63.69
C MET D 2816 126.11 53.07 64.02
N ILE D 2817 126.43 52.45 65.16
CA ILE D 2817 127.83 52.24 65.52
C ILE D 2817 128.53 51.36 64.50
N ALA D 2818 127.87 50.27 64.09
CA ALA D 2818 128.44 49.38 63.08
C ALA D 2818 128.58 50.08 61.74
N TRP D 2819 127.68 51.03 61.44
CA TRP D 2819 127.82 51.82 60.22
C TRP D 2819 129.08 52.68 60.29
N GLU D 2820 129.55 53.10 59.12
CA GLU D 2820 130.75 53.93 59.03
C GLU D 2820 130.55 55.31 59.65
N TRP D 2821 129.32 55.72 59.91
CA TRP D 2821 129.05 57.03 60.47
C TRP D 2821 129.23 57.03 61.97
N THR D 2822 129.98 58.01 62.48
CA THR D 2822 130.29 58.14 63.89
C THR D 2822 129.50 59.27 64.52
N ILE D 2823 129.53 59.33 65.84
CA ILE D 2823 128.84 60.34 66.63
C ILE D 2823 129.86 61.07 67.49
N GLU D 2824 129.86 62.40 67.41
CA GLU D 2824 130.76 63.23 68.19
C GLU D 2824 129.96 64.27 68.97
N LYS D 2825 130.32 64.45 70.24
CA LYS D 2825 129.65 65.42 71.11
C LYS D 2825 130.24 66.80 70.85
N ALA D 2826 129.72 67.46 69.81
CA ALA D 2826 130.17 68.80 69.49
C ALA D 2826 129.78 69.79 70.58
N ARG D 2827 128.57 69.67 71.13
CA ARG D 2827 128.08 70.57 72.15
C ARG D 2827 128.53 70.11 73.54
N GLU D 2828 128.34 70.99 74.52
CA GLU D 2828 128.64 70.71 75.91
C GLU D 2828 127.33 70.58 76.66
N GLY D 2829 126.95 69.36 77.00
CA GLY D 2829 125.71 69.12 77.71
C GLY D 2829 125.56 67.66 78.05
N GLU D 2830 124.49 67.37 78.78
CA GLU D 2830 124.17 66.01 79.22
C GLU D 2830 125.33 65.37 79.99
N TYR D 2855 103.58 62.36 83.08
CA TYR D 2855 104.31 61.56 82.11
C TYR D 2855 104.01 62.04 80.69
N ASN D 2856 104.32 63.32 80.43
CA ASN D 2856 104.08 63.92 79.13
C ASN D 2856 105.21 64.89 78.84
N PRO D 2857 105.87 64.76 77.67
CA PRO D 2857 106.98 65.66 77.35
C PRO D 2857 106.53 66.97 76.73
N GLN D 2858 106.92 68.09 77.34
CA GLN D 2858 106.61 69.40 76.76
C GLN D 2858 107.32 69.62 75.42
N PRO D 2859 108.62 69.35 75.27
CA PRO D 2859 109.25 69.53 73.95
C PRO D 2859 108.75 68.47 72.98
N PRO D 2860 108.23 68.90 71.82
CA PRO D 2860 107.71 67.93 70.84
C PRO D 2860 108.76 67.48 69.84
N ASP D 2861 108.63 66.23 69.42
CA ASP D 2861 109.47 65.63 68.38
C ASP D 2861 108.62 65.49 67.13
N LEU D 2862 108.77 66.43 66.19
CA LEU D 2862 108.02 66.45 64.95
C LEU D 2862 108.97 66.35 63.77
N SER D 2863 108.60 65.52 62.80
CA SER D 2863 109.42 65.27 61.62
C SER D 2863 108.92 66.05 60.40
N GLY D 2864 108.22 67.15 60.60
CA GLY D 2864 107.67 67.95 59.53
C GLY D 2864 108.58 69.04 59.00
N VAL D 2865 109.82 69.12 59.45
CA VAL D 2865 110.76 70.14 59.01
C VAL D 2865 111.82 69.50 58.14
N THR D 2866 112.34 70.28 57.20
CA THR D 2866 113.33 69.79 56.26
C THR D 2866 114.72 69.78 56.88
N LEU D 2867 115.67 69.20 56.17
CA LEU D 2867 117.06 69.09 56.61
C LEU D 2867 117.95 68.96 55.39
N SER D 2868 119.26 68.85 55.64
CA SER D 2868 120.21 68.74 54.55
C SER D 2868 120.13 67.37 53.88
N ARG D 2869 120.68 67.29 52.67
CA ARG D 2869 120.56 66.08 51.87
C ARG D 2869 121.30 64.90 52.51
N GLU D 2870 122.56 65.11 52.89
CA GLU D 2870 123.33 64.02 53.50
CA GLU D 2870 123.33 64.02 53.50
C GLU D 2870 122.71 63.59 54.83
N LEU D 2871 122.30 64.57 55.65
CA LEU D 2871 121.71 64.23 56.95
C LEU D 2871 120.35 63.56 56.77
N GLN D 2872 119.64 63.86 55.68
CA GLN D 2872 118.43 63.11 55.36
C GLN D 2872 118.75 61.72 54.82
N ALA D 2873 119.86 61.58 54.09
CA ALA D 2873 120.31 60.26 53.68
C ALA D 2873 120.67 59.41 54.89
N MET D 2874 121.11 60.04 55.98
CA MET D 2874 121.31 59.33 57.24
C MET D 2874 120.02 58.63 57.67
N ALA D 2875 118.92 59.37 57.73
CA ALA D 2875 117.65 58.79 58.15
C ALA D 2875 117.15 57.78 57.13
N GLU D 2876 117.39 58.04 55.85
CA GLU D 2876 116.98 57.09 54.81
C GLU D 2876 117.67 55.75 54.99
N GLN D 2877 118.99 55.76 55.22
CA GLN D 2877 119.73 54.53 55.42
C GLN D 2877 119.35 53.86 56.74
N LEU D 2878 119.08 54.65 57.78
CA LEU D 2878 118.64 54.07 59.05
C LEU D 2878 117.30 53.35 58.88
N ALA D 2879 116.36 53.96 58.14
CA ALA D 2879 115.09 53.30 57.86
C ALA D 2879 115.28 52.06 57.00
N GLU D 2880 116.23 52.12 56.06
CA GLU D 2880 116.54 50.92 55.26
C GLU D 2880 117.02 49.79 56.15
N ASN D 2881 117.91 50.10 57.12
CA ASN D 2881 118.37 49.08 58.04
C ASN D 2881 117.22 48.55 58.89
N TYR D 2882 116.36 49.45 59.38
CA TYR D 2882 115.18 49.02 60.12
C TYR D 2882 114.35 48.02 59.31
N HIS D 2883 114.07 48.35 58.05
CA HIS D 2883 113.17 47.50 57.28
C HIS D 2883 113.84 46.20 56.87
N ASN D 2884 115.15 46.19 56.59
CA ASN D 2884 115.77 44.91 56.26
C ASN D 2884 115.87 44.00 57.49
N THR D 2885 116.11 44.58 58.67
CA THR D 2885 116.05 43.77 59.89
C THR D 2885 114.65 43.22 60.11
N TRP D 2886 113.62 44.05 59.88
CA TRP D 2886 112.24 43.60 60.03
C TRP D 2886 111.92 42.50 59.02
N GLY D 2887 112.39 42.65 57.78
CA GLY D 2887 112.15 41.62 56.77
C GLY D 2887 112.85 40.32 57.11
N ARG D 2888 114.07 40.40 57.65
CA ARG D 2888 114.76 39.18 58.06
C ARG D 2888 114.02 38.49 59.20
N LYS D 2889 113.59 39.26 60.22
CA LYS D 2889 112.90 38.64 61.35
C LYS D 2889 111.52 38.14 60.98
N LYS D 2890 110.92 38.67 59.91
CA LYS D 2890 109.65 38.13 59.43
C LYS D 2890 109.86 36.88 58.57
N LYS D 2891 110.85 36.91 57.69
CA LYS D 2891 111.11 35.76 56.83
C LYS D 2891 111.68 34.58 57.59
N GLN D 2892 112.24 34.81 58.79
CA GLN D 2892 112.66 33.69 59.61
C GLN D 2892 111.47 32.81 59.98
N GLU D 2893 110.33 33.43 60.33
CA GLU D 2893 109.11 32.67 60.57
C GLU D 2893 108.43 32.26 59.27
N LEU D 2894 108.50 33.10 58.24
CA LEU D 2894 107.79 32.83 57.00
C LEU D 2894 108.40 31.67 56.21
N GLU D 2895 109.70 31.41 56.39
CA GLU D 2895 110.37 30.39 55.59
C GLU D 2895 109.89 28.99 55.91
N ALA D 2896 109.20 28.78 57.03
CA ALA D 2896 108.70 27.46 57.36
C ALA D 2896 107.52 27.05 56.48
N LYS D 2897 106.85 28.01 55.84
CA LYS D 2897 105.71 27.67 55.00
C LYS D 2897 106.15 26.96 53.72
N GLY D 2898 107.23 27.45 53.09
CA GLY D 2898 107.70 26.88 51.85
C GLY D 2898 106.96 27.35 50.61
N GLY D 2899 105.98 28.24 50.75
CA GLY D 2899 105.24 28.75 49.62
C GLY D 2899 104.61 30.09 49.90
N GLY D 2900 104.76 31.03 48.98
CA GLY D 2900 104.24 32.37 49.15
C GLY D 2900 105.20 33.26 49.93
N THR D 2901 104.87 34.55 49.97
CA THR D 2901 105.71 35.52 50.66
C THR D 2901 104.86 36.68 51.13
N HIS D 2902 105.38 37.41 52.11
CA HIS D 2902 104.68 38.58 52.61
C HIS D 2902 104.75 39.71 51.58
N PRO D 2903 103.68 40.46 51.40
CA PRO D 2903 103.71 41.57 50.43
C PRO D 2903 104.70 42.67 50.80
N LEU D 2904 105.07 42.79 52.07
CA LEU D 2904 106.01 43.82 52.51
C LEU D 2904 107.42 43.29 52.70
N LEU D 2905 107.68 42.05 52.27
CA LEU D 2905 109.02 41.48 52.38
C LEU D 2905 109.98 42.05 51.34
N VAL D 2906 109.48 42.86 50.40
CA VAL D 2906 110.30 43.46 49.35
C VAL D 2906 111.32 44.41 49.99
N PRO D 2907 112.47 44.63 49.36
CA PRO D 2907 113.48 45.52 49.95
C PRO D 2907 112.94 46.92 50.24
N TYR D 2908 113.72 47.65 51.05
CA TYR D 2908 113.30 48.97 51.49
C TYR D 2908 113.16 49.94 50.33
N ASP D 2909 114.13 49.92 49.40
CA ASP D 2909 114.03 50.79 48.24
C ASP D 2909 112.86 50.39 47.35
N THR D 2910 112.54 49.11 47.27
CA THR D 2910 111.51 48.64 46.36
C THR D 2910 110.10 48.90 46.89
N LEU D 2911 109.91 48.87 48.21
CA LEU D 2911 108.54 49.01 48.73
C LEU D 2911 107.99 50.40 48.46
N THR D 2912 106.66 50.48 48.42
CA THR D 2912 105.99 51.74 48.10
C THR D 2912 106.19 52.77 49.21
N ALA D 2913 106.19 54.04 48.82
CA ALA D 2913 106.40 55.12 49.76
C ALA D 2913 105.26 55.25 50.78
N LYS D 2914 104.06 54.79 50.44
CA LYS D 2914 102.95 54.88 51.37
C LYS D 2914 103.18 54.03 52.61
N GLU D 2915 103.72 52.82 52.43
CA GLU D 2915 104.07 51.96 53.55
C GLU D 2915 105.47 52.23 54.09
N LYS D 2916 106.26 53.05 53.40
CA LYS D 2916 107.58 53.44 53.90
C LYS D 2916 107.47 54.36 55.10
N ALA D 2917 106.33 55.02 55.29
CA ALA D 2917 106.19 56.01 56.35
C ALA D 2917 106.40 55.41 57.73
N ARG D 2918 106.06 54.12 57.90
CA ARG D 2918 106.16 53.49 59.21
C ARG D 2918 107.60 53.55 59.74
N ASP D 2919 108.57 53.32 58.88
CA ASP D 2919 109.98 53.44 59.26
C ASP D 2919 110.51 54.85 59.06
N ARG D 2920 110.02 55.57 58.05
CA ARG D 2920 110.53 56.90 57.75
C ARG D 2920 110.24 57.88 58.88
N GLU D 2921 109.04 57.80 59.47
CA GLU D 2921 108.70 58.71 60.56
C GLU D 2921 109.60 58.48 61.77
N LYS D 2922 109.84 57.22 62.13
CA LYS D 2922 110.72 56.92 63.25
C LYS D 2922 112.15 57.37 62.95
N ALA D 2923 112.64 57.12 61.74
CA ALA D 2923 113.99 57.54 61.39
C ALA D 2923 114.13 59.05 61.43
N GLN D 2924 113.13 59.76 60.93
CA GLN D 2924 113.19 61.22 60.94
C GLN D 2924 113.04 61.79 62.35
N GLU D 2925 112.24 61.15 63.20
CA GLU D 2925 112.16 61.58 64.60
C GLU D 2925 113.49 61.41 65.30
N LEU D 2926 114.16 60.28 65.07
CA LEU D 2926 115.49 60.09 65.63
C LEU D 2926 116.47 61.10 65.07
N LEU D 2927 116.35 61.42 63.78
CA LEU D 2927 117.20 62.43 63.16
C LEU D 2927 116.99 63.80 63.79
N LYS D 2928 115.73 64.17 64.06
CA LYS D 2928 115.44 65.45 64.69
C LYS D 2928 115.94 65.47 66.13
N PHE D 2929 115.86 64.34 66.83
CA PHE D 2929 116.44 64.26 68.16
C PHE D 2929 117.95 64.48 68.11
N LEU D 2930 118.63 63.87 67.12
CA LEU D 2930 120.06 64.08 66.95
C LEU D 2930 120.36 65.53 66.63
N GLN D 2931 119.53 66.17 65.80
CA GLN D 2931 119.71 67.58 65.47
C GLN D 2931 119.57 68.45 66.71
N MET D 2932 118.57 68.16 67.55
CA MET D 2932 118.41 68.90 68.79
C MET D 2932 119.61 68.72 69.71
N ASN D 2933 120.15 67.50 69.76
CA ASN D 2933 121.37 67.28 70.53
C ASN D 2933 122.54 68.09 69.96
N GLY D 2934 122.63 68.18 68.64
CA GLY D 2934 123.74 68.84 68.00
C GLY D 2934 124.94 67.96 67.73
N TYR D 2935 124.76 66.64 67.72
CA TYR D 2935 125.86 65.73 67.52
C TYR D 2935 126.41 65.83 66.10
N ALA D 2936 127.74 65.72 65.97
CA ALA D 2936 128.40 65.73 64.68
C ALA D 2936 128.49 64.32 64.13
N VAL D 2937 128.15 64.15 62.85
CA VAL D 2937 128.16 62.86 62.19
C VAL D 2937 129.11 62.93 61.02
N THR D 2938 130.05 61.98 60.97
CA THR D 2938 131.03 61.90 59.89
C THR D 2938 131.24 60.43 59.53
N ARG D 2939 131.34 60.16 58.23
CA ARG D 2939 131.56 58.79 57.76
C ARG D 2939 133.02 58.38 57.89
N SER D 2950 121.01 64.14 41.63
CA SER D 2950 120.54 64.89 40.47
C SER D 2950 120.48 63.99 39.24
N ILE D 2951 121.17 64.40 38.18
CA ILE D 2951 121.19 63.63 36.93
C ILE D 2951 121.91 62.29 37.09
N GLU D 2952 122.80 62.19 38.09
CA GLU D 2952 123.51 60.93 38.32
C GLU D 2952 122.55 59.84 38.76
N LYS D 2953 121.57 60.18 39.60
CA LYS D 2953 120.61 59.19 40.08
C LYS D 2953 119.60 58.78 39.01
N ARG D 2954 119.48 59.56 37.94
CA ARG D 2954 118.44 59.32 36.95
C ARG D 2954 118.87 58.23 35.95
N PHE D 2955 117.86 57.64 35.31
CA PHE D 2955 118.05 56.84 34.10
C PHE D 2955 118.62 57.67 32.96
N ALA D 2956 118.51 58.99 33.02
CA ALA D 2956 119.03 59.81 31.94
C ALA D 2956 120.52 59.61 31.77
N PHE D 2957 121.28 59.66 32.87
CA PHE D 2957 122.73 59.76 32.78
C PHE D 2957 123.47 58.65 33.52
N GLY D 2958 122.92 58.11 34.61
CA GLY D 2958 123.56 57.00 35.29
C GLY D 2958 123.73 55.77 34.40
N PHE D 2959 122.66 55.40 33.69
CA PHE D 2959 122.77 54.32 32.73
C PHE D 2959 123.84 54.63 31.68
N LEU D 2960 123.98 55.91 31.33
CA LEU D 2960 125.07 56.29 30.44
C LEU D 2960 126.42 56.24 31.15
N GLN D 2961 126.46 56.40 32.48
CA GLN D 2961 127.72 56.16 33.20
C GLN D 2961 128.14 54.70 33.07
N GLN D 2962 127.20 53.77 33.29
CA GLN D 2962 127.53 52.38 33.03
C GLN D 2962 127.79 52.11 31.55
N LEU D 2963 127.21 52.90 30.64
CA LEU D 2963 127.63 52.78 29.25
C LEU D 2963 129.09 53.12 29.09
N LEU D 2964 129.56 54.18 29.77
CA LEU D 2964 130.98 54.53 29.73
C LEU D 2964 131.83 53.37 30.24
N ARG D 2965 131.44 52.82 31.39
CA ARG D 2965 132.12 51.67 31.98
C ARG D 2965 132.05 50.45 31.09
N TRP D 2966 131.15 50.45 30.10
CA TRP D 2966 131.10 49.39 29.11
C TRP D 2966 131.98 49.69 27.89
N MET D 2967 131.89 50.91 27.34
CA MET D 2967 132.55 51.20 26.08
C MET D 2967 134.05 51.36 26.24
N ASP D 2968 134.54 51.66 27.45
CA ASP D 2968 135.98 51.60 27.63
C ASP D 2968 136.50 50.18 27.35
N ILE D 2969 135.87 49.19 27.97
CA ILE D 2969 136.20 47.80 27.69
C ILE D 2969 135.95 47.47 26.22
N SER D 2970 134.87 48.04 25.66
CA SER D 2970 134.55 47.76 24.26
C SER D 2970 135.68 48.21 23.35
N GLN D 2971 136.15 49.44 23.54
CA GLN D 2971 137.21 49.97 22.69
C GLN D 2971 138.51 49.21 22.89
N GLU D 2972 138.85 48.86 24.13
CA GLU D 2972 140.10 48.14 24.32
C GLU D 2972 140.05 46.74 23.69
N PHE D 2973 138.93 46.03 23.82
CA PHE D 2973 138.90 44.68 23.25
C PHE D 2973 138.78 44.73 21.73
N ILE D 2974 138.10 45.73 21.16
CA ILE D 2974 138.08 45.79 19.69
C ILE D 2974 139.43 46.23 19.15
N ALA D 2975 140.18 47.02 19.91
CA ALA D 2975 141.56 47.30 19.52
C ALA D 2975 142.39 46.03 19.53
N HIS D 2976 142.21 45.20 20.55
CA HIS D 2976 142.88 43.90 20.58
C HIS D 2976 142.47 43.04 19.39
N LEU D 2977 141.18 43.03 19.06
CA LEU D 2977 140.69 42.23 17.95
C LEU D 2977 141.26 42.70 16.62
N GLU D 2978 141.33 44.02 16.40
CA GLU D 2978 141.91 44.51 15.16
C GLU D 2978 143.41 44.24 15.10
N ALA D 2979 144.09 44.33 16.25
CA ALA D 2979 145.51 44.01 16.27
C ALA D 2979 145.75 42.55 15.91
N VAL D 2980 144.95 41.64 16.47
CA VAL D 2980 145.16 40.22 16.19
C VAL D 2980 144.72 39.88 14.76
N VAL D 2981 143.69 40.54 14.24
CA VAL D 2981 143.29 40.26 12.87
C VAL D 2981 144.33 40.80 11.90
N SER D 2982 145.03 41.88 12.26
CA SER D 2982 146.17 42.32 11.46
C SER D 2982 147.31 41.32 11.52
N SER D 2983 147.67 40.89 12.73
CA SER D 2983 148.69 39.87 12.91
C SER D 2983 148.08 38.47 13.03
N GLY D 2984 147.20 38.13 12.10
CA GLY D 2984 146.63 36.80 12.03
C GLY D 2984 145.25 36.69 12.63
N ARG D 2985 145.11 35.84 13.66
CA ARG D 2985 143.86 35.67 14.38
C ARG D 2985 144.16 34.98 15.71
N VAL D 2986 143.17 34.99 16.59
CA VAL D 2986 143.25 34.35 17.89
C VAL D 2986 142.29 33.16 17.90
N GLU D 2987 142.81 31.99 18.30
CA GLU D 2987 141.98 30.80 18.34
C GLU D 2987 140.83 30.95 19.33
N LYS D 2988 141.12 31.50 20.51
CA LYS D 2988 140.12 31.71 21.55
C LYS D 2988 140.22 33.15 22.05
N SER D 2989 139.14 33.91 21.89
CA SER D 2989 139.11 35.26 22.40
C SER D 2989 139.07 35.24 23.93
N PRO D 2990 139.81 36.12 24.60
CA PRO D 2990 139.81 36.11 26.07
C PRO D 2990 138.44 36.37 26.68
N HIS D 2991 137.63 37.22 26.07
CA HIS D 2991 136.33 37.61 26.63
C HIS D 2991 135.27 37.66 25.53
N GLU D 2992 135.21 36.59 24.73
CA GLU D 2992 134.28 36.56 23.60
C GLU D 2992 132.82 36.76 24.04
N GLN D 2993 132.46 36.29 25.24
CA GLN D 2993 131.10 36.50 25.71
C GLN D 2993 130.82 37.99 25.87
N GLU D 2994 131.75 38.72 26.49
CA GLU D 2994 131.61 40.17 26.58
C GLU D 2994 131.76 40.84 25.22
N ILE D 2995 132.43 40.19 24.27
CA ILE D 2995 132.56 40.72 22.91
C ILE D 2995 131.21 40.75 22.22
N LYS D 2996 130.46 39.66 22.31
CA LYS D 2996 129.14 39.61 21.70
C LYS D 2996 128.05 40.25 22.57
N PHE D 2997 128.34 40.49 23.85
CA PHE D 2997 127.35 41.11 24.73
C PHE D 2997 126.89 42.45 24.17
N PHE D 2998 127.84 43.33 23.81
CA PHE D 2998 127.44 44.65 23.36
C PHE D 2998 126.68 44.56 22.04
N ALA D 2999 127.16 43.70 21.12
CA ALA D 2999 126.53 43.58 19.82
C ALA D 2999 125.09 43.08 19.92
N LYS D 3000 124.79 42.28 20.94
CA LYS D 3000 123.41 41.79 21.08
C LYS D 3000 122.55 42.61 22.03
N ILE D 3001 123.12 43.40 22.93
CA ILE D 3001 122.34 44.15 23.91
C ILE D 3001 122.50 45.65 23.71
N LEU D 3002 123.73 46.15 23.75
CA LEU D 3002 123.96 47.59 23.79
C LEU D 3002 123.43 48.26 22.53
N LEU D 3003 123.75 47.72 21.35
CA LEU D 3003 123.30 48.33 20.10
C LEU D 3003 121.78 48.37 20.01
N PRO D 3004 121.04 47.28 20.21
CA PRO D 3004 119.57 47.41 20.24
C PRO D 3004 119.08 48.36 21.32
N LEU D 3005 119.66 48.27 22.52
CA LEU D 3005 119.22 49.15 23.60
C LEU D 3005 119.47 50.62 23.29
N ILE D 3006 120.64 50.95 22.74
CA ILE D 3006 120.88 52.35 22.41
C ILE D 3006 119.93 52.81 21.30
N ASN D 3007 119.83 52.03 20.23
CA ASN D 3007 119.05 52.47 19.08
C ASN D 3007 117.54 52.41 19.32
N GLN D 3008 117.10 51.78 20.41
CA GLN D 3008 115.69 51.82 20.79
C GLN D 3008 115.45 52.93 21.81
N TYR D 3009 116.27 52.98 22.87
CA TYR D 3009 116.06 53.92 23.96
C TYR D 3009 116.20 55.37 23.49
N PHE D 3010 117.30 55.67 22.80
CA PHE D 3010 117.49 57.04 22.34
C PHE D 3010 116.46 57.40 21.26
N THR D 3011 116.09 56.44 20.42
CA THR D 3011 114.97 56.67 19.49
C THR D 3011 113.70 57.05 20.23
N ASN D 3012 113.37 56.32 21.29
CA ASN D 3012 112.11 56.53 22.00
C ASN D 3012 112.09 57.87 22.70
N HIS D 3013 113.19 58.24 23.36
CA HIS D 3013 113.20 59.47 24.16
C HIS D 3013 113.98 60.61 23.52
N CYS D 3014 114.20 60.55 22.20
CA CYS D 3014 114.90 61.62 21.51
C CYS D 3014 114.12 62.94 21.54
N LEU D 3015 112.83 62.88 21.89
CA LEU D 3015 112.02 64.09 22.00
C LEU D 3015 112.59 65.05 23.03
N TYR D 3016 113.08 64.53 24.17
CA TYR D 3016 113.60 65.39 25.22
C TYR D 3016 115.12 65.52 25.19
N PHE D 3017 115.83 64.59 24.53
CA PHE D 3017 117.29 64.67 24.52
C PHE D 3017 117.79 65.95 23.85
N LEU D 3018 117.05 66.48 22.88
CA LEU D 3018 117.36 67.76 22.27
C LEU D 3018 116.56 68.90 22.89
N SER D 3019 116.03 68.70 24.09
CA SER D 3019 115.27 69.71 24.80
C SER D 3019 116.12 70.32 25.90
N THR D 3020 115.99 71.63 26.06
CA THR D 3020 116.65 72.40 27.11
C THR D 3020 115.61 73.35 27.68
N PRO D 3021 115.74 73.74 28.96
CA PRO D 3021 114.86 74.78 29.49
C PRO D 3021 114.78 76.01 28.60
N ALA D 3022 115.87 76.36 27.90
CA ALA D 3022 115.81 77.42 26.91
C ALA D 3022 114.91 77.02 25.74
N LYS D 3023 114.97 75.76 25.32
CA LYS D 3023 114.13 75.28 24.23
C LYS D 3023 112.67 75.18 24.68
N VAL D 3024 111.78 75.14 23.69
CA VAL D 3024 110.34 75.06 23.93
C VAL D 3024 109.86 73.77 23.31
N LEU D 3025 109.79 72.71 24.11
CA LEU D 3025 109.41 71.38 23.64
C LEU D 3025 108.50 70.72 24.65
N GLY D 3026 107.71 69.75 24.16
CA GLY D 3026 106.70 69.13 25.01
C GLY D 3026 107.29 68.35 26.15
N SER D 3027 108.28 67.50 25.87
CA SER D 3027 108.90 66.70 26.91
C SER D 3027 109.88 67.56 27.72
N GLY D 3028 109.97 67.27 29.02
CA GLY D 3028 110.86 68.03 29.87
C GLY D 3028 112.32 67.83 29.49
N GLY D 3029 113.07 68.93 29.49
CA GLY D 3029 114.46 68.87 29.09
C GLY D 3029 115.34 68.21 30.13
N HIS D 3030 116.47 67.66 29.66
CA HIS D 3030 117.40 67.01 30.57
C HIS D 3030 118.09 68.01 31.49
N ALA D 3031 118.37 69.22 30.99
CA ALA D 3031 118.95 70.30 31.79
C ALA D 3031 120.23 69.86 32.49
N SER D 3032 121.05 69.08 31.80
CA SER D 3032 122.31 68.60 32.36
C SER D 3032 123.33 68.50 31.24
N ASN D 3033 124.44 69.22 31.39
CA ASN D 3033 125.44 69.25 30.33
C ASN D 3033 126.10 67.88 30.15
N LYS D 3034 126.43 67.20 31.25
CA LYS D 3034 127.04 65.89 31.17
C LYS D 3034 126.09 64.86 30.55
N GLU D 3035 124.79 64.98 30.83
CA GLU D 3035 123.80 64.08 30.27
C GLU D 3035 123.94 63.94 28.76
N LYS D 3036 124.13 65.07 28.08
CA LYS D 3036 124.29 65.08 26.63
C LYS D 3036 125.74 65.07 26.18
N GLU D 3037 126.67 65.41 27.05
CA GLU D 3037 128.04 65.58 26.57
C GLU D 3037 128.80 64.27 26.60
N MET D 3038 128.45 63.36 27.51
CA MET D 3038 129.04 62.04 27.38
C MET D 3038 128.40 61.32 26.20
N ILE D 3039 127.19 61.72 25.81
CA ILE D 3039 126.64 61.25 24.54
C ILE D 3039 127.50 61.74 23.39
N THR D 3040 127.94 62.99 23.44
CA THR D 3040 128.88 63.50 22.46
C THR D 3040 130.20 62.73 22.46
N SER D 3041 130.71 62.42 23.64
CA SER D 3041 131.90 61.57 23.75
C SER D 3041 131.63 60.23 23.11
N LEU D 3042 130.40 59.72 23.25
CA LEU D 3042 130.03 58.44 22.67
C LEU D 3042 130.02 58.54 21.14
N PHE D 3043 129.60 59.69 20.61
CA PHE D 3043 129.77 59.94 19.17
C PHE D 3043 131.21 59.76 18.77
N CYS D 3044 132.10 60.49 19.44
CA CYS D 3044 133.51 60.46 19.08
C CYS D 3044 134.08 59.06 19.24
N LYS D 3045 133.76 58.42 20.36
CA LYS D 3045 134.29 57.09 20.65
C LYS D 3045 133.77 56.06 19.67
N LEU D 3046 132.46 56.07 19.39
CA LEU D 3046 131.88 55.13 18.44
C LEU D 3046 132.47 55.35 17.04
N ALA D 3047 132.64 56.61 16.64
CA ALA D 3047 133.36 56.90 15.40
C ALA D 3047 134.73 56.22 15.41
N ALA D 3048 135.49 56.44 16.49
CA ALA D 3048 136.80 55.81 16.62
C ALA D 3048 136.71 54.28 16.67
N LEU D 3049 135.62 53.73 17.22
CA LEU D 3049 135.45 52.29 17.24
C LEU D 3049 135.33 51.71 15.84
N VAL D 3050 134.81 52.49 14.90
CA VAL D 3050 134.66 52.07 13.51
C VAL D 3050 135.50 52.92 12.58
N ARG D 3051 136.31 53.84 13.12
CA ARG D 3051 137.13 54.69 12.28
C ARG D 3051 138.12 53.84 11.49
N HIS D 3052 137.92 53.76 10.19
CA HIS D 3052 138.69 52.90 9.29
C HIS D 3052 138.58 51.43 9.69
N ARG D 3053 137.64 51.10 10.58
CA ARG D 3053 137.43 49.74 11.07
C ARG D 3053 135.97 49.34 10.97
N VAL D 3054 135.21 49.95 10.04
CA VAL D 3054 133.80 49.62 9.93
C VAL D 3054 133.61 48.17 9.53
N SER D 3055 134.34 47.71 8.51
CA SER D 3055 134.27 46.31 8.13
C SER D 3055 134.93 45.43 9.18
N LEU D 3056 135.93 45.96 9.89
CA LEU D 3056 136.57 45.22 10.96
C LEU D 3056 135.64 45.06 12.16
N PHE D 3057 134.73 46.01 12.37
CA PHE D 3057 133.88 45.97 13.55
C PHE D 3057 133.02 44.71 13.57
N GLY D 3058 132.49 44.30 12.43
CA GLY D 3058 131.75 43.07 12.36
C GLY D 3058 130.54 43.21 11.45
N THR D 3059 129.70 42.17 11.48
CA THR D 3059 128.46 42.16 10.71
C THR D 3059 127.45 43.16 11.26
N ASP D 3060 127.63 43.61 12.51
CA ASP D 3060 126.74 44.62 13.08
C ASP D 3060 127.17 46.04 12.73
N ALA D 3061 128.12 46.21 11.81
CA ALA D 3061 128.50 47.54 11.36
C ALA D 3061 127.32 48.33 10.81
N PRO D 3062 126.45 47.78 9.97
CA PRO D 3062 125.23 48.54 9.60
C PRO D 3062 124.40 48.88 10.82
N ALA D 3063 124.31 47.96 11.79
CA ALA D 3063 123.63 48.29 13.04
C ALA D 3063 124.37 49.39 13.79
N VAL D 3064 125.71 49.32 13.80
CA VAL D 3064 126.50 50.33 14.51
C VAL D 3064 126.31 51.70 13.87
N VAL D 3065 126.32 51.77 12.54
CA VAL D 3065 126.13 53.06 11.88
C VAL D 3065 124.71 53.57 12.04
N ASN D 3066 123.72 52.66 12.10
CA ASN D 3066 122.35 53.11 12.41
C ASN D 3066 122.26 53.69 13.82
N CYS D 3067 122.93 53.05 14.78
CA CYS D 3067 122.98 53.58 16.14
C CYS D 3067 123.67 54.94 16.16
N LEU D 3068 124.76 55.08 15.40
CA LEU D 3068 125.46 56.36 15.33
C LEU D 3068 124.55 57.42 14.69
N HIS D 3069 123.71 57.00 13.74
CA HIS D 3069 122.79 57.92 13.08
C HIS D 3069 121.74 58.44 14.06
N ILE D 3070 121.07 57.51 14.75
CA ILE D 3070 120.05 57.93 15.71
C ILE D 3070 120.70 58.66 16.86
N LEU D 3071 121.98 58.41 17.11
CA LEU D 3071 122.76 59.28 18.00
C LEU D 3071 122.85 60.68 17.45
N ALA D 3072 123.16 60.81 16.15
CA ALA D 3072 123.30 62.13 15.54
C ALA D 3072 122.05 62.96 15.74
N ARG D 3073 120.91 62.30 15.84
CA ARG D 3073 119.70 62.99 16.29
C ARG D 3073 119.89 63.54 17.70
N SER D 3074 119.22 64.67 18.00
CA SER D 3074 119.24 65.28 19.33
C SER D 3074 120.64 65.75 19.75
N LEU D 3075 121.11 66.82 19.11
CA LEU D 3075 122.35 67.48 19.52
C LEU D 3075 122.17 69.00 19.52
N ASP D 3076 122.49 69.63 20.64
CA ASP D 3076 122.52 71.09 20.74
C ASP D 3076 123.92 71.56 21.11
N ALA D 3077 124.36 72.66 20.48
CA ALA D 3077 125.66 73.24 20.80
C ALA D 3077 125.75 73.71 22.25
N ARG D 3078 124.61 73.99 22.89
CA ARG D 3078 124.61 74.39 24.29
C ARG D 3078 125.16 73.29 25.19
N THR D 3079 125.25 72.06 24.70
CA THR D 3079 125.77 70.95 25.48
C THR D 3079 127.09 70.40 24.95
N VAL D 3080 127.52 70.78 23.76
CA VAL D 3080 128.70 70.19 23.13
C VAL D 3080 129.83 71.21 22.95
N MET D 3081 129.52 72.42 22.48
CA MET D 3081 130.53 73.44 22.22
C MET D 3081 130.35 74.68 23.09
N LYS D 3082 129.15 75.26 23.12
CA LYS D 3082 128.94 76.48 23.89
C LYS D 3082 129.12 76.25 25.39
N SER D 3083 128.97 75.01 25.85
CA SER D 3083 129.25 74.67 27.24
C SER D 3083 129.82 73.27 27.29
N GLY D 3084 130.67 73.02 28.28
CA GLY D 3084 131.21 71.70 28.50
C GLY D 3084 132.73 71.66 28.63
N PRO D 3085 133.24 70.53 29.13
CA PRO D 3085 134.69 70.39 29.27
C PRO D 3085 135.40 70.40 27.92
N GLU D 3086 136.65 70.86 27.94
CA GLU D 3086 137.41 71.00 26.71
C GLU D 3086 137.86 69.67 26.13
N ILE D 3087 137.86 68.59 26.94
CA ILE D 3087 138.29 67.30 26.43
C ILE D 3087 137.35 66.79 25.35
N VAL D 3088 136.06 66.79 25.63
CA VAL D 3088 135.08 66.33 24.64
C VAL D 3088 134.94 67.32 23.50
N LYS D 3089 135.08 68.62 23.80
CA LYS D 3089 135.07 69.62 22.74
C LYS D 3089 136.19 69.35 21.74
N ALA D 3090 137.40 69.14 22.25
CA ALA D 3090 138.53 68.81 21.39
C ALA D 3090 138.33 67.48 20.69
N GLY D 3091 137.65 66.53 21.35
CA GLY D 3091 137.37 65.26 20.70
C GLY D 3091 136.49 65.42 19.48
N LEU D 3092 135.41 66.18 19.61
CA LEU D 3092 134.51 66.36 18.47
C LEU D 3092 135.17 67.23 17.39
N ARG D 3093 135.95 68.23 17.79
CA ARG D 3093 136.70 69.02 16.81
C ARG D 3093 137.71 68.15 16.07
N SER D 3094 138.38 67.25 16.78
CA SER D 3094 139.30 66.32 16.14
C SER D 3094 138.57 65.36 15.22
N PHE D 3095 137.35 64.96 15.59
CA PHE D 3095 136.55 64.15 14.67
C PHE D 3095 136.26 64.92 13.38
N PHE D 3096 135.91 66.20 13.50
CA PHE D 3096 135.69 67.01 12.30
C PHE D 3096 136.94 67.10 11.45
N GLU D 3097 138.09 67.36 12.09
CA GLU D 3097 139.35 67.45 11.34
C GLU D 3097 139.68 66.13 10.67
N SER D 3098 139.51 65.01 11.38
CA SER D 3098 139.81 63.71 10.81
C SER D 3098 138.89 63.38 9.65
N ALA D 3099 137.60 63.67 9.79
CA ALA D 3099 136.66 63.41 8.69
C ALA D 3099 137.00 64.24 7.46
N SER D 3100 137.30 65.53 7.66
CA SER D 3100 137.65 66.38 6.53
C SER D 3100 138.96 65.94 5.89
N GLU D 3101 139.93 65.53 6.71
CA GLU D 3101 141.20 65.05 6.16
C GLU D 3101 141.01 63.75 5.37
N ASP D 3102 140.17 62.85 5.87
CA ASP D 3102 139.87 61.63 5.13
C ASP D 3102 139.18 61.95 3.81
N ILE D 3103 138.26 62.93 3.82
CA ILE D 3103 137.61 63.35 2.58
C ILE D 3103 138.64 63.89 1.60
N GLU D 3104 139.58 64.71 2.09
CA GLU D 3104 140.63 65.23 1.24
C GLU D 3104 141.47 64.10 0.64
N LYS D 3105 141.83 63.11 1.46
CA LYS D 3105 142.62 62.00 0.97
C LYS D 3105 141.85 61.18 -0.09
N MET D 3106 140.56 60.95 0.14
CA MET D 3106 139.75 60.26 -0.86
C MET D 3106 139.69 61.04 -2.17
N VAL D 3107 139.46 62.36 -2.09
CA VAL D 3107 139.30 63.13 -3.32
C VAL D 3107 140.63 63.34 -4.05
N GLU D 3108 141.76 63.26 -3.34
CA GLU D 3108 143.04 63.33 -4.04
C GLU D 3108 143.46 61.96 -4.57
N ASN D 3109 143.03 60.87 -3.93
CA ASN D 3109 143.26 59.55 -4.48
C ASN D 3109 142.44 59.32 -5.74
N LEU D 3110 141.18 59.76 -5.73
CA LEU D 3110 140.31 59.60 -6.89
C LEU D 3110 140.63 60.58 -8.01
N ARG D 3111 141.48 61.57 -7.76
CA ARG D 3111 141.86 62.55 -8.77
C ARG D 3111 142.66 61.89 -9.90
N GLN D 3127 138.88 49.22 2.89
CA GLN D 3127 139.31 50.34 2.06
C GLN D 3127 138.89 51.66 2.69
N ASN D 3128 139.78 52.67 2.57
CA ASN D 3128 139.49 53.98 3.14
C ASN D 3128 138.26 54.60 2.50
N LEU D 3129 138.13 54.50 1.18
CA LEU D 3129 136.96 55.06 0.50
C LEU D 3129 135.69 54.32 0.88
N THR D 3130 135.76 52.99 1.01
CA THR D 3130 134.59 52.23 1.43
C THR D 3130 134.16 52.63 2.83
N TYR D 3131 135.12 52.75 3.75
CA TYR D 3131 134.80 53.19 5.10
C TYR D 3131 134.16 54.56 5.09
N THR D 3132 134.72 55.49 4.33
CA THR D 3132 134.15 56.83 4.24
C THR D 3132 132.72 56.78 3.73
N THR D 3133 132.52 56.18 2.54
CA THR D 3133 131.22 56.18 1.89
C THR D 3133 130.17 55.41 2.67
N VAL D 3134 130.57 54.46 3.51
CA VAL D 3134 129.58 53.69 4.27
C VAL D 3134 129.23 54.38 5.59
N ALA D 3135 130.23 54.81 6.36
CA ALA D 3135 129.96 55.36 7.68
C ALA D 3135 129.99 56.89 7.68
N LEU D 3136 131.08 57.48 7.18
CA LEU D 3136 131.32 58.89 7.42
C LEU D 3136 130.36 59.77 6.63
N LEU D 3137 130.20 59.51 5.34
CA LEU D 3137 129.40 60.39 4.50
C LEU D 3137 127.94 60.43 4.93
N PRO D 3138 127.25 59.31 5.15
CA PRO D 3138 125.84 59.41 5.59
C PRO D 3138 125.66 60.07 6.95
N VAL D 3139 126.46 59.67 7.93
CA VAL D 3139 126.32 60.25 9.26
C VAL D 3139 126.69 61.72 9.26
N LEU D 3140 127.74 62.09 8.51
CA LEU D 3140 128.09 63.50 8.38
C LEU D 3140 126.96 64.28 7.74
N THR D 3141 126.32 63.70 6.73
CA THR D 3141 125.14 64.32 6.12
C THR D 3141 124.05 64.53 7.16
N THR D 3142 123.82 63.54 8.03
CA THR D 3142 122.80 63.68 9.06
C THR D 3142 123.18 64.76 10.07
N LEU D 3143 124.44 64.84 10.47
CA LEU D 3143 124.87 65.91 11.37
C LEU D 3143 124.58 67.27 10.74
N PHE D 3144 124.98 67.44 9.48
CA PHE D 3144 124.76 68.73 8.81
C PHE D 3144 123.28 69.04 8.68
N GLN D 3145 122.46 68.06 8.31
CA GLN D 3145 121.03 68.29 8.19
C GLN D 3145 120.41 68.65 9.54
N HIS D 3146 120.80 67.96 10.60
CA HIS D 3146 120.25 68.25 11.92
C HIS D 3146 120.65 69.64 12.39
N ILE D 3147 121.90 70.03 12.15
CA ILE D 3147 122.34 71.38 12.53
C ILE D 3147 121.60 72.43 11.72
N ALA D 3148 121.42 72.18 10.42
CA ALA D 3148 120.70 73.14 9.58
C ALA D 3148 119.26 73.31 10.02
N GLN D 3149 118.58 72.20 10.33
CA GLN D 3149 117.18 72.28 10.72
C GLN D 3149 117.04 72.90 12.11
N HIS D 3150 117.96 72.60 13.02
CA HIS D 3150 117.93 73.18 14.36
C HIS D 3150 118.45 74.60 14.40
N GLN D 3151 118.97 75.13 13.29
CA GLN D 3151 119.53 76.47 13.22
C GLN D 3151 120.65 76.66 14.24
N PHE D 3152 121.50 75.64 14.40
CA PHE D 3152 122.66 75.70 15.26
C PHE D 3152 123.95 75.93 14.48
N GLY D 3153 123.85 76.33 13.21
CA GLY D 3153 125.05 76.48 12.40
C GLY D 3153 126.03 77.50 12.96
N ASP D 3154 125.50 78.63 13.46
CA ASP D 3154 126.36 79.65 14.04
C ASP D 3154 127.02 79.15 15.32
N ASP D 3155 126.29 78.38 16.13
CA ASP D 3155 126.80 77.92 17.42
C ASP D 3155 127.66 76.65 17.30
N VAL D 3156 127.55 75.91 16.21
CA VAL D 3156 128.35 74.70 16.00
C VAL D 3156 129.52 74.96 15.07
N ILE D 3157 129.26 75.56 13.91
CA ILE D 3157 130.29 75.82 12.91
C ILE D 3157 130.96 77.13 13.29
N LEU D 3158 132.06 77.05 14.02
CA LEU D 3158 132.85 78.22 14.37
C LEU D 3158 134.25 77.78 14.77
N ASP D 3159 135.22 78.66 14.54
CA ASP D 3159 136.62 78.46 14.93
C ASP D 3159 137.15 77.20 14.26
N ASP D 3160 137.60 76.19 15.01
CA ASP D 3160 138.15 74.99 14.39
C ASP D 3160 137.10 74.26 13.57
N VAL D 3161 135.86 74.22 14.07
CA VAL D 3161 134.79 73.57 13.32
C VAL D 3161 134.55 74.28 11.99
N GLN D 3162 134.58 75.61 12.00
CA GLN D 3162 134.35 76.36 10.76
C GLN D 3162 135.52 76.17 9.79
N VAL D 3163 136.75 76.11 10.31
CA VAL D 3163 137.89 75.81 9.44
C VAL D 3163 137.75 74.44 8.80
N SER D 3164 137.35 73.45 9.60
CA SER D 3164 137.14 72.10 9.08
C SER D 3164 136.05 72.09 8.02
N CYS D 3165 134.97 72.82 8.26
CA CYS D 3165 133.91 72.95 7.26
C CYS D 3165 134.45 73.58 5.99
N TYR D 3166 135.30 74.60 6.11
CA TYR D 3166 135.92 75.20 4.94
C TYR D 3166 136.68 74.17 4.12
N ARG D 3167 137.55 73.39 4.78
CA ARG D 3167 138.41 72.50 4.00
C ARG D 3167 137.64 71.31 3.44
N THR D 3168 136.65 70.80 4.17
CA THR D 3168 135.83 69.72 3.60
C THR D 3168 134.96 70.25 2.46
N LEU D 3169 134.45 71.48 2.59
CA LEU D 3169 133.71 72.11 1.50
C LEU D 3169 134.56 72.19 0.24
N CYS D 3170 135.79 72.69 0.38
CA CYS D 3170 136.62 72.86 -0.80
C CYS D 3170 137.22 71.55 -1.29
N SER D 3171 137.22 70.51 -0.46
CA SER D 3171 137.65 69.19 -0.93
C SER D 3171 136.55 68.49 -1.70
N ILE D 3172 135.29 68.65 -1.29
CA ILE D 3172 134.19 68.01 -2.00
C ILE D 3172 134.11 68.51 -3.44
N TYR D 3173 134.18 69.84 -3.62
CA TYR D 3173 134.10 70.41 -4.96
C TYR D 3173 135.37 70.22 -5.76
N SER D 3174 136.50 69.94 -5.09
CA SER D 3174 137.74 69.69 -5.81
C SER D 3174 137.65 68.43 -6.65
N LEU D 3175 136.98 67.41 -6.13
CA LEU D 3175 136.78 66.17 -6.89
C LEU D 3175 135.92 66.41 -8.13
N GLY D 3176 135.20 67.54 -8.17
CA GLY D 3176 134.35 67.82 -9.32
C GLY D 3176 135.10 67.89 -10.64
N THR D 3177 136.38 68.23 -10.60
CA THR D 3177 137.16 68.28 -11.82
C THR D 3177 137.48 66.90 -12.38
N THR D 3178 137.34 65.85 -11.57
CA THR D 3178 137.64 64.50 -12.00
C THR D 3178 136.54 63.98 -12.92
N LYS D 3179 136.95 63.31 -14.01
CA LYS D 3179 136.01 62.77 -14.99
C LYS D 3179 136.10 61.25 -15.06
N ASN D 3180 136.36 60.59 -13.94
CA ASN D 3180 136.50 59.14 -13.92
C ASN D 3180 135.12 58.48 -13.95
N THR D 3181 135.13 57.15 -13.98
CA THR D 3181 133.90 56.35 -14.05
C THR D 3181 133.44 55.86 -12.69
N TYR D 3182 134.35 55.39 -11.83
CA TYR D 3182 133.97 54.88 -10.52
C TYR D 3182 133.45 55.97 -9.60
N VAL D 3183 133.71 57.25 -9.93
CA VAL D 3183 133.23 58.35 -9.10
C VAL D 3183 131.81 58.77 -9.44
N GLU D 3184 131.26 58.31 -10.57
CA GLU D 3184 129.95 58.75 -11.00
C GLU D 3184 128.86 58.41 -9.98
N LYS D 3185 128.92 57.20 -9.42
CA LYS D 3185 127.90 56.79 -8.45
C LYS D 3185 128.00 57.59 -7.15
N LEU D 3186 129.21 58.01 -6.78
CA LEU D 3186 129.40 58.74 -5.52
C LEU D 3186 128.94 60.19 -5.62
N ARG D 3187 128.93 60.76 -6.82
CA ARG D 3187 128.63 62.18 -6.97
C ARG D 3187 127.28 62.60 -6.38
N PRO D 3188 126.18 61.84 -6.52
CA PRO D 3188 124.94 62.26 -5.84
C PRO D 3188 125.09 62.43 -4.34
N ALA D 3189 125.82 61.52 -3.67
CA ALA D 3189 125.99 61.64 -2.23
C ALA D 3189 126.83 62.86 -1.86
N LEU D 3190 127.89 63.11 -2.61
CA LEU D 3190 128.70 64.31 -2.37
C LEU D 3190 127.88 65.57 -2.58
N GLY D 3191 127.05 65.59 -3.62
CA GLY D 3191 126.19 66.74 -3.84
C GLY D 3191 125.18 66.95 -2.72
N GLU D 3192 124.58 65.86 -2.22
CA GLU D 3192 123.64 65.97 -1.11
C GLU D 3192 124.33 66.50 0.14
N CYS D 3193 125.51 65.97 0.46
CA CYS D 3193 126.22 66.44 1.65
C CYS D 3193 126.68 67.88 1.51
N LEU D 3194 127.08 68.26 0.30
CA LEU D 3194 127.48 69.64 0.05
C LEU D 3194 126.30 70.58 0.19
N ALA D 3195 125.12 70.15 -0.27
CA ALA D 3195 123.90 70.93 -0.06
C ALA D 3195 123.58 71.06 1.41
N ARG D 3196 123.75 69.97 2.17
CA ARG D 3196 123.47 70.01 3.61
C ARG D 3196 124.41 70.98 4.32
N LEU D 3197 125.70 70.96 3.98
CA LEU D 3197 126.62 71.90 4.62
C LEU D 3197 126.36 73.32 4.18
N ALA D 3198 125.93 73.53 2.94
CA ALA D 3198 125.65 74.88 2.46
C ALA D 3198 124.51 75.52 3.25
N ALA D 3199 123.49 74.74 3.60
CA ALA D 3199 122.36 75.27 4.36
C ALA D 3199 122.78 75.72 5.75
N ALA D 3200 123.62 74.94 6.42
CA ALA D 3200 124.07 75.24 7.78
C ALA D 3200 125.39 75.98 7.80
N MET D 3201 125.76 76.67 6.71
CA MET D 3201 127.06 77.32 6.62
C MET D 3201 126.85 78.78 7.01
N PRO D 3202 127.31 79.24 8.17
CA PRO D 3202 126.87 80.53 8.71
C PRO D 3202 127.74 81.73 8.37
N VAL D 3203 128.73 81.61 7.48
CA VAL D 3203 129.54 82.77 7.11
C VAL D 3203 129.15 83.31 5.73
N ALA D 3204 128.41 82.53 4.94
CA ALA D 3204 128.13 82.86 3.54
C ALA D 3204 129.43 83.00 2.75
N PHE D 3205 130.13 81.85 2.65
CA PHE D 3205 131.43 81.80 1.99
C PHE D 3205 131.37 82.23 0.53
N LEU D 3206 130.20 82.18 -0.10
CA LEU D 3206 130.08 82.49 -1.52
C LEU D 3206 130.46 83.93 -1.83
N GLU D 3207 130.42 84.82 -0.84
CA GLU D 3207 130.83 86.20 -1.02
C GLU D 3207 132.14 86.48 -0.28
N PRO D 3208 133.28 86.14 -0.88
CA PRO D 3208 134.56 86.42 -0.20
C PRO D 3208 134.81 87.89 0.03
N GLN D 3209 134.36 88.76 -0.88
CA GLN D 3209 134.63 90.19 -0.76
C GLN D 3209 133.80 90.86 0.33
N LEU D 3210 132.79 90.19 0.87
CA LEU D 3210 131.95 90.75 1.91
C LEU D 3210 131.98 89.93 3.20
N ASN D 3211 132.88 88.97 3.32
CA ASN D 3211 132.92 88.11 4.50
C ASN D 3211 133.42 88.83 5.74
N GLU D 3212 134.15 89.95 5.58
CA GLU D 3212 134.64 90.69 6.73
C GLU D 3212 133.51 91.33 7.54
N TYR D 3213 132.36 91.56 6.92
CA TYR D 3213 131.23 92.15 7.65
C TYR D 3213 130.59 91.14 8.59
N ASN D 3214 130.45 89.90 8.15
CA ASN D 3214 129.82 88.87 8.96
C ASN D 3214 130.72 88.50 10.15
N ALA D 3215 130.13 88.42 11.34
CA ALA D 3215 130.89 88.11 12.53
C ALA D 3215 131.29 86.64 12.61
N CYS D 3216 130.62 85.77 11.87
CA CYS D 3216 130.94 84.34 11.90
C CYS D 3216 132.23 84.02 11.16
N SER D 3217 132.77 84.95 10.38
CA SER D 3217 133.98 84.70 9.64
C SER D 3217 135.17 84.50 10.57
N VAL D 3218 136.06 83.58 10.19
CA VAL D 3218 137.27 83.34 10.97
C VAL D 3218 138.14 84.59 11.03
N TYR D 3219 138.12 85.40 9.97
CA TYR D 3219 138.89 86.64 9.97
C TYR D 3219 138.26 87.68 10.88
N THR D 3220 136.93 87.78 10.87
CA THR D 3220 136.25 88.71 11.77
C THR D 3220 136.29 88.22 13.22
N SER D 3221 136.04 86.92 13.42
CA SER D 3221 136.02 86.39 14.78
C SER D 3221 137.43 86.33 15.37
N LYS D 3222 138.40 85.87 14.60
CA LYS D 3222 139.77 85.71 15.06
C LYS D 3222 140.64 86.81 14.46
N SER D 3223 141.36 87.54 15.32
CA SER D 3223 142.27 88.57 14.88
C SER D 3223 143.42 87.96 14.09
N PRO D 3224 144.09 88.75 13.24
CA PRO D 3224 145.23 88.21 12.46
C PRO D 3224 146.27 87.49 13.31
N ARG D 3225 146.48 87.93 14.56
CA ARG D 3225 147.33 87.17 15.46
C ARG D 3225 146.75 85.77 15.70
N GLU D 3226 145.44 85.69 15.93
CA GLU D 3226 144.79 84.40 16.06
C GLU D 3226 144.72 83.64 14.74
N ARG D 3227 144.87 84.34 13.62
CA ARG D 3227 144.88 83.70 12.31
C ARG D 3227 146.28 83.23 11.90
N ALA D 3228 147.32 83.66 12.61
CA ALA D 3228 148.68 83.33 12.21
C ALA D 3228 149.03 81.87 12.51
N ILE D 3229 148.54 81.33 13.63
CA ILE D 3229 148.94 79.99 14.04
C ILE D 3229 148.54 78.96 13.01
N LEU D 3230 147.39 79.14 12.36
CA LEU D 3230 146.96 78.24 11.30
C LEU D 3230 147.19 78.82 9.91
N GLY D 3231 147.92 79.93 9.81
CA GLY D 3231 148.28 80.51 8.53
C GLY D 3231 147.10 80.92 7.67
N LEU D 3232 146.14 81.61 8.28
CA LEU D 3232 144.92 81.98 7.58
C LEU D 3232 145.22 83.05 6.53
N PRO D 3233 144.91 82.80 5.26
CA PRO D 3233 145.06 83.85 4.24
C PRO D 3233 144.02 84.95 4.43
N ASN D 3234 144.13 85.98 3.60
CA ASN D 3234 143.31 87.18 3.78
C ASN D 3234 141.82 86.90 3.58
N SER D 3235 141.48 86.11 2.57
CA SER D 3235 140.09 85.90 2.21
C SER D 3235 139.71 84.42 2.30
N VAL D 3236 138.41 84.15 2.46
CA VAL D 3236 137.93 82.77 2.46
C VAL D 3236 138.21 82.11 1.11
N GLU D 3237 138.21 82.91 0.04
CA GLU D 3237 138.55 82.40 -1.28
C GLU D 3237 140.04 82.09 -1.37
N GLU D 3238 140.87 82.80 -0.61
CA GLU D 3238 142.31 82.57 -0.69
C GLU D 3238 142.72 81.25 -0.07
N MET D 3239 142.02 80.80 0.98
CA MET D 3239 142.33 79.50 1.55
C MET D 3239 142.12 78.42 0.48
N CYS D 3240 140.99 78.50 -0.22
CA CYS D 3240 140.63 77.56 -1.27
C CYS D 3240 139.70 78.25 -2.26
N PRO D 3241 140.22 78.65 -3.40
CA PRO D 3241 139.38 79.34 -4.40
C PRO D 3241 138.59 78.38 -5.25
N ASP D 3242 138.45 77.14 -4.76
CA ASP D 3242 137.76 76.11 -5.52
C ASP D 3242 136.33 76.52 -5.85
N ILE D 3243 135.64 77.14 -4.89
CA ILE D 3243 134.27 77.60 -5.12
C ILE D 3243 134.30 78.94 -5.85
N PRO D 3244 133.73 79.04 -7.04
CA PRO D 3244 133.65 80.33 -7.73
C PRO D 3244 132.68 81.27 -7.02
N VAL D 3245 132.89 82.57 -7.23
CA VAL D 3245 131.99 83.57 -6.65
C VAL D 3245 130.61 83.47 -7.29
N LEU D 3246 129.60 83.95 -6.56
CA LEU D 3246 128.22 83.83 -7.00
C LEU D 3246 127.91 84.74 -8.19
N ASP D 3247 128.70 85.80 -8.38
CA ASP D 3247 128.36 86.81 -9.38
C ASP D 3247 128.33 86.22 -10.79
N ARG D 3248 129.30 85.37 -11.11
CA ARG D 3248 129.38 84.80 -12.45
C ARG D 3248 128.96 83.34 -12.52
N LEU D 3249 129.03 82.60 -11.41
CA LEU D 3249 128.73 81.18 -11.43
C LEU D 3249 127.27 80.93 -11.81
N MET D 3250 126.35 81.74 -11.28
CA MET D 3250 124.96 81.64 -11.67
C MET D 3250 124.79 81.91 -13.16
N ALA D 3251 125.46 82.94 -13.67
CA ALA D 3251 125.43 83.20 -15.10
C ALA D 3251 126.09 82.07 -15.88
N ASP D 3252 127.17 81.50 -15.32
CA ASP D 3252 127.86 80.41 -15.99
C ASP D 3252 126.93 79.21 -16.20
N ILE D 3253 126.23 78.80 -15.15
CA ILE D 3253 125.32 77.66 -15.30
C ILE D 3253 124.13 78.04 -16.18
N GLY D 3254 123.57 79.25 -15.97
CA GLY D 3254 122.45 79.69 -16.79
C GLY D 3254 122.78 79.85 -18.25
N GLY D 3255 124.06 79.90 -18.60
CA GLY D 3255 124.46 79.90 -19.99
C GLY D 3255 124.77 78.49 -20.51
N LEU D 3256 125.61 77.76 -19.78
CA LEU D 3256 126.06 76.45 -20.25
C LEU D 3256 124.92 75.45 -20.32
N ALA D 3257 124.06 75.40 -19.29
CA ALA D 3257 122.98 74.43 -19.29
C ALA D 3257 121.97 74.72 -20.39
N GLU D 3258 121.67 76.01 -20.62
CA GLU D 3258 120.79 76.37 -21.73
C GLU D 3258 121.41 76.02 -23.08
N SER D 3259 122.71 76.26 -23.24
CA SER D 3259 123.35 76.01 -24.52
C SER D 3259 123.44 74.52 -24.83
N GLY D 3260 123.91 73.73 -23.88
CA GLY D 3260 124.07 72.30 -24.14
C GLY D 3260 122.73 71.58 -24.26
N ALA D 3261 121.89 71.69 -23.24
CA ALA D 3261 120.53 71.14 -23.26
C ALA D 3261 120.52 69.64 -23.49
N ARG D 3262 121.56 68.94 -23.05
CA ARG D 3262 121.61 67.49 -23.20
C ARG D 3262 122.59 66.90 -22.20
N TYR D 3263 122.21 65.76 -21.62
CA TYR D 3263 123.12 65.07 -20.71
C TYR D 3263 124.25 64.38 -21.48
N THR D 3264 123.93 63.71 -22.58
CA THR D 3264 124.91 62.92 -23.31
C THR D 3264 126.01 63.80 -23.89
N GLU D 3265 125.66 64.99 -24.37
CA GLU D 3265 126.66 65.87 -24.97
C GLU D 3265 127.71 66.29 -23.95
N MET D 3266 127.29 66.59 -22.73
CA MET D 3266 128.21 67.02 -21.66
C MET D 3266 127.95 66.21 -20.39
N PRO D 3267 128.27 64.92 -20.40
CA PRO D 3267 127.94 64.07 -19.25
C PRO D 3267 128.64 64.47 -17.96
N HIS D 3268 129.81 65.12 -18.05
CA HIS D 3268 130.56 65.48 -16.86
C HIS D 3268 129.82 66.50 -16.01
N VAL D 3269 129.36 67.60 -16.63
CA VAL D 3269 128.74 68.65 -15.85
C VAL D 3269 127.40 68.18 -15.27
N ILE D 3270 126.71 67.26 -15.97
CA ILE D 3270 125.42 66.76 -15.47
C ILE D 3270 125.59 66.11 -14.10
N GLU D 3271 126.76 65.53 -13.82
CA GLU D 3271 127.03 64.92 -12.54
C GLU D 3271 128.02 65.71 -11.69
N ILE D 3272 128.47 66.88 -12.16
CA ILE D 3272 129.38 67.69 -11.35
C ILE D 3272 128.74 69.01 -10.95
N THR D 3273 128.27 69.78 -11.93
CA THR D 3273 127.69 71.08 -11.65
C THR D 3273 126.30 70.94 -11.04
N LEU D 3274 125.52 69.96 -11.49
CA LEU D 3274 124.22 69.73 -10.88
C LEU D 3274 124.31 69.42 -9.39
N PRO D 3275 125.26 68.64 -8.90
CA PRO D 3275 125.43 68.55 -7.43
C PRO D 3275 125.68 69.89 -6.75
N MET D 3276 126.51 70.77 -7.31
CA MET D 3276 126.67 72.07 -6.67
C MET D 3276 125.48 72.97 -6.93
N LEU D 3277 124.69 72.69 -7.97
CA LEU D 3277 123.42 73.37 -8.14
C LEU D 3277 122.44 72.98 -7.03
N CYS D 3278 122.43 71.70 -6.66
CA CYS D 3278 121.66 71.29 -5.49
C CYS D 3278 122.24 71.89 -4.21
N SER D 3279 123.55 72.13 -4.18
CA SER D 3279 124.15 72.87 -3.07
C SER D 3279 123.61 74.29 -3.00
N TYR D 3280 123.46 74.93 -4.16
CA TYR D 3280 122.89 76.27 -4.22
C TYR D 3280 121.39 76.28 -3.99
N LEU D 3281 120.73 75.12 -4.09
CA LEU D 3281 119.30 75.03 -3.84
C LEU D 3281 118.87 75.66 -2.53
N PRO D 3282 119.53 75.39 -1.37
CA PRO D 3282 119.15 76.12 -0.14
C PRO D 3282 119.70 77.54 -0.12
N ARG D 3283 119.37 78.31 -1.15
CA ARG D 3283 119.80 79.70 -1.22
C ARG D 3283 118.84 80.53 -0.39
N TRP D 3284 119.33 81.05 0.73
CA TRP D 3284 118.54 81.86 1.63
C TRP D 3284 118.58 83.32 1.22
N TRP D 3285 117.42 83.97 1.29
CA TRP D 3285 117.33 85.40 1.02
C TRP D 3285 116.68 86.18 2.16
N GLU D 3286 116.41 85.53 3.29
CA GLU D 3286 115.89 86.23 4.46
C GLU D 3286 116.95 87.05 5.16
N ARG D 3287 118.24 86.83 4.85
CA ARG D 3287 119.34 87.59 5.43
C ARG D 3287 119.98 88.52 4.41
N GLY D 3288 119.20 89.02 3.46
CA GLY D 3288 119.69 89.93 2.45
C GLY D 3288 118.89 91.21 2.39
N PRO D 3289 118.97 91.91 1.25
CA PRO D 3289 118.17 93.14 1.10
C PRO D 3289 116.68 92.90 1.05
N GLU D 3290 116.24 91.69 0.72
CA GLU D 3290 114.80 91.42 0.57
C GLU D 3290 114.08 91.49 1.91
N ALA D 3291 114.64 90.88 2.93
CA ALA D 3291 114.03 90.81 4.25
C ALA D 3291 115.04 91.23 5.31
N PRO D 3292 114.56 91.76 6.44
CA PRO D 3292 115.48 92.18 7.51
C PRO D 3292 116.38 91.05 7.95
N PRO D 3293 117.69 91.17 7.76
CA PRO D 3293 118.60 90.08 8.08
C PRO D 3293 118.77 89.92 9.58
N PRO D 3294 118.69 88.69 10.09
CA PRO D 3294 119.08 88.46 11.49
C PRO D 3294 120.53 88.80 11.77
N ALA D 3295 121.40 88.67 10.78
CA ALA D 3295 122.81 89.00 10.91
C ALA D 3295 123.12 90.44 10.53
N LEU D 3296 122.10 91.24 10.25
CA LEU D 3296 122.33 92.65 9.92
C LEU D 3296 123.07 93.41 11.03
N PRO D 3297 122.76 93.26 12.32
CA PRO D 3297 123.60 93.90 13.34
C PRO D 3297 125.05 93.45 13.29
N ALA D 3298 125.29 92.17 12.97
CA ALA D 3298 126.66 91.68 12.85
C ALA D 3298 127.35 92.30 11.65
N GLY D 3299 126.69 92.29 10.49
CA GLY D 3299 127.22 92.93 9.30
C GLY D 3299 126.22 93.84 8.63
N ALA D 3300 126.52 95.13 8.60
CA ALA D 3300 125.62 96.09 7.96
C ALA D 3300 125.45 95.84 6.46
N PRO D 3301 126.51 95.60 5.67
CA PRO D 3301 126.33 95.12 4.30
C PRO D 3301 126.35 93.60 4.23
N PRO D 3302 125.22 92.94 4.49
CA PRO D 3302 125.23 91.47 4.58
C PRO D 3302 125.71 90.84 3.28
N PRO D 3303 126.46 89.74 3.36
CA PRO D 3303 126.98 89.13 2.12
C PRO D 3303 125.89 88.75 1.13
N CYS D 3304 124.75 88.27 1.62
CA CYS D 3304 123.64 87.89 0.74
C CYS D 3304 123.08 89.14 0.06
N THR D 3305 123.31 89.26 -1.24
CA THR D 3305 122.84 90.42 -2.00
C THR D 3305 122.28 89.96 -3.35
N ALA D 3306 121.46 88.91 -3.31
CA ALA D 3306 120.80 88.39 -4.49
C ALA D 3306 119.30 88.47 -4.30
N VAL D 3307 118.59 88.96 -5.32
CA VAL D 3307 117.16 89.22 -5.22
C VAL D 3307 116.40 88.49 -6.31
N THR D 3308 116.81 88.68 -7.56
CA THR D 3308 116.06 88.18 -8.70
C THR D 3308 116.01 86.66 -8.73
N SER D 3309 114.90 86.12 -9.24
CA SER D 3309 114.71 84.70 -9.42
C SER D 3309 115.23 84.20 -10.77
N ASP D 3310 116.21 84.91 -11.35
CA ASP D 3310 116.84 84.44 -12.57
C ASP D 3310 117.39 83.03 -12.40
N HIS D 3311 117.89 82.70 -11.21
CA HIS D 3311 118.33 81.34 -10.95
C HIS D 3311 117.19 80.35 -11.18
N LEU D 3312 116.02 80.62 -10.59
CA LEU D 3312 114.91 79.70 -10.68
C LEU D 3312 114.38 79.57 -12.11
N ASN D 3313 114.25 80.69 -12.83
CA ASN D 3313 113.74 80.60 -14.19
C ASN D 3313 114.74 79.95 -15.12
N SER D 3314 116.04 80.16 -14.88
CA SER D 3314 117.06 79.41 -15.62
C SER D 3314 116.95 77.92 -15.33
N LEU D 3315 116.69 77.56 -14.06
CA LEU D 3315 116.45 76.17 -13.72
C LEU D 3315 115.30 75.60 -14.54
N LEU D 3316 114.20 76.33 -14.62
CA LEU D 3316 113.04 75.84 -15.36
C LEU D 3316 113.34 75.68 -16.84
N GLY D 3317 114.04 76.67 -17.43
CA GLY D 3317 114.41 76.55 -18.83
C GLY D 3317 115.33 75.37 -19.09
N ASN D 3318 116.31 75.18 -18.22
CA ASN D 3318 117.18 74.01 -18.33
C ASN D 3318 116.39 72.72 -18.23
N ILE D 3319 115.44 72.66 -17.30
CA ILE D 3319 114.59 71.48 -17.14
C ILE D 3319 113.87 71.18 -18.45
N LEU D 3320 113.21 72.20 -19.01
CA LEU D 3320 112.48 72.00 -20.26
C LEU D 3320 113.41 71.49 -21.36
N ARG D 3321 114.54 72.17 -21.55
CA ARG D 3321 115.44 71.79 -22.64
C ARG D 3321 115.95 70.37 -22.47
N ILE D 3322 116.46 70.02 -21.29
CA ILE D 3322 117.07 68.71 -21.11
C ILE D 3322 116.02 67.61 -21.22
N ILE D 3323 114.84 67.83 -20.63
CA ILE D 3323 113.80 66.80 -20.70
C ILE D 3323 113.38 66.59 -22.16
N VAL D 3324 113.08 67.67 -22.88
CA VAL D 3324 112.61 67.53 -24.25
C VAL D 3324 113.68 66.87 -25.12
N ASN D 3325 114.94 67.26 -24.94
CA ASN D 3325 116.00 66.71 -25.80
C ASN D 3325 116.29 65.24 -25.47
N ASN D 3326 116.21 64.86 -24.20
CA ASN D 3326 116.55 63.50 -23.78
C ASN D 3326 115.33 62.79 -23.20
N LEU D 3327 114.18 62.94 -23.86
CA LEU D 3327 112.99 62.21 -23.49
C LEU D 3327 113.24 60.71 -23.44
N GLY D 3328 113.86 60.17 -24.50
CA GLY D 3328 114.14 58.75 -24.56
C GLY D 3328 115.21 58.30 -23.59
N ILE D 3329 116.08 59.20 -23.16
CA ILE D 3329 117.16 58.83 -22.23
C ILE D 3329 116.56 58.50 -20.88
N ASP D 3330 116.99 57.37 -20.31
CA ASP D 3330 116.50 56.92 -19.00
C ASP D 3330 117.17 57.73 -17.90
N GLU D 3331 116.73 58.98 -17.76
CA GLU D 3331 117.24 59.90 -16.75
C GLU D 3331 116.35 59.90 -15.50
N ALA D 3332 115.73 58.76 -15.18
CA ALA D 3332 114.73 58.73 -14.12
C ALA D 3332 115.30 59.12 -12.77
N THR D 3333 116.55 58.74 -12.49
CA THR D 3333 117.16 59.07 -11.20
C THR D 3333 117.38 60.57 -11.08
N TRP D 3334 118.02 61.18 -12.09
CA TRP D 3334 118.16 62.63 -12.08
C TRP D 3334 116.80 63.29 -12.18
N MET D 3335 115.83 62.64 -12.81
CA MET D 3335 114.48 63.19 -12.84
C MET D 3335 113.90 63.28 -11.43
N LYS D 3336 114.14 62.26 -10.60
CA LYS D 3336 113.67 62.30 -9.22
C LYS D 3336 114.39 63.38 -8.42
N ARG D 3337 115.72 63.46 -8.57
CA ARG D 3337 116.44 64.54 -7.89
C ARG D 3337 115.96 65.90 -8.36
N LEU D 3338 115.59 66.02 -9.64
CA LEU D 3338 115.12 67.31 -10.14
C LEU D 3338 113.72 67.63 -9.66
N ALA D 3339 112.87 66.60 -9.49
CA ALA D 3339 111.55 66.82 -8.92
C ALA D 3339 111.65 67.31 -7.49
N VAL D 3340 112.54 66.71 -6.69
CA VAL D 3340 112.73 67.21 -5.33
C VAL D 3340 113.57 68.48 -5.31
N PHE D 3341 114.22 68.81 -6.42
CA PHE D 3341 115.04 70.00 -6.53
C PHE D 3341 114.19 71.26 -6.51
N ALA D 3342 114.80 72.37 -6.09
CA ALA D 3342 114.17 73.68 -6.05
C ALA D 3342 112.91 73.65 -5.17
N GLN D 3343 113.13 73.38 -3.88
CA GLN D 3343 112.04 73.35 -2.92
C GLN D 3343 111.63 74.77 -2.52
N PRO D 3344 112.57 75.73 -2.30
CA PRO D 3344 112.13 77.10 -1.97
C PRO D 3344 111.81 77.93 -3.21
N ILE D 3345 110.79 77.50 -3.95
CA ILE D 3345 110.33 78.28 -5.09
C ILE D 3345 109.36 79.37 -4.65
N VAL D 3346 108.50 79.06 -3.69
CA VAL D 3346 107.42 79.98 -3.30
C VAL D 3346 107.99 81.28 -2.75
N SER D 3347 109.02 81.20 -1.91
CA SER D 3347 109.58 82.41 -1.30
C SER D 3347 110.11 83.36 -2.36
N ARG D 3348 110.60 82.83 -3.49
CA ARG D 3348 111.09 83.64 -4.60
C ARG D 3348 110.20 83.53 -5.82
N ALA D 3349 108.94 83.15 -5.64
CA ALA D 3349 108.04 82.92 -6.76
C ALA D 3349 107.60 84.24 -7.38
N ARG D 3350 107.94 84.46 -8.65
CA ARG D 3350 107.52 85.63 -9.41
C ARG D 3350 106.47 85.21 -10.42
N PRO D 3351 105.19 85.46 -10.16
CA PRO D 3351 104.12 84.83 -10.96
C PRO D 3351 104.19 85.15 -12.45
N GLU D 3352 104.71 86.31 -12.84
CA GLU D 3352 104.78 86.66 -14.25
C GLU D 3352 105.67 85.69 -15.02
N LEU D 3353 106.95 85.60 -14.64
CA LEU D 3353 107.86 84.67 -15.30
C LEU D 3353 107.44 83.23 -15.06
N LEU D 3354 106.86 82.93 -13.90
CA LEU D 3354 106.41 81.57 -13.66
C LEU D 3354 105.30 81.17 -14.63
N HIS D 3355 104.35 82.07 -14.91
CA HIS D 3355 103.42 81.79 -16.00
C HIS D 3355 104.15 81.62 -17.32
N SER D 3356 105.01 82.58 -17.66
CA SER D 3356 105.66 82.58 -18.96
C SER D 3356 106.49 81.33 -19.19
N HIS D 3357 106.87 80.62 -18.13
CA HIS D 3357 107.58 79.36 -18.27
C HIS D 3357 106.72 78.12 -18.05
N PHE D 3358 105.73 78.17 -17.15
CA PHE D 3358 104.92 76.98 -16.89
C PHE D 3358 103.94 76.69 -18.01
N ILE D 3359 103.23 77.71 -18.53
CA ILE D 3359 102.27 77.43 -19.61
C ILE D 3359 102.96 76.83 -20.85
N PRO D 3360 104.02 77.42 -21.41
CA PRO D 3360 104.69 76.76 -22.54
C PRO D 3360 105.20 75.37 -22.20
N THR D 3361 105.74 75.19 -20.99
CA THR D 3361 106.32 73.89 -20.64
C THR D 3361 105.25 72.82 -20.55
N ILE D 3362 104.17 73.09 -19.81
CA ILE D 3362 103.13 72.09 -19.62
C ILE D 3362 102.32 71.98 -20.90
N GLY D 3363 102.56 72.89 -21.84
CA GLY D 3363 101.78 72.88 -23.05
C GLY D 3363 102.47 72.02 -24.08
N ARG D 3364 103.80 72.06 -24.13
CA ARG D 3364 104.53 71.03 -24.88
C ARG D 3364 104.34 69.65 -24.25
N LEU D 3365 104.32 69.59 -22.91
CA LEU D 3365 104.12 68.31 -22.25
C LEU D 3365 102.81 67.66 -22.68
N ARG D 3366 101.70 68.39 -22.54
CA ARG D 3366 100.42 67.81 -22.95
C ARG D 3366 100.31 67.71 -24.47
N LYS D 3367 101.05 68.55 -25.20
CA LYS D 3367 101.04 68.48 -26.66
C LYS D 3367 101.54 67.13 -27.14
N ARG D 3368 102.70 66.70 -26.63
CA ARG D 3368 103.12 65.35 -27.00
C ARG D 3368 102.30 64.28 -26.29
N ALA D 3369 101.70 64.61 -25.14
CA ALA D 3369 100.82 63.65 -24.48
C ALA D 3369 99.61 63.30 -25.35
N GLY D 3370 99.16 64.24 -26.18
CA GLY D 3370 98.03 63.96 -27.06
C GLY D 3370 98.34 62.87 -28.08
N LYS D 3371 99.54 62.91 -28.67
CA LYS D 3371 99.92 61.88 -29.63
C LYS D 3371 100.20 60.55 -28.93
N VAL D 3372 100.70 60.58 -27.70
CA VAL D 3372 101.09 59.35 -27.02
C VAL D 3372 99.86 58.46 -26.79
N VAL D 3373 98.77 59.06 -26.32
CA VAL D 3373 97.53 58.30 -26.17
C VAL D 3373 96.95 57.95 -27.54
N ALA D 3374 97.08 58.85 -28.51
CA ALA D 3374 96.54 58.60 -29.85
C ALA D 3374 97.21 57.41 -30.50
N GLU D 3375 98.55 57.34 -30.41
CA GLU D 3375 99.25 56.19 -30.95
C GLU D 3375 98.91 54.92 -30.18
N GLU D 3376 98.72 55.04 -28.87
CA GLU D 3376 98.22 53.92 -28.08
C GLU D 3376 96.86 53.46 -28.58
N GLU D 3377 95.95 54.41 -28.82
CA GLU D 3377 94.59 54.06 -29.22
C GLU D 3377 94.56 53.35 -30.57
N GLN D 3378 95.35 53.83 -31.53
CA GLN D 3378 95.36 53.21 -32.86
C GLN D 3378 95.90 51.79 -32.80
N LEU D 3379 96.98 51.58 -32.04
CA LEU D 3379 97.56 50.24 -31.95
C LEU D 3379 96.66 49.29 -31.18
N ARG D 3380 95.98 49.78 -30.14
CA ARG D 3380 95.14 48.90 -29.34
C ARG D 3380 93.94 48.40 -30.13
N LEU D 3381 93.54 49.12 -31.17
CA LEU D 3381 92.41 48.69 -32.00
C LEU D 3381 92.91 48.00 -33.27
N GLU D 3391 102.63 48.34 -29.48
CA GLU D 3391 102.25 48.58 -28.10
C GLU D 3391 103.44 48.97 -27.24
N LEU D 3392 104.55 48.23 -27.39
CA LEU D 3392 105.74 48.52 -26.59
C LEU D 3392 106.25 49.93 -26.83
N LEU D 3393 106.07 50.46 -28.03
CA LEU D 3393 106.51 51.82 -28.32
C LEU D 3393 105.72 52.84 -27.49
N VAL D 3394 104.39 52.70 -27.47
CA VAL D 3394 103.57 53.67 -26.74
C VAL D 3394 103.80 53.52 -25.23
N ARG D 3395 103.98 52.28 -24.75
CA ARG D 3395 104.27 52.08 -23.34
C ARG D 3395 105.55 52.82 -22.94
N ASP D 3396 106.53 52.85 -23.85
CA ASP D 3396 107.73 53.65 -23.59
C ASP D 3396 107.41 55.14 -23.59
N GLU D 3397 106.55 55.58 -24.51
CA GLU D 3397 106.15 56.99 -24.52
C GLU D 3397 105.45 57.36 -23.23
N PHE D 3398 104.56 56.50 -22.74
CA PHE D 3398 103.93 56.76 -21.45
C PHE D 3398 104.94 56.66 -20.31
N SER D 3399 106.00 55.88 -20.49
CA SER D 3399 107.03 55.74 -19.46
C SER D 3399 107.72 57.07 -19.20
N VAL D 3400 108.15 57.75 -20.27
CA VAL D 3400 108.77 59.06 -20.09
C VAL D 3400 107.72 60.10 -19.71
N LEU D 3401 106.52 59.99 -20.27
CA LEU D 3401 105.42 60.86 -19.87
C LEU D 3401 105.15 60.79 -18.38
N CYS D 3402 104.97 59.58 -17.86
CA CYS D 3402 104.76 59.42 -16.43
C CYS D 3402 105.97 59.93 -15.65
N ARG D 3403 107.15 59.82 -16.24
CA ARG D 3403 108.35 60.37 -15.61
C ARG D 3403 108.30 61.89 -15.56
N ASP D 3404 107.89 62.54 -16.65
CA ASP D 3404 107.87 64.00 -16.70
C ASP D 3404 106.82 64.59 -15.77
N LEU D 3405 105.65 63.95 -15.68
CA LEU D 3405 104.60 64.43 -14.79
C LEU D 3405 105.11 64.49 -13.35
N TYR D 3406 105.51 63.36 -12.79
CA TYR D 3406 105.99 63.31 -11.42
C TYR D 3406 107.28 64.11 -11.22
N ALA D 3407 107.92 64.51 -12.32
CA ALA D 3407 109.13 65.33 -12.23
C ALA D 3407 108.85 66.82 -12.40
N LEU D 3408 107.70 67.18 -12.96
CA LEU D 3408 107.32 68.59 -13.10
C LEU D 3408 106.10 68.99 -12.29
N TYR D 3409 105.16 68.07 -12.08
CA TYR D 3409 103.95 68.39 -11.33
C TYR D 3409 104.23 68.88 -9.91
N PRO D 3410 105.16 68.27 -9.14
CA PRO D 3410 105.39 68.78 -7.77
C PRO D 3410 105.77 70.24 -7.70
N LEU D 3411 106.56 70.75 -8.66
CA LEU D 3411 106.97 72.14 -8.59
C LEU D 3411 105.84 73.09 -8.97
N LEU D 3412 104.91 72.65 -9.82
CA LEU D 3412 103.80 73.51 -10.20
C LEU D 3412 102.77 73.63 -9.08
N ILE D 3413 102.63 72.59 -8.25
CA ILE D 3413 101.66 72.64 -7.15
C ILE D 3413 102.01 73.78 -6.20
N ARG D 3414 103.28 73.82 -5.74
CA ARG D 3414 103.67 74.82 -4.76
C ARG D 3414 103.55 76.24 -5.30
N TYR D 3415 103.76 76.42 -6.61
CA TYR D 3415 103.66 77.76 -7.19
C TYR D 3415 102.27 78.34 -7.01
N VAL D 3416 101.23 77.54 -7.28
CA VAL D 3416 99.87 78.04 -7.21
C VAL D 3416 99.22 77.83 -5.84
N ASP D 3417 99.78 76.96 -5.00
CA ASP D 3417 99.29 76.84 -3.63
C ASP D 3417 99.24 78.20 -2.94
N ASN D 3418 100.21 79.06 -3.21
CA ASN D 3418 100.30 80.37 -2.59
C ASN D 3418 99.93 81.49 -3.55
N ASN D 3419 99.58 81.18 -4.80
CA ASN D 3419 99.10 82.16 -5.75
C ASN D 3419 97.64 81.96 -6.16
N ARG D 3420 97.03 80.84 -5.77
CA ARG D 3420 95.63 80.62 -6.09
C ARG D 3420 94.73 81.66 -5.40
N ALA D 3421 95.07 82.02 -4.16
CA ALA D 3421 94.23 82.96 -3.42
C ALA D 3421 94.13 84.30 -4.13
N HIS D 3422 95.24 84.76 -4.72
CA HIS D 3422 95.20 86.00 -5.49
C HIS D 3422 94.31 85.85 -6.72
N TRP D 3423 94.39 84.71 -7.40
CA TRP D 3423 93.60 84.52 -8.62
C TRP D 3423 92.13 84.26 -8.31
N LEU D 3424 91.83 83.62 -7.19
CA LEU D 3424 90.45 83.56 -6.74
C LEU D 3424 89.92 84.95 -6.40
N THR D 3425 90.75 85.77 -5.75
CA THR D 3425 90.33 87.13 -5.41
C THR D 3425 90.14 87.98 -6.66
N GLU D 3426 91.08 87.91 -7.59
CA GLU D 3426 90.97 88.65 -8.86
C GLU D 3426 91.24 87.65 -9.98
N PRO D 3427 90.28 87.40 -10.87
CA PRO D 3427 90.45 86.37 -11.89
C PRO D 3427 91.62 86.68 -12.82
N ASN D 3428 92.45 85.67 -13.06
CA ASN D 3428 93.61 85.79 -13.93
C ASN D 3428 93.39 84.89 -15.15
N ALA D 3429 93.60 85.45 -16.34
CA ALA D 3429 93.32 84.72 -17.57
C ALA D 3429 94.16 83.46 -17.67
N ASN D 3430 95.44 83.55 -17.30
CA ASN D 3430 96.30 82.37 -17.33
C ASN D 3430 95.85 81.31 -16.33
N ALA D 3431 95.26 81.74 -15.21
CA ALA D 3431 94.86 80.79 -14.17
C ALA D 3431 93.81 79.83 -14.68
N GLU D 3432 92.80 80.34 -15.38
CA GLU D 3432 91.77 79.46 -15.93
C GLU D 3432 92.31 78.61 -17.07
N GLU D 3433 93.25 79.15 -17.86
CA GLU D 3433 93.83 78.37 -18.94
C GLU D 3433 94.58 77.16 -18.40
N LEU D 3434 95.37 77.37 -17.33
CA LEU D 3434 96.11 76.26 -16.74
C LEU D 3434 95.16 75.22 -16.16
N PHE D 3435 94.01 75.65 -15.63
CA PHE D 3435 92.99 74.70 -15.22
C PHE D 3435 92.61 73.78 -16.36
N ARG D 3436 92.46 74.34 -17.56
CA ARG D 3436 92.14 73.50 -18.71
C ARG D 3436 93.28 72.56 -19.07
N MET D 3437 94.52 73.01 -18.94
CA MET D 3437 95.66 72.14 -19.25
C MET D 3437 95.71 70.93 -18.32
N VAL D 3438 95.66 71.16 -17.01
CA VAL D 3438 95.71 70.07 -16.04
C VAL D 3438 94.48 69.18 -16.20
N GLY D 3439 93.32 69.77 -16.51
CA GLY D 3439 92.14 68.97 -16.76
C GLY D 3439 92.29 68.08 -17.98
N GLU D 3440 92.89 68.60 -19.05
CA GLU D 3440 93.09 67.79 -20.24
C GLU D 3440 94.06 66.65 -19.98
N ILE D 3441 95.15 66.92 -19.26
CA ILE D 3441 96.08 65.84 -18.92
C ILE D 3441 95.39 64.80 -18.05
N PHE D 3442 94.58 65.24 -17.09
CA PHE D 3442 93.89 64.32 -16.20
C PHE D 3442 92.93 63.43 -16.99
N ILE D 3443 92.10 64.04 -17.84
CA ILE D 3443 91.12 63.27 -18.58
C ILE D 3443 91.81 62.32 -19.56
N TYR D 3444 92.93 62.76 -20.14
CA TYR D 3444 93.74 61.87 -20.94
C TYR D 3444 94.19 60.67 -20.12
N TRP D 3445 94.55 60.89 -18.85
CA TRP D 3445 94.96 59.79 -18.00
C TRP D 3445 93.79 58.85 -17.72
N SER D 3446 92.60 59.42 -17.51
CA SER D 3446 91.41 58.60 -17.27
C SER D 3446 91.00 57.82 -18.51
N LYS D 3447 91.25 58.34 -19.71
CA LYS D 3447 90.95 57.59 -20.92
C LYS D 3447 91.96 56.47 -21.13
N SER D 3448 93.22 56.69 -20.76
CA SER D 3448 94.31 55.80 -21.14
C SER D 3448 94.61 54.84 -19.98
N HIS D 3449 94.17 53.59 -20.14
CA HIS D 3449 94.32 52.59 -19.08
C HIS D 3449 95.79 52.34 -18.76
N ASN D 3450 96.62 52.16 -19.79
CA ASN D 3450 98.04 51.90 -19.52
C ASN D 3450 98.75 53.14 -19.02
N PHE D 3451 98.25 54.33 -19.37
CA PHE D 3451 98.83 55.54 -18.79
C PHE D 3451 98.57 55.57 -17.29
N LYS D 3452 97.39 55.10 -16.86
CA LYS D 3452 97.22 54.80 -15.44
C LYS D 3452 98.19 53.72 -14.98
N ARG D 3453 98.36 52.67 -15.80
CA ARG D 3453 99.30 51.59 -15.46
C ARG D 3453 100.71 52.11 -15.30
N GLU D 3454 101.20 52.85 -16.31
CA GLU D 3454 102.57 53.34 -16.27
C GLU D 3454 102.74 54.41 -15.20
N GLU D 3455 101.70 55.20 -14.93
CA GLU D 3455 101.75 56.13 -13.80
C GLU D 3455 102.03 55.38 -12.50
N GLN D 3456 101.28 54.30 -12.26
CA GLN D 3456 101.53 53.48 -11.09
C GLN D 3456 102.90 52.80 -11.16
N ASN D 3457 103.31 52.39 -12.37
CA ASN D 3457 104.64 51.81 -12.54
C ASN D 3457 105.72 52.76 -12.04
N PHE D 3458 105.69 54.01 -12.53
CA PHE D 3458 106.72 54.95 -12.12
C PHE D 3458 106.55 55.40 -10.67
N VAL D 3459 105.37 55.22 -10.09
CA VAL D 3459 105.25 55.37 -8.63
C VAL D 3459 106.15 54.35 -7.92
N VAL D 3460 106.13 53.10 -8.38
CA VAL D 3460 106.92 52.06 -7.72
C VAL D 3460 108.31 51.91 -8.33
N GLN D 3461 108.48 52.21 -9.62
CA GLN D 3461 109.80 52.14 -10.23
C GLN D 3461 110.72 53.23 -9.68
N ASN D 3462 110.23 54.46 -9.59
CA ASN D 3462 111.01 55.57 -9.08
C ASN D 3462 110.79 55.81 -7.59
N GLU D 3463 109.97 55.00 -6.93
CA GLU D 3463 109.66 55.16 -5.51
C GLU D 3463 109.19 56.58 -5.20
N ILE D 3464 108.16 57.00 -5.93
CA ILE D 3464 107.68 58.38 -5.87
C ILE D 3464 107.02 58.67 -4.53
N ASN D 3465 107.45 59.75 -3.88
CA ASN D 3465 106.86 60.19 -2.61
C ASN D 3465 105.77 61.22 -2.91
N ASN D 3466 104.66 60.72 -3.47
CA ASN D 3466 103.56 61.59 -3.84
C ASN D 3466 102.88 62.19 -2.61
N MET D 3467 102.79 61.42 -1.53
CA MET D 3467 102.29 61.98 -0.27
C MET D 3467 103.17 63.13 0.19
N SER D 3468 104.48 63.07 -0.08
CA SER D 3468 105.37 64.18 0.25
C SER D 3468 105.02 65.42 -0.57
N PHE D 3469 104.68 65.25 -1.85
CA PHE D 3469 104.25 66.39 -2.64
C PHE D 3469 102.96 66.99 -2.08
N LEU D 3470 102.04 66.15 -1.60
CA LEU D 3470 100.83 66.69 -0.98
C LEU D 3470 101.15 67.48 0.30
N THR D 3471 101.95 66.89 1.19
CA THR D 3471 102.17 67.53 2.50
C THR D 3471 103.17 68.66 2.32
N ALA D 3472 102.73 69.88 2.63
CA ALA D 3472 103.62 71.05 2.61
C ALA D 3472 104.33 71.15 3.95
N ASP D 3473 105.67 71.18 3.91
CA ASP D 3473 106.43 71.32 5.15
C ASP D 3473 106.17 72.67 5.80
N SER D 3474 106.14 73.74 5.00
CA SER D 3474 105.85 75.09 5.48
C SER D 3474 106.76 75.51 6.64
N SER D 3504 96.49 52.74 -7.41
CA SER D 3504 96.61 52.00 -6.16
C SER D 3504 96.88 52.92 -4.98
N VAL D 3505 97.73 53.94 -5.20
CA VAL D 3505 98.13 54.84 -4.12
C VAL D 3505 96.98 55.76 -3.75
N GLN D 3506 96.02 55.92 -4.68
CA GLN D 3506 94.90 56.84 -4.54
C GLN D 3506 95.34 58.21 -4.05
N THR D 3507 96.54 58.64 -4.44
CA THR D 3507 97.08 59.95 -4.11
C THR D 3507 98.03 60.42 -5.20
N SER D 3508 97.72 60.11 -6.45
CA SER D 3508 98.54 60.56 -7.56
C SER D 3508 98.45 62.08 -7.70
N LEU D 3509 99.38 62.64 -8.47
CA LEU D 3509 99.38 64.09 -8.65
C LEU D 3509 98.36 64.53 -9.69
N ILE D 3510 98.10 63.71 -10.71
CA ILE D 3510 97.17 64.10 -11.76
C ILE D 3510 95.76 64.26 -11.19
N VAL D 3511 95.40 63.47 -10.19
CA VAL D 3511 94.14 63.71 -9.48
C VAL D 3511 94.31 64.81 -8.45
N ALA D 3512 95.49 64.90 -7.82
CA ALA D 3512 95.73 65.92 -6.82
C ALA D 3512 95.67 67.32 -7.42
N THR D 3513 96.18 67.49 -8.64
CA THR D 3513 96.23 68.82 -9.23
C THR D 3513 94.84 69.40 -9.49
N LEU D 3514 93.82 68.56 -9.74
CA LEU D 3514 92.46 69.12 -9.84
C LEU D 3514 91.86 69.43 -8.48
N LYS D 3515 92.03 68.54 -7.49
CA LYS D 3515 91.59 68.87 -6.13
C LYS D 3515 92.17 70.21 -5.69
N LYS D 3516 93.27 70.61 -6.34
CA LYS D 3516 94.04 71.82 -6.14
C LYS D 3516 93.57 73.00 -7.00
N MET D 3517 93.26 72.76 -8.28
CA MET D 3517 92.96 73.82 -9.24
C MET D 3517 91.46 73.96 -9.53
N LEU D 3518 90.62 73.14 -8.90
CA LEU D 3518 89.20 73.14 -9.21
C LEU D 3518 88.50 74.46 -8.88
N PRO D 3519 88.77 75.14 -7.75
CA PRO D 3519 88.11 76.43 -7.53
C PRO D 3519 88.38 77.45 -8.63
N ILE D 3520 89.59 77.44 -9.21
CA ILE D 3520 89.92 78.37 -10.28
C ILE D 3520 89.03 78.12 -11.49
N GLY D 3521 88.80 76.86 -11.84
CA GLY D 3521 87.92 76.53 -12.94
C GLY D 3521 86.45 76.54 -12.61
N LEU D 3522 86.10 76.64 -11.33
CA LEU D 3522 84.71 76.60 -10.90
C LEU D 3522 84.14 77.98 -10.64
N ASN D 3523 84.98 78.95 -10.26
CA ASN D 3523 84.49 80.29 -10.01
C ASN D 3523 84.38 81.13 -11.28
N MET D 3524 84.67 80.57 -12.44
CA MET D 3524 84.52 81.26 -13.71
C MET D 3524 83.18 81.01 -14.38
N CYS D 3525 82.33 80.15 -13.79
CA CYS D 3525 81.12 79.69 -14.45
C CYS D 3525 79.93 79.87 -13.51
N ALA D 3526 79.08 80.85 -13.81
CA ALA D 3526 77.86 81.09 -13.04
C ALA D 3526 76.72 80.15 -13.45
N PRO D 3527 76.38 80.02 -14.74
CA PRO D 3527 75.21 79.21 -15.11
C PRO D 3527 75.38 77.75 -14.68
N THR D 3528 74.31 77.19 -14.13
CA THR D 3528 74.28 75.79 -13.73
C THR D 3528 73.69 74.90 -14.82
N ASP D 3529 74.24 74.98 -16.04
CA ASP D 3529 73.87 74.06 -17.10
C ASP D 3529 74.71 72.80 -17.05
N GLN D 3530 75.67 72.75 -16.12
CA GLN D 3530 76.53 71.57 -15.98
C GLN D 3530 75.76 70.32 -15.64
N ASP D 3531 74.52 70.45 -15.12
CA ASP D 3531 73.70 69.26 -14.88
C ASP D 3531 73.23 68.63 -16.19
N LEU D 3532 72.72 69.44 -17.12
CA LEU D 3532 72.32 68.90 -18.42
C LEU D 3532 73.54 68.42 -19.19
N ILE D 3533 74.66 69.13 -19.08
CA ILE D 3533 75.87 68.60 -19.68
C ILE D 3533 76.29 67.30 -19.01
N MET D 3534 76.05 67.17 -17.71
CA MET D 3534 76.32 65.93 -17.00
C MET D 3534 75.49 64.79 -17.58
N LEU D 3535 74.23 65.09 -17.92
CA LEU D 3535 73.41 64.09 -18.61
C LEU D 3535 74.01 63.71 -19.95
N ALA D 3536 74.55 64.70 -20.68
CA ALA D 3536 75.25 64.38 -21.93
C ALA D 3536 76.46 63.49 -21.67
N LYS D 3537 77.17 63.75 -20.58
CA LYS D 3537 78.35 62.95 -20.27
C LYS D 3537 77.97 61.54 -19.85
N THR D 3538 76.83 61.37 -19.18
CA THR D 3538 76.32 60.01 -19.00
C THR D 3538 75.94 59.39 -20.34
N ARG D 3539 75.40 60.18 -21.25
CA ARG D 3539 75.12 59.68 -22.59
C ARG D 3539 76.39 59.26 -23.34
N TYR D 3540 77.55 59.79 -22.93
CA TYR D 3540 78.81 59.23 -23.43
C TYR D 3540 78.85 57.72 -23.24
N ALA D 3541 78.62 57.26 -22.01
CA ALA D 3541 78.54 55.82 -21.75
C ALA D 3541 77.29 55.21 -22.37
N LEU D 3542 76.25 56.02 -22.55
CA LEU D 3542 75.04 55.60 -23.26
C LEU D 3542 75.15 55.77 -24.77
N LYS D 3543 76.38 55.78 -25.30
CA LYS D 3543 76.65 55.76 -26.75
C LYS D 3543 76.33 57.10 -27.41
N ASP D 3544 76.73 58.20 -26.77
CA ASP D 3544 76.72 59.52 -27.40
C ASP D 3544 78.15 60.04 -27.44
N THR D 3545 78.67 60.27 -28.64
CA THR D 3545 80.08 60.57 -28.83
C THR D 3545 80.33 62.08 -28.75
N ASP D 3546 81.53 62.49 -29.14
CA ASP D 3546 81.91 63.90 -29.08
C ASP D 3546 81.03 64.74 -30.02
N GLU D 3547 80.69 64.21 -31.18
CA GLU D 3547 79.79 64.94 -32.08
C GLU D 3547 78.42 65.14 -31.44
N GLU D 3548 77.89 64.10 -30.80
CA GLU D 3548 76.59 64.22 -30.16
C GLU D 3548 76.62 65.23 -29.01
N VAL D 3549 77.70 65.22 -28.22
CA VAL D 3549 77.79 66.22 -27.16
C VAL D 3549 78.06 67.60 -27.71
N ARG D 3550 78.63 67.71 -28.93
CA ARG D 3550 78.65 69.01 -29.60
C ARG D 3550 77.25 69.48 -29.95
N GLU D 3551 76.40 68.57 -30.42
CA GLU D 3551 75.00 68.92 -30.65
C GLU D 3551 74.32 69.36 -29.35
N PHE D 3552 74.64 68.68 -28.25
CA PHE D 3552 74.11 69.11 -26.96
C PHE D 3552 74.67 70.47 -26.55
N LEU D 3553 75.91 70.77 -26.90
CA LEU D 3553 76.43 72.12 -26.71
C LEU D 3553 75.61 73.13 -27.50
N GLN D 3554 75.26 72.78 -28.75
CA GLN D 3554 74.46 73.67 -29.58
C GLN D 3554 73.08 73.91 -29.00
N ASN D 3555 72.49 72.89 -28.36
CA ASN D 3555 71.16 73.07 -27.78
C ASN D 3555 71.20 73.51 -26.31
N ASN D 3556 72.39 73.65 -25.73
CA ASN D 3556 72.49 74.05 -24.33
C ASN D 3556 71.97 75.46 -24.09
N LEU D 3557 72.18 76.38 -25.04
CA LEU D 3557 71.93 77.79 -24.79
C LEU D 3557 70.46 78.11 -24.56
N HIS D 3558 69.54 77.21 -24.85
CA HIS D 3558 68.12 77.48 -24.63
C HIS D 3558 67.67 77.17 -23.21
N LEU D 3559 68.58 76.68 -22.35
CA LEU D 3559 68.27 76.43 -20.94
C LEU D 3559 69.41 76.98 -20.09
N GLN D 3560 69.10 77.99 -19.29
CA GLN D 3560 70.07 78.60 -18.39
C GLN D 3560 69.44 78.82 -17.03
N GLY D 3561 70.28 78.94 -16.01
CA GLY D 3561 69.80 79.18 -14.67
C GLY D 3561 69.25 80.58 -14.49
N LYS D 3562 68.46 80.75 -13.43
CA LYS D 3562 67.83 82.02 -13.11
C LYS D 3562 68.17 82.42 -11.69
N VAL D 3563 68.27 83.73 -11.46
CA VAL D 3563 68.57 84.24 -10.12
C VAL D 3563 67.36 84.10 -9.20
N GLU D 3564 66.16 83.98 -9.75
CA GLU D 3564 64.95 83.85 -8.95
C GLU D 3564 64.56 82.41 -8.68
N GLY D 3565 65.32 81.45 -9.21
CA GLY D 3565 64.98 80.04 -8.98
C GLY D 3565 65.15 79.62 -7.54
N SER D 3566 66.23 80.05 -6.90
CA SER D 3566 66.53 79.71 -5.52
C SER D 3566 66.93 80.95 -4.74
N PRO D 3567 66.58 81.01 -3.45
CA PRO D 3567 67.03 82.15 -2.64
C PRO D 3567 68.55 82.26 -2.54
N SER D 3568 69.27 81.14 -2.54
CA SER D 3568 70.73 81.19 -2.49
C SER D 3568 71.31 81.75 -3.77
N LEU D 3569 70.62 81.58 -4.89
CA LEU D 3569 71.09 82.10 -6.16
C LEU D 3569 71.24 83.62 -6.12
N ARG D 3570 70.40 84.30 -5.33
CA ARG D 3570 70.49 85.75 -5.25
C ARG D 3570 71.85 86.20 -4.73
N TRP D 3571 72.27 85.67 -3.57
CA TRP D 3571 73.55 86.07 -3.02
C TRP D 3571 74.72 85.48 -3.81
N GLN D 3572 74.54 84.29 -4.39
CA GLN D 3572 75.59 83.73 -5.24
C GLN D 3572 75.87 84.65 -6.43
N MET D 3573 74.82 85.09 -7.12
CA MET D 3573 74.99 86.01 -8.23
C MET D 3573 75.47 87.37 -7.76
N ALA D 3574 75.06 87.79 -6.55
CA ALA D 3574 75.57 89.04 -6.00
C ALA D 3574 77.08 89.01 -5.87
N LEU D 3575 77.62 87.94 -5.28
CA LEU D 3575 79.07 87.79 -5.18
C LEU D 3575 79.71 87.67 -6.56
N TYR D 3576 79.09 86.90 -7.45
CA TYR D 3576 79.66 86.66 -8.77
C TYR D 3576 79.81 87.96 -9.56
N ARG D 3577 78.79 88.82 -9.51
CA ARG D 3577 78.87 90.11 -10.19
C ARG D 3577 79.64 91.15 -9.39
N GLY D 3578 79.79 90.96 -8.08
CA GLY D 3578 80.62 91.85 -7.29
C GLY D 3578 82.09 91.55 -7.35
N LEU D 3579 82.47 90.43 -7.95
CA LEU D 3579 83.88 90.17 -8.20
C LEU D 3579 84.45 91.28 -9.08
N PRO D 3580 85.54 91.94 -8.66
CA PRO D 3580 86.04 93.09 -9.45
C PRO D 3580 86.44 92.74 -10.86
N GLY D 3581 86.99 91.55 -11.08
CA GLY D 3581 87.44 91.15 -12.41
C GLY D 3581 86.40 90.46 -13.26
N ARG D 3582 85.15 90.40 -12.82
CA ARG D 3582 84.12 89.72 -13.59
C ARG D 3582 83.84 90.46 -14.89
N GLU D 3583 83.57 89.69 -15.95
CA GLU D 3583 83.30 90.24 -17.26
C GLU D 3583 82.22 89.39 -17.94
N GLU D 3584 81.54 89.99 -18.91
CA GLU D 3584 80.48 89.32 -19.63
C GLU D 3584 80.98 88.57 -20.85
N ASP D 3585 82.30 88.52 -21.07
CA ASP D 3585 82.83 87.76 -22.19
C ASP D 3585 82.50 86.28 -22.06
N ALA D 3586 82.62 85.73 -20.85
CA ALA D 3586 82.22 84.35 -20.62
C ALA D 3586 80.70 84.20 -20.72
N ASP D 3587 79.95 85.22 -20.29
CA ASP D 3587 78.50 85.19 -20.39
C ASP D 3587 78.00 85.33 -21.82
N ASP D 3588 78.87 85.69 -22.75
CA ASP D 3588 78.49 85.74 -24.15
C ASP D 3588 78.12 84.34 -24.64
N PRO D 3589 77.20 84.24 -25.61
CA PRO D 3589 76.73 82.90 -26.02
C PRO D 3589 77.82 82.01 -26.58
N GLU D 3590 78.89 82.57 -27.13
CA GLU D 3590 79.93 81.74 -27.73
C GLU D 3590 80.83 81.10 -26.67
N LYS D 3591 81.13 81.83 -25.60
CA LYS D 3591 82.08 81.35 -24.59
C LYS D 3591 81.43 80.56 -23.46
N ILE D 3592 80.14 80.78 -23.23
CA ILE D 3592 79.46 80.06 -22.15
C ILE D 3592 79.50 78.56 -22.40
N VAL D 3593 79.21 78.15 -23.63
CA VAL D 3593 79.21 76.71 -23.95
C VAL D 3593 80.61 76.13 -23.78
N ARG D 3594 81.64 76.88 -24.17
CA ARG D 3594 83.01 76.39 -24.04
C ARG D 3594 83.38 76.18 -22.58
N ARG D 3595 83.13 77.20 -21.74
CA ARG D 3595 83.53 77.10 -20.34
C ARG D 3595 82.74 75.99 -19.63
N VAL D 3596 81.43 75.91 -19.89
CA VAL D 3596 80.63 74.89 -19.21
C VAL D 3596 81.02 73.49 -19.70
N GLN D 3597 81.38 73.35 -20.98
CA GLN D 3597 81.84 72.05 -21.47
C GLN D 3597 83.15 71.64 -20.80
N GLU D 3598 84.09 72.58 -20.67
CA GLU D 3598 85.35 72.26 -20.02
C GLU D 3598 85.12 71.81 -18.58
N VAL D 3599 84.33 72.59 -17.84
CA VAL D 3599 84.04 72.27 -16.45
C VAL D 3599 83.35 70.91 -16.36
N SER D 3600 82.38 70.67 -17.25
CA SER D 3600 81.65 69.41 -17.22
C SER D 3600 82.56 68.22 -17.47
N ALA D 3601 83.48 68.34 -18.43
CA ALA D 3601 84.37 67.22 -18.74
C ALA D 3601 85.32 66.92 -17.58
N VAL D 3602 85.97 67.96 -17.05
CA VAL D 3602 86.87 67.72 -15.93
C VAL D 3602 86.10 67.15 -14.74
N LEU D 3603 84.87 67.65 -14.53
CA LEU D 3603 84.04 67.14 -13.45
C LEU D 3603 83.65 65.69 -13.70
N TYR D 3604 83.28 65.34 -14.93
CA TYR D 3604 83.14 63.93 -15.32
C TYR D 3604 84.25 63.09 -14.73
N HIS D 3605 85.46 63.33 -15.22
CA HIS D 3605 86.53 62.41 -14.87
C HIS D 3605 86.85 62.46 -13.39
N LEU D 3606 86.61 63.62 -12.75
CA LEU D 3606 86.76 63.68 -11.30
C LEU D 3606 85.75 62.78 -10.58
N GLU D 3607 84.47 62.80 -10.99
CA GLU D 3607 83.49 61.94 -10.32
C GLU D 3607 83.79 60.46 -10.57
N GLN D 3608 84.18 60.10 -11.79
CA GLN D 3608 84.48 58.69 -12.06
C GLN D 3608 85.76 58.24 -11.36
N THR D 3609 86.68 59.16 -11.06
CA THR D 3609 87.74 58.83 -10.12
C THR D 3609 87.19 58.66 -8.71
N GLU D 3610 86.23 59.51 -8.32
CA GLU D 3610 85.66 59.46 -6.98
C GLU D 3610 84.88 58.18 -6.72
N HIS D 3611 84.29 57.60 -7.76
CA HIS D 3611 83.48 56.40 -7.60
C HIS D 3611 84.39 55.19 -7.52
N PRO D 3612 84.39 54.43 -6.42
CA PRO D 3612 85.27 53.27 -6.25
C PRO D 3612 84.83 52.06 -7.07
N THR D 3639 104.04 9.55 -4.53
CA THR D 3639 102.97 9.61 -5.52
C THR D 3639 103.31 9.00 -6.90
N PRO D 3640 104.50 9.25 -7.46
CA PRO D 3640 104.83 8.63 -8.74
C PRO D 3640 105.00 7.12 -8.62
N LEU D 3641 104.74 6.43 -9.72
CA LEU D 3641 104.74 4.97 -9.71
C LEU D 3641 106.15 4.40 -9.56
N TYR D 3642 107.15 5.06 -10.15
CA TYR D 3642 108.48 4.48 -10.17
C TYR D 3642 109.15 4.45 -8.80
N ASN D 3643 108.58 5.13 -7.81
CA ASN D 3643 109.08 5.06 -6.43
C ASN D 3643 108.43 3.96 -5.63
N LEU D 3644 107.40 3.30 -6.17
CA LEU D 3644 106.67 2.27 -5.44
C LEU D 3644 107.39 0.92 -5.50
N PRO D 3645 107.18 0.08 -4.50
CA PRO D 3645 107.71 -1.29 -4.57
C PRO D 3645 107.04 -2.09 -5.67
N THR D 3646 107.75 -3.13 -6.13
CA THR D 3646 107.28 -3.90 -7.28
C THR D 3646 105.98 -4.63 -6.96
N HIS D 3647 105.86 -5.21 -5.77
CA HIS D 3647 104.70 -6.03 -5.46
C HIS D 3647 103.42 -5.20 -5.34
N ARG D 3648 103.51 -4.02 -4.71
CA ARG D 3648 102.33 -3.17 -4.58
C ARG D 3648 101.88 -2.65 -5.94
N ALA D 3649 102.82 -2.26 -6.79
CA ALA D 3649 102.48 -1.84 -8.15
C ALA D 3649 101.88 -2.99 -8.93
N CYS D 3650 102.37 -4.21 -8.72
CA CYS D 3650 101.80 -5.38 -9.38
C CYS D 3650 100.36 -5.62 -8.94
N ASN D 3651 100.09 -5.45 -7.64
CA ASN D 3651 98.71 -5.59 -7.15
C ASN D 3651 97.81 -4.54 -7.77
N MET D 3652 98.28 -3.29 -7.83
CA MET D 3652 97.50 -2.24 -8.46
C MET D 3652 97.24 -2.53 -9.94
N PHE D 3653 98.27 -3.04 -10.64
CA PHE D 3653 98.10 -3.42 -12.03
C PHE D 3653 97.08 -4.53 -12.19
N LEU D 3654 97.11 -5.52 -11.29
CA LEU D 3654 96.13 -6.61 -11.35
C LEU D 3654 94.71 -6.07 -11.19
N GLU D 3655 94.50 -5.21 -10.19
CA GLU D 3655 93.17 -4.65 -9.98
C GLU D 3655 92.71 -3.84 -11.18
N SER D 3656 93.59 -2.98 -11.70
CA SER D 3656 93.22 -2.15 -12.84
C SER D 3656 92.92 -2.97 -14.08
N TYR D 3657 93.75 -3.99 -14.35
CA TYR D 3657 93.53 -4.84 -15.51
C TYR D 3657 92.24 -5.63 -15.39
N LYS D 3658 91.94 -6.13 -14.19
CA LYS D 3658 90.67 -6.83 -13.98
C LYS D 3658 89.50 -5.90 -14.19
N ALA D 3659 89.61 -4.65 -13.71
CA ALA D 3659 88.48 -3.73 -13.83
C ALA D 3659 88.30 -3.20 -15.25
N ALA D 3660 89.37 -3.14 -16.04
CA ALA D 3660 89.32 -2.50 -17.34
C ALA D 3660 89.19 -3.48 -18.50
N TRP D 3661 90.02 -4.53 -18.54
CA TRP D 3661 90.10 -5.41 -19.69
C TRP D 3661 89.24 -6.66 -19.56
N ILE D 3662 89.40 -7.42 -18.47
CA ILE D 3662 88.67 -8.66 -18.31
C ILE D 3662 87.18 -8.40 -18.12
N LEU D 3663 86.83 -7.45 -17.25
CA LEU D 3663 85.43 -7.20 -16.94
C LEU D 3663 84.66 -6.69 -18.15
N THR D 3664 85.26 -5.81 -18.94
CA THR D 3664 84.57 -5.24 -20.09
C THR D 3664 84.45 -6.22 -21.26
N GLU D 3665 85.17 -7.33 -21.23
CA GLU D 3665 85.07 -8.32 -22.30
C GLU D 3665 83.69 -8.96 -22.30
N ASP D 3666 83.18 -9.25 -23.49
CA ASP D 3666 81.85 -9.82 -23.67
C ASP D 3666 81.97 -11.20 -24.30
N HIS D 3667 81.36 -12.20 -23.67
CA HIS D 3667 81.32 -13.56 -24.18
C HIS D 3667 79.88 -14.06 -24.16
N SER D 3668 79.44 -14.61 -25.27
CA SER D 3668 78.07 -15.11 -25.42
C SER D 3668 78.10 -16.62 -25.50
N PHE D 3669 77.67 -17.28 -24.43
CA PHE D 3669 77.60 -18.74 -24.38
C PHE D 3669 76.25 -19.27 -23.92
N GLU D 3670 75.35 -18.42 -23.44
CA GLU D 3670 74.08 -18.89 -22.90
C GLU D 3670 73.26 -19.61 -23.95
N ASP D 3671 73.10 -19.01 -25.13
CA ASP D 3671 72.28 -19.61 -26.17
C ASP D 3671 72.87 -20.93 -26.67
N ARG D 3672 74.18 -20.95 -26.90
CA ARG D 3672 74.82 -22.17 -27.39
C ARG D 3672 74.72 -23.29 -26.35
N MET D 3673 74.98 -22.98 -25.09
CA MET D 3673 74.90 -24.00 -24.05
C MET D 3673 73.47 -24.50 -23.87
N ILE D 3674 72.49 -23.59 -23.96
CA ILE D 3674 71.10 -23.99 -23.84
C ILE D 3674 70.71 -24.90 -24.99
N ASP D 3675 71.15 -24.58 -26.21
CA ASP D 3675 70.86 -25.44 -27.36
C ASP D 3675 71.50 -26.81 -27.20
N ASP D 3676 72.75 -26.85 -26.74
CA ASP D 3676 73.42 -28.14 -26.54
C ASP D 3676 72.71 -28.97 -25.49
N LEU D 3677 72.27 -28.35 -24.39
CA LEU D 3677 71.53 -29.08 -23.38
C LEU D 3677 70.16 -29.51 -23.87
N SER D 3678 69.53 -28.71 -24.74
CA SER D 3678 68.19 -29.04 -25.22
C SER D 3678 68.23 -30.16 -26.25
N LYS D 3679 69.36 -30.32 -26.94
CA LYS D 3679 69.49 -31.45 -27.86
C LYS D 3679 69.28 -32.76 -27.10
N ALA D 3680 68.36 -33.58 -27.59
CA ALA D 3680 67.95 -34.80 -26.89
C ALA D 3680 68.88 -35.98 -27.12
N GLY D 3681 69.76 -35.92 -28.13
CA GLY D 3681 70.66 -37.02 -28.38
C GLY D 3681 69.92 -38.27 -28.84
N GLU D 3682 70.29 -39.41 -28.27
CA GLU D 3682 69.73 -40.71 -28.63
C GLU D 3682 68.66 -41.18 -27.67
N GLN D 3683 68.20 -40.31 -26.77
CA GLN D 3683 67.23 -40.72 -25.75
C GLN D 3683 65.87 -41.09 -26.33
N GLU D 3684 65.60 -40.75 -27.60
CA GLU D 3684 64.37 -41.15 -28.25
C GLU D 3684 64.57 -42.25 -29.28
N GLU D 3685 65.81 -42.72 -29.46
CA GLU D 3685 66.11 -43.74 -30.46
C GLU D 3685 66.67 -45.02 -29.88
N GLU D 3686 67.40 -44.96 -28.76
CA GLU D 3686 67.97 -46.18 -28.21
C GLU D 3686 66.92 -47.11 -27.61
N GLU D 3687 65.74 -46.59 -27.29
CA GLU D 3687 64.66 -47.39 -26.73
C GLU D 3687 63.36 -46.65 -26.92
N GLU D 3688 62.43 -47.25 -27.66
CA GLU D 3688 61.19 -46.59 -28.07
C GLU D 3688 59.98 -47.06 -27.27
N GLU D 3689 60.15 -47.30 -25.97
CA GLU D 3689 59.03 -47.76 -25.14
C GLU D 3689 58.25 -46.59 -24.54
N VAL D 3690 58.92 -45.74 -23.77
CA VAL D 3690 58.27 -44.63 -23.07
C VAL D 3690 58.95 -43.34 -23.49
N GLU D 3691 58.14 -42.34 -23.84
CA GLU D 3691 58.69 -41.03 -24.20
C GLU D 3691 59.35 -40.38 -23.00
N GLU D 3692 60.52 -39.78 -23.25
CA GLU D 3692 61.30 -39.12 -22.20
C GLU D 3692 61.61 -40.07 -21.05
N LYS D 3693 61.91 -41.33 -21.38
CA LYS D 3693 62.44 -42.26 -20.40
C LYS D 3693 63.71 -41.72 -19.76
N LYS D 3694 64.51 -41.00 -20.55
CA LYS D 3694 65.73 -40.36 -20.08
C LYS D 3694 65.60 -38.89 -20.45
N PRO D 3695 64.93 -38.10 -19.60
CA PRO D 3695 64.59 -36.73 -19.99
C PRO D 3695 65.81 -35.91 -20.36
N ASP D 3696 65.61 -34.98 -21.29
CA ASP D 3696 66.59 -34.03 -21.79
C ASP D 3696 67.42 -33.47 -20.64
N PRO D 3697 68.72 -33.23 -20.83
CA PRO D 3697 69.54 -32.67 -19.73
C PRO D 3697 68.97 -31.41 -19.13
N LEU D 3698 68.40 -30.51 -19.94
CA LEU D 3698 67.76 -29.32 -19.40
C LEU D 3698 66.55 -29.70 -18.54
N HIS D 3699 65.79 -30.70 -18.99
CA HIS D 3699 64.65 -31.16 -18.20
C HIS D 3699 65.10 -31.73 -16.86
N GLN D 3700 66.19 -32.49 -16.86
CA GLN D 3700 66.72 -33.03 -15.62
C GLN D 3700 67.22 -31.92 -14.69
N LEU D 3701 67.85 -30.89 -15.27
CA LEU D 3701 68.33 -29.76 -14.48
C LEU D 3701 67.16 -29.04 -13.80
N VAL D 3702 66.10 -28.75 -14.57
CA VAL D 3702 64.97 -28.03 -13.99
C VAL D 3702 64.23 -28.92 -12.99
N LEU D 3703 64.19 -30.23 -13.22
CA LEU D 3703 63.59 -31.13 -12.24
C LEU D 3703 64.39 -31.15 -10.95
N HIS D 3704 65.73 -31.12 -11.05
CA HIS D 3704 66.56 -31.06 -9.84
C HIS D 3704 66.31 -29.77 -9.07
N PHE D 3705 66.22 -28.64 -9.78
CA PHE D 3705 65.92 -27.38 -9.10
C PHE D 3705 64.54 -27.41 -8.45
N SER D 3706 63.56 -28.02 -9.13
CA SER D 3706 62.23 -28.14 -8.54
C SER D 3706 62.25 -29.02 -7.30
N ARG D 3707 63.06 -30.08 -7.32
CA ARG D 3707 63.20 -30.93 -6.13
C ARG D 3707 63.79 -30.15 -4.97
N THR D 3708 64.84 -29.36 -5.24
CA THR D 3708 65.42 -28.53 -4.19
C THR D 3708 64.41 -27.50 -3.68
N ALA D 3709 63.55 -27.00 -4.56
CA ALA D 3709 62.48 -26.09 -4.14
C ALA D 3709 61.51 -26.79 -3.20
N LEU D 3710 61.02 -27.97 -3.61
CA LEU D 3710 59.99 -28.67 -2.86
C LEU D 3710 60.51 -29.32 -1.59
N THR D 3711 61.83 -29.45 -1.44
CA THR D 3711 62.38 -29.98 -0.21
C THR D 3711 62.00 -29.11 0.97
N GLU D 3712 61.51 -29.73 2.05
CA GLU D 3712 61.05 -29.00 3.21
C GLU D 3712 62.24 -28.50 4.01
N LYS D 3713 62.38 -27.17 4.09
CA LYS D 3713 63.46 -26.55 4.82
C LYS D 3713 62.91 -25.43 5.69
N SER D 3714 63.66 -25.08 6.74
CA SER D 3714 63.26 -23.97 7.60
C SER D 3714 63.28 -22.66 6.82
N LYS D 3715 64.29 -22.46 5.98
CA LYS D 3715 64.39 -21.26 5.17
C LYS D 3715 65.23 -21.58 3.94
N LEU D 3716 65.09 -20.74 2.91
CA LEU D 3716 65.88 -20.89 1.71
C LEU D 3716 67.32 -20.43 1.95
N ASP D 3717 68.25 -21.03 1.20
CA ASP D 3717 69.66 -20.72 1.32
C ASP D 3717 70.21 -20.33 -0.04
N GLU D 3718 71.30 -19.57 -0.01
CA GLU D 3718 71.92 -19.11 -1.25
C GLU D 3718 72.47 -20.28 -2.06
N ASP D 3719 72.34 -20.18 -3.38
CA ASP D 3719 72.81 -21.22 -4.30
C ASP D 3719 73.38 -20.54 -5.53
N TYR D 3720 74.71 -20.42 -5.59
CA TYR D 3720 75.35 -19.76 -6.72
C TYR D 3720 75.11 -20.52 -8.01
N LEU D 3721 75.06 -21.85 -7.94
CA LEU D 3721 74.75 -22.64 -9.12
C LEU D 3721 73.37 -22.32 -9.66
N TYR D 3722 72.37 -22.27 -8.77
CA TYR D 3722 71.02 -21.93 -9.21
C TYR D 3722 70.97 -20.53 -9.78
N MET D 3723 71.62 -19.57 -9.12
CA MET D 3723 71.59 -18.20 -9.63
C MET D 3723 72.22 -18.11 -11.01
N ALA D 3724 73.37 -18.77 -11.21
CA ALA D 3724 74.03 -18.73 -12.50
C ALA D 3724 73.17 -19.39 -13.57
N TYR D 3725 72.56 -20.53 -13.27
CA TYR D 3725 71.76 -21.21 -14.28
C TYR D 3725 70.49 -20.43 -14.60
N ALA D 3726 69.89 -19.80 -13.60
CA ALA D 3726 68.73 -18.94 -13.87
C ALA D 3726 69.11 -17.77 -14.75
N ASP D 3727 70.27 -17.16 -14.49
CA ASP D 3727 70.73 -16.07 -15.35
C ASP D 3727 70.96 -16.56 -16.77
N ILE D 3728 71.57 -17.73 -16.93
CA ILE D 3728 71.83 -18.27 -18.26
C ILE D 3728 70.52 -18.52 -19.00
N MET D 3729 69.54 -19.13 -18.32
CA MET D 3729 68.26 -19.42 -18.95
C MET D 3729 67.54 -18.13 -19.35
N ALA D 3730 67.52 -17.14 -18.46
CA ALA D 3730 66.87 -15.87 -18.76
C ALA D 3730 67.54 -15.18 -19.94
N LYS D 3731 68.88 -15.17 -19.98
CA LYS D 3731 69.58 -14.55 -21.09
C LYS D 3731 69.30 -15.29 -22.39
N SER D 3732 69.23 -16.62 -22.35
CA SER D 3732 68.97 -17.40 -23.54
C SER D 3732 67.57 -17.11 -24.09
N CYS D 3733 66.58 -17.06 -23.22
CA CYS D 3733 65.20 -16.86 -23.68
C CYS D 3733 64.83 -15.39 -23.88
N HIS D 3734 65.69 -14.46 -23.48
CA HIS D 3734 65.43 -13.04 -23.64
C HIS D 3734 66.06 -12.44 -24.89
N LEU D 3735 66.70 -13.26 -25.73
CA LEU D 3735 67.41 -12.73 -26.89
C LEU D 3735 66.45 -12.04 -27.86
N GLU D 3736 65.35 -12.71 -28.20
CA GLU D 3736 64.39 -12.12 -29.12
C GLU D 3736 63.65 -10.95 -28.48
N GLU D 3737 63.40 -11.01 -27.17
CA GLU D 3737 62.77 -9.90 -26.48
C GLU D 3737 63.64 -8.65 -26.52
N GLY D 3738 64.96 -8.82 -26.33
CA GLY D 3738 65.88 -7.71 -26.44
C GLY D 3738 66.30 -7.37 -27.85
N GLY D 3739 65.89 -8.17 -28.84
CA GLY D 3739 66.24 -7.92 -30.21
C GLY D 3739 67.47 -8.64 -30.72
N GLU D 3740 68.18 -9.33 -29.84
CA GLU D 3740 69.37 -10.08 -30.25
C GLU D 3740 69.06 -11.55 -30.47
N GLU D 3747 64.72 7.24 -37.47
CA GLU D 3747 65.83 6.57 -36.82
C GLU D 3747 66.05 5.18 -37.40
N GLU D 3748 65.28 4.21 -36.89
CA GLU D 3748 65.40 2.84 -37.37
C GLU D 3748 64.82 2.70 -38.77
N VAL D 3749 65.30 1.70 -39.50
CA VAL D 3749 64.82 1.42 -40.85
C VAL D 3749 63.43 0.82 -40.77
N GLU D 3750 62.73 0.78 -41.90
CA GLU D 3750 61.39 0.23 -41.92
C GLU D 3750 61.42 -1.27 -41.66
N VAL D 3751 60.61 -1.72 -40.71
CA VAL D 3751 60.53 -3.13 -40.33
C VAL D 3751 59.12 -3.62 -40.65
N SER D 3752 59.02 -4.66 -41.48
CA SER D 3752 57.73 -5.20 -41.85
C SER D 3752 57.07 -5.88 -40.65
N PHE D 3753 55.74 -5.80 -40.60
CA PHE D 3753 55.01 -6.50 -39.56
C PHE D 3753 55.23 -8.00 -39.66
N GLU D 3754 55.52 -8.51 -40.85
CA GLU D 3754 55.88 -9.92 -40.97
C GLU D 3754 57.23 -10.20 -40.31
N GLU D 3755 58.18 -9.25 -40.39
CA GLU D 3755 59.43 -9.39 -39.65
C GLU D 3755 59.19 -9.34 -38.15
N LYS D 3756 58.29 -8.47 -37.70
CA LYS D 3756 57.90 -8.48 -36.29
C LYS D 3756 57.31 -9.82 -35.89
N GLU D 3757 56.48 -10.41 -36.76
CA GLU D 3757 55.94 -11.73 -36.49
C GLU D 3757 57.03 -12.78 -36.43
N MET D 3758 58.03 -12.70 -37.31
CA MET D 3758 59.10 -13.69 -37.30
C MET D 3758 59.93 -13.62 -36.02
N GLU D 3759 60.26 -12.40 -35.57
CA GLU D 3759 60.97 -12.31 -34.29
C GLU D 3759 60.06 -12.72 -33.13
N LYS D 3760 58.75 -12.50 -33.26
CA LYS D 3760 57.82 -13.00 -32.25
C LYS D 3760 57.85 -14.53 -32.19
N GLN D 3761 57.90 -15.18 -33.35
CA GLN D 3761 58.02 -16.64 -33.37
C GLN D 3761 59.32 -17.11 -32.75
N ARG D 3762 60.41 -16.38 -33.01
CA ARG D 3762 61.67 -16.68 -32.34
C ARG D 3762 61.51 -16.63 -30.82
N LEU D 3763 60.87 -15.56 -30.33
CA LEU D 3763 60.66 -15.42 -28.90
C LEU D 3763 59.80 -16.55 -28.33
N LEU D 3764 58.73 -16.89 -29.04
CA LEU D 3764 57.84 -17.96 -28.58
C LEU D 3764 58.56 -19.30 -28.54
N TYR D 3765 59.39 -19.59 -29.56
CA TYR D 3765 60.15 -20.83 -29.56
C TYR D 3765 61.15 -20.87 -28.41
N GLN D 3766 61.84 -19.75 -28.16
CA GLN D 3766 62.78 -19.70 -27.06
C GLN D 3766 62.09 -19.89 -25.72
N GLN D 3767 60.90 -19.30 -25.56
CA GLN D 3767 60.14 -19.49 -24.32
C GLN D 3767 59.59 -20.91 -24.21
N SER D 3768 59.27 -21.53 -25.34
CA SER D 3768 58.79 -22.92 -25.32
C SER D 3768 59.88 -23.87 -24.87
N ARG D 3769 61.12 -23.63 -25.32
CA ARG D 3769 62.23 -24.50 -24.93
C ARG D 3769 62.34 -24.59 -23.41
N LEU D 3770 61.95 -23.54 -22.69
CA LEU D 3770 62.05 -23.53 -21.23
C LEU D 3770 60.75 -23.93 -20.55
N HIS D 3771 59.59 -23.47 -21.03
CA HIS D 3771 58.35 -23.75 -20.33
C HIS D 3771 57.75 -25.11 -20.69
N THR D 3772 58.28 -25.80 -21.70
CA THR D 3772 57.85 -27.16 -21.98
C THR D 3772 58.56 -28.18 -21.11
N ARG D 3773 59.30 -27.74 -20.09
CA ARG D 3773 60.11 -28.63 -19.28
C ARG D 3773 59.94 -28.43 -17.77
N GLY D 3774 59.30 -27.34 -17.33
CA GLY D 3774 59.03 -27.16 -15.92
C GLY D 3774 59.48 -25.85 -15.32
N ALA D 3775 59.95 -24.93 -16.16
CA ALA D 3775 60.40 -23.63 -15.66
C ALA D 3775 59.24 -22.83 -15.08
N ALA D 3776 58.06 -22.92 -15.70
CA ALA D 3776 56.90 -22.18 -15.20
C ALA D 3776 56.53 -22.60 -13.78
N GLU D 3777 56.73 -23.87 -13.44
CA GLU D 3777 56.46 -24.33 -12.08
C GLU D 3777 57.64 -24.06 -11.15
N MET D 3778 58.87 -24.12 -11.68
CA MET D 3778 60.04 -23.85 -10.86
C MET D 3778 60.04 -22.41 -10.35
N VAL D 3779 59.67 -21.46 -11.22
CA VAL D 3779 59.65 -20.06 -10.80
C VAL D 3779 58.56 -19.78 -9.77
N LEU D 3780 57.55 -20.64 -9.68
CA LEU D 3780 56.55 -20.51 -8.62
C LEU D 3780 56.98 -21.17 -7.32
N GLN D 3781 57.61 -22.34 -7.40
CA GLN D 3781 58.09 -22.99 -6.19
C GLN D 3781 59.21 -22.20 -5.53
N MET D 3782 60.09 -21.58 -6.33
CA MET D 3782 61.09 -20.68 -5.78
C MET D 3782 60.45 -19.56 -4.97
N ILE D 3783 59.44 -18.89 -5.55
CA ILE D 3783 58.81 -17.77 -4.87
C ILE D 3783 58.10 -18.26 -3.60
N SER D 3784 57.46 -19.42 -3.67
CA SER D 3784 56.80 -19.97 -2.50
C SER D 3784 57.80 -20.27 -1.39
N ALA D 3785 58.96 -20.83 -1.74
CA ALA D 3785 59.96 -21.18 -0.74
C ALA D 3785 60.74 -19.98 -0.23
N CYS D 3786 60.73 -18.86 -0.96
CA CYS D 3786 61.45 -17.67 -0.49
C CYS D 3786 60.91 -17.16 0.84
N LYS D 3787 59.63 -17.43 1.13
CA LYS D 3787 59.00 -17.03 2.39
C LYS D 3787 59.06 -15.52 2.61
N GLY D 3788 58.95 -14.75 1.54
CA GLY D 3788 58.94 -13.30 1.65
C GLY D 3788 60.22 -12.69 2.15
N GLU D 3789 61.37 -13.16 1.66
CA GLU D 3789 62.67 -12.62 2.02
C GLU D 3789 63.37 -12.13 0.76
N THR D 3790 63.81 -10.88 0.78
CA THR D 3790 64.47 -10.28 -0.38
C THR D 3790 65.91 -10.78 -0.48
N GLY D 3791 66.31 -11.11 -1.71
CA GLY D 3791 67.67 -11.59 -1.93
C GLY D 3791 67.91 -11.87 -3.39
N ALA D 3792 69.15 -12.29 -3.67
CA ALA D 3792 69.53 -12.62 -5.03
C ALA D 3792 68.73 -13.79 -5.58
N MET D 3793 68.33 -14.73 -4.71
CA MET D 3793 67.53 -15.86 -5.16
C MET D 3793 66.20 -15.41 -5.72
N VAL D 3794 65.46 -14.61 -4.96
CA VAL D 3794 64.16 -14.14 -5.42
C VAL D 3794 64.33 -13.16 -6.59
N SER D 3795 65.41 -12.39 -6.62
CA SER D 3795 65.65 -11.50 -7.75
C SER D 3795 65.84 -12.30 -9.04
N SER D 3796 66.64 -13.36 -8.98
CA SER D 3796 66.85 -14.20 -10.16
C SER D 3796 65.56 -14.91 -10.55
N THR D 3797 64.78 -15.38 -9.57
CA THR D 3797 63.50 -16.01 -9.88
C THR D 3797 62.57 -15.05 -10.60
N LEU D 3798 62.47 -13.80 -10.11
CA LEU D 3798 61.61 -12.83 -10.75
C LEU D 3798 62.09 -12.49 -12.15
N LYS D 3799 63.40 -12.36 -12.34
CA LYS D 3799 63.92 -12.07 -13.67
C LYS D 3799 63.63 -13.21 -14.64
N LEU D 3800 63.81 -14.46 -14.20
CA LEU D 3800 63.51 -15.60 -15.05
C LEU D 3800 62.02 -15.66 -15.38
N GLY D 3801 61.17 -15.39 -14.39
CA GLY D 3801 59.74 -15.38 -14.64
C GLY D 3801 59.33 -14.30 -15.63
N ILE D 3802 59.93 -13.11 -15.51
CA ILE D 3802 59.64 -12.04 -16.46
C ILE D 3802 60.09 -12.41 -17.85
N SER D 3803 61.28 -13.02 -17.97
CA SER D 3803 61.76 -13.44 -19.28
C SER D 3803 60.85 -14.49 -19.90
N ILE D 3804 60.35 -15.41 -19.08
CA ILE D 3804 59.40 -16.41 -19.59
C ILE D 3804 58.09 -15.75 -20.03
N LEU D 3805 57.59 -14.81 -19.22
CA LEU D 3805 56.28 -14.21 -19.42
C LEU D 3805 56.27 -13.05 -20.41
N ASN D 3806 57.43 -12.66 -20.94
CA ASN D 3806 57.45 -11.56 -21.90
C ASN D 3806 56.52 -11.84 -23.07
N GLY D 3807 55.67 -10.86 -23.38
CA GLY D 3807 54.60 -11.05 -24.33
C GLY D 3807 53.29 -11.49 -23.71
N GLY D 3808 53.31 -11.92 -22.45
CA GLY D 3808 52.11 -12.33 -21.76
C GLY D 3808 51.40 -13.50 -22.40
N ASN D 3809 52.15 -14.55 -22.74
CA ASN D 3809 51.59 -15.64 -23.51
C ASN D 3809 50.71 -16.57 -22.67
N ALA D 3810 49.56 -16.91 -23.25
CA ALA D 3810 48.54 -17.67 -22.56
C ALA D 3810 49.01 -19.07 -22.19
N GLU D 3811 50.00 -19.62 -22.90
CA GLU D 3811 50.48 -20.96 -22.56
C GLU D 3811 51.03 -20.99 -21.15
N VAL D 3812 51.98 -20.11 -20.84
CA VAL D 3812 52.55 -20.17 -19.50
C VAL D 3812 51.60 -19.53 -18.50
N GLN D 3813 50.77 -18.57 -18.92
CA GLN D 3813 49.77 -18.04 -17.99
C GLN D 3813 48.83 -19.15 -17.51
N GLN D 3814 48.34 -19.97 -18.45
CA GLN D 3814 47.45 -21.06 -18.11
C GLN D 3814 48.17 -22.14 -17.31
N LYS D 3815 49.44 -22.42 -17.64
CA LYS D 3815 50.18 -23.41 -16.86
C LYS D 3815 50.35 -22.96 -15.42
N MET D 3816 50.71 -21.69 -15.21
CA MET D 3816 50.84 -21.18 -13.85
C MET D 3816 49.51 -21.21 -13.11
N LEU D 3817 48.43 -20.80 -13.77
CA LEU D 3817 47.12 -20.81 -13.12
C LEU D 3817 46.71 -22.23 -12.75
N ASP D 3818 46.93 -23.19 -13.65
CA ASP D 3818 46.57 -24.57 -13.36
C ASP D 3818 47.38 -25.12 -12.20
N TYR D 3819 48.68 -24.82 -12.16
CA TYR D 3819 49.50 -25.27 -11.04
C TYR D 3819 49.00 -24.69 -9.73
N LEU D 3820 48.70 -23.38 -9.71
CA LEU D 3820 48.24 -22.75 -8.48
C LEU D 3820 46.91 -23.34 -8.03
N LYS D 3821 45.98 -23.53 -8.96
CA LYS D 3821 44.66 -24.04 -8.58
C LYS D 3821 44.74 -25.52 -8.18
N ASP D 3822 45.67 -26.27 -8.74
CA ASP D 3822 45.81 -27.68 -8.38
C ASP D 3822 46.44 -27.83 -7.00
N LYS D 3823 47.47 -27.04 -6.71
CA LYS D 3823 48.15 -27.17 -5.41
C LYS D 3823 47.35 -26.54 -4.28
N LYS D 3824 46.63 -25.45 -4.55
CA LYS D 3824 45.79 -24.78 -3.54
C LYS D 3824 46.61 -24.41 -2.30
N GLU D 3825 47.75 -23.75 -2.53
CA GLU D 3825 48.63 -23.31 -1.46
C GLU D 3825 48.51 -21.80 -1.27
N VAL D 3826 48.89 -21.35 -0.07
CA VAL D 3826 48.86 -19.93 0.26
C VAL D 3826 50.25 -19.32 0.40
N GLY D 3827 51.30 -20.14 0.42
CA GLY D 3827 52.63 -19.61 0.63
C GLY D 3827 53.08 -18.67 -0.48
N PHE D 3828 52.66 -18.94 -1.72
CA PHE D 3828 53.03 -18.10 -2.83
C PHE D 3828 52.54 -16.67 -2.63
N PHE D 3829 51.24 -16.51 -2.35
CA PHE D 3829 50.70 -15.17 -2.19
C PHE D 3829 51.15 -14.54 -0.88
N GLN D 3830 51.38 -15.35 0.16
CA GLN D 3830 51.93 -14.78 1.40
C GLN D 3830 53.31 -14.19 1.16
N SER D 3831 54.16 -14.91 0.42
CA SER D 3831 55.48 -14.40 0.09
C SER D 3831 55.40 -13.16 -0.79
N ILE D 3832 54.47 -13.16 -1.76
CA ILE D 3832 54.31 -11.98 -2.61
C ILE D 3832 53.91 -10.77 -1.76
N GLN D 3833 52.95 -10.97 -0.85
CA GLN D 3833 52.51 -9.86 0.01
C GLN D 3833 53.64 -9.36 0.90
N ALA D 3834 54.42 -10.27 1.48
CA ALA D 3834 55.55 -9.85 2.32
C ALA D 3834 56.58 -9.07 1.52
N LEU D 3835 56.91 -9.55 0.31
CA LEU D 3835 57.88 -8.85 -0.52
C LEU D 3835 57.37 -7.47 -0.91
N MET D 3836 56.07 -7.35 -1.19
CA MET D 3836 55.50 -6.05 -1.49
C MET D 3836 55.55 -5.12 -0.27
N GLN D 3837 55.29 -5.68 0.92
CA GLN D 3837 55.31 -4.85 2.13
C GLN D 3837 56.71 -4.34 2.45
N THR D 3838 57.74 -5.15 2.19
CA THR D 3838 59.11 -4.74 2.50
C THR D 3838 59.75 -3.91 1.38
N CYS D 3839 58.95 -3.26 0.54
CA CYS D 3839 59.50 -2.37 -0.47
C CYS D 3839 59.85 -1.01 0.15
N SER D 3840 60.75 -0.29 -0.52
CA SER D 3840 61.27 0.97 -0.03
C SER D 3840 60.71 2.15 -0.80
N VAL D 3841 60.76 3.32 -0.18
CA VAL D 3841 60.34 4.58 -0.77
C VAL D 3841 61.39 5.65 -0.49
N LEU D 3842 61.11 6.87 -0.90
CA LEU D 3842 62.03 7.99 -0.68
C LEU D 3842 62.23 8.23 0.82
N ASP D 3843 63.46 8.55 1.20
CA ASP D 3843 63.81 8.83 2.59
C ASP D 3843 64.68 10.09 2.62
N LEU D 3844 64.05 11.23 2.93
CA LEU D 3844 64.76 12.50 2.92
C LEU D 3844 65.74 12.63 4.09
N ASN D 3845 65.51 11.93 5.20
CA ASN D 3845 66.49 11.93 6.27
C ASN D 3845 67.80 11.27 5.82
N ALA D 3846 67.69 10.09 5.20
CA ALA D 3846 68.86 9.45 4.63
C ALA D 3846 69.47 10.30 3.53
N PHE D 3847 68.63 11.02 2.77
CA PHE D 3847 69.15 11.92 1.74
C PHE D 3847 69.98 13.03 2.35
N GLU D 3848 69.51 13.62 3.46
CA GLU D 3848 70.28 14.66 4.13
C GLU D 3848 71.59 14.12 4.69
N ARG D 3849 71.54 12.92 5.30
CA ARG D 3849 72.77 12.32 5.78
C ARG D 3849 73.76 12.10 4.63
N GLN D 3850 73.28 11.60 3.50
CA GLN D 3850 74.14 11.39 2.35
C GLN D 3850 74.73 12.70 1.83
N ASN D 3851 73.91 13.74 1.77
CA ASN D 3851 74.39 15.03 1.30
C ASN D 3851 75.49 15.57 2.20
N LYS D 3852 75.28 15.50 3.52
CA LYS D 3852 76.30 16.00 4.44
C LYS D 3852 77.59 15.18 4.35
N ALA D 3853 77.46 13.85 4.29
CA ALA D 3853 78.64 12.99 4.21
C ALA D 3853 79.42 13.25 2.92
N GLU D 3854 78.71 13.40 1.79
CA GLU D 3854 79.37 13.66 0.53
C GLU D 3854 80.03 15.04 0.52
N GLY D 3855 79.35 16.04 1.10
CA GLY D 3855 79.91 17.38 1.13
C GLY D 3855 81.16 17.48 1.98
N LEU D 3856 81.17 16.79 3.12
CA LEU D 3856 82.35 16.85 3.99
C LEU D 3856 83.54 16.11 3.42
N GLY D 3857 83.36 15.34 2.35
CA GLY D 3857 84.46 14.65 1.72
C GLY D 3857 84.85 13.34 2.36
N MET D 3858 83.91 12.68 3.05
CA MET D 3858 84.12 11.42 3.77
C MET D 3858 85.48 11.33 4.44
N GLN D 3869 78.61 9.66 -1.90
CA GLN D 3869 77.55 9.55 -2.90
C GLN D 3869 77.23 8.09 -3.20
N ASN D 3870 75.96 7.73 -3.00
CA ASN D 3870 75.52 6.36 -3.25
C ASN D 3870 74.00 6.35 -3.38
N GLY D 3871 73.51 5.68 -4.41
CA GLY D 3871 72.07 5.51 -4.56
C GLY D 3871 71.45 4.59 -3.52
N GLU D 3872 72.28 3.85 -2.79
CA GLU D 3872 71.79 2.99 -1.72
C GLU D 3872 71.09 3.79 -0.63
N LYS D 3873 71.50 5.05 -0.44
CA LYS D 3873 70.94 5.85 0.64
C LYS D 3873 69.44 6.08 0.45
N VAL D 3874 69.03 6.40 -0.77
CA VAL D 3874 67.64 6.75 -1.05
C VAL D 3874 67.11 5.85 -2.15
N MET D 3875 66.01 5.16 -1.86
CA MET D 3875 65.28 4.32 -2.81
C MET D 3875 66.20 3.29 -3.48
N ALA D 3876 66.74 2.41 -2.65
CA ALA D 3876 67.41 1.22 -3.15
C ALA D 3876 66.38 0.15 -3.49
N ASP D 3877 66.85 -0.90 -4.16
CA ASP D 3877 66.00 -2.03 -4.58
C ASP D 3877 64.88 -1.60 -5.52
N ASP D 3878 65.05 -0.45 -6.19
CA ASP D 3878 64.05 0.01 -7.15
C ASP D 3878 63.93 -0.98 -8.30
N GLU D 3879 65.03 -1.58 -8.71
CA GLU D 3879 64.97 -2.61 -9.75
C GLU D 3879 64.15 -3.80 -9.29
N PHE D 3880 64.31 -4.22 -8.02
CA PHE D 3880 63.50 -5.31 -7.49
C PHE D 3880 62.02 -4.94 -7.47
N THR D 3881 61.70 -3.72 -7.06
CA THR D 3881 60.30 -3.28 -7.04
C THR D 3881 59.70 -3.29 -8.45
N GLN D 3882 60.44 -2.75 -9.42
CA GLN D 3882 59.97 -2.75 -10.79
C GLN D 3882 59.80 -4.17 -11.32
N ASP D 3883 60.72 -5.07 -10.97
CA ASP D 3883 60.59 -6.45 -11.39
C ASP D 3883 59.35 -7.11 -10.81
N LEU D 3884 59.06 -6.84 -9.53
CA LEU D 3884 57.88 -7.41 -8.90
C LEU D 3884 56.61 -6.95 -9.62
N PHE D 3885 56.46 -5.64 -9.81
CA PHE D 3885 55.23 -5.16 -10.45
C PHE D 3885 55.18 -5.53 -11.94
N ARG D 3886 56.33 -5.65 -12.60
CA ARG D 3886 56.33 -6.14 -13.97
C ARG D 3886 55.89 -7.60 -14.04
N PHE D 3887 56.30 -8.41 -13.06
CA PHE D 3887 55.85 -9.79 -12.99
C PHE D 3887 54.34 -9.87 -12.83
N LEU D 3888 53.78 -9.05 -11.93
CA LEU D 3888 52.34 -9.04 -11.76
C LEU D 3888 51.62 -8.57 -13.03
N GLN D 3889 52.16 -7.54 -13.68
CA GLN D 3889 51.55 -7.03 -14.91
C GLN D 3889 51.58 -8.09 -16.01
N LEU D 3890 52.69 -8.82 -16.13
CA LEU D 3890 52.77 -9.86 -17.15
C LEU D 3890 51.86 -11.04 -16.82
N LEU D 3891 51.63 -11.30 -15.53
CA LEU D 3891 50.64 -12.29 -15.16
C LEU D 3891 49.25 -11.86 -15.60
N CYS D 3892 48.91 -10.58 -15.43
CA CYS D 3892 47.59 -10.09 -15.81
C CYS D 3892 47.49 -9.63 -17.25
N GLU D 3893 48.56 -9.79 -18.05
CA GLU D 3893 48.54 -9.32 -19.42
C GLU D 3893 47.54 -10.10 -20.27
N GLY D 3894 47.06 -9.44 -21.32
CA GLY D 3894 46.18 -10.08 -22.28
C GLY D 3894 44.72 -10.14 -21.89
N HIS D 3895 44.31 -9.46 -20.82
CA HIS D 3895 42.94 -9.45 -20.33
C HIS D 3895 42.48 -10.88 -20.00
N ASN D 3896 43.21 -11.51 -19.08
CA ASN D 3896 42.85 -12.84 -18.59
C ASN D 3896 42.01 -12.67 -17.32
N ASN D 3897 40.68 -12.74 -17.49
CA ASN D 3897 39.79 -12.54 -16.35
C ASN D 3897 40.00 -13.59 -15.28
N ASP D 3898 40.48 -14.78 -15.65
CA ASP D 3898 40.74 -15.81 -14.66
C ASP D 3898 41.79 -15.36 -13.65
N PHE D 3899 42.94 -14.88 -14.15
CA PHE D 3899 43.96 -14.36 -13.25
C PHE D 3899 43.50 -13.08 -12.57
N GLN D 3900 42.79 -12.21 -13.30
CA GLN D 3900 42.33 -10.96 -12.70
C GLN D 3900 41.40 -11.20 -11.52
N ASN D 3901 40.66 -12.31 -11.54
CA ASN D 3901 39.80 -12.67 -10.40
C ASN D 3901 40.53 -13.49 -9.35
N TYR D 3902 41.48 -14.33 -9.76
CA TYR D 3902 42.22 -15.14 -8.80
C TYR D 3902 43.14 -14.29 -7.94
N LEU D 3903 43.68 -13.20 -8.49
CA LEU D 3903 44.48 -12.29 -7.68
C LEU D 3903 43.63 -11.63 -6.60
N ARG D 3904 42.41 -11.23 -6.94
CA ARG D 3904 41.53 -10.61 -5.95
C ARG D 3904 41.10 -11.62 -4.89
N THR D 3905 40.63 -12.79 -5.31
CA THR D 3905 40.14 -13.80 -4.38
C THR D 3905 40.81 -15.14 -4.69
N GLN D 3906 41.33 -15.78 -3.64
CA GLN D 3906 41.94 -17.11 -3.77
C GLN D 3906 40.85 -18.14 -3.51
N THR D 3907 40.24 -18.63 -4.58
CA THR D 3907 39.16 -19.60 -4.44
C THR D 3907 39.73 -20.97 -4.08
N GLY D 3908 39.15 -21.60 -3.06
CA GLY D 3908 39.60 -22.90 -2.62
C GLY D 3908 40.54 -22.85 -1.43
N ASN D 3909 41.43 -21.86 -1.41
CA ASN D 3909 42.37 -21.73 -0.31
C ASN D 3909 41.65 -21.32 0.96
N THR D 3910 42.19 -21.77 2.10
CA THR D 3910 41.61 -21.44 3.39
C THR D 3910 41.77 -19.96 3.74
N THR D 3911 42.70 -19.27 3.09
CA THR D 3911 42.91 -17.85 3.33
C THR D 3911 43.14 -17.15 1.99
N THR D 3912 42.77 -15.87 1.92
CA THR D 3912 42.87 -15.10 0.70
C THR D 3912 43.65 -13.81 0.95
N ILE D 3913 44.34 -13.35 -0.08
CA ILE D 3913 45.12 -12.13 -0.03
C ILE D 3913 44.68 -11.23 -1.18
N ASN D 3914 44.60 -9.92 -0.91
CA ASN D 3914 44.13 -8.95 -1.91
C ASN D 3914 45.34 -8.18 -2.44
N ILE D 3915 45.91 -8.71 -3.52
CA ILE D 3915 47.07 -8.07 -4.14
C ILE D 3915 46.71 -6.69 -4.65
N ILE D 3916 45.45 -6.48 -5.05
CA ILE D 3916 45.00 -5.17 -5.50
C ILE D 3916 45.14 -4.16 -4.36
N ILE D 3917 44.67 -4.53 -3.18
CA ILE D 3917 44.75 -3.63 -2.02
C ILE D 3917 46.20 -3.42 -1.61
N CYS D 3918 47.02 -4.46 -1.71
CA CYS D 3918 48.45 -4.29 -1.41
C CYS D 3918 49.10 -3.28 -2.35
N THR D 3919 48.77 -3.36 -3.64
CA THR D 3919 49.32 -2.41 -4.61
C THR D 3919 48.85 -0.99 -4.30
N VAL D 3920 47.56 -0.84 -3.96
CA VAL D 3920 47.05 0.49 -3.61
C VAL D 3920 47.78 1.04 -2.39
N ASP D 3921 48.02 0.20 -1.39
CA ASP D 3921 48.72 0.65 -0.19
C ASP D 3921 50.14 1.09 -0.51
N TYR D 3922 50.86 0.32 -1.33
CA TYR D 3922 52.21 0.72 -1.69
C TYR D 3922 52.20 2.03 -2.47
N LEU D 3923 51.23 2.19 -3.37
CA LEU D 3923 51.12 3.45 -4.12
C LEU D 3923 50.86 4.62 -3.19
N LEU D 3924 50.03 4.43 -2.18
CA LEU D 3924 49.77 5.49 -1.21
C LEU D 3924 51.04 5.87 -0.46
N ARG D 3925 51.82 4.87 -0.03
CA ARG D 3925 53.07 5.17 0.66
C ARG D 3925 54.04 5.93 -0.23
N LEU D 3926 54.14 5.51 -1.50
CA LEU D 3926 55.01 6.21 -2.44
C LEU D 3926 54.54 7.65 -2.64
N GLN D 3927 53.23 7.86 -2.74
CA GLN D 3927 52.71 9.21 -2.89
C GLN D 3927 53.04 10.08 -1.69
N GLU D 3928 52.93 9.52 -0.48
CA GLU D 3928 53.30 10.28 0.71
C GLU D 3928 54.78 10.65 0.70
N SER D 3929 55.64 9.72 0.29
CA SER D 3929 57.07 10.02 0.20
C SER D 3929 57.35 11.13 -0.80
N ILE D 3930 56.70 11.08 -1.97
CA ILE D 3930 56.92 12.11 -2.98
C ILE D 3930 56.40 13.45 -2.50
N SER D 3931 55.27 13.46 -1.77
CA SER D 3931 54.76 14.70 -1.22
C SER D 3931 55.73 15.29 -0.20
N ASP D 3932 56.33 14.44 0.63
CA ASP D 3932 57.33 14.92 1.58
C ASP D 3932 58.53 15.51 0.85
N PHE D 3933 58.98 14.87 -0.22
CA PHE D 3933 60.10 15.40 -0.99
C PHE D 3933 59.75 16.75 -1.60
N TYR D 3934 58.52 16.89 -2.12
CA TYR D 3934 58.07 18.19 -2.63
C TYR D 3934 58.08 19.25 -1.54
N TRP D 3935 57.57 18.91 -0.36
CA TRP D 3935 57.50 19.89 0.71
C TRP D 3935 58.89 20.30 1.17
N TYR D 3936 59.87 19.38 1.11
CA TYR D 3936 61.23 19.74 1.44
C TYR D 3936 61.85 20.65 0.39
N TYR D 3937 61.65 20.33 -0.89
CA TYR D 3937 62.32 21.06 -1.97
C TYR D 3937 61.55 22.27 -2.46
N SER D 3938 60.40 22.59 -1.85
CA SER D 3938 59.61 23.72 -2.33
C SER D 3938 60.36 25.04 -2.18
N GLY D 3939 61.06 25.22 -1.05
CA GLY D 3939 61.72 26.49 -0.80
C GLY D 3939 62.87 26.77 -1.75
N LYS D 3940 63.62 25.72 -2.12
CA LYS D 3940 64.80 25.91 -2.95
C LYS D 3940 64.43 26.40 -4.34
N ASP D 3941 65.20 27.34 -4.86
CA ASP D 3941 64.94 27.88 -6.19
C ASP D 3941 65.36 26.90 -7.28
N VAL D 3942 66.51 26.24 -7.11
CA VAL D 3942 67.06 25.33 -8.10
C VAL D 3942 67.20 23.95 -7.46
N ILE D 3943 66.65 22.94 -8.13
CA ILE D 3943 66.70 21.57 -7.62
C ILE D 3943 68.09 20.99 -7.88
N GLU D 3944 68.67 20.41 -6.84
CA GLU D 3944 69.98 19.77 -6.96
C GLU D 3944 69.88 18.52 -7.83
N GLU D 3945 70.98 18.21 -8.52
CA GLU D 3945 71.01 17.08 -9.45
C GLU D 3945 70.69 15.76 -8.75
N GLN D 3946 71.15 15.60 -7.51
CA GLN D 3946 70.83 14.39 -6.76
C GLN D 3946 69.32 14.30 -6.50
N GLY D 3947 68.70 15.42 -6.14
CA GLY D 3947 67.26 15.42 -5.99
C GLY D 3947 66.53 15.12 -7.30
N LYS D 3948 67.09 15.61 -8.41
CA LYS D 3948 66.51 15.28 -9.72
C LYS D 3948 66.58 13.79 -9.98
N ARG D 3949 67.72 13.16 -9.66
CA ARG D 3949 67.85 11.72 -9.86
C ARG D 3949 66.86 10.94 -9.00
N ASN D 3950 66.74 11.34 -7.73
CA ASN D 3950 65.78 10.67 -6.85
C ASN D 3950 64.35 10.83 -7.34
N PHE D 3951 64.01 12.03 -7.80
CA PHE D 3951 62.68 12.24 -8.37
C PHE D 3951 62.46 11.37 -9.59
N SER D 3952 63.47 11.25 -10.45
CA SER D 3952 63.34 10.42 -11.65
C SER D 3952 63.07 8.96 -11.28
N LYS D 3953 63.85 8.44 -10.33
CA LYS D 3953 63.64 7.04 -9.92
C LYS D 3953 62.26 6.85 -9.30
N ALA D 3954 61.85 7.76 -8.42
CA ALA D 3954 60.56 7.63 -7.77
C ALA D 3954 59.41 7.68 -8.78
N MET D 3955 59.50 8.58 -9.76
CA MET D 3955 58.44 8.69 -10.75
C MET D 3955 58.45 7.50 -11.71
N SER D 3956 59.62 6.93 -11.99
CA SER D 3956 59.64 5.69 -12.78
C SER D 3956 58.94 4.55 -12.05
N VAL D 3957 59.21 4.41 -10.74
CA VAL D 3957 58.54 3.37 -9.97
C VAL D 3957 57.04 3.62 -9.93
N ALA D 3958 56.63 4.88 -9.75
CA ALA D 3958 55.22 5.21 -9.72
C ALA D 3958 54.56 4.92 -11.06
N LYS D 3959 55.27 5.18 -12.17
CA LYS D 3959 54.74 4.86 -13.50
C LYS D 3959 54.54 3.36 -13.66
N GLN D 3960 55.49 2.56 -13.18
CA GLN D 3960 55.32 1.11 -13.25
C GLN D 3960 54.12 0.65 -12.42
N VAL D 3961 53.92 1.23 -11.25
CA VAL D 3961 52.79 0.84 -10.41
C VAL D 3961 51.46 1.06 -11.11
N PHE D 3962 51.29 2.24 -11.72
CA PHE D 3962 50.03 2.56 -12.40
C PHE D 3962 49.73 1.58 -13.52
N ASN D 3963 50.74 1.25 -14.31
CA ASN D 3963 50.53 0.34 -15.44
C ASN D 3963 50.00 -0.99 -14.93
N SER D 3964 50.53 -1.46 -13.81
CA SER D 3964 50.07 -2.71 -13.25
C SER D 3964 48.60 -2.60 -12.87
N LEU D 3965 48.23 -1.49 -12.26
CA LEU D 3965 46.83 -1.29 -11.87
C LEU D 3965 45.91 -1.28 -13.08
N THR D 3966 46.32 -0.59 -14.14
CA THR D 3966 45.50 -0.53 -15.33
C THR D 3966 45.29 -1.93 -15.87
N GLU D 3967 46.33 -2.74 -15.86
CA GLU D 3967 46.24 -4.10 -16.36
C GLU D 3967 45.21 -4.89 -15.57
N TYR D 3968 45.17 -4.67 -14.27
CA TYR D 3968 44.23 -5.39 -13.42
C TYR D 3968 42.79 -5.14 -13.83
N ILE D 3969 42.49 -3.92 -14.27
CA ILE D 3969 41.10 -3.58 -14.61
C ILE D 3969 40.86 -3.24 -16.07
N GLN D 3970 41.89 -3.30 -16.91
CA GLN D 3970 41.73 -2.90 -18.30
C GLN D 3970 40.64 -3.75 -18.90
N GLY D 3971 40.69 -5.06 -18.67
CA GLY D 3971 39.61 -5.91 -19.11
C GLY D 3971 38.49 -5.55 -18.16
N PRO D 3972 37.26 -5.40 -18.67
CA PRO D 3972 36.18 -4.93 -17.80
C PRO D 3972 35.91 -5.89 -16.65
N CYS D 3973 36.79 -5.88 -15.65
CA CYS D 3973 36.68 -6.75 -14.48
C CYS D 3973 35.89 -5.98 -13.42
N THR D 3974 34.60 -6.30 -13.29
CA THR D 3974 33.72 -5.56 -12.40
C THR D 3974 34.14 -5.70 -10.94
N GLY D 3975 34.54 -6.90 -10.53
CA GLY D 3975 34.94 -7.09 -9.15
C GLY D 3975 36.16 -6.27 -8.78
N ASN D 3976 37.17 -6.28 -9.64
CA ASN D 3976 38.37 -5.47 -9.39
C ASN D 3976 38.04 -3.99 -9.43
N GLN D 3977 37.15 -3.57 -10.33
CA GLN D 3977 36.75 -2.17 -10.38
C GLN D 3977 36.07 -1.75 -9.08
N GLN D 3978 35.18 -2.60 -8.56
CA GLN D 3978 34.52 -2.29 -7.30
C GLN D 3978 35.51 -2.24 -6.14
N SER D 3979 36.47 -3.18 -6.12
CA SER D 3979 37.47 -3.19 -5.06
C SER D 3979 38.32 -1.93 -5.09
N LEU D 3980 38.71 -1.49 -6.30
CA LEU D 3980 39.46 -0.24 -6.41
C LEU D 3980 38.63 0.97 -6.02
N ALA D 3981 37.33 0.96 -6.38
CA ALA D 3981 36.46 2.07 -6.01
C ALA D 3981 36.34 2.19 -4.50
N HIS D 3982 36.21 1.05 -3.82
CA HIS D 3982 36.17 1.04 -2.35
C HIS D 3982 37.58 0.79 -1.81
N SER D 3983 38.42 1.81 -1.95
CA SER D 3983 39.83 1.72 -1.54
C SER D 3983 40.34 3.12 -1.25
N ARG D 3984 41.62 3.20 -0.90
CA ARG D 3984 42.31 4.46 -0.64
C ARG D 3984 42.98 5.03 -1.88
N LEU D 3985 42.57 4.59 -3.08
CA LEU D 3985 43.18 5.10 -4.30
C LEU D 3985 42.92 6.58 -4.49
N TRP D 3986 41.75 7.07 -4.04
CA TRP D 3986 41.37 8.44 -4.32
C TRP D 3986 42.23 9.43 -3.53
N ASP D 3987 42.61 9.06 -2.32
CA ASP D 3987 43.50 9.93 -1.54
C ASP D 3987 44.87 10.07 -2.21
N ALA D 3988 45.41 8.95 -2.70
CA ALA D 3988 46.66 9.01 -3.44
C ALA D 3988 46.52 9.82 -4.71
N VAL D 3989 45.37 9.72 -5.38
CA VAL D 3989 45.11 10.52 -6.57
C VAL D 3989 45.13 12.00 -6.24
N VAL D 3990 44.46 12.38 -5.15
CA VAL D 3990 44.41 13.78 -4.74
C VAL D 3990 45.81 14.28 -4.42
N GLY D 3991 46.58 13.48 -3.68
CA GLY D 3991 47.94 13.89 -3.35
C GLY D 3991 48.82 14.04 -4.58
N PHE D 3992 48.70 13.12 -5.53
CA PHE D 3992 49.48 13.20 -6.76
C PHE D 3992 49.10 14.44 -7.56
N LEU D 3993 47.80 14.76 -7.63
CA LEU D 3993 47.37 15.98 -8.30
C LEU D 3993 47.95 17.22 -7.63
N HIS D 3994 47.95 17.23 -6.28
CA HIS D 3994 48.50 18.36 -5.56
C HIS D 3994 49.99 18.54 -5.84
N VAL D 3995 50.74 17.43 -5.86
CA VAL D 3995 52.16 17.52 -6.17
C VAL D 3995 52.37 18.01 -7.59
N PHE D 3996 51.59 17.48 -8.54
CA PHE D 3996 51.76 17.83 -9.95
C PHE D 3996 51.50 19.32 -10.18
N ALA D 3997 50.44 19.84 -9.56
CA ALA D 3997 50.03 21.22 -9.82
C ALA D 3997 51.13 22.21 -9.51
N HIS D 3998 51.99 21.90 -8.54
CA HIS D 3998 53.11 22.76 -8.23
C HIS D 3998 54.37 22.37 -8.98
N MET D 3999 54.57 21.08 -9.25
CA MET D 3999 55.74 20.64 -10.02
C MET D 3999 55.77 21.25 -11.41
N MET D 4000 54.64 21.28 -12.12
CA MET D 4000 54.69 21.81 -13.48
C MET D 4000 55.17 23.26 -13.51
N MET D 4001 54.56 24.11 -12.69
CA MET D 4001 54.93 25.53 -12.71
C MET D 4001 56.26 25.81 -12.02
N LYS D 4002 56.72 24.92 -11.14
CA LYS D 4002 58.06 25.14 -10.59
C LYS D 4002 59.14 24.76 -11.61
N LEU D 4003 58.94 23.68 -12.36
CA LEU D 4003 59.94 23.24 -13.33
C LEU D 4003 59.82 23.96 -14.68
N ALA D 4004 58.72 24.68 -14.92
CA ALA D 4004 58.56 25.36 -16.20
C ALA D 4004 59.55 26.51 -16.34
N GLN D 4005 59.69 27.33 -15.30
CA GLN D 4005 60.51 28.54 -15.40
C GLN D 4005 61.96 28.21 -15.71
N ASP D 4006 62.52 27.21 -15.02
CA ASP D 4006 63.90 26.83 -15.26
C ASP D 4006 64.06 26.18 -16.64
N SER D 4007 65.29 26.25 -17.16
CA SER D 4007 65.61 25.68 -18.47
C SER D 4007 66.41 24.39 -18.37
N SER D 4008 66.81 23.98 -17.17
CA SER D 4008 67.57 22.75 -16.97
C SER D 4008 66.74 21.61 -16.41
N GLN D 4009 65.41 21.76 -16.38
CA GLN D 4009 64.51 20.76 -15.81
C GLN D 4009 63.48 20.28 -16.82
N ILE D 4010 63.74 20.46 -18.11
CA ILE D 4010 62.76 20.10 -19.14
C ILE D 4010 62.56 18.59 -19.19
N GLU D 4011 63.64 17.82 -19.04
CA GLU D 4011 63.53 16.37 -19.07
C GLU D 4011 62.70 15.86 -17.90
N LEU D 4012 62.96 16.40 -16.70
CA LEU D 4012 62.17 16.03 -15.52
C LEU D 4012 60.71 16.41 -15.71
N LEU D 4013 60.45 17.58 -16.28
CA LEU D 4013 59.07 18.00 -16.54
C LEU D 4013 58.39 17.06 -17.52
N LYS D 4014 59.10 16.63 -18.57
CA LYS D 4014 58.52 15.71 -19.54
C LYS D 4014 58.21 14.36 -18.90
N GLU D 4015 59.12 13.86 -18.06
CA GLU D 4015 58.85 12.60 -17.36
C GLU D 4015 57.64 12.74 -16.44
N LEU D 4016 57.53 13.89 -15.76
CA LEU D 4016 56.36 14.16 -14.94
C LEU D 4016 55.07 14.14 -15.77
N LEU D 4017 55.12 14.74 -16.96
CA LEU D 4017 53.95 14.76 -17.82
C LEU D 4017 53.57 13.35 -18.27
N ASP D 4018 54.58 12.51 -18.57
CA ASP D 4018 54.29 11.13 -18.91
C ASP D 4018 53.64 10.38 -17.74
N LEU D 4019 54.13 10.61 -16.53
CA LEU D 4019 53.52 9.99 -15.36
C LEU D 4019 52.07 10.45 -15.19
N GLN D 4020 51.81 11.73 -15.39
CA GLN D 4020 50.45 12.24 -15.28
C GLN D 4020 49.54 11.65 -16.35
N LYS D 4021 50.09 11.41 -17.54
CA LYS D 4021 49.29 10.77 -18.58
C LYS D 4021 48.85 9.39 -18.12
N ASP D 4022 49.75 8.62 -17.53
CA ASP D 4022 49.42 7.29 -17.04
C ASP D 4022 48.33 7.34 -16.00
N MET D 4023 48.42 8.32 -15.11
CA MET D 4023 47.42 8.48 -14.07
C MET D 4023 46.05 8.62 -14.71
N VAL D 4024 45.94 9.45 -15.73
CA VAL D 4024 44.67 9.66 -16.41
C VAL D 4024 44.18 8.38 -17.07
N VAL D 4025 45.08 7.66 -17.71
CA VAL D 4025 44.71 6.42 -18.38
C VAL D 4025 44.10 5.44 -17.39
N MET D 4026 44.71 5.34 -16.21
CA MET D 4026 44.19 4.45 -15.19
C MET D 4026 42.79 4.90 -14.79
N LEU D 4027 42.59 6.20 -14.65
CA LEU D 4027 41.28 6.72 -14.29
C LEU D 4027 40.26 6.42 -15.38
N LEU D 4028 40.67 6.57 -16.63
CA LEU D 4028 39.77 6.26 -17.74
C LEU D 4028 39.40 4.79 -17.71
N SER D 4029 40.38 3.94 -17.46
CA SER D 4029 40.10 2.51 -17.37
C SER D 4029 39.11 2.29 -16.25
N LEU D 4030 39.31 2.97 -15.13
CA LEU D 4030 38.35 2.88 -14.05
C LEU D 4030 36.98 3.28 -14.58
N LEU D 4031 36.96 4.36 -15.36
CA LEU D 4031 35.69 4.83 -15.91
C LEU D 4031 35.14 3.91 -17.00
N GLU D 4032 35.94 2.97 -17.49
CA GLU D 4032 35.49 2.06 -18.53
C GLU D 4032 34.27 1.26 -18.08
N GLY D 4033 33.31 1.13 -18.99
CA GLY D 4033 32.12 0.32 -18.73
C GLY D 4033 31.20 0.84 -17.65
N ASN D 4034 30.92 2.14 -17.65
CA ASN D 4034 30.05 2.75 -16.66
C ASN D 4034 28.64 2.92 -17.22
N VAL D 4035 27.71 3.22 -16.32
CA VAL D 4035 26.32 3.48 -16.67
C VAL D 4035 26.00 4.93 -16.32
N VAL D 4036 24.81 5.36 -16.71
CA VAL D 4036 24.36 6.71 -16.39
C VAL D 4036 24.15 6.83 -14.89
N ASN D 4037 24.69 7.90 -14.30
CA ASN D 4037 24.62 8.13 -12.86
C ASN D 4037 25.24 6.97 -12.08
N GLY D 4038 26.41 6.52 -12.54
CA GLY D 4038 27.07 5.40 -11.91
C GLY D 4038 27.79 5.79 -10.62
N MET D 4039 27.95 4.77 -9.76
CA MET D 4039 28.62 5.00 -8.48
C MET D 4039 30.07 5.41 -8.67
N ILE D 4040 30.78 4.77 -9.60
CA ILE D 4040 32.17 5.13 -9.85
C ILE D 4040 32.25 6.54 -10.42
N ALA D 4041 31.30 6.92 -11.29
CA ALA D 4041 31.27 8.28 -11.81
C ALA D 4041 31.05 9.29 -10.69
N ARG D 4042 30.13 8.99 -9.77
CA ARG D 4042 29.93 9.89 -8.64
C ARG D 4042 31.18 9.99 -7.77
N GLN D 4043 31.87 8.87 -7.58
CA GLN D 4043 33.12 8.90 -6.80
C GLN D 4043 34.17 9.78 -7.48
N MET D 4044 34.29 9.67 -8.81
CA MET D 4044 35.22 10.52 -9.53
C MET D 4044 34.84 11.99 -9.42
N VAL D 4045 33.53 12.28 -9.47
CA VAL D 4045 33.08 13.66 -9.31
C VAL D 4045 33.43 14.18 -7.92
N ASP D 4046 33.23 13.35 -6.90
CA ASP D 4046 33.58 13.76 -5.54
C ASP D 4046 35.08 14.00 -5.41
N MET D 4047 35.89 13.15 -6.05
CA MET D 4047 37.33 13.37 -6.08
C MET D 4047 37.67 14.71 -6.71
N LEU D 4048 37.04 15.02 -7.85
CA LEU D 4048 37.32 16.28 -8.53
C LEU D 4048 36.92 17.48 -7.69
N VAL D 4049 35.76 17.41 -7.04
CA VAL D 4049 35.33 18.54 -6.21
C VAL D 4049 36.15 18.63 -4.93
N GLU D 4050 36.77 17.53 -4.50
CA GLU D 4050 37.69 17.59 -3.36
C GLU D 4050 39.00 18.23 -3.77
N SER D 4051 39.47 17.97 -4.98
CA SER D 4051 40.74 18.50 -5.48
C SER D 4051 40.51 19.51 -6.60
N SER D 4052 39.50 20.36 -6.45
CA SER D 4052 39.15 21.33 -7.49
C SER D 4052 40.30 22.29 -7.77
N SER D 4053 40.96 22.80 -6.73
CA SER D 4053 41.95 23.86 -6.92
C SER D 4053 43.09 23.42 -7.83
N ASN D 4054 43.69 22.26 -7.54
CA ASN D 4054 44.82 21.78 -8.32
C ASN D 4054 44.40 21.50 -9.76
N VAL D 4055 43.19 20.96 -9.95
CA VAL D 4055 42.68 20.73 -11.30
C VAL D 4055 42.54 22.06 -12.03
N GLU D 4056 42.06 23.10 -11.35
CA GLU D 4056 41.96 24.42 -11.97
C GLU D 4056 43.33 24.95 -12.36
N MET D 4057 44.33 24.78 -11.50
CA MET D 4057 45.67 25.24 -11.83
C MET D 4057 46.23 24.50 -13.05
N ILE D 4058 46.01 23.19 -13.12
CA ILE D 4058 46.50 22.41 -14.26
C ILE D 4058 45.80 22.87 -15.54
N LEU D 4059 44.48 23.04 -15.48
CA LEU D 4059 43.72 23.45 -16.65
C LEU D 4059 44.15 24.83 -17.13
N LYS D 4060 44.36 25.76 -16.19
CA LYS D 4060 44.84 27.08 -16.56
C LYS D 4060 46.23 27.00 -17.20
N PHE D 4061 47.12 26.22 -16.59
CA PHE D 4061 48.47 26.06 -17.15
C PHE D 4061 48.41 25.57 -18.58
N PHE D 4062 47.49 24.66 -18.88
CA PHE D 4062 47.36 24.16 -20.25
C PHE D 4062 46.80 25.24 -21.17
N ASP D 4063 45.74 25.93 -20.74
CA ASP D 4063 45.02 26.80 -21.67
C ASP D 4063 45.82 28.06 -22.00
N MET D 4064 46.50 28.64 -21.02
CA MET D 4064 47.26 29.86 -21.35
C MET D 4064 48.45 29.52 -22.25
N PHE D 4065 48.97 28.30 -22.18
CA PHE D 4065 50.06 27.94 -23.09
C PHE D 4065 49.52 27.64 -24.49
N LEU D 4066 48.32 27.07 -24.59
CA LEU D 4066 47.68 26.98 -25.90
C LEU D 4066 47.47 28.37 -26.51
N LYS D 4067 46.96 29.30 -25.71
CA LYS D 4067 46.83 30.68 -26.19
C LYS D 4067 48.19 31.32 -26.46
N LEU D 4068 49.23 30.84 -25.78
CA LEU D 4068 50.59 31.29 -26.07
C LEU D 4068 51.01 30.90 -27.47
N LYS D 4069 50.74 29.65 -27.86
CA LYS D 4069 50.96 29.29 -29.26
C LYS D 4069 50.00 30.03 -30.19
N ASP D 4070 48.85 30.46 -29.69
CA ASP D 4070 47.93 31.24 -30.53
C ASP D 4070 48.45 32.65 -30.78
N ILE D 4071 49.20 33.22 -29.83
CA ILE D 4071 49.60 34.62 -29.92
C ILE D 4071 50.56 34.89 -31.08
N VAL D 4072 51.19 33.85 -31.64
CA VAL D 4072 52.15 34.07 -32.72
C VAL D 4072 51.45 34.62 -33.95
N GLY D 4073 50.23 34.16 -34.21
CA GLY D 4073 49.44 34.64 -35.34
C GLY D 4073 48.69 35.92 -35.10
N SER D 4074 48.77 36.48 -33.91
CA SER D 4074 48.06 37.71 -33.58
C SER D 4074 48.77 38.92 -34.19
N GLU D 4075 48.03 39.71 -34.97
CA GLU D 4075 48.61 40.90 -35.56
C GLU D 4075 48.96 41.94 -34.50
N ALA D 4076 48.15 42.03 -33.45
CA ALA D 4076 48.38 42.99 -32.38
C ALA D 4076 49.66 42.72 -31.59
N PHE D 4077 50.26 41.54 -31.76
CA PHE D 4077 51.57 41.24 -31.22
C PHE D 4077 52.65 41.21 -32.28
N GLN D 4078 52.31 40.79 -33.51
CA GLN D 4078 53.27 40.79 -34.60
C GLN D 4078 53.74 42.20 -34.93
N ASP D 4079 52.83 43.18 -34.89
CA ASP D 4079 53.23 44.56 -35.11
C ASP D 4079 54.16 45.04 -34.00
N TYR D 4080 53.88 44.65 -32.75
CA TYR D 4080 54.78 44.98 -31.65
C TYR D 4080 56.14 44.32 -31.80
N VAL D 4081 56.23 43.20 -32.53
CA VAL D 4081 57.54 42.62 -32.81
C VAL D 4081 58.34 43.61 -33.64
N THR D 4082 59.53 43.98 -33.14
CA THR D 4082 60.36 44.99 -33.77
C THR D 4082 61.66 44.45 -34.35
N ASP D 4083 62.31 43.52 -33.66
CA ASP D 4083 63.59 43.01 -34.10
C ASP D 4083 63.45 42.35 -35.48
N PRO D 4084 64.29 42.71 -36.46
CA PRO D 4084 64.25 42.00 -37.75
C PRO D 4084 64.37 40.49 -37.61
N ARG D 4085 65.21 40.02 -36.68
CA ARG D 4085 65.34 38.59 -36.44
C ARG D 4085 64.06 37.99 -35.88
N GLY D 4086 63.09 38.81 -35.45
CA GLY D 4086 61.82 38.33 -34.97
C GLY D 4086 61.66 38.38 -33.46
N LEU D 4087 62.59 39.03 -32.76
CA LEU D 4087 62.56 39.05 -31.30
C LEU D 4087 61.66 40.18 -30.80
N ILE D 4088 61.02 39.97 -29.66
CA ILE D 4088 60.05 40.90 -29.12
C ILE D 4088 60.51 41.34 -27.74
N SER D 4089 60.59 42.65 -27.53
CA SER D 4089 61.05 43.19 -26.27
C SER D 4089 60.12 42.78 -25.14
N LYS D 4090 60.67 42.65 -23.93
CA LYS D 4090 59.90 42.22 -22.77
C LYS D 4090 58.71 43.13 -22.51
N LYS D 4091 58.96 44.43 -22.40
CA LYS D 4091 57.90 45.40 -22.17
C LYS D 4091 56.88 45.38 -23.29
N ASP D 4092 57.35 45.32 -24.54
CA ASP D 4092 56.44 45.26 -25.68
C ASP D 4092 55.56 44.02 -25.62
N PHE D 4093 56.12 42.90 -25.18
CA PHE D 4093 55.40 41.63 -25.09
C PHE D 4093 54.39 41.64 -23.94
N GLN D 4094 54.72 42.35 -22.85
CA GLN D 4094 53.71 42.63 -21.82
C GLN D 4094 52.56 43.47 -22.37
N LYS D 4095 52.89 44.56 -23.08
CA LYS D 4095 51.84 45.42 -23.63
C LYS D 4095 50.98 44.66 -24.64
N ALA D 4096 51.60 43.75 -25.40
CA ALA D 4096 50.86 42.96 -26.37
C ALA D 4096 49.86 42.06 -25.68
N MET D 4097 50.28 41.39 -24.59
CA MET D 4097 49.30 40.59 -23.86
C MET D 4097 48.17 41.46 -23.35
N ASP D 4098 48.51 42.62 -22.78
CA ASP D 4098 47.49 43.46 -22.17
C ASP D 4098 46.51 43.97 -23.22
N SER D 4099 46.99 44.29 -24.42
CA SER D 4099 46.10 44.70 -25.50
C SER D 4099 45.22 43.55 -25.99
N GLN D 4100 45.79 42.36 -26.16
CA GLN D 4100 45.01 41.23 -26.65
C GLN D 4100 44.05 40.68 -25.59
N LYS D 4101 44.31 40.95 -24.32
CA LYS D 4101 43.46 40.52 -23.20
C LYS D 4101 43.31 39.00 -23.15
N GLN D 4102 44.31 38.27 -23.66
CA GLN D 4102 44.29 36.82 -23.54
C GLN D 4102 44.57 36.37 -22.11
N PHE D 4103 45.52 37.04 -21.45
CA PHE D 4103 45.95 36.67 -20.09
C PHE D 4103 45.81 37.86 -19.16
N THR D 4104 45.35 37.60 -17.95
CA THR D 4104 45.11 38.65 -16.97
C THR D 4104 46.41 39.05 -16.27
N GLY D 4105 46.33 40.13 -15.51
CA GLY D 4105 47.49 40.78 -14.93
C GLY D 4105 48.38 39.89 -14.08
N PRO D 4106 47.80 39.18 -13.10
CA PRO D 4106 48.61 38.21 -12.34
C PRO D 4106 49.23 37.13 -13.21
N GLU D 4107 48.54 36.69 -14.26
CA GLU D 4107 49.10 35.70 -15.17
C GLU D 4107 50.23 36.28 -16.01
N ILE D 4108 50.24 37.61 -16.21
CA ILE D 4108 51.27 38.25 -17.02
C ILE D 4108 52.64 37.99 -16.42
N GLN D 4109 52.76 38.12 -15.10
CA GLN D 4109 54.04 37.94 -14.42
C GLN D 4109 54.52 36.49 -14.55
N PHE D 4110 53.61 35.53 -14.40
CA PHE D 4110 53.99 34.13 -14.54
C PHE D 4110 54.49 33.84 -15.95
N LEU D 4111 53.82 34.38 -16.97
CA LEU D 4111 54.30 34.21 -18.34
C LEU D 4111 55.67 34.89 -18.53
N LEU D 4112 55.86 36.07 -17.95
CA LEU D 4112 57.15 36.74 -18.04
C LEU D 4112 58.25 35.88 -17.43
N SER D 4113 57.98 35.29 -16.27
CA SER D 4113 58.97 34.45 -15.61
C SER D 4113 59.29 33.22 -16.46
N CYS D 4114 58.25 32.55 -16.98
CA CYS D 4114 58.48 31.36 -17.79
C CYS D 4114 59.14 31.68 -19.12
N SER D 4115 59.02 32.93 -19.58
CA SER D 4115 59.67 33.32 -20.83
C SER D 4115 61.20 33.20 -20.70
N GLU D 4116 61.83 32.82 -21.81
CA GLU D 4116 63.28 32.72 -21.82
C GLU D 4116 63.92 34.09 -21.64
N ALA D 4117 63.92 34.59 -20.40
CA ALA D 4117 64.74 35.73 -19.97
C ALA D 4117 66.01 35.84 -20.81
N ASP D 4118 65.84 36.28 -22.06
CA ASP D 4118 66.98 36.45 -22.95
C ASP D 4118 67.82 37.63 -22.46
N GLU D 4119 69.08 37.68 -22.90
CA GLU D 4119 69.98 38.75 -22.45
C GLU D 4119 69.36 40.12 -22.68
N ASN D 4120 68.63 40.28 -23.78
CA ASN D 4120 67.88 41.49 -24.05
C ASN D 4120 66.43 41.30 -23.65
N GLU D 4121 65.71 42.41 -23.47
CA GLU D 4121 64.27 42.34 -23.27
C GLU D 4121 63.61 41.61 -24.43
N MET D 4122 64.21 41.71 -25.62
CA MET D 4122 63.86 40.85 -26.73
C MET D 4122 63.91 39.38 -26.30
N ILE D 4123 62.79 38.69 -26.52
CA ILE D 4123 62.64 37.29 -26.14
C ILE D 4123 62.12 36.50 -27.32
N ASN D 4124 62.57 35.25 -27.45
CA ASN D 4124 62.15 34.37 -28.54
C ASN D 4124 60.80 33.75 -28.21
N PHE D 4125 59.74 34.53 -28.47
CA PHE D 4125 58.39 34.01 -28.28
C PHE D 4125 58.19 32.74 -29.09
N GLU D 4126 58.93 32.58 -30.19
CA GLU D 4126 58.86 31.36 -30.99
C GLU D 4126 59.01 30.12 -30.11
N GLU D 4127 60.17 29.98 -29.47
CA GLU D 4127 60.40 28.82 -28.61
C GLU D 4127 59.52 28.89 -27.36
N PHE D 4128 59.37 30.09 -26.78
CA PHE D 4128 58.61 30.21 -25.53
C PHE D 4128 57.18 29.69 -25.70
N ALA D 4129 56.61 29.84 -26.89
CA ALA D 4129 55.24 29.43 -27.17
C ALA D 4129 55.16 28.14 -27.96
N ASN D 4130 56.30 27.60 -28.41
CA ASN D 4130 56.30 26.37 -29.19
C ASN D 4130 56.74 25.18 -28.35
N ARG D 4131 57.46 25.42 -27.26
CA ARG D 4131 57.80 24.33 -26.36
C ARG D 4131 56.60 23.92 -25.52
N PHE D 4132 56.79 22.95 -24.63
CA PHE D 4132 55.73 22.41 -23.78
C PHE D 4132 54.42 22.10 -24.50
N GLN D 4133 54.42 21.91 -25.83
CA GLN D 4133 53.15 21.67 -26.50
C GLN D 4133 52.98 20.21 -26.92
N GLU D 4134 54.03 19.58 -27.45
CA GLU D 4134 53.97 18.14 -27.74
C GLU D 4134 53.70 17.32 -26.49
N PRO D 4135 54.49 17.41 -25.41
CA PRO D 4135 54.21 16.63 -24.20
C PRO D 4135 52.90 16.99 -23.55
N ALA D 4136 52.41 18.20 -23.78
CA ALA D 4136 51.14 18.61 -23.20
C ALA D 4136 49.96 18.28 -24.09
N ARG D 4137 50.17 18.08 -25.39
CA ARG D 4137 49.07 17.73 -26.27
C ARG D 4137 48.42 16.43 -25.85
N ASP D 4138 49.23 15.39 -25.60
CA ASP D 4138 48.63 14.09 -25.28
C ASP D 4138 47.85 14.15 -23.95
N ILE D 4139 48.46 14.73 -22.92
CA ILE D 4139 47.81 14.77 -21.61
C ILE D 4139 46.58 15.67 -21.63
N GLY D 4140 46.65 16.80 -22.35
CA GLY D 4140 45.47 17.64 -22.49
C GLY D 4140 44.33 16.94 -23.18
N PHE D 4141 44.62 16.18 -24.25
CA PHE D 4141 43.57 15.43 -24.91
C PHE D 4141 42.95 14.40 -23.98
N ASN D 4142 43.79 13.71 -23.18
CA ASN D 4142 43.25 12.74 -22.24
C ASN D 4142 42.36 13.41 -21.19
N VAL D 4143 42.77 14.57 -20.70
CA VAL D 4143 41.94 15.29 -19.73
C VAL D 4143 40.61 15.69 -20.35
N ALA D 4144 40.65 16.17 -21.60
CA ALA D 4144 39.42 16.56 -22.27
C ALA D 4144 38.49 15.35 -22.45
N VAL D 4145 39.05 14.20 -22.81
CA VAL D 4145 38.24 13.00 -22.96
C VAL D 4145 37.60 12.60 -21.64
N LEU D 4146 38.37 12.65 -20.55
CA LEU D 4146 37.84 12.31 -19.24
C LEU D 4146 36.69 13.24 -18.85
N LEU D 4147 36.89 14.54 -19.07
CA LEU D 4147 35.83 15.50 -18.72
C LEU D 4147 34.59 15.29 -19.57
N THR D 4148 34.77 15.02 -20.87
CA THR D 4148 33.62 14.77 -21.73
C THR D 4148 32.86 13.52 -21.29
N ASN D 4149 33.58 12.46 -20.96
CA ASN D 4149 32.94 11.23 -20.50
C ASN D 4149 32.14 11.48 -19.23
N LEU D 4150 32.74 12.17 -18.26
CA LEU D 4150 32.02 12.43 -17.01
C LEU D 4150 30.80 13.30 -17.25
N SER D 4151 30.94 14.33 -18.08
CA SER D 4151 29.81 15.22 -18.36
C SER D 4151 28.67 14.48 -19.03
N GLU D 4152 28.99 13.61 -19.99
CA GLU D 4152 27.93 12.90 -20.70
C GLU D 4152 27.28 11.83 -19.83
N HIS D 4153 28.04 11.20 -18.93
CA HIS D 4153 27.49 10.13 -18.12
C HIS D 4153 26.93 10.57 -16.78
N VAL D 4154 27.10 11.84 -16.40
CA VAL D 4154 26.51 12.32 -15.14
C VAL D 4154 25.68 13.56 -15.42
N PRO D 4155 24.40 13.42 -15.74
CA PRO D 4155 23.54 14.60 -15.92
C PRO D 4155 23.22 15.26 -14.59
N HIS D 4156 22.90 16.55 -14.67
CA HIS D 4156 22.51 17.36 -13.51
C HIS D 4156 23.60 17.36 -12.43
N ASP D 4157 24.75 17.90 -12.80
CA ASP D 4157 25.92 17.96 -11.92
C ASP D 4157 26.51 19.36 -11.97
N PRO D 4158 25.99 20.29 -11.15
CA PRO D 4158 26.45 21.69 -11.24
C PRO D 4158 27.95 21.87 -11.02
N ARG D 4159 28.55 21.09 -10.13
CA ARG D 4159 30.00 21.16 -9.95
C ARG D 4159 30.71 20.75 -11.24
N LEU D 4160 30.21 19.70 -11.89
CA LEU D 4160 30.82 19.25 -13.14
C LEU D 4160 30.69 20.31 -14.23
N ARG D 4161 29.54 20.99 -14.30
CA ARG D 4161 29.42 22.10 -15.24
C ARG D 4161 30.34 23.26 -14.87
N ASN D 4162 30.61 23.45 -13.58
CA ASN D 4162 31.60 24.45 -13.18
C ASN D 4162 32.98 24.08 -13.73
N PHE D 4163 33.36 22.80 -13.61
CA PHE D 4163 34.64 22.37 -14.16
C PHE D 4163 34.67 22.52 -15.68
N LEU D 4164 33.56 22.21 -16.35
CA LEU D 4164 33.51 22.40 -17.81
C LEU D 4164 33.65 23.86 -18.19
N GLU D 4165 33.01 24.75 -17.43
CA GLU D 4165 33.14 26.18 -17.68
C GLU D 4165 34.59 26.62 -17.50
N LEU D 4166 35.27 26.10 -16.48
CA LEU D 4166 36.68 26.42 -16.28
C LEU D 4166 37.53 25.90 -17.43
N ALA D 4167 37.23 24.70 -17.92
CA ALA D 4167 38.01 24.05 -18.96
C ALA D 4167 37.38 24.17 -20.34
N GLU D 4168 36.63 25.24 -20.59
CA GLU D 4168 35.97 25.41 -21.88
C GLU D 4168 36.97 25.48 -23.02
N SER D 4169 38.07 26.21 -22.84
CA SER D 4169 39.01 26.44 -23.93
C SER D 4169 39.62 25.13 -24.44
N ILE D 4170 39.98 24.23 -23.52
CA ILE D 4170 40.56 22.95 -23.92
C ILE D 4170 39.55 22.13 -24.72
N LEU D 4171 38.29 22.14 -24.28
CA LEU D 4171 37.24 21.42 -25.00
C LEU D 4171 37.06 21.97 -26.40
N GLU D 4172 37.08 23.30 -26.55
CA GLU D 4172 36.98 23.89 -27.87
C GLU D 4172 38.17 23.52 -28.74
N TYR D 4173 39.38 23.48 -28.15
CA TYR D 4173 40.57 23.13 -28.92
C TYR D 4173 40.50 21.70 -29.42
N PHE D 4174 40.10 20.77 -28.56
CA PHE D 4174 40.12 19.35 -28.90
C PHE D 4174 38.79 18.82 -29.40
N ARG D 4175 37.81 19.69 -29.63
CA ARG D 4175 36.52 19.25 -30.15
C ARG D 4175 36.62 18.56 -31.50
N PRO D 4176 37.32 19.09 -32.51
CA PRO D 4176 37.41 18.36 -33.78
C PRO D 4176 38.11 17.02 -33.68
N TYR D 4177 38.97 16.82 -32.69
CA TYR D 4177 39.78 15.61 -32.60
C TYR D 4177 39.15 14.52 -31.74
N LEU D 4178 38.05 14.79 -31.06
CA LEU D 4178 37.39 13.82 -30.19
C LEU D 4178 36.24 13.17 -30.94
N GLY D 4179 36.28 11.85 -31.06
CA GLY D 4179 35.23 11.10 -31.73
C GLY D 4179 34.54 10.16 -30.76
N ARG D 4180 33.23 9.99 -30.94
CA ARG D 4180 32.42 9.14 -30.08
C ARG D 4180 31.65 8.14 -30.91
N ILE D 4181 31.53 6.91 -30.38
CA ILE D 4181 30.92 5.80 -31.09
C ILE D 4181 30.06 5.00 -30.12
N GLU D 4182 28.86 4.63 -30.56
CA GLU D 4182 28.00 3.75 -29.77
C GLU D 4182 28.08 2.34 -30.32
N ILE D 4183 28.26 1.37 -29.41
CA ILE D 4183 28.38 -0.04 -29.77
C ILE D 4183 27.43 -0.85 -28.89
N MET D 4184 27.13 -2.07 -29.36
CA MET D 4184 26.28 -2.97 -28.59
C MET D 4184 26.94 -3.33 -27.26
N GLY D 4185 28.23 -3.63 -27.28
CA GLY D 4185 28.98 -3.89 -26.07
C GLY D 4185 28.87 -5.33 -25.60
N ALA D 4186 29.79 -5.70 -24.71
CA ALA D 4186 29.78 -7.05 -24.14
C ALA D 4186 28.51 -7.30 -23.34
N SER D 4187 28.10 -6.33 -22.53
CA SER D 4187 26.84 -6.42 -21.82
C SER D 4187 25.68 -6.08 -22.75
N ARG D 4188 24.46 -6.28 -22.25
CA ARG D 4188 23.25 -6.02 -23.02
C ARG D 4188 22.93 -4.52 -23.13
N ARG D 4189 23.85 -3.65 -22.75
CA ARG D 4189 23.62 -2.21 -22.75
C ARG D 4189 24.49 -1.54 -23.81
N ILE D 4190 23.89 -0.58 -24.52
CA ILE D 4190 24.64 0.19 -25.50
C ILE D 4190 25.68 1.03 -24.78
N GLU D 4191 26.92 0.97 -25.27
CA GLU D 4191 28.03 1.66 -24.63
C GLU D 4191 28.62 2.70 -25.58
N ARG D 4192 29.26 3.71 -25.00
CA ARG D 4192 29.85 4.82 -25.75
C ARG D 4192 31.35 4.83 -25.57
N ILE D 4193 32.07 5.01 -26.67
CA ILE D 4193 33.53 4.96 -26.70
C ILE D 4193 34.04 6.27 -27.27
N TYR D 4194 35.07 6.82 -26.63
CA TYR D 4194 35.71 8.06 -27.07
C TYR D 4194 37.13 7.76 -27.54
N PHE D 4195 37.51 8.35 -28.67
CA PHE D 4195 38.82 8.10 -29.26
C PHE D 4195 39.30 9.35 -29.98
N GLU D 4196 40.50 9.25 -30.53
CA GLU D 4196 41.19 10.38 -31.16
C GLU D 4196 41.14 10.26 -32.68
N ILE D 4197 40.94 11.38 -33.35
CA ILE D 4197 40.91 11.45 -34.80
C ILE D 4197 42.05 12.35 -35.27
N SER D 4198 42.84 11.84 -36.22
CA SER D 4198 43.99 12.59 -36.72
C SER D 4198 43.54 13.69 -37.68
N GLU D 4199 44.27 14.81 -37.64
CA GLU D 4199 43.96 15.93 -38.53
C GLU D 4199 44.15 15.55 -40.00
N THR D 4200 45.20 14.78 -40.30
CA THR D 4200 45.42 14.35 -41.67
C THR D 4200 44.26 13.49 -42.17
N ASN D 4201 43.81 12.55 -41.33
CA ASN D 4201 42.67 11.71 -41.71
C ASN D 4201 41.42 12.56 -41.89
N ARG D 4202 41.20 13.53 -41.01
CA ARG D 4202 40.03 14.39 -41.14
C ARG D 4202 40.06 15.19 -42.43
N ALA D 4203 41.23 15.73 -42.79
CA ALA D 4203 41.35 16.47 -44.04
C ALA D 4203 41.13 15.57 -45.25
N GLN D 4204 41.70 14.36 -45.22
CA GLN D 4204 41.49 13.43 -46.32
C GLN D 4204 40.02 13.04 -46.44
N TRP D 4205 39.30 12.98 -45.31
CA TRP D 4205 37.87 12.71 -45.36
C TRP D 4205 37.11 13.90 -45.93
N GLU D 4206 37.53 15.12 -45.60
CA GLU D 4206 36.90 16.30 -46.16
C GLU D 4206 37.31 16.55 -47.61
N MET D 4207 38.24 15.78 -48.14
CA MET D 4207 38.58 15.89 -49.56
C MET D 4207 37.33 15.66 -50.40
N PRO D 4208 37.14 16.46 -51.47
CA PRO D 4208 35.86 16.39 -52.21
C PRO D 4208 35.54 15.02 -52.79
N GLN D 4209 36.54 14.30 -53.32
CA GLN D 4209 36.25 13.02 -53.95
C GLN D 4209 35.94 11.95 -52.91
N VAL D 4210 36.63 11.99 -51.77
CA VAL D 4210 36.33 11.05 -50.68
C VAL D 4210 34.91 11.27 -50.19
N LYS D 4211 34.50 12.53 -50.02
CA LYS D 4211 33.13 12.84 -49.65
C LYS D 4211 32.16 12.55 -50.78
N GLU D 4212 32.62 12.55 -52.02
CA GLU D 4212 31.76 12.22 -53.15
C GLU D 4212 31.45 10.73 -53.18
N SER D 4213 32.41 9.89 -52.81
CA SER D 4213 32.19 8.44 -52.83
C SER D 4213 31.06 8.03 -51.89
N LYS D 4214 30.85 8.79 -50.81
CA LYS D 4214 29.76 8.48 -49.89
C LYS D 4214 28.40 8.60 -50.58
N ARG D 4215 28.25 9.57 -51.48
CA ARG D 4215 26.99 9.73 -52.19
C ARG D 4215 26.69 8.48 -53.02
N GLN D 4216 27.68 7.98 -53.76
CA GLN D 4216 27.48 6.78 -54.55
C GLN D 4216 27.21 5.56 -53.68
N PHE D 4217 27.94 5.44 -52.56
CA PHE D 4217 27.72 4.31 -51.67
C PHE D 4217 26.31 4.33 -51.10
N ILE D 4218 25.85 5.50 -50.68
CA ILE D 4218 24.49 5.66 -50.17
C ILE D 4218 23.48 5.30 -51.26
N PHE D 4219 23.71 5.77 -52.48
CA PHE D 4219 22.78 5.48 -53.57
C PHE D 4219 22.69 3.97 -53.82
N ASP D 4220 23.83 3.28 -53.84
CA ASP D 4220 23.78 1.85 -54.15
C ASP D 4220 23.30 1.01 -52.96
N VAL D 4221 23.37 1.51 -51.73
CA VAL D 4221 22.80 0.74 -50.64
C VAL D 4221 21.31 1.01 -50.48
N VAL D 4222 20.83 2.20 -50.85
CA VAL D 4222 19.40 2.47 -50.77
C VAL D 4222 18.67 1.84 -51.95
N ASN D 4223 19.11 2.14 -53.17
CA ASN D 4223 18.55 1.55 -54.37
C ASN D 4223 19.35 0.32 -54.75
N GLU D 4224 18.65 -0.80 -54.94
CA GLU D 4224 19.28 -2.09 -55.25
C GLU D 4224 20.29 -2.47 -54.18
N GLY D 4225 19.78 -2.61 -52.96
CA GLY D 4225 20.61 -2.97 -51.83
C GLY D 4225 19.82 -3.50 -50.65
N GLY D 4226 20.32 -4.57 -50.02
CA GLY D 4226 19.64 -5.17 -48.89
C GLY D 4226 19.92 -4.45 -47.58
N GLU D 4227 19.23 -4.90 -46.54
CA GLU D 4227 19.38 -4.34 -45.20
C GLU D 4227 20.13 -5.24 -44.24
N ALA D 4228 20.05 -6.56 -44.42
CA ALA D 4228 20.82 -7.46 -43.57
C ALA D 4228 22.31 -7.37 -43.88
N GLU D 4229 22.66 -7.21 -45.16
CA GLU D 4229 24.04 -7.08 -45.59
C GLU D 4229 24.50 -5.62 -45.62
N LYS D 4230 23.66 -4.71 -45.11
CA LYS D 4230 24.01 -3.29 -45.16
C LYS D 4230 25.26 -2.99 -44.33
N MET D 4231 25.37 -3.61 -43.16
CA MET D 4231 26.55 -3.37 -42.32
C MET D 4231 27.81 -3.93 -42.98
N GLU D 4232 27.71 -5.10 -43.61
CA GLU D 4232 28.86 -5.64 -44.32
C GLU D 4232 29.29 -4.74 -45.47
N LEU D 4233 28.31 -4.22 -46.23
CA LEU D 4233 28.64 -3.30 -47.31
C LEU D 4233 29.29 -2.03 -46.77
N PHE D 4234 28.79 -1.52 -45.64
CA PHE D 4234 29.37 -0.33 -45.03
C PHE D 4234 30.81 -0.58 -44.60
N VAL D 4235 31.08 -1.75 -44.02
CA VAL D 4235 32.45 -2.08 -43.61
C VAL D 4235 33.35 -2.19 -44.82
N SER D 4236 32.87 -2.81 -45.89
CA SER D 4236 33.68 -2.90 -47.11
C SER D 4236 33.98 -1.51 -47.68
N PHE D 4237 32.99 -0.62 -47.65
CA PHE D 4237 33.20 0.75 -48.09
C PHE D 4237 34.25 1.44 -47.22
N CYS D 4238 34.21 1.21 -45.91
CA CYS D 4238 35.23 1.78 -45.03
C CYS D 4238 36.61 1.26 -45.37
N GLU D 4239 36.73 -0.04 -45.66
CA GLU D 4239 38.01 -0.60 -46.04
C GLU D 4239 38.54 0.06 -47.31
N ASP D 4240 37.67 0.20 -48.32
CA ASP D 4240 38.09 0.83 -49.57
C ASP D 4240 38.50 2.28 -49.35
N THR D 4241 37.76 3.01 -48.50
CA THR D 4241 38.10 4.40 -48.23
C THR D 4241 39.44 4.51 -47.51
N ILE D 4242 39.72 3.61 -46.57
CA ILE D 4242 41.00 3.62 -45.89
C ILE D 4242 42.14 3.36 -46.88
N PHE D 4243 41.94 2.39 -47.78
CA PHE D 4243 42.97 2.11 -48.77
C PHE D 4243 43.21 3.30 -49.69
N GLU D 4244 42.13 3.97 -50.12
CA GLU D 4244 42.28 5.16 -50.96
C GLU D 4244 43.00 6.28 -50.20
N MET D 4245 42.70 6.45 -48.92
CA MET D 4245 43.40 7.44 -48.10
C MET D 4245 44.89 7.11 -48.02
N GLN D 4246 45.22 5.84 -47.86
CA GLN D 4246 46.63 5.44 -47.83
C GLN D 4246 47.33 5.75 -49.14
N ILE D 4247 46.67 5.48 -50.27
CA ILE D 4247 47.25 5.80 -51.57
C ILE D 4247 47.44 7.30 -51.72
N ALA D 4248 46.46 8.09 -51.30
CA ALA D 4248 46.58 9.54 -51.40
C ALA D 4248 47.72 10.05 -50.54
N ALA D 4249 47.88 9.51 -49.34
CA ALA D 4249 49.00 9.91 -48.50
C ALA D 4249 50.34 9.53 -49.12
N GLN D 4250 50.39 8.34 -49.76
CA GLN D 4250 51.62 7.94 -50.44
C GLN D 4250 51.97 8.88 -51.58
N ILE D 4251 50.98 9.28 -52.37
CA ILE D 4251 51.23 10.10 -53.56
C ILE D 4251 51.21 11.59 -53.26
N SER D 4252 50.95 11.99 -52.02
CA SER D 4252 50.94 13.42 -51.69
C SER D 4252 52.33 14.02 -51.84
N GLU D 4253 52.38 15.22 -52.42
CA GLU D 4253 53.62 15.95 -52.65
C GLU D 4253 54.63 15.13 -53.43
N PHE D 4540 73.66 6.80 -60.23
CA PHE D 4540 72.95 6.47 -61.46
C PHE D 4540 71.66 5.73 -61.16
N TRP D 4541 71.78 4.56 -60.52
CA TRP D 4541 70.61 3.76 -60.20
C TRP D 4541 69.67 4.51 -59.27
N GLY D 4542 70.20 5.03 -58.16
CA GLY D 4542 69.37 5.79 -57.23
C GLY D 4542 68.80 7.05 -57.85
N GLU D 4543 69.60 7.73 -58.67
CA GLU D 4543 69.13 8.94 -59.33
C GLU D 4543 67.94 8.65 -60.24
N LEU D 4544 68.06 7.62 -61.08
CA LEU D 4544 66.97 7.30 -62.00
C LEU D 4544 65.74 6.82 -61.22
N GLU D 4545 65.95 6.03 -60.17
CA GLU D 4545 64.81 5.56 -59.37
C GLU D 4545 64.07 6.73 -58.73
N VAL D 4546 64.81 7.69 -58.16
CA VAL D 4546 64.19 8.84 -57.51
C VAL D 4546 63.46 9.71 -58.53
N GLN D 4547 64.09 9.93 -59.70
CA GLN D 4547 63.45 10.75 -60.73
C GLN D 4547 62.17 10.08 -61.23
N ARG D 4548 62.20 8.76 -61.44
CA ARG D 4548 60.99 8.09 -61.90
C ARG D 4548 59.92 8.08 -60.81
N VAL D 4549 60.32 8.03 -59.54
CA VAL D 4549 59.34 8.12 -58.46
C VAL D 4549 58.64 9.47 -58.50
N LYS D 4550 59.41 10.55 -58.66
CA LYS D 4550 58.79 11.87 -58.77
C LYS D 4550 57.88 11.96 -59.99
N PHE D 4551 58.33 11.39 -61.12
CA PHE D 4551 57.53 11.45 -62.34
C PHE D 4551 56.20 10.72 -62.17
N LEU D 4552 56.23 9.52 -61.59
CA LEU D 4552 55.00 8.77 -61.36
C LEU D 4552 54.09 9.49 -60.37
N ASN D 4553 54.67 10.07 -59.32
CA ASN D 4553 53.87 10.83 -58.37
C ASN D 4553 53.19 12.02 -59.04
N TYR D 4554 53.93 12.72 -59.90
CA TYR D 4554 53.37 13.87 -60.61
C TYR D 4554 52.21 13.44 -61.50
N LEU D 4555 52.39 12.34 -62.24
CA LEU D 4555 51.30 11.84 -63.09
C LEU D 4555 50.09 11.45 -62.25
N SER D 4556 50.30 10.77 -61.13
CA SER D 4556 49.19 10.35 -60.29
C SER D 4556 48.43 11.56 -59.75
N ARG D 4557 49.15 12.61 -59.34
CA ARG D 4557 48.47 13.80 -58.84
C ARG D 4557 47.72 14.53 -59.94
N ASN D 4558 48.29 14.62 -61.14
CA ASN D 4558 47.69 15.37 -62.24
C ASN D 4558 47.07 14.48 -63.30
N PHE D 4559 46.48 13.36 -62.87
CA PHE D 4559 45.80 12.47 -63.82
C PHE D 4559 44.63 13.15 -64.52
N TYR D 4560 43.80 13.88 -63.78
CA TYR D 4560 42.58 14.44 -64.36
C TYR D 4560 42.88 15.60 -65.31
N THR D 4561 43.82 16.46 -64.94
CA THR D 4561 44.17 17.58 -65.80
C THR D 4561 44.68 17.10 -67.15
N LEU D 4562 45.36 15.96 -67.18
CA LEU D 4562 45.77 15.37 -68.46
C LEU D 4562 44.57 14.99 -69.29
N ARG D 4563 43.53 14.43 -68.66
CA ARG D 4563 42.31 14.08 -69.39
C ARG D 4563 41.65 15.32 -69.98
N PHE D 4564 41.55 16.39 -69.19
CA PHE D 4564 40.94 17.61 -69.69
C PHE D 4564 41.77 18.22 -70.83
N LEU D 4565 43.09 18.19 -70.69
CA LEU D 4565 43.96 18.69 -71.75
C LEU D 4565 43.81 17.86 -73.02
N ALA D 4566 43.65 16.55 -72.87
CA ALA D 4566 43.42 15.70 -74.04
C ALA D 4566 42.10 16.06 -74.72
N LEU D 4567 41.06 16.34 -73.93
CA LEU D 4567 39.80 16.79 -74.51
C LEU D 4567 39.98 18.08 -75.29
N PHE D 4568 40.71 19.03 -74.71
CA PHE D 4568 40.94 20.32 -75.38
C PHE D 4568 41.72 20.13 -76.68
N LEU D 4569 42.76 19.29 -76.66
CA LEU D 4569 43.54 19.05 -77.86
C LEU D 4569 42.71 18.35 -78.93
N ALA D 4570 41.85 17.42 -78.53
CA ALA D 4570 40.98 16.76 -79.50
C ALA D 4570 40.02 17.77 -80.14
N PHE D 4571 39.45 18.67 -79.33
CA PHE D 4571 38.57 19.68 -79.90
C PHE D 4571 39.31 20.59 -80.87
N ALA D 4572 40.52 21.01 -80.51
CA ALA D 4572 41.29 21.87 -81.42
C ALA D 4572 41.66 21.15 -82.70
N ILE D 4573 42.12 19.90 -82.59
CA ILE D 4573 42.55 19.15 -83.77
C ILE D 4573 41.36 18.79 -84.65
N ASN D 4574 40.15 18.73 -84.10
CA ASN D 4574 38.97 18.50 -84.93
C ASN D 4574 38.45 19.80 -85.53
N PHE D 4575 38.63 20.93 -84.85
CA PHE D 4575 38.31 22.21 -85.45
C PHE D 4575 39.21 22.51 -86.65
N ILE D 4576 40.48 22.15 -86.55
CA ILE D 4576 41.41 22.40 -87.67
C ILE D 4576 40.99 21.60 -88.90
N LEU D 4577 40.48 20.37 -88.70
CA LEU D 4577 40.12 19.52 -89.82
C LEU D 4577 38.91 20.02 -90.60
N LEU D 4578 38.17 21.00 -90.09
CA LEU D 4578 37.02 21.54 -90.80
C LEU D 4578 37.39 22.28 -92.07
N PHE D 4579 38.67 22.60 -92.27
CA PHE D 4579 39.13 23.31 -93.45
C PHE D 4579 39.62 22.39 -94.54
N TYR D 4580 39.42 21.09 -94.40
CA TYR D 4580 39.92 20.12 -95.37
C TYR D 4580 39.13 20.23 -96.67
N LYS D 4581 39.76 19.81 -97.77
CA LYS D 4581 39.14 19.97 -99.07
C LYS D 4581 39.69 18.93 -100.04
N VAL D 4582 38.82 18.47 -100.94
CA VAL D 4582 39.19 17.50 -101.97
C VAL D 4582 39.45 18.24 -103.27
N SER D 4583 40.46 17.79 -104.01
CA SER D 4583 40.80 18.39 -105.30
C SER D 4583 41.19 17.28 -106.27
N ASP D 4584 41.11 17.60 -107.56
CA ASP D 4584 41.52 16.69 -108.61
C ASP D 4584 42.97 16.88 -108.99
N SER D 4585 43.45 18.13 -109.00
CA SER D 4585 44.83 18.47 -109.28
C SER D 4585 45.64 18.54 -107.98
N PRO D 4586 46.94 18.26 -108.05
CA PRO D 4586 47.77 18.36 -106.84
C PRO D 4586 47.80 19.79 -106.33
N PRO D 4587 47.92 19.98 -105.00
CA PRO D 4587 47.93 21.30 -104.40
C PRO D 4587 49.14 22.14 -104.82
N ASN D 4626 46.51 11.05 -107.32
CA ASN D 4626 46.21 11.18 -108.74
C ASN D 4626 44.74 11.55 -108.95
N MET D 4627 43.84 10.63 -108.64
CA MET D 4627 42.41 10.89 -108.82
C MET D 4627 41.91 11.91 -107.79
N VAL D 4628 42.36 11.79 -106.55
CA VAL D 4628 41.92 12.66 -105.46
C VAL D 4628 43.13 13.11 -104.67
N TYR D 4629 43.11 14.36 -104.22
CA TYR D 4629 44.25 14.99 -103.56
C TYR D 4629 43.81 15.71 -102.29
N TYR D 4630 43.11 15.00 -101.41
CA TYR D 4630 42.68 15.52 -100.12
C TYR D 4630 43.78 16.35 -99.46
N PHE D 4631 43.48 17.62 -99.20
CA PHE D 4631 44.48 18.53 -98.64
C PHE D 4631 43.78 19.65 -97.90
N LEU D 4632 44.49 20.23 -96.94
CA LEU D 4632 43.94 21.30 -96.10
C LEU D 4632 44.08 22.62 -96.83
N GLU D 4633 42.96 23.22 -97.20
CA GLU D 4633 42.93 24.51 -97.88
C GLU D 4633 42.56 25.60 -96.88
N GLU D 4634 43.40 26.61 -96.76
CA GLU D 4634 43.21 27.65 -95.77
C GLU D 4634 43.96 28.90 -96.21
N SER D 4635 43.57 30.03 -95.62
CA SER D 4635 44.20 31.31 -95.92
C SER D 4635 45.32 31.64 -94.94
N THR D 4636 45.01 31.68 -93.64
CA THR D 4636 46.00 31.97 -92.62
C THR D 4636 46.95 30.79 -92.48
N GLY D 4637 48.24 31.04 -92.65
CA GLY D 4637 49.23 29.98 -92.61
C GLY D 4637 49.40 29.40 -91.22
N TYR D 4638 50.43 28.56 -91.10
CA TYR D 4638 50.77 27.88 -89.85
C TYR D 4638 49.60 27.06 -89.32
N MET D 4639 48.89 26.39 -90.23
CA MET D 4639 47.83 25.47 -89.84
C MET D 4639 48.24 24.01 -89.91
N GLU D 4640 48.94 23.60 -90.98
CA GLU D 4640 49.47 22.24 -91.04
C GLU D 4640 50.53 21.98 -89.98
N PRO D 4641 51.52 22.86 -89.74
CA PRO D 4641 52.43 22.63 -88.60
C PRO D 4641 51.71 22.56 -87.27
N ALA D 4642 50.68 23.38 -87.08
CA ALA D 4642 49.89 23.31 -85.85
C ALA D 4642 49.19 21.97 -85.74
N LEU D 4643 48.64 21.47 -86.84
CA LEU D 4643 48.00 20.16 -86.84
C LEU D 4643 48.98 19.07 -86.46
N TRP D 4644 50.18 19.10 -87.04
CA TRP D 4644 51.19 18.07 -86.76
C TRP D 4644 51.63 18.12 -85.30
N CYS D 4645 51.92 19.32 -84.79
CA CYS D 4645 52.34 19.45 -83.41
C CYS D 4645 51.23 19.02 -82.45
N LEU D 4646 49.98 19.39 -82.75
CA LEU D 4646 48.88 19.03 -81.88
C LEU D 4646 48.64 17.53 -81.89
N SER D 4647 48.81 16.87 -83.04
CA SER D 4647 48.66 15.42 -83.08
C SER D 4647 49.73 14.74 -82.23
N LEU D 4648 50.99 15.20 -82.35
CA LEU D 4648 52.05 14.62 -81.54
C LEU D 4648 51.78 14.83 -80.05
N LEU D 4649 51.37 16.05 -79.68
CA LEU D 4649 51.09 16.34 -78.28
C LEU D 4649 49.92 15.52 -77.76
N HIS D 4650 48.89 15.33 -78.58
CA HIS D 4650 47.75 14.52 -78.17
C HIS D 4650 48.16 13.07 -77.92
N THR D 4651 48.98 12.51 -78.80
CA THR D 4651 49.46 11.15 -78.56
C THR D 4651 50.27 11.05 -77.27
N LEU D 4652 51.15 12.04 -77.03
CA LEU D 4652 51.93 12.04 -75.80
C LEU D 4652 51.04 12.11 -74.57
N VAL D 4653 50.04 12.99 -74.60
CA VAL D 4653 49.14 13.14 -73.45
C VAL D 4653 48.33 11.87 -73.23
N ALA D 4654 47.92 11.21 -74.31
CA ALA D 4654 47.22 9.94 -74.16
C ALA D 4654 48.09 8.89 -73.48
N PHE D 4655 49.37 8.81 -73.89
CA PHE D 4655 50.28 7.88 -73.25
C PHE D 4655 50.44 8.18 -71.76
N LEU D 4656 50.60 9.46 -71.43
CA LEU D 4656 50.72 9.84 -70.02
C LEU D 4656 49.45 9.52 -69.25
N CYS D 4657 48.28 9.63 -69.90
CA CYS D 4657 47.03 9.26 -69.23
C CYS D 4657 47.01 7.77 -68.91
N ILE D 4658 47.44 6.93 -69.85
CA ILE D 4658 47.49 5.50 -69.56
C ILE D 4658 48.43 5.22 -68.39
N ILE D 4659 49.60 5.86 -68.39
CA ILE D 4659 50.56 5.62 -67.31
C ILE D 4659 49.99 6.06 -65.98
N GLY D 4660 49.36 7.24 -65.95
CA GLY D 4660 48.80 7.74 -64.70
C GLY D 4660 47.68 6.87 -64.17
N TYR D 4661 46.80 6.40 -65.05
CA TYR D 4661 45.74 5.50 -64.62
C TYR D 4661 46.32 4.22 -64.04
N ASN D 4662 47.26 3.60 -64.76
CA ASN D 4662 47.89 2.38 -64.26
C ASN D 4662 48.58 2.61 -62.93
N CYS D 4663 49.11 3.81 -62.71
CA CYS D 4663 49.79 4.10 -61.45
C CYS D 4663 48.80 4.26 -60.30
N LEU D 4664 47.68 4.94 -60.53
CA LEU D 4664 46.84 5.38 -59.42
C LEU D 4664 45.60 4.53 -59.19
N LYS D 4665 44.89 4.12 -60.25
CA LYS D 4665 43.58 3.50 -60.06
C LYS D 4665 43.65 1.97 -59.96
N VAL D 4666 44.66 1.34 -60.57
CA VAL D 4666 44.73 -0.12 -60.56
C VAL D 4666 44.87 -0.69 -59.15
N PRO D 4667 45.71 -0.15 -58.25
CA PRO D 4667 45.87 -0.78 -56.93
C PRO D 4667 44.57 -0.98 -56.17
N LEU D 4668 43.61 -0.08 -56.30
CA LEU D 4668 42.31 -0.29 -55.64
C LEU D 4668 41.61 -1.53 -56.18
N VAL D 4669 41.64 -1.71 -57.51
CA VAL D 4669 40.99 -2.88 -58.11
C VAL D 4669 41.68 -4.16 -57.63
N ILE D 4670 43.01 -4.16 -57.63
CA ILE D 4670 43.74 -5.35 -57.18
C ILE D 4670 43.44 -5.62 -55.71
N PHE D 4671 43.40 -4.57 -54.88
CA PHE D 4671 43.12 -4.75 -53.47
C PHE D 4671 41.74 -5.35 -53.25
N LYS D 4672 40.73 -4.84 -53.96
CA LYS D 4672 39.38 -5.39 -53.82
C LYS D 4672 39.34 -6.85 -54.25
N ARG D 4673 39.97 -7.18 -55.38
CA ARG D 4673 39.94 -8.56 -55.86
C ARG D 4673 40.60 -9.51 -54.86
N GLU D 4674 41.78 -9.14 -54.35
CA GLU D 4674 42.48 -10.01 -53.43
C GLU D 4674 41.75 -10.11 -52.09
N LYS D 4675 41.13 -9.01 -51.64
CA LYS D 4675 40.37 -9.04 -50.41
C LYS D 4675 39.18 -9.99 -50.52
N GLU D 4676 38.45 -9.91 -51.64
CA GLU D 4676 37.32 -10.81 -51.84
C GLU D 4676 37.78 -12.26 -51.94
N LEU D 4677 38.88 -12.51 -52.66
CA LEU D 4677 39.40 -13.87 -52.79
C LEU D 4677 39.78 -14.44 -51.43
N ALA D 4678 40.48 -13.64 -50.60
CA ALA D 4678 40.84 -14.10 -49.27
C ALA D 4678 39.61 -14.36 -48.41
N ARG D 4679 38.61 -13.47 -48.51
CA ARG D 4679 37.38 -13.66 -47.74
C ARG D 4679 36.72 -14.99 -48.07
N LYS D 4680 36.50 -15.26 -49.36
CA LYS D 4680 35.82 -16.50 -49.71
C LYS D 4680 36.71 -17.72 -49.58
N LEU D 4681 38.03 -17.53 -49.53
CA LEU D 4681 38.93 -18.65 -49.30
C LEU D 4681 38.95 -19.07 -47.84
N GLU D 4682 38.87 -18.11 -46.92
CA GLU D 4682 38.97 -18.42 -45.50
C GLU D 4682 37.62 -18.62 -44.83
N PHE D 4683 36.54 -18.12 -45.40
CA PHE D 4683 35.23 -18.21 -44.75
C PHE D 4683 34.27 -19.16 -45.42
N ASP D 4684 34.38 -19.36 -46.74
CA ASP D 4684 33.57 -20.34 -47.44
C ASP D 4684 34.34 -21.57 -47.89
N GLY D 4685 35.67 -21.45 -48.05
CA GLY D 4685 36.47 -22.56 -48.51
C GLY D 4685 36.10 -23.02 -49.90
N LEU D 4686 35.92 -22.07 -50.82
CA LEU D 4686 35.48 -22.41 -52.16
C LEU D 4686 36.51 -23.28 -52.89
N TYR D 4687 37.78 -23.15 -52.55
CA TYR D 4687 38.81 -24.00 -53.14
C TYR D 4687 39.11 -25.23 -52.29
N ILE D 4688 38.99 -25.13 -50.98
CA ILE D 4688 39.18 -26.30 -50.12
C ILE D 4688 37.96 -27.23 -50.23
N THR D 4689 36.77 -26.69 -49.99
CA THR D 4689 35.54 -27.43 -50.16
C THR D 4689 35.00 -27.18 -51.56
N GLU D 4690 34.88 -28.25 -52.35
CA GLU D 4690 34.47 -28.16 -53.74
C GLU D 4690 35.39 -27.25 -54.54
N GLN D 4691 34.95 -26.82 -55.71
CA GLN D 4691 35.73 -25.97 -56.59
C GLN D 4691 34.80 -24.93 -57.22
N PRO D 4692 35.35 -23.81 -57.68
CA PRO D 4692 34.53 -22.83 -58.39
C PRO D 4692 33.85 -23.44 -59.61
N GLY D 4693 32.63 -22.99 -59.88
CA GLY D 4693 31.88 -23.53 -60.99
C GLY D 4693 32.47 -23.15 -62.34
N ASP D 4694 32.05 -23.88 -63.36
CA ASP D 4694 32.54 -23.63 -64.72
C ASP D 4694 32.08 -22.27 -65.24
N ASP D 4695 30.92 -21.80 -64.80
CA ASP D 4695 30.44 -20.49 -65.21
C ASP D 4695 31.27 -19.35 -64.62
N ASP D 4696 32.07 -19.63 -63.59
CA ASP D 4696 32.88 -18.62 -62.92
C ASP D 4696 34.25 -18.57 -63.61
N VAL D 4697 34.33 -17.79 -64.69
CA VAL D 4697 35.61 -17.62 -65.38
C VAL D 4697 36.62 -16.95 -64.46
N LYS D 4698 36.18 -15.95 -63.69
CA LYS D 4698 37.06 -15.36 -62.68
C LYS D 4698 37.40 -16.38 -61.60
N GLY D 4699 36.49 -17.31 -61.29
CA GLY D 4699 36.80 -18.35 -60.35
C GLY D 4699 37.93 -19.25 -60.83
N GLN D 4700 37.90 -19.63 -62.11
CA GLN D 4700 39.01 -20.40 -62.67
C GLN D 4700 40.29 -19.58 -62.71
N TRP D 4701 40.18 -18.30 -63.04
CA TRP D 4701 41.37 -17.46 -63.14
C TRP D 4701 42.04 -17.24 -61.79
N ASP D 4702 41.25 -17.21 -60.70
CA ASP D 4702 41.80 -16.95 -59.39
C ASP D 4702 42.67 -18.10 -58.87
N ARG D 4703 42.65 -19.26 -59.51
CA ARG D 4703 43.46 -20.38 -59.06
C ARG D 4703 44.95 -20.18 -59.28
N LEU D 4704 45.35 -19.16 -60.04
CA LEU D 4704 46.76 -18.96 -60.36
C LEU D 4704 47.54 -18.44 -59.16
N VAL D 4705 46.93 -17.58 -58.34
CA VAL D 4705 47.66 -16.97 -57.23
C VAL D 4705 47.66 -17.83 -55.97
N LEU D 4706 47.03 -19.00 -56.00
CA LEU D 4706 47.01 -19.85 -54.82
C LEU D 4706 48.40 -20.34 -54.44
N ASN D 4707 49.19 -20.74 -55.43
CA ASN D 4707 50.53 -21.26 -55.19
C ASN D 4707 51.61 -20.19 -55.18
N THR D 4708 51.27 -18.95 -55.54
CA THR D 4708 52.29 -17.90 -55.59
C THR D 4708 52.69 -17.47 -54.18
N PRO D 4709 53.95 -17.09 -53.99
CA PRO D 4709 54.39 -16.59 -52.68
C PRO D 4709 54.08 -15.12 -52.43
N SER D 4710 53.28 -14.48 -53.28
CA SER D 4710 52.91 -13.08 -53.11
C SER D 4710 51.39 -12.91 -53.12
N PHE D 4711 50.67 -13.93 -52.67
CA PHE D 4711 49.22 -13.86 -52.67
C PHE D 4711 48.65 -12.75 -51.81
N PRO D 4712 49.10 -12.50 -50.56
CA PRO D 4712 48.45 -11.48 -49.74
C PRO D 4712 48.94 -10.07 -50.02
N SER D 4713 49.62 -9.88 -51.15
CA SER D 4713 50.11 -8.56 -51.51
C SER D 4713 48.96 -7.60 -51.76
N ASN D 4714 49.24 -6.30 -51.58
CA ASN D 4714 48.26 -5.24 -51.82
C ASN D 4714 47.00 -5.44 -50.99
N TYR D 4715 47.18 -5.85 -49.73
CA TYR D 4715 46.07 -6.14 -48.84
C TYR D 4715 46.62 -6.19 -47.42
N TRP D 4716 45.79 -5.79 -46.45
CA TRP D 4716 46.27 -5.66 -45.08
C TRP D 4716 46.80 -6.98 -44.53
N ASP D 4717 46.01 -8.03 -44.62
CA ASP D 4717 46.36 -9.30 -43.98
C ASP D 4717 47.37 -10.07 -44.82
N LYS D 4718 48.38 -10.63 -44.14
CA LYS D 4718 49.37 -11.47 -44.79
C LYS D 4718 49.39 -12.89 -44.23
N PHE D 4719 48.50 -13.22 -43.30
CA PHE D 4719 48.44 -14.55 -42.69
C PHE D 4719 47.20 -15.31 -43.11
N VAL D 4720 46.58 -14.92 -44.23
CA VAL D 4720 45.35 -15.57 -44.67
C VAL D 4720 45.59 -17.04 -44.98
N LYS D 4721 46.72 -17.35 -45.62
CA LYS D 4721 47.05 -18.74 -45.92
C LYS D 4721 47.23 -19.54 -44.63
N ARG D 4722 47.89 -18.95 -43.63
CA ARG D 4722 48.07 -19.64 -42.36
C ARG D 4722 46.73 -19.91 -41.68
N LYS D 4723 45.83 -18.93 -41.69
CA LYS D 4723 44.51 -19.14 -41.10
C LYS D 4723 43.72 -20.22 -41.84
N VAL D 4724 43.77 -20.20 -43.18
CA VAL D 4724 43.09 -21.22 -43.97
C VAL D 4724 43.64 -22.61 -43.64
N LEU D 4725 44.97 -22.71 -43.52
CA LEU D 4725 45.57 -23.98 -43.14
C LEU D 4725 45.09 -24.43 -41.77
N ASP D 4726 45.19 -23.56 -40.77
CA ASP D 4726 44.77 -23.92 -39.42
C ASP D 4726 43.29 -24.25 -39.34
N LYS D 4727 42.48 -23.76 -40.29
CA LYS D 4727 41.05 -24.03 -40.24
C LYS D 4727 40.67 -25.32 -40.96
N HIS D 4728 41.28 -25.62 -42.11
CA HIS D 4728 40.85 -26.75 -42.93
C HIS D 4728 41.80 -27.94 -42.92
N GLY D 4729 42.95 -27.85 -42.23
CA GLY D 4729 43.91 -28.94 -42.31
C GLY D 4729 43.40 -30.22 -41.66
N ASP D 4730 42.80 -30.10 -40.48
CA ASP D 4730 42.39 -31.29 -39.73
C ASP D 4730 41.37 -32.12 -40.51
N ILE D 4731 40.60 -31.49 -41.40
CA ILE D 4731 39.49 -32.17 -42.06
C ILE D 4731 39.84 -32.55 -43.49
N PHE D 4732 40.42 -31.63 -44.27
CA PHE D 4732 40.77 -31.94 -45.66
C PHE D 4732 42.24 -32.34 -45.84
N GLY D 4733 42.97 -32.59 -44.76
CA GLY D 4733 44.37 -32.95 -44.90
C GLY D 4733 45.26 -31.73 -44.85
N ARG D 4734 46.10 -31.65 -43.81
CA ARG D 4734 46.96 -30.47 -43.64
C ARG D 4734 47.97 -30.36 -44.77
N GLU D 4735 48.59 -31.47 -45.16
CA GLU D 4735 49.57 -31.43 -46.24
C GLU D 4735 48.92 -31.08 -47.57
N ARG D 4736 47.70 -31.57 -47.80
CA ARG D 4736 47.00 -31.23 -49.04
C ARG D 4736 46.73 -29.74 -49.14
N ILE D 4737 46.28 -29.12 -48.05
CA ILE D 4737 46.04 -27.69 -48.04
C ILE D 4737 47.35 -26.92 -48.18
N ALA D 4738 48.42 -27.43 -47.56
CA ALA D 4738 49.72 -26.78 -47.72
C ALA D 4738 50.16 -26.78 -49.17
N GLU D 4739 50.00 -27.91 -49.87
CA GLU D 4739 50.35 -27.96 -51.29
C GLU D 4739 49.44 -27.06 -52.11
N LEU D 4740 48.14 -27.01 -51.77
CA LEU D 4740 47.22 -26.16 -52.50
C LEU D 4740 47.59 -24.68 -52.37
N LEU D 4741 48.00 -24.25 -51.18
CA LEU D 4741 48.37 -22.86 -50.94
C LEU D 4741 49.83 -22.58 -51.22
N GLY D 4742 50.61 -23.58 -51.60
CA GLY D 4742 52.01 -23.37 -51.91
C GLY D 4742 52.86 -22.94 -50.73
N MET D 4743 52.63 -23.55 -49.56
CA MET D 4743 53.39 -23.25 -48.37
C MET D 4743 53.92 -24.55 -47.77
N ASP D 4744 55.02 -24.44 -47.03
CA ASP D 4744 55.68 -25.59 -46.43
C ASP D 4744 55.59 -25.48 -44.91
N LEU D 4745 54.86 -26.42 -44.30
CA LEU D 4745 54.71 -26.41 -42.84
C LEU D 4745 56.05 -26.62 -42.15
N ALA D 4746 56.87 -27.53 -42.68
CA ALA D 4746 58.19 -27.74 -42.09
C ALA D 4746 59.05 -26.49 -42.20
N SER D 4747 59.00 -25.82 -43.36
CA SER D 4747 59.79 -24.61 -43.55
C SER D 4747 59.35 -23.51 -42.58
N LEU D 4748 58.04 -23.31 -42.44
CA LEU D 4748 57.58 -22.27 -41.54
C LEU D 4748 57.92 -22.61 -40.08
N GLU D 4749 57.83 -23.89 -39.72
CA GLU D 4749 58.17 -24.29 -38.35
C GLU D 4749 59.65 -24.08 -38.06
N ILE D 4750 60.53 -24.46 -39.01
CA ILE D 4750 61.95 -24.30 -38.76
C ILE D 4750 62.36 -22.82 -38.79
N THR D 4751 61.66 -22.00 -39.59
CA THR D 4751 61.93 -20.56 -39.55
C THR D 4751 61.45 -19.95 -38.24
N ALA D 4752 60.34 -20.45 -37.70
CA ALA D 4752 59.88 -20.01 -36.40
C ALA D 4752 60.89 -20.38 -35.31
N HIS D 4753 61.45 -21.58 -35.38
CA HIS D 4753 62.50 -21.97 -34.44
C HIS D 4753 63.72 -21.06 -34.59
N ASN D 4754 64.38 -21.12 -35.75
CA ASN D 4754 65.57 -20.32 -36.01
C ASN D 4754 65.89 -20.35 -37.50
N GLU D 4755 66.01 -19.18 -38.11
CA GLU D 4755 66.29 -19.07 -39.54
C GLU D 4755 67.42 -18.10 -39.79
N ARG D 4756 68.25 -18.40 -40.79
CA ARG D 4756 69.32 -17.52 -41.22
C ARG D 4756 68.82 -16.58 -42.31
N LYS D 4757 69.29 -15.33 -42.26
CA LYS D 4757 68.85 -14.33 -43.22
C LYS D 4757 69.94 -14.09 -44.24
N PRO D 4758 69.78 -14.52 -45.49
CA PRO D 4758 70.81 -14.26 -46.51
C PRO D 4758 70.81 -12.80 -46.93
N ASP D 4759 71.97 -12.38 -47.43
CA ASP D 4759 72.11 -10.99 -47.89
C ASP D 4759 71.31 -10.79 -49.18
N PRO D 4760 70.58 -9.68 -49.29
CA PRO D 4760 69.79 -9.43 -50.50
C PRO D 4760 70.67 -8.93 -51.63
N PRO D 4761 70.67 -9.61 -52.77
CA PRO D 4761 71.43 -9.12 -53.92
C PRO D 4761 70.60 -8.17 -54.76
N PRO D 4762 71.12 -6.98 -55.05
CA PRO D 4762 70.34 -5.97 -55.79
C PRO D 4762 70.51 -6.00 -57.30
N GLY D 4763 71.20 -6.99 -57.86
CA GLY D 4763 71.44 -7.01 -59.29
C GLY D 4763 70.21 -7.35 -60.09
N LEU D 4764 70.20 -6.89 -61.34
CA LEU D 4764 69.10 -7.22 -62.25
C LEU D 4764 69.03 -8.71 -62.54
N LEU D 4765 70.17 -9.40 -62.53
CA LEU D 4765 70.19 -10.82 -62.81
C LEU D 4765 69.34 -11.60 -61.80
N THR D 4766 69.56 -11.35 -60.50
CA THR D 4766 68.74 -12.00 -59.49
C THR D 4766 67.36 -11.36 -59.40
N TRP D 4767 67.24 -10.08 -59.75
CA TRP D 4767 65.93 -9.42 -59.74
C TRP D 4767 64.98 -10.09 -60.74
N LEU D 4768 65.53 -10.59 -61.86
CA LEU D 4768 64.71 -11.21 -62.89
C LEU D 4768 63.87 -12.35 -62.31
N MET D 4769 64.50 -13.25 -61.57
CA MET D 4769 63.78 -14.32 -60.89
C MET D 4769 63.20 -13.91 -59.54
N SER D 4770 63.58 -12.74 -59.03
CA SER D 4770 62.84 -12.19 -57.89
C SER D 4770 61.44 -11.78 -58.29
N ILE D 4771 61.26 -11.41 -59.55
CA ILE D 4771 59.91 -11.13 -60.07
C ILE D 4771 59.10 -12.42 -60.10
N ASP D 4772 57.89 -12.36 -59.57
CA ASP D 4772 56.98 -13.51 -59.53
C ASP D 4772 56.20 -13.56 -60.83
N VAL D 4773 56.64 -14.41 -61.74
CA VAL D 4773 56.07 -14.44 -63.10
C VAL D 4773 54.60 -14.82 -63.06
N LYS D 4774 54.23 -15.83 -62.27
CA LYS D 4774 52.85 -16.28 -62.22
C LYS D 4774 51.95 -15.20 -61.62
N TYR D 4775 52.41 -14.52 -60.58
CA TYR D 4775 51.64 -13.44 -59.99
C TYR D 4775 51.46 -12.28 -60.96
N GLN D 4776 52.52 -11.95 -61.71
CA GLN D 4776 52.39 -10.89 -62.71
C GLN D 4776 51.43 -11.28 -63.82
N ILE D 4777 51.44 -12.55 -64.23
CA ILE D 4777 50.50 -13.02 -65.23
C ILE D 4777 49.06 -12.89 -64.73
N TRP D 4778 48.82 -13.29 -63.48
CA TRP D 4778 47.48 -13.15 -62.92
C TRP D 4778 47.06 -11.69 -62.83
N LYS D 4779 47.99 -10.81 -62.42
CA LYS D 4779 47.67 -9.39 -62.32
C LYS D 4779 47.35 -8.80 -63.69
N PHE D 4780 48.11 -9.19 -64.72
CA PHE D 4780 47.81 -8.72 -66.07
C PHE D 4780 46.46 -9.24 -66.54
N GLY D 4781 46.15 -10.50 -66.23
CA GLY D 4781 44.85 -11.05 -66.61
C GLY D 4781 43.69 -10.31 -65.96
N VAL D 4782 43.85 -9.92 -64.69
CA VAL D 4782 42.78 -9.21 -64.02
C VAL D 4782 42.78 -7.71 -64.34
N ILE D 4783 43.87 -7.18 -64.89
CA ILE D 4783 43.88 -5.76 -65.24
C ILE D 4783 43.44 -5.52 -66.68
N PHE D 4784 43.62 -6.50 -67.57
CA PHE D 4784 43.19 -6.33 -68.95
C PHE D 4784 41.69 -6.51 -69.15
N THR D 4785 40.97 -6.98 -68.14
CA THR D 4785 39.52 -7.11 -68.21
C THR D 4785 38.80 -5.90 -67.63
N ASP D 4786 39.53 -4.89 -67.17
CA ASP D 4786 38.89 -3.69 -66.62
C ASP D 4786 38.24 -2.89 -67.72
N ASN D 4787 37.04 -2.37 -67.44
CA ASN D 4787 36.31 -1.59 -68.45
C ASN D 4787 37.02 -0.28 -68.76
N SER D 4788 37.51 0.42 -67.74
CA SER D 4788 38.16 1.70 -67.96
C SER D 4788 39.49 1.53 -68.68
N PHE D 4789 40.25 0.49 -68.32
CA PHE D 4789 41.54 0.26 -68.96
C PHE D 4789 41.38 -0.05 -70.44
N LEU D 4790 40.36 -0.83 -70.79
CA LEU D 4790 40.10 -1.13 -72.19
C LEU D 4790 39.72 0.13 -72.96
N TYR D 4791 38.92 1.01 -72.35
CA TYR D 4791 38.57 2.26 -73.00
C TYR D 4791 39.78 3.14 -73.22
N LEU D 4792 40.67 3.21 -72.23
CA LEU D 4792 41.90 3.99 -72.39
C LEU D 4792 42.80 3.38 -73.47
N GLY D 4793 42.87 2.05 -73.53
CA GLY D 4793 43.63 1.41 -74.60
C GLY D 4793 43.06 1.71 -75.97
N TRP D 4794 41.73 1.71 -76.08
CA TRP D 4794 41.09 2.10 -77.35
C TRP D 4794 41.41 3.54 -77.70
N TYR D 4795 41.40 4.42 -76.71
CA TYR D 4795 41.78 5.82 -76.95
C TYR D 4795 43.20 5.91 -77.47
N MET D 4796 44.13 5.18 -76.87
CA MET D 4796 45.51 5.18 -77.31
C MET D 4796 45.64 4.63 -78.73
N VAL D 4797 44.92 3.55 -79.03
CA VAL D 4797 44.97 2.97 -80.36
C VAL D 4797 44.47 3.94 -81.41
N MET D 4798 43.36 4.64 -81.11
CA MET D 4798 42.84 5.63 -82.04
C MET D 4798 43.80 6.80 -82.20
N SER D 4799 44.46 7.21 -81.12
CA SER D 4799 45.46 8.26 -81.21
C SER D 4799 46.61 7.85 -82.12
N LEU D 4800 47.07 6.60 -81.99
CA LEU D 4800 48.12 6.11 -82.87
C LEU D 4800 47.66 6.04 -84.32
N LEU D 4801 46.44 5.57 -84.56
CA LEU D 4801 45.90 5.50 -85.91
C LEU D 4801 45.68 6.89 -86.51
N GLY D 4802 45.51 7.91 -85.68
CA GLY D 4802 45.34 9.26 -86.18
C GLY D 4802 46.51 9.77 -86.99
N HIS D 4803 47.70 9.22 -86.76
CA HIS D 4803 48.87 9.59 -87.56
C HIS D 4803 48.82 8.97 -88.94
N TYR D 4804 48.24 7.77 -89.06
CA TYR D 4804 48.04 7.17 -90.38
C TYR D 4804 47.08 7.98 -91.22
N ASN D 4805 45.92 8.33 -90.65
CA ASN D 4805 44.95 9.21 -91.28
C ASN D 4805 44.40 10.15 -90.22
N ASN D 4806 44.35 11.44 -90.53
CA ASN D 4806 44.03 12.45 -89.52
C ASN D 4806 42.60 12.30 -89.01
N PHE D 4807 41.66 11.94 -89.89
CA PHE D 4807 40.25 11.95 -89.51
C PHE D 4807 39.92 10.95 -88.41
N PHE D 4808 40.81 9.98 -88.16
CA PHE D 4808 40.58 9.06 -87.05
C PHE D 4808 40.49 9.80 -85.72
N PHE D 4809 41.15 10.96 -85.61
CA PHE D 4809 41.05 11.76 -84.39
C PHE D 4809 39.62 12.15 -84.08
N ALA D 4810 38.74 12.21 -85.09
CA ALA D 4810 37.35 12.54 -84.83
C ALA D 4810 36.70 11.55 -83.87
N ALA D 4811 37.18 10.30 -83.86
CA ALA D 4811 36.60 9.30 -82.97
C ALA D 4811 36.78 9.67 -81.50
N HIS D 4812 37.69 10.60 -81.18
CA HIS D 4812 37.88 11.02 -79.80
C HIS D 4812 36.80 11.98 -79.32
N LEU D 4813 36.00 12.55 -80.22
CA LEU D 4813 34.93 13.44 -79.79
C LEU D 4813 33.93 12.73 -78.90
N LEU D 4814 33.77 11.41 -79.08
CA LEU D 4814 32.85 10.64 -78.25
C LEU D 4814 33.24 10.68 -76.79
N ASP D 4815 34.49 11.08 -76.47
CA ASP D 4815 34.89 11.20 -75.09
C ASP D 4815 34.02 12.18 -74.32
N ILE D 4816 33.40 13.14 -75.02
CA ILE D 4816 32.53 14.11 -74.34
C ILE D 4816 31.33 13.42 -73.71
N ALA D 4817 31.01 12.19 -74.14
CA ALA D 4817 29.94 11.44 -73.49
C ALA D 4817 30.29 11.14 -72.04
N MET D 4818 31.55 10.77 -71.78
CA MET D 4818 32.00 10.51 -70.42
C MET D 4818 32.94 11.59 -69.90
N GLY D 4819 33.10 12.69 -70.62
CA GLY D 4819 33.86 13.82 -70.15
C GLY D 4819 33.06 14.89 -69.47
N VAL D 4820 31.73 14.84 -69.59
CA VAL D 4820 30.83 15.79 -68.95
C VAL D 4820 29.92 15.00 -68.01
N LYS D 4821 29.78 15.50 -66.78
CA LYS D 4821 29.02 14.77 -65.76
C LYS D 4821 27.56 14.60 -66.16
N THR D 4822 26.93 15.66 -66.64
CA THR D 4822 25.49 15.61 -66.89
C THR D 4822 25.15 14.96 -68.22
N LEU D 4823 26.08 14.97 -69.19
CA LEU D 4823 25.85 14.27 -70.44
C LEU D 4823 25.67 12.78 -70.20
N ARG D 4824 26.47 12.20 -69.32
CA ARG D 4824 26.31 10.79 -68.99
C ARG D 4824 25.01 10.55 -68.22
N THR D 4825 24.56 11.53 -67.44
CA THR D 4825 23.28 11.37 -66.73
C THR D 4825 22.12 11.35 -67.71
N ILE D 4826 22.16 12.19 -68.75
CA ILE D 4826 21.09 12.18 -69.73
C ILE D 4826 21.21 11.01 -70.71
N LEU D 4827 22.42 10.46 -70.87
CA LEU D 4827 22.56 9.24 -71.67
C LEU D 4827 22.21 7.99 -70.86
N SER D 4828 22.18 8.09 -69.54
CA SER D 4828 21.72 6.97 -68.73
C SER D 4828 20.24 6.67 -68.95
N SER D 4829 19.46 7.68 -69.32
CA SER D 4829 18.05 7.44 -69.62
C SER D 4829 17.86 6.69 -70.93
N VAL D 4830 18.87 6.66 -71.79
CA VAL D 4830 18.81 5.86 -73.01
C VAL D 4830 19.44 4.49 -72.80
N THR D 4831 20.60 4.43 -72.13
CA THR D 4831 21.24 3.15 -71.87
C THR D 4831 20.38 2.29 -70.93
N HIS D 4832 19.95 2.86 -69.82
CA HIS D 4832 18.96 2.22 -68.98
C HIS D 4832 17.68 2.00 -69.76
N ASN D 4833 17.07 0.83 -69.57
CA ASN D 4833 15.87 0.43 -70.31
C ASN D 4833 16.14 0.38 -71.81
N GLY D 4834 17.36 0.00 -72.19
CA GLY D 4834 17.75 -0.05 -73.59
C GLY D 4834 17.58 -1.42 -74.21
N LYS D 4835 17.56 -2.47 -73.37
CA LYS D 4835 17.26 -3.80 -73.88
C LYS D 4835 15.86 -3.85 -74.47
N GLN D 4836 14.91 -3.19 -73.81
CA GLN D 4836 13.55 -3.10 -74.36
C GLN D 4836 13.56 -2.37 -75.70
N LEU D 4837 14.39 -1.33 -75.84
CA LEU D 4837 14.50 -0.65 -77.12
C LEU D 4837 15.02 -1.58 -78.20
N VAL D 4838 16.05 -2.37 -77.88
CA VAL D 4838 16.62 -3.30 -78.86
C VAL D 4838 15.58 -4.33 -79.29
N MET D 4839 14.84 -4.89 -78.32
CA MET D 4839 13.85 -5.89 -78.69
C MET D 4839 12.64 -5.28 -79.40
N THR D 4840 12.30 -4.02 -79.12
CA THR D 4840 11.24 -3.37 -79.89
C THR D 4840 11.67 -3.15 -81.34
N VAL D 4841 12.91 -2.71 -81.55
CA VAL D 4841 13.36 -2.51 -82.92
C VAL D 4841 13.55 -3.86 -83.63
N GLY D 4842 13.80 -4.93 -82.88
CA GLY D 4842 13.82 -6.25 -83.48
C GLY D 4842 12.43 -6.74 -83.86
N LEU D 4843 11.45 -6.48 -83.00
CA LEU D 4843 10.06 -6.84 -83.30
C LEU D 4843 9.53 -6.03 -84.47
N LEU D 4844 10.02 -4.81 -84.66
CA LEU D 4844 9.62 -4.01 -85.82
C LEU D 4844 10.03 -4.69 -87.13
N ALA D 4845 11.07 -5.52 -87.09
CA ALA D 4845 11.55 -6.21 -88.30
C ALA D 4845 10.73 -7.44 -88.63
N VAL D 4846 9.83 -7.87 -87.76
CA VAL D 4846 9.01 -9.05 -88.01
C VAL D 4846 7.69 -8.68 -88.68
N VAL D 4847 7.02 -7.63 -88.18
CA VAL D 4847 5.78 -7.19 -88.80
C VAL D 4847 6.02 -6.70 -90.22
N VAL D 4848 7.17 -6.07 -90.46
CA VAL D 4848 7.52 -5.67 -91.81
C VAL D 4848 7.71 -6.90 -92.70
N TYR D 4849 8.23 -7.98 -92.13
CA TYR D 4849 8.36 -9.23 -92.88
C TYR D 4849 6.99 -9.78 -93.26
N LEU D 4850 6.03 -9.73 -92.32
CA LEU D 4850 4.69 -10.19 -92.62
C LEU D 4850 4.06 -9.35 -93.73
N TYR D 4851 4.20 -8.03 -93.64
CA TYR D 4851 3.68 -7.16 -94.70
C TYR D 4851 4.37 -7.44 -96.02
N THR D 4852 5.66 -7.77 -95.99
CA THR D 4852 6.38 -8.11 -97.21
C THR D 4852 5.83 -9.38 -97.84
N VAL D 4853 5.54 -10.40 -97.04
CA VAL D 4853 4.96 -11.63 -97.57
C VAL D 4853 3.61 -11.35 -98.21
N VAL D 4854 2.77 -10.57 -97.52
CA VAL D 4854 1.45 -10.23 -98.05
C VAL D 4854 1.58 -9.45 -99.35
N ALA D 4855 2.50 -8.49 -99.39
CA ALA D 4855 2.70 -7.66 -100.58
C ALA D 4855 3.52 -8.35 -101.65
N PHE D 4856 4.03 -9.55 -101.39
CA PHE D 4856 4.74 -10.34 -102.39
C PHE D 4856 3.86 -11.37 -103.07
N ASN D 4857 2.98 -12.04 -102.31
CA ASN D 4857 2.04 -12.97 -102.94
C ASN D 4857 1.11 -12.24 -103.91
N PHE D 4858 0.74 -11.01 -103.59
CA PHE D 4858 -0.05 -10.15 -104.46
C PHE D 4858 0.28 -8.71 -104.12
N PHE D 4859 -0.35 -7.78 -104.84
CA PHE D 4859 -0.13 -6.33 -104.74
C PHE D 4859 1.20 -5.89 -105.31
N ARG D 4860 1.92 -6.76 -106.02
CA ARG D 4860 3.27 -6.43 -106.44
C ARG D 4860 3.34 -5.74 -107.78
N LYS D 4861 2.21 -5.45 -108.42
CA LYS D 4861 2.23 -4.63 -109.62
C LYS D 4861 2.34 -3.15 -109.31
N PHE D 4862 2.14 -2.76 -108.06
CA PHE D 4862 2.21 -1.36 -107.65
C PHE D 4862 3.61 -0.92 -107.26
N TYR D 4863 4.56 -1.85 -107.13
CA TYR D 4863 5.89 -1.55 -106.63
C TYR D 4863 6.87 -1.16 -107.74
N ASN D 4864 6.39 -1.02 -108.97
CA ASN D 4864 7.24 -0.49 -110.03
C ASN D 4864 7.62 0.95 -109.71
N LYS D 4865 8.89 1.29 -109.98
CA LYS D 4865 9.41 2.60 -109.63
C LYS D 4865 10.11 3.28 -110.81
N SER D 4866 9.85 2.84 -112.03
CA SER D 4866 10.41 3.44 -113.23
C SER D 4866 9.31 4.20 -113.96
N GLU D 4867 9.48 5.52 -114.07
CA GLU D 4867 8.47 6.36 -114.71
C GLU D 4867 8.43 6.18 -116.22
N ASP D 4868 9.51 5.67 -116.81
CA ASP D 4868 9.55 5.46 -118.26
C ASP D 4868 9.18 4.01 -118.59
N GLU D 4869 8.62 3.84 -119.79
CA GLU D 4869 8.21 2.52 -120.25
C GLU D 4869 9.34 1.73 -120.88
N ASP D 4870 10.54 2.30 -120.97
CA ASP D 4870 11.67 1.59 -121.57
C ASP D 4870 12.01 0.33 -120.79
N GLU D 4871 12.06 0.43 -119.46
CA GLU D 4871 12.37 -0.71 -118.62
C GLU D 4871 11.61 -0.58 -117.31
N PRO D 4872 11.26 -1.68 -116.67
CA PRO D 4872 10.65 -1.61 -115.34
C PRO D 4872 11.70 -1.72 -114.24
N ASP D 4873 11.29 -1.29 -113.05
CA ASP D 4873 12.15 -1.28 -111.87
C ASP D 4873 11.40 -1.87 -110.68
N MET D 4874 10.81 -3.04 -110.89
CA MET D 4874 10.02 -3.68 -109.85
C MET D 4874 10.85 -3.95 -108.60
N LYS D 4875 10.25 -3.73 -107.43
CA LYS D 4875 10.91 -3.93 -106.16
C LYS D 4875 10.45 -5.15 -105.39
N CYS D 4876 9.28 -5.71 -105.71
CA CYS D 4876 8.72 -6.83 -104.98
C CYS D 4876 8.67 -8.11 -105.81
N ASP D 4877 9.55 -8.22 -106.81
CA ASP D 4877 9.65 -9.47 -107.55
C ASP D 4877 10.40 -10.54 -106.76
N ASP D 4878 11.32 -10.14 -105.89
CA ASP D 4878 12.04 -11.04 -105.02
C ASP D 4878 11.64 -10.79 -103.58
N MET D 4879 11.78 -11.82 -102.75
CA MET D 4879 11.45 -11.65 -101.34
C MET D 4879 12.52 -10.86 -100.61
N MET D 4880 13.77 -10.94 -101.06
CA MET D 4880 14.83 -10.15 -100.43
C MET D 4880 14.73 -8.68 -100.80
N THR D 4881 14.46 -8.38 -102.07
CA THR D 4881 14.36 -6.99 -102.51
C THR D 4881 13.13 -6.31 -101.92
N CYS D 4882 12.01 -7.03 -101.85
CA CYS D 4882 10.79 -6.45 -101.31
C CYS D 4882 10.92 -6.16 -99.82
N TYR D 4883 11.57 -7.06 -99.08
CA TYR D 4883 11.79 -6.84 -97.66
C TYR D 4883 12.73 -5.67 -97.42
N LEU D 4884 13.76 -5.53 -98.25
CA LEU D 4884 14.66 -4.39 -98.13
C LEU D 4884 13.96 -3.07 -98.43
N PHE D 4885 13.08 -3.06 -99.44
CA PHE D 4885 12.36 -1.85 -99.79
C PHE D 4885 11.47 -1.39 -98.64
N HIS D 4886 10.70 -2.31 -98.06
CA HIS D 4886 9.80 -1.95 -96.98
C HIS D 4886 10.56 -1.42 -95.77
N MET D 4887 11.67 -2.07 -95.42
CA MET D 4887 12.41 -1.65 -94.22
C MET D 4887 13.12 -0.32 -94.45
N TYR D 4888 13.81 -0.18 -95.58
CA TYR D 4888 14.61 1.02 -95.82
C TYR D 4888 13.74 2.23 -96.10
N VAL D 4889 12.75 2.08 -96.98
CA VAL D 4889 11.99 3.23 -97.47
C VAL D 4889 10.63 3.33 -96.78
N GLY D 4890 9.95 2.20 -96.58
CA GLY D 4890 8.61 2.24 -96.02
C GLY D 4890 8.56 2.76 -94.59
N VAL D 4891 9.51 2.31 -93.75
CA VAL D 4891 9.49 2.71 -92.35
C VAL D 4891 9.86 4.18 -92.21
N ARG D 4892 10.86 4.64 -92.97
CA ARG D 4892 11.31 6.02 -92.85
C ARG D 4892 10.31 7.01 -93.42
N ALA D 4893 9.39 6.56 -94.28
CA ALA D 4893 8.40 7.47 -94.86
C ALA D 4893 7.42 7.92 -93.79
N GLY D 4894 7.09 9.22 -93.81
CA GLY D 4894 6.18 9.75 -92.82
C GLY D 4894 4.77 9.21 -92.93
N GLY D 4895 4.26 9.11 -94.16
CA GLY D 4895 2.89 8.65 -94.36
C GLY D 4895 2.73 7.15 -94.34
N GLY D 4896 3.81 6.40 -94.44
CA GLY D 4896 3.73 4.95 -94.48
C GLY D 4896 4.15 4.38 -95.81
N ILE D 4897 3.54 3.25 -96.21
CA ILE D 4897 3.86 2.63 -97.49
C ILE D 4897 2.96 3.11 -98.62
N GLY D 4898 1.88 3.84 -98.31
CA GLY D 4898 0.92 4.22 -99.32
C GLY D 4898 1.38 5.34 -100.24
N ASP D 4899 2.33 6.15 -99.80
CA ASP D 4899 2.79 7.29 -100.58
C ASP D 4899 3.95 6.96 -101.52
N GLU D 4900 4.40 5.71 -101.54
CA GLU D 4900 5.53 5.29 -102.37
C GLU D 4900 5.12 4.48 -103.58
N ILE D 4901 4.02 3.74 -103.50
CA ILE D 4901 3.63 2.82 -104.56
C ILE D 4901 2.44 3.41 -105.31
N GLU D 4902 2.10 2.76 -106.42
CA GLU D 4902 1.02 3.25 -107.28
C GLU D 4902 -0.31 3.23 -106.52
N ASP D 4903 -1.10 4.28 -106.72
CA ASP D 4903 -2.38 4.39 -106.04
C ASP D 4903 -3.34 3.30 -106.50
N PRO D 4904 -4.18 2.78 -105.61
CA PRO D 4904 -5.12 1.71 -105.97
C PRO D 4904 -6.43 2.17 -106.58
N ALA D 4905 -6.54 3.43 -106.99
CA ALA D 4905 -7.79 3.92 -107.55
C ALA D 4905 -8.10 3.23 -108.87
N GLY D 4906 -9.37 2.88 -109.06
CA GLY D 4906 -9.79 2.20 -110.27
C GLY D 4906 -9.19 0.84 -110.46
N ASP D 4907 -9.17 0.03 -109.39
CA ASP D 4907 -8.59 -1.31 -109.43
C ASP D 4907 -9.46 -2.26 -108.62
N GLU D 4908 -9.36 -3.54 -108.95
CA GLU D 4908 -10.16 -4.55 -108.26
C GLU D 4908 -9.78 -4.67 -106.79
N TYR D 4909 -8.50 -4.46 -106.46
CA TYR D 4909 -8.00 -4.58 -105.09
C TYR D 4909 -7.89 -3.23 -104.40
N GLU D 4910 -8.82 -2.31 -104.69
CA GLU D 4910 -8.76 -0.98 -104.07
C GLU D 4910 -8.97 -1.07 -102.56
N LEU D 4911 -10.02 -1.77 -102.13
CA LEU D 4911 -10.31 -1.87 -100.70
C LEU D 4911 -9.20 -2.59 -99.96
N TYR D 4912 -8.68 -3.68 -100.53
CA TYR D 4912 -7.61 -4.42 -99.89
C TYR D 4912 -6.36 -3.56 -99.75
N ARG D 4913 -6.02 -2.78 -100.77
CA ARG D 4913 -4.86 -1.91 -100.68
C ARG D 4913 -5.06 -0.80 -99.65
N VAL D 4914 -6.29 -0.27 -99.56
CA VAL D 4914 -6.56 0.76 -98.56
C VAL D 4914 -6.38 0.19 -97.15
N VAL D 4915 -6.91 -1.01 -96.91
CA VAL D 4915 -6.74 -1.66 -95.61
C VAL D 4915 -5.27 -1.92 -95.34
N PHE D 4916 -4.55 -2.41 -96.35
CA PHE D 4916 -3.12 -2.68 -96.22
C PHE D 4916 -2.35 -1.42 -95.80
N ASP D 4917 -2.54 -0.33 -96.54
CA ASP D 4917 -1.81 0.90 -96.26
C ASP D 4917 -2.20 1.49 -94.90
N ILE D 4918 -3.48 1.49 -94.57
CA ILE D 4918 -3.91 2.09 -93.31
C ILE D 4918 -3.40 1.26 -92.12
N THR D 4919 -3.45 -0.07 -92.23
CA THR D 4919 -2.90 -0.90 -91.16
C THR D 4919 -1.40 -0.70 -91.01
N PHE D 4920 -0.68 -0.60 -92.14
CA PHE D 4920 0.75 -0.34 -92.08
C PHE D 4920 1.03 0.97 -91.36
N PHE D 4921 0.34 2.04 -91.74
CA PHE D 4921 0.57 3.35 -91.13
C PHE D 4921 0.22 3.34 -89.65
N PHE D 4922 -0.89 2.70 -89.27
CA PHE D 4922 -1.32 2.70 -87.89
C PHE D 4922 -0.55 1.72 -87.02
N PHE D 4923 0.20 0.78 -87.60
CA PHE D 4923 0.92 -0.20 -86.81
C PHE D 4923 2.42 0.10 -86.70
N VAL D 4924 3.09 0.46 -87.80
CA VAL D 4924 4.53 0.63 -87.76
C VAL D 4924 4.95 2.09 -87.63
N ILE D 4925 4.00 3.02 -87.57
CA ILE D 4925 4.35 4.44 -87.49
C ILE D 4925 3.88 5.03 -86.17
N VAL D 4926 2.57 4.98 -85.92
CA VAL D 4926 2.01 5.66 -84.75
C VAL D 4926 1.99 4.77 -83.50
N ILE D 4927 2.14 3.46 -83.66
CA ILE D 4927 2.10 2.54 -82.53
C ILE D 4927 3.51 2.08 -82.13
N LEU D 4928 4.34 1.74 -83.10
CA LEU D 4928 5.66 1.19 -82.82
C LEU D 4928 6.72 2.25 -82.57
N LEU D 4929 6.36 3.54 -82.64
CA LEU D 4929 7.25 4.62 -82.25
C LEU D 4929 6.86 5.25 -80.92
N ALA D 4930 5.57 5.22 -80.58
CA ALA D 4930 5.14 5.63 -79.24
C ALA D 4930 5.79 4.77 -78.18
N ILE D 4931 6.02 3.49 -78.47
CA ILE D 4931 6.74 2.62 -77.54
C ILE D 4931 8.14 3.15 -77.30
N ILE D 4932 8.84 3.50 -78.38
CA ILE D 4932 10.21 3.99 -78.28
C ILE D 4932 10.26 5.27 -77.46
N GLN D 4933 9.33 6.20 -77.72
CA GLN D 4933 9.33 7.45 -76.96
C GLN D 4933 8.96 7.22 -75.49
N GLY D 4934 7.96 6.38 -75.24
CA GLY D 4934 7.53 6.15 -73.88
C GLY D 4934 8.59 5.47 -73.03
N LEU D 4935 9.37 4.58 -73.64
CA LEU D 4935 10.40 3.88 -72.87
C LEU D 4935 11.41 4.87 -72.29
N ILE D 4936 11.90 5.80 -73.11
CA ILE D 4936 12.90 6.74 -72.64
C ILE D 4936 12.28 7.77 -71.69
N ILE D 4937 11.05 8.21 -71.97
CA ILE D 4937 10.40 9.15 -71.04
C ILE D 4937 10.23 8.51 -69.66
N ASP D 4938 9.83 7.24 -69.63
CA ASP D 4938 9.66 6.55 -68.36
C ASP D 4938 11.00 6.24 -67.71
N ALA D 4939 12.06 6.09 -68.50
CA ALA D 4939 13.39 5.97 -67.90
C ALA D 4939 13.77 7.24 -67.15
N PHE D 4940 13.53 8.41 -67.76
CA PHE D 4940 13.71 9.67 -67.06
C PHE D 4940 12.90 9.71 -65.77
N GLY D 4941 11.61 9.37 -65.87
CA GLY D 4941 10.75 9.43 -64.69
C GLY D 4941 11.20 8.50 -63.58
N GLU D 4942 11.60 7.29 -63.93
CA GLU D 4942 12.05 6.32 -62.94
C GLU D 4942 13.36 6.77 -62.29
N LEU D 4943 14.26 7.38 -63.06
CA LEU D 4943 15.48 7.92 -62.47
C LEU D 4943 15.16 9.00 -61.45
N ARG D 4944 14.25 9.92 -61.81
CA ARG D 4944 13.87 10.96 -60.87
C ARG D 4944 13.23 10.37 -59.61
N ASP D 4945 12.39 9.35 -59.78
CA ASP D 4945 11.77 8.70 -58.63
C ASP D 4945 12.81 8.04 -57.74
N GLN D 4946 13.84 7.44 -58.34
CA GLN D 4946 14.91 6.84 -57.55
C GLN D 4946 15.65 7.90 -56.73
N GLN D 4947 15.97 9.03 -57.35
CA GLN D 4947 16.65 10.09 -56.62
C GLN D 4947 15.82 10.58 -55.44
N GLU D 4948 14.53 10.85 -55.69
CA GLU D 4948 13.69 11.37 -54.60
C GLU D 4948 13.48 10.32 -53.52
N GLN D 4949 13.41 9.04 -53.89
CA GLN D 4949 13.29 7.98 -52.90
C GLN D 4949 14.52 7.91 -52.01
N VAL D 4950 15.72 8.02 -52.59
CA VAL D 4950 16.94 8.05 -51.79
C VAL D 4950 16.92 9.23 -50.84
N LYS D 4951 16.54 10.41 -51.35
CA LYS D 4951 16.52 11.60 -50.49
C LYS D 4951 15.55 11.41 -49.33
N GLU D 4952 14.35 10.89 -49.61
CA GLU D 4952 13.36 10.69 -48.55
C GLU D 4952 13.84 9.67 -47.53
N ASP D 4953 14.43 8.57 -48.00
CA ASP D 4953 14.91 7.55 -47.08
C ASP D 4953 15.99 8.09 -46.16
N MET D 4954 16.91 8.89 -46.69
CA MET D 4954 17.95 9.44 -45.83
C MET D 4954 17.43 10.56 -44.93
N GLU D 4955 16.37 11.26 -45.34
CA GLU D 4955 15.79 12.29 -44.49
C GLU D 4955 14.79 11.75 -43.48
N THR D 4956 14.43 10.47 -43.58
CA THR D 4956 13.37 9.91 -42.74
C THR D 4956 13.90 9.26 -41.46
N LYS D 4957 14.80 8.28 -41.60
CA LYS D 4957 15.22 7.46 -40.48
C LYS D 4957 16.74 7.37 -40.42
N CYS D 4958 17.23 6.95 -39.25
CA CYS D 4958 18.66 6.84 -39.03
C CYS D 4958 19.25 5.68 -39.82
N PHE D 4959 20.49 5.87 -40.29
CA PHE D 4959 21.13 4.85 -41.11
C PHE D 4959 21.56 3.65 -40.29
N ILE D 4960 22.13 3.89 -39.10
CA ILE D 4960 22.68 2.79 -38.30
C ILE D 4960 21.57 2.11 -37.50
N CYS D 4961 20.91 2.87 -36.62
CA CYS D 4961 19.89 2.28 -35.75
C CYS D 4961 18.65 1.88 -36.53
N GLY D 4962 18.25 2.70 -37.50
CA GLY D 4962 16.98 2.51 -38.17
C GLY D 4962 15.78 3.12 -37.46
N ILE D 4963 15.99 3.77 -36.32
CA ILE D 4963 14.91 4.41 -35.60
C ILE D 4963 14.44 5.64 -36.37
N GLY D 4964 13.12 5.82 -36.44
CA GLY D 4964 12.58 6.96 -37.15
C GLY D 4964 12.86 8.28 -36.46
N SER D 4965 12.79 9.36 -37.25
CA SER D 4965 13.08 10.68 -36.72
C SER D 4965 12.02 11.18 -35.76
N ASP D 4966 10.83 10.59 -35.78
CA ASP D 4966 9.76 11.06 -34.90
C ASP D 4966 10.12 10.86 -33.43
N TYR D 4967 10.77 9.74 -33.10
CA TYR D 4967 11.17 9.50 -31.72
C TYR D 4967 12.19 10.53 -31.26
N PHE D 4968 13.17 10.86 -32.11
CA PHE D 4968 14.20 11.81 -31.71
C PHE D 4968 13.68 13.23 -31.69
N ASP D 4969 12.67 13.54 -32.50
CA ASP D 4969 12.19 14.92 -32.60
C ASP D 4969 11.44 15.39 -31.35
N THR D 4970 11.32 14.55 -30.31
CA THR D 4970 10.69 15.00 -29.08
C THR D 4970 11.48 16.16 -28.47
N THR D 4971 12.81 16.01 -28.41
CA THR D 4971 13.69 17.11 -28.02
C THR D 4971 14.01 17.98 -29.23
N PRO D 4972 14.26 19.27 -29.02
CA PRO D 4972 14.56 20.15 -30.16
C PRO D 4972 15.79 19.68 -30.92
N HIS D 4973 15.67 19.63 -32.24
CA HIS D 4973 16.76 19.22 -33.14
C HIS D 4973 17.31 17.84 -32.78
N GLY D 4974 16.43 16.96 -32.29
CA GLY D 4974 16.87 15.66 -31.82
C GLY D 4974 17.45 14.79 -32.93
N PHE D 4975 16.78 14.75 -34.08
CA PHE D 4975 17.25 13.90 -35.16
C PHE D 4975 18.58 14.40 -35.72
N GLU D 4976 18.73 15.71 -35.89
CA GLU D 4976 20.00 16.24 -36.36
C GLU D 4976 21.11 15.99 -35.36
N THR D 4977 20.83 16.18 -34.07
CA THR D 4977 21.84 15.89 -33.05
C THR D 4977 22.23 14.42 -33.08
N HIS D 4978 21.25 13.53 -33.25
CA HIS D 4978 21.55 12.10 -33.31
C HIS D 4978 22.40 11.76 -34.54
N THR D 4979 22.07 12.35 -35.68
CA THR D 4979 22.79 12.01 -36.92
C THR D 4979 24.18 12.62 -36.97
N LEU D 4980 24.43 13.71 -36.24
CA LEU D 4980 25.76 14.31 -36.28
C LEU D 4980 26.63 13.95 -35.09
N GLU D 4981 26.06 13.50 -33.97
CA GLU D 4981 26.84 13.24 -32.77
C GLU D 4981 26.74 11.80 -32.29
N GLU D 4982 25.51 11.25 -32.18
CA GLU D 4982 25.35 9.92 -31.61
C GLU D 4982 25.90 8.84 -32.55
N HIS D 4983 25.33 8.73 -33.74
CA HIS D 4983 25.77 7.75 -34.74
C HIS D 4983 26.19 8.50 -35.99
N ASN D 4984 27.48 8.46 -36.30
CA ASN D 4984 28.03 9.16 -37.45
C ASN D 4984 28.90 8.21 -38.26
N LEU D 4985 28.63 8.12 -39.56
CA LEU D 4985 29.38 7.23 -40.44
C LEU D 4985 30.85 7.60 -40.47
N ALA D 4986 31.15 8.91 -40.48
CA ALA D 4986 32.54 9.34 -40.43
C ALA D 4986 33.21 8.87 -39.14
N ASN D 4987 32.49 8.95 -38.02
CA ASN D 4987 33.06 8.48 -36.75
C ASN D 4987 33.33 6.98 -36.78
N TYR D 4988 32.41 6.20 -37.36
CA TYR D 4988 32.64 4.76 -37.44
C TYR D 4988 33.85 4.45 -38.32
N MET D 4989 33.97 5.15 -39.46
CA MET D 4989 35.13 4.94 -40.32
C MET D 4989 36.42 5.30 -39.61
N PHE D 4990 36.41 6.42 -38.88
CA PHE D 4990 37.61 6.85 -38.15
C PHE D 4990 37.97 5.85 -37.06
N PHE D 4991 36.98 5.31 -36.36
CA PHE D 4991 37.27 4.30 -35.34
C PHE D 4991 37.85 3.04 -35.96
N LEU D 4992 37.31 2.61 -37.09
CA LEU D 4992 37.87 1.43 -37.76
C LEU D 4992 39.32 1.67 -38.17
N MET D 4993 39.60 2.85 -38.73
CA MET D 4993 40.97 3.17 -39.12
C MET D 4993 41.89 3.23 -37.90
N TYR D 4994 41.41 3.81 -36.81
CA TYR D 4994 42.20 3.89 -35.58
C TYR D 4994 42.52 2.51 -35.04
N LEU D 4995 41.53 1.61 -35.03
CA LEU D 4995 41.77 0.25 -34.56
C LEU D 4995 42.75 -0.48 -35.45
N ILE D 4996 42.65 -0.30 -36.77
CA ILE D 4996 43.59 -0.94 -37.68
C ILE D 4996 45.00 -0.41 -37.44
N ASN D 4997 45.15 0.90 -37.25
CA ASN D 4997 46.48 1.49 -37.13
C ASN D 4997 47.13 1.15 -35.80
N LYS D 4998 46.41 1.25 -34.70
CA LYS D 4998 47.05 1.11 -33.39
C LYS D 4998 47.47 -0.33 -33.13
N ASP D 4999 48.43 -0.47 -32.22
CA ASP D 4999 48.99 -1.79 -31.91
C ASP D 4999 48.02 -2.64 -31.12
N GLU D 5000 48.15 -3.96 -31.28
CA GLU D 5000 47.26 -4.88 -30.58
C GLU D 5000 47.49 -4.85 -29.07
N THR D 5001 48.75 -4.74 -28.64
CA THR D 5001 49.04 -4.75 -27.21
C THR D 5001 48.52 -3.51 -26.49
N GLU D 5002 48.23 -2.44 -27.21
CA GLU D 5002 47.72 -1.20 -26.62
C GLU D 5002 46.20 -1.14 -26.61
N HIS D 5003 45.52 -2.17 -27.12
CA HIS D 5003 44.07 -2.18 -27.13
C HIS D 5003 43.53 -2.23 -25.70
N THR D 5004 42.50 -1.45 -25.43
CA THR D 5004 41.78 -1.53 -24.16
C THR D 5004 40.78 -2.68 -24.25
N GLY D 5005 39.96 -2.86 -23.22
CA GLY D 5005 39.02 -3.97 -23.22
C GLY D 5005 37.98 -3.86 -24.32
N GLN D 5006 37.38 -2.68 -24.45
CA GLN D 5006 36.33 -2.50 -25.46
C GLN D 5006 36.90 -2.57 -26.87
N GLU D 5007 38.07 -1.96 -27.09
CA GLU D 5007 38.70 -2.04 -28.41
C GLU D 5007 39.10 -3.47 -28.74
N SER D 5008 39.59 -4.22 -27.76
CA SER D 5008 39.92 -5.62 -27.99
C SER D 5008 38.68 -6.42 -28.35
N TYR D 5009 37.57 -6.18 -27.65
CA TYR D 5009 36.32 -6.87 -27.96
C TYR D 5009 35.86 -6.55 -29.38
N VAL D 5010 35.90 -5.27 -29.75
CA VAL D 5010 35.47 -4.87 -31.10
C VAL D 5010 36.39 -5.48 -32.14
N TRP D 5011 37.70 -5.52 -31.87
CA TRP D 5011 38.65 -6.06 -32.83
C TRP D 5011 38.45 -7.56 -33.05
N LYS D 5012 38.29 -8.31 -31.96
CA LYS D 5012 38.10 -9.74 -32.09
C LYS D 5012 36.75 -10.07 -32.70
N MET D 5013 35.74 -9.21 -32.51
CA MET D 5013 34.48 -9.41 -33.21
C MET D 5013 34.59 -9.03 -34.68
N TYR D 5014 35.45 -8.06 -35.00
CA TYR D 5014 35.62 -7.62 -36.37
C TYR D 5014 36.34 -8.67 -37.21
N GLN D 5015 37.30 -9.38 -36.60
CA GLN D 5015 38.02 -10.40 -37.36
C GLN D 5015 37.12 -11.53 -37.85
N GLU D 5016 35.98 -11.77 -37.21
CA GLU D 5016 35.10 -12.87 -37.56
C GLU D 5016 33.88 -12.44 -38.37
N ARG D 5017 33.85 -11.20 -38.85
CA ARG D 5017 32.75 -10.71 -39.69
C ARG D 5017 31.40 -10.81 -38.98
N CYS D 5018 31.40 -10.60 -37.66
CA CYS D 5018 30.17 -10.72 -36.90
C CYS D 5018 29.20 -9.59 -37.20
N TRP D 5019 29.70 -8.35 -37.18
CA TRP D 5019 28.87 -7.15 -37.40
C TRP D 5019 27.68 -7.12 -36.44
N ASP D 5020 27.93 -7.48 -35.19
CA ASP D 5020 26.89 -7.46 -34.17
C ASP D 5020 27.03 -6.28 -33.21
N PHE D 5021 28.24 -5.72 -33.08
CA PHE D 5021 28.45 -4.60 -32.17
C PHE D 5021 27.74 -3.33 -32.63
N PHE D 5022 27.34 -3.26 -33.90
CA PHE D 5022 26.60 -2.10 -34.36
C PHE D 5022 25.23 -2.03 -33.67
N PRO D 5023 24.82 -0.84 -33.23
CA PRO D 5023 23.50 -0.72 -32.59
C PRO D 5023 22.37 -0.82 -33.60
N ALA D 5024 21.61 -1.91 -33.55
CA ALA D 5024 20.50 -2.14 -34.45
C ALA D 5024 19.20 -2.01 -33.67
N GLY D 5025 18.40 -0.99 -34.02
CA GLY D 5025 17.13 -0.79 -33.35
C GLY D 5025 17.24 -0.29 -31.92
N ASP D 5026 18.38 0.27 -31.54
CA ASP D 5026 18.56 0.76 -30.18
C ASP D 5026 19.57 1.90 -30.20
N CYS D 5027 19.50 2.74 -29.17
CA CYS D 5027 20.42 3.86 -29.04
C CYS D 5027 20.62 4.16 -27.56
N PHE D 5028 21.55 5.07 -27.27
CA PHE D 5028 21.83 5.44 -25.89
C PHE D 5028 20.62 6.11 -25.25
N ARG D 5029 19.94 6.98 -25.99
CA ARG D 5029 18.76 7.67 -25.45
C ARG D 5029 17.66 6.68 -25.12
N LYS D 5030 17.44 5.69 -26.00
CA LYS D 5030 16.41 4.68 -25.71
C LYS D 5030 16.84 3.79 -24.55
N GLN D 5031 18.13 3.49 -24.45
CA GLN D 5031 18.63 2.68 -23.34
C GLN D 5031 18.43 3.38 -22.01
N TYR D 5032 18.60 4.70 -21.99
CA TYR D 5032 18.48 5.46 -20.75
C TYR D 5032 17.45 6.58 -20.87
N GLU D 5033 16.25 6.25 -21.36
CA GLU D 5033 15.15 7.20 -21.35
C GLU D 5033 14.92 7.76 -19.95
N ASP D 5034 14.91 6.88 -18.95
CA ASP D 5034 14.94 7.33 -17.57
C ASP D 5034 16.33 7.85 -17.23
N GLN D 5035 16.39 8.71 -16.21
CA GLN D 5035 17.56 9.52 -15.86
C GLN D 5035 18.04 10.40 -17.00
N LEU D 5036 17.26 10.52 -18.09
CA LEU D 5036 17.54 11.43 -19.19
C LEU D 5036 18.94 11.19 -19.79
N SER D 5037 19.35 9.93 -19.83
CA SER D 5037 20.63 9.53 -20.41
C SER D 5037 21.81 10.29 -19.81
N GLY E 1 -116.86 41.59 38.08
CA GLY E 1 -117.92 42.13 37.25
C GLY E 1 -117.42 43.05 36.16
N VAL E 2 -118.34 43.53 35.33
CA VAL E 2 -118.02 44.42 34.23
C VAL E 2 -118.77 45.72 34.44
N GLU E 3 -118.05 46.84 34.40
CA GLU E 3 -118.62 48.16 34.61
C GLU E 3 -118.84 48.85 33.27
N ILE E 4 -120.01 49.45 33.09
CA ILE E 4 -120.40 50.09 31.83
C ILE E 4 -120.69 51.56 32.09
N GLU E 5 -120.08 52.44 31.30
CA GLU E 5 -120.34 53.87 31.38
C GLU E 5 -120.63 54.41 29.99
N THR E 6 -121.74 55.12 29.83
CA THR E 6 -122.11 55.66 28.54
C THR E 6 -121.20 56.83 28.16
N ILE E 7 -121.03 57.03 26.86
CA ILE E 7 -120.26 58.14 26.31
C ILE E 7 -121.12 59.01 25.41
N SER E 8 -121.89 58.40 24.52
CA SER E 8 -122.80 59.12 23.63
C SER E 8 -124.15 58.43 23.64
N PRO E 9 -125.24 59.19 23.43
CA PRO E 9 -126.57 58.56 23.40
C PRO E 9 -126.70 57.58 22.25
N GLY E 10 -127.50 56.53 22.49
CA GLY E 10 -127.75 55.50 21.51
C GLY E 10 -129.21 55.47 21.09
N ASP E 11 -129.50 54.52 20.18
CA ASP E 11 -130.87 54.36 19.70
C ASP E 11 -131.80 53.92 20.84
N GLY E 12 -131.36 52.97 21.65
CA GLY E 12 -132.13 52.51 22.78
C GLY E 12 -133.17 51.47 22.42
N ARG E 13 -133.56 50.70 23.43
CA ARG E 13 -134.61 49.69 23.32
C ARG E 13 -134.29 48.63 22.27
N THR E 14 -132.99 48.40 22.01
CA THR E 14 -132.57 47.37 21.06
C THR E 14 -131.34 46.69 21.68
N PHE E 15 -131.59 45.60 22.43
CA PHE E 15 -130.53 44.83 23.05
C PHE E 15 -130.45 43.47 22.39
N PRO E 16 -129.30 43.07 21.85
CA PRO E 16 -129.22 41.78 21.16
C PRO E 16 -129.38 40.62 22.13
N LYS E 17 -130.29 39.70 21.80
CA LYS E 17 -130.49 38.50 22.59
C LYS E 17 -129.54 37.41 22.10
N LYS E 18 -129.69 36.21 22.64
CA LYS E 18 -128.82 35.10 22.25
C LYS E 18 -129.21 34.58 20.87
N GLY E 19 -128.23 34.54 19.97
CA GLY E 19 -128.43 33.97 18.65
C GLY E 19 -128.27 34.94 17.48
N GLN E 20 -127.93 36.19 17.71
CA GLN E 20 -127.75 37.14 16.62
C GLN E 20 -126.26 37.42 16.39
N THR E 21 -125.96 37.96 15.22
CA THR E 21 -124.63 38.47 14.93
C THR E 21 -124.57 39.96 15.24
N CYS E 22 -123.40 40.41 15.69
CA CYS E 22 -123.22 41.83 16.00
C CYS E 22 -121.85 42.27 15.50
N VAL E 23 -121.83 43.45 14.88
CA VAL E 23 -120.59 44.10 14.45
C VAL E 23 -120.32 45.27 15.37
N VAL E 24 -119.07 45.39 15.82
CA VAL E 24 -118.69 46.44 16.76
C VAL E 24 -117.40 47.08 16.28
N HIS E 25 -117.20 48.33 16.71
CA HIS E 25 -115.95 49.06 16.51
C HIS E 25 -115.42 49.42 17.89
N TYR E 26 -114.32 48.78 18.28
CA TYR E 26 -113.86 48.80 19.66
C TYR E 26 -112.39 49.19 19.72
N THR E 27 -112.00 49.71 20.88
CA THR E 27 -110.59 50.00 21.18
C THR E 27 -110.32 49.57 22.61
N GLY E 28 -109.35 48.68 22.80
CA GLY E 28 -109.07 48.10 24.10
C GLY E 28 -107.66 48.37 24.56
N MET E 29 -107.51 48.68 25.85
CA MET E 29 -106.24 49.09 26.42
C MET E 29 -106.10 48.56 27.84
N LEU E 30 -104.87 48.58 28.34
CA LEU E 30 -104.56 48.19 29.70
C LEU E 30 -105.16 49.18 30.70
N GLN E 31 -104.97 48.87 31.99
CA GLN E 31 -105.38 49.78 33.04
C GLN E 31 -104.58 51.08 33.01
N ASN E 32 -103.31 51.01 32.59
CA ASN E 32 -102.44 52.17 32.53
C ASN E 32 -102.50 52.88 31.18
N GLY E 33 -103.58 52.71 30.43
CA GLY E 33 -103.74 53.39 29.15
C GLY E 33 -102.76 52.96 28.08
N LYS E 34 -102.53 51.66 27.92
CA LYS E 34 -101.66 51.12 26.89
C LYS E 34 -102.53 50.44 25.84
N LYS E 35 -102.70 51.09 24.69
CA LYS E 35 -103.58 50.60 23.65
C LYS E 35 -103.01 49.32 23.03
N PHE E 36 -103.84 48.28 22.94
CA PHE E 36 -103.41 47.04 22.29
C PHE E 36 -104.46 46.42 21.36
N ASP E 37 -105.71 46.86 21.37
CA ASP E 37 -106.65 46.56 20.28
C ASP E 37 -107.26 47.84 19.74
N SER E 38 -107.43 47.88 18.43
CA SER E 38 -108.18 48.96 17.77
C SER E 38 -108.71 48.41 16.46
N SER E 39 -110.03 48.26 16.36
CA SER E 39 -110.62 47.75 15.14
C SER E 39 -110.62 48.78 14.02
N ARG E 40 -110.31 50.04 14.32
CA ARG E 40 -110.34 51.09 13.31
C ARG E 40 -109.12 51.02 12.39
N ASP E 41 -107.95 50.64 12.92
CA ASP E 41 -106.78 50.52 12.07
C ASP E 41 -106.94 49.42 11.04
N ARG E 42 -107.55 48.30 11.44
CA ARG E 42 -107.88 47.25 10.48
C ARG E 42 -109.00 47.66 9.53
N ASN E 43 -109.72 48.73 9.84
CA ASN E 43 -110.80 49.26 8.99
C ASN E 43 -111.86 48.21 8.69
N LYS E 44 -112.19 47.40 9.71
CA LYS E 44 -113.26 46.43 9.59
C LYS E 44 -113.91 46.23 10.96
N PRO E 45 -115.23 46.16 11.02
CA PRO E 45 -115.89 45.91 12.31
C PRO E 45 -115.76 44.47 12.74
N PHE E 46 -115.56 44.27 14.04
CA PHE E 46 -115.45 42.93 14.59
C PHE E 46 -116.83 42.27 14.66
N LYS E 47 -116.93 41.06 14.12
CA LYS E 47 -118.17 40.31 14.08
C LYS E 47 -118.15 39.24 15.16
N PHE E 48 -119.24 39.12 15.90
CA PHE E 48 -119.31 38.09 16.93
C PHE E 48 -120.76 37.70 17.22
N ARG E 49 -120.93 36.44 17.59
CA ARG E 49 -122.22 35.91 18.03
C ARG E 49 -122.35 36.01 19.54
N ILE E 50 -123.56 35.76 20.04
CA ILE E 50 -123.83 35.68 21.47
C ILE E 50 -124.36 34.28 21.78
N GLY E 51 -123.79 33.66 22.81
CA GLY E 51 -124.16 32.32 23.21
C GLY E 51 -123.17 31.24 22.79
N LYS E 52 -122.30 31.54 21.82
CA LYS E 52 -121.26 30.60 21.41
C LYS E 52 -120.02 30.68 22.29
N GLN E 53 -119.91 31.71 23.14
CA GLN E 53 -118.78 31.89 24.05
C GLN E 53 -117.44 31.93 23.30
N GLU E 54 -117.45 32.46 22.08
CA GLU E 54 -116.19 32.64 21.36
C GLU E 54 -115.40 33.81 21.91
N VAL E 55 -116.08 34.86 22.39
CA VAL E 55 -115.43 35.99 23.01
C VAL E 55 -115.48 35.79 24.51
N ILE E 56 -114.62 36.51 25.24
CA ILE E 56 -114.59 36.39 26.68
C ILE E 56 -115.95 36.77 27.28
N LYS E 57 -116.25 36.20 28.44
CA LYS E 57 -117.59 36.37 29.03
C LYS E 57 -117.86 37.83 29.39
N GLY E 58 -116.83 38.55 29.86
CA GLY E 58 -117.03 39.95 30.21
C GLY E 58 -117.40 40.79 29.01
N PHE E 59 -116.72 40.58 27.88
CA PHE E 59 -117.05 41.31 26.66
C PHE E 59 -118.47 41.00 26.19
N GLU E 60 -118.87 39.73 26.27
CA GLU E 60 -120.22 39.36 25.84
C GLU E 60 -121.28 40.00 26.72
N GLU E 61 -121.09 39.96 28.05
CA GLU E 61 -122.05 40.60 28.94
C GLU E 61 -122.11 42.10 28.72
N GLY E 62 -120.94 42.74 28.56
CA GLY E 62 -120.93 44.17 28.31
C GLY E 62 -121.63 44.55 27.02
N ALA E 63 -121.38 43.79 25.94
CA ALA E 63 -122.04 44.08 24.67
C ALA E 63 -123.53 43.85 24.75
N ALA E 64 -123.96 42.79 25.45
CA ALA E 64 -125.39 42.52 25.57
C ALA E 64 -126.10 43.49 26.49
N GLN E 65 -125.36 44.17 27.38
CA GLN E 65 -126.01 45.09 28.32
C GLN E 65 -126.44 46.38 27.62
N MET E 66 -125.65 46.88 26.68
CA MET E 66 -125.94 48.14 26.03
C MET E 66 -126.92 47.95 24.88
N SER E 67 -127.26 49.05 24.22
CA SER E 67 -128.26 49.07 23.14
C SER E 67 -127.60 49.43 21.82
N LEU E 68 -128.44 49.55 20.79
CA LEU E 68 -127.96 49.86 19.44
C LEU E 68 -127.53 51.32 19.35
N GLY E 69 -126.46 51.55 18.59
CA GLY E 69 -126.00 52.91 18.34
C GLY E 69 -125.42 53.62 19.55
N GLN E 70 -125.09 52.88 20.60
CA GLN E 70 -124.58 53.46 21.84
C GLN E 70 -123.09 53.21 21.95
N ARG E 71 -122.37 54.24 22.39
CA ARG E 71 -120.94 54.14 22.68
C ARG E 71 -120.76 54.01 24.18
N ALA E 72 -120.06 52.95 24.62
CA ALA E 72 -119.92 52.67 26.03
C ALA E 72 -118.50 52.24 26.34
N LYS E 73 -117.99 52.70 27.46
CA LYS E 73 -116.71 52.25 28.00
C LYS E 73 -116.98 51.12 28.99
N LEU E 74 -116.33 49.97 28.75
CA LEU E 74 -116.51 48.78 29.56
C LEU E 74 -115.19 48.46 30.26
N THR E 75 -115.25 48.38 31.58
CA THR E 75 -114.12 47.97 32.40
C THR E 75 -114.34 46.51 32.78
N CYS E 76 -113.43 45.64 32.34
CA CYS E 76 -113.51 44.21 32.58
C CYS E 76 -112.37 43.79 33.50
N THR E 77 -112.71 43.18 34.62
CA THR E 77 -111.73 42.70 35.56
C THR E 77 -111.05 41.44 35.01
N PRO E 78 -109.85 41.11 35.50
CA PRO E 78 -109.19 39.88 35.03
C PRO E 78 -109.96 38.61 35.33
N ASP E 79 -110.88 38.64 36.31
CA ASP E 79 -111.67 37.45 36.60
C ASP E 79 -112.54 37.05 35.42
N VAL E 80 -113.16 38.04 34.76
CA VAL E 80 -114.01 37.77 33.61
C VAL E 80 -113.20 37.92 32.33
N ALA E 81 -111.89 38.09 32.48
CA ALA E 81 -110.96 38.23 31.37
C ALA E 81 -109.96 37.08 31.43
N TYR E 82 -108.92 37.17 30.58
CA TYR E 82 -107.89 36.14 30.55
C TYR E 82 -107.20 36.02 31.90
N GLY E 83 -106.87 37.15 32.52
CA GLY E 83 -106.27 37.16 33.84
C GLY E 83 -104.89 36.54 33.88
N ALA E 84 -104.76 35.41 34.59
CA ALA E 84 -103.46 34.78 34.75
C ALA E 84 -102.89 34.33 33.41
N THR E 85 -103.72 33.76 32.54
CA THR E 85 -103.25 33.32 31.24
C THR E 85 -102.80 34.51 30.39
N GLY E 86 -103.63 35.53 30.28
CA GLY E 86 -103.29 36.70 29.49
C GLY E 86 -102.99 36.36 28.05
N HIS E 87 -101.94 36.97 27.52
CA HIS E 87 -101.46 36.70 26.17
C HIS E 87 -99.96 36.94 26.12
N PRO E 88 -99.17 35.96 25.69
CA PRO E 88 -97.72 36.14 25.61
C PRO E 88 -97.36 37.26 24.64
N GLY E 89 -96.68 38.28 25.15
CA GLY E 89 -96.29 39.42 24.35
C GLY E 89 -97.36 40.46 24.15
N VAL E 90 -98.55 40.29 24.73
CA VAL E 90 -99.64 41.24 24.52
C VAL E 90 -100.17 41.75 25.85
N ILE E 91 -100.58 40.85 26.72
CA ILE E 91 -101.29 41.19 27.95
C ILE E 91 -100.51 40.63 29.13
N PRO E 92 -100.26 41.41 30.17
CA PRO E 92 -99.59 40.88 31.38
C PRO E 92 -100.47 39.88 32.10
N PRO E 93 -99.90 39.02 32.95
CA PRO E 93 -100.71 37.99 33.61
C PRO E 93 -101.60 38.53 34.72
N ASN E 94 -101.66 39.86 34.86
CA ASN E 94 -102.57 40.48 35.83
C ASN E 94 -102.85 41.90 35.35
N ALA E 95 -104.01 42.10 34.75
CA ALA E 95 -104.37 43.42 34.23
C ALA E 95 -105.88 43.52 34.11
N THR E 96 -106.38 44.75 34.27
CA THR E 96 -107.79 45.06 34.07
C THR E 96 -107.95 45.79 32.76
N LEU E 97 -108.85 45.30 31.90
CA LEU E 97 -108.97 45.81 30.54
C LEU E 97 -110.05 46.88 30.45
N ILE E 98 -109.80 47.89 29.63
CA ILE E 98 -110.78 48.94 29.35
C ILE E 98 -111.01 48.97 27.85
N PHE E 99 -112.26 48.73 27.43
CA PHE E 99 -112.62 48.66 26.03
C PHE E 99 -113.75 49.64 25.75
N ASP E 100 -113.54 50.54 24.79
CA ASP E 100 -114.63 51.38 24.31
C ASP E 100 -115.27 50.71 23.10
N VAL E 101 -116.59 50.57 23.14
CA VAL E 101 -117.34 49.79 22.17
C VAL E 101 -118.50 50.62 21.64
N GLU E 102 -118.64 50.68 20.32
CA GLU E 102 -119.77 51.34 19.66
C GLU E 102 -120.54 50.27 18.89
N LEU E 103 -121.61 49.76 19.49
CA LEU E 103 -122.42 48.73 18.86
C LEU E 103 -123.29 49.36 17.78
N LEU E 104 -123.28 48.77 16.59
CA LEU E 104 -124.06 49.29 15.47
C LEU E 104 -124.43 48.14 14.54
N ASN E 105 -125.44 48.39 13.72
CA ASN E 105 -125.89 47.46 12.68
C ASN E 105 -126.20 46.08 13.26
N LEU E 106 -127.16 46.05 14.19
CA LEU E 106 -127.59 44.80 14.78
C LEU E 106 -128.31 43.94 13.76
N GLU E 107 -128.02 42.65 13.77
CA GLU E 107 -128.63 41.71 12.83
C GLU E 107 -129.05 40.43 13.53
N GLY F 1 -49.64 -118.71 17.48
CA GLY F 1 -49.99 -119.68 16.46
C GLY F 1 -50.64 -119.06 15.24
N VAL F 2 -50.93 -119.88 14.24
CA VAL F 2 -51.55 -119.45 13.00
C VAL F 2 -52.87 -120.18 12.85
N GLU F 3 -53.94 -119.42 12.63
CA GLU F 3 -55.28 -119.97 12.48
C GLU F 3 -55.65 -120.05 11.00
N ILE F 4 -56.21 -121.18 10.59
CA ILE F 4 -56.54 -121.44 9.20
C ILE F 4 -58.04 -121.71 9.10
N GLU F 5 -58.71 -121.01 8.19
CA GLU F 5 -60.12 -121.23 7.92
C GLU F 5 -60.34 -121.38 6.42
N THR F 6 -61.01 -122.44 6.01
CA THR F 6 -61.25 -122.69 4.60
C THR F 6 -62.31 -121.73 4.05
N ILE F 7 -62.19 -121.42 2.76
CA ILE F 7 -63.16 -120.58 2.05
C ILE F 7 -63.82 -121.33 0.90
N SER F 8 -63.03 -122.03 0.10
CA SER F 8 -63.53 -122.84 -1.00
C SER F 8 -62.87 -124.21 -0.96
N PRO F 9 -63.57 -125.25 -1.44
CA PRO F 9 -62.97 -126.59 -1.45
C PRO F 9 -61.75 -126.65 -2.36
N GLY F 10 -60.79 -127.49 -1.97
CA GLY F 10 -59.57 -127.69 -2.72
C GLY F 10 -59.45 -129.10 -3.25
N ASP F 11 -58.33 -129.33 -3.94
CA ASP F 11 -58.08 -130.66 -4.50
C ASP F 11 -57.91 -131.70 -3.40
N GLY F 12 -57.16 -131.36 -2.35
CA GLY F 12 -56.98 -132.24 -1.22
C GLY F 12 -55.89 -133.27 -1.44
N ARG F 13 -55.37 -133.78 -0.32
CA ARG F 13 -54.36 -134.85 -0.30
C ARG F 13 -53.09 -134.46 -1.05
N THR F 14 -52.80 -133.16 -1.13
CA THR F 14 -51.58 -132.67 -1.78
C THR F 14 -51.04 -131.53 -0.92
N PHE F 15 -50.16 -131.87 0.02
CA PHE F 15 -49.54 -130.89 0.90
C PHE F 15 -48.06 -130.80 0.57
N PRO F 16 -47.54 -129.61 0.24
CA PRO F 16 -46.13 -129.51 -0.14
C PRO F 16 -45.22 -129.78 1.05
N LYS F 17 -44.26 -130.69 0.84
CA LYS F 17 -43.26 -131.00 1.86
C LYS F 17 -42.09 -130.03 1.71
N LYS F 18 -41.03 -130.26 2.49
CA LYS F 18 -39.86 -129.40 2.45
C LYS F 18 -39.05 -129.67 1.18
N GLY F 19 -38.79 -128.62 0.41
CA GLY F 19 -37.95 -128.72 -0.76
C GLY F 19 -38.62 -128.43 -2.09
N GLN F 20 -39.91 -128.07 -2.13
CA GLN F 20 -40.58 -127.76 -3.38
C GLN F 20 -40.79 -126.27 -3.52
N THR F 21 -41.06 -125.84 -4.75
CA THR F 21 -41.48 -124.48 -5.02
C THR F 21 -43.00 -124.40 -5.04
N CYS F 22 -43.53 -123.27 -4.60
CA CYS F 22 -44.97 -123.06 -4.59
C CYS F 22 -45.29 -121.65 -5.06
N VAL F 23 -46.30 -121.54 -5.91
CA VAL F 23 -46.82 -120.26 -6.36
C VAL F 23 -48.17 -120.03 -5.70
N VAL F 24 -48.37 -118.84 -5.17
CA VAL F 24 -49.60 -118.50 -4.47
C VAL F 24 -50.11 -117.15 -4.95
N HIS F 25 -51.42 -116.96 -4.79
CA HIS F 25 -52.07 -115.68 -5.03
C HIS F 25 -52.73 -115.25 -3.72
N TYR F 26 -52.18 -114.22 -3.10
CA TYR F 26 -52.52 -113.87 -1.73
C TYR F 26 -52.90 -112.41 -1.62
N THR F 27 -53.67 -112.09 -0.56
CA THR F 27 -53.99 -110.72 -0.21
C THR F 27 -53.90 -110.59 1.30
N GLY F 28 -53.07 -109.68 1.77
CA GLY F 28 -52.79 -109.53 3.19
C GLY F 28 -53.14 -108.15 3.71
N MET F 29 -53.74 -108.11 4.90
CA MET F 29 -54.24 -106.88 5.49
C MET F 29 -54.05 -106.90 7.00
N LEU F 30 -54.17 -105.71 7.59
CA LEU F 30 -54.09 -105.53 9.03
C LEU F 30 -55.29 -106.19 9.72
N GLN F 31 -55.28 -106.13 11.06
CA GLN F 31 -56.41 -106.60 11.84
C GLN F 31 -57.66 -105.76 11.58
N ASN F 32 -57.49 -104.47 11.32
CA ASN F 32 -58.59 -103.56 11.08
C ASN F 32 -58.98 -103.47 9.61
N GLY F 33 -58.66 -104.49 8.82
CA GLY F 33 -59.03 -104.51 7.41
C GLY F 33 -58.37 -103.46 6.56
N LYS F 34 -57.07 -103.26 6.72
CA LYS F 34 -56.30 -102.31 5.91
C LYS F 34 -55.41 -103.11 4.97
N LYS F 35 -55.80 -103.15 3.69
CA LYS F 35 -55.07 -103.94 2.71
C LYS F 35 -53.69 -103.36 2.44
N PHE F 36 -52.67 -104.21 2.51
CA PHE F 36 -51.31 -103.76 2.19
C PHE F 36 -50.50 -104.73 1.33
N ASP F 37 -50.95 -105.98 1.13
CA ASP F 37 -50.41 -106.81 0.06
C ASP F 37 -51.55 -107.33 -0.81
N SER F 38 -51.29 -107.40 -2.12
CA SER F 38 -52.21 -108.05 -3.06
C SER F 38 -51.37 -108.48 -4.26
N SER F 39 -51.21 -109.79 -4.44
CA SER F 39 -50.45 -110.28 -5.58
C SER F 39 -51.21 -110.15 -6.89
N ARG F 40 -52.51 -109.83 -6.84
CA ARG F 40 -53.29 -109.74 -8.06
C ARG F 40 -53.01 -108.45 -8.83
N ASP F 41 -52.75 -107.35 -8.12
CA ASP F 41 -52.44 -106.10 -8.80
C ASP F 41 -51.13 -106.20 -9.58
N ARG F 42 -50.14 -106.88 -9.01
CA ARG F 42 -48.90 -107.15 -9.72
C ARG F 42 -49.10 -108.16 -10.85
N ASN F 43 -50.21 -108.90 -10.85
CA ASN F 43 -50.55 -109.86 -11.89
C ASN F 43 -49.47 -110.92 -12.04
N LYS F 44 -48.91 -111.37 -10.91
CA LYS F 44 -47.95 -112.45 -10.91
C LYS F 44 -48.06 -113.22 -9.60
N PRO F 45 -48.02 -114.55 -9.65
CA PRO F 45 -48.07 -115.33 -8.40
C PRO F 45 -46.75 -115.27 -7.65
N PHE F 46 -46.85 -115.20 -6.33
CA PHE F 46 -45.66 -115.17 -5.49
C PHE F 46 -45.06 -116.57 -5.40
N LYS F 47 -43.75 -116.65 -5.67
CA LYS F 47 -43.03 -117.92 -5.65
C LYS F 47 -42.23 -118.02 -4.36
N PHE F 48 -42.27 -119.18 -3.72
CA PHE F 48 -41.51 -119.37 -2.49
C PHE F 48 -41.21 -120.84 -2.27
N ARG F 49 -40.06 -121.10 -1.64
CA ARG F 49 -39.66 -122.43 -1.22
C ARG F 49 -40.09 -122.68 0.22
N ILE F 50 -39.96 -123.95 0.64
CA ILE F 50 -40.21 -124.35 2.02
C ILE F 50 -38.92 -124.94 2.58
N GLY F 51 -38.55 -124.48 3.77
CA GLY F 51 -37.33 -124.92 4.43
C GLY F 51 -36.18 -123.92 4.35
N LYS F 52 -36.25 -122.96 3.43
CA LYS F 52 -35.23 -121.93 3.34
C LYS F 52 -35.49 -120.76 4.29
N GLN F 53 -36.68 -120.69 4.88
CA GLN F 53 -37.05 -119.65 5.84
C GLN F 53 -36.92 -118.25 5.23
N GLU F 54 -37.16 -118.13 3.93
CA GLU F 54 -37.18 -116.81 3.30
C GLU F 54 -38.43 -116.03 3.66
N VAL F 55 -39.55 -116.73 3.82
CA VAL F 55 -40.80 -116.11 4.23
C VAL F 55 -40.93 -116.29 5.74
N ILE F 56 -41.80 -115.48 6.35
CA ILE F 56 -42.01 -115.58 7.79
C ILE F 56 -42.52 -116.98 8.14
N LYS F 57 -42.22 -117.40 9.38
CA LYS F 57 -42.54 -118.78 9.78
C LYS F 57 -44.04 -119.04 9.78
N GLY F 58 -44.84 -118.04 10.18
CA GLY F 58 -46.28 -118.23 10.18
C GLY F 58 -46.84 -118.46 8.80
N PHE F 59 -46.37 -117.69 7.82
CA PHE F 59 -46.81 -117.89 6.44
C PHE F 59 -46.41 -119.28 5.93
N GLU F 60 -45.20 -119.72 6.24
CA GLU F 60 -44.74 -121.03 5.79
C GLU F 60 -45.58 -122.14 6.40
N GLU F 61 -45.84 -122.07 7.71
CA GLU F 61 -46.67 -123.09 8.35
C GLU F 61 -48.08 -123.08 7.79
N GLY F 62 -48.66 -121.90 7.60
CA GLY F 62 -50.00 -121.83 7.04
C GLY F 62 -50.08 -122.40 5.64
N ALA F 63 -49.11 -122.06 4.79
CA ALA F 63 -49.10 -122.60 3.42
C ALA F 63 -48.91 -124.11 3.42
N ALA F 64 -48.04 -124.63 4.29
CA ALA F 64 -47.81 -126.06 4.34
C ALA F 64 -48.97 -126.82 4.95
N GLN F 65 -49.82 -126.15 5.73
CA GLN F 65 -50.94 -126.84 6.37
C GLN F 65 -52.04 -127.19 5.37
N MET F 66 -52.30 -126.30 4.42
CA MET F 66 -53.40 -126.50 3.47
C MET F 66 -52.96 -127.38 2.31
N SER F 67 -53.88 -127.62 1.38
CA SER F 67 -53.67 -128.51 0.26
C SER F 67 -53.73 -127.73 -1.05
N LEU F 68 -53.61 -128.47 -2.15
CA LEU F 68 -53.61 -127.87 -3.48
C LEU F 68 -55.00 -127.39 -3.86
N GLY F 69 -55.06 -126.25 -4.55
CA GLY F 69 -56.32 -125.73 -5.05
C GLY F 69 -57.28 -125.24 -3.98
N GLN F 70 -56.79 -125.03 -2.77
CA GLN F 70 -57.62 -124.62 -1.64
C GLN F 70 -57.41 -123.14 -1.33
N ARG F 71 -58.50 -122.43 -1.08
CA ARG F 71 -58.45 -121.05 -0.64
C ARG F 71 -58.66 -121.00 0.87
N ALA F 72 -57.72 -120.38 1.58
CA ALA F 72 -57.77 -120.37 3.03
C ALA F 72 -57.39 -119.00 3.57
N LYS F 73 -58.10 -118.57 4.60
CA LYS F 73 -57.77 -117.37 5.34
C LYS F 73 -56.88 -117.74 6.52
N LEU F 74 -55.71 -117.11 6.60
CA LEU F 74 -54.72 -117.40 7.63
C LEU F 74 -54.57 -116.17 8.51
N THR F 75 -54.79 -116.34 9.81
CA THR F 75 -54.56 -115.30 10.80
C THR F 75 -53.23 -115.59 11.48
N CYS F 76 -52.28 -114.67 11.33
CA CYS F 76 -50.93 -114.81 11.87
C CYS F 76 -50.72 -113.77 12.95
N THR F 77 -50.38 -114.23 14.16
CA THR F 77 -50.11 -113.34 15.26
C THR F 77 -48.76 -112.66 15.07
N PRO F 78 -48.54 -111.52 15.73
CA PRO F 78 -47.23 -110.84 15.62
C PRO F 78 -46.07 -111.68 16.12
N ASP F 79 -46.32 -112.67 16.97
CA ASP F 79 -45.23 -113.53 17.45
C ASP F 79 -44.59 -114.30 16.31
N VAL F 80 -45.40 -114.84 15.39
CA VAL F 80 -44.90 -115.59 14.25
C VAL F 80 -44.75 -114.66 13.06
N ALA F 81 -44.94 -113.37 13.29
CA ALA F 81 -44.81 -112.34 12.27
C ALA F 81 -43.70 -111.37 12.66
N TYR F 82 -43.59 -110.26 11.92
CA TYR F 82 -42.56 -109.27 12.22
C TYR F 82 -42.75 -108.70 13.62
N GLY F 83 -43.99 -108.40 14.00
CA GLY F 83 -44.29 -107.92 15.33
C GLY F 83 -43.69 -106.56 15.65
N ALA F 84 -42.74 -106.53 16.59
CA ALA F 84 -42.14 -105.26 17.01
C ALA F 84 -41.40 -104.59 15.87
N THR F 85 -40.67 -105.36 15.07
CA THR F 85 -39.95 -104.78 13.94
C THR F 85 -40.91 -104.22 12.91
N GLY F 86 -41.88 -105.02 12.49
CA GLY F 86 -42.85 -104.58 11.49
C GLY F 86 -42.18 -104.16 10.21
N HIS F 87 -42.65 -103.05 9.65
CA HIS F 87 -42.08 -102.45 8.45
C HIS F 87 -42.29 -100.95 8.49
N PRO F 88 -41.24 -100.16 8.36
CA PRO F 88 -41.38 -98.70 8.37
C PRO F 88 -42.26 -98.23 7.21
N GLY F 89 -43.36 -97.57 7.54
CA GLY F 89 -44.29 -97.08 6.55
C GLY F 89 -45.27 -98.08 6.02
N VAL F 90 -45.24 -99.32 6.51
CA VAL F 90 -46.12 -100.37 6.00
C VAL F 90 -46.93 -101.00 7.12
N ILE F 91 -46.25 -101.51 8.15
CA ILE F 91 -46.86 -102.32 9.19
C ILE F 91 -46.57 -101.66 10.52
N PRO F 92 -47.56 -101.49 11.40
CA PRO F 92 -47.31 -100.94 12.74
C PRO F 92 -46.51 -101.91 13.58
N PRO F 93 -45.86 -101.44 14.65
CA PRO F 93 -45.00 -102.34 15.44
C PRO F 93 -45.79 -103.31 16.31
N ASN F 94 -47.11 -103.34 16.16
CA ASN F 94 -47.94 -104.32 16.88
C ASN F 94 -49.22 -104.50 16.07
N ALA F 95 -49.29 -105.61 15.33
CA ALA F 95 -50.46 -105.88 14.49
C ALA F 95 -50.55 -107.37 14.22
N THR F 96 -51.78 -107.84 14.06
CA THR F 96 -52.05 -109.23 13.67
C THR F 96 -52.48 -109.25 12.20
N LEU F 97 -51.81 -110.08 11.41
CA LEU F 97 -52.00 -110.07 9.96
C LEU F 97 -53.04 -111.10 9.54
N ILE F 98 -53.83 -110.75 8.53
CA ILE F 98 -54.80 -111.68 7.94
C ILE F 98 -54.49 -111.77 6.45
N PHE F 99 -54.18 -112.97 5.99
CA PHE F 99 -53.80 -113.21 4.60
C PHE F 99 -54.70 -114.28 4.01
N ASP F 100 -55.36 -113.98 2.89
CA ASP F 100 -56.08 -114.99 2.14
C ASP F 100 -55.16 -115.54 1.06
N VAL F 101 -55.04 -116.86 1.01
CA VAL F 101 -54.06 -117.54 0.16
C VAL F 101 -54.77 -118.63 -0.63
N GLU F 102 -54.53 -118.65 -1.95
CA GLU F 102 -55.03 -119.68 -2.84
C GLU F 102 -53.83 -120.42 -3.42
N LEU F 103 -53.47 -121.54 -2.82
CA LEU F 103 -52.34 -122.33 -3.29
C LEU F 103 -52.72 -123.08 -4.55
N LEU F 104 -51.87 -122.99 -5.57
CA LEU F 104 -52.13 -123.65 -6.84
C LEU F 104 -50.81 -123.97 -7.52
N ASN F 105 -50.87 -124.90 -8.49
CA ASN F 105 -49.74 -125.27 -9.32
C ASN F 105 -48.53 -125.67 -8.47
N LEU F 106 -48.72 -126.70 -7.66
CA LEU F 106 -47.63 -127.23 -6.85
C LEU F 106 -46.58 -127.88 -7.72
N GLU F 107 -45.31 -127.62 -7.39
CA GLU F 107 -44.20 -128.18 -8.15
C GLU F 107 -43.11 -128.70 -7.23
N GLY G 1 44.16 106.47 59.80
CA GLY G 1 44.64 107.69 59.18
C GLY G 1 45.46 107.46 57.93
N VAL G 2 45.86 108.55 57.28
CA VAL G 2 46.65 108.50 56.06
C VAL G 2 47.98 109.21 56.32
N GLU G 3 49.08 108.53 56.03
CA GLU G 3 50.42 109.07 56.24
C GLU G 3 50.98 109.59 54.93
N ILE G 4 51.57 110.78 54.96
CA ILE G 4 52.09 111.45 53.77
C ILE G 4 53.57 111.71 53.97
N GLU G 5 54.38 111.31 52.98
CA GLU G 5 55.82 111.57 52.99
C GLU G 5 56.22 112.16 51.65
N THR G 6 56.92 113.29 51.70
CA THR G 6 57.35 113.95 50.47
C THR G 6 58.48 113.19 49.80
N ILE G 7 58.56 113.29 48.48
CA ILE G 7 59.62 112.69 47.69
C ILE G 7 60.41 113.74 46.92
N SER G 8 59.73 114.67 46.27
CA SER G 8 60.35 115.77 45.56
C SER G 8 59.68 117.08 45.92
N PRO G 9 60.40 118.20 45.88
CA PRO G 9 59.79 119.49 46.21
C PRO G 9 58.70 119.86 45.20
N GLY G 10 57.68 120.55 45.70
CA GLY G 10 56.57 120.99 44.89
C GLY G 10 56.49 122.51 44.81
N ASP G 11 55.48 122.97 44.08
CA ASP G 11 55.27 124.41 43.93
C ASP G 11 54.93 125.06 45.26
N GLY G 12 54.05 124.43 46.04
CA GLY G 12 53.71 124.92 47.36
C GLY G 12 52.64 125.99 47.32
N ARG G 13 51.95 126.14 48.46
CA ARG G 13 50.94 127.18 48.66
C ARG G 13 49.79 127.07 47.66
N THR G 14 49.53 125.86 47.15
CA THR G 14 48.42 125.63 46.23
C THR G 14 47.80 124.29 46.61
N PHE G 15 46.79 124.34 47.48
CA PHE G 15 46.08 123.15 47.92
C PHE G 15 44.65 123.19 47.38
N PRO G 16 44.21 122.19 46.63
CA PRO G 16 42.87 122.24 46.06
C PRO G 16 41.79 122.15 47.14
N LYS G 17 40.86 123.10 47.09
CA LYS G 17 39.73 123.10 48.01
C LYS G 17 38.60 122.26 47.41
N LYS G 18 37.44 122.26 48.07
CA LYS G 18 36.32 121.48 47.60
C LYS G 18 35.67 122.13 46.39
N GLY G 19 35.54 121.38 45.30
CA GLY G 19 34.87 121.86 44.11
C GLY G 19 35.73 121.98 42.87
N GLN G 20 37.00 121.62 42.89
CA GLN G 20 37.85 121.70 41.72
C GLN G 20 38.11 120.31 41.15
N THR G 21 38.54 120.28 39.90
CA THR G 21 39.03 119.06 39.27
C THR G 21 40.54 118.96 39.44
N CYS G 22 41.03 117.73 39.59
CA CYS G 22 42.45 117.51 39.73
C CYS G 22 42.86 116.30 38.89
N VAL G 23 43.98 116.42 38.19
CA VAL G 23 44.58 115.34 37.43
C VAL G 23 45.84 114.89 38.17
N VAL G 24 45.99 113.58 38.33
CA VAL G 24 47.12 113.01 39.06
C VAL G 24 47.73 111.88 38.27
N HIS G 25 49.00 111.61 38.53
CA HIS G 25 49.71 110.45 37.99
C HIS G 25 50.20 109.64 39.18
N TYR G 26 49.59 108.47 39.38
CA TYR G 26 49.74 107.72 40.61
C TYR G 26 50.13 106.27 40.32
N THR G 27 50.76 105.64 41.31
CA THR G 27 51.06 104.22 41.27
C THR G 27 50.76 103.63 42.65
N GLY G 28 49.90 102.62 42.68
CA GLY G 28 49.42 102.06 43.94
C GLY G 28 49.73 100.58 44.05
N MET G 29 50.17 100.17 45.24
CA MET G 29 50.61 98.80 45.48
C MET G 29 50.21 98.35 46.89
N LEU G 30 50.28 97.04 47.09
CA LEU G 30 50.01 96.43 48.38
C LEU G 30 51.08 96.81 49.39
N GLN G 31 50.89 96.35 50.64
CA GLN G 31 51.90 96.53 51.67
C GLN G 31 53.18 95.78 51.35
N ASN G 32 53.08 94.64 50.67
CA ASN G 32 54.23 93.83 50.32
C ASN G 32 54.81 94.19 48.96
N GLY G 33 54.58 95.40 48.48
CA GLY G 33 55.14 95.85 47.21
C GLY G 33 54.62 95.12 46.00
N LYS G 34 53.31 94.92 45.91
CA LYS G 34 52.68 94.28 44.76
C LYS G 34 51.91 95.35 43.99
N LYS G 35 52.46 95.77 42.86
CA LYS G 35 51.87 96.85 42.08
C LYS G 35 50.55 96.40 41.45
N PHE G 36 49.51 97.21 41.64
CA PHE G 36 48.22 96.92 41.02
C PHE G 36 47.51 98.12 40.40
N ASP G 37 47.96 99.36 40.65
CA ASP G 37 47.56 100.49 39.82
C ASP G 37 48.78 101.23 39.32
N SER G 38 48.70 101.70 38.08
CA SER G 38 49.73 102.59 37.53
C SER G 38 49.06 103.39 36.41
N SER G 39 48.90 104.69 36.62
CA SER G 39 48.29 105.53 35.59
C SER G 39 49.22 105.79 34.42
N ARG G 40 50.50 105.45 34.54
CA ARG G 40 51.46 105.71 33.47
C ARG G 40 51.30 104.73 32.32
N ASP G 41 50.97 103.47 32.61
CA ASP G 41 50.78 102.50 31.54
C ASP G 41 49.59 102.87 30.67
N ARG G 42 48.51 103.36 31.28
CA ARG G 42 47.38 103.86 30.52
C ARG G 42 47.70 105.17 29.80
N ASN G 43 48.80 105.83 30.18
CA ASN G 43 49.25 107.07 29.53
C ASN G 43 48.18 108.16 29.58
N LYS G 44 47.46 108.24 30.70
CA LYS G 44 46.49 109.29 30.91
C LYS G 44 46.40 109.62 32.38
N PRO G 45 46.35 110.90 32.76
CA PRO G 45 46.21 111.25 34.17
C PRO G 45 44.80 111.00 34.68
N PHE G 46 44.72 110.51 35.92
CA PHE G 46 43.43 110.26 36.55
C PHE G 46 42.79 111.57 36.97
N LYS G 47 41.54 111.77 36.57
CA LYS G 47 40.78 112.97 36.87
C LYS G 47 39.81 112.70 38.02
N PHE G 48 39.75 113.60 38.99
CA PHE G 48 38.83 113.42 40.09
C PHE G 48 38.46 114.76 40.71
N ARG G 49 37.23 114.84 41.23
CA ARG G 49 36.75 115.98 41.98
C ARG G 49 36.98 115.77 43.48
N ILE G 50 36.77 116.84 44.24
CA ILE G 50 36.81 116.79 45.70
C ILE G 50 35.46 117.20 46.24
N GLY G 51 34.92 116.42 47.17
CA GLY G 51 33.63 116.66 47.75
C GLY G 51 32.52 115.77 47.21
N LYS G 52 32.73 115.14 46.06
CA LYS G 52 31.76 114.20 45.52
C LYS G 52 31.92 112.79 46.09
N GLN G 53 33.01 112.52 46.79
CA GLN G 53 33.26 111.22 47.41
C GLN G 53 33.25 110.09 46.39
N GLU G 54 33.67 110.36 45.16
CA GLU G 54 33.79 109.31 44.16
C GLU G 54 35.01 108.42 44.44
N VAL G 55 36.08 109.01 44.95
CA VAL G 55 37.27 108.26 45.32
C VAL G 55 37.19 107.97 46.81
N ILE G 56 37.99 107.00 47.26
CA ILE G 56 37.99 106.64 48.67
C ILE G 56 38.43 107.84 49.51
N LYS G 57 37.96 107.88 50.76
CA LYS G 57 38.18 109.05 51.60
C LYS G 57 39.66 109.27 51.88
N GLY G 58 40.42 108.18 52.06
CA GLY G 58 41.84 108.32 52.33
C GLY G 58 42.58 108.96 51.17
N PHE G 59 42.26 108.55 49.94
CA PHE G 59 42.89 109.15 48.77
C PHE G 59 42.54 110.63 48.65
N GLU G 60 41.28 110.98 48.92
CA GLU G 60 40.86 112.38 48.83
C GLU G 60 41.59 113.24 49.86
N GLU G 61 41.67 112.76 51.11
CA GLU G 61 42.37 113.51 52.14
C GLU G 61 43.86 113.64 51.81
N GLY G 62 44.47 112.56 51.34
CA GLY G 62 45.88 112.62 50.97
C GLY G 62 46.14 113.61 49.85
N ALA G 63 45.31 113.57 48.81
CA ALA G 63 45.47 114.50 47.69
C ALA G 63 45.25 115.94 48.12
N ALA G 64 44.26 116.18 48.98
CA ALA G 64 43.99 117.55 49.43
C ALA G 64 45.05 118.05 50.40
N GLN G 65 45.80 117.15 51.05
CA GLN G 65 46.80 117.60 52.02
C GLN G 65 48.02 118.20 51.33
N MET G 66 48.44 117.64 50.19
CA MET G 66 49.64 118.10 49.52
C MET G 66 49.34 119.29 48.63
N SER G 67 50.38 119.79 47.96
CA SER G 67 50.30 121.01 47.15
C SER G 67 50.55 120.66 45.68
N LEU G 68 50.57 121.71 44.86
CA LEU G 68 50.77 121.53 43.42
C LEU G 68 52.21 121.17 43.10
N GLY G 69 52.38 120.30 42.11
CA GLY G 69 53.71 119.93 41.65
C GLY G 69 54.52 119.12 42.64
N GLN G 70 53.87 118.54 43.65
CA GLN G 70 54.56 117.79 44.69
C GLN G 70 54.33 116.30 44.50
N ARG G 71 55.39 115.52 44.68
CA ARG G 71 55.31 114.07 44.64
C ARG G 71 55.31 113.56 46.08
N ALA G 72 54.30 112.77 46.44
CA ALA G 72 54.15 112.31 47.80
C ALA G 72 53.73 110.85 47.84
N LYS G 73 54.31 110.11 48.78
CA LYS G 73 53.90 108.74 49.06
C LYS G 73 52.85 108.76 50.16
N LEU G 74 51.70 108.15 49.89
CA LEU G 74 50.57 108.13 50.81
C LEU G 74 50.33 106.69 51.24
N THR G 75 50.37 106.46 52.55
CA THR G 75 50.02 105.17 53.12
C THR G 75 48.61 105.26 53.67
N CYS G 76 47.70 104.46 53.11
CA CYS G 76 46.29 104.46 53.48
C CYS G 76 45.96 103.13 54.16
N THR G 77 45.46 103.21 55.39
CA THR G 77 45.05 102.03 56.12
C THR G 77 43.75 101.47 55.55
N PRO G 78 43.47 100.18 55.79
CA PRO G 78 42.21 99.60 55.29
C PRO G 78 40.97 100.27 55.86
N ASP G 79 41.08 100.96 57.00
CA ASP G 79 39.92 101.64 57.58
C ASP G 79 39.42 102.74 56.65
N VAL G 80 40.34 103.52 56.07
CA VAL G 80 39.97 104.59 55.15
C VAL G 80 40.01 104.08 53.73
N ALA G 81 40.20 102.77 53.56
CA ALA G 81 40.23 102.11 52.27
C ALA G 81 39.09 101.10 52.19
N TYR G 82 39.11 100.29 51.14
CA TYR G 82 38.08 99.26 50.98
C TYR G 82 38.08 98.28 52.14
N GLY G 83 39.27 97.86 52.58
CA GLY G 83 39.39 96.97 53.72
C GLY G 83 38.78 95.60 53.52
N ALA G 84 37.71 95.30 54.26
CA ALA G 84 37.10 93.99 54.19
C ALA G 84 36.53 93.71 52.81
N THR G 85 35.89 94.71 52.19
CA THR G 85 35.34 94.52 50.85
C THR G 85 36.45 94.29 49.84
N GLY G 86 37.45 95.16 49.83
CA GLY G 86 38.55 95.02 48.89
C GLY G 86 38.07 95.04 47.45
N HIS G 87 38.65 94.14 46.65
CA HIS G 87 38.26 93.96 45.26
C HIS G 87 38.50 92.51 44.85
N PRO G 88 37.47 91.81 44.35
CA PRO G 88 37.65 90.41 43.93
C PRO G 88 38.68 90.30 42.81
N GLY G 89 39.74 89.55 43.08
CA GLY G 89 40.81 89.36 42.11
C GLY G 89 41.83 90.48 42.06
N VAL G 90 41.71 91.50 42.90
CA VAL G 90 42.62 92.64 42.85
C VAL G 90 43.26 92.86 44.22
N ILE G 91 42.44 93.05 45.24
CA ILE G 91 42.89 93.49 46.56
C ILE G 91 42.44 92.45 47.58
N PRO G 92 43.30 92.00 48.48
CA PRO G 92 42.88 91.07 49.53
C PRO G 92 41.95 91.75 50.52
N PRO G 93 41.17 90.99 51.29
CA PRO G 93 40.20 91.62 52.20
C PRO G 93 40.84 92.25 53.42
N ASN G 94 42.17 92.31 53.48
CA ASN G 94 42.86 92.99 54.56
C ASN G 94 44.25 93.40 54.04
N ALA G 95 44.39 94.68 53.68
CA ALA G 95 45.65 95.15 53.14
C ALA G 95 45.75 96.66 53.35
N THR G 96 46.98 97.14 53.51
CA THR G 96 47.28 98.56 53.61
C THR G 96 47.89 99.02 52.30
N LEU G 97 47.33 100.08 51.71
CA LEU G 97 47.71 100.50 50.38
C LEU G 97 48.77 101.59 50.43
N ILE G 98 49.71 101.55 49.49
CA ILE G 98 50.73 102.59 49.34
C ILE G 98 50.63 103.15 47.93
N PHE G 99 50.34 104.45 47.82
CA PHE G 99 50.15 105.11 46.54
C PHE G 99 51.11 106.29 46.43
N ASP G 100 51.91 106.32 45.38
CA ASP G 100 52.71 107.50 45.08
C ASP G 100 51.93 108.37 44.11
N VAL G 101 51.80 109.65 44.45
CA VAL G 101 50.94 110.58 43.73
C VAL G 101 51.72 111.84 43.41
N GLU G 102 51.66 112.27 42.15
CA GLU G 102 52.26 113.53 41.70
C GLU G 102 51.13 114.43 41.21
N LEU G 103 50.67 115.32 42.08
CA LEU G 103 49.59 116.24 41.73
C LEU G 103 50.13 117.35 40.82
N LEU G 104 49.43 117.58 39.71
CA LEU G 104 49.84 118.59 38.75
C LEU G 104 48.63 119.14 38.03
N ASN G 105 48.79 120.31 37.43
CA ASN G 105 47.78 120.96 36.60
C ASN G 105 46.45 121.10 37.35
N LEU G 106 46.52 121.83 38.46
CA LEU G 106 45.31 122.10 39.25
C LEU G 106 44.37 123.02 38.48
N GLU G 107 43.08 122.69 38.53
CA GLU G 107 42.07 123.49 37.84
C GLU G 107 40.85 123.72 38.72
N GLY H 1 111.48 -53.84 39.17
CA GLY H 1 112.65 -54.13 38.37
C GLY H 1 112.32 -54.66 36.99
N VAL H 2 113.35 -54.88 36.18
CA VAL H 2 113.20 -55.38 34.82
C VAL H 2 113.93 -56.71 34.71
N GLU H 3 113.23 -57.73 34.23
CA GLU H 3 113.81 -59.07 34.09
C GLU H 3 114.22 -59.31 32.65
N ILE H 4 115.41 -59.86 32.45
CA ILE H 4 115.97 -60.08 31.12
C ILE H 4 116.25 -61.56 30.96
N GLU H 5 115.77 -62.13 29.85
CA GLU H 5 116.04 -63.53 29.51
C GLU H 5 116.52 -63.62 28.07
N THR H 6 117.65 -64.28 27.87
CA THR H 6 118.20 -64.40 26.52
C THR H 6 117.39 -65.38 25.68
N ILE H 7 117.39 -65.15 24.37
CA ILE H 7 116.71 -66.03 23.41
C ILE H 7 117.70 -66.61 22.41
N SER H 8 118.58 -65.76 21.85
CA SER H 8 119.60 -66.19 20.92
C SER H 8 120.94 -65.57 21.32
N PRO H 9 122.04 -66.25 21.03
CA PRO H 9 123.36 -65.69 21.37
C PRO H 9 123.63 -64.40 20.61
N GLY H 10 124.36 -63.49 21.26
CA GLY H 10 124.73 -62.22 20.70
C GLY H 10 126.23 -62.09 20.50
N ASP H 11 126.62 -60.92 19.98
CA ASP H 11 128.05 -60.65 19.77
C ASP H 11 128.80 -60.60 21.09
N GLY H 12 128.24 -59.95 22.09
CA GLY H 12 128.84 -59.89 23.40
C GLY H 12 129.90 -58.81 23.52
N ARG H 13 130.15 -58.39 24.77
CA ARG H 13 131.19 -57.42 25.11
C ARG H 13 130.98 -56.08 24.41
N THR H 14 129.74 -55.75 24.07
CA THR H 14 129.42 -54.46 23.44
C THR H 14 128.11 -53.98 24.07
N PHE H 15 128.24 -53.19 25.13
CA PHE H 15 127.08 -52.62 25.83
C PHE H 15 127.08 -51.12 25.62
N PRO H 16 126.01 -50.54 25.08
CA PRO H 16 125.99 -49.10 24.81
C PRO H 16 126.00 -48.29 26.11
N LYS H 17 126.93 -47.35 26.20
CA LYS H 17 127.00 -46.45 27.34
C LYS H 17 126.11 -45.25 27.09
N LYS H 18 126.15 -44.27 27.99
CA LYS H 18 125.33 -43.08 27.86
C LYS H 18 125.88 -42.17 26.77
N GLY H 19 125.04 -41.82 25.81
CA GLY H 19 125.40 -40.88 24.76
C GLY H 19 125.42 -41.43 23.35
N GLN H 20 125.08 -42.69 23.12
CA GLN H 20 125.05 -43.25 21.78
C GLN H 20 123.61 -43.42 21.28
N THR H 21 123.49 -43.55 19.98
CA THR H 21 122.21 -43.92 19.36
C THR H 21 122.14 -45.43 19.19
N CYS H 22 120.93 -45.97 19.32
CA CYS H 22 120.72 -47.40 19.15
C CYS H 22 119.45 -47.63 18.35
N VAL H 23 119.53 -48.57 17.41
CA VAL H 23 118.38 -49.01 16.64
C VAL H 23 118.01 -50.41 17.10
N VAL H 24 116.72 -50.63 17.33
CA VAL H 24 116.22 -51.90 17.83
C VAL H 24 115.01 -52.34 17.02
N HIS H 25 114.79 -53.66 17.00
CA HIS H 25 113.59 -54.26 16.43
C HIS H 25 112.89 -55.01 17.55
N TYR H 26 111.73 -54.50 17.96
CA TYR H 26 111.09 -54.94 19.19
C TYR H 26 109.63 -55.28 18.94
N THR H 27 109.09 -56.14 19.82
CA THR H 27 107.67 -56.46 19.83
C THR H 27 107.20 -56.49 21.27
N GLY H 28 106.19 -55.69 21.59
CA GLY H 28 105.74 -55.52 22.96
C GLY H 28 104.28 -55.88 23.12
N MET H 29 103.97 -56.58 24.22
CA MET H 29 102.64 -57.10 24.46
C MET H 29 102.31 -57.05 25.95
N LEU H 30 101.02 -57.18 26.25
CA LEU H 30 100.52 -57.23 27.61
C LEU H 30 101.00 -58.49 28.32
N GLN H 31 100.65 -58.59 29.61
CA GLN H 31 100.93 -59.80 30.37
C GLN H 31 100.16 -61.00 29.83
N ASN H 32 98.96 -60.77 29.29
CA ASN H 32 98.12 -61.84 28.76
C ASN H 32 98.37 -62.10 27.28
N GLY H 33 99.54 -61.73 26.77
CA GLY H 33 99.87 -61.98 25.37
C GLY H 33 99.04 -61.22 24.37
N LYS H 34 98.82 -59.93 24.60
CA LYS H 34 98.08 -59.07 23.67
C LYS H 34 99.08 -58.12 23.01
N LYS H 35 99.40 -58.39 21.75
CA LYS H 35 100.40 -57.62 21.04
C LYS H 35 99.90 -56.21 20.77
N PHE H 36 100.71 -55.20 21.12
CA PHE H 36 100.36 -53.82 20.83
C PHE H 36 101.51 -52.97 20.29
N ASP H 37 102.76 -53.42 20.33
CA ASP H 37 103.81 -52.82 19.52
C ASP H 37 104.52 -53.88 18.69
N SER H 38 104.87 -53.52 17.47
CA SER H 38 105.72 -54.36 16.62
C SER H 38 106.41 -53.44 15.62
N SER H 39 107.73 -53.30 15.76
CA SER H 39 108.47 -52.45 14.83
C SER H 39 108.64 -53.09 13.46
N ARG H 40 108.32 -54.37 13.31
CA ARG H 40 108.49 -55.06 12.04
C ARG H 40 107.40 -54.67 11.04
N ASP H 41 106.17 -54.46 11.50
CA ASP H 41 105.11 -54.05 10.58
C ASP H 41 105.39 -52.68 9.97
N ARG H 42 105.93 -51.76 10.78
CA ARG H 42 106.36 -50.47 10.24
C ARG H 42 107.60 -50.60 9.37
N ASN H 43 108.31 -51.73 9.43
CA ASN H 43 109.48 -51.99 8.60
C ASN H 43 110.56 -50.93 8.79
N LYS H 44 110.74 -50.49 10.04
CA LYS H 44 111.80 -49.56 10.37
C LYS H 44 112.25 -49.80 11.80
N PRO H 45 113.55 -49.79 12.06
CA PRO H 45 114.04 -49.96 13.44
C PRO H 45 113.82 -48.71 14.27
N PHE H 46 113.44 -48.92 15.53
CA PHE H 46 113.24 -47.81 16.45
C PHE H 46 114.58 -47.26 16.90
N LYS H 47 114.73 -45.93 16.78
CA LYS H 47 115.96 -45.24 17.14
C LYS H 47 115.77 -44.56 18.48
N PHE H 48 116.76 -44.69 19.37
CA PHE H 48 116.67 -44.04 20.67
C PHE H 48 118.05 -43.79 21.25
N ARG H 49 118.16 -42.71 22.01
CA ARG H 49 119.37 -42.38 22.76
C ARG H 49 119.29 -42.95 24.17
N ILE H 50 120.42 -42.89 24.88
CA ILE H 50 120.50 -43.26 26.28
C ILE H 50 120.95 -42.04 27.08
N GLY H 51 120.24 -41.76 28.17
CA GLY H 51 120.52 -40.62 29.01
C GLY H 51 119.59 -39.44 28.81
N LYS H 52 118.86 -39.40 27.69
CA LYS H 52 117.87 -38.36 27.46
C LYS H 52 116.52 -38.67 28.10
N GLN H 53 116.32 -39.91 28.56
CA GLN H 53 115.08 -40.32 29.22
C GLN H 53 113.86 -40.11 28.32
N GLU H 54 114.04 -40.24 27.00
CA GLU H 54 112.89 -40.16 26.10
C GLU H 54 112.04 -41.42 26.16
N VAL H 55 112.67 -42.58 26.37
CA VAL H 55 111.98 -43.84 26.52
C VAL H 55 111.81 -44.09 28.02
N ILE H 56 110.88 -45.00 28.36
CA ILE H 56 110.66 -45.33 29.75
C ILE H 56 111.93 -45.91 30.36
N LYS H 57 112.07 -45.73 31.69
CA LYS H 57 113.31 -46.11 32.36
C LYS H 57 113.56 -47.61 32.28
N GLY H 58 112.50 -48.41 32.37
CA GLY H 58 112.67 -49.86 32.28
C GLY H 58 113.21 -50.30 30.94
N PHE H 59 112.69 -49.73 29.86
CA PHE H 59 113.19 -50.06 28.53
C PHE H 59 114.65 -49.66 28.38
N GLU H 60 115.02 -48.48 28.89
CA GLU H 60 116.40 -48.01 28.78
C GLU H 60 117.34 -48.94 29.55
N GLU H 61 116.98 -49.30 30.78
CA GLU H 61 117.83 -50.21 31.56
C GLU H 61 117.94 -51.57 30.90
N GLY H 62 116.82 -52.10 30.39
CA GLY H 62 116.86 -53.38 29.71
C GLY H 62 117.74 -53.36 28.48
N ALA H 63 117.62 -52.31 27.66
CA ALA H 63 118.43 -52.20 26.46
C ALA H 63 119.91 -52.04 26.80
N ALA H 64 120.22 -51.26 27.84
CA ALA H 64 121.62 -51.07 28.23
C ALA H 64 122.22 -52.31 28.89
N GLN H 65 121.38 -53.20 29.42
CA GLN H 65 121.91 -54.38 30.10
C GLN H 65 122.46 -55.41 29.11
N MET H 66 121.81 -55.57 27.95
CA MET H 66 122.20 -56.57 27.00
C MET H 66 123.33 -56.06 26.09
N SER H 67 123.77 -56.91 25.18
CA SER H 67 124.90 -56.62 24.30
C SER H 67 124.44 -56.54 22.85
N LEU H 68 125.40 -56.35 21.95
CA LEU H 68 125.11 -56.22 20.53
C LEU H 68 124.72 -57.57 19.92
N GLY H 69 123.77 -57.53 19.00
CA GLY H 69 123.38 -58.73 18.29
C GLY H 69 122.65 -59.76 19.12
N GLN H 70 122.16 -59.38 20.30
CA GLN H 70 121.52 -60.29 21.22
C GLN H 70 120.00 -60.07 21.21
N ARG H 71 119.24 -61.16 21.21
CA ARG H 71 117.80 -61.11 21.32
C ARG H 71 117.42 -61.45 22.76
N ALA H 72 116.66 -60.56 23.39
CA ALA H 72 116.32 -60.73 24.79
C ALA H 72 114.86 -60.37 25.04
N LYS H 73 114.21 -61.16 25.88
CA LYS H 73 112.87 -60.86 26.36
C LYS H 73 112.98 -60.10 27.67
N LEU H 74 112.35 -58.92 27.72
CA LEU H 74 112.40 -58.03 28.87
C LEU H 74 111.01 -57.92 29.46
N THR H 75 110.88 -58.26 30.73
CA THR H 75 109.64 -58.08 31.49
C THR H 75 109.78 -56.83 32.32
N CYS H 76 108.92 -55.84 32.05
CA CYS H 76 108.94 -54.56 32.74
C CYS H 76 107.69 -54.41 33.57
N THR H 77 107.86 -54.20 34.87
CA THR H 77 106.74 -53.99 35.77
C THR H 77 106.13 -52.61 35.55
N PRO H 78 104.87 -52.42 35.96
CA PRO H 78 104.25 -51.10 35.81
C PRO H 78 104.96 -50.00 36.60
N ASP H 79 105.73 -50.35 37.62
CA ASP H 79 106.46 -49.33 38.37
C ASP H 79 107.47 -48.61 37.49
N VAL H 80 108.19 -49.35 36.65
CA VAL H 80 109.19 -48.77 35.76
C VAL H 80 108.55 -48.49 34.41
N ALA H 81 107.24 -48.67 34.33
CA ALA H 81 106.47 -48.43 33.11
C ALA H 81 105.45 -47.33 33.39
N TYR H 82 104.53 -47.13 32.43
CA TYR H 82 103.51 -46.11 32.59
C TYR H 82 102.63 -46.40 33.80
N GLY H 83 102.25 -47.67 33.98
CA GLY H 83 101.47 -48.06 35.14
C GLY H 83 100.08 -47.46 35.20
N ALA H 84 99.85 -46.59 36.19
CA ALA H 84 98.53 -46.01 36.37
C ALA H 84 98.13 -45.15 35.17
N THR H 85 99.06 -44.38 34.64
CA THR H 85 98.76 -43.54 33.48
C THR H 85 98.44 -44.39 32.26
N GLY H 86 99.31 -45.35 31.95
CA GLY H 86 99.10 -46.22 30.80
C GLY H 86 98.99 -45.42 29.52
N HIS H 87 98.03 -45.83 28.68
CA HIS H 87 97.72 -45.14 27.44
C HIS H 87 96.24 -45.32 27.12
N PRO H 88 95.50 -44.23 26.91
CA PRO H 88 94.08 -44.34 26.58
C PRO H 88 93.88 -45.10 25.28
N GLY H 89 93.16 -46.21 25.35
CA GLY H 89 92.89 -47.04 24.20
C GLY H 89 94.00 -47.99 23.82
N VAL H 90 95.09 -48.03 24.57
CA VAL H 90 96.22 -48.89 24.22
C VAL H 90 96.57 -49.81 25.39
N ILE H 91 96.85 -49.24 26.56
CA ILE H 91 97.39 -49.95 27.69
C ILE H 91 96.45 -49.76 28.87
N PRO H 92 96.08 -50.83 29.59
CA PRO H 92 95.25 -50.67 30.78
C PRO H 92 96.01 -49.97 31.89
N PRO H 93 95.31 -49.41 32.89
CA PRO H 93 96.01 -48.65 33.94
C PRO H 93 96.76 -49.53 34.93
N ASN H 94 96.81 -50.83 34.67
CA ASN H 94 97.60 -51.74 35.50
C ASN H 94 97.96 -52.96 34.65
N ALA H 95 99.20 -52.99 34.17
CA ALA H 95 99.65 -54.09 33.33
C ALA H 95 101.17 -54.19 33.38
N THR H 96 101.66 -55.42 33.22
CA THR H 96 103.09 -55.68 33.13
C THR H 96 103.44 -55.98 31.67
N LEU H 97 104.43 -55.27 31.15
CA LEU H 97 104.74 -55.34 29.73
C LEU H 97 105.84 -56.35 29.45
N ILE H 98 105.73 -57.06 28.33
CA ILE H 98 106.75 -57.98 27.87
C ILE H 98 107.18 -57.56 26.47
N PHE H 99 108.47 -57.23 26.32
CA PHE H 99 109.01 -56.74 25.07
C PHE H 99 110.19 -57.60 24.66
N ASP H 100 110.13 -58.16 23.45
CA ASP H 100 111.29 -58.84 22.88
C ASP H 100 112.06 -57.84 22.03
N VAL H 101 113.38 -57.76 22.28
CA VAL H 101 114.23 -56.73 21.70
C VAL H 101 115.45 -57.39 21.11
N GLU H 102 115.77 -57.04 19.87
CA GLU H 102 116.99 -57.49 19.19
C GLU H 102 117.84 -56.26 18.90
N LEU H 103 118.81 -55.98 19.77
CA LEU H 103 119.68 -54.83 19.59
C LEU H 103 120.70 -55.12 18.49
N LEU H 104 120.84 -54.19 17.56
CA LEU H 104 121.77 -54.35 16.45
C LEU H 104 122.24 -52.98 15.98
N ASN H 105 123.36 -52.99 15.26
CA ASN H 105 123.92 -51.79 14.63
C ASN H 105 124.12 -50.67 15.65
N LEU H 106 124.95 -50.96 16.65
CA LEU H 106 125.27 -49.96 17.66
C LEU H 106 126.12 -48.85 17.06
N GLU H 107 125.79 -47.61 17.43
CA GLU H 107 126.51 -46.45 16.91
C GLU H 107 126.82 -45.45 18.02
N GLN I 1 -109.52 108.77 50.01
CA GLN I 1 -110.89 108.36 49.69
C GLN I 1 -111.91 109.19 50.45
N VAL I 2 -112.78 109.87 49.71
CA VAL I 2 -113.84 110.69 50.30
C VAL I 2 -115.17 110.04 50.00
N GLN I 3 -115.92 109.71 51.05
CA GLN I 3 -117.23 109.09 50.93
C GLN I 3 -118.30 110.09 51.34
N LEU I 4 -119.36 110.19 50.52
CA LEU I 4 -120.48 111.08 50.78
C LEU I 4 -121.65 110.26 51.26
N GLN I 5 -121.95 110.34 52.57
CA GLN I 5 -123.09 109.66 53.15
C GLN I 5 -124.28 110.62 53.16
N GLU I 6 -125.38 110.20 52.52
CA GLU I 6 -126.56 111.05 52.37
C GLU I 6 -127.76 110.34 52.96
N SER I 7 -128.52 111.04 53.79
CA SER I 7 -129.73 110.50 54.40
C SER I 7 -130.84 111.54 54.36
N GLY I 8 -132.00 111.13 53.87
CA GLY I 8 -133.14 112.03 53.78
C GLY I 8 -134.07 111.60 52.66
N GLY I 9 -134.92 112.55 52.26
CA GLY I 9 -135.86 112.30 51.18
C GLY I 9 -136.92 111.26 51.51
N GLY I 10 -137.49 111.35 52.71
CA GLY I 10 -138.49 110.38 53.11
C GLY I 10 -139.77 110.48 52.30
N LEU I 11 -140.58 109.43 52.40
CA LEU I 11 -141.81 109.31 51.63
C LEU I 11 -142.95 109.93 52.43
N MET I 12 -143.49 111.03 51.93
CA MET I 12 -144.68 111.67 52.51
C MET I 12 -145.59 112.12 51.37
N GLN I 13 -146.71 112.73 51.74
CA GLN I 13 -147.66 113.22 50.77
C GLN I 13 -147.17 114.52 50.13
N ALA I 14 -147.86 114.94 49.08
CA ALA I 14 -147.48 116.16 48.36
C ALA I 14 -147.60 117.37 49.27
N GLY I 15 -146.67 118.31 49.12
CA GLY I 15 -146.63 119.50 49.93
C GLY I 15 -145.85 119.38 51.22
N GLY I 16 -145.33 118.20 51.54
CA GLY I 16 -144.57 118.03 52.75
C GLY I 16 -143.15 118.57 52.66
N SER I 17 -142.48 118.56 53.80
CA SER I 17 -141.11 119.07 53.91
C SER I 17 -140.16 117.91 54.12
N LEU I 18 -139.14 117.83 53.26
CA LEU I 18 -138.12 116.79 53.33
C LEU I 18 -136.75 117.44 53.53
N ARG I 19 -136.04 117.00 54.56
CA ARG I 19 -134.70 117.46 54.86
C ARG I 19 -133.71 116.33 54.57
N LEU I 20 -132.68 116.64 53.78
CA LEU I 20 -131.67 115.69 53.37
C LEU I 20 -130.32 116.19 53.83
N SER I 21 -129.63 115.39 54.64
CA SER I 21 -128.31 115.72 55.15
C SER I 21 -127.27 114.89 54.40
N CYS I 22 -126.32 115.57 53.76
CA CYS I 22 -125.21 114.93 53.07
C CYS I 22 -123.91 115.35 53.74
N THR I 23 -123.11 114.36 54.14
CA THR I 23 -121.84 114.61 54.81
C THR I 23 -120.72 113.91 54.05
N ALA I 24 -119.68 114.66 53.70
CA ALA I 24 -118.53 114.14 52.99
C ALA I 24 -117.37 113.97 53.95
N SER I 25 -116.96 112.71 54.15
CA SER I 25 -115.85 112.39 55.05
C SER I 25 -114.70 111.80 54.25
N GLY I 26 -113.52 112.39 54.39
CA GLY I 26 -112.36 111.91 53.67
C GLY I 26 -111.17 112.85 53.72
N SER I 27 -110.51 113.05 52.58
CA SER I 27 -109.35 113.91 52.53
C SER I 27 -109.75 115.38 52.69
N ILE I 28 -108.79 116.19 53.13
CA ILE I 28 -109.03 117.61 53.36
C ILE I 28 -108.86 118.44 52.10
N PHE I 29 -108.43 117.85 50.99
CA PHE I 29 -108.17 118.58 49.77
C PHE I 29 -109.31 118.38 48.77
N SER I 30 -109.57 119.43 47.98
CA SER I 30 -110.52 119.39 46.87
C SER I 30 -111.93 119.05 47.33
N ILE I 31 -112.53 119.93 48.12
CA ILE I 31 -113.92 119.73 48.53
C ILE I 31 -114.72 120.97 48.13
N ASN I 32 -115.23 120.99 46.91
CA ASN I 32 -115.95 122.15 46.43
C ASN I 32 -117.09 121.78 45.50
N SER I 33 -118.16 122.56 45.51
CA SER I 33 -119.28 122.31 44.61
C SER I 33 -119.89 120.93 44.79
N MET I 34 -119.94 120.44 46.02
CA MET I 34 -120.58 119.16 46.28
C MET I 34 -122.08 119.31 46.03
N GLY I 35 -122.61 118.59 45.06
CA GLY I 35 -124.02 118.76 44.74
C GLY I 35 -124.83 117.48 44.59
N TRP I 36 -125.93 117.56 43.85
CA TRP I 36 -126.95 116.53 43.84
C TRP I 36 -127.29 116.10 42.42
N TYR I 37 -127.50 114.80 42.25
CA TYR I 37 -127.98 114.24 41.00
C TYR I 37 -129.24 113.42 41.29
N ARG I 38 -130.13 113.37 40.32
CA ARG I 38 -131.36 112.59 40.42
C ARG I 38 -131.47 111.67 39.22
N GLN I 39 -132.15 110.54 39.43
CA GLN I 39 -132.37 109.60 38.33
C GLN I 39 -133.71 108.89 38.57
N ALA I 40 -134.67 109.14 37.69
CA ALA I 40 -135.94 108.44 37.78
C ALA I 40 -135.77 106.98 37.38
N PRO I 41 -136.59 106.08 37.95
CA PRO I 41 -136.47 104.66 37.59
C PRO I 41 -136.77 104.41 36.12
N GLY I 42 -135.75 103.99 35.36
CA GLY I 42 -135.92 103.77 33.95
C GLY I 42 -135.85 105.01 33.09
N LYS I 43 -135.36 106.12 33.63
CA LYS I 43 -135.28 107.37 32.90
C LYS I 43 -133.87 107.94 33.01
N GLN I 44 -133.62 109.01 32.25
CA GLN I 44 -132.30 109.62 32.19
C GLN I 44 -131.96 110.34 33.49
N ARG I 45 -130.67 110.48 33.74
CA ARG I 45 -130.16 111.13 34.94
C ARG I 45 -129.99 112.63 34.73
N GLU I 46 -130.43 113.41 35.70
CA GLU I 46 -130.39 114.87 35.64
C GLU I 46 -129.63 115.41 36.85
N LEU I 47 -129.21 116.67 36.74
CA LEU I 47 -128.43 117.33 37.77
C LEU I 47 -129.30 118.32 38.54
N VAL I 48 -129.48 118.07 39.83
CA VAL I 48 -130.25 118.97 40.69
C VAL I 48 -129.33 120.15 41.02
N ALA I 49 -129.89 121.19 41.61
CA ALA I 49 -129.10 122.38 41.95
C ALA I 49 -127.92 122.00 42.84
N THR I 50 -126.73 122.47 42.45
CA THR I 50 -125.49 122.13 43.12
C THR I 50 -124.92 123.38 43.78
N ILE I 51 -124.66 123.29 45.09
CA ILE I 51 -124.07 124.39 45.83
C ILE I 51 -122.56 124.23 45.84
N THR I 52 -121.86 125.36 45.81
CA THR I 52 -120.41 125.39 45.82
C THR I 52 -119.93 126.08 47.09
N SER I 53 -118.64 125.91 47.38
CA SER I 53 -118.04 126.61 48.51
C SER I 53 -118.12 128.12 48.27
N GLY I 54 -118.56 128.85 49.28
CA GLY I 54 -118.89 130.25 49.12
C GLY I 54 -120.36 130.53 48.87
N ASN I 55 -121.21 129.51 48.98
CA ASN I 55 -122.66 129.66 48.83
C ASN I 55 -123.04 130.16 47.44
N SER I 56 -122.58 129.44 46.42
CA SER I 56 -122.99 129.67 45.04
C SER I 56 -123.69 128.42 44.54
N ILE I 57 -124.89 128.59 43.99
CA ILE I 57 -125.75 127.48 43.58
C ILE I 57 -125.93 127.52 42.08
N ASN I 58 -125.65 126.40 41.42
CA ASN I 58 -125.85 126.23 39.99
C ASN I 58 -127.14 125.47 39.76
N TYR I 59 -128.11 126.13 39.11
CA TYR I 59 -129.44 125.57 38.93
C TYR I 59 -129.57 124.91 37.56
N ALA I 60 -130.68 124.22 37.37
CA ALA I 60 -130.96 123.49 36.14
C ALA I 60 -132.47 123.51 35.91
N ASP I 61 -132.95 122.65 35.01
CA ASP I 61 -134.36 122.60 34.67
C ASP I 61 -135.22 121.92 35.73
N SER I 62 -134.61 121.20 36.67
CA SER I 62 -135.35 120.44 37.68
C SER I 62 -135.41 121.14 39.03
N VAL I 63 -135.05 122.43 39.09
CA VAL I 63 -135.03 123.15 40.35
C VAL I 63 -136.38 123.82 40.59
N LYS I 64 -137.37 123.48 39.76
CA LYS I 64 -138.69 124.06 39.91
C LYS I 64 -139.34 123.58 41.20
N GLY I 65 -140.03 124.50 41.87
CA GLY I 65 -140.70 124.20 43.13
C GLY I 65 -140.11 125.02 44.27
N ARG I 66 -140.15 124.43 45.47
CA ARG I 66 -139.60 125.06 46.67
C ARG I 66 -138.37 124.27 47.13
N PHE I 67 -137.22 124.62 46.57
CA PHE I 67 -135.93 124.10 46.97
C PHE I 67 -135.22 125.12 47.88
N THR I 68 -134.44 124.62 48.82
CA THR I 68 -133.46 125.46 49.50
C THR I 68 -132.26 124.60 49.88
N ILE I 69 -131.08 125.00 49.44
CA ILE I 69 -129.88 124.19 49.61
C ILE I 69 -128.82 125.05 50.28
N SER I 70 -128.32 124.59 51.43
CA SER I 70 -127.29 125.29 52.18
C SER I 70 -126.18 124.32 52.54
N ARG I 71 -124.96 124.83 52.63
CA ARG I 71 -123.80 123.99 52.90
C ARG I 71 -122.90 124.65 53.94
N ASP I 72 -122.18 123.81 54.66
CA ASP I 72 -121.14 124.23 55.60
C ASP I 72 -119.87 123.48 55.24
N ASN I 73 -118.78 124.22 55.00
CA ASN I 73 -117.51 123.63 54.62
C ASN I 73 -116.67 123.19 55.81
N ALA I 74 -117.08 123.55 57.04
CA ALA I 74 -116.34 123.11 58.22
C ALA I 74 -116.40 121.60 58.37
N LYS I 75 -117.55 121.00 58.09
CA LYS I 75 -117.72 119.55 58.17
C LYS I 75 -118.12 118.94 56.83
N ASN I 76 -118.12 119.73 55.76
CA ASN I 76 -118.52 119.27 54.43
C ASN I 76 -119.93 118.67 54.46
N THR I 77 -120.88 119.51 54.86
CA THR I 77 -122.26 119.09 55.03
C THR I 77 -123.19 119.95 54.19
N VAL I 78 -124.27 119.35 53.72
CA VAL I 78 -125.31 120.04 52.96
C VAL I 78 -126.67 119.63 53.52
N TYR I 79 -127.51 120.63 53.79
CA TYR I 79 -128.87 120.43 54.30
C TYR I 79 -129.83 120.91 53.22
N LEU I 80 -130.27 119.99 52.37
CA LEU I 80 -131.19 120.30 51.29
C LEU I 80 -132.62 120.08 51.73
N GLN I 81 -133.46 121.10 51.58
CA GLN I 81 -134.85 121.03 52.00
C GLN I 81 -135.76 121.23 50.79
N MET I 82 -136.67 120.29 50.60
CA MET I 82 -137.67 120.33 49.54
C MET I 82 -139.06 120.44 50.15
N ASN I 83 -139.84 121.41 49.67
CA ASN I 83 -141.18 121.64 50.18
C ASN I 83 -142.26 121.44 49.14
N SER I 84 -141.91 121.10 47.90
CA SER I 84 -142.87 120.94 46.81
C SER I 84 -142.72 119.54 46.22
N LEU I 85 -143.52 118.60 46.72
CA LEU I 85 -143.52 117.24 46.21
C LEU I 85 -144.44 117.12 45.00
N LYS I 86 -143.92 116.53 43.93
CA LYS I 86 -144.66 116.30 42.70
C LYS I 86 -144.57 114.83 42.33
N PRO I 87 -145.60 114.28 41.69
CA PRO I 87 -145.55 112.85 41.32
C PRO I 87 -144.42 112.51 40.36
N GLU I 88 -143.89 113.49 39.63
CA GLU I 88 -142.78 113.26 38.71
C GLU I 88 -141.42 113.42 39.37
N ASP I 89 -141.37 113.72 40.67
CA ASP I 89 -140.12 113.94 41.37
C ASP I 89 -139.58 112.69 42.04
N THR I 90 -140.24 111.55 41.89
CA THR I 90 -139.76 110.30 42.48
C THR I 90 -138.54 109.80 41.74
N ALA I 91 -137.43 109.63 42.46
CA ALA I 91 -136.17 109.26 41.83
C ALA I 91 -135.17 108.82 42.90
N VAL I 92 -134.09 108.20 42.44
CA VAL I 92 -132.93 107.96 43.29
C VAL I 92 -132.08 109.23 43.31
N TYR I 93 -131.67 109.67 44.49
CA TYR I 93 -130.96 110.92 44.66
C TYR I 93 -129.57 110.62 45.20
N TYR I 94 -128.54 111.07 44.47
CA TYR I 94 -127.15 110.84 44.83
C TYR I 94 -126.47 112.15 45.15
N CYS I 95 -125.54 112.09 46.09
CA CYS I 95 -124.78 113.26 46.54
C CYS I 95 -123.34 113.08 46.09
N ASN I 96 -122.87 113.97 45.23
CA ASN I 96 -121.57 113.82 44.58
C ASN I 96 -120.69 115.03 44.85
N ALA I 97 -119.48 114.81 45.32
CA ALA I 97 -118.54 115.91 45.55
C ALA I 97 -117.32 115.74 44.67
N ASP I 98 -116.66 116.83 44.33
CA ASP I 98 -115.49 116.76 43.45
C ASP I 98 -114.56 117.96 43.57
N ARG I 99 -113.35 117.84 43.05
CA ARG I 99 -112.40 118.95 43.08
C ARG I 99 -112.91 120.08 42.20
N VAL I 100 -113.63 119.73 41.14
CA VAL I 100 -114.16 120.74 40.22
C VAL I 100 -115.01 121.76 40.96
N PRO I 101 -114.70 123.05 40.80
CA PRO I 101 -115.47 124.09 41.46
C PRO I 101 -116.43 124.78 40.50
N ASN I 102 -117.57 125.24 41.00
CA ASN I 102 -118.52 125.97 40.15
C ASN I 102 -118.71 125.28 38.81
N GLY I 103 -118.78 123.96 38.82
CA GLY I 103 -119.01 123.22 37.59
C GLY I 103 -118.06 123.59 36.47
N TYR I 104 -116.77 123.75 36.78
CA TYR I 104 -115.79 124.02 35.73
C TYR I 104 -114.47 123.32 36.00
N ASN I 105 -113.82 122.87 34.94
CA ASN I 105 -112.50 122.24 35.11
C ASN I 105 -111.55 122.74 34.04
N PRO I 106 -110.48 123.43 34.47
CA PRO I 106 -109.53 123.98 33.50
C PRO I 106 -108.54 122.93 32.98
N TRP I 107 -108.52 121.73 33.57
CA TRP I 107 -107.65 120.70 33.01
C TRP I 107 -108.25 120.15 31.72
N GLY I 108 -109.41 119.52 31.85
CA GLY I 108 -110.04 118.78 30.78
C GLY I 108 -110.55 117.43 31.25
N THR I 109 -110.31 116.40 30.44
CA THR I 109 -110.83 115.07 30.75
C THR I 109 -110.38 114.52 32.11
N PRO I 110 -109.11 114.72 32.49
CA PRO I 110 -108.70 114.11 33.77
C PRO I 110 -109.59 114.51 34.93
N ASN I 111 -109.60 115.78 35.31
CA ASN I 111 -110.39 116.21 36.47
C ASN I 111 -111.88 116.03 36.24
N ASP I 112 -112.33 116.08 34.99
CA ASP I 112 -113.74 115.82 34.71
C ASP I 112 -114.06 114.44 35.23
N GLU I 113 -113.21 113.48 34.94
CA GLU I 113 -113.41 112.13 35.43
C GLU I 113 -113.10 112.07 36.92
N TYR I 114 -112.41 113.10 37.41
CA TYR I 114 -112.02 113.13 38.81
C TYR I 114 -113.20 113.49 39.71
N ASP I 115 -114.17 112.59 39.86
CA ASP I 115 -115.34 112.81 40.69
C ASP I 115 -115.39 111.77 41.80
N TYR I 116 -115.88 112.19 42.96
CA TYR I 116 -116.07 111.31 44.12
C TYR I 116 -117.57 111.12 44.30
N TRP I 117 -118.08 110.02 43.74
CA TRP I 117 -119.52 109.73 43.80
C TRP I 117 -119.78 108.84 45.01
N GLY I 118 -120.47 109.40 46.01
CA GLY I 118 -120.80 108.68 47.22
C GLY I 118 -122.12 107.93 47.11
N GLN I 119 -122.56 107.42 48.25
CA GLN I 119 -123.82 106.69 48.31
C GLN I 119 -125.00 107.64 48.20
N GLY I 120 -126.18 107.08 47.92
CA GLY I 120 -127.37 107.89 47.75
C GLY I 120 -128.56 107.38 48.54
N THR I 121 -129.72 108.03 48.33
CA THR I 121 -130.96 107.69 49.00
C THR I 121 -132.09 107.64 47.98
N GLN I 122 -133.28 107.33 48.45
CA GLN I 122 -134.46 107.21 47.61
C GLN I 122 -135.45 108.31 47.97
N VAL I 123 -136.03 108.95 46.95
CA VAL I 123 -137.07 109.95 47.15
C VAL I 123 -138.32 109.47 46.41
N THR I 124 -139.42 109.36 47.14
CA THR I 124 -140.68 108.86 46.57
C THR I 124 -141.81 109.80 46.96
N VAL I 125 -142.67 110.09 45.99
CA VAL I 125 -143.83 110.96 46.19
C VAL I 125 -145.09 110.15 45.90
N SER I 126 -146.03 110.19 46.83
CA SER I 126 -147.29 109.48 46.67
C SER I 126 -148.18 110.15 45.64
N GLN J 1 -117.84 -110.60 14.48
CA GLN J 1 -117.37 -111.93 14.15
C GLN J 1 -118.36 -113.00 14.62
N VAL J 2 -118.85 -113.80 13.69
CA VAL J 2 -119.79 -114.87 13.98
C VAL J 2 -119.08 -116.20 13.73
N GLN J 3 -119.00 -117.03 14.76
CA GLN J 3 -118.38 -118.34 14.69
C GLN J 3 -119.44 -119.43 14.77
N LEU J 4 -119.36 -120.40 13.88
CA LEU J 4 -120.29 -121.53 13.84
C LEU J 4 -119.59 -122.76 14.40
N GLN J 5 -119.97 -123.15 15.61
CA GLN J 5 -119.44 -124.35 16.24
C GLN J 5 -120.38 -125.51 15.94
N GLU J 6 -119.83 -126.56 15.33
CA GLU J 6 -120.62 -127.71 14.90
C GLU J 6 -120.06 -128.97 15.54
N SER J 7 -120.94 -129.78 16.13
CA SER J 7 -120.55 -131.04 16.75
C SER J 7 -121.55 -132.12 16.38
N GLY J 8 -121.05 -133.25 15.90
CA GLY J 8 -121.91 -134.36 15.53
C GLY J 8 -121.24 -135.20 14.45
N GLY J 9 -122.06 -136.00 13.79
CA GLY J 9 -121.58 -136.86 12.72
C GLY J 9 -120.64 -137.96 13.19
N GLY J 10 -121.01 -138.63 14.28
CA GLY J 10 -120.16 -139.68 14.81
C GLY J 10 -120.07 -140.88 13.90
N LEU J 11 -119.07 -141.72 14.17
CA LEU J 11 -118.79 -142.89 13.35
C LEU J 11 -119.57 -144.07 13.90
N MET J 12 -120.53 -144.56 13.11
CA MET J 12 -121.28 -145.77 13.45
C MET J 12 -121.47 -146.57 12.17
N GLN J 13 -122.15 -147.72 12.30
CA GLN J 13 -122.41 -148.58 11.16
C GLN J 13 -123.53 -148.01 10.29
N ALA J 14 -123.71 -148.62 9.13
CA ALA J 14 -124.73 -148.16 8.19
C ALA J 14 -126.12 -148.33 8.79
N GLY J 15 -126.99 -147.36 8.50
CA GLY J 15 -128.34 -147.37 9.03
C GLY J 15 -128.52 -146.69 10.37
N GLY J 16 -127.43 -146.21 10.98
CA GLY J 16 -127.53 -145.55 12.26
C GLY J 16 -128.04 -144.13 12.16
N SER J 17 -128.30 -143.53 13.32
CA SER J 17 -128.81 -142.18 13.43
C SER J 17 -127.72 -141.26 13.97
N LEU J 18 -127.44 -140.18 13.23
CA LEU J 18 -126.46 -139.20 13.62
C LEU J 18 -127.13 -137.84 13.78
N ARG J 19 -126.92 -137.22 14.93
CA ARG J 19 -127.44 -135.89 15.23
C ARG J 19 -126.27 -134.90 15.28
N LEU J 20 -126.40 -133.82 14.53
CA LEU J 20 -125.37 -132.80 14.42
C LEU J 20 -125.97 -131.48 14.86
N SER J 21 -125.37 -130.86 15.88
CA SER J 21 -125.80 -129.58 16.41
C SER J 21 -124.83 -128.51 15.95
N CYS J 22 -125.34 -127.50 15.26
CA CYS J 22 -124.56 -126.35 14.82
C CYS J 22 -125.11 -125.10 15.48
N THR J 23 -124.24 -124.35 16.15
CA THR J 23 -124.63 -123.13 16.86
C THR J 23 -123.78 -121.97 16.35
N ALA J 24 -124.44 -120.89 15.94
CA ALA J 24 -123.75 -119.70 15.44
C ALA J 24 -123.81 -118.62 16.52
N SER J 25 -122.63 -118.25 17.03
CA SER J 25 -122.51 -117.22 18.06
C SER J 25 -121.76 -116.03 17.51
N GLY J 26 -122.36 -114.84 17.61
CA GLY J 26 -121.74 -113.64 17.10
C GLY J 26 -122.66 -112.45 17.04
N SER J 27 -122.59 -111.69 15.94
CA SER J 27 -123.43 -110.51 15.78
C SER J 27 -124.88 -110.90 15.59
N ILE J 28 -125.77 -109.96 15.91
CA ILE J 28 -127.21 -110.19 15.79
C ILE J 28 -127.74 -109.91 14.40
N PHE J 29 -126.91 -109.39 13.49
CA PHE J 29 -127.33 -109.04 12.15
C PHE J 29 -126.93 -110.10 11.14
N SER J 30 -127.77 -110.27 10.12
CA SER J 30 -127.48 -111.13 8.97
C SER J 30 -127.26 -112.59 9.39
N ILE J 31 -128.30 -113.23 9.90
CA ILE J 31 -128.20 -114.64 10.23
C ILE J 31 -129.31 -115.39 9.51
N ASN J 32 -129.06 -115.79 8.27
CA ASN J 32 -130.10 -116.45 7.49
C ASN J 32 -129.52 -117.52 6.58
N SER J 33 -130.29 -118.57 6.33
CA SER J 33 -129.85 -119.63 5.42
C SER J 33 -128.54 -120.28 5.85
N MET J 34 -128.34 -120.44 7.16
CA MET J 34 -127.15 -121.12 7.64
C MET J 34 -127.24 -122.59 7.25
N GLY J 35 -126.31 -123.07 6.41
CA GLY J 35 -126.42 -124.44 5.96
C GLY J 35 -125.14 -125.25 6.04
N TRP J 36 -125.05 -126.29 5.21
CA TRP J 36 -124.04 -127.34 5.36
C TRP J 36 -123.31 -127.57 4.05
N TYR J 37 -122.00 -127.79 4.16
CA TYR J 37 -121.16 -128.19 3.04
C TYR J 37 -120.43 -129.47 3.39
N ARG J 38 -120.18 -130.30 2.39
CA ARG J 38 -119.44 -131.54 2.57
C ARG J 38 -118.28 -131.58 1.60
N GLN J 39 -117.22 -132.28 2.00
CA GLN J 39 -116.05 -132.44 1.13
C GLN J 39 -115.43 -133.81 1.41
N ALA J 40 -115.46 -134.69 0.42
CA ALA J 40 -114.81 -135.98 0.57
C ALA J 40 -113.30 -135.82 0.52
N PRO J 41 -112.54 -136.68 1.21
CA PRO J 41 -111.09 -136.56 1.19
C PRO J 41 -110.51 -136.76 -0.21
N GLY J 42 -109.93 -135.70 -0.77
CA GLY J 42 -109.39 -135.75 -2.11
C GLY J 42 -110.41 -135.60 -3.21
N LYS J 43 -111.61 -135.11 -2.90
CA LYS J 43 -112.67 -134.96 -3.89
C LYS J 43 -113.24 -133.55 -3.80
N GLN J 44 -114.11 -133.23 -4.74
CA GLN J 44 -114.69 -131.90 -4.84
C GLN J 44 -115.69 -131.65 -3.70
N ARG J 45 -115.88 -130.36 -3.40
CA ARG J 45 -116.78 -129.94 -2.33
C ARG J 45 -118.19 -129.73 -2.86
N GLU J 46 -119.17 -130.23 -2.13
CA GLU J 46 -120.57 -130.15 -2.50
C GLU J 46 -121.37 -129.48 -1.40
N LEU J 47 -122.58 -129.03 -1.76
CA LEU J 47 -123.46 -128.31 -0.84
C LEU J 47 -124.59 -129.23 -0.39
N VAL J 48 -124.64 -129.51 0.91
CA VAL J 48 -125.71 -130.32 1.48
C VAL J 48 -126.93 -129.41 1.62
N ALA J 49 -128.10 -130.00 1.91
CA ALA J 49 -129.32 -129.21 2.04
C ALA J 49 -129.15 -128.11 3.07
N THR J 50 -129.51 -126.89 2.69
CA THR J 50 -129.33 -125.71 3.52
C THR J 50 -130.70 -125.17 3.93
N ILE J 51 -130.91 -125.01 5.23
CA ILE J 51 -132.15 -124.47 5.76
C ILE J 51 -131.99 -122.97 5.92
N THR J 52 -133.08 -122.24 5.69
CA THR J 52 -133.10 -120.79 5.81
C THR J 52 -134.07 -120.39 6.93
N SER J 53 -133.97 -119.15 7.36
CA SER J 53 -134.91 -118.62 8.33
C SER J 53 -136.32 -118.65 7.76
N GLY J 54 -137.26 -119.16 8.55
CA GLY J 54 -138.59 -119.44 8.04
C GLY J 54 -138.80 -120.87 7.63
N ASN J 55 -137.84 -121.76 7.89
CA ASN J 55 -137.94 -123.19 7.60
C ASN J 55 -138.13 -123.44 6.10
N SER J 56 -137.19 -122.93 5.32
CA SER J 56 -137.10 -123.22 3.89
C SER J 56 -135.77 -123.92 3.63
N ILE J 57 -135.83 -125.06 2.96
CA ILE J 57 -134.65 -125.90 2.74
C ILE J 57 -134.34 -125.96 1.25
N ASN J 58 -133.10 -125.65 0.90
CA ASN J 58 -132.63 -125.74 -0.48
C ASN J 58 -131.84 -127.03 -0.64
N TYR J 59 -132.33 -127.93 -1.48
CA TYR J 59 -131.74 -129.25 -1.64
C TYR J 59 -130.80 -129.29 -2.84
N ALA J 60 -130.08 -130.40 -2.95
CA ALA J 60 -129.10 -130.59 -4.01
C ALA J 60 -129.06 -132.08 -4.35
N ASP J 61 -128.03 -132.50 -5.08
CA ASP J 61 -127.90 -133.89 -5.51
C ASP J 61 -127.48 -134.83 -4.39
N SER J 62 -126.99 -134.32 -3.27
CA SER J 62 -126.49 -135.15 -2.18
C SER J 62 -127.47 -135.29 -1.03
N VAL J 63 -128.73 -134.91 -1.23
CA VAL J 63 -129.72 -134.98 -0.16
C VAL J 63 -130.43 -136.33 -0.19
N LYS J 64 -129.91 -137.26 -1.00
CA LYS J 64 -130.50 -138.59 -1.09
C LYS J 64 -130.33 -139.34 0.22
N GLY J 65 -131.39 -140.06 0.61
CA GLY J 65 -131.38 -140.83 1.84
C GLY J 65 -132.44 -140.32 2.82
N ARG J 66 -132.13 -140.46 4.11
CA ARG J 66 -133.01 -140.00 5.17
C ARG J 66 -132.33 -138.83 5.89
N PHE J 67 -132.55 -137.62 5.37
CA PHE J 67 -132.14 -136.38 5.98
C PHE J 67 -133.33 -135.73 6.68
N THR J 68 -133.06 -135.03 7.77
CA THR J 68 -134.03 -134.09 8.32
C THR J 68 -133.27 -132.94 8.99
N ILE J 69 -133.55 -131.71 8.56
CA ILE J 69 -132.81 -130.55 9.01
C ILE J 69 -133.80 -129.53 9.55
N SER J 70 -133.60 -129.13 10.80
CA SER J 70 -134.45 -128.15 11.46
C SER J 70 -133.58 -127.09 12.12
N ARG J 71 -134.10 -125.87 12.19
CA ARG J 71 -133.34 -124.75 12.73
C ARG J 71 -134.22 -123.93 13.66
N ASP J 72 -133.56 -123.27 14.61
CA ASP J 72 -134.18 -122.30 15.51
C ASP J 72 -133.37 -121.02 15.44
N ASN J 73 -134.03 -119.91 15.11
CA ASN J 73 -133.37 -118.63 14.99
C ASN J 73 -133.21 -117.89 16.31
N ALA J 74 -133.83 -118.38 17.38
CA ALA J 74 -133.68 -117.75 18.69
C ALA J 74 -132.23 -117.84 19.17
N LYS J 75 -131.59 -118.99 18.95
CA LYS J 75 -130.20 -119.19 19.34
C LYS J 75 -129.31 -119.50 18.14
N ASN J 76 -129.83 -119.39 16.92
CA ASN J 76 -129.09 -119.69 15.69
C ASN J 76 -128.51 -121.12 15.75
N THR J 77 -129.42 -122.09 15.87
CA THR J 77 -129.04 -123.48 16.02
C THR J 77 -129.70 -124.32 14.94
N VAL J 78 -129.00 -125.37 14.53
CA VAL J 78 -129.51 -126.33 13.56
C VAL J 78 -129.24 -127.75 14.08
N TYR J 79 -130.28 -128.58 14.06
CA TYR J 79 -130.19 -129.98 14.48
C TYR J 79 -130.42 -130.85 13.25
N LEU J 80 -129.33 -131.23 12.60
CA LEU J 80 -129.40 -132.06 11.40
C LEU J 80 -129.29 -133.53 11.77
N GLN J 81 -130.24 -134.33 11.32
CA GLN J 81 -130.27 -135.76 11.64
C GLN J 81 -130.20 -136.56 10.35
N MET J 82 -129.24 -137.47 10.30
CA MET J 82 -129.04 -138.38 9.17
C MET J 82 -129.29 -139.81 9.64
N ASN J 83 -130.14 -140.53 8.88
CA ASN J 83 -130.47 -141.91 9.23
C ASN J 83 -130.04 -142.92 8.17
N SER J 84 -129.43 -142.47 7.07
CA SER J 84 -129.03 -143.35 5.97
C SER J 84 -127.53 -143.18 5.73
N LEU J 85 -126.73 -144.04 6.36
CA LEU J 85 -125.29 -144.01 6.17
C LEU J 85 -124.91 -144.84 4.95
N LYS J 86 -124.08 -144.26 4.09
CA LYS J 86 -123.59 -144.90 2.88
C LYS J 86 -122.07 -144.80 2.85
N PRO J 87 -121.39 -145.80 2.29
CA PRO J 87 -119.91 -145.74 2.24
C PRO J 87 -119.37 -144.56 1.47
N GLU J 88 -120.15 -143.95 0.60
CA GLU J 88 -119.71 -142.78 -0.16
C GLU J 88 -120.03 -141.47 0.54
N ASP J 89 -120.61 -141.52 1.74
CA ASP J 89 -120.98 -140.32 2.49
C ASP J 89 -119.91 -139.85 3.46
N THR J 90 -118.76 -140.52 3.50
CA THR J 90 -117.69 -140.12 4.42
C THR J 90 -117.03 -138.85 3.89
N ALA J 91 -117.03 -137.81 4.73
CA ALA J 91 -116.51 -136.51 4.30
C ALA J 91 -116.33 -135.61 5.51
N VAL J 92 -115.63 -134.50 5.29
CA VAL J 92 -115.58 -133.42 6.27
C VAL J 92 -116.82 -132.56 6.06
N TYR J 93 -117.51 -132.23 7.15
CA TYR J 93 -118.76 -131.50 7.09
C TYR J 93 -118.60 -130.16 7.79
N TYR J 94 -118.86 -129.08 7.07
CA TYR J 94 -118.72 -127.73 7.58
C TYR J 94 -120.07 -127.04 7.65
N CYS J 95 -120.23 -126.19 8.66
CA CYS J 95 -121.46 -125.44 8.89
C CYS J 95 -121.18 -123.97 8.60
N ASN J 96 -121.86 -123.42 7.61
CA ASN J 96 -121.56 -122.08 7.11
C ASN J 96 -122.80 -121.20 7.17
N ALA J 97 -122.68 -120.03 7.78
CA ALA J 97 -123.80 -119.09 7.83
C ALA J 97 -123.41 -117.80 7.12
N ASP J 98 -124.40 -117.09 6.59
CA ASP J 98 -124.12 -115.85 5.88
C ASP J 98 -125.32 -114.91 5.79
N ARG J 99 -125.06 -113.66 5.41
CA ARG J 99 -126.16 -112.71 5.26
C ARG J 99 -127.07 -113.11 4.11
N VAL J 100 -126.49 -113.74 3.10
CA VAL J 100 -127.27 -114.16 1.94
C VAL J 100 -128.43 -115.07 2.37
N PRO J 101 -129.65 -114.71 1.97
CA PRO J 101 -130.82 -115.51 2.31
C PRO J 101 -131.28 -116.36 1.13
N ASN J 102 -131.84 -117.54 1.42
CA ASN J 102 -132.37 -118.39 0.35
C ASN J 102 -131.40 -118.49 -0.82
N GLY J 103 -130.11 -118.58 -0.52
CA GLY J 103 -129.11 -118.70 -1.58
C GLY J 103 -129.24 -117.65 -2.66
N TYR J 104 -129.49 -116.41 -2.28
CA TYR J 104 -129.54 -115.33 -3.26
C TYR J 104 -128.88 -114.06 -2.75
N ASN J 105 -128.23 -113.33 -3.63
CA ASN J 105 -127.62 -112.06 -3.23
C ASN J 105 -127.94 -111.00 -4.28
N PRO J 106 -128.66 -109.95 -3.87
CA PRO J 106 -129.02 -108.89 -4.82
C PRO J 106 -127.89 -107.88 -5.00
N TRP J 107 -126.76 -108.06 -4.32
CA TRP J 107 -125.63 -107.17 -4.55
C TRP J 107 -124.81 -107.68 -5.73
N GLY J 108 -124.23 -108.86 -5.55
CA GLY J 108 -123.27 -109.42 -6.48
C GLY J 108 -122.06 -109.99 -5.77
N THR J 109 -120.87 -109.71 -6.30
CA THR J 109 -119.64 -110.28 -5.74
C THR J 109 -119.41 -109.94 -4.26
N PRO J 110 -119.69 -108.70 -3.83
CA PRO J 110 -119.38 -108.37 -2.44
C PRO J 110 -120.02 -109.34 -1.44
N ASN J 111 -121.34 -109.36 -1.37
CA ASN J 111 -122.02 -110.21 -0.40
C ASN J 111 -121.80 -111.70 -0.69
N ASP J 112 -121.54 -112.04 -1.94
CA ASP J 112 -121.23 -113.42 -2.26
C ASP J 112 -119.99 -113.80 -1.48
N GLU J 113 -118.99 -112.93 -1.51
CA GLU J 113 -117.78 -113.18 -0.74
C GLU J 113 -118.07 -112.97 0.73
N TYR J 114 -119.23 -112.41 1.05
CA TYR J 114 -119.57 -112.13 2.43
C TYR J 114 -120.14 -113.37 3.12
N ASP J 115 -119.29 -114.35 3.39
CA ASP J 115 -119.69 -115.58 4.06
C ASP J 115 -118.93 -115.74 5.37
N TYR J 116 -119.60 -116.32 6.36
CA TYR J 116 -119.00 -116.60 7.66
C TYR J 116 -118.86 -118.12 7.77
N TRP J 117 -117.67 -118.62 7.43
CA TRP J 117 -117.39 -120.04 7.44
C TRP J 117 -116.80 -120.43 8.79
N GLY J 118 -117.57 -121.18 9.58
CA GLY J 118 -117.13 -121.62 10.89
C GLY J 118 -116.39 -122.94 10.84
N GLN J 119 -116.15 -123.48 12.03
CA GLN J 119 -115.45 -124.75 12.16
C GLN J 119 -116.37 -125.90 11.74
N GLY J 120 -115.76 -127.06 11.50
CA GLY J 120 -116.50 -128.22 11.06
C GLY J 120 -116.19 -129.48 11.84
N THR J 121 -116.78 -130.60 11.40
CA THR J 121 -116.60 -131.90 12.03
C THR J 121 -116.32 -132.94 10.95
N GLN J 122 -116.13 -134.18 11.40
CA GLN J 122 -115.82 -135.30 10.51
C GLN J 122 -116.98 -136.28 10.52
N VAL J 123 -117.37 -136.78 9.35
CA VAL J 123 -118.39 -137.81 9.24
C VAL J 123 -117.77 -139.00 8.53
N THR J 124 -117.81 -140.16 9.17
CA THR J 124 -117.21 -141.37 8.64
C THR J 124 -118.20 -142.51 8.70
N VAL J 125 -118.27 -143.30 7.63
CA VAL J 125 -119.16 -144.44 7.52
C VAL J 125 -118.32 -145.69 7.32
N SER J 126 -118.57 -146.71 8.15
CA SER J 126 -117.83 -147.97 8.05
C SER J 126 -118.27 -148.77 6.83
N GLN K 1 103.91 -121.30 28.55
CA GLN K 1 105.28 -120.84 28.57
C GLN K 1 106.21 -121.88 29.18
N VAL K 2 107.20 -122.33 28.41
CA VAL K 2 108.18 -123.30 28.85
C VAL K 2 109.53 -122.61 28.96
N GLN K 3 110.11 -122.64 30.16
CA GLN K 3 111.40 -122.04 30.44
C GLN K 3 112.43 -123.14 30.67
N LEU K 4 113.59 -123.00 30.04
CA LEU K 4 114.69 -123.95 30.16
C LEU K 4 115.76 -123.34 31.05
N GLN K 5 115.86 -123.82 32.28
CA GLN K 5 116.90 -123.37 33.20
C GLN K 5 118.10 -124.32 33.09
N GLU K 6 119.26 -123.75 32.79
CA GLU K 6 120.47 -124.52 32.55
C GLU K 6 121.55 -124.05 33.50
N SER K 7 122.21 -125.00 34.18
CA SER K 7 123.29 -124.68 35.10
C SER K 7 124.42 -125.68 34.89
N GLY K 8 125.64 -125.17 34.73
CA GLY K 8 126.80 -126.02 34.55
C GLY K 8 127.86 -125.28 33.75
N GLY K 9 128.80 -126.07 33.21
CA GLY K 9 129.87 -125.52 32.41
C GLY K 9 130.84 -124.66 33.19
N GLY K 10 131.25 -125.13 34.36
CA GLY K 10 132.15 -124.35 35.19
C GLY K 10 133.53 -124.22 34.59
N LEU K 11 134.29 -123.26 35.12
CA LEU K 11 135.62 -122.93 34.61
C LEU K 11 136.65 -123.79 35.34
N MET K 12 137.29 -124.70 34.61
CA MET K 12 138.39 -125.50 35.13
C MET K 12 139.47 -125.60 34.06
N GLN K 13 140.54 -126.32 34.38
CA GLN K 13 141.64 -126.49 33.46
C GLN K 13 141.27 -127.53 32.38
N ALA K 14 142.13 -127.62 31.37
CA ALA K 14 141.88 -128.55 30.27
C ALA K 14 141.91 -129.99 30.76
N GLY K 15 141.03 -130.82 30.20
CA GLY K 15 140.91 -132.20 30.58
C GLY K 15 139.96 -132.47 31.73
N GLY K 16 139.35 -131.44 32.31
CA GLY K 16 138.42 -131.63 33.40
C GLY K 16 137.05 -132.09 32.93
N SER K 17 136.21 -132.42 33.91
CA SER K 17 134.86 -132.90 33.65
C SER K 17 133.85 -131.85 34.06
N LEU K 18 132.97 -131.49 33.13
CA LEU K 18 131.92 -130.51 33.38
C LEU K 18 130.57 -131.16 33.17
N ARG K 19 129.69 -131.03 34.17
CA ARG K 19 128.33 -131.54 34.11
C ARG K 19 127.37 -130.37 34.04
N LEU K 20 126.48 -130.40 33.06
CA LEU K 20 125.51 -129.34 32.81
C LEU K 20 124.12 -129.93 32.89
N SER K 21 123.29 -129.41 33.79
CA SER K 21 121.92 -129.86 33.98
C SER K 21 120.98 -128.82 33.38
N CYS K 22 120.16 -129.25 32.43
CA CYS K 22 119.14 -128.41 31.83
C CYS K 22 117.77 -128.98 32.13
N THR K 23 116.89 -128.15 32.69
CA THR K 23 115.54 -128.57 33.07
C THR K 23 114.53 -127.65 32.40
N ALA K 24 113.57 -128.25 31.69
CA ALA K 24 112.53 -127.50 31.00
C ALA K 24 111.23 -127.61 31.81
N SER K 25 110.76 -126.47 32.32
CA SER K 25 109.53 -126.42 33.10
C SER K 25 108.49 -125.59 32.36
N GLY K 26 107.32 -126.17 32.14
CA GLY K 26 106.26 -125.47 31.44
C GLY K 26 105.10 -126.36 31.03
N SER K 27 104.62 -126.19 29.79
CA SER K 27 103.51 -126.97 29.31
C SER K 27 103.92 -128.42 29.07
N ILE K 28 102.92 -129.31 29.10
CA ILE K 28 103.17 -130.74 28.91
C ILE K 28 103.21 -131.14 27.44
N PHE K 29 102.92 -130.22 26.53
CA PHE K 29 102.87 -130.53 25.11
C PHE K 29 104.13 -130.06 24.40
N SER K 30 104.53 -130.82 23.37
CA SER K 30 105.62 -130.46 22.47
C SER K 30 106.95 -130.31 23.22
N ILE K 31 107.45 -131.41 23.78
CA ILE K 31 108.76 -131.36 24.43
C ILE K 31 109.64 -132.43 23.79
N ASN K 32 110.31 -132.09 22.70
CA ASN K 32 111.14 -133.07 22.00
C ASN K 32 112.39 -132.44 21.41
N SER K 33 113.47 -133.21 21.33
CA SER K 33 114.70 -132.72 20.73
C SER K 33 115.23 -131.48 21.41
N MET K 34 115.10 -131.39 22.73
CA MET K 34 115.66 -130.26 23.45
C MET K 34 117.18 -130.35 23.40
N GLY K 35 117.83 -129.38 22.78
CA GLY K 35 119.28 -129.46 22.63
C GLY K 35 120.05 -128.22 23.00
N TRP K 36 121.26 -128.09 22.45
CA TRP K 36 122.24 -127.13 22.90
C TRP K 36 122.77 -126.28 21.75
N TYR K 37 122.97 -124.99 22.02
CA TYR K 37 123.61 -124.09 21.10
C TYR K 37 124.79 -123.41 21.79
N ARG K 38 125.82 -123.09 21.02
CA ARG K 38 126.99 -122.40 21.54
C ARG K 38 127.26 -121.16 20.71
N GLN K 39 127.85 -120.16 21.35
CA GLN K 39 128.21 -118.93 20.65
C GLN K 39 129.48 -118.36 21.28
N ALA K 40 130.57 -118.34 20.51
CA ALA K 40 131.80 -117.74 21.00
C ALA K 40 131.65 -116.22 21.05
N PRO K 41 132.34 -115.55 21.97
CA PRO K 41 132.24 -114.09 22.06
C PRO K 41 132.75 -113.40 20.80
N GLY K 42 131.84 -112.75 20.07
CA GLY K 42 132.20 -112.11 18.82
C GLY K 42 132.29 -113.02 17.63
N LYS K 43 131.75 -114.23 17.72
CA LYS K 43 131.81 -115.20 16.64
C LYS K 43 130.42 -115.75 16.36
N GLN K 44 130.31 -116.53 15.29
CA GLN K 44 129.04 -117.06 14.85
C GLN K 44 128.53 -118.15 15.81
N ARG K 45 127.22 -118.33 15.80
CA ARG K 45 126.56 -119.31 16.66
C ARG K 45 126.46 -120.66 15.97
N GLU K 46 126.78 -121.71 16.71
CA GLU K 46 126.78 -123.07 16.21
C GLU K 46 125.87 -123.95 17.07
N LEU K 47 125.51 -125.11 16.51
CA LEU K 47 124.60 -126.05 17.16
C LEU K 47 125.38 -127.23 17.71
N VAL K 48 125.36 -127.40 19.03
CA VAL K 48 126.01 -128.53 19.67
C VAL K 48 125.10 -129.73 19.49
N ALA K 49 125.60 -130.94 19.81
CA ALA K 49 124.80 -132.14 19.64
C ALA K 49 123.49 -132.03 20.42
N THR K 50 122.39 -132.34 19.74
CA THR K 50 121.05 -132.20 20.30
C THR K 50 120.43 -133.58 20.45
N ILE K 51 119.98 -133.89 21.66
CA ILE K 51 119.32 -135.16 21.95
C ILE K 51 117.82 -134.98 21.78
N THR K 52 117.16 -136.03 21.30
CA THR K 52 115.72 -136.03 21.09
C THR K 52 115.08 -137.07 21.99
N SER K 53 113.77 -136.97 22.15
CA SER K 53 113.02 -137.98 22.89
C SER K 53 113.18 -139.33 22.21
N GLY K 54 113.49 -140.36 23.01
CA GLY K 54 113.88 -141.64 22.47
C GLY K 54 115.37 -141.85 22.37
N ASN K 55 116.18 -140.94 22.91
CA ASN K 55 117.63 -141.06 22.94
C ASN K 55 118.22 -141.12 21.52
N SER K 56 117.90 -140.12 20.73
CA SER K 56 118.50 -139.91 19.42
C SER K 56 119.24 -138.58 19.43
N ILE K 57 120.51 -138.60 19.04
CA ILE K 57 121.38 -137.44 19.13
C ILE K 57 121.78 -137.00 17.72
N ASN K 58 121.57 -135.73 17.41
CA ASN K 58 121.96 -135.15 16.14
C ASN K 58 123.26 -134.38 16.34
N TYR K 59 124.33 -134.82 15.68
CA TYR K 59 125.66 -134.25 15.86
C TYR K 59 125.96 -133.21 14.80
N ALA K 60 127.08 -132.51 15.00
CA ALA K 60 127.51 -131.45 14.11
C ALA K 60 129.04 -131.43 14.10
N ASP K 61 129.62 -130.34 13.59
CA ASP K 61 131.07 -130.22 13.49
C ASP K 61 131.74 -129.91 14.82
N SER K 62 130.98 -129.51 15.84
CA SER K 62 131.54 -129.11 17.13
C SER K 62 131.42 -130.19 18.20
N VAL K 63 131.10 -131.43 17.80
CA VAL K 63 130.91 -132.50 18.77
C VAL K 63 132.23 -133.24 18.98
N LYS K 64 133.32 -132.68 18.45
CA LYS K 64 134.63 -133.29 18.60
C LYS K 64 135.07 -133.25 20.06
N GLY K 65 135.68 -134.35 20.52
CA GLY K 65 136.15 -134.46 21.89
C GLY K 65 135.42 -135.58 22.62
N ARG K 66 135.27 -135.39 23.93
CA ARG K 66 134.57 -136.35 24.78
C ARG K 66 133.28 -135.71 25.28
N PHE K 67 132.23 -135.85 24.48
CA PHE K 67 130.87 -135.47 24.83
C PHE K 67 130.08 -136.70 25.26
N THR K 68 129.15 -136.49 26.19
CA THR K 68 128.10 -137.49 26.43
C THR K 68 126.84 -136.76 26.88
N ILE K 69 125.74 -136.97 26.17
CA ILE K 69 124.51 -136.25 26.41
C ILE K 69 123.39 -137.25 26.62
N SER K 70 122.71 -137.15 27.76
CA SER K 70 121.61 -138.03 28.10
C SER K 70 120.43 -137.19 28.58
N ARG K 71 119.22 -137.68 28.32
CA ARG K 71 118.01 -136.95 28.67
C ARG K 71 117.00 -137.87 29.31
N ASP K 72 116.15 -137.29 30.14
CA ASP K 72 115.00 -137.95 30.74
C ASP K 72 113.77 -137.11 30.46
N ASN K 73 112.76 -137.71 29.84
CA ASN K 73 111.54 -137.01 29.49
C ASN K 73 110.53 -136.95 30.61
N ALA K 74 110.76 -137.67 31.71
CA ALA K 74 109.85 -137.61 32.85
C ALA K 74 109.84 -136.21 33.47
N LYS K 75 111.00 -135.58 33.56
CA LYS K 75 111.13 -134.23 34.11
C LYS K 75 111.70 -133.24 33.10
N ASN K 76 111.86 -133.66 31.84
CA ASN K 76 112.44 -132.82 30.78
C ASN K 76 113.81 -132.29 31.21
N THR K 77 114.72 -133.23 31.46
CA THR K 77 116.05 -132.91 31.96
C THR K 77 117.12 -133.50 31.04
N VAL K 78 118.24 -132.79 30.94
CA VAL K 78 119.39 -133.24 30.16
C VAL K 78 120.64 -133.04 31.01
N TYR K 79 121.46 -134.09 31.09
CA TYR K 79 122.73 -134.08 31.82
C TYR K 79 123.85 -134.23 30.80
N LEU K 80 124.38 -133.09 30.35
CA LEU K 80 125.45 -133.09 29.36
C LEU K 80 126.81 -133.03 30.06
N GLN K 81 127.68 -133.98 29.72
CA GLN K 81 129.00 -134.07 30.35
C GLN K 81 130.07 -133.91 29.29
N MET K 82 130.98 -132.97 29.52
CA MET K 82 132.12 -132.70 28.66
C MET K 82 133.40 -133.02 29.40
N ASN K 83 134.27 -133.80 28.77
CA ASN K 83 135.53 -134.20 29.37
C ASN K 83 136.76 -133.72 28.61
N SER K 84 136.58 -133.00 27.50
CA SER K 84 137.68 -132.54 26.65
C SER K 84 137.57 -131.02 26.52
N LEU K 85 138.27 -130.29 27.39
CA LEU K 85 138.30 -128.84 27.33
C LEU K 85 139.38 -128.39 26.36
N LYS K 86 139.01 -127.47 25.47
CA LYS K 86 139.91 -126.89 24.49
C LYS K 86 139.84 -125.37 24.57
N PRO K 87 140.94 -124.67 24.30
CA PRO K 87 140.90 -123.19 24.38
C PRO K 87 139.92 -122.56 23.41
N GLU K 88 139.52 -123.25 22.35
CA GLU K 88 138.55 -122.73 21.40
C GLU K 88 137.12 -123.06 21.76
N ASP K 89 136.89 -123.74 22.89
CA ASP K 89 135.56 -124.15 23.30
C ASP K 89 134.89 -123.15 24.24
N THR K 90 135.54 -122.03 24.53
CA THR K 90 134.95 -121.02 25.41
C THR K 90 133.82 -120.30 24.69
N ALA K 91 132.62 -120.34 25.25
CA ALA K 91 131.46 -119.76 24.59
C ALA K 91 130.30 -119.66 25.58
N VAL K 92 129.28 -118.90 25.18
CA VAL K 92 128.01 -118.92 25.89
C VAL K 92 127.21 -120.12 25.39
N TYR K 93 126.64 -120.88 26.32
CA TYR K 93 125.93 -122.11 25.98
C TYR K 93 124.47 -121.98 26.37
N TYR K 94 123.58 -122.15 25.41
CA TYR K 94 122.16 -122.01 25.61
C TYR K 94 121.46 -123.35 25.41
N CYS K 95 120.40 -123.58 26.19
CA CYS K 95 119.62 -124.79 26.14
C CYS K 95 118.25 -124.46 25.56
N ASN K 96 117.94 -125.04 24.40
CA ASN K 96 116.73 -124.67 23.64
C ASN K 96 115.86 -125.90 23.40
N ALA K 97 114.58 -125.79 23.74
CA ALA K 97 113.65 -126.89 23.47
C ALA K 97 112.56 -126.42 22.53
N ASP K 98 111.97 -127.34 21.78
CA ASP K 98 110.94 -126.97 20.82
C ASP K 98 110.04 -128.14 20.42
N ARG K 99 108.91 -127.84 19.80
CA ARG K 99 108.01 -128.87 19.34
C ARG K 99 108.65 -129.69 18.24
N VAL K 100 109.51 -129.05 17.45
CA VAL K 100 110.17 -129.75 16.36
C VAL K 100 110.94 -130.96 16.87
N PRO K 101 110.68 -132.14 16.30
CA PRO K 101 111.38 -133.35 16.71
C PRO K 101 112.48 -133.73 15.72
N ASN K 102 113.55 -134.33 16.21
CA ASN K 102 114.62 -134.79 15.32
C ASN K 102 114.99 -133.74 14.28
N GLY K 103 115.01 -132.48 14.70
CA GLY K 103 115.38 -131.41 13.79
C GLY K 103 114.59 -131.41 12.49
N TYR K 104 113.29 -131.66 12.57
CA TYR K 104 112.46 -131.60 11.37
C TYR K 104 111.12 -130.95 11.65
N ASN K 105 110.60 -130.21 10.67
CA ASN K 105 109.29 -129.61 10.83
C ASN K 105 108.48 -129.79 9.55
N PRO K 106 107.37 -130.53 9.64
CA PRO K 106 106.55 -130.78 8.46
C PRO K 106 105.61 -129.61 8.15
N TRP K 107 105.65 -128.55 8.95
CA TRP K 107 104.83 -127.38 8.62
C TRP K 107 105.59 -126.47 7.67
N GLY K 108 106.71 -125.94 8.16
CA GLY K 108 107.46 -124.92 7.46
C GLY K 108 107.86 -123.79 8.39
N THR K 109 107.72 -122.56 7.92
CA THR K 109 108.15 -121.40 8.69
C THR K 109 107.50 -121.27 10.06
N PRO K 110 106.18 -121.56 10.19
CA PRO K 110 105.56 -121.36 11.49
C PRO K 110 106.27 -122.11 12.62
N ASN K 111 106.27 -123.43 12.58
CA ASN K 111 106.88 -124.21 13.65
C ASN K 111 108.38 -123.99 13.72
N ASP K 112 109.00 -123.64 12.61
CA ASP K 112 110.43 -123.33 12.63
C ASP K 112 110.62 -122.18 13.58
N GLU K 113 109.78 -121.15 13.45
CA GLU K 113 109.86 -120.03 14.36
C GLU K 113 109.33 -120.43 15.72
N TYR K 114 108.70 -121.60 15.79
CA TYR K 114 108.12 -122.05 17.05
C TYR K 114 109.16 -122.70 17.94
N ASP K 115 110.06 -121.90 18.50
CA ASP K 115 111.11 -122.40 19.39
C ASP K 115 110.97 -121.75 20.76
N TYR K 116 111.31 -122.51 21.79
CA TYR K 116 111.29 -122.04 23.17
C TYR K 116 112.75 -121.93 23.63
N TRP K 117 113.32 -120.73 23.51
CA TRP K 117 114.71 -120.49 23.87
C TRP K 117 114.78 -120.03 25.32
N GLY K 118 115.33 -120.88 26.18
CA GLY K 118 115.46 -120.57 27.59
C GLY K 118 116.76 -119.86 27.92
N GLN K 119 117.01 -119.72 29.21
CA GLN K 119 118.23 -119.08 29.68
C GLN K 119 119.44 -119.97 29.45
N GLY K 120 120.62 -119.38 29.54
CA GLY K 120 121.85 -120.10 29.31
C GLY K 120 122.91 -119.90 30.37
N THR K 121 124.09 -120.46 30.14
CA THR K 121 125.22 -120.38 31.05
C THR K 121 126.48 -120.04 30.27
N GLN K 122 127.60 -119.91 30.99
CA GLN K 122 128.88 -119.55 30.41
C GLN K 122 129.83 -120.74 30.54
N VAL K 123 130.57 -121.05 29.48
CA VAL K 123 131.59 -122.08 29.51
C VAL K 123 132.92 -121.41 29.14
N THR K 124 133.91 -121.54 30.03
CA THR K 124 135.22 -120.93 29.83
C THR K 124 136.30 -121.96 30.07
N VAL K 125 137.31 -121.96 29.20
CA VAL K 125 138.44 -122.87 29.28
C VAL K 125 139.71 -122.04 29.44
N SER K 126 140.51 -122.37 30.45
CA SER K 126 141.76 -121.67 30.70
C SER K 126 142.81 -122.02 29.65
N GLN L 1 112.20 98.15 64.36
CA GLN L 1 111.76 99.54 64.37
C GLN L 1 112.65 100.40 65.27
N VAL L 2 113.26 101.42 64.68
CA VAL L 2 114.13 102.35 65.39
C VAL L 2 113.43 103.70 65.45
N GLN L 3 113.21 104.19 66.67
CA GLN L 3 112.56 105.48 66.90
C GLN L 3 113.60 106.47 67.44
N LEU L 4 113.61 107.67 66.88
CA LEU L 4 114.52 108.73 67.28
C LEU L 4 113.73 109.76 68.10
N GLN L 5 113.94 109.76 69.40
CA GLN L 5 113.32 110.74 70.29
C GLN L 5 114.26 111.92 70.47
N GLU L 6 113.78 113.11 70.13
CA GLU L 6 114.59 114.32 70.16
C GLU L 6 113.93 115.35 71.07
N SER L 7 114.72 115.93 71.98
CA SER L 7 114.23 116.95 72.89
C SER L 7 115.26 118.08 72.99
N GLY L 8 114.80 119.31 72.81
CA GLY L 8 115.67 120.46 72.89
C GLY L 8 115.14 121.59 72.04
N GLY L 9 116.03 122.54 71.74
CA GLY L 9 115.67 123.68 70.92
C GLY L 9 114.66 124.61 71.58
N GLY L 10 114.88 124.93 72.85
CA GLY L 10 113.94 125.79 73.56
C GLY L 10 113.95 127.22 73.04
N LEU L 11 112.91 127.95 73.40
CA LEU L 11 112.71 129.32 72.94
C LEU L 11 113.39 130.28 73.91
N MET L 12 114.45 130.94 73.44
CA MET L 12 115.12 131.99 74.20
C MET L 12 115.47 133.13 73.26
N GLN L 13 116.10 134.17 73.80
CA GLN L 13 116.49 135.32 73.02
C GLN L 13 117.72 135.01 72.17
N ALA L 14 118.04 135.93 71.28
CA ALA L 14 119.18 135.74 70.38
C ALA L 14 120.48 135.70 71.18
N GLY L 15 121.40 134.84 70.73
CA GLY L 15 122.67 134.66 71.40
C GLY L 15 122.67 133.62 72.51
N GLY L 16 121.53 133.00 72.80
CA GLY L 16 121.48 131.99 73.84
C GLY L 16 122.02 130.65 73.38
N SER L 17 122.13 129.74 74.34
CA SER L 17 122.65 128.40 74.10
C SER L 17 121.52 127.39 74.20
N LEU L 18 121.36 126.58 73.16
CA LEU L 18 120.34 125.53 73.10
C LEU L 18 121.01 124.19 72.94
N ARG L 19 120.68 123.25 73.82
CA ARG L 19 121.17 121.89 73.78
C ARG L 19 120.03 120.96 73.38
N LEU L 20 120.26 120.14 72.36
CA LEU L 20 119.28 119.22 71.83
C LEU L 20 119.84 117.81 71.93
N SER L 21 119.12 116.94 72.64
CA SER L 21 119.50 115.54 72.82
C SER L 21 118.62 114.67 71.94
N CYS L 22 119.24 113.91 71.05
CA CYS L 22 118.54 112.95 70.20
C CYS L 22 119.02 111.55 70.53
N THR L 23 118.09 110.65 70.83
CA THR L 23 118.40 109.28 71.18
C THR L 23 117.64 108.33 70.25
N ALA L 24 118.36 107.42 69.62
CA ALA L 24 117.78 106.44 68.71
C ALA L 24 117.70 105.09 69.43
N SER L 25 116.49 104.61 69.64
CA SER L 25 116.25 103.32 70.31
C SER L 25 115.59 102.36 69.32
N GLY L 26 116.20 101.19 69.15
CA GLY L 26 115.67 100.20 68.24
C GLY L 26 116.61 99.06 67.95
N SER L 27 116.70 98.67 66.68
CA SER L 27 117.56 97.57 66.29
C SER L 27 119.04 97.96 66.41
N ILE L 28 119.89 96.95 66.55
CA ILE L 28 121.33 97.18 66.69
C ILE L 28 122.04 97.31 65.35
N PHE L 29 121.33 97.11 64.24
CA PHE L 29 121.94 97.15 62.92
C PHE L 29 121.65 98.47 62.23
N SER L 30 122.62 98.92 61.42
CA SER L 30 122.47 100.09 60.54
C SER L 30 122.16 101.35 61.34
N ILE L 31 123.12 101.79 62.16
CA ILE L 31 122.95 103.06 62.87
C ILE L 31 124.13 103.96 62.55
N ASN L 32 124.02 104.73 61.47
CA ASN L 32 125.13 105.58 61.06
C ASN L 32 124.66 106.88 60.43
N SER L 33 125.43 107.94 60.60
CA SER L 33 125.08 109.23 59.99
C SER L 33 123.72 109.74 60.44
N MET L 34 123.36 109.50 61.70
CA MET L 34 122.11 110.03 62.21
C MET L 34 122.22 111.54 62.29
N GLY L 35 121.44 112.26 61.50
CA GLY L 35 121.56 113.71 61.49
C GLY L 35 120.27 114.49 61.63
N TRP L 36 120.28 115.72 61.15
CA TRP L 36 119.25 116.70 61.46
C TRP L 36 118.67 117.33 60.20
N TYR L 37 117.37 117.54 60.20
CA TYR L 37 116.68 118.26 59.14
C TYR L 37 115.88 119.40 59.76
N ARG L 38 115.74 120.50 59.02
CA ARG L 38 114.97 121.64 59.47
C ARG L 38 113.93 122.00 58.41
N GLN L 39 112.82 122.57 58.86
CA GLN L 39 111.78 123.00 57.93
C GLN L 39 111.10 124.24 58.53
N ALA L 40 111.25 125.37 57.85
CA ALA L 40 110.56 126.58 58.29
C ALA L 40 109.07 126.46 57.99
N PRO L 41 108.22 127.11 58.81
CA PRO L 41 106.77 127.03 58.56
C PRO L 41 106.38 127.63 57.22
N GLY L 42 105.90 126.80 56.31
CA GLY L 42 105.53 127.27 54.99
C GLY L 42 106.69 127.42 54.02
N LYS L 43 107.85 126.84 54.33
CA LYS L 43 109.03 126.96 53.49
C LYS L 43 109.62 125.58 53.23
N GLN L 44 110.61 125.53 52.35
CA GLN L 44 111.22 124.27 51.95
C GLN L 44 112.06 123.68 53.08
N ARG L 45 112.23 122.36 53.01
CA ARG L 45 113.00 121.62 54.01
C ARG L 45 114.47 121.55 53.63
N GLU L 46 115.34 121.78 54.60
CA GLU L 46 116.78 121.79 54.40
C GLU L 46 117.44 120.81 55.36
N LEU L 47 118.69 120.46 55.05
CA LEU L 47 119.46 119.48 55.81
C LEU L 47 120.50 120.19 56.65
N VAL L 48 120.37 120.08 57.98
CA VAL L 48 121.35 120.66 58.89
C VAL L 48 122.55 119.73 58.91
N ALA L 49 123.66 120.18 59.52
CA ALA L 49 124.87 119.37 59.56
C ALA L 49 124.59 118.01 60.19
N THR L 50 125.02 116.94 59.52
CA THR L 50 124.76 115.57 59.93
C THR L 50 126.07 114.91 60.33
N ILE L 51 126.10 114.37 61.55
CA ILE L 51 127.27 113.67 62.05
C ILE L 51 127.12 112.18 61.74
N THR L 52 128.24 111.54 61.45
CA THR L 52 128.29 110.12 61.14
C THR L 52 129.11 109.39 62.19
N SER L 53 128.96 108.07 62.23
CA SER L 53 129.77 107.26 63.12
C SER L 53 131.25 107.43 62.77
N GLY L 54 132.07 107.66 63.78
CA GLY L 54 133.45 108.05 63.57
C GLY L 54 133.69 109.55 63.62
N ASN L 55 132.68 110.33 64.01
CA ASN L 55 132.80 111.78 64.16
C ASN L 55 133.18 112.46 62.85
N SER L 56 132.36 112.22 61.83
CA SER L 56 132.45 112.92 60.55
C SER L 56 131.16 113.69 60.33
N ILE L 57 131.27 114.99 60.05
CA ILE L 57 130.12 115.87 59.94
C ILE L 57 130.02 116.37 58.51
N ASN L 58 128.83 116.22 57.93
CA ASN L 58 128.54 116.72 56.58
C ASN L 58 127.76 118.01 56.71
N TYR L 59 128.34 119.11 56.24
CA TYR L 59 127.76 120.43 56.40
C TYR L 59 126.96 120.84 55.16
N ALA L 60 126.26 121.95 55.28
CA ALA L 60 125.41 122.47 54.22
C ALA L 60 125.41 123.99 54.32
N ASP L 61 124.46 124.63 53.63
CA ASP L 61 124.38 126.09 53.61
C ASP L 61 123.79 126.67 54.89
N SER L 62 123.17 125.86 55.74
CA SER L 62 122.50 126.34 56.95
C SER L 62 123.33 126.11 58.21
N VAL L 63 124.61 125.79 58.08
CA VAL L 63 125.46 125.51 59.23
C VAL L 63 126.13 126.80 59.70
N LYS L 64 125.71 127.93 59.14
CA LYS L 64 126.29 129.21 59.51
C LYS L 64 125.93 129.55 60.96
N GLY L 65 126.91 130.11 61.69
CA GLY L 65 126.74 130.47 63.07
C GLY L 65 127.66 129.67 63.98
N ARG L 66 127.18 129.43 65.20
CA ARG L 66 127.93 128.66 66.19
C ARG L 66 127.19 127.34 66.44
N PHE L 67 127.49 126.35 65.61
CA PHE L 67 127.03 124.98 65.77
C PHE L 67 128.12 124.13 66.40
N THR L 68 127.72 123.15 67.19
CA THR L 68 128.63 122.06 67.56
C THR L 68 127.83 120.79 67.76
N ILE L 69 128.17 119.74 67.03
CA ILE L 69 127.40 118.51 67.01
C ILE L 69 128.33 117.35 67.35
N SER L 70 127.98 116.60 68.39
CA SER L 70 128.75 115.45 68.83
C SER L 70 127.82 114.27 69.03
N ARG L 71 128.35 113.07 68.80
CA ARG L 71 127.55 111.85 68.89
C ARG L 71 128.31 110.78 69.63
N ASP L 72 127.54 109.88 70.26
CA ASP L 72 128.06 108.68 70.90
C ASP L 72 127.28 107.50 70.36
N ASN L 73 128.00 106.51 69.81
CA ASN L 73 127.39 105.33 69.21
C ASN L 73 127.07 104.25 70.23
N ALA L 74 127.54 104.39 71.48
CA ALA L 74 127.23 103.40 72.50
C ALA L 74 125.73 103.37 72.79
N LYS L 75 125.10 104.55 72.84
CA LYS L 75 123.68 104.67 73.09
C LYS L 75 122.93 105.33 71.93
N ASN L 76 123.61 105.57 70.81
CA ASN L 76 123.03 106.25 69.65
C ASN L 76 122.43 107.59 70.04
N THR L 77 123.30 108.47 70.57
CA THR L 77 122.88 109.76 71.07
C THR L 77 123.66 110.87 70.38
N VAL L 78 123.00 112.02 70.21
CA VAL L 78 123.61 113.21 69.63
C VAL L 78 123.26 114.40 70.52
N TYR L 79 124.27 115.19 70.88
CA TYR L 79 124.11 116.40 71.69
C TYR L 79 124.48 117.60 70.81
N LEU L 80 123.48 118.18 70.16
CA LEU L 80 123.68 119.32 69.27
C LEU L 80 123.49 120.62 70.04
N GLN L 81 124.49 121.50 69.99
CA GLN L 81 124.46 122.76 70.70
C GLN L 81 124.53 123.91 69.71
N MET L 82 123.57 124.82 69.81
CA MET L 82 123.51 126.02 68.99
C MET L 82 123.67 127.24 69.88
N ASN L 83 124.58 128.13 69.49
CA ASN L 83 124.84 129.34 70.26
C ASN L 83 124.54 130.62 69.51
N SER L 84 124.10 130.54 68.25
CA SER L 84 123.82 131.71 67.42
C SER L 84 122.37 131.65 66.95
N LEU L 85 121.48 132.30 67.69
CA LEU L 85 120.08 132.37 67.32
C LEU L 85 119.85 133.53 66.36
N LYS L 86 119.14 133.24 65.26
CA LYS L 86 118.80 134.21 64.25
C LYS L 86 117.30 134.17 64.00
N PRO L 87 116.68 135.31 63.66
CA PRO L 87 115.23 135.30 63.42
C PRO L 87 114.80 134.40 62.27
N GLU L 88 115.71 134.06 61.36
CA GLU L 88 115.39 133.18 60.24
C GLU L 88 115.63 131.71 60.56
N ASP L 89 116.05 131.39 61.79
CA ASP L 89 116.35 130.02 62.18
C ASP L 89 115.17 129.32 62.83
N THR L 90 114.01 129.96 62.93
CA THR L 90 112.84 129.34 63.52
C THR L 90 112.27 128.29 62.57
N ALA L 91 112.18 127.05 63.05
CA ALA L 91 111.75 125.94 62.19
C ALA L 91 111.44 124.72 63.05
N VAL L 92 110.78 123.75 62.43
CA VAL L 92 110.63 122.43 63.02
C VAL L 92 111.89 121.64 62.73
N TYR L 93 112.44 120.99 63.76
CA TYR L 93 113.71 120.28 63.65
C TYR L 93 113.48 118.80 63.89
N TYR L 94 113.85 117.97 62.93
CA TYR L 94 113.66 116.53 62.99
C TYR L 94 115.01 115.83 63.03
N CYS L 95 115.05 114.72 63.75
CA CYS L 95 116.25 113.91 63.91
C CYS L 95 116.04 112.60 63.17
N ASN L 96 116.85 112.34 62.16
CA ASN L 96 116.65 111.21 61.25
C ASN L 96 117.89 110.34 61.21
N ALA L 97 117.71 109.04 61.43
CA ALA L 97 118.83 108.11 61.35
C ALA L 97 118.59 107.13 60.20
N ASP L 98 119.66 106.55 59.67
CA ASP L 98 119.52 105.62 58.55
C ASP L 98 120.72 104.71 58.38
N ARG L 99 120.55 103.65 57.59
CA ARG L 99 121.66 102.74 57.32
C ARG L 99 122.71 103.44 56.48
N VAL L 100 122.29 104.39 55.67
CA VAL L 100 123.22 105.12 54.80
C VAL L 100 124.32 105.79 55.62
N PRO L 101 125.57 105.53 55.26
CA PRO L 101 126.70 106.14 55.97
C PRO L 101 127.29 107.31 55.20
N ASN L 102 127.79 108.32 55.90
CA ASN L 102 128.43 109.46 55.23
C ASN L 102 127.61 109.93 54.04
N GLY L 103 126.31 109.98 54.19
CA GLY L 103 125.45 110.47 53.12
C GLY L 103 125.70 109.81 51.78
N TYR L 104 125.89 108.50 51.75
CA TYR L 104 126.04 107.80 50.49
C TYR L 104 125.38 106.43 50.53
N ASN L 105 124.79 106.01 49.40
CA ASN L 105 124.18 104.69 49.33
C ASN L 105 124.55 104.02 48.03
N PRO L 106 125.28 102.91 48.10
CA PRO L 106 125.72 102.24 46.87
C PRO L 106 124.64 101.36 46.26
N TRP L 107 123.54 101.09 46.96
CA TRP L 107 122.46 100.33 46.34
C TRP L 107 121.80 101.18 45.27
N GLY L 108 121.17 102.27 45.71
CA GLY L 108 120.33 103.10 44.87
C GLY L 108 119.03 103.46 45.56
N THR L 109 117.93 103.37 44.81
CA THR L 109 116.63 103.78 45.35
C THR L 109 116.21 103.02 46.62
N PRO L 110 116.46 101.70 46.71
CA PRO L 110 115.99 101.02 47.92
C PRO L 110 116.49 101.67 49.20
N ASN L 111 117.80 101.63 49.45
CA ASN L 111 118.35 102.16 50.70
C ASN L 111 118.15 103.66 50.82
N ASP L 112 118.09 104.37 49.69
CA ASP L 112 117.82 105.80 49.75
C ASP L 112 116.50 106.01 50.46
N GLU L 113 115.50 105.22 50.11
CA GLU L 113 114.21 105.31 50.77
C GLU L 113 114.30 104.67 52.15
N TYR L 114 115.30 103.83 52.35
CA TYR L 114 115.46 103.14 53.62
C TYR L 114 115.91 104.10 54.72
N ASP L 115 115.01 104.98 55.15
CA ASP L 115 115.31 105.95 56.20
C ASP L 115 114.38 105.74 57.39
N TYR L 116 114.90 105.98 58.58
CA TYR L 116 114.14 105.88 59.82
C TYR L 116 113.95 107.31 60.35
N TRP L 117 112.81 107.90 60.03
CA TRP L 117 112.51 109.27 60.42
C TRP L 117 111.74 109.24 61.74
N GLY L 118 112.38 109.71 62.80
CA GLY L 118 111.78 109.76 64.11
C GLY L 118 111.02 111.05 64.37
N GLN L 119 110.61 111.22 65.62
CA GLN L 119 109.89 112.41 66.03
C GLN L 119 110.82 113.61 66.09
N GLY L 120 110.23 114.80 66.12
CA GLY L 120 111.00 116.03 66.15
C GLY L 120 110.57 117.02 67.22
N THR L 121 111.19 118.20 67.21
CA THR L 121 110.91 119.25 68.17
C THR L 121 110.76 120.58 67.41
N GLN L 122 110.49 121.63 68.17
CA GLN L 122 110.28 122.97 67.62
C GLN L 122 111.41 123.88 68.08
N VAL L 123 111.94 124.69 67.16
CA VAL L 123 112.96 125.69 67.49
C VAL L 123 112.39 127.04 67.09
N THR L 124 112.33 127.97 68.06
CA THR L 124 111.78 129.29 67.82
C THR L 124 112.75 130.34 68.36
N VAL L 125 112.94 131.41 67.58
CA VAL L 125 113.82 132.51 67.94
C VAL L 125 112.99 133.78 68.01
N SER L 126 113.10 134.51 69.12
CA SER L 126 112.37 135.75 69.30
C SER L 126 112.94 136.87 68.43
ZN ZN M . -16.23 5.36 -37.74
ZN ZN N . 3.20 -12.87 -39.27
ZN ZN O . 1.98 24.40 -33.45
ZN ZN P . 21.39 6.15 -34.96
#